data_3JAG
#
_entry.id   3JAG
#
_cell.length_a   1
_cell.length_b   1
_cell.length_c   1
_cell.angle_alpha   90
_cell.angle_beta   90
_cell.angle_gamma   90
#
_symmetry.space_group_name_H-M   'P 1'
#
loop_
_entity.id
_entity.type
_entity.pdbx_description
1 polymer uL2
2 polymer uL3
3 polymer uL4
4 polymer uL18
5 polymer eL6
6 polymer uL30
7 polymer eL8
8 polymer uL6
9 polymer uL16
10 polymer uL5
11 polymer eL13
12 polymer eL14
13 polymer eL15
14 polymer uL13
15 polymer uL22
16 polymer eL18
17 polymer eL19
18 polymer eL20
19 polymer eL21
20 polymer eL22
21 polymer uL14
22 polymer eL24
23 polymer uL23
24 polymer uL24
25 polymer eL27
26 polymer uL15
27 polymer eL29
28 polymer eL30
29 polymer eL31
30 polymer eL32
31 polymer eL33
32 polymer eL34
33 polymer uL29
34 polymer eL36
35 polymer eL37
36 polymer eL38
37 polymer eL39
38 polymer eL40
39 polymer eL41
40 polymer eL42
41 polymer eL43
42 polymer eL28
43 polymer uL10
44 polymer uL11
45 polymer peptide
46 polymer tRNA(Val)
47 polymer tRNA(Lys)
48 polymer '28S ribosomal RNA'
49 polymer '5S ribosomal RNA'
50 polymer '5.8S ribosomal RNA'
51 polymer '18S ribosomal RNA'
52 polymer uS2
53 polymer eS1
54 polymer uS5
55 polymer uS3
56 polymer eS4
57 polymer uS7
58 polymer eS6
59 polymer eS7
60 polymer eS8
61 polymer uS4
62 polymer eS10
63 polymer uS17
64 polymer eS12
65 polymer uS15
66 polymer uS11
67 polymer uS19
68 polymer uS9
69 polymer eS17
70 polymer uS13
71 polymer eS19
72 polymer uS10
73 polymer eS21
74 polymer uS8
75 polymer uS12
76 polymer eS24
77 polymer eS25
78 polymer eS26
79 polymer eS27
80 polymer eS28
81 polymer uS14
82 polymer eS30
83 polymer eS31
84 polymer RACK1
85 polymer mRNA
86 polymer eRF1
87 polymer ABCE1
88 non-polymer 'MAGNESIUM ION'
89 non-polymer 'ZINC ION'
90 non-polymer 'IRON/SULFUR CLUSTER'
91 non-polymer "ADENOSINE-5'-DIPHOSPHATE"
#
loop_
_entity_poly.entity_id
_entity_poly.type
_entity_poly.pdbx_seq_one_letter_code
_entity_poly.pdbx_strand_id
1 'polypeptide(L)'
;GRVIRGQRKGAGSVFRAHVKHRKGAARLRAVDFAERHGYIKGIVKDIIHDPGRGAPLAKVVFRDPYRFKKRTELFIAAEG
IHTGQFVYCGKKAQLNIGNVLPVGTMPEGTIVCCLEEKPGDRGKLARASGNYATVISHNPETKKTRVKLPSGSKKVISSA
NRAVVGVVAGGGRIDKPILKAGRAYHKYKAKRNCWPRVRGVAMNPVEHPFGGGNHQHIGKPSTIRRDAPAGRKVGLIAAR
RTGR
;
A
2 'polypeptide(L)'
;SHRKFSAPRHGSLGFLPRKRSSRHRGKVKSFPKDDPSKPVHLTAFLGYKAGMTHIVREVDRPGSKVNKKEVVEAVTIVET
PPMVVVGIVGYVETPRGLRTFKTVFAEHISDECKRRFYKNWHKSKKKAFTKYCKKWQDDAGKRQLDKDFSSMKKYCQVIR
VLAHTQMRLLPLRQKKAHLMEIQVNGGTVAEKLDWARERLEQQVPVSQVFGQDEMIDVIGVTKGKGYKGVTSRWHTKKLP
RKTHRGLRKVACIGAWHPARVAFSVARAGQKGYHHRTEINKKIYKIGQGYLIKDGKLIKNNASTDYDLSDKSINPLGGFV
HYGEVTNDFVMLKGCVVGTKKRVLTLRKSLLVQTKRRALEKIDLKFIDTTSKFGHGRFQTVEEKKAFMGPLKKD
;
B
3 'polypeptide(L)'
;ACARPLISVYSEKGESSGKNVTLPAVFKAPIRPDIVNFVHTNLRKNNRQPYAVSELAGHQTSAESWGTGRAVARIPRVRG
GGTHRSGQGAFGNMCRGGRMFAPTKTWRRWHRRVNTTQKRYAICSALAASALPALVMSKGHRIEEVPELPLVVEDKVEGY
KKTKEAVLLLKKLKAWNDIKKVYASQRMRAGKGKMRNRRRIQRRGPCVIYNEDNGIVKAFRNIPGITLLNVTKLNILKLA
PGGHVGRFCIWTESAFRKLDDLYGTWRKAASLKSNYNLPMHKMLNTDLSRILKSPEIQRALRAPRKKIHRRVLKKNPLKN
LRIMLKLNPYAKTMRRNTILRQARNHKLRVERAAAALAAKSD
;
C
4 'polypeptide(L)'
;FVKVVKNKAYFKRYQVKFRRRREGKTDYYARKRLVIQDKNKYNTPKYRMIVRVTNRDIICQIAYARIEGDMIVCAAYAHE
LPKYGVKVGLTNYAAAYCTGLLLARRLLNRFGMDKIYEGQVEVTGDEYNVESIDGQPGAFTCYLDAGLARTTTGNKVFGA
LKGAVDGGLSIPHSTKRFPGYDSESKEFNAEVHRKHIMGQNVADYMRYLMEEDEDAYKKQFSQYIKNNVTPDMMEEMYKK
AHAAIRENPVYEKKPKREVKKKRWNRPKMSLAQKKDRVAQKKASFLRAQERA
;
D
5 'polypeptide(L)'
;PHCSRNPVLVRGIGRYSRSAMYSRKALYKRKYAAPKSRIERKKKREKVLATVTKPVGGDKNGGTRVVKLRKMPRYYPTED
VPRKLLSHGRKPFSQHVRKLRASITPGTILIILTGRHRGKRVVFLKQLSSGLLLVTGPLSLNRVPLRRTHQKFVIATSTK
IDISGVKIPKHLTDAYFKKKQLRKPRHQEGEIFDTEKEKYEITEQRKVDQKAVDSQILPKIKAVPQLQGYLRSVFALTNG
VYPHKLVF
;
E
6 'polypeptide(L)'
;NFAELKIKRLRKKFAQKMLRKARRKLIYEKAKHYHKEYRQMYRTEIRMARMARKAGNFYVPAEPKLAFVIRIRGINGVSP
KVRKVLQLLRLRQIFNGTFVKLNKASINMLRIVEPYIAWGYPNLKSVNELIYKRGYGKINKKRIALTDNALIARSLGKYG
IICMEDLIHEIYTVGKRFKEANNFLWPFKLSSPRGGMKKKTTHFVEGEDAGNREDQINRLIRRMN
;
F
7 'polypeptide(L)'
;KVVNPLFEKRPKNFGIGQDIQPKRDLTRFVKWPRYIRLQRQRAILYKRLKVPPAINQFTQVLDRQTATQLLKLAHKYRPE
TKQEKKQRLLARAEKKAAGKGDVPTKRPPVLRAGVNTVTTLVENKKAQLVVIAHDVDPIELVVFLPALCRKMGVPYCILK
GKARLGRLVHRKTCTTVAFTQVNSEDKGALAKLVEAIRTNYNDRYDEIRRHWGGNVLGPKSVARIAKLEKAKAKELATKL
G
;
G
8 'polypeptide(L)'
;MKTILSNQTVDIPENVDISLKGRTVIVKGPRGTLRRDFNHINVELSLLGKKKKRLRVDKWWGNRKELATVRTICSHVQNM
IKGVTLGFRYKMRSVYAHFPINVVIQENGSLVEIRNFLGEKYIRRVRMRPGVACSVSQAQKDELVLEGNDIELVSNSAAL
IQQATTVKNKDIRKFLDGIYVSEKGTVQQA
;
H
9 'polypeptide(L)'
;GRRPARCYRYCKNKPYPKSRFCRGVPDAKIRIFDLGRKKAKVDEFPLCGHMVSDEYEQLSSEALEAARICANKYMVKSCG
KDGFHIRVRLHPFHVIRINKMLSCAGADRLQTGMRGAFGKPQGTVARVHIGQVIMSIRTKLQNKEHVVEALRRAKFKFPG
RQKIHISKKWGFTKFNADEFEDMVAEKRLIPDGCGVKYIPNRGPLDKWRALHS
;
I
10 'polypeptide(L)'
;ENPMRELRIRKLCLNICVGESGDRLTRAAKVLEQLTGQTPVFSKARYTVRSFGIRRNEKIAVHCTVRGAKAEEILEKGLK
VREYELRKNNFSDTGNFGFGIQEHIDLGIKYDPSIGIYGLDFYVVLGRPGFSIADKKRRTGCIGAKHRISKEEAMRWFQQ
KYDGIILPG
;
J
11 'polypeptide(L)'
;APSRNGMILKPHFHKDWQRRVATWFNQPARKIRRRKARQARARRIAPRPASGPLRPIVRCPTVRYHTKVRAGRGFSLEEL
RVAGIHKKVARTIGISVDPRRRNKSTESLQANVQRLKEYRSKLVLFPRKPSAPKKGDSSAEELKLATQLTGPVMPIRNVF
KKEKARVITEEEKNFKAFASLRMARANARLFGIRAKRAKEAAEQDVEKKK
;
L
12 'polypeptide(L)'
;VFRRFVEVGRVAYVSFGPHAGKLVAIVDVIDQNRALVDGPCTRVRRQAMPFKCMQLTDFILKFPHSARQKYVRKAWEKAD
INTKWAATRWAKKIEARERKAKMTDFDRYKVMKAKKMRNRIIKNEVKKLQRAALLKAS
;
M
13 'polypeptide(L)'
;GAYKYIQELWRKKQSDVMRFLLRVRCWQYRQLSALHRAPRPTRPDKARRLGYKAKQGYVIYRIRVRRGGRKRPVPKGATY
GKPVHHGVNQLKFARSLQSVAEERAGRHCGALRVLNSYWVGEDSTYKFFEVILIDPFHKAIRRNPDTQWITKPVHKHREM
RGLTSAGRKSRGLGKGHKFHHTIGGSRRAAWRRRNTLQLHRYR
;
N
14 'polypeptide(L)'
;QVLVLDGRGHLLGRLAAIVAKQVLLGRKVVVVRCEGINISGNFYRNKLKYLAFLRKRMNTNPSRGPYHFRAPSRIFWRTV
RGMLPHKTKRGQAALDRLKVFDGIPPPYDKKKRMVVPAALKVVRLKPTRKFAYLGRLAHEVGWKYQAVTATLEEKRKEKA
KIHYRKKKQLMRLRKQAEKNVEKKIDRFTEVLKTHGFLV
;
O
15 'polypeptide(L)'
;VRYSLDPENPTKSCKSRGSNLRVHFKNTRETAQAIKGMHIRKATKYLKDVTLKKQCVPFRRYNGGVGRCAQAKQWGWTQG
RWPKKSAEFLLHMLKNAESNAELKGLDVDSLVIEHIQVNKAPKMRRRTYRAHGRINPYMSSPCHIEMILTEKE
;
P
16 'polypeptide(L)'
;GVDIRHNKDRKVRRKEPKSQDIYLRLLVKLYRFLARRTNSTFNQVVLKRLFMSRTNRPPLSLSRMIRKMKLPGREGKTAV
VVGTITDDVRVQEVPKLKVCALRVSSRARSRILKAGGKILTFDQLALDSPKGCGTVLLSGPRKGREVYRHFGKAPGTPHS
HTKPYVRSKGRKFERARGRRASRGYKN
;
Q
17 'polypeptide(L)'
;SMLRLQKRLASSVLRCGKKKVWLDPNETNEIANANSRQQIRKLIKDGLIIRKPVTVHSRARCRKNTLARRKGRHMGIGKR
KGTANARMPEKVTWMRRMRILRRLLRRYRESKKIDRHMYHSLYLKVKGNVFKNKRILMEHIHKLKADKARKKLLADQAEA
RRSKTKEARKRREERLQAKK
;
R
18 'polypeptide(L)'
;KASGTLREYKVVGRCLPTPKCRTPPLYRMRIFAPNHVVAKSRFWYFVSQLKKMKKSSGEIVYCGQVFEKSPLRVKNFGIW
LRYDSRSGTHNMYREYRDLTTAGAVTQCYRDMGARHRARAHSIQIMKVEEIAASKCRRPAVKQFHDSKIKFPLPHRVLRR
QHKPRFTTKRPNTFF
;
S
19 'polypeptide(L)'
;TNTKGKRRGTRYMFSRPFRKHGVVPLATYMRIYKKGDIVDIKGMGTVQKGMPHKCYHGKTGRVYNVTQHAVGIVVNKQVK
GKILAKRINVRIEHIKHSKSRDSFLKRVKENDQKKKEAKEKGTWVQLKRQPAPPREAHFVRTNGKEPELLEPIPYEFMA
;
T
20 'polypeptide(L)'
;QVLKFTLDCTHPVEDGIMDAANFEQFLQERIKVNGKAGNLGGGVVTIERSKSKITVTSEVPFSKRYLKYLTKKYLKKNNL
RDWLRVVANSKESYELRYF
;
U
21 'polypeptide(L)'
;SGAKFRISLGLPVGAVINCADNTGAKNLYIISVKGIKGRLNRLPAAGVGDMVMATVKKGKPELRKKVHPAVVIRQRKSYR
RKDGVFLYFEDNAGVIVNNKGEMKGSAITGPVAKECADLWPRIASNAGSIA
;
V
22 'polypeptide(L)' MKVELCSFSGYKIYPGHGRRYARTDGKVFQFLNAKCESAFLSKRNPRQINWTVLYRRKHKKGQ W
23 'polypeptide(L)'
;KKIRTSPTFRRPKTLRLRRQPKYPRKSAPRRNKLDHYAIIKFPLTTESAMKKIEDNNTLVFIVDVKANKHQIKQAVKKLY
DIDVAKVNTLIRPDGEKKAYVRLAPDYDALDVANKIGII
;
X
24 'polypeptide(L)'
;MKFNPFVTSDRSKNRKRHFNAPSHIRRKIMSSPLSKELRQKYNVRSMPIRKDDEVQVVRGHYKGQQIGKVVQVYRKKYVI
YIERVQREKANGTTVHVGIHPSKVVITRLKLDKDRKKILERKAKSRQVGKEKGK
;
Y
25 'polypeptide(L)'
;GKFMKPGKVVLVLAGRYSGRKAVIVKNIDDGTSDRPYSHALVAGIDRYPRKVTAAMGKKKIAKRSKIKSFVKVYNYNHLM
PTRYSVDIPLDKTVVNKDVFRDPALKRKARREAKVKFEERYKTGKNKWFFQKLRF
;
Z
26 'polypeptide(L)'
;PSRLRKTRKLRGHVSHGHGRIGKHRKHPGGRGNAGGMHHHRINFDKYHPGYFGKVGMRHYHLKRNQSFCPTVNLDKLWTL
VSEQTRVNAAKNKTGAAPIIDVVRSGYYKVLGKGKLPKQPVIVKAKFFSRRAEEKIKGVGGACVLVA
;
a
27 'polypeptide(L)' AKSKNHTTHNQSRKWHRNGIKKPRSQRYESLKGVDPKFLRNMRFAKKHNKKGLKKMQANNAKAMAARAEAIKALV b
28 'polypeptide(L)'
;SINSRLQLVMKSGKYVLGYKQTLKMIRQGKAKLVILANNCPALRKSEIEYYAMLAKTGVHHYSGNNIELGTACGKYYRVC
TLAIIDPGDSDIIR
;
c
29 'polypeptide(L)'
;NEVVTREYTINIHKRIHGVGFKKRAPRALKEIRKFAMKEMGTPDVRIDTRLNKAVWAKGIRNVPYRIRVRLSRKRNEDED
SPNKLYTLVTYVPVTTFKNLQTVNVDE
;
d
30 'polypeptide(L)'
;AALRPLVKPKIVKKRTKKFIRHQSDRYVKIKRNWRKPRGIDNRVRRRFKGQILMPNIGYGSNKKTKHMLPSGFRKFLVHN
VKELEVLLMCNKSYCAEIAHNVSSKNRKAIVERAAQLAIRVTNPNARL
;
e
31 'polypeptide(L)'
;SGRLWCKAIFAGYKRGLRNQREHTALLKIEGVYARDETEFYLGKRCAYVYKAKNNTVTPGGKPNKTRVIWGKVTRAHGNS
GMVRAKFRSNLPAKAIGHRIRVMLYPSRI
;
f
32 'polypeptide(L)'
;VQRLTYRRRLSYNTASNKTRLSRTPGNRIVYLYTKKVGKAPKSACGVCPGRLRGVRAVRPKVLMRLSKTKKHVSRAYGGS
MCAKCVRDRIKRAFLIEEQKIVVKVLKAQAQSQK
;
g
33 'polypeptide(L)'
;AKIKARDLRGKKKEELLKQLDDLKVELSQLRVAKVTGGAASKLSKIRVVRKSIARVLTVINQTQKENLRKFYKGKKYKPL
DLRPKKTRAMRRRLNKHEESLKTKKQQRKERLYPLRKYAVKA
;
h
34 'polypeptide(L)'
;ALRYPMAVGLNKGHKVTKNVSKPRHSRRRGRLTKHTKFVRDMIREVCGFAPYERRAMELLKVSKDKRALKFIKKRVGTHI
RAKRKREELSSVLAAMRKAAAK
;
i
35 'polypeptide(L)'
;TKGTSSFGKRRNKTHTLCRRCGSKAYHLQKSTCGKCGYPAKRKRKYNWSAKAKRRNTTGTGRMRHLKIVYRRFRHGFREG
TTPKPK
;
j
36 'polypeptide(L)' PRKIEEIKDFLLTARRKDAKSVKIKKNKDNVKFKVRCSRYLYTLVITDKEKAEKLKQSLPPGLAVKELK k
37 'polypeptide(L)' SSHKTFRIKRFLAKKQKQNRPIPQWIRMKTGNKIRYNSKRRHWRRTKLGL l
38 'polypeptide(L)' IIEPSLRQLAQKYNCDKMICRKCYARLHPRAVNCRKKKCGHTNNLRPKKKVK m
39 'polypeptide(L)' RAKWRKKRMRRLKRKRRKMRQRS n
40 'polypeptide(L)'
;VNVPKTRRTFCKKCGKHQPHKVTQYKKGKDSLYAQGKRRYDRKQSGYGGQTKPIFRKKAKTTKKIVLRLECVEPNCRSKR
MLAIKRCKHFELGGDKKRKGQVIQ
;
o
41 'polypeptide(L)'
;AKRTKKVGIVGKYGTRYGASLRKMVKKIEISQHAKYTCSFCGKTKMKRRAVGIWHCGSCMKTVAGGAWTYNTTSAVTVKS
AIRRLKELKDQ
;
p
42 'polypeptide(L)'
;SAHLQWMVVRNCSSFLIKRNKQTYSTEPNNLKARNSFRYNGLIHRKTVGVEPAADGKGVVVVMKRRSGQRKPATSYVRTT
INKNARATLSSIRHMIRKNKYHPDLRMAAIRRASAILRSQKPVMV
;
r
43 'polypeptide(L)'
;DRATWKSNYFLKIIQLLDDYPKCFIVGADNVGSKQMQQIRMSLRGKAVVLMGKNTMMRKAIRGHLENNPALEKLLPHIRG
NVGFVFTKEDLTEIRDMLLANKVPAAARAGAIAPCEVTVPAQNTGLGPEKTSFFQALGITTKISRGTIEILSDVQLIKTG
DKVGASEATLLNMLNISPFSFGLIIQQVFDNGSIYNPE
;
s
44 'polypeptide(L)'
;MPPKFDPNEIKVVYLRCTGGEVGATSALAPKIGPLGLSPKKVGDDIAKATGDWKGLRITVKLTIQNRQAQIEVVPSASAL
IIKALKEPPRDRKKQKNIKHSGNITFDEIVNIARQMRHRSLARELSGTIKEILGTAQSVGCNVDGRHPHDIIDDINSGAV
ECP
;
t
45 'polypeptide(L)' GMWRFYTEDSPGLKV 1
46 'polyribonucleotide' GUCUCCGUAGUGUAGCGGUUAUCACGUUCGCCUAACACGCGAAAGGUCCUCGGUUCGAAACCGGGCGGAAACACCA 2
47 'polyribonucleotide' GCCCGGAUAGCUCAGCUGUAGAGCAUCAGACUUUUAAUCUGAGGGUCCAGGGUUCAAGUCCCUGUUCGGGCGCCA 3
48 'polyribonucleotide'
;CGCGACCUCAGAUCAGACGUGGCGACCCGCUGAAUUUAAGCAUAUUAGUCAGCGGAGGAGAAGAAACUAACCAGGAUUCC
CUCAGUAACGGCGAGUGAACAGGGAAGAGCCCAGCGCCGAAUCCCCGCCCCGCGGCGGGGCGCGGGACAUGUGGCGUACG
GAAGACCCGCUCCCCGGCGCCGCUCGUGGGGGGCCCAAGUCCUUCUGAUCGAGGCCCAGCCCGUGGACGGUGUGAGGCCG
GUAGCGGCCCCCGGCGCGCCGGGCCCGGGUCUUCCCGGAGUCGGGUUGCUUGGGAAUGCAGCCCAAAGCGGGUGGUAAAC
UCCAUCUAAGGCUAAAUACCGGCACGAGACCGAUAGUCAACAAGUACCGUAAGGGAAAGUUGAAAAGAACUUUGAAGAGA
GAGUUCAAGAGGGCGUGAAACCGUUAAGAGGUAAACGGGUGGGGUCCGCGCAGUCCGCCCGGAGGAUUCAACCCGGCGGC
GGGUCCGGCCGUGUCGGCGGCCCGGCGGAUCUUUCCCGCGCGGGGGACCGUCCCCCGACCGGCGACCGGCCGCCGCCGGG
CGCAUUUCCACCGCGGCGGUGCGCCGCGACCGGCUCCGGGACGGCUGGGAAGGCCCGGCGGGGAAGGUGGCUCGGCCGAG
UGUUACAGCCCCCCCGGCAGCAGCACUCGCCGAAUCCCGGGGCCGAGGGAGCGAGACCCGUCGCCGCGCUCUCCCCCCUC
CCGGCGCCGCCGGGGGGGGCCGGGCCACCCCUCCCACGGCGCGACCGCUCGGGGCGGACUGUCCCCAGUGCGCCCCGGGC
GGGUCGCGCCGUCGGGCCCGGGGGAGGGGCCACGCGCGCGUCCCCCGAAGAGGGGGACGGCGGAGCGAGCGCACGGGGUC
GGCGGCGACGUCGGCUACCCACCCGACCCGUCUUGAAACACGGACCAAGGAGUCUAACACGUGCGCGAGUCGGGGGCUCG
CACGAAAGCCGCCGUGGCGCAAUGAAGGUGAAGGCCGGCGCGCUCGCCGGCCGAGGUGGGAUCCCGAGGCCUCUCCAGUC
CGCCGAGGGCGCACCACCGGCCCGUCUCGCCCGCCGCGCCGGGGAGGUGGAGCACGAGCGCACGUGUUAGGACCCGAAAG
AUGGUGAACUAUGCCUGGGCAGGGCGAAGCCAGAGGAAACUCUGGUGGAGGUCCGUAGCGGUCCUGACGUGCAAAUCGGU
CGUCCGACCUGGGUAUAGGGGCGAAAGACUAAUCGAACCAUCUAGUAGCUGGUUCCCUCCGAAGUUUCCCUCAGGAUAGC
UGGCGCUCUCGCACACGCAGUUUUAUCCGGUAAAGCGAAUGAUUAGAGGUCUUGGGGCCGAAACGAUCUCAACCUAUUCU
CAAACUUUAAAUGGGUAAGAAGCCCGGCUCGCUGGCGUGAGCCGGGCGUGGAAUGGAGUGCCUAGUGGGCCACUUUUGGU
AAGCAGAACUGGCGCUGCGGGAUGAACCGAACGCCGGGUUAAGGCGCCCGAUGCCGACGCUCAUCAGACCCCAGAAAAGG
UGUUGGUUGAUAUAGACAGCAGGACGGUGGCCAUGGAAGUCGGAAUCCGCUAAGGAGUGUGUAACAACUCACCUGCCGAA
UCAACUAGCCCUGAAAAUGGAUGGCGCUGGAGCGUCGGGCCCAUACCCGGCCGUCGCCGGCAGUCGAGAGUGGACGGGAG
CGGCGGGGGCGGCGCGCGCGCGCGCCCGCCCCCGGAGCCCCGCGGACGCUACGCCGCGACGAGUAGGAGGGCCGCUGCGG
UGAGCCUUGAAGCCUAGGGCGCGGGCCCGGGUGGAGCCGCCGCAGGUGCAGAUCUUGGUGGUAGUAGCAAAUAUUCAAAC
GAGAACUUUGAAGGCCGAAGUGGAGAAGGGUUCCAUGUGAACAGCAGUUGAACAUGGGUCAGUCGGUCCUGAGAGAUGGG
CGAGCGCCGUUCCGAAGGGACGGGCGAUGGCCUCCGUUGCCCUCGGCCGAUCGAAAGGGAGUCGGGUUCAGAUCCCCGAA
UCCGGAGUGGCGGAGAUGGGCGCCGCGAGGCGUCCAGUGCGGUAACGCGACCGAUCCCGGAGAAGCCGGCGGGAGCCCCG
GGGAGAGUUCUCUUUUCUUUGUGAAGGGCAGGGCGCCCUGGAAUGGGUUCGCCCCGAGAGAGGGGCCCGUGCCUUGGAAA
GCGUCGCGGUUCCGGCGGCGUCCGGUGAGCUCUCGCUGGCCCUUGAAAAUCCGGGGGAGAGGGUGUAAAUCUCGCGCCGG
GCCGUACCCAUAUCCGCAGCAGGUCUCCAAGGUGAACAGCCUCUGGCAUGUUGGAACAAUGUAGGUAAGGGAAGUCGGCA
AGCCGGAUCCGUAACUUCGGGAUAAGGAUUGGCUCUAAGGGCUGGGUCGGUCGUCGGCCGGCGCCUAGCAGCCGACUUAG
AACUGGUGCGGACCAGGGGAAUCCGACUGUUUAAUUAAAACAAAGCAUCGCGAAGGCCCGCGGCGGGUGUUGACGCGAUG
UGAUUUCUGCCCAGUGCUCUGAAUGUCAAAGUGAAGAAAUUCAAUGAAGCGCGGGUAAACGGCGGGAGUAACUAUGACUC
UCUUAAGGUAGCCAAAUGCCUCGUCAUCUAAUUAGUGACGCGCAUGAAUGGAUGAACGAGAUUCCCACUGUCCCUACCUA
CUAUCCAGCGAAACCACAGCCAAGGGAACGGGCUUGGCGGAAUCAGCGGGGAAAGAAGACCCUGUUGAGCUUGACUCUAG
UCUGGCACGGUGAAGAGACAUGUUUUUUCACUGACCCGGUGAGGCGGGGGGGCGAGCCCCGAGGGGCUCUCGCUUCUGGC
GCCAAGCGCCCGGCCGCGCGCCGGCCGGGCGCGACCCGCUCCGGGGACAGUGCCAGGUGGGGAGUUUGACUGGGGCGGUA
CACCUGUCAAACGGUAACGCAGGUGUCCUAAGGCGAGCUCAGGGAGGACAGAAACCUCCCGUGGAGCAGAAGGGCAAAAG
CUCGCUUGAUCUUGAUUUUCAGUACGAAUACAGACCGUGAAAGCGGGGCCUCACGAUCCUUCUGACCUUUUGGGUUUUAA
GCAGGAGGUGUCAGAAAAGUUACCACAGGGAUAACUGGCUUGUGGCGGCCAAGCGUUCAUAGCGACGUCGCUUUUUGAUC
CUUCGAUGUCGGCUCUUCCUAUCAUUGUGAAGCAGAAUUCACCAAGCGUUGGAUUGUUCACCCACUAAUAGGGAACGUGA
GCUGGGUUUAGACCGUCGUGAGACAGGUUAGUUUUACCCUACUGAUGAUGUGUUGUUGCCAUGGUAAUCCUGCUCAGUAC
GAGAGGAACCGCAGGUUCAGACAUUUGGUGUAUGUGCUUGGCUGAGGAGCCAAUGGGGCGAAGCUACCAUCUGUGGGAUU
AUGACUGAACGCCUCUAAGUCAGAAUCCCGCCCAGGCGGAACGAUACGGCAGCGCCGCGGAGCCUCGGUUGGCCUCGGAU
AGCCGGUCCCCCGCGGGGUCCGGUGCGGAGUGCCCUUCGUCCUGGGAAACGGGGCGCGGCCGGAGAGGCGGCCGCCCCCU
CGCCCGUCACGCACGCCGUUCGUGGGGAACCUGGCGCUAAACCAUUCGUAGACGACCUGCUUCUGGGUCGGGGUUUCGUA
CGUAGCAGAGCAGCUCCCUCGCUGCGAUCUAUUGAAAGUCAGCCCUCGACACAAGGGUUUGU
;
5
49 'polyribonucleotide'
;GUCUACGGCCAUACCACCCUGAACGCGCCCGAUCUCGUCUGAUCUCGGAAGCUAAGCAGGGUCGGGCCUGGUUAGUACUU
GGAUGGGAGACCGCCUGGGAAUACCGGGUGCUGUAGGCUU
;
7
50 'polyribonucleotide'
;CGACUCUUAGCGGUGGAUCACUCGGCUCGUGCGUCGAUGAAGAACGCAGCUAGCUGCGAGAAUUAAUGUGAAUUGCAGGA
CACAUUGAUCAUCGACACUUCGAACGCACUUGCGGCCCCGGGUUCCUCCCGGGGCUACGCCUGUCUGAGCGUCGCU
;
8
51 'polyribonucleotide'
;UACCUGGUUGAUCCUGCCAGUAGCAUAUGCUUGUCUCAAAGAUUAAGCCAUGCAUGUCUAAGUACGCACGGCCGGUACAG
UGAAACUGCGAAUGGCUCAUUAAAUCAGUUAUGGUUCCUUUGGUCGCCACUUGGAUAACUGUGGUAAUUCUAGAGCUAAU
ACAUGCCGACGGGCGCUGACCCCCUUCGCGGGGGGGAUGCGUGCAUUUAUCAGUGGUGACUCUAGAUAACCUCGGGCCGA
UCGCACGCCCCCCGUGGCGGCGACGACCAUUCGAACGUCUGCCCUAUCAACUUUCGAUGGUAGUCGCCGUGCCUACCAUG
GUGACCACGGGUGACGGGGAAUCAGGGUUCGAUUCCGGAGAGGGAGCCUGAGAAACGGCUACCACAUCCAAGGAAGGCAG
CAGGCGCGCAAAUUACCCACUCCCGACCCGGGGAGGUAGUGACGAAAAAUAACAAUACAGGACUCUUUCGAGGCCCUGUA
AUUGGAAUGAGUCCACUUUAAAUCCUUUAACGAGGAUCCAUUGGAGGGCAAGUCUGGUGCCAGCAGCCGCGGUAAUUCCA
GCUCCAAUAGCGUAUAUUAAAGUUGCUGCAGUUAAAAAGCUCGUAGUUGGAUCUUGGGAGCGGGCGUCCCCGCCGCCUCU
CGGCCGGGGCCCGAAGCGUUUACUUUGAAAAAAUUAGAGUGUUCAAAGCAGGCCCGAGCCGCCUGGAUACCGCAGCUAGG
AAUAAUGGAAUAGGACCGCGGUUCUAUUUUGUUGGUUUUCGGAACUGAGGCCAUGAUUAAGAGGGACGGCCGGGGGCAUU
CGUAUUGCGCCGCUAGAGGUGAAAUUCUUGGACCGGCGCAAGACGGACCAGAGCGAAAGCAUUUGCCAAGAAUGUUUUCA
UUAAUCAAGAACGAAAGUCGGAGGUUCGAAGACGAUCAGAUACCGUCGUAGUUCCGACCAUAAACGAUGCCGACCGGCGA
UGCGGCGGCGUUAUUCCCAUGACCCGCCGGGCAGCUUCCGGGAAACCAAAGUCUUUGGGUUCCGGGGGGAGUAUGGUUGC
AAAGCUGAAACUUAAAGGAAUUGACGGAAGGGCACCACCAGGAGUGGAGCCUGCGGCUUAAUUUGACUCAACACGGGAAA
CCUCACCCGGCCCGGACACGGACAGGAUUGACAGAUUGAUAGCUCUUUCUCGAUUCCGUGGGUGGUGGUGCAUGGCCGUU
CUUAGUUGGUGGAGCGAUUUGUCUGGUUAAUUCCGAUAACGAACGAGACUCUGGCAUGCUAACUAGUUACGCGACCCCCG
AGCGGUCGGCGUCCCCCAACUUCUUAGAGGGACAAGUGGCGUUCAGCCACCCGAGAUUGAGCAAUAACAGGUCUGUGAUG
CCCUUAGAUGUCCGGGGCUGCACGCGCGCUACACUGACUGGCUCAGCGUGUGCCUACCCUACGCCGGCAGGCGCGGGUAA
CCCGUUGAACCCCAUUCGUGAUGGGGAUCGGGGAUUGCAAUUAUUCCCCAUGAACGAGGAAUUCCCAGUAAGUGCGGGUC
AUAAGCUUGCGUUGAUUAAGUCCCUGCCCUUUGUACACACCGCCCGUCGCUACUACCGAUUGGAUGGUUUAGUGAGGCCC
UCGGAUCGGCCCCGCCGGGGUGCCCUGGCGGAGCGCUGAGAAGACGGUCGAACUUGACUAUCUAGAGGAAGUAAAAGUCG
UAACAAGGUUUCCGUAGGUGAACCUGCGGAAGGAUCAUU
;
9
52 'polypeptide(L)'
;SGALDVLQMKEEDVLKFLAAGTHLGGTNLDFQMEQYIYKRKSDGIYIINLKRTWEKLLLAARAIVAIENPADVSVISSRN
TGQRAVLKFAAATGATPIAGRFTPGTFTNQIQAAFREPRLLVVTDPRADHQPLTEASYVNLPTIALCNTDSPLRYVDIAI
PCNNKGAHSVGLMWWMLAREVLRMRGTISREHPWEVMPDLYFYRDPEE
;
AA
53 'polypeptide(L)'
;VVDPFSKKDWYDVKAPAMFNIRNIGKTLVTRTQGTKIASDGLKGRVFEVSLADLQNDEVAFRKFKLITEDVQGKNCLTNF
HGMDLTRDKMCSMVKKWQTMIEAHVDVKTTDGYLLRLFCVGFTKKRNNQIRKTSYAQHQQVRQIRKKMMEIMTREVQTND
LKEVVNKLIPDSIGKDIEKACQSIYPLHDVFVRKVKMLKKPKFELGKLMELHG
;
BB
54 'polypeptide(L)'
;EWLPVTKLGRLVKDVKIKSLEEIYLFSLPIKESEIIDFFLGAALKDEVLKIMPVQKQTRAAQRTRFKAFVAIGDYNGHVG
LGVKCSKEVATAIRGAIILAKLSIVPVRRGYWGNKIGKPHTVPCKVTGRCGSVLVRLIPAPRGTGIVSAPVPKKLLLMAG
IDDCYTSAWSCTATLGNFAKATFDAISKTYSYLTPDLWKETVFTKSPYQEFTDHLVKT
;
CC
55 'polypeptide(L)'
;MAVQISKKRKFVADGIFKAELNEFLTRELAEDGYSGVEVRVTPTRTEIIILATRTQNVLGEKGRRIRELTAVVQKRFGFP
EGSVELYAEKVATRGLCAIAQAESLRYKLLGGLAVRRACYGVLRFIMESGAKGCEVVVSGKLRGQRAKSMKFVDGLMIHS
GDPVNYYVDTAVRHVLLRQGVLGIKVKIMLPWDPSGKIGPKKPLPDHVSIVEPKDEILPTTPISEQK
;
DD
56 'polypeptide(L)'
;ARGPKKHLKRVAAPKHWMLDKLTGVFAPRPSTGPHKLRECLPLIIFLRNKLKYALTGDEVKKICMQRFIKIDGKVRADIT
YPAGFMDVISIDKTGENFRLIYDTKGRFAVHRITPEEAKYKLCKVRKIFVGTKGIPHLVTHDARTIRYPDPLIKMNDTIQ
IDLETGKITDFIKFDTGNLCMVTGGANLGRIGVITNRERHPGSFDVVHVKDANGNSFATRLSNIFVIGKGNKPWISLPRG
KGIRLTIAEERDKRLAAKQSSG
;
EE
57 'polypeptide(L)'
;TPDIKLFGKWSTDDVQINDISLQDYIAVKEKYAKYLPHSAGRYAAKRFRKAQCPIVERLTNSMMMHGRNNGKKLMTVRIV
KHAFEIIHLLTGENPLQVLVNAIINSGPREDSTRIGRAGTVRRQAVDVSPLRRVNQAIWLLCTGAREAAFRNIKTIAECL
ADELINAAKGSSNSYAIKKKDELERVAKSNR
;
FF
58 'polypeptide(L)'
;MKLNISFPATGCQKLIEVDDERKLRTFYEKRMATEVAADALGEEWKGYVVRISGGNDKQGFPMKQGVLTHGRVRLLLSKG
HSCYRPRRTGERKRKSVRGCIVDANLSVLNLVIVKKGEKDIPGLTDTTVPRRLGPKRASRIRKLFNLSKEDDVRQYVVRK
PLNKEGKKPRTKAPKIQRLVTPRVLQHKRRRIALKKQRTKKNKEEAAEYAKLLAKRMKEAKEKRQEQIAKRRRLSSL
;
GG
59 'polypeptide(L)'
;SAKIVKPNGEKPDEFESGISQALLELEMNSDLKAQLRELNITAAKEIEVGGGRKAIIIFVPVPQLKSFQKIQVRLVRELE
KKFSGKHVVFIAQRRILPKPTRKSRTKNKQKRPRSRTLTAVHDAILEDLVFPSEIVGKRIRVKLDGSRLIKVHLDKAQQN
NVEHKVETFSGVYKKLTGKDVNFEFPEFQ
;
HH
60 'polypeptide(L)'
;GISRDNWHKRRKTGGKRKPYHKKRKYELGRPAANTKIGPRRIHTVRVRGGNKKYRALRLDVGNFSWGSECCTRKTRIIDV
VYNASNNELVRTKTLVKNCIVLIDSTPYRQWYESHYALPLGRKKGAKLTPEEEEILNKKRSKKIQKKYDERKKNAKISSL
LEEQFQQGKLLACIASRPGQCGRADGYVLEGKELEFYLRKIKARKG
;
II
61 'polypeptide(L)'
;PVARSWVCRKTYVTPRRPFEKSRLDQELKLIGEYGLRNKREVWRVKFTLAKIRKAARELLTLDEKDPRRLFEGNALLRRL
VRIGVLDEGKMKLDYILGLKIEDFLERRLQTQVFKLGLAKSIHHARVLIRQRHIRVRKQVVNIPSFIVRLDSQKHIDFSL
RSPYGGGRPGRVKRKNAKKGQGGAG
;
JJ
62 'polypeptide(L)'
;MLMPKKNRIAIYELLFKEGVMVAKKDVHMPKHPELADKNVPNLHVMKAMQSLKSRGYVKEQFAWRHFYWYLTNEGIQYLR
DYLHLPPEIVPATLRRSR
;
KK
63 'polypeptide(L)'
;ADIQTERAYQKQPTIFQNKKRVLLGETGKEKLPRYYKNIGLGFKTPKEAIEGTYIDKKCPFTGNVSIRGRILSGVVTKMK
MQRTIVIRRDYLHYIRKYNRFEKRHKNMSVHLSPCFRDVQIGDIVTVGECRPLSKTVRFNVLKVTKAAGTKK
;
LL
64 'polypeptide(L)'
;GGVMDVNTALQEVLKTALIHDGLARGIREAAKALDKRQAHLCVLASNCDEPMYVKLVEALCAEHQINLIKVDDNKKLGEW
VGLCKIDREGKPRKVVGCSCVVVKDYGKESQAKDVIEEYFKCKK
;
MM
65 'polypeptide(L)'
;GRMHAPGKGLSQSALPYRRSVPTWLKLTSDDVKEQIYKLAKKGLTPSQIGVILRDSHGVAQVRFVTGNKILRILKSKGLA
PDLPEDLYHLIKKAVAVRKHLERNRKDKDAKFRLILIESRIHRLARYYKTKRVLPPNWKYESSTASALVA
;
NN
66 'polypeptide(L)'
;SLGPQVAEGENVFGVCHIFASFNDTFVHVTDLSGKETICRVTGGMKVKADRDESSPYAAMLAAQDVAQRCKELGITALHI
KLRATGGNRTKTPGPGAQSALRALARSGMKIGRIEDVTPIPSDSTRRKGGRRGRRL
;
OO
67 'polypeptide(L)'
;VEQKKKRTFRKFTYRGVDLDQLLDMSYEQLMQLYSARQRRRLSRGLRRKQHSLLKRLRKAKKEAPPMEKPEVVKTHLRDM
IILPEMVGSMVGVYNGKTFNQVEIKPEMIGHYLGEFSITYKPVKHGR
;
PP
68 'polypeptide(L)'
;PLQSVQVFGRKKTATAVAHCKRGNGLIKVNGRPLEMIEPRTLQYKLLEPVLLLGKERFAGVDIRVRVKGGGHVAQIYAIR
QSISKALVAYYQKYVDEASKKEIKDILIQYDRTLLVADPRRCESKKFGGPGARARYQKSYR
;
QQ
69 'polypeptide(L)'
;MGRVRTKTVKKAARVIIEKYYTRLGNDFHTNKRVCEEIAIIPSKKLRNKIAGYVTHLMKRIQRGPVRGISIKLQEEERER
RDNYVPEVSALDQEIIEVDPDTKEMLKLLDFGSLSNLQVTQPTVGMNFK
;
RR
70 'polypeptide(L)'
;PEKFQHILRVLNTNIDGRRKIAFAITAIKGVGRRYAHVVLRKADIDLTKRAGELTEDEVERVITIMQNPRQYKIPDWFLN
RQKDVKDGKYSQVLANGLDNKLREDLERLKKIRAHRGLRHFWGLRVRGQHTKTTGRR
;
SS
71 'polypeptide(L)'
;VTVKDVNQQEFVRALAAFLKKSGKLKVPEWVDTVKLAKHKELAPYDENWFYTRAASTARHLYLRGGAGVGSMTKIYGGRQ
RNGVMPSHFSRGSKSVARRVLQALEGLKMVEKDQDGGRKLTPQGQRDLDRIAGQVAAAKKK
;
TT
72 'polypeptide(L)'
;AIHRIRITLTSRNVKSLEKVCADLIRGAKEKNLKVKGPVRMPTKTLRITTRKTPCGEGSKTWDRFQMRIHKRLIDLHSPS
EIVKQITSISIEPGVEVEVTIADA
;
UU
73 'polypeptide(L)'
;MQNDAGEFVDLYVPRKCSASNRIIGAKDHASIPMNVAEVDKVTGRFNGQFKTYAICGAIRRMGESDDSILRLAKAHGIVS
QNF
;
VV
74 'polypeptide(L)'
;VRMNVLADALKSINNAEKRGKRQVLIRPCSKVIVRFLTVMMKHGYIGEFEIIDDHRAGKIVVNLTGRLNKCGVISPRFDV
QLKDLEKWQNNLLPSRQFGFIVLTTSAGIMDHEEARRKHTGGKILGFFF
;
WW
75 'polypeptide(L)'
;GKCRGLRTARKLRSHRRDQKWHDKQYKKAHLGTALKANPFGGASHAKGIVLEKVGVEAKQPNSAIRKCVRVQLIKNGKKI
TAFVPNDGCLNFIEENDEVLVAGFGRKGHAVGDIPGVRFKVVKVANVSLLALYKGKKERPR
;
XX
76 'polypeptide(L)'
;DTVTIRTRKFMTNRLLQRKQMVIDVLHPGKATVPKTEIREKLAKMYKTTPDVIFVFGFRTHFGGGKTTGFGMIYDSLDYA
KKNEPKHRLARHGLYEKKKTSRKQRKERKNRMKKVRGTAKANVGAG
;
YY
77 'polypeptide(L)' RDKLNNLVLFDKATYDKLCKEVPNYKLITPAVVSERLKIRGSLARAALQELLSKGLIKLVSKHRAQVIYTRNTKG ZZ
78 'polypeptide(L)'
;TKKRRNNGRAKKGRGHVQPIRCTNCARCVPKDKAIKKFVIRNIVEAAAVRDISEASVFDAYVLPKLYVKLHYCVSCAIHS
KVVRNRSREARKDRTPPP
;
aa
79 'polypeptide(L)'
;PLAKDLLHPSPEEEKRKHKKKRLVQSPNSYFMDVKCPGCYKITTVFSHAQTVVLCVGCSTVLCQPTGGKARLTEGCSFRR
KQH
;
bb
80 'polypeptide(L)' PIKLARVTKVIGKTGSQGQCTQVRVEFMDDTSHSTIRNVKGPVREGDVLTLLESEREARRL cc
81 'polypeptide(L)' QQLYWSHPRKFGQGSRSCRVCSNRHGLIRKYGLNMCRQCFRQYAKDIGFIKLD dd
82 'polypeptide(L)' HGSLARVGKVRGQTLKVAKQEKKKKRTGRAKRRMQYNRRFVNVVPTFGKKKGPNANS ee
83 'polypeptide(L)' KSYTTPKKNKHKRKKVKLAVLKYYKVDENGKISRLRRECPSDECGAGVFMASHFDRHYCGKCCLTYCFN ff
84 'polypeptide(L)'
;TEQMTLRGTLKGHNGWVTQIATTPQFPDMILSASRDKTIIMWKLTRDETNYGIPQRALRGHSHFVSDVVISSDGQFALSG
SWDGTLRLWDLTTGTTTRRFVGHTKDVLSVAFSSDNRQIVSGSRDKTIKLWNTLGVCKYTVQDESHSEWVSCVRFSPNSS
NPIIVSCGWDKLVKVWNLANCKLKTNHIGHTGYLNTVTVSPDGSLCASGGKDGQAMLWDLNEGKHLYTLDGGDIINALCF
SPNRYWLCAATGPSIKIWDLEGKIIVDELKQEVISTSSKAEPPQCTSLAWSADGQTLFAGYTDNLVRVWQVTI
;
gg
85 'polyribonucleotide' UCAAAGUUUAAG hh
86 'polypeptide(L)'
;SAADRNVEIWKIKKLIKSLEAARGNGTSMISLIIPPKDQISRVAKMLADEFGTASNIKSRVNRLSVLGAITSVQQRLKLY
NKVPPNGLVVYCGTIVTEEGKEKKVNIDFEPFKPINTSLYLCDNKFHTEALTALLSDDSKFGFIVIDGSGALFGTLQGNT
REVLHKFTVDLPKKHGRAAQSALRFARLRMEKRHNYVRKVAETAVQLFISGDKVNVAGLVLAGSADFKTELSQSDMFDQR
LQSKVLKLVDISYGGENGFNQAIELSTEVLSNVKFIQEKKLIGRYFDEISQDTGKYCFGVEDTLKALEMGAVEILIVYEN
LDIMRYVLHCQGTEEEKILYLTPEQEKDKSHFTDKETGQEHELIESMPLLEWFANNYKKFGATLEIVTDKSQEGSQFVKG
FGGIGGILRYRVDFQG
;
ii
87 'polypeptide(L)'
;KLTRIAIVNHDKCKPKKCRQECKKSCPVVRMGKLCIEVTPQSKIAWISETLCIGCGICIKKCPFGALSIVNLPSNLEKET
THRYCANAFKLHRLPIPRPGEVLGLVGTNGIGKSTALKILAGKQKPNLGKYDDPPDWQEILTYFRGSELQNYFTKILEDD
LKAIIKPQYVDQIPKAAKGTVGSILDRKDETKTQAIVCQQLDLTHLKERNVEDLSGGELQRFACAVVCIQKADIFMFDEP
SSYLDVKQRLKAAITIRSLINPDRYIIVVEHDLSVLDYLSDFICCLYGVPSAYGVVTMPFSVREGINIFLDGYVPTENLR
FRDASLVFKVAETANEEEVKKMCMYKYPGMKKKMGEFELAIVAGEFTDSEIMVMLGENGTGKTTFIRMLAGRLKPDEGGE
VPVLNVSYKPQKISPKSTGSVRQLLHEKIRDAYTHPQFVTDVMKPLQIENIIDQEVQTLSGGELQRVALALCLGKPADVY
LIDEPSAYLDSEQRLMAARVVKRFILHAKKTAFVVEHDFIMATYLADRVIVFDGVPSKNTVANSPQTLLAGMNKFLSQLE
ITFRRDPNNYRPRINKLNSIKDVEQKKSGNYFFL
;
jj
#
# COMPACT_ATOMS: atom_id res chain seq x y z
N GLY A 1 -35.44 -19.20 8.89
CA GLY A 1 -35.35 -20.31 9.90
C GLY A 1 -36.12 -20.08 11.19
N ARG A 2 -35.48 -19.42 12.14
CA ARG A 2 -36.05 -19.27 13.48
C ARG A 2 -37.01 -18.11 13.60
N VAL A 3 -37.71 -18.09 14.72
CA VAL A 3 -38.54 -16.98 15.15
C VAL A 3 -37.59 -16.01 15.82
N ILE A 4 -37.58 -14.75 15.38
CA ILE A 4 -36.57 -13.83 15.90
C ILE A 4 -37.04 -13.18 17.20
N ARG A 5 -36.08 -12.80 18.03
CA ARG A 5 -36.37 -12.04 19.24
C ARG A 5 -37.08 -10.78 18.80
N GLY A 6 -38.24 -10.53 19.39
CA GLY A 6 -39.15 -9.52 18.89
C GLY A 6 -40.46 -10.24 18.71
N GLN A 7 -40.44 -11.23 17.82
CA GLN A 7 -41.62 -12.06 17.64
C GLN A 7 -41.92 -12.79 18.92
N ARG A 8 -40.89 -13.21 19.65
CA ARG A 8 -41.08 -13.99 20.86
C ARG A 8 -41.66 -13.13 22.00
N LYS A 9 -41.38 -11.84 21.97
CA LYS A 9 -41.83 -10.95 23.01
C LYS A 9 -43.36 -10.95 23.19
N GLY A 10 -44.10 -11.05 22.09
CA GLY A 10 -45.56 -11.05 22.14
C GLY A 10 -46.12 -12.24 22.88
N ALA A 11 -45.43 -13.37 22.80
CA ALA A 11 -45.89 -14.57 23.47
C ALA A 11 -45.94 -14.43 24.98
N GLY A 12 -45.11 -13.54 25.52
CA GLY A 12 -45.04 -13.28 26.95
C GLY A 12 -44.04 -14.22 27.56
N SER A 13 -44.49 -15.02 28.52
CA SER A 13 -43.63 -15.98 29.21
C SER A 13 -42.43 -15.31 29.90
N VAL A 14 -41.36 -15.13 29.15
CA VAL A 14 -40.13 -14.58 29.67
C VAL A 14 -40.11 -13.06 29.57
N PHE A 15 -40.88 -12.53 28.62
CA PHE A 15 -40.91 -11.11 28.35
C PHE A 15 -42.10 -10.42 28.98
N ARG A 16 -42.80 -11.10 29.89
CA ARG A 16 -43.86 -10.47 30.67
C ARG A 16 -43.24 -9.49 31.66
N ALA A 17 -44.02 -8.47 32.02
CA ALA A 17 -43.55 -7.43 32.91
C ALA A 17 -43.42 -7.93 34.33
N HIS A 18 -42.41 -7.44 35.02
CA HIS A 18 -42.16 -7.80 36.41
C HIS A 18 -42.98 -6.85 37.27
N VAL A 19 -43.92 -7.39 38.04
CA VAL A 19 -44.94 -6.57 38.70
C VAL A 19 -45.29 -6.95 40.12
N LYS A 20 -44.42 -7.70 40.80
CA LYS A 20 -44.70 -8.09 42.18
C LYS A 20 -44.73 -6.82 43.03
N HIS A 21 -43.62 -6.09 43.01
CA HIS A 21 -43.40 -4.99 43.94
C HIS A 21 -43.98 -3.64 43.52
N ARG A 22 -44.66 -3.60 42.36
CA ARG A 22 -45.40 -2.41 41.95
C ARG A 22 -46.61 -2.17 42.85
N LYS A 23 -46.81 -0.91 43.21
CA LYS A 23 -47.68 -0.52 44.31
C LYS A 23 -49.14 -0.44 43.91
N GLY A 24 -49.38 -0.35 42.60
CA GLY A 24 -50.73 -0.17 42.10
C GLY A 24 -50.73 0.61 40.80
N ALA A 25 -51.84 0.52 40.09
CA ALA A 25 -52.03 1.27 38.86
C ALA A 25 -52.31 2.72 39.22
N ALA A 26 -51.73 3.63 38.44
CA ALA A 26 -51.63 5.03 38.84
C ALA A 26 -52.68 5.87 38.19
N ARG A 27 -53.89 5.79 38.72
CA ARG A 27 -55.06 6.37 38.08
C ARG A 27 -55.51 7.65 38.76
N LEU A 28 -56.35 8.41 38.06
CA LEU A 28 -57.14 9.47 38.68
C LEU A 28 -58.36 8.87 39.39
N ARG A 29 -59.12 9.72 40.05
CA ARG A 29 -60.36 9.32 40.71
C ARG A 29 -61.40 8.97 39.65
N ALA A 30 -62.39 8.15 40.01
CA ALA A 30 -63.55 7.93 39.14
C ALA A 30 -64.49 9.13 39.21
N VAL A 31 -65.13 9.44 38.10
CA VAL A 31 -66.11 10.54 38.07
C VAL A 31 -67.34 10.19 38.86
N ASP A 32 -67.95 11.23 39.43
CA ASP A 32 -69.16 11.09 40.22
C ASP A 32 -69.69 12.47 40.53
N PHE A 33 -70.92 12.50 41.04
CA PHE A 33 -71.61 13.74 41.33
C PHE A 33 -70.70 14.82 41.90
N ALA A 34 -69.86 14.42 42.86
CA ALA A 34 -68.96 15.37 43.50
C ALA A 34 -68.02 16.00 42.49
N GLU A 35 -67.23 15.15 41.82
CA GLU A 35 -66.27 15.61 40.82
C GLU A 35 -66.95 16.28 39.66
N ARG A 36 -68.09 15.74 39.25
CA ARG A 36 -68.81 16.24 38.09
C ARG A 36 -69.34 17.66 38.33
N HIS A 37 -69.82 17.93 39.54
CA HIS A 37 -70.55 19.16 39.83
C HIS A 37 -69.80 20.13 40.71
N GLY A 38 -69.21 19.64 41.80
CA GLY A 38 -68.52 20.50 42.77
C GLY A 38 -67.02 20.25 42.85
N TYR A 39 -66.57 19.81 44.02
CA TYR A 39 -65.20 19.37 44.22
C TYR A 39 -65.14 18.51 45.48
N ILE A 40 -64.40 17.41 45.39
CA ILE A 40 -64.14 16.57 46.54
C ILE A 40 -62.71 16.84 46.98
N LYS A 41 -62.50 16.93 48.28
CA LYS A 41 -61.19 17.21 48.87
C LYS A 41 -60.63 15.92 49.42
N GLY A 42 -59.32 15.72 49.22
CA GLY A 42 -58.63 14.54 49.76
C GLY A 42 -57.21 14.87 50.12
N ILE A 43 -56.70 14.25 51.19
CA ILE A 43 -55.34 14.55 51.64
C ILE A 43 -54.34 13.53 51.16
N VAL A 44 -53.11 14.01 51.02
CA VAL A 44 -51.99 13.23 50.55
C VAL A 44 -51.36 12.61 51.78
N LYS A 45 -51.58 11.31 51.95
CA LYS A 45 -51.19 10.59 53.16
C LYS A 45 -49.73 10.28 53.09
N ASP A 46 -49.28 9.82 51.93
CA ASP A 46 -47.86 9.63 51.68
C ASP A 46 -47.51 9.69 50.21
N ILE A 47 -46.24 9.96 49.97
CA ILE A 47 -45.65 9.88 48.66
C ILE A 47 -44.79 8.64 48.71
N ILE A 48 -44.66 8.00 47.54
CA ILE A 48 -44.15 6.63 47.46
C ILE A 48 -43.17 6.55 46.32
N HIS A 49 -42.49 5.41 46.23
CA HIS A 49 -41.74 5.03 45.04
C HIS A 49 -42.37 3.78 44.45
N ASP A 50 -42.56 3.78 43.14
CA ASP A 50 -43.10 2.62 42.46
C ASP A 50 -42.04 2.02 41.56
N PRO A 51 -41.64 0.77 41.83
CA PRO A 51 -40.64 0.11 41.01
C PRO A 51 -40.99 0.10 39.54
N GLY A 52 -39.96 0.24 38.71
CA GLY A 52 -40.14 0.33 37.27
C GLY A 52 -40.93 1.54 36.80
N ARG A 53 -40.94 2.61 37.60
CA ARG A 53 -41.61 3.85 37.24
C ARG A 53 -40.72 4.99 37.68
N GLY A 54 -40.47 5.93 36.77
CA GLY A 54 -39.65 7.09 37.08
C GLY A 54 -40.34 7.97 38.10
N ALA A 55 -41.60 8.30 37.80
CA ALA A 55 -42.41 9.16 38.64
C ALA A 55 -42.61 8.58 40.03
N PRO A 56 -42.85 9.45 41.00
CA PRO A 56 -43.42 9.01 42.24
C PRO A 56 -44.92 9.10 42.26
N LEU A 57 -45.54 8.24 43.06
CA LEU A 57 -46.99 8.23 43.27
C LEU A 57 -47.34 8.91 44.59
N ALA A 58 -48.63 9.14 44.81
CA ALA A 58 -49.12 9.71 46.06
C ALA A 58 -50.37 8.98 46.51
N LYS A 59 -50.34 8.41 47.71
CA LYS A 59 -51.54 7.85 48.36
C LYS A 59 -52.40 9.01 48.82
N VAL A 60 -53.56 9.17 48.20
CA VAL A 60 -54.45 10.28 48.50
C VAL A 60 -55.81 9.79 48.95
N VAL A 61 -56.17 10.18 50.15
CA VAL A 61 -57.29 9.63 50.86
C VAL A 61 -58.46 10.57 50.77
N PHE A 62 -59.58 10.09 50.22
CA PHE A 62 -60.84 10.81 50.24
C PHE A 62 -61.80 10.16 51.23
N ARG A 63 -63.00 10.73 51.34
CA ARG A 63 -64.11 10.08 52.02
C ARG A 63 -65.17 9.78 50.98
N ASP A 64 -65.53 8.50 50.90
CA ASP A 64 -66.60 8.03 50.03
C ASP A 64 -67.87 8.76 50.41
N PRO A 65 -68.56 9.40 49.44
CA PRO A 65 -69.68 10.23 49.82
C PRO A 65 -71.01 9.50 49.77
N TYR A 66 -71.02 8.22 50.17
CA TYR A 66 -72.23 7.39 50.12
C TYR A 66 -72.26 6.35 51.21
N ARG A 67 -71.12 5.74 51.47
CA ARG A 67 -70.91 4.95 52.65
C ARG A 67 -69.90 5.66 53.54
N PHE A 68 -70.06 5.49 54.84
CA PHE A 68 -69.09 5.97 55.81
C PHE A 68 -67.87 5.08 55.63
N LYS A 69 -66.84 5.64 54.98
CA LYS A 69 -65.73 4.83 54.46
C LYS A 69 -64.70 5.77 53.85
N LYS A 70 -63.43 5.59 54.16
CA LYS A 70 -62.40 6.46 53.61
C LYS A 70 -61.67 5.76 52.46
N ARG A 71 -62.11 6.04 51.24
CA ARG A 71 -61.47 5.51 50.04
C ARG A 71 -60.09 6.14 49.87
N THR A 72 -59.25 5.46 49.11
CA THR A 72 -57.90 5.96 48.82
C THR A 72 -57.53 5.69 47.37
N GLU A 73 -56.66 6.54 46.85
CA GLU A 73 -56.29 6.55 45.44
C GLU A 73 -54.78 6.59 45.32
N LEU A 74 -54.28 6.25 44.14
CA LEU A 74 -52.87 6.44 43.80
C LEU A 74 -52.76 7.39 42.63
N PHE A 75 -52.60 8.67 42.91
CA PHE A 75 -52.29 9.63 41.86
C PHE A 75 -50.81 9.54 41.53
N ILE A 76 -50.50 9.98 40.32
CA ILE A 76 -49.15 10.31 39.92
C ILE A 76 -48.83 11.66 40.52
N ALA A 77 -47.73 11.73 41.27
CA ALA A 77 -47.39 12.93 42.01
C ALA A 77 -46.95 14.04 41.08
N ALA A 78 -47.71 15.13 41.09
CA ALA A 78 -47.30 16.34 40.41
C ALA A 78 -46.22 16.97 41.27
N GLU A 79 -45.25 17.60 40.63
CA GLU A 79 -44.08 18.09 41.33
C GLU A 79 -44.43 19.31 42.15
N GLY A 80 -44.08 19.25 43.44
CA GLY A 80 -44.52 20.24 44.42
C GLY A 80 -45.53 19.73 45.42
N ILE A 81 -45.99 18.49 45.24
CA ILE A 81 -46.89 17.84 46.19
C ILE A 81 -46.06 17.52 47.42
N HIS A 82 -46.71 17.57 48.58
CA HIS A 82 -46.11 17.07 49.81
C HIS A 82 -47.16 16.36 50.64
N THR A 83 -46.72 15.68 51.68
CA THR A 83 -47.64 14.99 52.56
C THR A 83 -48.33 16.00 53.44
N GLY A 84 -49.50 15.64 53.93
CA GLY A 84 -50.29 16.56 54.73
C GLY A 84 -50.63 17.79 53.94
N GLN A 85 -50.96 17.58 52.67
CA GLN A 85 -51.45 18.62 51.80
C GLN A 85 -52.89 18.22 51.54
N PHE A 86 -53.72 19.18 51.14
CA PHE A 86 -55.04 18.86 50.64
C PHE A 86 -55.04 18.97 49.14
N VAL A 87 -55.68 18.00 48.50
CA VAL A 87 -55.80 17.95 47.06
C VAL A 87 -57.29 18.04 46.78
N TYR A 88 -57.68 19.08 46.06
CA TYR A 88 -59.07 19.30 45.72
C TYR A 88 -59.26 18.84 44.30
N CYS A 89 -60.47 18.37 43.97
CA CYS A 89 -60.72 17.85 42.61
C CYS A 89 -62.18 17.74 42.18
N GLY A 90 -62.42 18.16 40.94
CA GLY A 90 -63.75 18.33 40.38
C GLY A 90 -63.87 19.60 39.54
N LYS A 91 -65.07 19.88 39.07
CA LYS A 91 -65.36 21.04 38.24
C LYS A 91 -65.09 22.34 38.98
N LYS A 92 -65.67 22.48 40.17
CA LYS A 92 -65.43 23.66 41.03
C LYS A 92 -64.15 23.54 41.87
N ALA A 93 -63.15 22.85 41.34
CA ALA A 93 -61.83 22.81 41.94
C ALA A 93 -61.05 24.05 41.52
N GLN A 94 -60.19 24.50 42.43
CA GLN A 94 -59.43 25.73 42.27
C GLN A 94 -58.19 25.40 41.45
N LEU A 95 -57.64 26.39 40.76
CA LEU A 95 -56.54 26.15 39.81
C LEU A 95 -55.21 26.37 40.50
N ASN A 96 -54.84 25.41 41.33
CA ASN A 96 -53.49 25.33 41.90
C ASN A 96 -52.92 23.96 41.56
N ILE A 97 -51.67 23.71 41.95
CA ILE A 97 -50.97 22.48 41.59
C ILE A 97 -51.39 21.30 42.45
N GLY A 98 -51.48 20.14 41.81
CA GLY A 98 -51.94 18.92 42.44
C GLY A 98 -53.40 19.10 42.71
N ASN A 99 -54.14 19.29 41.63
CA ASN A 99 -55.53 19.66 41.72
C ASN A 99 -56.18 19.28 40.42
N VAL A 100 -56.83 18.13 40.39
CA VAL A 100 -57.37 17.62 39.14
C VAL A 100 -58.72 18.26 38.85
N LEU A 101 -58.74 19.08 37.79
CA LEU A 101 -59.95 19.66 37.25
C LEU A 101 -60.08 19.39 35.76
N PRO A 102 -61.30 19.49 35.23
CA PRO A 102 -61.50 19.27 33.81
C PRO A 102 -60.82 20.35 33.00
N VAL A 103 -60.10 19.92 31.97
CA VAL A 103 -59.40 20.79 31.01
C VAL A 103 -60.26 21.96 30.54
N GLY A 104 -61.55 21.70 30.34
CA GLY A 104 -62.50 22.74 29.98
C GLY A 104 -62.48 23.96 30.87
N THR A 105 -62.41 23.75 32.18
CA THR A 105 -62.45 24.86 33.13
C THR A 105 -61.19 25.70 33.05
N MET A 106 -60.03 25.03 33.16
CA MET A 106 -58.74 25.71 33.25
C MET A 106 -58.38 26.47 31.98
N PRO A 107 -57.69 27.62 32.14
CA PRO A 107 -57.51 28.53 31.03
C PRO A 107 -56.46 28.05 30.06
N GLU A 108 -56.32 28.77 28.96
CA GLU A 108 -55.26 28.50 28.01
C GLU A 108 -53.91 28.71 28.72
N GLY A 109 -52.90 28.01 28.24
CA GLY A 109 -51.55 28.08 28.83
C GLY A 109 -51.36 27.29 30.13
N THR A 110 -52.36 26.49 30.51
CA THR A 110 -52.32 25.75 31.76
C THR A 110 -51.55 24.46 31.57
N ILE A 111 -50.63 24.21 32.47
CA ILE A 111 -49.75 23.05 32.41
C ILE A 111 -50.37 21.94 33.21
N VAL A 112 -50.44 20.76 32.62
CA VAL A 112 -51.10 19.61 33.24
C VAL A 112 -50.38 18.29 33.04
N CYS A 113 -50.74 17.30 33.85
CA CYS A 113 -50.29 15.92 33.65
C CYS A 113 -51.32 14.90 34.12
N CYS A 114 -51.05 13.63 33.82
CA CYS A 114 -52.01 12.55 34.01
C CYS A 114 -53.35 12.94 33.39
N LEU A 115 -53.28 13.42 32.17
CA LEU A 115 -54.45 13.91 31.44
C LEU A 115 -55.28 12.74 30.91
N GLU A 116 -56.59 12.81 31.09
CA GLU A 116 -57.48 11.83 30.51
C GLU A 116 -57.54 12.08 29.01
N GLU A 117 -57.26 11.07 28.20
CA GLU A 117 -57.37 11.19 26.74
C GLU A 117 -58.84 11.14 26.32
N LYS A 118 -59.62 10.29 26.98
CA LYS A 118 -61.07 10.23 26.82
C LYS A 118 -61.74 10.44 28.16
N PRO A 119 -62.93 11.04 28.16
CA PRO A 119 -63.59 11.40 29.42
C PRO A 119 -64.05 10.21 30.26
N GLY A 120 -63.54 10.16 31.48
CA GLY A 120 -63.75 9.04 32.40
C GLY A 120 -62.69 7.94 32.41
N ASP A 121 -61.62 8.07 31.64
CA ASP A 121 -60.63 6.98 31.50
C ASP A 121 -59.62 6.88 32.64
N ARG A 122 -59.61 7.85 33.54
CA ARG A 122 -58.73 7.89 34.70
C ARG A 122 -57.22 8.04 34.38
N GLY A 123 -56.91 8.89 33.40
CA GLY A 123 -55.59 9.52 33.30
C GLY A 123 -54.55 8.80 32.46
N LYS A 124 -54.47 9.18 31.18
CA LYS A 124 -53.70 8.44 30.19
C LYS A 124 -52.49 9.14 29.55
N LEU A 125 -52.58 10.43 29.27
CA LEU A 125 -51.50 11.15 28.60
C LEU A 125 -50.59 11.84 29.59
N ALA A 126 -49.32 11.98 29.22
CA ALA A 126 -48.37 12.82 29.93
C ALA A 126 -48.26 12.49 31.39
N ARG A 127 -47.63 11.37 31.70
CA ARG A 127 -47.58 10.88 33.09
C ARG A 127 -46.36 10.04 33.32
N ALA A 128 -45.23 10.59 32.94
CA ALA A 128 -43.99 9.84 32.86
C ALA A 128 -43.10 10.16 34.04
N SER A 129 -42.39 11.28 33.98
CA SER A 129 -41.58 11.72 35.11
C SER A 129 -41.40 13.21 35.12
N GLY A 130 -40.93 13.80 34.01
CA GLY A 130 -40.79 15.25 33.94
C GLY A 130 -41.71 15.87 32.93
N ASN A 131 -42.83 15.19 32.68
CA ASN A 131 -43.65 15.48 31.51
C ASN A 131 -44.91 16.22 31.84
N TYR A 132 -45.49 16.83 30.81
CA TYR A 132 -46.71 17.59 30.95
C TYR A 132 -47.30 17.96 29.62
N ALA A 133 -48.63 18.07 29.60
CA ALA A 133 -49.36 18.61 28.48
C ALA A 133 -49.64 20.09 28.73
N THR A 134 -50.04 20.80 27.69
CA THR A 134 -50.44 22.21 27.82
C THR A 134 -51.78 22.39 27.14
N VAL A 135 -52.71 23.07 27.81
CA VAL A 135 -54.01 23.34 27.23
C VAL A 135 -53.85 24.54 26.32
N ILE A 136 -54.12 24.35 25.04
CA ILE A 136 -53.93 25.38 24.04
C ILE A 136 -55.15 26.29 23.98
N SER A 137 -56.30 25.73 23.61
CA SER A 137 -57.46 26.54 23.25
C SER A 137 -58.75 25.75 23.28
N HIS A 138 -59.83 26.44 23.67
CA HIS A 138 -61.13 25.83 23.82
C HIS A 138 -62.06 26.22 22.69
N ASN A 139 -62.96 25.30 22.35
CA ASN A 139 -64.07 25.54 21.44
C ASN A 139 -65.37 25.32 22.24
N PRO A 140 -65.92 26.38 22.85
CA PRO A 140 -67.03 26.24 23.82
C PRO A 140 -68.21 25.44 23.28
N GLU A 141 -68.68 25.78 22.08
CA GLU A 141 -69.62 24.91 21.36
C GLU A 141 -68.83 23.76 20.74
N THR A 142 -69.46 22.59 20.70
CA THR A 142 -68.81 21.27 20.54
C THR A 142 -68.16 20.74 21.82
N LYS A 143 -68.01 21.57 22.86
CA LYS A 143 -67.46 21.16 24.14
C LYS A 143 -66.09 20.49 23.98
N LYS A 144 -65.25 21.07 23.12
CA LYS A 144 -63.95 20.46 22.79
C LYS A 144 -62.76 21.39 23.01
N THR A 145 -61.59 20.78 23.25
CA THR A 145 -60.39 21.48 23.65
C THR A 145 -59.18 20.91 22.94
N ARG A 146 -58.18 21.75 22.70
CA ARG A 146 -56.95 21.39 22.00
C ARG A 146 -55.78 21.41 22.98
N VAL A 147 -54.97 20.35 22.94
CA VAL A 147 -53.89 20.16 23.92
C VAL A 147 -52.61 19.71 23.23
N LYS A 148 -51.49 20.32 23.62
CA LYS A 148 -50.17 19.96 23.10
C LYS A 148 -49.48 18.98 24.02
N LEU A 149 -49.27 17.77 23.52
CA LEU A 149 -48.74 16.66 24.30
C LEU A 149 -47.23 16.80 24.44
N PRO A 150 -46.60 15.89 25.20
CA PRO A 150 -45.14 15.89 25.25
C PRO A 150 -44.43 15.62 23.93
N SER A 151 -45.00 14.76 23.10
CA SER A 151 -44.42 14.45 21.80
C SER A 151 -44.37 15.64 20.84
N GLY A 152 -45.14 16.69 21.10
CA GLY A 152 -45.24 17.82 20.20
C GLY A 152 -46.50 17.79 19.34
N SER A 153 -47.18 16.65 19.29
CA SER A 153 -48.48 16.59 18.66
C SER A 153 -49.49 17.42 19.42
N LYS A 154 -50.46 17.97 18.69
CA LYS A 154 -51.50 18.80 19.25
C LYS A 154 -52.83 18.10 19.03
N LYS A 155 -53.29 17.43 20.08
CA LYS A 155 -54.45 16.55 20.04
C LYS A 155 -55.71 17.29 20.50
N VAL A 156 -56.85 16.90 19.95
CA VAL A 156 -58.14 17.43 20.33
C VAL A 156 -58.79 16.49 21.36
N ILE A 157 -59.60 17.07 22.23
CA ILE A 157 -60.00 16.43 23.48
C ILE A 157 -61.36 17.00 23.89
N SER A 158 -62.18 16.21 24.58
CA SER A 158 -63.44 16.73 25.11
C SER A 158 -63.15 17.58 26.35
N SER A 159 -63.67 18.81 26.37
CA SER A 159 -63.49 19.73 27.51
C SER A 159 -63.75 19.06 28.85
N ALA A 160 -64.71 18.15 28.86
CA ALA A 160 -65.05 17.36 30.03
C ALA A 160 -63.88 16.63 30.68
N ASN A 161 -62.98 16.06 29.88
CA ASN A 161 -61.98 15.17 30.46
C ASN A 161 -60.92 15.87 31.33
N ARG A 162 -60.50 15.21 32.41
CA ARG A 162 -59.73 15.88 33.48
C ARG A 162 -58.25 15.62 33.36
N ALA A 163 -57.50 16.35 34.17
CA ALA A 163 -56.04 16.30 34.19
C ALA A 163 -55.54 17.04 35.41
N VAL A 164 -54.44 16.59 35.98
CA VAL A 164 -53.94 17.25 37.19
C VAL A 164 -53.10 18.43 36.75
N VAL A 165 -53.19 19.51 37.51
CA VAL A 165 -52.42 20.72 37.25
C VAL A 165 -50.99 20.53 37.73
N GLY A 166 -50.05 21.12 37.00
CA GLY A 166 -48.63 20.97 37.32
C GLY A 166 -48.01 19.81 36.56
N VAL A 167 -46.67 19.80 36.52
CA VAL A 167 -45.91 18.77 35.80
C VAL A 167 -45.75 17.56 36.68
N VAL A 168 -45.21 16.47 36.13
CA VAL A 168 -44.99 15.25 36.93
C VAL A 168 -43.70 15.36 37.73
N ALA A 169 -43.67 14.75 38.91
CA ALA A 169 -42.48 14.77 39.76
C ALA A 169 -41.44 13.74 39.32
N GLY A 170 -40.20 13.98 39.73
CA GLY A 170 -39.07 13.13 39.34
C GLY A 170 -38.48 13.53 38.00
N GLY A 171 -38.45 14.84 37.74
CA GLY A 171 -37.99 15.35 36.47
C GLY A 171 -36.49 15.29 36.32
N GLY A 172 -36.04 15.27 35.07
CA GLY A 172 -34.62 15.31 34.72
C GLY A 172 -33.89 13.99 34.93
N ARG A 173 -34.65 12.90 35.06
CA ARG A 173 -34.10 11.59 35.39
C ARG A 173 -33.08 11.18 34.37
N ILE A 174 -33.35 11.50 33.12
CA ILE A 174 -32.46 11.16 32.02
C ILE A 174 -31.21 12.03 31.85
N ASP A 175 -31.00 13.00 32.74
CA ASP A 175 -29.76 13.81 32.70
C ASP A 175 -28.52 13.06 33.18
N LYS A 176 -28.67 12.28 34.25
CA LYS A 176 -27.57 11.53 34.82
C LYS A 176 -27.19 10.39 33.88
N PRO A 177 -25.89 10.27 33.52
CA PRO A 177 -25.40 9.05 32.84
C PRO A 177 -25.58 7.82 33.68
N ILE A 178 -25.63 6.67 33.04
CA ILE A 178 -25.77 5.43 33.76
C ILE A 178 -24.38 4.95 34.19
N LEU A 179 -23.38 5.24 33.38
CA LEU A 179 -22.04 4.68 33.53
C LEU A 179 -22.06 3.17 33.43
N LYS A 180 -22.36 2.47 34.51
CA LYS A 180 -22.11 1.04 34.59
C LYS A 180 -23.19 0.26 33.85
N ALA A 181 -22.80 -0.81 33.16
CA ALA A 181 -23.75 -1.77 32.66
C ALA A 181 -24.67 -2.21 33.79
N GLY A 182 -24.08 -2.55 34.93
CA GLY A 182 -24.83 -2.96 36.13
C GLY A 182 -25.95 -2.00 36.52
N ARG A 183 -25.68 -0.72 36.43
CA ARG A 183 -26.68 0.28 36.69
C ARG A 183 -27.82 0.26 35.68
N ALA A 184 -27.53 -0.19 34.46
CA ALA A 184 -28.59 -0.50 33.49
C ALA A 184 -29.33 -1.78 33.87
N TYR A 185 -28.56 -2.83 34.12
CA TYR A 185 -29.11 -4.11 34.57
C TYR A 185 -30.14 -3.94 35.66
N HIS A 186 -29.77 -3.22 36.71
CA HIS A 186 -30.69 -2.94 37.82
C HIS A 186 -31.90 -2.11 37.45
N LYS A 187 -31.79 -1.23 36.46
CA LYS A 187 -32.95 -0.50 35.98
C LYS A 187 -34.00 -1.44 35.37
N TYR A 188 -33.58 -2.22 34.39
CA TYR A 188 -34.49 -3.13 33.70
C TYR A 188 -34.85 -4.40 34.49
N LYS A 189 -34.18 -4.66 35.61
CA LYS A 189 -34.56 -5.77 36.45
C LYS A 189 -35.86 -5.51 37.16
N ALA A 190 -36.17 -4.24 37.43
CA ALA A 190 -37.45 -3.87 38.04
C ALA A 190 -38.61 -3.80 37.05
N LYS A 191 -38.32 -3.90 35.75
CA LYS A 191 -39.29 -3.70 34.71
C LYS A 191 -39.59 -5.02 34.00
N ARG A 192 -38.73 -5.42 33.07
CA ARG A 192 -38.97 -6.61 32.21
C ARG A 192 -37.72 -7.06 31.51
N ASN A 193 -37.75 -8.30 31.06
CA ASN A 193 -36.64 -8.88 30.34
C ASN A 193 -36.54 -8.25 28.96
N CYS A 194 -35.83 -7.13 28.89
CA CYS A 194 -35.60 -6.48 27.62
C CYS A 194 -34.19 -5.97 27.44
N TRP A 195 -33.29 -6.22 28.39
CA TRP A 195 -32.00 -5.51 28.41
C TRP A 195 -30.98 -6.18 27.51
N PRO A 196 -29.91 -6.76 28.06
CA PRO A 196 -28.70 -6.76 27.22
C PRO A 196 -29.01 -7.27 25.82
N ARG A 197 -29.04 -6.33 24.89
CA ARG A 197 -29.69 -6.49 23.61
C ARG A 197 -28.62 -6.75 22.56
N VAL A 198 -28.77 -7.89 21.90
CA VAL A 198 -27.81 -8.32 20.90
C VAL A 198 -28.19 -7.72 19.58
N ARG A 199 -27.20 -7.24 18.83
CA ARG A 199 -27.50 -6.63 17.52
C ARG A 199 -27.74 -7.75 16.54
N GLY A 200 -28.74 -7.54 15.69
CA GLY A 200 -29.08 -8.47 14.65
C GLY A 200 -27.92 -8.84 13.76
N VAL A 201 -27.02 -7.89 13.54
CA VAL A 201 -25.83 -8.14 12.75
C VAL A 201 -24.92 -9.24 13.32
N ALA A 202 -24.87 -9.35 14.63
CA ALA A 202 -24.09 -10.38 15.32
C ALA A 202 -24.66 -11.76 15.21
N MET A 203 -25.95 -11.84 14.93
CA MET A 203 -26.65 -13.11 14.95
C MET A 203 -26.40 -13.84 13.63
N ASN A 204 -26.61 -15.15 13.61
CA ASN A 204 -26.52 -15.92 12.37
C ASN A 204 -27.73 -15.56 11.53
N PRO A 205 -27.74 -15.96 10.26
CA PRO A 205 -28.81 -15.49 9.43
C PRO A 205 -30.10 -16.29 9.56
N VAL A 206 -30.22 -17.12 10.60
CA VAL A 206 -31.49 -17.78 10.88
C VAL A 206 -32.26 -17.04 11.94
N GLU A 207 -31.58 -16.26 12.76
CA GLU A 207 -32.23 -15.57 13.87
C GLU A 207 -32.37 -14.09 13.63
N HIS A 208 -32.15 -13.65 12.41
CA HIS A 208 -32.37 -12.26 12.10
C HIS A 208 -32.22 -12.03 10.62
N PRO A 209 -33.00 -11.12 10.05
CA PRO A 209 -32.76 -10.88 8.63
C PRO A 209 -31.37 -10.32 8.35
N PHE A 210 -30.86 -9.50 9.27
CA PHE A 210 -29.52 -8.95 9.12
C PHE A 210 -28.36 -9.94 9.35
N GLY A 211 -28.64 -11.10 9.93
CA GLY A 211 -27.60 -12.02 10.32
C GLY A 211 -26.72 -12.56 9.20
N GLY A 212 -25.78 -13.41 9.57
CA GLY A 212 -24.86 -14.00 8.62
C GLY A 212 -23.89 -12.99 8.01
N GLY A 213 -23.05 -13.50 7.10
CA GLY A 213 -22.00 -12.72 6.42
C GLY A 213 -20.63 -12.99 7.01
N ASN A 214 -19.61 -12.86 6.17
CA ASN A 214 -18.21 -12.92 6.63
C ASN A 214 -17.70 -11.59 7.15
N HIS A 215 -18.53 -10.56 7.02
CA HIS A 215 -18.34 -9.30 7.71
C HIS A 215 -19.62 -8.92 8.39
N GLN A 216 -19.52 -8.46 9.63
CA GLN A 216 -20.67 -7.88 10.32
C GLN A 216 -21.17 -6.67 9.56
N HIS A 217 -22.00 -6.93 8.55
CA HIS A 217 -22.72 -5.87 7.84
C HIS A 217 -24.20 -6.19 7.77
N ILE A 218 -24.97 -5.24 7.28
CA ILE A 218 -26.39 -5.45 7.15
C ILE A 218 -26.63 -6.16 5.82
N GLY A 219 -26.23 -5.52 4.73
CA GLY A 219 -26.34 -6.15 3.41
C GLY A 219 -27.62 -5.87 2.62
N LYS A 220 -28.73 -5.61 3.33
CA LYS A 220 -29.91 -5.03 2.70
C LYS A 220 -30.25 -3.72 3.39
N PRO A 221 -31.04 -2.85 2.75
CA PRO A 221 -31.37 -1.55 3.34
C PRO A 221 -32.09 -1.72 4.65
N SER A 222 -31.65 -0.96 5.65
CA SER A 222 -32.18 -1.12 6.99
C SER A 222 -33.54 -0.43 7.19
N THR A 223 -33.98 0.35 6.21
CA THR A 223 -35.35 0.85 6.20
C THR A 223 -36.27 -0.24 5.69
N ILE A 224 -37.56 -0.17 6.01
CA ILE A 224 -38.49 -1.23 5.60
C ILE A 224 -39.97 -0.85 5.59
N ARG A 225 -40.74 -1.49 4.71
CA ARG A 225 -42.19 -1.31 4.63
C ARG A 225 -42.82 -1.50 5.98
N ARG A 226 -43.94 -0.83 6.23
CA ARG A 226 -44.79 -1.26 7.34
C ARG A 226 -45.97 -2.10 6.88
N ASP A 227 -46.05 -2.36 5.58
CA ASP A 227 -46.77 -3.53 5.05
C ASP A 227 -45.71 -4.65 4.94
N ALA A 228 -45.24 -5.10 6.10
CA ALA A 228 -44.13 -6.02 6.16
C ALA A 228 -44.47 -7.12 7.14
N PRO A 229 -44.26 -8.38 6.75
CA PRO A 229 -44.64 -9.46 7.63
C PRO A 229 -43.72 -9.49 8.84
N ALA A 230 -44.29 -9.89 9.98
CA ALA A 230 -43.52 -9.92 11.22
C ALA A 230 -42.44 -10.97 11.10
N GLY A 231 -41.19 -10.51 11.13
CA GLY A 231 -40.04 -11.35 10.81
C GLY A 231 -39.01 -10.54 10.05
N ARG A 232 -39.48 -9.84 9.02
CA ARG A 232 -38.66 -8.85 8.31
C ARG A 232 -38.70 -7.50 8.96
N LYS A 233 -39.83 -7.16 9.60
CA LYS A 233 -40.03 -5.80 10.10
C LYS A 233 -39.02 -5.52 11.19
N VAL A 234 -37.87 -5.04 10.72
CA VAL A 234 -36.66 -4.93 11.50
C VAL A 234 -35.87 -3.77 10.91
N GLY A 235 -35.13 -3.08 11.77
CA GLY A 235 -34.37 -1.92 11.37
C GLY A 235 -35.23 -0.69 11.60
N LEU A 236 -35.41 0.11 10.55
CA LEU A 236 -36.11 1.38 10.64
C LEU A 236 -37.47 1.29 9.94
N ILE A 237 -38.52 1.14 10.74
CA ILE A 237 -39.81 0.75 10.23
C ILE A 237 -40.47 1.94 9.58
N ALA A 238 -40.60 1.90 8.26
CA ALA A 238 -41.27 2.95 7.51
C ALA A 238 -40.63 4.31 7.71
N ALA A 239 -39.30 4.31 7.77
CA ALA A 239 -38.55 5.49 8.10
C ALA A 239 -38.72 6.60 7.07
N ARG A 240 -39.36 7.70 7.45
CA ARG A 240 -39.62 8.78 6.52
C ARG A 240 -38.34 9.36 5.98
N ARG A 241 -37.48 9.81 6.87
CA ARG A 241 -36.12 10.20 6.53
C ARG A 241 -35.25 9.51 7.54
N THR A 242 -34.06 9.11 7.15
CA THR A 242 -33.26 8.23 8.01
C THR A 242 -32.07 8.91 8.70
N GLY A 243 -31.35 9.79 8.00
CA GLY A 243 -30.08 10.32 8.51
C GLY A 243 -30.09 11.25 9.71
N ARG A 244 -28.93 11.86 9.95
CA ARG A 244 -28.70 12.82 11.00
C ARG A 244 -29.53 14.12 10.81
N SER B 1 14.81 -38.64 1.89
CA SER B 1 15.79 -37.53 1.72
C SER B 1 17.03 -37.72 2.56
N HIS B 2 18.11 -37.07 2.14
CA HIS B 2 19.37 -37.14 2.86
C HIS B 2 19.25 -36.48 4.21
N ARG B 3 20.09 -36.95 5.13
CA ARG B 3 20.22 -36.34 6.44
C ARG B 3 20.80 -34.94 6.22
N LYS B 4 20.18 -33.92 6.81
CA LYS B 4 20.55 -32.54 6.51
C LYS B 4 21.98 -32.25 6.87
N PHE B 5 22.25 -32.29 8.17
CA PHE B 5 23.48 -31.79 8.74
C PHE B 5 24.26 -33.00 9.15
N SER B 6 25.42 -33.21 8.53
CA SER B 6 26.19 -34.42 8.79
C SER B 6 26.72 -34.43 10.22
N ALA B 7 26.80 -35.63 10.77
CA ALA B 7 27.51 -35.88 11.99
C ALA B 7 27.99 -37.32 11.97
N PRO B 8 29.16 -37.58 12.56
CA PRO B 8 29.60 -38.95 12.58
C PRO B 8 28.70 -39.75 13.50
N ARG B 9 28.74 -41.06 13.35
CA ARG B 9 27.81 -41.94 14.04
C ARG B 9 28.28 -42.19 15.51
N HIS B 10 27.35 -42.58 16.38
CA HIS B 10 27.66 -42.87 17.78
C HIS B 10 28.10 -44.32 18.01
N GLY B 11 29.22 -44.50 18.72
CA GLY B 11 29.72 -45.84 19.07
C GLY B 11 30.39 -46.53 17.91
N SER B 12 31.18 -47.56 18.19
CA SER B 12 31.85 -48.30 17.12
C SER B 12 31.13 -49.61 16.87
N LEU B 13 31.06 -49.99 15.60
CA LEU B 13 30.63 -51.33 15.25
C LEU B 13 31.72 -52.37 15.45
N GLY B 14 32.97 -51.95 15.63
CA GLY B 14 34.06 -52.89 15.86
C GLY B 14 34.17 -53.37 17.29
N PHE B 15 33.03 -53.54 17.93
CA PHE B 15 32.98 -53.87 19.34
C PHE B 15 31.65 -54.50 19.69
N LEU B 16 31.05 -55.27 18.79
CA LEU B 16 29.72 -55.65 19.08
C LEU B 16 29.17 -56.95 18.65
N PRO B 17 28.98 -57.78 19.65
CA PRO B 17 27.63 -57.89 20.11
C PRO B 17 27.81 -57.39 21.53
N ARG B 18 27.39 -56.17 21.80
CA ARG B 18 27.64 -55.54 23.10
C ARG B 18 26.91 -56.34 24.16
N LYS B 19 27.50 -57.48 24.48
CA LYS B 19 26.87 -58.50 25.27
C LYS B 19 27.74 -58.72 26.46
N ARG B 20 27.25 -59.56 27.35
CA ARG B 20 27.93 -59.86 28.57
C ARG B 20 29.00 -60.88 28.22
N SER B 21 30.24 -60.59 28.60
CA SER B 21 31.39 -61.42 28.23
C SER B 21 31.26 -62.81 28.77
N SER B 22 31.46 -63.80 27.91
CA SER B 22 31.34 -65.21 28.30
C SER B 22 32.41 -65.64 29.28
N ARG B 23 33.62 -65.09 29.12
CA ARG B 23 34.69 -65.26 30.08
C ARG B 23 34.62 -64.18 31.18
N HIS B 24 35.42 -64.39 32.22
CA HIS B 24 35.63 -63.43 33.30
C HIS B 24 37.09 -62.97 33.31
N ARG B 25 37.99 -63.95 33.34
CA ARG B 25 39.40 -63.73 33.12
C ARG B 25 39.57 -63.43 31.63
N GLY B 26 40.20 -62.30 31.31
CA GLY B 26 40.38 -61.86 29.93
C GLY B 26 41.38 -62.72 29.13
N LYS B 27 40.94 -63.18 27.97
CA LYS B 27 41.74 -64.07 27.12
C LYS B 27 42.79 -63.33 26.36
N VAL B 28 44.02 -63.85 26.34
CA VAL B 28 45.02 -63.35 25.41
C VAL B 28 44.67 -63.86 24.03
N LYS B 29 44.09 -62.97 23.24
CA LYS B 29 43.56 -63.34 21.93
C LYS B 29 44.67 -63.62 20.92
N SER B 30 45.83 -62.98 21.10
CA SER B 30 46.97 -63.24 20.24
C SER B 30 48.30 -62.88 20.91
N PHE B 31 49.12 -63.90 21.15
CA PHE B 31 50.44 -63.72 21.73
C PHE B 31 51.39 -63.25 20.65
N PRO B 32 52.49 -62.59 21.02
CA PRO B 32 53.45 -62.09 20.03
C PRO B 32 54.11 -63.21 19.21
N LYS B 33 54.70 -62.85 18.08
CA LYS B 33 55.36 -63.83 17.21
C LYS B 33 56.72 -64.19 17.77
N ASP B 34 56.91 -65.49 18.05
CA ASP B 34 58.22 -66.00 18.47
C ASP B 34 59.23 -66.00 17.33
N ASP B 35 60.18 -65.07 17.39
CA ASP B 35 61.37 -65.12 16.52
C ASP B 35 62.37 -66.09 17.16
N PRO B 36 62.60 -67.21 16.49
CA PRO B 36 63.43 -68.29 17.04
C PRO B 36 64.90 -67.89 17.00
N SER B 37 65.30 -67.08 17.97
CA SER B 37 66.64 -66.49 17.99
C SER B 37 66.99 -65.93 19.38
N LYS B 38 66.17 -64.98 19.83
CA LYS B 38 66.27 -64.46 21.22
C LYS B 38 65.90 -65.58 22.20
N PRO B 39 66.30 -65.45 23.48
CA PRO B 39 66.14 -66.57 24.40
C PRO B 39 64.72 -66.72 24.89
N VAL B 40 64.42 -67.85 25.50
CA VAL B 40 63.04 -68.18 25.86
C VAL B 40 62.50 -67.25 26.94
N HIS B 41 61.19 -67.03 26.90
CA HIS B 41 60.52 -66.24 27.95
C HIS B 41 59.02 -66.45 27.95
N LEU B 42 58.43 -66.22 29.10
CA LEU B 42 56.99 -66.11 29.21
C LEU B 42 56.55 -64.78 28.59
N THR B 43 55.41 -64.80 27.93
CA THR B 43 54.86 -63.64 27.23
C THR B 43 53.85 -62.84 28.03
N ALA B 44 53.18 -63.49 28.98
CA ALA B 44 52.02 -62.91 29.64
C ALA B 44 52.04 -63.23 31.10
N PHE B 45 51.34 -62.40 31.87
CA PHE B 45 51.15 -62.64 33.29
C PHE B 45 49.68 -62.49 33.67
N LEU B 46 49.36 -62.74 34.93
CA LEU B 46 47.98 -62.67 35.38
C LEU B 46 47.89 -62.04 36.76
N GLY B 47 47.41 -60.81 36.80
CA GLY B 47 47.42 -59.98 38.03
C GLY B 47 46.04 -59.61 38.53
N TYR B 48 45.99 -58.68 39.49
CA TYR B 48 44.74 -58.27 40.10
C TYR B 48 44.78 -56.78 40.36
N LYS B 49 43.83 -56.07 39.77
CA LYS B 49 43.67 -54.63 39.98
C LYS B 49 43.35 -54.33 41.44
N ALA B 50 44.32 -53.74 42.13
CA ALA B 50 44.16 -53.40 43.54
C ALA B 50 43.58 -52.02 43.71
N GLY B 51 44.11 -51.07 42.98
CA GLY B 51 43.58 -49.71 43.01
C GLY B 51 44.34 -48.72 42.15
N MET B 52 44.24 -47.44 42.53
CA MET B 52 44.83 -46.34 41.81
C MET B 52 45.60 -45.42 42.75
N THR B 53 46.47 -44.56 42.20
CA THR B 53 47.05 -43.41 42.94
C THR B 53 47.80 -42.43 42.04
N HIS B 54 48.40 -41.39 42.62
CA HIS B 54 49.32 -40.51 41.88
C HIS B 54 50.72 -41.05 41.78
N ILE B 55 51.50 -40.37 40.94
CA ILE B 55 52.92 -40.46 40.92
C ILE B 55 53.39 -39.05 40.65
N VAL B 56 54.66 -38.78 40.91
CA VAL B 56 55.28 -37.56 40.44
C VAL B 56 56.55 -37.95 39.76
N ARG B 57 56.93 -37.23 38.71
CA ARG B 57 58.19 -37.53 38.04
C ARG B 57 58.68 -36.32 37.26
N GLU B 58 60.00 -36.25 37.08
CA GLU B 58 60.59 -35.35 36.08
C GLU B 58 60.44 -36.02 34.74
N VAL B 59 60.14 -35.23 33.72
CA VAL B 59 59.87 -35.76 32.39
C VAL B 59 60.98 -35.33 31.43
N ASP B 60 61.37 -36.23 30.52
CA ASP B 60 62.47 -35.99 29.60
C ASP B 60 62.09 -36.28 28.15
N ARG B 61 61.16 -35.50 27.62
CA ARG B 61 60.94 -35.43 26.17
C ARG B 61 61.37 -34.04 25.70
N PRO B 62 62.55 -33.93 25.08
CA PRO B 62 63.03 -32.62 24.63
C PRO B 62 62.15 -32.01 23.57
N GLY B 63 61.93 -30.70 23.68
CA GLY B 63 61.05 -29.95 22.78
C GLY B 63 59.76 -29.52 23.46
N SER B 64 59.20 -30.40 24.28
CA SER B 64 57.95 -30.14 24.98
C SER B 64 58.04 -28.94 25.90
N LYS B 65 56.88 -28.41 26.27
CA LYS B 65 56.80 -27.38 27.29
C LYS B 65 56.88 -27.98 28.69
N VAL B 66 56.81 -29.32 28.76
CA VAL B 66 56.94 -30.06 30.00
C VAL B 66 58.29 -30.81 30.15
N ASN B 67 59.31 -30.36 29.42
CA ASN B 67 60.65 -30.95 29.51
C ASN B 67 61.38 -30.48 30.76
N LYS B 68 61.88 -31.43 31.55
CA LYS B 68 62.52 -31.18 32.85
C LYS B 68 61.62 -30.44 33.85
N LYS B 69 60.33 -30.77 33.81
CA LYS B 69 59.34 -30.27 34.75
C LYS B 69 58.73 -31.48 35.44
N GLU B 70 58.40 -31.32 36.71
CA GLU B 70 57.76 -32.40 37.45
C GLU B 70 56.28 -32.41 37.09
N VAL B 71 55.78 -33.57 36.68
CA VAL B 71 54.35 -33.76 36.43
C VAL B 71 53.79 -34.76 37.38
N VAL B 72 52.46 -34.79 37.48
CA VAL B 72 51.79 -35.86 38.19
C VAL B 72 50.98 -36.68 37.20
N GLU B 73 50.77 -37.93 37.57
CA GLU B 73 50.38 -38.97 36.63
C GLU B 73 49.67 -40.07 37.39
N ALA B 74 48.42 -40.35 37.01
CA ALA B 74 47.64 -41.41 37.67
C ALA B 74 48.23 -42.76 37.33
N VAL B 75 48.13 -43.71 38.27
CA VAL B 75 48.66 -45.05 38.08
C VAL B 75 47.71 -46.06 38.68
N THR B 76 47.65 -47.24 38.08
CA THR B 76 47.02 -48.39 38.71
C THR B 76 48.06 -49.28 39.35
N ILE B 77 47.77 -49.80 40.54
CA ILE B 77 48.56 -50.84 41.16
C ILE B 77 47.90 -52.14 40.72
N VAL B 78 48.72 -53.11 40.33
CA VAL B 78 48.24 -54.43 39.97
C VAL B 78 49.02 -55.49 40.75
N GLU B 79 48.42 -55.95 41.85
CA GLU B 79 49.04 -56.94 42.70
C GLU B 79 49.16 -58.28 41.99
N THR B 80 50.40 -58.75 41.86
CA THR B 80 50.77 -59.81 40.92
C THR B 80 51.71 -60.80 41.62
N PRO B 81 51.17 -61.60 42.54
CA PRO B 81 52.02 -62.56 43.23
C PRO B 81 52.45 -63.62 42.26
N PRO B 82 53.54 -64.33 42.56
CA PRO B 82 54.15 -65.18 41.55
C PRO B 82 53.28 -66.35 41.12
N MET B 83 53.42 -66.71 39.84
CA MET B 83 52.65 -67.78 39.22
C MET B 83 53.37 -69.11 39.25
N VAL B 84 52.62 -70.17 39.51
CA VAL B 84 53.17 -71.50 39.59
C VAL B 84 52.83 -72.19 38.30
N VAL B 85 53.83 -72.75 37.62
CA VAL B 85 53.59 -73.50 36.40
C VAL B 85 53.18 -74.90 36.79
N VAL B 86 52.06 -75.36 36.26
CA VAL B 86 51.55 -76.70 36.60
C VAL B 86 51.39 -77.64 35.42
N GLY B 87 51.48 -77.10 34.22
CA GLY B 87 51.35 -77.87 33.00
C GLY B 87 52.11 -77.23 31.87
N ILE B 88 52.23 -77.98 30.78
CA ILE B 88 52.69 -77.44 29.51
C ILE B 88 51.69 -77.99 28.50
N VAL B 89 51.70 -77.45 27.29
CA VAL B 89 50.70 -77.85 26.31
C VAL B 89 51.15 -77.49 24.89
N GLY B 90 51.29 -78.51 24.05
CA GLY B 90 51.79 -78.36 22.69
C GLY B 90 50.67 -78.14 21.70
N TYR B 91 50.96 -77.32 20.71
CA TYR B 91 50.04 -77.02 19.62
C TYR B 91 50.68 -77.38 18.29
N VAL B 92 49.87 -77.82 17.34
CA VAL B 92 50.36 -78.18 16.01
C VAL B 92 49.66 -77.34 14.98
N GLU B 93 50.41 -76.90 13.95
CA GLU B 93 49.84 -76.09 12.87
C GLU B 93 49.12 -77.00 11.91
N THR B 94 47.92 -76.59 11.56
CA THR B 94 47.11 -77.32 10.60
C THR B 94 46.58 -76.32 9.61
N PRO B 95 46.10 -76.79 8.47
CA PRO B 95 45.35 -75.89 7.63
C PRO B 95 44.01 -75.51 8.26
N ARG B 96 43.44 -76.34 9.12
CA ARG B 96 42.19 -76.00 9.80
C ARG B 96 42.42 -74.87 10.80
N GLY B 97 43.57 -74.87 11.47
CA GLY B 97 43.84 -73.86 12.49
C GLY B 97 45.09 -74.09 13.29
N LEU B 98 44.95 -74.56 14.53
CA LEU B 98 46.09 -74.67 15.44
C LEU B 98 45.76 -75.64 16.56
N ARG B 99 45.62 -76.92 16.20
CA ARG B 99 45.06 -77.95 17.08
C ARG B 99 45.93 -78.13 18.32
N THR B 100 45.30 -78.33 19.48
CA THR B 100 46.06 -78.69 20.68
C THR B 100 46.34 -80.18 20.67
N PHE B 101 47.59 -80.51 20.94
CA PHE B 101 48.15 -81.81 20.59
C PHE B 101 48.39 -82.72 21.79
N LYS B 102 48.98 -82.18 22.85
CA LYS B 102 49.37 -82.95 24.01
C LYS B 102 49.55 -82.03 25.21
N THR B 103 48.82 -82.33 26.28
CA THR B 103 48.92 -81.61 27.53
C THR B 103 49.54 -82.52 28.57
N VAL B 104 50.70 -82.14 29.08
CA VAL B 104 51.28 -82.81 30.23
C VAL B 104 51.11 -81.94 31.44
N PHE B 105 50.52 -82.50 32.48
CA PHE B 105 50.42 -81.85 33.77
C PHE B 105 51.53 -82.29 34.68
N ALA B 106 51.78 -81.48 35.71
CA ALA B 106 52.82 -81.75 36.68
C ALA B 106 52.42 -82.89 37.61
N GLU B 107 53.38 -83.36 38.41
CA GLU B 107 53.09 -84.36 39.43
C GLU B 107 52.20 -83.76 40.50
N HIS B 108 52.75 -82.84 41.29
CA HIS B 108 52.02 -82.21 42.38
C HIS B 108 51.32 -80.95 41.86
N ILE B 109 50.08 -80.77 42.31
CA ILE B 109 49.27 -79.60 41.98
C ILE B 109 48.60 -79.14 43.28
N SER B 110 48.60 -77.83 43.52
CA SER B 110 48.05 -77.27 44.75
C SER B 110 46.53 -77.31 44.79
N ASP B 111 46.00 -77.20 46.01
CA ASP B 111 44.56 -77.08 46.20
C ASP B 111 44.03 -75.75 45.68
N GLU B 112 44.86 -74.70 45.70
CA GLU B 112 44.60 -73.47 44.94
C GLU B 112 44.07 -73.77 43.53
N CYS B 113 44.80 -74.63 42.86
CA CYS B 113 44.57 -74.99 41.47
C CYS B 113 43.41 -75.96 41.35
N LYS B 114 43.47 -77.06 42.09
CA LYS B 114 42.42 -78.10 42.10
C LYS B 114 41.03 -77.49 42.24
N ARG B 115 40.89 -76.58 43.20
CA ARG B 115 39.68 -75.77 43.39
C ARG B 115 38.97 -75.48 42.07
N ARG B 116 39.73 -75.01 41.08
CA ARG B 116 39.19 -74.60 39.78
C ARG B 116 38.48 -75.70 39.01
N PHE B 117 38.94 -76.93 39.15
CA PHE B 117 38.35 -78.06 38.41
C PHE B 117 36.97 -78.50 38.92
N TYR B 118 36.58 -78.03 40.09
CA TYR B 118 35.25 -78.29 40.64
C TYR B 118 34.41 -77.02 40.69
N LYS B 119 33.13 -77.17 40.36
CA LYS B 119 32.12 -76.15 40.63
C LYS B 119 31.74 -76.06 42.09
N ASN B 120 31.68 -77.20 42.77
CA ASN B 120 31.55 -77.22 44.22
C ASN B 120 32.65 -78.07 44.83
N TRP B 121 33.39 -77.47 45.76
CA TRP B 121 34.54 -78.11 46.39
C TRP B 121 34.12 -78.72 47.70
N HIS B 122 33.44 -77.93 48.53
CA HIS B 122 32.81 -78.40 49.74
C HIS B 122 32.16 -79.78 49.58
N LYS B 123 31.44 -79.93 48.49
CA LYS B 123 30.71 -81.13 48.24
C LYS B 123 31.60 -82.26 47.70
N SER B 124 32.62 -81.91 46.90
CA SER B 124 33.46 -82.91 46.23
C SER B 124 34.38 -83.69 47.15
N LYS B 125 34.85 -84.83 46.64
CA LYS B 125 35.84 -85.65 47.34
C LYS B 125 37.26 -85.30 46.91
N LYS B 126 37.41 -84.35 45.99
CA LYS B 126 38.71 -83.77 45.62
C LYS B 126 39.63 -84.85 45.02
N LYS B 127 39.06 -85.55 44.04
CA LYS B 127 39.70 -86.69 43.38
C LYS B 127 40.35 -86.34 42.04
N ALA B 128 40.54 -85.05 41.75
CA ALA B 128 41.08 -84.63 40.46
C ALA B 128 42.59 -84.89 40.39
N PHE B 129 43.06 -85.28 39.21
CA PHE B 129 44.43 -85.69 38.99
C PHE B 129 44.97 -86.72 40.00
N THR B 130 44.11 -87.59 40.50
CA THR B 130 44.53 -88.61 41.45
C THR B 130 45.14 -89.75 40.68
N LYS B 131 44.40 -90.26 39.72
CA LYS B 131 44.91 -91.32 38.88
C LYS B 131 45.97 -90.83 37.92
N TYR B 132 46.03 -89.51 37.69
CA TYR B 132 47.07 -88.94 36.84
C TYR B 132 48.45 -88.96 37.49
N CYS B 133 48.55 -88.42 38.70
CA CYS B 133 49.85 -88.30 39.36
C CYS B 133 50.55 -89.65 39.59
N LYS B 134 49.78 -90.75 39.61
CA LYS B 134 50.32 -92.12 39.60
C LYS B 134 51.40 -92.32 38.53
N LYS B 135 51.18 -91.74 37.35
CA LYS B 135 52.12 -91.83 36.22
C LYS B 135 53.55 -91.41 36.55
N TRP B 136 53.71 -90.40 37.41
CA TRP B 136 55.05 -89.88 37.69
C TRP B 136 55.94 -90.76 38.58
N GLN B 137 55.42 -91.84 39.17
CA GLN B 137 56.26 -92.75 39.96
C GLN B 137 56.08 -94.23 39.60
N ASP B 138 56.48 -94.55 38.38
CA ASP B 138 56.68 -95.93 37.92
C ASP B 138 57.44 -95.94 36.59
N ASP B 139 57.83 -97.12 36.14
CA ASP B 139 58.53 -97.28 34.87
C ASP B 139 57.64 -96.92 33.69
N ALA B 140 56.45 -97.52 33.67
CA ALA B 140 55.51 -97.37 32.54
C ALA B 140 55.03 -95.94 32.34
N GLY B 141 54.73 -95.26 33.44
CA GLY B 141 54.26 -93.89 33.38
C GLY B 141 55.36 -92.91 33.01
N LYS B 142 56.50 -93.01 33.68
CA LYS B 142 57.65 -92.15 33.41
C LYS B 142 58.14 -92.32 31.97
N ARG B 143 58.09 -93.55 31.46
CA ARG B 143 58.41 -93.82 30.05
C ARG B 143 57.35 -93.22 29.11
N GLN B 144 56.08 -93.32 29.49
CA GLN B 144 54.99 -92.72 28.70
C GLN B 144 55.07 -91.19 28.63
N LEU B 145 55.42 -90.57 29.75
CA LEU B 145 55.66 -89.12 29.81
C LEU B 145 56.79 -88.68 28.88
N ASP B 146 57.93 -89.36 28.99
CA ASP B 146 59.13 -89.05 28.20
C ASP B 146 58.89 -89.15 26.69
N LYS B 147 58.10 -90.14 26.28
CA LYS B 147 57.65 -90.27 24.89
C LYS B 147 56.75 -89.10 24.48
N ASP B 148 55.86 -88.69 25.38
CA ASP B 148 54.92 -87.57 25.11
C ASP B 148 55.62 -86.24 24.91
N PHE B 149 56.61 -85.95 25.74
CA PHE B 149 57.47 -84.78 25.52
C PHE B 149 58.26 -84.89 24.22
N SER B 150 58.83 -86.06 23.96
CA SER B 150 59.59 -86.30 22.73
C SER B 150 58.74 -86.20 21.47
N SER B 151 57.46 -86.59 21.58
CA SER B 151 56.47 -86.39 20.50
C SER B 151 56.17 -84.90 20.32
N MET B 152 55.96 -84.20 21.42
CA MET B 152 55.80 -82.74 21.40
C MET B 152 57.01 -82.03 20.83
N LYS B 153 58.19 -82.54 21.16
CA LYS B 153 59.43 -82.04 20.60
C LYS B 153 59.47 -82.23 19.08
N LYS B 154 58.98 -83.37 18.61
CA LYS B 154 58.91 -83.66 17.18
C LYS B 154 57.86 -82.82 16.46
N TYR B 155 56.61 -82.97 16.88
CA TYR B 155 55.46 -82.52 16.07
C TYR B 155 54.91 -81.13 16.33
N CYS B 156 54.95 -80.69 17.59
CA CYS B 156 54.42 -79.38 17.94
C CYS B 156 55.33 -78.24 17.55
N GLN B 157 54.71 -77.07 17.40
CA GLN B 157 55.36 -75.85 16.91
C GLN B 157 55.31 -74.81 18.03
N VAL B 158 54.11 -74.56 18.53
CA VAL B 158 53.87 -73.63 19.60
C VAL B 158 53.80 -74.43 20.86
N ILE B 159 54.36 -73.87 21.92
CA ILE B 159 54.29 -74.45 23.25
C ILE B 159 53.87 -73.38 24.22
N ARG B 160 52.78 -73.65 24.93
CA ARG B 160 52.31 -72.79 25.99
C ARG B 160 52.47 -73.53 27.31
N VAL B 161 52.75 -72.75 28.35
CA VAL B 161 52.92 -73.24 29.70
C VAL B 161 51.63 -72.92 30.44
N LEU B 162 51.13 -73.87 31.19
CA LEU B 162 49.95 -73.62 32.00
C LEU B 162 50.45 -73.19 33.36
N ALA B 163 50.11 -71.95 33.72
CA ALA B 163 50.44 -71.39 35.02
C ALA B 163 49.19 -70.96 35.72
N HIS B 164 49.26 -70.88 37.05
CA HIS B 164 48.13 -70.47 37.86
C HIS B 164 48.54 -69.61 39.02
N THR B 165 47.59 -68.78 39.46
CA THR B 165 47.86 -67.80 40.48
C THR B 165 47.94 -68.44 41.86
N GLN B 166 48.48 -67.66 42.78
CA GLN B 166 48.68 -68.06 44.14
C GLN B 166 47.66 -67.27 44.94
N MET B 167 46.41 -67.71 44.82
CA MET B 167 45.27 -67.01 45.41
C MET B 167 45.41 -66.86 46.93
N ARG B 168 46.01 -67.88 47.55
CA ARG B 168 46.52 -67.86 48.93
C ARG B 168 47.08 -66.50 49.40
N LEU B 169 47.89 -65.87 48.56
CA LEU B 169 48.63 -64.68 48.94
C LEU B 169 47.89 -63.36 48.76
N LEU B 170 46.61 -63.41 48.42
CA LEU B 170 45.85 -62.19 48.17
C LEU B 170 44.80 -61.97 49.25
N PRO B 171 44.43 -60.70 49.48
CA PRO B 171 43.39 -60.40 50.47
C PRO B 171 42.00 -60.81 50.02
N LEU B 172 41.82 -61.09 48.73
CA LEU B 172 40.53 -61.49 48.15
C LEU B 172 39.83 -62.62 48.90
N ARG B 173 38.53 -62.74 48.65
CA ARG B 173 37.71 -63.77 49.26
C ARG B 173 37.91 -65.13 48.64
N GLN B 174 38.10 -65.16 47.32
CA GLN B 174 38.19 -66.42 46.61
C GLN B 174 39.51 -67.12 46.82
N LYS B 175 39.44 -68.44 46.92
CA LYS B 175 40.58 -69.31 47.00
C LYS B 175 40.82 -70.02 45.67
N LYS B 176 39.83 -69.98 44.77
CA LYS B 176 39.88 -70.71 43.52
C LYS B 176 40.80 -70.01 42.55
N ALA B 177 42.02 -70.50 42.43
CA ALA B 177 43.03 -69.84 41.61
C ALA B 177 42.65 -69.88 40.14
N HIS B 178 43.06 -68.86 39.40
CA HIS B 178 42.87 -68.83 37.95
C HIS B 178 44.00 -69.59 37.29
N LEU B 179 43.69 -70.52 36.39
CA LEU B 179 44.70 -71.10 35.50
C LEU B 179 44.72 -70.27 34.27
N MET B 180 45.74 -70.47 33.45
CA MET B 180 45.94 -69.68 32.26
C MET B 180 47.01 -70.33 31.42
N GLU B 181 46.82 -70.36 30.11
CA GLU B 181 47.91 -70.74 29.23
C GLU B 181 48.74 -69.50 28.91
N ILE B 182 50.06 -69.66 28.95
CA ILE B 182 51.00 -68.60 28.64
C ILE B 182 51.99 -69.12 27.63
N GLN B 183 52.18 -68.36 26.56
CA GLN B 183 52.98 -68.81 25.45
C GLN B 183 54.45 -68.60 25.74
N VAL B 184 55.24 -69.65 25.55
CA VAL B 184 56.68 -69.56 25.68
C VAL B 184 57.16 -69.12 24.30
N ASN B 185 57.95 -68.06 24.26
CA ASN B 185 58.51 -67.56 23.00
C ASN B 185 60.01 -67.48 23.09
N GLY B 186 60.69 -68.05 22.11
CA GLY B 186 62.13 -68.13 22.14
C GLY B 186 62.70 -69.05 21.09
N GLY B 187 63.69 -69.85 21.48
CA GLY B 187 64.48 -70.66 20.56
C GLY B 187 63.73 -71.82 19.94
N THR B 188 64.47 -72.85 19.53
CA THR B 188 63.83 -74.02 18.94
C THR B 188 62.92 -74.72 19.93
N VAL B 189 61.94 -75.42 19.39
CA VAL B 189 60.88 -76.05 20.18
C VAL B 189 61.42 -76.93 21.30
N ALA B 190 62.49 -77.67 21.02
CA ALA B 190 63.10 -78.56 22.01
C ALA B 190 63.62 -77.81 23.22
N GLU B 191 64.44 -76.81 22.94
CA GLU B 191 65.00 -75.90 23.95
C GLU B 191 63.92 -75.19 24.78
N LYS B 192 62.86 -74.78 24.09
CA LYS B 192 61.64 -74.20 24.69
C LYS B 192 60.99 -75.19 25.65
N LEU B 193 60.86 -76.43 25.20
CA LEU B 193 60.18 -77.47 25.93
C LEU B 193 60.95 -77.94 27.15
N ASP B 194 62.27 -78.02 27.01
CA ASP B 194 63.15 -78.34 28.14
C ASP B 194 63.10 -77.28 29.22
N TRP B 195 63.00 -76.02 28.81
CA TRP B 195 62.87 -74.91 29.75
C TRP B 195 61.58 -74.98 30.55
N ALA B 196 60.48 -75.25 29.87
CA ALA B 196 59.18 -75.40 30.52
C ALA B 196 59.17 -76.61 31.45
N ARG B 197 59.74 -77.70 30.99
CA ARG B 197 59.87 -78.92 31.78
C ARG B 197 60.63 -78.65 33.09
N GLU B 198 61.67 -77.83 33.00
CA GLU B 198 62.44 -77.40 34.16
C GLU B 198 61.64 -76.51 35.11
N ARG B 199 60.79 -75.65 34.55
CA ARG B 199 59.93 -74.74 35.34
C ARG B 199 58.71 -75.39 36.01
N LEU B 200 58.49 -76.68 35.80
CA LEU B 200 57.28 -77.32 36.25
C LEU B 200 57.27 -77.41 37.78
N GLU B 201 56.09 -77.19 38.37
CA GLU B 201 55.92 -77.07 39.84
C GLU B 201 56.75 -75.95 40.49
N GLN B 202 57.11 -74.93 39.72
CA GLN B 202 58.00 -73.87 40.20
C GLN B 202 57.34 -72.50 40.12
N GLN B 203 57.77 -71.59 40.99
CA GLN B 203 57.29 -70.21 40.97
C GLN B 203 57.83 -69.49 39.76
N VAL B 204 57.13 -68.45 39.34
CA VAL B 204 57.58 -67.54 38.30
C VAL B 204 57.13 -66.14 38.70
N PRO B 205 58.07 -65.29 39.10
CA PRO B 205 57.64 -63.97 39.55
C PRO B 205 57.42 -63.03 38.38
N VAL B 206 57.03 -61.80 38.69
CA VAL B 206 56.63 -60.85 37.65
C VAL B 206 57.87 -60.34 36.97
N SER B 207 58.84 -59.92 37.76
CA SER B 207 60.08 -59.33 37.25
C SER B 207 60.83 -60.18 36.21
N GLN B 208 60.61 -61.49 36.20
CA GLN B 208 61.14 -62.33 35.14
C GLN B 208 60.48 -61.97 33.83
N VAL B 209 59.16 -61.85 33.84
CA VAL B 209 58.37 -61.64 32.63
C VAL B 209 58.54 -60.24 32.07
N PHE B 210 58.24 -59.24 32.89
CA PHE B 210 58.31 -57.83 32.49
C PHE B 210 59.46 -57.10 33.17
N GLY B 211 59.94 -56.06 32.51
CA GLY B 211 60.88 -55.11 33.10
C GLY B 211 60.20 -53.77 33.30
N GLN B 212 60.94 -52.80 33.80
CA GLN B 212 60.41 -51.45 34.05
C GLN B 212 60.34 -50.71 32.73
N ASP B 213 59.68 -49.54 32.74
CA ASP B 213 59.46 -48.69 31.54
C ASP B 213 59.21 -49.49 30.25
N GLU B 214 58.35 -50.51 30.38
CA GLU B 214 58.01 -51.41 29.30
C GLU B 214 56.56 -51.21 28.98
N MET B 215 56.24 -51.10 27.69
CA MET B 215 54.86 -50.98 27.25
C MET B 215 54.26 -52.39 27.27
N ILE B 216 53.10 -52.52 27.91
CA ILE B 216 52.38 -53.77 27.91
C ILE B 216 50.93 -53.50 27.60
N ASP B 217 50.23 -54.57 27.26
CA ASP B 217 48.83 -54.52 26.86
C ASP B 217 48.02 -55.22 27.92
N VAL B 218 47.09 -54.49 28.52
CA VAL B 218 46.24 -55.06 29.55
C VAL B 218 44.99 -55.59 28.90
N ILE B 219 44.56 -56.75 29.34
CA ILE B 219 43.44 -57.46 28.77
C ILE B 219 42.55 -57.86 29.92
N GLY B 220 41.32 -57.39 29.90
CA GLY B 220 40.39 -57.73 30.97
C GLY B 220 38.96 -57.38 30.62
N VAL B 221 38.07 -57.72 31.55
CA VAL B 221 36.67 -57.48 31.37
C VAL B 221 36.31 -56.18 32.03
N THR B 222 35.37 -55.47 31.43
CA THR B 222 35.02 -54.12 31.82
C THR B 222 34.15 -54.16 33.05
N LYS B 223 34.15 -53.07 33.78
CA LYS B 223 33.23 -52.87 34.88
C LYS B 223 31.79 -52.91 34.31
N GLY B 224 31.00 -53.87 34.79
CA GLY B 224 29.64 -54.13 34.28
C GLY B 224 28.58 -53.22 34.88
N LYS B 225 27.67 -52.75 34.03
CA LYS B 225 26.68 -51.74 34.42
C LYS B 225 25.25 -52.10 34.04
N GLY B 226 24.96 -53.39 33.97
CA GLY B 226 23.59 -53.86 33.85
C GLY B 226 22.95 -53.47 32.54
N TYR B 227 21.63 -53.53 32.52
CA TYR B 227 20.84 -53.07 31.38
C TYR B 227 20.96 -51.55 31.38
N LYS B 228 21.27 -50.97 30.23
CA LYS B 228 21.38 -49.55 30.12
C LYS B 228 20.73 -49.06 28.86
N GLY B 229 20.06 -47.92 28.98
CA GLY B 229 19.35 -47.31 27.89
C GLY B 229 20.31 -46.84 26.82
N VAL B 230 19.73 -46.48 25.69
CA VAL B 230 20.50 -46.13 24.51
C VAL B 230 21.33 -44.85 24.70
N THR B 231 20.84 -43.98 25.56
CA THR B 231 21.52 -42.74 25.87
C THR B 231 22.78 -42.96 26.71
N SER B 232 22.81 -44.00 27.53
CA SER B 232 24.02 -44.36 28.28
C SER B 232 24.93 -45.22 27.43
N ARG B 233 24.34 -46.26 26.85
CA ARG B 233 25.08 -47.29 26.15
C ARG B 233 25.74 -46.86 24.85
N TRP B 234 25.12 -45.91 24.15
CA TRP B 234 25.68 -45.42 22.90
C TRP B 234 26.00 -43.92 22.90
N HIS B 235 25.63 -43.23 23.98
CA HIS B 235 25.79 -41.80 24.08
C HIS B 235 25.14 -41.05 22.93
N THR B 236 23.92 -41.46 22.58
CA THR B 236 23.11 -40.73 21.63
C THR B 236 22.62 -39.48 22.32
N LYS B 237 22.02 -38.61 21.53
CA LYS B 237 21.42 -37.39 22.02
C LYS B 237 20.24 -37.72 22.92
N LYS B 238 20.06 -36.93 23.97
CA LYS B 238 18.77 -36.91 24.64
C LYS B 238 17.84 -36.08 23.78
N LEU B 239 16.61 -36.55 23.64
CA LEU B 239 15.58 -35.78 22.98
C LEU B 239 15.17 -34.67 23.91
N PRO B 240 14.53 -33.62 23.38
CA PRO B 240 14.18 -32.45 24.19
C PRO B 240 13.01 -32.68 25.13
N ARG B 241 12.86 -31.77 26.10
CA ARG B 241 11.91 -31.96 27.20
C ARG B 241 10.51 -32.41 26.80
N LYS B 242 10.03 -31.88 25.69
CA LYS B 242 8.63 -32.04 25.30
C LYS B 242 8.22 -33.44 24.82
N THR B 243 9.18 -34.23 24.37
CA THR B 243 8.91 -35.54 23.77
C THR B 243 7.98 -36.41 24.62
N HIS B 244 6.87 -36.84 24.02
CA HIS B 244 5.76 -37.48 24.76
C HIS B 244 6.04 -38.89 25.27
N ARG B 245 6.70 -39.71 24.48
CA ARG B 245 6.96 -41.07 24.95
C ARG B 245 8.43 -41.22 25.32
N GLY B 246 8.86 -40.43 26.28
CA GLY B 246 10.25 -40.47 26.74
C GLY B 246 11.25 -39.83 25.79
N LEU B 247 12.37 -39.40 26.37
CA LEU B 247 13.37 -38.65 25.66
C LEU B 247 14.79 -39.20 25.75
N ARG B 248 14.99 -40.33 26.41
CA ARG B 248 16.29 -40.97 26.47
C ARG B 248 16.25 -42.12 25.49
N LYS B 249 16.09 -41.77 24.24
CA LYS B 249 15.80 -42.75 23.19
C LYS B 249 16.44 -42.30 21.91
N VAL B 250 16.38 -43.16 20.92
CA VAL B 250 16.67 -42.76 19.56
C VAL B 250 15.31 -42.63 18.94
N ALA B 251 15.13 -41.58 18.16
CA ALA B 251 13.79 -41.25 17.68
C ALA B 251 13.42 -42.10 16.48
N CYS B 252 14.25 -42.03 15.45
CA CYS B 252 14.06 -42.83 14.29
C CYS B 252 15.04 -43.95 14.40
N ILE B 253 14.52 -45.16 14.55
CA ILE B 253 15.36 -46.33 14.53
C ILE B 253 15.96 -46.36 13.15
N GLY B 254 15.10 -46.57 12.16
CA GLY B 254 15.55 -46.75 10.79
C GLY B 254 14.59 -46.13 9.81
N ALA B 255 15.02 -46.08 8.57
CA ALA B 255 14.15 -45.66 7.51
C ALA B 255 13.03 -46.68 7.34
N TRP B 256 12.05 -46.37 6.49
CA TRP B 256 11.04 -47.34 6.09
C TRP B 256 11.73 -48.54 5.49
N HIS B 257 12.38 -48.38 4.35
CA HIS B 257 12.31 -49.46 3.39
C HIS B 257 13.23 -50.67 3.39
N PRO B 258 14.50 -50.51 3.76
CA PRO B 258 15.08 -51.77 4.26
C PRO B 258 14.31 -52.02 5.56
N ALA B 259 13.26 -52.86 5.45
CA ALA B 259 12.11 -52.89 6.38
C ALA B 259 12.33 -53.85 7.54
N ARG B 260 13.38 -53.51 8.25
CA ARG B 260 14.01 -54.34 9.24
C ARG B 260 14.89 -53.31 9.91
N VAL B 261 15.07 -53.40 11.20
CA VAL B 261 15.94 -52.47 11.87
C VAL B 261 17.31 -53.08 11.73
N ALA B 262 18.29 -52.23 11.47
CA ALA B 262 19.64 -52.70 11.23
C ALA B 262 20.41 -52.97 12.51
N PHE B 263 21.45 -53.76 12.36
CA PHE B 263 22.42 -53.99 13.41
C PHE B 263 23.26 -52.75 13.74
N SER B 264 23.28 -51.78 12.82
CA SER B 264 23.95 -50.51 13.06
C SER B 264 23.13 -49.45 13.84
N VAL B 265 21.88 -49.76 14.20
CA VAL B 265 21.03 -48.84 15.00
C VAL B 265 21.20 -49.06 16.49
N ALA B 266 21.13 -47.96 17.24
CA ALA B 266 21.42 -47.97 18.66
C ALA B 266 20.24 -48.44 19.48
N ARG B 267 20.43 -49.56 20.18
CA ARG B 267 19.40 -50.10 21.06
C ARG B 267 19.98 -50.30 22.47
N ALA B 268 19.06 -50.43 23.41
CA ALA B 268 19.42 -50.56 24.79
C ALA B 268 19.70 -52.00 25.11
N GLY B 269 20.65 -52.24 26.00
CA GLY B 269 21.08 -53.58 26.38
C GLY B 269 22.17 -53.56 27.42
N GLN B 270 22.98 -54.60 27.43
CA GLN B 270 24.06 -54.77 28.42
C GLN B 270 25.08 -53.70 28.22
N LYS B 271 25.34 -52.93 29.26
CA LYS B 271 26.42 -51.98 29.24
C LYS B 271 27.40 -52.47 30.25
N GLY B 272 28.56 -52.86 29.76
CA GLY B 272 29.71 -53.24 30.58
C GLY B 272 29.85 -54.74 30.67
N TYR B 273 30.86 -55.17 31.41
CA TYR B 273 31.25 -56.57 31.49
C TYR B 273 31.55 -57.10 30.10
N HIS B 274 32.20 -56.26 29.32
CA HIS B 274 32.72 -56.62 28.03
C HIS B 274 34.18 -56.99 28.14
N HIS B 275 34.64 -57.82 27.22
CA HIS B 275 36.04 -58.18 27.15
C HIS B 275 36.73 -57.08 26.39
N ARG B 276 37.91 -56.67 26.85
CA ARG B 276 38.61 -55.57 26.21
C ARG B 276 40.10 -55.69 26.32
N THR B 277 40.79 -55.30 25.25
CA THR B 277 42.23 -55.37 25.17
C THR B 277 42.79 -53.97 24.92
N GLU B 278 43.15 -53.31 26.00
CA GLU B 278 43.84 -52.03 25.96
C GLU B 278 45.30 -52.28 25.61
N ILE B 279 45.96 -51.31 24.98
CA ILE B 279 47.40 -51.45 24.67
C ILE B 279 48.21 -50.22 25.03
N ASN B 280 49.53 -50.41 25.09
CA ASN B 280 50.50 -49.36 25.42
C ASN B 280 50.28 -48.69 26.79
N LYS B 281 50.29 -49.51 27.82
CA LYS B 281 50.26 -49.06 29.20
C LYS B 281 51.66 -49.25 29.71
N LYS B 282 52.36 -48.16 29.96
CA LYS B 282 53.75 -48.22 30.37
C LYS B 282 53.88 -48.65 31.83
N ILE B 283 54.66 -49.70 32.10
CA ILE B 283 54.97 -50.07 33.47
C ILE B 283 55.93 -49.01 34.02
N TYR B 284 55.47 -48.24 35.00
CA TYR B 284 56.33 -47.27 35.68
C TYR B 284 57.25 -47.91 36.72
N LYS B 285 56.75 -48.91 37.43
CA LYS B 285 57.50 -49.48 38.53
C LYS B 285 57.05 -50.88 38.81
N ILE B 286 57.96 -51.84 38.67
CA ILE B 286 57.74 -53.16 39.22
C ILE B 286 58.21 -53.09 40.65
N GLY B 287 57.33 -53.46 41.57
CA GLY B 287 57.60 -53.37 42.99
C GLY B 287 57.90 -54.71 43.60
N GLN B 288 58.63 -54.68 44.70
CA GLN B 288 58.92 -55.86 45.47
C GLN B 288 57.86 -55.95 46.56
N GLY B 289 57.51 -57.17 46.95
CA GLY B 289 56.56 -57.40 48.03
C GLY B 289 57.20 -57.20 49.40
N TYR B 290 56.41 -57.42 50.47
CA TYR B 290 56.96 -57.43 51.82
C TYR B 290 57.82 -58.68 51.96
N LEU B 291 58.92 -58.56 52.70
CA LEU B 291 59.81 -59.69 52.97
C LEU B 291 60.55 -59.46 54.27
N ILE B 292 61.23 -60.49 54.75
CA ILE B 292 61.89 -60.45 56.05
C ILE B 292 63.34 -60.92 55.93
N LYS B 293 64.25 -60.19 56.56
CA LYS B 293 65.62 -60.66 56.83
C LYS B 293 65.84 -60.78 58.35
N ASP B 294 65.42 -59.76 59.09
CA ASP B 294 65.29 -59.82 60.55
C ASP B 294 63.89 -59.30 60.92
N GLY B 295 63.61 -58.04 60.58
CA GLY B 295 62.27 -57.47 60.64
C GLY B 295 61.74 -57.28 59.23
N LYS B 296 60.55 -56.68 59.11
CA LYS B 296 59.89 -56.47 57.81
C LYS B 296 60.60 -55.44 56.94
N LEU B 297 60.53 -55.65 55.63
CA LEU B 297 60.96 -54.65 54.64
C LEU B 297 59.74 -54.14 53.90
N ILE B 298 59.06 -53.22 54.55
CA ILE B 298 57.87 -52.56 54.02
C ILE B 298 58.26 -51.39 53.09
N LYS B 299 59.45 -50.82 53.34
CA LYS B 299 60.00 -49.65 52.61
C LYS B 299 60.04 -49.86 51.11
N ASN B 300 60.68 -50.96 50.72
CA ASN B 300 60.99 -51.27 49.31
C ASN B 300 59.88 -51.06 48.29
N ASN B 301 58.63 -50.99 48.74
CA ASN B 301 57.51 -50.64 47.87
C ASN B 301 57.55 -49.15 47.51
N ALA B 302 56.82 -48.29 48.21
CA ALA B 302 56.54 -46.94 47.73
C ALA B 302 57.64 -45.90 48.03
N SER B 303 58.75 -46.32 48.63
CA SER B 303 59.92 -45.47 48.78
C SER B 303 60.61 -45.29 47.44
N THR B 304 61.11 -44.08 47.20
CA THR B 304 61.89 -43.76 46.02
C THR B 304 63.30 -43.34 46.46
N ASP B 305 64.17 -43.16 45.48
CA ASP B 305 65.51 -42.60 45.72
C ASP B 305 65.51 -41.17 46.25
N TYR B 306 64.46 -40.41 45.93
CA TYR B 306 64.34 -39.01 46.37
C TYR B 306 63.45 -38.80 47.59
N ASP B 307 62.55 -39.75 47.88
CA ASP B 307 61.70 -39.66 49.06
C ASP B 307 62.39 -40.26 50.28
N LEU B 308 62.82 -41.52 50.13
CA LEU B 308 63.37 -42.33 51.23
C LEU B 308 62.63 -42.16 52.56
N SER B 309 61.40 -42.66 52.59
CA SER B 309 60.60 -42.81 53.80
C SER B 309 60.56 -44.31 54.12
N ASP B 310 59.47 -44.78 54.73
CA ASP B 310 59.26 -46.23 54.93
C ASP B 310 57.84 -46.63 54.54
N LYS B 311 57.38 -46.12 53.41
CA LYS B 311 56.00 -46.34 52.98
C LYS B 311 55.84 -47.65 52.24
N SER B 312 54.60 -48.14 52.23
CA SER B 312 54.15 -49.15 51.27
C SER B 312 53.19 -48.48 50.32
N ILE B 313 53.06 -49.03 49.11
CA ILE B 313 52.06 -48.53 48.16
C ILE B 313 50.64 -48.62 48.73
N ASN B 314 50.43 -49.44 49.76
CA ASN B 314 49.21 -49.38 50.54
C ASN B 314 48.97 -47.97 51.08
N PRO B 315 47.84 -47.34 50.71
CA PRO B 315 47.52 -46.05 51.31
C PRO B 315 46.94 -46.24 52.70
N LEU B 316 46.72 -45.15 53.41
CA LEU B 316 46.16 -45.24 54.76
C LEU B 316 44.79 -45.87 54.66
N GLY B 317 44.53 -46.78 55.59
CA GLY B 317 43.30 -47.53 55.58
C GLY B 317 43.17 -48.54 54.44
N GLY B 318 44.32 -49.00 53.92
CA GLY B 318 44.35 -49.97 52.82
C GLY B 318 43.83 -49.43 51.49
N PHE B 319 44.00 -50.20 50.43
CA PHE B 319 43.30 -49.93 49.18
C PHE B 319 41.83 -50.23 49.40
N VAL B 320 40.97 -49.37 48.89
CA VAL B 320 39.53 -49.45 49.16
C VAL B 320 38.89 -50.53 48.31
N HIS B 321 37.97 -51.25 48.94
CA HIS B 321 37.32 -52.42 48.37
C HIS B 321 38.35 -53.41 47.86
N TYR B 322 39.43 -53.60 48.63
CA TYR B 322 40.48 -54.54 48.24
C TYR B 322 41.23 -55.13 49.42
N GLY B 323 42.20 -54.39 49.94
CA GLY B 323 43.12 -54.94 50.92
C GLY B 323 44.51 -54.36 50.89
N GLU B 324 45.40 -55.06 51.58
CA GLU B 324 46.81 -54.71 51.62
C GLU B 324 47.56 -55.41 50.51
N VAL B 325 48.21 -54.63 49.66
CA VAL B 325 49.13 -55.15 48.66
C VAL B 325 50.42 -55.52 49.37
N THR B 326 50.51 -56.78 49.78
CA THR B 326 51.67 -57.31 50.45
C THR B 326 52.66 -57.91 49.50
N ASN B 327 52.18 -58.36 48.33
CA ASN B 327 53.01 -59.05 47.34
C ASN B 327 53.59 -58.11 46.33
N ASP B 328 54.46 -58.66 45.49
CA ASP B 328 54.97 -57.97 44.32
C ASP B 328 53.85 -57.49 43.40
N PHE B 329 54.02 -56.26 42.90
CA PHE B 329 53.03 -55.54 42.12
C PHE B 329 53.72 -54.82 40.97
N VAL B 330 53.03 -54.63 39.85
CA VAL B 330 53.45 -53.65 38.86
C VAL B 330 52.63 -52.40 39.05
N MET B 331 53.04 -51.34 38.37
CA MET B 331 52.41 -50.04 38.51
C MET B 331 52.31 -49.40 37.14
N LEU B 332 51.14 -49.57 36.51
CA LEU B 332 50.90 -49.10 35.15
C LEU B 332 50.52 -47.66 35.15
N LYS B 333 50.90 -46.95 34.10
CA LYS B 333 50.47 -45.57 33.93
C LYS B 333 49.06 -45.58 33.41
N GLY B 334 48.23 -44.72 33.99
CA GLY B 334 46.84 -44.56 33.61
C GLY B 334 45.94 -45.56 34.30
N CYS B 335 44.71 -45.63 33.80
CA CYS B 335 43.73 -46.56 34.29
C CYS B 335 43.88 -47.85 33.54
N VAL B 336 43.23 -48.88 34.05
CA VAL B 336 43.07 -50.13 33.31
C VAL B 336 41.66 -50.60 33.43
N VAL B 337 41.30 -51.51 32.53
CA VAL B 337 39.94 -52.01 32.47
C VAL B 337 39.54 -52.71 33.76
N GLY B 338 38.25 -52.68 34.05
CA GLY B 338 37.68 -53.52 35.08
C GLY B 338 37.61 -52.89 36.45
N THR B 339 36.95 -53.60 37.33
CA THR B 339 36.70 -53.17 38.70
C THR B 339 37.89 -53.53 39.61
N LYS B 340 37.78 -53.17 40.90
CA LYS B 340 38.75 -53.59 41.90
C LYS B 340 38.58 -55.09 42.11
N LYS B 341 39.65 -55.72 42.59
CA LYS B 341 39.75 -57.16 42.73
C LYS B 341 39.71 -57.93 41.40
N ARG B 342 39.69 -57.26 40.25
CA ARG B 342 39.47 -57.96 39.00
C ARG B 342 40.75 -58.55 38.41
N VAL B 343 40.69 -59.85 38.10
CA VAL B 343 41.81 -60.58 37.52
C VAL B 343 42.08 -60.05 36.13
N LEU B 344 43.35 -59.86 35.83
CA LEU B 344 43.76 -58.98 34.76
C LEU B 344 44.89 -59.60 34.03
N THR B 345 44.77 -59.71 32.72
CA THR B 345 45.81 -60.33 31.93
C THR B 345 46.75 -59.27 31.39
N LEU B 346 48.02 -59.36 31.77
CA LEU B 346 49.07 -58.53 31.20
C LEU B 346 49.73 -59.31 30.09
N ARG B 347 50.11 -58.62 29.03
CA ARG B 347 50.68 -59.27 27.87
C ARG B 347 51.71 -58.37 27.22
N LYS B 348 52.86 -58.94 26.93
CA LYS B 348 53.92 -58.21 26.24
C LYS B 348 53.40 -57.77 24.89
N SER B 349 53.99 -56.70 24.36
CA SER B 349 53.40 -55.99 23.23
C SER B 349 53.51 -56.74 21.90
N LEU B 350 52.51 -56.54 21.05
CA LEU B 350 52.39 -57.21 19.76
C LEU B 350 53.09 -56.41 18.66
N LEU B 351 54.02 -55.56 19.07
CA LEU B 351 54.29 -54.35 18.34
C LEU B 351 55.73 -53.92 18.58
N VAL B 352 56.43 -53.53 17.52
CA VAL B 352 57.81 -53.05 17.63
C VAL B 352 57.77 -51.63 18.17
N GLN B 353 58.24 -51.46 19.39
CA GLN B 353 58.08 -50.22 20.15
C GLN B 353 59.33 -49.36 19.97
N THR B 354 59.21 -48.35 19.12
CA THR B 354 60.30 -47.42 18.87
C THR B 354 59.71 -46.03 18.62
N LYS B 355 59.15 -45.49 19.69
CA LYS B 355 58.67 -44.11 19.75
C LYS B 355 59.38 -43.44 20.91
N ARG B 356 59.44 -42.11 20.84
CA ARG B 356 60.14 -41.32 21.86
C ARG B 356 59.46 -41.42 23.24
N ARG B 357 58.15 -41.57 23.22
CA ARG B 357 57.35 -41.74 24.44
C ARG B 357 57.42 -43.17 24.97
N ALA B 358 57.48 -44.14 24.07
CA ALA B 358 57.54 -45.56 24.44
C ALA B 358 58.92 -46.06 24.84
N LEU B 359 59.95 -45.24 24.68
CA LEU B 359 61.30 -45.58 25.15
C LEU B 359 61.79 -44.68 26.29
N GLU B 360 60.88 -43.89 26.87
CA GLU B 360 61.23 -42.97 27.96
C GLU B 360 61.45 -43.75 29.24
N LYS B 361 62.58 -43.52 29.90
CA LYS B 361 62.91 -44.19 31.17
C LYS B 361 62.34 -43.40 32.34
N ILE B 362 61.57 -44.06 33.20
CA ILE B 362 60.82 -43.38 34.25
C ILE B 362 61.52 -43.46 35.60
N ASP B 363 61.86 -42.30 36.14
CA ASP B 363 62.34 -42.18 37.52
C ASP B 363 61.24 -41.47 38.30
N LEU B 364 60.61 -42.18 39.22
CA LEU B 364 59.56 -41.62 40.06
C LEU B 364 60.20 -40.82 41.16
N LYS B 365 59.64 -39.66 41.45
CA LYS B 365 60.11 -38.82 42.53
C LYS B 365 59.25 -38.86 43.78
N PHE B 366 58.03 -39.36 43.67
CA PHE B 366 57.10 -39.35 44.78
C PHE B 366 55.89 -40.18 44.42
N ILE B 367 55.51 -41.09 45.31
CA ILE B 367 54.29 -41.83 45.17
C ILE B 367 53.38 -41.37 46.29
N ASP B 368 52.16 -41.00 45.92
CA ASP B 368 51.15 -40.58 46.88
C ASP B 368 50.58 -41.81 47.53
N THR B 369 50.46 -41.76 48.84
CA THR B 369 49.96 -42.86 49.64
C THR B 369 48.86 -42.40 50.57
N THR B 370 48.31 -41.23 50.30
CA THR B 370 47.33 -40.65 51.19
C THR B 370 46.04 -41.45 51.09
N SER B 371 45.24 -41.43 52.15
CA SER B 371 44.03 -42.23 52.15
C SER B 371 43.21 -41.93 50.92
N LYS B 372 42.59 -42.96 50.41
CA LYS B 372 41.65 -42.79 49.34
C LYS B 372 40.23 -42.81 49.89
N PHE B 373 40.04 -43.34 51.10
CA PHE B 373 38.70 -43.60 51.62
C PHE B 373 38.14 -42.34 52.25
N GLY B 374 38.00 -41.31 51.41
CA GLY B 374 37.75 -39.94 51.85
C GLY B 374 38.92 -39.06 51.44
N HIS B 375 38.75 -37.75 51.54
CA HIS B 375 39.84 -36.83 51.25
C HIS B 375 40.97 -37.03 52.27
N GLY B 376 41.99 -37.80 51.87
CA GLY B 376 43.16 -38.04 52.71
C GLY B 376 44.06 -36.82 52.70
N ARG B 377 44.73 -36.55 53.81
CA ARG B 377 45.72 -35.48 53.86
C ARG B 377 47.08 -35.84 54.48
N PHE B 378 47.25 -37.06 54.99
CA PHE B 378 48.55 -37.50 55.51
C PHE B 378 49.04 -38.71 54.77
N GLN B 379 50.31 -38.70 54.39
CA GLN B 379 50.90 -39.79 53.62
C GLN B 379 50.99 -41.06 54.41
N THR B 380 51.47 -40.94 55.63
CA THR B 380 51.72 -42.08 56.47
C THR B 380 51.22 -41.78 57.89
N VAL B 381 51.04 -42.82 58.68
CA VAL B 381 50.44 -42.66 59.99
C VAL B 381 51.39 -41.88 60.88
N GLU B 382 52.66 -42.26 60.88
CA GLU B 382 53.67 -41.58 61.69
C GLU B 382 53.74 -40.08 61.45
N GLU B 383 53.47 -39.67 60.22
CA GLU B 383 53.38 -38.26 59.87
C GLU B 383 52.15 -37.59 60.51
N LYS B 384 51.00 -38.27 60.41
CA LYS B 384 49.75 -37.81 61.02
C LYS B 384 49.90 -37.64 62.54
N LYS B 385 50.52 -38.62 63.19
CA LYS B 385 50.74 -38.60 64.63
C LYS B 385 51.51 -37.37 65.08
N ALA B 386 52.55 -37.03 64.32
CA ALA B 386 53.37 -35.85 64.59
C ALA B 386 52.59 -34.54 64.45
N PHE B 387 51.82 -34.44 63.39
CA PHE B 387 51.06 -33.23 63.09
C PHE B 387 49.96 -32.98 64.12
N MET B 388 49.20 -34.02 64.41
CA MET B 388 48.08 -33.92 65.32
C MET B 388 48.57 -33.79 66.73
N GLY B 389 49.54 -34.63 67.08
CA GLY B 389 50.04 -34.73 68.45
C GLY B 389 49.28 -35.83 69.18
N PRO B 390 49.18 -35.72 70.51
CA PRO B 390 48.41 -36.71 71.25
C PRO B 390 46.92 -36.46 71.12
N LEU B 391 46.14 -37.55 71.13
CA LEU B 391 44.68 -37.48 71.10
C LEU B 391 44.12 -38.05 72.40
N LYS B 392 42.81 -37.89 72.58
CA LYS B 392 42.12 -38.32 73.79
C LYS B 392 42.16 -39.84 73.96
N LYS B 393 42.33 -40.58 72.87
CA LYS B 393 42.55 -42.04 72.97
C LYS B 393 44.03 -42.38 73.22
N ASP B 394 44.52 -42.00 74.40
CA ASP B 394 45.90 -42.24 74.85
C ASP B 394 45.97 -42.26 76.38
N ALA C 1 -69.57 -99.69 -30.57
CA ALA C 1 -70.34 -100.73 -29.80
C ALA C 1 -69.54 -102.03 -29.63
N CYS C 2 -68.67 -102.05 -28.62
CA CYS C 2 -67.79 -103.20 -28.34
C CYS C 2 -68.55 -104.36 -27.68
N ALA C 3 -67.90 -105.53 -27.62
CA ALA C 3 -68.52 -106.75 -27.09
C ALA C 3 -68.64 -106.70 -25.56
N ARG C 4 -69.85 -106.46 -25.08
CA ARG C 4 -70.14 -106.36 -23.66
C ARG C 4 -70.65 -107.73 -23.21
N PRO C 5 -69.96 -108.39 -22.28
CA PRO C 5 -70.38 -109.71 -21.80
C PRO C 5 -71.48 -109.67 -20.75
N LEU C 6 -71.93 -110.87 -20.36
CA LEU C 6 -72.98 -111.02 -19.36
C LEU C 6 -72.36 -111.39 -18.00
N ILE C 7 -72.60 -110.52 -17.00
CA ILE C 7 -72.05 -110.65 -15.65
C ILE C 7 -73.09 -111.32 -14.77
N SER C 8 -72.68 -112.31 -13.98
CA SER C 8 -73.59 -113.01 -13.06
C SER C 8 -73.62 -112.34 -11.68
N VAL C 9 -74.83 -112.17 -11.15
CA VAL C 9 -75.05 -111.51 -9.85
C VAL C 9 -75.05 -112.59 -8.76
N TYR C 10 -74.23 -112.38 -7.75
CA TYR C 10 -74.07 -113.37 -6.67
C TYR C 10 -74.96 -113.07 -5.48
N SER C 11 -75.38 -114.12 -4.79
CA SER C 11 -76.28 -114.00 -3.66
C SER C 11 -75.55 -113.63 -2.39
N GLU C 12 -76.32 -113.37 -1.35
CA GLU C 12 -75.77 -113.04 -0.03
C GLU C 12 -74.91 -114.15 0.59
N LYS C 13 -75.16 -115.40 0.21
CA LYS C 13 -74.39 -116.54 0.71
C LYS C 13 -73.33 -117.01 -0.32
N GLY C 14 -72.74 -116.06 -1.04
CA GLY C 14 -71.92 -116.38 -2.21
C GLY C 14 -72.81 -116.91 -3.30
N GLU C 15 -72.27 -117.81 -4.13
CA GLU C 15 -73.05 -118.62 -5.08
C GLU C 15 -73.84 -117.86 -6.16
N SER C 16 -73.85 -118.41 -7.36
CA SER C 16 -74.51 -117.80 -8.49
C SER C 16 -76.03 -117.83 -8.34
N SER C 17 -76.63 -116.64 -8.29
CA SER C 17 -78.06 -116.49 -8.52
C SER C 17 -78.31 -116.55 -10.02
N GLY C 18 -79.56 -116.83 -10.41
CA GLY C 18 -79.94 -116.89 -11.81
C GLY C 18 -79.78 -115.60 -12.59
N LYS C 19 -79.88 -114.47 -11.90
CA LYS C 19 -79.89 -113.17 -12.56
C LYS C 19 -78.53 -112.85 -13.18
N ASN C 20 -78.55 -112.40 -14.43
CA ASN C 20 -77.37 -111.90 -15.11
C ASN C 20 -77.62 -110.49 -15.59
N VAL C 21 -76.57 -109.69 -15.62
CA VAL C 21 -76.65 -108.30 -16.06
C VAL C 21 -75.63 -108.09 -17.17
N THR C 22 -76.04 -107.38 -18.20
CA THR C 22 -75.15 -107.04 -19.30
C THR C 22 -74.18 -105.97 -18.84
N LEU C 23 -72.88 -106.25 -19.00
CA LEU C 23 -71.83 -105.36 -18.51
C LEU C 23 -72.06 -103.98 -19.05
N PRO C 24 -72.29 -103.00 -18.15
CA PRO C 24 -72.53 -101.63 -18.64
C PRO C 24 -71.36 -101.09 -19.46
N ALA C 25 -71.67 -100.23 -20.42
CA ALA C 25 -70.71 -99.78 -21.42
C ALA C 25 -69.51 -99.07 -20.83
N VAL C 26 -69.75 -98.30 -19.77
CA VAL C 26 -68.67 -97.58 -19.05
C VAL C 26 -67.46 -98.46 -18.82
N PHE C 27 -67.66 -99.73 -18.48
CA PHE C 27 -66.53 -100.65 -18.24
C PHE C 27 -65.67 -100.97 -19.46
N LYS C 28 -66.18 -100.66 -20.64
CA LYS C 28 -65.39 -100.73 -21.85
C LYS C 28 -64.73 -99.40 -22.23
N ALA C 29 -65.08 -98.31 -21.53
CA ALA C 29 -64.53 -96.98 -21.82
C ALA C 29 -63.02 -96.97 -21.64
N PRO C 30 -62.33 -95.98 -22.25
CA PRO C 30 -60.87 -96.03 -22.27
C PRO C 30 -60.22 -95.81 -20.92
N ILE C 31 -59.29 -96.70 -20.58
CA ILE C 31 -58.47 -96.54 -19.39
C ILE C 31 -57.48 -95.45 -19.75
N ARG C 32 -57.22 -94.56 -18.82
CA ARG C 32 -56.42 -93.38 -19.13
C ARG C 32 -55.86 -92.80 -17.84
N PRO C 33 -54.74 -93.35 -17.39
CA PRO C 33 -54.12 -92.86 -16.18
C PRO C 33 -53.81 -91.36 -16.23
N ASP C 34 -53.30 -90.91 -17.37
CA ASP C 34 -52.94 -89.49 -17.58
C ASP C 34 -54.05 -88.51 -17.20
N ILE C 35 -55.27 -88.86 -17.53
CA ILE C 35 -56.43 -88.09 -17.12
C ILE C 35 -56.65 -88.31 -15.64
N VAL C 36 -56.73 -89.58 -15.26
CA VAL C 36 -57.17 -89.92 -13.92
C VAL C 36 -56.30 -89.26 -12.89
N ASN C 37 -54.99 -89.41 -13.05
CA ASN C 37 -54.03 -88.73 -12.20
C ASN C 37 -54.28 -87.21 -12.13
N PHE C 38 -54.19 -86.54 -13.28
CA PHE C 38 -54.37 -85.07 -13.37
C PHE C 38 -55.61 -84.56 -12.66
N VAL C 39 -56.73 -85.22 -12.89
CA VAL C 39 -57.97 -84.84 -12.24
C VAL C 39 -57.82 -85.08 -10.75
N HIS C 40 -57.28 -86.24 -10.39
CA HIS C 40 -57.07 -86.56 -8.99
C HIS C 40 -56.19 -85.51 -8.32
N THR C 41 -55.09 -85.11 -8.97
CA THR C 41 -54.19 -84.13 -8.36
C THR C 41 -54.82 -82.77 -8.14
N ASN C 42 -55.65 -82.34 -9.07
CA ASN C 42 -56.28 -81.05 -8.93
C ASN C 42 -57.48 -81.09 -7.99
N LEU C 43 -58.24 -82.17 -7.99
CA LEU C 43 -59.39 -82.27 -7.10
C LEU C 43 -58.98 -82.41 -5.66
N ARG C 44 -57.87 -83.09 -5.45
CA ARG C 44 -57.39 -83.30 -4.09
C ARG C 44 -56.90 -82.02 -3.42
N LYS C 45 -56.61 -81.00 -4.22
CA LYS C 45 -56.30 -79.69 -3.68
C LYS C 45 -57.50 -78.93 -3.12
N ASN C 46 -58.73 -79.34 -3.44
CA ASN C 46 -59.90 -78.57 -3.06
C ASN C 46 -60.35 -78.81 -1.64
N ASN C 47 -60.02 -79.97 -1.09
CA ASN C 47 -60.53 -80.37 0.21
C ASN C 47 -59.73 -79.82 1.37
N ARG C 48 -59.18 -78.63 1.19
CA ARG C 48 -57.92 -78.23 1.81
C ARG C 48 -58.00 -76.85 2.46
N GLN C 49 -57.62 -76.78 3.74
CA GLN C 49 -57.73 -75.55 4.51
C GLN C 49 -56.51 -74.67 4.33
N PRO C 50 -56.71 -73.35 4.24
CA PRO C 50 -55.57 -72.45 4.17
C PRO C 50 -54.72 -72.51 5.42
N TYR C 51 -53.41 -72.46 5.23
CA TYR C 51 -52.46 -72.16 6.29
C TYR C 51 -51.76 -70.90 5.92
N ALA C 52 -51.44 -70.10 6.92
CA ALA C 52 -50.70 -68.89 6.66
C ALA C 52 -50.13 -68.36 7.94
N VAL C 53 -49.09 -67.54 7.81
CA VAL C 53 -48.43 -66.96 8.95
C VAL C 53 -49.06 -65.60 9.22
N SER C 54 -49.00 -65.14 10.46
CA SER C 54 -49.61 -63.86 10.85
C SER C 54 -48.99 -62.66 10.17
N GLU C 55 -49.81 -61.64 9.97
CA GLU C 55 -49.41 -60.41 9.29
C GLU C 55 -48.37 -59.63 10.08
N LEU C 56 -48.54 -59.63 11.40
CA LEU C 56 -47.70 -58.86 12.28
C LEU C 56 -46.41 -59.61 12.53
N ALA C 57 -46.52 -60.94 12.70
CA ALA C 57 -45.37 -61.79 13.00
C ALA C 57 -44.09 -61.23 12.42
N GLY C 58 -43.20 -60.83 13.32
CA GLY C 58 -41.91 -60.33 12.96
C GLY C 58 -41.79 -58.83 13.06
N HIS C 59 -42.83 -58.13 12.65
CA HIS C 59 -42.82 -56.67 12.61
C HIS C 59 -43.34 -55.96 13.86
N GLN C 60 -43.62 -56.70 14.93
CA GLN C 60 -44.13 -56.07 16.14
C GLN C 60 -43.09 -55.20 16.83
N THR C 61 -41.81 -55.42 16.56
CA THR C 61 -40.76 -54.56 17.10
C THR C 61 -40.69 -53.19 16.43
N SER C 62 -40.02 -52.28 17.12
CA SER C 62 -39.59 -50.99 16.57
C SER C 62 -38.07 -51.01 16.52
N ALA C 63 -37.53 -51.18 15.33
CA ALA C 63 -36.10 -51.37 15.14
C ALA C 63 -35.58 -50.55 13.97
N GLU C 64 -34.68 -49.65 14.30
CA GLU C 64 -34.05 -48.76 13.36
C GLU C 64 -32.71 -49.39 13.13
N SER C 65 -32.10 -49.16 11.98
CA SER C 65 -30.71 -49.56 11.81
C SER C 65 -29.81 -48.55 12.48
N TRP C 66 -28.83 -49.03 13.26
CA TRP C 66 -27.69 -48.17 13.57
C TRP C 66 -27.07 -48.16 12.20
N GLY C 67 -26.76 -46.98 11.70
CA GLY C 67 -26.19 -46.86 10.37
C GLY C 67 -24.79 -47.46 10.31
N THR C 68 -24.17 -47.33 9.15
CA THR C 68 -22.79 -47.73 9.03
C THR C 68 -21.93 -46.81 9.93
N GLY C 69 -20.80 -47.34 10.40
CA GLY C 69 -19.88 -46.57 11.21
C GLY C 69 -19.70 -47.07 12.63
N ARG C 70 -20.47 -48.07 13.03
CA ARG C 70 -20.45 -48.54 14.39
C ARG C 70 -19.93 -49.97 14.43
N ALA C 71 -19.09 -50.31 13.45
CA ALA C 71 -18.81 -51.69 13.10
C ALA C 71 -20.15 -52.33 12.73
N VAL C 72 -20.56 -53.43 13.38
CA VAL C 72 -21.88 -54.07 13.15
C VAL C 72 -22.22 -54.25 11.67
N ALA C 73 -23.49 -54.19 11.26
CA ALA C 73 -23.82 -54.75 9.96
C ALA C 73 -25.06 -54.23 9.22
N ARG C 74 -25.51 -53.01 9.51
CA ARG C 74 -26.64 -52.41 8.80
C ARG C 74 -27.90 -53.26 8.80
N ILE C 75 -28.20 -53.88 9.92
CA ILE C 75 -29.46 -54.58 10.08
C ILE C 75 -30.27 -53.63 10.90
N PRO C 76 -31.59 -53.75 10.85
CA PRO C 76 -32.36 -53.05 11.86
C PRO C 76 -32.23 -53.72 13.21
N ARG C 77 -31.80 -52.96 14.22
CA ARG C 77 -31.51 -53.51 15.54
C ARG C 77 -32.50 -52.97 16.55
N VAL C 78 -32.95 -53.85 17.43
CA VAL C 78 -33.94 -53.50 18.44
C VAL C 78 -33.46 -52.31 19.25
N ARG C 79 -34.39 -51.37 19.46
CA ARG C 79 -34.08 -50.06 20.02
C ARG C 79 -33.92 -50.17 21.52
N GLY C 80 -32.75 -49.77 22.01
CA GLY C 80 -32.50 -49.52 23.44
C GLY C 80 -32.79 -50.65 24.39
N GLY C 81 -32.90 -50.30 25.67
CA GLY C 81 -33.28 -51.24 26.72
C GLY C 81 -32.10 -51.93 27.36
N GLY C 82 -32.35 -52.51 28.53
CA GLY C 82 -31.37 -53.22 29.32
C GLY C 82 -31.85 -54.65 29.34
N THR C 83 -31.96 -55.24 28.16
CA THR C 83 -32.39 -56.61 28.00
C THR C 83 -31.35 -57.36 27.20
N HIS C 84 -31.53 -58.67 27.05
CA HIS C 84 -30.75 -59.38 26.07
C HIS C 84 -31.11 -58.78 24.73
N ARG C 85 -32.41 -58.77 24.42
CA ARG C 85 -32.88 -58.32 23.11
C ARG C 85 -32.78 -56.83 23.00
N SER C 86 -31.58 -56.36 22.69
CA SER C 86 -31.36 -54.95 22.45
C SER C 86 -30.10 -54.82 21.61
N GLY C 87 -30.23 -54.21 20.45
CA GLY C 87 -29.14 -54.17 19.48
C GLY C 87 -28.95 -55.56 18.93
N GLN C 88 -30.02 -56.12 18.38
CA GLN C 88 -30.06 -57.52 18.03
C GLN C 88 -30.13 -57.76 16.55
N GLY C 89 -31.22 -57.30 15.95
CA GLY C 89 -31.53 -57.68 14.59
C GLY C 89 -32.99 -57.96 14.59
N ALA C 90 -33.70 -57.20 13.76
CA ALA C 90 -35.11 -57.42 13.55
C ALA C 90 -35.40 -57.49 12.07
N PHE C 91 -36.56 -58.06 11.77
CA PHE C 91 -37.17 -57.98 10.46
C PHE C 91 -36.54 -58.85 9.38
N GLY C 92 -35.22 -58.79 9.24
CA GLY C 92 -34.56 -59.55 8.20
C GLY C 92 -34.84 -61.03 8.37
N ASN C 93 -35.33 -61.64 7.29
CA ASN C 93 -35.52 -63.09 7.26
C ASN C 93 -34.39 -63.89 7.89
N MET C 94 -33.16 -63.42 7.78
CA MET C 94 -32.02 -64.07 8.41
C MET C 94 -31.97 -63.96 9.92
N CYS C 95 -32.51 -62.88 10.47
CA CYS C 95 -32.49 -62.65 11.92
C CYS C 95 -33.31 -63.65 12.73
N ARG C 96 -32.80 -63.93 13.91
CA ARG C 96 -33.61 -64.54 14.95
C ARG C 96 -34.67 -63.52 15.32
N GLY C 97 -35.87 -64.00 15.55
CA GLY C 97 -37.02 -63.13 15.68
C GLY C 97 -37.48 -62.91 14.27
N GLY C 98 -36.78 -62.01 13.59
CA GLY C 98 -36.89 -61.85 12.14
C GLY C 98 -38.29 -61.80 11.56
N ARG C 99 -38.44 -62.33 10.35
CA ARG C 99 -39.70 -62.33 9.65
C ARG C 99 -39.50 -63.12 8.40
N MET C 100 -40.23 -64.23 8.24
CA MET C 100 -39.94 -65.17 7.17
C MET C 100 -39.99 -64.48 5.82
N PHE C 101 -39.21 -64.99 4.89
CA PHE C 101 -39.20 -64.42 3.56
C PHE C 101 -40.46 -64.77 2.85
N ALA C 102 -41.15 -63.74 2.39
CA ALA C 102 -42.44 -63.87 1.74
C ALA C 102 -43.37 -64.70 2.64
N PRO C 103 -43.94 -64.05 3.65
CA PRO C 103 -44.85 -64.75 4.52
C PRO C 103 -46.00 -65.35 3.74
N THR C 104 -46.34 -66.57 4.10
CA THR C 104 -47.42 -67.32 3.49
C THR C 104 -48.72 -66.54 3.70
N LYS C 105 -49.54 -66.43 2.66
CA LYS C 105 -50.83 -65.74 2.77
C LYS C 105 -51.98 -66.71 2.70
N THR C 106 -53.12 -66.24 3.20
CA THR C 106 -54.35 -66.97 3.08
C THR C 106 -54.79 -67.04 1.65
N TRP C 107 -54.66 -65.95 0.92
CA TRP C 107 -55.12 -65.90 -0.46
C TRP C 107 -54.15 -66.52 -1.49
N ARG C 108 -53.33 -67.47 -1.08
CA ARG C 108 -52.77 -68.44 -2.02
C ARG C 108 -53.94 -69.13 -2.74
N ARG C 109 -53.75 -69.48 -4.01
CA ARG C 109 -54.80 -70.13 -4.79
C ARG C 109 -54.85 -71.61 -4.43
N TRP C 110 -55.51 -71.91 -3.32
CA TRP C 110 -55.51 -73.26 -2.78
C TRP C 110 -56.34 -74.21 -3.61
N HIS C 111 -57.52 -73.74 -4.00
CA HIS C 111 -58.48 -74.57 -4.72
C HIS C 111 -58.22 -74.52 -6.20
N ARG C 112 -58.61 -75.59 -6.85
CA ARG C 112 -58.20 -75.83 -8.18
C ARG C 112 -59.40 -76.42 -8.82
N ARG C 113 -59.66 -76.00 -10.05
CA ARG C 113 -60.90 -76.36 -10.69
C ARG C 113 -60.62 -77.05 -11.97
N VAL C 114 -61.55 -77.93 -12.32
CA VAL C 114 -61.36 -78.90 -13.39
C VAL C 114 -62.60 -78.94 -14.27
N ASN C 115 -62.38 -79.11 -15.56
CA ASN C 115 -63.49 -79.24 -16.48
C ASN C 115 -64.36 -80.43 -16.14
N THR C 116 -65.67 -80.23 -16.27
CA THR C 116 -66.64 -81.25 -15.92
C THR C 116 -66.41 -82.54 -16.70
N THR C 117 -66.32 -82.40 -18.01
CA THR C 117 -66.14 -83.55 -18.88
C THR C 117 -64.94 -84.35 -18.46
N GLN C 118 -63.81 -83.68 -18.26
CA GLN C 118 -62.56 -84.34 -17.81
C GLN C 118 -62.73 -85.14 -16.53
N LYS C 119 -63.51 -84.62 -15.59
CA LYS C 119 -63.82 -85.34 -14.36
C LYS C 119 -64.62 -86.59 -14.71
N ARG C 120 -65.57 -86.43 -15.62
CA ARG C 120 -66.42 -87.55 -16.05
C ARG C 120 -65.65 -88.60 -16.82
N TYR C 121 -64.70 -88.14 -17.63
CA TYR C 121 -63.78 -89.04 -18.32
C TYR C 121 -63.02 -89.82 -17.26
N ALA C 122 -62.39 -89.10 -16.32
CA ALA C 122 -61.61 -89.70 -15.25
C ALA C 122 -62.37 -90.81 -14.59
N ILE C 123 -63.62 -90.53 -14.23
CA ILE C 123 -64.42 -91.48 -13.49
C ILE C 123 -64.86 -92.67 -14.34
N CYS C 124 -64.98 -92.49 -15.65
CA CYS C 124 -65.21 -93.62 -16.55
C CYS C 124 -64.00 -94.54 -16.55
N SER C 125 -62.82 -93.96 -16.74
CA SER C 125 -61.56 -94.71 -16.75
C SER C 125 -61.38 -95.52 -15.49
N ALA C 126 -61.62 -94.88 -14.36
CA ALA C 126 -61.51 -95.51 -13.06
C ALA C 126 -62.49 -96.66 -12.91
N LEU C 127 -63.73 -96.46 -13.34
CA LEU C 127 -64.71 -97.54 -13.39
C LEU C 127 -64.26 -98.65 -14.32
N ALA C 128 -63.77 -98.27 -15.49
CA ALA C 128 -63.39 -99.24 -16.49
C ALA C 128 -62.30 -100.18 -16.00
N ALA C 129 -61.39 -99.63 -15.22
CA ALA C 129 -60.28 -100.41 -14.73
C ALA C 129 -60.53 -101.02 -13.36
N SER C 130 -61.75 -100.92 -12.83
CA SER C 130 -62.13 -101.71 -11.66
C SER C 130 -62.64 -103.08 -12.13
N ALA C 131 -62.91 -103.18 -13.42
CA ALA C 131 -62.81 -104.44 -14.13
C ALA C 131 -61.34 -104.64 -14.38
N LEU C 132 -60.95 -105.65 -15.17
CA LEU C 132 -59.51 -105.93 -15.44
C LEU C 132 -58.78 -106.39 -14.18
N PRO C 133 -58.77 -107.71 -13.93
CA PRO C 133 -58.21 -108.20 -12.68
C PRO C 133 -56.75 -107.82 -12.52
N ALA C 134 -56.03 -107.75 -13.62
CA ALA C 134 -54.64 -107.35 -13.59
C ALA C 134 -54.46 -106.03 -12.85
N LEU C 135 -55.19 -105.01 -13.29
CA LEU C 135 -55.05 -103.67 -12.72
C LEU C 135 -55.50 -103.61 -11.27
N VAL C 136 -56.56 -104.33 -10.95
CA VAL C 136 -57.03 -104.40 -9.56
C VAL C 136 -55.95 -105.06 -8.70
N MET C 137 -55.42 -106.19 -9.18
CA MET C 137 -54.37 -106.88 -8.45
C MET C 137 -53.12 -106.05 -8.29
N SER C 138 -52.75 -105.33 -9.33
CA SER C 138 -51.59 -104.46 -9.26
C SER C 138 -51.78 -103.31 -8.29
N LYS C 139 -53.02 -102.90 -8.07
CA LYS C 139 -53.30 -101.90 -7.04
C LYS C 139 -53.29 -102.51 -5.64
N GLY C 140 -53.01 -103.81 -5.55
CA GLY C 140 -52.65 -104.43 -4.29
C GLY C 140 -53.77 -105.24 -3.68
N HIS C 141 -54.98 -105.13 -4.24
CA HIS C 141 -56.15 -105.79 -3.66
C HIS C 141 -56.07 -107.28 -3.83
N ARG C 142 -56.15 -108.00 -2.71
CA ARG C 142 -56.08 -109.44 -2.75
C ARG C 142 -57.39 -110.00 -3.31
N ILE C 143 -57.42 -110.12 -4.62
CA ILE C 143 -58.61 -110.46 -5.38
C ILE C 143 -58.34 -111.79 -6.07
N GLU C 144 -57.71 -112.71 -5.34
CA GLU C 144 -57.31 -114.00 -5.87
C GLU C 144 -58.48 -114.96 -5.99
N GLU C 145 -59.28 -115.04 -4.91
CA GLU C 145 -60.37 -116.00 -4.79
C GLU C 145 -61.75 -115.42 -5.12
N VAL C 146 -61.80 -114.17 -5.57
CA VAL C 146 -63.08 -113.52 -5.91
C VAL C 146 -63.67 -114.14 -7.17
N PRO C 147 -65.00 -114.33 -7.19
CA PRO C 147 -65.60 -115.17 -8.22
C PRO C 147 -65.74 -114.53 -9.60
N GLU C 148 -66.06 -113.25 -9.66
CA GLU C 148 -66.23 -112.56 -10.95
C GLU C 148 -65.99 -111.08 -10.73
N LEU C 149 -65.13 -110.49 -11.54
CA LEU C 149 -64.43 -109.30 -11.10
C LEU C 149 -65.31 -108.04 -11.00
N PRO C 150 -66.10 -107.71 -12.05
CA PRO C 150 -67.16 -106.75 -11.72
C PRO C 150 -68.15 -107.50 -10.82
N LEU C 151 -67.90 -107.42 -9.52
CA LEU C 151 -68.56 -108.28 -8.54
C LEU C 151 -69.88 -107.64 -8.15
N VAL C 152 -70.97 -108.22 -8.62
CA VAL C 152 -72.30 -107.68 -8.36
C VAL C 152 -73.00 -108.60 -7.37
N VAL C 153 -73.77 -108.00 -6.46
CA VAL C 153 -74.40 -108.73 -5.37
C VAL C 153 -75.91 -108.47 -5.32
N GLU C 154 -76.63 -109.48 -4.84
CA GLU C 154 -78.05 -109.37 -4.46
C GLU C 154 -78.35 -108.07 -3.70
N ASP C 155 -79.61 -107.64 -3.72
CA ASP C 155 -80.02 -106.38 -3.09
C ASP C 155 -80.85 -106.56 -1.82
N LYS C 156 -80.53 -107.63 -1.10
CA LYS C 156 -80.84 -107.74 0.31
C LYS C 156 -79.73 -107.01 1.07
N VAL C 157 -78.57 -106.86 0.41
CA VAL C 157 -77.42 -106.18 0.98
C VAL C 157 -77.72 -104.71 1.30
N GLU C 158 -78.73 -104.17 0.64
CA GLU C 158 -79.38 -102.95 1.11
C GLU C 158 -79.91 -103.17 2.51
N GLY C 159 -80.41 -104.37 2.76
CA GLY C 159 -81.11 -104.66 4.01
C GLY C 159 -80.21 -104.48 5.22
N TYR C 160 -78.96 -104.90 5.14
CA TYR C 160 -78.25 -105.34 6.33
C TYR C 160 -78.14 -104.18 7.30
N LYS C 161 -78.40 -104.43 8.57
CA LYS C 161 -78.24 -103.42 9.61
C LYS C 161 -77.19 -103.71 10.69
N LYS C 162 -76.42 -104.78 10.52
CA LYS C 162 -75.39 -105.14 11.51
C LYS C 162 -74.09 -105.43 10.80
N THR C 163 -72.96 -105.03 11.39
CA THR C 163 -71.64 -105.35 10.82
C THR C 163 -71.47 -106.85 10.65
N LYS C 164 -71.93 -107.60 11.63
CA LYS C 164 -71.87 -109.05 11.61
C LYS C 164 -72.30 -109.62 10.26
N GLU C 165 -73.44 -109.11 9.76
CA GLU C 165 -73.99 -109.51 8.46
C GLU C 165 -73.09 -109.07 7.33
N ALA C 166 -72.65 -107.81 7.40
CA ALA C 166 -71.79 -107.22 6.38
C ALA C 166 -70.45 -107.93 6.23
N VAL C 167 -69.89 -108.37 7.35
CA VAL C 167 -68.63 -109.09 7.35
C VAL C 167 -68.80 -110.49 6.81
N LEU C 168 -69.82 -111.21 7.27
CA LEU C 168 -70.10 -112.56 6.75
C LEU C 168 -70.23 -112.56 5.23
N LEU C 169 -70.93 -111.56 4.70
CA LEU C 169 -71.07 -111.37 3.26
C LEU C 169 -69.70 -111.33 2.61
N LEU C 170 -68.87 -110.40 3.07
CA LEU C 170 -67.50 -110.25 2.54
C LEU C 170 -66.73 -111.57 2.57
N LYS C 171 -66.93 -112.36 3.62
CA LYS C 171 -66.27 -113.66 3.72
C LYS C 171 -66.82 -114.67 2.74
N LYS C 172 -68.12 -114.59 2.45
CA LYS C 172 -68.74 -115.42 1.41
C LYS C 172 -68.22 -115.07 0.02
N LEU C 173 -68.11 -113.77 -0.26
CA LEU C 173 -67.60 -113.28 -1.54
C LEU C 173 -66.07 -113.36 -1.65
N LYS C 174 -65.41 -113.88 -0.61
CA LYS C 174 -63.96 -114.06 -0.56
C LYS C 174 -63.17 -112.76 -0.61
N ALA C 175 -63.86 -111.65 -0.34
CA ALA C 175 -63.27 -110.33 -0.33
C ALA C 175 -62.58 -110.05 1.01
N TRP C 176 -62.76 -110.94 1.98
CA TRP C 176 -62.31 -110.72 3.34
C TRP C 176 -60.78 -110.67 3.52
N ASN C 177 -60.04 -111.31 2.63
CA ASN C 177 -58.58 -111.19 2.66
C ASN C 177 -58.10 -109.77 2.36
N ASP C 178 -58.92 -108.98 1.69
CA ASP C 178 -58.66 -107.54 1.52
C ASP C 178 -58.77 -106.79 2.83
N ILE C 179 -59.81 -107.07 3.60
CA ILE C 179 -59.98 -106.41 4.89
C ILE C 179 -58.93 -106.92 5.86
N LYS C 180 -58.71 -108.22 5.81
CA LYS C 180 -57.67 -108.89 6.59
C LYS C 180 -56.29 -108.27 6.34
N LYS C 181 -56.03 -107.84 5.11
CA LYS C 181 -54.81 -107.12 4.73
C LYS C 181 -54.82 -105.71 5.31
N VAL C 182 -55.95 -105.03 5.19
CA VAL C 182 -56.09 -103.69 5.74
C VAL C 182 -55.78 -103.73 7.21
N TYR C 183 -56.32 -104.70 7.92
CA TYR C 183 -56.00 -104.90 9.35
C TYR C 183 -54.52 -105.04 9.60
N ALA C 184 -53.85 -105.79 8.75
CA ALA C 184 -52.42 -105.97 8.88
C ALA C 184 -51.65 -104.69 8.58
N SER C 185 -52.15 -103.87 7.66
CA SER C 185 -51.47 -102.62 7.31
C SER C 185 -51.51 -101.54 8.39
N GLN C 186 -52.43 -101.65 9.33
CA GLN C 186 -52.65 -100.60 10.31
C GLN C 186 -51.36 -100.37 11.08
N ARG C 187 -50.82 -99.15 10.97
CA ARG C 187 -49.59 -98.77 11.68
C ARG C 187 -49.39 -97.28 11.82
N MET C 188 -48.41 -96.91 12.62
CA MET C 188 -48.14 -95.52 12.97
C MET C 188 -47.51 -94.78 11.80
N ARG C 189 -48.10 -93.65 11.45
CA ARG C 189 -47.56 -92.81 10.38
C ARG C 189 -46.23 -92.26 10.84
N ALA C 190 -45.28 -92.15 9.91
CA ALA C 190 -43.99 -91.55 10.21
C ALA C 190 -44.10 -90.04 10.19
N GLY C 191 -43.48 -89.40 11.16
CA GLY C 191 -43.26 -87.96 11.09
C GLY C 191 -44.31 -87.09 11.75
N LYS C 192 -44.26 -85.81 11.42
CA LYS C 192 -44.96 -84.79 12.19
C LYS C 192 -46.47 -84.84 12.07
N GLY C 193 -46.97 -85.59 11.09
CA GLY C 193 -48.38 -85.93 11.03
C GLY C 193 -48.90 -86.49 12.34
N LYS C 194 -48.12 -87.37 12.95
CA LYS C 194 -48.43 -87.93 14.26
C LYS C 194 -48.98 -86.93 15.26
N MET C 195 -48.38 -85.75 15.30
CA MET C 195 -48.83 -84.71 16.22
C MET C 195 -49.83 -83.77 15.58
N ARG C 196 -50.53 -84.22 14.54
CA ARG C 196 -51.55 -83.41 13.84
C ARG C 196 -52.79 -84.20 13.41
N ASN C 197 -53.16 -85.18 14.23
CA ASN C 197 -54.37 -85.95 14.05
C ASN C 197 -54.40 -86.67 12.70
N ARG C 198 -53.24 -87.22 12.36
CA ARG C 198 -53.11 -88.18 11.26
C ARG C 198 -52.21 -89.31 11.78
N ARG C 199 -52.43 -89.70 13.03
CA ARG C 199 -51.48 -90.53 13.75
C ARG C 199 -51.39 -91.97 13.23
N ARG C 200 -52.52 -92.54 12.84
CA ARG C 200 -52.58 -93.89 12.31
C ARG C 200 -52.84 -93.85 10.82
N ILE C 201 -52.37 -94.87 10.10
CA ILE C 201 -52.64 -95.02 8.67
C ILE C 201 -52.84 -96.49 8.31
N GLN C 202 -53.55 -96.77 7.21
CA GLN C 202 -53.78 -98.14 6.75
C GLN C 202 -54.18 -98.20 5.29
N ARG C 203 -54.42 -99.40 4.78
CA ARG C 203 -54.89 -99.58 3.41
C ARG C 203 -56.25 -99.01 3.10
N ARG C 204 -56.50 -98.84 1.81
CA ARG C 204 -57.83 -98.69 1.27
C ARG C 204 -58.37 -100.08 1.04
N GLY C 205 -59.64 -100.27 1.36
CA GLY C 205 -60.30 -101.58 1.26
C GLY C 205 -61.17 -101.68 0.02
N PRO C 206 -62.09 -102.65 0.01
CA PRO C 206 -63.09 -102.74 -1.04
C PRO C 206 -64.04 -101.55 -1.06
N CYS C 207 -64.30 -101.00 -2.25
CA CYS C 207 -65.35 -100.03 -2.41
C CYS C 207 -66.64 -100.81 -2.49
N VAL C 208 -67.74 -100.19 -2.06
CA VAL C 208 -69.06 -100.79 -2.18
C VAL C 208 -70.02 -99.76 -2.74
N ILE C 209 -70.42 -99.95 -3.98
CA ILE C 209 -71.34 -99.04 -4.61
C ILE C 209 -72.74 -99.59 -4.36
N TYR C 210 -73.57 -98.77 -3.74
CA TYR C 210 -74.96 -99.10 -3.43
C TYR C 210 -75.87 -98.09 -4.12
N ASN C 211 -77.08 -98.51 -4.45
CA ASN C 211 -78.02 -97.64 -5.15
C ASN C 211 -78.81 -96.79 -4.17
N GLU C 212 -79.18 -97.38 -3.05
CA GLU C 212 -79.88 -96.66 -1.99
C GLU C 212 -79.48 -97.21 -0.63
N ASP C 213 -79.23 -96.32 0.33
CA ASP C 213 -78.97 -96.73 1.70
C ASP C 213 -80.31 -97.08 2.33
N ASN C 214 -80.55 -98.37 2.47
CA ASN C 214 -81.68 -98.88 3.23
C ASN C 214 -81.20 -99.40 4.57
N GLY C 215 -79.97 -99.03 4.94
CA GLY C 215 -79.27 -99.57 6.11
C GLY C 215 -77.81 -99.94 5.87
N ILE C 216 -77.46 -100.23 4.62
CA ILE C 216 -76.14 -100.77 4.28
C ILE C 216 -74.99 -100.02 4.89
N VAL C 217 -74.99 -98.69 4.78
CA VAL C 217 -73.81 -97.91 5.11
C VAL C 217 -73.55 -97.87 6.61
N LYS C 218 -74.54 -98.22 7.42
CA LYS C 218 -74.31 -98.52 8.82
C LYS C 218 -73.53 -99.83 8.97
N ALA C 219 -73.97 -100.87 8.25
CA ALA C 219 -73.41 -102.20 8.38
C ALA C 219 -71.96 -102.26 7.96
N PHE C 220 -71.66 -101.70 6.81
CA PHE C 220 -70.28 -101.49 6.37
C PHE C 220 -69.87 -100.09 6.84
N ARG C 221 -69.11 -100.01 7.92
CA ARG C 221 -68.78 -98.73 8.52
C ARG C 221 -67.64 -98.98 9.47
N ASN C 222 -67.85 -99.86 10.44
CA ASN C 222 -66.79 -100.27 11.32
C ASN C 222 -65.74 -101.17 10.66
N ILE C 223 -66.11 -101.83 9.56
CA ILE C 223 -65.21 -102.76 8.89
C ILE C 223 -64.11 -101.90 8.28
N PRO C 224 -62.88 -101.99 8.81
CA PRO C 224 -61.86 -101.04 8.38
C PRO C 224 -61.42 -101.26 6.94
N GLY C 225 -61.24 -100.15 6.23
CA GLY C 225 -60.94 -100.15 4.80
C GLY C 225 -62.12 -99.71 3.94
N ILE C 226 -63.32 -100.26 4.20
CA ILE C 226 -64.44 -100.14 3.27
C ILE C 226 -64.93 -98.70 3.18
N THR C 227 -65.03 -98.22 1.94
CA THR C 227 -65.74 -97.00 1.63
C THR C 227 -67.02 -97.39 0.93
N LEU C 228 -68.05 -96.60 1.15
CA LEU C 228 -69.34 -96.81 0.51
C LEU C 228 -69.56 -95.66 -0.44
N LEU C 229 -70.15 -95.97 -1.59
CA LEU C 229 -70.50 -94.96 -2.56
C LEU C 229 -71.94 -95.12 -3.02
N ASN C 230 -72.64 -94.01 -3.15
CA ASN C 230 -73.86 -93.96 -3.91
C ASN C 230 -73.46 -93.98 -5.37
N VAL C 231 -74.22 -94.65 -6.23
CA VAL C 231 -73.86 -94.72 -7.66
C VAL C 231 -74.10 -93.38 -8.29
N THR C 232 -75.23 -92.79 -7.93
CA THR C 232 -75.60 -91.50 -8.48
C THR C 232 -74.53 -90.44 -8.22
N LYS C 233 -73.79 -90.57 -7.12
CA LYS C 233 -72.78 -89.59 -6.75
C LYS C 233 -71.40 -90.25 -6.66
N LEU C 234 -70.87 -90.73 -7.79
CA LEU C 234 -69.52 -91.33 -7.77
C LEU C 234 -68.44 -90.29 -7.51
N ASN C 235 -67.27 -90.76 -7.13
CA ASN C 235 -66.15 -89.90 -6.70
C ASN C 235 -64.83 -90.48 -7.18
N ILE C 236 -64.02 -89.67 -7.86
CA ILE C 236 -62.76 -90.16 -8.41
C ILE C 236 -61.73 -90.30 -7.30
N LEU C 237 -61.84 -89.44 -6.28
CA LEU C 237 -60.92 -89.51 -5.12
C LEU C 237 -61.01 -90.84 -4.39
N LYS C 238 -62.12 -91.57 -4.57
CA LYS C 238 -62.33 -92.87 -3.92
C LYS C 238 -62.20 -94.09 -4.85
N LEU C 239 -62.66 -93.97 -6.09
CA LEU C 239 -62.52 -95.05 -7.06
C LEU C 239 -61.09 -95.23 -7.56
N ALA C 240 -60.31 -94.14 -7.53
CA ALA C 240 -58.91 -94.19 -7.93
C ALA C 240 -58.06 -93.46 -6.89
N PRO C 241 -57.81 -94.12 -5.76
CA PRO C 241 -57.10 -93.50 -4.64
C PRO C 241 -55.62 -93.46 -4.86
N GLY C 242 -55.04 -92.28 -4.61
CA GLY C 242 -53.67 -91.98 -4.98
C GLY C 242 -53.52 -91.56 -6.44
N GLY C 243 -54.64 -91.30 -7.11
CA GLY C 243 -54.66 -91.12 -8.55
C GLY C 243 -54.28 -92.38 -9.29
N HIS C 244 -54.47 -93.52 -8.64
CA HIS C 244 -54.07 -94.80 -9.17
C HIS C 244 -55.33 -95.57 -9.52
N VAL C 245 -55.30 -96.20 -10.67
CA VAL C 245 -56.53 -96.45 -11.43
C VAL C 245 -57.36 -97.66 -10.97
N GLY C 246 -56.69 -98.75 -10.59
CA GLY C 246 -57.40 -99.95 -10.11
C GLY C 246 -57.97 -99.78 -8.71
N ARG C 247 -58.93 -100.63 -8.36
CA ARG C 247 -59.58 -100.62 -7.04
C ARG C 247 -60.70 -101.63 -7.12
N PHE C 248 -60.71 -102.55 -6.15
CA PHE C 248 -61.68 -103.62 -6.10
C PHE C 248 -62.98 -103.05 -5.58
N CYS C 249 -64.06 -103.27 -6.33
CA CYS C 249 -65.37 -102.78 -5.96
C CYS C 249 -66.36 -103.92 -5.86
N ILE C 250 -67.42 -103.71 -5.07
CA ILE C 250 -68.47 -104.68 -4.88
C ILE C 250 -69.78 -103.97 -5.15
N TRP C 251 -70.39 -104.28 -6.27
CA TRP C 251 -71.59 -103.60 -6.71
C TRP C 251 -72.83 -104.26 -6.18
N THR C 252 -73.95 -103.54 -6.23
CA THR C 252 -75.26 -104.10 -5.95
C THR C 252 -76.04 -104.04 -7.24
N GLU C 253 -76.76 -105.11 -7.57
CA GLU C 253 -77.47 -105.23 -8.85
C GLU C 253 -78.23 -103.96 -9.23
N SER C 254 -78.89 -103.37 -8.23
CA SER C 254 -79.64 -102.13 -8.39
C SER C 254 -78.76 -100.99 -8.86
N ALA C 255 -77.58 -100.90 -8.26
CA ALA C 255 -76.59 -99.89 -8.62
C ALA C 255 -75.93 -100.18 -9.96
N PHE C 256 -75.48 -101.42 -10.11
CA PHE C 256 -74.80 -101.87 -11.32
C PHE C 256 -75.64 -101.71 -12.58
N ARG C 257 -76.95 -101.90 -12.46
CA ARG C 257 -77.88 -101.62 -13.57
C ARG C 257 -77.97 -100.13 -13.92
N LYS C 258 -77.87 -99.29 -12.90
CA LYS C 258 -78.00 -97.85 -13.04
C LYS C 258 -76.86 -97.17 -13.78
N LEU C 259 -75.70 -97.82 -13.89
CA LEU C 259 -74.53 -97.21 -14.53
C LEU C 259 -74.78 -96.81 -15.96
N ASP C 260 -75.41 -97.69 -16.73
CA ASP C 260 -75.73 -97.39 -18.13
C ASP C 260 -76.73 -96.23 -18.24
N ASP C 261 -77.65 -96.13 -17.29
CA ASP C 261 -78.52 -94.97 -17.17
C ASP C 261 -77.75 -93.69 -16.84
N LEU C 262 -76.76 -93.79 -15.94
CA LEU C 262 -75.95 -92.63 -15.53
C LEU C 262 -75.02 -92.14 -16.63
N TYR C 263 -74.22 -93.05 -17.17
CA TYR C 263 -73.13 -92.70 -18.08
C TYR C 263 -73.46 -92.85 -19.55
N GLY C 264 -74.49 -93.64 -19.86
CA GLY C 264 -74.92 -93.84 -21.24
C GLY C 264 -74.02 -94.82 -21.96
N THR C 265 -74.62 -95.66 -22.79
CA THR C 265 -73.82 -96.54 -23.63
C THR C 265 -73.23 -95.73 -24.78
N TRP C 266 -72.59 -96.41 -25.73
CA TRP C 266 -72.01 -95.71 -26.86
C TRP C 266 -72.96 -95.27 -27.93
N ARG C 267 -74.14 -95.89 -27.99
CA ARG C 267 -75.16 -95.46 -28.94
C ARG C 267 -76.41 -94.88 -28.24
N LYS C 268 -76.26 -94.52 -26.97
CA LYS C 268 -77.34 -93.92 -26.20
C LYS C 268 -76.74 -92.85 -25.32
N ALA C 269 -77.40 -91.71 -25.24
CA ALA C 269 -76.99 -90.62 -24.35
C ALA C 269 -77.01 -91.06 -22.89
N ALA C 270 -76.57 -90.17 -22.01
CA ALA C 270 -76.59 -90.44 -20.59
C ALA C 270 -78.00 -90.76 -20.10
N SER C 271 -78.92 -89.84 -20.35
CA SER C 271 -80.32 -89.94 -19.89
C SER C 271 -80.43 -89.80 -18.38
N LEU C 272 -79.68 -88.83 -17.86
CA LEU C 272 -79.49 -88.61 -16.42
C LEU C 272 -78.48 -87.47 -16.17
N LYS C 273 -77.43 -87.41 -16.99
CA LYS C 273 -76.48 -86.30 -17.03
C LYS C 273 -76.70 -85.45 -18.27
N SER C 274 -77.93 -84.99 -18.46
CA SER C 274 -78.32 -84.11 -19.58
C SER C 274 -77.66 -84.49 -20.91
N ASN C 275 -76.49 -83.90 -21.18
CA ASN C 275 -75.79 -84.08 -22.43
C ASN C 275 -74.42 -84.68 -22.14
N TYR C 276 -74.32 -85.99 -22.27
CA TYR C 276 -73.08 -86.71 -22.00
C TYR C 276 -73.12 -88.11 -22.59
N ASN C 277 -72.08 -88.46 -23.31
CA ASN C 277 -71.84 -89.83 -23.72
C ASN C 277 -70.47 -90.21 -23.26
N LEU C 278 -70.14 -91.48 -23.42
CA LEU C 278 -68.81 -91.95 -23.08
C LEU C 278 -67.78 -91.34 -24.02
N PRO C 279 -66.53 -91.25 -23.55
CA PRO C 279 -65.48 -90.81 -24.44
C PRO C 279 -65.21 -91.87 -25.49
N MET C 280 -64.91 -91.42 -26.70
CA MET C 280 -64.63 -92.29 -27.82
C MET C 280 -63.19 -92.83 -27.69
N HIS C 281 -62.91 -93.92 -28.39
CA HIS C 281 -61.58 -94.54 -28.38
C HIS C 281 -60.71 -94.05 -29.53
N LYS C 282 -59.43 -93.83 -29.24
CA LYS C 282 -58.46 -93.31 -30.20
C LYS C 282 -57.93 -94.43 -31.08
N MET C 283 -57.85 -95.63 -30.50
CA MET C 283 -57.66 -96.85 -31.25
C MET C 283 -58.46 -98.00 -30.62
N LEU C 284 -58.98 -98.88 -31.48
CA LEU C 284 -59.88 -99.93 -31.05
C LEU C 284 -59.18 -101.25 -30.70
N ASN C 285 -58.46 -101.84 -31.65
CA ASN C 285 -57.63 -103.01 -31.35
C ASN C 285 -56.40 -102.59 -30.54
N THR C 286 -56.49 -102.77 -29.23
CA THR C 286 -55.46 -102.30 -28.32
C THR C 286 -54.32 -103.28 -28.18
N ASP C 287 -54.63 -104.56 -28.33
CA ASP C 287 -53.59 -105.60 -28.43
C ASP C 287 -52.94 -105.50 -29.80
N LEU C 288 -51.71 -104.99 -29.81
CA LEU C 288 -50.98 -104.77 -31.05
C LEU C 288 -50.24 -106.01 -31.52
N SER C 289 -50.02 -106.98 -30.63
CA SER C 289 -49.40 -108.24 -31.03
C SER C 289 -50.22 -108.91 -32.12
N ARG C 290 -51.51 -109.09 -31.84
CA ARG C 290 -52.45 -109.63 -32.83
C ARG C 290 -52.37 -108.91 -34.18
N ILE C 291 -52.25 -107.58 -34.12
CA ILE C 291 -52.10 -106.74 -35.31
C ILE C 291 -50.77 -107.05 -36.02
N LEU C 292 -49.68 -107.02 -35.26
CA LEU C 292 -48.34 -107.16 -35.83
C LEU C 292 -47.99 -108.54 -36.37
N LYS C 293 -48.61 -109.59 -35.85
CA LYS C 293 -48.50 -110.90 -36.49
C LYS C 293 -49.86 -111.29 -37.07
N SER C 294 -50.38 -110.39 -37.91
CA SER C 294 -51.53 -110.67 -38.75
C SER C 294 -51.02 -111.00 -40.14
N PRO C 295 -51.87 -111.62 -40.96
CA PRO C 295 -51.50 -111.83 -42.37
C PRO C 295 -51.37 -110.54 -43.17
N GLU C 296 -52.30 -109.62 -42.98
CA GLU C 296 -52.38 -108.39 -43.78
C GLU C 296 -51.10 -107.56 -43.71
N ILE C 297 -50.52 -107.47 -42.50
CA ILE C 297 -49.36 -106.62 -42.24
C ILE C 297 -48.05 -107.28 -42.65
N GLN C 298 -47.77 -108.46 -42.10
CA GLN C 298 -46.51 -109.17 -42.38
C GLN C 298 -46.28 -109.50 -43.85
N ARG C 299 -47.37 -109.65 -44.60
CA ARG C 299 -47.33 -109.71 -46.07
C ARG C 299 -46.58 -108.55 -46.69
N ALA C 300 -46.70 -107.36 -46.09
CA ALA C 300 -46.09 -106.14 -46.61
C ALA C 300 -45.07 -105.56 -45.65
N LEU C 301 -43.99 -106.30 -45.41
CA LEU C 301 -42.82 -105.76 -44.73
C LEU C 301 -41.60 -106.16 -45.53
N ARG C 302 -40.52 -105.41 -45.39
CA ARG C 302 -39.20 -105.89 -45.82
C ARG C 302 -38.77 -106.94 -44.80
N ALA C 303 -37.95 -107.88 -45.22
CA ALA C 303 -37.48 -108.92 -44.32
C ALA C 303 -36.44 -108.34 -43.38
N PRO C 304 -36.48 -108.73 -42.11
CA PRO C 304 -35.74 -108.05 -41.09
C PRO C 304 -34.26 -108.31 -41.16
N ARG C 305 -33.50 -107.24 -41.25
CA ARG C 305 -32.05 -107.29 -41.25
C ARG C 305 -31.63 -107.41 -39.80
N LYS C 306 -30.97 -108.52 -39.46
CA LYS C 306 -30.64 -108.83 -38.07
C LYS C 306 -29.38 -109.69 -37.97
N LYS C 307 -28.29 -109.18 -38.55
CA LYS C 307 -27.03 -109.90 -38.56
C LYS C 307 -26.05 -109.45 -37.48
N ILE C 308 -26.03 -108.15 -37.18
CA ILE C 308 -25.02 -107.53 -36.33
C ILE C 308 -23.70 -107.49 -37.10
N HIS C 309 -23.35 -106.30 -37.59
CA HIS C 309 -22.05 -106.08 -38.23
C HIS C 309 -21.18 -105.27 -37.27
N ARG C 310 -20.40 -105.98 -36.46
CA ARG C 310 -19.54 -105.34 -35.46
C ARG C 310 -18.35 -104.65 -36.12
N ARG C 311 -17.61 -103.88 -35.33
CA ARG C 311 -16.53 -103.06 -35.87
C ARG C 311 -15.37 -103.97 -36.26
N VAL C 312 -15.07 -103.97 -37.56
CA VAL C 312 -13.95 -104.74 -38.08
C VAL C 312 -12.63 -104.08 -37.70
N LEU C 313 -11.67 -104.90 -37.27
CA LEU C 313 -10.31 -104.43 -37.05
C LEU C 313 -9.65 -104.20 -38.39
N LYS C 314 -9.04 -103.03 -38.57
CA LYS C 314 -8.28 -102.74 -39.78
C LYS C 314 -6.85 -103.29 -39.64
N LYS C 315 -6.63 -104.47 -40.19
CA LYS C 315 -5.29 -105.00 -40.35
C LYS C 315 -4.75 -104.26 -41.56
N ASN C 316 -3.50 -103.81 -41.47
CA ASN C 316 -2.89 -103.04 -42.53
C ASN C 316 -2.36 -103.97 -43.62
N PRO C 317 -2.73 -103.73 -44.88
CA PRO C 317 -2.33 -104.61 -45.99
C PRO C 317 -0.85 -104.78 -46.14
N LEU C 318 -0.09 -103.70 -45.97
CA LEU C 318 1.32 -103.70 -46.33
C LEU C 318 2.19 -104.63 -45.49
N LYS C 319 1.67 -105.08 -44.35
CA LYS C 319 2.28 -106.16 -43.59
C LYS C 319 1.53 -107.48 -43.86
N ASN C 320 0.22 -107.46 -43.64
CA ASN C 320 -0.59 -108.67 -43.66
C ASN C 320 -0.84 -109.10 -45.11
N LEU C 321 -0.05 -110.06 -45.58
CA LEU C 321 -0.12 -110.53 -46.97
C LEU C 321 -1.54 -110.88 -47.41
N ARG C 322 -2.25 -111.62 -46.57
CA ARG C 322 -3.57 -112.12 -46.93
C ARG C 322 -4.70 -111.12 -46.83
N ILE C 323 -4.44 -110.01 -46.16
CA ILE C 323 -5.30 -108.86 -46.27
C ILE C 323 -5.04 -108.18 -47.62
N MET C 324 -3.77 -108.04 -47.98
CA MET C 324 -3.41 -107.43 -49.24
C MET C 324 -4.05 -108.16 -50.38
N LEU C 325 -3.95 -109.48 -50.36
CA LEU C 325 -4.53 -110.30 -51.43
C LEU C 325 -6.04 -110.13 -51.51
N LYS C 326 -6.69 -110.04 -50.37
CA LYS C 326 -8.12 -109.86 -50.32
C LYS C 326 -8.59 -108.52 -50.92
N LEU C 327 -7.79 -107.48 -50.76
CA LEU C 327 -8.04 -106.19 -51.41
C LEU C 327 -7.67 -106.25 -52.88
N ASN C 328 -6.46 -106.73 -53.12
CA ASN C 328 -5.87 -106.75 -54.44
C ASN C 328 -5.13 -108.06 -54.67
N PRO C 329 -5.76 -109.00 -55.38
CA PRO C 329 -5.16 -110.32 -55.51
C PRO C 329 -3.95 -110.38 -56.44
N TYR C 330 -3.75 -109.36 -57.27
CA TYR C 330 -2.60 -109.33 -58.18
C TYR C 330 -1.27 -109.18 -57.45
N ALA C 331 -1.31 -108.68 -56.23
CA ALA C 331 -0.14 -108.64 -55.38
C ALA C 331 0.54 -110.00 -55.14
N LYS C 332 -0.23 -111.08 -55.15
CA LYS C 332 0.36 -112.41 -55.05
C LYS C 332 1.42 -112.54 -56.12
N THR C 333 1.03 -112.29 -57.37
CA THR C 333 1.91 -112.49 -58.51
C THR C 333 3.05 -111.50 -58.56
N MET C 334 2.75 -110.25 -58.28
CA MET C 334 3.78 -109.23 -58.17
C MET C 334 4.84 -109.55 -57.15
N ARG C 335 4.49 -110.25 -56.08
CA ARG C 335 5.49 -110.70 -55.10
C ARG C 335 6.02 -112.09 -55.39
N ARG C 336 5.34 -112.88 -56.20
CA ARG C 336 5.95 -114.11 -56.71
C ARG C 336 7.12 -113.76 -57.62
N ASN C 337 6.86 -112.87 -58.56
CA ASN C 337 7.91 -112.11 -59.23
C ASN C 337 8.49 -111.16 -58.19
N THR C 338 9.71 -110.68 -58.38
CA THR C 338 10.45 -109.94 -57.33
C THR C 338 10.65 -110.68 -56.00
N ILE C 339 10.46 -111.99 -55.96
CA ILE C 339 11.40 -112.79 -55.21
C ILE C 339 12.22 -113.50 -56.24
N LEU C 340 11.54 -114.18 -57.16
CA LEU C 340 12.18 -114.97 -58.21
C LEU C 340 13.11 -114.14 -59.05
N ARG C 341 12.71 -112.91 -59.36
CA ARG C 341 13.53 -111.98 -60.14
C ARG C 341 14.79 -111.56 -59.39
N GLN C 342 14.66 -111.39 -58.09
CA GLN C 342 15.78 -110.98 -57.27
C GLN C 342 16.74 -112.14 -57.07
N ALA C 343 16.21 -113.31 -56.74
CA ALA C 343 17.01 -114.53 -56.68
C ALA C 343 17.75 -114.80 -57.99
N ARG C 344 17.06 -114.60 -59.11
CA ARG C 344 17.69 -114.69 -60.43
C ARG C 344 18.90 -113.80 -60.47
N ASN C 345 18.70 -112.52 -60.16
CA ASN C 345 19.77 -111.54 -60.26
C ASN C 345 20.87 -111.75 -59.25
N HIS C 346 20.58 -112.36 -58.11
CA HIS C 346 21.64 -112.65 -57.15
C HIS C 346 22.59 -113.70 -57.69
N LYS C 347 22.01 -114.81 -58.15
CA LYS C 347 22.75 -115.87 -58.84
C LYS C 347 23.67 -115.33 -59.91
N LEU C 348 23.12 -114.55 -60.82
CA LEU C 348 23.89 -113.98 -61.92
C LEU C 348 25.05 -113.11 -61.41
N ARG C 349 24.84 -112.41 -60.30
CA ARG C 349 25.93 -111.67 -59.65
C ARG C 349 27.04 -112.55 -59.09
N VAL C 350 26.68 -113.69 -58.52
CA VAL C 350 27.68 -114.65 -58.02
C VAL C 350 28.50 -115.27 -59.15
N GLU C 351 27.85 -115.55 -60.27
CA GLU C 351 28.54 -116.05 -61.47
C GLU C 351 29.49 -115.00 -62.05
N ARG C 352 29.06 -113.75 -62.11
CA ARG C 352 29.93 -112.63 -62.50
C ARG C 352 31.18 -112.56 -61.61
N ALA C 353 30.96 -112.64 -60.30
CA ALA C 353 32.04 -112.61 -59.31
C ALA C 353 33.02 -113.76 -59.48
N ALA C 354 32.48 -114.95 -59.72
CA ALA C 354 33.29 -116.13 -60.00
C ALA C 354 34.12 -115.96 -61.28
N ALA C 355 33.51 -115.39 -62.31
CA ALA C 355 34.20 -115.10 -63.57
C ALA C 355 35.30 -114.04 -63.41
N ALA C 356 35.06 -113.06 -62.53
CA ALA C 356 36.06 -112.05 -62.18
C ALA C 356 37.23 -112.64 -61.38
N LEU C 357 36.92 -113.60 -60.50
CA LEU C 357 37.94 -114.33 -59.73
C LEU C 357 38.79 -115.24 -60.63
N ALA C 358 38.14 -115.91 -61.58
CA ALA C 358 38.83 -116.74 -62.57
C ALA C 358 39.75 -115.94 -63.49
N ALA C 359 39.29 -114.76 -63.91
CA ALA C 359 40.10 -113.83 -64.71
C ALA C 359 41.30 -113.29 -63.94
N LYS C 360 41.12 -113.06 -62.64
CA LYS C 360 42.21 -112.63 -61.74
C LYS C 360 43.25 -113.73 -61.56
N SER C 361 42.79 -114.97 -61.38
CA SER C 361 43.68 -116.14 -61.27
C SER C 361 44.48 -116.40 -62.56
N ASP C 362 43.83 -116.21 -63.71
CA ASP C 362 44.48 -116.33 -65.02
C ASP C 362 45.55 -115.24 -65.24
N PHE D 1 5.40 -7.71 -76.44
CA PHE D 1 5.25 -9.13 -75.99
C PHE D 1 4.27 -9.26 -74.80
N VAL D 2 3.83 -10.51 -74.58
CA VAL D 2 2.93 -10.86 -73.48
C VAL D 2 3.14 -12.31 -73.08
N LYS D 3 2.47 -12.73 -71.99
CA LYS D 3 2.45 -14.14 -71.62
C LYS D 3 1.72 -14.89 -72.73
N VAL D 4 2.36 -15.95 -73.22
CA VAL D 4 1.79 -16.74 -74.30
C VAL D 4 0.56 -17.43 -73.74
N VAL D 5 -0.60 -17.13 -74.31
CA VAL D 5 -1.86 -17.63 -73.80
C VAL D 5 -1.98 -19.11 -74.11
N LYS D 6 -1.53 -19.49 -75.31
CA LYS D 6 -1.61 -20.86 -75.78
C LYS D 6 -0.23 -21.53 -75.68
N ASN D 7 0.05 -22.08 -74.49
CA ASN D 7 1.26 -22.86 -74.23
C ASN D 7 1.05 -24.31 -74.60
N LYS D 8 2.08 -25.13 -74.38
CA LYS D 8 1.91 -26.58 -74.24
C LYS D 8 0.78 -26.87 -73.25
N ALA D 9 0.93 -26.33 -72.05
CA ALA D 9 0.00 -26.54 -70.94
C ALA D 9 -1.44 -26.30 -71.37
N TYR D 10 -1.68 -25.13 -71.98
CA TYR D 10 -3.00 -24.80 -72.53
C TYR D 10 -3.58 -25.93 -73.37
N PHE D 11 -2.84 -26.37 -74.35
CA PHE D 11 -3.30 -27.47 -75.17
C PHE D 11 -3.45 -28.76 -74.39
N LYS D 12 -2.54 -29.01 -73.44
CA LYS D 12 -2.60 -30.22 -72.61
C LYS D 12 -3.90 -30.34 -71.82
N ARG D 13 -4.37 -29.22 -71.29
CA ARG D 13 -5.57 -29.19 -70.47
C ARG D 13 -6.84 -28.99 -71.29
N TYR D 14 -6.67 -28.64 -72.57
CA TYR D 14 -7.79 -28.22 -73.42
C TYR D 14 -8.66 -29.36 -73.85
N GLN D 15 -9.97 -29.15 -73.73
CA GLN D 15 -10.97 -30.10 -74.19
C GLN D 15 -11.60 -29.52 -75.43
N VAL D 16 -11.63 -30.29 -76.51
CA VAL D 16 -12.40 -29.88 -77.68
C VAL D 16 -13.85 -30.14 -77.42
N LYS D 17 -14.72 -29.36 -78.07
CA LYS D 17 -16.15 -29.62 -78.03
C LYS D 17 -16.48 -30.64 -79.09
N PHE D 18 -17.73 -31.10 -79.12
CA PHE D 18 -18.15 -32.08 -80.13
C PHE D 18 -17.90 -31.62 -81.56
N ARG D 19 -17.81 -32.57 -82.48
CA ARG D 19 -17.44 -32.25 -83.85
C ARG D 19 -18.42 -31.32 -84.53
N ARG D 20 -19.71 -31.63 -84.39
CA ARG D 20 -20.75 -30.84 -85.06
C ARG D 20 -20.92 -29.47 -84.37
N ARG D 21 -20.59 -29.38 -83.08
CA ARG D 21 -20.53 -28.11 -82.34
C ARG D 21 -19.37 -27.22 -82.76
N ARG D 22 -18.21 -27.83 -82.95
CA ARG D 22 -17.08 -27.14 -83.53
C ARG D 22 -17.48 -26.60 -84.91
N GLU D 23 -17.91 -27.52 -85.78
CA GLU D 23 -18.34 -27.19 -87.14
C GLU D 23 -19.45 -26.16 -87.21
N GLY D 24 -20.22 -26.03 -86.14
CA GLY D 24 -21.21 -24.98 -86.04
C GLY D 24 -22.44 -25.39 -86.81
N LYS D 25 -23.07 -26.45 -86.33
CA LYS D 25 -24.21 -27.06 -87.01
C LYS D 25 -25.28 -27.57 -86.06
N THR D 26 -24.89 -28.35 -85.07
CA THR D 26 -25.82 -29.05 -84.20
C THR D 26 -25.91 -28.39 -82.83
N ASP D 27 -27.10 -27.96 -82.44
CA ASP D 27 -27.33 -27.47 -81.08
C ASP D 27 -27.64 -28.63 -80.15
N TYR D 28 -26.62 -29.14 -79.48
CA TYR D 28 -26.77 -30.35 -78.69
C TYR D 28 -27.70 -30.17 -77.51
N TYR D 29 -27.84 -28.94 -77.02
CA TYR D 29 -28.81 -28.65 -75.97
C TYR D 29 -30.19 -28.99 -76.45
N ALA D 30 -30.52 -28.49 -77.65
CA ALA D 30 -31.83 -28.73 -78.24
C ALA D 30 -31.98 -30.15 -78.75
N ARG D 31 -30.91 -30.75 -79.22
CA ARG D 31 -30.99 -32.07 -79.81
C ARG D 31 -31.42 -33.13 -78.81
N LYS D 32 -30.89 -33.04 -77.60
CA LYS D 32 -31.26 -33.95 -76.52
C LYS D 32 -32.75 -33.92 -76.28
N ARG D 33 -33.30 -32.72 -76.18
CA ARG D 33 -34.72 -32.57 -75.91
C ARG D 33 -35.55 -33.10 -77.08
N LEU D 34 -35.15 -32.73 -78.29
CA LEU D 34 -35.85 -33.10 -79.54
C LEU D 34 -36.00 -34.58 -79.79
N VAL D 35 -34.90 -35.29 -79.61
CA VAL D 35 -34.71 -36.54 -80.32
C VAL D 35 -34.84 -37.82 -79.51
N ILE D 36 -34.48 -37.78 -78.23
CA ILE D 36 -34.55 -38.97 -77.39
C ILE D 36 -36.00 -39.30 -77.08
N GLN D 37 -36.24 -40.58 -76.80
CA GLN D 37 -37.57 -41.04 -76.39
C GLN D 37 -37.72 -41.19 -74.90
N ASP D 38 -38.98 -41.28 -74.47
CA ASP D 38 -39.29 -41.74 -73.14
C ASP D 38 -38.95 -43.22 -73.16
N LYS D 39 -38.27 -43.70 -72.13
CA LYS D 39 -37.75 -45.07 -72.12
C LYS D 39 -38.86 -46.11 -72.14
N ASN D 40 -39.96 -45.81 -71.45
CA ASN D 40 -41.14 -46.68 -71.47
C ASN D 40 -41.88 -46.76 -72.81
N LYS D 41 -41.43 -46.00 -73.81
CA LYS D 41 -41.83 -46.22 -75.20
C LYS D 41 -40.96 -47.33 -75.78
N TYR D 42 -39.71 -47.39 -75.31
CA TYR D 42 -38.71 -48.39 -75.69
C TYR D 42 -38.20 -48.15 -77.11
N ASN D 43 -38.31 -49.12 -78.00
CA ASN D 43 -37.65 -49.05 -79.29
C ASN D 43 -38.49 -48.38 -80.40
N THR D 44 -39.67 -47.86 -80.06
CA THR D 44 -40.41 -47.02 -81.01
C THR D 44 -39.62 -45.74 -81.34
N PRO D 45 -39.68 -45.30 -82.60
CA PRO D 45 -38.97 -44.10 -83.03
C PRO D 45 -39.57 -42.82 -82.52
N LYS D 46 -38.82 -41.74 -82.72
CA LYS D 46 -39.30 -40.38 -82.51
C LYS D 46 -38.83 -39.54 -83.69
N TYR D 47 -39.72 -39.34 -84.65
CA TYR D 47 -39.36 -38.74 -85.93
C TYR D 47 -39.29 -37.24 -85.82
N ARG D 48 -38.37 -36.61 -86.55
CA ARG D 48 -38.37 -35.15 -86.65
C ARG D 48 -38.38 -34.76 -88.10
N MET D 49 -39.24 -33.80 -88.45
CA MET D 49 -39.19 -33.19 -89.77
C MET D 49 -38.10 -32.11 -89.73
N ILE D 50 -36.91 -32.49 -90.15
CA ILE D 50 -35.78 -31.56 -90.29
C ILE D 50 -36.09 -30.66 -91.46
N VAL D 51 -35.75 -29.39 -91.32
CA VAL D 51 -35.83 -28.42 -92.42
C VAL D 51 -34.59 -27.59 -92.34
N ARG D 52 -33.85 -27.50 -93.44
CA ARG D 52 -32.65 -26.68 -93.48
C ARG D 52 -32.65 -25.88 -94.78
N VAL D 53 -32.54 -24.55 -94.63
CA VAL D 53 -32.45 -23.65 -95.77
C VAL D 53 -30.99 -23.29 -96.03
N THR D 54 -30.51 -23.70 -97.20
CA THR D 54 -29.18 -23.37 -97.68
C THR D 54 -29.25 -22.05 -98.45
N ASN D 55 -28.12 -21.55 -98.93
CA ASN D 55 -28.11 -20.31 -99.73
C ASN D 55 -28.90 -20.42 -101.03
N ARG D 56 -28.83 -21.57 -101.68
CA ARG D 56 -29.52 -21.79 -102.96
C ARG D 56 -30.50 -22.96 -102.94
N ASP D 57 -30.80 -23.49 -101.75
CA ASP D 57 -31.47 -24.77 -101.63
C ASP D 57 -32.33 -24.82 -100.37
N ILE D 58 -33.28 -25.73 -100.34
CA ILE D 58 -34.07 -26.04 -99.17
C ILE D 58 -34.15 -27.53 -99.08
N ILE D 59 -33.68 -28.08 -97.97
CA ILE D 59 -33.74 -29.50 -97.73
C ILE D 59 -34.74 -29.76 -96.62
N CYS D 60 -35.59 -30.77 -96.83
CA CYS D 60 -36.46 -31.26 -95.80
C CYS D 60 -36.30 -32.77 -95.73
N GLN D 61 -36.08 -33.27 -94.51
CA GLN D 61 -35.90 -34.70 -94.26
C GLN D 61 -36.78 -35.10 -93.09
N ILE D 62 -37.20 -36.35 -93.10
CA ILE D 62 -37.80 -36.95 -91.92
C ILE D 62 -36.80 -38.01 -91.44
N ALA D 63 -36.56 -38.01 -90.14
CA ALA D 63 -35.57 -38.86 -89.53
C ALA D 63 -35.90 -39.16 -88.09
N TYR D 64 -35.72 -40.42 -87.70
CA TYR D 64 -35.65 -40.80 -86.26
C TYR D 64 -34.18 -40.88 -85.88
N ALA D 65 -33.91 -41.15 -84.59
CA ALA D 65 -32.53 -41.27 -84.10
C ALA D 65 -32.19 -42.64 -83.54
N ARG D 66 -31.37 -43.37 -84.28
CA ARG D 66 -30.74 -44.59 -83.80
C ARG D 66 -29.31 -44.33 -83.36
N ILE D 67 -28.82 -45.21 -82.49
CA ILE D 67 -27.55 -45.02 -81.81
C ILE D 67 -26.34 -44.96 -82.75
N GLU D 68 -26.42 -45.65 -83.89
CA GLU D 68 -25.34 -45.62 -84.88
C GLU D 68 -25.28 -44.28 -85.59
N GLY D 69 -26.43 -43.63 -85.75
CA GLY D 69 -26.53 -42.30 -86.34
C GLY D 69 -27.91 -42.09 -86.94
N ASP D 70 -28.56 -40.98 -86.58
CA ASP D 70 -29.97 -40.77 -86.96
C ASP D 70 -30.26 -41.07 -88.42
N MET D 71 -31.22 -41.96 -88.63
CA MET D 71 -31.51 -42.51 -89.95
C MET D 71 -32.64 -41.75 -90.58
N ILE D 72 -32.53 -41.54 -91.90
CA ILE D 72 -33.47 -40.73 -92.66
C ILE D 72 -34.50 -41.62 -93.34
N VAL D 73 -35.76 -41.49 -92.94
CA VAL D 73 -36.83 -42.25 -93.55
C VAL D 73 -37.11 -41.75 -94.96
N CYS D 74 -37.05 -40.44 -95.15
CA CYS D 74 -37.45 -39.85 -96.42
C CYS D 74 -36.99 -38.40 -96.51
N ALA D 75 -36.71 -37.96 -97.74
CA ALA D 75 -36.15 -36.63 -97.98
C ALA D 75 -36.66 -36.00 -99.28
N ALA D 76 -36.87 -34.70 -99.22
CA ALA D 76 -37.21 -33.91 -100.41
C ALA D 76 -36.39 -32.63 -100.42
N TYR D 77 -35.96 -32.22 -101.60
CA TYR D 77 -35.09 -31.07 -101.80
C TYR D 77 -35.82 -30.04 -102.62
N ALA D 78 -35.26 -28.84 -102.66
CA ALA D 78 -35.82 -27.77 -103.49
C ALA D 78 -35.41 -27.97 -104.93
N HIS D 79 -34.18 -28.44 -105.15
CA HIS D 79 -33.71 -28.65 -106.52
C HIS D 79 -34.41 -29.78 -107.31
N GLU D 80 -35.40 -30.42 -106.70
CA GLU D 80 -36.27 -31.37 -107.41
C GLU D 80 -37.47 -30.67 -108.04
N LEU D 81 -37.81 -29.47 -107.55
CA LEU D 81 -39.02 -28.74 -107.97
C LEU D 81 -39.13 -28.34 -109.46
N PRO D 82 -38.00 -28.25 -110.18
CA PRO D 82 -38.00 -28.22 -111.65
C PRO D 82 -38.83 -29.30 -112.37
N LYS D 83 -38.82 -30.53 -111.85
CA LYS D 83 -39.69 -31.61 -112.35
C LYS D 83 -41.18 -31.25 -112.31
N TYR D 84 -41.57 -30.60 -111.23
CA TYR D 84 -42.96 -30.40 -110.89
C TYR D 84 -43.53 -29.11 -111.49
N GLY D 85 -42.67 -28.13 -111.74
CA GLY D 85 -43.11 -26.88 -112.35
C GLY D 85 -42.31 -25.66 -111.96
N VAL D 86 -41.82 -25.61 -110.72
CA VAL D 86 -41.15 -24.43 -110.21
C VAL D 86 -39.75 -24.37 -110.82
N LYS D 87 -39.51 -23.32 -111.59
CA LYS D 87 -38.24 -23.11 -112.29
C LYS D 87 -37.25 -22.32 -111.43
N VAL D 88 -37.76 -21.33 -110.71
CA VAL D 88 -36.94 -20.32 -110.06
C VAL D 88 -37.43 -19.97 -108.67
N GLY D 89 -36.58 -19.25 -107.92
CA GLY D 89 -36.88 -18.84 -106.56
C GLY D 89 -37.11 -20.09 -105.74
N LEU D 90 -36.06 -20.87 -105.56
CA LEU D 90 -36.15 -22.17 -104.91
C LEU D 90 -35.77 -22.11 -103.44
N THR D 91 -35.09 -21.05 -103.02
CA THR D 91 -34.89 -20.80 -101.61
C THR D 91 -36.00 -19.90 -101.04
N ASN D 92 -37.07 -19.66 -101.81
CA ASN D 92 -38.12 -18.73 -101.39
C ASN D 92 -39.25 -19.46 -100.66
N TYR D 93 -40.08 -18.70 -99.94
CA TYR D 93 -41.08 -19.28 -99.05
C TYR D 93 -42.00 -20.25 -99.76
N ALA D 94 -42.48 -19.84 -100.92
CA ALA D 94 -43.36 -20.69 -101.71
C ALA D 94 -42.74 -22.04 -102.10
N ALA D 95 -41.46 -22.01 -102.47
CA ALA D 95 -40.74 -23.24 -102.75
C ALA D 95 -40.53 -24.06 -101.49
N ALA D 96 -40.27 -23.39 -100.37
CA ALA D 96 -40.16 -24.05 -99.07
C ALA D 96 -41.43 -24.80 -98.75
N TYR D 97 -42.57 -24.17 -98.98
CA TYR D 97 -43.86 -24.82 -98.89
C TYR D 97 -43.89 -26.08 -99.75
N CYS D 98 -43.57 -25.93 -101.03
CA CYS D 98 -43.62 -27.05 -101.97
C CYS D 98 -42.75 -28.22 -101.51
N THR D 99 -41.54 -27.90 -101.06
CA THR D 99 -40.59 -28.89 -100.55
C THR D 99 -41.18 -29.69 -99.40
N GLY D 100 -41.79 -28.98 -98.46
CA GLY D 100 -42.43 -29.59 -97.29
C GLY D 100 -43.64 -30.44 -97.64
N LEU D 101 -44.45 -29.94 -98.56
CA LEU D 101 -45.53 -30.73 -99.15
C LEU D 101 -44.99 -32.00 -99.81
N LEU D 102 -44.03 -31.81 -100.70
CA LEU D 102 -43.45 -32.91 -101.45
C LEU D 102 -42.98 -33.99 -100.50
N LEU D 103 -42.27 -33.56 -99.45
CA LEU D 103 -41.78 -34.47 -98.42
C LEU D 103 -42.91 -35.29 -97.82
N ALA D 104 -43.93 -34.60 -97.34
CA ALA D 104 -45.07 -35.24 -96.70
C ALA D 104 -45.73 -36.27 -97.61
N ARG D 105 -45.93 -35.92 -98.88
CA ARG D 105 -46.55 -36.82 -99.84
C ARG D 105 -45.68 -38.04 -100.06
N ARG D 106 -44.37 -37.81 -100.17
CA ARG D 106 -43.45 -38.89 -100.43
C ARG D 106 -43.44 -39.89 -99.29
N LEU D 107 -43.43 -39.37 -98.07
CA LEU D 107 -43.52 -40.20 -96.89
C LEU D 107 -44.80 -41.02 -96.91
N LEU D 108 -45.93 -40.36 -97.18
CA LEU D 108 -47.23 -41.02 -97.18
C LEU D 108 -47.37 -42.12 -98.21
N ASN D 109 -46.74 -41.97 -99.37
CA ASN D 109 -46.77 -43.04 -100.38
C ASN D 109 -45.98 -44.29 -99.95
N ARG D 110 -44.96 -44.12 -99.12
CA ARG D 110 -44.17 -45.24 -98.60
C ARG D 110 -44.99 -46.14 -97.68
N PHE D 111 -45.81 -45.54 -96.82
CA PHE D 111 -46.63 -46.30 -95.87
C PHE D 111 -48.04 -46.63 -96.37
N GLY D 112 -48.33 -46.34 -97.64
CA GLY D 112 -49.64 -46.60 -98.20
C GLY D 112 -50.76 -45.71 -97.66
N MET D 113 -50.38 -44.55 -97.12
CA MET D 113 -51.35 -43.59 -96.61
C MET D 113 -51.42 -42.39 -97.56
N ASP D 114 -51.38 -42.67 -98.87
CA ASP D 114 -51.47 -41.63 -99.87
C ASP D 114 -52.95 -41.30 -100.07
N LYS D 115 -53.78 -42.33 -100.11
CA LYS D 115 -55.22 -42.18 -100.33
C LYS D 115 -55.91 -41.70 -99.07
N ILE D 116 -55.51 -42.23 -97.93
CA ILE D 116 -55.93 -41.70 -96.64
C ILE D 116 -55.05 -40.48 -96.40
N TYR D 117 -55.56 -39.51 -95.65
CA TYR D 117 -54.81 -38.29 -95.33
C TYR D 117 -54.40 -37.53 -96.60
N GLU D 118 -55.40 -37.04 -97.33
CA GLU D 118 -55.17 -36.12 -98.43
C GLU D 118 -54.72 -34.76 -97.89
N GLY D 119 -55.19 -34.42 -96.70
CA GLY D 119 -54.82 -33.18 -96.03
C GLY D 119 -55.59 -32.00 -96.59
N GLN D 120 -54.97 -30.83 -96.54
CA GLN D 120 -55.60 -29.59 -97.01
C GLN D 120 -55.18 -29.33 -98.45
N VAL D 121 -56.15 -29.34 -99.36
CA VAL D 121 -55.89 -29.23 -100.80
C VAL D 121 -56.00 -27.82 -101.34
N GLU D 122 -57.04 -27.09 -100.92
CA GLU D 122 -57.34 -25.76 -101.47
C GLU D 122 -56.37 -24.65 -101.06
N VAL D 123 -55.59 -24.88 -99.99
CA VAL D 123 -54.60 -23.91 -99.51
C VAL D 123 -55.28 -22.63 -99.03
N THR D 124 -55.87 -22.73 -97.84
CA THR D 124 -56.45 -21.59 -97.16
C THR D 124 -55.31 -20.78 -96.55
N GLY D 125 -54.50 -21.44 -95.73
CA GLY D 125 -53.47 -20.80 -94.92
C GLY D 125 -53.75 -20.90 -93.43
N ASP D 126 -55.02 -21.13 -93.07
CA ASP D 126 -55.49 -21.18 -91.68
C ASP D 126 -54.94 -22.36 -90.87
N GLU D 127 -55.27 -22.36 -89.58
CA GLU D 127 -54.94 -23.46 -88.68
C GLU D 127 -55.53 -24.75 -89.20
N TYR D 128 -54.66 -25.64 -89.68
CA TYR D 128 -55.05 -26.99 -90.05
C TYR D 128 -54.19 -27.99 -89.31
N ASN D 129 -54.77 -29.15 -89.03
CA ASN D 129 -54.07 -30.25 -88.37
C ASN D 129 -54.85 -31.54 -88.58
N VAL D 130 -54.13 -32.64 -88.72
CA VAL D 130 -54.67 -33.87 -89.28
C VAL D 130 -55.17 -34.77 -88.17
N GLU D 131 -56.47 -35.04 -88.16
CA GLU D 131 -57.05 -35.99 -87.22
C GLU D 131 -56.90 -37.38 -87.81
N SER D 132 -56.42 -38.31 -86.98
CA SER D 132 -56.27 -39.69 -87.40
C SER D 132 -57.64 -40.36 -87.51
N ILE D 133 -57.89 -40.99 -88.66
CA ILE D 133 -59.18 -41.61 -88.93
C ILE D 133 -59.29 -42.96 -88.22
N ASP D 134 -60.47 -43.24 -87.67
CA ASP D 134 -60.71 -44.45 -86.90
C ASP D 134 -61.06 -45.61 -87.83
N GLY D 135 -60.51 -46.79 -87.51
CA GLY D 135 -60.55 -47.95 -88.39
C GLY D 135 -59.55 -47.88 -89.55
N GLN D 136 -58.57 -47.00 -89.43
CA GLN D 136 -57.58 -46.73 -90.47
C GLN D 136 -56.23 -46.55 -89.79
N PRO D 137 -55.12 -46.73 -90.55
CA PRO D 137 -53.81 -46.52 -89.94
C PRO D 137 -53.62 -45.07 -89.57
N GLY D 138 -53.15 -44.84 -88.35
CA GLY D 138 -53.03 -43.49 -87.79
C GLY D 138 -52.13 -42.56 -88.56
N ALA D 139 -52.33 -41.27 -88.34
CA ALA D 139 -51.54 -40.25 -89.03
C ALA D 139 -50.09 -40.34 -88.57
N PHE D 140 -49.18 -40.08 -89.51
CA PHE D 140 -47.78 -40.00 -89.18
C PHE D 140 -47.57 -38.75 -88.33
N THR D 141 -46.72 -38.85 -87.31
CA THR D 141 -46.44 -37.70 -86.46
C THR D 141 -44.93 -37.50 -86.34
N CYS D 142 -44.53 -36.25 -86.53
CA CYS D 142 -43.16 -35.81 -86.38
C CYS D 142 -43.14 -34.41 -85.83
N TYR D 143 -41.98 -34.01 -85.37
CA TYR D 143 -41.79 -32.71 -84.76
C TYR D 143 -40.85 -31.89 -85.61
N LEU D 144 -41.04 -30.57 -85.57
CA LEU D 144 -40.28 -29.67 -86.41
C LEU D 144 -38.90 -29.37 -85.79
N ASP D 145 -37.85 -29.77 -86.50
CA ASP D 145 -36.48 -29.50 -86.10
C ASP D 145 -36.02 -28.31 -86.92
N ALA D 146 -35.97 -27.16 -86.28
CA ALA D 146 -35.53 -25.94 -86.95
C ALA D 146 -34.02 -25.89 -87.10
N GLY D 147 -33.28 -26.40 -86.11
CA GLY D 147 -31.82 -26.31 -86.10
C GLY D 147 -31.38 -25.02 -85.43
N LEU D 148 -30.42 -24.31 -86.04
CA LEU D 148 -29.96 -23.01 -85.53
C LEU D 148 -30.69 -21.82 -86.16
N ALA D 149 -31.88 -22.04 -86.70
CA ALA D 149 -32.64 -20.99 -87.33
C ALA D 149 -33.36 -20.15 -86.28
N ARG D 150 -33.20 -18.83 -86.35
CA ARG D 150 -33.89 -17.92 -85.45
C ARG D 150 -35.36 -17.92 -85.83
N THR D 151 -36.12 -18.76 -85.13
CA THR D 151 -37.53 -18.96 -85.42
C THR D 151 -38.32 -17.72 -85.06
N THR D 152 -38.53 -16.89 -86.07
CA THR D 152 -39.33 -15.68 -85.96
C THR D 152 -40.46 -15.78 -86.95
N THR D 153 -41.46 -14.91 -86.75
CA THR D 153 -42.65 -14.90 -87.59
C THR D 153 -42.26 -14.71 -89.05
N GLY D 154 -42.61 -15.71 -89.87
CA GLY D 154 -42.32 -15.69 -91.28
C GLY D 154 -41.03 -16.35 -91.69
N ASN D 155 -40.53 -17.27 -90.87
CA ASN D 155 -39.33 -18.02 -91.22
C ASN D 155 -39.70 -19.17 -92.15
N LYS D 156 -38.94 -19.31 -93.24
CA LYS D 156 -39.19 -20.34 -94.28
C LYS D 156 -39.22 -21.76 -93.76
N VAL D 157 -38.63 -21.99 -92.58
CA VAL D 157 -38.74 -23.26 -91.90
C VAL D 157 -40.21 -23.61 -91.70
N PHE D 158 -40.98 -22.66 -91.21
CA PHE D 158 -42.41 -22.90 -90.95
C PHE D 158 -43.22 -23.00 -92.24
N GLY D 159 -42.73 -22.40 -93.31
CA GLY D 159 -43.28 -22.62 -94.64
C GLY D 159 -43.25 -24.09 -95.00
N ALA D 160 -42.09 -24.71 -94.84
CA ALA D 160 -41.95 -26.14 -95.07
C ALA D 160 -42.86 -26.93 -94.13
N LEU D 161 -42.95 -26.49 -92.88
CA LEU D 161 -43.88 -27.09 -91.92
C LEU D 161 -45.30 -27.05 -92.42
N LYS D 162 -45.72 -25.89 -92.90
CA LYS D 162 -47.07 -25.72 -93.41
C LYS D 162 -47.36 -26.65 -94.57
N GLY D 163 -46.43 -26.72 -95.50
CA GLY D 163 -46.52 -27.63 -96.62
C GLY D 163 -46.71 -29.06 -96.18
N ALA D 164 -45.89 -29.51 -95.22
CA ALA D 164 -45.97 -30.88 -94.68
C ALA D 164 -47.30 -31.15 -94.00
N VAL D 165 -47.75 -30.20 -93.18
CA VAL D 165 -49.04 -30.28 -92.51
C VAL D 165 -50.17 -30.45 -93.52
N ASP D 166 -50.15 -29.60 -94.54
CA ASP D 166 -51.11 -29.67 -95.63
C ASP D 166 -50.96 -30.95 -96.44
N GLY D 167 -49.73 -31.45 -96.52
CA GLY D 167 -49.47 -32.77 -97.08
C GLY D 167 -50.10 -33.94 -96.33
N GLY D 168 -50.27 -33.79 -95.02
CA GLY D 168 -50.95 -34.79 -94.18
C GLY D 168 -50.15 -35.45 -93.06
N LEU D 169 -49.13 -34.75 -92.56
CA LEU D 169 -48.39 -35.18 -91.39
C LEU D 169 -48.90 -34.42 -90.19
N SER D 170 -49.21 -35.14 -89.12
CA SER D 170 -49.64 -34.52 -87.87
C SER D 170 -48.43 -33.92 -87.16
N ILE D 171 -48.04 -32.72 -87.55
CA ILE D 171 -46.98 -31.99 -86.87
C ILE D 171 -47.63 -30.93 -85.99
N PRO D 172 -47.28 -30.90 -84.70
CA PRO D 172 -47.85 -29.87 -83.85
C PRO D 172 -47.26 -28.51 -84.17
N HIS D 173 -48.09 -27.49 -84.13
CA HIS D 173 -47.64 -26.13 -84.34
C HIS D 173 -48.70 -25.16 -83.84
N SER D 174 -48.25 -23.96 -83.48
CA SER D 174 -49.12 -22.82 -83.36
C SER D 174 -49.06 -22.07 -84.69
N THR D 175 -49.85 -21.01 -84.81
CA THR D 175 -49.80 -20.11 -85.96
C THR D 175 -49.21 -18.76 -85.58
N LYS D 176 -48.47 -18.73 -84.48
CA LYS D 176 -47.92 -17.48 -83.97
C LYS D 176 -46.79 -17.00 -84.89
N ARG D 177 -46.09 -17.92 -85.53
CA ARG D 177 -44.97 -17.55 -86.39
C ARG D 177 -45.16 -17.96 -87.85
N PHE D 178 -46.41 -18.15 -88.28
CA PHE D 178 -46.74 -18.10 -89.73
C PHE D 178 -46.85 -16.65 -90.18
N PRO D 179 -46.28 -16.30 -91.35
CA PRO D 179 -46.36 -14.92 -91.79
C PRO D 179 -47.80 -14.55 -92.05
N GLY D 180 -48.29 -13.53 -91.33
CA GLY D 180 -49.71 -13.21 -91.25
C GLY D 180 -50.14 -12.84 -89.84
N TYR D 181 -49.53 -13.51 -88.86
CA TYR D 181 -49.73 -13.18 -87.45
C TYR D 181 -49.20 -11.77 -87.17
N ASP D 182 -49.96 -11.01 -86.39
CA ASP D 182 -49.60 -9.63 -86.05
C ASP D 182 -49.16 -9.57 -84.60
N SER D 183 -47.92 -9.12 -84.39
CA SER D 183 -47.34 -9.04 -83.06
C SER D 183 -48.04 -8.03 -82.15
N GLU D 184 -48.52 -6.93 -82.74
CA GLU D 184 -49.07 -5.81 -81.97
C GLU D 184 -50.60 -5.81 -82.03
N SER D 185 -51.19 -6.99 -81.84
CA SER D 185 -52.65 -7.21 -81.99
C SER D 185 -53.04 -8.66 -81.67
N LYS D 186 -52.22 -9.60 -82.14
CA LYS D 186 -52.29 -11.02 -81.79
C LYS D 186 -53.49 -11.72 -82.42
N GLU D 187 -53.63 -11.54 -83.74
CA GLU D 187 -54.52 -12.37 -84.55
C GLU D 187 -53.84 -12.73 -85.85
N PHE D 188 -54.30 -13.83 -86.43
CA PHE D 188 -53.78 -14.37 -87.68
C PHE D 188 -54.67 -13.92 -88.84
N ASN D 189 -54.08 -13.69 -90.00
CA ASN D 189 -54.84 -13.32 -91.19
C ASN D 189 -55.25 -14.56 -91.95
N ALA D 190 -54.25 -15.35 -92.34
CA ALA D 190 -54.43 -16.52 -93.22
C ALA D 190 -54.83 -16.18 -94.66
N GLU D 191 -54.93 -14.90 -95.00
CA GLU D 191 -54.94 -14.47 -96.38
C GLU D 191 -53.56 -13.95 -96.73
N VAL D 192 -52.97 -13.16 -95.84
CA VAL D 192 -51.57 -12.78 -95.94
C VAL D 192 -50.68 -14.01 -96.12
N HIS D 193 -50.92 -15.03 -95.29
CA HIS D 193 -50.17 -16.29 -95.36
C HIS D 193 -50.34 -16.94 -96.72
N ARG D 194 -51.58 -16.97 -97.19
CA ARG D 194 -51.90 -17.52 -98.50
C ARG D 194 -51.06 -16.90 -99.60
N LYS D 195 -50.94 -15.58 -99.57
CA LYS D 195 -50.17 -14.85 -100.59
C LYS D 195 -48.72 -15.30 -100.56
N HIS D 196 -48.12 -15.27 -99.37
CA HIS D 196 -46.74 -15.75 -99.16
C HIS D 196 -46.53 -17.17 -99.67
N ILE D 197 -47.52 -18.03 -99.45
CA ILE D 197 -47.44 -19.42 -99.92
C ILE D 197 -47.35 -19.45 -101.44
N MET D 198 -48.12 -18.61 -102.11
CA MET D 198 -48.16 -18.60 -103.58
C MET D 198 -47.35 -17.45 -104.20
N GLY D 199 -46.26 -17.06 -103.54
CA GLY D 199 -45.27 -16.14 -104.11
C GLY D 199 -45.71 -14.72 -104.43
N GLN D 200 -46.85 -14.29 -103.90
CA GLN D 200 -47.38 -12.97 -104.23
C GLN D 200 -46.52 -11.85 -103.66
N ASN D 201 -45.92 -12.08 -102.49
CA ASN D 201 -44.91 -11.15 -101.94
C ASN D 201 -43.70 -10.95 -102.87
N VAL D 202 -43.35 -11.99 -103.63
CA VAL D 202 -42.30 -11.92 -104.64
C VAL D 202 -42.84 -11.21 -105.88
N ALA D 203 -44.02 -11.62 -106.32
CA ALA D 203 -44.69 -11.03 -107.48
C ALA D 203 -44.84 -9.52 -107.34
N ASP D 204 -45.37 -9.08 -106.21
CA ASP D 204 -45.53 -7.66 -105.94
C ASP D 204 -44.22 -6.88 -106.00
N TYR D 205 -43.16 -7.44 -105.42
CA TYR D 205 -41.82 -6.84 -105.49
C TYR D 205 -41.31 -6.81 -106.90
N MET D 206 -41.67 -7.82 -107.68
CA MET D 206 -41.38 -7.85 -109.11
C MET D 206 -42.13 -6.74 -109.86
N ARG D 207 -43.40 -6.51 -109.50
CA ARG D 207 -44.18 -5.41 -110.08
C ARG D 207 -43.71 -4.03 -109.64
N TYR D 208 -43.36 -3.91 -108.36
CA TYR D 208 -42.91 -2.65 -107.80
C TYR D 208 -41.59 -2.19 -108.45
N LEU D 209 -40.69 -3.13 -108.70
CA LEU D 209 -39.40 -2.79 -109.32
C LEU D 209 -39.55 -2.36 -110.78
N MET D 210 -40.38 -3.06 -111.54
CA MET D 210 -40.61 -2.75 -112.93
C MET D 210 -41.21 -1.36 -113.08
N GLU D 211 -42.14 -1.02 -112.20
CA GLU D 211 -42.71 0.32 -112.14
C GLU D 211 -41.63 1.38 -111.91
N GLU D 212 -40.81 1.16 -110.88
CA GLU D 212 -39.82 2.14 -110.45
C GLU D 212 -38.67 2.31 -111.45
N ASP D 213 -37.86 1.27 -111.61
CA ASP D 213 -36.67 1.32 -112.46
C ASP D 213 -36.39 -0.03 -113.13
N GLU D 214 -36.28 0.00 -114.46
CA GLU D 214 -36.06 -1.19 -115.27
C GLU D 214 -34.75 -1.90 -114.94
N ASP D 215 -33.70 -1.11 -114.71
CA ASP D 215 -32.33 -1.65 -114.53
C ASP D 215 -32.19 -2.52 -113.29
N ALA D 216 -32.79 -2.07 -112.19
CA ALA D 216 -32.78 -2.82 -110.93
C ALA D 216 -33.57 -4.13 -111.06
N TYR D 217 -34.78 -4.05 -111.61
CA TYR D 217 -35.60 -5.23 -111.89
C TYR D 217 -34.83 -6.27 -112.71
N LYS D 218 -34.15 -5.79 -113.73
CA LYS D 218 -33.38 -6.67 -114.63
C LYS D 218 -32.28 -7.39 -113.86
N LYS D 219 -31.64 -6.67 -112.94
CA LYS D 219 -30.57 -7.20 -112.10
C LYS D 219 -31.09 -8.19 -111.05
N GLN D 220 -32.10 -7.77 -110.30
CA GLN D 220 -32.67 -8.57 -109.20
C GLN D 220 -33.28 -9.90 -109.64
N PHE D 221 -33.96 -9.90 -110.78
CA PHE D 221 -34.76 -11.04 -111.21
C PHE D 221 -34.30 -11.60 -112.55
N SER D 222 -32.99 -11.66 -112.77
CA SER D 222 -32.47 -12.04 -114.09
C SER D 222 -32.91 -13.43 -114.53
N GLN D 223 -32.72 -14.41 -113.66
CA GLN D 223 -33.16 -15.78 -113.94
C GLN D 223 -34.68 -15.95 -113.89
N TYR D 224 -35.38 -15.02 -113.24
CA TYR D 224 -36.84 -14.95 -113.34
C TYR D 224 -37.30 -14.48 -114.71
N ILE D 225 -36.61 -13.46 -115.24
CA ILE D 225 -36.90 -12.91 -116.58
C ILE D 225 -36.54 -13.91 -117.67
N LYS D 226 -35.36 -14.51 -117.56
CA LYS D 226 -35.04 -15.71 -118.31
C LYS D 226 -35.95 -16.82 -117.78
N ASN D 227 -36.26 -17.82 -118.60
CA ASN D 227 -37.32 -18.82 -118.31
C ASN D 227 -38.77 -18.29 -118.42
N ASN D 228 -38.95 -16.98 -118.59
CA ASN D 228 -40.26 -16.36 -118.76
C ASN D 228 -41.25 -16.63 -117.63
N VAL D 229 -40.96 -16.04 -116.46
CA VAL D 229 -41.82 -16.13 -115.29
C VAL D 229 -42.24 -14.73 -114.88
N THR D 230 -43.46 -14.35 -115.25
CA THR D 230 -43.98 -13.00 -115.00
C THR D 230 -44.66 -12.93 -113.64
N PRO D 231 -45.00 -11.73 -113.17
CA PRO D 231 -45.75 -11.60 -111.91
C PRO D 231 -47.11 -12.26 -111.91
N ASP D 232 -47.84 -12.10 -113.01
CA ASP D 232 -49.20 -12.66 -113.12
C ASP D 232 -49.21 -14.17 -113.44
N MET D 233 -48.08 -14.69 -113.90
CA MET D 233 -47.89 -16.12 -114.13
C MET D 233 -47.49 -16.88 -112.85
N MET D 234 -47.32 -16.18 -111.74
CA MET D 234 -46.70 -16.74 -110.54
C MET D 234 -47.64 -17.68 -109.81
N GLU D 235 -48.79 -17.16 -109.38
CA GLU D 235 -49.70 -17.91 -108.51
C GLU D 235 -50.11 -19.23 -109.15
N GLU D 236 -50.50 -19.15 -110.41
CA GLU D 236 -50.81 -20.34 -111.20
C GLU D 236 -49.70 -21.38 -111.18
N MET D 237 -48.46 -20.92 -111.37
CA MET D 237 -47.28 -21.79 -111.42
C MET D 237 -47.19 -22.66 -110.17
N TYR D 238 -47.31 -22.04 -109.01
CA TYR D 238 -47.21 -22.78 -107.75
C TYR D 238 -48.38 -23.74 -107.57
N LYS D 239 -49.58 -23.35 -107.96
CA LYS D 239 -50.75 -24.23 -107.87
C LYS D 239 -50.62 -25.47 -108.74
N LYS D 240 -50.03 -25.31 -109.93
CA LYS D 240 -49.77 -26.44 -110.82
C LYS D 240 -48.77 -27.40 -110.18
N ALA D 241 -47.70 -26.82 -109.64
CA ALA D 241 -46.65 -27.59 -108.97
C ALA D 241 -47.22 -28.43 -107.84
N HIS D 242 -48.02 -27.79 -106.98
CA HIS D 242 -48.69 -28.48 -105.86
C HIS D 242 -49.50 -29.69 -106.34
N ALA D 243 -50.25 -29.49 -107.42
CA ALA D 243 -51.06 -30.55 -108.00
C ALA D 243 -50.20 -31.67 -108.57
N ALA D 244 -49.08 -31.31 -109.19
CA ALA D 244 -48.12 -32.29 -109.72
C ALA D 244 -47.45 -33.09 -108.61
N ILE D 245 -47.13 -32.41 -107.52
CA ILE D 245 -46.58 -33.04 -106.33
C ILE D 245 -47.60 -34.03 -105.79
N ARG D 246 -48.81 -33.55 -105.58
CA ARG D 246 -49.89 -34.37 -105.03
C ARG D 246 -50.11 -35.65 -105.83
N GLU D 247 -50.11 -35.54 -107.16
CA GLU D 247 -50.41 -36.67 -108.04
C GLU D 247 -49.29 -37.72 -108.06
N ASN D 248 -48.03 -37.28 -107.95
CA ASN D 248 -46.90 -38.20 -107.91
C ASN D 248 -45.67 -37.60 -107.23
N PRO D 249 -45.42 -37.97 -105.96
CA PRO D 249 -44.27 -37.47 -105.21
C PRO D 249 -43.02 -38.36 -105.27
N VAL D 250 -43.13 -39.57 -105.82
CA VAL D 250 -42.06 -40.56 -105.70
C VAL D 250 -40.77 -40.14 -106.40
N TYR D 251 -39.64 -40.52 -105.82
CA TYR D 251 -38.31 -40.17 -106.33
C TYR D 251 -37.66 -41.40 -106.95
N GLU D 252 -37.07 -41.23 -108.14
CA GLU D 252 -36.45 -42.36 -108.88
C GLU D 252 -34.92 -42.31 -109.01
N LYS D 253 -34.28 -41.25 -108.51
CA LYS D 253 -32.83 -41.05 -108.60
C LYS D 253 -32.37 -40.94 -110.06
N LYS D 254 -31.08 -41.15 -110.31
CA LYS D 254 -30.54 -41.32 -111.66
C LYS D 254 -29.55 -42.49 -111.66
N PRO D 255 -29.60 -43.36 -112.68
CA PRO D 255 -28.75 -44.55 -112.70
C PRO D 255 -27.29 -44.19 -113.01
N LYS D 256 -26.54 -43.87 -111.96
CA LYS D 256 -25.20 -43.32 -112.09
C LYS D 256 -24.14 -44.42 -112.28
N ARG D 257 -23.33 -44.28 -113.33
CA ARG D 257 -22.25 -45.23 -113.65
C ARG D 257 -21.27 -44.58 -114.64
N GLU D 258 -20.31 -45.35 -115.15
CA GLU D 258 -19.31 -44.89 -116.13
C GLU D 258 -18.37 -43.88 -115.48
N VAL D 259 -17.70 -44.31 -114.41
CA VAL D 259 -16.81 -43.46 -113.63
C VAL D 259 -15.36 -43.90 -113.90
N LYS D 260 -14.50 -42.91 -114.15
CA LYS D 260 -13.09 -43.17 -114.50
C LYS D 260 -12.26 -43.67 -113.30
N LYS D 261 -12.66 -43.25 -112.09
CA LYS D 261 -11.97 -43.59 -110.83
C LYS D 261 -10.55 -43.04 -110.83
N LYS D 262 -10.46 -41.72 -110.66
CA LYS D 262 -9.18 -41.03 -110.59
C LYS D 262 -9.13 -40.14 -109.35
N ARG D 263 -7.91 -39.87 -108.90
CA ARG D 263 -7.68 -39.12 -107.67
C ARG D 263 -7.58 -37.62 -107.96
N TRP D 264 -8.67 -36.90 -107.67
CA TRP D 264 -8.66 -35.43 -107.66
C TRP D 264 -7.86 -34.85 -106.51
N ASN D 265 -7.80 -35.62 -105.42
CA ASN D 265 -7.21 -35.17 -104.19
C ASN D 265 -5.69 -35.35 -104.21
N ARG D 266 -5.06 -35.22 -103.06
CA ARG D 266 -3.63 -35.43 -102.89
C ARG D 266 -3.44 -36.48 -101.81
N PRO D 267 -2.73 -37.58 -102.11
CA PRO D 267 -2.59 -38.64 -101.12
C PRO D 267 -1.60 -38.28 -100.02
N LYS D 268 -1.75 -38.94 -98.87
CA LYS D 268 -0.94 -38.61 -97.70
C LYS D 268 0.49 -39.14 -97.86
N MET D 269 1.45 -38.29 -97.52
CA MET D 269 2.87 -38.51 -97.78
C MET D 269 3.39 -39.57 -96.81
N SER D 270 4.03 -40.62 -97.33
CA SER D 270 4.46 -41.75 -96.50
C SER D 270 5.61 -41.39 -95.57
N LEU D 271 5.74 -42.13 -94.48
CA LEU D 271 6.77 -41.89 -93.47
C LEU D 271 8.13 -41.75 -94.09
N ALA D 272 8.48 -42.75 -94.90
CA ALA D 272 9.77 -42.82 -95.52
C ALA D 272 10.10 -41.58 -96.36
N GLN D 273 9.13 -41.09 -97.12
CA GLN D 273 9.28 -39.85 -97.89
C GLN D 273 9.57 -38.67 -96.99
N LYS D 274 8.80 -38.54 -95.92
CA LYS D 274 8.99 -37.47 -94.94
C LYS D 274 10.36 -37.59 -94.28
N LYS D 275 10.74 -38.83 -93.94
CA LYS D 275 12.06 -39.12 -93.37
C LYS D 275 13.19 -38.73 -94.32
N ASP D 276 12.98 -39.01 -95.60
CA ASP D 276 13.91 -38.59 -96.65
C ASP D 276 13.98 -37.09 -96.79
N ARG D 277 12.82 -36.43 -96.89
CA ARG D 277 12.76 -34.99 -97.08
C ARG D 277 13.68 -34.24 -96.12
N VAL D 278 13.60 -34.57 -94.83
CA VAL D 278 14.35 -33.82 -93.83
C VAL D 278 15.84 -34.00 -94.05
N ALA D 279 16.25 -35.22 -94.39
CA ALA D 279 17.66 -35.52 -94.68
C ALA D 279 18.19 -34.70 -95.87
N GLN D 280 17.34 -34.51 -96.87
CA GLN D 280 17.69 -33.68 -98.03
C GLN D 280 17.81 -32.20 -97.68
N LYS D 281 16.89 -31.73 -96.83
CA LYS D 281 16.96 -30.36 -96.34
C LYS D 281 18.23 -30.13 -95.54
N LYS D 282 18.58 -31.10 -94.70
CA LYS D 282 19.79 -31.03 -93.87
C LYS D 282 21.01 -30.94 -94.77
N ALA D 283 21.11 -31.88 -95.71
CA ALA D 283 22.19 -31.89 -96.71
C ALA D 283 22.24 -30.58 -97.49
N SER D 284 21.08 -30.15 -97.99
CA SER D 284 20.96 -28.89 -98.71
C SER D 284 21.44 -27.70 -97.89
N PHE D 285 21.05 -27.66 -96.61
CA PHE D 285 21.49 -26.59 -95.74
C PHE D 285 23.01 -26.59 -95.54
N LEU D 286 23.59 -27.78 -95.45
CA LEU D 286 25.04 -27.89 -95.29
C LEU D 286 25.78 -27.47 -96.54
N ARG D 287 25.41 -28.02 -97.70
CA ARG D 287 26.12 -27.73 -98.95
C ARG D 287 26.02 -26.24 -99.33
N ALA D 288 24.88 -25.62 -99.05
CA ALA D 288 24.67 -24.20 -99.33
C ALA D 288 25.58 -23.31 -98.47
N GLN D 289 25.67 -23.63 -97.18
CA GLN D 289 26.49 -22.82 -96.26
C GLN D 289 27.99 -22.98 -96.48
N GLU D 290 28.41 -24.13 -97.03
CA GLU D 290 29.83 -24.37 -97.37
C GLU D 290 30.18 -23.78 -98.74
N ARG D 291 30.07 -22.46 -98.83
CA ARG D 291 30.34 -21.70 -100.06
C ARG D 291 30.66 -20.24 -99.70
N ALA D 292 29.68 -19.57 -99.11
CA ALA D 292 29.83 -18.19 -98.65
C ALA D 292 30.45 -18.15 -97.26
N PRO E 1 -1.49 -140.23 -51.70
CA PRO E 1 -1.27 -139.16 -50.73
C PRO E 1 0.08 -138.46 -50.93
N HIS E 2 0.23 -137.86 -52.12
CA HIS E 2 1.46 -137.16 -52.52
C HIS E 2 1.75 -135.98 -51.58
N CYS E 3 3.00 -135.57 -51.51
CA CYS E 3 3.40 -134.35 -50.79
C CYS E 3 3.01 -133.08 -51.59
N SER E 4 3.63 -131.95 -51.26
CA SER E 4 3.24 -130.67 -51.82
C SER E 4 3.83 -130.34 -53.19
N ARG E 5 3.02 -130.33 -54.24
CA ARG E 5 3.57 -130.23 -55.60
C ARG E 5 4.27 -128.91 -55.92
N ASN E 6 3.88 -127.80 -55.29
CA ASN E 6 4.77 -126.61 -55.30
C ASN E 6 5.46 -126.38 -53.99
N PRO E 7 6.76 -126.03 -54.06
CA PRO E 7 7.48 -125.71 -52.84
C PRO E 7 7.12 -124.32 -52.34
N VAL E 8 7.62 -124.00 -51.16
CA VAL E 8 7.40 -122.70 -50.54
C VAL E 8 8.51 -121.77 -51.01
N LEU E 9 8.11 -120.57 -51.42
CA LEU E 9 9.04 -119.51 -51.79
C LEU E 9 9.28 -118.63 -50.57
N VAL E 10 8.18 -118.11 -50.04
CA VAL E 10 8.10 -117.36 -48.80
C VAL E 10 6.87 -117.90 -48.09
N ARG E 11 6.81 -117.74 -46.77
CA ARG E 11 5.58 -118.06 -46.04
C ARG E 11 4.40 -117.46 -46.79
N GLY E 12 3.50 -118.32 -47.26
CA GLY E 12 2.27 -117.90 -47.91
C GLY E 12 2.32 -117.75 -49.43
N ILE E 13 3.52 -117.76 -50.00
CA ILE E 13 3.66 -117.61 -51.43
C ILE E 13 4.34 -118.84 -51.99
N GLY E 14 3.60 -119.53 -52.85
CA GLY E 14 4.15 -120.64 -53.61
C GLY E 14 5.09 -120.19 -54.72
N ARG E 15 6.01 -121.09 -55.09
CA ARG E 15 6.97 -120.85 -56.16
C ARG E 15 6.26 -120.77 -57.52
N TYR E 16 5.23 -121.59 -57.74
CA TYR E 16 4.69 -121.76 -59.10
C TYR E 16 3.60 -120.75 -59.49
N SER E 17 2.32 -121.12 -59.46
CA SER E 17 1.23 -120.18 -59.83
C SER E 17 -0.13 -120.85 -59.63
N ARG E 18 -1.14 -120.38 -60.34
CA ARG E 18 -2.37 -121.13 -60.52
C ARG E 18 -2.13 -122.04 -61.73
N SER E 19 -1.81 -121.41 -62.86
CA SER E 19 -1.72 -122.08 -64.15
C SER E 19 -0.61 -123.08 -64.26
N ALA E 20 0.53 -122.77 -63.67
CA ALA E 20 1.63 -123.72 -63.55
C ALA E 20 1.22 -124.93 -62.72
N MET E 21 0.41 -124.71 -61.69
CA MET E 21 -0.05 -125.79 -60.85
C MET E 21 -1.06 -126.67 -61.56
N TYR E 22 -1.98 -126.04 -62.28
CA TYR E 22 -2.95 -126.73 -63.11
C TYR E 22 -2.24 -127.74 -63.99
N SER E 23 -1.11 -127.32 -64.55
CA SER E 23 -0.32 -128.19 -65.41
C SER E 23 0.29 -129.37 -64.64
N ARG E 24 0.86 -129.09 -63.47
CA ARG E 24 1.54 -130.12 -62.67
C ARG E 24 0.60 -131.14 -62.05
N LYS E 25 -0.41 -130.67 -61.33
CA LYS E 25 -1.38 -131.59 -60.78
C LYS E 25 -2.02 -132.30 -61.96
N ALA E 26 -2.26 -131.53 -63.01
CA ALA E 26 -2.87 -132.08 -64.22
C ALA E 26 -4.37 -132.19 -64.04
N LEU E 27 -5.02 -131.03 -64.09
CA LEU E 27 -6.48 -130.94 -64.02
C LEU E 27 -7.10 -131.35 -65.34
N TYR E 28 -6.38 -131.13 -66.44
CA TYR E 28 -6.62 -131.86 -67.66
C TYR E 28 -6.44 -133.35 -67.40
N LYS E 29 -7.33 -134.17 -67.92
CA LYS E 29 -7.33 -135.64 -67.71
C LYS E 29 -7.75 -136.11 -66.30
N ARG E 30 -7.91 -135.19 -65.34
CA ARG E 30 -8.46 -135.50 -64.03
C ARG E 30 -9.78 -134.73 -63.87
N LYS E 31 -10.70 -135.00 -64.79
CA LYS E 31 -12.01 -134.36 -64.86
C LYS E 31 -13.06 -135.39 -64.45
N TYR E 32 -13.90 -135.04 -63.46
CA TYR E 32 -14.76 -136.00 -62.77
C TYR E 32 -16.23 -135.86 -63.14
N ALA E 33 -16.62 -136.46 -64.27
CA ALA E 33 -18.00 -136.40 -64.76
C ALA E 33 -18.95 -137.21 -63.86
N ALA E 34 -19.52 -136.51 -62.87
CA ALA E 34 -20.48 -137.10 -61.93
C ALA E 34 -21.75 -136.23 -61.88
N PRO E 35 -22.83 -136.74 -62.46
CA PRO E 35 -24.10 -136.02 -62.51
C PRO E 35 -24.86 -136.16 -61.19
N VAL E 48 -37.07 -138.79 -38.34
CA VAL E 48 -37.14 -139.93 -37.43
C VAL E 48 -38.54 -140.56 -37.49
N LEU E 49 -39.55 -139.79 -37.07
CA LEU E 49 -40.95 -140.20 -37.05
C LEU E 49 -41.22 -141.54 -36.34
N ALA E 50 -40.94 -142.66 -37.01
CA ALA E 50 -41.15 -144.01 -36.48
C ALA E 50 -39.83 -144.73 -36.27
N THR E 51 -39.02 -144.78 -37.33
CA THR E 51 -37.67 -145.36 -37.28
C THR E 51 -36.77 -144.53 -36.35
N VAL E 52 -36.48 -145.08 -35.17
CA VAL E 52 -35.68 -144.40 -34.14
C VAL E 52 -34.22 -144.26 -34.59
N THR E 53 -33.60 -143.14 -34.23
CA THR E 53 -32.25 -142.82 -34.72
C THR E 53 -31.17 -143.58 -33.95
N LYS E 54 -30.89 -143.16 -32.70
CA LYS E 54 -29.80 -143.74 -31.89
C LYS E 54 -30.16 -143.92 -30.40
N PRO E 55 -30.91 -144.99 -30.06
CA PRO E 55 -31.11 -145.52 -28.71
C PRO E 55 -30.74 -147.04 -28.62
N VAL E 56 -31.64 -147.89 -28.08
CA VAL E 56 -31.71 -149.38 -28.29
C VAL E 56 -31.10 -150.22 -27.15
N GLY E 57 -31.83 -151.28 -26.76
CA GLY E 57 -31.40 -152.24 -25.73
C GLY E 57 -32.25 -153.51 -25.71
N GLY E 58 -32.14 -154.29 -24.63
CA GLY E 58 -32.85 -155.57 -24.45
C GLY E 58 -33.98 -155.47 -23.43
N ASP E 59 -34.07 -156.47 -22.54
CA ASP E 59 -34.89 -156.48 -21.28
C ASP E 59 -36.10 -157.44 -21.36
N LYS E 60 -36.52 -157.92 -20.18
CA LYS E 60 -37.52 -159.00 -20.04
C LYS E 60 -39.00 -158.60 -20.29
N ASN E 61 -39.83 -158.49 -19.25
CA ASN E 61 -41.30 -158.67 -19.39
C ASN E 61 -42.01 -157.39 -19.83
N GLY E 62 -42.94 -157.56 -20.78
CA GLY E 62 -43.52 -156.47 -21.55
C GLY E 62 -42.89 -156.40 -22.94
N GLY E 63 -41.58 -156.63 -23.00
CA GLY E 63 -40.84 -156.63 -24.27
C GLY E 63 -39.45 -156.05 -24.08
N THR E 64 -38.80 -155.71 -25.19
CA THR E 64 -37.51 -155.01 -25.15
C THR E 64 -37.74 -153.51 -25.04
N ARG E 65 -36.95 -152.87 -24.18
CA ARG E 65 -37.04 -151.42 -23.98
C ARG E 65 -36.18 -150.65 -24.98
N VAL E 66 -36.61 -149.43 -25.28
CA VAL E 66 -35.85 -148.48 -26.07
C VAL E 66 -35.26 -147.48 -25.09
N VAL E 67 -33.96 -147.55 -24.87
CA VAL E 67 -33.26 -146.62 -23.97
C VAL E 67 -33.05 -145.28 -24.68
N LYS E 68 -32.11 -144.47 -24.19
CA LYS E 68 -31.66 -143.29 -24.93
C LYS E 68 -30.24 -142.96 -24.48
N LEU E 69 -29.28 -143.07 -25.41
CA LEU E 69 -27.91 -142.68 -25.12
C LEU E 69 -27.88 -141.16 -25.06
N ARG E 70 -27.16 -140.61 -24.09
CA ARG E 70 -27.05 -139.14 -23.90
C ARG E 70 -28.42 -138.53 -23.61
N LYS E 71 -28.89 -138.69 -22.38
CA LYS E 71 -30.24 -138.30 -21.98
C LYS E 71 -30.24 -136.89 -21.43
N MET E 72 -31.32 -136.14 -21.72
CA MET E 72 -31.39 -134.70 -21.44
C MET E 72 -31.26 -134.40 -19.95
N PRO E 73 -30.66 -133.25 -19.61
CA PRO E 73 -30.04 -133.09 -18.31
C PRO E 73 -31.03 -132.87 -17.17
N ARG E 74 -30.58 -133.22 -15.97
CA ARG E 74 -31.42 -133.19 -14.77
C ARG E 74 -31.39 -131.87 -14.00
N TYR E 75 -30.70 -130.87 -14.52
CA TYR E 75 -30.67 -129.56 -13.89
C TYR E 75 -30.16 -128.54 -14.88
N TYR E 76 -30.75 -127.35 -14.84
CA TYR E 76 -30.26 -126.21 -15.58
C TYR E 76 -29.94 -125.11 -14.60
N PRO E 77 -28.82 -124.42 -14.80
CA PRO E 77 -28.51 -123.28 -13.95
C PRO E 77 -29.36 -122.09 -14.32
N THR E 78 -29.46 -121.13 -13.39
CA THR E 78 -30.37 -120.00 -13.52
C THR E 78 -29.94 -118.99 -14.57
N GLU E 79 -28.65 -118.94 -14.84
CA GLU E 79 -28.15 -118.20 -16.00
C GLU E 79 -26.81 -118.78 -16.39
N ASP E 80 -26.45 -118.67 -17.67
CA ASP E 80 -25.16 -119.17 -18.17
C ASP E 80 -24.60 -118.36 -19.33
N VAL E 81 -23.28 -118.46 -19.49
CA VAL E 81 -22.55 -117.64 -20.47
C VAL E 81 -22.78 -118.14 -21.89
N PRO E 82 -22.61 -117.24 -22.89
CA PRO E 82 -23.16 -117.52 -24.20
C PRO E 82 -22.11 -117.66 -25.32
N ARG E 83 -21.39 -118.79 -25.36
CA ARG E 83 -20.47 -119.11 -26.47
C ARG E 83 -19.35 -118.07 -26.63
N LYS E 84 -18.61 -118.13 -27.74
CA LYS E 84 -17.62 -117.11 -28.08
C LYS E 84 -17.74 -116.73 -29.58
N LEU E 85 -16.63 -116.67 -30.31
CA LEU E 85 -16.62 -116.15 -31.69
C LEU E 85 -15.55 -116.78 -32.62
N LEU E 86 -15.19 -118.04 -32.36
CA LEU E 86 -14.32 -118.83 -33.26
C LEU E 86 -12.83 -118.46 -33.32
N SER E 87 -12.51 -117.30 -33.88
CA SER E 87 -11.18 -116.67 -33.64
C SER E 87 -9.90 -117.33 -34.22
N HIS E 88 -10.06 -118.14 -35.25
CA HIS E 88 -9.11 -118.06 -36.38
C HIS E 88 -7.72 -118.72 -36.23
N GLY E 89 -6.85 -118.25 -35.35
CA GLY E 89 -5.42 -118.69 -35.40
C GLY E 89 -4.72 -118.84 -34.07
N ARG E 90 -5.49 -119.28 -33.09
CA ARG E 90 -4.94 -119.60 -31.80
C ARG E 90 -4.83 -121.11 -31.76
N LYS E 91 -3.60 -121.57 -31.71
CA LYS E 91 -3.30 -122.98 -31.49
C LYS E 91 -2.87 -123.23 -30.06
N PRO E 92 -3.05 -124.47 -29.57
CA PRO E 92 -2.53 -124.82 -28.26
C PRO E 92 -1.03 -125.03 -28.30
N PHE E 93 -0.41 -124.82 -27.13
CA PHE E 93 1.03 -124.98 -26.94
C PHE E 93 1.63 -126.19 -27.64
N SER E 94 0.95 -127.34 -27.55
CA SER E 94 1.39 -128.54 -28.23
C SER E 94 1.63 -128.29 -29.71
N GLN E 95 0.66 -127.66 -30.37
CA GLN E 95 0.70 -127.44 -31.82
C GLN E 95 1.60 -126.29 -32.29
N HIS E 96 2.20 -125.54 -31.36
CA HIS E 96 3.05 -124.40 -31.72
C HIS E 96 4.29 -124.85 -32.46
N VAL E 97 4.95 -123.87 -33.08
CA VAL E 97 6.25 -124.07 -33.72
C VAL E 97 7.37 -123.61 -32.79
N ARG E 98 8.45 -124.38 -32.73
CA ARG E 98 9.49 -124.19 -31.73
C ARG E 98 10.72 -123.56 -32.36
N LYS E 99 11.33 -122.62 -31.63
CA LYS E 99 12.46 -121.83 -32.12
C LYS E 99 13.71 -122.23 -31.36
N LEU E 100 14.83 -121.67 -31.79
CA LEU E 100 16.11 -121.86 -31.12
C LEU E 100 17.05 -120.76 -31.57
N ARG E 101 17.81 -120.18 -30.64
CA ARG E 101 18.87 -119.25 -31.03
C ARG E 101 19.94 -120.04 -31.75
N ALA E 102 20.35 -119.57 -32.91
CA ALA E 102 21.36 -120.24 -33.73
C ALA E 102 22.62 -120.55 -32.95
N SER E 103 22.98 -119.64 -32.04
CA SER E 103 24.06 -119.83 -31.06
C SER E 103 24.06 -121.21 -30.41
N ILE E 104 22.88 -121.64 -29.97
CA ILE E 104 22.75 -122.95 -29.37
C ILE E 104 22.68 -124.02 -30.47
N THR E 105 23.76 -124.76 -30.62
CA THR E 105 23.80 -125.97 -31.44
C THR E 105 24.11 -127.12 -30.48
N PRO E 106 23.78 -128.36 -30.86
CA PRO E 106 24.06 -129.48 -29.95
C PRO E 106 25.53 -129.59 -29.58
N GLY E 107 25.78 -129.88 -28.31
CA GLY E 107 27.13 -129.95 -27.76
C GLY E 107 27.79 -128.62 -27.46
N THR E 108 27.06 -127.51 -27.63
CA THR E 108 27.59 -126.22 -27.23
C THR E 108 27.46 -126.09 -25.72
N ILE E 109 28.23 -125.16 -25.16
CA ILE E 109 28.24 -124.91 -23.72
C ILE E 109 27.43 -123.69 -23.40
N LEU E 110 26.67 -123.78 -22.31
CA LEU E 110 25.77 -122.74 -21.88
C LEU E 110 26.17 -122.22 -20.52
N ILE E 111 25.64 -121.05 -20.16
CA ILE E 111 25.68 -120.57 -18.77
C ILE E 111 24.23 -120.52 -18.32
N ILE E 112 23.86 -121.43 -17.43
CA ILE E 112 22.49 -121.50 -16.95
C ILE E 112 22.33 -120.46 -15.85
N LEU E 113 21.47 -119.47 -16.11
CA LEU E 113 21.45 -118.21 -15.37
C LEU E 113 20.54 -118.13 -14.17
N THR E 114 19.51 -118.96 -14.11
CA THR E 114 18.35 -118.66 -13.27
C THR E 114 18.18 -119.52 -12.01
N GLY E 115 18.26 -120.84 -12.12
CA GLY E 115 17.76 -121.74 -11.08
C GLY E 115 18.59 -121.84 -9.82
N ARG E 116 18.65 -123.03 -9.21
CA ARG E 116 19.63 -123.30 -8.18
C ARG E 116 21.00 -123.54 -8.83
N HIS E 117 20.96 -124.08 -10.05
CA HIS E 117 22.17 -124.25 -10.84
C HIS E 117 22.46 -122.95 -11.59
N ARG E 118 22.89 -121.98 -10.81
CA ARG E 118 22.85 -120.59 -11.19
C ARG E 118 24.25 -120.12 -11.46
N GLY E 119 24.53 -119.78 -12.72
CA GLY E 119 25.87 -119.42 -13.14
C GLY E 119 26.77 -120.62 -13.39
N LYS E 120 26.27 -121.84 -13.16
CA LYS E 120 27.01 -123.05 -13.50
C LYS E 120 27.07 -123.18 -15.02
N ARG E 121 28.16 -123.73 -15.52
CA ARG E 121 28.27 -124.05 -16.94
C ARG E 121 27.80 -125.48 -17.20
N VAL E 122 27.59 -125.81 -18.46
CA VAL E 122 26.76 -126.96 -18.80
C VAL E 122 26.94 -127.31 -20.26
N VAL E 123 26.70 -128.57 -20.62
CA VAL E 123 26.68 -128.99 -22.02
C VAL E 123 25.26 -129.19 -22.54
N PHE E 124 24.91 -128.41 -23.56
CA PHE E 124 23.62 -128.53 -24.20
C PHE E 124 23.58 -129.82 -25.02
N LEU E 125 22.48 -130.54 -24.88
CA LEU E 125 22.28 -131.84 -25.51
C LEU E 125 21.35 -131.71 -26.69
N LYS E 126 20.07 -131.48 -26.41
CA LYS E 126 19.03 -131.46 -27.45
C LYS E 126 17.85 -130.56 -27.10
N GLN E 127 17.23 -130.01 -28.13
CA GLN E 127 15.96 -129.31 -27.99
C GLN E 127 14.89 -130.38 -27.86
N LEU E 128 14.16 -130.36 -26.75
CA LEU E 128 13.09 -131.33 -26.52
C LEU E 128 11.83 -130.93 -27.28
N SER E 129 10.82 -131.79 -27.27
CA SER E 129 9.53 -131.53 -27.92
C SER E 129 8.86 -130.25 -27.44
N SER E 130 8.89 -130.01 -26.12
CA SER E 130 8.41 -128.76 -25.52
C SER E 130 8.95 -127.50 -26.19
N GLY E 131 10.24 -127.51 -26.51
CA GLY E 131 10.96 -126.30 -26.86
C GLY E 131 11.94 -125.89 -25.77
N LEU E 132 11.93 -126.62 -24.67
CA LEU E 132 12.99 -126.56 -23.68
C LEU E 132 14.26 -127.19 -24.22
N LEU E 133 15.38 -126.85 -23.59
CA LEU E 133 16.66 -127.47 -23.86
C LEU E 133 16.92 -128.56 -22.84
N LEU E 134 17.36 -129.74 -23.29
CA LEU E 134 17.93 -130.75 -22.40
C LEU E 134 19.37 -130.41 -22.21
N VAL E 135 19.89 -130.71 -21.04
CA VAL E 135 21.15 -130.17 -20.64
C VAL E 135 21.83 -131.09 -19.64
N THR E 136 23.16 -131.13 -19.69
CA THR E 136 23.96 -131.91 -18.76
C THR E 136 25.29 -131.22 -18.53
N GLY E 137 25.51 -130.75 -17.32
CA GLY E 137 26.84 -130.32 -16.86
C GLY E 137 27.41 -131.53 -16.15
N PRO E 138 28.08 -132.44 -16.91
CA PRO E 138 28.27 -133.84 -16.48
C PRO E 138 28.34 -134.02 -14.97
N LEU E 139 27.19 -134.37 -14.39
CA LEU E 139 26.95 -134.54 -12.94
C LEU E 139 28.21 -134.76 -12.11
N SER E 140 29.16 -135.48 -12.69
CA SER E 140 30.49 -135.66 -12.10
C SER E 140 31.34 -134.40 -11.96
N LEU E 141 31.36 -133.55 -12.98
CA LEU E 141 32.12 -132.29 -12.89
C LEU E 141 31.44 -131.17 -12.13
N ASN E 142 30.21 -130.90 -12.53
CA ASN E 142 29.50 -129.67 -12.22
C ASN E 142 28.44 -129.82 -11.14
N ARG E 143 27.85 -131.01 -11.07
CA ARG E 143 26.74 -131.32 -10.18
C ARG E 143 25.44 -130.81 -10.78
N VAL E 144 25.27 -131.05 -12.08
CA VAL E 144 24.09 -130.68 -12.82
C VAL E 144 23.66 -131.85 -13.69
N PRO E 145 22.60 -132.54 -13.32
CA PRO E 145 22.20 -133.77 -14.02
C PRO E 145 21.61 -133.52 -15.42
N LEU E 146 21.02 -134.56 -16.01
CA LEU E 146 20.20 -134.41 -17.20
C LEU E 146 18.98 -133.64 -16.75
N ARG E 147 18.78 -132.48 -17.36
CA ARG E 147 17.89 -131.47 -16.81
C ARG E 147 17.39 -130.56 -17.93
N ARG E 148 16.13 -130.18 -17.84
CA ARG E 148 15.55 -129.27 -18.83
C ARG E 148 15.98 -127.85 -18.46
N THR E 149 16.00 -126.96 -19.45
CA THR E 149 16.19 -125.53 -19.23
C THR E 149 15.50 -124.77 -20.34
N HIS E 150 15.43 -123.46 -20.18
CA HIS E 150 14.86 -122.56 -21.19
C HIS E 150 15.96 -121.84 -21.92
N GLN E 151 15.87 -121.81 -23.25
CA GLN E 151 16.65 -120.88 -24.09
C GLN E 151 16.89 -119.52 -23.46
N LYS E 152 15.83 -118.95 -22.92
CA LYS E 152 15.78 -117.54 -22.54
C LYS E 152 16.57 -117.20 -21.28
N PHE E 153 16.72 -118.17 -20.38
CA PHE E 153 17.47 -117.97 -19.14
C PHE E 153 18.80 -118.69 -19.19
N VAL E 154 19.50 -118.51 -20.31
CA VAL E 154 20.68 -119.29 -20.66
C VAL E 154 21.51 -118.49 -21.64
N ILE E 155 22.82 -118.40 -21.39
CA ILE E 155 23.73 -117.72 -22.29
C ILE E 155 24.49 -118.76 -23.09
N ALA E 156 24.32 -118.73 -24.41
CA ALA E 156 25.04 -119.63 -25.30
C ALA E 156 26.47 -119.15 -25.53
N THR E 157 27.38 -119.67 -24.73
CA THR E 157 28.81 -119.43 -24.88
C THR E 157 29.33 -120.06 -26.17
N SER E 158 30.36 -119.44 -26.77
CA SER E 158 30.97 -119.95 -28.00
C SER E 158 32.09 -120.93 -27.68
N THR E 159 31.69 -122.08 -27.14
CA THR E 159 32.59 -123.19 -26.85
C THR E 159 31.81 -124.48 -27.09
N LYS E 160 32.25 -125.26 -28.07
CA LYS E 160 31.53 -126.45 -28.47
C LYS E 160 32.38 -127.70 -28.37
N ILE E 161 31.86 -128.69 -27.66
CA ILE E 161 32.41 -130.03 -27.68
C ILE E 161 31.80 -130.60 -28.95
N ASP E 162 32.48 -131.53 -29.60
CA ASP E 162 31.89 -132.25 -30.75
C ASP E 162 31.15 -133.48 -30.23
N ILE E 163 29.83 -133.37 -30.14
CA ILE E 163 28.99 -134.39 -29.52
C ILE E 163 28.26 -135.25 -30.54
N SER E 164 28.61 -135.10 -31.83
CA SER E 164 27.85 -135.63 -32.96
C SER E 164 27.31 -137.04 -32.75
N GLY E 165 28.22 -138.01 -32.58
CA GLY E 165 27.87 -139.42 -32.48
C GLY E 165 27.77 -139.96 -31.06
N VAL E 166 26.89 -139.38 -30.25
CA VAL E 166 26.48 -139.98 -28.97
C VAL E 166 25.00 -140.30 -29.03
N LYS E 167 24.65 -141.54 -28.73
CA LYS E 167 23.27 -141.97 -28.78
C LYS E 167 22.59 -141.60 -27.48
N ILE E 168 22.01 -140.41 -27.45
CA ILE E 168 21.14 -140.00 -26.36
C ILE E 168 19.91 -140.93 -26.37
N PRO E 169 19.52 -141.46 -25.20
CA PRO E 169 18.38 -142.39 -25.17
C PRO E 169 17.10 -141.81 -25.79
N LYS E 170 16.39 -142.63 -26.54
CA LYS E 170 15.17 -142.21 -27.20
C LYS E 170 14.06 -141.98 -26.19
N HIS E 171 14.02 -142.84 -25.17
CA HIS E 171 12.96 -142.80 -24.18
C HIS E 171 12.99 -141.55 -23.31
N LEU E 172 14.15 -140.91 -23.16
CA LEU E 172 14.20 -139.67 -22.36
C LEU E 172 13.67 -138.46 -23.14
N THR E 173 12.51 -138.00 -22.69
CA THR E 173 11.77 -136.95 -23.35
C THR E 173 11.08 -136.07 -22.32
N ASP E 174 10.73 -134.88 -22.79
CA ASP E 174 9.87 -133.92 -22.10
C ASP E 174 8.95 -134.53 -21.04
N ALA E 175 8.26 -135.62 -21.41
CA ALA E 175 7.34 -136.32 -20.53
C ALA E 175 7.99 -136.85 -19.25
N TYR E 176 9.17 -137.44 -19.39
CA TYR E 176 9.87 -138.05 -18.24
C TYR E 176 10.43 -136.98 -17.29
N PHE E 177 11.06 -135.94 -17.82
CA PHE E 177 11.58 -134.85 -16.99
C PHE E 177 10.46 -133.94 -16.49
N LYS E 178 9.52 -134.48 -15.74
CA LYS E 178 8.28 -133.77 -15.40
C LYS E 178 7.91 -134.13 -13.98
N LYS E 179 7.43 -133.14 -13.21
CA LYS E 179 7.20 -133.35 -11.78
C LYS E 179 5.95 -134.19 -11.54
N LYS E 180 5.95 -134.92 -10.44
CA LYS E 180 5.12 -136.13 -10.31
C LYS E 180 3.93 -136.04 -9.36
N GLN E 181 4.19 -135.64 -8.11
CA GLN E 181 3.36 -136.04 -6.96
C GLN E 181 2.02 -135.30 -6.77
N LEU E 182 1.27 -135.78 -5.76
CA LEU E 182 0.10 -135.13 -5.13
C LEU E 182 -1.25 -135.36 -5.81
N ARG E 183 -2.16 -136.05 -5.09
CA ARG E 183 -3.57 -136.21 -5.47
C ARG E 183 -4.46 -135.43 -4.48
N LYS E 184 -5.78 -135.57 -4.60
CA LYS E 184 -6.73 -134.59 -4.04
C LYS E 184 -7.07 -134.74 -2.54
N PRO E 185 -7.83 -135.80 -2.16
CA PRO E 185 -8.56 -135.74 -0.89
C PRO E 185 -7.75 -136.14 0.36
N ARG E 186 -7.68 -137.43 0.71
CA ARG E 186 -6.99 -137.91 1.93
C ARG E 186 -7.61 -137.33 3.23
N HIS E 187 -6.87 -137.37 4.35
CA HIS E 187 -7.31 -136.82 5.64
C HIS E 187 -7.45 -135.29 5.61
N GLN E 188 -6.51 -134.63 4.93
CA GLN E 188 -6.55 -133.18 4.65
C GLN E 188 -6.43 -132.29 5.90
N GLU E 189 -7.54 -132.11 6.63
CA GLU E 189 -7.63 -131.08 7.66
C GLU E 189 -7.02 -131.55 8.99
N GLY E 190 -6.18 -130.69 9.58
CA GLY E 190 -5.46 -131.00 10.81
C GLY E 190 -4.05 -130.41 10.78
N GLU E 191 -3.04 -131.26 10.99
CA GLU E 191 -1.64 -130.87 10.87
C GLU E 191 -0.85 -131.95 10.11
N ILE E 192 -1.42 -132.41 9.00
CA ILE E 192 -0.89 -133.54 8.20
C ILE E 192 -1.29 -133.38 6.72
N PHE E 193 -0.97 -134.39 5.90
CA PHE E 193 -1.32 -134.49 4.46
C PHE E 193 -0.37 -133.69 3.57
N ASP E 194 0.63 -134.41 3.02
CA ASP E 194 1.47 -133.93 1.91
C ASP E 194 2.28 -132.63 2.10
N THR E 195 2.28 -132.08 3.31
CA THR E 195 3.34 -131.18 3.75
C THR E 195 4.59 -132.04 4.00
N GLU E 196 4.34 -133.27 4.45
CA GLU E 196 5.36 -134.33 4.47
C GLU E 196 5.49 -134.92 3.03
N LYS E 197 5.52 -136.25 2.87
CA LYS E 197 6.04 -136.92 1.65
C LYS E 197 7.54 -136.64 1.52
N GLU E 198 7.88 -135.35 1.55
CA GLU E 198 9.18 -134.81 1.97
C GLU E 198 10.15 -134.67 0.81
N LYS E 199 10.63 -135.79 0.29
CA LYS E 199 11.75 -135.81 -0.63
C LYS E 199 11.34 -136.26 -2.01
N TYR E 200 11.82 -135.54 -3.03
CA TYR E 200 11.92 -136.09 -4.37
C TYR E 200 13.07 -137.09 -4.31
N GLU E 201 12.74 -138.37 -4.41
CA GLU E 201 13.76 -139.41 -4.53
C GLU E 201 14.20 -139.48 -5.97
N ILE E 202 15.48 -139.83 -6.16
CA ILE E 202 16.12 -139.75 -7.47
C ILE E 202 15.66 -140.86 -8.42
N THR E 203 15.41 -142.05 -7.89
CA THR E 203 15.06 -143.23 -8.69
C THR E 203 16.28 -143.80 -9.40
N GLU E 204 16.20 -145.06 -9.79
CA GLU E 204 17.34 -145.79 -10.35
C GLU E 204 17.44 -145.63 -11.87
N GLN E 205 16.30 -145.55 -12.56
CA GLN E 205 16.28 -145.31 -14.01
C GLN E 205 16.96 -144.00 -14.36
N ARG E 206 16.69 -142.98 -13.56
CA ARG E 206 17.32 -141.67 -13.73
C ARG E 206 18.84 -141.74 -13.62
N LYS E 207 19.34 -142.47 -12.62
CA LYS E 207 20.79 -142.62 -12.41
C LYS E 207 21.47 -143.42 -13.51
N VAL E 208 20.78 -144.43 -14.04
CA VAL E 208 21.29 -145.22 -15.17
C VAL E 208 21.39 -144.37 -16.43
N ASP E 209 20.38 -143.54 -16.68
CA ASP E 209 20.39 -142.62 -17.83
C ASP E 209 21.55 -141.65 -17.77
N GLN E 210 21.71 -141.02 -16.62
CA GLN E 210 22.84 -140.12 -16.35
C GLN E 210 24.15 -140.84 -16.66
N LYS E 211 24.34 -142.00 -16.05
CA LYS E 211 25.48 -142.87 -16.32
C LYS E 211 25.74 -143.04 -17.82
N ALA E 212 24.69 -143.42 -18.55
CA ALA E 212 24.80 -143.75 -19.97
C ALA E 212 25.16 -142.57 -20.85
N VAL E 213 24.56 -141.42 -20.57
CA VAL E 213 24.84 -140.19 -21.32
C VAL E 213 26.20 -139.61 -20.95
N ASP E 214 26.50 -139.55 -19.65
CA ASP E 214 27.72 -138.89 -19.19
C ASP E 214 28.97 -139.61 -19.72
N SER E 215 28.97 -140.94 -19.68
CA SER E 215 30.10 -141.72 -20.16
C SER E 215 30.46 -141.39 -21.61
N GLN E 216 29.44 -141.22 -22.44
CA GLN E 216 29.63 -140.82 -23.84
C GLN E 216 30.16 -139.40 -23.98
N ILE E 217 29.60 -138.47 -23.20
CA ILE E 217 30.02 -137.06 -23.22
C ILE E 217 31.43 -136.86 -22.65
N LEU E 218 31.67 -137.41 -21.47
CA LEU E 218 32.73 -136.93 -20.62
C LEU E 218 34.06 -137.17 -21.31
N PRO E 219 34.17 -138.36 -22.00
CA PRO E 219 35.47 -138.54 -22.68
C PRO E 219 35.73 -137.46 -23.71
N LYS E 220 34.72 -137.02 -24.43
CA LYS E 220 34.94 -135.96 -25.41
C LYS E 220 35.40 -134.64 -24.79
N ILE E 221 34.86 -134.28 -23.64
CA ILE E 221 35.25 -133.00 -23.00
C ILE E 221 36.66 -133.03 -22.40
N LYS E 222 37.14 -134.23 -22.05
CA LYS E 222 38.52 -134.40 -21.56
C LYS E 222 39.55 -134.36 -22.70
N ALA E 223 39.09 -134.54 -23.93
CA ALA E 223 39.93 -134.35 -25.13
C ALA E 223 40.28 -132.87 -25.37
N VAL E 224 39.40 -131.97 -24.97
CA VAL E 224 39.67 -130.54 -25.02
C VAL E 224 40.37 -130.13 -23.72
N PRO E 225 41.63 -129.63 -23.80
CA PRO E 225 42.37 -129.33 -22.57
C PRO E 225 41.80 -128.14 -21.78
N GLN E 226 41.74 -128.30 -20.46
CA GLN E 226 41.20 -127.34 -19.49
C GLN E 226 39.67 -127.27 -19.45
N LEU E 227 39.00 -127.91 -20.41
CA LEU E 227 37.56 -127.77 -20.56
C LEU E 227 36.81 -128.35 -19.38
N GLN E 228 37.28 -129.47 -18.84
CA GLN E 228 36.67 -130.03 -17.64
C GLN E 228 36.77 -129.07 -16.47
N GLY E 229 37.90 -128.37 -16.36
CA GLY E 229 38.06 -127.34 -15.34
C GLY E 229 37.09 -126.18 -15.54
N TYR E 230 36.96 -125.74 -16.78
CA TYR E 230 36.02 -124.69 -17.16
C TYR E 230 34.62 -125.05 -16.74
N LEU E 231 34.19 -126.25 -17.12
CA LEU E 231 32.87 -126.73 -16.74
C LEU E 231 32.70 -126.87 -15.23
N ARG E 232 33.76 -127.19 -14.51
CA ARG E 232 33.71 -127.17 -13.05
C ARG E 232 33.45 -125.78 -12.49
N SER E 233 34.09 -124.77 -13.08
CA SER E 233 33.95 -123.41 -12.60
C SER E 233 32.52 -122.86 -12.73
N VAL E 234 32.30 -121.74 -12.05
CA VAL E 234 31.02 -121.03 -12.08
C VAL E 234 31.26 -119.68 -12.71
N PHE E 235 30.25 -119.17 -13.40
CA PHE E 235 30.30 -117.86 -14.02
C PHE E 235 29.82 -116.79 -13.06
N ALA E 236 30.44 -115.62 -13.15
CA ALA E 236 30.00 -114.44 -12.39
C ALA E 236 30.63 -113.17 -12.93
N LEU E 237 29.96 -112.05 -12.71
CA LEU E 237 30.45 -110.75 -13.10
C LEU E 237 31.24 -110.15 -11.96
N THR E 238 32.45 -109.69 -12.24
CA THR E 238 33.26 -108.99 -11.25
C THR E 238 33.36 -107.49 -11.59
N ASN E 239 34.18 -106.76 -10.84
CA ASN E 239 34.42 -105.34 -11.10
C ASN E 239 35.10 -105.09 -12.43
N GLY E 240 34.55 -104.15 -13.19
CA GLY E 240 35.17 -103.69 -14.43
C GLY E 240 34.91 -104.58 -15.64
N VAL E 241 33.90 -105.43 -15.56
CA VAL E 241 33.53 -106.31 -16.67
C VAL E 241 32.03 -106.22 -16.84
N TYR E 242 31.63 -105.92 -18.07
CA TYR E 242 30.26 -105.55 -18.40
C TYR E 242 29.76 -106.45 -19.51
N PRO E 243 28.64 -107.16 -19.27
CA PRO E 243 28.07 -108.11 -20.21
C PRO E 243 28.09 -107.65 -21.66
N HIS E 244 27.71 -106.40 -21.90
CA HIS E 244 27.67 -105.86 -23.26
C HIS E 244 29.03 -105.82 -23.91
N LYS E 245 30.06 -105.58 -23.11
CA LYS E 245 31.42 -105.48 -23.62
C LYS E 245 31.97 -106.84 -23.98
N LEU E 246 31.94 -107.77 -23.03
CA LEU E 246 32.59 -109.09 -23.20
C LEU E 246 31.73 -109.98 -24.09
N VAL E 247 32.35 -111.04 -24.59
CA VAL E 247 31.71 -111.96 -25.52
C VAL E 247 31.60 -113.34 -24.90
N PHE E 248 30.53 -114.04 -25.28
CA PHE E 248 30.42 -115.48 -25.08
C PHE E 248 29.46 -116.07 -26.11
N ASN F 1 -42.53 -130.14 -53.20
CA ASN F 1 -42.17 -128.89 -52.46
C ASN F 1 -40.69 -128.81 -52.10
N PHE F 2 -40.23 -129.77 -51.30
CA PHE F 2 -39.01 -129.61 -50.50
C PHE F 2 -37.71 -129.69 -51.28
N ALA F 3 -37.50 -130.80 -51.99
CA ALA F 3 -36.28 -131.00 -52.78
C ALA F 3 -36.16 -130.04 -53.96
N GLU F 4 -37.30 -129.65 -54.53
CA GLU F 4 -37.34 -128.64 -55.60
C GLU F 4 -36.85 -127.28 -55.12
N LEU F 5 -37.30 -126.87 -53.93
CA LEU F 5 -36.83 -125.63 -53.30
C LEU F 5 -35.34 -125.73 -52.95
N LYS F 6 -34.96 -126.81 -52.28
CA LYS F 6 -33.57 -127.05 -51.87
C LYS F 6 -32.60 -126.90 -53.04
N ILE F 7 -32.89 -127.61 -54.13
CA ILE F 7 -32.09 -127.53 -55.35
C ILE F 7 -32.03 -126.09 -55.87
N LYS F 8 -33.17 -125.41 -55.89
CA LYS F 8 -33.24 -124.01 -56.34
C LYS F 8 -32.33 -123.13 -55.48
N ARG F 9 -32.38 -123.33 -54.16
CA ARG F 9 -31.52 -122.60 -53.24
C ARG F 9 -30.04 -122.92 -53.43
N LEU F 10 -29.71 -124.18 -53.70
CA LEU F 10 -28.33 -124.56 -54.02
C LEU F 10 -27.86 -123.98 -55.34
N ARG F 11 -28.73 -123.93 -56.33
CA ARG F 11 -28.44 -123.30 -57.62
C ARG F 11 -28.06 -121.83 -57.40
N LYS F 12 -28.93 -121.12 -56.70
CA LYS F 12 -28.69 -119.70 -56.39
C LYS F 12 -27.32 -119.52 -55.76
N LYS F 13 -27.03 -120.33 -54.76
CA LYS F 13 -25.74 -120.30 -54.04
C LYS F 13 -24.53 -120.43 -54.97
N PHE F 14 -24.63 -121.31 -55.95
CA PHE F 14 -23.55 -121.49 -56.92
C PHE F 14 -23.44 -120.28 -57.84
N ALA F 15 -24.56 -119.86 -58.40
CA ALA F 15 -24.59 -118.69 -59.28
C ALA F 15 -23.90 -117.49 -58.64
N GLN F 16 -24.14 -117.30 -57.34
CA GLN F 16 -23.46 -116.28 -56.56
C GLN F 16 -21.96 -116.47 -56.53
N LYS F 17 -21.54 -117.69 -56.18
CA LYS F 17 -20.13 -118.04 -56.09
C LYS F 17 -19.43 -117.79 -57.42
N MET F 18 -20.06 -118.21 -58.52
CA MET F 18 -19.53 -117.95 -59.86
C MET F 18 -19.31 -116.46 -60.10
N LEU F 19 -20.31 -115.65 -59.74
CA LEU F 19 -20.24 -114.21 -59.94
C LEU F 19 -19.07 -113.61 -59.18
N ARG F 20 -18.95 -113.96 -57.91
CA ARG F 20 -17.85 -113.49 -57.09
C ARG F 20 -16.50 -113.88 -57.70
N LYS F 21 -16.39 -115.13 -58.15
CA LYS F 21 -15.20 -115.60 -58.89
C LYS F 21 -14.89 -114.72 -60.08
N ALA F 22 -15.92 -114.40 -60.86
CA ALA F 22 -15.75 -113.57 -62.07
C ALA F 22 -15.31 -112.16 -61.75
N ARG F 23 -15.92 -111.58 -60.74
CA ARG F 23 -15.53 -110.25 -60.27
C ARG F 23 -14.10 -110.26 -59.79
N ARG F 24 -13.73 -111.32 -59.08
CA ARG F 24 -12.38 -111.44 -58.54
C ARG F 24 -11.33 -111.47 -59.64
N LYS F 25 -11.62 -112.20 -60.71
CA LYS F 25 -10.71 -112.26 -61.84
C LYS F 25 -10.61 -110.91 -62.55
N LEU F 26 -11.73 -110.21 -62.71
CA LEU F 26 -11.75 -108.90 -63.35
C LEU F 26 -10.80 -107.97 -62.66
N ILE F 27 -10.99 -107.87 -61.36
CA ILE F 27 -10.12 -107.09 -60.49
C ILE F 27 -8.67 -107.45 -60.73
N TYR F 28 -8.38 -108.74 -60.74
CA TYR F 28 -7.02 -109.22 -60.93
C TYR F 28 -6.42 -108.76 -62.24
N GLU F 29 -7.20 -108.74 -63.31
CA GLU F 29 -6.71 -108.27 -64.61
C GLU F 29 -6.58 -106.76 -64.69
N LYS F 30 -7.48 -106.02 -64.05
CA LYS F 30 -7.37 -104.56 -63.96
C LYS F 30 -6.08 -104.16 -63.24
N ALA F 31 -5.75 -104.88 -62.18
CA ALA F 31 -4.51 -104.63 -61.46
C ALA F 31 -3.31 -104.92 -62.33
N LYS F 32 -3.38 -106.01 -63.08
CA LYS F 32 -2.32 -106.38 -64.00
C LYS F 32 -2.14 -105.32 -65.06
N HIS F 33 -3.25 -104.78 -65.51
CA HIS F 33 -3.26 -103.77 -66.55
C HIS F 33 -2.73 -102.44 -66.07
N TYR F 34 -3.08 -102.07 -64.85
CA TYR F 34 -2.58 -100.82 -64.30
C TYR F 34 -1.09 -100.94 -63.99
N HIS F 35 -0.63 -102.16 -63.70
CA HIS F 35 0.79 -102.40 -63.50
C HIS F 35 1.58 -102.13 -64.76
N LYS F 36 1.04 -102.61 -65.87
CA LYS F 36 1.61 -102.38 -67.17
C LYS F 36 1.49 -100.91 -67.59
N GLU F 37 0.40 -100.26 -67.25
CA GLU F 37 0.24 -98.83 -67.52
C GLU F 37 1.27 -97.97 -66.81
N TYR F 38 1.43 -98.20 -65.52
CA TYR F 38 2.37 -97.41 -64.72
C TYR F 38 3.80 -97.62 -65.21
N ARG F 39 4.12 -98.86 -65.56
CA ARG F 39 5.42 -99.22 -66.14
C ARG F 39 5.68 -98.42 -67.41
N GLN F 40 4.67 -98.32 -68.26
CA GLN F 40 4.77 -97.58 -69.51
C GLN F 40 4.91 -96.08 -69.26
N MET F 41 4.15 -95.55 -68.31
CA MET F 41 4.24 -94.12 -67.96
C MET F 41 5.63 -93.73 -67.48
N TYR F 42 6.19 -94.54 -66.60
CA TYR F 42 7.51 -94.27 -66.02
C TYR F 42 8.59 -94.32 -67.07
N ARG F 43 8.51 -95.29 -67.95
CA ARG F 43 9.53 -95.48 -68.97
C ARG F 43 9.45 -94.35 -69.98
N THR F 44 8.24 -93.99 -70.39
CA THR F 44 8.09 -93.06 -71.50
C THR F 44 8.47 -91.64 -71.17
N GLU F 45 8.49 -91.27 -69.90
CA GLU F 45 9.06 -89.98 -69.50
C GLU F 45 10.58 -89.96 -69.63
N ILE F 46 11.20 -91.12 -69.40
CA ILE F 46 12.63 -91.29 -69.60
C ILE F 46 12.92 -91.32 -71.09
N ARG F 47 12.22 -92.22 -71.78
CA ARG F 47 12.27 -92.31 -73.24
C ARG F 47 12.35 -90.93 -73.90
N MET F 48 11.43 -90.04 -73.54
CA MET F 48 11.34 -88.70 -74.12
C MET F 48 12.60 -87.91 -73.87
N ALA F 49 12.97 -87.81 -72.61
CA ALA F 49 14.10 -86.99 -72.23
C ALA F 49 15.36 -87.45 -72.91
N ARG F 50 15.63 -88.76 -72.90
CA ARG F 50 16.80 -89.31 -73.59
C ARG F 50 16.86 -88.86 -75.06
N MET F 51 15.71 -88.82 -75.71
CA MET F 51 15.63 -88.44 -77.13
C MET F 51 15.84 -86.94 -77.32
N ALA F 52 15.43 -86.15 -76.34
CA ALA F 52 15.74 -84.72 -76.33
C ALA F 52 17.23 -84.50 -76.12
N ARG F 53 17.82 -85.24 -75.18
CA ARG F 53 19.25 -85.10 -74.89
C ARG F 53 20.13 -85.60 -76.03
N LYS F 54 19.61 -86.48 -76.87
CA LYS F 54 20.36 -86.95 -78.04
C LYS F 54 20.60 -85.80 -79.00
N ALA F 55 19.54 -85.05 -79.28
CA ALA F 55 19.66 -83.75 -79.92
C ALA F 55 20.05 -82.72 -78.86
N GLY F 56 20.57 -81.58 -79.30
CA GLY F 56 20.78 -80.44 -78.42
C GLY F 56 19.43 -79.85 -78.13
N ASN F 57 18.75 -80.41 -77.14
CA ASN F 57 17.32 -80.20 -76.94
C ASN F 57 16.96 -80.53 -75.49
N PHE F 58 15.80 -80.07 -75.05
CA PHE F 58 15.29 -80.35 -73.69
C PHE F 58 13.88 -80.89 -73.76
N TYR F 59 13.55 -81.78 -72.83
CA TYR F 59 12.18 -82.27 -72.68
C TYR F 59 11.66 -81.76 -71.37
N VAL F 60 10.84 -80.72 -71.44
CA VAL F 60 10.16 -80.22 -70.26
C VAL F 60 8.99 -81.17 -70.10
N PRO F 61 8.93 -81.91 -68.99
CA PRO F 61 7.85 -82.87 -68.80
C PRO F 61 6.60 -82.15 -68.32
N ALA F 62 5.52 -82.92 -68.24
CA ALA F 62 4.22 -82.35 -67.91
C ALA F 62 4.23 -81.73 -66.53
N GLU F 63 3.62 -80.57 -66.39
CA GLU F 63 3.37 -80.00 -65.08
C GLU F 63 2.47 -80.98 -64.35
N PRO F 64 2.69 -81.14 -63.03
CA PRO F 64 2.03 -82.24 -62.30
C PRO F 64 0.52 -82.06 -62.05
N LYS F 65 -0.25 -83.10 -62.32
CA LYS F 65 -1.71 -83.04 -62.29
C LYS F 65 -2.30 -83.04 -60.88
N LEU F 66 -1.60 -83.67 -59.94
CA LEU F 66 -2.16 -83.98 -58.61
C LEU F 66 -1.11 -83.77 -57.53
N ALA F 67 -1.55 -83.28 -56.37
CA ALA F 67 -0.66 -83.02 -55.25
C ALA F 67 -1.24 -83.44 -53.94
N PHE F 68 -0.37 -83.83 -53.00
CA PHE F 68 -0.76 -84.17 -51.64
C PHE F 68 -0.49 -82.99 -50.73
N VAL F 69 -1.47 -82.65 -49.89
CA VAL F 69 -1.44 -81.42 -49.11
C VAL F 69 -1.65 -81.77 -47.65
N ILE F 70 -0.63 -81.49 -46.84
CA ILE F 70 -0.63 -81.77 -45.42
C ILE F 70 -0.69 -80.47 -44.65
N ARG F 71 -1.72 -80.29 -43.83
CA ARG F 71 -1.75 -79.15 -42.94
C ARG F 71 -0.73 -79.36 -41.83
N ILE F 72 0.21 -78.42 -41.72
CA ILE F 72 1.33 -78.54 -40.76
C ILE F 72 1.33 -77.52 -39.63
N ARG F 73 0.29 -76.70 -39.50
CA ARG F 73 0.13 -75.92 -38.29
C ARG F 73 -1.30 -75.78 -37.86
N GLY F 74 -1.44 -75.51 -36.57
CA GLY F 74 -2.63 -75.82 -35.79
C GLY F 74 -3.80 -74.90 -35.99
N ILE F 75 -4.77 -75.04 -35.09
CA ILE F 75 -6.09 -74.49 -35.31
C ILE F 75 -6.42 -73.26 -34.46
N ASN F 76 -5.40 -72.59 -33.92
CA ASN F 76 -5.62 -71.42 -33.08
C ASN F 76 -5.10 -70.22 -33.82
N GLY F 77 -5.88 -69.13 -33.81
CA GLY F 77 -5.43 -67.85 -34.32
C GLY F 77 -5.23 -67.81 -35.81
N VAL F 78 -6.22 -68.32 -36.53
CA VAL F 78 -6.08 -68.48 -37.95
C VAL F 78 -7.03 -67.51 -38.65
N SER F 79 -6.47 -66.80 -39.62
CA SER F 79 -7.20 -65.81 -40.42
C SER F 79 -8.50 -66.37 -40.99
N PRO F 80 -9.50 -65.50 -41.24
CA PRO F 80 -10.80 -66.02 -41.71
C PRO F 80 -10.76 -66.62 -43.10
N LYS F 81 -10.11 -65.95 -44.04
CA LYS F 81 -10.01 -66.45 -45.40
C LYS F 81 -9.20 -67.74 -45.49
N VAL F 82 -8.09 -67.76 -44.76
CA VAL F 82 -7.26 -68.97 -44.67
C VAL F 82 -8.07 -70.14 -44.12
N ARG F 83 -8.73 -69.91 -43.00
CA ARG F 83 -9.56 -70.92 -42.35
C ARG F 83 -10.63 -71.52 -43.27
N LYS F 84 -11.23 -70.68 -44.11
CA LYS F 84 -12.26 -71.14 -45.03
C LYS F 84 -11.65 -72.09 -46.04
N VAL F 85 -10.54 -71.67 -46.66
CA VAL F 85 -9.85 -72.49 -47.65
C VAL F 85 -9.40 -73.81 -47.08
N LEU F 86 -8.87 -73.79 -45.88
CA LEU F 86 -8.45 -75.02 -45.26
C LEU F 86 -9.61 -75.97 -45.13
N GLN F 87 -10.79 -75.49 -44.75
CA GLN F 87 -11.96 -76.37 -44.67
C GLN F 87 -12.74 -76.55 -45.98
N LEU F 88 -12.24 -75.97 -47.07
CA LEU F 88 -12.60 -76.38 -48.44
C LEU F 88 -11.68 -77.44 -49.00
N LEU F 89 -10.46 -77.54 -48.48
CA LEU F 89 -9.60 -78.65 -48.83
C LEU F 89 -9.83 -79.88 -47.94
N ARG F 90 -10.62 -79.73 -46.88
CA ARG F 90 -10.82 -80.78 -45.87
C ARG F 90 -9.59 -80.95 -45.00
N LEU F 91 -9.09 -79.84 -44.46
CA LEU F 91 -7.92 -79.84 -43.59
C LEU F 91 -8.22 -79.14 -42.28
N ARG F 92 -9.06 -79.77 -41.50
CA ARG F 92 -9.47 -79.22 -40.23
C ARG F 92 -8.39 -79.44 -39.17
N GLN F 93 -8.16 -80.68 -38.75
CA GLN F 93 -7.04 -81.04 -37.86
C GLN F 93 -5.69 -80.70 -38.47
N ILE F 94 -4.69 -80.56 -37.61
CA ILE F 94 -3.29 -80.56 -38.02
C ILE F 94 -2.88 -81.97 -38.42
N PHE F 95 -1.95 -82.07 -39.36
CA PHE F 95 -1.49 -83.34 -39.91
C PHE F 95 -2.56 -84.18 -40.61
N ASN F 96 -3.56 -83.53 -41.17
CA ASN F 96 -4.42 -84.19 -42.12
C ASN F 96 -3.84 -83.95 -43.49
N GLY F 97 -3.89 -84.97 -44.33
CA GLY F 97 -3.49 -84.82 -45.70
C GLY F 97 -4.68 -85.04 -46.61
N THR F 98 -4.59 -84.52 -47.82
CA THR F 98 -5.56 -84.79 -48.86
C THR F 98 -4.90 -84.75 -50.20
N PHE F 99 -5.43 -85.49 -51.15
CA PHE F 99 -5.06 -85.31 -52.53
C PHE F 99 -5.86 -84.15 -53.06
N VAL F 100 -5.24 -83.41 -53.97
CA VAL F 100 -5.81 -82.23 -54.57
C VAL F 100 -5.41 -82.23 -56.03
N LYS F 101 -6.35 -82.08 -56.94
CA LYS F 101 -5.98 -81.99 -58.36
C LYS F 101 -5.64 -80.54 -58.67
N LEU F 102 -4.56 -80.36 -59.43
CA LEU F 102 -3.95 -79.07 -59.64
C LEU F 102 -4.56 -78.41 -60.86
N ASN F 103 -4.73 -77.11 -60.74
CA ASN F 103 -5.22 -76.28 -61.82
C ASN F 103 -5.23 -74.85 -61.34
N LYS F 104 -5.26 -73.92 -62.28
CA LYS F 104 -5.22 -72.50 -61.96
C LYS F 104 -6.03 -72.15 -60.71
N ALA F 105 -7.26 -72.67 -60.62
CA ALA F 105 -8.14 -72.40 -59.49
C ALA F 105 -7.60 -72.99 -58.20
N SER F 106 -7.33 -74.30 -58.23
CA SER F 106 -6.81 -74.99 -57.06
C SER F 106 -5.46 -74.47 -56.58
N ILE F 107 -4.58 -74.12 -57.50
CA ILE F 107 -3.25 -73.65 -57.13
C ILE F 107 -3.36 -72.34 -56.39
N ASN F 108 -4.18 -71.42 -56.89
CA ASN F 108 -4.35 -70.14 -56.22
C ASN F 108 -4.92 -70.32 -54.80
N MET F 109 -5.75 -71.34 -54.59
CA MET F 109 -6.20 -71.68 -53.24
C MET F 109 -5.06 -72.19 -52.36
N LEU F 110 -4.20 -73.05 -52.89
CA LEU F 110 -3.05 -73.50 -52.12
C LEU F 110 -2.13 -72.36 -51.73
N ARG F 111 -2.08 -71.34 -52.57
CA ARG F 111 -1.25 -70.16 -52.30
C ARG F 111 -1.82 -69.32 -51.18
N ILE F 112 -3.14 -69.22 -51.10
CA ILE F 112 -3.74 -68.41 -50.03
C ILE F 112 -3.55 -69.08 -48.67
N VAL F 113 -3.31 -70.39 -48.63
CA VAL F 113 -3.00 -71.08 -47.36
C VAL F 113 -1.56 -71.61 -47.22
N GLU F 114 -0.60 -70.96 -47.89
CA GLU F 114 0.79 -71.49 -47.95
C GLU F 114 1.43 -71.75 -46.62
N PRO F 115 1.44 -70.76 -45.72
CA PRO F 115 2.14 -70.95 -44.44
C PRO F 115 1.47 -71.92 -43.47
N TYR F 116 0.27 -72.40 -43.83
CA TYR F 116 -0.46 -73.38 -43.06
C TYR F 116 -0.31 -74.80 -43.59
N ILE F 117 0.33 -74.99 -44.74
CA ILE F 117 0.46 -76.31 -45.30
C ILE F 117 1.83 -76.58 -45.83
N ALA F 118 2.12 -77.87 -45.94
CA ALA F 118 3.19 -78.39 -46.75
C ALA F 118 2.50 -79.18 -47.81
N TRP F 119 3.01 -79.13 -49.02
CA TRP F 119 2.42 -79.94 -50.08
C TRP F 119 3.37 -80.17 -51.23
N GLY F 120 3.02 -81.12 -52.08
CA GLY F 120 3.86 -81.44 -53.23
C GLY F 120 3.28 -82.57 -54.03
N TYR F 121 4.07 -83.06 -54.96
CA TYR F 121 3.59 -84.00 -55.94
C TYR F 121 3.96 -85.40 -55.49
N PRO F 122 2.95 -86.20 -55.10
CA PRO F 122 3.22 -87.47 -54.49
C PRO F 122 3.65 -88.50 -55.52
N ASN F 123 4.38 -89.50 -55.04
CA ASN F 123 4.82 -90.63 -55.85
C ASN F 123 3.65 -91.55 -56.12
N LEU F 124 3.89 -92.62 -56.87
CA LEU F 124 2.94 -93.71 -56.91
C LEU F 124 2.97 -94.40 -55.56
N LYS F 125 4.16 -94.75 -55.09
CA LYS F 125 4.27 -95.42 -53.80
C LYS F 125 3.47 -94.67 -52.74
N SER F 126 3.71 -93.37 -52.64
CA SER F 126 3.02 -92.52 -51.67
C SER F 126 1.52 -92.71 -51.75
N VAL F 127 0.96 -92.71 -52.95
CA VAL F 127 -0.47 -92.93 -53.09
C VAL F 127 -0.85 -94.31 -52.60
N ASN F 128 -0.04 -95.33 -52.89
CA ASN F 128 -0.37 -96.67 -52.43
C ASN F 128 -0.33 -96.76 -50.92
N GLU F 129 0.75 -96.28 -50.33
CA GLU F 129 0.90 -96.31 -48.88
C GLU F 129 -0.25 -95.62 -48.18
N LEU F 130 -0.55 -94.41 -48.61
CA LEU F 130 -1.65 -93.66 -48.03
C LEU F 130 -2.93 -94.47 -48.09
N ILE F 131 -3.32 -94.89 -49.28
CA ILE F 131 -4.63 -95.51 -49.44
C ILE F 131 -4.68 -96.82 -48.66
N TYR F 132 -3.69 -97.70 -48.81
CA TYR F 132 -3.75 -98.98 -48.11
C TYR F 132 -3.65 -98.83 -46.60
N LYS F 133 -2.64 -98.10 -46.13
CA LYS F 133 -2.43 -97.99 -44.70
C LYS F 133 -3.49 -97.18 -44.00
N ARG F 134 -3.92 -96.08 -44.65
CA ARG F 134 -4.81 -95.09 -44.02
C ARG F 134 -5.99 -94.70 -44.91
N GLY F 135 -6.51 -95.67 -45.66
CA GLY F 135 -7.63 -95.42 -46.55
C GLY F 135 -8.94 -95.71 -45.87
N TYR F 136 -9.75 -94.66 -45.69
CA TYR F 136 -11.05 -94.77 -45.08
C TYR F 136 -12.08 -94.08 -45.96
N GLY F 137 -13.14 -94.81 -46.31
CA GLY F 137 -14.18 -94.32 -47.21
C GLY F 137 -15.30 -93.63 -46.44
N LYS F 138 -15.82 -92.56 -47.02
CA LYS F 138 -16.93 -91.82 -46.45
C LYS F 138 -18.24 -92.47 -46.89
N ILE F 139 -18.78 -93.30 -46.02
CA ILE F 139 -19.86 -94.21 -46.38
C ILE F 139 -21.07 -93.93 -45.48
N ASN F 140 -22.12 -93.35 -46.06
CA ASN F 140 -23.24 -92.82 -45.29
C ASN F 140 -22.76 -91.82 -44.23
N LYS F 141 -21.78 -91.01 -44.61
CA LYS F 141 -21.17 -89.99 -43.74
C LYS F 141 -20.38 -90.54 -42.54
N LYS F 142 -20.16 -91.85 -42.51
CA LYS F 142 -19.41 -92.49 -41.45
C LYS F 142 -18.04 -92.81 -42.00
N ARG F 143 -16.99 -92.23 -41.41
CA ARG F 143 -15.62 -92.65 -41.68
C ARG F 143 -15.47 -94.16 -41.41
N ILE F 144 -15.19 -94.92 -42.47
CA ILE F 144 -15.15 -96.36 -42.41
C ILE F 144 -13.92 -96.85 -43.12
N ALA F 145 -13.27 -97.85 -42.55
CA ALA F 145 -12.03 -98.37 -43.10
C ALA F 145 -12.30 -99.21 -44.32
N LEU F 146 -11.43 -99.07 -45.32
CA LEU F 146 -11.54 -99.81 -46.58
C LEU F 146 -10.89 -101.18 -46.44
N THR F 147 -11.62 -102.08 -45.79
CA THR F 147 -11.13 -103.42 -45.51
C THR F 147 -11.43 -104.40 -46.64
N ASP F 148 -12.45 -104.10 -47.43
CA ASP F 148 -12.81 -104.94 -48.56
C ASP F 148 -13.34 -104.10 -49.71
N ASN F 149 -13.19 -104.63 -50.92
CA ASN F 149 -13.62 -103.95 -52.13
C ASN F 149 -15.11 -103.64 -52.13
N ALA F 150 -15.90 -104.59 -51.64
CA ALA F 150 -17.33 -104.44 -51.47
C ALA F 150 -17.74 -103.05 -51.02
N LEU F 151 -16.95 -102.41 -50.15
CA LEU F 151 -17.21 -101.03 -49.72
C LEU F 151 -16.99 -100.03 -50.81
N ILE F 152 -15.83 -100.10 -51.43
CA ILE F 152 -15.48 -99.16 -52.50
C ILE F 152 -16.44 -99.32 -53.65
N ALA F 153 -16.63 -100.56 -54.09
CA ALA F 153 -17.57 -100.83 -55.16
C ALA F 153 -18.95 -100.29 -54.82
N ARG F 154 -19.43 -100.57 -53.63
CA ARG F 154 -20.78 -100.14 -53.21
C ARG F 154 -21.00 -98.64 -53.40
N SER F 155 -19.97 -97.83 -53.16
CA SER F 155 -20.07 -96.38 -53.25
C SER F 155 -19.68 -95.85 -54.63
N LEU F 156 -18.58 -96.36 -55.19
CA LEU F 156 -17.99 -95.83 -56.43
C LEU F 156 -18.29 -96.66 -57.68
N GLY F 157 -18.92 -97.81 -57.51
CA GLY F 157 -19.13 -98.74 -58.61
C GLY F 157 -19.83 -98.19 -59.84
N LYS F 158 -20.59 -97.11 -59.65
CA LYS F 158 -21.20 -96.39 -60.75
C LYS F 158 -20.21 -95.62 -61.63
N TYR F 159 -18.92 -95.61 -61.27
CA TYR F 159 -17.89 -94.94 -62.05
C TYR F 159 -16.82 -95.87 -62.66
N GLY F 160 -17.09 -97.17 -62.70
CA GLY F 160 -16.08 -98.13 -63.11
C GLY F 160 -14.92 -98.19 -62.13
N ILE F 161 -15.20 -97.95 -60.85
CA ILE F 161 -14.22 -98.08 -59.78
C ILE F 161 -14.78 -99.17 -58.89
N ILE F 162 -14.11 -100.31 -58.87
CA ILE F 162 -14.63 -101.51 -58.21
C ILE F 162 -13.65 -102.24 -57.29
N CYS F 163 -12.50 -101.64 -57.04
CA CYS F 163 -11.56 -102.21 -56.07
C CYS F 163 -10.56 -101.16 -55.65
N MET F 164 -9.77 -101.47 -54.64
CA MET F 164 -8.81 -100.51 -54.11
C MET F 164 -7.82 -100.04 -55.19
N GLU F 165 -7.43 -100.97 -56.05
CA GLU F 165 -6.53 -100.67 -57.17
C GLU F 165 -7.10 -99.61 -58.10
N ASP F 166 -8.38 -99.71 -58.41
CA ASP F 166 -9.07 -98.73 -59.26
C ASP F 166 -9.12 -97.36 -58.60
N LEU F 167 -9.29 -97.37 -57.30
CA LEU F 167 -9.29 -96.13 -56.53
C LEU F 167 -7.95 -95.47 -56.70
N ILE F 168 -6.88 -96.21 -56.40
CA ILE F 168 -5.50 -95.73 -56.59
C ILE F 168 -5.25 -95.22 -58.00
N HIS F 169 -5.75 -95.95 -58.99
CA HIS F 169 -5.61 -95.55 -60.37
C HIS F 169 -6.28 -94.24 -60.64
N GLU F 170 -7.47 -94.05 -60.09
CA GLU F 170 -8.21 -92.81 -60.35
C GLU F 170 -7.55 -91.61 -59.69
N ILE F 171 -7.06 -91.80 -58.47
CA ILE F 171 -6.38 -90.73 -57.72
C ILE F 171 -5.05 -90.36 -58.34
N TYR F 172 -4.29 -91.34 -58.78
CA TYR F 172 -2.95 -91.10 -59.29
C TYR F 172 -2.96 -90.53 -60.70
N THR F 173 -3.82 -91.08 -61.55
CA THR F 173 -3.92 -90.61 -62.92
C THR F 173 -4.74 -89.32 -63.03
N VAL F 174 -5.55 -89.05 -62.01
CA VAL F 174 -6.48 -87.92 -62.00
C VAL F 174 -7.44 -88.11 -63.17
N GLY F 175 -8.18 -89.21 -63.11
CA GLY F 175 -9.10 -89.60 -64.17
C GLY F 175 -10.35 -88.74 -64.19
N LYS F 176 -11.26 -89.07 -65.10
CA LYS F 176 -12.54 -88.39 -65.17
C LYS F 176 -13.15 -88.28 -63.78
N ARG F 177 -13.21 -89.42 -63.10
CA ARG F 177 -13.96 -89.57 -61.87
C ARG F 177 -13.08 -89.32 -60.63
N PHE F 178 -12.13 -88.40 -60.72
CA PHE F 178 -11.20 -88.13 -59.62
C PHE F 178 -11.96 -87.53 -58.47
N LYS F 179 -12.70 -86.45 -58.75
CA LYS F 179 -13.45 -85.71 -57.71
C LYS F 179 -14.24 -86.65 -56.82
N GLU F 180 -14.88 -87.62 -57.44
CA GLU F 180 -15.82 -88.46 -56.75
C GLU F 180 -15.10 -89.48 -55.90
N ALA F 181 -14.09 -90.12 -56.48
CA ALA F 181 -13.25 -91.05 -55.71
C ALA F 181 -12.46 -90.35 -54.61
N ASN F 182 -12.01 -89.12 -54.87
CA ASN F 182 -11.24 -88.38 -53.88
C ASN F 182 -12.09 -87.94 -52.71
N ASN F 183 -13.24 -87.34 -52.99
CA ASN F 183 -14.19 -86.99 -51.94
C ASN F 183 -14.57 -88.22 -51.07
N PHE F 184 -14.71 -89.40 -51.70
CA PHE F 184 -14.97 -90.67 -51.01
C PHE F 184 -13.85 -91.08 -50.05
N LEU F 185 -12.61 -90.77 -50.38
CA LEU F 185 -11.52 -90.91 -49.41
C LEU F 185 -11.62 -89.84 -48.34
N TRP F 186 -11.86 -90.27 -47.11
CA TRP F 186 -11.85 -89.39 -45.95
C TRP F 186 -10.44 -88.80 -45.83
N PRO F 187 -10.31 -87.56 -45.35
CA PRO F 187 -8.96 -86.96 -45.26
C PRO F 187 -7.99 -87.77 -44.42
N PHE F 188 -6.75 -87.84 -44.86
CA PHE F 188 -5.78 -88.80 -44.33
C PHE F 188 -5.18 -88.38 -43.00
N LYS F 189 -5.52 -89.13 -41.94
CA LYS F 189 -5.07 -88.81 -40.59
C LYS F 189 -3.69 -89.40 -40.40
N LEU F 190 -2.68 -88.63 -40.75
CA LEU F 190 -1.28 -89.05 -40.61
C LEU F 190 -0.82 -88.73 -39.20
N SER F 191 0.24 -89.39 -38.74
CA SER F 191 0.82 -89.05 -37.43
C SER F 191 1.75 -87.85 -37.55
N SER F 192 2.41 -87.52 -36.46
CA SER F 192 3.46 -86.50 -36.47
C SER F 192 4.63 -87.02 -37.28
N PRO F 193 5.42 -86.08 -37.83
CA PRO F 193 6.57 -86.48 -38.61
C PRO F 193 7.67 -87.01 -37.73
N ARG F 194 7.93 -88.29 -37.87
CA ARG F 194 9.07 -88.93 -37.23
C ARG F 194 10.33 -88.33 -37.81
N GLY F 195 11.32 -88.15 -36.94
CA GLY F 195 12.50 -87.38 -37.30
C GLY F 195 12.26 -85.89 -37.18
N GLY F 196 11.05 -85.50 -36.76
CA GLY F 196 10.69 -84.09 -36.66
C GLY F 196 10.58 -83.35 -37.96
N MET F 197 10.44 -82.04 -37.83
CA MET F 197 10.39 -81.13 -38.96
C MET F 197 11.66 -80.29 -38.96
N LYS F 198 11.79 -79.43 -39.98
CA LYS F 198 12.88 -78.47 -40.04
C LYS F 198 12.45 -77.23 -39.27
N LYS F 199 11.37 -76.63 -39.74
CA LYS F 199 10.80 -75.47 -39.07
C LYS F 199 9.39 -75.29 -39.59
N LYS F 200 8.42 -75.48 -38.71
CA LYS F 200 7.04 -75.38 -39.06
C LYS F 200 6.69 -74.00 -39.60
N THR F 201 7.31 -72.97 -39.05
CA THR F 201 6.80 -71.62 -39.26
C THR F 201 7.18 -70.98 -40.59
N THR F 202 8.21 -71.49 -41.25
CA THR F 202 8.75 -70.87 -42.45
C THR F 202 8.65 -71.76 -43.68
N HIS F 203 8.82 -71.15 -44.85
CA HIS F 203 8.67 -71.84 -46.11
C HIS F 203 9.85 -72.75 -46.37
N PHE F 204 9.63 -73.80 -47.18
CA PHE F 204 10.63 -74.82 -47.47
C PHE F 204 11.94 -74.24 -48.01
N VAL F 205 11.81 -73.55 -49.14
CA VAL F 205 12.87 -72.76 -49.76
C VAL F 205 13.79 -72.00 -48.78
N GLU F 206 13.21 -71.39 -47.76
CA GLU F 206 13.98 -70.71 -46.72
C GLU F 206 14.12 -71.56 -45.45
N GLY F 207 14.30 -72.87 -45.64
CA GLY F 207 14.61 -73.77 -44.52
C GLY F 207 13.44 -74.49 -43.89
N GLU F 208 12.23 -73.95 -44.02
CA GLU F 208 11.08 -74.46 -43.30
C GLU F 208 10.47 -75.76 -43.83
N ASP F 209 9.22 -76.01 -43.42
CA ASP F 209 8.40 -77.12 -43.92
C ASP F 209 7.23 -76.66 -44.74
N ALA F 210 6.84 -75.40 -44.61
CA ALA F 210 5.67 -74.91 -45.31
C ALA F 210 5.87 -74.74 -46.80
N GLY F 211 4.76 -74.71 -47.52
CA GLY F 211 4.74 -74.42 -48.94
C GLY F 211 4.98 -75.65 -49.78
N ASN F 212 5.04 -75.41 -51.08
CA ASN F 212 5.34 -76.45 -52.06
C ASN F 212 6.80 -76.93 -51.99
N ARG F 213 6.98 -78.23 -51.81
CA ARG F 213 8.30 -78.85 -51.91
C ARG F 213 8.31 -79.95 -52.98
N GLU F 214 7.37 -79.85 -53.92
CA GLU F 214 7.30 -80.70 -55.09
C GLU F 214 7.67 -82.17 -54.85
N ASP F 215 8.84 -82.61 -55.30
CA ASP F 215 9.24 -84.01 -55.18
C ASP F 215 9.33 -84.43 -53.73
N GLN F 216 9.82 -83.52 -52.89
CA GLN F 216 10.25 -83.87 -51.55
C GLN F 216 9.10 -84.12 -50.58
N ILE F 217 7.84 -84.00 -51.03
CA ILE F 217 6.69 -84.39 -50.19
C ILE F 217 6.70 -85.88 -49.91
N ASN F 218 7.31 -86.65 -50.80
CA ASN F 218 7.40 -88.08 -50.63
C ASN F 218 8.16 -88.49 -49.38
N ARG F 219 9.27 -87.81 -49.11
CA ARG F 219 10.04 -88.08 -47.90
C ARG F 219 9.21 -87.82 -46.66
N LEU F 220 8.49 -86.70 -46.65
CA LEU F 220 7.61 -86.33 -45.55
C LEU F 220 6.54 -87.37 -45.35
N ILE F 221 5.95 -87.83 -46.45
CA ILE F 221 4.87 -88.82 -46.37
C ILE F 221 5.33 -90.12 -45.71
N ARG F 222 6.52 -90.60 -46.03
CA ARG F 222 7.01 -91.82 -45.39
C ARG F 222 7.17 -91.65 -43.88
N ARG F 223 7.75 -90.54 -43.46
CA ARG F 223 8.03 -90.34 -42.04
C ARG F 223 6.74 -90.12 -41.21
N MET F 224 5.60 -89.78 -41.85
CA MET F 224 4.33 -89.58 -41.14
C MET F 224 3.38 -90.76 -41.29
N ASN F 225 3.15 -91.19 -42.52
CA ASN F 225 2.34 -92.38 -42.82
C ASN F 225 2.92 -93.62 -42.15
N LYS G 1 -94.95 22.67 81.82
CA LYS G 1 -94.68 22.52 80.36
C LYS G 1 -94.43 21.06 79.95
N VAL G 2 -94.71 20.75 78.69
CA VAL G 2 -94.46 19.42 78.12
C VAL G 2 -93.51 19.58 76.93
N VAL G 3 -92.38 20.24 77.17
CA VAL G 3 -91.35 20.51 76.15
C VAL G 3 -89.95 20.51 76.80
N ASN G 4 -89.28 19.34 76.73
CA ASN G 4 -88.00 19.16 77.42
C ASN G 4 -86.94 20.03 76.77
N PRO G 5 -86.11 20.66 77.60
CA PRO G 5 -85.11 21.62 77.14
C PRO G 5 -84.03 20.99 76.26
N LEU G 6 -83.67 19.75 76.56
CA LEU G 6 -82.59 19.05 75.85
C LEU G 6 -82.89 18.80 74.37
N PHE G 7 -84.16 18.60 74.00
CA PHE G 7 -84.48 18.12 72.65
C PHE G 7 -84.16 19.20 71.63
N GLU G 8 -83.20 18.88 70.75
CA GLU G 8 -82.55 19.84 69.88
C GLU G 8 -83.13 19.69 68.47
N LYS G 9 -82.35 20.01 67.43
CA LYS G 9 -82.73 19.74 66.05
C LYS G 9 -81.73 18.79 65.40
N ARG G 10 -80.49 19.24 65.24
CA ARG G 10 -79.43 18.47 64.57
C ARG G 10 -79.81 18.13 63.12
N PRO G 11 -79.88 19.14 62.23
CA PRO G 11 -80.20 18.91 60.82
C PRO G 11 -78.96 18.58 59.97
N LYS G 12 -79.10 17.63 59.05
CA LYS G 12 -78.00 17.16 58.20
C LYS G 12 -77.95 17.86 56.86
N ASN G 13 -76.87 18.58 56.61
CA ASN G 13 -76.67 19.27 55.33
C ASN G 13 -76.14 18.30 54.29
N PHE G 14 -77.02 17.81 53.43
CA PHE G 14 -76.64 16.89 52.34
C PHE G 14 -76.13 17.67 51.16
N GLY G 15 -75.03 18.38 51.38
CA GLY G 15 -74.42 19.18 50.33
C GLY G 15 -73.51 18.35 49.44
N ILE G 16 -72.42 18.97 48.98
CA ILE G 16 -71.32 18.22 48.38
C ILE G 16 -70.12 18.32 49.34
N GLY G 17 -69.50 17.17 49.61
CA GLY G 17 -68.42 17.08 50.58
C GLY G 17 -68.83 17.35 52.01
N GLN G 18 -70.13 17.33 52.28
CA GLN G 18 -70.69 17.66 53.57
C GLN G 18 -71.11 16.32 54.17
N ASP G 19 -72.22 16.26 54.91
CA ASP G 19 -72.63 15.00 55.53
C ASP G 19 -73.09 14.02 54.47
N ILE G 20 -72.36 12.91 54.36
CA ILE G 20 -72.71 11.69 53.60
C ILE G 20 -74.18 11.53 53.21
N GLN G 21 -74.39 11.17 51.94
CA GLN G 21 -75.71 11.29 51.31
C GLN G 21 -76.69 10.32 51.90
N PRO G 22 -77.98 10.69 51.88
CA PRO G 22 -79.01 9.78 52.37
C PRO G 22 -79.28 8.66 51.39
N LYS G 23 -79.85 7.56 51.89
CA LYS G 23 -80.16 6.40 51.07
C LYS G 23 -81.40 6.66 50.22
N ARG G 24 -81.21 7.44 49.15
CA ARG G 24 -82.29 7.76 48.22
C ARG G 24 -82.46 6.65 47.21
N ASP G 25 -83.63 6.63 46.58
CA ASP G 25 -84.03 5.57 45.64
C ASP G 25 -83.20 5.64 44.36
N LEU G 26 -82.65 4.50 43.97
CA LEU G 26 -81.76 4.39 42.80
C LEU G 26 -82.30 3.50 41.68
N THR G 27 -83.59 3.15 41.72
CA THR G 27 -84.18 2.22 40.73
C THR G 27 -83.79 2.55 39.30
N ARG G 28 -83.59 3.84 39.02
CA ARG G 28 -83.22 4.29 37.68
C ARG G 28 -81.79 3.90 37.25
N PHE G 29 -80.89 3.83 38.22
CA PHE G 29 -79.48 3.55 37.97
C PHE G 29 -79.04 2.16 38.39
N VAL G 30 -79.98 1.25 38.61
CA VAL G 30 -79.65 -0.10 39.03
C VAL G 30 -79.00 -0.83 37.87
N LYS G 31 -78.02 -1.68 38.16
CA LYS G 31 -77.48 -2.59 37.16
C LYS G 31 -78.29 -3.87 37.13
N TRP G 32 -79.20 -3.93 36.16
CA TRP G 32 -80.19 -5.00 36.14
C TRP G 32 -79.63 -6.25 35.49
N PRO G 33 -80.18 -7.41 35.88
CA PRO G 33 -79.87 -8.69 35.27
C PRO G 33 -80.17 -8.65 33.79
N ARG G 34 -79.41 -9.41 33.02
CA ARG G 34 -79.50 -9.34 31.58
C ARG G 34 -80.87 -9.62 31.01
N TYR G 35 -81.65 -10.49 31.66
CA TYR G 35 -83.01 -10.73 31.17
C TYR G 35 -83.89 -9.48 31.26
N ILE G 36 -83.86 -8.84 32.41
CA ILE G 36 -84.66 -7.65 32.67
C ILE G 36 -84.26 -6.58 31.70
N ARG G 37 -82.97 -6.32 31.65
CA ARG G 37 -82.43 -5.31 30.77
C ARG G 37 -82.82 -5.57 29.32
N LEU G 38 -82.81 -6.83 28.90
CA LEU G 38 -83.21 -7.19 27.55
C LEU G 38 -84.69 -6.91 27.31
N GLN G 39 -85.55 -7.49 28.16
CA GLN G 39 -86.99 -7.32 27.96
C GLN G 39 -87.43 -5.87 28.01
N ARG G 40 -86.70 -5.06 28.77
CA ARG G 40 -86.95 -3.64 28.79
C ARG G 40 -86.59 -3.00 27.48
N GLN G 41 -85.38 -3.24 26.98
CA GLN G 41 -84.96 -2.56 25.76
C GLN G 41 -85.36 -3.27 24.47
N ARG G 42 -86.15 -4.34 24.56
CA ARG G 42 -86.88 -4.83 23.42
C ARG G 42 -88.02 -3.86 23.12
N ALA G 43 -88.80 -3.54 24.16
CA ALA G 43 -89.91 -2.59 24.05
C ALA G 43 -89.48 -1.23 23.55
N ILE G 44 -88.23 -0.85 23.85
CA ILE G 44 -87.65 0.37 23.34
C ILE G 44 -87.44 0.30 21.84
N LEU G 45 -86.95 -0.81 21.32
CA LEU G 45 -86.81 -0.95 19.86
C LEU G 45 -88.14 -0.85 19.14
N TYR G 46 -89.16 -1.52 19.66
CA TYR G 46 -90.50 -1.41 19.08
C TYR G 46 -91.05 0.01 19.05
N LYS G 47 -90.64 0.86 19.98
CA LYS G 47 -90.94 2.29 19.89
C LYS G 47 -90.03 2.96 18.88
N ARG G 48 -88.73 2.70 19.00
CA ARG G 48 -87.72 3.42 18.24
C ARG G 48 -87.73 3.08 16.77
N LEU G 49 -87.88 1.81 16.44
CA LEU G 49 -87.82 1.35 15.05
C LEU G 49 -89.11 1.66 14.32
N LYS G 50 -89.01 1.68 13.00
CA LYS G 50 -90.13 1.97 12.13
C LYS G 50 -90.93 0.68 12.01
N VAL G 51 -91.97 0.55 12.83
CA VAL G 51 -92.79 -0.66 12.86
C VAL G 51 -93.78 -0.63 11.70
N PRO G 52 -93.86 -1.74 10.92
CA PRO G 52 -94.77 -1.81 9.79
C PRO G 52 -96.20 -2.11 10.24
N PRO G 53 -97.18 -1.69 9.44
CA PRO G 53 -98.56 -1.48 9.85
C PRO G 53 -99.35 -2.72 10.26
N ALA G 54 -98.92 -3.89 9.80
CA ALA G 54 -99.63 -5.13 10.08
C ALA G 54 -99.35 -5.60 11.49
N ILE G 55 -98.20 -5.18 12.02
CA ILE G 55 -97.85 -5.40 13.41
C ILE G 55 -98.32 -4.23 14.26
N ASN G 56 -98.29 -3.02 13.71
CA ASN G 56 -98.78 -1.83 14.42
C ASN G 56 -100.26 -1.94 14.83
N GLN G 57 -101.12 -2.37 13.91
CA GLN G 57 -102.55 -2.55 14.18
C GLN G 57 -102.89 -3.26 15.48
N PHE G 58 -101.95 -4.00 16.03
CA PHE G 58 -102.15 -4.63 17.33
C PHE G 58 -101.93 -3.68 18.52
N THR G 59 -101.48 -2.46 18.28
CA THR G 59 -101.50 -1.41 19.31
C THR G 59 -102.92 -0.89 19.52
N GLN G 60 -103.60 -0.59 18.41
CA GLN G 60 -105.00 -0.15 18.44
C GLN G 60 -105.87 -1.26 19.03
N VAL G 61 -105.97 -1.25 20.36
CA VAL G 61 -106.75 -2.24 21.09
C VAL G 61 -108.11 -1.65 21.44
N LEU G 62 -108.97 -2.51 21.97
CA LEU G 62 -110.34 -2.15 22.30
C LEU G 62 -110.39 -1.33 23.59
N ASP G 63 -111.34 -0.40 23.67
CA ASP G 63 -111.48 0.51 24.82
C ASP G 63 -112.16 -0.16 26.01
N ARG G 64 -112.06 0.47 27.17
CA ARG G 64 -112.39 -0.16 28.46
C ARG G 64 -113.84 -0.60 28.59
N GLN G 65 -114.76 0.33 28.34
CA GLN G 65 -116.20 0.06 28.52
C GLN G 65 -116.64 -1.05 27.57
N THR G 66 -116.23 -0.95 26.31
CA THR G 66 -116.53 -1.95 25.29
C THR G 66 -116.00 -3.33 25.68
N ALA G 67 -114.76 -3.36 26.17
CA ALA G 67 -114.11 -4.60 26.56
C ALA G 67 -114.87 -5.33 27.67
N THR G 68 -115.34 -4.58 28.67
CA THR G 68 -116.12 -5.16 29.77
C THR G 68 -117.49 -5.67 29.34
N GLN G 69 -118.09 -5.04 28.32
CA GLN G 69 -119.31 -5.55 27.69
C GLN G 69 -119.05 -6.87 26.99
N LEU G 70 -117.98 -6.90 26.19
CA LEU G 70 -117.58 -8.07 25.43
C LEU G 70 -117.36 -9.28 26.34
N LEU G 71 -116.59 -9.09 27.40
CA LEU G 71 -116.28 -10.14 28.35
C LEU G 71 -117.49 -10.55 29.19
N LYS G 72 -118.42 -9.63 29.43
CA LYS G 72 -119.71 -9.96 30.03
C LYS G 72 -120.48 -10.93 29.12
N LEU G 73 -120.53 -10.63 27.82
CA LEU G 73 -121.27 -11.43 26.85
C LEU G 73 -120.70 -12.83 26.70
N ALA G 74 -119.37 -12.94 26.71
CA ALA G 74 -118.68 -14.22 26.63
C ALA G 74 -118.96 -15.07 27.85
N HIS G 75 -119.09 -14.42 29.01
CA HIS G 75 -119.38 -15.14 30.25
C HIS G 75 -120.59 -16.08 30.15
N LYS G 76 -121.56 -15.74 29.31
CA LYS G 76 -122.67 -16.64 28.98
C LYS G 76 -122.17 -17.87 28.22
N TYR G 77 -121.28 -17.65 27.25
CA TYR G 77 -120.81 -18.70 26.35
C TYR G 77 -119.40 -19.26 26.65
N ARG G 78 -119.00 -19.24 27.93
CA ARG G 78 -117.76 -19.89 28.35
C ARG G 78 -117.94 -21.38 28.15
N PRO G 79 -117.02 -22.04 27.44
CA PRO G 79 -117.20 -23.46 27.14
C PRO G 79 -117.13 -24.34 28.40
N GLU G 80 -117.78 -25.49 28.33
CA GLU G 80 -117.92 -26.38 29.49
C GLU G 80 -116.56 -26.74 30.10
N THR G 81 -116.50 -26.64 31.43
CA THR G 81 -115.32 -27.04 32.19
C THR G 81 -115.35 -28.55 32.37
N LYS G 82 -114.28 -29.11 32.95
CA LYS G 82 -114.30 -30.50 33.40
C LYS G 82 -115.28 -30.63 34.58
N GLN G 83 -115.64 -31.85 34.94
CA GLN G 83 -116.71 -32.18 35.90
C GLN G 83 -118.08 -32.02 35.23
N GLU G 84 -118.36 -30.81 34.73
CA GLU G 84 -119.53 -30.55 33.89
C GLU G 84 -119.66 -31.53 32.72
N LYS G 85 -118.51 -31.84 32.11
CA LYS G 85 -118.44 -32.81 31.01
C LYS G 85 -118.88 -34.20 31.46
N LYS G 86 -118.37 -34.63 32.62
CA LYS G 86 -118.75 -35.91 33.23
C LYS G 86 -120.24 -35.98 33.55
N GLN G 87 -120.76 -34.93 34.19
CA GLN G 87 -122.19 -34.84 34.53
C GLN G 87 -123.11 -34.87 33.30
N ARG G 88 -122.66 -34.28 32.20
CA ARG G 88 -123.40 -34.33 30.94
C ARG G 88 -123.48 -35.76 30.39
N LEU G 89 -122.36 -36.47 30.45
CA LEU G 89 -122.30 -37.88 30.02
C LEU G 89 -123.01 -38.82 31.00
N LEU G 90 -122.77 -38.63 32.29
CA LEU G 90 -123.33 -39.49 33.34
C LEU G 90 -124.86 -39.46 33.35
N ALA G 91 -125.43 -38.26 33.24
CA ALA G 91 -126.88 -38.08 33.15
C ALA G 91 -127.49 -38.79 31.94
N ARG G 92 -126.77 -38.75 30.82
CA ARG G 92 -127.20 -39.42 29.58
C ARG G 92 -127.16 -40.95 29.69
N ALA G 93 -126.12 -41.46 30.37
CA ALA G 93 -125.99 -42.90 30.63
C ALA G 93 -127.09 -43.44 31.53
N GLU G 94 -127.45 -42.66 32.56
CA GLU G 94 -128.56 -43.00 33.47
C GLU G 94 -129.92 -43.00 32.75
N LYS G 95 -130.13 -42.02 31.87
CA LYS G 95 -131.41 -41.83 31.19
C LYS G 95 -131.68 -42.81 30.03
N LYS G 96 -130.65 -43.54 29.57
CA LYS G 96 -130.79 -44.44 28.44
C LYS G 96 -131.67 -45.66 28.75
N ALA G 97 -131.44 -46.28 29.91
CA ALA G 97 -132.25 -47.40 30.40
C ALA G 97 -132.84 -47.04 31.77
N ALA G 98 -133.87 -46.21 31.74
CA ALA G 98 -134.56 -45.76 32.96
C ALA G 98 -135.93 -45.13 32.66
N GLY G 99 -135.92 -44.06 31.86
CA GLY G 99 -137.14 -43.35 31.48
C GLY G 99 -137.03 -42.65 30.14
N LYS G 100 -136.82 -43.45 29.10
CA LYS G 100 -136.72 -42.99 27.70
C LYS G 100 -135.44 -42.18 27.41
N GLY G 101 -134.60 -42.72 26.53
CA GLY G 101 -133.36 -42.06 26.09
C GLY G 101 -133.41 -41.70 24.62
N ASP G 102 -133.52 -40.41 24.33
CA ASP G 102 -133.57 -39.90 22.95
C ASP G 102 -132.21 -39.97 22.26
N VAL G 103 -131.18 -39.48 22.96
CA VAL G 103 -129.73 -39.48 22.59
C VAL G 103 -129.19 -38.05 22.35
N PRO G 104 -129.61 -37.37 21.26
CA PRO G 104 -128.94 -36.12 20.90
C PRO G 104 -129.38 -34.87 21.68
N THR G 105 -130.54 -34.94 22.36
CA THR G 105 -131.20 -33.77 22.99
C THR G 105 -131.10 -32.49 22.10
N LYS G 106 -130.58 -31.38 22.62
CA LYS G 106 -130.25 -30.22 21.79
C LYS G 106 -129.10 -29.43 22.42
N ARG G 107 -127.94 -29.42 21.75
CA ARG G 107 -126.72 -28.81 22.31
C ARG G 107 -126.71 -27.28 22.16
N PRO G 108 -126.30 -26.55 23.22
CA PRO G 108 -126.24 -25.09 23.17
C PRO G 108 -125.00 -24.54 22.45
N PRO G 109 -125.03 -23.24 22.10
CA PRO G 109 -123.90 -22.59 21.44
C PRO G 109 -122.86 -22.14 22.46
N VAL G 110 -121.60 -22.11 22.02
CA VAL G 110 -120.45 -21.70 22.85
C VAL G 110 -119.40 -20.99 22.03
N LEU G 111 -118.38 -20.47 22.71
CA LEU G 111 -117.21 -19.88 22.05
C LEU G 111 -116.43 -20.90 21.25
N ARG G 112 -115.62 -20.37 20.32
CA ARG G 112 -114.62 -21.15 19.58
C ARG G 112 -113.28 -20.48 19.85
N ALA G 113 -112.23 -21.29 19.97
CA ALA G 113 -111.01 -20.83 20.62
C ALA G 113 -109.84 -20.47 19.70
N GLY G 114 -108.93 -21.41 19.44
CA GLY G 114 -107.60 -21.09 18.90
C GLY G 114 -107.60 -20.71 17.44
N VAL G 115 -106.52 -20.08 16.97
CA VAL G 115 -106.51 -19.53 15.60
C VAL G 115 -107.01 -20.48 14.54
N ASN G 116 -106.62 -21.74 14.62
CA ASN G 116 -106.94 -22.69 13.56
C ASN G 116 -108.41 -23.00 13.47
N THR G 117 -109.09 -23.13 14.60
CA THR G 117 -110.54 -23.18 14.58
C THR G 117 -111.10 -21.91 14.01
N VAL G 118 -110.62 -20.78 14.50
CA VAL G 118 -111.14 -19.49 14.07
C VAL G 118 -110.96 -19.28 12.56
N THR G 119 -109.75 -19.47 12.04
CA THR G 119 -109.50 -19.20 10.61
C THR G 119 -110.30 -20.06 9.66
N THR G 120 -110.59 -21.30 10.07
CA THR G 120 -111.48 -22.15 9.29
C THR G 120 -112.94 -21.69 9.35
N LEU G 121 -113.34 -21.06 10.47
CA LEU G 121 -114.66 -20.44 10.55
C LEU G 121 -114.65 -18.91 10.42
N VAL G 122 -113.65 -18.37 9.74
CA VAL G 122 -113.74 -17.07 9.11
C VAL G 122 -113.72 -17.25 7.60
N GLU G 123 -112.82 -18.09 7.09
CA GLU G 123 -112.93 -18.60 5.70
C GLU G 123 -114.37 -18.95 5.32
N ASN G 124 -115.02 -19.71 6.19
CA ASN G 124 -116.36 -20.25 5.94
C ASN G 124 -117.52 -19.32 6.33
N LYS G 125 -117.20 -18.11 6.79
CA LYS G 125 -118.18 -17.11 7.24
C LYS G 125 -119.13 -17.60 8.34
N LYS G 126 -118.61 -18.44 9.24
CA LYS G 126 -119.41 -18.98 10.33
C LYS G 126 -119.42 -18.03 11.53
N ALA G 127 -118.33 -17.28 11.71
CA ALA G 127 -118.19 -16.34 12.82
C ALA G 127 -118.98 -15.05 12.60
N GLN G 128 -119.53 -14.53 13.69
CA GLN G 128 -120.20 -13.23 13.69
C GLN G 128 -119.24 -12.13 14.18
N LEU G 129 -118.43 -12.43 15.18
CA LEU G 129 -117.42 -11.51 15.69
C LEU G 129 -116.16 -12.31 15.99
N VAL G 130 -114.99 -11.73 15.73
CA VAL G 130 -113.69 -12.32 16.10
C VAL G 130 -112.91 -11.43 17.07
N VAL G 131 -112.63 -11.97 18.25
CA VAL G 131 -111.78 -11.31 19.24
C VAL G 131 -110.38 -11.89 19.14
N ILE G 132 -109.41 -11.00 18.99
CA ILE G 132 -108.01 -11.33 18.81
C ILE G 132 -107.26 -10.73 19.98
N ALA G 133 -106.31 -11.48 20.54
CA ALA G 133 -105.43 -10.92 21.57
C ALA G 133 -104.37 -10.07 20.91
N HIS G 134 -103.98 -8.99 21.57
CA HIS G 134 -103.01 -8.06 21.00
C HIS G 134 -101.57 -8.57 21.09
N ASP G 135 -101.29 -9.40 22.09
CA ASP G 135 -99.94 -9.69 22.53
C ASP G 135 -99.51 -11.13 22.29
N VAL G 136 -99.97 -11.72 21.19
CA VAL G 136 -99.49 -13.06 20.82
C VAL G 136 -97.97 -13.02 20.57
N ASP G 137 -97.27 -14.07 21.02
CA ASP G 137 -95.84 -13.97 21.35
C ASP G 137 -94.91 -14.05 20.13
N PRO G 138 -95.07 -15.08 19.27
CA PRO G 138 -94.58 -14.94 17.90
C PRO G 138 -95.70 -14.41 17.02
N ILE G 139 -95.70 -13.10 16.76
CA ILE G 139 -96.85 -12.41 16.15
C ILE G 139 -97.45 -13.16 14.97
N GLU G 140 -96.59 -13.73 14.11
CA GLU G 140 -96.99 -14.41 12.87
C GLU G 140 -98.30 -15.19 12.96
N LEU G 141 -98.50 -15.89 14.08
CA LEU G 141 -99.75 -16.61 14.35
C LEU G 141 -100.99 -15.81 14.02
N VAL G 142 -100.99 -14.56 14.44
CA VAL G 142 -102.10 -13.64 14.22
C VAL G 142 -101.53 -12.38 13.60
N VAL G 143 -101.46 -12.36 12.28
CA VAL G 143 -101.03 -11.18 11.53
C VAL G 143 -101.95 -10.99 10.34
N PHE G 144 -102.02 -12.03 9.54
CA PHE G 144 -103.02 -12.17 8.52
C PHE G 144 -104.47 -12.08 9.03
N LEU G 145 -104.74 -12.50 10.26
CA LEU G 145 -106.12 -12.70 10.73
C LEU G 145 -107.04 -11.49 10.56
N PRO G 146 -106.60 -10.30 10.98
CA PRO G 146 -107.39 -9.09 10.73
C PRO G 146 -107.57 -8.71 9.27
N ALA G 147 -106.59 -8.99 8.44
CA ALA G 147 -106.77 -8.82 7.00
C ALA G 147 -107.77 -9.82 6.44
N LEU G 148 -107.74 -11.04 6.97
CA LEU G 148 -108.61 -12.11 6.55
C LEU G 148 -110.06 -11.79 6.91
N CYS G 149 -110.30 -11.51 8.19
CA CYS G 149 -111.63 -11.15 8.67
C CYS G 149 -112.27 -10.05 7.84
N ARG G 150 -111.52 -9.01 7.51
CA ARG G 150 -112.08 -7.89 6.74
C ARG G 150 -112.43 -8.31 5.31
N LYS G 151 -111.69 -9.27 4.77
CA LYS G 151 -112.01 -9.84 3.45
C LYS G 151 -113.32 -10.64 3.44
N MET G 152 -113.56 -11.41 4.50
CA MET G 152 -114.80 -12.19 4.64
C MET G 152 -115.94 -11.39 5.25
N GLY G 153 -115.65 -10.18 5.72
CA GLY G 153 -116.65 -9.27 6.25
C GLY G 153 -117.06 -9.65 7.65
N VAL G 154 -116.10 -10.15 8.41
CA VAL G 154 -116.36 -10.61 9.76
C VAL G 154 -115.89 -9.51 10.68
N PRO G 155 -116.79 -8.97 11.51
CA PRO G 155 -116.40 -8.03 12.56
C PRO G 155 -115.26 -8.59 13.37
N TYR G 156 -114.18 -7.83 13.52
CA TYR G 156 -113.06 -8.28 14.37
C TYR G 156 -112.58 -7.17 15.27
N CYS G 157 -112.08 -7.56 16.44
CA CYS G 157 -111.51 -6.63 17.40
C CYS G 157 -110.28 -7.22 18.05
N ILE G 158 -109.49 -6.34 18.64
CA ILE G 158 -108.25 -6.69 19.31
C ILE G 158 -108.39 -6.32 20.77
N LEU G 159 -108.61 -7.30 21.62
CA LEU G 159 -108.68 -7.06 23.05
C LEU G 159 -107.28 -7.12 23.63
N LYS G 160 -107.10 -6.44 24.76
CA LYS G 160 -105.88 -6.57 25.55
C LYS G 160 -105.92 -7.95 26.22
N GLY G 161 -104.73 -8.47 26.52
CA GLY G 161 -104.60 -9.72 27.26
C GLY G 161 -104.96 -10.97 26.48
N LYS G 162 -103.93 -11.67 26.00
CA LYS G 162 -104.10 -13.06 25.59
C LYS G 162 -104.44 -13.92 26.80
N ALA G 163 -103.97 -13.51 27.98
CA ALA G 163 -104.36 -14.14 29.23
C ALA G 163 -105.84 -14.00 29.49
N ARG G 164 -106.30 -12.75 29.63
CA ARG G 164 -107.70 -12.50 29.98
C ARG G 164 -108.67 -12.96 28.88
N LEU G 165 -108.16 -13.10 27.66
CA LEU G 165 -108.89 -13.76 26.58
C LEU G 165 -108.88 -15.25 26.78
N GLY G 166 -107.74 -15.78 27.21
CA GLY G 166 -107.61 -17.19 27.55
C GLY G 166 -108.26 -17.63 28.85
N ARG G 167 -108.70 -16.68 29.69
CA ARG G 167 -109.44 -16.98 30.92
C ARG G 167 -110.94 -17.15 30.68
N LEU G 168 -111.41 -16.85 29.46
CA LEU G 168 -112.79 -17.10 29.07
C LEU G 168 -112.97 -18.59 28.97
N VAL G 169 -112.22 -19.20 28.06
CA VAL G 169 -111.94 -20.63 28.10
C VAL G 169 -111.13 -20.87 29.38
N HIS G 170 -110.87 -22.11 29.76
CA HIS G 170 -110.19 -22.36 31.03
C HIS G 170 -108.76 -22.82 30.83
N ARG G 171 -108.00 -22.00 30.12
CA ARG G 171 -106.60 -22.27 29.81
C ARG G 171 -105.76 -21.04 30.12
N LYS G 172 -104.44 -21.18 30.03
CA LYS G 172 -103.53 -20.12 30.44
C LYS G 172 -103.68 -18.89 29.56
N THR G 173 -103.55 -19.11 28.26
CA THR G 173 -103.78 -18.06 27.26
C THR G 173 -104.50 -18.63 26.05
N CYS G 174 -105.02 -17.71 25.25
CA CYS G 174 -105.60 -18.03 23.96
C CYS G 174 -105.29 -16.88 23.05
N THR G 175 -105.04 -17.19 21.79
CA THR G 175 -104.73 -16.20 20.80
C THR G 175 -105.98 -15.46 20.35
N THR G 176 -107.06 -16.23 20.20
CA THR G 176 -108.25 -15.74 19.54
C THR G 176 -109.53 -16.26 20.20
N VAL G 177 -110.66 -15.72 19.75
CA VAL G 177 -111.95 -16.16 20.20
C VAL G 177 -112.99 -15.77 19.13
N ALA G 178 -114.11 -16.47 19.10
CA ALA G 178 -115.13 -16.18 18.11
C ALA G 178 -116.51 -16.69 18.52
N PHE G 179 -117.54 -15.89 18.26
CA PHE G 179 -118.95 -16.28 18.44
C PHE G 179 -119.55 -16.67 17.09
N THR G 180 -119.90 -17.94 16.97
CA THR G 180 -120.59 -18.45 15.78
C THR G 180 -122.09 -18.17 15.88
N GLN G 181 -122.66 -18.50 17.03
CA GLN G 181 -124.07 -18.23 17.34
C GLN G 181 -124.20 -17.72 18.75
N VAL G 182 -125.33 -17.09 19.02
CA VAL G 182 -125.68 -16.61 20.35
C VAL G 182 -127.17 -16.82 20.59
N ASN G 183 -127.53 -17.02 21.85
CA ASN G 183 -128.92 -17.24 22.22
C ASN G 183 -129.76 -16.00 21.96
N SER G 184 -131.04 -16.23 21.62
CA SER G 184 -131.96 -15.16 21.19
C SER G 184 -132.07 -14.02 22.20
N GLU G 185 -132.12 -14.37 23.48
CA GLU G 185 -132.12 -13.37 24.57
C GLU G 185 -130.92 -12.41 24.54
N ASP G 186 -129.73 -12.95 24.24
CA ASP G 186 -128.47 -12.19 24.23
C ASP G 186 -128.04 -11.78 22.81
N LYS G 187 -128.87 -12.07 21.82
CA LYS G 187 -128.59 -11.82 20.40
C LYS G 187 -128.47 -10.34 20.09
N GLY G 188 -129.37 -9.54 20.67
CA GLY G 188 -129.40 -8.10 20.46
C GLY G 188 -128.19 -7.36 21.02
N ALA G 189 -127.68 -7.85 22.14
CA ALA G 189 -126.47 -7.29 22.76
C ALA G 189 -125.23 -7.53 21.90
N LEU G 190 -125.12 -8.74 21.37
CA LEU G 190 -124.05 -9.12 20.43
C LEU G 190 -124.11 -8.23 19.20
N ALA G 191 -125.30 -8.10 18.64
CA ALA G 191 -125.56 -7.25 17.47
C ALA G 191 -125.20 -5.79 17.72
N LYS G 192 -125.50 -5.30 18.93
CA LYS G 192 -125.09 -3.96 19.36
C LYS G 192 -123.58 -3.84 19.39
N LEU G 193 -122.92 -4.78 20.05
CA LEU G 193 -121.46 -4.83 20.13
C LEU G 193 -120.81 -4.85 18.75
N VAL G 194 -121.30 -5.75 17.90
CA VAL G 194 -120.75 -5.97 16.57
C VAL G 194 -120.65 -4.68 15.76
N GLU G 195 -121.71 -3.88 15.78
CA GLU G 195 -121.73 -2.66 14.99
C GLU G 195 -120.72 -1.64 15.50
N ALA G 196 -120.58 -1.55 16.82
CA ALA G 196 -119.65 -0.62 17.46
C ALA G 196 -118.19 -0.98 17.18
N ILE G 197 -117.90 -2.27 17.14
CA ILE G 197 -116.56 -2.77 16.84
C ILE G 197 -116.18 -2.48 15.39
N ARG G 198 -117.03 -2.87 14.43
CA ARG G 198 -116.70 -2.76 13.00
C ARG G 198 -116.47 -1.32 12.53
N THR G 199 -117.14 -0.36 13.15
CA THR G 199 -116.91 1.07 12.87
C THR G 199 -115.49 1.50 13.23
N ASN G 200 -114.96 0.87 14.28
CA ASN G 200 -113.62 1.16 14.80
C ASN G 200 -112.47 0.38 14.14
N TYR G 201 -112.75 -0.75 13.48
CA TYR G 201 -111.71 -1.60 12.87
C TYR G 201 -111.90 -1.88 11.39
N ASN G 202 -112.96 -2.60 11.02
CA ASN G 202 -113.14 -3.06 9.64
C ASN G 202 -113.45 -1.91 8.70
N ASP G 203 -114.34 -1.03 9.13
CA ASP G 203 -114.78 0.10 8.30
C ASP G 203 -113.78 1.27 8.24
N ARG G 204 -112.56 1.05 8.73
CA ARG G 204 -111.45 1.98 8.47
C ARG G 204 -110.14 1.22 8.23
N TYR G 205 -110.25 0.05 7.58
CA TYR G 205 -109.08 -0.82 7.40
C TYR G 205 -108.01 -0.21 6.50
N ASP G 206 -108.43 0.60 5.52
CA ASP G 206 -107.49 1.29 4.65
C ASP G 206 -106.54 2.19 5.42
N GLU G 207 -107.08 2.90 6.41
CA GLU G 207 -106.27 3.76 7.28
C GLU G 207 -105.31 2.95 8.16
N ILE G 208 -105.78 1.79 8.63
CA ILE G 208 -104.97 0.87 9.43
C ILE G 208 -103.81 0.27 8.62
N ARG G 209 -104.08 -0.07 7.37
CA ARG G 209 -103.05 -0.53 6.44
C ARG G 209 -101.95 0.49 6.19
N ARG G 210 -102.33 1.75 5.99
CA ARG G 210 -101.36 2.82 5.74
C ARG G 210 -100.54 3.15 6.98
N HIS G 211 -101.16 3.03 8.16
CA HIS G 211 -100.59 3.56 9.40
C HIS G 211 -99.41 2.74 9.94
N TRP G 212 -98.22 3.13 9.50
CA TRP G 212 -96.95 2.79 10.15
C TRP G 212 -96.89 3.47 11.51
N GLY G 213 -96.03 3.00 12.41
CA GLY G 213 -95.95 3.63 13.72
C GLY G 213 -95.03 3.08 14.78
N GLY G 214 -93.75 3.30 14.57
CA GLY G 214 -92.80 3.40 15.67
C GLY G 214 -92.17 4.76 15.51
N ASN G 215 -90.86 4.79 15.28
CA ASN G 215 -90.15 6.01 14.88
C ASN G 215 -90.34 7.20 15.83
N VAL G 216 -90.46 6.88 17.12
CA VAL G 216 -90.49 7.87 18.17
C VAL G 216 -89.10 7.85 18.73
N LEU G 217 -88.59 9.00 19.16
CA LEU G 217 -87.27 9.04 19.77
C LEU G 217 -87.36 8.95 21.27
N GLY G 218 -86.21 8.76 21.89
CA GLY G 218 -86.09 8.88 23.33
C GLY G 218 -86.42 10.27 23.83
N PRO G 219 -87.11 10.38 24.97
CA PRO G 219 -87.42 11.71 25.50
C PRO G 219 -86.18 12.57 25.74
N LYS G 220 -85.08 11.93 26.12
CA LYS G 220 -83.83 12.63 26.32
C LYS G 220 -83.30 13.22 25.01
N SER G 221 -83.47 12.49 23.90
CA SER G 221 -83.12 12.98 22.57
C SER G 221 -84.10 14.05 22.07
N VAL G 222 -85.39 13.77 22.21
CA VAL G 222 -86.46 14.67 21.78
C VAL G 222 -86.28 16.03 22.43
N ALA G 223 -86.19 16.02 23.75
CA ALA G 223 -86.01 17.24 24.54
C ALA G 223 -84.85 18.10 24.06
N ARG G 224 -83.76 17.45 23.65
CA ARG G 224 -82.61 18.16 23.12
C ARG G 224 -82.92 18.84 21.79
N ILE G 225 -83.60 18.11 20.91
CA ILE G 225 -84.03 18.67 19.61
C ILE G 225 -84.97 19.86 19.79
N ALA G 226 -85.96 19.74 20.68
CA ALA G 226 -86.90 20.85 20.95
C ALA G 226 -86.19 22.09 21.48
N LYS G 227 -85.18 21.87 22.33
CA LYS G 227 -84.36 22.97 22.84
C LYS G 227 -83.58 23.62 21.71
N LEU G 228 -83.02 22.82 20.80
CA LEU G 228 -82.36 23.33 19.59
C LEU G 228 -83.32 24.10 18.67
N GLU G 229 -84.56 23.62 18.56
CA GLU G 229 -85.59 24.31 17.77
C GLU G 229 -86.03 25.62 18.42
N LYS G 230 -86.10 25.66 19.75
CA LYS G 230 -86.36 26.91 20.49
C LYS G 230 -85.23 27.93 20.33
N ALA G 231 -83.99 27.45 20.23
CA ALA G 231 -82.85 28.32 19.92
C ALA G 231 -82.96 28.88 18.50
N LYS G 232 -83.31 28.03 17.54
CA LYS G 232 -83.56 28.46 16.15
C LYS G 232 -84.79 29.35 16.02
N ALA G 233 -85.81 29.11 16.85
CA ALA G 233 -87.03 29.92 16.87
C ALA G 233 -86.74 31.33 17.39
N LYS G 234 -86.08 31.41 18.55
CA LYS G 234 -85.72 32.70 19.15
C LYS G 234 -84.65 33.46 18.35
N GLU G 235 -83.86 32.74 17.54
CA GLU G 235 -82.94 33.36 16.56
C GLU G 235 -83.68 34.16 15.50
N LEU G 236 -84.82 33.65 15.02
CA LEU G 236 -85.64 34.34 14.00
C LEU G 236 -87.14 34.25 14.30
N ALA G 237 -87.57 35.02 15.30
CA ALA G 237 -88.98 35.23 15.61
C ALA G 237 -89.20 36.50 16.44
N THR G 238 -88.52 36.57 17.59
CA THR G 238 -88.51 37.78 18.42
C THR G 238 -87.73 38.96 17.79
N LYS G 239 -86.82 38.65 16.86
CA LYS G 239 -86.03 39.68 16.17
C LYS G 239 -86.90 40.49 15.20
N LEU G 240 -87.56 39.77 14.29
CA LEU G 240 -88.41 40.40 13.25
C LEU G 240 -89.80 40.72 13.82
N GLY G 241 -90.52 39.68 14.25
CA GLY G 241 -91.88 39.83 14.76
C GLY G 241 -91.92 40.38 16.17
N MET H 1 45.52 -64.18 -40.27
CA MET H 1 45.31 -65.66 -40.31
C MET H 1 46.52 -66.43 -39.75
N LYS H 2 46.35 -67.74 -39.61
CA LYS H 2 47.41 -68.59 -39.08
C LYS H 2 48.53 -68.67 -40.12
N THR H 3 49.75 -68.36 -39.68
CA THR H 3 50.93 -68.39 -40.53
C THR H 3 51.62 -69.73 -40.35
N ILE H 4 51.64 -70.52 -41.43
CA ILE H 4 52.09 -71.91 -41.42
C ILE H 4 53.43 -72.13 -40.72
N LEU H 5 54.36 -71.18 -40.85
CA LEU H 5 55.61 -71.20 -40.10
C LEU H 5 56.30 -69.86 -40.10
N SER H 6 56.90 -69.52 -38.97
CA SER H 6 57.81 -68.41 -38.86
C SER H 6 58.97 -68.84 -37.99
N ASN H 7 60.12 -68.22 -38.20
CA ASN H 7 61.30 -68.54 -37.38
C ASN H 7 62.34 -67.44 -37.38
N GLN H 8 63.39 -67.67 -36.60
CA GLN H 8 64.56 -66.81 -36.59
C GLN H 8 65.78 -67.57 -36.12
N THR H 9 66.95 -66.99 -36.36
CA THR H 9 68.21 -67.54 -35.90
C THR H 9 69.01 -66.49 -35.13
N VAL H 10 69.77 -66.98 -34.15
CA VAL H 10 70.59 -66.16 -33.28
C VAL H 10 71.96 -66.83 -33.26
N ASP H 11 72.93 -66.23 -33.95
CA ASP H 11 74.27 -66.83 -34.05
C ASP H 11 75.06 -66.55 -32.79
N ILE H 12 75.19 -67.56 -31.93
CA ILE H 12 75.95 -67.42 -30.69
C ILE H 12 77.43 -67.34 -31.07
N PRO H 13 78.21 -66.51 -30.35
CA PRO H 13 79.65 -66.42 -30.62
C PRO H 13 80.41 -67.56 -29.97
N GLU H 14 81.54 -67.94 -30.56
CA GLU H 14 82.29 -69.13 -30.14
C GLU H 14 82.85 -69.06 -28.72
N ASN H 15 82.92 -67.85 -28.16
CA ASN H 15 83.21 -67.65 -26.74
C ASN H 15 82.13 -68.26 -25.84
N VAL H 16 80.87 -67.95 -26.16
CA VAL H 16 79.72 -68.36 -25.35
C VAL H 16 79.33 -69.82 -25.58
N ASP H 17 78.81 -70.45 -24.53
CA ASP H 17 78.17 -71.75 -24.59
C ASP H 17 76.75 -71.63 -24.03
N ILE H 18 75.76 -71.74 -24.91
CA ILE H 18 74.36 -71.76 -24.48
C ILE H 18 73.87 -73.20 -24.50
N SER H 19 73.00 -73.50 -23.53
CA SER H 19 72.34 -74.79 -23.44
C SER H 19 70.91 -74.53 -23.05
N LEU H 20 69.99 -75.41 -23.46
CA LEU H 20 68.58 -75.19 -23.21
C LEU H 20 67.90 -76.43 -22.66
N LYS H 21 67.55 -76.35 -21.38
CA LYS H 21 66.65 -77.33 -20.76
C LYS H 21 65.25 -77.04 -21.29
N GLY H 22 64.92 -77.70 -22.40
CA GLY H 22 63.59 -77.60 -22.99
C GLY H 22 63.32 -76.24 -23.59
N ARG H 23 62.90 -75.32 -22.75
CA ARG H 23 62.52 -73.96 -23.16
C ARG H 23 63.09 -72.92 -22.19
N THR H 24 64.22 -73.27 -21.60
CA THR H 24 64.81 -72.54 -20.47
C THR H 24 66.29 -72.34 -20.81
N VAL H 25 66.59 -71.31 -21.59
CA VAL H 25 67.96 -71.13 -22.10
C VAL H 25 68.88 -70.70 -20.99
N ILE H 26 70.01 -71.37 -20.89
CA ILE H 26 71.03 -71.04 -19.91
C ILE H 26 72.25 -70.68 -20.76
N VAL H 27 72.75 -69.48 -20.55
CA VAL H 27 73.85 -68.91 -21.31
C VAL H 27 75.00 -68.66 -20.37
N LYS H 28 76.17 -69.23 -20.67
CA LYS H 28 77.35 -69.06 -19.84
C LYS H 28 78.58 -68.74 -20.69
N GLY H 29 79.53 -68.05 -20.09
CA GLY H 29 80.74 -67.63 -20.80
C GLY H 29 81.73 -66.92 -19.89
N PRO H 30 82.39 -65.86 -20.39
CA PRO H 30 83.42 -65.16 -19.62
C PRO H 30 83.00 -64.64 -18.25
N ARG H 31 81.87 -63.92 -18.19
CA ARG H 31 81.49 -63.18 -16.98
C ARG H 31 80.64 -64.00 -16.00
N GLY H 32 79.89 -64.96 -16.52
CA GLY H 32 79.09 -65.85 -15.67
C GLY H 32 77.94 -66.47 -16.43
N THR H 33 76.97 -67.01 -15.68
CA THR H 33 75.80 -67.65 -16.26
C THR H 33 74.61 -66.70 -16.26
N LEU H 34 73.69 -66.94 -17.18
CA LEU H 34 72.38 -66.29 -17.17
C LEU H 34 71.35 -67.29 -17.69
N ARG H 35 70.43 -67.67 -16.82
CA ARG H 35 69.31 -68.52 -17.18
C ARG H 35 68.12 -67.62 -17.48
N ARG H 36 67.19 -68.11 -18.28
CA ARG H 36 65.90 -67.44 -18.48
C ARG H 36 64.88 -68.43 -19.01
N ASP H 37 63.73 -68.46 -18.35
CA ASP H 37 62.67 -69.41 -18.63
C ASP H 37 61.62 -68.78 -19.54
N PHE H 38 61.46 -69.33 -20.74
CA PHE H 38 60.44 -68.89 -21.68
C PHE H 38 59.24 -69.84 -21.67
N ASN H 39 59.08 -70.64 -20.61
CA ASN H 39 57.84 -71.36 -20.42
C ASN H 39 56.76 -70.35 -20.12
N HIS H 40 55.96 -70.07 -21.15
CA HIS H 40 55.03 -68.92 -21.29
C HIS H 40 55.12 -68.26 -22.66
N ILE H 41 56.01 -68.72 -23.53
CA ILE H 41 56.14 -68.13 -24.86
C ILE H 41 55.76 -69.09 -26.00
N ASN H 42 55.91 -70.40 -25.76
CA ASN H 42 55.32 -71.45 -26.58
C ASN H 42 55.96 -71.58 -27.98
N VAL H 43 57.23 -71.97 -28.00
CA VAL H 43 58.03 -71.98 -29.23
C VAL H 43 58.99 -73.16 -29.29
N GLU H 44 59.51 -73.42 -30.48
CA GLU H 44 60.43 -74.53 -30.70
C GLU H 44 61.85 -73.96 -30.67
N LEU H 45 62.47 -74.03 -29.51
CA LEU H 45 63.87 -73.60 -29.38
C LEU H 45 64.79 -74.73 -29.76
N SER H 46 65.07 -74.80 -31.06
CA SER H 46 66.10 -75.69 -31.59
C SER H 46 67.46 -75.06 -31.33
N LEU H 47 68.50 -75.89 -31.35
CA LEU H 47 69.86 -75.44 -31.15
C LEU H 47 70.80 -76.23 -32.04
N LEU H 48 71.08 -75.70 -33.21
CA LEU H 48 71.68 -76.49 -34.30
C LEU H 48 73.10 -76.06 -34.63
N GLY H 49 73.82 -76.99 -35.26
CA GLY H 49 75.20 -76.77 -35.70
C GLY H 49 76.21 -77.49 -34.82
N LYS H 50 77.23 -78.08 -35.44
CA LYS H 50 78.41 -78.58 -34.72
C LYS H 50 79.26 -77.36 -34.39
N LYS H 51 79.91 -77.41 -33.23
CA LYS H 51 80.41 -76.24 -32.50
C LYS H 51 79.26 -75.46 -31.79
N LYS H 52 78.03 -75.97 -31.88
CA LYS H 52 76.81 -75.30 -31.40
C LYS H 52 76.76 -73.79 -31.77
N LYS H 53 76.72 -73.52 -33.07
CA LYS H 53 76.94 -72.17 -33.59
C LYS H 53 75.72 -71.26 -33.58
N ARG H 54 74.51 -71.80 -33.68
CA ARG H 54 73.31 -70.96 -33.74
C ARG H 54 72.11 -71.51 -32.98
N LEU H 55 71.29 -70.59 -32.49
CA LEU H 55 70.04 -70.89 -31.83
C LEU H 55 68.93 -70.53 -32.79
N ARG H 56 68.03 -71.48 -33.05
CA ARG H 56 66.93 -71.31 -33.99
C ARG H 56 65.62 -71.37 -33.24
N VAL H 57 64.72 -70.43 -33.49
CA VAL H 57 63.43 -70.33 -32.77
C VAL H 57 62.26 -70.36 -33.76
N ASP H 58 61.65 -71.53 -33.91
CA ASP H 58 60.44 -71.71 -34.73
C ASP H 58 59.19 -71.27 -33.98
N LYS H 59 58.07 -71.20 -34.70
CA LYS H 59 56.76 -70.88 -34.13
C LYS H 59 55.65 -71.23 -35.12
N TRP H 60 55.05 -72.40 -34.94
CA TRP H 60 54.19 -72.96 -35.97
C TRP H 60 52.75 -72.51 -35.82
N TRP H 61 52.10 -72.22 -36.94
CA TRP H 61 50.69 -71.84 -36.97
C TRP H 61 50.34 -70.66 -36.05
N GLY H 62 51.20 -69.65 -36.05
CA GLY H 62 50.97 -68.47 -35.22
C GLY H 62 50.02 -67.47 -35.84
N ASN H 63 49.17 -66.89 -35.00
CA ASN H 63 48.44 -65.68 -35.36
C ASN H 63 49.26 -64.47 -34.97
N ARG H 64 48.88 -63.29 -35.45
CA ARG H 64 49.76 -62.11 -35.45
C ARG H 64 50.41 -61.75 -34.10
N LYS H 65 49.67 -61.94 -33.01
CA LYS H 65 50.21 -61.67 -31.66
C LYS H 65 51.11 -62.80 -31.14
N GLU H 66 50.90 -64.03 -31.62
CA GLU H 66 51.80 -65.14 -31.33
C GLU H 66 53.13 -65.00 -32.06
N LEU H 67 53.10 -64.46 -33.27
CA LEU H 67 54.30 -64.31 -34.09
C LEU H 67 55.18 -63.14 -33.68
N ALA H 68 54.62 -62.23 -32.88
CA ALA H 68 55.41 -61.16 -32.27
C ALA H 68 56.41 -61.66 -31.22
N THR H 69 56.07 -62.74 -30.52
CA THR H 69 56.97 -63.30 -29.53
C THR H 69 58.22 -63.89 -30.14
N VAL H 70 58.12 -64.40 -31.35
CA VAL H 70 59.25 -65.07 -31.98
C VAL H 70 60.51 -64.23 -31.90
N ARG H 71 60.41 -62.99 -32.37
CA ARG H 71 61.54 -62.09 -32.35
C ARG H 71 61.99 -61.74 -30.94
N THR H 72 61.02 -61.44 -30.08
CA THR H 72 61.34 -60.97 -28.73
C THR H 72 62.17 -62.00 -27.96
N ILE H 73 61.86 -63.28 -28.14
CA ILE H 73 62.62 -64.32 -27.46
C ILE H 73 64.04 -64.27 -27.99
N CYS H 74 64.17 -64.19 -29.30
CA CYS H 74 65.48 -64.06 -29.93
C CYS H 74 66.26 -62.88 -29.38
N SER H 75 65.61 -61.72 -29.25
CA SER H 75 66.27 -60.52 -28.72
C SER H 75 66.73 -60.69 -27.28
N HIS H 76 65.87 -61.21 -26.42
CA HIS H 76 66.28 -61.45 -25.04
C HIS H 76 67.50 -62.36 -25.00
N VAL H 77 67.51 -63.40 -25.85
CA VAL H 77 68.67 -64.29 -25.93
C VAL H 77 69.90 -63.48 -26.36
N GLN H 78 69.77 -62.61 -27.35
CA GLN H 78 70.90 -61.76 -27.74
C GLN H 78 71.44 -61.01 -26.54
N ASN H 79 70.57 -60.31 -25.82
CA ASN H 79 70.98 -59.58 -24.61
C ASN H 79 71.63 -60.46 -23.55
N MET H 80 71.15 -61.68 -23.45
CA MET H 80 71.70 -62.67 -22.53
C MET H 80 73.11 -63.05 -22.94
N ILE H 81 73.32 -63.23 -24.24
CA ILE H 81 74.65 -63.48 -24.81
C ILE H 81 75.58 -62.31 -24.56
N LYS H 82 75.11 -61.10 -24.83
CA LYS H 82 75.89 -59.90 -24.57
C LYS H 82 76.32 -59.80 -23.12
N GLY H 83 75.36 -60.00 -22.22
CA GLY H 83 75.61 -59.91 -20.78
C GLY H 83 76.68 -60.85 -20.28
N VAL H 84 76.69 -62.04 -20.85
CA VAL H 84 77.70 -63.02 -20.54
C VAL H 84 79.08 -62.60 -21.07
N THR H 85 79.13 -62.05 -22.28
CA THR H 85 80.40 -61.68 -22.89
C THR H 85 80.95 -60.37 -22.40
N LEU H 86 80.21 -59.30 -22.70
CA LEU H 86 80.65 -57.94 -22.43
C LEU H 86 80.14 -57.45 -21.10
N GLY H 87 78.84 -57.59 -20.90
CA GLY H 87 78.16 -57.05 -19.73
C GLY H 87 77.58 -55.71 -20.12
N PHE H 88 76.76 -55.16 -19.22
CA PHE H 88 76.04 -53.92 -19.43
C PHE H 88 76.49 -52.88 -18.43
N ARG H 89 76.71 -51.66 -18.89
CA ARG H 89 77.11 -50.54 -18.05
C ARG H 89 76.22 -49.33 -18.34
N TYR H 90 75.25 -49.11 -17.46
CA TYR H 90 74.37 -47.95 -17.53
C TYR H 90 74.95 -46.81 -16.72
N LYS H 91 75.31 -45.73 -17.42
CA LYS H 91 75.83 -44.51 -16.79
C LYS H 91 74.70 -43.54 -16.60
N MET H 92 74.62 -42.91 -15.43
CA MET H 92 73.54 -41.96 -15.15
C MET H 92 73.96 -40.72 -14.41
N ARG H 93 73.76 -39.57 -15.04
CA ARG H 93 74.30 -38.30 -14.56
C ARG H 93 73.31 -37.53 -13.73
N SER H 94 73.75 -37.10 -12.56
CA SER H 94 72.96 -36.29 -11.65
C SER H 94 72.87 -34.85 -12.12
N VAL H 95 71.70 -34.26 -11.92
CA VAL H 95 71.36 -32.93 -12.42
C VAL H 95 70.75 -32.11 -11.31
N TYR H 96 71.13 -30.83 -11.25
CA TYR H 96 70.62 -29.92 -10.24
C TYR H 96 70.99 -28.47 -10.53
N ALA H 97 70.08 -27.57 -10.19
CA ALA H 97 70.30 -26.12 -10.25
C ALA H 97 70.86 -25.53 -8.95
N HIS H 98 70.79 -26.32 -7.88
CA HIS H 98 71.24 -25.89 -6.57
C HIS H 98 71.74 -27.14 -5.84
N PHE H 99 70.82 -27.98 -5.36
CA PHE H 99 71.13 -28.99 -4.35
C PHE H 99 71.89 -30.19 -4.94
N PRO H 100 73.20 -30.29 -4.62
CA PRO H 100 74.06 -31.16 -5.36
C PRO H 100 73.91 -32.59 -4.84
N ILE H 101 73.22 -33.40 -5.62
CA ILE H 101 72.67 -34.65 -5.12
C ILE H 101 73.83 -35.54 -4.63
N ASN H 102 73.99 -35.60 -3.31
CA ASN H 102 75.07 -36.33 -2.68
C ASN H 102 74.79 -37.84 -2.68
N VAL H 103 75.41 -38.55 -3.61
CA VAL H 103 75.27 -39.99 -3.72
C VAL H 103 76.44 -40.69 -3.03
N VAL H 104 76.17 -41.85 -2.46
CA VAL H 104 77.19 -42.68 -1.82
C VAL H 104 76.72 -44.13 -1.72
N ILE H 105 77.39 -45.02 -2.44
CA ILE H 105 77.13 -46.46 -2.31
C ILE H 105 77.51 -46.97 -0.91
N GLN H 106 77.02 -48.16 -0.55
CA GLN H 106 77.13 -48.64 0.83
C GLN H 106 77.73 -50.04 0.97
N GLU H 107 76.93 -51.10 0.81
CA GLU H 107 77.38 -52.45 1.17
C GLU H 107 78.47 -52.94 0.22
N ASN H 108 78.17 -52.85 -1.07
CA ASN H 108 79.15 -53.08 -2.12
C ASN H 108 78.76 -52.21 -3.31
N GLY H 109 77.69 -52.60 -4.00
CA GLY H 109 76.97 -51.72 -4.90
C GLY H 109 75.59 -51.54 -4.30
N SER H 110 74.86 -52.65 -4.19
CA SER H 110 73.63 -52.79 -3.39
C SER H 110 72.85 -51.52 -3.07
N LEU H 111 73.33 -50.76 -2.10
CA LEU H 111 72.58 -49.65 -1.50
C LEU H 111 73.06 -48.34 -2.07
N VAL H 112 72.14 -47.41 -2.30
CA VAL H 112 72.49 -46.09 -2.79
C VAL H 112 71.79 -45.01 -1.98
N GLU H 113 72.52 -44.37 -1.07
CA GLU H 113 71.97 -43.22 -0.30
C GLU H 113 72.03 -41.98 -1.18
N ILE H 114 70.92 -41.26 -1.27
CA ILE H 114 70.81 -40.09 -2.18
C ILE H 114 70.39 -38.85 -1.40
N ARG H 115 71.37 -38.24 -0.74
CA ARG H 115 71.10 -37.20 0.24
C ARG H 115 70.98 -35.86 -0.46
N ASN H 116 70.32 -34.91 0.19
CA ASN H 116 70.29 -33.49 -0.22
C ASN H 116 69.81 -33.26 -1.64
N PHE H 117 68.79 -34.00 -2.03
CA PHE H 117 68.08 -33.76 -3.28
C PHE H 117 67.07 -32.67 -2.97
N LEU H 118 67.14 -31.58 -3.72
CA LEU H 118 66.22 -30.46 -3.53
C LEU H 118 66.20 -29.90 -2.09
N GLY H 119 67.28 -30.07 -1.35
CA GLY H 119 67.34 -29.61 0.04
C GLY H 119 66.53 -30.41 1.05
N GLU H 120 66.10 -31.61 0.65
CA GLU H 120 65.23 -32.44 1.48
C GLU H 120 66.05 -33.15 2.55
N LYS H 121 65.55 -33.12 3.78
CA LYS H 121 66.14 -33.92 4.85
C LYS H 121 66.01 -35.44 4.63
N TYR H 122 65.01 -35.89 3.88
CA TYR H 122 64.77 -37.33 3.68
C TYR H 122 65.84 -37.95 2.76
N ILE H 123 66.67 -38.82 3.34
CA ILE H 123 67.70 -39.51 2.60
C ILE H 123 67.07 -40.70 1.89
N ARG H 124 67.20 -40.75 0.56
CA ARG H 124 66.67 -41.87 -0.21
C ARG H 124 67.67 -43.02 -0.32
N ARG H 125 67.48 -44.05 0.48
CA ARG H 125 68.19 -45.28 0.27
C ARG H 125 67.47 -46.01 -0.85
N VAL H 126 68.24 -46.64 -1.74
CA VAL H 126 67.70 -47.42 -2.86
C VAL H 126 68.49 -48.70 -3.07
N ARG H 127 67.83 -49.85 -2.96
CA ARG H 127 68.49 -51.13 -3.18
C ARG H 127 68.70 -51.35 -4.66
N MET H 128 69.58 -52.29 -4.98
CA MET H 128 69.80 -52.78 -6.33
C MET H 128 69.29 -54.20 -6.43
N ARG H 129 68.99 -54.60 -7.66
CA ARG H 129 68.56 -55.95 -7.91
C ARG H 129 69.78 -56.88 -7.84
N PRO H 130 69.65 -58.04 -7.16
CA PRO H 130 70.77 -58.96 -6.98
C PRO H 130 71.57 -59.18 -8.25
N GLY H 131 72.89 -59.04 -8.14
CA GLY H 131 73.78 -59.15 -9.28
C GLY H 131 74.26 -57.81 -9.79
N VAL H 132 73.38 -56.81 -9.76
CA VAL H 132 73.74 -55.46 -10.16
C VAL H 132 74.54 -54.81 -9.04
N ALA H 133 75.56 -54.06 -9.44
CA ALA H 133 76.45 -53.38 -8.51
C ALA H 133 76.65 -51.95 -8.98
N CYS H 134 76.04 -51.01 -8.26
CA CYS H 134 76.27 -49.60 -8.48
C CYS H 134 77.67 -49.23 -8.04
N SER H 135 78.20 -48.16 -8.63
CA SER H 135 79.49 -47.61 -8.23
C SER H 135 79.62 -46.17 -8.72
N VAL H 136 80.23 -45.34 -7.88
CA VAL H 136 80.40 -43.93 -8.19
C VAL H 136 81.68 -43.84 -9.03
N SER H 137 81.57 -43.21 -10.20
CA SER H 137 82.68 -43.20 -11.15
C SER H 137 83.69 -42.09 -10.88
N GLN H 138 84.84 -42.23 -11.52
CA GLN H 138 85.82 -41.15 -11.68
C GLN H 138 85.88 -40.77 -13.15
N ALA H 139 86.63 -39.71 -13.45
CA ALA H 139 86.69 -39.09 -14.79
C ALA H 139 85.40 -38.35 -15.19
N GLN H 140 84.43 -38.26 -14.28
CA GLN H 140 83.17 -37.56 -14.49
C GLN H 140 82.61 -37.23 -13.12
N LYS H 141 82.28 -35.96 -12.89
CA LYS H 141 82.12 -35.45 -11.52
C LYS H 141 80.84 -35.96 -10.83
N ASP H 142 79.69 -35.66 -11.42
CA ASP H 142 78.39 -36.11 -10.92
C ASP H 142 77.83 -37.14 -11.89
N GLU H 143 77.97 -38.41 -11.54
CA GLU H 143 77.75 -39.51 -12.47
C GLU H 143 77.88 -40.85 -11.73
N LEU H 144 76.94 -41.75 -12.00
CA LEU H 144 76.94 -43.11 -11.46
C LEU H 144 77.22 -44.13 -12.54
N VAL H 145 77.66 -45.30 -12.12
CA VAL H 145 77.86 -46.41 -13.02
C VAL H 145 77.17 -47.63 -12.45
N LEU H 146 76.26 -48.19 -13.25
CA LEU H 146 75.62 -49.46 -12.93
C LEU H 146 76.12 -50.50 -13.90
N GLU H 147 76.76 -51.54 -13.38
CA GLU H 147 77.22 -52.67 -14.18
C GLU H 147 76.53 -53.94 -13.74
N GLY H 148 76.35 -54.85 -14.69
CA GLY H 148 75.77 -56.15 -14.41
C GLY H 148 75.58 -56.94 -15.69
N ASN H 149 75.35 -58.23 -15.52
CA ASN H 149 75.18 -59.11 -16.66
C ASN H 149 73.77 -58.98 -17.19
N ASP H 150 72.79 -59.26 -16.33
CA ASP H 150 71.38 -59.25 -16.74
C ASP H 150 70.91 -57.81 -16.91
N ILE H 151 70.70 -57.43 -18.17
CA ILE H 151 70.23 -56.08 -18.54
C ILE H 151 68.97 -55.66 -17.79
N GLU H 152 67.99 -56.56 -17.72
CA GLU H 152 66.71 -56.28 -17.09
C GLU H 152 66.95 -55.69 -15.73
N LEU H 153 67.76 -56.40 -14.94
CA LEU H 153 68.01 -56.05 -13.56
C LEU H 153 68.76 -54.74 -13.44
N VAL H 154 69.67 -54.48 -14.37
CA VAL H 154 70.45 -53.24 -14.39
C VAL H 154 69.56 -52.04 -14.68
N SER H 155 68.85 -52.11 -15.80
CA SER H 155 67.99 -51.03 -16.24
C SER H 155 66.86 -50.71 -15.28
N ASN H 156 66.31 -51.72 -14.64
CA ASN H 156 65.32 -51.51 -13.59
C ASN H 156 65.93 -50.80 -12.39
N SER H 157 67.12 -51.22 -11.98
CA SER H 157 67.80 -50.63 -10.84
C SER H 157 68.25 -49.21 -11.11
N ALA H 158 68.47 -48.90 -12.38
CA ALA H 158 68.66 -47.52 -12.80
C ALA H 158 67.40 -46.75 -12.59
N ALA H 159 66.30 -47.28 -13.09
CA ALA H 159 64.99 -46.67 -12.94
C ALA H 159 64.58 -46.43 -11.49
N LEU H 160 64.97 -47.33 -10.60
CA LEU H 160 64.76 -47.14 -9.18
C LEU H 160 65.34 -45.82 -8.72
N ILE H 161 66.60 -45.55 -9.07
CA ILE H 161 67.27 -44.31 -8.61
C ILE H 161 66.93 -43.10 -9.46
N GLN H 162 66.26 -43.32 -10.59
CA GLN H 162 65.72 -42.22 -11.40
C GLN H 162 64.40 -41.71 -10.83
N GLN H 163 63.52 -42.65 -10.52
CA GLN H 163 62.21 -42.36 -9.94
C GLN H 163 62.28 -41.99 -8.46
N ALA H 164 63.27 -42.52 -7.76
CA ALA H 164 63.52 -42.11 -6.38
C ALA H 164 63.61 -40.60 -6.34
N THR H 165 64.49 -40.05 -7.15
CA THR H 165 64.73 -38.62 -7.20
C THR H 165 63.73 -37.93 -8.13
N THR H 166 62.51 -37.78 -7.62
CA THR H 166 61.41 -37.13 -8.34
C THR H 166 60.84 -35.95 -7.57
N VAL H 167 60.30 -34.99 -8.31
CA VAL H 167 59.89 -33.71 -7.75
C VAL H 167 58.37 -33.71 -7.67
N LYS H 168 57.84 -33.48 -6.47
CA LYS H 168 56.39 -33.47 -6.25
C LYS H 168 55.93 -32.03 -6.10
N ASN H 169 54.72 -31.75 -6.59
CA ASN H 169 54.02 -30.47 -6.36
C ASN H 169 54.74 -29.22 -6.86
N LYS H 170 55.46 -29.38 -7.96
CA LYS H 170 56.19 -28.28 -8.58
C LYS H 170 56.03 -28.36 -10.08
N ASP H 171 56.60 -27.39 -10.76
CA ASP H 171 56.63 -27.36 -12.21
C ASP H 171 57.87 -28.12 -12.71
N ILE H 172 57.69 -29.38 -13.10
CA ILE H 172 58.83 -30.21 -13.49
C ILE H 172 59.55 -29.77 -14.76
N ARG H 173 58.95 -28.88 -15.55
CA ARG H 173 59.69 -28.20 -16.63
C ARG H 173 60.75 -27.23 -16.09
N LYS H 174 60.46 -26.63 -14.94
CA LYS H 174 61.40 -25.78 -14.22
C LYS H 174 62.40 -26.62 -13.45
N PHE H 175 61.88 -27.41 -12.53
CA PHE H 175 62.70 -28.14 -11.57
C PHE H 175 63.18 -29.44 -12.21
N LEU H 176 64.23 -29.31 -13.00
CA LEU H 176 64.85 -30.44 -13.65
C LEU H 176 65.94 -30.89 -12.71
N ASP H 177 65.63 -31.89 -11.91
CA ASP H 177 66.64 -32.47 -11.02
C ASP H 177 66.46 -33.95 -10.87
N GLY H 178 67.54 -34.59 -10.47
CA GLY H 178 67.57 -36.02 -10.30
C GLY H 178 68.73 -36.64 -11.02
N ILE H 179 68.80 -37.94 -10.87
CA ILE H 179 69.81 -38.74 -11.46
C ILE H 179 69.13 -39.38 -12.67
N TYR H 180 69.61 -39.11 -13.88
CA TYR H 180 69.00 -39.66 -15.10
C TYR H 180 69.96 -40.49 -15.93
N VAL H 181 69.44 -41.52 -16.60
CA VAL H 181 70.25 -42.40 -17.42
C VAL H 181 70.73 -41.70 -18.69
N SER H 182 72.04 -41.52 -18.77
CA SER H 182 72.69 -40.76 -19.82
C SER H 182 73.23 -41.65 -20.94
N GLU H 183 73.77 -42.81 -20.59
CA GLU H 183 74.40 -43.70 -21.57
C GLU H 183 74.27 -45.17 -21.19
N LYS H 184 73.68 -45.95 -22.09
CA LYS H 184 73.54 -47.39 -21.92
C LYS H 184 74.62 -48.05 -22.79
N GLY H 185 75.68 -48.52 -22.13
CA GLY H 185 76.82 -49.15 -22.81
C GLY H 185 77.19 -50.48 -22.21
N THR H 186 78.38 -50.95 -22.55
CA THR H 186 78.90 -52.22 -22.05
C THR H 186 80.07 -51.98 -21.11
N VAL H 187 80.45 -53.04 -20.40
CA VAL H 187 81.60 -53.00 -19.51
C VAL H 187 82.87 -53.02 -20.35
N GLN H 188 82.92 -53.90 -21.35
CA GLN H 188 84.07 -54.00 -22.27
C GLN H 188 83.57 -54.23 -23.70
N GLN H 189 84.21 -53.59 -24.67
CA GLN H 189 83.65 -53.42 -26.03
C GLN H 189 84.19 -54.40 -27.07
N ALA H 190 85.51 -54.56 -27.11
CA ALA H 190 86.21 -55.37 -28.11
C ALA H 190 85.99 -54.85 -29.53
N GLY I 1 15.75 -22.37 -25.95
CA GLY I 1 14.58 -21.75 -26.66
C GLY I 1 13.70 -22.77 -27.36
N ARG I 2 14.20 -23.31 -28.47
CA ARG I 2 13.52 -24.38 -29.19
C ARG I 2 13.86 -25.74 -28.60
N ARG I 3 13.17 -26.77 -29.05
CA ARG I 3 13.38 -28.13 -28.53
C ARG I 3 14.70 -28.70 -29.02
N PRO I 4 15.16 -29.77 -28.38
CA PRO I 4 16.21 -30.59 -28.96
C PRO I 4 15.78 -31.19 -30.27
N ALA I 5 16.73 -31.42 -31.17
CA ALA I 5 16.43 -32.04 -32.45
C ALA I 5 15.91 -33.45 -32.27
N ARG I 6 16.39 -34.15 -31.23
CA ARG I 6 15.92 -35.48 -30.88
C ARG I 6 14.45 -35.70 -31.20
N CYS I 7 13.59 -34.85 -30.64
CA CYS I 7 12.14 -35.11 -30.62
C CYS I 7 11.48 -35.10 -32.00
N TYR I 8 12.08 -34.39 -32.95
CA TYR I 8 11.46 -34.14 -34.24
C TYR I 8 12.30 -34.80 -35.33
N ARG I 9 12.89 -35.95 -35.02
CA ARG I 9 13.82 -36.60 -35.93
C ARG I 9 13.09 -37.48 -36.91
N TYR I 10 12.35 -38.44 -36.38
CA TYR I 10 11.74 -39.46 -37.21
C TYR I 10 10.50 -38.95 -37.95
N CYS I 11 10.32 -39.42 -39.18
CA CYS I 11 9.26 -38.94 -40.06
C CYS I 11 7.94 -39.57 -39.66
N LYS I 12 7.32 -39.00 -38.64
CA LYS I 12 6.16 -39.61 -37.98
C LYS I 12 4.84 -39.18 -38.61
N ASN I 13 4.68 -37.87 -38.80
CA ASN I 13 3.43 -37.28 -39.30
C ASN I 13 3.32 -37.27 -40.81
N LYS I 14 2.13 -36.91 -41.30
CA LYS I 14 1.92 -36.57 -42.70
C LYS I 14 2.48 -35.18 -42.92
N PRO I 15 2.87 -34.88 -44.16
CA PRO I 15 3.52 -33.61 -44.44
C PRO I 15 2.58 -32.43 -44.28
N TYR I 16 3.05 -31.39 -43.59
CA TYR I 16 2.22 -30.31 -43.09
C TYR I 16 2.75 -28.97 -43.60
N PRO I 17 2.68 -28.76 -44.92
CA PRO I 17 3.28 -27.60 -45.53
C PRO I 17 2.63 -26.27 -45.16
N LYS I 18 3.41 -25.19 -45.23
CA LYS I 18 2.90 -23.86 -44.99
C LYS I 18 1.96 -23.50 -46.12
N SER I 19 0.70 -23.25 -45.78
CA SER I 19 -0.37 -23.11 -46.77
C SER I 19 -1.52 -22.27 -46.21
N ARG I 20 -2.66 -22.30 -46.90
CA ARG I 20 -3.91 -21.75 -46.36
C ARG I 20 -4.14 -22.17 -44.92
N PHE I 21 -3.93 -23.45 -44.65
CA PHE I 21 -4.35 -24.08 -43.40
C PHE I 21 -3.32 -23.79 -42.32
N CYS I 22 -2.09 -24.21 -42.60
CA CYS I 22 -0.99 -24.02 -41.68
C CYS I 22 -0.42 -22.63 -41.92
N ARG I 23 -0.77 -21.70 -41.03
CA ARG I 23 -0.27 -20.35 -41.13
C ARG I 23 0.07 -19.76 -39.78
N GLY I 24 0.89 -18.72 -39.80
CA GLY I 24 1.61 -18.26 -38.63
C GLY I 24 2.83 -19.14 -38.41
N VAL I 25 3.42 -19.61 -39.50
CA VAL I 25 4.62 -20.43 -39.45
C VAL I 25 5.80 -19.47 -39.38
N PRO I 26 6.68 -19.64 -38.39
CA PRO I 26 7.87 -18.82 -38.35
C PRO I 26 8.85 -19.29 -39.42
N ASP I 27 9.59 -18.33 -39.98
CA ASP I 27 10.36 -18.55 -41.19
C ASP I 27 11.54 -19.48 -40.95
N ALA I 28 11.93 -20.19 -42.01
CA ALA I 28 13.02 -21.16 -41.95
C ALA I 28 14.35 -20.46 -41.72
N LYS I 29 15.23 -21.13 -40.98
CA LYS I 29 16.55 -20.59 -40.68
C LYS I 29 17.36 -20.52 -41.95
N ILE I 30 17.39 -21.62 -42.70
CA ILE I 30 18.05 -21.66 -44.01
C ILE I 30 17.23 -20.93 -45.05
N ARG I 31 17.93 -20.18 -45.90
CA ARG I 31 17.31 -19.31 -46.90
C ARG I 31 18.06 -19.37 -48.23
N ILE I 32 19.37 -19.11 -48.18
CA ILE I 32 20.24 -19.16 -49.35
C ILE I 32 20.68 -20.61 -49.61
N PHE I 33 20.01 -21.28 -50.55
CA PHE I 33 20.30 -22.68 -50.86
C PHE I 33 21.50 -22.90 -51.75
N ASP I 34 22.08 -21.83 -52.29
CA ASP I 34 23.32 -21.97 -53.06
C ASP I 34 24.26 -20.79 -52.94
N LEU I 35 25.54 -21.10 -53.02
CA LEU I 35 26.60 -20.14 -52.88
C LEU I 35 27.88 -20.69 -53.49
N GLY I 36 28.88 -19.82 -53.55
CA GLY I 36 30.07 -20.08 -54.34
C GLY I 36 29.88 -19.32 -55.63
N ARG I 37 30.69 -19.64 -56.64
CA ARG I 37 30.57 -18.99 -57.93
C ARG I 37 29.42 -19.66 -58.70
N LYS I 38 28.20 -19.29 -58.35
CA LYS I 38 27.01 -19.86 -59.00
C LYS I 38 26.82 -19.35 -60.43
N LYS I 39 27.50 -18.26 -60.77
CA LYS I 39 27.47 -17.67 -62.10
C LYS I 39 28.57 -18.27 -62.99
N ALA I 40 28.69 -19.60 -62.98
CA ALA I 40 29.81 -20.31 -63.59
C ALA I 40 29.27 -21.25 -64.65
N LYS I 41 30.05 -21.44 -65.71
CA LYS I 41 29.57 -22.21 -66.86
C LYS I 41 29.82 -23.70 -66.64
N VAL I 42 28.92 -24.53 -67.15
CA VAL I 42 29.08 -26.00 -67.11
C VAL I 42 30.51 -26.51 -67.18
N ASP I 43 31.24 -26.03 -68.18
CA ASP I 43 32.55 -26.59 -68.52
C ASP I 43 33.64 -26.28 -67.49
N GLU I 44 33.51 -25.15 -66.79
CA GLU I 44 34.50 -24.75 -65.80
C GLU I 44 34.14 -25.17 -64.36
N PHE I 45 33.56 -26.36 -64.20
CA PHE I 45 33.31 -27.00 -62.90
C PHE I 45 32.65 -28.36 -63.12
N PRO I 46 33.45 -29.40 -63.38
CA PRO I 46 32.91 -30.74 -63.40
C PRO I 46 33.47 -31.62 -62.29
N LEU I 47 32.63 -31.98 -61.33
CA LEU I 47 33.04 -32.91 -60.28
C LEU I 47 31.82 -33.58 -59.62
N CYS I 48 30.86 -32.77 -59.16
CA CYS I 48 29.62 -33.23 -58.53
C CYS I 48 29.67 -34.10 -57.27
N GLY I 49 30.16 -33.53 -56.18
CA GLY I 49 30.29 -34.22 -54.89
C GLY I 49 29.02 -34.07 -54.07
N HIS I 50 28.29 -35.16 -53.90
CA HIS I 50 27.08 -35.17 -53.12
C HIS I 50 27.28 -35.67 -51.71
N MET I 51 26.41 -35.21 -50.82
CA MET I 51 26.19 -35.83 -49.52
C MET I 51 24.82 -36.50 -49.56
N VAL I 52 24.82 -37.82 -49.62
CA VAL I 52 23.62 -38.61 -49.77
C VAL I 52 23.19 -39.19 -48.44
N SER I 53 21.90 -39.09 -48.11
CA SER I 53 21.39 -39.65 -46.86
C SER I 53 21.27 -41.16 -46.92
N ASP I 54 21.21 -41.78 -45.74
CA ASP I 54 20.96 -43.22 -45.60
C ASP I 54 19.91 -43.57 -44.53
N GLU I 55 19.10 -42.59 -44.14
CA GLU I 55 17.99 -42.78 -43.22
C GLU I 55 16.78 -42.03 -43.73
N TYR I 56 15.60 -42.54 -43.42
CA TYR I 56 14.35 -41.83 -43.72
C TYR I 56 14.02 -40.94 -42.53
N GLU I 57 14.71 -39.81 -42.45
CA GLU I 57 14.62 -38.91 -41.29
C GLU I 57 14.32 -37.48 -41.70
N GLN I 58 14.15 -36.62 -40.71
CA GLN I 58 13.91 -35.19 -40.91
C GLN I 58 15.13 -34.34 -40.50
N LEU I 59 15.64 -33.54 -41.44
CA LEU I 59 16.69 -32.58 -41.13
C LEU I 59 16.06 -31.23 -40.86
N SER I 60 16.39 -30.61 -39.72
CA SER I 60 15.86 -29.27 -39.39
C SER I 60 16.44 -28.22 -40.29
N SER I 61 15.66 -27.16 -40.52
CA SER I 61 16.15 -26.02 -41.27
C SER I 61 17.47 -25.47 -40.67
N GLU I 62 17.54 -25.43 -39.34
CA GLU I 62 18.72 -24.96 -38.64
C GLU I 62 19.94 -25.79 -38.98
N ALA I 63 19.76 -27.11 -38.97
CA ALA I 63 20.83 -28.02 -39.31
C ALA I 63 21.35 -27.78 -40.71
N LEU I 64 20.44 -27.63 -41.66
CA LEU I 64 20.83 -27.42 -43.06
C LEU I 64 21.65 -26.17 -43.26
N GLU I 65 21.32 -25.12 -42.50
CA GLU I 65 22.10 -23.90 -42.55
C GLU I 65 23.49 -24.16 -42.03
N ALA I 66 23.57 -24.73 -40.83
CA ALA I 66 24.84 -24.97 -40.18
C ALA I 66 25.76 -25.83 -41.03
N ALA I 67 25.17 -26.83 -41.69
CA ALA I 67 25.92 -27.71 -42.59
C ALA I 67 26.44 -26.97 -43.80
N ARG I 68 25.60 -26.11 -44.37
CA ARG I 68 25.99 -25.30 -45.52
C ARG I 68 27.16 -24.42 -45.15
N ILE I 69 27.00 -23.64 -44.09
CA ILE I 69 28.05 -22.73 -43.64
C ILE I 69 29.36 -23.49 -43.44
N CYS I 70 29.27 -24.57 -42.69
CA CYS I 70 30.41 -25.44 -42.43
C CYS I 70 31.13 -25.82 -43.71
N ALA I 71 30.38 -26.31 -44.69
CA ALA I 71 30.94 -26.76 -45.96
C ALA I 71 31.52 -25.62 -46.79
N ASN I 72 30.86 -24.49 -46.76
CA ASN I 72 31.28 -23.32 -47.52
C ASN I 72 32.53 -22.72 -46.92
N LYS I 73 32.55 -22.58 -45.59
CA LYS I 73 33.71 -22.02 -44.90
C LYS I 73 35.00 -22.76 -45.24
N TYR I 74 34.96 -24.09 -45.15
CA TYR I 74 36.13 -24.93 -45.44
C TYR I 74 36.51 -24.90 -46.92
N MET I 75 35.51 -24.92 -47.81
CA MET I 75 35.75 -24.77 -49.24
C MET I 75 36.50 -23.48 -49.58
N VAL I 76 36.10 -22.37 -48.97
CA VAL I 76 36.75 -21.08 -49.20
C VAL I 76 38.20 -21.08 -48.70
N LYS I 77 38.40 -21.53 -47.46
CA LYS I 77 39.75 -21.66 -46.89
C LYS I 77 40.62 -22.60 -47.71
N SER I 78 40.05 -23.73 -48.14
CA SER I 78 40.79 -24.72 -48.91
C SER I 78 41.20 -24.20 -50.29
N CYS I 79 40.27 -24.25 -51.25
CA CYS I 79 40.62 -23.97 -52.63
C CYS I 79 40.60 -22.47 -52.90
N GLY I 80 39.43 -21.85 -52.79
CA GLY I 80 39.30 -20.43 -53.06
C GLY I 80 37.88 -19.91 -53.07
N LYS I 81 37.74 -18.59 -52.99
CA LYS I 81 36.43 -17.97 -52.84
C LYS I 81 35.56 -18.31 -54.03
N ASP I 82 36.18 -18.33 -55.20
CA ASP I 82 35.44 -18.45 -56.46
C ASP I 82 35.84 -19.72 -57.23
N GLY I 83 36.14 -20.79 -56.49
CA GLY I 83 36.54 -22.07 -57.08
C GLY I 83 35.58 -23.22 -56.79
N PHE I 84 34.32 -22.92 -56.51
CA PHE I 84 33.32 -23.96 -56.29
C PHE I 84 31.90 -23.41 -56.42
N HIS I 85 30.94 -24.33 -56.47
CA HIS I 85 29.52 -24.01 -56.38
C HIS I 85 28.80 -25.06 -55.54
N ILE I 86 28.13 -24.63 -54.47
CA ILE I 86 27.43 -25.54 -53.56
C ILE I 86 25.92 -25.33 -53.58
N ARG I 87 25.19 -26.39 -53.90
CA ARG I 87 23.75 -26.38 -54.00
C ARG I 87 23.21 -27.21 -52.85
N VAL I 88 22.41 -26.60 -51.99
CA VAL I 88 21.66 -27.34 -50.96
C VAL I 88 20.38 -27.82 -51.63
N ARG I 89 20.05 -29.09 -51.44
CA ARG I 89 18.94 -29.70 -52.17
C ARG I 89 17.90 -30.33 -51.27
N LEU I 90 17.68 -29.71 -50.12
CA LEU I 90 16.57 -30.02 -49.26
C LEU I 90 16.09 -28.72 -48.70
N HIS I 91 14.90 -28.30 -49.10
CA HIS I 91 14.35 -27.10 -48.52
C HIS I 91 13.43 -27.58 -47.44
N PRO I 92 13.38 -26.83 -46.34
CA PRO I 92 12.45 -27.17 -45.31
C PRO I 92 11.08 -26.64 -45.71
N PHE I 93 10.19 -27.58 -45.99
CA PHE I 93 8.79 -27.29 -46.28
C PHE I 93 7.88 -27.72 -45.15
N HIS I 94 8.02 -28.98 -44.75
CA HIS I 94 7.27 -29.57 -43.63
C HIS I 94 7.35 -28.69 -42.39
N VAL I 95 6.19 -28.39 -41.79
CA VAL I 95 6.11 -27.59 -40.58
C VAL I 95 5.98 -28.55 -39.42
N ILE I 96 6.51 -28.13 -38.29
CA ILE I 96 6.72 -28.99 -37.16
C ILE I 96 6.10 -28.32 -35.93
N ARG I 97 5.27 -29.06 -35.21
CA ARG I 97 4.35 -28.43 -34.24
C ARG I 97 4.82 -28.53 -32.79
N ILE I 98 4.18 -27.79 -31.89
CA ILE I 98 4.67 -27.66 -30.52
C ILE I 98 3.53 -27.34 -29.54
N ASN I 99 3.00 -28.39 -28.92
CA ASN I 99 2.07 -28.24 -27.81
C ASN I 99 2.85 -27.77 -26.60
N LYS I 100 2.62 -26.53 -26.16
CA LYS I 100 3.41 -25.94 -25.08
C LYS I 100 2.71 -25.96 -23.72
N MET I 101 3.50 -26.05 -22.66
CA MET I 101 3.00 -26.21 -21.28
C MET I 101 3.56 -25.15 -20.31
N LEU I 102 2.93 -23.98 -20.33
CA LEU I 102 3.09 -22.91 -19.32
C LEU I 102 4.45 -22.85 -18.60
N THR I 112 -4.00 -27.23 -17.49
CA THR I 112 -4.96 -27.65 -18.51
C THR I 112 -4.77 -29.11 -18.92
N GLY I 113 -3.52 -29.46 -19.24
CA GLY I 113 -3.15 -30.83 -19.60
C GLY I 113 -3.26 -31.13 -21.08
N MET I 114 -3.52 -32.38 -21.40
CA MET I 114 -3.51 -32.90 -22.77
C MET I 114 -4.80 -32.59 -23.54
N ARG I 115 -5.64 -31.72 -22.99
CA ARG I 115 -6.95 -31.47 -23.59
C ARG I 115 -6.76 -30.41 -24.64
N GLY I 116 -7.34 -30.66 -25.81
CA GLY I 116 -7.22 -29.76 -26.95
C GLY I 116 -5.81 -29.54 -27.47
N ALA I 117 -4.91 -30.48 -27.23
CA ALA I 117 -3.51 -30.34 -27.65
C ALA I 117 -3.47 -30.47 -29.15
N PHE I 118 -3.04 -29.42 -29.82
CA PHE I 118 -2.65 -29.52 -31.22
C PHE I 118 -1.75 -28.35 -31.44
N GLY I 119 -0.60 -28.61 -32.01
CA GLY I 119 0.49 -27.68 -31.93
C GLY I 119 0.33 -26.37 -32.68
N LYS I 120 1.10 -25.40 -32.23
CA LYS I 120 1.36 -24.22 -33.01
C LYS I 120 2.54 -24.65 -33.87
N PRO I 121 2.78 -23.94 -34.98
CA PRO I 121 4.01 -24.18 -35.74
C PRO I 121 5.25 -23.74 -34.98
N GLN I 122 6.15 -24.69 -34.73
CA GLN I 122 7.41 -24.39 -34.06
C GLN I 122 8.37 -23.86 -35.07
N GLY I 123 8.53 -24.59 -36.16
CA GLY I 123 9.49 -24.24 -37.20
C GLY I 123 9.26 -25.08 -38.44
N THR I 124 10.27 -25.18 -39.29
CA THR I 124 10.17 -26.02 -40.48
C THR I 124 11.19 -27.14 -40.44
N VAL I 125 11.08 -28.06 -41.39
CA VAL I 125 11.97 -29.19 -41.45
C VAL I 125 11.89 -29.78 -42.84
N ALA I 126 12.97 -30.42 -43.28
CA ALA I 126 12.97 -31.14 -44.54
C ALA I 126 12.92 -32.60 -44.22
N ARG I 127 12.18 -33.36 -45.04
CA ARG I 127 12.16 -34.82 -44.95
C ARG I 127 13.10 -35.33 -46.01
N VAL I 128 13.85 -36.37 -45.67
CA VAL I 128 14.85 -36.91 -46.58
C VAL I 128 14.61 -38.38 -46.71
N HIS I 129 14.66 -38.90 -47.93
CA HIS I 129 14.56 -40.32 -48.15
C HIS I 129 15.92 -40.94 -48.14
N ILE I 130 15.95 -42.26 -48.05
CA ILE I 130 17.20 -42.99 -48.14
C ILE I 130 17.67 -42.91 -49.59
N GLY I 131 18.94 -42.59 -49.76
CA GLY I 131 19.54 -42.43 -51.07
C GLY I 131 19.34 -41.08 -51.71
N GLN I 132 18.59 -40.18 -51.05
CA GLN I 132 18.37 -38.83 -51.56
C GLN I 132 19.57 -37.97 -51.22
N VAL I 133 19.83 -36.98 -52.07
CA VAL I 133 20.92 -36.04 -51.85
C VAL I 133 20.48 -34.89 -50.94
N ILE I 134 21.41 -34.46 -50.07
CA ILE I 134 21.18 -33.34 -49.18
C ILE I 134 21.88 -32.10 -49.75
N MET I 135 23.20 -32.11 -49.72
CA MET I 135 24.00 -31.03 -50.26
C MET I 135 24.71 -31.54 -51.50
N SER I 136 25.13 -30.62 -52.35
CA SER I 136 25.98 -31.02 -53.47
C SER I 136 26.93 -29.87 -53.84
N ILE I 137 28.13 -30.25 -54.28
CA ILE I 137 29.20 -29.33 -54.62
C ILE I 137 29.76 -29.73 -55.97
N ARG I 138 30.08 -28.74 -56.80
CA ARG I 138 30.88 -28.96 -58.00
C ARG I 138 32.09 -28.05 -57.96
N THR I 139 33.20 -28.55 -58.51
CA THR I 139 34.40 -27.76 -58.69
C THR I 139 35.26 -28.46 -59.74
N LYS I 140 36.58 -28.44 -59.58
CA LYS I 140 37.50 -28.93 -60.61
C LYS I 140 37.99 -30.33 -60.25
N LEU I 141 38.56 -31.01 -61.24
CA LEU I 141 39.16 -32.33 -61.02
C LEU I 141 40.43 -32.26 -60.15
N GLN I 142 41.03 -31.07 -60.06
CA GLN I 142 42.05 -30.78 -59.05
C GLN I 142 41.59 -31.03 -57.62
N ASN I 143 40.34 -30.69 -57.35
CA ASN I 143 39.90 -30.31 -56.03
C ASN I 143 39.03 -31.35 -55.32
N LYS I 144 39.10 -32.60 -55.77
CA LYS I 144 38.26 -33.69 -55.23
C LYS I 144 38.38 -33.83 -53.71
N GLU I 145 39.61 -33.78 -53.22
CA GLU I 145 39.94 -34.02 -51.81
C GLU I 145 39.32 -32.98 -50.90
N HIS I 146 39.36 -31.73 -51.36
CA HIS I 146 38.81 -30.60 -50.58
C HIS I 146 37.29 -30.65 -50.50
N VAL I 147 36.66 -31.13 -51.57
CA VAL I 147 35.21 -31.31 -51.57
C VAL I 147 34.82 -32.39 -50.58
N VAL I 148 35.49 -33.54 -50.66
CA VAL I 148 35.22 -34.65 -49.77
C VAL I 148 35.26 -34.21 -48.32
N GLU I 149 36.33 -33.51 -47.93
CA GLU I 149 36.47 -33.04 -46.56
C GLU I 149 35.43 -31.98 -46.21
N ALA I 150 35.04 -31.14 -47.16
CA ALA I 150 33.98 -30.14 -46.94
C ALA I 150 32.63 -30.76 -46.59
N LEU I 151 32.28 -31.84 -47.26
CA LEU I 151 31.06 -32.57 -46.94
C LEU I 151 31.21 -33.35 -45.65
N ARG I 152 32.35 -34.02 -45.46
CA ARG I 152 32.69 -34.70 -44.19
C ARG I 152 32.44 -33.81 -43.00
N ARG I 153 32.93 -32.58 -43.08
CA ARG I 153 32.73 -31.65 -42.00
C ARG I 153 31.25 -31.36 -41.80
N ALA I 154 30.52 -31.14 -42.90
CA ALA I 154 29.08 -30.88 -42.84
C ALA I 154 28.24 -32.04 -42.34
N LYS I 155 28.73 -33.27 -42.43
CA LYS I 155 28.04 -34.42 -41.84
C LYS I 155 27.82 -34.20 -40.36
N PHE I 156 28.83 -33.68 -39.68
CA PHE I 156 28.76 -33.51 -38.24
C PHE I 156 27.65 -32.56 -37.78
N LYS I 157 27.11 -31.75 -38.67
CA LYS I 157 25.97 -30.89 -38.36
C LYS I 157 24.62 -31.56 -38.63
N PHE I 158 24.59 -32.80 -39.12
CA PHE I 158 23.33 -33.52 -39.31
C PHE I 158 23.18 -34.66 -38.34
N PRO I 159 21.93 -35.10 -38.10
CA PRO I 159 21.64 -36.35 -37.43
C PRO I 159 21.52 -37.48 -38.41
N GLY I 160 21.65 -38.69 -37.89
CA GLY I 160 21.62 -39.89 -38.69
C GLY I 160 22.93 -40.11 -39.39
N ARG I 161 22.87 -40.85 -40.49
CA ARG I 161 24.04 -41.26 -41.21
C ARG I 161 23.91 -41.06 -42.69
N GLN I 162 24.92 -40.41 -43.27
CA GLN I 162 24.93 -40.02 -44.67
C GLN I 162 26.29 -40.36 -45.25
N LYS I 163 26.27 -40.91 -46.46
CA LYS I 163 27.51 -41.17 -47.20
C LYS I 163 27.84 -39.96 -48.06
N ILE I 164 29.14 -39.74 -48.26
CA ILE I 164 29.64 -38.75 -49.20
C ILE I 164 30.01 -39.53 -50.44
N HIS I 165 29.57 -39.02 -51.58
CA HIS I 165 29.63 -39.75 -52.83
C HIS I 165 30.00 -38.81 -53.96
N ILE I 166 30.89 -39.28 -54.84
CA ILE I 166 31.29 -38.52 -56.01
C ILE I 166 30.64 -39.13 -57.24
N SER I 167 29.86 -38.33 -57.93
CA SER I 167 29.00 -38.79 -59.00
C SER I 167 29.78 -39.03 -60.28
N LYS I 168 29.14 -39.75 -61.20
CA LYS I 168 29.68 -39.98 -62.53
C LYS I 168 29.10 -38.98 -63.53
N LYS I 169 28.44 -37.93 -63.03
CA LYS I 169 27.85 -36.91 -63.87
C LYS I 169 28.78 -35.72 -64.04
N TRP I 170 28.62 -35.02 -65.14
CA TRP I 170 29.29 -33.75 -65.34
C TRP I 170 28.58 -32.70 -64.52
N GLY I 171 29.31 -32.04 -63.63
CA GLY I 171 28.79 -30.90 -62.86
C GLY I 171 27.51 -31.18 -62.11
N PHE I 172 26.56 -30.27 -62.23
CA PHE I 172 25.21 -30.49 -61.71
C PHE I 172 24.23 -30.90 -62.82
N THR I 173 24.74 -31.51 -63.90
CA THR I 173 23.90 -31.88 -65.03
C THR I 173 23.40 -33.28 -64.79
N LYS I 174 22.50 -33.74 -65.66
CA LYS I 174 22.01 -35.11 -65.61
C LYS I 174 22.79 -36.04 -66.53
N PHE I 175 23.89 -35.56 -67.10
CA PHE I 175 24.57 -36.24 -68.20
C PHE I 175 25.92 -36.80 -67.80
N ASN I 176 26.05 -38.10 -68.00
CA ASN I 176 27.23 -38.84 -67.61
C ASN I 176 28.48 -38.17 -68.15
N ALA I 177 29.45 -37.93 -67.27
CA ALA I 177 30.66 -37.15 -67.59
C ALA I 177 31.57 -37.76 -68.66
N ASP I 178 31.51 -39.08 -68.82
CA ASP I 178 32.23 -39.77 -69.91
C ASP I 178 31.75 -39.35 -71.31
N GLU I 179 30.46 -39.04 -71.41
CA GLU I 179 29.79 -38.75 -72.68
C GLU I 179 29.66 -37.24 -72.96
N PHE I 180 29.91 -36.43 -71.94
CA PHE I 180 29.52 -35.02 -71.96
C PHE I 180 30.15 -34.27 -73.10
N GLU I 181 31.48 -34.34 -73.19
CA GLU I 181 32.24 -33.53 -74.15
C GLU I 181 31.89 -33.86 -75.60
N ASP I 182 31.65 -35.14 -75.86
CA ASP I 182 31.21 -35.58 -77.19
C ASP I 182 29.82 -35.08 -77.53
N MET I 183 28.90 -35.14 -76.57
CA MET I 183 27.54 -34.62 -76.77
C MET I 183 27.50 -33.12 -77.01
N VAL I 184 28.41 -32.39 -76.38
CA VAL I 184 28.53 -30.94 -76.57
C VAL I 184 29.00 -30.67 -78.00
N ALA I 185 30.07 -31.32 -78.43
CA ALA I 185 30.64 -30.92 -79.71
C ALA I 185 29.66 -31.09 -80.89
N GLU I 186 28.95 -32.22 -80.95
CA GLU I 186 27.98 -32.45 -82.03
C GLU I 186 26.84 -31.44 -81.97
N LYS I 187 26.42 -31.19 -80.75
CA LYS I 187 25.20 -30.47 -80.38
C LYS I 187 23.99 -31.37 -80.16
N ARG I 188 24.14 -32.42 -79.35
CA ARG I 188 23.09 -32.82 -78.43
C ARG I 188 22.84 -31.92 -77.23
N LEU I 189 23.92 -31.49 -76.60
CA LEU I 189 23.88 -30.61 -75.42
C LEU I 189 24.38 -29.23 -75.80
N ILE I 190 23.88 -28.21 -75.11
CA ILE I 190 24.28 -26.82 -75.36
C ILE I 190 24.36 -26.05 -74.04
N PRO I 191 25.52 -25.46 -73.73
CA PRO I 191 25.71 -24.67 -72.52
C PRO I 191 24.62 -23.64 -72.21
N ASP I 192 24.32 -23.48 -70.92
CA ASP I 192 23.15 -22.74 -70.46
C ASP I 192 23.34 -22.35 -68.97
N GLY I 193 24.20 -21.37 -68.73
CA GLY I 193 24.59 -21.00 -67.37
C GLY I 193 25.24 -22.18 -66.64
N CYS I 194 24.85 -22.38 -65.39
CA CYS I 194 25.26 -23.58 -64.65
C CYS I 194 24.80 -24.84 -65.36
N GLY I 195 23.62 -24.76 -65.98
CA GLY I 195 23.02 -25.90 -66.65
C GLY I 195 23.44 -26.05 -68.10
N VAL I 196 22.78 -27.00 -68.76
CA VAL I 196 23.08 -27.36 -70.15
C VAL I 196 21.80 -27.88 -70.80
N LYS I 197 21.33 -27.17 -71.83
CA LYS I 197 20.09 -27.51 -72.50
C LYS I 197 20.30 -28.65 -73.48
N TYR I 198 19.47 -29.68 -73.37
CA TYR I 198 19.56 -30.83 -74.25
C TYR I 198 18.65 -30.59 -75.44
N ILE I 199 19.25 -30.51 -76.62
CA ILE I 199 18.48 -30.42 -77.85
C ILE I 199 18.35 -31.84 -78.41
N PRO I 200 17.11 -32.21 -78.67
CA PRO I 200 16.71 -33.47 -79.32
C PRO I 200 16.61 -33.32 -80.84
N ASN I 201 16.22 -34.39 -81.51
CA ASN I 201 15.89 -34.30 -82.94
C ASN I 201 14.72 -33.37 -83.21
N ARG I 202 13.69 -33.47 -82.39
CA ARG I 202 12.30 -33.42 -82.87
C ARG I 202 11.94 -32.09 -83.52
N GLY I 203 12.41 -30.99 -82.95
CA GLY I 203 11.77 -29.69 -83.14
C GLY I 203 11.94 -29.14 -84.54
N PRO I 204 11.01 -28.30 -84.97
CA PRO I 204 11.02 -27.87 -86.36
C PRO I 204 12.45 -27.69 -86.84
N LEU I 205 12.66 -27.80 -88.16
CA LEU I 205 14.01 -27.80 -88.71
C LEU I 205 14.68 -26.43 -88.70
N ASP I 206 13.92 -25.36 -88.46
CA ASP I 206 14.49 -24.02 -88.30
C ASP I 206 15.32 -23.88 -87.02
N LYS I 207 14.92 -24.60 -85.97
CA LYS I 207 15.70 -24.67 -84.74
C LYS I 207 17.04 -25.34 -85.01
N TRP I 208 17.01 -26.42 -85.79
CA TRP I 208 18.23 -27.11 -86.24
C TRP I 208 19.15 -26.19 -87.03
N ARG I 209 18.57 -25.36 -87.89
CA ARG I 209 19.33 -24.42 -88.70
C ARG I 209 19.99 -23.26 -87.95
N ALA I 210 19.57 -22.99 -86.72
CA ALA I 210 20.27 -22.02 -85.87
C ALA I 210 21.62 -22.60 -85.47
N LEU I 211 21.61 -23.87 -85.07
CA LEU I 211 22.84 -24.62 -84.90
C LEU I 211 23.35 -25.02 -86.28
N HIS I 212 24.55 -25.58 -86.32
CA HIS I 212 25.19 -25.98 -87.58
C HIS I 212 25.33 -24.78 -88.52
N SER I 213 25.59 -23.61 -87.95
CA SER I 213 25.67 -22.35 -88.69
C SER I 213 26.27 -21.23 -87.84
N GLU J 1 -3.84 -7.59 -109.69
CA GLU J 1 -5.05 -8.26 -110.29
C GLU J 1 -5.81 -9.12 -109.25
N ASN J 2 -6.05 -8.53 -108.08
CA ASN J 2 -6.76 -9.20 -107.00
C ASN J 2 -8.29 -9.14 -107.19
N PRO J 3 -9.02 -10.21 -106.80
CA PRO J 3 -10.47 -10.24 -107.05
C PRO J 3 -11.32 -9.52 -105.99
N MET J 4 -11.31 -10.05 -104.76
CA MET J 4 -12.11 -9.52 -103.66
C MET J 4 -11.31 -9.56 -102.34
N ARG J 5 -10.08 -9.07 -102.42
CA ARG J 5 -9.31 -8.73 -101.24
C ARG J 5 -9.30 -7.21 -101.16
N GLU J 6 -10.47 -6.61 -101.40
CA GLU J 6 -10.59 -5.18 -101.54
C GLU J 6 -10.95 -4.57 -100.20
N LEU J 7 -9.89 -4.19 -99.49
CA LEU J 7 -9.97 -3.46 -98.24
C LEU J 7 -11.05 -2.37 -98.34
N ARG J 8 -12.17 -2.58 -97.65
CA ARG J 8 -13.26 -1.59 -97.56
C ARG J 8 -13.47 -1.15 -96.12
N ILE J 9 -14.38 -0.19 -95.93
CA ILE J 9 -14.81 0.22 -94.60
C ILE J 9 -15.93 -0.69 -94.15
N ARG J 10 -15.68 -1.48 -93.09
CA ARG J 10 -16.73 -2.32 -92.51
C ARG J 10 -17.68 -1.43 -91.73
N LYS J 11 -17.15 -0.69 -90.76
CA LYS J 11 -17.96 0.28 -90.05
C LYS J 11 -17.14 1.46 -89.57
N LEU J 12 -17.84 2.57 -89.35
CA LEU J 12 -17.29 3.73 -88.69
C LEU J 12 -18.01 3.83 -87.38
N CYS J 13 -17.24 4.06 -86.31
CA CYS J 13 -17.80 4.13 -84.97
C CYS J 13 -17.53 5.51 -84.42
N LEU J 14 -18.50 6.01 -83.68
CA LEU J 14 -18.48 7.36 -83.17
C LEU J 14 -18.89 7.34 -81.72
N ASN J 15 -18.18 8.06 -80.86
CA ASN J 15 -18.68 8.27 -79.50
C ASN J 15 -18.29 9.58 -78.85
N ILE J 16 -19.18 10.06 -78.00
CA ILE J 16 -19.00 11.26 -77.21
C ILE J 16 -19.13 10.85 -75.74
N CYS J 17 -17.99 10.72 -75.08
CA CYS J 17 -17.98 10.37 -73.68
C CYS J 17 -17.93 11.64 -72.85
N VAL J 18 -19.09 12.07 -72.36
CA VAL J 18 -19.17 13.27 -71.53
C VAL J 18 -18.92 12.96 -70.04
N GLY J 19 -19.36 11.80 -69.58
CA GLY J 19 -19.16 11.39 -68.19
C GLY J 19 -19.88 12.28 -67.21
N GLU J 20 -21.17 12.48 -67.48
CA GLU J 20 -21.98 13.44 -66.72
C GLU J 20 -23.39 12.96 -66.45
N SER J 21 -24.05 12.39 -67.46
CA SER J 21 -25.41 11.88 -67.37
C SER J 21 -26.39 13.03 -67.40
N GLY J 22 -27.68 12.69 -67.38
CA GLY J 22 -28.74 13.67 -67.31
C GLY J 22 -28.92 14.45 -68.60
N ASP J 23 -28.44 15.70 -68.60
CA ASP J 23 -28.74 16.66 -69.67
C ASP J 23 -27.61 16.82 -70.68
N ARG J 24 -26.39 17.00 -70.19
CA ARG J 24 -25.19 17.06 -71.04
C ARG J 24 -25.12 15.91 -72.05
N LEU J 25 -25.42 14.71 -71.57
CA LEU J 25 -25.37 13.51 -72.39
C LEU J 25 -26.45 13.55 -73.46
N THR J 26 -27.67 13.93 -73.07
CA THR J 26 -28.81 13.97 -73.99
C THR J 26 -28.59 15.03 -75.08
N ARG J 27 -27.91 16.09 -74.69
CA ARG J 27 -27.55 17.18 -75.58
C ARG J 27 -26.51 16.73 -76.61
N ALA J 28 -25.58 15.90 -76.18
CA ALA J 28 -24.58 15.30 -77.07
C ALA J 28 -25.18 14.28 -78.03
N ALA J 29 -26.20 13.55 -77.59
CA ALA J 29 -26.91 12.61 -78.45
C ALA J 29 -27.44 13.30 -79.70
N LYS J 30 -28.05 14.47 -79.51
CA LYS J 30 -28.59 15.30 -80.60
C LYS J 30 -27.55 15.61 -81.67
N VAL J 31 -26.32 15.89 -81.24
CA VAL J 31 -25.20 16.17 -82.15
C VAL J 31 -24.89 14.95 -82.99
N LEU J 32 -24.80 13.78 -82.34
CA LEU J 32 -24.57 12.53 -83.08
C LEU J 32 -25.73 12.23 -84.02
N GLU J 33 -26.94 12.57 -83.60
CA GLU J 33 -28.12 12.39 -84.44
C GLU J 33 -28.06 13.27 -85.68
N GLN J 34 -27.63 14.51 -85.49
CA GLN J 34 -27.44 15.48 -86.59
C GLN J 34 -26.38 15.03 -87.59
N LEU J 35 -25.28 14.50 -87.07
CA LEU J 35 -24.15 14.09 -87.89
C LEU J 35 -24.42 12.82 -88.71
N THR J 36 -24.83 11.75 -88.02
CA THR J 36 -25.01 10.42 -88.62
C THR J 36 -26.33 10.22 -89.35
N GLY J 37 -27.38 10.87 -88.86
CA GLY J 37 -28.72 10.62 -89.37
C GLY J 37 -29.28 9.32 -88.84
N GLN J 38 -29.14 9.10 -87.55
CA GLN J 38 -29.71 7.94 -86.85
C GLN J 38 -29.57 8.11 -85.34
N THR J 39 -30.59 7.67 -84.60
CA THR J 39 -30.58 7.76 -83.14
C THR J 39 -29.36 7.02 -82.60
N PRO J 40 -28.69 7.59 -81.60
CA PRO J 40 -27.55 6.93 -81.03
C PRO J 40 -27.95 6.05 -79.83
N VAL J 41 -26.95 5.52 -79.13
CA VAL J 41 -27.17 4.67 -77.96
C VAL J 41 -26.41 5.24 -76.78
N PHE J 42 -27.03 5.23 -75.61
CA PHE J 42 -26.35 5.59 -74.39
C PHE J 42 -25.67 4.37 -73.81
N SER J 43 -24.40 4.51 -73.45
CA SER J 43 -23.66 3.47 -72.75
C SER J 43 -23.54 3.87 -71.28
N LYS J 44 -23.91 2.95 -70.38
CA LYS J 44 -23.79 3.20 -68.95
C LYS J 44 -22.47 2.69 -68.42
N ALA J 45 -22.09 3.17 -67.23
CA ALA J 45 -20.79 2.87 -66.64
C ALA J 45 -20.71 1.43 -66.20
N ARG J 46 -19.50 0.88 -66.20
CA ARG J 46 -19.24 -0.46 -65.68
C ARG J 46 -19.31 -0.45 -64.16
N TYR J 47 -18.68 0.56 -63.55
CA TYR J 47 -18.69 0.68 -62.10
C TYR J 47 -18.34 2.09 -61.63
N THR J 48 -18.63 2.32 -60.35
CA THR J 48 -18.45 3.62 -59.72
C THR J 48 -16.98 3.98 -59.65
N VAL J 49 -16.68 5.26 -59.91
CA VAL J 49 -15.34 5.82 -59.72
C VAL J 49 -15.49 7.22 -59.14
N ARG J 50 -15.08 7.37 -57.88
CA ARG J 50 -15.27 8.61 -57.13
C ARG J 50 -14.38 9.75 -57.64
N SER J 51 -13.23 9.40 -58.21
CA SER J 51 -12.34 10.39 -58.82
C SER J 51 -12.98 11.07 -60.03
N PHE J 52 -13.50 10.27 -60.96
CA PHE J 52 -14.11 10.79 -62.20
C PHE J 52 -15.49 11.40 -61.99
N GLY J 53 -16.17 11.01 -60.91
CA GLY J 53 -17.53 11.46 -60.67
C GLY J 53 -18.52 10.73 -61.54
N ILE J 54 -18.49 9.40 -61.43
CA ILE J 54 -19.43 8.50 -62.12
C ILE J 54 -19.86 7.40 -61.18
N ARG J 55 -21.04 6.85 -61.42
CA ARG J 55 -21.60 5.80 -60.58
C ARG J 55 -21.95 4.59 -61.41
N ARG J 56 -21.92 3.41 -60.78
CA ARG J 56 -22.23 2.17 -61.47
C ARG J 56 -23.60 2.28 -62.13
N ASN J 57 -23.68 1.84 -63.38
CA ASN J 57 -24.89 1.94 -64.21
C ASN J 57 -25.43 3.35 -64.49
N GLU J 58 -24.61 4.37 -64.24
CA GLU J 58 -24.95 5.75 -64.59
C GLU J 58 -24.54 5.93 -66.03
N LYS J 59 -25.34 6.70 -66.79
CA LYS J 59 -25.04 6.94 -68.21
C LYS J 59 -23.92 7.94 -68.39
N ILE J 60 -22.82 7.48 -68.97
CA ILE J 60 -21.60 8.28 -69.11
C ILE J 60 -21.52 8.82 -70.52
N ALA J 61 -21.63 7.94 -71.50
CA ALA J 61 -21.29 8.27 -72.89
C ALA J 61 -22.44 8.02 -73.85
N VAL J 62 -22.36 8.61 -75.04
CA VAL J 62 -23.28 8.31 -76.14
C VAL J 62 -22.49 8.01 -77.39
N HIS J 63 -22.88 6.93 -78.07
CA HIS J 63 -22.14 6.40 -79.20
C HIS J 63 -23.06 5.94 -80.29
N CYS J 64 -22.49 5.67 -81.45
CA CYS J 64 -23.24 5.20 -82.59
C CYS J 64 -22.35 4.65 -83.69
N THR J 65 -22.76 3.54 -84.30
CA THR J 65 -22.06 2.97 -85.45
C THR J 65 -22.81 3.31 -86.72
N VAL J 66 -22.02 3.60 -87.76
CA VAL J 66 -22.52 3.91 -89.08
C VAL J 66 -21.81 2.97 -90.04
N ARG J 67 -22.53 2.52 -91.07
CA ARG J 67 -21.98 1.57 -92.04
C ARG J 67 -22.31 2.02 -93.46
N GLY J 68 -21.49 1.57 -94.41
CA GLY J 68 -21.72 1.80 -95.84
C GLY J 68 -21.31 3.18 -96.33
N ALA J 69 -22.20 3.82 -97.08
CA ALA J 69 -21.92 5.12 -97.72
C ALA J 69 -21.93 6.27 -96.73
N LYS J 70 -22.91 6.26 -95.82
CA LYS J 70 -23.00 7.27 -94.77
C LYS J 70 -21.73 7.29 -93.92
N ALA J 71 -21.22 6.11 -93.61
CA ALA J 71 -19.97 5.95 -92.85
C ALA J 71 -18.79 6.51 -93.61
N GLU J 72 -18.73 6.22 -94.90
CA GLU J 72 -17.68 6.74 -95.79
C GLU J 72 -17.69 8.26 -95.83
N GLU J 73 -18.89 8.83 -95.92
CA GLU J 73 -19.09 10.27 -96.00
C GLU J 73 -18.63 10.97 -94.72
N ILE J 74 -19.07 10.45 -93.58
CA ILE J 74 -18.74 11.04 -92.28
C ILE J 74 -17.24 10.87 -91.97
N LEU J 75 -16.65 9.76 -92.41
CA LEU J 75 -15.21 9.52 -92.30
C LEU J 75 -14.44 10.58 -93.06
N GLU J 76 -14.87 10.86 -94.28
CA GLU J 76 -14.26 11.89 -95.12
C GLU J 76 -14.27 13.26 -94.42
N LYS J 77 -15.43 13.68 -93.94
CA LYS J 77 -15.54 14.91 -93.15
C LYS J 77 -14.53 14.97 -92.01
N GLY J 78 -14.45 13.88 -91.24
CA GLY J 78 -13.53 13.78 -90.11
C GLY J 78 -12.08 13.98 -90.52
N LEU J 79 -11.69 13.35 -91.62
CA LEU J 79 -10.34 13.50 -92.18
C LEU J 79 -10.05 14.91 -92.69
N LYS J 80 -11.07 15.55 -93.26
CA LYS J 80 -10.96 16.94 -93.71
C LYS J 80 -10.67 17.87 -92.52
N VAL J 81 -11.34 17.65 -91.40
CA VAL J 81 -11.09 18.41 -90.18
C VAL J 81 -9.66 18.18 -89.71
N ARG J 82 -9.24 16.91 -89.68
CA ARG J 82 -7.87 16.53 -89.31
C ARG J 82 -6.81 16.92 -90.34
N GLU J 83 -7.24 17.27 -91.56
CA GLU J 83 -6.37 17.66 -92.68
C GLU J 83 -5.57 16.49 -93.29
N TYR J 84 -6.16 15.31 -93.28
CA TYR J 84 -5.59 14.09 -93.89
C TYR J 84 -4.19 13.73 -93.36
N GLU J 85 -3.99 13.96 -92.06
CA GLU J 85 -2.78 13.51 -91.37
C GLU J 85 -3.17 12.55 -90.26
N LEU J 86 -2.48 11.42 -90.23
CA LEU J 86 -2.55 10.51 -89.10
C LEU J 86 -1.12 10.15 -88.75
N ARG J 87 -0.94 9.34 -87.72
CA ARG J 87 0.37 8.88 -87.28
C ARG J 87 0.50 7.38 -87.46
N LYS J 88 1.71 6.88 -87.23
CA LYS J 88 1.94 5.44 -87.20
C LYS J 88 1.15 4.83 -86.05
N ASN J 89 1.22 5.44 -84.87
CA ASN J 89 0.51 4.92 -83.69
C ASN J 89 -1.02 4.94 -83.80
N ASN J 90 -1.57 5.82 -84.65
CA ASN J 90 -3.02 5.86 -84.88
C ASN J 90 -3.60 4.63 -85.51
N PHE J 91 -2.80 3.87 -86.23
CA PHE J 91 -3.24 2.59 -86.76
C PHE J 91 -3.01 1.50 -85.72
N SER J 92 -4.03 0.68 -85.53
CA SER J 92 -3.94 -0.46 -84.63
C SER J 92 -3.27 -1.63 -85.33
N ASP J 93 -2.76 -2.57 -84.54
CA ASP J 93 -2.09 -3.76 -85.07
C ASP J 93 -3.05 -4.67 -85.85
N THR J 94 -4.33 -4.54 -85.55
CA THR J 94 -5.38 -5.30 -86.24
C THR J 94 -5.81 -4.74 -87.59
N GLY J 95 -5.22 -3.63 -88.04
CA GLY J 95 -5.54 -3.04 -89.34
C GLY J 95 -6.81 -2.22 -89.29
N ASN J 96 -6.93 -1.41 -88.25
CA ASN J 96 -7.99 -0.41 -88.11
C ASN J 96 -7.28 0.87 -87.76
N PHE J 97 -8.00 1.98 -87.83
CA PHE J 97 -7.45 3.27 -87.39
C PHE J 97 -8.56 4.12 -86.79
N GLY J 98 -8.16 5.12 -86.02
CA GLY J 98 -9.07 6.07 -85.43
C GLY J 98 -8.43 7.42 -85.27
N PHE J 99 -9.23 8.41 -84.87
CA PHE J 99 -8.76 9.76 -84.64
C PHE J 99 -9.84 10.58 -83.99
N GLY J 100 -9.43 11.53 -83.17
CA GLY J 100 -10.36 12.44 -82.52
C GLY J 100 -10.67 13.61 -83.43
N ILE J 101 -11.74 14.33 -83.10
CA ILE J 101 -11.92 15.70 -83.56
C ILE J 101 -12.24 16.56 -82.33
N GLN J 102 -11.63 17.74 -82.27
CA GLN J 102 -11.64 18.51 -81.01
C GLN J 102 -12.94 19.29 -80.82
N GLU J 103 -13.72 19.44 -81.89
CA GLU J 103 -15.02 20.09 -81.82
C GLU J 103 -15.86 19.81 -83.07
N HIS J 104 -17.07 19.31 -82.86
CA HIS J 104 -17.97 18.85 -83.94
C HIS J 104 -18.38 19.90 -84.97
N ILE J 105 -18.37 21.17 -84.57
CA ILE J 105 -18.72 22.27 -85.49
C ILE J 105 -17.77 22.42 -86.69
N ASP J 106 -16.56 21.86 -86.59
CA ASP J 106 -15.61 21.82 -87.71
C ASP J 106 -16.01 20.86 -88.84
N LEU J 107 -16.75 19.80 -88.50
CA LEU J 107 -17.26 18.87 -89.52
C LEU J 107 -18.23 19.58 -90.45
N GLY J 108 -19.26 20.18 -89.84
CA GLY J 108 -20.28 20.96 -90.57
C GLY J 108 -21.61 21.00 -89.84
N ILE J 109 -21.58 21.57 -88.63
CA ILE J 109 -22.75 21.67 -87.76
C ILE J 109 -22.74 23.06 -87.11
N LYS J 110 -23.92 23.60 -86.82
CA LYS J 110 -24.06 24.91 -86.18
C LYS J 110 -23.97 24.80 -84.66
N TYR J 111 -23.27 25.74 -84.03
CA TYR J 111 -23.14 25.82 -82.57
C TYR J 111 -24.48 26.28 -81.99
N ASP J 112 -24.60 26.13 -80.68
CA ASP J 112 -25.66 26.75 -79.91
C ASP J 112 -25.13 26.96 -78.47
N PRO J 113 -25.47 28.08 -77.81
CA PRO J 113 -25.04 28.26 -76.41
C PRO J 113 -25.51 27.15 -75.46
N SER J 114 -26.69 26.60 -75.72
CA SER J 114 -27.15 25.38 -75.05
C SER J 114 -26.38 24.17 -75.58
N ILE J 115 -26.68 23.76 -76.83
CA ILE J 115 -26.03 22.61 -77.48
C ILE J 115 -24.61 23.00 -77.87
N GLY J 116 -23.70 22.87 -76.91
CA GLY J 116 -22.40 23.55 -76.95
C GLY J 116 -21.39 23.10 -77.99
N ILE J 117 -20.27 22.58 -77.50
CA ILE J 117 -19.19 22.06 -78.35
C ILE J 117 -18.75 20.71 -77.80
N TYR J 118 -19.31 19.64 -78.34
CA TYR J 118 -18.84 18.30 -78.07
C TYR J 118 -17.82 17.82 -79.10
N GLY J 119 -16.58 17.65 -78.65
CA GLY J 119 -15.57 16.92 -79.41
C GLY J 119 -15.98 15.46 -79.45
N LEU J 120 -15.42 14.72 -80.39
CA LEU J 120 -15.78 13.31 -80.56
C LEU J 120 -14.67 12.47 -81.20
N ASP J 121 -14.98 11.18 -81.39
CA ASP J 121 -13.98 10.15 -81.53
C ASP J 121 -14.33 9.27 -82.72
N PHE J 122 -13.64 9.46 -83.83
CA PHE J 122 -13.81 8.58 -84.99
C PHE J 122 -12.96 7.34 -84.83
N TYR J 123 -13.56 6.16 -85.01
CA TYR J 123 -12.83 4.92 -85.12
C TYR J 123 -13.35 4.13 -86.30
N VAL J 124 -12.45 3.83 -87.24
CA VAL J 124 -12.77 3.16 -88.49
C VAL J 124 -12.37 1.69 -88.42
N VAL J 125 -13.36 0.81 -88.44
CA VAL J 125 -13.11 -0.61 -88.60
C VAL J 125 -13.06 -0.90 -90.08
N LEU J 126 -11.86 -1.14 -90.60
CA LEU J 126 -11.72 -1.65 -91.96
C LEU J 126 -12.18 -3.09 -92.00
N GLY J 127 -12.28 -3.62 -93.20
CA GLY J 127 -12.64 -5.01 -93.38
C GLY J 127 -12.30 -5.51 -94.76
N ARG J 128 -12.95 -6.60 -95.13
CA ARG J 128 -12.78 -7.24 -96.43
C ARG J 128 -14.05 -8.02 -96.72
N PRO J 129 -14.26 -8.44 -97.98
CA PRO J 129 -15.35 -9.37 -98.23
C PRO J 129 -15.07 -10.74 -97.63
N GLY J 130 -16.09 -11.32 -97.00
CA GLY J 130 -15.98 -12.57 -96.26
C GLY J 130 -15.50 -12.44 -94.82
N PHE J 131 -15.67 -11.26 -94.23
CA PHE J 131 -15.35 -11.04 -92.82
C PHE J 131 -16.54 -11.37 -91.92
N SER J 132 -17.72 -11.55 -92.52
CA SER J 132 -18.95 -11.88 -91.81
C SER J 132 -18.92 -13.24 -91.12
N ILE J 133 -18.18 -14.19 -91.70
CA ILE J 133 -18.01 -15.52 -91.12
C ILE J 133 -17.83 -15.50 -89.61
N ALA J 134 -16.99 -14.59 -89.12
CA ALA J 134 -16.67 -14.51 -87.70
C ALA J 134 -17.88 -14.30 -86.81
N ASP J 135 -18.85 -13.52 -87.29
CA ASP J 135 -19.97 -13.08 -86.48
C ASP J 135 -21.35 -13.62 -86.91
N LYS J 136 -21.40 -14.45 -87.95
CA LYS J 136 -22.66 -15.10 -88.32
C LYS J 136 -22.96 -16.22 -87.34
N LYS J 137 -24.19 -16.72 -87.37
CA LYS J 137 -24.67 -17.65 -86.36
C LYS J 137 -24.18 -19.06 -86.58
N ARG J 138 -24.55 -19.67 -87.72
CA ARG J 138 -24.37 -21.12 -87.84
C ARG J 138 -22.91 -21.58 -88.09
N ARG J 139 -22.40 -21.61 -89.31
CA ARG J 139 -21.13 -22.28 -89.55
C ARG J 139 -20.01 -21.26 -89.45
N THR J 140 -19.73 -20.85 -88.23
CA THR J 140 -18.77 -19.78 -87.99
C THR J 140 -17.35 -20.21 -88.33
N GLY J 141 -16.45 -19.23 -88.33
CA GLY J 141 -15.04 -19.51 -88.57
C GLY J 141 -14.15 -18.33 -88.21
N CYS J 142 -12.85 -18.53 -88.39
CA CYS J 142 -11.87 -17.47 -88.28
C CYS J 142 -11.50 -17.06 -89.69
N ILE J 143 -11.25 -15.78 -89.90
CA ILE J 143 -10.88 -15.27 -91.21
C ILE J 143 -9.41 -15.58 -91.51
N GLY J 144 -9.18 -16.81 -92.00
CA GLY J 144 -7.88 -17.30 -92.46
C GLY J 144 -6.63 -16.75 -91.81
N ALA J 145 -5.81 -16.06 -92.60
CA ALA J 145 -4.59 -15.42 -92.11
C ALA J 145 -4.12 -14.43 -93.15
N LYS J 146 -3.85 -14.93 -94.36
CA LYS J 146 -3.58 -14.08 -95.50
C LYS J 146 -4.92 -13.59 -96.00
N HIS J 147 -5.45 -12.63 -95.25
CA HIS J 147 -6.83 -12.15 -95.38
C HIS J 147 -7.07 -11.10 -94.30
N ARG J 148 -6.66 -11.41 -93.07
CA ARG J 148 -6.55 -10.41 -92.02
C ARG J 148 -5.77 -9.20 -92.51
N ILE J 149 -6.19 -8.02 -92.07
CA ILE J 149 -5.58 -6.77 -92.48
C ILE J 149 -4.47 -6.41 -91.49
N SER J 150 -3.24 -6.32 -91.98
CA SER J 150 -2.13 -5.86 -91.15
C SER J 150 -2.21 -4.36 -90.97
N LYS J 151 -1.49 -3.86 -89.97
CA LYS J 151 -1.33 -2.43 -89.74
C LYS J 151 -0.77 -1.73 -90.98
N GLU J 152 0.23 -2.35 -91.59
CA GLU J 152 0.88 -1.80 -92.78
C GLU J 152 -0.09 -1.71 -93.94
N GLU J 153 -0.92 -2.75 -94.10
CA GLU J 153 -1.85 -2.84 -95.22
C GLU J 153 -2.99 -1.82 -95.14
N ALA J 154 -3.41 -1.51 -93.92
CA ALA J 154 -4.38 -0.43 -93.69
C ALA J 154 -3.76 0.95 -93.91
N MET J 155 -2.50 1.11 -93.53
CA MET J 155 -1.78 2.38 -93.74
C MET J 155 -1.68 2.70 -95.23
N ARG J 156 -1.32 1.72 -96.04
CA ARG J 156 -1.22 1.96 -97.49
C ARG J 156 -2.58 2.20 -98.16
N TRP J 157 -3.64 1.58 -97.64
CA TRP J 157 -5.01 1.88 -98.08
C TRP J 157 -5.32 3.34 -97.83
N PHE J 158 -5.04 3.81 -96.62
CA PHE J 158 -5.32 5.20 -96.25
C PHE J 158 -4.48 6.18 -97.05
N GLN J 159 -3.23 5.80 -97.30
CA GLN J 159 -2.31 6.61 -98.11
C GLN J 159 -2.81 6.74 -99.55
N GLN J 160 -3.40 5.67 -100.07
CA GLN J 160 -3.97 5.64 -101.41
C GLN J 160 -5.34 6.31 -101.49
N LYS J 161 -6.27 5.82 -100.69
CA LYS J 161 -7.71 6.14 -100.80
C LYS J 161 -8.01 7.61 -100.50
N TYR J 162 -7.58 8.07 -99.34
CA TYR J 162 -7.85 9.43 -98.88
C TYR J 162 -6.63 10.34 -99.00
N ASP J 163 -5.61 9.89 -99.73
CA ASP J 163 -4.43 10.71 -100.11
C ASP J 163 -3.62 11.21 -98.89
N GLY J 164 -3.61 10.41 -97.83
CA GLY J 164 -3.06 10.84 -96.55
C GLY J 164 -1.55 10.79 -96.52
N ILE J 165 -0.98 11.31 -95.43
CA ILE J 165 0.47 11.42 -95.26
C ILE J 165 1.06 10.34 -94.36
N ILE J 166 0.44 10.11 -93.21
CA ILE J 166 0.98 9.23 -92.17
C ILE J 166 2.36 9.73 -91.72
N LEU J 167 2.36 10.80 -90.93
CA LEU J 167 3.59 11.44 -90.46
C LEU J 167 4.27 10.60 -89.35
N PRO J 168 5.61 10.67 -89.26
CA PRO J 168 6.33 9.87 -88.28
C PRO J 168 6.33 10.47 -86.88
N GLY J 169 6.99 9.79 -85.95
CA GLY J 169 7.03 10.20 -84.54
C GLY J 169 5.85 9.58 -83.82
N ALA K 1 -39.83 -52.06 -16.99
CA ALA K 1 -39.28 -51.82 -18.36
C ALA K 1 -39.78 -52.88 -19.36
N PRO K 2 -40.46 -52.42 -20.42
CA PRO K 2 -41.05 -53.34 -21.36
C PRO K 2 -40.01 -53.99 -22.24
N SER K 3 -40.31 -55.20 -22.71
CA SER K 3 -39.39 -55.98 -23.54
C SER K 3 -40.09 -56.56 -24.75
N ARG K 4 -39.84 -55.96 -25.91
CA ARG K 4 -40.18 -56.50 -27.21
C ARG K 4 -41.56 -57.17 -27.35
N ASN K 5 -42.57 -56.33 -27.46
CA ASN K 5 -43.93 -56.73 -27.82
C ASN K 5 -44.71 -57.40 -26.69
N GLY K 6 -45.88 -56.83 -26.41
CA GLY K 6 -46.75 -57.24 -25.30
C GLY K 6 -47.91 -56.27 -25.17
N MET K 7 -48.77 -56.48 -24.18
CA MET K 7 -49.86 -55.55 -23.92
C MET K 7 -49.39 -54.53 -22.91
N ILE K 8 -49.47 -53.26 -23.28
CA ILE K 8 -49.02 -52.20 -22.41
C ILE K 8 -50.13 -52.03 -21.37
N LEU K 9 -49.95 -52.69 -20.24
CA LEU K 9 -51.06 -53.01 -19.35
C LEU K 9 -50.92 -52.31 -18.03
N LYS K 10 -52.05 -52.03 -17.40
CA LYS K 10 -52.10 -51.14 -16.24
C LYS K 10 -52.83 -51.88 -15.14
N PRO K 11 -52.08 -52.62 -14.31
CA PRO K 11 -52.68 -53.27 -13.16
C PRO K 11 -52.96 -52.26 -12.06
N HIS K 12 -54.00 -52.50 -11.28
CA HIS K 12 -54.46 -51.54 -10.28
C HIS K 12 -54.04 -51.98 -8.89
N PHE K 13 -52.75 -52.23 -8.73
CA PHE K 13 -52.21 -52.59 -7.44
C PHE K 13 -51.21 -51.56 -6.99
N HIS K 14 -51.70 -50.33 -6.87
CA HIS K 14 -50.93 -49.23 -6.33
C HIS K 14 -51.49 -48.71 -5.02
N LYS K 15 -52.73 -49.10 -4.70
CA LYS K 15 -53.29 -48.83 -3.40
C LYS K 15 -52.94 -49.99 -2.46
N ASP K 16 -53.25 -49.82 -1.18
CA ASP K 16 -52.96 -50.82 -0.14
C ASP K 16 -53.95 -51.97 -0.23
N TRP K 17 -53.88 -52.73 -1.31
CA TRP K 17 -54.91 -53.72 -1.64
C TRP K 17 -54.92 -54.94 -0.73
N GLN K 18 -53.76 -55.24 -0.12
CA GLN K 18 -53.64 -56.44 0.70
C GLN K 18 -54.27 -56.23 2.06
N ARG K 19 -54.47 -54.97 2.43
CA ARG K 19 -55.29 -54.61 3.57
C ARG K 19 -56.77 -54.97 3.32
N ARG K 20 -57.18 -54.87 2.06
CA ARG K 20 -58.56 -55.11 1.64
C ARG K 20 -58.68 -56.27 0.64
N VAL K 21 -58.08 -57.41 0.97
CA VAL K 21 -58.33 -58.65 0.22
C VAL K 21 -59.45 -59.40 0.90
N ALA K 22 -60.44 -59.78 0.09
CA ALA K 22 -61.61 -60.50 0.54
C ALA K 22 -61.56 -61.93 0.03
N THR K 23 -61.14 -62.85 0.89
CA THR K 23 -61.12 -64.26 0.57
C THR K 23 -62.52 -64.87 0.62
N TRP K 24 -62.64 -66.07 0.07
CA TRP K 24 -63.91 -66.74 -0.08
C TRP K 24 -63.95 -68.11 0.58
N PHE K 25 -63.25 -68.29 1.69
CA PHE K 25 -63.33 -69.57 2.37
C PHE K 25 -64.68 -69.78 3.07
N ASN K 26 -65.40 -68.69 3.35
CA ASN K 26 -66.78 -68.78 3.78
C ASN K 26 -67.61 -69.66 2.86
N GLN K 27 -67.54 -69.39 1.56
CA GLN K 27 -68.67 -69.67 0.66
C GLN K 27 -69.41 -70.99 0.92
N PRO K 28 -68.71 -72.10 1.16
CA PRO K 28 -69.44 -73.32 1.49
C PRO K 28 -70.34 -73.16 2.69
N ALA K 29 -69.77 -72.74 3.79
CA ALA K 29 -70.52 -72.52 5.02
C ALA K 29 -71.62 -71.52 4.77
N ARG K 30 -71.37 -70.55 3.90
CA ARG K 30 -72.40 -69.60 3.53
C ARG K 30 -73.55 -70.27 2.82
N LYS K 31 -73.24 -71.01 1.76
CA LYS K 31 -74.27 -71.73 1.01
C LYS K 31 -75.12 -72.62 1.91
N ILE K 32 -74.46 -73.31 2.84
CA ILE K 32 -75.15 -74.16 3.80
C ILE K 32 -76.05 -73.33 4.69
N ARG K 33 -75.52 -72.22 5.17
CA ARG K 33 -76.29 -71.34 6.04
C ARG K 33 -77.52 -70.82 5.33
N ARG K 34 -77.36 -70.43 4.08
CA ARG K 34 -78.50 -69.97 3.29
C ARG K 34 -79.54 -71.06 3.13
N ARG K 35 -79.08 -72.26 2.79
CA ARG K 35 -79.99 -73.38 2.58
C ARG K 35 -80.69 -73.83 3.85
N LYS K 36 -80.02 -73.75 4.99
CA LYS K 36 -80.67 -74.00 6.27
C LYS K 36 -81.74 -72.96 6.56
N ALA K 37 -81.39 -71.69 6.39
CA ALA K 37 -82.36 -70.63 6.57
C ALA K 37 -83.57 -70.82 5.69
N ARG K 38 -83.32 -71.16 4.43
CA ARG K 38 -84.37 -71.37 3.45
C ARG K 38 -85.30 -72.49 3.89
N GLN K 39 -84.72 -73.59 4.36
CA GLN K 39 -85.51 -74.71 4.86
C GLN K 39 -86.32 -74.36 6.10
N ALA K 40 -85.79 -73.48 6.95
CA ALA K 40 -86.56 -72.99 8.10
C ALA K 40 -87.78 -72.20 7.66
N ARG K 41 -87.60 -71.27 6.73
CA ARG K 41 -88.71 -70.44 6.33
C ARG K 41 -89.80 -71.31 5.74
N ALA K 42 -89.41 -72.28 4.90
CA ALA K 42 -90.38 -73.20 4.35
C ALA K 42 -91.20 -73.89 5.42
N ARG K 43 -90.54 -74.32 6.48
CA ARG K 43 -91.25 -74.99 7.59
C ARG K 43 -92.19 -74.05 8.33
N ARG K 44 -91.79 -72.79 8.49
CA ARG K 44 -92.63 -71.82 9.18
C ARG K 44 -93.89 -71.55 8.38
N ILE K 45 -93.73 -71.18 7.12
CA ILE K 45 -94.86 -70.85 6.25
C ILE K 45 -95.43 -72.14 5.66
N ALA K 46 -96.28 -72.78 6.46
CA ALA K 46 -96.44 -74.23 6.35
C ALA K 46 -96.90 -74.74 4.98
N PRO K 47 -98.16 -74.51 4.59
CA PRO K 47 -98.55 -74.96 3.28
C PRO K 47 -98.38 -73.88 2.21
N ARG K 48 -97.77 -72.74 2.56
CA ARG K 48 -97.59 -71.65 1.60
C ARG K 48 -96.49 -72.04 0.64
N PRO K 49 -96.41 -71.37 -0.52
CA PRO K 49 -95.28 -71.60 -1.40
C PRO K 49 -94.00 -71.09 -0.79
N ALA K 50 -92.98 -71.93 -0.81
CA ALA K 50 -91.68 -71.57 -0.26
C ALA K 50 -91.17 -70.37 -1.02
N SER K 51 -91.22 -70.48 -2.35
CA SER K 51 -90.94 -69.40 -3.31
C SER K 51 -91.13 -68.00 -2.75
N GLY K 52 -92.34 -67.76 -2.24
CA GLY K 52 -92.79 -66.44 -1.85
C GLY K 52 -94.10 -66.18 -2.57
N PRO K 53 -94.41 -64.90 -2.82
CA PRO K 53 -95.68 -64.64 -3.47
C PRO K 53 -95.59 -64.89 -4.95
N LEU K 54 -96.75 -64.87 -5.60
CA LEU K 54 -96.83 -64.91 -7.04
C LEU K 54 -96.45 -63.57 -7.62
N ARG K 55 -95.65 -63.57 -8.68
CA ARG K 55 -95.09 -62.34 -9.22
C ARG K 55 -95.41 -62.13 -10.70
N PRO K 56 -95.48 -60.87 -11.15
CA PRO K 56 -96.01 -60.59 -12.48
C PRO K 56 -95.05 -60.89 -13.62
N ILE K 57 -95.62 -61.19 -14.78
CA ILE K 57 -94.86 -61.32 -16.01
C ILE K 57 -94.53 -59.92 -16.51
N VAL K 58 -93.30 -59.73 -16.98
CA VAL K 58 -92.75 -58.42 -17.26
C VAL K 58 -91.73 -58.47 -18.41
N ARG K 59 -91.75 -57.48 -19.30
CA ARG K 59 -90.74 -57.35 -20.35
C ARG K 59 -89.58 -56.57 -19.87
N CYS K 60 -88.41 -56.95 -20.38
CA CYS K 60 -87.16 -56.28 -20.04
C CYS K 60 -87.01 -55.03 -20.86
N PRO K 61 -86.38 -54.00 -20.28
CA PRO K 61 -86.13 -52.79 -21.02
C PRO K 61 -84.99 -52.95 -22.00
N THR K 62 -84.84 -51.95 -22.86
CA THR K 62 -83.77 -51.83 -23.84
C THR K 62 -83.77 -52.88 -24.95
N VAL K 63 -83.87 -52.38 -26.19
CA VAL K 63 -83.49 -53.07 -27.43
C VAL K 63 -82.73 -54.39 -27.29
N ARG K 64 -81.77 -54.49 -26.39
CA ARG K 64 -81.11 -55.76 -26.10
C ARG K 64 -82.06 -56.83 -25.55
N TYR K 65 -82.66 -56.59 -24.39
CA TYR K 65 -83.37 -57.66 -23.70
C TYR K 65 -84.83 -57.79 -24.09
N HIS K 66 -85.54 -56.67 -24.23
CA HIS K 66 -86.60 -56.51 -25.26
C HIS K 66 -87.50 -57.70 -25.59
N THR K 67 -86.90 -58.78 -26.08
CA THR K 67 -87.58 -59.98 -26.51
C THR K 67 -87.85 -60.98 -25.39
N LYS K 68 -87.09 -60.84 -24.31
CA LYS K 68 -87.21 -61.71 -23.16
C LYS K 68 -88.32 -61.21 -22.27
N VAL K 69 -88.64 -62.05 -21.29
CA VAL K 69 -89.67 -61.76 -20.32
C VAL K 69 -89.23 -62.33 -18.98
N ARG K 70 -89.48 -61.57 -17.92
CA ARG K 70 -88.99 -61.91 -16.60
C ARG K 70 -90.13 -62.00 -15.65
N ALA K 71 -89.82 -62.40 -14.42
CA ALA K 71 -90.67 -62.04 -13.30
C ALA K 71 -90.41 -60.58 -13.03
N GLY K 72 -91.48 -59.87 -12.65
CA GLY K 72 -91.41 -58.51 -12.18
C GLY K 72 -91.49 -58.48 -10.66
N ARG K 73 -91.64 -57.27 -10.15
CA ARG K 73 -91.55 -56.99 -8.73
C ARG K 73 -92.89 -57.32 -8.06
N GLY K 74 -93.96 -56.77 -8.63
CA GLY K 74 -95.32 -57.02 -8.18
C GLY K 74 -96.37 -56.58 -9.18
N PHE K 75 -97.61 -57.04 -8.99
CA PHE K 75 -98.69 -56.74 -9.91
C PHE K 75 -99.07 -55.30 -9.74
N SER K 76 -99.30 -54.61 -10.86
CA SER K 76 -99.75 -53.22 -10.84
C SER K 76 -101.18 -53.13 -10.32
N LEU K 77 -101.57 -51.92 -9.97
CA LEU K 77 -102.87 -51.68 -9.34
C LEU K 77 -104.01 -51.84 -10.34
N GLU K 78 -103.81 -51.30 -11.55
CA GLU K 78 -104.76 -51.51 -12.66
C GLU K 78 -105.04 -52.98 -12.96
N GLU K 79 -104.03 -53.81 -12.81
CA GLU K 79 -104.13 -55.25 -13.08
C GLU K 79 -104.98 -55.89 -12.00
N LEU K 80 -104.68 -55.57 -10.74
CA LEU K 80 -105.47 -56.06 -9.61
C LEU K 80 -106.93 -55.66 -9.72
N ARG K 81 -107.15 -54.38 -10.02
CA ARG K 81 -108.49 -53.80 -10.18
C ARG K 81 -109.32 -54.57 -11.19
N VAL K 82 -108.70 -54.93 -12.31
CA VAL K 82 -109.36 -55.70 -13.36
C VAL K 82 -109.67 -57.12 -12.90
N ALA K 83 -108.73 -57.73 -12.19
CA ALA K 83 -108.93 -59.08 -11.64
C ALA K 83 -110.02 -59.14 -10.57
N GLY K 84 -110.27 -58.01 -9.91
CA GLY K 84 -111.23 -57.95 -8.82
C GLY K 84 -110.59 -58.44 -7.54
N ILE K 85 -109.43 -57.89 -7.23
CA ILE K 85 -108.69 -58.20 -6.01
C ILE K 85 -108.33 -56.87 -5.33
N HIS K 86 -108.83 -56.68 -4.11
CA HIS K 86 -108.55 -55.45 -3.36
C HIS K 86 -107.07 -55.40 -3.03
N LYS K 87 -106.43 -54.26 -3.31
CA LYS K 87 -104.95 -54.15 -3.26
C LYS K 87 -104.35 -54.50 -1.89
N LYS K 88 -105.01 -54.08 -0.83
CA LYS K 88 -104.58 -54.44 0.52
C LYS K 88 -104.70 -55.95 0.79
N VAL K 89 -105.70 -56.59 0.21
CA VAL K 89 -105.96 -58.01 0.45
C VAL K 89 -105.02 -58.91 -0.32
N ALA K 90 -104.74 -58.55 -1.58
CA ALA K 90 -103.81 -59.31 -2.42
C ALA K 90 -102.51 -59.74 -1.73
N ARG K 91 -101.96 -58.82 -0.94
CA ARG K 91 -100.76 -59.11 -0.14
C ARG K 91 -100.95 -60.23 0.90
N THR K 92 -102.18 -60.41 1.38
CA THR K 92 -102.52 -61.45 2.35
C THR K 92 -102.85 -62.83 1.77
N ILE K 93 -102.97 -62.93 0.45
CA ILE K 93 -103.23 -64.21 -0.20
C ILE K 93 -101.99 -64.67 -0.98
N GLY K 94 -100.91 -63.89 -0.91
CA GLY K 94 -99.67 -64.21 -1.63
C GLY K 94 -99.61 -63.68 -3.04
N ILE K 95 -100.04 -62.43 -3.23
CA ILE K 95 -99.90 -61.78 -4.51
C ILE K 95 -99.01 -60.58 -4.26
N SER K 96 -97.90 -60.50 -4.97
CA SER K 96 -97.02 -59.33 -4.91
C SER K 96 -97.74 -58.15 -5.52
N VAL K 97 -97.55 -56.99 -4.92
CA VAL K 97 -98.17 -55.77 -5.43
C VAL K 97 -97.18 -54.65 -5.27
N ASP K 98 -96.70 -54.13 -6.39
CA ASP K 98 -96.05 -52.84 -6.37
C ASP K 98 -97.15 -51.89 -6.78
N PRO K 99 -97.00 -50.61 -6.44
CA PRO K 99 -97.85 -49.60 -7.01
C PRO K 99 -97.06 -48.56 -7.80
N ARG K 100 -95.80 -48.86 -8.13
CA ARG K 100 -94.99 -47.98 -8.96
C ARG K 100 -95.02 -48.30 -10.45
N ARG K 101 -95.59 -49.44 -10.83
CA ARG K 101 -95.68 -49.82 -12.24
C ARG K 101 -96.82 -49.10 -12.92
N ARG K 102 -96.47 -48.34 -13.96
CA ARG K 102 -97.44 -47.78 -14.87
C ARG K 102 -98.02 -48.98 -15.61
N ASN K 103 -98.87 -48.70 -16.58
CA ASN K 103 -99.33 -49.76 -17.46
C ASN K 103 -99.64 -49.20 -18.84
N LYS K 104 -98.66 -49.31 -19.75
CA LYS K 104 -98.74 -48.63 -21.05
C LYS K 104 -99.63 -49.38 -22.00
N SER K 105 -99.25 -50.62 -22.29
CA SER K 105 -99.89 -51.42 -23.32
C SER K 105 -100.95 -52.33 -22.73
N THR K 106 -102.00 -52.56 -23.50
CA THR K 106 -103.09 -53.43 -23.10
C THR K 106 -102.65 -54.89 -23.12
N GLU K 107 -101.69 -55.20 -23.98
CA GLU K 107 -101.23 -56.58 -24.17
C GLU K 107 -100.55 -57.12 -22.90
N SER K 108 -99.74 -56.27 -22.26
CA SER K 108 -99.10 -56.62 -20.99
C SER K 108 -100.11 -56.74 -19.85
N LEU K 109 -101.11 -55.88 -19.87
CA LEU K 109 -102.13 -55.85 -18.82
C LEU K 109 -102.90 -57.14 -18.78
N GLN K 110 -103.51 -57.49 -19.90
CA GLN K 110 -104.42 -58.63 -19.95
C GLN K 110 -103.71 -59.93 -19.58
N ALA K 111 -102.48 -60.12 -20.05
CA ALA K 111 -101.71 -61.30 -19.70
C ALA K 111 -101.46 -61.42 -18.20
N ASN K 112 -101.14 -60.30 -17.57
CA ASN K 112 -101.00 -60.23 -16.11
C ASN K 112 -102.32 -60.44 -15.39
N VAL K 113 -103.41 -59.94 -15.95
CA VAL K 113 -104.74 -60.21 -15.39
C VAL K 113 -104.96 -61.71 -15.41
N GLN K 114 -104.84 -62.30 -16.61
CA GLN K 114 -104.95 -63.75 -16.76
C GLN K 114 -104.17 -64.52 -15.70
N ARG K 115 -102.98 -64.02 -15.37
CA ARG K 115 -102.18 -64.60 -14.30
C ARG K 115 -102.91 -64.64 -12.97
N LEU K 116 -103.39 -63.50 -12.53
CA LEU K 116 -104.07 -63.44 -11.25
C LEU K 116 -105.32 -64.30 -11.26
N LYS K 117 -106.02 -64.33 -12.39
CA LYS K 117 -107.20 -65.17 -12.53
C LYS K 117 -106.81 -66.61 -12.28
N GLU K 118 -105.79 -67.07 -13.01
CA GLU K 118 -105.28 -68.42 -12.88
C GLU K 118 -104.91 -68.74 -11.44
N TYR K 119 -104.17 -67.83 -10.81
CA TYR K 119 -103.74 -68.02 -9.43
C TYR K 119 -104.93 -68.24 -8.52
N ARG K 120 -105.90 -67.33 -8.57
CA ARG K 120 -107.10 -67.46 -7.73
C ARG K 120 -107.78 -68.81 -7.91
N SER K 121 -107.81 -69.30 -9.14
CA SER K 121 -108.43 -70.60 -9.44
C SER K 121 -107.71 -71.73 -8.70
N LYS K 122 -106.39 -71.77 -8.82
CA LYS K 122 -105.60 -72.87 -8.29
C LYS K 122 -104.98 -72.59 -6.92
N LEU K 123 -105.70 -71.84 -6.09
CA LEU K 123 -105.25 -71.48 -4.75
C LEU K 123 -106.24 -72.04 -3.75
N VAL K 124 -105.73 -72.43 -2.59
CA VAL K 124 -106.51 -73.15 -1.59
C VAL K 124 -106.49 -72.34 -0.32
N LEU K 125 -107.52 -71.52 -0.15
CA LEU K 125 -107.57 -70.63 0.98
C LEU K 125 -108.07 -71.38 2.20
N PHE K 126 -107.23 -71.46 3.22
CA PHE K 126 -107.60 -72.10 4.49
C PHE K 126 -108.51 -71.12 5.22
N PRO K 127 -109.51 -71.63 5.94
CA PRO K 127 -110.34 -70.75 6.76
C PRO K 127 -109.62 -70.35 8.05
N ARG K 128 -110.04 -69.22 8.61
CA ARG K 128 -109.36 -68.58 9.75
C ARG K 128 -109.42 -69.45 11.01
N LYS K 129 -110.60 -69.96 11.31
CA LYS K 129 -110.78 -71.04 12.29
C LYS K 129 -110.88 -72.35 11.52
N PRO K 130 -110.69 -73.49 12.20
CA PRO K 130 -111.07 -74.78 11.59
C PRO K 130 -112.57 -74.91 11.28
N SER K 131 -113.42 -74.18 12.00
CA SER K 131 -114.84 -74.06 11.67
C SER K 131 -115.02 -73.10 10.49
N ALA K 132 -115.50 -73.63 9.35
CA ALA K 132 -115.42 -72.93 8.07
C ALA K 132 -116.52 -71.89 7.85
N PRO K 133 -116.14 -70.66 7.43
CA PRO K 133 -117.06 -69.66 6.90
C PRO K 133 -116.97 -69.56 5.36
N LYS K 134 -117.46 -68.47 4.78
CA LYS K 134 -117.35 -68.22 3.33
C LYS K 134 -115.91 -68.10 2.84
N LYS K 135 -115.74 -68.14 1.51
CA LYS K 135 -114.44 -68.07 0.81
C LYS K 135 -113.57 -69.32 1.02
N GLY K 136 -113.19 -69.58 2.27
CA GLY K 136 -112.40 -70.76 2.65
C GLY K 136 -112.83 -72.02 1.93
N ASP K 137 -111.87 -72.76 1.40
CA ASP K 137 -112.15 -73.92 0.54
C ASP K 137 -112.67 -75.11 1.33
N SER K 138 -113.20 -76.09 0.61
CA SER K 138 -113.75 -77.31 1.19
C SER K 138 -112.70 -78.16 1.87
N SER K 139 -113.13 -78.97 2.83
CA SER K 139 -112.24 -79.86 3.57
C SER K 139 -111.64 -80.97 2.70
N ALA K 140 -112.26 -81.25 1.56
CA ALA K 140 -111.66 -82.10 0.54
C ALA K 140 -110.38 -81.45 0.00
N GLU K 141 -110.52 -80.28 -0.61
CA GLU K 141 -109.35 -79.52 -1.10
C GLU K 141 -108.68 -78.84 0.09
N GLU K 142 -107.96 -79.64 0.86
CA GLU K 142 -107.39 -79.23 2.15
C GLU K 142 -106.65 -80.43 2.73
N LEU K 143 -107.36 -81.55 2.83
CA LEU K 143 -106.78 -82.82 3.25
C LEU K 143 -105.89 -83.37 2.14
N LYS K 144 -106.40 -83.31 0.90
CA LYS K 144 -105.62 -83.75 -0.27
C LYS K 144 -104.35 -82.95 -0.49
N LEU K 145 -104.35 -81.68 -0.05
CA LEU K 145 -103.13 -80.88 -0.05
C LEU K 145 -103.15 -79.76 0.98
N ALA K 146 -102.23 -79.88 1.94
CA ALA K 146 -101.69 -78.74 2.67
C ALA K 146 -100.24 -78.65 2.22
N THR K 147 -100.03 -78.83 0.91
CA THR K 147 -98.70 -79.08 0.35
C THR K 147 -98.05 -77.77 -0.05
N GLN K 148 -96.73 -77.70 0.07
CA GLN K 148 -95.99 -76.57 -0.46
C GLN K 148 -95.78 -76.73 -1.94
N LEU K 149 -95.52 -75.61 -2.59
CA LEU K 149 -95.09 -75.61 -3.97
C LEU K 149 -93.59 -75.33 -4.03
N THR K 150 -92.82 -76.36 -4.37
CA THR K 150 -91.39 -76.24 -4.55
C THR K 150 -91.13 -75.44 -5.82
N GLY K 151 -90.15 -74.55 -5.76
CA GLY K 151 -89.82 -73.69 -6.90
C GLY K 151 -90.82 -72.57 -7.07
N PRO K 152 -90.56 -71.66 -8.03
CA PRO K 152 -91.35 -70.45 -8.16
C PRO K 152 -92.80 -70.75 -8.53
N VAL K 153 -93.71 -70.04 -7.89
CA VAL K 153 -95.15 -70.28 -8.09
C VAL K 153 -95.59 -69.82 -9.47
N MET K 154 -96.15 -70.76 -10.24
CA MET K 154 -96.55 -70.55 -11.62
C MET K 154 -95.42 -69.92 -12.42
N PRO K 155 -94.44 -70.73 -12.85
CA PRO K 155 -93.22 -70.18 -13.39
C PRO K 155 -93.39 -69.57 -14.77
N ILE K 156 -92.59 -68.56 -15.05
CA ILE K 156 -92.61 -67.88 -16.34
C ILE K 156 -91.69 -68.61 -17.30
N ARG K 157 -92.20 -68.86 -18.50
CA ARG K 157 -91.41 -69.44 -19.57
C ARG K 157 -91.59 -68.55 -20.79
N ASN K 158 -90.50 -67.88 -21.17
CA ASN K 158 -90.49 -67.01 -22.35
C ASN K 158 -90.70 -67.86 -23.60
N VAL K 159 -91.88 -67.71 -24.20
CA VAL K 159 -92.38 -68.65 -25.20
C VAL K 159 -92.61 -68.01 -26.57
N PHE K 160 -92.45 -68.81 -27.62
CA PHE K 160 -92.54 -68.33 -28.99
C PHE K 160 -93.71 -68.97 -29.70
N LYS K 161 -94.16 -68.32 -30.77
CA LYS K 161 -95.27 -68.82 -31.61
C LYS K 161 -94.69 -69.28 -32.94
N LYS K 162 -94.98 -70.54 -33.28
CA LYS K 162 -94.53 -71.14 -34.53
C LYS K 162 -95.28 -70.55 -35.70
N GLU K 163 -94.61 -70.48 -36.85
CA GLU K 163 -95.26 -70.04 -38.08
C GLU K 163 -95.24 -71.17 -39.10
N LYS K 164 -96.40 -71.50 -39.65
CA LYS K 164 -96.45 -72.45 -40.75
C LYS K 164 -95.77 -71.91 -42.00
N ALA K 165 -95.07 -72.77 -42.71
CA ALA K 165 -94.45 -72.45 -44.00
C ALA K 165 -95.44 -71.82 -44.97
N ARG K 166 -95.26 -70.53 -45.25
CA ARG K 166 -96.15 -69.75 -46.12
C ARG K 166 -95.92 -70.12 -47.59
N VAL K 167 -96.23 -69.24 -48.55
CA VAL K 167 -95.93 -69.47 -49.96
C VAL K 167 -95.12 -68.36 -50.63
N ILE K 168 -95.06 -67.17 -50.01
CA ILE K 168 -94.39 -65.99 -50.59
C ILE K 168 -95.16 -65.46 -51.79
N THR K 169 -96.07 -64.53 -51.52
CA THR K 169 -96.75 -63.78 -52.57
C THR K 169 -95.79 -62.86 -53.32
N GLU K 170 -96.15 -62.54 -54.56
CA GLU K 170 -95.23 -61.89 -55.48
C GLU K 170 -94.85 -60.58 -54.84
N GLU K 171 -95.82 -59.96 -54.18
CA GLU K 171 -95.58 -58.66 -53.58
C GLU K 171 -94.50 -58.80 -52.53
N GLU K 172 -94.53 -59.89 -51.76
CA GLU K 172 -93.53 -60.08 -50.71
C GLU K 172 -92.15 -60.18 -51.32
N LYS K 173 -92.06 -60.86 -52.46
CA LYS K 173 -90.77 -61.05 -53.11
C LYS K 173 -90.26 -59.67 -53.45
N ASN K 174 -91.19 -58.82 -53.86
CA ASN K 174 -90.91 -57.48 -54.39
C ASN K 174 -90.24 -56.53 -53.38
N PHE K 175 -90.60 -56.63 -52.10
CA PHE K 175 -90.07 -55.77 -51.02
C PHE K 175 -88.57 -55.53 -51.08
N LYS K 176 -88.15 -54.27 -51.02
CA LYS K 176 -86.72 -53.90 -51.04
C LYS K 176 -86.28 -53.45 -49.64
N ALA K 177 -85.98 -54.43 -48.79
CA ALA K 177 -85.78 -54.22 -47.34
C ALA K 177 -84.65 -53.29 -47.00
N PHE K 178 -83.46 -53.66 -47.41
CA PHE K 178 -82.28 -52.85 -47.17
C PHE K 178 -82.58 -51.41 -47.58
N ALA K 179 -83.02 -51.23 -48.82
CA ALA K 179 -83.38 -49.92 -49.32
C ALA K 179 -84.41 -49.22 -48.43
N SER K 180 -85.44 -49.96 -48.04
CA SER K 180 -86.49 -49.44 -47.18
C SER K 180 -85.94 -48.83 -45.90
N LEU K 181 -85.05 -49.58 -45.24
CA LEU K 181 -84.43 -49.11 -44.01
C LEU K 181 -83.67 -47.81 -44.21
N ARG K 182 -82.90 -47.75 -45.29
CA ARG K 182 -82.06 -46.59 -45.58
C ARG K 182 -82.92 -45.34 -45.76
N MET K 183 -83.96 -45.48 -46.56
CA MET K 183 -84.92 -44.42 -46.77
C MET K 183 -85.41 -43.93 -45.42
N ALA K 184 -85.96 -44.85 -44.64
CA ALA K 184 -86.56 -44.53 -43.35
C ALA K 184 -85.60 -43.78 -42.44
N ARG K 185 -84.36 -44.26 -42.42
CA ARG K 185 -83.26 -43.59 -41.73
C ARG K 185 -83.17 -42.13 -42.12
N ALA K 186 -83.11 -41.88 -43.43
CA ALA K 186 -82.97 -40.53 -43.97
C ALA K 186 -84.17 -39.64 -43.68
N ASN K 187 -85.36 -40.24 -43.70
CA ASN K 187 -86.58 -39.50 -43.38
C ASN K 187 -86.56 -39.05 -41.93
N ALA K 188 -86.10 -39.91 -41.04
CA ALA K 188 -85.91 -39.54 -39.63
C ALA K 188 -84.90 -38.41 -39.49
N ARG K 189 -83.73 -38.63 -40.08
CA ARG K 189 -82.67 -37.62 -40.18
C ARG K 189 -83.23 -36.27 -40.66
N LEU K 190 -83.93 -36.29 -41.78
CA LEU K 190 -84.28 -35.06 -42.47
C LEU K 190 -85.64 -34.46 -42.11
N PHE K 191 -86.47 -35.20 -41.39
CA PHE K 191 -87.84 -34.78 -41.05
C PHE K 191 -87.94 -33.34 -40.56
N GLY K 192 -87.03 -32.97 -39.66
CA GLY K 192 -87.02 -31.66 -39.02
C GLY K 192 -86.70 -30.53 -39.96
N ILE K 193 -85.70 -30.71 -40.82
CA ILE K 193 -85.27 -29.63 -41.73
C ILE K 193 -86.27 -29.49 -42.88
N ARG K 194 -86.70 -30.62 -43.44
CA ARG K 194 -87.81 -30.61 -44.41
C ARG K 194 -89.00 -29.78 -43.93
N ALA K 195 -89.39 -30.00 -42.67
CA ALA K 195 -90.48 -29.27 -42.02
C ALA K 195 -90.19 -27.77 -41.95
N LYS K 196 -88.94 -27.42 -41.67
CA LYS K 196 -88.51 -26.02 -41.67
C LYS K 196 -88.55 -25.40 -43.06
N ARG K 197 -88.08 -26.12 -44.07
CA ARG K 197 -88.18 -25.65 -45.47
C ARG K 197 -89.62 -25.43 -45.92
N ALA K 198 -90.50 -26.35 -45.54
CA ALA K 198 -91.93 -26.23 -45.83
C ALA K 198 -92.51 -24.96 -45.20
N LYS K 199 -92.15 -24.71 -43.93
CA LYS K 199 -92.58 -23.51 -43.21
C LYS K 199 -92.06 -22.23 -43.86
N GLU K 200 -90.82 -22.28 -44.34
CA GLU K 200 -90.22 -21.17 -45.08
C GLU K 200 -90.97 -20.91 -46.40
N ALA K 201 -91.29 -21.98 -47.13
CA ALA K 201 -92.00 -21.88 -48.41
C ALA K 201 -93.41 -21.32 -48.25
N ALA K 202 -94.11 -21.76 -47.21
CA ALA K 202 -95.45 -21.25 -46.89
C ALA K 202 -95.42 -19.76 -46.53
N GLU K 203 -94.40 -19.35 -45.79
CA GLU K 203 -94.18 -17.94 -45.43
C GLU K 203 -93.93 -17.08 -46.68
N GLN K 204 -93.15 -17.60 -47.63
CA GLN K 204 -92.90 -16.92 -48.91
C GLN K 204 -94.15 -16.77 -49.78
N ASP K 205 -95.01 -17.79 -49.75
CA ASP K 205 -96.30 -17.74 -50.47
C ASP K 205 -97.25 -16.70 -49.87
N VAL K 206 -97.30 -16.63 -48.54
CA VAL K 206 -98.11 -15.63 -47.81
C VAL K 206 -97.52 -14.22 -47.98
N GLU K 207 -96.19 -14.11 -47.91
CA GLU K 207 -95.47 -12.84 -48.11
C GLU K 207 -95.67 -12.25 -49.52
N LYS K 208 -95.85 -13.11 -50.51
CA LYS K 208 -96.14 -12.70 -51.89
C LYS K 208 -97.48 -11.95 -52.02
N LYS K 209 -98.47 -12.35 -51.22
CA LYS K 209 -99.80 -11.71 -51.25
C LYS K 209 -99.77 -10.28 -50.71
N LYS K 210 -99.17 -10.10 -49.54
CA LYS K 210 -99.05 -8.77 -48.92
C LYS K 210 -97.99 -7.92 -49.63
N VAL L 1 59.21 -79.47 -30.06
CA VAL L 1 60.51 -80.12 -30.45
C VAL L 1 60.23 -81.34 -31.31
N PHE L 2 59.75 -81.08 -32.52
CA PHE L 2 58.93 -82.04 -33.23
C PHE L 2 59.71 -83.00 -34.10
N ARG L 3 59.25 -84.24 -34.11
CA ARG L 3 59.85 -85.30 -34.89
C ARG L 3 58.96 -85.80 -36.05
N ARG L 4 57.64 -85.73 -35.89
CA ARG L 4 56.68 -86.17 -36.91
C ARG L 4 56.03 -84.99 -37.58
N PHE L 5 56.01 -84.97 -38.92
CA PHE L 5 55.52 -83.82 -39.68
C PHE L 5 54.52 -84.15 -40.77
N VAL L 6 53.54 -83.27 -40.96
CA VAL L 6 52.63 -83.33 -42.08
C VAL L 6 53.44 -82.97 -43.32
N GLU L 7 54.10 -83.98 -43.83
CA GLU L 7 54.93 -83.88 -44.99
C GLU L 7 54.12 -84.56 -46.08
N VAL L 8 54.35 -84.15 -47.33
CA VAL L 8 53.87 -84.93 -48.46
C VAL L 8 54.52 -86.28 -48.37
N GLY L 9 53.70 -87.32 -48.39
CA GLY L 9 54.17 -88.69 -48.39
C GLY L 9 54.35 -89.28 -47.02
N ARG L 10 53.94 -88.56 -45.97
CA ARG L 10 53.92 -89.17 -44.66
C ARG L 10 52.76 -90.15 -44.57
N VAL L 11 53.06 -91.36 -44.10
CA VAL L 11 52.03 -92.31 -43.77
C VAL L 11 51.48 -91.92 -42.42
N ALA L 12 50.17 -92.00 -42.29
CA ALA L 12 49.46 -91.74 -41.04
C ALA L 12 48.44 -92.81 -40.75
N TYR L 13 48.20 -93.02 -39.47
CA TYR L 13 47.24 -93.99 -38.99
C TYR L 13 45.96 -93.23 -38.68
N VAL L 14 44.86 -93.64 -39.29
CA VAL L 14 43.60 -92.98 -39.09
C VAL L 14 43.00 -93.49 -37.80
N SER L 15 42.96 -92.63 -36.78
CA SER L 15 42.49 -93.00 -35.45
C SER L 15 41.06 -93.49 -35.46
N PHE L 16 40.17 -92.67 -36.03
CA PHE L 16 38.73 -92.92 -36.01
C PHE L 16 38.06 -92.37 -37.25
N GLY L 17 36.77 -92.67 -37.39
CA GLY L 17 35.96 -92.24 -38.52
C GLY L 17 35.53 -93.47 -39.30
N PRO L 18 35.14 -93.28 -40.57
CA PRO L 18 34.79 -94.43 -41.39
C PRO L 18 36.00 -95.32 -41.69
N HIS L 19 37.13 -94.71 -42.03
CA HIS L 19 38.33 -95.45 -42.34
C HIS L 19 39.25 -95.50 -41.14
N ALA L 20 38.71 -95.97 -40.02
CA ALA L 20 39.49 -96.11 -38.81
C ALA L 20 40.36 -97.36 -38.90
N GLY L 21 41.51 -97.28 -38.22
CA GLY L 21 42.43 -98.39 -38.13
C GLY L 21 43.10 -98.75 -39.44
N LYS L 22 43.36 -97.73 -40.27
CA LYS L 22 43.97 -97.91 -41.58
C LYS L 22 45.12 -96.93 -41.77
N LEU L 23 46.15 -97.37 -42.49
CA LEU L 23 47.24 -96.49 -42.88
C LEU L 23 46.88 -95.77 -44.14
N VAL L 24 47.52 -94.62 -44.32
CA VAL L 24 47.11 -93.66 -45.32
C VAL L 24 48.30 -92.75 -45.55
N ALA L 25 48.68 -92.53 -46.80
CA ALA L 25 49.76 -91.61 -47.14
C ALA L 25 49.14 -90.26 -47.47
N ILE L 26 49.72 -89.19 -46.94
CA ILE L 26 49.26 -87.85 -47.26
C ILE L 26 49.80 -87.50 -48.64
N VAL L 27 48.88 -87.30 -49.58
CA VAL L 27 49.25 -86.90 -50.91
C VAL L 27 49.61 -85.43 -50.87
N ASP L 28 48.64 -84.59 -50.56
CA ASP L 28 48.83 -83.16 -50.60
C ASP L 28 48.04 -82.47 -49.49
N VAL L 29 48.54 -81.30 -49.06
CA VAL L 29 47.88 -80.52 -48.03
C VAL L 29 46.94 -79.52 -48.67
N ILE L 30 45.65 -79.64 -48.35
CA ILE L 30 44.62 -78.75 -48.90
C ILE L 30 44.59 -77.43 -48.16
N ASP L 31 44.69 -77.50 -46.84
CA ASP L 31 44.29 -76.40 -45.99
C ASP L 31 45.02 -76.42 -44.64
N GLN L 32 44.67 -75.49 -43.78
CA GLN L 32 45.09 -75.50 -42.38
C GLN L 32 44.84 -76.85 -41.75
N ASN L 33 43.66 -77.41 -42.01
CA ASN L 33 43.14 -78.52 -41.23
C ASN L 33 42.55 -79.66 -42.05
N ARG L 34 43.02 -79.81 -43.27
CA ARG L 34 42.47 -80.79 -44.17
C ARG L 34 43.54 -81.25 -45.15
N ALA L 35 43.72 -82.56 -45.27
CA ALA L 35 44.72 -83.12 -46.17
C ALA L 35 44.01 -83.93 -47.24
N LEU L 36 44.62 -83.96 -48.42
CA LEU L 36 44.18 -84.82 -49.50
C LEU L 36 45.02 -86.08 -49.43
N VAL L 37 44.35 -87.22 -49.26
CA VAL L 37 44.95 -88.43 -48.72
C VAL L 37 44.63 -89.68 -49.50
N ASP L 38 45.52 -90.68 -49.41
CA ASP L 38 45.32 -91.94 -50.09
C ASP L 38 45.91 -93.11 -49.32
N GLY L 39 45.33 -94.27 -49.56
CA GLY L 39 45.80 -95.55 -49.05
C GLY L 39 45.43 -96.62 -50.06
N PRO L 40 46.16 -96.67 -51.19
CA PRO L 40 45.87 -97.64 -52.26
C PRO L 40 45.94 -99.09 -51.78
N CYS L 41 46.99 -99.40 -51.04
CA CYS L 41 47.24 -100.74 -50.56
C CYS L 41 46.49 -101.06 -49.27
N THR L 42 45.98 -100.04 -48.61
CA THR L 42 45.26 -100.20 -47.35
C THR L 42 43.74 -100.11 -47.45
N ARG L 43 43.22 -100.20 -48.68
CA ARG L 43 41.80 -100.03 -48.95
C ARG L 43 41.18 -98.70 -48.51
N VAL L 44 41.80 -97.60 -48.93
CA VAL L 44 41.32 -96.25 -48.63
C VAL L 44 41.39 -95.44 -49.90
N ARG L 45 40.22 -94.97 -50.33
CA ARG L 45 40.09 -94.29 -51.61
C ARG L 45 40.73 -92.92 -51.48
N ARG L 46 41.17 -92.37 -52.60
CA ARG L 46 41.64 -90.99 -52.61
C ARG L 46 40.51 -90.10 -52.14
N GLN L 47 40.73 -89.38 -51.06
CA GLN L 47 39.79 -88.37 -50.59
C GLN L 47 40.43 -87.39 -49.67
N ALA L 48 39.75 -86.27 -49.49
CA ALA L 48 40.15 -85.31 -48.48
C ALA L 48 39.85 -85.92 -47.11
N MET L 49 40.65 -85.53 -46.13
CA MET L 49 40.56 -86.07 -44.79
C MET L 49 41.12 -85.07 -43.79
N PRO L 50 40.38 -84.83 -42.70
CA PRO L 50 40.82 -83.87 -41.71
C PRO L 50 41.92 -84.40 -40.85
N PHE L 51 42.85 -83.52 -40.44
CA PHE L 51 43.98 -83.95 -39.64
C PHE L 51 43.52 -84.45 -38.29
N LYS L 52 42.50 -83.83 -37.71
CA LYS L 52 41.93 -84.29 -36.45
C LYS L 52 41.89 -85.81 -36.32
N CYS L 53 41.35 -86.47 -37.34
CA CYS L 53 41.13 -87.93 -37.27
C CYS L 53 42.34 -88.81 -37.58
N MET L 54 43.41 -88.23 -38.12
CA MET L 54 44.61 -89.00 -38.45
C MET L 54 45.77 -88.63 -37.55
N GLN L 55 46.38 -89.65 -36.95
CA GLN L 55 47.61 -89.48 -36.16
C GLN L 55 48.73 -90.11 -36.92
N LEU L 56 49.88 -89.45 -36.92
CA LEU L 56 50.87 -89.71 -37.96
C LEU L 56 52.12 -90.44 -37.53
N THR L 57 52.51 -91.39 -38.35
CA THR L 57 53.47 -92.41 -38.00
C THR L 57 54.88 -91.86 -38.27
N ASP L 58 55.85 -92.75 -38.40
CA ASP L 58 57.25 -92.39 -38.60
C ASP L 58 57.74 -92.93 -39.95
N PHE L 59 56.84 -92.91 -40.95
CA PHE L 59 57.10 -93.49 -42.26
C PHE L 59 56.80 -92.46 -43.35
N ILE L 60 57.83 -91.88 -43.92
CA ILE L 60 57.67 -90.93 -45.04
C ILE L 60 58.14 -91.60 -46.32
N LEU L 61 57.19 -92.21 -47.02
CA LEU L 61 57.48 -92.75 -48.36
C LEU L 61 57.44 -91.61 -49.36
N LYS L 62 58.28 -91.71 -50.40
CA LYS L 62 58.61 -90.59 -51.26
C LYS L 62 57.92 -90.68 -52.63
N PHE L 63 56.98 -89.76 -52.86
CA PHE L 63 56.37 -89.54 -54.17
C PHE L 63 56.08 -88.05 -54.30
N PRO L 64 55.90 -87.54 -55.54
CA PRO L 64 55.64 -86.11 -55.70
C PRO L 64 54.22 -85.70 -55.34
N HIS L 65 54.08 -84.44 -54.90
CA HIS L 65 52.93 -83.97 -54.13
C HIS L 65 51.53 -84.19 -54.68
N SER L 66 51.38 -84.37 -55.98
CA SER L 66 50.07 -84.65 -56.54
C SER L 66 50.18 -85.70 -57.63
N ALA L 67 50.68 -86.86 -57.25
CA ALA L 67 50.77 -87.98 -58.16
C ALA L 67 49.42 -88.64 -58.30
N ARG L 68 49.30 -89.50 -59.31
CA ARG L 68 48.03 -90.11 -59.67
C ARG L 68 47.92 -91.55 -59.19
N GLN L 69 47.88 -91.75 -57.86
CA GLN L 69 47.40 -93.01 -57.25
C GLN L 69 48.25 -94.25 -57.60
N LYS L 70 48.39 -94.54 -58.89
CA LYS L 70 49.35 -95.52 -59.40
C LYS L 70 50.72 -95.37 -58.77
N TYR L 71 51.24 -94.15 -58.76
CA TYR L 71 52.61 -93.92 -58.31
C TYR L 71 52.77 -94.05 -56.81
N VAL L 72 51.80 -93.54 -56.05
CA VAL L 72 51.82 -93.74 -54.59
C VAL L 72 51.67 -95.24 -54.22
N ARG L 73 50.88 -95.99 -54.99
CA ARG L 73 50.81 -97.45 -54.82
C ARG L 73 52.19 -98.08 -54.96
N LYS L 74 52.94 -97.65 -55.97
CA LYS L 74 54.29 -98.17 -56.20
C LYS L 74 55.25 -97.79 -55.09
N ALA L 75 55.17 -96.56 -54.61
CA ALA L 75 55.99 -96.12 -53.49
C ALA L 75 55.66 -96.87 -52.18
N TRP L 76 54.39 -97.24 -52.02
CA TRP L 76 53.97 -98.05 -50.88
C TRP L 76 54.57 -99.45 -50.95
N GLU L 77 54.40 -100.10 -52.10
CA GLU L 77 54.89 -101.47 -52.30
C GLU L 77 56.43 -101.57 -52.36
N LYS L 78 57.09 -100.51 -52.83
CA LYS L 78 58.54 -100.47 -52.90
C LYS L 78 59.15 -100.50 -51.51
N ALA L 79 58.66 -99.62 -50.64
CA ALA L 79 59.10 -99.56 -49.24
C ALA L 79 58.60 -100.74 -48.40
N ASP L 80 57.52 -101.37 -48.84
CA ASP L 80 56.92 -102.52 -48.15
C ASP L 80 56.40 -102.08 -46.78
N ILE L 81 55.52 -101.08 -46.82
CA ILE L 81 55.02 -100.43 -45.62
C ILE L 81 54.14 -101.36 -44.81
N ASN L 82 53.33 -102.16 -45.48
CA ASN L 82 52.45 -103.09 -44.78
C ASN L 82 53.21 -104.06 -43.87
N THR L 83 54.30 -104.63 -44.38
CA THR L 83 55.19 -105.44 -43.56
C THR L 83 55.90 -104.67 -42.45
N LYS L 84 56.36 -103.47 -42.76
CA LYS L 84 57.06 -102.63 -41.78
C LYS L 84 56.16 -102.18 -40.64
N TRP L 85 54.95 -101.77 -40.98
CA TRP L 85 53.96 -101.35 -39.99
C TRP L 85 53.69 -102.45 -38.99
N ALA L 86 53.32 -103.63 -39.49
CA ALA L 86 53.01 -104.78 -38.63
C ALA L 86 54.14 -105.14 -37.66
N ALA L 87 55.38 -104.99 -38.10
CA ALA L 87 56.56 -105.25 -37.26
C ALA L 87 56.79 -104.20 -36.18
N THR L 88 56.20 -103.01 -36.33
CA THR L 88 56.31 -101.93 -35.35
C THR L 88 55.63 -102.31 -34.05
N ARG L 89 56.11 -101.72 -32.95
CA ARG L 89 55.54 -101.96 -31.63
C ARG L 89 54.09 -101.48 -31.54
N TRP L 90 53.85 -100.28 -32.09
CA TRP L 90 52.51 -99.70 -32.22
C TRP L 90 51.52 -100.74 -32.78
N ALA L 91 51.77 -101.21 -33.99
CA ALA L 91 50.86 -102.17 -34.63
C ALA L 91 50.66 -103.42 -33.78
N LYS L 92 51.71 -103.86 -33.10
CA LYS L 92 51.62 -105.03 -32.23
C LYS L 92 50.66 -104.81 -31.08
N LYS L 93 50.77 -103.67 -30.40
CA LYS L 93 49.82 -103.38 -29.32
C LYS L 93 48.41 -103.04 -29.79
N ILE L 94 48.23 -102.63 -31.03
CA ILE L 94 46.90 -102.62 -31.63
C ILE L 94 46.39 -104.05 -31.74
N GLU L 95 47.18 -104.91 -32.37
CA GLU L 95 46.85 -106.34 -32.51
C GLU L 95 46.54 -106.96 -31.15
N ALA L 96 47.37 -106.68 -30.16
CA ALA L 96 47.16 -107.16 -28.80
C ALA L 96 45.77 -106.80 -28.31
N ARG L 97 45.46 -105.51 -28.39
CA ARG L 97 44.19 -104.97 -27.91
C ARG L 97 42.99 -105.59 -28.61
N GLU L 98 43.11 -105.83 -29.91
CA GLU L 98 42.06 -106.50 -30.66
C GLU L 98 41.82 -107.91 -30.12
N ARG L 99 42.91 -108.62 -29.85
CA ARG L 99 42.81 -109.99 -29.40
C ARG L 99 42.07 -110.03 -28.08
N LYS L 100 42.39 -109.11 -27.19
CA LYS L 100 41.76 -109.08 -25.87
C LYS L 100 40.25 -108.92 -25.98
N ALA L 101 39.80 -108.09 -26.91
CA ALA L 101 38.37 -107.90 -27.18
C ALA L 101 37.68 -109.17 -27.69
N LYS L 102 38.36 -109.89 -28.59
CA LYS L 102 37.84 -111.16 -29.16
C LYS L 102 37.78 -112.35 -28.19
N MET L 103 38.32 -112.19 -26.98
CA MET L 103 38.57 -113.30 -26.08
C MET L 103 37.26 -113.92 -25.57
N THR L 104 37.07 -115.21 -25.85
CA THR L 104 35.87 -115.96 -25.42
C THR L 104 35.94 -116.28 -23.94
N ASP L 105 34.84 -116.74 -23.36
CA ASP L 105 34.81 -117.01 -21.92
C ASP L 105 35.65 -118.21 -21.49
N PHE L 106 35.73 -119.23 -22.34
CA PHE L 106 36.68 -120.32 -22.09
C PHE L 106 38.10 -119.78 -22.15
N ASP L 107 38.38 -118.97 -23.18
CA ASP L 107 39.70 -118.34 -23.34
C ASP L 107 40.05 -117.53 -22.12
N ARG L 108 39.09 -116.75 -21.67
CA ARG L 108 39.27 -115.89 -20.51
C ARG L 108 39.66 -116.73 -19.29
N TYR L 109 38.95 -117.82 -19.07
CA TYR L 109 39.24 -118.73 -17.96
C TYR L 109 40.64 -119.29 -18.06
N LYS L 110 41.01 -119.74 -19.25
CA LYS L 110 42.34 -120.26 -19.50
C LYS L 110 43.42 -119.27 -19.06
N VAL L 111 43.25 -118.01 -19.46
CA VAL L 111 44.19 -116.96 -19.10
C VAL L 111 44.24 -116.78 -17.60
N MET L 112 43.07 -116.68 -16.97
CA MET L 112 42.99 -116.50 -15.52
C MET L 112 43.83 -117.56 -14.84
N LYS L 113 43.62 -118.80 -15.25
CA LYS L 113 44.37 -119.92 -14.71
C LYS L 113 45.85 -119.75 -14.97
N ALA L 114 46.20 -119.35 -16.19
CA ALA L 114 47.60 -119.17 -16.56
C ALA L 114 48.30 -118.08 -15.77
N LYS L 115 47.65 -116.94 -15.61
CA LYS L 115 48.18 -115.84 -14.81
C LYS L 115 48.36 -116.23 -13.36
N LYS L 116 47.34 -116.89 -12.83
CA LYS L 116 47.32 -117.30 -11.43
C LYS L 116 48.65 -117.95 -11.07
N MET L 117 49.10 -118.86 -11.95
CA MET L 117 50.36 -119.56 -11.78
C MET L 117 51.54 -118.66 -12.13
N ARG L 118 51.47 -118.03 -13.29
CA ARG L 118 52.60 -117.23 -13.81
C ARG L 118 53.04 -116.12 -12.88
N ASN L 119 52.11 -115.44 -12.23
CA ASN L 119 52.45 -114.41 -11.23
C ASN L 119 53.02 -115.01 -9.96
N ARG L 120 52.50 -116.18 -9.56
CA ARG L 120 53.02 -116.90 -8.38
C ARG L 120 54.49 -117.29 -8.53
N ILE L 121 54.89 -117.70 -9.73
CA ILE L 121 56.30 -118.05 -10.00
C ILE L 121 57.21 -116.85 -10.00
N ILE L 122 56.69 -115.71 -10.45
CA ILE L 122 57.43 -114.44 -10.36
C ILE L 122 57.54 -113.96 -8.92
N LYS L 123 56.43 -114.02 -8.19
CA LYS L 123 56.37 -113.51 -6.82
C LYS L 123 57.42 -114.17 -5.91
N ASN L 124 57.55 -115.49 -6.02
CA ASN L 124 58.58 -116.22 -5.25
C ASN L 124 59.98 -115.83 -5.69
N GLU L 125 60.17 -115.62 -6.98
CA GLU L 125 61.47 -115.14 -7.44
C GLU L 125 61.80 -113.77 -6.87
N VAL L 126 60.80 -112.87 -6.86
CA VAL L 126 61.02 -111.54 -6.33
C VAL L 126 61.33 -111.55 -4.84
N LYS L 127 60.60 -112.36 -4.08
CA LYS L 127 60.81 -112.38 -2.64
C LYS L 127 62.21 -112.89 -2.33
N LYS L 128 62.62 -113.92 -3.05
CA LYS L 128 63.94 -114.49 -2.86
C LYS L 128 64.98 -113.45 -3.21
N LEU L 129 64.76 -112.74 -4.30
CA LEU L 129 65.75 -111.76 -4.71
C LEU L 129 65.87 -110.75 -3.61
N GLN L 130 64.75 -110.30 -3.06
CA GLN L 130 64.80 -109.26 -2.06
C GLN L 130 65.59 -109.75 -0.87
N ARG L 131 65.30 -110.96 -0.42
CA ARG L 131 65.99 -111.45 0.78
C ARG L 131 67.50 -111.63 0.55
N ALA L 132 67.88 -112.09 -0.63
CA ALA L 132 69.29 -112.19 -0.98
C ALA L 132 69.98 -110.82 -1.03
N ALA L 133 69.30 -109.85 -1.62
CA ALA L 133 69.80 -108.48 -1.71
C ALA L 133 69.95 -107.90 -0.33
N LEU L 134 68.98 -108.20 0.52
CA LEU L 134 69.11 -108.00 1.96
C LEU L 134 70.40 -108.63 2.51
N LEU L 135 70.74 -109.81 1.99
CA LEU L 135 71.99 -110.51 2.36
C LEU L 135 73.24 -109.75 1.91
N LYS L 136 73.20 -109.21 0.68
CA LYS L 136 74.27 -108.34 0.16
C LYS L 136 74.46 -107.08 1.02
N ALA L 137 73.36 -106.46 1.40
CA ALA L 137 73.37 -105.27 2.26
C ALA L 137 73.96 -105.55 3.65
N SER L 138 73.67 -106.73 4.18
CA SER L 138 74.21 -107.17 5.47
C SER L 138 75.71 -107.47 5.39
N GLY M 1 -106.67 -23.40 7.26
CA GLY M 1 -106.13 -23.29 8.66
C GLY M 1 -105.03 -22.25 8.76
N ALA M 2 -104.88 -21.67 9.94
CA ALA M 2 -103.92 -20.60 10.15
C ALA M 2 -102.50 -20.98 9.78
N TYR M 3 -102.15 -22.25 9.98
CA TYR M 3 -100.78 -22.68 9.72
C TYR M 3 -100.35 -22.36 8.31
N LYS M 4 -101.17 -22.72 7.32
CA LYS M 4 -100.84 -22.45 5.93
C LYS M 4 -100.58 -20.96 5.68
N TYR M 5 -101.43 -20.10 6.22
CA TYR M 5 -101.19 -18.66 6.15
C TYR M 5 -99.83 -18.32 6.74
N ILE M 6 -99.51 -18.90 7.89
CA ILE M 6 -98.24 -18.67 8.57
C ILE M 6 -97.09 -19.17 7.71
N GLN M 7 -97.24 -20.35 7.13
CA GLN M 7 -96.24 -20.91 6.22
C GLN M 7 -95.98 -19.96 5.07
N GLU M 8 -97.02 -19.54 4.37
CA GLU M 8 -96.85 -18.60 3.26
C GLU M 8 -96.24 -17.26 3.67
N LEU M 9 -96.59 -16.78 4.86
CA LEU M 9 -96.06 -15.54 5.41
C LEU M 9 -94.57 -15.65 5.60
N TRP M 10 -94.15 -16.78 6.19
CA TRP M 10 -92.72 -17.06 6.40
C TRP M 10 -91.90 -17.19 5.13
N ARG M 11 -92.54 -17.50 4.01
CA ARG M 11 -91.86 -17.50 2.72
C ARG M 11 -91.58 -16.10 2.21
N LYS M 12 -92.45 -15.15 2.52
CA LYS M 12 -92.16 -13.75 2.19
C LYS M 12 -91.21 -13.18 3.26
N LYS M 13 -89.96 -13.60 3.21
CA LYS M 13 -88.94 -13.10 4.16
C LYS M 13 -88.51 -11.70 3.76
N GLN M 14 -88.42 -11.47 2.46
CA GLN M 14 -88.02 -10.17 1.94
C GLN M 14 -89.03 -9.04 2.17
N SER M 15 -90.26 -9.39 2.59
CA SER M 15 -91.32 -8.39 2.88
C SER M 15 -90.97 -7.42 4.00
N ASP M 16 -91.80 -6.39 4.15
CA ASP M 16 -91.61 -5.42 5.23
C ASP M 16 -91.96 -5.98 6.60
N VAL M 17 -92.92 -6.89 6.65
CA VAL M 17 -93.41 -7.43 7.91
C VAL M 17 -92.41 -8.39 8.47
N MET M 18 -92.09 -9.40 7.69
CA MET M 18 -91.20 -10.47 8.14
C MET M 18 -89.78 -9.99 8.38
N ARG M 19 -89.31 -9.05 7.56
CA ARG M 19 -87.96 -8.52 7.72
C ARG M 19 -87.79 -7.69 8.98
N PHE M 20 -88.79 -6.90 9.32
CA PHE M 20 -88.80 -6.23 10.61
C PHE M 20 -88.76 -7.22 11.75
N LEU M 21 -89.65 -8.22 11.69
CA LEU M 21 -89.69 -9.25 12.72
C LEU M 21 -88.38 -9.94 12.91
N LEU M 22 -87.79 -10.41 11.82
CA LEU M 22 -86.53 -11.11 11.90
C LEU M 22 -85.46 -10.25 12.52
N ARG M 23 -85.32 -9.03 12.03
CA ARG M 23 -84.29 -8.09 12.53
C ARG M 23 -84.41 -7.89 14.04
N VAL M 24 -85.62 -7.74 14.54
CA VAL M 24 -85.84 -7.63 15.97
C VAL M 24 -85.48 -8.93 16.66
N ARG M 25 -85.97 -10.05 16.12
CA ARG M 25 -85.68 -11.39 16.68
C ARG M 25 -84.20 -11.61 16.80
N CYS M 26 -83.47 -11.25 15.75
CA CYS M 26 -82.05 -11.56 15.67
C CYS M 26 -81.22 -10.72 16.61
N TRP M 27 -81.66 -9.49 16.85
CA TRP M 27 -81.08 -8.68 17.91
C TRP M 27 -81.32 -9.35 19.25
N GLN M 28 -82.54 -9.79 19.48
CA GLN M 28 -82.88 -10.39 20.76
C GLN M 28 -82.09 -11.64 21.02
N TYR M 29 -81.87 -12.44 19.99
CA TYR M 29 -81.12 -13.69 20.12
C TYR M 29 -79.64 -13.47 20.35
N ARG M 30 -79.09 -12.48 19.65
CA ARG M 30 -77.70 -12.07 19.82
C ARG M 30 -77.37 -11.59 21.23
N GLN M 31 -78.36 -11.04 21.93
CA GLN M 31 -78.21 -10.61 23.31
C GLN M 31 -78.28 -11.73 24.36
N LEU M 32 -78.49 -12.98 23.95
CA LEU M 32 -78.53 -14.13 24.88
C LEU M 32 -77.28 -14.98 24.77
N SER M 33 -77.20 -16.01 25.61
CA SER M 33 -76.16 -17.03 25.48
C SER M 33 -76.29 -17.81 24.17
N ALA M 34 -75.23 -18.51 23.81
CA ALA M 34 -75.19 -19.23 22.55
C ALA M 34 -76.11 -20.44 22.57
N LEU M 35 -76.42 -20.96 23.76
CA LEU M 35 -77.28 -22.14 23.87
C LEU M 35 -78.27 -22.04 25.03
N HIS M 36 -79.47 -21.54 24.72
CA HIS M 36 -80.52 -21.35 25.71
C HIS M 36 -81.69 -22.18 25.27
N ARG M 37 -82.44 -22.68 26.24
CA ARG M 37 -83.63 -23.45 25.96
C ARG M 37 -84.78 -22.49 25.73
N ALA M 38 -85.30 -22.51 24.52
CA ALA M 38 -86.52 -21.77 24.22
C ALA M 38 -87.67 -22.47 24.92
N PRO M 39 -88.64 -21.69 25.41
CA PRO M 39 -89.80 -22.29 26.05
C PRO M 39 -90.74 -22.95 25.04
N ARG M 40 -90.99 -22.28 23.92
CA ARG M 40 -91.90 -22.77 22.90
C ARG M 40 -91.28 -22.47 21.56
N PRO M 41 -91.76 -23.11 20.48
CA PRO M 41 -91.08 -22.96 19.18
C PRO M 41 -91.38 -21.64 18.51
N THR M 42 -90.32 -20.92 18.18
CA THR M 42 -90.40 -19.64 17.50
C THR M 42 -91.25 -19.74 16.22
N ARG M 43 -90.98 -20.79 15.45
CA ARG M 43 -91.82 -21.17 14.36
C ARG M 43 -92.56 -22.42 14.83
N PRO M 44 -93.85 -22.30 15.19
CA PRO M 44 -94.59 -23.49 15.58
C PRO M 44 -94.81 -24.41 14.39
N ASP M 45 -95.28 -23.84 13.28
CA ASP M 45 -95.56 -24.62 12.07
C ASP M 45 -94.37 -25.44 11.58
N LYS M 46 -93.22 -24.79 11.42
CA LYS M 46 -92.03 -25.48 10.96
C LYS M 46 -91.76 -26.66 11.83
N ALA M 47 -91.78 -26.44 13.14
CA ALA M 47 -91.58 -27.50 14.09
C ALA M 47 -92.55 -28.68 13.84
N ARG M 48 -93.81 -28.38 13.54
CA ARG M 48 -94.81 -29.43 13.30
C ARG M 48 -94.46 -30.25 12.08
N ARG M 49 -94.02 -29.58 11.03
CA ARG M 49 -93.61 -30.27 9.81
C ARG M 49 -92.41 -31.17 10.03
N LEU M 50 -91.44 -30.68 10.81
CA LEU M 50 -90.24 -31.46 11.11
C LEU M 50 -90.44 -32.55 12.17
N GLY M 51 -91.56 -32.52 12.89
CA GLY M 51 -91.93 -33.61 13.79
C GLY M 51 -92.13 -33.26 15.26
N TYR M 52 -91.96 -31.97 15.60
CA TYR M 52 -92.32 -31.48 16.93
C TYR M 52 -93.81 -31.67 17.17
N LYS M 53 -94.15 -31.94 18.43
CA LYS M 53 -95.52 -32.10 18.82
C LYS M 53 -95.64 -31.47 20.18
N ALA M 54 -96.71 -30.73 20.41
CA ALA M 54 -96.84 -29.94 21.61
C ALA M 54 -97.37 -30.79 22.74
N LYS M 55 -96.55 -31.73 23.16
CA LYS M 55 -96.81 -32.55 24.33
C LYS M 55 -95.56 -32.64 25.18
N GLN M 56 -95.73 -33.14 26.39
CA GLN M 56 -94.62 -33.20 27.35
C GLN M 56 -93.51 -34.08 26.82
N GLY M 57 -92.27 -33.67 27.12
CA GLY M 57 -91.07 -34.40 26.70
C GLY M 57 -90.40 -33.90 25.44
N TYR M 58 -91.12 -33.13 24.62
CA TYR M 58 -90.53 -32.41 23.49
C TYR M 58 -90.02 -31.07 23.94
N VAL M 59 -88.84 -30.71 23.43
CA VAL M 59 -88.02 -29.64 23.97
C VAL M 59 -87.48 -28.88 22.80
N ILE M 60 -87.12 -27.61 22.97
CA ILE M 60 -86.51 -26.84 21.86
C ILE M 60 -85.46 -25.87 22.30
N TYR M 61 -84.22 -26.18 21.90
CA TYR M 61 -83.07 -25.37 22.18
C TYR M 61 -82.77 -24.50 20.96
N ARG M 62 -82.80 -23.19 21.17
CA ARG M 62 -82.34 -22.26 20.18
C ARG M 62 -80.86 -22.22 20.38
N ILE M 63 -80.13 -22.29 19.28
CA ILE M 63 -78.69 -22.28 19.38
C ILE M 63 -78.06 -21.42 18.30
N ARG M 64 -76.96 -20.80 18.69
CA ARG M 64 -76.21 -19.88 17.85
C ARG M 64 -75.02 -20.61 17.30
N VAL M 65 -74.66 -20.30 16.07
CA VAL M 65 -73.53 -20.90 15.43
C VAL M 65 -72.83 -19.80 14.69
N ARG M 66 -71.53 -19.68 14.92
CA ARG M 66 -70.78 -18.64 14.27
C ARG M 66 -70.71 -18.96 12.78
N ARG M 67 -70.70 -17.89 12.00
CA ARG M 67 -70.95 -17.92 10.58
C ARG M 67 -69.65 -17.95 9.79
N GLY M 68 -69.75 -18.25 8.51
CA GLY M 68 -68.59 -18.29 7.63
C GLY M 68 -68.02 -19.68 7.51
N GLY M 69 -66.87 -19.75 6.82
CA GLY M 69 -66.23 -21.02 6.46
C GLY M 69 -65.35 -21.64 7.54
N ARG M 70 -64.29 -22.32 7.09
CA ARG M 70 -63.38 -23.05 7.96
C ARG M 70 -61.93 -22.80 7.58
N LYS M 71 -61.25 -21.95 8.36
CA LYS M 71 -59.84 -21.67 8.08
C LYS M 71 -59.02 -22.80 8.66
N ARG M 72 -57.97 -23.18 7.95
CA ARG M 72 -57.25 -24.41 8.28
C ARG M 72 -56.42 -24.23 9.54
N PRO M 73 -56.62 -25.10 10.53
CA PRO M 73 -55.99 -24.91 11.83
C PRO M 73 -54.55 -25.38 11.84
N VAL M 74 -53.67 -24.51 11.38
CA VAL M 74 -52.24 -24.75 11.35
C VAL M 74 -51.52 -23.48 11.74
N PRO M 75 -50.38 -23.60 12.45
CA PRO M 75 -49.68 -22.42 12.93
C PRO M 75 -49.10 -21.61 11.80
N LYS M 76 -49.27 -20.30 11.87
CA LYS M 76 -48.96 -19.40 10.76
C LYS M 76 -49.70 -19.92 9.52
N GLY M 77 -49.04 -20.02 8.37
CA GLY M 77 -49.56 -20.83 7.27
C GLY M 77 -49.09 -22.26 7.50
N ALA M 78 -47.91 -22.57 6.97
CA ALA M 78 -47.12 -23.75 7.34
C ALA M 78 -47.87 -25.08 7.31
N THR M 79 -48.71 -25.23 6.29
CA THR M 79 -49.28 -26.53 5.98
C THR M 79 -48.16 -27.22 5.22
N TYR M 80 -47.28 -27.91 5.95
CA TYR M 80 -46.07 -28.48 5.33
C TYR M 80 -46.50 -29.58 4.38
N GLY M 81 -45.99 -29.53 3.15
CA GLY M 81 -46.33 -30.50 2.15
C GLY M 81 -46.33 -29.91 0.77
N LYS M 82 -46.86 -30.67 -0.18
CA LYS M 82 -46.92 -30.24 -1.55
C LYS M 82 -47.90 -29.06 -1.69
N PRO M 83 -47.62 -28.11 -2.58
CA PRO M 83 -48.46 -26.91 -2.73
C PRO M 83 -49.90 -27.09 -3.23
N VAL M 84 -50.33 -28.31 -3.51
CA VAL M 84 -51.76 -28.60 -3.54
C VAL M 84 -52.34 -28.17 -2.21
N HIS M 85 -51.71 -28.65 -1.14
CA HIS M 85 -52.27 -28.53 0.20
C HIS M 85 -51.82 -27.30 0.98
N HIS M 86 -51.34 -26.28 0.28
CA HIS M 86 -51.02 -25.00 0.90
C HIS M 86 -52.19 -24.16 1.37
N GLY M 87 -53.37 -24.45 0.83
CA GLY M 87 -54.57 -23.71 1.19
C GLY M 87 -54.83 -23.71 2.68
N VAL M 88 -55.12 -22.51 3.20
CA VAL M 88 -55.59 -22.35 4.58
C VAL M 88 -56.84 -21.48 4.69
N ASN M 89 -56.96 -20.42 3.90
CA ASN M 89 -58.11 -19.55 4.01
C ASN M 89 -59.37 -20.00 3.27
N GLN M 90 -59.38 -19.96 1.95
CA GLN M 90 -60.63 -20.09 1.20
C GLN M 90 -61.22 -21.50 1.20
N LEU M 91 -61.22 -22.19 2.32
CA LEU M 91 -61.70 -23.57 2.30
C LEU M 91 -62.82 -23.80 3.30
N LYS M 92 -63.63 -24.81 3.01
CA LYS M 92 -64.95 -24.91 3.58
C LYS M 92 -65.24 -26.28 4.16
N PHE M 93 -66.07 -26.26 5.19
CA PHE M 93 -66.36 -27.44 5.99
C PHE M 93 -67.31 -28.35 5.20
N ALA M 94 -67.30 -29.65 5.50
CA ALA M 94 -68.17 -30.58 4.80
C ALA M 94 -69.62 -30.50 5.30
N ARG M 95 -69.79 -30.69 6.60
CA ARG M 95 -71.12 -30.58 7.22
C ARG M 95 -71.58 -29.10 7.18
N SER M 96 -72.88 -28.88 7.22
CA SER M 96 -73.43 -27.52 7.16
C SER M 96 -73.40 -26.82 8.54
N LEU M 97 -73.82 -25.57 8.59
CA LEU M 97 -73.92 -24.87 9.87
C LEU M 97 -75.13 -25.30 10.65
N GLN M 98 -76.22 -25.60 9.96
CA GLN M 98 -77.41 -26.16 10.61
C GLN M 98 -77.09 -27.50 11.27
N SER M 99 -76.24 -28.28 10.62
CA SER M 99 -75.81 -29.57 11.15
C SER M 99 -74.86 -29.45 12.33
N VAL M 100 -74.04 -28.40 12.33
CA VAL M 100 -73.24 -28.07 13.51
C VAL M 100 -74.14 -27.73 14.70
N ALA M 101 -75.17 -26.96 14.45
CA ALA M 101 -76.08 -26.56 15.49
C ALA M 101 -76.72 -27.76 16.18
N GLU M 102 -77.30 -28.64 15.38
CA GLU M 102 -77.87 -29.89 15.88
C GLU M 102 -76.91 -30.67 16.76
N GLU M 103 -75.66 -30.74 16.31
CA GLU M 103 -74.63 -31.51 16.99
C GLU M 103 -74.31 -30.96 18.35
N ARG M 104 -74.21 -29.62 18.44
CA ARG M 104 -73.91 -28.93 19.70
C ARG M 104 -75.05 -29.01 20.70
N ALA M 105 -76.27 -28.92 20.20
CA ALA M 105 -77.46 -29.15 21.00
C ALA M 105 -77.54 -30.60 21.53
N GLY M 106 -77.10 -31.56 20.72
CA GLY M 106 -77.02 -32.96 21.13
C GLY M 106 -75.94 -33.18 22.16
N ARG M 107 -74.76 -32.62 21.90
CA ARG M 107 -73.64 -32.64 22.85
C ARG M 107 -74.11 -32.23 24.22
N HIS M 108 -74.76 -31.06 24.28
CA HIS M 108 -75.11 -30.45 25.55
C HIS M 108 -76.07 -31.33 26.30
N CYS M 109 -77.17 -31.65 25.64
CA CYS M 109 -78.24 -32.44 26.22
C CYS M 109 -78.07 -33.89 25.78
N GLY M 110 -77.20 -34.60 26.51
CA GLY M 110 -76.89 -35.99 26.19
C GLY M 110 -78.02 -36.96 26.47
N ALA M 111 -78.79 -36.70 27.53
CA ALA M 111 -79.99 -37.48 27.82
C ALA M 111 -81.00 -37.33 26.70
N LEU M 112 -81.18 -36.09 26.24
CA LEU M 112 -82.10 -35.80 25.15
C LEU M 112 -81.60 -36.36 23.84
N ARG M 113 -82.55 -36.53 22.92
CA ARG M 113 -82.30 -37.13 21.63
C ARG M 113 -82.71 -36.16 20.51
N VAL M 114 -81.79 -35.83 19.61
CA VAL M 114 -82.04 -34.82 18.57
C VAL M 114 -82.94 -35.40 17.51
N LEU M 115 -84.03 -34.70 17.24
CA LEU M 115 -84.97 -35.08 16.20
C LEU M 115 -84.57 -34.43 14.87
N ASN M 116 -84.53 -33.09 14.90
CA ASN M 116 -84.48 -32.26 13.69
C ASN M 116 -84.44 -30.77 14.03
N SER M 117 -84.06 -29.93 13.07
CA SER M 117 -83.90 -28.49 13.34
C SER M 117 -84.38 -27.58 12.23
N TYR M 118 -84.59 -26.32 12.59
CA TYR M 118 -85.01 -25.30 11.65
C TYR M 118 -84.37 -23.95 11.90
N TRP M 119 -84.32 -23.13 10.84
CA TRP M 119 -83.64 -21.84 10.85
C TRP M 119 -84.53 -20.80 11.48
N VAL M 120 -83.95 -19.88 12.23
CA VAL M 120 -84.72 -18.73 12.74
C VAL M 120 -84.16 -17.35 12.41
N GLY M 121 -82.93 -17.25 11.90
CA GLY M 121 -82.32 -15.92 11.66
C GLY M 121 -80.83 -15.92 11.44
N GLU M 122 -80.31 -14.85 10.83
CA GLU M 122 -78.86 -14.72 10.65
C GLU M 122 -78.36 -13.26 10.49
N ASP M 123 -77.50 -12.87 11.43
CA ASP M 123 -76.66 -11.68 11.35
C ASP M 123 -75.52 -12.05 10.35
N SER M 124 -74.59 -11.13 10.09
CA SER M 124 -73.35 -11.48 9.38
C SER M 124 -72.48 -12.48 10.15
N THR M 125 -72.43 -12.32 11.46
CA THR M 125 -71.51 -13.08 12.30
C THR M 125 -72.09 -14.32 12.93
N TYR M 126 -73.41 -14.52 12.81
CA TYR M 126 -74.04 -15.69 13.41
C TYR M 126 -75.16 -16.22 12.58
N LYS M 127 -75.45 -17.50 12.71
CA LYS M 127 -76.76 -18.03 12.35
C LYS M 127 -77.43 -18.48 13.62
N PHE M 128 -78.74 -18.68 13.55
CA PHE M 128 -79.53 -19.13 14.68
C PHE M 128 -80.39 -20.29 14.21
N PHE M 129 -80.56 -21.26 15.09
CA PHE M 129 -81.34 -22.44 14.78
C PHE M 129 -82.11 -22.91 15.97
N GLU M 130 -83.10 -23.74 15.74
CA GLU M 130 -83.99 -24.19 16.77
C GLU M 130 -84.06 -25.70 16.69
N VAL M 131 -83.35 -26.39 17.59
CA VAL M 131 -83.20 -27.85 17.50
C VAL M 131 -84.17 -28.58 18.41
N ILE M 132 -85.09 -29.33 17.78
CA ILE M 132 -86.09 -30.11 18.48
C ILE M 132 -85.41 -31.32 19.11
N LEU M 133 -85.64 -31.50 20.40
CA LEU M 133 -85.07 -32.57 21.17
C LEU M 133 -86.18 -33.29 21.90
N ILE M 134 -85.95 -34.55 22.20
CA ILE M 134 -86.95 -35.41 22.82
C ILE M 134 -86.34 -36.13 24.02
N ASP M 135 -87.16 -36.37 25.05
CA ASP M 135 -86.81 -37.30 26.15
C ASP M 135 -87.07 -38.72 25.70
N PRO M 136 -86.04 -39.57 25.64
CA PRO M 136 -86.32 -40.98 25.33
C PRO M 136 -86.91 -41.79 26.48
N PHE M 137 -87.30 -41.13 27.55
CA PHE M 137 -87.62 -41.81 28.78
C PHE M 137 -88.70 -41.04 29.58
N HIS M 138 -89.42 -40.14 28.92
CA HIS M 138 -90.58 -39.48 29.51
C HIS M 138 -91.76 -40.27 29.00
N LYS M 139 -92.61 -40.74 29.90
CA LYS M 139 -93.58 -41.78 29.57
C LYS M 139 -94.48 -41.41 28.41
N ALA M 140 -94.79 -40.12 28.28
CA ALA M 140 -95.55 -39.61 27.15
C ALA M 140 -94.96 -39.91 25.78
N ILE M 141 -93.64 -40.02 25.70
CA ILE M 141 -92.97 -40.43 24.46
C ILE M 141 -92.91 -41.94 24.39
N ARG M 142 -92.50 -42.57 25.49
CA ARG M 142 -92.32 -44.01 25.54
C ARG M 142 -93.55 -44.83 25.23
N ARG M 143 -94.67 -44.49 25.84
CA ARG M 143 -95.88 -45.27 25.67
C ARG M 143 -96.55 -44.98 24.33
N ASN M 144 -96.39 -43.77 23.79
CA ASN M 144 -96.83 -43.48 22.44
C ASN M 144 -96.10 -44.38 21.43
N PRO M 145 -96.85 -45.19 20.67
CA PRO M 145 -96.21 -46.12 19.76
C PRO M 145 -95.65 -45.50 18.49
N ASP M 146 -96.19 -44.36 18.07
CA ASP M 146 -95.68 -43.67 16.89
C ASP M 146 -94.33 -42.99 17.14
N THR M 147 -94.04 -42.63 18.39
CA THR M 147 -92.78 -41.97 18.75
C THR M 147 -91.73 -42.88 19.36
N GLN M 148 -92.13 -44.05 19.87
CA GLN M 148 -91.19 -44.89 20.63
C GLN M 148 -90.08 -45.52 19.82
N TRP M 149 -89.97 -45.19 18.54
CA TRP M 149 -88.77 -45.49 17.77
C TRP M 149 -87.53 -44.73 18.23
N ILE M 150 -87.71 -43.53 18.77
CA ILE M 150 -86.58 -42.69 19.16
C ILE M 150 -86.01 -43.21 20.47
N THR M 151 -86.85 -43.85 21.28
CA THR M 151 -86.40 -44.41 22.56
C THR M 151 -85.50 -45.62 22.40
N LYS M 152 -85.48 -46.22 21.21
CA LYS M 152 -84.58 -47.33 20.90
C LYS M 152 -83.14 -46.83 20.76
N PRO M 153 -82.17 -47.68 21.11
CA PRO M 153 -80.81 -47.21 21.37
C PRO M 153 -79.93 -47.10 20.14
N VAL M 154 -80.47 -47.39 18.97
CA VAL M 154 -79.77 -47.17 17.71
C VAL M 154 -79.81 -45.69 17.38
N HIS M 155 -80.85 -45.02 17.84
CA HIS M 155 -81.05 -43.61 17.58
C HIS M 155 -80.42 -42.70 18.61
N LYS M 156 -79.60 -43.26 19.50
CA LYS M 156 -78.68 -42.43 20.27
C LYS M 156 -77.89 -41.57 19.32
N HIS M 157 -77.82 -40.27 19.61
CA HIS M 157 -76.91 -39.37 18.94
C HIS M 157 -77.02 -39.50 17.42
N ARG M 158 -78.23 -39.32 16.89
CA ARG M 158 -78.44 -39.28 15.44
C ARG M 158 -77.57 -38.20 14.78
N GLU M 159 -77.67 -37.00 15.34
CA GLU M 159 -76.89 -35.85 14.91
C GLU M 159 -75.40 -36.10 14.77
N MET M 160 -74.85 -36.91 15.67
CA MET M 160 -73.40 -37.15 15.68
C MET M 160 -72.98 -38.01 14.49
N ARG M 161 -73.74 -39.07 14.23
CA ARG M 161 -73.47 -40.02 13.15
C ARG M 161 -73.95 -39.54 11.79
N GLY M 162 -74.54 -38.36 11.68
CA GLY M 162 -75.03 -37.86 10.41
C GLY M 162 -76.31 -38.54 9.98
N LEU M 163 -77.36 -38.32 10.75
CA LEU M 163 -78.66 -38.92 10.45
C LEU M 163 -79.85 -37.98 10.57
N THR M 164 -79.67 -36.79 11.12
CA THR M 164 -80.71 -35.77 11.09
C THR M 164 -80.91 -35.25 9.68
N SER M 165 -81.99 -34.52 9.45
CA SER M 165 -82.27 -34.03 8.11
C SER M 165 -81.10 -33.26 7.55
N ALA M 166 -80.58 -32.32 8.33
CA ALA M 166 -79.46 -31.46 7.90
C ALA M 166 -78.13 -32.19 7.81
N GLY M 167 -77.89 -33.09 8.76
CA GLY M 167 -76.69 -33.93 8.77
C GLY M 167 -76.63 -34.91 7.62
N ARG M 168 -77.80 -35.37 7.18
CA ARG M 168 -77.89 -36.29 6.06
C ARG M 168 -77.45 -35.65 4.76
N LYS M 169 -77.67 -34.35 4.62
CA LYS M 169 -77.42 -33.68 3.34
C LYS M 169 -75.96 -33.73 2.92
N SER M 170 -75.05 -33.52 3.87
CA SER M 170 -73.62 -33.56 3.60
C SER M 170 -73.06 -34.93 3.18
N ARG M 171 -73.80 -35.99 3.47
CA ARG M 171 -73.37 -37.34 3.13
C ARG M 171 -73.48 -37.54 1.63
N GLY M 172 -74.45 -36.86 1.03
CA GLY M 172 -74.58 -36.85 -0.41
C GLY M 172 -75.04 -38.19 -0.89
N LEU M 173 -76.24 -38.55 -0.46
CA LEU M 173 -76.88 -39.77 -0.91
C LEU M 173 -78.31 -39.49 -1.33
N GLY M 174 -78.61 -39.86 -2.55
CA GLY M 174 -79.92 -39.79 -3.11
C GLY M 174 -79.96 -40.91 -4.12
N LYS M 175 -81.11 -41.15 -4.72
CA LYS M 175 -81.20 -42.15 -5.79
C LYS M 175 -80.76 -41.51 -7.09
N GLY M 176 -80.28 -42.34 -8.01
CA GLY M 176 -80.08 -41.93 -9.40
C GLY M 176 -78.68 -41.59 -9.82
N HIS M 177 -78.55 -41.04 -11.03
CA HIS M 177 -77.25 -40.83 -11.64
C HIS M 177 -76.41 -39.74 -10.99
N LYS M 178 -77.05 -38.78 -10.34
CA LYS M 178 -76.31 -37.71 -9.71
C LYS M 178 -75.74 -38.16 -8.37
N PHE M 179 -75.42 -39.45 -8.20
CA PHE M 179 -74.85 -39.93 -6.93
C PHE M 179 -73.77 -40.98 -7.14
N HIS M 180 -74.11 -42.26 -7.24
CA HIS M 180 -73.12 -43.31 -7.52
C HIS M 180 -72.02 -43.48 -6.45
N HIS M 181 -71.29 -42.43 -6.10
CA HIS M 181 -70.67 -42.43 -4.77
C HIS M 181 -71.80 -42.42 -3.75
N THR M 182 -71.66 -43.24 -2.70
CA THR M 182 -72.74 -43.59 -1.78
C THR M 182 -73.74 -44.58 -2.38
N ILE M 183 -73.28 -45.46 -3.27
CA ILE M 183 -74.17 -46.49 -3.83
C ILE M 183 -74.02 -47.84 -3.11
N GLY M 184 -73.40 -47.81 -1.94
CA GLY M 184 -73.65 -48.81 -0.91
C GLY M 184 -74.46 -48.07 0.11
N GLY M 185 -74.16 -48.26 1.39
CA GLY M 185 -74.74 -47.41 2.43
C GLY M 185 -74.37 -45.95 2.29
N SER M 186 -73.09 -45.70 2.12
CA SER M 186 -72.53 -44.39 2.32
C SER M 186 -71.23 -44.25 1.58
N ARG M 187 -70.74 -43.01 1.50
CA ARG M 187 -69.54 -42.66 0.74
C ARG M 187 -68.38 -43.60 1.01
N ARG M 188 -68.23 -43.98 2.28
CA ARG M 188 -67.15 -44.87 2.74
C ARG M 188 -67.37 -46.32 2.35
N ALA M 189 -68.63 -46.72 2.28
CA ALA M 189 -68.97 -48.10 1.98
C ALA M 189 -68.77 -48.45 0.53
N ALA M 190 -69.03 -47.51 -0.36
CA ALA M 190 -68.89 -47.77 -1.78
C ALA M 190 -67.43 -47.96 -2.12
N TRP M 191 -66.60 -47.06 -1.61
CA TRP M 191 -65.14 -47.14 -1.77
C TRP M 191 -64.56 -48.46 -1.31
N ARG M 192 -65.11 -48.95 -0.21
CA ARG M 192 -64.71 -50.22 0.38
C ARG M 192 -65.00 -51.38 -0.58
N ARG M 193 -66.25 -51.42 -1.06
CA ARG M 193 -66.70 -52.43 -2.03
C ARG M 193 -65.93 -52.34 -3.33
N ARG M 194 -65.70 -51.12 -3.79
CA ARG M 194 -64.97 -50.92 -5.05
C ARG M 194 -63.51 -51.30 -4.99
N ASN M 195 -62.88 -51.20 -3.82
CA ASN M 195 -61.46 -51.52 -3.67
C ASN M 195 -61.17 -52.72 -2.81
N THR M 196 -62.02 -53.73 -2.92
CA THR M 196 -61.72 -55.04 -2.37
C THR M 196 -61.40 -55.93 -3.55
N LEU M 197 -60.25 -56.58 -3.50
CA LEU M 197 -60.02 -57.75 -4.32
C LEU M 197 -60.90 -58.84 -3.77
N GLN M 198 -61.96 -59.15 -4.50
CA GLN M 198 -62.68 -60.38 -4.26
C GLN M 198 -61.81 -61.48 -4.91
N LEU M 199 -61.14 -62.27 -4.07
CA LEU M 199 -60.31 -63.40 -4.50
C LEU M 199 -61.04 -64.69 -4.23
N HIS M 200 -61.70 -65.19 -5.26
CA HIS M 200 -62.60 -66.32 -5.11
C HIS M 200 -61.85 -67.61 -4.94
N ARG M 201 -62.54 -68.62 -4.43
CA ARG M 201 -61.91 -69.92 -4.18
C ARG M 201 -61.28 -70.47 -5.43
N TYR M 202 -62.09 -70.59 -6.47
CA TYR M 202 -61.64 -71.26 -7.66
C TYR M 202 -60.91 -70.34 -8.63
N ARG M 203 -61.29 -69.06 -8.66
CA ARG M 203 -60.65 -68.07 -9.54
C ARG M 203 -60.95 -68.32 -11.02
N GLN N 1 35.21 -98.05 -4.08
CA GLN N 1 33.84 -97.42 -4.09
C GLN N 1 33.76 -95.89 -3.90
N VAL N 2 34.90 -95.18 -3.91
CA VAL N 2 34.93 -93.75 -3.62
C VAL N 2 35.87 -93.04 -4.57
N LEU N 3 35.33 -92.14 -5.39
CA LEU N 3 36.15 -91.26 -6.24
C LEU N 3 36.96 -90.30 -5.40
N VAL N 4 38.26 -90.35 -5.54
CA VAL N 4 39.12 -89.31 -5.02
C VAL N 4 39.69 -88.63 -6.24
N LEU N 5 39.48 -87.33 -6.37
CA LEU N 5 39.98 -86.57 -7.51
C LEU N 5 41.03 -85.60 -7.03
N ASP N 6 42.09 -85.45 -7.82
CA ASP N 6 43.08 -84.43 -7.55
C ASP N 6 42.62 -83.14 -8.18
N GLY N 7 42.06 -82.26 -7.37
CA GLY N 7 41.65 -80.92 -7.80
C GLY N 7 42.70 -80.09 -8.54
N ARG N 8 43.98 -80.43 -8.41
CA ARG N 8 45.02 -79.75 -9.16
C ARG N 8 44.76 -79.76 -10.67
N GLY N 9 45.09 -78.63 -11.30
CA GLY N 9 45.04 -78.50 -12.75
C GLY N 9 43.66 -78.43 -13.35
N HIS N 10 42.63 -78.47 -12.51
CA HIS N 10 41.27 -78.56 -12.98
C HIS N 10 40.63 -77.19 -13.01
N LEU N 11 39.61 -77.06 -13.85
CA LEU N 11 38.88 -75.82 -13.97
C LEU N 11 37.71 -75.81 -12.99
N LEU N 12 37.60 -74.70 -12.26
CA LEU N 12 36.73 -74.58 -11.10
C LEU N 12 35.32 -75.04 -11.39
N GLY N 13 34.73 -74.47 -12.43
CA GLY N 13 33.35 -74.79 -12.81
C GLY N 13 33.21 -76.11 -13.55
N ARG N 14 34.25 -76.44 -14.28
CA ARG N 14 34.20 -77.60 -15.11
C ARG N 14 34.32 -78.88 -14.32
N LEU N 15 35.09 -78.83 -13.22
CA LEU N 15 35.19 -79.96 -12.31
C LEU N 15 33.93 -80.07 -11.49
N ALA N 16 33.40 -78.93 -11.09
CA ALA N 16 32.22 -78.89 -10.24
C ALA N 16 31.02 -79.56 -10.87
N ALA N 17 30.81 -79.30 -12.14
CA ALA N 17 29.69 -79.87 -12.86
C ALA N 17 29.79 -81.38 -12.95
N ILE N 18 30.99 -81.88 -13.17
CA ILE N 18 31.21 -83.32 -13.23
C ILE N 18 31.05 -83.96 -11.85
N VAL N 19 31.57 -83.32 -10.81
CA VAL N 19 31.36 -83.76 -9.43
C VAL N 19 29.88 -83.76 -9.07
N ALA N 20 29.17 -82.72 -9.48
CA ALA N 20 27.78 -82.55 -9.11
C ALA N 20 26.89 -83.68 -9.57
N LYS N 21 27.03 -84.08 -10.83
CA LYS N 21 26.19 -85.15 -11.35
C LYS N 21 26.50 -86.49 -10.68
N GLN N 22 27.78 -86.74 -10.40
CA GLN N 22 28.24 -87.96 -9.71
C GLN N 22 27.71 -88.09 -8.31
N VAL N 23 27.80 -86.99 -7.59
CA VAL N 23 27.25 -86.90 -6.28
C VAL N 23 25.73 -87.14 -6.26
N LEU N 24 25.02 -86.66 -7.27
CA LEU N 24 23.56 -86.88 -7.37
C LEU N 24 23.19 -88.33 -7.65
N LEU N 25 24.05 -89.07 -8.36
CA LEU N 25 23.83 -90.50 -8.62
C LEU N 25 24.37 -91.41 -7.52
N GLY N 26 24.57 -90.86 -6.32
CA GLY N 26 24.94 -91.67 -5.15
C GLY N 26 26.42 -91.98 -4.96
N ARG N 27 27.27 -91.56 -5.89
CA ARG N 27 28.73 -91.79 -5.79
C ARG N 27 29.27 -90.89 -4.71
N LYS N 28 30.08 -91.43 -3.82
CA LYS N 28 30.78 -90.62 -2.82
C LYS N 28 32.04 -90.07 -3.43
N VAL N 29 32.19 -88.75 -3.41
CA VAL N 29 33.30 -88.08 -4.06
C VAL N 29 34.12 -87.35 -3.04
N VAL N 30 35.43 -87.42 -3.23
CA VAL N 30 36.38 -86.64 -2.47
C VAL N 30 37.22 -85.86 -3.43
N VAL N 31 37.28 -84.56 -3.21
CA VAL N 31 38.09 -83.71 -4.03
C VAL N 31 39.14 -83.24 -3.08
N VAL N 32 40.36 -83.20 -3.59
CA VAL N 32 41.52 -83.05 -2.76
C VAL N 32 42.42 -82.08 -3.50
N ARG N 33 43.29 -81.41 -2.76
CA ARG N 33 44.19 -80.40 -3.30
C ARG N 33 43.38 -79.38 -4.11
N CYS N 34 42.46 -78.73 -3.40
CA CYS N 34 41.58 -77.73 -3.98
C CYS N 34 42.25 -76.42 -4.31
N GLU N 35 43.26 -76.04 -3.52
CA GLU N 35 44.03 -74.85 -3.87
C GLU N 35 44.63 -74.93 -5.27
N GLY N 36 44.94 -76.13 -5.74
CA GLY N 36 45.45 -76.32 -7.09
C GLY N 36 44.44 -76.16 -8.23
N ILE N 37 43.16 -76.04 -7.89
CA ILE N 37 42.13 -75.76 -8.88
C ILE N 37 42.40 -74.39 -9.44
N ASN N 38 42.23 -74.24 -10.75
CA ASN N 38 42.55 -73.00 -11.43
C ASN N 38 41.52 -72.62 -12.45
N ILE N 39 41.18 -71.34 -12.44
CA ILE N 39 39.97 -70.83 -13.06
C ILE N 39 40.37 -69.99 -14.26
N SER N 40 39.62 -70.14 -15.35
CA SER N 40 39.92 -69.42 -16.58
C SER N 40 39.75 -67.93 -16.40
N GLY N 41 40.38 -67.18 -17.28
CA GLY N 41 40.42 -65.73 -17.21
C GLY N 41 41.50 -65.28 -16.24
N ASN N 42 42.07 -64.10 -16.51
CA ASN N 42 43.25 -63.66 -15.77
C ASN N 42 42.99 -63.50 -14.29
N PHE N 43 44.06 -63.35 -13.53
CA PHE N 43 43.93 -63.33 -12.09
C PHE N 43 43.09 -62.17 -11.59
N TYR N 44 43.36 -60.98 -12.12
CA TYR N 44 42.72 -59.75 -11.64
C TYR N 44 41.21 -59.74 -11.85
N ARG N 45 40.81 -60.11 -13.05
CA ARG N 45 39.45 -60.54 -13.38
C ARG N 45 38.75 -61.27 -12.24
N ASN N 46 39.35 -62.37 -11.81
CA ASN N 46 38.72 -63.26 -10.85
C ASN N 46 38.81 -62.78 -9.43
N LYS N 47 39.83 -61.99 -9.12
CA LYS N 47 39.89 -61.32 -7.83
C LYS N 47 38.71 -60.37 -7.66
N LEU N 48 38.51 -59.51 -8.65
CA LEU N 48 37.37 -58.59 -8.67
C LEU N 48 36.03 -59.28 -8.63
N LYS N 49 35.96 -60.45 -9.26
CA LYS N 49 34.78 -61.28 -9.26
C LYS N 49 34.49 -61.81 -7.87
N TYR N 50 35.54 -62.19 -7.14
CA TYR N 50 35.37 -62.58 -5.76
C TYR N 50 35.02 -61.35 -4.92
N LEU N 51 35.76 -60.26 -5.07
CA LEU N 51 35.50 -59.08 -4.25
C LEU N 51 34.11 -58.50 -4.41
N ALA N 52 33.48 -58.74 -5.57
CA ALA N 52 32.08 -58.39 -5.73
C ALA N 52 31.22 -59.27 -4.87
N PHE N 53 31.44 -60.58 -4.95
CA PHE N 53 30.72 -61.56 -4.12
C PHE N 53 30.81 -61.25 -2.64
N LEU N 54 31.97 -60.77 -2.20
CA LEU N 54 32.13 -60.31 -0.82
C LEU N 54 31.26 -59.12 -0.46
N ARG N 55 31.05 -58.22 -1.43
CA ARG N 55 30.19 -57.03 -1.21
C ARG N 55 28.74 -57.35 -0.97
N LYS N 56 28.21 -58.29 -1.74
CA LYS N 56 26.90 -58.87 -1.48
C LYS N 56 26.79 -59.26 -0.02
N ARG N 57 26.08 -58.48 0.77
CA ARG N 57 25.79 -58.88 2.15
C ARG N 57 24.46 -58.33 2.64
N MET N 58 23.83 -59.05 3.56
CA MET N 58 22.52 -58.68 4.04
C MET N 58 22.68 -57.44 4.90
N ASN N 59 22.19 -56.32 4.35
CA ASN N 59 22.49 -54.99 4.86
C ASN N 59 22.14 -54.79 6.33
N THR N 60 20.96 -55.26 6.71
CA THR N 60 20.49 -55.05 8.07
C THR N 60 21.15 -55.94 9.13
N ASN N 61 21.63 -57.12 8.74
CA ASN N 61 22.20 -58.06 9.71
C ASN N 61 23.12 -59.04 9.01
N PRO N 62 24.31 -58.57 8.62
CA PRO N 62 25.22 -59.36 7.79
C PRO N 62 25.50 -60.77 8.34
N SER N 63 25.41 -60.94 9.64
CA SER N 63 25.49 -62.26 10.27
C SER N 63 24.59 -63.34 9.66
N ARG N 64 23.47 -62.94 9.06
CA ARG N 64 22.62 -63.88 8.32
C ARG N 64 23.09 -64.09 6.90
N GLY N 65 23.57 -62.98 6.32
CA GLY N 65 23.85 -62.87 4.91
C GLY N 65 24.92 -63.76 4.33
N PRO N 66 25.08 -63.70 3.00
CA PRO N 66 25.78 -64.74 2.30
C PRO N 66 27.13 -64.99 2.93
N TYR N 67 27.39 -66.24 3.30
CA TYR N 67 28.62 -66.60 3.95
C TYR N 67 29.71 -66.85 2.92
N HIS N 68 30.62 -65.88 2.84
CA HIS N 68 31.75 -65.91 1.93
C HIS N 68 32.91 -66.71 2.50
N PHE N 69 32.94 -67.99 2.14
CA PHE N 69 34.01 -68.85 2.55
C PHE N 69 35.26 -68.49 1.78
N ARG N 70 36.37 -68.41 2.50
CA ARG N 70 37.65 -68.05 1.94
C ARG N 70 38.40 -69.25 1.46
N ALA N 71 38.41 -70.31 2.27
CA ALA N 71 39.17 -71.50 1.96
C ALA N 71 38.88 -72.04 0.54
N PRO N 72 39.92 -72.41 -0.20
CA PRO N 72 39.70 -72.93 -1.54
C PRO N 72 38.78 -74.15 -1.55
N SER N 73 38.98 -75.05 -0.61
CA SER N 73 38.11 -76.20 -0.46
C SER N 73 36.67 -75.78 -0.32
N ARG N 74 36.40 -74.85 0.59
CA ARG N 74 35.05 -74.37 0.79
C ARG N 74 34.54 -73.59 -0.40
N ILE N 75 35.42 -72.89 -1.12
CA ILE N 75 35.01 -72.26 -2.37
C ILE N 75 34.50 -73.31 -3.37
N PHE N 76 35.31 -74.34 -3.58
CA PHE N 76 34.91 -75.38 -4.47
C PHE N 76 33.61 -76.00 -4.00
N TRP N 77 33.50 -76.27 -2.71
CA TRP N 77 32.29 -76.83 -2.16
C TRP N 77 31.10 -75.94 -2.48
N ARG N 78 31.31 -74.63 -2.41
CA ARG N 78 30.24 -73.67 -2.73
C ARG N 78 29.80 -73.75 -4.19
N THR N 79 30.75 -73.73 -5.11
CA THR N 79 30.38 -73.81 -6.51
C THR N 79 29.72 -75.16 -6.85
N VAL N 80 30.13 -76.24 -6.20
CA VAL N 80 29.46 -77.52 -6.41
C VAL N 80 28.03 -77.43 -5.90
N ARG N 81 27.85 -76.79 -4.76
CA ARG N 81 26.52 -76.59 -4.17
C ARG N 81 25.59 -75.85 -5.12
N GLY N 82 26.15 -74.92 -5.88
CA GLY N 82 25.39 -74.22 -6.92
C GLY N 82 24.83 -75.07 -8.05
N MET N 83 25.38 -76.26 -8.22
CA MET N 83 24.93 -77.18 -9.23
C MET N 83 24.18 -78.38 -8.66
N LEU N 84 23.57 -78.20 -7.50
CA LEU N 84 22.71 -79.19 -6.89
C LEU N 84 21.37 -78.57 -6.57
N PRO N 85 20.37 -79.38 -6.28
CA PRO N 85 19.12 -78.84 -5.75
C PRO N 85 19.20 -78.80 -4.23
N HIS N 86 20.06 -77.92 -3.71
CA HIS N 86 20.49 -78.01 -2.32
C HIS N 86 19.50 -77.54 -1.26
N LYS N 87 18.32 -77.09 -1.67
CA LYS N 87 17.23 -76.90 -0.72
C LYS N 87 16.44 -78.19 -0.43
N THR N 88 16.45 -79.14 -1.37
CA THR N 88 15.73 -80.40 -1.19
C THR N 88 16.41 -81.28 -0.17
N LYS N 89 15.78 -82.41 0.14
CA LYS N 89 16.42 -83.45 0.91
C LYS N 89 17.44 -84.16 0.04
N ARG N 90 17.05 -84.53 -1.17
CA ARG N 90 17.97 -85.25 -2.06
C ARG N 90 19.22 -84.45 -2.39
N GLY N 91 19.06 -83.14 -2.58
CA GLY N 91 20.18 -82.24 -2.84
C GLY N 91 21.13 -82.20 -1.67
N GLN N 92 20.58 -82.11 -0.47
CA GLN N 92 21.40 -82.11 0.74
C GLN N 92 22.09 -83.44 0.90
N ALA N 93 21.35 -84.53 0.77
CA ALA N 93 21.96 -85.86 0.82
C ALA N 93 23.14 -85.98 -0.11
N ALA N 94 22.94 -85.48 -1.33
CA ALA N 94 23.98 -85.48 -2.35
C ALA N 94 25.16 -84.66 -1.89
N LEU N 95 24.93 -83.45 -1.42
CA LEU N 95 26.03 -82.64 -0.88
C LEU N 95 26.78 -83.32 0.24
N ASP N 96 26.08 -84.11 1.04
CA ASP N 96 26.75 -84.85 2.12
C ASP N 96 27.64 -86.00 1.64
N ARG N 97 27.43 -86.50 0.42
CA ARG N 97 28.37 -87.45 -0.18
C ARG N 97 29.69 -86.81 -0.53
N LEU N 98 29.66 -85.53 -0.91
CA LEU N 98 30.86 -84.80 -1.27
C LEU N 98 31.77 -84.51 -0.08
N LYS N 99 33.07 -84.53 -0.32
CA LYS N 99 34.07 -84.24 0.71
C LYS N 99 35.23 -83.53 0.05
N VAL N 100 35.60 -82.36 0.57
CA VAL N 100 36.53 -81.45 -0.11
C VAL N 100 37.62 -80.95 0.82
N PHE N 101 38.85 -80.89 0.34
CA PHE N 101 39.99 -80.63 1.22
C PHE N 101 40.99 -79.67 0.65
N ASP N 102 41.49 -78.77 1.49
CA ASP N 102 42.60 -77.90 1.12
C ASP N 102 43.83 -78.72 1.36
N GLY N 103 44.60 -78.94 0.29
CA GLY N 103 45.75 -79.84 0.33
C GLY N 103 45.25 -81.25 0.19
N ILE N 104 46.07 -82.22 0.58
CA ILE N 104 45.66 -83.62 0.58
C ILE N 104 46.03 -84.33 1.90
N PRO N 105 45.05 -84.43 2.83
CA PRO N 105 45.25 -85.03 4.16
C PRO N 105 45.38 -86.57 4.19
N PRO N 106 45.59 -87.17 5.38
CA PRO N 106 46.06 -88.56 5.52
C PRO N 106 45.23 -89.78 5.05
N PRO N 107 43.89 -89.68 4.97
CA PRO N 107 43.23 -90.84 4.38
C PRO N 107 43.53 -90.93 2.90
N TYR N 108 43.60 -89.77 2.24
CA TYR N 108 43.67 -89.69 0.79
C TYR N 108 45.09 -89.56 0.25
N ASP N 109 46.03 -89.14 1.09
CA ASP N 109 47.42 -89.01 0.65
C ASP N 109 48.01 -90.34 0.19
N LYS N 110 47.57 -91.44 0.80
CA LYS N 110 48.01 -92.80 0.43
C LYS N 110 46.92 -93.55 -0.34
N LYS N 111 46.32 -92.82 -1.29
CA LYS N 111 45.34 -93.36 -2.21
C LYS N 111 45.69 -92.78 -3.56
N LYS N 112 45.70 -93.64 -4.58
CA LYS N 112 45.77 -93.16 -5.97
C LYS N 112 44.50 -92.40 -6.27
N ARG N 113 44.65 -91.26 -6.90
CA ARG N 113 43.54 -90.34 -7.07
C ARG N 113 43.45 -89.90 -8.52
N MET N 114 42.22 -89.85 -9.01
CA MET N 114 41.95 -89.71 -10.42
C MET N 114 42.05 -88.26 -10.84
N VAL N 115 41.89 -88.06 -12.14
CA VAL N 115 41.86 -86.76 -12.78
C VAL N 115 40.72 -86.79 -13.79
N VAL N 116 39.87 -85.77 -13.72
CA VAL N 116 38.89 -85.52 -14.75
C VAL N 116 39.57 -84.85 -15.94
N PRO N 117 39.73 -85.55 -17.07
CA PRO N 117 40.42 -84.91 -18.18
C PRO N 117 39.50 -84.00 -18.98
N ALA N 118 38.20 -84.07 -18.73
CA ALA N 118 37.27 -83.15 -19.36
C ALA N 118 37.23 -81.77 -18.70
N ALA N 119 37.80 -81.64 -17.49
CA ALA N 119 37.79 -80.40 -16.73
C ALA N 119 39.21 -79.89 -16.54
N LEU N 120 40.13 -80.48 -17.28
CA LEU N 120 41.54 -80.31 -17.03
C LEU N 120 41.99 -79.10 -17.83
N LYS N 121 42.80 -78.23 -17.24
CA LYS N 121 43.16 -76.95 -17.87
C LYS N 121 43.90 -77.11 -19.18
N VAL N 122 44.89 -78.00 -19.19
CA VAL N 122 45.69 -78.30 -20.39
C VAL N 122 44.84 -78.62 -21.62
N VAL N 123 43.69 -79.25 -21.39
CA VAL N 123 42.82 -79.69 -22.46
C VAL N 123 41.86 -78.54 -22.84
N ARG N 124 41.21 -77.96 -21.84
CA ARG N 124 40.05 -77.12 -22.07
C ARG N 124 40.36 -75.67 -22.46
N LEU N 125 41.50 -75.14 -22.05
CA LEU N 125 41.87 -73.76 -22.42
C LEU N 125 42.90 -73.72 -23.51
N LYS N 126 42.91 -72.63 -24.26
CA LYS N 126 43.97 -72.41 -25.23
C LYS N 126 45.22 -72.01 -24.45
N PRO N 127 46.41 -72.33 -24.98
CA PRO N 127 47.65 -72.15 -24.23
C PRO N 127 48.07 -70.69 -24.11
N THR N 128 47.46 -69.81 -24.91
CA THR N 128 47.73 -68.38 -24.86
C THR N 128 46.77 -67.60 -23.96
N ARG N 129 45.83 -68.29 -23.34
CA ARG N 129 44.91 -67.67 -22.39
C ARG N 129 45.49 -67.66 -21.00
N LYS N 130 44.93 -66.78 -20.17
CA LYS N 130 45.35 -66.62 -18.79
C LYS N 130 44.35 -67.23 -17.84
N PHE N 131 44.84 -67.62 -16.68
CA PHE N 131 44.02 -68.29 -15.69
C PHE N 131 44.56 -67.96 -14.31
N ALA N 132 43.77 -68.29 -13.30
CA ALA N 132 44.08 -67.95 -11.91
C ALA N 132 44.14 -69.18 -11.06
N TYR N 133 45.18 -69.32 -10.24
CA TYR N 133 45.22 -70.37 -9.22
C TYR N 133 44.30 -70.01 -8.06
N LEU N 134 43.40 -70.91 -7.72
CA LEU N 134 42.43 -70.67 -6.66
C LEU N 134 43.05 -70.62 -5.26
N GLY N 135 44.31 -71.00 -5.14
CA GLY N 135 45.07 -70.78 -3.92
C GLY N 135 45.34 -69.30 -3.68
N ARG N 136 45.98 -68.67 -4.66
CA ARG N 136 46.29 -67.22 -4.62
C ARG N 136 45.07 -66.39 -4.38
N LEU N 137 44.04 -66.70 -5.16
CA LEU N 137 42.79 -66.00 -5.06
C LEU N 137 42.26 -66.07 -3.64
N ALA N 138 42.20 -67.27 -3.08
CA ALA N 138 41.75 -67.46 -1.71
C ALA N 138 42.64 -66.74 -0.74
N HIS N 139 43.95 -66.84 -0.94
CA HIS N 139 44.95 -66.16 -0.11
C HIS N 139 44.70 -64.67 -0.02
N GLU N 140 44.46 -64.04 -1.17
CA GLU N 140 44.26 -62.59 -1.23
C GLU N 140 42.89 -62.09 -0.77
N VAL N 141 41.92 -63.00 -0.68
CA VAL N 141 40.57 -62.67 -0.29
C VAL N 141 40.33 -62.91 1.21
N GLY N 142 41.30 -63.53 1.88
CA GLY N 142 41.24 -63.78 3.32
C GLY N 142 41.94 -65.04 3.79
N TRP N 143 41.90 -66.10 2.99
CA TRP N 143 42.36 -67.42 3.42
C TRP N 143 43.66 -67.30 4.20
N LYS N 144 43.66 -67.87 5.40
CA LYS N 144 44.77 -67.73 6.34
C LYS N 144 45.87 -68.74 6.08
N TYR N 145 45.48 -69.96 5.74
CA TYR N 145 46.38 -71.09 5.84
C TYR N 145 46.91 -71.57 4.50
N GLN N 146 47.41 -70.65 3.69
CA GLN N 146 48.15 -71.05 2.50
C GLN N 146 49.51 -71.64 2.89
N ALA N 147 50.27 -70.86 3.64
CA ALA N 147 51.64 -71.23 4.02
C ALA N 147 51.73 -72.55 4.76
N VAL N 148 50.79 -72.76 5.68
CA VAL N 148 50.72 -74.00 6.45
C VAL N 148 50.42 -75.19 5.54
N THR N 149 49.41 -75.04 4.69
CA THR N 149 49.09 -76.06 3.71
C THR N 149 50.28 -76.34 2.80
N ALA N 150 51.01 -75.31 2.42
CA ALA N 150 52.19 -75.48 1.57
C ALA N 150 53.26 -76.35 2.23
N THR N 151 53.61 -76.01 3.47
CA THR N 151 54.64 -76.76 4.18
C THR N 151 54.28 -78.21 4.36
N LEU N 152 53.02 -78.48 4.73
CA LEU N 152 52.55 -79.85 4.90
C LEU N 152 52.63 -80.63 3.62
N GLU N 153 52.43 -79.96 2.50
CA GLU N 153 52.53 -80.62 1.21
C GLU N 153 53.96 -80.91 0.78
N GLU N 154 54.91 -80.08 1.21
CA GLU N 154 56.31 -80.43 0.99
C GLU N 154 56.65 -81.73 1.69
N LYS N 155 56.36 -81.79 2.99
CA LYS N 155 56.56 -83.01 3.77
C LYS N 155 55.90 -84.20 3.10
N ARG N 156 54.64 -84.02 2.66
CA ARG N 156 53.92 -85.09 1.97
C ARG N 156 54.61 -85.53 0.70
N LYS N 157 55.09 -84.56 -0.08
CA LYS N 157 55.79 -84.85 -1.34
C LYS N 157 57.12 -85.59 -1.14
N GLU N 158 57.85 -85.21 -0.10
CA GLU N 158 59.07 -85.92 0.30
C GLU N 158 58.80 -87.35 0.70
N LYS N 159 57.78 -87.54 1.53
CA LYS N 159 57.38 -88.86 1.96
C LYS N 159 56.90 -89.70 0.77
N ALA N 160 56.24 -89.05 -0.19
CA ALA N 160 55.78 -89.72 -1.42
C ALA N 160 56.91 -90.08 -2.37
N LYS N 161 57.94 -89.24 -2.45
CA LYS N 161 59.12 -89.54 -3.25
C LYS N 161 59.75 -90.85 -2.82
N ILE N 162 59.90 -91.05 -1.52
CA ILE N 162 60.42 -92.30 -0.98
C ILE N 162 59.56 -93.46 -1.45
N HIS N 163 58.26 -93.39 -1.19
CA HIS N 163 57.34 -94.45 -1.58
C HIS N 163 57.51 -94.83 -3.03
N TYR N 164 57.62 -93.84 -3.89
CA TYR N 164 57.82 -94.06 -5.33
C TYR N 164 59.10 -94.80 -5.61
N ARG N 165 60.17 -94.35 -4.96
CA ARG N 165 61.48 -94.95 -5.13
C ARG N 165 61.46 -96.43 -4.80
N LYS N 166 60.81 -96.78 -3.71
CA LYS N 166 60.64 -98.18 -3.32
C LYS N 166 59.77 -98.97 -4.32
N LYS N 167 58.75 -98.32 -4.86
CA LYS N 167 57.90 -98.93 -5.89
C LYS N 167 58.71 -99.21 -7.15
N LYS N 168 59.53 -98.24 -7.55
CA LYS N 168 60.42 -98.42 -8.70
C LYS N 168 61.38 -99.60 -8.51
N GLN N 169 61.99 -99.67 -7.33
CA GLN N 169 62.95 -100.73 -7.03
C GLN N 169 62.29 -102.11 -7.10
N LEU N 170 61.05 -102.22 -6.61
CA LEU N 170 60.30 -103.47 -6.74
C LEU N 170 60.03 -103.80 -8.19
N MET N 171 59.58 -102.81 -8.95
CA MET N 171 59.26 -103.01 -10.38
C MET N 171 60.49 -103.50 -11.12
N ARG N 172 61.64 -102.94 -10.77
CA ARG N 172 62.92 -103.39 -11.28
C ARG N 172 63.21 -104.85 -10.92
N LEU N 173 62.99 -105.22 -9.66
CA LEU N 173 63.15 -106.62 -9.26
C LEU N 173 62.21 -107.54 -10.03
N ARG N 174 60.96 -107.11 -10.21
CA ARG N 174 59.99 -107.88 -10.98
C ARG N 174 60.49 -108.14 -12.40
N LYS N 175 61.01 -107.10 -13.04
CA LYS N 175 61.55 -107.22 -14.39
C LYS N 175 62.73 -108.18 -14.46
N GLN N 176 63.60 -108.14 -13.46
CA GLN N 176 64.74 -109.04 -13.38
C GLN N 176 64.26 -110.47 -13.07
N ALA N 177 63.29 -110.60 -12.16
CA ALA N 177 62.73 -111.89 -11.78
C ALA N 177 62.14 -112.63 -12.97
N GLU N 178 61.41 -111.92 -13.82
CA GLU N 178 60.89 -112.49 -15.05
C GLU N 178 61.99 -113.01 -15.97
N LYS N 179 63.09 -112.27 -16.07
CA LYS N 179 64.25 -112.69 -16.86
C LYS N 179 64.99 -113.90 -16.28
N ASN N 180 65.08 -113.96 -14.95
CA ASN N 180 65.59 -115.14 -14.24
C ASN N 180 64.79 -116.42 -14.51
N VAL N 181 63.48 -116.27 -14.69
CA VAL N 181 62.54 -117.38 -14.61
C VAL N 181 61.94 -117.76 -15.98
N GLU N 182 62.30 -117.03 -17.04
CA GLU N 182 61.59 -117.11 -18.33
C GLU N 182 61.60 -118.45 -19.12
N LYS N 183 62.13 -119.53 -18.53
CA LYS N 183 61.95 -120.88 -19.11
C LYS N 183 60.93 -121.73 -18.36
N LYS N 184 60.64 -121.39 -17.10
CA LYS N 184 59.63 -122.11 -16.33
C LYS N 184 58.33 -121.31 -16.16
N ILE N 185 58.21 -120.20 -16.91
CA ILE N 185 56.94 -119.50 -17.11
C ILE N 185 56.62 -119.35 -18.60
N ASP N 186 57.33 -120.08 -19.45
CA ASP N 186 57.33 -119.82 -20.89
C ASP N 186 55.99 -120.17 -21.53
N ARG N 187 55.42 -121.31 -21.14
CA ARG N 187 54.14 -121.77 -21.71
C ARG N 187 52.91 -121.33 -20.89
N PHE N 188 53.11 -120.44 -19.92
CA PHE N 188 52.05 -119.58 -19.38
C PHE N 188 52.10 -118.26 -20.13
N THR N 189 53.28 -117.65 -20.12
CA THR N 189 53.55 -116.37 -20.80
C THR N 189 53.16 -116.43 -22.28
N GLU N 190 53.32 -117.59 -22.91
CA GLU N 190 52.86 -117.75 -24.28
C GLU N 190 51.35 -117.55 -24.40
N VAL N 191 50.56 -118.14 -23.50
CA VAL N 191 49.08 -118.04 -23.60
C VAL N 191 48.59 -116.64 -23.24
N LEU N 192 49.33 -115.93 -22.39
CA LEU N 192 49.00 -114.54 -22.08
C LEU N 192 49.36 -113.55 -23.18
N LYS N 193 49.92 -114.02 -24.30
CA LYS N 193 49.99 -113.22 -25.52
C LYS N 193 49.39 -113.88 -26.79
N THR N 194 48.65 -114.97 -26.62
CA THR N 194 47.72 -115.45 -27.65
C THR N 194 46.41 -114.70 -27.50
N HIS N 195 45.95 -114.56 -26.25
CA HIS N 195 44.73 -113.82 -25.94
C HIS N 195 45.02 -112.35 -25.62
N GLY N 196 46.23 -111.88 -25.90
CA GLY N 196 46.46 -110.47 -26.18
C GLY N 196 46.76 -109.55 -25.02
N PHE N 197 47.68 -109.95 -24.14
CA PHE N 197 48.37 -109.02 -23.23
C PHE N 197 49.86 -108.99 -23.63
N LEU N 198 50.71 -108.42 -22.77
CA LEU N 198 52.17 -108.58 -22.87
C LEU N 198 52.82 -108.06 -24.15
N VAL N 199 52.06 -107.35 -24.97
CA VAL N 199 52.47 -107.06 -26.34
C VAL N 199 52.22 -105.58 -26.60
N VAL O 1 -18.38 -92.49 38.90
CA VAL O 1 -18.37 -92.09 37.44
C VAL O 1 -17.25 -92.78 36.67
N ARG O 2 -17.32 -92.65 35.35
CA ARG O 2 -16.28 -93.12 34.44
C ARG O 2 -15.14 -92.11 34.41
N TYR O 3 -13.94 -92.55 34.78
CA TYR O 3 -12.74 -91.75 34.54
C TYR O 3 -12.23 -92.07 33.16
N SER O 4 -11.52 -91.13 32.57
CA SER O 4 -10.70 -91.40 31.42
C SER O 4 -9.56 -92.29 31.88
N LEU O 5 -9.30 -93.33 31.10
CA LEU O 5 -8.23 -94.30 31.37
C LEU O 5 -8.51 -95.11 32.64
N ASP O 6 -9.23 -96.22 32.49
CA ASP O 6 -9.47 -97.13 33.61
C ASP O 6 -8.23 -97.99 33.86
N PRO O 7 -7.93 -98.26 35.15
CA PRO O 7 -6.64 -98.88 35.52
C PRO O 7 -6.45 -100.31 35.01
N GLU O 8 -5.21 -100.76 34.98
CA GLU O 8 -4.84 -102.08 34.46
C GLU O 8 -5.33 -103.21 35.38
N ASN O 9 -5.10 -103.04 36.68
CA ASN O 9 -5.52 -104.00 37.71
C ASN O 9 -6.25 -103.26 38.84
N PRO O 10 -7.57 -103.08 38.70
CA PRO O 10 -8.42 -102.40 39.68
C PRO O 10 -8.30 -102.90 41.11
N THR O 11 -8.05 -104.20 41.26
CA THR O 11 -7.83 -104.83 42.57
C THR O 11 -6.93 -104.01 43.50
N LYS O 12 -5.85 -103.48 42.94
CA LYS O 12 -4.81 -102.81 43.71
C LYS O 12 -4.46 -101.43 43.14
N SER O 13 -5.50 -100.64 42.88
CA SER O 13 -5.37 -99.27 42.38
C SER O 13 -6.49 -98.42 42.95
N CYS O 14 -6.14 -97.43 43.77
CA CYS O 14 -7.11 -96.49 44.31
C CYS O 14 -7.27 -95.26 43.42
N LYS O 15 -8.39 -94.58 43.61
CA LYS O 15 -8.89 -93.54 42.70
C LYS O 15 -9.30 -92.31 43.47
N SER O 16 -9.34 -91.17 42.80
CA SER O 16 -9.94 -89.94 43.35
C SER O 16 -10.13 -88.85 42.30
N ARG O 17 -11.08 -87.98 42.57
CA ARG O 17 -11.36 -86.84 41.73
C ARG O 17 -11.96 -85.73 42.55
N GLY O 18 -11.95 -84.54 41.97
CA GLY O 18 -12.52 -83.36 42.60
C GLY O 18 -13.03 -82.47 41.51
N SER O 19 -14.34 -82.33 41.44
CA SER O 19 -14.97 -81.68 40.32
C SER O 19 -15.24 -80.22 40.64
N ASN O 20 -14.91 -79.35 39.69
CA ASN O 20 -15.39 -77.99 39.64
C ASN O 20 -14.76 -77.10 40.73
N LEU O 21 -13.44 -77.22 40.83
CA LEU O 21 -12.66 -76.65 41.92
C LEU O 21 -12.19 -75.30 41.50
N ARG O 22 -12.31 -74.30 42.36
CA ARG O 22 -11.78 -72.96 42.01
C ARG O 22 -10.26 -72.94 42.11
N VAL O 23 -9.61 -73.39 41.05
CA VAL O 23 -8.15 -73.40 40.92
C VAL O 23 -7.85 -73.11 39.47
N HIS O 24 -6.87 -72.25 39.22
CA HIS O 24 -6.45 -71.89 37.85
C HIS O 24 -6.10 -73.10 37.01
N PHE O 25 -6.87 -73.33 35.98
CA PHE O 25 -6.73 -74.53 35.17
C PHE O 25 -5.29 -74.72 34.73
N LYS O 26 -4.73 -73.68 34.14
CA LYS O 26 -3.39 -73.75 33.56
C LYS O 26 -2.34 -74.08 34.61
N ASN O 27 -2.35 -73.37 35.72
CA ASN O 27 -1.39 -73.64 36.79
C ASN O 27 -1.52 -75.07 37.28
N THR O 28 -2.76 -75.47 37.54
CA THR O 28 -3.03 -76.79 38.06
C THR O 28 -2.55 -77.85 37.10
N ARG O 29 -2.86 -77.67 35.82
CA ARG O 29 -2.43 -78.57 34.77
C ARG O 29 -0.95 -78.90 34.85
N GLU O 30 -0.17 -77.86 35.01
CA GLU O 30 1.28 -77.97 34.99
C GLU O 30 1.79 -78.66 36.22
N THR O 31 1.20 -78.39 37.38
CA THR O 31 1.66 -79.03 38.59
C THR O 31 1.23 -80.48 38.62
N ALA O 32 0.17 -80.82 37.90
CA ALA O 32 -0.22 -82.22 37.75
C ALA O 32 0.71 -82.98 36.81
N GLN O 33 1.29 -82.31 35.82
CA GLN O 33 2.26 -83.00 34.97
C GLN O 33 3.54 -83.25 35.70
N ALA O 34 3.97 -82.29 36.51
CA ALA O 34 5.16 -82.49 37.33
C ALA O 34 5.01 -83.71 38.26
N ILE O 35 3.88 -83.78 38.93
CA ILE O 35 3.61 -84.80 39.93
C ILE O 35 3.44 -86.20 39.34
N LYS O 36 3.04 -86.26 38.07
CA LYS O 36 2.64 -87.51 37.42
C LYS O 36 3.77 -88.52 37.40
N GLY O 37 3.46 -89.75 37.79
CA GLY O 37 4.43 -90.82 37.80
C GLY O 37 5.37 -90.83 38.99
N MET O 38 5.13 -89.99 40.00
CA MET O 38 5.90 -90.06 41.24
C MET O 38 5.36 -91.13 42.14
N HIS O 39 6.19 -91.55 43.08
CA HIS O 39 5.76 -92.33 44.23
C HIS O 39 5.06 -91.35 45.19
N ILE O 40 3.95 -91.76 45.77
CA ILE O 40 3.08 -90.85 46.51
C ILE O 40 3.80 -90.09 47.62
N ARG O 41 4.71 -90.76 48.31
CA ARG O 41 5.44 -90.13 49.41
C ARG O 41 6.46 -89.10 48.93
N LYS O 42 6.95 -89.26 47.71
CA LYS O 42 7.73 -88.21 47.05
C LYS O 42 6.82 -87.04 46.72
N ALA O 43 5.71 -87.33 46.03
CA ALA O 43 4.78 -86.32 45.53
C ALA O 43 4.29 -85.34 46.57
N THR O 44 3.84 -85.84 47.71
CA THR O 44 3.42 -84.95 48.80
C THR O 44 4.56 -84.04 49.21
N LYS O 45 5.75 -84.61 49.32
CA LYS O 45 6.95 -83.87 49.70
C LYS O 45 7.20 -82.74 48.71
N TYR O 46 7.14 -83.08 47.43
CA TYR O 46 7.38 -82.12 46.36
C TYR O 46 6.38 -80.98 46.37
N LEU O 47 5.11 -81.28 46.50
CA LEU O 47 4.11 -80.23 46.51
C LEU O 47 4.31 -79.29 47.70
N LYS O 48 4.71 -79.84 48.84
CA LYS O 48 5.03 -79.00 50.00
C LYS O 48 6.25 -78.12 49.74
N ASP O 49 7.26 -78.63 49.02
CA ASP O 49 8.38 -77.79 48.58
C ASP O 49 7.88 -76.65 47.69
N VAL O 50 6.91 -76.94 46.83
CA VAL O 50 6.30 -75.94 45.93
C VAL O 50 5.53 -74.87 46.69
N THR O 51 4.89 -75.27 47.77
CA THR O 51 4.24 -74.35 48.66
C THR O 51 5.26 -73.37 49.28
N LEU O 52 6.43 -73.88 49.71
CA LEU O 52 7.49 -73.05 50.33
C LEU O 52 8.55 -72.51 49.37
N LYS O 53 8.42 -72.78 48.08
CA LYS O 53 9.36 -72.36 47.04
C LYS O 53 10.74 -73.00 47.10
N LYS O 54 10.81 -74.24 47.55
CA LYS O 54 12.04 -74.99 47.59
C LYS O 54 12.19 -75.84 46.34
N GLN O 55 11.09 -76.05 45.60
CA GLN O 55 11.13 -76.70 44.29
C GLN O 55 10.06 -76.11 43.41
N CYS O 56 10.34 -75.97 42.12
CA CYS O 56 9.38 -75.34 41.22
C CYS O 56 8.62 -76.35 40.40
N VAL O 57 7.58 -75.83 39.76
CA VAL O 57 6.77 -76.53 38.82
C VAL O 57 7.06 -75.88 37.47
N PRO O 58 7.71 -76.61 36.54
CA PRO O 58 7.99 -76.01 35.25
C PRO O 58 6.72 -75.83 34.45
N PHE O 59 6.57 -74.66 33.86
CA PHE O 59 5.41 -74.32 33.05
C PHE O 59 5.85 -74.44 31.64
N ARG O 60 5.47 -75.52 31.01
CA ARG O 60 6.03 -75.86 29.72
C ARG O 60 5.12 -75.41 28.60
N ARG O 61 3.86 -75.83 28.65
CA ARG O 61 2.89 -75.48 27.63
C ARG O 61 2.42 -74.03 27.83
N TYR O 62 1.83 -73.77 28.98
CA TYR O 62 1.24 -72.48 29.28
C TYR O 62 2.31 -71.66 29.91
N ASN O 63 3.18 -71.11 29.08
CA ASN O 63 4.41 -70.52 29.56
C ASN O 63 4.64 -69.08 29.17
N GLY O 64 3.60 -68.45 28.61
CA GLY O 64 3.71 -67.13 28.04
C GLY O 64 3.80 -66.08 29.12
N GLY O 65 4.91 -65.35 29.12
CA GLY O 65 5.21 -64.38 30.16
C GLY O 65 5.80 -64.95 31.44
N VAL O 66 5.74 -66.26 31.61
CA VAL O 66 6.16 -66.89 32.83
C VAL O 66 7.65 -66.72 32.94
N GLY O 67 8.12 -66.42 34.15
CA GLY O 67 9.51 -66.09 34.40
C GLY O 67 10.42 -67.30 34.44
N ARG O 68 11.72 -67.05 34.27
CA ARG O 68 12.71 -68.09 34.40
C ARG O 68 13.06 -68.27 35.86
N CYS O 69 13.53 -69.47 36.22
CA CYS O 69 14.03 -69.69 37.58
C CYS O 69 15.02 -70.81 37.63
N ALA O 70 16.01 -70.65 38.49
CA ALA O 70 17.06 -71.65 38.61
C ALA O 70 16.43 -72.99 38.91
N GLN O 71 15.41 -72.98 39.77
CA GLN O 71 14.77 -74.21 40.23
C GLN O 71 14.24 -75.09 39.11
N ALA O 72 14.03 -74.52 37.92
CA ALA O 72 13.56 -75.24 36.75
C ALA O 72 14.61 -76.06 36.03
N LYS O 73 15.89 -75.75 36.23
CA LYS O 73 16.95 -76.54 35.60
C LYS O 73 16.83 -78.01 35.94
N GLN O 74 16.47 -78.32 37.19
CA GLN O 74 16.16 -79.69 37.62
C GLN O 74 15.33 -80.43 36.58
N TRP O 75 14.30 -79.76 36.11
CA TRP O 75 13.35 -80.35 35.19
C TRP O 75 13.80 -80.39 33.73
N GLY O 76 14.82 -79.61 33.40
CA GLY O 76 15.25 -79.45 32.02
C GLY O 76 14.31 -78.47 31.38
N TRP O 77 14.29 -77.25 31.92
CA TRP O 77 13.38 -76.18 31.50
C TRP O 77 13.76 -74.86 32.14
N THR O 78 13.41 -73.74 31.50
CA THR O 78 13.80 -72.42 31.99
C THR O 78 12.68 -71.72 32.77
N GLN O 79 11.45 -71.83 32.26
CA GLN O 79 10.28 -71.32 32.97
C GLN O 79 10.02 -72.13 34.20
N GLY O 80 9.39 -71.49 35.17
CA GLY O 80 8.94 -72.20 36.34
C GLY O 80 8.32 -71.27 37.35
N ARG O 81 7.43 -71.84 38.15
CA ARG O 81 6.68 -71.07 39.12
C ARG O 81 6.38 -71.87 40.36
N TRP O 82 5.69 -71.25 41.31
CA TRP O 82 5.38 -71.91 42.56
C TRP O 82 3.91 -71.84 42.87
N PRO O 83 3.09 -72.33 41.95
CA PRO O 83 1.65 -72.22 42.12
C PRO O 83 1.16 -72.88 43.43
N LYS O 84 0.92 -72.05 44.43
CA LYS O 84 0.66 -72.49 45.79
C LYS O 84 -0.70 -73.11 45.95
N LYS O 85 -1.72 -72.47 45.38
CA LYS O 85 -3.10 -73.02 45.40
C LYS O 85 -3.21 -74.37 44.70
N SER O 86 -2.56 -74.49 43.56
CA SER O 86 -2.54 -75.73 42.79
C SER O 86 -1.90 -76.87 43.56
N ALA O 87 -0.81 -76.61 44.23
CA ALA O 87 -0.27 -77.58 45.17
C ALA O 87 -1.31 -77.92 46.21
N GLU O 88 -1.81 -76.90 46.90
CA GLU O 88 -2.76 -77.08 48.00
C GLU O 88 -3.97 -77.96 47.64
N PHE O 89 -4.47 -77.80 46.42
CA PHE O 89 -5.64 -78.58 45.96
C PHE O 89 -5.30 -80.00 45.61
N LEU O 90 -4.19 -80.24 44.91
CA LEU O 90 -3.80 -81.62 44.66
C LEU O 90 -2.76 -82.12 45.67
N LEU O 91 -2.77 -81.53 46.84
CA LEU O 91 -2.31 -82.21 48.04
C LEU O 91 -3.52 -82.89 48.64
N HIS O 92 -4.66 -82.19 48.70
CA HIS O 92 -5.92 -82.77 49.21
C HIS O 92 -6.36 -83.96 48.42
N MET O 93 -6.19 -83.90 47.12
CA MET O 93 -6.58 -85.02 46.29
C MET O 93 -5.75 -86.26 46.61
N LEU O 94 -4.44 -86.08 46.73
CA LEU O 94 -3.55 -87.15 47.17
C LEU O 94 -4.00 -87.69 48.54
N LYS O 95 -4.24 -86.78 49.47
CA LYS O 95 -4.70 -87.18 50.81
C LYS O 95 -5.91 -88.10 50.75
N ASN O 96 -6.85 -87.78 49.87
CA ASN O 96 -8.05 -88.59 49.69
C ASN O 96 -7.79 -89.92 49.00
N ALA O 97 -6.85 -89.94 48.04
CA ALA O 97 -6.42 -91.18 47.40
C ALA O 97 -5.72 -92.08 48.40
N GLU O 98 -4.80 -91.51 49.17
CA GLU O 98 -4.17 -92.25 50.26
C GLU O 98 -5.19 -92.80 51.26
N SER O 99 -6.25 -92.02 51.53
CA SER O 99 -7.36 -92.51 52.34
C SER O 99 -8.02 -93.73 51.72
N ASN O 100 -8.33 -93.63 50.45
CA ASN O 100 -9.03 -94.71 49.75
C ASN O 100 -8.21 -95.98 49.62
N ALA O 101 -6.93 -95.84 49.33
CA ALA O 101 -6.03 -96.98 49.31
C ALA O 101 -5.99 -97.69 50.66
N GLU O 102 -6.02 -96.92 51.74
CA GLU O 102 -6.03 -97.48 53.09
C GLU O 102 -7.34 -98.22 53.36
N LEU O 103 -8.45 -97.64 52.92
CA LEU O 103 -9.78 -98.27 53.04
C LEU O 103 -9.90 -99.55 52.23
N LYS O 104 -9.33 -99.53 51.03
CA LYS O 104 -9.30 -100.71 50.14
C LYS O 104 -8.37 -101.82 50.65
N GLY O 105 -7.33 -101.41 51.36
CA GLY O 105 -6.35 -102.33 51.94
C GLY O 105 -5.14 -102.50 51.04
N LEU O 106 -4.53 -101.38 50.67
CA LEU O 106 -3.33 -101.37 49.85
C LEU O 106 -2.18 -100.81 50.66
N ASP O 107 -0.96 -101.22 50.31
CA ASP O 107 0.24 -100.64 50.91
C ASP O 107 0.34 -99.21 50.43
N VAL O 108 0.06 -98.27 51.33
CA VAL O 108 -0.04 -96.86 50.98
C VAL O 108 1.26 -96.34 50.41
N ASP O 109 2.37 -96.76 51.00
CA ASP O 109 3.71 -96.37 50.53
C ASP O 109 4.27 -97.37 49.51
N SER O 110 3.40 -97.86 48.63
CA SER O 110 3.79 -98.45 47.36
C SER O 110 3.09 -97.78 46.17
N LEU O 111 2.30 -96.74 46.43
CA LEU O 111 1.40 -96.15 45.43
C LEU O 111 2.09 -95.12 44.55
N VAL O 112 2.15 -95.41 43.26
CA VAL O 112 2.66 -94.49 42.29
C VAL O 112 1.51 -93.83 41.59
N ILE O 113 1.54 -92.50 41.54
CA ILE O 113 0.47 -91.73 40.90
C ILE O 113 0.50 -91.98 39.40
N GLU O 114 -0.29 -92.97 39.01
CA GLU O 114 -0.23 -93.58 37.69
C GLU O 114 -0.77 -92.64 36.63
N HIS O 115 -1.91 -92.04 36.92
CA HIS O 115 -2.62 -91.21 35.96
C HIS O 115 -3.22 -90.04 36.69
N ILE O 116 -3.02 -88.84 36.17
CA ILE O 116 -3.63 -87.63 36.70
C ILE O 116 -4.05 -86.77 35.54
N GLN O 117 -5.15 -86.05 35.68
CA GLN O 117 -5.72 -85.33 34.56
C GLN O 117 -6.55 -84.12 35.00
N VAL O 118 -6.16 -82.95 34.51
CA VAL O 118 -6.86 -81.72 34.80
C VAL O 118 -7.67 -81.36 33.57
N ASN O 119 -8.97 -81.19 33.77
CA ASN O 119 -9.91 -80.80 32.74
C ASN O 119 -10.54 -79.48 33.08
N LYS O 120 -10.88 -78.68 32.06
CA LYS O 120 -11.55 -77.40 32.30
C LYS O 120 -12.98 -77.61 32.76
N ALA O 121 -13.38 -76.84 33.77
CA ALA O 121 -14.71 -76.91 34.34
C ALA O 121 -15.49 -75.70 33.87
N PRO O 122 -16.82 -75.76 33.93
CA PRO O 122 -17.62 -74.64 33.44
C PRO O 122 -17.27 -73.36 34.16
N LYS O 123 -17.09 -72.29 33.40
CA LYS O 123 -16.55 -71.05 33.95
C LYS O 123 -17.55 -70.32 34.84
N MET O 124 -17.01 -69.64 35.86
CA MET O 124 -17.80 -68.68 36.63
C MET O 124 -17.77 -67.41 35.81
N ARG O 125 -18.57 -66.42 36.18
CA ARG O 125 -18.33 -65.06 35.65
C ARG O 125 -18.74 -63.96 36.58
N ARG O 126 -17.83 -62.99 36.71
CA ARG O 126 -18.14 -61.68 37.26
C ARG O 126 -17.48 -60.66 36.35
N ARG O 127 -17.89 -59.41 36.48
CA ARG O 127 -17.63 -58.39 35.46
C ARG O 127 -16.66 -57.34 35.93
N THR O 128 -16.01 -56.70 34.95
CA THR O 128 -15.03 -55.66 35.24
C THR O 128 -15.41 -54.39 34.50
N TYR O 129 -15.36 -53.28 35.22
CA TYR O 129 -15.78 -52.00 34.71
C TYR O 129 -14.56 -51.35 34.09
N ARG O 130 -14.74 -50.83 32.88
CA ARG O 130 -13.64 -50.34 32.06
C ARG O 130 -13.88 -48.94 31.53
N ALA O 131 -12.87 -48.41 30.83
CA ALA O 131 -12.89 -47.03 30.39
C ALA O 131 -13.90 -46.79 29.27
N HIS O 132 -14.58 -45.65 29.36
CA HIS O 132 -15.65 -45.25 28.45
C HIS O 132 -16.89 -46.11 28.60
N GLY O 133 -17.25 -46.36 29.84
CA GLY O 133 -18.48 -47.08 30.17
C GLY O 133 -18.67 -48.40 29.44
N ARG O 134 -17.62 -49.20 29.37
CA ARG O 134 -17.68 -50.55 28.85
C ARG O 134 -17.62 -51.48 30.03
N ILE O 135 -18.17 -52.68 29.86
CA ILE O 135 -18.16 -53.70 30.90
C ILE O 135 -17.74 -55.01 30.29
N ASN O 136 -16.52 -55.42 30.59
CA ASN O 136 -15.98 -56.68 30.11
C ASN O 136 -16.10 -57.81 31.11
N PRO O 137 -15.94 -59.05 30.64
CA PRO O 137 -15.87 -60.18 31.55
C PRO O 137 -14.58 -60.21 32.37
N TYR O 138 -14.66 -60.91 33.49
CA TYR O 138 -13.58 -61.06 34.44
C TYR O 138 -13.80 -62.43 35.05
N MET O 139 -13.61 -63.45 34.22
CA MET O 139 -14.14 -64.78 34.49
C MET O 139 -13.15 -65.71 35.15
N SER O 140 -13.62 -66.48 36.12
CA SER O 140 -12.81 -67.54 36.66
C SER O 140 -12.73 -68.66 35.64
N SER O 141 -11.60 -69.38 35.67
CA SER O 141 -11.41 -70.59 34.88
C SER O 141 -11.03 -71.65 35.89
N PRO O 142 -12.03 -72.37 36.40
CA PRO O 142 -11.82 -73.47 37.31
C PRO O 142 -11.67 -74.77 36.55
N CYS O 143 -11.25 -75.81 37.26
CA CYS O 143 -10.95 -77.11 36.67
C CYS O 143 -11.62 -78.28 37.41
N HIS O 144 -11.82 -79.39 36.68
CA HIS O 144 -12.01 -80.69 37.32
C HIS O 144 -10.62 -81.35 37.35
N ILE O 145 -10.30 -82.03 38.44
CA ILE O 145 -9.07 -82.82 38.52
C ILE O 145 -9.49 -84.23 38.84
N GLU O 146 -8.72 -85.20 38.34
CA GLU O 146 -8.97 -86.61 38.64
C GLU O 146 -7.76 -87.49 38.41
N MET O 147 -7.63 -88.53 39.24
CA MET O 147 -6.39 -89.30 39.31
C MET O 147 -6.53 -90.71 39.86
N ILE O 148 -5.48 -91.49 39.60
CA ILE O 148 -5.43 -92.91 39.87
C ILE O 148 -4.04 -93.29 40.40
N LEU O 149 -4.00 -93.85 41.60
CA LEU O 149 -2.78 -94.42 42.13
C LEU O 149 -2.76 -95.93 41.90
N THR O 150 -1.58 -96.53 42.01
CA THR O 150 -1.41 -97.97 41.77
C THR O 150 -0.24 -98.56 42.58
N GLU O 151 -0.47 -99.71 43.20
CA GLU O 151 0.59 -100.41 43.94
C GLU O 151 1.70 -100.83 42.99
N LYS O 152 2.86 -100.16 43.09
CA LYS O 152 4.06 -100.51 42.33
C LYS O 152 5.31 -100.28 43.18
N GLU O 153 5.93 -101.36 43.64
CA GLU O 153 7.22 -101.27 44.35
C GLU O 153 8.00 -102.59 44.29
N GLY P 1 -6.58 -80.79 -31.94
CA GLY P 1 -7.76 -79.89 -32.13
C GLY P 1 -8.32 -79.96 -33.54
N VAL P 2 -9.61 -79.70 -33.66
CA VAL P 2 -10.31 -79.73 -34.95
C VAL P 2 -11.32 -78.60 -34.97
N ASP P 3 -11.34 -77.80 -36.03
CA ASP P 3 -12.37 -76.73 -36.12
C ASP P 3 -13.67 -77.22 -36.73
N ILE P 4 -14.63 -77.48 -35.86
CA ILE P 4 -16.02 -77.61 -36.26
C ILE P 4 -16.81 -76.82 -35.24
N ARG P 5 -17.82 -76.09 -35.71
CA ARG P 5 -18.80 -75.52 -34.80
C ARG P 5 -19.63 -76.64 -34.24
N HIS P 6 -19.72 -76.69 -32.91
CA HIS P 6 -20.56 -77.67 -32.22
C HIS P 6 -21.91 -77.05 -31.88
N ASN P 7 -22.29 -76.06 -32.68
CA ASN P 7 -23.36 -75.17 -32.36
C ASN P 7 -24.67 -75.78 -32.82
N LYS P 8 -24.72 -76.19 -34.08
CA LYS P 8 -25.91 -76.81 -34.66
C LYS P 8 -25.68 -78.28 -34.97
N ASP P 9 -25.04 -78.97 -34.04
CA ASP P 9 -24.76 -80.40 -34.18
C ASP P 9 -25.98 -81.22 -33.81
N ARG P 10 -26.65 -80.85 -32.71
CA ARG P 10 -27.81 -81.59 -32.22
C ARG P 10 -29.06 -81.13 -32.93
N LYS P 11 -29.69 -82.04 -33.66
CA LYS P 11 -30.94 -81.74 -34.32
C LYS P 11 -32.07 -81.77 -33.31
N VAL P 12 -33.05 -80.90 -33.50
CA VAL P 12 -34.02 -80.58 -32.44
C VAL P 12 -35.39 -81.23 -32.57
N ARG P 13 -35.75 -81.67 -33.76
CA ARG P 13 -36.91 -82.53 -34.01
C ARG P 13 -37.30 -83.55 -32.92
N ARG P 14 -38.60 -83.83 -32.81
CA ARG P 14 -39.12 -84.81 -31.85
C ARG P 14 -38.89 -86.25 -32.26
N LYS P 15 -38.72 -87.11 -31.26
CA LYS P 15 -38.50 -88.54 -31.44
C LYS P 15 -39.72 -89.37 -31.04
N GLU P 16 -40.29 -89.03 -29.88
CA GLU P 16 -41.50 -89.67 -29.36
C GLU P 16 -42.48 -88.55 -29.06
N PRO P 17 -43.74 -88.88 -28.79
CA PRO P 17 -44.64 -87.81 -28.37
C PRO P 17 -44.42 -87.47 -26.91
N LYS P 18 -44.62 -86.21 -26.57
CA LYS P 18 -44.40 -85.71 -25.22
C LYS P 18 -45.56 -86.11 -24.31
N SER P 19 -46.71 -86.39 -24.91
CA SER P 19 -47.88 -86.88 -24.21
C SER P 19 -47.68 -88.25 -23.58
N GLN P 20 -48.34 -88.47 -22.46
CA GLN P 20 -48.23 -89.69 -21.70
C GLN P 20 -49.42 -90.62 -21.86
N ASP P 21 -50.43 -90.22 -22.62
CA ASP P 21 -51.61 -91.08 -22.84
C ASP P 21 -51.26 -92.39 -23.53
N ILE P 22 -51.80 -93.47 -22.99
CA ILE P 22 -51.34 -94.82 -23.33
C ILE P 22 -51.73 -95.27 -24.72
N TYR P 23 -52.91 -94.86 -25.18
CA TYR P 23 -53.40 -95.24 -26.50
C TYR P 23 -52.59 -94.63 -27.63
N LEU P 24 -52.23 -93.36 -27.48
CA LEU P 24 -51.38 -92.72 -28.46
C LEU P 24 -50.00 -93.38 -28.51
N ARG P 25 -49.48 -93.78 -27.36
CA ARG P 25 -48.21 -94.49 -27.33
C ARG P 25 -48.30 -95.86 -28.02
N LEU P 26 -49.42 -96.56 -27.86
CA LEU P 26 -49.62 -97.80 -28.60
C LEU P 26 -49.62 -97.55 -30.09
N LEU P 27 -50.26 -96.48 -30.54
CA LEU P 27 -50.25 -96.18 -31.97
C LEU P 27 -48.85 -95.91 -32.43
N VAL P 28 -48.12 -95.11 -31.68
CA VAL P 28 -46.74 -94.81 -32.03
C VAL P 28 -45.99 -96.13 -32.19
N LYS P 29 -46.07 -97.00 -31.19
CA LYS P 29 -45.41 -98.30 -31.23
C LYS P 29 -45.71 -99.05 -32.53
N LEU P 30 -46.97 -99.08 -32.90
CA LEU P 30 -47.40 -99.68 -34.17
C LEU P 30 -46.69 -99.01 -35.34
N TYR P 31 -46.76 -97.68 -35.41
CA TYR P 31 -46.29 -96.96 -36.58
C TYR P 31 -44.79 -96.83 -36.70
N ARG P 32 -44.07 -96.91 -35.58
CA ARG P 32 -42.61 -97.07 -35.64
C ARG P 32 -42.26 -98.29 -36.45
N PHE P 33 -42.85 -99.42 -36.05
CA PHE P 33 -42.58 -100.72 -36.66
C PHE P 33 -42.86 -100.68 -38.15
N LEU P 34 -44.04 -100.18 -38.51
CA LEU P 34 -44.44 -100.09 -39.91
C LEU P 34 -43.55 -99.15 -40.68
N ALA P 35 -43.13 -98.05 -40.05
CA ALA P 35 -42.24 -97.09 -40.72
C ALA P 35 -40.90 -97.67 -41.12
N ARG P 36 -40.28 -98.41 -40.21
CA ARG P 36 -38.94 -98.95 -40.45
C ARG P 36 -38.98 -100.16 -41.37
N ARG P 37 -39.92 -101.07 -41.11
CA ARG P 37 -39.98 -102.33 -41.84
C ARG P 37 -40.55 -102.21 -43.26
N THR P 38 -41.56 -101.37 -43.46
CA THR P 38 -42.06 -101.14 -44.82
C THR P 38 -41.13 -100.18 -45.54
N ASN P 39 -41.37 -100.02 -46.84
CA ASN P 39 -40.73 -98.98 -47.63
C ASN P 39 -41.59 -97.74 -47.83
N SER P 40 -42.87 -97.84 -47.46
CA SER P 40 -43.79 -96.71 -47.54
C SER P 40 -43.24 -95.55 -46.73
N THR P 41 -43.34 -94.38 -47.33
CA THR P 41 -43.03 -93.14 -46.65
C THR P 41 -44.27 -92.56 -45.98
N PHE P 42 -45.45 -93.04 -46.37
CA PHE P 42 -46.72 -92.74 -45.68
C PHE P 42 -46.64 -93.07 -44.22
N ASN P 43 -46.16 -94.27 -43.91
CA ASN P 43 -45.98 -94.66 -42.53
C ASN P 43 -45.01 -93.75 -41.80
N GLN P 44 -43.97 -93.31 -42.51
CA GLN P 44 -43.02 -92.36 -41.95
C GLN P 44 -43.58 -90.97 -41.70
N VAL P 45 -44.46 -90.49 -42.58
CA VAL P 45 -45.12 -89.20 -42.34
C VAL P 45 -46.09 -89.34 -41.18
N VAL P 46 -46.91 -90.37 -41.19
CA VAL P 46 -47.87 -90.58 -40.10
C VAL P 46 -47.16 -90.63 -38.75
N LEU P 47 -46.02 -91.32 -38.69
CA LEU P 47 -45.26 -91.40 -37.45
C LEU P 47 -44.85 -90.03 -36.96
N LYS P 48 -44.20 -89.28 -37.84
CA LYS P 48 -43.75 -87.91 -37.56
C LYS P 48 -44.85 -87.04 -37.04
N ARG P 49 -46.00 -87.11 -37.68
CA ARG P 49 -47.13 -86.34 -37.24
C ARG P 49 -47.73 -86.78 -35.90
N LEU P 50 -47.66 -88.07 -35.56
CA LEU P 50 -48.12 -88.54 -34.25
C LEU P 50 -47.37 -87.90 -33.07
N PHE P 51 -46.11 -87.58 -33.27
CA PHE P 51 -45.30 -86.94 -32.23
C PHE P 51 -45.60 -85.45 -31.97
N MET P 52 -46.20 -84.77 -32.93
CA MET P 52 -46.25 -83.31 -32.92
C MET P 52 -47.29 -82.78 -31.94
N SER P 53 -47.15 -81.51 -31.59
CA SER P 53 -48.02 -80.85 -30.60
C SER P 53 -49.42 -80.62 -31.10
N ARG P 54 -50.34 -80.44 -30.16
CA ARG P 54 -51.72 -80.05 -30.45
C ARG P 54 -51.81 -78.91 -31.46
N THR P 55 -51.08 -77.83 -31.22
CA THR P 55 -51.03 -76.70 -32.16
C THR P 55 -50.67 -77.20 -33.52
N ASN P 56 -49.63 -78.03 -33.52
CA ASN P 56 -48.92 -78.43 -34.70
C ASN P 56 -49.63 -79.48 -35.53
N ARG P 57 -50.66 -80.10 -34.98
CA ARG P 57 -51.58 -80.93 -35.75
C ARG P 57 -52.98 -80.35 -35.56
N PRO P 58 -53.30 -79.31 -36.36
CA PRO P 58 -54.57 -78.60 -36.24
C PRO P 58 -55.76 -79.40 -36.70
N PRO P 59 -56.96 -78.93 -36.35
CA PRO P 59 -58.17 -79.63 -36.71
C PRO P 59 -58.58 -79.37 -38.17
N LEU P 60 -58.88 -80.45 -38.87
CA LEU P 60 -59.36 -80.41 -40.25
C LEU P 60 -60.87 -80.29 -40.16
N SER P 61 -61.46 -79.32 -40.84
CA SER P 61 -62.92 -79.20 -40.90
C SER P 61 -63.50 -80.21 -41.86
N LEU P 62 -64.80 -80.43 -41.76
CA LEU P 62 -65.43 -81.34 -42.68
C LEU P 62 -65.33 -80.77 -44.09
N SER P 63 -65.68 -79.51 -44.23
CA SER P 63 -65.76 -78.85 -45.52
C SER P 63 -64.46 -78.87 -46.31
N ARG P 64 -63.35 -78.70 -45.60
CA ARG P 64 -62.04 -78.75 -46.24
C ARG P 64 -61.66 -80.16 -46.64
N MET P 65 -62.11 -81.16 -45.89
CA MET P 65 -61.93 -82.55 -46.29
C MET P 65 -62.74 -82.84 -47.53
N ILE P 66 -64.00 -82.44 -47.53
CA ILE P 66 -64.86 -82.67 -48.68
C ILE P 66 -64.22 -82.10 -49.94
N ARG P 67 -63.82 -80.84 -49.90
CA ARG P 67 -63.31 -80.17 -51.09
C ARG P 67 -61.98 -80.76 -51.55
N LYS P 68 -61.13 -81.21 -50.64
CA LYS P 68 -59.90 -81.90 -51.04
C LYS P 68 -60.15 -83.25 -51.67
N MET P 69 -61.20 -83.95 -51.26
CA MET P 69 -61.59 -85.21 -51.88
C MET P 69 -62.45 -85.02 -53.13
N LYS P 70 -63.13 -83.88 -53.24
CA LYS P 70 -63.83 -83.48 -54.48
C LYS P 70 -62.91 -83.47 -55.69
N LEU P 71 -61.66 -83.08 -55.49
CA LEU P 71 -60.68 -82.96 -56.56
C LEU P 71 -60.61 -84.17 -57.48
N PRO P 72 -60.32 -83.93 -58.76
CA PRO P 72 -60.49 -84.95 -59.80
C PRO P 72 -59.43 -86.04 -59.75
N GLY P 73 -59.85 -87.23 -59.30
CA GLY P 73 -59.01 -88.41 -59.33
C GLY P 73 -59.06 -89.21 -58.06
N ARG P 74 -59.09 -88.52 -56.92
CA ARG P 74 -58.98 -89.19 -55.62
C ARG P 74 -60.33 -89.70 -55.13
N GLU P 75 -60.93 -90.57 -55.95
CA GLU P 75 -62.30 -91.00 -55.81
C GLU P 75 -62.30 -92.47 -55.39
N GLY P 76 -63.07 -92.80 -54.36
CA GLY P 76 -63.01 -94.13 -53.76
C GLY P 76 -61.66 -94.29 -53.07
N LYS P 77 -61.36 -93.35 -52.18
CA LYS P 77 -60.05 -93.21 -51.54
C LYS P 77 -60.24 -92.84 -50.06
N THR P 78 -59.31 -93.23 -49.20
CA THR P 78 -59.41 -92.88 -47.75
C THR P 78 -58.61 -91.63 -47.36
N ALA P 79 -59.32 -90.64 -46.84
CA ALA P 79 -58.70 -89.43 -46.30
C ALA P 79 -58.10 -89.73 -44.94
N VAL P 80 -56.87 -89.25 -44.74
CA VAL P 80 -56.13 -89.47 -43.51
C VAL P 80 -55.73 -88.15 -42.88
N VAL P 81 -55.91 -88.07 -41.58
CA VAL P 81 -55.81 -86.84 -40.83
C VAL P 81 -55.28 -87.21 -39.46
N VAL P 82 -54.08 -86.76 -39.11
CA VAL P 82 -53.54 -87.09 -37.79
C VAL P 82 -54.20 -86.26 -36.66
N GLY P 83 -54.82 -85.14 -37.00
CA GLY P 83 -55.58 -84.35 -36.02
C GLY P 83 -57.00 -84.83 -35.77
N THR P 84 -57.93 -83.86 -35.78
CA THR P 84 -59.36 -84.10 -35.57
C THR P 84 -60.21 -83.62 -36.76
N ILE P 85 -61.30 -84.33 -36.98
CA ILE P 85 -62.28 -83.94 -37.96
C ILE P 85 -63.37 -83.23 -37.19
N THR P 86 -63.69 -82.02 -37.62
CA THR P 86 -64.78 -81.27 -37.02
C THR P 86 -65.87 -81.07 -38.04
N ASP P 87 -67.02 -80.65 -37.57
CA ASP P 87 -68.12 -80.25 -38.46
C ASP P 87 -67.79 -78.96 -39.23
N ASP P 88 -68.44 -78.81 -40.37
CA ASP P 88 -68.76 -77.48 -40.88
C ASP P 88 -70.26 -77.36 -40.88
N VAL P 89 -70.76 -76.41 -40.12
CA VAL P 89 -72.18 -76.14 -40.11
C VAL P 89 -72.58 -75.44 -41.41
N ARG P 90 -71.64 -74.67 -41.99
CA ARG P 90 -71.85 -74.03 -43.29
C ARG P 90 -71.41 -74.91 -44.49
N VAL P 91 -71.56 -76.22 -44.34
CA VAL P 91 -71.70 -77.13 -45.48
C VAL P 91 -72.86 -78.08 -45.16
N GLN P 92 -73.61 -78.44 -46.19
CA GLN P 92 -74.86 -79.19 -46.03
C GLN P 92 -74.74 -80.60 -46.62
N GLU P 93 -74.62 -80.69 -47.95
CA GLU P 93 -74.52 -81.99 -48.63
C GLU P 93 -73.15 -82.60 -48.43
N VAL P 94 -73.11 -83.68 -47.64
CA VAL P 94 -71.85 -84.37 -47.29
C VAL P 94 -71.86 -85.72 -48.03
N PRO P 95 -70.91 -85.92 -48.95
CA PRO P 95 -70.72 -87.22 -49.61
C PRO P 95 -70.33 -88.33 -48.66
N LYS P 96 -70.38 -89.56 -49.16
CA LYS P 96 -69.99 -90.72 -48.37
C LYS P 96 -68.47 -90.91 -48.46
N LEU P 97 -67.83 -90.86 -47.30
CA LEU P 97 -66.36 -90.77 -47.19
C LEU P 97 -65.76 -92.00 -46.57
N LYS P 98 -64.44 -92.06 -46.64
CA LYS P 98 -63.65 -92.94 -45.82
C LYS P 98 -62.60 -92.07 -45.14
N VAL P 99 -62.56 -92.12 -43.82
CA VAL P 99 -61.84 -91.14 -43.02
C VAL P 99 -61.06 -91.85 -41.93
N CYS P 100 -59.76 -91.51 -41.80
CA CYS P 100 -58.94 -91.89 -40.65
C CYS P 100 -58.62 -90.67 -39.85
N ALA P 101 -58.89 -90.72 -38.55
CA ALA P 101 -58.50 -89.63 -37.69
C ALA P 101 -58.35 -90.07 -36.25
N LEU P 102 -57.46 -89.41 -35.53
CA LEU P 102 -57.28 -89.68 -34.12
C LEU P 102 -58.56 -89.35 -33.35
N ARG P 103 -59.24 -88.27 -33.74
CA ARG P 103 -60.59 -87.99 -33.24
C ARG P 103 -61.48 -87.46 -34.32
N VAL P 104 -62.78 -87.59 -34.09
CA VAL P 104 -63.80 -86.93 -34.88
C VAL P 104 -64.83 -86.43 -33.88
N SER P 105 -65.21 -85.15 -33.96
CA SER P 105 -66.22 -84.59 -33.05
C SER P 105 -67.59 -85.22 -33.32
N SER P 106 -68.42 -85.25 -32.28
CA SER P 106 -69.68 -86.01 -32.30
C SER P 106 -70.58 -85.64 -33.47
N ARG P 107 -70.81 -84.33 -33.62
CA ARG P 107 -71.54 -83.78 -34.75
C ARG P 107 -70.99 -84.18 -36.11
N ALA P 108 -69.67 -84.19 -36.24
CA ALA P 108 -69.01 -84.61 -37.46
C ALA P 108 -69.13 -86.10 -37.67
N ARG P 109 -69.09 -86.86 -36.59
CA ARG P 109 -69.24 -88.30 -36.68
C ARG P 109 -70.64 -88.67 -37.20
N SER P 110 -71.66 -88.04 -36.64
CA SER P 110 -73.03 -88.25 -37.10
C SER P 110 -73.17 -87.94 -38.58
N ARG P 111 -72.69 -86.77 -38.97
CA ARG P 111 -72.75 -86.31 -40.36
C ARG P 111 -72.15 -87.26 -41.37
N ILE P 112 -71.02 -87.87 -41.02
CA ILE P 112 -70.28 -88.74 -41.94
C ILE P 112 -70.91 -90.11 -42.04
N LEU P 113 -71.33 -90.67 -40.92
CA LEU P 113 -71.98 -91.98 -40.91
C LEU P 113 -73.39 -91.95 -41.52
N LYS P 114 -74.14 -90.88 -41.27
CA LYS P 114 -75.46 -90.69 -41.86
C LYS P 114 -75.43 -90.73 -43.39
N ALA P 115 -74.43 -90.07 -43.97
CA ALA P 115 -74.24 -90.06 -45.43
C ALA P 115 -73.83 -91.41 -46.03
N GLY P 116 -73.50 -92.39 -45.19
CA GLY P 116 -73.03 -93.71 -45.64
C GLY P 116 -71.52 -93.84 -45.65
N GLY P 117 -70.83 -93.00 -44.89
CA GLY P 117 -69.38 -93.03 -44.80
C GLY P 117 -68.89 -94.06 -43.82
N LYS P 118 -67.56 -94.18 -43.75
CA LYS P 118 -66.90 -95.03 -42.78
C LYS P 118 -65.85 -94.22 -42.04
N ILE P 119 -65.65 -94.52 -40.76
CA ILE P 119 -64.64 -93.85 -39.94
C ILE P 119 -63.68 -94.89 -39.38
N LEU P 120 -62.38 -94.70 -39.62
CA LEU P 120 -61.35 -95.62 -39.16
C LEU P 120 -60.43 -95.00 -38.13
N THR P 121 -60.08 -95.79 -37.13
CA THR P 121 -58.99 -95.47 -36.23
C THR P 121 -57.69 -95.81 -36.94
N PHE P 122 -56.55 -95.47 -36.36
CA PHE P 122 -55.27 -95.71 -37.03
C PHE P 122 -54.82 -97.15 -37.01
N ASP P 123 -55.16 -97.89 -35.97
CA ASP P 123 -54.95 -99.34 -35.98
C ASP P 123 -55.73 -99.99 -37.12
N GLN P 124 -56.96 -99.53 -37.35
CA GLN P 124 -57.80 -100.09 -38.42
C GLN P 124 -57.26 -99.79 -39.81
N LEU P 125 -56.69 -98.60 -39.95
CA LEU P 125 -56.04 -98.20 -41.20
C LEU P 125 -54.81 -99.05 -41.50
N ALA P 126 -54.10 -99.44 -40.46
CA ALA P 126 -52.90 -100.28 -40.58
C ALA P 126 -53.21 -101.68 -41.09
N LEU P 127 -54.26 -102.27 -40.53
CA LEU P 127 -54.74 -103.58 -40.97
C LEU P 127 -55.33 -103.55 -42.38
N ASP P 128 -56.05 -102.47 -42.69
CA ASP P 128 -56.61 -102.24 -44.03
C ASP P 128 -55.49 -102.11 -45.06
N SER P 129 -54.62 -101.12 -44.86
CA SER P 129 -53.56 -100.77 -45.81
C SER P 129 -52.28 -100.40 -45.06
N PRO P 130 -51.40 -101.38 -44.82
CA PRO P 130 -50.19 -101.10 -44.03
C PRO P 130 -49.24 -100.08 -44.65
N LYS P 131 -49.14 -100.07 -45.97
CA LYS P 131 -48.21 -99.19 -46.66
C LYS P 131 -48.86 -97.90 -47.16
N GLY P 132 -50.04 -97.58 -46.64
CA GLY P 132 -50.75 -96.34 -46.99
C GLY P 132 -51.24 -96.27 -48.42
N CYS P 133 -51.53 -97.42 -49.03
CA CYS P 133 -51.89 -97.47 -50.44
C CYS P 133 -53.33 -97.05 -50.59
N GLY P 134 -53.54 -96.00 -51.38
CA GLY P 134 -54.87 -95.51 -51.69
C GLY P 134 -55.35 -94.58 -50.60
N THR P 135 -54.50 -93.64 -50.23
CA THR P 135 -54.77 -92.74 -49.13
C THR P 135 -54.51 -91.32 -49.59
N VAL P 136 -55.34 -90.40 -49.13
CA VAL P 136 -55.10 -88.99 -49.30
C VAL P 136 -54.74 -88.52 -47.91
N LEU P 137 -53.49 -88.12 -47.74
CA LEU P 137 -53.04 -87.59 -46.46
C LEU P 137 -53.27 -86.08 -46.46
N LEU P 138 -54.05 -85.63 -45.50
CA LEU P 138 -54.38 -84.23 -45.35
C LEU P 138 -53.87 -83.67 -44.03
N SER P 139 -54.01 -82.36 -43.91
CA SER P 139 -53.83 -81.68 -42.64
C SER P 139 -54.74 -80.47 -42.62
N GLY P 140 -55.04 -80.03 -41.40
CA GLY P 140 -55.70 -78.77 -41.20
C GLY P 140 -54.70 -77.66 -41.42
N PRO P 141 -55.19 -76.44 -41.55
CA PRO P 141 -54.34 -75.30 -41.78
C PRO P 141 -53.52 -74.95 -40.54
N ARG P 142 -52.20 -75.00 -40.70
CA ARG P 142 -51.25 -74.80 -39.61
C ARG P 142 -51.27 -73.39 -39.10
N LYS P 143 -51.44 -72.43 -40.02
CA LYS P 143 -51.33 -70.99 -39.72
C LYS P 143 -52.67 -70.37 -39.31
N GLY P 144 -53.62 -71.20 -38.90
CA GLY P 144 -54.94 -70.73 -38.51
C GLY P 144 -54.97 -70.01 -37.17
N ARG P 145 -54.16 -70.47 -36.22
CA ARG P 145 -54.23 -69.96 -34.84
C ARG P 145 -54.07 -68.45 -34.83
N GLU P 146 -54.86 -67.75 -34.02
CA GLU P 146 -54.83 -66.28 -34.01
C GLU P 146 -53.41 -65.77 -33.85
N VAL P 147 -52.71 -66.36 -32.89
CA VAL P 147 -51.27 -66.20 -32.66
C VAL P 147 -50.43 -65.71 -33.83
N TYR P 148 -50.63 -66.26 -35.02
CA TYR P 148 -49.83 -65.88 -36.20
C TYR P 148 -50.12 -64.49 -36.75
N ARG P 149 -51.27 -63.92 -36.42
CA ARG P 149 -51.53 -62.51 -36.75
C ARG P 149 -50.65 -61.54 -35.98
N HIS P 150 -50.15 -61.95 -34.82
CA HIS P 150 -49.22 -61.13 -34.05
C HIS P 150 -47.76 -61.29 -34.46
N PHE P 151 -47.44 -62.31 -35.25
CA PHE P 151 -46.08 -62.52 -35.68
C PHE P 151 -45.75 -61.78 -36.96
N GLY P 152 -44.44 -61.67 -37.22
CA GLY P 152 -43.90 -61.08 -38.44
C GLY P 152 -43.16 -59.79 -38.18
N LYS P 153 -43.12 -58.94 -39.20
CA LYS P 153 -42.57 -57.60 -39.07
C LYS P 153 -43.45 -56.88 -38.09
N ALA P 154 -42.85 -56.26 -37.08
CA ALA P 154 -43.61 -55.65 -35.99
C ALA P 154 -44.51 -54.50 -36.45
N PRO P 155 -45.61 -54.26 -35.75
CA PRO P 155 -46.47 -53.17 -36.12
C PRO P 155 -45.78 -51.88 -35.81
N GLY P 156 -46.08 -50.83 -36.56
CA GLY P 156 -45.35 -49.57 -36.44
C GLY P 156 -44.00 -49.68 -37.15
N THR P 157 -44.05 -50.38 -38.27
CA THR P 157 -42.91 -50.64 -39.10
C THR P 157 -43.50 -50.69 -40.50
N PRO P 158 -43.08 -49.79 -41.39
CA PRO P 158 -43.83 -49.57 -42.62
C PRO P 158 -44.16 -50.85 -43.39
N HIS P 159 -45.37 -50.90 -43.92
CA HIS P 159 -45.88 -52.05 -44.69
C HIS P 159 -45.96 -53.36 -43.89
N SER P 160 -46.13 -53.25 -42.58
CA SER P 160 -46.40 -54.42 -41.75
C SER P 160 -47.87 -54.43 -41.39
N HIS P 161 -48.50 -55.59 -41.54
CA HIS P 161 -49.92 -55.73 -41.27
C HIS P 161 -50.09 -56.75 -40.16
N THR P 162 -49.45 -56.43 -39.05
CA THR P 162 -49.32 -57.34 -37.94
C THR P 162 -50.18 -56.86 -36.81
N LYS P 163 -51.05 -57.74 -36.32
CA LYS P 163 -51.94 -57.39 -35.22
C LYS P 163 -51.06 -57.03 -34.04
N PRO P 164 -51.24 -55.83 -33.48
CA PRO P 164 -50.56 -55.55 -32.25
C PRO P 164 -51.35 -56.15 -31.10
N TYR P 165 -50.66 -56.54 -30.05
CA TYR P 165 -51.32 -57.00 -28.83
C TYR P 165 -51.89 -55.77 -28.14
N VAL P 166 -53.20 -55.79 -27.88
CA VAL P 166 -53.92 -54.64 -27.34
C VAL P 166 -54.96 -55.13 -26.35
N ARG P 167 -55.04 -54.49 -25.17
CA ARG P 167 -55.96 -54.95 -24.11
C ARG P 167 -57.41 -55.02 -24.58
N SER P 168 -57.81 -54.06 -25.41
CA SER P 168 -59.19 -53.96 -25.89
C SER P 168 -59.24 -53.02 -27.06
N LYS P 169 -59.82 -53.44 -28.17
CA LYS P 169 -59.90 -52.54 -29.33
C LYS P 169 -61.04 -51.55 -29.17
N GLY P 170 -60.88 -50.40 -29.81
CA GLY P 170 -61.80 -49.29 -29.70
C GLY P 170 -61.15 -47.99 -30.13
N ARG P 171 -61.95 -46.92 -30.16
CA ARG P 171 -61.52 -45.57 -30.59
C ARG P 171 -60.19 -45.12 -30.00
N LYS P 172 -59.93 -45.51 -28.76
CA LYS P 172 -58.83 -44.96 -27.99
C LYS P 172 -57.98 -46.04 -27.39
N PHE P 173 -57.67 -47.04 -28.20
CA PHE P 173 -56.70 -48.05 -27.82
C PHE P 173 -55.81 -48.25 -29.03
N GLU P 174 -54.68 -47.55 -28.98
CA GLU P 174 -53.86 -47.23 -30.15
C GLU P 174 -54.62 -46.30 -31.12
N ARG P 175 -54.39 -46.43 -32.41
CA ARG P 175 -54.93 -45.52 -33.44
C ARG P 175 -54.84 -44.00 -33.21
N ALA P 176 -53.71 -43.57 -32.63
CA ALA P 176 -53.25 -42.18 -32.64
C ALA P 176 -51.76 -42.10 -33.10
N ARG P 177 -50.88 -41.45 -32.34
CA ARG P 177 -49.56 -41.06 -32.88
C ARG P 177 -48.73 -42.21 -33.35
N GLY P 178 -48.74 -42.39 -34.66
CA GLY P 178 -48.15 -43.56 -35.30
C GLY P 178 -49.11 -44.34 -36.16
N ARG P 179 -50.37 -43.89 -36.25
CA ARG P 179 -51.32 -44.46 -37.18
C ARG P 179 -52.01 -43.40 -38.04
N ARG P 180 -52.54 -42.36 -37.41
CA ARG P 180 -53.04 -41.20 -38.15
C ARG P 180 -51.83 -40.45 -38.72
N ALA P 181 -51.94 -39.99 -39.96
CA ALA P 181 -50.98 -39.02 -40.48
C ALA P 181 -51.15 -37.69 -39.77
N SER P 182 -52.39 -37.40 -39.37
CA SER P 182 -52.71 -36.18 -38.64
C SER P 182 -52.06 -36.07 -37.26
N ARG P 183 -51.63 -37.19 -36.69
CA ARG P 183 -50.90 -37.20 -35.43
C ARG P 183 -49.50 -37.74 -35.60
N GLY P 184 -48.56 -36.83 -35.84
CA GLY P 184 -47.14 -37.15 -35.91
C GLY P 184 -46.72 -37.81 -37.22
N TYR P 185 -47.16 -39.04 -37.42
CA TYR P 185 -46.70 -39.85 -38.55
C TYR P 185 -47.49 -41.11 -38.68
N LYS P 186 -47.34 -41.81 -39.80
CA LYS P 186 -47.89 -43.16 -39.92
C LYS P 186 -47.05 -44.09 -40.77
N ASN P 187 -47.16 -45.39 -40.45
CA ASN P 187 -46.40 -46.46 -41.09
C ASN P 187 -47.32 -47.33 -41.93
N SER Q 1 -12.83 -62.63 71.16
CA SER Q 1 -13.31 -63.12 69.83
C SER Q 1 -13.67 -61.95 68.91
N MET Q 2 -14.62 -61.15 69.36
CA MET Q 2 -15.14 -60.04 68.57
C MET Q 2 -15.86 -59.10 69.52
N LEU Q 3 -15.31 -57.90 69.69
CA LEU Q 3 -15.81 -56.97 70.68
C LEU Q 3 -16.05 -55.60 70.10
N ARG Q 4 -16.61 -55.53 68.90
CA ARG Q 4 -16.92 -54.23 68.30
C ARG Q 4 -18.23 -53.68 68.84
N LEU Q 5 -19.17 -54.57 69.13
CA LEU Q 5 -20.42 -54.17 69.79
C LEU Q 5 -20.16 -53.61 71.18
N GLN Q 6 -19.32 -54.31 71.93
CA GLN Q 6 -19.02 -53.93 73.30
C GLN Q 6 -18.34 -52.60 73.37
N LYS Q 7 -17.42 -52.36 72.44
CA LYS Q 7 -16.69 -51.10 72.39
C LYS Q 7 -17.59 -49.92 72.01
N ARG Q 8 -18.54 -50.16 71.11
CA ARG Q 8 -19.56 -49.15 70.77
C ARG Q 8 -20.37 -48.74 72.00
N LEU Q 9 -21.10 -49.71 72.56
CA LEU Q 9 -21.91 -49.50 73.76
C LEU Q 9 -21.14 -48.83 74.89
N ALA Q 10 -19.99 -49.41 75.23
CA ALA Q 10 -19.12 -48.86 76.25
C ALA Q 10 -18.97 -47.37 76.09
N SER Q 11 -18.65 -46.95 74.87
CA SER Q 11 -18.45 -45.53 74.59
C SER Q 11 -19.68 -44.69 74.77
N SER Q 12 -20.83 -45.24 74.42
CA SER Q 12 -22.12 -44.57 74.63
C SER Q 12 -22.50 -44.49 76.12
N VAL Q 13 -22.04 -45.45 76.90
CA VAL Q 13 -22.23 -45.42 78.34
C VAL Q 13 -21.30 -44.42 79.00
N LEU Q 14 -20.04 -44.44 78.59
CA LEU Q 14 -19.05 -43.50 79.10
C LEU Q 14 -19.30 -42.06 78.66
N ARG Q 15 -19.83 -41.90 77.45
CA ARG Q 15 -19.90 -40.62 76.77
C ARG Q 15 -18.47 -40.15 76.54
N CYS Q 16 -17.73 -41.01 75.84
CA CYS Q 16 -16.41 -40.68 75.32
C CYS Q 16 -16.41 -41.12 73.85
N GLY Q 17 -15.23 -41.22 73.24
CA GLY Q 17 -15.13 -41.56 71.83
C GLY Q 17 -15.29 -43.02 71.48
N LYS Q 18 -14.51 -43.86 72.15
CA LYS Q 18 -14.13 -45.22 71.75
C LYS Q 18 -12.69 -45.24 71.31
N LYS Q 19 -12.11 -44.06 71.07
CA LYS Q 19 -10.68 -43.86 71.30
C LYS Q 19 -10.39 -44.13 72.77
N LYS Q 20 -11.24 -43.58 73.61
CA LYS Q 20 -11.05 -43.66 75.04
C LYS Q 20 -11.45 -44.98 75.68
N VAL Q 21 -12.37 -45.72 75.07
CA VAL Q 21 -12.72 -47.04 75.62
C VAL Q 21 -11.50 -47.94 75.61
N TRP Q 22 -11.30 -48.63 76.72
CA TRP Q 22 -10.26 -49.63 76.92
C TRP Q 22 -10.94 -50.88 77.41
N LEU Q 23 -10.78 -51.99 76.68
CA LEU Q 23 -11.26 -53.28 77.13
C LEU Q 23 -10.08 -54.11 77.60
N ASP Q 24 -10.13 -54.65 78.81
CA ASP Q 24 -9.07 -55.52 79.32
C ASP Q 24 -8.87 -56.74 78.39
N PRO Q 25 -7.69 -56.85 77.74
CA PRO Q 25 -7.46 -57.96 76.82
C PRO Q 25 -7.30 -59.31 77.51
N ASN Q 26 -7.01 -59.33 78.80
CA ASN Q 26 -7.00 -60.56 79.57
C ASN Q 26 -8.41 -61.10 79.80
N GLU Q 27 -9.30 -60.23 80.25
CA GLU Q 27 -10.66 -60.63 80.60
C GLU Q 27 -11.59 -60.36 79.44
N THR Q 28 -11.36 -61.09 78.35
CA THR Q 28 -12.08 -60.90 77.09
C THR Q 28 -13.40 -61.65 77.07
N ASN Q 29 -13.37 -62.90 77.50
CA ASN Q 29 -14.55 -63.77 77.46
C ASN Q 29 -15.71 -63.19 78.26
N GLU Q 30 -15.38 -62.58 79.40
CA GLU Q 30 -16.38 -61.90 80.23
C GLU Q 30 -17.04 -60.77 79.45
N ILE Q 31 -16.21 -60.00 78.75
CA ILE Q 31 -16.68 -58.88 77.95
C ILE Q 31 -17.53 -59.37 76.78
N ALA Q 32 -17.17 -60.50 76.18
CA ALA Q 32 -17.88 -60.99 75.00
C ALA Q 32 -19.30 -61.47 75.26
N ASN Q 33 -19.65 -61.82 76.50
CA ASN Q 33 -21.04 -62.13 76.87
C ASN Q 33 -21.71 -60.98 77.64
N ALA Q 34 -21.37 -59.75 77.25
CA ALA Q 34 -21.95 -58.53 77.80
C ALA Q 34 -23.10 -58.00 76.98
N ASN Q 35 -23.18 -58.39 75.70
CA ASN Q 35 -24.20 -57.91 74.76
C ASN Q 35 -24.97 -56.62 75.07
N SER Q 36 -25.82 -56.60 76.09
CA SER Q 36 -26.62 -55.43 76.42
C SER Q 36 -25.78 -54.37 77.09
N ARG Q 37 -26.30 -53.16 77.18
CA ARG Q 37 -25.76 -52.19 78.13
C ARG Q 37 -26.54 -52.35 79.42
N GLN Q 38 -25.93 -51.92 80.51
CA GLN Q 38 -26.29 -52.32 81.89
C GLN Q 38 -25.65 -53.65 82.28
N GLN Q 39 -25.36 -54.53 81.31
CA GLN Q 39 -24.33 -55.54 81.50
C GLN Q 39 -23.00 -54.84 81.42
N ILE Q 40 -22.88 -53.95 80.44
CA ILE Q 40 -21.68 -53.15 80.24
C ILE Q 40 -21.44 -52.20 81.40
N ARG Q 41 -22.51 -51.65 81.96
CA ARG Q 41 -22.38 -50.74 83.08
C ARG Q 41 -21.88 -51.47 84.33
N LYS Q 42 -22.26 -52.74 84.49
CA LYS Q 42 -21.68 -53.62 85.50
C LYS Q 42 -20.18 -53.76 85.28
N LEU Q 43 -19.78 -54.08 84.05
CA LEU Q 43 -18.36 -54.27 83.76
C LEU Q 43 -17.53 -53.03 84.06
N ILE Q 44 -18.10 -51.85 83.79
CA ILE Q 44 -17.42 -50.59 84.06
C ILE Q 44 -17.11 -50.48 85.54
N LYS Q 45 -18.06 -50.83 86.40
CA LYS Q 45 -17.85 -50.72 87.86
C LYS Q 45 -16.80 -51.72 88.38
N ASP Q 46 -16.66 -52.86 87.71
CA ASP Q 46 -15.66 -53.85 88.08
C ASP Q 46 -14.24 -53.53 87.59
N GLY Q 47 -14.12 -52.65 86.60
CA GLY Q 47 -12.82 -52.22 86.08
C GLY Q 47 -12.25 -53.12 84.99
N LEU Q 48 -13.13 -53.70 84.17
CA LEU Q 48 -12.73 -54.47 82.99
C LEU Q 48 -12.71 -53.56 81.78
N ILE Q 49 -13.79 -52.81 81.59
CA ILE Q 49 -13.81 -51.75 80.59
C ILE Q 49 -13.62 -50.44 81.34
N ILE Q 50 -12.81 -49.55 80.77
CA ILE Q 50 -12.38 -48.31 81.43
C ILE Q 50 -12.35 -47.19 80.41
N ARG Q 51 -12.51 -45.97 80.88
CA ARG Q 51 -12.26 -44.78 80.08
C ARG Q 51 -10.80 -44.37 80.24
N LYS Q 52 -10.07 -44.36 79.13
CA LYS Q 52 -8.68 -43.88 79.11
C LYS Q 52 -8.65 -42.37 79.30
N PRO Q 53 -7.52 -41.86 79.79
CA PRO Q 53 -7.40 -40.43 79.98
C PRO Q 53 -7.13 -39.74 78.67
N VAL Q 54 -7.22 -38.41 78.69
CA VAL Q 54 -7.00 -37.60 77.51
C VAL Q 54 -5.52 -37.68 77.14
N THR Q 55 -5.26 -37.59 75.85
CA THR Q 55 -3.91 -37.49 75.35
C THR Q 55 -3.44 -36.09 75.66
N VAL Q 56 -2.38 -35.96 76.46
CA VAL Q 56 -1.99 -34.63 76.96
C VAL Q 56 -1.44 -33.74 75.85
N HIS Q 57 -2.00 -32.53 75.78
CA HIS Q 57 -1.51 -31.51 74.88
C HIS Q 57 -1.22 -30.30 75.74
N SER Q 58 -0.01 -30.24 76.24
CA SER Q 58 0.42 -29.14 77.08
C SER Q 58 0.34 -27.78 76.42
N ARG Q 59 0.09 -26.79 77.24
CA ARG Q 59 0.03 -25.40 76.87
C ARG Q 59 1.30 -24.72 77.36
N ALA Q 60 2.19 -25.47 78.01
CA ALA Q 60 3.26 -24.88 78.82
C ALA Q 60 4.28 -24.18 77.98
N ARG Q 61 4.73 -24.88 76.96
CA ARG Q 61 5.70 -24.34 76.03
C ARG Q 61 5.24 -23.03 75.41
N CYS Q 62 3.95 -22.95 75.14
CA CYS Q 62 3.37 -21.73 74.63
C CYS Q 62 3.26 -20.64 75.69
N ARG Q 63 2.86 -21.00 76.91
CA ARG Q 63 2.82 -20.03 78.01
C ARG Q 63 4.18 -19.38 78.24
N LYS Q 64 5.23 -20.20 78.20
CA LYS Q 64 6.60 -19.71 78.36
C LYS Q 64 6.99 -18.73 77.27
N ASN Q 65 6.56 -19.00 76.06
CA ASN Q 65 6.83 -18.09 74.94
C ASN Q 65 6.02 -16.81 75.01
N THR Q 66 4.77 -16.87 75.45
CA THR Q 66 3.99 -15.64 75.61
C THR Q 66 4.58 -14.71 76.66
N LEU Q 67 5.04 -15.28 77.77
CA LEU Q 67 5.76 -14.50 78.78
C LEU Q 67 7.01 -13.83 78.23
N ALA Q 68 7.64 -14.47 77.24
CA ALA Q 68 8.72 -13.82 76.51
C ALA Q 68 8.18 -12.67 75.68
N ARG Q 69 7.13 -12.91 74.89
CA ARG Q 69 6.53 -11.83 74.09
C ARG Q 69 6.22 -10.60 74.94
N ARG Q 70 5.59 -10.82 76.11
CA ARG Q 70 5.27 -9.73 77.04
C ARG Q 70 6.48 -8.86 77.37
N LYS Q 71 7.59 -9.49 77.72
CA LYS Q 71 8.86 -8.78 77.96
C LYS Q 71 9.29 -7.98 76.74
N GLY Q 72 8.97 -8.49 75.56
CA GLY Q 72 9.24 -7.82 74.29
C GLY Q 72 10.27 -8.67 73.61
N ARG Q 73 9.79 -9.68 72.89
CA ARG Q 73 10.64 -10.77 72.43
C ARG Q 73 9.95 -11.51 71.30
N HIS Q 74 10.73 -11.94 70.30
CA HIS Q 74 10.22 -12.64 69.11
C HIS Q 74 9.27 -11.72 68.32
N MET Q 75 9.47 -10.42 68.50
CA MET Q 75 8.49 -9.39 68.10
C MET Q 75 9.11 -8.33 67.20
N GLY Q 76 10.36 -8.52 66.79
CA GLY Q 76 11.03 -7.54 65.98
C GLY Q 76 10.57 -7.63 64.54
N ILE Q 77 11.08 -6.71 63.74
CA ILE Q 77 10.79 -6.61 62.31
C ILE Q 77 10.70 -7.98 61.65
N GLY Q 78 11.73 -8.80 61.85
CA GLY Q 78 11.79 -10.08 61.19
C GLY Q 78 10.86 -11.17 61.67
N LYS Q 79 9.86 -10.85 62.48
CA LYS Q 79 8.84 -11.82 62.83
C LYS Q 79 7.50 -11.10 62.80
N ARG Q 80 7.27 -10.39 61.71
CA ARG Q 80 6.05 -9.63 61.52
C ARG Q 80 5.63 -9.81 60.10
N LYS Q 81 4.53 -10.52 59.90
CA LYS Q 81 4.05 -10.83 58.57
C LYS Q 81 2.91 -9.94 58.12
N GLY Q 82 2.21 -9.35 59.09
CA GLY Q 82 1.09 -8.48 58.80
C GLY Q 82 1.54 -7.04 58.82
N THR Q 83 0.84 -6.22 58.04
CA THR Q 83 1.05 -4.78 58.06
C THR Q 83 0.84 -4.22 59.46
N ALA Q 84 1.43 -3.06 59.69
CA ALA Q 84 1.24 -2.38 60.96
C ALA Q 84 -0.25 -2.26 61.28
N ASN Q 85 -1.01 -1.71 60.32
CA ASN Q 85 -2.43 -1.49 60.49
C ASN Q 85 -3.20 -2.80 60.72
N ALA Q 86 -2.77 -3.89 60.10
CA ALA Q 86 -3.38 -5.21 60.40
C ALA Q 86 -3.09 -5.69 61.81
N ARG Q 87 -1.86 -5.44 62.28
CA ARG Q 87 -1.44 -5.89 63.59
C ARG Q 87 -2.11 -5.12 64.71
N MET Q 88 -2.16 -3.80 64.59
CA MET Q 88 -2.91 -2.96 65.52
C MET Q 88 -3.57 -1.86 64.70
N PRO Q 89 -4.88 -1.95 64.49
CA PRO Q 89 -5.52 -1.05 63.55
C PRO Q 89 -5.57 0.38 64.01
N GLU Q 90 -5.21 1.27 63.11
CA GLU Q 90 -5.11 2.69 63.40
C GLU Q 90 -6.44 3.25 63.87
N LYS Q 91 -7.54 2.75 63.32
CA LYS Q 91 -8.86 3.16 63.77
C LYS Q 91 -9.05 2.84 65.23
N VAL Q 92 -8.67 1.65 65.63
CA VAL Q 92 -8.82 1.27 67.02
C VAL Q 92 -7.94 2.15 67.87
N THR Q 93 -6.71 2.31 67.46
CA THR Q 93 -5.80 3.16 68.21
C THR Q 93 -6.43 4.53 68.45
N TRP Q 94 -6.97 5.14 67.39
CA TRP Q 94 -7.63 6.42 67.51
C TRP Q 94 -8.79 6.38 68.47
N MET Q 95 -9.62 5.34 68.39
CA MET Q 95 -10.78 5.21 69.27
C MET Q 95 -10.36 5.20 70.73
N ARG Q 96 -9.39 4.36 71.07
CA ARG Q 96 -8.83 4.36 72.41
C ARG Q 96 -8.46 5.77 72.84
N ARG Q 97 -7.65 6.44 72.01
CA ARG Q 97 -7.18 7.77 72.33
C ARG Q 97 -8.33 8.74 72.58
N MET Q 98 -9.26 8.82 71.64
CA MET Q 98 -10.41 9.70 71.82
C MET Q 98 -11.09 9.41 73.12
N ARG Q 99 -11.44 8.14 73.32
CA ARG Q 99 -12.18 7.77 74.52
C ARG Q 99 -11.41 8.01 75.81
N ILE Q 100 -10.09 8.19 75.72
CA ILE Q 100 -9.32 8.64 76.87
C ILE Q 100 -9.41 10.14 77.04
N LEU Q 101 -9.02 10.88 76.02
CA LEU Q 101 -8.95 12.33 76.13
C LEU Q 101 -10.32 12.97 76.32
N ARG Q 102 -11.36 12.38 75.77
CA ARG Q 102 -12.69 12.91 76.03
C ARG Q 102 -13.07 12.70 77.49
N ARG Q 103 -12.92 11.45 77.93
CA ARG Q 103 -13.16 11.10 79.32
C ARG Q 103 -12.38 12.00 80.27
N LEU Q 104 -11.09 12.18 80.00
CA LEU Q 104 -10.26 13.10 80.77
C LEU Q 104 -10.86 14.50 80.81
N LEU Q 105 -11.32 14.98 79.67
CA LEU Q 105 -11.94 16.30 79.58
C LEU Q 105 -13.24 16.42 80.37
N ARG Q 106 -14.15 15.46 80.30
CA ARG Q 106 -15.39 15.62 81.07
C ARG Q 106 -15.20 15.32 82.56
N ARG Q 107 -14.14 14.61 82.93
CA ARG Q 107 -13.77 14.50 84.35
C ARG Q 107 -13.26 15.82 84.87
N TYR Q 108 -12.45 16.50 84.08
CA TYR Q 108 -11.98 17.86 84.40
C TYR Q 108 -13.13 18.87 84.51
N ARG Q 109 -14.08 18.81 83.59
CA ARG Q 109 -15.20 19.73 83.60
C ARG Q 109 -16.12 19.50 84.79
N GLU Q 110 -16.42 18.24 85.07
CA GLU Q 110 -17.29 17.89 86.19
C GLU Q 110 -16.55 17.75 87.52
N SER Q 111 -15.39 18.41 87.62
CA SER Q 111 -14.74 18.70 88.90
C SER Q 111 -14.55 20.20 89.06
N LYS Q 112 -15.21 21.00 88.22
CA LYS Q 112 -14.99 22.45 88.15
C LYS Q 112 -13.52 22.85 87.88
N LYS Q 113 -12.73 21.95 87.30
CA LYS Q 113 -11.33 22.23 87.02
C LYS Q 113 -11.29 23.22 85.87
N ILE Q 114 -11.99 22.88 84.79
CA ILE Q 114 -12.15 23.76 83.62
C ILE Q 114 -13.61 24.14 83.42
N ASP Q 115 -13.83 25.31 82.85
CA ASP Q 115 -15.17 25.82 82.58
C ASP Q 115 -15.72 25.23 81.28
N ARG Q 116 -16.95 25.63 80.95
CA ARG Q 116 -17.65 25.16 79.75
C ARG Q 116 -16.87 25.50 78.50
N HIS Q 117 -16.44 26.76 78.44
CA HIS Q 117 -15.90 27.35 77.21
C HIS Q 117 -14.49 26.83 76.89
N MET Q 118 -13.70 26.62 77.94
CA MET Q 118 -12.40 25.94 77.85
C MET Q 118 -12.56 24.51 77.33
N TYR Q 119 -13.51 23.79 77.92
CA TYR Q 119 -13.79 22.40 77.56
C TYR Q 119 -14.14 22.27 76.11
N HIS Q 120 -15.01 23.15 75.65
CA HIS Q 120 -15.50 23.04 74.28
C HIS Q 120 -14.39 23.23 73.24
N SER Q 121 -13.47 24.15 73.50
CA SER Q 121 -12.30 24.34 72.62
C SER Q 121 -11.33 23.15 72.65
N LEU Q 122 -11.01 22.66 73.86
CA LEU Q 122 -10.14 21.48 74.01
C LEU Q 122 -10.72 20.29 73.31
N TYR Q 123 -12.02 20.06 73.48
CA TYR Q 123 -12.72 18.96 72.82
C TYR Q 123 -12.47 18.94 71.34
N LEU Q 124 -12.58 20.12 70.74
CA LEU Q 124 -12.38 20.24 69.30
C LEU Q 124 -10.91 20.19 68.89
N LYS Q 125 -10.00 20.60 69.77
CA LYS Q 125 -8.57 20.43 69.49
C LYS Q 125 -8.17 18.97 69.58
N VAL Q 126 -8.62 18.30 70.63
CA VAL Q 126 -8.46 16.85 70.75
C VAL Q 126 -8.90 16.20 69.46
N LYS Q 127 -10.11 16.54 69.01
CA LYS Q 127 -10.67 16.01 67.75
C LYS Q 127 -9.79 16.23 66.52
N GLY Q 128 -9.04 17.32 66.53
CA GLY Q 128 -8.08 17.60 65.47
C GLY Q 128 -6.67 17.17 65.82
N ASN Q 129 -6.56 16.09 66.59
CA ASN Q 129 -5.28 15.58 67.13
C ASN Q 129 -4.17 16.60 67.37
N VAL Q 130 -4.46 17.53 68.27
CA VAL Q 130 -3.45 18.43 68.80
C VAL Q 130 -2.70 17.69 69.92
N PHE Q 131 -3.44 16.94 70.72
CA PHE Q 131 -2.89 16.27 71.89
C PHE Q 131 -2.72 14.78 71.61
N LYS Q 132 -1.47 14.35 71.57
CA LYS Q 132 -1.13 13.01 71.15
C LYS Q 132 -1.31 11.94 72.24
N ASN Q 133 -1.50 12.36 73.49
CA ASN Q 133 -1.78 11.43 74.58
C ASN Q 133 -2.38 12.17 75.78
N LYS Q 134 -2.52 11.51 76.93
CA LYS Q 134 -3.18 12.12 78.09
C LYS Q 134 -2.30 13.11 78.81
N ARG Q 135 -1.07 12.69 79.10
CA ARG Q 135 -0.13 13.51 79.84
C ARG Q 135 0.08 14.88 79.21
N ILE Q 136 0.29 14.93 77.90
CA ILE Q 136 0.48 16.21 77.21
C ILE Q 136 -0.76 17.10 77.22
N LEU Q 137 -1.96 16.50 77.24
CA LEU Q 137 -3.20 17.26 77.30
C LEU Q 137 -3.32 17.96 78.65
N MET Q 138 -3.14 17.21 79.73
CA MET Q 138 -3.11 17.79 81.06
C MET Q 138 -2.20 18.98 81.10
N GLU Q 139 -0.93 18.75 80.76
CA GLU Q 139 0.09 19.81 80.82
C GLU Q 139 -0.28 21.04 80.03
N HIS Q 140 -1.00 20.84 78.93
CA HIS Q 140 -1.54 21.95 78.18
C HIS Q 140 -2.69 22.66 78.92
N ILE Q 141 -3.58 21.90 79.55
CA ILE Q 141 -4.62 22.48 80.38
C ILE Q 141 -4.03 23.29 81.52
N HIS Q 142 -2.97 22.77 82.15
CA HIS Q 142 -2.37 23.46 83.31
C HIS Q 142 -1.82 24.80 82.87
N LYS Q 143 -1.12 24.80 81.73
CA LYS Q 143 -0.57 26.02 81.17
C LYS Q 143 -1.65 27.04 80.84
N LEU Q 144 -2.78 26.58 80.31
CA LEU Q 144 -3.94 27.45 80.07
C LEU Q 144 -4.53 27.98 81.36
N LYS Q 145 -4.61 27.13 82.38
CA LYS Q 145 -5.10 27.57 83.68
C LYS Q 145 -4.22 28.64 84.28
N ALA Q 146 -2.92 28.51 84.12
CA ALA Q 146 -1.98 29.51 84.62
C ALA Q 146 -2.20 30.86 83.94
N ASP Q 147 -2.28 30.87 82.61
CA ASP Q 147 -2.49 32.11 81.87
C ASP Q 147 -3.81 32.79 82.21
N LYS Q 148 -4.86 32.00 82.45
CA LYS Q 148 -6.11 32.56 82.95
C LYS Q 148 -5.93 33.21 84.31
N ALA Q 149 -5.21 32.54 85.21
CA ALA Q 149 -4.93 33.09 86.53
C ALA Q 149 -4.16 34.41 86.47
N ARG Q 150 -3.16 34.48 85.59
CA ARG Q 150 -2.38 35.71 85.39
C ARG Q 150 -3.26 36.83 84.86
N LYS Q 151 -4.00 36.54 83.78
CA LYS Q 151 -4.83 37.55 83.11
C LYS Q 151 -6.10 37.92 83.87
N LYS Q 152 -6.62 37.01 84.70
CA LYS Q 152 -7.78 37.33 85.55
C LYS Q 152 -7.39 38.22 86.71
N LEU Q 153 -6.26 37.90 87.34
CA LEU Q 153 -5.70 38.73 88.41
C LEU Q 153 -5.57 40.18 87.95
N LEU Q 154 -4.87 40.38 86.83
CA LEU Q 154 -4.66 41.72 86.26
C LEU Q 154 -5.96 42.47 85.96
N ALA Q 155 -6.97 41.74 85.48
CA ALA Q 155 -8.30 42.31 85.22
C ALA Q 155 -9.01 42.74 86.52
N ASP Q 156 -8.84 41.95 87.58
CA ASP Q 156 -9.41 42.30 88.89
C ASP Q 156 -8.74 43.53 89.49
N GLN Q 157 -7.42 43.64 89.34
CA GLN Q 157 -6.67 44.82 89.79
C GLN Q 157 -7.10 46.09 89.05
N ALA Q 158 -7.29 45.97 87.73
CA ALA Q 158 -7.78 47.08 86.92
C ALA Q 158 -9.21 47.48 87.26
N GLU Q 159 -10.05 46.49 87.57
CA GLU Q 159 -11.42 46.75 88.02
C GLU Q 159 -11.45 47.43 89.38
N ALA Q 160 -10.56 47.01 90.28
CA ALA Q 160 -10.45 47.60 91.61
C ALA Q 160 -9.97 49.04 91.58
N ARG Q 161 -8.97 49.32 90.74
CA ARG Q 161 -8.53 50.71 90.52
C ARG Q 161 -9.66 51.57 90.00
N ARG Q 162 -10.39 51.05 89.00
CA ARG Q 162 -11.47 51.77 88.36
C ARG Q 162 -12.60 52.14 89.33
N SER Q 163 -12.99 51.19 90.17
CA SER Q 163 -13.99 51.45 91.21
C SER Q 163 -13.53 52.51 92.21
N LYS Q 164 -12.26 52.46 92.60
CA LYS Q 164 -11.68 53.41 93.56
C LYS Q 164 -11.73 54.84 93.04
N THR Q 165 -11.22 55.04 91.82
CA THR Q 165 -11.16 56.36 91.21
C THR Q 165 -12.55 56.90 90.87
N LYS Q 166 -13.43 56.01 90.40
CA LYS Q 166 -14.80 56.39 90.05
C LYS Q 166 -15.62 56.80 91.28
N GLU Q 167 -15.51 56.01 92.35
CA GLU Q 167 -16.19 56.33 93.63
C GLU Q 167 -15.62 57.57 94.29
N ALA Q 168 -14.30 57.77 94.18
CA ALA Q 168 -13.65 58.98 94.70
C ALA Q 168 -14.09 60.25 93.98
N ARG Q 169 -14.30 60.14 92.67
CA ARG Q 169 -14.81 61.24 91.86
C ARG Q 169 -16.29 61.50 92.16
N LYS Q 170 -17.04 60.43 92.38
CA LYS Q 170 -18.42 60.53 92.84
C LYS Q 170 -18.56 61.18 94.22
N ARG Q 171 -17.68 60.81 95.15
CA ARG Q 171 -17.74 61.38 96.50
C ARG Q 171 -17.48 62.87 96.41
N ARG Q 172 -16.52 63.22 95.57
CA ARG Q 172 -16.11 64.62 95.34
C ARG Q 172 -17.25 65.46 94.74
N GLU Q 173 -17.93 64.90 93.74
CA GLU Q 173 -19.08 65.56 93.11
C GLU Q 173 -20.25 65.77 94.06
N GLU Q 174 -20.42 64.85 95.01
CA GLU Q 174 -21.31 65.09 96.13
C GLU Q 174 -20.77 66.30 96.88
N ARG Q 175 -19.46 66.38 97.00
CA ARG Q 175 -18.84 67.38 97.86
C ARG Q 175 -19.19 68.78 97.37
N LEU Q 176 -19.11 68.99 96.06
CA LEU Q 176 -19.51 70.26 95.49
C LEU Q 176 -21.01 70.54 95.65
N GLN Q 177 -21.81 69.51 95.42
CA GLN Q 177 -23.25 69.68 95.35
C GLN Q 177 -23.78 70.12 96.71
N ALA Q 178 -23.21 69.54 97.76
CA ALA Q 178 -23.57 69.93 99.13
C ALA Q 178 -23.13 71.35 99.48
N LYS Q 179 -21.93 71.71 99.02
CA LYS Q 179 -21.38 73.06 99.22
C LYS Q 179 -22.17 74.16 98.49
N LYS Q 180 -22.63 73.87 97.27
CA LYS Q 180 -23.30 74.83 96.38
C LYS Q 180 -22.40 76.05 96.08
N LYS R 1 16.89 -68.57 -48.49
CA LYS R 1 18.04 -69.53 -48.46
C LYS R 1 18.58 -69.79 -47.05
N ALA R 2 18.86 -71.06 -46.76
CA ALA R 2 19.68 -71.44 -45.61
C ALA R 2 20.87 -72.20 -46.19
N SER R 3 21.20 -73.40 -45.68
CA SER R 3 22.32 -74.18 -46.19
C SER R 3 22.35 -75.63 -45.66
N GLY R 4 23.35 -76.38 -46.11
CA GLY R 4 23.71 -77.67 -45.53
C GLY R 4 25.15 -77.93 -45.96
N THR R 5 25.28 -78.62 -47.09
CA THR R 5 26.36 -78.35 -48.05
C THR R 5 25.70 -78.20 -49.39
N LEU R 6 26.12 -77.19 -50.15
CA LEU R 6 25.44 -76.84 -51.37
C LEU R 6 25.85 -77.75 -52.50
N ARG R 7 25.02 -77.77 -53.53
CA ARG R 7 25.30 -78.42 -54.79
C ARG R 7 25.21 -77.38 -55.89
N GLU R 8 26.13 -77.46 -56.83
CA GLU R 8 26.01 -76.70 -58.07
C GLU R 8 24.80 -77.22 -58.83
N TYR R 9 23.90 -76.31 -59.23
CA TYR R 9 22.82 -76.65 -60.14
C TYR R 9 22.92 -75.81 -61.39
N LYS R 10 22.71 -76.46 -62.53
CA LYS R 10 22.51 -75.79 -63.78
C LYS R 10 21.01 -75.67 -63.92
N VAL R 11 20.53 -74.44 -64.07
CA VAL R 11 19.11 -74.16 -64.27
C VAL R 11 19.02 -73.35 -65.50
N VAL R 12 18.23 -73.80 -66.48
CA VAL R 12 17.93 -72.97 -67.65
C VAL R 12 16.44 -72.79 -67.75
N GLY R 13 16.02 -71.59 -68.12
CA GLY R 13 14.61 -71.25 -68.16
C GLY R 13 14.33 -70.12 -69.12
N ARG R 14 13.10 -70.06 -69.62
CA ARG R 14 12.73 -69.06 -70.61
C ARG R 14 11.38 -68.46 -70.29
N CYS R 15 11.18 -67.22 -70.69
CA CYS R 15 9.89 -66.58 -70.56
C CYS R 15 9.04 -67.25 -71.62
N LEU R 16 7.90 -67.82 -71.22
CA LEU R 16 7.21 -68.81 -72.05
C LEU R 16 6.57 -68.15 -73.28
N PRO R 17 6.39 -68.92 -74.36
CA PRO R 17 6.10 -68.29 -75.64
C PRO R 17 4.72 -67.69 -75.75
N THR R 18 4.62 -66.69 -76.62
CA THR R 18 3.37 -65.99 -76.92
C THR R 18 3.14 -66.04 -78.44
N PRO R 19 2.06 -65.41 -78.93
CA PRO R 19 1.95 -65.10 -80.36
C PRO R 19 3.08 -64.22 -80.90
N LYS R 20 3.44 -63.16 -80.16
CA LYS R 20 4.44 -62.20 -80.63
C LYS R 20 5.88 -62.74 -80.64
N CYS R 21 6.32 -63.35 -79.53
CA CYS R 21 7.65 -63.95 -79.43
C CYS R 21 7.53 -65.47 -79.37
N ARG R 22 7.57 -66.09 -80.55
CA ARG R 22 7.26 -67.52 -80.69
C ARG R 22 8.33 -68.45 -80.10
N THR R 23 9.59 -68.09 -80.30
CA THR R 23 10.73 -68.87 -79.78
C THR R 23 11.60 -67.95 -78.92
N PRO R 24 11.18 -67.71 -77.67
CA PRO R 24 11.92 -66.83 -76.77
C PRO R 24 13.23 -67.44 -76.30
N PRO R 25 14.20 -66.60 -75.92
CA PRO R 25 15.55 -67.06 -75.69
C PRO R 25 15.67 -67.78 -74.37
N LEU R 26 16.61 -68.72 -74.29
CA LEU R 26 16.88 -69.42 -73.05
C LEU R 26 17.97 -68.69 -72.28
N TYR R 27 17.88 -68.81 -70.96
CA TYR R 27 18.85 -68.26 -70.04
C TYR R 27 19.27 -69.37 -69.09
N ARG R 28 20.57 -69.45 -68.84
CA ARG R 28 21.17 -70.47 -67.99
C ARG R 28 21.79 -69.77 -66.81
N MET R 29 21.92 -70.47 -65.68
CA MET R 29 22.59 -69.92 -64.48
C MET R 29 23.28 -71.00 -63.67
N ARG R 30 24.21 -70.57 -62.84
CA ARG R 30 24.91 -71.46 -61.89
C ARG R 30 24.37 -71.14 -60.50
N ILE R 31 23.50 -72.02 -60.00
CA ILE R 31 22.74 -71.75 -58.79
C ILE R 31 23.21 -72.70 -57.71
N PHE R 32 23.79 -72.17 -56.65
CA PHE R 32 24.28 -73.02 -55.58
C PHE R 32 23.22 -73.12 -54.53
N ALA R 33 22.88 -74.35 -54.15
CA ALA R 33 21.82 -74.57 -53.18
C ALA R 33 21.84 -75.98 -52.61
N PRO R 34 21.16 -76.20 -51.48
CA PRO R 34 21.01 -77.52 -50.89
C PRO R 34 20.24 -78.53 -51.72
N ASN R 35 19.28 -78.07 -52.51
CA ASN R 35 18.49 -78.97 -53.35
C ASN R 35 17.76 -78.28 -54.50
N HIS R 36 17.30 -79.10 -55.45
CA HIS R 36 16.68 -78.60 -56.66
C HIS R 36 15.46 -77.73 -56.46
N VAL R 37 14.73 -77.95 -55.36
CA VAL R 37 13.53 -77.16 -55.09
C VAL R 37 13.89 -75.71 -54.88
N VAL R 38 14.93 -75.48 -54.09
CA VAL R 38 15.31 -74.12 -53.73
C VAL R 38 16.22 -73.51 -54.80
N ALA R 39 16.94 -74.36 -55.52
CA ALA R 39 17.73 -73.94 -56.68
C ALA R 39 16.86 -73.27 -57.70
N LYS R 40 15.77 -73.92 -58.06
CA LYS R 40 14.79 -73.35 -58.97
C LYS R 40 14.21 -72.04 -58.47
N SER R 41 13.98 -71.94 -57.17
CA SER R 41 13.58 -70.66 -56.58
C SER R 41 14.66 -69.62 -56.79
N ARG R 42 15.88 -69.95 -56.38
CA ARG R 42 17.00 -69.02 -56.51
C ARG R 42 17.19 -68.55 -57.92
N PHE R 43 17.02 -69.46 -58.87
CA PHE R 43 17.08 -69.10 -60.27
C PHE R 43 16.07 -68.01 -60.59
N TRP R 44 14.82 -68.20 -60.20
CA TRP R 44 13.80 -67.19 -60.52
C TRP R 44 14.13 -65.84 -59.91
N TYR R 45 14.72 -65.86 -58.72
CA TYR R 45 15.14 -64.63 -58.02
C TYR R 45 16.13 -63.83 -58.81
N PHE R 46 17.17 -64.50 -59.31
CA PHE R 46 18.19 -63.81 -60.09
C PHE R 46 17.64 -63.39 -61.42
N VAL R 47 16.85 -64.25 -62.02
CA VAL R 47 16.28 -63.95 -63.31
C VAL R 47 15.30 -62.79 -63.26
N SER R 48 14.53 -62.66 -62.18
CA SER R 48 13.68 -61.48 -62.03
C SER R 48 14.49 -60.22 -61.86
N GLN R 49 15.62 -60.29 -61.17
CA GLN R 49 16.49 -59.11 -61.01
C GLN R 49 16.99 -58.59 -62.35
N LEU R 50 17.36 -59.50 -63.25
CA LEU R 50 17.99 -59.12 -64.49
C LEU R 50 16.98 -58.83 -65.57
N LYS R 51 16.16 -59.82 -65.90
CA LYS R 51 15.18 -59.71 -66.97
C LYS R 51 13.78 -59.50 -66.40
N LYS R 52 12.91 -58.88 -67.18
CA LYS R 52 11.47 -58.92 -66.90
C LYS R 52 10.97 -60.34 -67.09
N MET R 53 11.11 -61.15 -66.04
CA MET R 53 10.75 -62.55 -66.12
C MET R 53 10.53 -63.09 -64.72
N LYS R 54 9.31 -63.56 -64.48
CA LYS R 54 8.90 -64.10 -63.21
C LYS R 54 8.56 -65.57 -63.42
N LYS R 55 8.41 -66.29 -62.31
CA LYS R 55 8.08 -67.72 -62.36
C LYS R 55 6.76 -68.00 -63.09
N SER R 56 5.80 -67.08 -62.97
CA SER R 56 4.51 -67.22 -63.64
C SER R 56 4.66 -67.11 -65.14
N SER R 57 5.35 -66.06 -65.58
CA SER R 57 5.52 -65.77 -67.00
C SER R 57 6.55 -66.64 -67.71
N GLY R 58 7.23 -67.52 -66.98
CA GLY R 58 8.26 -68.38 -67.57
C GLY R 58 8.09 -69.85 -67.25
N GLU R 59 9.03 -70.65 -67.76
CA GLU R 59 9.13 -72.05 -67.40
C GLU R 59 10.58 -72.44 -67.28
N ILE R 60 10.89 -73.21 -66.24
CA ILE R 60 12.22 -73.78 -66.09
C ILE R 60 12.27 -75.00 -66.96
N VAL R 61 13.20 -74.96 -67.90
CA VAL R 61 13.34 -75.95 -68.93
C VAL R 61 14.10 -77.14 -68.35
N TYR R 62 15.28 -76.86 -67.84
CA TYR R 62 16.18 -77.88 -67.34
C TYR R 62 16.81 -77.44 -66.06
N CYS R 63 16.52 -78.17 -64.98
CA CYS R 63 17.28 -78.05 -63.75
C CYS R 63 18.02 -79.36 -63.56
N GLY R 64 19.33 -79.28 -63.39
CA GLY R 64 20.14 -80.46 -63.13
C GLY R 64 21.38 -80.15 -62.33
N GLN R 65 21.78 -81.11 -61.49
CA GLN R 65 22.99 -80.99 -60.67
C GLN R 65 24.17 -81.06 -61.59
N VAL R 66 25.23 -80.33 -61.24
CA VAL R 66 26.47 -80.37 -61.99
C VAL R 66 27.56 -80.89 -61.07
N PHE R 67 28.28 -81.90 -61.52
CA PHE R 67 29.28 -82.57 -60.72
C PHE R 67 30.61 -81.92 -60.98
N GLU R 68 31.48 -81.97 -59.96
CA GLU R 68 32.84 -81.48 -60.11
C GLU R 68 33.56 -82.45 -61.03
N LYS R 69 34.18 -81.89 -62.07
CA LYS R 69 34.86 -82.70 -63.09
C LYS R 69 36.25 -83.15 -62.68
N SER R 70 36.81 -82.50 -61.66
CA SER R 70 38.08 -82.92 -61.07
C SER R 70 37.99 -82.93 -59.54
N PRO R 71 37.20 -83.86 -58.96
CA PRO R 71 37.04 -83.94 -57.51
C PRO R 71 38.34 -84.12 -56.77
N LEU R 72 39.19 -85.03 -57.24
CA LEU R 72 40.37 -85.43 -56.48
C LEU R 72 41.58 -84.53 -56.70
N ARG R 73 41.48 -83.56 -57.59
CA ARG R 73 42.43 -82.46 -57.64
C ARG R 73 42.11 -81.46 -56.54
N VAL R 74 43.13 -80.74 -56.09
CA VAL R 74 42.96 -79.65 -55.11
C VAL R 74 43.19 -78.31 -55.83
N LYS R 75 42.18 -77.46 -55.80
CA LYS R 75 42.14 -76.24 -56.63
C LYS R 75 41.93 -75.01 -55.78
N ASN R 76 42.17 -73.86 -56.41
CA ASN R 76 41.97 -72.56 -55.77
C ASN R 76 40.86 -71.82 -56.47
N PHE R 77 39.72 -71.72 -55.81
CA PHE R 77 38.58 -71.02 -56.33
C PHE R 77 38.63 -69.58 -55.88
N GLY R 78 38.56 -68.68 -56.85
CA GLY R 78 38.28 -67.27 -56.63
C GLY R 78 36.79 -67.07 -56.80
N ILE R 79 36.17 -66.44 -55.81
CA ILE R 79 34.72 -66.31 -55.75
C ILE R 79 34.39 -64.84 -55.53
N TRP R 80 33.53 -64.30 -56.38
CA TRP R 80 33.12 -62.91 -56.32
C TRP R 80 31.74 -62.86 -55.71
N LEU R 81 31.59 -61.95 -54.75
CA LEU R 81 30.42 -61.91 -53.88
C LEU R 81 29.64 -60.67 -54.15
N ARG R 82 28.56 -60.51 -53.41
CA ARG R 82 27.87 -59.24 -53.29
C ARG R 82 26.97 -59.39 -52.08
N TYR R 83 27.43 -58.96 -50.92
CA TYR R 83 26.61 -59.11 -49.71
C TYR R 83 25.85 -57.84 -49.36
N ASP R 84 25.10 -57.90 -48.28
CA ASP R 84 24.47 -56.74 -47.71
C ASP R 84 24.96 -56.62 -46.27
N SER R 85 25.49 -55.46 -45.90
CA SER R 85 25.92 -55.22 -44.52
C SER R 85 24.70 -54.91 -43.70
N ARG R 86 24.92 -54.56 -42.44
CA ARG R 86 23.92 -53.82 -41.67
C ARG R 86 23.73 -52.47 -42.34
N SER R 87 24.85 -51.88 -42.74
CA SER R 87 24.89 -50.68 -43.56
C SER R 87 24.52 -51.02 -45.01
N GLY R 88 25.28 -50.50 -45.98
CA GLY R 88 24.98 -50.72 -47.40
C GLY R 88 25.51 -52.03 -47.96
N THR R 89 25.21 -52.26 -49.23
CA THR R 89 25.62 -53.46 -49.91
C THR R 89 27.03 -53.29 -50.46
N HIS R 90 27.71 -54.41 -50.63
CA HIS R 90 29.15 -54.47 -50.77
C HIS R 90 29.55 -55.49 -51.83
N ASN R 91 30.79 -55.39 -52.32
CA ASN R 91 31.39 -56.42 -53.19
C ASN R 91 32.58 -57.02 -52.50
N MET R 92 32.86 -58.28 -52.79
CA MET R 92 34.09 -58.89 -52.33
C MET R 92 34.68 -59.72 -53.41
N TYR R 93 35.93 -60.08 -53.21
CA TYR R 93 36.54 -61.22 -53.88
C TYR R 93 37.23 -62.01 -52.80
N ARG R 94 36.75 -63.22 -52.57
CA ARG R 94 37.35 -64.11 -51.60
C ARG R 94 38.09 -65.16 -52.39
N GLU R 95 38.95 -65.91 -51.72
CA GLU R 95 39.61 -67.05 -52.33
C GLU R 95 39.55 -68.20 -51.36
N TYR R 96 39.21 -69.38 -51.86
CA TYR R 96 39.17 -70.56 -51.02
C TYR R 96 39.91 -71.64 -51.73
N ARG R 97 40.25 -72.67 -50.98
CA ARG R 97 41.00 -73.77 -51.50
C ARG R 97 40.15 -74.98 -51.19
N ASP R 98 39.82 -75.74 -52.23
CA ASP R 98 38.90 -76.86 -52.08
C ASP R 98 39.05 -77.92 -53.17
N LEU R 99 38.42 -79.04 -52.91
CA LEU R 99 38.27 -80.11 -53.86
C LEU R 99 37.13 -79.84 -54.84
N THR R 100 36.18 -78.96 -54.52
CA THR R 100 34.99 -78.72 -55.36
C THR R 100 34.53 -77.27 -55.34
N THR R 101 33.80 -76.87 -56.38
CA THR R 101 33.19 -75.53 -56.44
C THR R 101 32.15 -75.36 -55.36
N ALA R 102 31.22 -76.31 -55.31
CA ALA R 102 30.13 -76.28 -54.33
C ALA R 102 30.69 -76.17 -52.91
N GLY R 103 31.68 -77.00 -52.62
CA GLY R 103 32.40 -76.96 -51.36
C GLY R 103 33.02 -75.60 -51.12
N ALA R 104 33.64 -75.05 -52.15
CA ALA R 104 34.22 -73.73 -52.06
C ALA R 104 33.18 -72.62 -51.83
N VAL R 105 31.98 -72.79 -52.35
CA VAL R 105 30.92 -71.82 -52.08
C VAL R 105 30.37 -72.04 -50.69
N THR R 106 30.14 -73.29 -50.30
CA THR R 106 29.74 -73.60 -48.92
C THR R 106 30.72 -72.97 -47.94
N GLN R 107 32.00 -73.26 -48.18
CA GLN R 107 33.13 -72.71 -47.42
C GLN R 107 33.15 -71.17 -47.36
N CYS R 108 32.68 -70.53 -48.42
CA CYS R 108 32.49 -69.07 -48.44
C CYS R 108 31.38 -68.62 -47.50
N TYR R 109 30.19 -69.17 -47.72
CA TYR R 109 29.05 -68.84 -46.88
C TYR R 109 29.38 -68.92 -45.41
N ARG R 110 30.07 -69.98 -45.01
CA ARG R 110 30.44 -70.13 -43.61
C ARG R 110 31.33 -68.98 -43.16
N ASP R 111 32.29 -68.61 -43.98
CA ASP R 111 33.19 -67.52 -43.64
C ASP R 111 32.44 -66.21 -43.50
N MET R 112 31.55 -65.93 -44.45
CA MET R 112 30.74 -64.70 -44.40
C MET R 112 29.93 -64.59 -43.13
N GLY R 113 29.32 -65.71 -42.74
CA GLY R 113 28.65 -65.85 -41.46
C GLY R 113 29.60 -65.46 -40.35
N ALA R 114 30.76 -66.11 -40.31
CA ALA R 114 31.72 -65.87 -39.24
C ALA R 114 32.30 -64.46 -39.29
N ARG R 115 32.86 -64.08 -40.42
CA ARG R 115 33.68 -62.86 -40.51
C ARG R 115 32.89 -61.60 -40.58
N HIS R 116 31.65 -61.66 -41.06
CA HIS R 116 30.84 -60.46 -41.25
C HIS R 116 29.43 -60.53 -40.65
N ARG R 117 29.09 -61.63 -39.99
CA ARG R 117 27.70 -61.92 -39.62
C ARG R 117 26.75 -61.62 -40.78
N ALA R 118 27.08 -62.18 -41.93
CA ALA R 118 26.28 -62.04 -43.10
C ALA R 118 25.50 -63.33 -43.26
N ARG R 119 24.18 -63.22 -43.27
CA ARG R 119 23.33 -64.39 -43.32
C ARG R 119 23.02 -64.70 -44.78
N ALA R 120 22.90 -65.98 -45.08
CA ALA R 120 22.74 -66.49 -46.44
C ALA R 120 21.92 -65.61 -47.36
N HIS R 121 20.72 -65.25 -46.89
CA HIS R 121 19.79 -64.50 -47.70
C HIS R 121 20.34 -63.14 -48.16
N SER R 122 21.25 -62.57 -47.40
CA SER R 122 21.91 -61.32 -47.77
C SER R 122 22.91 -61.44 -48.95
N ILE R 123 23.46 -62.63 -49.16
CA ILE R 123 24.61 -62.83 -50.05
C ILE R 123 24.18 -63.21 -51.46
N GLN R 124 24.98 -62.77 -52.43
CA GLN R 124 24.87 -63.17 -53.83
C GLN R 124 26.24 -63.59 -54.34
N ILE R 125 26.34 -64.82 -54.83
CA ILE R 125 27.53 -65.27 -55.53
C ILE R 125 27.33 -64.89 -56.98
N MET R 126 28.31 -64.18 -57.56
CA MET R 126 28.24 -63.82 -58.97
C MET R 126 29.01 -64.85 -59.79
N LYS R 127 30.34 -64.84 -59.70
CA LYS R 127 31.17 -65.86 -60.38
C LYS R 127 32.02 -66.63 -59.41
N VAL R 128 32.24 -67.90 -59.73
CA VAL R 128 33.17 -68.73 -58.99
C VAL R 128 34.05 -69.35 -60.06
N GLU R 129 35.36 -69.17 -59.91
CA GLU R 129 36.33 -69.50 -60.95
C GLU R 129 37.50 -70.22 -60.35
N GLU R 130 37.79 -71.42 -60.83
CA GLU R 130 39.02 -72.11 -60.42
C GLU R 130 40.19 -71.37 -61.05
N ILE R 131 41.25 -71.22 -60.28
CA ILE R 131 42.32 -70.27 -60.55
C ILE R 131 43.66 -71.00 -60.40
N ALA R 132 44.70 -70.46 -61.02
CA ALA R 132 46.02 -71.07 -60.99
C ALA R 132 46.69 -70.96 -59.62
N ALA R 133 47.93 -71.41 -59.53
CA ALA R 133 48.78 -71.12 -58.36
C ALA R 133 48.96 -69.62 -58.23
N SER R 134 49.35 -68.99 -59.34
CA SER R 134 49.35 -67.55 -59.47
C SER R 134 47.93 -67.08 -59.69
N LYS R 135 47.75 -65.76 -59.79
CA LYS R 135 46.42 -65.13 -59.80
C LYS R 135 45.70 -65.34 -58.47
N CYS R 136 46.46 -65.66 -57.43
CA CYS R 136 45.92 -65.86 -56.11
C CYS R 136 46.43 -64.67 -55.31
N ARG R 137 45.51 -63.81 -54.91
CA ARG R 137 45.85 -62.59 -54.21
C ARG R 137 46.02 -62.81 -52.71
N ARG R 138 45.33 -63.80 -52.15
CA ARG R 138 45.23 -63.96 -50.70
C ARG R 138 46.34 -64.84 -50.11
N PRO R 139 47.14 -64.28 -49.19
CA PRO R 139 48.26 -65.01 -48.59
C PRO R 139 47.84 -66.16 -47.68
N ALA R 140 46.61 -66.14 -47.19
CA ALA R 140 46.02 -67.30 -46.52
C ALA R 140 46.06 -68.52 -47.44
N VAL R 141 45.71 -68.30 -48.70
CA VAL R 141 45.74 -69.35 -49.72
C VAL R 141 47.16 -69.62 -50.21
N LYS R 142 47.95 -68.56 -50.38
CA LYS R 142 49.30 -68.69 -50.94
C LYS R 142 50.28 -69.56 -50.14
N GLN R 143 50.15 -69.57 -48.81
CA GLN R 143 51.08 -70.30 -47.97
C GLN R 143 51.08 -71.82 -48.23
N PHE R 144 49.99 -72.34 -48.76
CA PHE R 144 49.92 -73.76 -49.14
C PHE R 144 50.49 -74.05 -50.52
N HIS R 145 50.67 -73.02 -51.34
CA HIS R 145 51.36 -73.19 -52.61
C HIS R 145 52.85 -73.38 -52.39
N ASP R 146 53.24 -74.63 -52.20
CA ASP R 146 54.62 -74.99 -51.85
C ASP R 146 54.81 -76.49 -52.00
N SER R 147 55.92 -76.88 -52.60
CA SER R 147 56.15 -78.26 -52.99
C SER R 147 56.50 -79.11 -51.79
N LYS R 148 57.53 -78.70 -51.05
CA LYS R 148 57.96 -79.41 -49.86
C LYS R 148 57.28 -78.75 -48.67
N ILE R 149 55.97 -78.93 -48.58
CA ILE R 149 55.22 -78.40 -47.45
C ILE R 149 55.39 -79.33 -46.27
N LYS R 150 55.46 -78.72 -45.10
CA LYS R 150 55.93 -79.39 -43.90
C LYS R 150 55.40 -78.59 -42.73
N PHE R 151 54.75 -79.28 -41.80
CA PHE R 151 54.42 -78.69 -40.51
C PHE R 151 54.02 -79.76 -39.50
N PRO R 152 54.23 -79.49 -38.21
CA PRO R 152 53.76 -80.36 -37.15
C PRO R 152 52.33 -80.04 -36.73
N LEU R 153 51.75 -80.98 -35.99
CA LEU R 153 50.45 -80.82 -35.39
C LEU R 153 50.73 -80.65 -33.88
N PRO R 154 51.07 -79.41 -33.45
CA PRO R 154 51.82 -79.19 -32.21
C PRO R 154 51.09 -79.53 -30.90
N HIS R 155 50.18 -78.66 -30.44
CA HIS R 155 49.52 -78.84 -29.15
C HIS R 155 48.25 -79.62 -29.45
N ARG R 156 48.42 -80.92 -29.64
CA ARG R 156 47.40 -81.75 -30.20
C ARG R 156 46.45 -82.15 -29.09
N VAL R 157 45.49 -81.26 -28.83
CA VAL R 157 44.56 -81.43 -27.72
C VAL R 157 43.70 -82.69 -27.89
N LEU R 158 43.46 -83.42 -26.80
CA LEU R 158 42.70 -84.65 -26.89
C LEU R 158 41.20 -84.38 -27.01
N ARG R 159 40.54 -85.26 -27.75
CA ARG R 159 39.11 -85.46 -27.66
C ARG R 159 38.99 -86.81 -26.99
N ARG R 160 37.79 -87.38 -26.94
CA ARG R 160 37.53 -88.55 -26.09
C ARG R 160 37.85 -88.15 -24.66
N GLN R 161 37.19 -87.09 -24.20
CA GLN R 161 37.30 -86.63 -22.80
C GLN R 161 36.32 -87.35 -21.90
N HIS R 162 35.41 -88.12 -22.49
CA HIS R 162 34.47 -88.92 -21.74
C HIS R 162 34.50 -90.43 -22.04
N LYS R 163 35.41 -90.86 -22.90
CA LYS R 163 36.05 -92.15 -22.70
C LYS R 163 37.14 -91.78 -21.72
N PRO R 164 37.35 -92.64 -20.73
CA PRO R 164 37.53 -92.30 -19.33
C PRO R 164 37.12 -90.87 -18.99
N ARG R 165 35.93 -90.73 -18.42
CA ARG R 165 35.54 -89.46 -17.80
C ARG R 165 36.40 -89.21 -16.55
N PHE R 166 36.77 -90.29 -15.87
CA PHE R 166 37.75 -90.24 -14.80
C PHE R 166 38.91 -91.14 -15.19
N THR R 167 40.10 -90.78 -14.74
CA THR R 167 41.25 -91.62 -14.96
C THR R 167 42.39 -91.30 -14.04
N THR R 168 43.27 -92.27 -13.94
CA THR R 168 44.52 -92.14 -13.26
C THR R 168 45.47 -91.25 -14.03
N LYS R 169 45.66 -91.55 -15.31
CA LYS R 169 46.66 -90.86 -16.10
C LYS R 169 46.20 -89.47 -16.44
N ARG R 170 47.05 -88.47 -16.18
CA ARG R 170 46.91 -87.16 -16.82
C ARG R 170 47.34 -87.35 -18.25
N PRO R 171 46.68 -86.65 -19.19
CA PRO R 171 46.78 -86.93 -20.61
C PRO R 171 48.14 -86.57 -21.19
N ASN R 172 48.24 -86.54 -22.52
CA ASN R 172 49.46 -86.16 -23.23
C ASN R 172 49.06 -85.42 -24.48
N THR R 173 49.79 -84.38 -24.83
CA THR R 173 49.50 -83.61 -26.03
C THR R 173 50.72 -83.41 -26.92
N PHE R 174 51.79 -84.16 -26.65
CA PHE R 174 52.93 -84.18 -27.53
C PHE R 174 52.83 -85.46 -28.33
N PHE R 175 53.11 -85.37 -29.63
CA PHE R 175 53.09 -86.54 -30.50
C PHE R 175 54.10 -86.41 -31.64
N THR S 1 -16.97 -37.07 -34.88
CA THR S 1 -18.07 -37.74 -35.64
C THR S 1 -18.27 -37.07 -36.99
N ASN S 2 -18.68 -37.87 -37.96
CA ASN S 2 -18.77 -37.41 -39.35
C ASN S 2 -20.16 -36.89 -39.72
N THR S 3 -20.22 -36.05 -40.76
CA THR S 3 -21.50 -35.54 -41.26
C THR S 3 -22.22 -36.60 -42.04
N LYS S 4 -23.53 -36.64 -41.86
CA LYS S 4 -24.37 -37.60 -42.55
C LYS S 4 -24.77 -37.12 -43.95
N GLY S 5 -24.14 -36.06 -44.47
CA GLY S 5 -24.58 -35.44 -45.71
C GLY S 5 -24.62 -36.41 -46.88
N LYS S 6 -25.60 -36.23 -47.77
CA LYS S 6 -25.82 -37.11 -48.90
C LYS S 6 -24.57 -37.29 -49.76
N ARG S 7 -23.99 -36.18 -50.15
CA ARG S 7 -22.90 -36.22 -51.10
C ARG S 7 -21.52 -36.09 -50.44
N ARG S 8 -21.46 -36.33 -49.14
CA ARG S 8 -20.19 -36.29 -48.43
C ARG S 8 -19.24 -37.34 -49.02
N GLY S 9 -18.01 -36.91 -49.29
CA GLY S 9 -16.97 -37.79 -49.81
C GLY S 9 -17.15 -38.22 -51.24
N THR S 10 -17.81 -37.39 -52.04
CA THR S 10 -17.96 -37.67 -53.46
C THR S 10 -17.32 -36.51 -54.21
N ARG S 11 -16.12 -36.14 -53.77
CA ARG S 11 -15.31 -35.12 -54.44
C ARG S 11 -14.71 -35.69 -55.71
N TYR S 12 -14.32 -36.96 -55.65
CA TYR S 12 -13.78 -37.64 -56.79
C TYR S 12 -14.77 -38.56 -57.47
N MET S 13 -15.75 -39.11 -56.74
CA MET S 13 -16.69 -40.06 -57.38
C MET S 13 -17.52 -39.41 -58.45
N PHE S 14 -18.30 -38.40 -58.05
CA PHE S 14 -19.13 -37.67 -59.00
C PHE S 14 -18.30 -36.50 -59.52
N SER S 15 -17.42 -36.81 -60.45
CA SER S 15 -16.61 -35.77 -61.05
C SER S 15 -16.15 -36.29 -62.41
N ARG S 16 -16.57 -35.62 -63.46
CA ARG S 16 -16.34 -36.08 -64.82
C ARG S 16 -14.83 -36.17 -65.05
N PRO S 17 -14.38 -37.26 -65.69
CA PRO S 17 -12.97 -37.50 -65.87
C PRO S 17 -12.28 -36.45 -66.75
N PHE S 18 -10.95 -36.49 -66.73
CA PHE S 18 -10.14 -35.43 -67.32
C PHE S 18 -10.39 -35.26 -68.82
N ARG S 19 -10.79 -34.03 -69.18
CA ARG S 19 -11.21 -33.69 -70.54
C ARG S 19 -12.39 -34.52 -71.02
N LYS S 20 -13.36 -34.74 -70.14
CA LYS S 20 -14.63 -35.35 -70.55
C LYS S 20 -15.80 -34.69 -69.83
N HIS S 21 -15.67 -33.38 -69.56
CA HIS S 21 -16.74 -32.59 -68.95
C HIS S 21 -17.82 -32.31 -70.00
N GLY S 22 -18.62 -31.28 -69.78
CA GLY S 22 -19.45 -30.71 -70.84
C GLY S 22 -20.65 -31.57 -71.16
N VAL S 23 -21.04 -31.58 -72.44
CA VAL S 23 -22.30 -32.20 -72.86
C VAL S 23 -22.24 -33.70 -72.68
N VAL S 24 -23.35 -34.28 -72.26
CA VAL S 24 -23.42 -35.72 -72.13
C VAL S 24 -23.75 -36.25 -73.51
N PRO S 25 -22.87 -37.08 -74.08
CA PRO S 25 -23.11 -37.57 -75.43
C PRO S 25 -24.33 -38.48 -75.50
N LEU S 26 -25.09 -38.34 -76.58
CA LEU S 26 -26.49 -38.77 -76.59
C LEU S 26 -26.79 -40.25 -76.58
N ALA S 27 -25.87 -41.08 -77.08
CA ALA S 27 -26.03 -42.54 -77.03
C ALA S 27 -26.55 -42.98 -75.67
N THR S 28 -25.85 -42.53 -74.62
CA THR S 28 -26.26 -42.62 -73.23
C THR S 28 -27.77 -42.61 -73.01
N TYR S 29 -28.41 -41.56 -73.51
CA TYR S 29 -29.83 -41.33 -73.26
C TYR S 29 -30.70 -42.22 -74.13
N MET S 30 -30.21 -42.57 -75.31
CA MET S 30 -30.98 -43.30 -76.33
C MET S 30 -30.60 -44.77 -76.46
N ARG S 31 -30.51 -45.46 -75.33
CA ARG S 31 -30.39 -46.91 -75.34
C ARG S 31 -31.30 -47.51 -74.29
N ILE S 32 -31.93 -48.63 -74.65
CA ILE S 32 -33.16 -49.06 -74.00
C ILE S 32 -32.90 -50.08 -72.91
N TYR S 33 -33.53 -49.84 -71.76
CA TYR S 33 -33.45 -50.75 -70.62
C TYR S 33 -34.83 -51.34 -70.46
N LYS S 34 -34.89 -52.65 -70.55
CA LYS S 34 -36.12 -53.42 -70.40
C LYS S 34 -36.26 -53.77 -68.92
N LYS S 35 -37.25 -54.59 -68.59
CA LYS S 35 -37.25 -55.23 -67.28
C LYS S 35 -36.22 -56.34 -67.27
N GLY S 36 -35.66 -56.59 -66.10
CA GLY S 36 -34.71 -57.68 -65.90
C GLY S 36 -33.38 -57.53 -66.60
N ASP S 37 -33.01 -56.30 -66.93
CA ASP S 37 -31.71 -56.03 -67.53
C ASP S 37 -30.75 -55.73 -66.41
N ILE S 38 -29.63 -56.44 -66.39
CA ILE S 38 -28.60 -56.20 -65.39
C ILE S 38 -27.85 -54.95 -65.78
N VAL S 39 -27.61 -54.08 -64.81
CA VAL S 39 -27.21 -52.71 -65.06
C VAL S 39 -26.29 -52.24 -63.97
N ASP S 40 -25.17 -51.63 -64.35
CA ASP S 40 -24.18 -51.16 -63.36
C ASP S 40 -24.22 -49.66 -63.17
N ILE S 41 -24.63 -49.27 -61.98
CA ILE S 41 -24.79 -47.87 -61.64
C ILE S 41 -23.43 -47.22 -61.49
N LYS S 42 -23.36 -45.96 -61.86
CA LYS S 42 -22.14 -45.18 -61.75
C LYS S 42 -22.53 -43.72 -61.88
N GLY S 43 -22.77 -43.09 -60.74
CA GLY S 43 -23.05 -41.66 -60.65
C GLY S 43 -22.24 -40.79 -61.60
N MET S 44 -22.76 -39.60 -61.86
CA MET S 44 -22.21 -38.67 -62.84
C MET S 44 -22.55 -37.26 -62.41
N GLY S 45 -21.53 -36.43 -62.30
CA GLY S 45 -21.69 -35.08 -61.74
C GLY S 45 -22.60 -34.18 -62.54
N THR S 46 -22.50 -34.25 -63.86
CA THR S 46 -23.20 -33.30 -64.73
C THR S 46 -24.67 -33.32 -64.45
N VAL S 47 -25.28 -34.48 -64.64
CA VAL S 47 -26.70 -34.64 -64.42
C VAL S 47 -26.92 -34.88 -62.94
N GLN S 48 -27.65 -33.98 -62.30
CA GLN S 48 -27.79 -33.99 -60.84
C GLN S 48 -29.14 -34.43 -60.36
N LYS S 49 -30.15 -34.28 -61.22
CA LYS S 49 -31.44 -34.90 -61.00
C LYS S 49 -31.31 -36.41 -61.21
N GLY S 50 -31.91 -37.18 -60.31
CA GLY S 50 -31.89 -38.62 -60.39
C GLY S 50 -30.56 -39.28 -60.12
N MET S 51 -29.67 -38.60 -59.39
CA MET S 51 -28.42 -39.23 -58.99
C MET S 51 -28.72 -40.34 -57.99
N PRO S 52 -27.99 -41.46 -58.09
CA PRO S 52 -28.04 -42.48 -57.06
C PRO S 52 -27.14 -42.09 -55.90
N HIS S 53 -27.38 -42.66 -54.72
CA HIS S 53 -26.56 -42.38 -53.54
C HIS S 53 -25.20 -43.06 -53.65
N LYS S 54 -24.20 -42.46 -53.03
CA LYS S 54 -22.82 -42.92 -53.14
C LYS S 54 -22.57 -44.40 -52.85
N CYS S 55 -23.37 -44.97 -51.97
CA CYS S 55 -23.27 -46.40 -51.67
C CYS S 55 -23.48 -47.31 -52.89
N TYR S 56 -24.39 -46.93 -53.78
CA TYR S 56 -24.73 -47.73 -54.98
C TYR S 56 -23.83 -47.43 -56.17
N HIS S 57 -22.98 -46.41 -56.09
CA HIS S 57 -21.94 -46.20 -57.10
C HIS S 57 -21.08 -47.44 -57.13
N GLY S 58 -20.80 -47.94 -58.33
CA GLY S 58 -20.04 -49.19 -58.48
C GLY S 58 -20.91 -50.44 -58.46
N LYS S 59 -21.94 -50.45 -57.61
CA LYS S 59 -22.86 -51.57 -57.54
C LYS S 59 -23.66 -51.78 -58.80
N THR S 60 -23.87 -53.04 -59.13
CA THR S 60 -24.63 -53.45 -60.28
C THR S 60 -25.97 -53.96 -59.76
N GLY S 61 -26.99 -53.97 -60.61
CA GLY S 61 -28.29 -54.49 -60.24
C GLY S 61 -29.22 -54.65 -61.41
N ARG S 62 -30.38 -55.26 -61.18
CA ARG S 62 -31.35 -55.54 -62.25
C ARG S 62 -32.44 -54.48 -62.28
N VAL S 63 -32.98 -54.24 -63.47
CA VAL S 63 -34.03 -53.28 -63.68
C VAL S 63 -35.38 -53.92 -63.38
N TYR S 64 -36.21 -53.23 -62.61
CA TYR S 64 -37.57 -53.66 -62.32
C TYR S 64 -38.66 -52.67 -62.74
N ASN S 65 -38.29 -51.43 -63.03
CA ASN S 65 -39.23 -50.40 -63.47
C ASN S 65 -38.64 -49.51 -64.53
N VAL S 66 -39.48 -48.97 -65.41
CA VAL S 66 -39.00 -48.07 -66.44
C VAL S 66 -39.95 -46.91 -66.63
N THR S 67 -39.63 -45.80 -65.97
CA THR S 67 -40.35 -44.55 -66.13
C THR S 67 -39.73 -43.80 -67.30
N GLN S 68 -40.26 -42.62 -67.59
CA GLN S 68 -39.92 -41.85 -68.78
C GLN S 68 -38.43 -41.64 -68.99
N HIS S 69 -37.76 -41.04 -68.01
CA HIS S 69 -36.32 -40.87 -68.11
C HIS S 69 -35.64 -41.31 -66.84
N ALA S 70 -36.09 -42.44 -66.34
CA ALA S 70 -35.43 -43.08 -65.22
C ALA S 70 -35.81 -44.53 -65.18
N VAL S 71 -35.08 -45.28 -64.38
CA VAL S 71 -35.21 -46.70 -64.37
C VAL S 71 -35.03 -47.15 -62.95
N GLY S 72 -36.08 -47.76 -62.41
CA GLY S 72 -36.01 -48.45 -61.12
C GLY S 72 -35.13 -49.69 -61.21
N ILE S 73 -34.30 -49.91 -60.20
CA ILE S 73 -33.25 -50.89 -60.32
C ILE S 73 -32.93 -51.51 -58.96
N VAL S 74 -33.21 -52.80 -58.84
CA VAL S 74 -33.00 -53.53 -57.59
C VAL S 74 -31.53 -53.77 -57.42
N VAL S 75 -30.98 -53.36 -56.29
CA VAL S 75 -29.58 -53.62 -55.99
C VAL S 75 -29.47 -54.20 -54.61
N ASN S 76 -28.38 -54.92 -54.41
CA ASN S 76 -28.06 -55.44 -53.11
C ASN S 76 -27.12 -54.47 -52.44
N LYS S 77 -27.45 -54.16 -51.19
CA LYS S 77 -26.63 -53.33 -50.33
C LYS S 77 -26.44 -54.10 -49.06
N GLN S 78 -25.21 -54.16 -48.57
CA GLN S 78 -24.94 -54.73 -47.27
C GLN S 78 -25.13 -53.66 -46.22
N VAL S 79 -25.53 -54.10 -45.04
CA VAL S 79 -25.75 -53.25 -43.90
C VAL S 79 -25.28 -54.04 -42.68
N LYS S 80 -24.10 -53.68 -42.18
CA LYS S 80 -23.46 -54.41 -41.09
C LYS S 80 -23.54 -55.94 -41.27
N GLY S 81 -24.62 -56.54 -40.78
CA GLY S 81 -24.76 -57.98 -40.79
C GLY S 81 -25.58 -58.55 -41.92
N LYS S 82 -26.44 -57.73 -42.51
CA LYS S 82 -27.49 -58.25 -43.38
C LYS S 82 -27.45 -57.55 -44.71
N ILE S 83 -27.63 -58.31 -45.78
CA ILE S 83 -27.73 -57.77 -47.12
C ILE S 83 -29.18 -57.54 -47.47
N LEU S 84 -29.47 -56.36 -47.99
CA LEU S 84 -30.82 -55.93 -48.28
C LEU S 84 -30.92 -55.62 -49.75
N ALA S 85 -31.70 -56.43 -50.46
CA ALA S 85 -32.06 -56.13 -51.83
C ALA S 85 -33.05 -54.97 -51.76
N LYS S 86 -32.66 -53.84 -52.35
CA LYS S 86 -33.46 -52.64 -52.29
C LYS S 86 -33.45 -51.87 -53.59
N ARG S 87 -34.51 -51.13 -53.80
CA ARG S 87 -34.91 -50.70 -55.11
C ARG S 87 -34.84 -49.20 -55.18
N ILE S 88 -34.04 -48.72 -56.11
CA ILE S 88 -33.69 -47.32 -56.24
C ILE S 88 -34.11 -46.86 -57.62
N ASN S 89 -34.47 -45.59 -57.75
CA ASN S 89 -34.86 -45.01 -59.03
C ASN S 89 -33.77 -44.06 -59.47
N VAL S 90 -33.03 -44.46 -60.50
CA VAL S 90 -31.91 -43.70 -61.00
C VAL S 90 -32.21 -43.22 -62.40
N ARG S 91 -31.93 -41.95 -62.65
CA ARG S 91 -32.12 -41.34 -63.96
C ARG S 91 -31.08 -41.91 -64.91
N ILE S 92 -31.47 -42.13 -66.16
CA ILE S 92 -30.68 -42.97 -67.09
C ILE S 92 -29.19 -42.67 -67.11
N GLU S 93 -28.86 -41.39 -67.06
CA GLU S 93 -27.47 -40.91 -67.27
C GLU S 93 -26.45 -41.50 -66.32
N HIS S 94 -26.91 -42.05 -65.19
CA HIS S 94 -26.04 -42.68 -64.21
C HIS S 94 -26.02 -44.20 -64.31
N ILE S 95 -26.17 -44.74 -65.52
CA ILE S 95 -26.45 -46.16 -65.68
C ILE S 95 -25.94 -46.69 -67.02
N LYS S 96 -25.36 -47.88 -67.00
CA LYS S 96 -24.93 -48.56 -68.20
C LYS S 96 -25.41 -50.00 -68.16
N HIS S 97 -25.39 -50.65 -69.32
CA HIS S 97 -25.57 -52.10 -69.35
C HIS S 97 -24.30 -52.79 -68.84
N SER S 98 -24.48 -53.75 -67.94
CA SER S 98 -23.37 -54.52 -67.41
C SER S 98 -23.04 -55.63 -68.40
N LYS S 99 -21.84 -55.57 -68.98
CA LYS S 99 -21.39 -56.60 -69.92
C LYS S 99 -21.15 -57.97 -69.28
N SER S 100 -21.04 -57.99 -67.96
CA SER S 100 -20.95 -59.22 -67.16
C SER S 100 -21.77 -60.39 -67.69
N ARG S 101 -23.04 -60.12 -67.96
CA ARG S 101 -23.98 -61.14 -68.37
C ARG S 101 -23.77 -61.60 -69.82
N ASP S 102 -23.27 -60.71 -70.67
CA ASP S 102 -23.22 -60.97 -72.12
C ASP S 102 -22.29 -62.11 -72.52
N SER S 103 -21.15 -62.23 -71.83
CA SER S 103 -20.23 -63.35 -72.06
C SER S 103 -20.88 -64.71 -71.78
N PHE S 104 -21.75 -64.73 -70.77
CA PHE S 104 -22.56 -65.91 -70.47
C PHE S 104 -23.55 -66.22 -71.58
N LEU S 105 -24.25 -65.20 -72.05
CA LEU S 105 -25.21 -65.36 -73.15
C LEU S 105 -24.54 -65.89 -74.42
N LYS S 106 -23.36 -65.36 -74.72
CA LYS S 106 -22.54 -65.86 -75.82
C LYS S 106 -22.21 -67.34 -75.66
N ARG S 107 -21.86 -67.74 -74.44
CA ARG S 107 -21.52 -69.13 -74.15
C ARG S 107 -22.72 -70.06 -74.26
N VAL S 108 -23.90 -69.60 -73.86
CA VAL S 108 -25.13 -70.38 -74.00
C VAL S 108 -25.45 -70.56 -75.48
N LYS S 109 -25.34 -69.48 -76.24
CA LYS S 109 -25.54 -69.50 -77.68
C LYS S 109 -24.58 -70.47 -78.38
N GLU S 110 -23.32 -70.51 -77.92
CA GLU S 110 -22.33 -71.44 -78.46
C GLU S 110 -22.65 -72.90 -78.10
N ASN S 111 -23.15 -73.13 -76.89
CA ASN S 111 -23.57 -74.47 -76.46
C ASN S 111 -24.77 -74.99 -77.25
N ASP S 112 -25.74 -74.11 -77.50
CA ASP S 112 -26.92 -74.47 -78.31
C ASP S 112 -26.57 -74.79 -79.78
N GLN S 113 -25.61 -74.06 -80.34
CA GLN S 113 -25.05 -74.39 -81.65
C GLN S 113 -24.35 -75.75 -81.62
N LYS S 114 -23.52 -75.95 -80.60
CA LYS S 114 -22.74 -77.18 -80.45
C LYS S 114 -23.53 -78.37 -79.87
N LYS S 115 -24.78 -78.14 -79.46
CA LYS S 115 -25.69 -79.21 -79.07
C LYS S 115 -26.57 -79.66 -80.24
N LYS S 116 -27.04 -78.71 -81.06
CA LYS S 116 -27.78 -79.06 -82.29
C LYS S 116 -26.88 -79.85 -83.24
N GLU S 117 -25.72 -79.27 -83.55
CA GLU S 117 -24.67 -80.02 -84.24
C GLU S 117 -24.02 -80.93 -83.21
N ALA S 118 -23.34 -81.97 -83.69
CA ALA S 118 -22.75 -83.01 -82.85
C ALA S 118 -23.79 -83.87 -82.10
N LYS S 119 -25.04 -83.86 -82.57
CA LYS S 119 -26.09 -84.78 -82.11
C LYS S 119 -26.34 -85.81 -83.21
N GLU S 120 -26.58 -85.33 -84.42
CA GLU S 120 -26.62 -86.17 -85.62
C GLU S 120 -25.27 -86.85 -85.92
N LYS S 121 -24.16 -86.23 -85.51
CA LYS S 121 -22.84 -86.86 -85.61
C LYS S 121 -22.71 -88.02 -84.63
N GLY S 122 -23.00 -87.75 -83.36
CA GLY S 122 -22.87 -88.72 -82.28
C GLY S 122 -21.77 -88.40 -81.28
N THR S 123 -20.75 -87.66 -81.73
CA THR S 123 -19.62 -87.29 -80.88
C THR S 123 -20.00 -86.19 -79.89
N TRP S 124 -20.14 -86.56 -78.61
CA TRP S 124 -20.48 -85.60 -77.56
C TRP S 124 -19.26 -84.74 -77.22
N VAL S 125 -19.50 -83.42 -77.13
CA VAL S 125 -18.44 -82.43 -77.01
C VAL S 125 -18.45 -81.83 -75.61
N GLN S 126 -17.28 -81.36 -75.17
CA GLN S 126 -17.14 -80.69 -73.87
C GLN S 126 -17.89 -79.36 -73.86
N LEU S 127 -18.92 -79.29 -73.02
CA LEU S 127 -19.81 -78.14 -72.91
C LEU S 127 -19.43 -77.28 -71.74
N LYS S 128 -19.28 -77.92 -70.57
CA LYS S 128 -18.73 -77.26 -69.38
C LYS S 128 -17.42 -76.55 -69.69
N ARG S 129 -17.12 -75.52 -68.90
CA ARG S 129 -15.78 -74.94 -68.89
C ARG S 129 -14.85 -75.81 -68.04
N GLN S 130 -13.56 -75.52 -68.11
CA GLN S 130 -12.57 -76.26 -67.33
C GLN S 130 -11.40 -75.33 -66.98
N PRO S 131 -10.90 -75.37 -65.73
CA PRO S 131 -9.87 -74.42 -65.36
C PRO S 131 -8.58 -74.68 -66.07
N ALA S 132 -7.78 -73.63 -66.25
CA ALA S 132 -6.53 -73.71 -67.00
C ALA S 132 -5.64 -74.82 -66.43
N PRO S 133 -5.52 -75.94 -67.16
CA PRO S 133 -4.87 -77.12 -66.62
C PRO S 133 -3.35 -76.95 -66.57
N PRO S 134 -2.62 -77.93 -66.00
CA PRO S 134 -1.16 -77.90 -66.08
C PRO S 134 -0.67 -78.01 -67.53
N ARG S 135 0.41 -77.31 -67.84
CA ARG S 135 0.71 -76.91 -69.23
C ARG S 135 1.37 -77.96 -70.15
N GLU S 136 1.15 -79.24 -69.90
CA GLU S 136 1.54 -80.35 -70.80
C GLU S 136 3.02 -80.55 -71.00
N ALA S 137 3.37 -81.79 -71.38
CA ALA S 137 4.74 -82.15 -71.69
C ALA S 137 5.06 -81.67 -73.09
N HIS S 138 6.28 -81.16 -73.28
CA HIS S 138 6.69 -80.57 -74.56
C HIS S 138 8.20 -80.41 -74.66
N PHE S 139 8.70 -80.41 -75.89
CA PHE S 139 10.14 -80.26 -76.15
C PHE S 139 10.50 -78.82 -76.42
N VAL S 140 11.70 -78.45 -75.99
CA VAL S 140 12.24 -77.13 -76.21
C VAL S 140 13.53 -77.32 -76.99
N ARG S 141 13.53 -76.87 -78.25
CA ARG S 141 14.69 -77.06 -79.13
C ARG S 141 15.65 -75.89 -79.08
N THR S 142 16.77 -76.06 -78.36
CA THR S 142 17.81 -75.02 -78.32
C THR S 142 18.58 -75.06 -79.64
N ASN S 143 17.91 -74.59 -80.69
CA ASN S 143 18.37 -74.80 -82.07
C ASN S 143 19.73 -74.17 -82.36
N GLY S 144 20.77 -75.00 -82.20
CA GLY S 144 22.13 -74.61 -82.48
C GLY S 144 22.77 -73.91 -81.30
N LYS S 145 22.49 -72.61 -81.20
CA LYS S 145 23.05 -71.76 -80.13
C LYS S 145 22.73 -72.31 -78.74
N GLU S 146 23.71 -72.26 -77.84
CA GLU S 146 23.52 -72.68 -76.45
C GLU S 146 22.75 -71.61 -75.66
N PRO S 147 22.22 -71.96 -74.47
CA PRO S 147 21.61 -70.95 -73.60
C PRO S 147 22.59 -69.87 -73.13
N GLU S 148 22.04 -68.71 -72.74
CA GLU S 148 22.82 -67.54 -72.36
C GLU S 148 23.04 -67.47 -70.85
N LEU S 149 24.30 -67.42 -70.42
CA LEU S 149 24.63 -67.37 -69.00
C LEU S 149 24.31 -66.00 -68.43
N LEU S 150 23.69 -65.97 -67.26
CA LEU S 150 23.33 -64.74 -66.57
C LEU S 150 23.97 -64.66 -65.20
N GLU S 151 25.09 -63.95 -65.12
CA GLU S 151 25.68 -63.58 -63.85
C GLU S 151 24.78 -62.53 -63.21
N PRO S 152 24.57 -62.62 -61.90
CA PRO S 152 24.08 -61.45 -61.18
C PRO S 152 25.12 -60.34 -61.23
N ILE S 153 24.69 -59.09 -61.34
CA ILE S 153 25.65 -58.00 -61.56
C ILE S 153 26.19 -57.43 -60.24
N PRO S 154 27.44 -56.98 -60.25
CA PRO S 154 28.06 -56.37 -59.08
C PRO S 154 27.45 -55.02 -58.72
N TYR S 155 27.25 -54.82 -57.42
CA TYR S 155 26.67 -53.60 -56.88
C TYR S 155 27.50 -52.37 -57.15
N GLU S 156 26.82 -51.26 -57.42
CA GLU S 156 27.40 -49.93 -57.31
C GLU S 156 26.36 -48.88 -56.96
N PHE S 157 26.81 -47.84 -56.27
CA PHE S 157 25.94 -46.82 -55.70
C PHE S 157 25.86 -45.65 -56.68
N MET S 158 24.64 -45.41 -57.19
CA MET S 158 24.42 -44.50 -58.31
C MET S 158 24.19 -43.05 -57.89
N ALA S 159 23.28 -42.85 -56.93
CA ALA S 159 22.80 -41.51 -56.59
C ALA S 159 23.90 -40.66 -55.94
N GLN T 1 -5.20 -16.34 109.70
CA GLN T 1 -5.64 -17.72 109.33
C GLN T 1 -4.69 -18.81 109.81
N VAL T 2 -5.20 -20.04 109.87
CA VAL T 2 -4.43 -21.22 110.30
C VAL T 2 -4.76 -22.39 109.36
N LEU T 3 -3.88 -22.60 108.36
CA LEU T 3 -4.06 -23.67 107.38
C LEU T 3 -3.36 -24.92 107.88
N LYS T 4 -4.15 -25.92 108.29
CA LYS T 4 -3.64 -27.11 108.99
C LYS T 4 -3.90 -28.39 108.20
N PHE T 5 -2.90 -28.84 107.44
CA PHE T 5 -3.03 -30.02 106.57
C PHE T 5 -2.28 -31.22 107.14
N THR T 6 -3.00 -32.32 107.38
CA THR T 6 -2.37 -33.57 107.80
C THR T 6 -2.02 -34.39 106.57
N LEU T 7 -1.20 -35.41 106.79
CA LEU T 7 -0.65 -36.19 105.68
C LEU T 7 -0.37 -37.61 106.16
N ASP T 8 -1.32 -38.19 106.88
CA ASP T 8 -1.04 -39.40 107.66
C ASP T 8 -0.72 -40.64 106.81
N CYS T 9 0.34 -41.32 107.20
CA CYS T 9 0.85 -42.49 106.51
C CYS T 9 0.92 -43.61 107.53
N THR T 10 -0.26 -44.11 107.89
CA THR T 10 -0.39 -45.12 108.93
C THR T 10 0.16 -46.46 108.49
N HIS T 11 -0.56 -47.13 107.59
CA HIS T 11 -0.22 -48.52 107.23
C HIS T 11 0.78 -48.73 106.07
N PRO T 12 1.52 -47.68 105.66
CA PRO T 12 2.86 -47.96 105.11
C PRO T 12 3.96 -48.02 106.17
N VAL T 13 3.81 -47.24 107.24
CA VAL T 13 4.77 -47.25 108.37
C VAL T 13 4.61 -48.51 109.23
N GLU T 14 3.37 -48.95 109.46
CA GLU T 14 3.11 -50.16 110.24
C GLU T 14 3.67 -51.42 109.59
N ASP T 15 3.60 -51.50 108.26
CA ASP T 15 4.27 -52.57 107.50
C ASP T 15 5.79 -52.39 107.45
N GLY T 16 6.23 -51.14 107.60
CA GLY T 16 7.66 -50.82 107.69
C GLY T 16 8.28 -50.68 106.32
N ILE T 17 7.56 -50.02 105.41
CA ILE T 17 7.99 -49.82 104.03
C ILE T 17 8.70 -48.46 103.87
N MET T 18 8.26 -47.47 104.65
CA MET T 18 8.94 -46.17 104.75
C MET T 18 9.09 -45.77 106.21
N ASP T 19 9.85 -44.70 106.45
CA ASP T 19 10.03 -44.13 107.78
C ASP T 19 9.61 -42.67 107.80
N ALA T 20 8.85 -42.31 108.82
CA ALA T 20 8.18 -41.02 108.87
C ALA T 20 9.11 -39.85 109.18
N ALA T 21 10.14 -40.09 110.00
CA ALA T 21 11.12 -39.06 110.32
C ALA T 21 11.93 -38.60 109.11
N ASN T 22 12.22 -39.53 108.21
CA ASN T 22 12.93 -39.21 106.96
C ASN T 22 12.06 -38.39 106.02
N PHE T 23 10.78 -38.70 105.99
CA PHE T 23 9.80 -37.94 105.23
C PHE T 23 9.65 -36.53 105.81
N GLU T 24 9.50 -36.43 107.12
CA GLU T 24 9.48 -35.14 107.81
C GLU T 24 10.69 -34.29 107.44
N GLN T 25 11.87 -34.90 107.51
CA GLN T 25 13.14 -34.27 107.14
C GLN T 25 13.10 -33.78 105.68
N PHE T 26 12.65 -34.65 104.78
CA PHE T 26 12.51 -34.34 103.36
C PHE T 26 11.57 -33.15 103.10
N LEU T 27 10.46 -33.11 103.83
CA LEU T 27 9.51 -32.01 103.75
C LEU T 27 10.08 -30.68 104.25
N GLN T 28 10.82 -30.72 105.36
CA GLN T 28 11.55 -29.55 105.85
C GLN T 28 12.57 -29.04 104.82
N GLU T 29 13.20 -29.98 104.11
CA GLU T 29 14.18 -29.66 103.07
C GLU T 29 13.55 -28.94 101.88
N ARG T 30 12.37 -29.40 101.46
CA ARG T 30 11.77 -29.01 100.17
C ARG T 30 10.70 -27.93 100.20
N ILE T 31 9.84 -27.93 101.22
CA ILE T 31 8.64 -27.07 101.23
C ILE T 31 8.97 -25.60 100.96
N LYS T 32 8.76 -25.22 99.71
CA LYS T 32 9.14 -23.89 99.22
C LYS T 32 8.12 -22.88 99.71
N VAL T 33 8.59 -21.68 100.03
CA VAL T 33 7.73 -20.55 100.38
C VAL T 33 8.28 -19.33 99.68
N ASN T 34 7.45 -18.71 98.84
CA ASN T 34 7.84 -17.54 98.05
C ASN T 34 9.11 -17.78 97.22
N GLY T 35 9.20 -18.98 96.64
CA GLY T 35 10.35 -19.36 95.82
C GLY T 35 11.65 -19.56 96.57
N LYS T 36 11.56 -20.01 97.82
CA LYS T 36 12.74 -20.28 98.65
C LYS T 36 12.56 -21.59 99.39
N ALA T 37 13.41 -22.57 99.07
CA ALA T 37 13.21 -23.96 99.50
C ALA T 37 13.53 -24.18 100.97
N GLY T 38 14.76 -23.86 101.35
CA GLY T 38 15.26 -24.13 102.70
C GLY T 38 14.71 -23.19 103.75
N ASN T 39 14.76 -23.65 105.00
CA ASN T 39 14.41 -22.85 106.19
C ASN T 39 12.91 -22.55 106.38
N LEU T 40 12.05 -23.20 105.61
CA LEU T 40 10.59 -22.98 105.66
C LEU T 40 10.16 -21.52 105.47
N GLY T 41 10.95 -20.75 104.73
CA GLY T 41 10.76 -19.30 104.60
C GLY T 41 10.81 -18.57 105.94
N GLY T 42 11.67 -19.04 106.83
CA GLY T 42 11.68 -18.61 108.23
C GLY T 42 10.65 -19.38 109.04
N GLY T 43 10.20 -18.78 110.14
CA GLY T 43 9.17 -19.38 110.98
C GLY T 43 7.79 -19.06 110.46
N VAL T 44 7.42 -19.69 109.34
CA VAL T 44 6.15 -19.44 108.66
C VAL T 44 5.29 -20.71 108.74
N VAL T 45 5.73 -21.78 108.06
CA VAL T 45 5.06 -23.09 108.15
C VAL T 45 5.78 -23.95 109.17
N THR T 46 5.05 -24.92 109.72
CA THR T 46 5.56 -25.75 110.81
C THR T 46 5.18 -27.21 110.60
N ILE T 47 6.19 -28.09 110.62
CA ILE T 47 6.00 -29.51 110.35
C ILE T 47 6.05 -30.28 111.65
N GLU T 48 5.08 -31.18 111.83
CA GLU T 48 4.97 -31.98 113.04
C GLU T 48 5.21 -33.46 112.74
N ARG T 49 5.40 -34.23 113.81
CA ARG T 49 5.68 -35.66 113.73
C ARG T 49 4.89 -36.35 114.83
N SER T 50 4.09 -37.35 114.46
CA SER T 50 3.25 -38.10 115.42
C SER T 50 3.23 -39.59 115.04
N LYS T 51 4.43 -40.17 114.96
CA LYS T 51 4.65 -41.55 114.48
C LYS T 51 4.20 -41.78 113.03
N SER T 52 2.88 -41.79 112.80
CA SER T 52 2.30 -41.94 111.45
C SER T 52 1.95 -40.59 110.85
N LYS T 53 1.20 -39.80 111.59
CA LYS T 53 0.65 -38.54 111.09
C LYS T 53 1.69 -37.43 111.04
N ILE T 54 1.84 -36.81 109.86
CA ILE T 54 2.51 -35.52 109.73
C ILE T 54 1.41 -34.47 109.73
N THR T 55 1.74 -33.26 110.19
CA THR T 55 0.81 -32.14 110.15
C THR T 55 1.55 -30.86 109.77
N VAL T 56 1.28 -30.36 108.56
CA VAL T 56 1.84 -29.10 108.10
C VAL T 56 0.89 -27.98 108.49
N THR T 57 1.41 -27.00 109.21
CA THR T 57 0.61 -25.90 109.74
C THR T 57 1.21 -24.57 109.29
N SER T 58 0.47 -23.84 108.45
CA SER T 58 0.92 -22.57 107.91
C SER T 58 0.06 -21.42 108.39
N GLU T 59 0.65 -20.23 108.37
CA GLU T 59 -0.08 -18.98 108.64
C GLU T 59 -0.33 -18.22 107.33
N VAL T 60 0.69 -18.16 106.47
CA VAL T 60 0.53 -17.60 105.12
C VAL T 60 -0.30 -18.51 104.22
N PRO T 61 -0.81 -17.98 103.09
CA PRO T 61 -1.50 -18.83 102.11
C PRO T 61 -0.61 -19.96 101.61
N PHE T 62 -1.20 -21.15 101.50
CA PHE T 62 -0.44 -22.38 101.30
C PHE T 62 -1.36 -23.46 100.77
N SER T 63 -1.03 -24.00 99.59
CA SER T 63 -1.86 -25.02 98.95
C SER T 63 -1.87 -26.34 99.70
N LYS T 64 -2.92 -27.09 99.44
CA LYS T 64 -3.11 -28.40 100.04
C LYS T 64 -2.41 -29.42 99.19
N ARG T 65 -2.61 -29.34 97.88
CA ARG T 65 -2.01 -30.29 96.94
C ARG T 65 -0.55 -29.99 96.55
N TYR T 66 0.08 -29.02 97.19
CA TYR T 66 1.54 -28.94 97.17
C TYR T 66 2.13 -30.08 98.01
N LEU T 67 1.44 -30.45 99.09
CA LEU T 67 1.80 -31.63 99.88
C LEU T 67 1.71 -32.91 99.08
N LYS T 68 0.66 -33.03 98.28
CA LYS T 68 0.47 -34.20 97.40
C LYS T 68 1.62 -34.36 96.41
N TYR T 69 1.95 -33.26 95.74
CA TYR T 69 3.10 -33.20 94.84
C TYR T 69 4.36 -33.69 95.51
N LEU T 70 4.66 -33.13 96.66
CA LEU T 70 5.87 -33.47 97.36
C LEU T 70 5.82 -34.92 97.81
N THR T 71 4.71 -35.35 98.41
CA THR T 71 4.65 -36.76 98.85
C THR T 71 4.80 -37.74 97.69
N LYS T 72 4.22 -37.40 96.54
CA LYS T 72 4.42 -38.17 95.31
C LYS T 72 5.87 -38.11 94.83
N LYS T 73 6.55 -36.99 95.04
CA LYS T 73 7.98 -36.87 94.77
C LYS T 73 8.81 -37.75 95.69
N TYR T 74 8.47 -37.71 96.98
CA TYR T 74 9.11 -38.56 97.99
C TYR T 74 8.91 -40.03 97.69
N LEU T 75 7.70 -40.40 97.35
CA LEU T 75 7.39 -41.78 97.01
C LEU T 75 8.13 -42.27 95.78
N LYS T 76 8.38 -41.37 94.82
CA LYS T 76 9.16 -41.73 93.63
C LYS T 76 10.63 -41.94 93.95
N LYS T 77 11.19 -41.09 94.80
CA LYS T 77 12.59 -41.20 95.22
C LYS T 77 12.87 -42.52 95.91
N ASN T 78 11.92 -42.96 96.73
CA ASN T 78 12.03 -44.21 97.48
C ASN T 78 11.43 -45.43 96.77
N ASN T 79 11.12 -45.29 95.47
CA ASN T 79 10.55 -46.37 94.62
C ASN T 79 9.23 -46.97 95.12
N LEU T 80 8.40 -46.12 95.72
CA LEU T 80 7.16 -46.53 96.34
C LEU T 80 5.93 -46.28 95.47
N ARG T 81 5.96 -45.25 94.61
CA ARG T 81 4.85 -45.00 93.66
C ARG T 81 4.74 -46.17 92.67
N ASP T 82 4.06 -47.21 93.14
CA ASP T 82 4.00 -48.51 92.49
C ASP T 82 3.03 -49.38 93.29
N TRP T 83 3.27 -49.46 94.61
CA TRP T 83 2.27 -49.93 95.57
C TRP T 83 2.21 -48.96 96.76
N LEU T 84 1.92 -47.70 96.43
CA LEU T 84 1.53 -46.68 97.38
C LEU T 84 0.87 -45.55 96.60
N ARG T 85 -0.25 -45.06 97.10
CA ARG T 85 -1.12 -44.12 96.37
C ARG T 85 -1.63 -43.06 97.32
N VAL T 86 -1.52 -41.80 96.93
CA VAL T 86 -1.96 -40.69 97.77
C VAL T 86 -3.44 -40.38 97.47
N VAL T 87 -4.21 -40.16 98.53
CA VAL T 87 -5.64 -39.90 98.43
C VAL T 87 -6.05 -38.89 99.48
N ALA T 88 -7.00 -38.04 99.13
CA ALA T 88 -7.66 -37.18 100.10
C ALA T 88 -8.62 -38.02 100.94
N ASN T 89 -8.24 -38.29 102.19
CA ASN T 89 -9.08 -39.01 103.14
C ASN T 89 -10.27 -38.16 103.52
N SER T 90 -9.98 -36.91 103.88
CA SER T 90 -10.99 -35.85 104.00
C SER T 90 -10.33 -34.57 103.50
N LYS T 91 -11.01 -33.44 103.64
CA LYS T 91 -10.34 -32.15 103.47
C LYS T 91 -9.41 -31.93 104.66
N GLU T 92 -8.40 -31.10 104.46
CA GLU T 92 -7.33 -30.88 105.43
C GLU T 92 -6.61 -32.20 105.75
N SER T 93 -6.49 -33.07 104.75
CA SER T 93 -5.94 -34.40 104.95
C SER T 93 -5.59 -35.12 103.64
N TYR T 94 -4.45 -35.80 103.62
CA TYR T 94 -4.16 -36.84 102.62
C TYR T 94 -3.93 -38.14 103.37
N GLU T 95 -3.70 -39.21 102.62
CA GLU T 95 -3.58 -40.54 103.21
C GLU T 95 -2.92 -41.49 102.22
N LEU T 96 -1.80 -42.09 102.62
CA LEU T 96 -1.10 -43.03 101.75
C LEU T 96 -1.79 -44.38 101.88
N ARG T 97 -2.05 -45.03 100.74
CA ARG T 97 -2.80 -46.30 100.73
C ARG T 97 -2.29 -47.23 99.65
N TYR T 98 -2.49 -48.54 99.87
CA TYR T 98 -2.11 -49.55 98.88
C TYR T 98 -3.20 -49.67 97.82
N PHE T 99 -2.97 -50.51 96.82
CA PHE T 99 -3.92 -50.75 95.72
C PHE T 99 -4.74 -52.02 95.96
N SER U 1 57.76 -23.22 20.20
CA SER U 1 58.16 -24.66 20.06
C SER U 1 57.30 -25.55 20.95
N GLY U 2 57.29 -25.25 22.24
CA GLY U 2 56.47 -25.99 23.22
C GLY U 2 54.99 -25.71 23.06
N ALA U 3 54.23 -26.75 22.71
CA ALA U 3 52.83 -26.60 22.36
C ALA U 3 51.94 -26.49 23.59
N LYS U 4 50.65 -26.21 23.37
CA LYS U 4 49.76 -25.66 24.41
C LYS U 4 49.23 -26.61 25.50
N PHE U 5 48.91 -27.86 25.14
CA PHE U 5 48.11 -28.78 25.98
C PHE U 5 46.68 -28.31 26.19
N ARG U 6 45.73 -29.24 26.12
CA ARG U 6 44.33 -28.88 26.26
C ARG U 6 44.06 -28.54 27.71
N ILE U 7 43.11 -27.63 27.91
CA ILE U 7 42.70 -27.21 29.24
C ILE U 7 41.21 -26.99 29.23
N SER U 8 40.56 -27.40 30.33
CA SER U 8 39.11 -27.33 30.46
C SER U 8 38.62 -25.94 30.12
N LEU U 9 37.75 -25.86 29.11
CA LEU U 9 37.39 -24.58 28.48
C LEU U 9 35.93 -24.25 28.75
N GLY U 10 35.71 -23.25 29.61
CA GLY U 10 34.38 -22.90 30.06
C GLY U 10 33.94 -21.52 29.60
N LEU U 11 34.14 -21.22 28.33
CA LEU U 11 33.59 -20.00 27.75
C LEU U 11 33.02 -20.35 26.41
N PRO U 12 31.82 -20.92 26.39
CA PRO U 12 31.13 -21.15 25.14
C PRO U 12 30.68 -19.86 24.47
N VAL U 13 30.41 -19.97 23.18
CA VAL U 13 30.01 -18.84 22.37
C VAL U 13 28.69 -18.29 22.85
N GLY U 14 28.74 -17.03 23.32
CA GLY U 14 27.65 -16.40 24.07
C GLY U 14 28.13 -15.72 25.37
N ALA U 15 29.28 -16.15 25.89
CA ALA U 15 29.81 -15.62 27.14
C ALA U 15 30.20 -14.16 27.04
N VAL U 16 30.06 -13.43 28.14
CA VAL U 16 30.60 -12.07 28.25
C VAL U 16 31.67 -12.07 29.31
N ILE U 17 32.90 -12.31 28.85
CA ILE U 17 34.07 -12.08 29.66
C ILE U 17 34.34 -10.59 29.72
N ASN U 18 34.78 -10.10 30.88
CA ASN U 18 35.09 -8.67 31.00
C ASN U 18 36.47 -8.34 30.44
N CYS U 19 36.51 -7.33 29.58
CA CYS U 19 37.74 -6.79 29.04
C CYS U 19 38.61 -6.25 30.17
N ALA U 20 39.86 -6.70 30.20
CA ALA U 20 40.82 -6.35 31.24
C ALA U 20 42.02 -5.66 30.67
N ASP U 21 41.80 -4.79 29.69
CA ASP U 21 42.83 -3.87 29.22
C ASP U 21 42.26 -2.48 29.13
N ASN U 22 43.14 -1.51 28.92
CA ASN U 22 42.78 -0.08 28.97
C ASN U 22 42.13 0.53 27.72
N THR U 23 41.63 -0.33 26.81
CA THR U 23 40.93 0.14 25.61
C THR U 23 39.78 1.10 25.88
N GLY U 24 38.93 0.74 26.83
CA GLY U 24 37.67 1.44 27.08
C GLY U 24 36.47 0.51 26.99
N ALA U 25 36.65 -0.63 26.34
CA ALA U 25 35.68 -1.71 26.40
C ALA U 25 35.56 -2.22 27.83
N LYS U 26 34.33 -2.46 28.25
CA LYS U 26 34.05 -3.08 29.54
C LYS U 26 33.93 -4.58 29.36
N ASN U 27 33.09 -4.98 28.40
CA ASN U 27 32.79 -6.37 28.13
C ASN U 27 33.36 -6.90 26.85
N LEU U 28 33.25 -8.21 26.67
CA LEU U 28 33.60 -8.86 25.43
C LEU U 28 32.69 -10.06 25.23
N TYR U 29 31.70 -9.90 24.38
CA TYR U 29 30.79 -10.98 24.02
C TYR U 29 31.45 -11.89 23.02
N ILE U 30 31.73 -13.13 23.41
CA ILE U 30 32.42 -14.09 22.54
C ILE U 30 31.47 -14.67 21.48
N ILE U 31 31.71 -14.34 20.21
CA ILE U 31 30.83 -14.81 19.13
C ILE U 31 31.36 -16.00 18.38
N SER U 32 32.63 -16.35 18.61
CA SER U 32 33.23 -17.54 18.03
C SER U 32 34.63 -17.73 18.53
N VAL U 33 35.06 -18.98 18.51
CA VAL U 33 36.38 -19.34 18.95
C VAL U 33 37.12 -19.67 17.68
N LYS U 34 38.39 -19.28 17.64
CA LYS U 34 39.22 -19.45 16.46
C LYS U 34 39.90 -20.80 16.57
N GLY U 35 39.96 -21.50 15.45
CA GLY U 35 40.56 -22.82 15.38
C GLY U 35 39.66 -23.86 15.99
N ILE U 36 38.42 -23.90 15.53
CA ILE U 36 37.45 -24.88 15.96
C ILE U 36 36.73 -25.41 14.73
N LYS U 37 36.97 -26.68 14.39
CA LYS U 37 36.24 -27.31 13.31
C LYS U 37 34.82 -27.57 13.80
N GLY U 38 34.72 -28.41 14.83
CA GLY U 38 33.48 -28.62 15.58
C GLY U 38 32.66 -29.81 15.16
N ARG U 39 31.53 -29.96 15.85
CA ARG U 39 30.59 -31.04 15.66
C ARG U 39 29.19 -30.45 15.56
N LEU U 40 28.25 -31.29 15.15
CA LEU U 40 26.84 -30.98 15.23
C LEU U 40 26.36 -30.66 16.65
N ASN U 41 25.66 -29.54 16.77
CA ASN U 41 25.07 -29.02 18.02
C ASN U 41 26.03 -28.52 19.08
N ARG U 42 27.34 -28.65 18.88
CA ARG U 42 28.30 -28.32 19.93
C ARG U 42 28.74 -26.87 19.81
N LEU U 43 28.55 -26.13 20.90
CA LEU U 43 28.95 -24.75 20.93
C LEU U 43 30.47 -24.70 20.98
N PRO U 44 31.09 -23.84 20.16
CA PRO U 44 32.54 -23.64 20.28
C PRO U 44 32.91 -23.03 21.61
N ALA U 45 34.08 -23.36 22.14
CA ALA U 45 34.45 -22.94 23.47
C ALA U 45 35.94 -22.61 23.61
N ALA U 46 36.20 -21.53 24.34
CA ALA U 46 37.53 -20.99 24.46
C ALA U 46 37.92 -21.08 25.90
N GLY U 47 39.07 -21.69 26.16
CA GLY U 47 39.69 -21.64 27.46
C GLY U 47 40.60 -20.43 27.56
N VAL U 48 41.40 -20.43 28.61
CA VAL U 48 42.45 -19.46 28.74
C VAL U 48 43.48 -19.66 27.63
N GLY U 49 44.03 -18.55 27.15
CA GLY U 49 45.03 -18.57 26.10
C GLY U 49 44.48 -18.91 24.72
N ASP U 50 43.18 -18.74 24.51
CA ASP U 50 42.58 -19.03 23.20
C ASP U 50 42.35 -17.72 22.47
N MET U 51 42.44 -17.79 21.15
CA MET U 51 41.99 -16.68 20.29
C MET U 51 40.48 -16.77 20.17
N VAL U 52 39.85 -15.63 19.98
CA VAL U 52 38.40 -15.56 20.08
C VAL U 52 37.89 -14.30 19.40
N MET U 53 36.88 -14.42 18.56
CA MET U 53 36.24 -13.25 17.98
C MET U 53 35.19 -12.81 18.95
N ALA U 54 35.34 -11.56 19.39
CA ALA U 54 34.42 -10.98 20.36
C ALA U 54 33.83 -9.72 19.82
N THR U 55 32.69 -9.38 20.37
CA THR U 55 32.06 -8.12 20.16
C THR U 55 32.07 -7.41 21.51
N VAL U 56 32.29 -6.11 21.50
CA VAL U 56 32.20 -5.33 22.73
C VAL U 56 30.75 -4.92 22.89
N LYS U 57 30.18 -5.29 24.02
CA LYS U 57 28.76 -5.07 24.31
C LYS U 57 28.51 -3.82 25.16
N LYS U 58 29.52 -3.35 25.89
CA LYS U 58 29.43 -2.04 26.56
C LYS U 58 30.80 -1.45 26.82
N GLY U 59 30.90 -0.13 26.65
CA GLY U 59 32.17 0.59 26.60
C GLY U 59 32.12 1.72 25.59
N LYS U 60 33.28 2.14 25.10
CA LYS U 60 33.34 3.28 24.19
C LYS U 60 32.68 2.93 22.84
N PRO U 61 31.93 3.88 22.24
CA PRO U 61 31.26 3.60 20.96
C PRO U 61 32.16 3.54 19.71
N GLU U 62 33.44 3.87 19.87
CA GLU U 62 34.45 3.52 18.87
C GLU U 62 34.54 2.00 18.68
N LEU U 63 34.45 1.27 19.78
CA LEU U 63 34.62 -0.19 19.80
C LEU U 63 33.32 -0.93 19.56
N ARG U 64 32.21 -0.43 20.10
CA ARG U 64 30.92 -1.11 19.96
C ARG U 64 30.49 -1.30 18.50
N LYS U 65 29.66 -2.31 18.29
CA LYS U 65 29.10 -2.66 16.98
C LYS U 65 30.17 -2.95 15.91
N LYS U 66 31.14 -3.76 16.31
CA LYS U 66 32.08 -4.38 15.38
C LYS U 66 32.82 -5.53 16.05
N VAL U 67 33.39 -6.40 15.23
CA VAL U 67 34.04 -7.61 15.72
C VAL U 67 35.52 -7.36 15.95
N HIS U 68 36.05 -7.91 17.05
CA HIS U 68 37.49 -7.89 17.31
C HIS U 68 38.00 -9.28 17.63
N PRO U 69 39.23 -9.58 17.23
CA PRO U 69 39.90 -10.70 17.84
C PRO U 69 40.31 -10.29 19.23
N ALA U 70 40.32 -11.27 20.12
CA ALA U 70 40.71 -11.06 21.51
C ALA U 70 41.31 -12.34 22.04
N VAL U 71 41.87 -12.24 23.24
CA VAL U 71 42.49 -13.37 23.90
C VAL U 71 41.89 -13.49 25.27
N VAL U 72 41.45 -14.69 25.59
CA VAL U 72 41.02 -15.00 26.94
C VAL U 72 42.27 -15.13 27.80
N ILE U 73 42.19 -14.52 28.98
CA ILE U 73 43.34 -14.24 29.80
C ILE U 73 43.18 -14.86 31.16
N ARG U 74 42.00 -14.73 31.74
CA ARG U 74 41.62 -15.47 32.92
C ARG U 74 40.36 -16.23 32.60
N GLN U 75 40.09 -17.31 33.34
CA GLN U 75 38.78 -17.97 33.28
C GLN U 75 38.38 -18.69 34.55
N ARG U 76 37.11 -18.56 34.90
CA ARG U 76 36.59 -19.06 36.15
C ARG U 76 36.48 -20.59 36.21
N LYS U 77 36.37 -21.25 35.06
CA LYS U 77 36.35 -22.72 35.02
C LYS U 77 37.70 -23.23 35.35
N SER U 78 37.76 -24.21 36.24
CA SER U 78 39.05 -24.66 36.75
C SER U 78 39.77 -25.59 35.80
N TYR U 79 40.95 -25.18 35.38
CA TYR U 79 41.77 -26.00 34.52
C TYR U 79 42.91 -26.59 35.28
N ARG U 80 43.36 -27.75 34.81
CA ARG U 80 44.44 -28.49 35.39
C ARG U 80 45.70 -28.17 34.63
N ARG U 81 46.79 -27.96 35.36
CA ARG U 81 48.14 -27.85 34.80
C ARG U 81 48.77 -29.23 34.82
N LYS U 82 49.71 -29.47 33.91
CA LYS U 82 50.41 -30.77 33.85
C LYS U 82 51.01 -31.21 35.19
N ASP U 83 51.45 -30.27 36.00
CA ASP U 83 51.95 -30.56 37.36
C ASP U 83 50.86 -30.80 38.42
N GLY U 84 49.63 -31.08 37.97
CA GLY U 84 48.60 -31.64 38.81
C GLY U 84 47.86 -30.67 39.68
N VAL U 85 48.08 -29.37 39.49
CA VAL U 85 47.41 -28.36 40.28
C VAL U 85 46.22 -27.91 39.47
N PHE U 86 45.05 -27.86 40.08
CA PHE U 86 43.93 -27.22 39.44
C PHE U 86 43.98 -25.74 39.79
N LEU U 87 43.46 -24.90 38.90
CA LEU U 87 43.62 -23.45 39.01
C LEU U 87 42.44 -22.76 38.40
N TYR U 88 41.81 -21.85 39.15
CA TYR U 88 40.74 -21.02 38.62
C TYR U 88 40.86 -19.59 39.10
N PHE U 89 40.12 -18.70 38.45
CA PHE U 89 40.53 -17.30 38.37
C PHE U 89 39.58 -16.21 38.87
N GLU U 90 38.53 -16.56 39.60
CA GLU U 90 37.64 -15.56 40.20
C GLU U 90 36.77 -14.76 39.19
N ASP U 91 37.32 -14.39 38.04
CA ASP U 91 36.53 -13.86 36.92
C ASP U 91 36.99 -14.35 35.54
N ASN U 92 36.08 -14.37 34.57
CA ASN U 92 36.45 -14.58 33.19
C ASN U 92 36.85 -13.24 32.66
N ALA U 93 37.87 -13.21 31.81
CA ALA U 93 38.37 -11.94 31.28
C ALA U 93 39.11 -12.09 29.99
N GLY U 94 39.40 -10.97 29.35
CA GLY U 94 40.17 -10.97 28.11
C GLY U 94 40.75 -9.63 27.71
N VAL U 95 41.38 -9.61 26.55
CA VAL U 95 41.93 -8.37 25.99
C VAL U 95 41.74 -8.32 24.49
N ILE U 96 41.48 -7.12 24.00
CA ILE U 96 41.27 -6.92 22.57
C ILE U 96 42.66 -6.89 21.94
N VAL U 97 42.74 -7.49 20.76
CA VAL U 97 44.00 -7.88 20.15
C VAL U 97 43.82 -7.78 18.64
N ASN U 98 44.94 -7.76 17.89
CA ASN U 98 44.89 -7.91 16.43
C ASN U 98 45.32 -9.31 15.96
N ASN U 99 44.85 -9.69 14.78
CA ASN U 99 45.16 -10.98 14.15
C ASN U 99 46.56 -11.56 14.44
N LYS U 100 47.59 -10.71 14.35
CA LYS U 100 48.98 -11.16 14.55
C LYS U 100 49.42 -11.29 16.02
N GLY U 101 48.51 -11.00 16.97
CA GLY U 101 48.76 -11.23 18.39
C GLY U 101 49.12 -10.02 19.24
N GLU U 102 49.34 -8.87 18.62
CA GLU U 102 49.62 -7.65 19.38
C GLU U 102 48.37 -7.12 20.08
N MET U 103 48.57 -6.54 21.27
CA MET U 103 47.48 -5.90 21.99
C MET U 103 47.14 -4.57 21.36
N LYS U 104 45.85 -4.25 21.30
CA LYS U 104 45.40 -2.93 20.87
C LYS U 104 45.28 -1.99 22.07
N GLY U 105 45.13 -2.56 23.26
CA GLY U 105 45.33 -1.83 24.52
C GLY U 105 46.81 -1.66 24.84
N SER U 106 47.08 -1.38 26.11
CA SER U 106 48.45 -1.08 26.58
C SER U 106 48.85 -1.63 27.95
N ALA U 107 47.88 -1.86 28.83
CA ALA U 107 48.15 -2.37 30.17
C ALA U 107 47.01 -3.26 30.65
N ILE U 108 47.38 -4.45 31.13
CA ILE U 108 46.41 -5.46 31.53
C ILE U 108 46.19 -5.39 33.04
N THR U 109 44.98 -5.02 33.44
CA THR U 109 44.58 -5.11 34.84
C THR U 109 44.44 -6.57 35.26
N GLY U 110 44.86 -6.85 36.48
CA GLY U 110 44.77 -8.20 37.05
C GLY U 110 45.75 -9.18 36.45
N PRO U 111 45.71 -10.44 36.93
CA PRO U 111 46.68 -11.43 36.49
C PRO U 111 46.30 -12.05 35.16
N VAL U 112 47.30 -12.53 34.45
CA VAL U 112 47.13 -13.27 33.20
C VAL U 112 47.56 -14.68 33.48
N ALA U 113 46.78 -15.66 33.05
CA ALA U 113 47.14 -17.06 33.23
C ALA U 113 48.40 -17.40 32.45
N LYS U 114 49.30 -18.18 33.04
CA LYS U 114 50.59 -18.44 32.38
C LYS U 114 50.45 -19.33 31.15
N GLU U 115 49.34 -20.05 31.05
CA GLU U 115 49.01 -20.78 29.84
C GLU U 115 48.89 -19.81 28.67
N CYS U 116 48.27 -18.66 28.94
CA CYS U 116 48.10 -17.60 27.96
C CYS U 116 49.38 -16.80 27.74
N ALA U 117 50.11 -16.50 28.81
CA ALA U 117 51.30 -15.65 28.72
C ALA U 117 52.44 -16.30 27.93
N ASP U 118 52.65 -17.59 28.17
CA ASP U 118 53.65 -18.35 27.43
C ASP U 118 53.35 -18.38 25.93
N LEU U 119 52.07 -18.45 25.61
CA LEU U 119 51.60 -18.52 24.23
C LEU U 119 51.56 -17.16 23.50
N TRP U 120 51.21 -16.09 24.23
CA TRP U 120 51.04 -14.74 23.68
C TRP U 120 52.03 -13.74 24.30
N PRO U 121 53.20 -13.56 23.67
CA PRO U 121 54.27 -12.81 24.34
C PRO U 121 53.97 -11.33 24.58
N ARG U 122 53.18 -10.73 23.70
CA ARG U 122 52.92 -9.28 23.79
C ARG U 122 51.92 -8.97 24.89
N ILE U 123 51.02 -9.91 25.13
CA ILE U 123 50.16 -9.88 26.31
C ILE U 123 51.01 -10.06 27.55
N ALA U 124 51.88 -11.06 27.53
CA ALA U 124 52.74 -11.36 28.67
C ALA U 124 53.61 -10.18 29.10
N SER U 125 54.09 -9.41 28.13
CA SER U 125 54.92 -8.26 28.43
C SER U 125 54.14 -7.19 29.20
N ASN U 126 52.89 -6.94 28.79
CA ASN U 126 52.05 -5.96 29.49
C ASN U 126 51.50 -6.49 30.81
N ALA U 127 51.41 -7.81 30.95
CA ALA U 127 50.87 -8.43 32.15
C ALA U 127 51.72 -8.17 33.38
N GLY U 128 51.11 -7.59 34.40
CA GLY U 128 51.79 -7.27 35.65
C GLY U 128 52.11 -8.53 36.42
N SER U 129 51.06 -9.32 36.68
CA SER U 129 51.19 -10.55 37.43
C SER U 129 50.80 -11.72 36.53
N ILE U 130 51.49 -12.84 36.69
CA ILE U 130 51.18 -14.04 35.92
C ILE U 130 50.70 -15.14 36.86
N ALA U 131 49.71 -15.90 36.39
CA ALA U 131 49.03 -16.98 37.12
C ALA U 131 48.30 -16.47 38.37
N MET V 1 59.10 -30.90 44.12
CA MET V 1 57.65 -30.97 44.53
C MET V 1 57.41 -30.15 45.80
N LYS V 2 57.25 -28.84 45.62
CA LYS V 2 57.11 -27.91 46.75
C LYS V 2 55.74 -28.07 47.41
N VAL V 3 55.71 -28.77 48.53
CA VAL V 3 54.48 -28.87 49.33
C VAL V 3 54.08 -27.48 49.83
N GLU V 4 52.84 -27.11 49.57
CA GLU V 4 52.33 -25.77 49.82
C GLU V 4 51.39 -25.87 50.99
N LEU V 5 51.13 -24.74 51.65
CA LEU V 5 50.21 -24.71 52.78
C LEU V 5 48.84 -24.19 52.36
N CYS V 6 47.80 -24.81 52.90
CA CYS V 6 46.44 -24.39 52.62
C CYS V 6 46.21 -23.03 53.23
N SER V 7 45.67 -22.13 52.42
CA SER V 7 45.50 -20.73 52.80
C SER V 7 44.43 -20.52 53.86
N PHE V 8 43.57 -21.52 54.04
CA PHE V 8 42.56 -21.48 55.09
C PHE V 8 42.99 -22.32 56.28
N SER V 9 43.12 -23.63 56.08
CA SER V 9 43.27 -24.56 57.20
C SER V 9 44.62 -24.42 57.87
N GLY V 10 45.67 -24.63 57.07
CA GLY V 10 47.03 -24.72 57.55
C GLY V 10 47.66 -26.07 57.32
N TYR V 11 46.85 -27.05 56.90
CA TYR V 11 47.39 -28.35 56.53
C TYR V 11 48.28 -28.26 55.31
N LYS V 12 49.26 -29.16 55.24
CA LYS V 12 50.10 -29.29 54.05
C LYS V 12 49.29 -29.89 52.92
N ILE V 13 49.67 -29.54 51.70
CA ILE V 13 48.98 -29.96 50.51
C ILE V 13 50.01 -30.69 49.68
N TYR V 14 49.82 -31.99 49.49
CA TYR V 14 50.73 -32.76 48.65
C TYR V 14 50.39 -32.55 47.16
N PRO V 15 51.41 -32.64 46.28
CA PRO V 15 51.36 -32.39 44.83
C PRO V 15 50.04 -32.66 44.10
N GLY V 16 49.49 -33.86 44.31
CA GLY V 16 48.30 -34.30 43.60
C GLY V 16 47.03 -33.53 43.91
N HIS V 17 46.83 -33.18 45.18
CA HIS V 17 45.51 -32.76 45.65
C HIS V 17 45.32 -31.27 45.56
N GLY V 18 44.14 -30.85 45.97
CA GLY V 18 43.86 -29.46 46.21
C GLY V 18 43.54 -28.71 44.94
N ARG V 19 43.52 -27.38 45.10
CA ARG V 19 42.98 -26.48 44.10
C ARG V 19 43.56 -25.10 44.38
N ARG V 20 43.76 -24.31 43.33
CA ARG V 20 44.42 -23.02 43.44
C ARG V 20 43.49 -21.96 42.94
N TYR V 21 43.49 -20.81 43.62
CA TYR V 21 42.55 -19.73 43.37
C TYR V 21 43.32 -18.46 43.21
N ALA V 22 43.10 -17.77 42.09
CA ALA V 22 43.88 -16.57 41.74
C ALA V 22 42.95 -15.37 41.65
N ARG V 23 42.73 -14.73 42.79
CA ARG V 23 41.83 -13.58 42.89
C ARG V 23 42.36 -12.39 42.09
N THR V 24 41.47 -11.56 41.55
CA THR V 24 41.89 -10.47 40.63
C THR V 24 42.67 -9.30 41.26
N ASP V 25 42.68 -9.21 42.58
CA ASP V 25 43.62 -8.31 43.26
C ASP V 25 45.05 -8.65 42.83
N GLY V 26 45.29 -9.92 42.51
CA GLY V 26 46.59 -10.41 42.09
C GLY V 26 47.28 -11.08 43.25
N LYS V 27 46.56 -11.93 43.98
CA LYS V 27 47.14 -12.80 45.00
C LYS V 27 46.37 -14.11 45.06
N VAL V 28 47.12 -15.17 45.35
CA VAL V 28 46.71 -16.54 45.08
C VAL V 28 46.57 -17.30 46.38
N PHE V 29 45.63 -18.24 46.39
CA PHE V 29 45.38 -19.05 47.57
C PHE V 29 45.28 -20.52 47.21
N GLN V 30 45.90 -21.35 48.03
CA GLN V 30 45.82 -22.77 47.86
C GLN V 30 44.75 -23.23 48.82
N PHE V 31 44.03 -24.28 48.42
CA PHE V 31 43.07 -24.92 49.30
C PHE V 31 43.30 -26.41 49.33
N LEU V 32 43.36 -26.94 50.55
CA LEU V 32 43.53 -28.36 50.73
C LEU V 32 42.42 -29.08 50.03
N ASN V 33 41.19 -28.70 50.35
CA ASN V 33 40.00 -29.35 49.85
C ASN V 33 38.86 -28.35 49.68
N ALA V 34 37.68 -28.82 49.32
CA ALA V 34 36.53 -27.94 49.07
C ALA V 34 35.94 -27.30 50.32
N LYS V 35 35.97 -28.04 51.41
CA LYS V 35 35.54 -27.55 52.71
C LYS V 35 36.24 -26.25 53.08
N CYS V 36 37.56 -26.25 52.94
CA CYS V 36 38.37 -25.07 53.19
C CYS V 36 38.05 -23.96 52.19
N GLU V 37 37.98 -24.32 50.92
CA GLU V 37 37.69 -23.36 49.85
C GLU V 37 36.36 -22.68 50.06
N SER V 38 35.33 -23.46 50.36
CA SER V 38 34.00 -22.89 50.65
C SER V 38 34.07 -21.91 51.81
N ALA V 39 34.71 -22.31 52.90
CA ALA V 39 34.87 -21.47 54.08
C ALA V 39 35.50 -20.12 53.74
N PHE V 40 36.57 -20.16 52.94
CA PHE V 40 37.29 -18.97 52.49
C PHE V 40 36.42 -18.07 51.65
N LEU V 41 35.55 -18.68 50.85
CA LEU V 41 34.67 -17.93 49.95
C LEU V 41 33.49 -17.29 50.70
N SER V 42 32.91 -18.04 51.64
CA SER V 42 31.87 -17.50 52.53
C SER V 42 32.41 -16.48 53.54
N LYS V 43 33.72 -16.30 53.57
CA LYS V 43 34.40 -15.23 54.28
C LYS V 43 34.63 -15.59 55.76
N ARG V 44 34.57 -16.88 56.08
CA ARG V 44 34.74 -17.34 57.45
C ARG V 44 36.16 -17.15 57.90
N ASN V 45 36.33 -16.48 59.02
CA ASN V 45 37.65 -16.21 59.56
C ASN V 45 38.18 -17.48 60.22
N PRO V 46 39.23 -18.09 59.65
CA PRO V 46 39.67 -19.40 60.14
C PRO V 46 40.14 -19.42 61.60
N ARG V 47 40.49 -18.27 62.17
CA ARG V 47 40.80 -18.19 63.60
C ARG V 47 39.59 -18.43 64.51
N GLN V 48 38.37 -18.39 63.95
CA GLN V 48 37.14 -18.77 64.68
C GLN V 48 36.65 -20.21 64.40
N ILE V 49 37.43 -21.01 63.69
CA ILE V 49 37.03 -22.37 63.30
C ILE V 49 37.97 -23.40 63.91
N ASN V 50 37.42 -24.29 64.74
CA ASN V 50 38.26 -25.05 65.70
C ASN V 50 39.26 -26.00 65.09
N TRP V 51 38.97 -26.51 63.90
CA TRP V 51 39.85 -27.49 63.25
C TRP V 51 40.99 -26.88 62.46
N THR V 52 40.97 -25.59 62.19
CA THR V 52 42.09 -24.96 61.49
C THR V 52 43.29 -24.78 62.39
N VAL V 53 44.46 -24.70 61.75
CA VAL V 53 45.70 -24.49 62.46
C VAL V 53 45.62 -23.17 63.20
N LEU V 54 45.32 -22.12 62.45
CA LEU V 54 45.19 -20.76 63.01
C LEU V 54 44.42 -20.66 64.32
N TYR V 55 43.31 -21.39 64.41
CA TYR V 55 42.54 -21.46 65.65
C TYR V 55 43.36 -22.08 66.76
N ARG V 56 44.02 -23.19 66.45
CA ARG V 56 44.79 -23.90 67.46
C ARG V 56 46.00 -23.11 67.94
N ARG V 57 46.66 -22.39 67.03
CA ARG V 57 47.70 -21.44 67.43
C ARG V 57 47.15 -20.44 68.44
N LYS V 58 46.08 -19.75 68.05
CA LYS V 58 45.47 -18.73 68.90
C LYS V 58 45.15 -19.22 70.29
N HIS V 59 44.48 -20.37 70.36
CA HIS V 59 44.00 -20.93 71.62
C HIS V 59 45.04 -21.79 72.36
N LYS V 60 46.26 -21.87 71.84
CA LYS V 60 47.38 -22.47 72.55
C LYS V 60 47.11 -23.95 72.83
N LYS V 61 46.74 -24.68 71.79
CA LYS V 61 46.39 -26.10 71.93
C LYS V 61 47.55 -27.02 71.55
N GLY V 62 47.69 -28.10 72.31
CA GLY V 62 48.92 -28.89 72.36
C GLY V 62 49.92 -28.18 73.26
N GLN V 63 51.17 -28.65 73.24
CA GLN V 63 52.30 -28.01 73.94
C GLN V 63 52.09 -27.85 75.45
N LYS W 1 -94.32 0.05 45.91
CA LYS W 1 -93.66 1.15 46.70
C LYS W 1 -92.65 0.57 47.71
N LYS W 2 -91.69 -0.19 47.17
CA LYS W 2 -90.53 -0.65 47.95
C LYS W 2 -89.29 -0.32 47.12
N ILE W 3 -88.56 0.70 47.55
CA ILE W 3 -87.48 1.30 46.74
C ILE W 3 -86.17 0.53 46.77
N ARG W 4 -85.40 0.65 45.68
CA ARG W 4 -84.02 0.16 45.63
C ARG W 4 -83.08 1.20 46.22
N THR W 5 -82.55 0.89 47.40
CA THR W 5 -81.56 1.72 48.10
C THR W 5 -80.19 1.67 47.41
N SER W 6 -79.85 0.50 46.86
CA SER W 6 -78.53 0.20 46.29
C SER W 6 -78.67 -0.10 44.80
N PRO W 7 -77.64 0.21 44.00
CA PRO W 7 -77.67 -0.01 42.57
C PRO W 7 -77.42 -1.44 42.12
N THR W 8 -76.97 -2.31 43.03
CA THR W 8 -76.85 -3.74 42.72
C THR W 8 -78.21 -4.40 42.69
N PHE W 9 -78.32 -5.50 41.95
CA PHE W 9 -79.44 -6.40 42.10
C PHE W 9 -78.93 -7.81 42.28
N ARG W 10 -78.65 -8.13 43.54
CA ARG W 10 -78.33 -9.49 43.93
C ARG W 10 -79.54 -10.40 43.75
N ARG W 11 -79.26 -11.69 43.68
CA ARG W 11 -80.29 -12.71 43.55
C ARG W 11 -81.16 -12.76 44.81
N PRO W 12 -82.48 -12.96 44.66
CA PRO W 12 -83.34 -13.08 45.83
C PRO W 12 -83.25 -14.46 46.48
N LYS W 13 -83.22 -14.45 47.81
CA LYS W 13 -83.11 -15.65 48.59
C LYS W 13 -84.48 -16.31 48.61
N THR W 14 -84.59 -17.43 47.88
CA THR W 14 -85.82 -18.18 47.78
C THR W 14 -85.89 -19.25 48.86
N LEU W 15 -87.09 -19.77 49.11
CA LEU W 15 -87.25 -20.97 49.93
C LEU W 15 -86.59 -22.12 49.19
N ARG W 16 -85.83 -22.95 49.90
CA ARG W 16 -85.40 -24.24 49.35
C ARG W 16 -85.53 -25.36 50.36
N LEU W 17 -86.08 -26.48 49.90
CA LEU W 17 -86.65 -27.52 50.76
C LEU W 17 -85.67 -28.59 51.17
N ARG W 18 -86.01 -29.29 52.24
CA ARG W 18 -85.30 -30.52 52.62
C ARG W 18 -85.70 -31.62 51.66
N ARG W 19 -84.84 -32.63 51.57
CA ARG W 19 -85.16 -33.88 50.88
C ARG W 19 -86.29 -34.58 51.62
N GLN W 20 -87.23 -35.14 50.86
CA GLN W 20 -88.26 -36.02 51.43
C GLN W 20 -88.39 -37.21 50.49
N PRO W 21 -87.33 -38.03 50.44
CA PRO W 21 -87.24 -39.05 49.42
C PRO W 21 -88.35 -40.11 49.50
N LYS W 22 -89.01 -40.29 48.37
CA LYS W 22 -90.09 -41.26 48.21
C LYS W 22 -89.66 -42.69 48.50
N TYR W 23 -88.36 -42.97 48.35
CA TYR W 23 -87.80 -44.25 48.78
C TYR W 23 -86.33 -44.09 49.16
N PRO W 24 -85.82 -44.95 50.05
CA PRO W 24 -84.40 -44.90 50.38
C PRO W 24 -83.58 -45.56 49.29
N ARG W 25 -82.42 -44.99 48.98
CA ARG W 25 -81.63 -45.48 47.84
C ARG W 25 -81.08 -46.86 48.11
N LYS W 26 -80.35 -47.00 49.22
CA LYS W 26 -79.79 -48.29 49.64
C LYS W 26 -80.71 -48.89 50.70
N SER W 27 -80.97 -50.19 50.58
CA SER W 27 -82.05 -50.85 51.32
C SER W 27 -81.90 -50.69 52.81
N ALA W 28 -80.74 -51.11 53.31
CA ALA W 28 -80.41 -51.05 54.72
C ALA W 28 -79.04 -50.43 54.86
N PRO W 29 -78.73 -49.88 56.05
CA PRO W 29 -77.41 -49.28 56.25
C PRO W 29 -76.32 -50.32 56.30
N ARG W 30 -75.14 -49.95 55.80
CA ARG W 30 -73.98 -50.83 55.79
C ARG W 30 -73.61 -51.16 57.23
N ARG W 31 -73.57 -52.45 57.57
CA ARG W 31 -73.07 -52.89 58.88
C ARG W 31 -71.61 -52.53 58.99
N ASN W 32 -71.21 -52.07 60.18
CA ASN W 32 -69.84 -51.60 60.38
C ASN W 32 -68.86 -52.76 60.32
N LYS W 33 -67.73 -52.52 59.67
CA LYS W 33 -66.70 -53.54 59.51
C LYS W 33 -65.38 -53.07 60.10
N LEU W 34 -65.48 -52.44 61.26
CA LEU W 34 -64.32 -52.03 62.02
C LEU W 34 -64.75 -52.05 63.49
N ASP W 35 -65.09 -53.25 63.93
CA ASP W 35 -65.60 -53.50 65.28
C ASP W 35 -64.46 -53.64 66.27
N HIS W 36 -64.83 -53.76 67.54
CA HIS W 36 -63.89 -53.99 68.63
C HIS W 36 -62.94 -55.15 68.35
N TYR W 37 -63.38 -56.11 67.54
CA TYR W 37 -62.55 -57.25 67.17
C TYR W 37 -61.67 -56.96 65.97
N ALA W 38 -62.26 -56.47 64.89
CA ALA W 38 -61.51 -56.20 63.66
C ALA W 38 -60.43 -55.13 63.82
N ILE W 39 -60.67 -54.18 64.71
CA ILE W 39 -59.70 -53.14 65.01
C ILE W 39 -58.41 -53.65 65.65
N ILE W 40 -58.47 -54.65 66.53
CA ILE W 40 -57.29 -55.17 67.23
C ILE W 40 -56.99 -56.56 66.75
N LYS W 41 -55.92 -56.71 65.97
CA LYS W 41 -55.60 -57.98 65.31
C LYS W 41 -55.02 -59.00 66.27
N PHE W 42 -53.88 -58.67 66.87
CA PHE W 42 -53.25 -59.54 67.86
C PHE W 42 -52.19 -58.79 68.63
N PRO W 43 -51.79 -59.30 69.80
CA PRO W 43 -50.75 -58.69 70.58
C PRO W 43 -49.35 -59.11 70.13
N LEU W 44 -48.43 -58.17 70.12
CA LEU W 44 -47.02 -58.47 69.97
C LEU W 44 -46.48 -59.11 71.24
N THR W 45 -45.70 -60.17 71.07
CA THR W 45 -45.05 -60.86 72.18
C THR W 45 -43.54 -60.81 72.01
N THR W 46 -43.09 -59.69 71.45
CA THR W 46 -41.69 -59.50 71.11
C THR W 46 -40.93 -59.15 72.37
N GLU W 47 -39.63 -59.42 72.38
CA GLU W 47 -38.78 -59.09 73.52
C GLU W 47 -39.00 -57.66 73.96
N SER W 48 -38.98 -56.74 72.99
CA SER W 48 -39.23 -55.32 73.25
C SER W 48 -40.61 -55.05 73.86
N ALA W 49 -41.64 -55.70 73.32
CA ALA W 49 -43.01 -55.54 73.82
C ALA W 49 -43.16 -56.03 75.24
N MET W 50 -42.60 -57.20 75.53
CA MET W 50 -42.67 -57.77 76.87
C MET W 50 -42.00 -56.90 77.92
N LYS W 51 -40.89 -56.29 77.53
CA LYS W 51 -40.18 -55.33 78.38
C LYS W 51 -41.01 -54.07 78.61
N LYS W 52 -41.72 -53.64 77.57
CA LYS W 52 -42.66 -52.51 77.63
C LYS W 52 -43.86 -52.79 78.56
N ILE W 53 -44.36 -54.02 78.50
CA ILE W 53 -45.45 -54.49 79.35
C ILE W 53 -45.06 -54.47 80.82
N GLU W 54 -43.98 -55.18 81.15
CA GLU W 54 -43.60 -55.35 82.56
C GLU W 54 -43.21 -54.03 83.24
N ASP W 55 -42.50 -53.15 82.51
CA ASP W 55 -41.87 -51.97 83.11
C ASP W 55 -42.76 -50.71 83.04
N ASN W 56 -43.31 -50.43 81.86
CA ASN W 56 -44.06 -49.19 81.61
C ASN W 56 -45.56 -49.26 81.88
N ASN W 57 -46.10 -50.44 82.18
CA ASN W 57 -47.52 -50.65 82.42
C ASN W 57 -48.36 -50.49 81.16
N THR W 58 -47.84 -50.98 80.04
CA THR W 58 -48.51 -50.89 78.73
C THR W 58 -48.90 -52.27 78.20
N LEU W 59 -49.59 -52.27 77.07
CA LEU W 59 -49.72 -53.44 76.22
C LEU W 59 -49.40 -53.01 74.80
N VAL W 60 -48.88 -53.93 74.00
CA VAL W 60 -48.49 -53.60 72.64
C VAL W 60 -49.31 -54.44 71.70
N PHE W 61 -49.98 -53.75 70.77
CA PHE W 61 -50.89 -54.37 69.83
C PHE W 61 -50.55 -54.02 68.42
N ILE W 62 -50.94 -54.92 67.53
CA ILE W 62 -51.05 -54.62 66.13
C ILE W 62 -52.50 -54.40 65.93
N VAL W 63 -52.80 -53.36 65.17
CA VAL W 63 -54.12 -52.78 65.07
C VAL W 63 -54.42 -52.66 63.59
N ASP W 64 -55.68 -52.48 63.23
CA ASP W 64 -56.03 -52.19 61.85
C ASP W 64 -55.71 -50.74 61.53
N VAL W 65 -55.06 -50.55 60.38
CA VAL W 65 -54.46 -49.28 59.99
C VAL W 65 -55.45 -48.11 59.90
N LYS W 66 -56.72 -48.44 59.68
CA LYS W 66 -57.77 -47.43 59.63
C LYS W 66 -58.17 -46.83 61.00
N ALA W 67 -57.68 -47.41 62.09
CA ALA W 67 -58.06 -47.01 63.44
C ALA W 67 -57.50 -45.67 63.89
N ASN W 68 -58.34 -44.92 64.62
CA ASN W 68 -57.89 -43.75 65.39
C ASN W 68 -57.42 -44.24 66.73
N LYS W 69 -56.68 -43.40 67.44
CA LYS W 69 -56.38 -43.67 68.84
C LYS W 69 -57.68 -43.78 69.64
N HIS W 70 -58.67 -42.94 69.31
CA HIS W 70 -59.98 -42.98 69.98
C HIS W 70 -60.68 -44.32 69.81
N GLN W 71 -60.59 -44.89 68.61
CA GLN W 71 -61.23 -46.17 68.33
C GLN W 71 -60.49 -47.28 69.06
N ILE W 72 -59.16 -47.21 69.09
CA ILE W 72 -58.34 -48.23 69.75
C ILE W 72 -58.59 -48.24 71.25
N LYS W 73 -58.60 -47.05 71.83
CA LYS W 73 -58.92 -46.87 73.23
C LYS W 73 -60.26 -47.52 73.57
N GLN W 74 -61.30 -47.23 72.80
CA GLN W 74 -62.64 -47.82 73.00
C GLN W 74 -62.65 -49.33 72.82
N ALA W 75 -61.88 -49.80 71.85
CA ALA W 75 -61.80 -51.22 71.57
C ALA W 75 -61.20 -51.97 72.72
N VAL W 76 -59.99 -51.58 73.11
CA VAL W 76 -59.29 -52.26 74.19
C VAL W 76 -60.16 -52.31 75.42
N LYS W 77 -60.77 -51.18 75.75
CA LYS W 77 -61.70 -51.09 76.87
C LYS W 77 -62.80 -52.16 76.79
N LYS W 78 -63.39 -52.29 75.62
CA LYS W 78 -64.46 -53.26 75.40
C LYS W 78 -63.99 -54.71 75.54
N LEU W 79 -62.87 -55.04 74.90
CA LEU W 79 -62.39 -56.43 74.86
C LEU W 79 -61.93 -56.92 76.20
N TYR W 80 -61.06 -56.15 76.84
CA TYR W 80 -60.40 -56.59 78.06
C TYR W 80 -60.92 -55.92 79.33
N ASP W 81 -62.13 -55.35 79.25
CA ASP W 81 -62.82 -54.77 80.41
C ASP W 81 -61.84 -54.00 81.28
N ILE W 82 -61.07 -53.16 80.61
CA ILE W 82 -59.92 -52.50 81.18
C ILE W 82 -60.20 -50.99 81.16
N ASP W 83 -59.18 -50.18 81.41
CA ASP W 83 -59.24 -48.76 81.14
C ASP W 83 -57.84 -48.24 80.79
N VAL W 84 -57.81 -47.36 79.81
CA VAL W 84 -56.58 -46.92 79.17
C VAL W 84 -56.24 -45.52 79.61
N ALA W 85 -54.95 -45.26 79.75
CA ALA W 85 -54.47 -43.91 80.02
C ALA W 85 -54.30 -43.18 78.71
N LYS W 86 -53.51 -43.76 77.80
CA LYS W 86 -53.22 -43.14 76.51
C LYS W 86 -52.75 -44.14 75.46
N VAL W 87 -53.14 -43.86 74.21
CA VAL W 87 -52.80 -44.68 73.08
C VAL W 87 -51.81 -43.91 72.25
N ASN W 88 -50.90 -44.63 71.62
CA ASN W 88 -49.68 -44.05 71.10
C ASN W 88 -49.21 -44.79 69.86
N THR W 89 -49.93 -44.59 68.77
CA THR W 89 -49.78 -45.41 67.58
C THR W 89 -48.57 -45.10 66.74
N LEU W 90 -48.10 -46.10 66.01
CA LEU W 90 -47.23 -45.89 64.86
C LEU W 90 -47.56 -46.86 63.76
N ILE W 91 -46.98 -46.66 62.59
CA ILE W 91 -47.19 -47.58 61.49
C ILE W 91 -45.89 -48.30 61.14
N ARG W 92 -45.88 -49.63 61.24
CA ARG W 92 -44.66 -50.40 60.95
C ARG W 92 -44.33 -50.28 59.47
N PRO W 93 -43.04 -50.35 59.12
CA PRO W 93 -42.59 -50.41 57.74
C PRO W 93 -42.78 -51.84 57.23
N ASP W 94 -43.99 -52.09 56.77
CA ASP W 94 -44.60 -53.43 56.74
C ASP W 94 -46.07 -53.24 56.40
N GLY W 95 -46.71 -52.30 57.10
CA GLY W 95 -48.09 -51.90 56.85
C GLY W 95 -49.04 -52.12 58.02
N GLU W 96 -48.54 -52.66 59.12
CA GLU W 96 -49.34 -52.92 60.29
C GLU W 96 -49.18 -51.79 61.28
N LYS W 97 -50.29 -51.14 61.61
CA LYS W 97 -50.30 -50.11 62.65
C LYS W 97 -50.08 -50.73 64.02
N LYS W 98 -48.98 -50.37 64.65
CA LYS W 98 -48.68 -50.76 66.03
C LYS W 98 -49.26 -49.71 66.96
N ALA W 99 -49.70 -50.13 68.14
CA ALA W 99 -50.28 -49.19 69.11
C ALA W 99 -49.83 -49.58 70.50
N TYR W 100 -48.94 -48.78 71.08
CA TYR W 100 -48.57 -48.94 72.47
C TYR W 100 -49.72 -48.34 73.29
N VAL W 101 -50.24 -49.09 74.25
CA VAL W 101 -51.40 -48.67 75.02
C VAL W 101 -51.05 -48.62 76.50
N ARG W 102 -50.88 -47.41 77.03
CA ARG W 102 -50.56 -47.19 78.43
C ARG W 102 -51.80 -47.44 79.28
N LEU W 103 -51.77 -48.49 80.09
CA LEU W 103 -52.89 -48.79 80.96
C LEU W 103 -52.82 -47.94 82.22
N ALA W 104 -54.00 -47.57 82.72
CA ALA W 104 -54.12 -46.69 83.89
C ALA W 104 -53.55 -47.35 85.15
N PRO W 105 -53.03 -46.54 86.10
CA PRO W 105 -52.20 -47.08 87.19
C PRO W 105 -52.90 -48.03 88.17
N ASP W 106 -54.23 -47.90 88.29
CA ASP W 106 -55.03 -48.86 89.07
C ASP W 106 -54.83 -50.31 88.61
N TYR W 107 -54.72 -50.52 87.30
CA TYR W 107 -54.51 -51.85 86.73
C TYR W 107 -53.04 -52.14 86.49
N ASP W 108 -52.70 -53.43 86.53
CA ASP W 108 -51.37 -53.91 86.16
C ASP W 108 -51.42 -54.46 84.76
N ALA W 109 -50.29 -54.38 84.07
CA ALA W 109 -50.17 -54.85 82.70
C ALA W 109 -49.88 -56.35 82.66
N LEU W 110 -49.09 -56.82 83.62
CA LEU W 110 -48.70 -58.22 83.67
C LEU W 110 -49.91 -59.13 83.89
N ASP W 111 -50.85 -58.68 84.72
CA ASP W 111 -52.03 -59.46 85.05
C ASP W 111 -52.95 -59.62 83.86
N VAL W 112 -53.25 -58.50 83.20
CA VAL W 112 -54.05 -58.55 81.97
C VAL W 112 -53.36 -59.38 80.87
N ALA W 113 -52.04 -59.26 80.75
CA ALA W 113 -51.28 -60.05 79.77
C ALA W 113 -51.51 -61.55 79.97
N ASN W 114 -51.41 -62.01 81.22
CA ASN W 114 -51.70 -63.40 81.57
C ASN W 114 -53.13 -63.80 81.24
N LYS W 115 -54.05 -62.87 81.44
CA LYS W 115 -55.46 -63.06 81.13
C LYS W 115 -55.68 -63.32 79.64
N ILE W 116 -55.07 -62.50 78.78
CA ILE W 116 -55.25 -62.60 77.32
C ILE W 116 -54.46 -63.75 76.67
N GLY W 117 -53.36 -64.17 77.30
CA GLY W 117 -52.60 -65.35 76.85
C GLY W 117 -51.10 -65.14 76.76
N ILE W 118 -50.68 -63.92 76.44
CA ILE W 118 -49.26 -63.63 76.19
C ILE W 118 -48.48 -63.50 77.49
N ILE W 119 -47.23 -63.96 77.47
CA ILE W 119 -46.26 -63.69 78.54
C ILE W 119 -44.89 -64.25 78.14
N MET X 1 -66.07 -94.55 13.75
CA MET X 1 -65.74 -93.08 13.74
C MET X 1 -66.53 -92.34 14.79
N LYS X 2 -66.21 -91.04 14.95
CA LYS X 2 -67.00 -90.16 15.79
C LYS X 2 -67.57 -89.05 14.91
N PHE X 3 -68.87 -88.82 15.05
CA PHE X 3 -69.65 -88.01 14.12
C PHE X 3 -70.09 -86.72 14.78
N ASN X 4 -70.58 -86.82 16.03
CA ASN X 4 -70.86 -85.65 16.86
C ASN X 4 -69.81 -84.59 16.61
N PRO X 5 -70.21 -83.42 16.10
CA PRO X 5 -69.28 -82.38 15.71
C PRO X 5 -69.04 -81.33 16.82
N PHE X 6 -69.23 -81.73 18.07
CA PHE X 6 -68.84 -80.91 19.20
C PHE X 6 -67.85 -81.61 20.12
N VAL X 7 -67.41 -82.81 19.74
CA VAL X 7 -66.36 -83.51 20.45
C VAL X 7 -65.12 -83.38 19.55
N THR X 8 -64.00 -83.94 19.96
CA THR X 8 -62.74 -83.31 19.63
C THR X 8 -61.69 -84.14 18.91
N SER X 9 -61.43 -85.35 19.38
CA SER X 9 -60.48 -86.24 18.68
C SER X 9 -59.12 -85.61 18.39
N ASP X 10 -58.65 -84.77 19.30
CA ASP X 10 -57.52 -83.89 19.02
C ASP X 10 -56.50 -84.01 20.13
N ARG X 11 -55.45 -84.80 19.89
CA ARG X 11 -54.42 -85.09 20.91
C ARG X 11 -54.32 -84.03 21.98
N SER X 12 -53.91 -82.84 21.55
CA SER X 12 -53.60 -81.77 22.47
C SER X 12 -54.79 -81.40 23.33
N LYS X 13 -55.98 -81.38 22.74
CA LYS X 13 -57.19 -81.02 23.47
C LYS X 13 -57.63 -82.10 24.42
N ASN X 14 -57.58 -83.36 24.00
CA ASN X 14 -57.89 -84.45 24.91
C ASN X 14 -56.82 -84.67 25.97
N ARG X 15 -55.57 -84.35 25.65
CA ARG X 15 -54.52 -84.41 26.65
C ARG X 15 -54.65 -83.28 27.65
N LYS X 16 -55.00 -82.09 27.18
CA LYS X 16 -55.23 -80.97 28.09
C LYS X 16 -56.41 -81.29 28.99
N ARG X 17 -57.49 -81.77 28.37
CA ARG X 17 -58.67 -82.20 29.09
C ARG X 17 -58.38 -83.14 30.26
N HIS X 18 -57.42 -84.03 30.04
CA HIS X 18 -57.05 -85.06 31.00
C HIS X 18 -56.24 -84.53 32.15
N PHE X 19 -55.11 -83.92 31.85
CA PHE X 19 -54.17 -83.48 32.89
C PHE X 19 -54.65 -82.26 33.66
N ASN X 20 -55.62 -81.54 33.11
CA ASN X 20 -56.27 -80.43 33.81
C ASN X 20 -57.71 -80.76 34.22
N ALA X 21 -57.98 -82.03 34.50
CA ALA X 21 -59.31 -82.42 34.91
C ALA X 21 -59.50 -82.15 36.39
N PRO X 22 -60.71 -81.73 36.78
CA PRO X 22 -61.06 -81.39 38.15
C PRO X 22 -61.60 -82.58 38.93
N SER X 23 -61.26 -82.63 40.23
CA SER X 23 -61.48 -83.81 41.10
C SER X 23 -62.65 -84.70 40.72
N HIS X 24 -63.82 -84.09 40.58
CA HIS X 24 -65.03 -84.85 40.35
C HIS X 24 -65.04 -85.56 39.00
N ILE X 25 -64.34 -85.00 38.02
CA ILE X 25 -64.14 -85.66 36.73
C ILE X 25 -63.07 -86.74 36.80
N ARG X 26 -62.03 -86.48 37.58
CA ARG X 26 -60.97 -87.46 37.78
C ARG X 26 -61.42 -88.71 38.51
N ARG X 27 -62.44 -88.57 39.36
CA ARG X 27 -63.15 -89.73 39.93
C ARG X 27 -63.58 -90.69 38.84
N LYS X 28 -64.25 -90.15 37.83
CA LYS X 28 -64.78 -90.93 36.74
C LYS X 28 -63.67 -91.55 35.96
N ILE X 29 -62.61 -90.80 35.70
CA ILE X 29 -61.49 -91.30 34.92
C ILE X 29 -60.81 -92.44 35.65
N MET X 30 -60.60 -92.27 36.95
CA MET X 30 -59.99 -93.29 37.78
C MET X 30 -61.00 -94.33 38.22
N SER X 31 -61.68 -94.92 37.24
CA SER X 31 -62.48 -96.10 37.49
C SER X 31 -61.60 -97.28 37.17
N SER X 32 -62.10 -98.44 37.54
CA SER X 32 -61.41 -99.69 37.33
C SER X 32 -62.46 -100.75 37.17
N PRO X 33 -62.11 -101.86 36.53
CA PRO X 33 -63.06 -102.93 36.33
C PRO X 33 -63.38 -103.72 37.60
N LEU X 34 -64.56 -104.33 37.60
CA LEU X 34 -64.95 -105.29 38.61
C LEU X 34 -64.46 -106.67 38.20
N SER X 35 -64.37 -107.57 39.19
CA SER X 35 -64.00 -108.96 38.91
C SER X 35 -65.13 -109.65 38.17
N LYS X 36 -64.79 -110.71 37.45
CA LYS X 36 -65.81 -111.52 36.75
C LYS X 36 -66.84 -112.16 37.70
N GLU X 37 -66.49 -112.30 38.97
CA GLU X 37 -67.44 -112.66 40.01
C GLU X 37 -68.50 -111.57 40.23
N LEU X 38 -68.04 -110.33 40.40
CA LEU X 38 -68.95 -109.20 40.65
C LEU X 38 -69.70 -108.75 39.41
N ARG X 39 -69.04 -108.81 38.26
CA ARG X 39 -69.65 -108.51 36.96
C ARG X 39 -70.94 -109.32 36.75
N GLN X 40 -70.82 -110.63 37.02
CA GLN X 40 -71.94 -111.56 36.94
C GLN X 40 -73.09 -111.15 37.86
N LYS X 41 -72.74 -110.74 39.08
CA LYS X 41 -73.74 -110.40 40.11
C LYS X 41 -74.50 -109.10 39.86
N TYR X 42 -73.77 -108.01 39.65
CA TYR X 42 -74.35 -106.67 39.56
C TYR X 42 -74.76 -106.24 38.16
N ASN X 43 -74.22 -106.88 37.13
CA ASN X 43 -74.45 -106.49 35.73
C ASN X 43 -73.82 -105.13 35.40
N VAL X 44 -72.57 -104.98 35.83
CA VAL X 44 -71.82 -103.74 35.73
C VAL X 44 -70.38 -104.10 35.40
N ARG X 45 -69.81 -103.41 34.42
CA ARG X 45 -68.45 -103.66 33.95
C ARG X 45 -67.43 -103.11 34.94
N SER X 46 -67.60 -101.83 35.28
CA SER X 46 -66.61 -101.06 36.00
C SER X 46 -67.18 -99.99 36.92
N MET X 47 -66.40 -99.63 37.93
CA MET X 47 -66.78 -98.68 38.94
C MET X 47 -65.64 -97.72 39.22
N PRO X 48 -65.98 -96.46 39.55
CA PRO X 48 -65.02 -95.55 40.16
C PRO X 48 -64.44 -96.19 41.42
N ILE X 49 -63.12 -96.20 41.51
CA ILE X 49 -62.43 -96.81 42.64
C ILE X 49 -62.47 -95.84 43.82
N ARG X 50 -62.32 -96.39 45.02
CA ARG X 50 -62.60 -95.64 46.25
C ARG X 50 -61.70 -96.08 47.42
N LYS X 51 -61.55 -95.19 48.40
CA LYS X 51 -60.61 -95.35 49.53
C LYS X 51 -60.41 -96.73 50.12
N ASP X 52 -61.44 -97.56 50.20
CA ASP X 52 -61.32 -98.85 50.88
C ASP X 52 -62.13 -99.96 50.18
N ASP X 53 -61.80 -100.12 48.90
CA ASP X 53 -62.18 -101.27 48.12
C ASP X 53 -61.07 -102.31 48.29
N GLU X 54 -61.42 -103.58 48.16
CA GLU X 54 -60.42 -104.64 48.06
C GLU X 54 -60.17 -104.85 46.57
N VAL X 55 -58.92 -105.16 46.26
CA VAL X 55 -58.37 -104.94 44.93
C VAL X 55 -57.25 -105.92 44.63
N GLN X 56 -57.18 -106.37 43.39
CA GLN X 56 -56.02 -107.10 42.91
C GLN X 56 -55.34 -106.26 41.86
N VAL X 57 -54.02 -106.18 41.94
CA VAL X 57 -53.20 -105.55 40.91
C VAL X 57 -53.01 -106.57 39.80
N VAL X 58 -53.17 -106.13 38.55
CA VAL X 58 -53.24 -107.05 37.41
C VAL X 58 -51.98 -107.12 36.60
N ARG X 59 -51.40 -105.94 36.32
CA ARG X 59 -50.20 -105.83 35.47
C ARG X 59 -49.15 -104.97 36.15
N GLY X 60 -47.89 -105.30 35.88
CA GLY X 60 -46.74 -104.58 36.42
C GLY X 60 -45.84 -105.53 37.17
N HIS X 61 -45.09 -104.98 38.11
CA HIS X 61 -44.21 -105.75 38.99
C HIS X 61 -45.04 -106.43 40.08
N TYR X 62 -46.05 -105.72 40.56
CA TYR X 62 -46.85 -106.17 41.69
C TYR X 62 -48.05 -107.01 41.27
N LYS X 63 -48.22 -107.15 39.96
CA LYS X 63 -49.01 -108.21 39.36
C LYS X 63 -49.00 -109.47 40.22
N GLY X 64 -50.13 -109.76 40.86
CA GLY X 64 -50.27 -110.93 41.71
C GLY X 64 -51.72 -111.25 42.04
N GLN X 65 -51.92 -112.39 42.69
CA GLN X 65 -53.26 -112.87 43.06
C GLN X 65 -53.64 -112.52 44.51
N GLN X 66 -52.91 -111.59 45.12
CA GLN X 66 -53.19 -111.13 46.48
C GLN X 66 -54.22 -110.02 46.41
N ILE X 67 -55.18 -110.06 47.31
CA ILE X 67 -56.31 -109.14 47.31
C ILE X 67 -56.07 -108.12 48.41
N GLY X 68 -55.50 -106.97 48.03
CA GLY X 68 -55.19 -105.90 48.97
C GLY X 68 -56.27 -104.84 49.04
N LYS X 69 -56.48 -104.29 50.23
CA LYS X 69 -57.40 -103.19 50.42
C LYS X 69 -56.76 -101.92 49.89
N VAL X 70 -57.56 -101.04 49.28
CA VAL X 70 -57.07 -99.74 48.81
C VAL X 70 -56.85 -98.89 50.04
N VAL X 71 -55.84 -98.05 49.99
CA VAL X 71 -55.42 -97.28 51.13
C VAL X 71 -55.80 -95.84 50.90
N GLN X 72 -55.32 -95.26 49.81
CA GLN X 72 -55.79 -93.93 49.41
C GLN X 72 -55.69 -93.67 47.92
N VAL X 73 -56.55 -92.76 47.49
CA VAL X 73 -56.72 -92.43 46.09
C VAL X 73 -56.21 -91.03 45.86
N TYR X 74 -55.12 -90.94 45.10
CA TYR X 74 -54.40 -89.71 44.87
C TYR X 74 -54.84 -89.27 43.50
N ARG X 75 -55.88 -88.46 43.47
CA ARG X 75 -56.48 -88.05 42.21
C ARG X 75 -55.64 -87.01 41.45
N LYS X 76 -54.80 -86.28 42.18
CA LYS X 76 -53.85 -85.36 41.57
C LYS X 76 -52.77 -86.10 40.78
N LYS X 77 -52.34 -87.24 41.31
CA LYS X 77 -51.34 -88.11 40.67
C LYS X 77 -51.95 -89.21 39.79
N TYR X 78 -53.28 -89.26 39.69
CA TYR X 78 -54.00 -90.32 38.99
C TYR X 78 -53.42 -91.67 39.40
N VAL X 79 -53.63 -92.03 40.65
CA VAL X 79 -53.06 -93.26 41.15
C VAL X 79 -53.72 -93.68 42.45
N ILE X 80 -53.63 -94.96 42.78
CA ILE X 80 -54.11 -95.45 44.06
C ILE X 80 -53.04 -96.21 44.77
N TYR X 81 -53.04 -96.13 46.10
CA TYR X 81 -52.10 -96.85 46.93
C TYR X 81 -52.80 -98.05 47.54
N ILE X 82 -52.10 -99.18 47.59
CA ILE X 82 -52.69 -100.45 47.96
C ILE X 82 -51.93 -101.08 49.12
N GLU X 83 -52.66 -101.75 50.00
CA GLU X 83 -52.17 -102.29 51.28
C GLU X 83 -50.72 -102.75 51.33
N ARG X 84 -50.37 -103.76 50.54
CA ARG X 84 -49.03 -104.34 50.57
C ARG X 84 -48.20 -104.07 49.30
N VAL X 85 -48.76 -103.29 48.39
CA VAL X 85 -48.01 -102.83 47.22
C VAL X 85 -47.13 -101.68 47.70
N GLN X 86 -45.93 -102.03 48.14
CA GLN X 86 -45.02 -101.06 48.74
C GLN X 86 -43.58 -101.47 48.52
N ARG X 87 -42.70 -100.47 48.57
CA ARG X 87 -41.29 -100.68 48.33
C ARG X 87 -40.46 -99.94 49.36
N GLU X 88 -39.40 -100.59 49.82
CA GLU X 88 -38.54 -100.03 50.85
C GLU X 88 -37.68 -98.95 50.22
N LYS X 89 -37.69 -97.77 50.83
CA LYS X 89 -36.81 -96.68 50.41
C LYS X 89 -35.41 -96.97 50.94
N ALA X 90 -34.42 -96.19 50.51
CA ALA X 90 -33.02 -96.36 50.96
C ALA X 90 -32.90 -96.59 52.47
N ASN X 91 -33.55 -95.74 53.25
CA ASN X 91 -33.43 -95.74 54.71
C ASN X 91 -34.48 -96.61 55.42
N GLY X 92 -34.86 -97.74 54.84
CA GLY X 92 -35.73 -98.71 55.51
C GLY X 92 -37.21 -98.41 55.51
N THR X 93 -37.58 -97.14 55.54
CA THR X 93 -38.97 -96.73 55.53
C THR X 93 -39.69 -97.29 54.31
N THR X 94 -40.92 -97.75 54.50
CA THR X 94 -41.74 -98.20 53.38
C THR X 94 -42.42 -97.01 52.72
N VAL X 95 -42.73 -97.19 51.45
CA VAL X 95 -43.42 -96.19 50.65
C VAL X 95 -44.45 -96.88 49.79
N HIS X 96 -45.68 -96.40 49.85
CA HIS X 96 -46.75 -96.95 49.03
C HIS X 96 -46.52 -96.64 47.56
N VAL X 97 -46.39 -97.70 46.77
CA VAL X 97 -46.19 -97.57 45.34
C VAL X 97 -47.50 -97.26 44.66
N GLY X 98 -47.45 -96.35 43.70
CA GLY X 98 -48.63 -95.99 42.93
C GLY X 98 -48.98 -97.05 41.91
N ILE X 99 -50.26 -97.41 41.86
CA ILE X 99 -50.82 -98.23 40.81
C ILE X 99 -51.96 -97.47 40.17
N HIS X 100 -51.98 -97.42 38.83
CA HIS X 100 -53.06 -96.75 38.10
C HIS X 100 -54.31 -97.61 38.09
N PRO X 101 -55.46 -97.06 38.48
CA PRO X 101 -56.62 -97.88 38.78
C PRO X 101 -57.00 -98.86 37.69
N SER X 102 -56.87 -98.45 36.44
CA SER X 102 -57.18 -99.33 35.30
C SER X 102 -56.39 -100.63 35.25
N LYS X 103 -55.25 -100.69 35.94
CA LYS X 103 -54.46 -101.92 36.00
C LYS X 103 -54.63 -102.60 37.34
N VAL X 104 -55.88 -102.69 37.76
CA VAL X 104 -56.27 -103.18 39.06
C VAL X 104 -57.65 -103.76 38.80
N VAL X 105 -58.07 -104.72 39.62
CA VAL X 105 -59.44 -105.21 39.53
C VAL X 105 -60.04 -105.33 40.91
N ILE X 106 -61.27 -104.84 41.04
CA ILE X 106 -61.97 -104.79 42.30
C ILE X 106 -62.67 -106.10 42.55
N THR X 107 -62.32 -106.73 43.67
CA THR X 107 -62.94 -108.00 44.08
C THR X 107 -64.06 -107.79 45.08
N ARG X 108 -63.88 -106.83 46.01
CA ARG X 108 -64.89 -106.52 47.00
C ARG X 108 -65.14 -105.03 47.08
N LEU X 109 -66.36 -104.61 46.72
CA LEU X 109 -66.73 -103.20 46.76
C LEU X 109 -67.07 -102.74 48.18
N LYS X 110 -66.86 -101.44 48.45
CA LYS X 110 -67.28 -100.83 49.70
C LYS X 110 -68.65 -100.23 49.46
N LEU X 111 -69.69 -100.99 49.85
CA LEU X 111 -71.07 -100.62 49.58
C LEU X 111 -71.65 -99.67 50.64
N ASP X 112 -71.83 -98.42 50.24
CA ASP X 112 -72.61 -97.45 51.00
C ASP X 112 -73.95 -97.33 50.29
N LYS X 113 -74.75 -96.35 50.70
CA LYS X 113 -76.03 -96.09 50.04
C LYS X 113 -75.83 -95.58 48.61
N ASP X 114 -74.94 -94.63 48.45
CA ASP X 114 -74.73 -93.99 47.14
C ASP X 114 -74.18 -94.95 46.12
N ARG X 115 -73.11 -95.64 46.49
CA ARG X 115 -72.52 -96.65 45.61
C ARG X 115 -73.57 -97.64 45.14
N LYS X 116 -74.38 -98.14 46.07
CA LYS X 116 -75.47 -99.07 45.73
C LYS X 116 -76.32 -98.50 44.61
N LYS X 117 -76.75 -97.24 44.77
CA LYS X 117 -77.63 -96.63 43.79
C LYS X 117 -76.95 -96.50 42.41
N ILE X 118 -75.65 -96.17 42.40
CA ILE X 118 -74.88 -96.12 41.15
C ILE X 118 -74.88 -97.46 40.45
N LEU X 119 -74.62 -98.51 41.21
CA LEU X 119 -74.67 -99.87 40.67
C LEU X 119 -76.05 -100.21 40.11
N GLU X 120 -77.10 -99.78 40.80
CA GLU X 120 -78.47 -100.03 40.35
C GLU X 120 -78.79 -99.29 39.06
N ARG X 121 -78.28 -98.07 38.92
CA ARG X 121 -78.51 -97.24 37.72
C ARG X 121 -77.79 -97.81 36.49
N LYS X 122 -76.52 -98.17 36.67
CA LYS X 122 -75.71 -98.75 35.60
C LYS X 122 -76.27 -100.05 35.09
N ALA X 123 -76.67 -100.91 36.00
CA ALA X 123 -77.31 -102.17 35.64
C ALA X 123 -78.62 -101.95 34.93
N LYS X 124 -79.35 -100.91 35.30
CA LYS X 124 -80.60 -100.60 34.63
C LYS X 124 -80.38 -100.17 33.19
N SER X 125 -79.46 -99.23 32.96
CA SER X 125 -79.18 -98.76 31.60
C SER X 125 -78.64 -99.87 30.68
N ARG X 126 -77.83 -100.76 31.24
CA ARG X 126 -77.38 -101.96 30.55
C ARG X 126 -78.57 -102.79 30.07
N GLN X 127 -79.51 -103.06 30.98
CA GLN X 127 -80.66 -103.94 30.68
C GLN X 127 -81.61 -103.28 29.66
N VAL X 128 -81.75 -101.96 29.72
CA VAL X 128 -82.49 -101.20 28.69
C VAL X 128 -81.82 -101.36 27.32
N GLY X 129 -80.49 -101.28 27.30
CA GLY X 129 -79.69 -101.47 26.08
C GLY X 129 -79.80 -102.86 25.48
N LYS X 130 -79.85 -103.88 26.33
CA LYS X 130 -80.06 -105.26 25.90
C LYS X 130 -81.48 -105.48 25.35
N GLU X 131 -82.47 -104.89 26.00
CA GLU X 131 -83.87 -104.94 25.53
C GLU X 131 -84.08 -104.21 24.21
N LYS X 132 -83.36 -103.10 24.01
CA LYS X 132 -83.41 -102.34 22.75
C LYS X 132 -82.80 -103.15 21.61
N GLY X 133 -81.65 -103.79 21.87
CA GLY X 133 -80.99 -104.67 20.92
C GLY X 133 -81.80 -105.89 20.53
N LYS X 134 -82.54 -106.44 21.48
CA LYS X 134 -83.43 -107.58 21.23
C LYS X 134 -84.66 -107.14 20.42
N GLY Y 1 -55.28 40.55 79.25
CA GLY Y 1 -54.64 40.22 80.57
C GLY Y 1 -54.75 38.75 80.94
N LYS Y 2 -54.72 38.48 82.24
CA LYS Y 2 -54.83 37.12 82.75
C LYS Y 2 -56.26 36.63 82.55
N PHE Y 3 -56.41 35.41 82.02
CA PHE Y 3 -57.70 34.92 81.54
C PHE Y 3 -58.02 33.48 81.95
N MET Y 4 -57.39 33.02 83.02
CA MET Y 4 -57.52 31.64 83.45
C MET Y 4 -58.16 31.68 84.83
N LYS Y 5 -59.47 31.87 84.82
CA LYS Y 5 -60.23 32.21 86.02
C LYS Y 5 -61.32 31.20 86.29
N PRO Y 6 -61.84 31.17 87.52
CA PRO Y 6 -62.66 30.03 87.94
C PRO Y 6 -64.07 29.89 87.35
N GLY Y 7 -64.39 30.60 86.28
CA GLY Y 7 -65.55 30.27 85.45
C GLY Y 7 -65.18 29.44 84.23
N LYS Y 8 -63.90 29.45 83.86
CA LYS Y 8 -63.45 29.01 82.53
C LYS Y 8 -63.73 27.56 82.19
N VAL Y 9 -64.22 27.35 80.97
CA VAL Y 9 -64.31 26.04 80.37
C VAL Y 9 -62.96 25.78 79.73
N VAL Y 10 -62.55 24.52 79.72
CA VAL Y 10 -61.20 24.14 79.37
C VAL Y 10 -61.21 22.71 78.84
N LEU Y 11 -60.42 22.42 77.82
CA LEU Y 11 -60.28 21.07 77.30
C LEU Y 11 -59.04 20.45 77.89
N VAL Y 12 -59.23 19.39 78.68
CA VAL Y 12 -58.11 18.65 79.23
C VAL Y 12 -57.46 17.97 78.05
N LEU Y 13 -56.15 18.07 78.00
CA LEU Y 13 -55.37 17.78 76.83
C LEU Y 13 -54.45 16.58 77.01
N ALA Y 14 -54.38 16.03 78.23
CA ALA Y 14 -53.35 15.08 78.59
C ALA Y 14 -53.85 14.09 79.64
N GLY Y 15 -53.26 12.90 79.62
CA GLY Y 15 -53.57 11.86 80.58
C GLY Y 15 -54.93 11.25 80.34
N ARG Y 16 -55.40 10.55 81.36
CA ARG Y 16 -56.59 9.70 81.28
C ARG Y 16 -57.84 10.43 80.76
N TYR Y 17 -58.01 11.70 81.12
CA TYR Y 17 -59.17 12.49 80.67
C TYR Y 17 -58.83 13.47 79.55
N SER Y 18 -57.97 13.09 78.63
CA SER Y 18 -57.73 13.90 77.45
C SER Y 18 -58.99 13.97 76.61
N GLY Y 19 -59.30 15.17 76.14
CA GLY Y 19 -60.46 15.40 75.29
C GLY Y 19 -61.71 15.82 76.04
N ARG Y 20 -61.70 15.74 77.38
CA ARG Y 20 -62.88 16.07 78.16
C ARG Y 20 -62.89 17.54 78.49
N LYS Y 21 -64.08 18.11 78.51
CA LYS Y 21 -64.27 19.51 78.92
C LYS Y 21 -64.33 19.64 80.43
N ALA Y 22 -63.72 20.70 80.94
CA ALA Y 22 -63.62 20.93 82.38
C ALA Y 22 -63.74 22.40 82.76
N VAL Y 23 -64.43 22.64 83.86
CA VAL Y 23 -64.59 23.96 84.41
C VAL Y 23 -63.48 24.15 85.44
N ILE Y 24 -62.74 25.24 85.35
CA ILE Y 24 -61.75 25.58 86.39
C ILE Y 24 -62.49 26.05 87.65
N VAL Y 25 -62.16 25.47 88.80
CA VAL Y 25 -62.69 25.97 90.09
C VAL Y 25 -61.65 26.77 90.87
N LYS Y 26 -60.36 26.53 90.63
CA LYS Y 26 -59.29 27.25 91.30
C LYS Y 26 -58.11 27.42 90.36
N ASN Y 27 -57.64 28.65 90.22
CA ASN Y 27 -56.45 28.94 89.42
C ASN Y 27 -55.35 29.37 90.38
N ILE Y 28 -54.16 28.81 90.21
CA ILE Y 28 -53.05 29.05 91.13
C ILE Y 28 -51.94 29.92 90.52
N ASP Y 29 -51.78 29.85 89.19
CA ASP Y 29 -51.08 30.87 88.38
C ASP Y 29 -49.73 31.39 88.90
N ASP Y 30 -49.00 30.52 89.59
CA ASP Y 30 -47.76 30.92 90.26
C ASP Y 30 -46.96 29.69 90.71
N GLY Y 31 -47.58 28.88 91.56
CA GLY Y 31 -47.00 27.65 92.06
C GLY Y 31 -47.42 27.38 93.49
N THR Y 32 -46.53 26.73 94.23
CA THR Y 32 -46.79 26.42 95.64
C THR Y 32 -45.46 26.16 96.34
N SER Y 33 -44.79 25.07 95.92
CA SER Y 33 -43.64 24.43 96.58
C SER Y 33 -43.79 22.93 96.35
N ASP Y 34 -44.97 22.43 96.72
CA ASP Y 34 -45.38 21.06 96.43
C ASP Y 34 -45.56 20.88 94.93
N ARG Y 35 -46.04 21.94 94.27
CA ARG Y 35 -46.50 21.92 92.90
C ARG Y 35 -46.08 23.25 92.24
N PRO Y 36 -44.77 23.42 91.97
CA PRO Y 36 -44.14 24.71 91.65
C PRO Y 36 -44.50 25.32 90.30
N TYR Y 37 -44.78 24.48 89.31
CA TYR Y 37 -45.41 24.94 88.05
C TYR Y 37 -46.79 25.55 88.33
N SER Y 38 -47.18 26.48 87.48
CA SER Y 38 -48.49 27.10 87.61
C SER Y 38 -49.53 26.09 87.16
N HIS Y 39 -50.62 25.99 87.91
CA HIS Y 39 -51.60 24.94 87.70
C HIS Y 39 -53.03 25.38 88.00
N ALA Y 40 -53.98 24.51 87.73
CA ALA Y 40 -55.40 24.78 87.99
C ALA Y 40 -56.13 23.54 88.48
N LEU Y 41 -56.98 23.71 89.49
CA LEU Y 41 -57.91 22.68 89.92
C LEU Y 41 -59.19 22.84 89.13
N VAL Y 42 -59.56 21.79 88.40
CA VAL Y 42 -60.70 21.80 87.52
C VAL Y 42 -61.69 20.75 87.94
N ALA Y 43 -62.93 20.92 87.50
CA ALA Y 43 -63.94 19.89 87.65
C ALA Y 43 -64.66 19.80 86.34
N GLY Y 44 -64.59 18.61 85.73
CA GLY Y 44 -65.17 18.35 84.41
C GLY Y 44 -65.95 17.06 84.38
N ILE Y 45 -66.02 16.44 83.20
CA ILE Y 45 -66.85 15.27 82.98
C ILE Y 45 -66.12 14.10 82.33
N ASP Y 46 -65.97 13.03 83.11
CA ASP Y 46 -65.44 11.76 82.62
C ASP Y 46 -66.33 11.30 81.49
N ARG Y 47 -67.63 11.31 81.74
CA ARG Y 47 -68.60 10.75 80.82
C ARG Y 47 -69.74 11.72 80.61
N TYR Y 48 -70.16 11.84 79.36
CA TYR Y 48 -71.12 12.85 78.96
C TYR Y 48 -72.50 12.22 78.98
N PRO Y 49 -73.56 13.04 78.99
CA PRO Y 49 -74.87 12.45 78.83
C PRO Y 49 -75.03 12.09 77.39
N ARG Y 50 -75.78 11.04 77.11
CA ARG Y 50 -76.03 10.62 75.72
C ARG Y 50 -77.04 11.55 75.03
N LYS Y 51 -77.20 11.37 73.72
CA LYS Y 51 -78.26 12.04 72.97
C LYS Y 51 -79.61 11.51 73.47
N VAL Y 52 -80.65 12.33 73.39
CA VAL Y 52 -81.88 12.07 74.16
C VAL Y 52 -83.19 11.97 73.33
N THR Y 53 -83.29 12.71 72.23
CA THR Y 53 -84.20 12.35 71.11
C THR Y 53 -85.73 12.31 71.32
N ALA Y 54 -86.24 13.01 72.31
CA ALA Y 54 -87.69 13.18 72.50
C ALA Y 54 -88.51 11.89 72.51
N ALA Y 55 -88.71 11.28 71.33
CA ALA Y 55 -89.43 10.02 71.23
C ALA Y 55 -88.60 8.90 71.85
N MET Y 56 -88.59 8.89 73.18
CA MET Y 56 -87.62 8.14 73.97
C MET Y 56 -88.32 7.49 75.16
N GLY Y 57 -88.84 8.31 76.06
CA GLY Y 57 -89.48 7.83 77.27
C GLY Y 57 -89.32 8.82 78.40
N LYS Y 58 -89.39 8.31 79.63
CA LYS Y 58 -89.06 9.08 80.83
C LYS Y 58 -87.96 8.38 81.61
N LYS Y 59 -88.17 7.11 81.92
CA LYS Y 59 -87.18 6.25 82.57
C LYS Y 59 -85.89 6.17 81.76
N LYS Y 60 -86.03 6.03 80.44
CA LYS Y 60 -84.89 5.97 79.53
C LYS Y 60 -84.11 7.28 79.52
N ILE Y 61 -84.83 8.39 79.41
CA ILE Y 61 -84.21 9.72 79.42
C ILE Y 61 -83.42 9.97 80.71
N ALA Y 62 -83.99 9.59 81.84
CA ALA Y 62 -83.30 9.71 83.13
C ALA Y 62 -82.00 8.93 83.13
N LYS Y 63 -82.07 7.67 82.69
CA LYS Y 63 -80.88 6.81 82.61
C LYS Y 63 -79.81 7.44 81.72
N ARG Y 64 -80.22 7.99 80.59
CA ARG Y 64 -79.31 8.60 79.64
C ARG Y 64 -78.71 9.92 80.16
N SER Y 65 -79.54 10.78 80.75
CA SER Y 65 -79.09 12.10 81.23
C SER Y 65 -78.38 12.00 82.58
N LYS Y 66 -77.23 11.34 82.57
CA LYS Y 66 -76.35 11.19 83.72
C LYS Y 66 -74.98 11.74 83.37
N ILE Y 67 -74.16 12.01 84.38
CA ILE Y 67 -72.79 12.46 84.16
C ILE Y 67 -71.90 11.81 85.20
N LYS Y 68 -70.91 11.05 84.73
CA LYS Y 68 -69.78 10.70 85.57
C LYS Y 68 -68.81 11.87 85.47
N SER Y 69 -68.69 12.60 86.56
CA SER Y 69 -67.87 13.79 86.63
C SER Y 69 -66.43 13.40 86.93
N PHE Y 70 -65.57 14.42 87.02
CA PHE Y 70 -64.24 14.23 87.64
C PHE Y 70 -63.66 15.54 88.19
N VAL Y 71 -62.67 15.39 89.05
CA VAL Y 71 -62.00 16.52 89.65
C VAL Y 71 -60.50 16.23 89.68
N LYS Y 72 -59.72 17.23 89.29
CA LYS Y 72 -58.30 17.04 89.00
C LYS Y 72 -57.53 18.34 89.11
N VAL Y 73 -56.25 18.23 89.45
CA VAL Y 73 -55.30 19.33 89.32
C VAL Y 73 -54.60 19.12 87.98
N TYR Y 74 -54.18 20.22 87.36
CA TYR Y 74 -53.57 20.16 86.02
C TYR Y 74 -52.60 21.30 85.79
N ASN Y 75 -51.41 20.98 85.31
CA ASN Y 75 -50.55 21.99 84.68
C ASN Y 75 -51.37 22.75 83.67
N TYR Y 76 -51.16 24.06 83.61
CA TYR Y 76 -51.89 24.89 82.63
C TYR Y 76 -51.69 24.41 81.22
N ASN Y 77 -50.50 23.90 80.96
CA ASN Y 77 -50.14 23.40 79.64
C ASN Y 77 -50.60 21.96 79.32
N HIS Y 78 -51.49 21.42 80.12
CA HIS Y 78 -52.31 20.30 79.68
C HIS Y 78 -53.78 20.70 79.60
N LEU Y 79 -54.05 22.00 79.52
CA LEU Y 79 -55.41 22.53 79.47
C LEU Y 79 -55.50 23.53 78.33
N MET Y 80 -56.40 23.29 77.41
CA MET Y 80 -56.68 24.22 76.34
C MET Y 80 -57.80 25.11 76.84
N PRO Y 81 -57.54 26.42 76.97
CA PRO Y 81 -58.57 27.34 77.40
C PRO Y 81 -59.42 27.77 76.23
N THR Y 82 -60.62 28.24 76.55
CA THR Y 82 -61.61 28.52 75.54
C THR Y 82 -62.61 29.58 75.97
N ARG Y 83 -62.98 30.44 75.02
CA ARG Y 83 -64.13 31.32 75.09
C ARG Y 83 -65.12 31.10 76.22
N TYR Y 84 -65.62 29.88 76.30
CA TYR Y 84 -66.83 29.57 77.03
C TYR Y 84 -66.59 29.57 78.54
N SER Y 85 -67.65 29.87 79.28
CA SER Y 85 -67.59 29.93 80.73
C SER Y 85 -68.88 29.38 81.29
N VAL Y 86 -68.75 28.56 82.33
CA VAL Y 86 -69.88 27.95 83.00
C VAL Y 86 -70.02 28.65 84.35
N ASP Y 87 -71.23 29.11 84.64
CA ASP Y 87 -71.53 29.83 85.89
C ASP Y 87 -72.23 28.89 86.89
N ILE Y 88 -71.55 27.77 87.15
CA ILE Y 88 -72.04 26.73 88.04
C ILE Y 88 -71.45 27.00 89.44
N PRO Y 89 -72.23 26.75 90.52
CA PRO Y 89 -71.73 27.12 91.85
C PRO Y 89 -70.50 26.35 92.32
N LEU Y 90 -70.63 25.03 92.49
CA LEU Y 90 -69.57 24.17 93.05
C LEU Y 90 -68.96 24.70 94.34
N ASP Y 91 -69.61 24.38 95.46
CA ASP Y 91 -69.14 24.81 96.80
C ASP Y 91 -67.66 24.50 97.07
N LYS Y 92 -66.95 25.50 97.58
CA LYS Y 92 -65.49 25.45 97.71
C LYS Y 92 -65.04 24.60 98.89
N THR Y 93 -65.93 24.43 99.86
CA THR Y 93 -65.67 23.59 101.04
C THR Y 93 -65.40 22.13 100.65
N VAL Y 94 -66.13 21.63 99.64
CA VAL Y 94 -66.01 20.24 99.21
C VAL Y 94 -64.98 20.08 98.09
N VAL Y 95 -65.05 20.96 97.08
CA VAL Y 95 -64.14 20.89 95.92
C VAL Y 95 -62.89 21.74 96.16
N ASN Y 96 -62.05 21.28 97.08
CA ASN Y 96 -60.83 21.98 97.46
C ASN Y 96 -59.63 21.10 97.17
N LYS Y 97 -58.44 21.62 97.37
CA LYS Y 97 -57.20 20.87 97.11
C LYS Y 97 -56.91 19.81 98.18
N ASP Y 98 -57.44 20.01 99.38
CA ASP Y 98 -57.39 19.00 100.47
C ASP Y 98 -58.01 17.64 100.10
N VAL Y 99 -58.94 17.66 99.15
CA VAL Y 99 -59.49 16.45 98.52
C VAL Y 99 -58.45 15.38 98.16
N PHE Y 100 -57.34 15.80 97.58
CA PHE Y 100 -56.45 14.86 96.86
C PHE Y 100 -55.55 14.00 97.75
N ARG Y 101 -55.54 14.26 99.06
CA ARG Y 101 -54.89 13.36 100.02
C ARG Y 101 -55.82 12.18 100.42
N ASP Y 102 -57.11 12.47 100.58
CA ASP Y 102 -58.09 11.49 101.10
C ASP Y 102 -59.04 11.00 100.01
N PRO Y 103 -59.32 9.68 99.98
CA PRO Y 103 -60.26 9.17 98.97
C PRO Y 103 -61.73 9.54 99.20
N ALA Y 104 -62.18 9.44 100.45
CA ALA Y 104 -63.59 9.69 100.79
C ALA Y 104 -64.01 11.15 100.60
N LEU Y 105 -63.06 12.08 100.76
CA LEU Y 105 -63.28 13.49 100.41
C LEU Y 105 -63.44 13.65 98.91
N LYS Y 106 -62.56 12.99 98.16
CA LYS Y 106 -62.57 13.05 96.70
C LYS Y 106 -63.83 12.45 96.13
N ARG Y 107 -64.26 11.35 96.73
CA ARG Y 107 -65.56 10.73 96.46
C ARG Y 107 -66.70 11.74 96.59
N LYS Y 108 -66.68 12.51 97.67
CA LYS Y 108 -67.69 13.52 97.96
C LYS Y 108 -67.68 14.65 96.92
N ALA Y 109 -66.48 15.12 96.56
CA ALA Y 109 -66.32 16.22 95.59
C ALA Y 109 -66.78 15.85 94.19
N ARG Y 110 -66.41 14.64 93.77
CA ARG Y 110 -66.87 14.08 92.50
C ARG Y 110 -68.40 13.94 92.50
N ARG Y 111 -68.96 13.48 93.62
CA ARG Y 111 -70.42 13.39 93.80
C ARG Y 111 -71.04 14.77 93.66
N GLU Y 112 -70.43 15.74 94.35
CA GLU Y 112 -70.90 17.12 94.32
C GLU Y 112 -70.93 17.69 92.90
N ALA Y 113 -69.85 17.47 92.15
CA ALA Y 113 -69.77 17.94 90.76
C ALA Y 113 -70.85 17.29 89.88
N LYS Y 114 -70.98 15.98 89.98
CA LYS Y 114 -72.00 15.21 89.27
C LYS Y 114 -73.38 15.84 89.46
N VAL Y 115 -73.74 16.12 90.70
CA VAL Y 115 -75.04 16.69 91.03
C VAL Y 115 -75.28 17.98 90.28
N LYS Y 116 -74.33 18.90 90.41
CA LYS Y 116 -74.50 20.26 89.89
C LYS Y 116 -74.48 20.30 88.35
N PHE Y 117 -73.66 19.45 87.74
CA PHE Y 117 -73.67 19.31 86.29
C PHE Y 117 -74.98 18.73 85.80
N GLU Y 118 -75.44 17.67 86.46
CA GLU Y 118 -76.70 17.04 86.09
C GLU Y 118 -77.88 18.00 86.20
N GLU Y 119 -77.92 18.81 87.26
CA GLU Y 119 -79.00 19.78 87.46
C GLU Y 119 -78.99 20.83 86.35
N ARG Y 120 -77.79 21.21 85.88
CA ARG Y 120 -77.64 22.22 84.85
C ARG Y 120 -77.46 21.66 83.45
N TYR Y 121 -77.28 20.35 83.31
CA TYR Y 121 -77.37 19.74 81.99
C TYR Y 121 -78.83 19.86 81.57
N LYS Y 122 -79.73 19.43 82.46
CA LYS Y 122 -81.16 19.78 82.33
C LYS Y 122 -81.23 21.29 82.42
N THR Y 123 -82.28 21.88 81.85
CA THR Y 123 -82.41 23.34 81.62
C THR Y 123 -81.88 23.79 80.26
N GLY Y 124 -80.98 23.02 79.65
CA GLY Y 124 -80.47 23.30 78.30
C GLY Y 124 -79.63 24.56 78.19
N LYS Y 125 -78.89 24.87 79.25
CA LYS Y 125 -78.02 26.03 79.32
C LYS Y 125 -76.57 25.54 79.40
N ASN Y 126 -75.67 26.29 78.78
CA ASN Y 126 -74.27 25.87 78.57
C ASN Y 126 -74.20 24.53 77.82
N LYS Y 127 -75.08 24.35 76.84
CA LYS Y 127 -75.21 23.05 76.20
C LYS Y 127 -74.11 22.73 75.21
N TRP Y 128 -73.12 23.61 75.08
CA TRP Y 128 -71.85 23.27 74.44
C TRP Y 128 -71.00 22.41 75.35
N PHE Y 129 -70.92 22.80 76.62
CA PHE Y 129 -70.12 22.10 77.63
C PHE Y 129 -70.45 20.62 77.75
N PHE Y 130 -71.71 20.24 77.52
CA PHE Y 130 -72.14 18.84 77.68
C PHE Y 130 -72.22 18.01 76.41
N GLN Y 131 -71.54 18.43 75.35
CA GLN Y 131 -71.40 17.61 74.13
C GLN Y 131 -69.95 17.20 74.03
N LYS Y 132 -69.69 15.91 73.79
CA LYS Y 132 -68.32 15.44 73.68
C LYS Y 132 -67.62 16.11 72.53
N LEU Y 133 -66.37 16.50 72.76
CA LEU Y 133 -65.54 17.09 71.72
C LEU Y 133 -65.16 15.98 70.74
N ARG Y 134 -65.64 16.10 69.50
CA ARG Y 134 -65.42 15.07 68.52
C ARG Y 134 -64.10 15.31 67.84
N PHE Y 135 -63.13 14.46 68.16
CA PHE Y 135 -61.78 14.55 67.60
C PHE Y 135 -61.23 13.17 67.29
N PRO Z 1 -45.92 -76.27 -8.42
CA PRO Z 1 -44.73 -77.09 -8.26
C PRO Z 1 -43.47 -76.25 -8.26
N SER Z 2 -42.89 -76.08 -7.08
CA SER Z 2 -41.56 -75.51 -6.95
C SER Z 2 -40.53 -76.49 -7.50
N ARG Z 3 -40.73 -77.75 -7.14
CA ARG Z 3 -40.00 -78.89 -7.71
C ARG Z 3 -39.59 -78.75 -9.17
N LEU Z 4 -40.52 -78.25 -9.99
CA LEU Z 4 -40.30 -78.14 -11.43
C LEU Z 4 -39.71 -76.81 -11.87
N ARG Z 5 -39.83 -75.77 -11.05
CA ARG Z 5 -39.32 -74.44 -11.40
C ARG Z 5 -37.80 -74.32 -11.46
N LYS Z 6 -37.34 -73.17 -11.94
CA LYS Z 6 -35.93 -72.91 -12.25
C LYS Z 6 -35.04 -72.72 -11.05
N THR Z 7 -35.49 -71.91 -10.09
CA THR Z 7 -34.69 -71.56 -8.92
C THR Z 7 -34.10 -72.77 -8.19
N ARG Z 8 -34.69 -73.95 -8.34
CA ARG Z 8 -34.13 -75.16 -7.75
C ARG Z 8 -32.80 -75.57 -8.39
N LYS Z 9 -32.72 -75.45 -9.70
CA LYS Z 9 -31.48 -75.69 -10.40
C LYS Z 9 -30.40 -74.62 -10.12
N LEU Z 10 -30.81 -73.39 -9.84
CA LEU Z 10 -29.87 -72.29 -9.61
C LEU Z 10 -29.19 -72.28 -8.27
N ARG Z 11 -29.67 -73.09 -7.33
CA ARG Z 11 -28.95 -73.30 -6.08
C ARG Z 11 -27.49 -73.60 -6.37
N GLY Z 12 -26.60 -72.89 -5.69
CA GLY Z 12 -25.18 -73.04 -5.92
C GLY Z 12 -24.62 -71.88 -6.70
N HIS Z 13 -25.31 -71.50 -7.77
CA HIS Z 13 -24.76 -70.54 -8.69
C HIS Z 13 -24.98 -69.18 -8.09
N VAL Z 14 -24.02 -68.29 -8.21
CA VAL Z 14 -23.97 -67.15 -7.31
C VAL Z 14 -25.03 -66.11 -7.62
N SER Z 15 -25.05 -65.71 -8.88
CA SER Z 15 -25.88 -64.59 -9.30
C SER Z 15 -27.36 -64.96 -9.45
N HIS Z 16 -27.63 -66.27 -9.53
CA HIS Z 16 -28.98 -66.80 -9.63
C HIS Z 16 -29.60 -66.47 -10.97
N GLY Z 17 -28.79 -66.60 -12.03
CA GLY Z 17 -29.25 -66.37 -13.38
C GLY Z 17 -29.56 -64.92 -13.75
N HIS Z 18 -29.00 -63.96 -13.02
CA HIS Z 18 -29.18 -62.54 -13.35
C HIS Z 18 -27.91 -61.82 -13.72
N GLY Z 19 -26.83 -62.58 -13.79
CA GLY Z 19 -25.57 -62.03 -14.22
C GLY Z 19 -24.87 -61.23 -13.14
N ARG Z 20 -23.55 -61.25 -13.20
CA ARG Z 20 -22.80 -60.61 -12.17
C ARG Z 20 -22.23 -59.23 -12.57
N ILE Z 21 -22.31 -58.87 -13.85
CA ILE Z 21 -21.86 -57.54 -14.26
C ILE Z 21 -22.94 -56.57 -13.83
N GLY Z 22 -24.01 -56.48 -14.61
CA GLY Z 22 -25.23 -55.84 -14.18
C GLY Z 22 -25.99 -56.84 -13.33
N LYS Z 23 -26.54 -56.37 -12.23
CA LYS Z 23 -27.09 -57.23 -11.19
C LYS Z 23 -28.60 -57.32 -11.34
N HIS Z 24 -29.31 -57.95 -10.42
CA HIS Z 24 -30.76 -57.77 -10.39
C HIS Z 24 -31.10 -56.66 -9.43
N ARG Z 25 -30.89 -55.44 -9.90
CA ARG Z 25 -31.26 -54.27 -9.13
C ARG Z 25 -32.77 -54.12 -9.15
N LYS Z 26 -33.28 -53.16 -8.38
CA LYS Z 26 -34.70 -53.07 -8.07
C LYS Z 26 -35.53 -52.61 -9.25
N HIS Z 27 -35.37 -51.37 -9.68
CA HIS Z 27 -36.17 -50.83 -10.80
C HIS Z 27 -35.32 -49.99 -11.77
N PRO Z 28 -34.63 -50.66 -12.69
CA PRO Z 28 -33.74 -49.94 -13.59
C PRO Z 28 -34.39 -49.15 -14.70
N GLY Z 29 -35.56 -49.52 -15.15
CA GLY Z 29 -36.19 -48.73 -16.20
C GLY Z 29 -36.84 -47.48 -15.66
N GLY Z 30 -37.40 -47.62 -14.47
CA GLY Z 30 -38.55 -46.83 -14.03
C GLY Z 30 -39.70 -47.82 -13.90
N ARG Z 31 -40.60 -47.59 -12.94
CA ARG Z 31 -41.67 -48.54 -12.68
C ARG Z 31 -42.77 -48.50 -13.73
N GLY Z 32 -43.06 -49.66 -14.29
CA GLY Z 32 -44.20 -49.85 -15.14
C GLY Z 32 -43.97 -49.25 -16.49
N ASN Z 33 -44.93 -48.46 -16.96
CA ASN Z 33 -44.91 -47.93 -18.32
C ASN Z 33 -44.28 -46.55 -18.41
N ALA Z 34 -43.42 -46.27 -17.45
CA ALA Z 34 -42.51 -45.15 -17.49
C ALA Z 34 -41.69 -45.13 -18.76
N GLY Z 35 -41.41 -43.92 -19.22
CA GLY Z 35 -40.52 -43.70 -20.35
C GLY Z 35 -41.08 -44.00 -21.73
N GLY Z 36 -42.39 -44.09 -21.86
CA GLY Z 36 -42.99 -44.28 -23.17
C GLY Z 36 -42.54 -43.21 -24.13
N MET Z 37 -42.44 -41.97 -23.66
CA MET Z 37 -42.01 -40.83 -24.49
C MET Z 37 -40.52 -40.58 -24.45
N HIS Z 38 -39.88 -40.89 -23.33
CA HIS Z 38 -38.43 -40.72 -23.22
C HIS Z 38 -37.81 -42.00 -22.79
N HIS Z 39 -36.86 -42.53 -23.55
CA HIS Z 39 -36.00 -43.63 -23.11
C HIS Z 39 -36.54 -45.05 -23.24
N HIS Z 40 -37.86 -45.25 -23.26
CA HIS Z 40 -38.45 -46.52 -23.73
C HIS Z 40 -39.21 -46.25 -25.01
N ARG Z 41 -38.81 -45.22 -25.74
CA ARG Z 41 -39.62 -44.70 -26.84
C ARG Z 41 -39.68 -45.69 -27.98
N ILE Z 42 -38.57 -46.36 -28.22
CA ILE Z 42 -38.50 -47.24 -29.36
C ILE Z 42 -39.45 -48.39 -29.17
N ASN Z 43 -39.41 -49.03 -28.00
CA ASN Z 43 -40.36 -50.10 -27.71
C ASN Z 43 -41.79 -49.70 -27.99
N PHE Z 44 -42.21 -48.56 -27.43
CA PHE Z 44 -43.60 -48.10 -27.58
C PHE Z 44 -43.95 -47.73 -29.00
N ASP Z 45 -42.97 -47.27 -29.77
CA ASP Z 45 -43.22 -46.92 -31.15
C ASP Z 45 -42.56 -47.85 -32.15
N LYS Z 46 -42.43 -49.12 -31.76
CA LYS Z 46 -42.44 -50.19 -32.76
C LYS Z 46 -43.18 -51.45 -32.30
N TYR Z 47 -43.94 -51.37 -31.21
CA TYR Z 47 -44.86 -52.43 -30.85
C TYR Z 47 -46.24 -51.94 -30.38
N HIS Z 48 -46.41 -50.64 -30.27
CA HIS Z 48 -47.68 -50.06 -29.89
C HIS Z 48 -47.86 -48.75 -30.66
N PRO Z 49 -47.84 -48.85 -32.00
CA PRO Z 49 -48.00 -47.65 -32.77
C PRO Z 49 -49.39 -47.15 -32.56
N GLY Z 50 -49.47 -45.94 -32.06
CA GLY Z 50 -50.74 -45.28 -31.89
C GLY Z 50 -51.12 -45.03 -30.45
N TYR Z 51 -50.33 -45.54 -29.52
CA TYR Z 51 -50.59 -45.33 -28.09
C TYR Z 51 -50.88 -43.87 -27.81
N PHE Z 52 -49.91 -43.02 -28.08
CA PHE Z 52 -49.99 -41.67 -27.58
C PHE Z 52 -50.87 -40.78 -28.44
N GLY Z 53 -51.63 -39.89 -27.79
CA GLY Z 53 -52.43 -38.89 -28.49
C GLY Z 53 -53.90 -39.24 -28.52
N LYS Z 54 -54.72 -38.19 -28.66
CA LYS Z 54 -56.17 -38.33 -28.70
C LYS Z 54 -56.63 -38.62 -30.11
N VAL Z 55 -57.91 -38.97 -30.23
CA VAL Z 55 -58.55 -39.21 -31.51
C VAL Z 55 -60.07 -39.41 -31.34
N GLY Z 56 -60.82 -38.93 -32.31
CA GLY Z 56 -62.26 -39.11 -32.34
C GLY Z 56 -63.07 -38.31 -31.34
N MET Z 57 -64.35 -38.65 -31.23
CA MET Z 57 -65.28 -37.98 -30.33
C MET Z 57 -65.42 -38.69 -28.99
N ARG Z 58 -65.48 -37.88 -27.95
CA ARG Z 58 -65.93 -38.34 -26.64
C ARG Z 58 -67.40 -38.63 -26.73
N HIS Z 59 -67.88 -39.44 -25.81
CA HIS Z 59 -69.28 -39.81 -25.77
C HIS Z 59 -69.58 -40.16 -24.33
N TYR Z 60 -70.25 -39.26 -23.62
CA TYR Z 60 -70.14 -39.24 -22.17
C TYR Z 60 -70.79 -40.39 -21.45
N HIS Z 61 -72.08 -40.57 -21.63
CA HIS Z 61 -72.82 -41.58 -20.87
C HIS Z 61 -73.17 -42.66 -21.84
N LEU Z 62 -72.15 -43.37 -22.28
CA LEU Z 62 -72.35 -44.48 -23.17
C LEU Z 62 -73.03 -45.59 -22.41
N LYS Z 63 -73.97 -46.25 -23.08
CA LYS Z 63 -74.66 -47.44 -22.58
C LYS Z 63 -74.72 -48.42 -23.74
N ARG Z 64 -74.17 -49.61 -23.53
CA ARG Z 64 -73.93 -50.56 -24.61
C ARG Z 64 -75.19 -51.23 -25.15
N ASN Z 65 -76.22 -51.32 -24.33
CA ASN Z 65 -77.43 -52.01 -24.74
C ASN Z 65 -78.21 -51.29 -25.85
N GLN Z 66 -78.05 -49.97 -25.96
CA GLN Z 66 -78.61 -49.21 -27.10
C GLN Z 66 -78.09 -49.74 -28.42
N SER Z 67 -76.76 -49.87 -28.50
CA SER Z 67 -76.09 -50.26 -29.74
C SER Z 67 -76.03 -51.77 -29.95
N PHE Z 68 -76.85 -52.53 -29.23
CA PHE Z 68 -76.81 -53.98 -29.30
C PHE Z 68 -77.38 -54.42 -30.64
N CYS Z 69 -76.54 -55.08 -31.43
CA CYS Z 69 -76.95 -55.50 -32.75
C CYS Z 69 -76.06 -56.66 -33.21
N PRO Z 70 -76.30 -57.84 -32.65
CA PRO Z 70 -75.54 -59.03 -33.04
C PRO Z 70 -75.92 -59.45 -34.44
N THR Z 71 -75.00 -60.13 -35.11
CA THR Z 71 -75.14 -60.43 -36.52
C THR Z 71 -75.06 -61.91 -36.78
N VAL Z 72 -75.71 -62.33 -37.86
CA VAL Z 72 -75.60 -63.70 -38.35
C VAL Z 72 -75.40 -63.64 -39.85
N ASN Z 73 -74.52 -64.49 -40.37
CA ASN Z 73 -74.25 -64.55 -41.81
C ASN Z 73 -75.11 -65.61 -42.47
N LEU Z 74 -75.46 -65.36 -43.72
CA LEU Z 74 -76.26 -66.31 -44.50
C LEU Z 74 -75.58 -67.69 -44.52
N ASP Z 75 -74.27 -67.68 -44.69
CA ASP Z 75 -73.39 -68.84 -44.51
C ASP Z 75 -74.07 -69.89 -43.64
N LYS Z 76 -74.39 -69.50 -42.41
CA LYS Z 76 -75.09 -70.38 -41.47
C LYS Z 76 -76.33 -69.73 -40.93
N LEU Z 77 -77.32 -69.63 -41.81
CA LEU Z 77 -78.65 -69.19 -41.47
C LEU Z 77 -79.55 -70.38 -41.21
N TRP Z 78 -79.43 -71.39 -42.07
CA TRP Z 78 -80.18 -72.63 -41.89
C TRP Z 78 -79.83 -73.40 -40.62
N THR Z 79 -78.67 -73.13 -40.04
CA THR Z 79 -78.29 -73.72 -38.76
C THR Z 79 -79.20 -73.31 -37.61
N LEU Z 80 -79.87 -72.17 -37.76
CA LEU Z 80 -80.78 -71.69 -36.75
C LEU Z 80 -81.94 -72.66 -36.58
N VAL Z 81 -82.39 -73.26 -37.69
CA VAL Z 81 -83.58 -74.07 -37.67
C VAL Z 81 -83.19 -75.54 -37.63
N SER Z 82 -84.08 -76.39 -37.10
CA SER Z 82 -83.87 -77.84 -37.12
C SER Z 82 -83.80 -78.35 -38.55
N GLU Z 83 -82.91 -79.30 -38.80
CA GLU Z 83 -82.69 -79.87 -40.15
C GLU Z 83 -83.97 -80.23 -40.92
N GLN Z 84 -85.01 -80.65 -40.19
CA GLN Z 84 -86.23 -81.12 -40.82
C GLN Z 84 -87.16 -80.01 -41.30
N THR Z 85 -86.80 -78.74 -41.08
CA THR Z 85 -87.41 -77.65 -41.84
C THR Z 85 -86.71 -77.58 -43.18
N ARG Z 86 -85.38 -77.62 -43.16
CA ARG Z 86 -84.60 -77.60 -44.40
C ARG Z 86 -84.83 -78.86 -45.25
N VAL Z 87 -85.25 -79.95 -44.62
CA VAL Z 87 -85.55 -81.19 -45.34
C VAL Z 87 -86.99 -81.22 -45.83
N ASN Z 88 -87.95 -80.95 -44.95
CA ASN Z 88 -89.36 -80.87 -45.36
C ASN Z 88 -89.60 -79.53 -46.06
N ALA Z 89 -89.09 -79.49 -47.28
CA ALA Z 89 -88.81 -78.30 -48.10
C ALA Z 89 -87.56 -78.69 -48.85
N ALA Z 90 -87.59 -78.54 -50.17
CA ALA Z 90 -86.86 -79.42 -51.10
C ALA Z 90 -87.58 -80.76 -51.08
N LYS Z 91 -88.91 -80.66 -51.02
CA LYS Z 91 -89.85 -81.75 -50.84
C LYS Z 91 -91.21 -81.02 -50.89
N ASN Z 92 -92.25 -81.56 -50.26
CA ASN Z 92 -93.53 -80.83 -50.07
C ASN Z 92 -94.31 -80.58 -51.37
N LYS Z 93 -93.67 -79.91 -52.33
CA LYS Z 93 -94.20 -79.70 -53.69
C LYS Z 93 -95.26 -78.59 -53.75
N THR Z 94 -95.35 -77.78 -52.69
CA THR Z 94 -96.23 -76.62 -52.64
C THR Z 94 -95.48 -75.32 -52.98
N GLY Z 95 -94.15 -75.37 -52.92
CA GLY Z 95 -93.32 -74.16 -53.06
C GLY Z 95 -93.50 -73.29 -51.84
N ALA Z 96 -93.43 -73.91 -50.67
CA ALA Z 96 -93.84 -73.26 -49.42
C ALA Z 96 -92.81 -72.25 -48.92
N ALA Z 97 -91.62 -72.74 -48.58
CA ALA Z 97 -90.54 -71.94 -47.97
C ALA Z 97 -90.83 -71.68 -46.49
N PRO Z 98 -89.99 -72.22 -45.60
CA PRO Z 98 -90.20 -72.05 -44.17
C PRO Z 98 -89.70 -70.71 -43.69
N ILE Z 99 -90.17 -70.31 -42.51
CA ILE Z 99 -89.78 -69.05 -41.91
C ILE Z 99 -88.61 -69.26 -40.95
N ILE Z 100 -87.65 -68.34 -41.01
CA ILE Z 100 -86.51 -68.30 -40.11
C ILE Z 100 -86.56 -66.98 -39.40
N ASP Z 101 -87.08 -66.99 -38.18
CA ASP Z 101 -87.03 -65.79 -37.37
C ASP Z 101 -85.64 -65.73 -36.74
N VAL Z 102 -84.86 -64.75 -37.18
CA VAL Z 102 -83.48 -64.60 -36.77
C VAL Z 102 -83.41 -64.03 -35.38
N VAL Z 103 -84.37 -63.14 -35.05
CA VAL Z 103 -84.39 -62.44 -33.75
C VAL Z 103 -84.67 -63.38 -32.59
N ARG Z 104 -85.47 -64.41 -32.83
CA ARG Z 104 -85.71 -65.48 -31.88
C ARG Z 104 -84.42 -66.18 -31.43
N SER Z 105 -83.56 -66.48 -32.39
CA SER Z 105 -82.29 -67.18 -32.10
C SER Z 105 -81.16 -66.27 -31.61
N GLY Z 106 -81.42 -64.97 -31.54
CA GLY Z 106 -80.53 -64.02 -30.87
C GLY Z 106 -79.59 -63.24 -31.77
N TYR Z 107 -80.05 -62.93 -32.99
CA TYR Z 107 -79.33 -62.04 -33.88
C TYR Z 107 -80.31 -61.03 -34.42
N TYR Z 108 -79.84 -59.82 -34.64
CA TYR Z 108 -80.69 -58.72 -35.09
C TYR Z 108 -80.44 -58.42 -36.55
N LYS Z 109 -79.18 -58.38 -36.96
CA LYS Z 109 -78.79 -58.14 -38.35
C LYS Z 109 -78.41 -59.41 -39.10
N VAL Z 110 -78.75 -59.47 -40.38
CA VAL Z 110 -78.44 -60.61 -41.25
C VAL Z 110 -77.50 -60.13 -42.32
N LEU Z 111 -76.21 -60.43 -42.13
CA LEU Z 111 -75.16 -60.02 -43.04
C LEU Z 111 -74.93 -61.08 -44.09
N GLY Z 112 -74.18 -60.71 -45.10
CA GLY Z 112 -74.22 -61.39 -46.38
C GLY Z 112 -73.17 -62.42 -46.71
N LYS Z 113 -72.33 -62.82 -45.76
CA LYS Z 113 -71.27 -63.76 -46.10
C LYS Z 113 -71.85 -65.11 -46.42
N GLY Z 114 -71.33 -65.74 -47.47
CA GLY Z 114 -71.56 -67.16 -47.71
C GLY Z 114 -72.57 -67.48 -48.78
N LYS Z 115 -72.44 -68.70 -49.28
CA LYS Z 115 -73.37 -69.28 -50.24
C LYS Z 115 -74.61 -69.74 -49.47
N LEU Z 116 -75.78 -69.44 -50.02
CA LEU Z 116 -77.05 -69.93 -49.52
C LEU Z 116 -77.47 -71.06 -50.47
N PRO Z 117 -78.07 -72.14 -49.94
CA PRO Z 117 -78.49 -73.26 -50.79
C PRO Z 117 -79.79 -72.99 -51.54
N LYS Z 118 -79.92 -73.51 -52.75
CA LYS Z 118 -81.08 -73.22 -53.63
C LYS Z 118 -82.36 -73.80 -53.05
N GLN Z 119 -83.03 -72.99 -52.23
CA GLN Z 119 -84.09 -73.45 -51.36
C GLN Z 119 -84.70 -72.21 -50.71
N PRO Z 120 -85.88 -71.76 -51.16
CA PRO Z 120 -86.59 -70.57 -50.69
C PRO Z 120 -86.70 -70.41 -49.19
N VAL Z 121 -86.63 -69.17 -48.72
CA VAL Z 121 -86.79 -68.85 -47.30
C VAL Z 121 -87.35 -67.47 -47.03
N ILE Z 122 -88.27 -67.43 -46.08
CA ILE Z 122 -88.70 -66.18 -45.49
C ILE Z 122 -87.80 -65.99 -44.27
N VAL Z 123 -87.06 -64.88 -44.27
CA VAL Z 123 -86.15 -64.54 -43.17
C VAL Z 123 -86.69 -63.29 -42.48
N LYS Z 124 -87.03 -63.43 -41.21
CA LYS Z 124 -87.48 -62.32 -40.40
C LYS Z 124 -86.31 -61.82 -39.57
N ALA Z 125 -85.96 -60.55 -39.77
CA ALA Z 125 -84.88 -59.93 -39.05
C ALA Z 125 -85.11 -58.46 -38.87
N LYS Z 126 -84.30 -57.85 -38.01
CA LYS Z 126 -84.43 -56.45 -37.64
C LYS Z 126 -83.79 -55.60 -38.72
N PHE Z 127 -82.62 -56.02 -39.19
CA PHE Z 127 -81.90 -55.35 -40.27
C PHE Z 127 -81.30 -56.37 -41.21
N PHE Z 128 -81.03 -55.92 -42.43
CA PHE Z 128 -80.35 -56.71 -43.44
C PHE Z 128 -79.28 -55.87 -44.07
N SER Z 129 -78.24 -56.54 -44.56
CA SER Z 129 -77.29 -55.92 -45.47
C SER Z 129 -77.85 -56.01 -46.87
N ARG Z 130 -77.37 -55.14 -47.75
CA ARG Z 130 -77.81 -55.13 -49.14
C ARG Z 130 -77.58 -56.46 -49.82
N ARG Z 131 -76.37 -56.97 -49.69
CA ARG Z 131 -76.00 -58.21 -50.36
C ARG Z 131 -76.75 -59.39 -49.74
N ALA Z 132 -76.92 -59.36 -48.43
CA ALA Z 132 -77.65 -60.42 -47.72
C ALA Z 132 -79.09 -60.52 -48.18
N GLU Z 133 -79.69 -59.37 -48.45
CA GLU Z 133 -81.00 -59.33 -49.06
C GLU Z 133 -80.94 -59.98 -50.43
N GLU Z 134 -80.11 -59.41 -51.31
CA GLU Z 134 -80.03 -59.85 -52.70
C GLU Z 134 -79.90 -61.36 -52.83
N LYS Z 135 -79.10 -61.96 -51.96
CA LYS Z 135 -78.86 -63.40 -51.99
C LYS Z 135 -80.16 -64.17 -51.75
N ILE Z 136 -80.89 -63.76 -50.72
CA ILE Z 136 -82.15 -64.41 -50.36
C ILE Z 136 -83.16 -64.30 -51.50
N LYS Z 137 -83.20 -63.14 -52.15
CA LYS Z 137 -84.10 -62.95 -53.30
C LYS Z 137 -83.77 -63.95 -54.40
N GLY Z 138 -82.47 -64.08 -54.70
CA GLY Z 138 -81.97 -64.98 -55.74
C GLY Z 138 -82.19 -66.46 -55.46
N VAL Z 139 -82.11 -66.83 -54.19
CA VAL Z 139 -82.50 -68.18 -53.75
C VAL Z 139 -83.98 -68.42 -54.03
N GLY Z 140 -84.78 -67.38 -53.89
CA GLY Z 140 -86.21 -67.40 -54.18
C GLY Z 140 -87.01 -67.22 -52.90
N GLY Z 141 -86.69 -66.16 -52.17
CA GLY Z 141 -87.19 -65.93 -50.83
C GLY Z 141 -87.68 -64.52 -50.64
N ALA Z 142 -87.82 -64.12 -49.39
CA ALA Z 142 -88.36 -62.82 -49.04
C ALA Z 142 -87.79 -62.37 -47.72
N CYS Z 143 -87.18 -61.18 -47.72
CA CYS Z 143 -86.75 -60.55 -46.49
C CYS Z 143 -87.99 -59.96 -45.82
N VAL Z 144 -88.03 -60.01 -44.50
CA VAL Z 144 -89.13 -59.48 -43.71
C VAL Z 144 -88.57 -58.66 -42.59
N LEU Z 145 -88.81 -57.35 -42.60
CA LEU Z 145 -88.39 -56.52 -41.49
C LEU Z 145 -89.30 -56.76 -40.31
N VAL Z 146 -88.73 -56.67 -39.12
CA VAL Z 146 -89.49 -56.81 -37.90
C VAL Z 146 -88.97 -55.81 -36.85
N ALA Z 147 -89.88 -55.28 -36.05
CA ALA Z 147 -89.53 -54.33 -35.00
C ALA Z 147 -88.88 -55.05 -33.82
N ALA AA 1 -14.60 -39.31 -16.30
CA ALA AA 1 -14.81 -40.75 -16.64
C ALA AA 1 -15.13 -40.91 -18.12
N LYS AA 2 -14.10 -40.71 -18.95
CA LYS AA 2 -14.24 -40.80 -20.39
C LYS AA 2 -14.30 -42.25 -20.81
N SER AA 3 -15.05 -42.47 -21.88
CA SER AA 3 -15.34 -43.80 -22.39
C SER AA 3 -14.61 -44.05 -23.71
N LYS AA 4 -14.65 -45.30 -24.14
CA LYS AA 4 -14.37 -45.63 -25.54
C LYS AA 4 -15.54 -45.09 -26.35
N ASN AA 5 -15.23 -44.40 -27.44
CA ASN AA 5 -16.22 -43.61 -28.18
C ASN AA 5 -17.00 -44.41 -29.20
N HIS AA 6 -16.32 -45.34 -29.88
CA HIS AA 6 -16.92 -46.08 -30.97
C HIS AA 6 -15.97 -47.15 -31.44
N THR AA 7 -16.51 -48.27 -31.92
CA THR AA 7 -15.71 -49.21 -32.72
C THR AA 7 -16.53 -50.21 -33.50
N THR AA 8 -15.81 -50.96 -34.31
CA THR AA 8 -16.36 -51.96 -35.19
C THR AA 8 -15.62 -53.30 -34.97
N HIS AA 9 -15.03 -53.47 -33.78
CA HIS AA 9 -13.94 -54.42 -33.62
C HIS AA 9 -14.36 -55.85 -33.79
N ASN AA 10 -15.30 -56.28 -32.95
CA ASN AA 10 -15.74 -57.66 -32.95
C ASN AA 10 -16.92 -57.90 -33.89
N GLN AA 11 -17.33 -56.87 -34.62
CA GLN AA 11 -18.61 -56.87 -35.31
C GLN AA 11 -18.63 -57.81 -36.49
N SER AA 12 -17.55 -57.82 -37.27
CA SER AA 12 -17.45 -58.70 -38.41
C SER AA 12 -17.65 -60.16 -38.00
N ARG AA 13 -16.95 -60.57 -36.95
CA ARG AA 13 -17.08 -61.92 -36.41
C ARG AA 13 -18.51 -62.22 -36.00
N LYS AA 14 -19.14 -61.29 -35.29
CA LYS AA 14 -20.54 -61.44 -34.91
C LYS AA 14 -21.45 -61.66 -36.13
N TRP AA 15 -21.22 -60.90 -37.19
CA TRP AA 15 -22.08 -60.98 -38.38
C TRP AA 15 -21.99 -62.30 -39.06
N HIS AA 16 -20.79 -62.87 -39.06
CA HIS AA 16 -20.53 -64.10 -39.79
C HIS AA 16 -20.84 -65.38 -39.03
N ARG AA 17 -21.13 -65.30 -37.74
CA ARG AA 17 -21.58 -66.48 -37.02
C ARG AA 17 -22.79 -67.08 -37.69
N ASN AA 18 -23.78 -66.24 -37.96
CA ASN AA 18 -25.02 -66.63 -38.66
C ASN AA 18 -25.05 -66.15 -40.11
N GLY AA 19 -23.91 -66.27 -40.80
CA GLY AA 19 -23.87 -66.16 -42.25
C GLY AA 19 -23.48 -64.84 -42.90
N ILE AA 20 -24.38 -63.85 -42.80
CA ILE AA 20 -24.52 -62.79 -43.81
C ILE AA 20 -25.17 -63.48 -44.99
N LYS AA 21 -26.47 -63.71 -44.84
CA LYS AA 21 -27.24 -64.44 -45.83
C LYS AA 21 -27.67 -63.49 -46.94
N LYS AA 22 -27.48 -63.91 -48.18
CA LYS AA 22 -27.97 -63.16 -49.33
C LYS AA 22 -29.49 -63.13 -49.32
N PRO AA 23 -30.09 -62.07 -49.88
CA PRO AA 23 -31.54 -61.91 -49.74
C PRO AA 23 -32.28 -62.92 -50.58
N ARG AA 24 -33.16 -63.69 -49.95
CA ARG AA 24 -33.81 -64.84 -50.60
C ARG AA 24 -34.57 -64.46 -51.85
N SER AA 25 -33.98 -64.81 -53.01
CA SER AA 25 -34.57 -64.54 -54.31
C SER AA 25 -35.64 -65.58 -54.61
N GLN AA 26 -36.88 -65.12 -54.72
CA GLN AA 26 -37.99 -65.95 -55.15
C GLN AA 26 -38.19 -65.72 -56.64
N ARG AA 27 -38.87 -66.65 -57.31
CA ARG AA 27 -39.45 -66.35 -58.62
C ARG AA 27 -40.74 -65.60 -58.30
N TYR AA 28 -41.20 -64.78 -59.25
CA TYR AA 28 -42.44 -64.00 -59.09
C TYR AA 28 -42.32 -63.05 -57.91
N GLU AA 29 -41.62 -61.95 -58.11
CA GLU AA 29 -41.56 -60.87 -57.12
C GLU AA 29 -42.76 -59.94 -57.30
N SER AA 30 -42.94 -59.03 -56.37
CA SER AA 30 -44.12 -58.16 -56.36
C SER AA 30 -44.05 -57.03 -57.37
N LEU AA 31 -45.22 -56.49 -57.70
CA LEU AA 31 -45.35 -55.31 -58.56
C LEU AA 31 -45.54 -54.03 -57.74
N LYS AA 32 -45.13 -54.05 -56.48
CA LYS AA 32 -45.21 -52.86 -55.64
C LYS AA 32 -44.13 -51.88 -56.09
N GLY AA 33 -44.56 -50.64 -56.36
CA GLY AA 33 -43.64 -49.57 -56.78
C GLY AA 33 -43.31 -49.61 -58.26
N VAL AA 34 -44.32 -49.91 -59.07
CA VAL AA 34 -44.18 -49.93 -60.52
C VAL AA 34 -45.04 -48.81 -61.05
N ASP AA 35 -44.57 -48.16 -62.11
CA ASP AA 35 -45.24 -46.97 -62.68
C ASP AA 35 -46.74 -47.18 -62.94
N PRO AA 36 -47.60 -46.53 -62.14
CA PRO AA 36 -49.03 -46.83 -62.07
C PRO AA 36 -49.73 -47.11 -63.38
N LYS AA 37 -49.46 -46.28 -64.39
CA LYS AA 37 -50.12 -46.39 -65.69
C LYS AA 37 -49.85 -47.71 -66.39
N PHE AA 38 -48.68 -48.28 -66.11
CA PHE AA 38 -48.36 -49.66 -66.47
C PHE AA 38 -49.35 -50.59 -65.81
N LEU AA 39 -49.38 -50.52 -64.48
CA LEU AA 39 -50.17 -51.47 -63.69
C LEU AA 39 -51.63 -51.41 -64.04
N ARG AA 40 -52.17 -50.21 -64.20
CA ARG AA 40 -53.54 -50.09 -64.69
C ARG AA 40 -53.66 -50.95 -65.91
N ASN AA 41 -52.86 -50.65 -66.93
CA ASN AA 41 -52.98 -51.34 -68.21
C ASN AA 41 -52.83 -52.84 -68.10
N MET AA 42 -51.78 -53.32 -67.43
CA MET AA 42 -51.58 -54.77 -67.35
C MET AA 42 -52.70 -55.43 -66.56
N ARG AA 43 -53.22 -54.75 -65.55
CA ARG AA 43 -54.40 -55.24 -64.86
C ARG AA 43 -55.52 -55.46 -65.88
N PHE AA 44 -55.76 -54.47 -66.72
CA PHE AA 44 -56.82 -54.59 -67.72
C PHE AA 44 -56.54 -55.72 -68.68
N ALA AA 45 -55.29 -55.86 -69.08
CA ALA AA 45 -54.91 -56.98 -69.95
C ALA AA 45 -55.20 -58.33 -69.33
N LYS AA 46 -54.94 -58.46 -68.03
CA LYS AA 46 -55.27 -59.68 -67.30
C LYS AA 46 -56.77 -59.89 -67.20
N LYS AA 47 -57.49 -58.80 -66.90
CA LYS AA 47 -58.94 -58.83 -66.74
C LYS AA 47 -59.66 -59.44 -67.94
N HIS AA 48 -59.15 -59.15 -69.14
CA HIS AA 48 -59.81 -59.60 -70.36
C HIS AA 48 -59.09 -60.72 -71.11
N ASN AA 49 -58.18 -61.43 -70.45
CA ASN AA 49 -57.62 -62.65 -71.02
C ASN AA 49 -58.69 -63.70 -71.29
N LYS AA 50 -59.67 -63.81 -70.40
CA LYS AA 50 -60.77 -64.76 -70.58
C LYS AA 50 -61.60 -64.50 -71.83
N LYS AA 51 -61.74 -63.23 -72.21
CA LYS AA 51 -62.23 -62.88 -73.53
C LYS AA 51 -61.19 -63.32 -74.54
N GLY AA 52 -61.61 -63.99 -75.60
CA GLY AA 52 -60.67 -64.58 -76.55
C GLY AA 52 -59.97 -65.79 -75.98
N LEU AA 53 -60.75 -66.67 -75.36
CA LEU AA 53 -60.28 -67.96 -74.87
C LEU AA 53 -60.61 -69.07 -75.86
N LYS AA 54 -61.84 -69.06 -76.38
CA LYS AA 54 -62.32 -70.09 -77.33
C LYS AA 54 -61.46 -70.14 -78.58
N LYS AA 55 -61.09 -68.96 -79.09
CA LYS AA 55 -60.19 -68.82 -80.23
C LYS AA 55 -58.84 -69.47 -79.93
N MET AA 56 -58.33 -69.16 -78.75
CA MET AA 56 -57.03 -69.65 -78.28
C MET AA 56 -57.03 -71.17 -78.10
N GLN AA 57 -58.13 -71.69 -77.55
CA GLN AA 57 -58.33 -73.15 -77.38
C GLN AA 57 -58.35 -73.85 -78.73
N ALA AA 58 -59.10 -73.29 -79.68
CA ALA AA 58 -59.19 -73.82 -81.04
C ALA AA 58 -57.83 -73.83 -81.75
N ASN AA 59 -57.08 -72.74 -81.58
CA ASN AA 59 -55.72 -72.64 -82.12
C ASN AA 59 -54.77 -73.70 -81.55
N ASN AA 60 -54.85 -73.93 -80.23
CA ASN AA 60 -54.06 -74.97 -79.57
C ASN AA 60 -54.41 -76.38 -80.04
N ALA AA 61 -55.69 -76.63 -80.28
CA ALA AA 61 -56.16 -77.90 -80.82
C ALA AA 61 -55.64 -78.14 -82.25
N LYS AA 62 -55.67 -77.09 -83.07
CA LYS AA 62 -55.10 -77.14 -84.42
C LYS AA 62 -53.60 -77.38 -84.42
N ALA AA 63 -52.91 -76.77 -83.47
CA ALA AA 63 -51.46 -76.98 -83.30
C ALA AA 63 -51.16 -78.42 -82.91
N MET AA 64 -51.89 -78.95 -81.93
CA MET AA 64 -51.74 -80.34 -81.47
C MET AA 64 -51.99 -81.37 -82.59
N ALA AA 65 -52.98 -81.09 -83.43
CA ALA AA 65 -53.27 -81.93 -84.59
C ALA AA 65 -52.14 -81.91 -85.63
N ALA AA 66 -51.58 -80.71 -85.86
CA ALA AA 66 -50.43 -80.55 -86.76
C ALA AA 66 -49.17 -81.26 -86.24
N ARG AA 67 -48.98 -81.27 -84.92
CA ARG AA 67 -47.89 -82.00 -84.27
C ARG AA 67 -48.06 -83.51 -84.44
N ALA AA 68 -49.28 -83.99 -84.24
CA ALA AA 68 -49.62 -85.41 -84.40
C ALA AA 68 -49.47 -85.88 -85.84
N GLU AA 69 -49.80 -85.02 -86.80
CA GLU AA 69 -49.56 -85.31 -88.23
C GLU AA 69 -48.07 -85.35 -88.57
N ALA AA 70 -47.29 -84.46 -87.95
CA ALA AA 70 -45.84 -84.41 -88.13
C ALA AA 70 -45.14 -85.64 -87.55
N ILE AA 71 -45.57 -86.08 -86.37
CA ILE AA 71 -44.97 -87.26 -85.71
C ILE AA 71 -45.35 -88.56 -86.43
N LYS AA 72 -46.53 -88.60 -87.05
CA LYS AA 72 -46.97 -89.75 -87.85
C LYS AA 72 -46.17 -89.85 -89.15
N ALA AA 73 -45.89 -88.69 -89.77
CA ALA AA 73 -45.05 -88.61 -90.97
C ALA AA 73 -43.60 -89.03 -90.70
N LEU AA 74 -43.10 -88.66 -89.52
CA LEU AA 74 -41.75 -89.05 -89.08
C LEU AA 74 -41.67 -90.57 -88.87
N VAL AA 75 -42.64 -91.12 -88.15
CA VAL AA 75 -42.73 -92.56 -87.91
C VAL AA 75 -43.37 -93.24 -89.12
N SER BA 1 -40.59 49.33 58.34
CA SER BA 1 -40.25 47.88 58.56
C SER BA 1 -40.35 47.47 60.03
N ILE BA 2 -40.42 46.16 60.24
CA ILE BA 2 -40.53 45.56 61.57
C ILE BA 2 -39.16 45.20 62.14
N ASN BA 3 -38.22 44.83 61.26
CA ASN BA 3 -36.87 44.42 61.68
C ASN BA 3 -36.15 45.51 62.45
N SER BA 4 -36.20 46.72 61.92
CA SER BA 4 -35.61 47.89 62.57
C SER BA 4 -36.18 48.15 63.95
N ARG BA 5 -37.48 47.98 64.07
CA ARG BA 5 -38.17 48.14 65.35
C ARG BA 5 -37.81 46.99 66.28
N LEU BA 6 -37.82 45.76 65.76
CA LEU BA 6 -37.47 44.58 66.54
C LEU BA 6 -36.07 44.67 67.15
N GLN BA 7 -35.11 45.08 66.33
CA GLN BA 7 -33.72 45.30 66.76
C GLN BA 7 -33.64 46.07 68.08
N LEU BA 8 -34.37 47.18 68.12
CA LEU BA 8 -34.42 48.04 69.29
C LEU BA 8 -35.06 47.35 70.50
N VAL BA 9 -36.07 46.51 70.23
CA VAL BA 9 -36.72 45.73 71.29
C VAL BA 9 -35.75 44.75 71.91
N MET BA 10 -35.04 44.02 71.06
CA MET BA 10 -34.09 42.99 71.50
C MET BA 10 -32.92 43.57 72.27
N LYS BA 11 -32.50 44.77 71.88
CA LYS BA 11 -31.44 45.48 72.58
C LYS BA 11 -31.88 45.90 73.97
N SER BA 12 -33.00 46.61 74.03
CA SER BA 12 -33.42 47.30 75.25
C SER BA 12 -34.53 46.55 76.01
N GLY BA 13 -35.63 46.28 75.30
CA GLY BA 13 -36.86 45.76 75.92
C GLY BA 13 -36.82 44.32 76.38
N LYS BA 14 -37.88 43.93 77.09
CA LYS BA 14 -38.04 42.57 77.61
C LYS BA 14 -38.81 41.73 76.60
N TYR BA 15 -38.33 40.51 76.38
CA TYR BA 15 -38.90 39.60 75.37
C TYR BA 15 -38.59 38.14 75.69
N VAL BA 16 -39.15 37.24 74.87
CA VAL BA 16 -39.05 35.82 75.08
C VAL BA 16 -39.12 35.14 73.71
N LEU BA 17 -38.32 34.09 73.51
CA LEU BA 17 -38.26 33.42 72.20
C LEU BA 17 -38.65 31.97 72.23
N GLY BA 18 -39.62 31.62 71.40
CA GLY BA 18 -40.08 30.25 71.25
C GLY BA 18 -41.56 30.10 71.59
N TYR BA 19 -42.10 28.94 71.24
CA TYR BA 19 -43.51 28.66 71.44
C TYR BA 19 -43.82 28.29 72.88
N LYS BA 20 -43.00 27.44 73.49
CA LYS BA 20 -43.27 26.97 74.84
C LYS BA 20 -43.23 28.10 75.87
N GLN BA 21 -42.39 29.09 75.60
CA GLN BA 21 -42.15 30.15 76.55
C GLN BA 21 -43.09 31.33 76.33
N THR BA 22 -43.37 31.67 75.08
CA THR BA 22 -44.37 32.70 74.75
C THR BA 22 -45.78 32.35 75.21
N LEU BA 23 -46.10 31.06 75.21
CA LEU BA 23 -47.40 30.61 75.62
C LEU BA 23 -47.56 30.84 77.12
N LYS BA 24 -46.48 30.61 77.88
CA LYS BA 24 -46.49 30.90 79.32
C LYS BA 24 -46.62 32.39 79.61
N MET BA 25 -46.02 33.21 78.78
CA MET BA 25 -46.13 34.66 78.91
C MET BA 25 -47.54 35.18 78.64
N ILE BA 26 -48.18 34.62 77.63
CA ILE BA 26 -49.54 35.00 77.27
C ILE BA 26 -50.53 34.62 78.37
N ARG BA 27 -50.37 33.42 78.92
CA ARG BA 27 -51.24 32.91 79.97
C ARG BA 27 -51.09 33.68 81.30
N GLN BA 28 -49.86 34.07 81.64
CA GLN BA 28 -49.60 34.98 82.76
C GLN BA 28 -50.26 36.36 82.56
N GLY BA 29 -50.32 36.78 81.30
CA GLY BA 29 -50.91 38.06 80.91
C GLY BA 29 -49.88 39.16 80.83
N LYS BA 30 -48.64 38.81 80.52
CA LYS BA 30 -47.55 39.77 80.40
C LYS BA 30 -47.37 40.23 78.96
N ALA BA 31 -47.29 39.27 78.05
CA ALA BA 31 -46.99 39.50 76.64
C ALA BA 31 -47.91 40.51 75.97
N LYS BA 32 -47.32 41.57 75.43
CA LYS BA 32 -48.06 42.64 74.76
C LYS BA 32 -48.07 42.50 73.24
N LEU BA 33 -47.13 41.75 72.68
CA LEU BA 33 -47.12 41.46 71.25
C LEU BA 33 -46.46 40.13 70.89
N VAL BA 34 -47.20 39.29 70.18
CA VAL BA 34 -46.70 38.02 69.70
C VAL BA 34 -46.37 38.17 68.22
N ILE BA 35 -45.19 37.70 67.81
CA ILE BA 35 -44.77 37.66 66.40
C ILE BA 35 -44.63 36.20 65.98
N LEU BA 36 -45.12 35.90 64.78
CA LEU BA 36 -45.13 34.53 64.27
C LEU BA 36 -44.47 34.46 62.92
N ALA BA 37 -43.46 33.61 62.81
CA ALA BA 37 -42.78 33.35 61.54
C ALA BA 37 -43.76 32.73 60.59
N ASN BA 38 -43.63 33.03 59.29
CA ASN BA 38 -44.64 32.61 58.32
C ASN BA 38 -44.68 31.08 58.14
N ASN BA 39 -43.53 30.45 58.31
CA ASN BA 39 -43.45 29.03 58.09
C ASN BA 39 -43.93 28.18 59.26
N CYS BA 40 -44.29 28.78 60.39
CA CYS BA 40 -44.73 28.02 61.58
C CYS BA 40 -45.83 27.01 61.27
N PRO BA 41 -45.90 25.93 62.05
CA PRO BA 41 -46.96 24.95 61.80
C PRO BA 41 -48.34 25.57 62.01
N ALA BA 42 -49.27 25.25 61.12
CA ALA BA 42 -50.54 25.94 61.08
C ALA BA 42 -51.35 25.77 62.34
N LEU BA 43 -51.34 24.55 62.89
CA LEU BA 43 -52.08 24.26 64.11
C LEU BA 43 -51.57 25.11 65.26
N ARG BA 44 -50.25 25.14 65.42
CA ARG BA 44 -49.58 26.00 66.40
C ARG BA 44 -49.95 27.45 66.27
N LYS BA 45 -49.98 27.94 65.03
CA LYS BA 45 -50.31 29.34 64.77
C LYS BA 45 -51.72 29.69 65.21
N SER BA 46 -52.69 28.85 64.84
CA SER BA 46 -54.07 29.07 65.25
C SER BA 46 -54.20 29.03 66.76
N GLU BA 47 -53.53 28.06 67.37
CA GLU BA 47 -53.46 27.93 68.84
C GLU BA 47 -52.99 29.24 69.50
N ILE BA 48 -51.91 29.80 68.97
CA ILE BA 48 -51.39 31.09 69.42
C ILE BA 48 -52.42 32.18 69.21
N GLU BA 49 -53.00 32.23 68.03
CA GLU BA 49 -53.97 33.26 67.66
C GLU BA 49 -55.22 33.26 68.54
N TYR BA 50 -55.68 32.08 68.93
CA TYR BA 50 -56.79 31.93 69.86
C TYR BA 50 -56.41 32.34 71.28
N TYR BA 51 -55.21 31.96 71.71
CA TYR BA 51 -54.68 32.39 73.00
C TYR BA 51 -54.62 33.90 73.10
N ALA BA 52 -54.12 34.54 72.06
CA ALA BA 52 -54.05 35.99 72.00
C ALA BA 52 -55.45 36.61 72.16
N MET BA 53 -56.37 36.19 71.31
CA MET BA 53 -57.79 36.60 71.39
C MET BA 53 -58.32 36.56 72.81
N LEU BA 54 -58.11 35.45 73.51
CA LEU BA 54 -58.55 35.32 74.89
C LEU BA 54 -57.86 36.30 75.82
N ALA BA 55 -56.57 36.52 75.61
CA ALA BA 55 -55.80 37.43 76.43
C ALA BA 55 -55.80 38.88 75.94
N LYS BA 56 -56.53 39.18 74.87
CA LYS BA 56 -56.59 40.53 74.29
C LYS BA 56 -55.18 41.05 74.03
N THR BA 57 -54.52 40.39 73.09
CA THR BA 57 -53.11 40.57 72.79
C THR BA 57 -52.93 40.74 71.28
N GLY BA 58 -51.93 41.52 70.92
CA GLY BA 58 -51.58 41.73 69.53
C GLY BA 58 -50.82 40.54 68.96
N VAL BA 59 -51.18 40.16 67.75
CA VAL BA 59 -50.46 39.14 67.00
C VAL BA 59 -50.08 39.74 65.66
N HIS BA 60 -48.80 39.59 65.31
CA HIS BA 60 -48.27 40.14 64.08
C HIS BA 60 -47.59 39.06 63.27
N HIS BA 61 -48.19 38.71 62.13
CA HIS BA 61 -47.59 37.70 61.26
C HIS BA 61 -46.39 38.28 60.52
N TYR BA 62 -45.22 37.72 60.81
CA TYR BA 62 -43.96 38.21 60.26
C TYR BA 62 -43.85 37.82 58.80
N SER BA 63 -43.21 38.67 58.01
CA SER BA 63 -43.10 38.45 56.57
C SER BA 63 -42.14 37.30 56.23
N GLY BA 64 -41.04 37.23 56.96
CA GLY BA 64 -40.04 36.20 56.76
C GLY BA 64 -40.30 34.86 57.42
N ASN BA 65 -39.55 33.88 56.96
CA ASN BA 65 -39.53 32.52 57.48
C ASN BA 65 -38.78 32.48 58.82
N ASN BA 66 -39.03 31.45 59.61
CA ASN BA 66 -38.47 31.34 60.97
C ASN BA 66 -36.97 31.51 61.08
N ILE BA 67 -36.25 31.22 60.00
CA ILE BA 67 -34.83 31.52 59.93
C ILE BA 67 -34.62 33.01 59.94
N GLU BA 68 -35.34 33.71 59.07
CA GLU BA 68 -35.24 35.14 58.99
C GLU BA 68 -35.64 35.83 60.28
N LEU BA 69 -36.68 35.33 60.95
CA LEU BA 69 -37.13 35.94 62.22
C LEU BA 69 -36.07 35.83 63.30
N GLY BA 70 -35.40 34.70 63.36
CA GLY BA 70 -34.25 34.54 64.26
C GLY BA 70 -33.08 35.39 63.88
N THR BA 71 -32.82 35.46 62.58
CA THR BA 71 -31.86 36.39 62.04
C THR BA 71 -32.30 37.84 62.29
N ALA BA 72 -33.61 38.07 62.42
CA ALA BA 72 -34.24 39.37 62.80
C ALA BA 72 -34.39 39.64 64.32
N CYS BA 73 -34.09 38.66 65.16
CA CYS BA 73 -33.99 38.88 66.59
C CYS BA 73 -32.55 39.08 67.05
N GLY BA 74 -31.61 38.73 66.17
CA GLY BA 74 -30.17 38.88 66.41
C GLY BA 74 -29.58 37.60 66.94
N LYS BA 75 -30.16 36.49 66.54
CA LYS BA 75 -29.87 35.21 67.14
C LYS BA 75 -29.42 34.32 65.99
N TYR BA 76 -28.38 33.53 66.23
CA TYR BA 76 -27.92 32.62 65.19
C TYR BA 76 -28.75 31.34 65.11
N TYR BA 77 -29.67 31.14 66.07
CA TYR BA 77 -30.67 30.07 65.98
C TYR BA 77 -31.89 30.64 65.28
N ARG BA 78 -32.95 29.84 65.16
CA ARG BA 78 -34.12 30.24 64.38
C ARG BA 78 -35.32 30.22 65.29
N VAL BA 79 -36.07 31.32 65.30
CA VAL BA 79 -37.21 31.45 66.18
C VAL BA 79 -38.47 31.56 65.36
N CYS BA 80 -39.41 30.70 65.69
CA CYS BA 80 -40.68 30.56 65.01
C CYS BA 80 -41.77 31.43 65.64
N THR BA 81 -41.71 31.58 66.95
CA THR BA 81 -42.66 32.38 67.71
C THR BA 81 -41.92 33.25 68.71
N LEU BA 82 -42.37 34.49 68.89
CA LEU BA 82 -41.71 35.39 69.83
C LEU BA 82 -42.70 36.33 70.54
N ALA BA 83 -42.54 36.50 71.86
CA ALA BA 83 -43.35 37.40 72.66
C ALA BA 83 -42.53 38.60 73.14
N ILE BA 84 -43.10 39.79 72.99
CA ILE BA 84 -42.51 41.03 73.47
C ILE BA 84 -43.29 41.45 74.72
N ILE BA 85 -42.66 41.28 75.88
CA ILE BA 85 -43.30 41.60 77.15
C ILE BA 85 -43.36 43.10 77.33
N ASP BA 86 -42.20 43.75 77.29
CA ASP BA 86 -42.10 45.19 77.41
C ASP BA 86 -41.12 45.69 76.39
N PRO BA 87 -41.56 46.57 75.47
CA PRO BA 87 -40.58 47.16 74.57
C PRO BA 87 -39.74 48.17 75.33
N GLY BA 88 -38.52 48.42 74.83
CA GLY BA 88 -37.58 49.31 75.50
C GLY BA 88 -38.03 50.75 75.30
N ASP BA 89 -37.69 51.29 74.15
CA ASP BA 89 -38.17 52.59 73.73
C ASP BA 89 -38.55 52.57 72.25
N SER BA 90 -38.94 51.38 71.78
CA SER BA 90 -39.35 51.18 70.40
C SER BA 90 -40.85 51.37 70.29
N ASP BA 91 -41.31 51.68 69.08
CA ASP BA 91 -42.73 51.77 68.80
C ASP BA 91 -43.18 50.53 68.00
N ILE BA 92 -42.72 49.36 68.43
CA ILE BA 92 -43.15 48.08 67.88
C ILE BA 92 -44.63 47.86 68.20
N ILE BA 93 -45.03 48.22 69.42
CA ILE BA 93 -46.43 48.33 69.80
C ILE BA 93 -46.79 49.78 69.49
N ARG BA 94 -47.90 49.99 68.79
CA ARG BA 94 -48.18 51.29 68.16
C ARG BA 94 -48.74 52.27 69.18
N ASN CA 1 21.61 -77.67 77.60
CA ASN CA 1 22.12 -77.84 76.21
C ASN CA 1 21.42 -76.93 75.18
N GLU CA 2 20.09 -76.96 75.18
CA GLU CA 2 19.28 -76.26 74.16
C GLU CA 2 18.02 -75.56 74.72
N VAL CA 3 18.13 -75.05 75.94
CA VAL CA 3 17.17 -74.08 76.49
C VAL CA 3 17.97 -72.86 76.93
N VAL CA 4 18.82 -72.41 76.02
CA VAL CA 4 19.86 -71.45 76.30
C VAL CA 4 19.34 -70.04 76.04
N THR CA 5 19.85 -69.08 76.81
CA THR CA 5 19.57 -67.66 76.59
C THR CA 5 20.87 -66.89 76.62
N ARG CA 6 20.96 -65.84 75.83
CA ARG CA 6 22.20 -65.08 75.66
C ARG CA 6 21.95 -63.76 74.98
N GLU CA 7 22.76 -62.76 75.32
CA GLU CA 7 22.60 -61.42 74.78
C GLU CA 7 23.24 -61.38 73.40
N TYR CA 8 22.83 -60.39 72.61
CA TYR CA 8 23.51 -60.02 71.36
C TYR CA 8 23.28 -58.54 71.14
N THR CA 9 24.24 -57.84 70.53
CA THR CA 9 23.97 -56.47 70.12
C THR CA 9 23.83 -56.44 68.63
N ILE CA 10 22.60 -56.58 68.18
CA ILE CA 10 22.27 -56.51 66.77
C ILE CA 10 22.43 -55.07 66.30
N ASN CA 11 23.47 -54.84 65.52
CA ASN CA 11 23.62 -53.59 64.79
C ASN CA 11 22.67 -53.65 63.61
N ILE CA 12 21.67 -52.80 63.68
CA ILE CA 12 20.60 -52.70 62.71
C ILE CA 12 21.03 -51.79 61.58
N HIS CA 13 21.70 -50.70 61.92
CA HIS CA 13 22.21 -49.75 60.92
C HIS CA 13 22.75 -50.37 59.64
N LYS CA 14 23.60 -51.39 59.76
CA LYS CA 14 24.21 -52.02 58.58
C LYS CA 14 23.37 -53.14 58.01
N ARG CA 15 22.24 -53.43 58.62
CA ARG CA 15 21.27 -54.38 58.11
C ARG CA 15 20.13 -53.68 57.39
N ILE CA 16 19.67 -52.60 57.99
CA ILE CA 16 18.63 -51.75 57.46
C ILE CA 16 19.18 -50.76 56.43
N HIS CA 17 20.47 -50.87 56.07
CA HIS CA 17 21.11 -49.86 55.24
C HIS CA 17 20.49 -49.82 53.89
N GLY CA 18 20.18 -48.61 53.44
CA GLY CA 18 19.70 -48.39 52.08
C GLY CA 18 18.27 -48.78 51.81
N VAL CA 19 17.47 -48.90 52.85
CA VAL CA 19 16.05 -49.14 52.67
C VAL CA 19 15.35 -47.81 52.87
N GLY CA 20 14.17 -47.73 52.26
CA GLY CA 20 13.44 -46.48 52.18
C GLY CA 20 12.87 -46.05 53.52
N PHE CA 21 12.60 -44.77 53.60
CA PHE CA 21 12.12 -44.12 54.81
C PHE CA 21 10.88 -44.74 55.44
N LYS CA 22 9.90 -45.13 54.62
CA LYS CA 22 8.68 -45.74 55.14
C LYS CA 22 8.74 -47.26 55.26
N LYS CA 23 9.91 -47.84 54.98
CA LYS CA 23 10.11 -49.25 55.20
C LYS CA 23 11.40 -49.51 55.97
N ARG CA 24 11.63 -48.75 57.03
CA ARG CA 24 12.82 -48.95 57.85
C ARG CA 24 12.47 -49.69 59.11
N ALA CA 25 11.68 -49.09 60.00
CA ALA CA 25 11.30 -49.78 61.23
C ALA CA 25 10.76 -51.16 60.97
N PRO CA 26 9.95 -51.33 59.91
CA PRO CA 26 9.52 -52.67 59.54
C PRO CA 26 10.63 -53.61 59.13
N ARG CA 27 11.52 -53.15 58.26
CA ARG CA 27 12.71 -53.93 57.87
C ARG CA 27 13.59 -54.26 59.05
N ALA CA 28 13.71 -53.31 59.98
CA ALA CA 28 14.48 -53.52 61.19
C ALA CA 28 13.99 -54.74 61.96
N LEU CA 29 12.67 -54.92 62.03
CA LEU CA 29 12.15 -56.10 62.70
C LEU CA 29 12.36 -57.38 61.92
N LYS CA 30 12.20 -57.32 60.61
CA LYS CA 30 12.55 -58.48 59.77
C LYS CA 30 13.99 -58.92 59.98
N GLU CA 31 14.90 -57.96 60.13
CA GLU CA 31 16.31 -58.29 60.31
C GLU CA 31 16.65 -58.76 61.71
N ILE CA 32 15.90 -58.33 62.73
CA ILE CA 32 16.02 -58.94 64.06
C ILE CA 32 15.53 -60.38 64.04
N ARG CA 33 14.43 -60.62 63.35
CA ARG CA 33 13.84 -61.93 63.26
C ARG CA 33 14.78 -62.89 62.54
N LYS CA 34 15.29 -62.47 61.39
CA LYS CA 34 16.31 -63.24 60.68
C LYS CA 34 17.48 -63.58 61.58
N PHE CA 35 18.02 -62.55 62.22
CA PHE CA 35 19.16 -62.70 63.11
C PHE CA 35 18.94 -63.72 64.21
N ALA CA 36 17.73 -63.77 64.76
CA ALA CA 36 17.38 -64.78 65.73
C ALA CA 36 17.36 -66.18 65.13
N MET CA 37 16.83 -66.32 63.91
CA MET CA 37 16.79 -67.61 63.22
C MET CA 37 18.16 -68.19 62.94
N LYS CA 38 19.09 -67.33 62.55
CA LYS CA 38 20.46 -67.73 62.26
C LYS CA 38 21.19 -68.21 63.52
N GLU CA 39 20.99 -67.50 64.63
CA GLU CA 39 21.63 -67.85 65.90
C GLU CA 39 21.03 -69.12 66.46
N MET CA 40 19.77 -69.07 66.86
CA MET CA 40 19.10 -70.23 67.42
C MET CA 40 18.43 -70.90 66.26
N GLY CA 41 18.79 -72.14 65.97
CA GLY CA 41 18.20 -72.88 64.85
C GLY CA 41 16.70 -73.10 65.02
N THR CA 42 15.95 -72.02 64.83
CA THR CA 42 14.51 -71.97 65.09
C THR CA 42 13.87 -71.04 64.07
N PRO CA 43 12.80 -71.50 63.40
CA PRO CA 43 12.01 -70.56 62.59
C PRO CA 43 10.90 -69.87 63.39
N ASP CA 44 10.43 -70.47 64.48
CA ASP CA 44 9.47 -69.80 65.37
C ASP CA 44 10.26 -68.80 66.22
N VAL CA 45 10.26 -67.55 65.76
CA VAL CA 45 10.83 -66.44 66.50
C VAL CA 45 9.67 -65.58 66.94
N ARG CA 46 9.63 -65.27 68.23
CA ARG CA 46 8.48 -64.62 68.86
C ARG CA 46 9.00 -63.38 69.57
N ILE CA 47 9.25 -62.36 68.75
CA ILE CA 47 9.76 -61.07 69.20
C ILE CA 47 8.79 -60.34 70.15
N ASP CA 48 9.30 -59.97 71.33
CA ASP CA 48 8.51 -59.39 72.41
C ASP CA 48 8.05 -58.00 72.02
N THR CA 49 6.97 -57.56 72.64
CA THR CA 49 6.39 -56.25 72.39
C THR CA 49 7.31 -55.12 72.83
N ARG CA 50 8.00 -55.29 73.95
CA ARG CA 50 8.87 -54.23 74.44
C ARG CA 50 10.05 -53.95 73.50
N LEU CA 51 10.50 -54.96 72.76
CA LEU CA 51 11.52 -54.76 71.73
C LEU CA 51 10.97 -54.01 70.53
N ASN CA 52 9.79 -54.42 70.07
CA ASN CA 52 9.10 -53.69 69.01
C ASN CA 52 9.10 -52.21 69.33
N LYS CA 53 8.52 -51.87 70.48
CA LYS CA 53 8.44 -50.48 70.96
C LYS CA 53 9.77 -49.76 70.95
N ALA CA 54 10.83 -50.49 71.29
CA ALA CA 54 12.17 -49.92 71.27
C ALA CA 54 12.71 -49.66 69.86
N VAL CA 55 12.25 -50.44 68.88
CA VAL CA 55 12.62 -50.19 67.49
C VAL CA 55 11.81 -49.04 66.89
N TRP CA 56 10.52 -48.99 67.20
CA TRP CA 56 9.65 -47.89 66.78
C TRP CA 56 9.73 -46.65 67.70
N ALA CA 57 10.74 -46.55 68.55
CA ALA CA 57 10.83 -45.45 69.49
C ALA CA 57 11.03 -44.12 68.80
N LYS CA 58 11.95 -44.08 67.85
CA LYS CA 58 12.21 -42.86 67.10
C LYS CA 58 11.59 -42.94 65.71
N GLY CA 59 10.32 -43.38 65.65
CA GLY CA 59 9.55 -43.33 64.42
C GLY CA 59 9.99 -44.35 63.39
N ILE CA 60 9.33 -44.30 62.25
CA ILE CA 60 9.50 -45.27 61.17
C ILE CA 60 10.75 -45.01 60.34
N ARG CA 61 11.14 -43.75 60.21
CA ARG CA 61 12.35 -43.39 59.47
C ARG CA 61 13.60 -43.79 60.22
N ASN CA 62 13.79 -43.22 61.39
CA ASN CA 62 15.08 -43.28 62.05
C ASN CA 62 15.04 -44.42 63.05
N VAL CA 63 15.64 -45.54 62.69
CA VAL CA 63 15.75 -46.67 63.58
C VAL CA 63 17.00 -46.42 64.44
N PRO CA 64 16.99 -46.88 65.70
CA PRO CA 64 18.22 -46.90 66.49
C PRO CA 64 19.30 -47.78 65.83
N TYR CA 65 20.56 -47.35 65.89
CA TYR CA 65 21.63 -48.03 65.14
C TYR CA 65 21.98 -49.40 65.69
N ARG CA 66 22.10 -49.50 67.01
CA ARG CA 66 22.28 -50.79 67.68
C ARG CA 66 21.04 -51.10 68.49
N ILE CA 67 20.98 -52.32 68.99
CA ILE CA 67 19.96 -52.71 69.95
C ILE CA 67 20.44 -53.94 70.69
N ARG CA 68 20.48 -53.90 72.02
CA ARG CA 68 21.03 -55.01 72.77
C ARG CA 68 19.88 -55.93 73.10
N VAL CA 69 20.03 -57.20 72.77
CA VAL CA 69 18.92 -58.14 72.65
C VAL CA 69 19.18 -59.41 73.44
N ARG CA 70 18.27 -59.77 74.34
CA ARG CA 70 18.30 -61.07 74.98
C ARG CA 70 17.54 -62.04 74.08
N LEU CA 71 18.11 -63.21 73.86
CA LEU CA 71 17.63 -64.14 72.87
C LEU CA 71 17.43 -65.46 73.58
N SER CA 72 16.23 -65.70 74.09
CA SER CA 72 15.97 -66.86 74.95
C SER CA 72 15.26 -67.97 74.20
N ARG CA 73 15.95 -69.09 74.03
CA ARG CA 73 15.37 -70.25 73.36
C ARG CA 73 14.48 -71.01 74.37
N LYS CA 74 13.43 -71.67 73.87
CA LYS CA 74 12.40 -72.26 74.74
C LYS CA 74 11.90 -73.65 74.32
N ARG CA 75 11.04 -74.22 75.17
CA ARG CA 75 10.53 -75.58 75.05
C ARG CA 75 9.23 -75.66 74.23
N ASN CA 76 8.46 -74.59 74.21
CA ASN CA 76 7.13 -74.55 73.56
C ASN CA 76 6.08 -75.44 74.28
N GLU CA 77 6.01 -75.24 75.60
CA GLU CA 77 5.12 -75.96 76.54
C GLU CA 77 4.30 -77.17 76.02
N ASP CA 78 3.02 -76.97 75.67
CA ASP CA 78 2.07 -78.07 75.44
C ASP CA 78 1.67 -78.25 73.97
N GLU CA 79 2.26 -77.45 73.07
CA GLU CA 79 1.87 -77.46 71.66
C GLU CA 79 2.43 -78.67 70.95
N ASP CA 80 1.60 -79.28 70.10
CA ASP CA 80 1.99 -80.44 69.30
C ASP CA 80 2.28 -79.97 67.87
N SER CA 81 3.17 -78.98 67.77
CA SER CA 81 3.53 -78.31 66.52
C SER CA 81 4.83 -78.91 65.99
N PRO CA 82 5.09 -78.80 64.67
CA PRO CA 82 6.38 -79.20 64.10
C PRO CA 82 7.60 -78.59 64.82
N ASN CA 83 7.47 -77.35 65.28
CA ASN CA 83 8.53 -76.67 66.01
C ASN CA 83 8.54 -77.13 67.47
N LYS CA 84 9.63 -77.80 67.86
CA LYS CA 84 9.87 -78.16 69.25
C LYS CA 84 10.21 -76.91 70.06
N LEU CA 85 11.20 -76.17 69.57
CA LEU CA 85 11.72 -74.98 70.25
C LEU CA 85 11.33 -73.69 69.55
N TYR CA 86 10.94 -72.69 70.35
CA TYR CA 86 10.75 -71.33 69.85
C TYR CA 86 11.78 -70.42 70.47
N THR CA 87 11.97 -69.27 69.85
CA THR CA 87 12.90 -68.26 70.32
C THR CA 87 12.14 -67.00 70.66
N LEU CA 88 12.41 -66.45 71.85
CA LEU CA 88 11.81 -65.22 72.28
C LEU CA 88 12.89 -64.15 72.33
N VAL CA 89 12.71 -63.07 71.56
CA VAL CA 89 13.65 -61.95 71.56
C VAL CA 89 13.14 -60.94 72.57
N THR CA 90 14.07 -60.41 73.35
CA THR CA 90 13.73 -59.51 74.44
C THR CA 90 14.65 -58.30 74.36
N TYR CA 91 14.19 -57.20 74.93
CA TYR CA 91 14.94 -55.97 74.87
C TYR CA 91 15.78 -55.80 76.11
N VAL CA 92 17.03 -55.41 75.89
CA VAL CA 92 17.96 -55.09 76.96
C VAL CA 92 18.24 -53.61 76.83
N PRO CA 93 17.67 -52.79 77.73
CA PRO CA 93 18.02 -51.36 77.72
C PRO CA 93 19.46 -51.13 78.18
N VAL CA 94 20.15 -50.25 77.47
CA VAL CA 94 21.58 -50.04 77.65
C VAL CA 94 21.89 -48.54 77.53
N THR CA 95 22.93 -48.11 78.25
CA THR CA 95 23.46 -46.76 78.16
C THR CA 95 24.31 -46.60 76.89
N THR CA 96 25.35 -47.44 76.79
CA THR CA 96 26.30 -47.38 75.68
C THR CA 96 26.59 -48.77 75.16
N PHE CA 97 26.78 -48.86 73.85
CA PHE CA 97 27.22 -50.08 73.21
C PHE CA 97 28.74 -50.20 73.10
N LYS CA 98 29.49 -49.33 73.77
CA LYS CA 98 30.95 -49.43 73.76
C LYS CA 98 31.41 -50.72 74.43
N ASN CA 99 32.17 -51.52 73.67
CA ASN CA 99 32.78 -52.79 74.09
C ASN CA 99 31.89 -53.87 74.77
N LEU CA 100 30.61 -53.91 74.37
CA LEU CA 100 29.71 -55.00 74.76
C LEU CA 100 30.02 -56.20 73.87
N GLN CA 101 29.86 -57.40 74.40
CA GLN CA 101 30.10 -58.63 73.65
C GLN CA 101 28.83 -59.43 73.60
N THR CA 102 28.90 -60.65 73.10
CA THR CA 102 27.77 -61.56 73.15
C THR CA 102 27.89 -62.40 74.41
N VAL CA 103 27.32 -61.91 75.50
CA VAL CA 103 27.37 -62.61 76.78
C VAL CA 103 26.36 -63.74 76.76
N ASN CA 104 26.78 -64.88 77.29
CA ASN CA 104 25.88 -66.00 77.56
C ASN CA 104 25.48 -65.94 79.03
N VAL CA 105 24.27 -65.49 79.31
CA VAL CA 105 23.76 -65.45 80.68
C VAL CA 105 23.49 -66.89 81.14
N ASP CA 106 24.39 -67.40 81.99
CA ASP CA 106 24.33 -68.77 82.49
C ASP CA 106 23.13 -68.97 83.41
N GLU CA 107 22.27 -69.92 83.05
CA GLU CA 107 21.01 -70.15 83.75
C GLU CA 107 21.20 -71.09 84.93
N ALA DA 1 -15.36 -122.25 0.12
CA ALA DA 1 -16.35 -122.62 -0.94
C ALA DA 1 -17.65 -121.79 -0.85
N ALA DA 2 -17.48 -120.49 -1.06
CA ALA DA 2 -18.61 -119.55 -1.10
C ALA DA 2 -19.24 -119.54 -2.48
N LEU DA 3 -20.36 -118.83 -2.61
CA LEU DA 3 -21.07 -118.74 -3.89
C LEU DA 3 -20.27 -117.92 -4.89
N ARG DA 4 -19.78 -118.58 -5.92
CA ARG DA 4 -19.12 -117.91 -7.03
C ARG DA 4 -20.17 -117.14 -7.83
N PRO DA 5 -19.77 -116.05 -8.49
CA PRO DA 5 -20.64 -115.45 -9.50
C PRO DA 5 -20.48 -116.12 -10.84
N LEU DA 6 -21.43 -115.88 -11.72
CA LEU DA 6 -21.46 -116.50 -13.04
C LEU DA 6 -20.18 -116.24 -13.79
N VAL DA 7 -19.83 -114.97 -13.86
CA VAL DA 7 -18.66 -114.53 -14.58
C VAL DA 7 -17.99 -113.49 -13.70
N LYS DA 8 -16.67 -113.57 -13.62
CA LYS DA 8 -15.91 -112.78 -12.66
C LYS DA 8 -14.84 -112.03 -13.44
N PRO DA 9 -15.24 -110.93 -14.08
CA PRO DA 9 -14.31 -110.18 -14.92
C PRO DA 9 -13.40 -109.30 -14.08
N LYS DA 10 -12.32 -108.84 -14.70
CA LYS DA 10 -11.38 -107.93 -14.06
C LYS DA 10 -12.01 -106.55 -13.99
N ILE DA 11 -12.48 -106.18 -12.81
CA ILE DA 11 -13.03 -104.85 -12.59
C ILE DA 11 -11.87 -103.88 -12.55
N VAL DA 12 -11.96 -102.85 -13.38
CA VAL DA 12 -10.92 -101.83 -13.46
C VAL DA 12 -11.60 -100.50 -13.19
N LYS DA 13 -10.99 -99.70 -12.33
CA LYS DA 13 -11.50 -98.40 -11.96
C LYS DA 13 -10.53 -97.35 -12.46
N LYS DA 14 -11.06 -96.27 -12.99
CA LYS DA 14 -10.26 -95.21 -13.59
C LYS DA 14 -9.57 -94.37 -12.54
N ARG DA 15 -10.28 -94.17 -11.44
CA ARG DA 15 -9.77 -93.41 -10.31
C ARG DA 15 -10.36 -94.04 -9.08
N THR DA 16 -9.55 -94.18 -8.05
CA THR DA 16 -10.00 -94.77 -6.82
C THR DA 16 -10.24 -93.76 -5.72
N LYS DA 17 -9.36 -92.76 -5.59
CA LYS DA 17 -9.50 -91.76 -4.53
C LYS DA 17 -10.80 -91.01 -4.68
N LYS DA 18 -11.39 -90.63 -3.55
CA LYS DA 18 -12.60 -89.80 -3.55
C LYS DA 18 -12.28 -88.43 -4.09
N PHE DA 19 -13.13 -87.88 -4.94
CA PHE DA 19 -12.98 -86.46 -5.27
C PHE DA 19 -13.37 -85.71 -4.01
N ILE DA 20 -12.49 -84.80 -3.57
CA ILE DA 20 -12.80 -84.01 -2.39
C ILE DA 20 -12.93 -82.57 -2.77
N ARG DA 21 -13.53 -81.82 -1.85
CA ARG DA 21 -13.96 -80.46 -2.10
C ARG DA 21 -12.85 -79.48 -1.81
N HIS DA 22 -12.90 -78.37 -2.51
CA HIS DA 22 -11.83 -77.39 -2.49
C HIS DA 22 -11.73 -76.72 -1.13
N GLN DA 23 -10.52 -76.70 -0.59
CA GLN DA 23 -10.28 -76.17 0.75
C GLN DA 23 -11.04 -76.91 1.88
N SER DA 24 -11.45 -78.15 1.65
CA SER DA 24 -12.11 -78.95 2.69
C SER DA 24 -11.08 -79.40 3.72
N ASP DA 25 -9.82 -79.41 3.29
CA ASP DA 25 -8.68 -79.57 4.18
C ASP DA 25 -8.46 -78.39 5.12
N ARG DA 26 -8.70 -77.17 4.64
CA ARG DA 26 -8.43 -75.99 5.46
C ARG DA 26 -9.46 -75.74 6.55
N TYR DA 27 -10.71 -76.15 6.33
CA TYR DA 27 -11.81 -75.80 7.23
C TYR DA 27 -12.57 -77.00 7.78
N VAL DA 28 -13.20 -76.80 8.93
CA VAL DA 28 -14.11 -77.77 9.50
C VAL DA 28 -15.54 -77.44 9.08
N LYS DA 29 -15.79 -76.20 8.68
CA LYS DA 29 -17.08 -75.85 8.12
C LYS DA 29 -17.29 -76.39 6.70
N ILE DA 30 -16.20 -76.62 5.98
CA ILE DA 30 -16.27 -77.23 4.67
C ILE DA 30 -16.14 -78.75 4.78
N LYS DA 31 -17.11 -79.47 4.20
CA LYS DA 31 -17.07 -80.93 4.16
C LYS DA 31 -16.39 -81.45 2.90
N ARG DA 32 -15.90 -82.68 2.99
CA ARG DA 32 -15.33 -83.41 1.85
C ARG DA 32 -16.27 -83.43 0.65
N ASN DA 33 -17.58 -83.49 0.90
CA ASN DA 33 -18.60 -83.58 -0.15
C ASN DA 33 -18.39 -82.63 -1.32
N TRP DA 34 -18.29 -83.20 -2.51
CA TRP DA 34 -17.95 -82.45 -3.70
C TRP DA 34 -18.95 -81.38 -4.04
N ARG DA 35 -18.43 -80.21 -4.38
CA ARG DA 35 -19.16 -79.14 -5.04
C ARG DA 35 -18.30 -78.65 -6.16
N LYS DA 36 -18.91 -78.29 -7.28
CA LYS DA 36 -18.17 -77.59 -8.32
C LYS DA 36 -17.96 -76.19 -7.86
N PRO DA 37 -16.71 -75.72 -7.91
CA PRO DA 37 -16.45 -74.34 -7.49
C PRO DA 37 -16.91 -73.39 -8.57
N ARG DA 38 -17.59 -72.33 -8.18
CA ARG DA 38 -18.11 -71.37 -9.16
C ARG DA 38 -17.54 -69.97 -8.86
N GLY DA 39 -16.31 -69.95 -8.36
CA GLY DA 39 -15.56 -68.72 -8.19
C GLY DA 39 -15.07 -68.19 -9.51
N ILE DA 40 -14.82 -66.89 -9.55
CA ILE DA 40 -14.43 -66.25 -10.79
C ILE DA 40 -12.95 -66.50 -11.03
N ASP DA 41 -12.17 -66.35 -9.97
CA ASP DA 41 -10.76 -66.72 -9.98
C ASP DA 41 -10.80 -67.99 -9.17
N ASN DA 42 -10.53 -69.14 -9.76
CA ASN DA 42 -10.43 -70.34 -8.93
C ASN DA 42 -9.55 -71.38 -9.57
N ARG DA 43 -8.29 -71.36 -9.14
CA ARG DA 43 -7.34 -72.40 -9.45
C ARG DA 43 -7.99 -73.68 -9.93
N VAL DA 44 -8.90 -74.23 -9.12
CA VAL DA 44 -9.54 -75.52 -9.38
C VAL DA 44 -10.53 -75.50 -10.54
N ARG DA 45 -11.42 -74.53 -10.54
CA ARG DA 45 -12.51 -74.52 -11.51
C ARG DA 45 -12.00 -74.18 -12.89
N ARG DA 46 -10.84 -73.54 -12.97
CA ARG DA 46 -10.19 -73.34 -14.26
C ARG DA 46 -9.01 -74.28 -14.48
N ARG DA 47 -9.09 -75.47 -13.89
CA ARG DA 47 -8.22 -76.58 -14.24
C ARG DA 47 -6.69 -76.32 -14.22
N PHE DA 48 -6.20 -75.51 -13.30
CA PHE DA 48 -4.75 -75.32 -13.18
C PHE DA 48 -4.01 -76.61 -12.86
N LYS DA 49 -2.71 -76.56 -13.10
CA LYS DA 49 -1.81 -77.64 -12.80
C LYS DA 49 -1.64 -77.73 -11.29
N GLY DA 50 -1.54 -78.95 -10.78
CA GLY DA 50 -1.22 -79.19 -9.36
C GLY DA 50 -2.29 -78.88 -8.34
N GLN DA 51 -3.55 -79.00 -8.76
CA GLN DA 51 -4.71 -78.73 -7.91
C GLN DA 51 -5.52 -79.98 -7.73
N ILE DA 52 -6.62 -79.85 -7.01
CA ILE DA 52 -7.59 -80.94 -6.88
C ILE DA 52 -8.29 -81.11 -8.21
N LEU DA 53 -8.71 -82.33 -8.47
CA LEU DA 53 -9.26 -82.65 -9.76
C LEU DA 53 -10.76 -82.47 -9.66
N MET DA 54 -11.37 -82.14 -10.79
CA MET DA 54 -12.81 -81.99 -10.88
C MET DA 54 -13.38 -83.22 -11.55
N PRO DA 55 -14.43 -83.80 -10.98
CA PRO DA 55 -15.05 -84.97 -11.55
C PRO DA 55 -15.79 -84.67 -12.85
N ASN DA 56 -15.49 -85.43 -13.88
CA ASN DA 56 -16.21 -85.39 -15.14
C ASN DA 56 -16.88 -86.71 -15.35
N ILE DA 57 -17.64 -86.80 -16.42
CA ILE DA 57 -18.15 -88.08 -16.90
C ILE DA 57 -17.08 -88.95 -17.56
N GLY DA 58 -15.96 -88.35 -17.94
CA GLY DA 58 -14.78 -89.11 -18.34
C GLY DA 58 -14.32 -90.21 -17.40
N TYR DA 59 -14.35 -89.97 -16.09
CA TYR DA 59 -13.99 -91.01 -15.12
C TYR DA 59 -15.03 -92.14 -14.95
N GLY DA 60 -16.16 -92.09 -15.65
CA GLY DA 60 -17.20 -93.11 -15.52
C GLY DA 60 -16.72 -94.54 -15.71
N SER DA 61 -17.35 -95.46 -14.99
CA SER DA 61 -16.94 -96.86 -15.00
C SER DA 61 -17.51 -97.60 -16.20
N ASN DA 62 -16.80 -98.62 -16.65
CA ASN DA 62 -17.18 -99.43 -17.80
C ASN DA 62 -18.46 -100.21 -17.51
N LYS DA 63 -19.49 -99.95 -18.30
CA LYS DA 63 -20.84 -100.48 -18.05
C LYS DA 63 -20.92 -101.94 -17.62
N LYS DA 64 -19.99 -102.76 -18.08
CA LYS DA 64 -20.00 -104.16 -17.68
C LYS DA 64 -19.82 -104.34 -16.18
N THR DA 65 -18.92 -103.58 -15.58
CA THR DA 65 -18.56 -103.77 -14.18
C THR DA 65 -19.01 -102.63 -13.26
N LYS DA 66 -19.99 -101.83 -13.69
CA LYS DA 66 -20.47 -100.73 -12.87
C LYS DA 66 -21.42 -101.25 -11.83
N HIS DA 67 -21.18 -100.86 -10.59
CA HIS DA 67 -21.87 -101.36 -9.39
C HIS DA 67 -21.48 -102.78 -8.99
N MET DA 68 -20.42 -103.30 -9.57
CA MET DA 68 -20.00 -104.64 -9.31
C MET DA 68 -19.14 -104.60 -8.07
N LEU DA 69 -19.51 -105.39 -7.06
CA LEU DA 69 -18.69 -105.55 -5.86
C LEU DA 69 -17.39 -106.25 -6.20
N PRO DA 70 -16.41 -106.25 -5.28
CA PRO DA 70 -15.16 -107.00 -5.50
C PRO DA 70 -15.36 -108.50 -5.70
N SER DA 71 -16.37 -109.07 -5.03
CA SER DA 71 -16.73 -110.46 -5.22
C SER DA 71 -17.21 -110.78 -6.63
N GLY DA 72 -17.84 -109.81 -7.30
CA GLY DA 72 -18.36 -110.00 -8.64
C GLY DA 72 -19.86 -109.82 -8.75
N PHE DA 73 -20.54 -109.74 -7.60
CA PHE DA 73 -21.99 -109.51 -7.57
C PHE DA 73 -22.32 -108.04 -7.55
N ARG DA 74 -23.59 -107.71 -7.77
CA ARG DA 74 -24.12 -106.38 -7.45
C ARG DA 74 -24.98 -106.56 -6.21
N LYS DA 75 -25.05 -105.53 -5.36
CA LYS DA 75 -25.92 -105.59 -4.20
C LYS DA 75 -27.39 -105.54 -4.58
N PHE DA 76 -28.25 -106.01 -3.69
CA PHE DA 76 -29.69 -105.71 -3.73
C PHE DA 76 -30.16 -105.75 -2.30
N LEU DA 77 -30.60 -104.60 -1.82
CA LEU DA 77 -30.96 -104.45 -0.42
C LEU DA 77 -32.25 -105.22 -0.09
N VAL DA 78 -32.08 -106.46 0.35
CA VAL DA 78 -33.19 -107.24 0.88
C VAL DA 78 -33.60 -106.68 2.24
N HIS DA 79 -34.90 -106.66 2.47
CA HIS DA 79 -35.50 -106.08 3.65
C HIS DA 79 -36.23 -107.13 4.48
N ASN DA 80 -36.91 -108.06 3.82
CA ASN DA 80 -37.53 -109.22 4.44
C ASN DA 80 -37.43 -110.47 3.57
N VAL DA 81 -37.93 -111.60 4.07
CA VAL DA 81 -37.75 -112.90 3.40
C VAL DA 81 -38.44 -112.95 2.04
N LYS DA 82 -39.69 -112.55 2.01
CA LYS DA 82 -40.46 -112.51 0.76
C LYS DA 82 -39.72 -111.76 -0.36
N GLU DA 83 -39.00 -110.72 0.02
CA GLU DA 83 -38.20 -109.93 -0.92
C GLU DA 83 -36.92 -110.64 -1.42
N LEU DA 84 -36.52 -111.75 -0.77
CA LEU DA 84 -35.42 -112.60 -1.28
C LEU DA 84 -35.81 -113.41 -2.49
N GLU DA 85 -37.00 -113.99 -2.46
CA GLU DA 85 -37.44 -114.92 -3.50
C GLU DA 85 -37.51 -114.28 -4.89
N VAL DA 86 -37.39 -112.96 -4.95
CA VAL DA 86 -37.04 -112.24 -6.16
C VAL DA 86 -35.72 -112.70 -6.79
N LEU DA 87 -34.67 -112.70 -6.00
CA LEU DA 87 -33.35 -113.05 -6.50
C LEU DA 87 -33.15 -114.49 -6.94
N LEU DA 88 -34.03 -115.40 -6.50
CA LEU DA 88 -34.02 -116.83 -6.88
C LEU DA 88 -33.46 -117.16 -8.28
N MET DA 89 -33.93 -116.43 -9.29
CA MET DA 89 -33.51 -116.66 -10.67
C MET DA 89 -32.32 -115.83 -11.16
N CYS DA 90 -31.66 -115.11 -10.26
CA CYS DA 90 -30.43 -114.35 -10.55
C CYS DA 90 -29.25 -114.95 -9.83
N ASN DA 91 -29.37 -115.11 -8.52
CA ASN DA 91 -28.33 -115.61 -7.58
C ASN DA 91 -26.87 -115.72 -8.01
N LYS DA 92 -26.63 -116.18 -9.24
CA LYS DA 92 -25.32 -116.06 -9.86
C LYS DA 92 -24.79 -114.64 -10.12
N SER DA 93 -25.66 -113.63 -10.18
CA SER DA 93 -25.23 -112.27 -10.55
C SER DA 93 -25.58 -111.11 -9.59
N TYR DA 94 -26.43 -111.37 -8.60
CA TYR DA 94 -26.81 -110.37 -7.60
C TYR DA 94 -26.78 -111.00 -6.22
N CYS DA 95 -26.60 -110.16 -5.21
CA CYS DA 95 -26.50 -110.63 -3.84
C CYS DA 95 -27.38 -109.82 -2.94
N ALA DA 96 -27.99 -110.50 -1.98
CA ALA DA 96 -28.81 -109.87 -0.98
C ALA DA 96 -27.89 -109.18 0.02
N GLU DA 97 -28.23 -107.94 0.33
CA GLU DA 97 -27.74 -107.28 1.51
C GLU DA 97 -28.95 -107.16 2.39
N ILE DA 98 -28.81 -107.53 3.64
CA ILE DA 98 -29.93 -107.42 4.56
C ILE DA 98 -29.77 -106.06 5.20
N ALA DA 99 -30.86 -105.40 5.51
CA ALA DA 99 -30.77 -104.01 5.97
C ALA DA 99 -30.32 -103.88 7.42
N HIS DA 100 -29.96 -102.65 7.78
CA HIS DA 100 -29.49 -102.32 9.13
C HIS DA 100 -30.63 -102.45 10.11
N ASN DA 101 -31.76 -101.87 9.76
CA ASN DA 101 -32.92 -101.86 10.64
C ASN DA 101 -33.58 -103.22 10.95
N VAL DA 102 -33.25 -104.27 10.19
CA VAL DA 102 -33.89 -105.59 10.35
C VAL DA 102 -33.43 -106.29 11.61
N SER DA 103 -34.37 -106.77 12.41
CA SER DA 103 -34.07 -107.25 13.76
C SER DA 103 -33.28 -108.54 13.70
N SER DA 104 -32.52 -108.80 14.77
CA SER DA 104 -31.67 -109.96 14.88
C SER DA 104 -32.38 -111.30 14.75
N LYS DA 105 -33.65 -111.38 15.11
CA LYS DA 105 -34.39 -112.64 14.99
C LYS DA 105 -34.75 -113.00 13.53
N ASN DA 106 -35.06 -111.99 12.73
CA ASN DA 106 -35.47 -112.19 11.33
C ASN DA 106 -34.37 -111.91 10.31
N ARG DA 107 -33.22 -111.43 10.77
CA ARG DA 107 -31.99 -111.51 9.99
C ARG DA 107 -31.66 -112.98 9.83
N LYS DA 108 -31.75 -113.72 10.93
CA LYS DA 108 -31.48 -115.15 10.94
C LYS DA 108 -32.35 -115.93 9.96
N ALA DA 109 -33.62 -115.56 9.86
CA ALA DA 109 -34.55 -116.20 8.95
C ALA DA 109 -34.26 -115.94 7.49
N ILE DA 110 -33.88 -114.72 7.17
CA ILE DA 110 -33.47 -114.34 5.81
C ILE DA 110 -32.24 -115.12 5.35
N VAL DA 111 -31.25 -115.21 6.24
CA VAL DA 111 -30.00 -115.86 5.90
C VAL DA 111 -30.18 -117.33 5.56
N GLU DA 112 -30.93 -118.06 6.36
CA GLU DA 112 -31.12 -119.49 6.11
C GLU DA 112 -31.90 -119.74 4.80
N ARG DA 113 -32.89 -118.88 4.52
CA ARG DA 113 -33.62 -118.99 3.26
C ARG DA 113 -32.68 -118.77 2.10
N ALA DA 114 -31.84 -117.75 2.21
CA ALA DA 114 -30.85 -117.44 1.18
C ALA DA 114 -29.96 -118.65 0.92
N ALA DA 115 -29.49 -119.27 2.01
CA ALA DA 115 -28.65 -120.46 1.93
C ALA DA 115 -29.34 -121.61 1.23
N GLN DA 116 -30.62 -121.82 1.52
CA GLN DA 116 -31.43 -122.80 0.79
C GLN DA 116 -31.47 -122.46 -0.69
N LEU DA 117 -31.75 -121.19 -0.99
CA LEU DA 117 -31.89 -120.72 -2.38
C LEU DA 117 -30.57 -120.43 -3.07
N ALA DA 118 -29.46 -120.52 -2.34
CA ALA DA 118 -28.13 -120.25 -2.88
C ALA DA 118 -27.96 -118.82 -3.36
N ILE DA 119 -28.60 -117.91 -2.66
CA ILE DA 119 -28.40 -116.48 -2.86
C ILE DA 119 -27.29 -116.06 -1.89
N ARG DA 120 -26.31 -115.33 -2.42
CA ARG DA 120 -25.19 -114.86 -1.61
C ARG DA 120 -25.65 -113.68 -0.78
N VAL DA 121 -25.47 -113.78 0.53
CA VAL DA 121 -25.76 -112.71 1.46
C VAL DA 121 -24.44 -112.03 1.76
N THR DA 122 -24.43 -110.71 1.68
CA THR DA 122 -23.21 -109.93 1.85
C THR DA 122 -22.93 -109.50 3.28
N ASN DA 123 -23.89 -109.66 4.18
CA ASN DA 123 -23.70 -109.41 5.61
C ASN DA 123 -24.44 -110.42 6.49
N PRO DA 124 -24.08 -111.71 6.37
CA PRO DA 124 -24.81 -112.73 7.12
C PRO DA 124 -24.25 -112.86 8.53
N ASN DA 125 -22.98 -113.23 8.64
CA ASN DA 125 -22.29 -113.23 9.91
C ASN DA 125 -22.15 -111.79 10.38
N ALA DA 126 -23.08 -111.36 11.24
CA ALA DA 126 -23.03 -110.01 11.81
C ALA DA 126 -23.78 -109.82 13.14
N ARG DA 127 -25.11 -109.85 13.12
CA ARG DA 127 -25.88 -109.38 14.27
C ARG DA 127 -25.81 -110.34 15.46
N LEU DA 128 -26.22 -111.60 15.23
CA LEU DA 128 -26.06 -112.69 16.21
C LEU DA 128 -26.73 -112.42 17.57
N SER EA 1 27.93 -118.56 -7.26
CA SER EA 1 28.82 -118.09 -6.14
C SER EA 1 29.29 -116.63 -6.25
N GLY EA 2 29.05 -115.96 -7.39
CA GLY EA 2 29.32 -114.52 -7.57
C GLY EA 2 28.10 -113.73 -8.03
N ARG EA 3 28.34 -112.58 -8.64
CA ARG EA 3 27.27 -111.66 -9.06
C ARG EA 3 26.77 -112.01 -10.45
N LEU EA 4 25.45 -112.15 -10.61
CA LEU EA 4 24.84 -112.46 -11.91
C LEU EA 4 23.91 -111.34 -12.38
N TRP EA 5 24.25 -110.10 -12.02
CA TRP EA 5 23.46 -108.95 -12.45
C TRP EA 5 24.29 -107.70 -12.59
N CYS EA 6 24.03 -106.96 -13.67
CA CYS EA 6 24.79 -105.75 -13.99
C CYS EA 6 24.29 -104.64 -13.11
N LYS EA 7 25.24 -103.88 -12.56
CA LYS EA 7 24.94 -102.75 -11.68
C LYS EA 7 24.41 -101.56 -12.45
N ALA EA 8 23.38 -100.92 -11.89
CA ALA EA 8 22.78 -99.73 -12.48
C ALA EA 8 22.22 -98.85 -11.39
N ILE EA 9 22.09 -97.57 -11.69
CA ILE EA 9 21.59 -96.59 -10.74
C ILE EA 9 20.29 -96.01 -11.25
N PHE EA 10 19.39 -95.76 -10.31
CA PHE EA 10 18.09 -95.22 -10.62
C PHE EA 10 18.14 -93.71 -10.65
N ALA EA 11 18.38 -93.19 -11.85
CA ALA EA 11 18.66 -91.77 -12.06
C ALA EA 11 17.47 -90.82 -11.78
N GLY EA 12 16.25 -91.31 -11.92
CA GLY EA 12 15.08 -90.45 -11.82
C GLY EA 12 14.05 -90.78 -12.86
N TYR EA 13 12.87 -90.17 -12.74
CA TYR EA 13 11.77 -90.59 -13.58
C TYR EA 13 11.92 -89.96 -14.93
N LYS EA 14 11.21 -90.53 -15.89
CA LYS EA 14 11.00 -89.92 -17.19
C LYS EA 14 10.25 -88.66 -16.93
N ARG EA 15 10.75 -87.55 -17.44
CA ARG EA 15 10.18 -86.27 -17.10
C ARG EA 15 10.63 -85.23 -18.07
N GLY EA 16 9.75 -84.31 -18.40
CA GLY EA 16 10.18 -83.06 -19.00
C GLY EA 16 10.73 -82.28 -17.82
N LEU EA 17 11.07 -81.02 -18.02
CA LEU EA 17 11.55 -80.19 -16.91
C LEU EA 17 10.54 -80.16 -15.77
N ARG EA 18 9.28 -79.82 -16.10
CA ARG EA 18 8.27 -79.50 -15.09
C ARG EA 18 7.06 -80.44 -15.05
N ASN EA 19 7.19 -81.64 -15.62
CA ASN EA 19 6.16 -82.69 -15.49
C ASN EA 19 6.84 -84.01 -15.39
N GLN EA 20 6.74 -84.69 -14.25
CA GLN EA 20 7.40 -85.96 -14.07
C GLN EA 20 6.39 -87.09 -14.16
N ARG EA 21 6.69 -88.04 -15.04
CA ARG EA 21 5.83 -89.16 -15.37
C ARG EA 21 6.39 -90.33 -14.60
N GLU EA 22 5.77 -90.62 -13.47
CA GLU EA 22 6.33 -91.53 -12.46
C GLU EA 22 6.25 -93.01 -12.85
N HIS EA 23 5.56 -93.30 -13.95
CA HIS EA 23 5.43 -94.66 -14.44
C HIS EA 23 6.55 -95.13 -15.36
N THR EA 24 7.60 -94.33 -15.51
CA THR EA 24 8.71 -94.69 -16.41
C THR EA 24 10.09 -94.24 -15.91
N ALA EA 25 10.73 -95.10 -15.13
CA ALA EA 25 12.03 -94.80 -14.56
C ALA EA 25 13.10 -94.56 -15.59
N LEU EA 26 14.21 -93.95 -15.16
CA LEU EA 26 15.44 -93.90 -15.95
C LEU EA 26 16.57 -94.55 -15.21
N LEU EA 27 17.36 -95.33 -15.95
CA LEU EA 27 18.37 -96.21 -15.39
C LEU EA 27 19.68 -95.87 -16.03
N LYS EA 28 20.68 -95.62 -15.20
CA LYS EA 28 22.04 -95.42 -15.66
C LYS EA 28 22.82 -96.68 -15.42
N ILE EA 29 22.99 -97.49 -16.46
CA ILE EA 29 23.66 -98.77 -16.30
C ILE EA 29 25.15 -98.51 -16.26
N GLU EA 30 25.86 -99.33 -15.47
CA GLU EA 30 27.29 -99.14 -15.23
C GLU EA 30 28.10 -99.60 -16.43
N GLY EA 31 29.04 -98.76 -16.85
CA GLY EA 31 29.97 -99.07 -17.94
C GLY EA 31 29.49 -98.83 -19.37
N VAL EA 32 28.25 -98.36 -19.53
CA VAL EA 32 27.62 -98.25 -20.84
C VAL EA 32 27.20 -96.80 -21.02
N TYR EA 33 27.79 -96.15 -22.02
CA TYR EA 33 27.61 -94.72 -22.23
C TYR EA 33 27.43 -94.38 -23.71
N ALA EA 34 26.50 -95.07 -24.36
CA ALA EA 34 26.12 -94.75 -25.75
C ALA EA 34 24.80 -95.41 -26.17
N ARG EA 35 23.99 -94.71 -26.97
CA ARG EA 35 22.78 -95.31 -27.54
C ARG EA 35 23.17 -96.25 -28.67
N ASP EA 36 23.90 -97.29 -28.29
CA ASP EA 36 24.78 -98.08 -29.17
C ASP EA 36 25.27 -99.26 -28.37
N GLU EA 37 25.82 -98.95 -27.20
CA GLU EA 37 26.28 -99.93 -26.24
C GLU EA 37 25.12 -100.53 -25.43
N THR EA 38 23.88 -100.25 -25.83
CA THR EA 38 22.72 -100.50 -24.99
C THR EA 38 21.71 -101.48 -25.59
N GLU EA 39 21.96 -102.01 -26.79
CA GLU EA 39 21.05 -103.00 -27.37
C GLU EA 39 21.07 -104.31 -26.60
N PHE EA 40 22.18 -104.59 -25.93
CA PHE EA 40 22.28 -105.71 -25.01
C PHE EA 40 21.15 -105.66 -23.99
N TYR EA 41 20.97 -104.51 -23.36
CA TYR EA 41 20.11 -104.41 -22.20
C TYR EA 41 18.63 -104.26 -22.47
N LEU EA 42 18.23 -104.08 -23.72
CA LEU EA 42 16.82 -103.91 -24.04
C LEU EA 42 16.05 -105.20 -23.86
N GLY EA 43 14.98 -105.09 -23.07
CA GLY EA 43 14.13 -106.23 -22.73
C GLY EA 43 14.62 -107.04 -21.56
N LYS EA 44 15.66 -106.56 -20.88
CA LYS EA 44 16.22 -107.30 -19.76
C LYS EA 44 15.40 -107.04 -18.52
N ARG EA 45 15.34 -108.03 -17.65
CA ARG EA 45 14.55 -107.96 -16.44
C ARG EA 45 15.39 -107.14 -15.47
N CYS EA 46 14.74 -106.37 -14.59
CA CYS EA 46 15.47 -105.56 -13.59
C CYS EA 46 14.69 -105.28 -12.31
N ALA EA 47 15.42 -105.34 -11.20
CA ALA EA 47 14.83 -105.38 -9.88
C ALA EA 47 15.31 -104.21 -9.07
N TYR EA 48 14.40 -103.58 -8.35
CA TYR EA 48 14.77 -102.66 -7.28
C TYR EA 48 14.54 -103.45 -6.01
N VAL EA 49 15.58 -103.61 -5.22
CA VAL EA 49 15.61 -104.58 -4.15
C VAL EA 49 15.89 -103.87 -2.85
N TYR EA 50 14.97 -103.96 -1.91
CA TYR EA 50 15.01 -103.13 -0.73
C TYR EA 50 14.36 -103.88 0.41
N LYS EA 51 14.92 -103.77 1.60
CA LYS EA 51 14.37 -104.49 2.73
C LYS EA 51 13.61 -103.56 3.65
N ALA EA 52 12.75 -104.16 4.46
CA ALA EA 52 11.80 -103.42 5.27
C ALA EA 52 11.38 -104.21 6.51
N LYS EA 53 10.91 -103.45 7.50
CA LYS EA 53 10.68 -103.94 8.86
C LYS EA 53 10.08 -105.34 8.93
N ASN EA 54 8.88 -105.49 8.38
CA ASN EA 54 8.16 -106.74 8.51
C ASN EA 54 8.65 -107.83 7.55
N ASN EA 55 8.54 -109.07 8.00
CA ASN EA 55 8.96 -110.23 7.21
C ASN EA 55 8.00 -110.48 6.08
N THR EA 56 8.49 -111.14 5.05
CA THR EA 56 7.70 -111.46 3.85
C THR EA 56 7.91 -112.92 3.51
N VAL EA 57 7.32 -113.38 2.41
CA VAL EA 57 7.68 -114.70 1.87
C VAL EA 57 8.90 -114.56 0.99
N THR EA 58 9.35 -115.70 0.48
CA THR EA 58 10.51 -115.76 -0.39
C THR EA 58 10.43 -117.03 -1.23
N PRO EA 59 10.32 -116.90 -2.56
CA PRO EA 59 10.39 -118.06 -3.41
C PRO EA 59 11.63 -118.90 -3.12
N GLY EA 60 11.42 -120.19 -2.88
CA GLY EA 60 12.50 -121.13 -2.59
C GLY EA 60 13.32 -120.70 -1.41
N GLY EA 61 12.66 -120.40 -0.30
CA GLY EA 61 13.35 -119.94 0.89
C GLY EA 61 12.43 -119.61 2.04
N LYS EA 62 13.00 -119.57 3.24
CA LYS EA 62 12.26 -119.14 4.42
C LYS EA 62 12.04 -117.62 4.37
N PRO EA 63 10.97 -117.13 5.02
CA PRO EA 63 10.65 -115.71 5.14
C PRO EA 63 11.82 -114.78 5.45
N ASN EA 64 11.79 -113.61 4.82
CA ASN EA 64 12.89 -112.65 4.81
C ASN EA 64 12.38 -111.24 5.02
N LYS EA 65 13.30 -110.32 5.28
CA LYS EA 65 12.97 -108.89 5.34
C LYS EA 65 13.05 -108.19 3.98
N THR EA 66 13.84 -108.71 3.05
CA THR EA 66 13.97 -108.12 1.71
C THR EA 66 12.73 -108.27 0.81
N ARG EA 67 12.52 -107.23 -0.01
CA ARG EA 67 11.41 -107.13 -0.96
C ARG EA 67 11.96 -106.62 -2.27
N VAL EA 68 11.34 -107.00 -3.39
CA VAL EA 68 11.70 -106.35 -4.65
C VAL EA 68 10.51 -105.96 -5.49
N ILE EA 69 10.76 -104.91 -6.27
CA ILE EA 69 9.87 -104.43 -7.27
C ILE EA 69 10.52 -104.79 -8.58
N TRP EA 70 9.85 -105.61 -9.37
CA TRP EA 70 10.42 -106.09 -10.61
C TRP EA 70 10.13 -105.08 -11.67
N GLY EA 71 10.94 -105.13 -12.72
CA GLY EA 71 10.77 -104.25 -13.87
C GLY EA 71 11.33 -104.80 -15.15
N LYS EA 72 11.61 -103.91 -16.09
CA LYS EA 72 12.01 -104.31 -17.42
C LYS EA 72 12.55 -103.11 -18.18
N VAL EA 73 13.80 -103.18 -18.57
CA VAL EA 73 14.42 -102.15 -19.38
C VAL EA 73 13.77 -102.18 -20.74
N THR EA 74 13.01 -101.14 -21.05
CA THR EA 74 12.23 -101.13 -22.27
C THR EA 74 13.06 -100.67 -23.43
N ARG EA 75 13.58 -99.45 -23.31
CA ARG EA 75 14.33 -98.86 -24.41
C ARG EA 75 15.39 -97.89 -23.96
N ALA EA 76 16.25 -97.54 -24.91
CA ALA EA 76 17.33 -96.63 -24.65
C ALA EA 76 16.76 -95.23 -24.53
N HIS EA 77 17.45 -94.39 -23.76
CA HIS EA 77 17.02 -93.01 -23.53
C HIS EA 77 18.18 -92.10 -23.81
N GLY EA 78 18.11 -91.37 -24.92
CA GLY EA 78 19.03 -90.26 -25.19
C GLY EA 78 20.53 -90.48 -25.18
N ASN EA 79 21.10 -90.66 -26.37
CA ASN EA 79 22.53 -90.65 -26.60
C ASN EA 79 23.51 -91.35 -25.66
N SER EA 80 23.64 -90.88 -24.42
CA SER EA 80 24.74 -91.29 -23.55
C SER EA 80 24.49 -92.55 -22.72
N GLY EA 81 23.84 -93.55 -23.31
CA GLY EA 81 23.70 -94.86 -22.68
C GLY EA 81 22.72 -94.98 -21.53
N MET EA 82 21.92 -93.95 -21.33
CA MET EA 82 20.86 -94.01 -20.34
C MET EA 82 19.78 -94.89 -20.95
N VAL EA 83 19.00 -95.51 -20.08
CA VAL EA 83 18.00 -96.45 -20.49
C VAL EA 83 16.72 -96.13 -19.74
N ARG EA 84 15.57 -96.42 -20.35
CA ARG EA 84 14.27 -96.35 -19.67
C ARG EA 84 13.90 -97.70 -19.10
N ALA EA 85 13.27 -97.69 -17.94
CA ALA EA 85 12.74 -98.90 -17.35
C ALA EA 85 11.27 -98.70 -17.00
N LYS EA 86 10.59 -99.83 -16.84
CA LYS EA 86 9.18 -99.86 -16.49
C LYS EA 86 8.96 -100.95 -15.47
N PHE EA 87 8.48 -100.57 -14.29
CA PHE EA 87 8.36 -101.50 -13.16
C PHE EA 87 6.91 -101.82 -12.85
N ARG EA 88 6.64 -103.08 -12.49
CA ARG EA 88 5.26 -103.55 -12.22
C ARG EA 88 4.52 -102.74 -11.18
N SER EA 89 5.28 -102.08 -10.31
CA SER EA 89 4.80 -100.93 -9.53
C SER EA 89 5.81 -99.82 -9.73
N ASN EA 90 5.36 -98.57 -9.64
CA ASN EA 90 6.26 -97.42 -9.82
C ASN EA 90 7.31 -97.38 -8.72
N LEU EA 91 8.45 -96.78 -9.01
CA LEU EA 91 9.56 -96.77 -8.05
C LEU EA 91 9.40 -95.66 -6.99
N PRO EA 92 9.81 -95.96 -5.74
CA PRO EA 92 9.53 -95.14 -4.55
C PRO EA 92 9.88 -93.66 -4.49
N ALA EA 93 10.95 -93.23 -5.16
CA ALA EA 93 11.58 -91.87 -5.01
C ALA EA 93 12.59 -91.82 -3.86
N LYS EA 94 12.24 -92.48 -2.76
CA LYS EA 94 13.23 -92.98 -1.83
C LYS EA 94 14.39 -93.54 -2.66
N ALA EA 95 14.06 -94.38 -3.63
CA ALA EA 95 15.03 -95.16 -4.39
C ALA EA 95 15.99 -94.40 -5.30
N ILE EA 96 15.83 -93.09 -5.47
CA ILE EA 96 16.68 -92.38 -6.43
C ILE EA 96 18.11 -92.45 -5.95
N GLY EA 97 19.04 -92.54 -6.90
CA GLY EA 97 20.47 -92.65 -6.59
C GLY EA 97 20.81 -93.89 -5.77
N HIS EA 98 20.12 -94.99 -6.03
CA HIS EA 98 20.40 -96.29 -5.40
C HIS EA 98 20.47 -97.38 -6.44
N ARG EA 99 20.88 -98.55 -5.99
CA ARG EA 99 21.07 -99.71 -6.86
C ARG EA 99 19.76 -100.26 -7.38
N ILE EA 100 19.73 -100.52 -8.67
CA ILE EA 100 18.77 -101.48 -9.20
C ILE EA 100 19.52 -102.47 -10.07
N ARG EA 101 19.19 -103.74 -9.87
CA ARG EA 101 19.89 -104.84 -10.47
C ARG EA 101 19.25 -105.00 -11.82
N VAL EA 102 20.06 -105.05 -12.88
CA VAL EA 102 19.56 -105.46 -14.20
C VAL EA 102 20.08 -106.87 -14.37
N MET EA 103 19.17 -107.78 -14.68
CA MET EA 103 19.51 -109.17 -14.82
C MET EA 103 20.05 -109.37 -16.23
N LEU EA 104 20.41 -110.62 -16.53
CA LEU EA 104 20.83 -111.01 -17.86
C LEU EA 104 19.73 -111.83 -18.55
N TYR EA 105 18.72 -112.23 -17.78
CA TYR EA 105 18.05 -113.47 -18.09
C TYR EA 105 16.73 -113.46 -18.89
N PRO EA 106 16.51 -112.42 -19.69
CA PRO EA 106 15.75 -112.63 -20.95
C PRO EA 106 16.71 -112.51 -22.13
N SER EA 107 17.77 -113.31 -22.09
CA SER EA 107 18.93 -113.15 -22.94
C SER EA 107 18.62 -113.42 -24.40
N ARG EA 108 19.30 -112.68 -25.27
CA ARG EA 108 19.28 -112.87 -26.71
C ARG EA 108 20.72 -113.03 -27.18
N ILE EA 109 21.44 -113.89 -26.45
CA ILE EA 109 22.88 -114.09 -26.64
C ILE EA 109 23.14 -115.57 -26.93
N VAL FA 1 -13.41 -28.68 72.18
CA VAL FA 1 -14.66 -27.90 72.48
C VAL FA 1 -15.90 -28.68 72.02
N GLN FA 2 -16.96 -28.56 72.81
CA GLN FA 2 -18.27 -29.08 72.47
C GLN FA 2 -18.83 -28.32 71.26
N ARG FA 3 -18.81 -28.97 70.10
CA ARG FA 3 -19.59 -28.53 68.94
C ARG FA 3 -20.96 -29.14 69.08
N LEU FA 4 -21.93 -28.63 68.35
CA LEU FA 4 -23.31 -29.05 68.54
C LEU FA 4 -24.11 -29.09 67.25
N THR FA 5 -25.32 -29.64 67.34
CA THR FA 5 -26.16 -29.86 66.18
C THR FA 5 -27.49 -29.18 66.36
N TYR FA 6 -28.17 -28.96 65.23
CA TYR FA 6 -29.56 -28.55 65.26
C TYR FA 6 -30.37 -29.64 65.91
N ARG FA 7 -31.47 -29.25 66.53
CA ARG FA 7 -32.34 -30.17 67.22
C ARG FA 7 -33.59 -30.53 66.45
N ARG FA 8 -33.81 -29.87 65.32
CA ARG FA 8 -34.95 -30.14 64.46
C ARG FA 8 -34.45 -30.67 63.12
N ARG FA 9 -35.37 -31.06 62.24
CA ARG FA 9 -34.97 -31.50 60.89
C ARG FA 9 -34.70 -30.32 59.95
N LEU FA 10 -34.89 -29.09 60.40
CA LEU FA 10 -34.64 -27.94 59.54
C LEU FA 10 -33.17 -27.66 59.65
N SER FA 11 -32.46 -27.86 58.54
CA SER FA 11 -31.01 -27.76 58.54
C SER FA 11 -30.55 -26.34 58.30
N TYR FA 12 -31.27 -25.65 57.43
CA TYR FA 12 -30.84 -24.37 56.91
C TYR FA 12 -31.11 -23.26 57.90
N ASN FA 13 -30.15 -22.37 58.05
CA ASN FA 13 -30.30 -21.27 58.98
C ASN FA 13 -31.21 -20.26 58.32
N THR FA 14 -32.39 -20.06 58.91
CA THR FA 14 -33.46 -19.28 58.33
C THR FA 14 -34.02 -18.33 59.39
N ALA FA 15 -34.99 -17.50 59.02
CA ALA FA 15 -35.72 -16.71 60.01
C ALA FA 15 -36.41 -17.59 61.03
N SER FA 16 -36.94 -18.70 60.56
CA SER FA 16 -37.56 -19.69 61.41
C SER FA 16 -36.56 -20.38 62.35
N ASN FA 17 -35.37 -20.68 61.83
CA ASN FA 17 -34.43 -21.55 62.50
C ASN FA 17 -33.38 -20.81 63.34
N LYS FA 18 -33.80 -19.76 64.01
CA LYS FA 18 -32.93 -19.03 64.91
C LYS FA 18 -32.89 -19.68 66.28
N THR FA 19 -31.75 -19.53 66.92
CA THR FA 19 -31.34 -20.36 68.03
C THR FA 19 -30.70 -19.53 69.13
N ARG FA 20 -30.30 -20.21 70.20
CA ARG FA 20 -29.34 -19.66 71.13
C ARG FA 20 -28.75 -20.79 71.93
N LEU FA 21 -27.59 -20.55 72.52
CA LEU FA 21 -26.95 -21.56 73.34
C LEU FA 21 -27.54 -21.52 74.73
N SER FA 22 -27.59 -22.69 75.36
CA SER FA 22 -27.95 -22.84 76.76
C SER FA 22 -27.17 -23.98 77.37
N ARG FA 23 -26.58 -23.75 78.54
CA ARG FA 23 -26.00 -24.83 79.31
C ARG FA 23 -27.13 -25.42 80.13
N THR FA 24 -27.24 -26.74 80.16
CA THR FA 24 -28.30 -27.37 80.93
C THR FA 24 -27.80 -27.70 82.33
N PRO FA 25 -28.70 -28.18 83.21
CA PRO FA 25 -28.28 -28.86 84.44
C PRO FA 25 -27.36 -30.01 84.22
N GLY FA 26 -27.58 -30.76 83.14
CA GLY FA 26 -26.70 -31.88 82.81
C GLY FA 26 -25.26 -31.50 82.47
N ASN FA 27 -24.98 -30.20 82.37
CA ASN FA 27 -23.67 -29.70 82.06
C ASN FA 27 -23.33 -30.07 80.63
N ARG FA 28 -24.23 -29.73 79.72
CA ARG FA 28 -23.94 -29.78 78.30
C ARG FA 28 -24.55 -28.57 77.62
N ILE FA 29 -23.80 -27.96 76.70
CA ILE FA 29 -24.33 -26.86 75.92
C ILE FA 29 -25.31 -27.48 74.93
N VAL FA 30 -26.44 -26.83 74.77
CA VAL FA 30 -27.48 -27.29 73.86
C VAL FA 30 -28.17 -26.10 73.25
N TYR FA 31 -28.74 -26.30 72.06
CA TYR FA 31 -29.52 -25.26 71.40
C TYR FA 31 -30.93 -25.25 71.92
N LEU FA 32 -31.46 -24.04 72.13
CA LEU FA 32 -32.89 -23.79 72.29
C LEU FA 32 -33.28 -22.89 71.16
N TYR FA 33 -34.42 -23.16 70.55
CA TYR FA 33 -34.89 -22.30 69.48
C TYR FA 33 -35.61 -21.10 70.04
N THR FA 34 -35.31 -19.93 69.47
CA THR FA 34 -35.78 -18.66 69.99
C THR FA 34 -37.07 -18.26 69.29
N LYS FA 35 -37.91 -17.50 70.00
CA LYS FA 35 -39.09 -16.88 69.36
C LYS FA 35 -38.64 -15.62 68.66
N LYS FA 36 -39.40 -15.19 67.66
CA LYS FA 36 -39.08 -13.96 66.94
C LYS FA 36 -39.27 -12.72 67.81
N VAL FA 37 -38.63 -11.62 67.40
CA VAL FA 37 -38.70 -10.37 68.14
C VAL FA 37 -39.96 -9.63 67.74
N GLY FA 38 -40.85 -9.43 68.71
CA GLY FA 38 -42.07 -8.67 68.52
C GLY FA 38 -41.81 -7.17 68.54
N LYS FA 39 -42.62 -6.43 67.79
CA LYS FA 39 -42.51 -4.99 67.68
C LYS FA 39 -43.70 -4.30 68.30
N ALA FA 40 -43.44 -3.18 68.98
CA ALA FA 40 -44.50 -2.39 69.58
C ALA FA 40 -45.24 -1.68 68.47
N PRO FA 41 -46.54 -1.44 68.66
CA PRO FA 41 -47.32 -0.88 67.57
C PRO FA 41 -46.94 0.56 67.28
N LYS FA 42 -47.03 0.93 66.01
CA LYS FA 42 -46.73 2.30 65.59
C LYS FA 42 -48.01 3.10 65.67
N SER FA 43 -47.91 4.42 65.74
CA SER FA 43 -49.09 5.28 65.86
C SER FA 43 -49.88 5.32 64.57
N ALA FA 44 -51.18 5.44 64.70
CA ALA FA 44 -52.06 5.58 63.55
C ALA FA 44 -51.75 6.84 62.77
N CYS FA 45 -51.46 7.94 63.48
CA CYS FA 45 -51.19 9.26 62.85
C CYS FA 45 -50.23 9.16 61.66
N GLY FA 46 -49.26 8.27 61.76
CA GLY FA 46 -48.39 7.92 60.66
C GLY FA 46 -47.23 8.87 60.41
N VAL FA 47 -47.05 9.86 61.28
CA VAL FA 47 -45.93 10.80 61.15
C VAL FA 47 -44.86 10.51 62.22
N CYS FA 48 -45.29 10.30 63.46
CA CYS FA 48 -44.36 10.01 64.55
C CYS FA 48 -43.67 8.67 64.35
N PRO FA 49 -42.35 8.70 64.06
CA PRO FA 49 -41.63 7.49 63.67
C PRO FA 49 -41.43 6.45 64.78
N GLY FA 50 -41.27 6.90 66.02
CA GLY FA 50 -41.13 5.99 67.15
C GLY FA 50 -42.35 5.12 67.36
N ARG FA 51 -42.16 4.04 68.12
CA ARG FA 51 -43.24 3.10 68.41
C ARG FA 51 -43.77 3.28 69.83
N LEU FA 52 -45.02 2.88 70.03
CA LEU FA 52 -45.80 3.30 71.21
C LEU FA 52 -45.29 2.79 72.55
N ARG FA 53 -45.55 3.57 73.59
CA ARG FA 53 -45.15 3.23 74.95
C ARG FA 53 -46.26 2.47 75.66
N GLY FA 54 -45.89 1.78 76.73
CA GLY FA 54 -46.86 1.11 77.59
C GLY FA 54 -47.59 -0.06 76.96
N VAL FA 55 -46.97 -0.68 75.95
CA VAL FA 55 -47.55 -1.81 75.24
C VAL FA 55 -46.49 -2.89 75.05
N ARG FA 56 -46.76 -4.12 75.52
CA ARG FA 56 -45.81 -5.23 75.38
C ARG FA 56 -45.54 -5.50 73.92
N ALA FA 57 -44.28 -5.35 73.53
CA ALA FA 57 -43.86 -5.63 72.16
C ALA FA 57 -43.67 -7.14 72.02
N VAL FA 58 -44.63 -7.78 71.37
CA VAL FA 58 -44.67 -9.21 71.27
C VAL FA 58 -45.39 -9.63 70.00
N ARG FA 59 -45.06 -10.80 69.51
CA ARG FA 59 -45.59 -11.34 68.25
C ARG FA 59 -47.12 -11.38 68.26
N PRO FA 60 -47.77 -10.95 67.16
CA PRO FA 60 -49.18 -10.54 67.23
C PRO FA 60 -50.13 -11.58 67.76
N LYS FA 61 -49.90 -12.85 67.44
CA LYS FA 61 -50.80 -13.89 67.84
C LYS FA 61 -50.74 -14.17 69.36
N VAL FA 62 -49.68 -13.66 70.01
CA VAL FA 62 -49.59 -13.66 71.48
C VAL FA 62 -50.62 -12.74 72.10
N LEU FA 63 -50.85 -11.57 71.52
CA LEU FA 63 -51.76 -10.60 72.12
C LEU FA 63 -53.05 -11.22 72.67
N MET FA 64 -53.61 -12.14 71.90
CA MET FA 64 -54.62 -13.10 72.37
C MET FA 64 -54.52 -13.56 73.84
N ARG FA 65 -53.33 -13.99 74.27
CA ARG FA 65 -53.05 -14.37 75.66
C ARG FA 65 -53.09 -13.18 76.60
N LEU FA 66 -52.40 -12.12 76.21
CA LEU FA 66 -52.17 -10.97 77.09
C LEU FA 66 -53.41 -10.31 77.62
N SER FA 67 -53.26 -9.75 78.83
CA SER FA 67 -54.30 -8.94 79.45
C SER FA 67 -54.44 -7.56 78.79
N LYS FA 68 -55.65 -7.04 78.82
CA LYS FA 68 -56.00 -5.77 78.18
C LYS FA 68 -55.03 -4.66 78.51
N THR FA 69 -54.63 -4.59 79.77
CA THR FA 69 -53.77 -3.50 80.24
C THR FA 69 -52.42 -3.50 79.57
N LYS FA 70 -51.87 -4.69 79.33
CA LYS FA 70 -50.62 -4.81 78.59
C LYS FA 70 -50.76 -4.36 77.14
N LYS FA 71 -51.93 -4.58 76.54
CA LYS FA 71 -52.14 -4.24 75.13
C LYS FA 71 -52.44 -2.78 74.83
N HIS FA 72 -52.83 -1.98 75.83
CA HIS FA 72 -53.20 -0.58 75.61
C HIS FA 72 -52.72 0.34 76.72
N VAL FA 73 -53.17 1.60 76.68
CA VAL FA 73 -52.86 2.54 77.72
C VAL FA 73 -54.11 3.35 78.02
N SER FA 74 -54.20 3.81 79.26
CA SER FA 74 -55.35 4.58 79.74
C SER FA 74 -55.34 6.01 79.20
N ARG FA 75 -55.86 6.14 77.98
CA ARG FA 75 -56.10 7.42 77.35
C ARG FA 75 -57.05 7.29 76.19
N ALA FA 76 -57.67 8.38 75.78
CA ALA FA 76 -58.34 8.42 74.50
C ALA FA 76 -57.32 8.12 73.40
N TYR FA 77 -57.68 7.26 72.45
CA TYR FA 77 -56.73 6.71 71.48
C TYR FA 77 -55.56 6.03 72.19
N GLY FA 78 -55.89 5.15 73.13
CA GLY FA 78 -54.88 4.45 73.90
C GLY FA 78 -54.29 3.29 73.12
N GLY FA 79 -52.99 3.33 72.90
CA GLY FA 79 -52.31 2.21 72.27
C GLY FA 79 -52.55 2.10 70.78
N SER FA 80 -53.32 3.04 70.22
CA SER FA 80 -53.47 3.18 68.78
C SER FA 80 -52.73 4.39 68.25
N MET FA 81 -52.53 5.40 69.09
CA MET FA 81 -51.97 6.67 68.64
C MET FA 81 -51.14 7.29 69.75
N CYS FA 82 -50.11 8.02 69.36
CA CYS FA 82 -49.19 8.62 70.32
C CYS FA 82 -49.81 9.79 71.03
N ALA FA 83 -49.32 10.07 72.23
CA ALA FA 83 -49.87 11.16 73.04
C ALA FA 83 -49.79 12.50 72.33
N LYS FA 84 -48.63 12.79 71.75
CA LYS FA 84 -48.41 14.02 71.00
C LYS FA 84 -49.51 14.27 69.98
N CYS FA 85 -49.76 13.28 69.14
CA CYS FA 85 -50.73 13.45 68.06
C CYS FA 85 -52.20 13.40 68.50
N VAL FA 86 -52.48 12.92 69.71
CA VAL FA 86 -53.80 13.05 70.29
C VAL FA 86 -54.05 14.50 70.67
N ARG FA 87 -53.19 15.03 71.52
CA ARG FA 87 -53.39 16.38 72.07
C ARG FA 87 -53.33 17.47 71.01
N ASP FA 88 -52.72 17.18 69.87
CA ASP FA 88 -52.85 18.05 68.72
C ASP FA 88 -54.20 17.85 68.07
N ARG FA 89 -54.60 16.61 67.84
CA ARG FA 89 -55.94 16.33 67.32
C ARG FA 89 -56.99 17.09 68.12
N ILE FA 90 -56.93 16.98 69.45
CA ILE FA 90 -57.94 17.62 70.29
C ILE FA 90 -58.03 19.09 69.95
N LYS FA 91 -56.90 19.77 70.09
CA LYS FA 91 -56.89 21.21 69.94
C LYS FA 91 -57.06 21.66 68.48
N ARG FA 92 -56.65 20.83 67.54
CA ARG FA 92 -57.00 21.04 66.13
C ARG FA 92 -58.50 20.92 65.95
N ALA FA 93 -59.09 19.84 66.42
CA ALA FA 93 -60.55 19.65 66.32
C ALA FA 93 -61.32 20.81 66.93
N PHE FA 94 -60.85 21.28 68.07
CA PHE FA 94 -61.48 22.41 68.75
C PHE FA 94 -61.29 23.72 68.01
N LEU FA 95 -60.04 24.05 67.68
CA LEU FA 95 -59.72 25.29 66.94
C LEU FA 95 -60.29 25.35 65.52
N ILE FA 96 -60.48 24.20 64.91
CA ILE FA 96 -61.20 24.10 63.65
C ILE FA 96 -62.67 24.45 63.87
N GLU FA 97 -63.31 23.77 64.83
CA GLU FA 97 -64.72 23.99 65.07
C GLU FA 97 -65.07 25.42 65.43
N GLU FA 98 -64.19 26.08 66.18
CA GLU FA 98 -64.41 27.49 66.53
C GLU FA 98 -64.46 28.40 65.30
N GLN FA 99 -63.52 28.18 64.38
CA GLN FA 99 -63.49 28.97 63.15
C GLN FA 99 -64.70 28.71 62.25
N LYS FA 100 -65.20 27.47 62.23
CA LYS FA 100 -66.47 27.18 61.55
C LYS FA 100 -67.62 27.98 62.14
N ILE FA 101 -67.66 28.05 63.48
CA ILE FA 101 -68.67 28.84 64.20
C ILE FA 101 -68.54 30.32 63.87
N VAL FA 102 -67.32 30.82 63.85
CA VAL FA 102 -67.05 32.21 63.46
C VAL FA 102 -67.49 32.52 62.03
N VAL FA 103 -67.16 31.63 61.10
CA VAL FA 103 -67.59 31.76 59.71
C VAL FA 103 -69.13 31.71 59.60
N LYS FA 104 -69.76 30.83 60.37
CA LYS FA 104 -71.23 30.72 60.42
C LYS FA 104 -71.88 32.02 60.93
N VAL FA 105 -71.25 32.63 61.94
CA VAL FA 105 -71.70 33.93 62.47
C VAL FA 105 -71.53 35.04 61.43
N LEU FA 106 -70.36 35.10 60.79
CA LEU FA 106 -70.09 36.07 59.72
C LEU FA 106 -71.05 35.95 58.53
N LYS FA 107 -71.42 34.71 58.19
CA LYS FA 107 -72.41 34.44 57.15
C LYS FA 107 -73.78 35.00 57.56
N ALA FA 108 -74.20 34.67 58.79
CA ALA FA 108 -75.48 35.15 59.35
C ALA FA 108 -75.58 36.67 59.42
N GLN FA 109 -74.47 37.33 59.78
CA GLN FA 109 -74.39 38.80 59.75
C GLN FA 109 -74.52 39.36 58.32
N ALA FA 110 -73.90 38.68 57.36
CA ALA FA 110 -73.99 39.06 55.95
C ALA FA 110 -75.40 38.88 55.38
N GLN FA 111 -76.12 37.86 55.85
CA GLN FA 111 -77.53 37.64 55.45
C GLN FA 111 -78.43 38.75 56.01
N SER FA 112 -78.21 39.08 57.29
CA SER FA 112 -78.95 40.15 57.97
C SER FA 112 -78.69 41.53 57.36
N GLN FA 113 -77.46 41.76 56.92
CA GLN FA 113 -77.09 43.01 56.23
C GLN FA 113 -77.80 43.13 54.89
N LYS FA 114 -77.81 42.04 54.12
CA LYS FA 114 -78.43 42.02 52.79
C LYS FA 114 -79.91 41.69 52.91
N ALA GA 1 -69.45 -79.78 66.85
CA ALA GA 1 -68.47 -78.70 66.53
C ALA GA 1 -68.88 -77.84 65.33
N LYS GA 2 -69.36 -78.48 64.27
CA LYS GA 2 -69.65 -77.80 63.00
C LYS GA 2 -70.85 -76.86 63.07
N ILE GA 3 -70.69 -75.67 62.50
CA ILE GA 3 -71.80 -74.73 62.29
C ILE GA 3 -72.22 -74.80 60.83
N LYS GA 4 -73.48 -75.18 60.60
CA LYS GA 4 -74.05 -75.32 59.26
C LYS GA 4 -75.10 -74.26 59.08
N ALA GA 5 -75.32 -73.85 57.83
CA ALA GA 5 -76.39 -72.90 57.52
C ALA GA 5 -77.75 -73.48 57.90
N ARG GA 6 -77.99 -74.72 57.45
CA ARG GA 6 -79.16 -75.54 57.83
C ARG GA 6 -79.95 -75.01 59.02
N ASP GA 7 -79.32 -75.05 60.18
CA ASP GA 7 -80.01 -74.74 61.44
C ASP GA 7 -80.12 -73.24 61.69
N LEU GA 8 -79.12 -72.48 61.24
CA LEU GA 8 -79.10 -71.03 61.43
C LEU GA 8 -80.29 -70.32 60.81
N ARG GA 9 -80.73 -70.79 59.64
CA ARG GA 9 -81.89 -70.24 58.94
C ARG GA 9 -83.05 -69.91 59.88
N GLY GA 10 -83.49 -70.92 60.63
CA GLY GA 10 -84.63 -70.77 61.51
C GLY GA 10 -84.44 -69.89 62.74
N LYS GA 11 -83.19 -69.78 63.22
CA LYS GA 11 -82.91 -69.17 64.52
C LYS GA 11 -83.20 -67.68 64.60
N LYS GA 12 -83.42 -67.22 65.82
CA LYS GA 12 -83.77 -65.82 66.11
C LYS GA 12 -82.55 -64.93 65.91
N LYS GA 13 -82.80 -63.65 65.67
CA LYS GA 13 -81.73 -62.72 65.26
C LYS GA 13 -80.73 -62.47 66.37
N GLU GA 14 -81.22 -62.22 67.58
CA GLU GA 14 -80.36 -62.04 68.76
C GLU GA 14 -79.48 -63.27 69.04
N GLU GA 15 -80.01 -64.47 68.78
CA GLU GA 15 -79.25 -65.72 68.95
C GLU GA 15 -78.08 -65.80 67.96
N LEU GA 16 -78.33 -65.42 66.70
CA LEU GA 16 -77.27 -65.39 65.69
C LEU GA 16 -76.16 -64.43 66.06
N LEU GA 17 -76.53 -63.24 66.52
CA LEU GA 17 -75.53 -62.24 66.92
C LEU GA 17 -74.68 -62.73 68.09
N LYS GA 18 -75.31 -63.44 69.03
CA LYS GA 18 -74.57 -64.04 70.15
C LYS GA 18 -73.57 -65.08 69.67
N GLN GA 19 -73.99 -65.93 68.75
CA GLN GA 19 -73.10 -66.94 68.17
C GLN GA 19 -71.96 -66.28 67.41
N LEU GA 20 -72.29 -65.29 66.58
CA LEU GA 20 -71.29 -64.54 65.81
C LEU GA 20 -70.23 -63.93 66.71
N ASP GA 21 -70.68 -63.23 67.75
CA ASP GA 21 -69.79 -62.66 68.76
C ASP GA 21 -68.90 -63.73 69.38
N ASP GA 22 -69.50 -64.86 69.72
CA ASP GA 22 -68.78 -65.95 70.35
C ASP GA 22 -67.67 -66.52 69.45
N LEU GA 23 -67.97 -66.65 68.14
CA LEU GA 23 -66.97 -67.09 67.15
C LEU GA 23 -65.86 -66.09 66.96
N LYS GA 24 -66.19 -64.81 66.94
CA LYS GA 24 -65.18 -63.74 66.84
C LYS GA 24 -64.25 -63.73 68.03
N VAL GA 25 -64.79 -63.97 69.23
CA VAL GA 25 -63.98 -64.09 70.43
C VAL GA 25 -63.01 -65.26 70.32
N GLU GA 26 -63.54 -66.42 69.94
CA GLU GA 26 -62.71 -67.62 69.74
C GLU GA 26 -61.64 -67.37 68.71
N LEU GA 27 -61.96 -66.63 67.66
CA LEU GA 27 -61.00 -66.28 66.63
C LEU GA 27 -59.85 -65.52 67.23
N SER GA 28 -60.16 -64.52 68.06
CA SER GA 28 -59.14 -63.64 68.65
C SER GA 28 -58.11 -64.42 69.47
N GLN GA 29 -58.61 -65.33 70.31
CA GLN GA 29 -57.75 -66.19 71.11
C GLN GA 29 -56.85 -67.09 70.25
N LEU GA 30 -57.37 -67.55 69.12
CA LEU GA 30 -56.59 -68.35 68.17
C LEU GA 30 -55.51 -67.52 67.55
N ARG GA 31 -55.84 -66.29 67.15
CA ARG GA 31 -54.85 -65.38 66.57
C ARG GA 31 -53.72 -65.06 67.55
N VAL GA 32 -54.06 -64.92 68.82
CA VAL GA 32 -53.05 -64.72 69.86
C VAL GA 32 -52.18 -65.96 69.97
N ALA GA 33 -52.81 -67.13 69.93
CA ALA GA 33 -52.11 -68.41 70.02
C ALA GA 33 -51.21 -68.68 68.82
N LYS GA 34 -51.54 -68.11 67.67
CA LYS GA 34 -50.65 -68.17 66.52
C LYS GA 34 -49.36 -67.40 66.76
N VAL GA 35 -49.45 -66.27 67.43
CA VAL GA 35 -48.26 -65.46 67.76
C VAL GA 35 -47.37 -66.17 68.79
N THR GA 36 -47.98 -66.83 69.77
CA THR GA 36 -47.25 -67.44 70.89
C THR GA 36 -47.00 -68.96 70.73
N GLY GA 37 -46.67 -69.40 69.52
CA GLY GA 37 -46.47 -70.84 69.25
C GLY GA 37 -47.78 -71.62 69.20
N GLY GA 38 -48.45 -71.71 70.35
CA GLY GA 38 -49.79 -72.28 70.45
C GLY GA 38 -49.79 -73.78 70.23
N ALA GA 39 -50.31 -74.20 69.08
CA ALA GA 39 -50.29 -75.60 68.67
C ALA GA 39 -50.91 -75.76 67.31
N ALA GA 40 -50.43 -76.74 66.55
CA ALA GA 40 -51.04 -77.09 65.26
C ALA GA 40 -52.54 -77.39 65.38
N SER GA 41 -52.94 -78.01 66.49
CA SER GA 41 -54.36 -78.21 66.80
C SER GA 41 -55.13 -76.89 66.81
N LYS GA 42 -54.52 -75.84 67.38
CA LYS GA 42 -55.14 -74.52 67.39
C LYS GA 42 -55.03 -73.81 66.05
N LEU GA 43 -53.93 -73.97 65.34
CA LEU GA 43 -53.78 -73.26 64.06
C LEU GA 43 -54.51 -73.89 62.88
N SER GA 44 -55.20 -75.01 63.08
CA SER GA 44 -56.26 -75.38 62.16
C SER GA 44 -57.46 -74.48 62.47
N LYS GA 45 -57.97 -74.57 63.69
CA LYS GA 45 -59.23 -73.95 64.09
C LYS GA 45 -59.43 -72.61 63.43
N ILE GA 46 -58.36 -71.82 63.35
CA ILE GA 46 -58.41 -70.45 62.83
C ILE GA 46 -59.09 -70.31 61.46
N ARG GA 47 -58.91 -71.31 60.59
CA ARG GA 47 -59.61 -71.36 59.32
C ARG GA 47 -61.08 -71.71 59.51
N VAL GA 48 -61.31 -72.74 60.31
CA VAL GA 48 -62.65 -73.21 60.61
C VAL GA 48 -63.52 -72.13 61.24
N VAL GA 49 -62.93 -71.43 62.20
CA VAL GA 49 -63.61 -70.34 62.89
C VAL GA 49 -63.89 -69.15 61.96
N ARG GA 50 -62.95 -68.85 61.06
CA ARG GA 50 -63.20 -67.84 60.03
C ARG GA 50 -64.38 -68.16 59.12
N LYS GA 51 -64.44 -69.39 58.62
CA LYS GA 51 -65.55 -69.80 57.73
C LYS GA 51 -66.90 -69.88 58.42
N SER GA 52 -66.87 -70.24 59.71
CA SER GA 52 -68.08 -70.29 60.51
C SER GA 52 -68.65 -68.90 60.72
N ILE GA 53 -67.77 -67.96 61.03
CA ILE GA 53 -68.15 -66.55 61.10
C ILE GA 53 -68.83 -66.08 59.83
N ALA GA 54 -68.24 -66.44 58.69
CA ALA GA 54 -68.81 -66.12 57.38
C ALA GA 54 -70.20 -66.73 57.18
N ARG GA 55 -70.36 -67.98 57.58
CA ARG GA 55 -71.65 -68.66 57.48
C ARG GA 55 -72.72 -67.93 58.24
N VAL GA 56 -72.41 -67.54 59.47
CA VAL GA 56 -73.35 -66.80 60.29
C VAL GA 56 -73.69 -65.47 59.65
N LEU GA 57 -72.66 -64.70 59.33
CA LEU GA 57 -72.86 -63.40 58.69
C LEU GA 57 -73.63 -63.48 57.38
N THR GA 58 -73.33 -64.50 56.59
CA THR GA 58 -74.02 -64.76 55.35
C THR GA 58 -75.50 -64.97 55.62
N VAL GA 59 -75.81 -65.88 56.52
CA VAL GA 59 -77.19 -66.18 56.91
C VAL GA 59 -77.95 -64.96 57.43
N ILE GA 60 -77.25 -64.10 58.18
CA ILE GA 60 -77.83 -62.86 58.68
C ILE GA 60 -78.21 -61.93 57.54
N ASN GA 61 -77.28 -61.73 56.62
CA ASN GA 61 -77.55 -60.86 55.46
C ASN GA 61 -78.59 -61.42 54.52
N GLN GA 62 -78.69 -62.75 54.44
CA GLN GA 62 -79.76 -63.39 53.70
C GLN GA 62 -81.09 -63.01 54.35
N THR GA 63 -81.22 -63.30 55.65
CA THR GA 63 -82.47 -63.06 56.37
C THR GA 63 -82.91 -61.61 56.27
N GLN GA 64 -81.95 -60.71 56.47
CA GLN GA 64 -82.24 -59.28 56.45
C GLN GA 64 -82.75 -58.80 55.10
N LYS GA 65 -82.10 -59.24 54.02
CA LYS GA 65 -82.48 -58.79 52.68
C LYS GA 65 -83.76 -59.44 52.20
N GLU GA 66 -84.00 -60.69 52.58
CA GLU GA 66 -85.25 -61.36 52.26
C GLU GA 66 -86.45 -60.66 52.90
N ASN GA 67 -86.29 -60.29 54.18
CA ASN GA 67 -87.31 -59.50 54.86
C ASN GA 67 -87.55 -58.15 54.20
N LEU GA 68 -86.48 -57.50 53.74
CA LEU GA 68 -86.60 -56.22 53.04
C LEU GA 68 -87.41 -56.32 51.77
N ARG GA 69 -87.13 -57.31 50.94
CA ARG GA 69 -87.87 -57.43 49.69
C ARG GA 69 -89.24 -58.12 49.85
N LYS GA 70 -89.55 -58.64 51.04
CA LYS GA 70 -90.94 -58.93 51.38
C LYS GA 70 -91.71 -57.63 51.64
N PHE GA 71 -91.03 -56.69 52.30
CA PHE GA 71 -91.58 -55.38 52.67
C PHE GA 71 -91.91 -54.50 51.47
N TYR GA 72 -91.06 -54.53 50.45
CA TYR GA 72 -91.28 -53.71 49.25
C TYR GA 72 -92.10 -54.38 48.15
N LYS GA 73 -92.17 -55.71 48.15
CA LYS GA 73 -92.92 -56.45 47.11
C LYS GA 73 -94.35 -55.96 47.11
N GLY GA 74 -94.62 -55.00 46.22
CA GLY GA 74 -95.90 -54.31 46.18
C GLY GA 74 -95.73 -52.82 45.91
N LYS GA 75 -94.82 -52.18 46.65
CA LYS GA 75 -94.56 -50.75 46.49
C LYS GA 75 -93.92 -50.42 45.14
N LYS GA 76 -94.19 -49.22 44.67
CA LYS GA 76 -93.82 -48.79 43.32
C LYS GA 76 -92.34 -48.48 43.24
N TYR GA 77 -91.90 -47.59 44.14
CA TYR GA 77 -90.49 -47.23 44.26
C TYR GA 77 -89.85 -48.07 45.35
N LYS GA 78 -88.78 -48.79 45.01
CA LYS GA 78 -88.08 -49.64 45.96
C LYS GA 78 -86.58 -49.44 45.81
N PRO GA 79 -85.81 -49.69 46.88
CA PRO GA 79 -84.36 -49.45 46.91
C PRO GA 79 -83.61 -50.04 45.75
N LEU GA 80 -82.63 -49.29 45.22
CA LEU GA 80 -81.83 -49.74 44.08
C LEU GA 80 -81.20 -51.13 44.29
N ASP GA 81 -80.73 -51.40 45.50
CA ASP GA 81 -80.29 -52.74 45.91
C ASP GA 81 -81.24 -53.85 45.49
N LEU GA 82 -82.52 -53.64 45.80
CA LEU GA 82 -83.56 -54.64 45.62
C LEU GA 82 -84.11 -54.64 44.20
N ARG GA 83 -83.88 -53.56 43.45
CA ARG GA 83 -84.26 -53.50 42.03
C ARG GA 83 -83.48 -54.55 41.22
N PRO GA 84 -84.08 -55.04 40.13
CA PRO GA 84 -83.43 -56.11 39.37
C PRO GA 84 -82.26 -55.59 38.58
N LYS GA 85 -81.09 -56.15 38.82
CA LYS GA 85 -79.88 -55.76 38.12
C LYS GA 85 -79.62 -56.76 37.02
N LYS GA 86 -80.01 -56.43 35.78
CA LYS GA 86 -79.73 -57.30 34.64
C LYS GA 86 -78.48 -56.77 33.97
N THR GA 87 -78.62 -55.64 33.28
CA THR GA 87 -77.52 -55.04 32.52
C THR GA 87 -77.90 -53.64 32.13
N ARG GA 88 -77.08 -52.68 32.53
CA ARG GA 88 -77.27 -51.27 32.23
C ARG GA 88 -78.21 -51.03 31.06
N ALA GA 89 -77.83 -51.51 29.89
CA ALA GA 89 -78.65 -51.31 28.68
C ALA GA 89 -80.01 -52.04 28.69
N MET GA 90 -80.00 -53.27 29.20
CA MET GA 90 -81.20 -54.06 29.36
C MET GA 90 -82.22 -53.43 30.33
N ARG GA 91 -81.75 -52.58 31.24
CA ARG GA 91 -82.63 -51.82 32.12
C ARG GA 91 -83.16 -50.53 31.50
N ARG GA 92 -82.82 -50.28 30.24
CA ARG GA 92 -83.45 -49.24 29.47
C ARG GA 92 -84.11 -49.80 28.22
N ARG GA 93 -84.41 -51.11 28.22
CA ARG GA 93 -85.29 -51.69 27.21
C ARG GA 93 -86.67 -51.10 27.41
N LEU GA 94 -87.49 -51.20 26.38
CA LEU GA 94 -88.89 -50.88 26.52
C LEU GA 94 -89.59 -51.91 27.41
N ASN GA 95 -90.71 -51.46 27.95
CA ASN GA 95 -91.27 -51.93 29.21
C ASN GA 95 -91.88 -53.34 29.27
N LYS GA 96 -91.93 -54.05 28.15
CA LYS GA 96 -92.65 -55.35 27.99
C LYS GA 96 -94.12 -55.16 27.65
N HIS GA 97 -94.79 -54.17 28.24
CA HIS GA 97 -96.10 -53.75 27.76
C HIS GA 97 -95.99 -52.64 26.72
N GLU GA 98 -94.96 -51.81 26.82
CA GLU GA 98 -94.85 -50.62 25.96
C GLU GA 98 -94.45 -50.94 24.53
N GLU GA 99 -93.68 -52.02 24.40
CA GLU GA 99 -93.46 -52.73 23.15
C GLU GA 99 -94.79 -53.24 22.65
N SER GA 100 -95.63 -53.70 23.57
CA SER GA 100 -96.78 -54.48 23.19
C SER GA 100 -97.65 -53.63 22.29
N LEU GA 101 -97.72 -52.33 22.59
CA LEU GA 101 -98.77 -51.47 22.07
C LEU GA 101 -98.76 -51.36 20.55
N LYS GA 102 -99.95 -51.39 19.99
CA LYS GA 102 -100.23 -51.13 18.60
C LYS GA 102 -100.89 -49.75 18.56
N THR GA 103 -100.62 -49.00 17.50
CA THR GA 103 -101.39 -47.80 17.22
C THR GA 103 -102.76 -48.23 16.74
N LYS GA 104 -103.77 -47.42 17.03
CA LYS GA 104 -105.16 -47.72 16.60
C LYS GA 104 -105.22 -48.06 15.12
N LYS GA 105 -104.48 -47.30 14.32
CA LYS GA 105 -104.36 -47.53 12.88
C LYS GA 105 -103.85 -48.93 12.59
N GLN GA 106 -102.80 -49.35 13.29
CA GLN GA 106 -102.23 -50.70 13.13
C GLN GA 106 -103.19 -51.82 13.52
N GLN GA 107 -103.96 -51.60 14.58
CA GLN GA 107 -104.97 -52.57 15.05
C GLN GA 107 -106.07 -52.75 14.02
N ARG GA 108 -106.47 -51.65 13.39
CA ARG GA 108 -107.46 -51.68 12.33
C ARG GA 108 -106.97 -52.44 11.12
N LYS GA 109 -105.69 -52.33 10.80
CA LYS GA 109 -105.13 -53.09 9.67
C LYS GA 109 -105.15 -54.58 9.94
N GLU GA 110 -104.66 -54.97 11.10
CA GLU GA 110 -104.65 -56.39 11.50
C GLU GA 110 -106.04 -57.02 11.52
N ARG GA 111 -107.04 -56.24 11.92
CA ARG GA 111 -108.43 -56.68 11.92
C ARG GA 111 -108.92 -56.93 10.50
N LEU GA 112 -108.70 -55.96 9.61
CA LEU GA 112 -109.30 -55.99 8.28
C LEU GA 112 -108.54 -56.84 7.27
N TYR GA 113 -107.21 -56.75 7.29
CA TYR GA 113 -106.36 -57.45 6.33
C TYR GA 113 -105.39 -58.33 7.10
N PRO GA 114 -105.90 -59.42 7.67
CA PRO GA 114 -105.04 -60.36 8.37
C PRO GA 114 -104.38 -61.32 7.39
N LEU GA 115 -103.18 -61.78 7.74
CA LEU GA 115 -102.49 -62.78 6.93
C LEU GA 115 -103.22 -64.10 6.95
N ARG GA 116 -103.53 -64.60 5.75
CA ARG GA 116 -104.27 -65.84 5.60
C ARG GA 116 -103.28 -66.96 5.34
N LYS GA 117 -103.62 -68.13 5.87
CA LYS GA 117 -102.94 -69.37 5.53
C LYS GA 117 -103.50 -69.83 4.19
N TYR GA 118 -102.63 -70.20 3.25
CA TYR GA 118 -103.08 -70.68 1.96
C TYR GA 118 -102.04 -71.56 1.27
N ALA GA 119 -102.48 -72.30 0.27
CA ALA GA 119 -101.60 -73.15 -0.54
C ALA GA 119 -101.92 -72.93 -1.99
N VAL GA 120 -101.13 -73.53 -2.89
CA VAL GA 120 -101.43 -73.46 -4.32
C VAL GA 120 -101.44 -74.81 -5.03
N LYS GA 121 -101.94 -74.80 -6.25
CA LYS GA 121 -102.08 -75.97 -7.11
C LYS GA 121 -103.22 -76.92 -6.69
N ALA GA 122 -104.42 -76.36 -6.60
CA ALA GA 122 -105.70 -77.12 -6.53
C ALA GA 122 -106.91 -76.19 -6.63
N ALA HA 1 -98.14 -50.40 -49.87
CA ALA HA 1 -97.53 -51.61 -50.51
C ALA HA 1 -96.54 -52.30 -49.57
N LEU HA 2 -97.06 -53.18 -48.71
CA LEU HA 2 -96.29 -53.88 -47.68
C LEU HA 2 -95.59 -52.91 -46.72
N ARG HA 3 -96.19 -52.72 -45.55
CA ARG HA 3 -95.68 -51.79 -44.54
C ARG HA 3 -95.19 -52.57 -43.33
N TYR HA 4 -93.97 -53.11 -43.42
CA TYR HA 4 -93.39 -53.89 -42.32
C TYR HA 4 -93.00 -52.98 -41.16
N PRO HA 5 -93.22 -53.45 -39.92
CA PRO HA 5 -92.95 -52.61 -38.76
C PRO HA 5 -91.47 -52.63 -38.42
N MET HA 6 -90.80 -51.53 -38.75
CA MET HA 6 -89.34 -51.49 -38.69
C MET HA 6 -88.85 -51.16 -37.30
N ALA HA 7 -87.54 -51.31 -37.12
CA ALA HA 7 -86.88 -50.99 -35.88
C ALA HA 7 -86.30 -49.60 -35.89
N VAL HA 8 -86.41 -48.88 -37.00
CA VAL HA 8 -85.68 -47.64 -37.15
C VAL HA 8 -86.28 -46.71 -38.22
N GLY HA 9 -86.70 -45.52 -37.80
CA GLY HA 9 -87.30 -44.53 -38.70
C GLY HA 9 -88.67 -44.02 -38.28
N LEU HA 10 -88.68 -42.89 -37.57
CA LEU HA 10 -89.89 -42.10 -37.29
C LEU HA 10 -91.03 -42.81 -36.56
N ASN HA 11 -91.82 -43.61 -37.29
CA ASN HA 11 -92.94 -44.35 -36.70
C ASN HA 11 -92.52 -45.78 -36.41
N LYS HA 12 -91.45 -45.88 -35.62
CA LYS HA 12 -90.68 -47.12 -35.45
C LYS HA 12 -91.17 -47.93 -34.26
N GLY HA 13 -90.47 -49.02 -33.97
CA GLY HA 13 -90.71 -49.81 -32.77
C GLY HA 13 -91.87 -50.75 -32.95
N HIS HA 14 -92.14 -51.54 -31.92
CA HIS HA 14 -93.16 -52.58 -31.98
C HIS HA 14 -94.55 -51.95 -31.95
N LYS HA 15 -95.43 -52.38 -32.85
CA LYS HA 15 -96.79 -51.85 -32.92
C LYS HA 15 -97.68 -52.56 -31.90
N VAL HA 16 -97.98 -51.86 -30.80
CA VAL HA 16 -98.72 -52.41 -29.66
C VAL HA 16 -99.83 -51.46 -29.26
N THR HA 17 -101.01 -52.01 -28.96
CA THR HA 17 -102.18 -51.19 -28.65
C THR HA 17 -102.03 -50.58 -27.25
N LYS HA 18 -102.45 -49.33 -27.13
CA LYS HA 18 -102.22 -48.52 -25.93
C LYS HA 18 -103.51 -48.41 -25.16
N ASN HA 19 -103.46 -48.73 -23.87
CA ASN HA 19 -104.56 -48.39 -22.95
C ASN HA 19 -104.39 -46.96 -22.46
N VAL HA 20 -105.51 -46.31 -22.14
CA VAL HA 20 -105.53 -44.92 -21.73
C VAL HA 20 -105.97 -44.87 -20.27
N SER HA 21 -105.01 -45.16 -19.40
CA SER HA 21 -105.25 -45.27 -17.97
C SER HA 21 -105.51 -43.91 -17.33
N LYS HA 22 -106.15 -43.95 -16.16
CA LYS HA 22 -106.32 -42.79 -15.30
C LYS HA 22 -104.92 -42.27 -14.91
N PRO HA 23 -104.63 -40.98 -15.16
CA PRO HA 23 -103.30 -40.46 -14.85
C PRO HA 23 -103.05 -40.46 -13.34
N ARG HA 24 -101.83 -40.83 -12.94
CA ARG HA 24 -101.49 -40.98 -11.52
C ARG HA 24 -101.75 -39.71 -10.72
N HIS HA 25 -102.23 -39.88 -9.49
CA HIS HA 25 -102.58 -38.75 -8.64
C HIS HA 25 -101.37 -37.93 -8.26
N SER HA 26 -100.20 -38.55 -8.26
CA SER HA 26 -98.94 -37.83 -8.05
C SER HA 26 -98.72 -36.69 -9.04
N ARG HA 27 -99.12 -36.89 -10.28
CA ARG HA 27 -98.81 -35.95 -11.37
C ARG HA 27 -99.43 -34.57 -11.22
N ARG HA 28 -100.49 -34.47 -10.43
CA ARG HA 28 -101.15 -33.19 -10.20
C ARG HA 28 -100.58 -32.35 -9.04
N ARG HA 29 -99.27 -32.43 -8.80
CA ARG HA 29 -98.67 -31.61 -7.76
C ARG HA 29 -98.31 -30.25 -8.31
N GLY HA 30 -98.56 -29.24 -7.49
CA GLY HA 30 -98.41 -27.86 -7.92
C GLY HA 30 -99.49 -27.37 -8.86
N ARG HA 31 -100.66 -27.99 -8.83
CA ARG HA 31 -101.82 -27.43 -9.50
C ARG HA 31 -102.47 -26.48 -8.52
N LEU HA 32 -102.65 -25.23 -8.93
CA LEU HA 32 -103.10 -24.17 -8.02
C LEU HA 32 -104.56 -24.37 -7.63
N THR HA 33 -104.77 -24.57 -6.34
CA THR HA 33 -106.09 -24.86 -5.78
C THR HA 33 -106.81 -23.56 -5.42
N LYS HA 34 -108.12 -23.58 -5.52
CA LYS HA 34 -108.96 -22.43 -5.20
C LYS HA 34 -108.58 -21.82 -3.86
N HIS HA 35 -108.54 -22.66 -2.83
CA HIS HA 35 -108.28 -22.22 -1.47
C HIS HA 35 -106.83 -21.81 -1.26
N THR HA 36 -105.88 -22.55 -1.81
CA THR HA 36 -104.47 -22.17 -1.68
C THR HA 36 -104.16 -20.87 -2.41
N LYS HA 37 -104.87 -20.61 -3.51
CA LYS HA 37 -104.76 -19.33 -4.18
C LYS HA 37 -105.24 -18.23 -3.26
N PHE HA 38 -106.38 -18.47 -2.63
CA PHE HA 38 -106.97 -17.48 -1.75
C PHE HA 38 -106.04 -17.10 -0.63
N VAL HA 39 -105.41 -18.10 -0.01
CA VAL HA 39 -104.44 -17.84 1.05
C VAL HA 39 -103.24 -17.07 0.53
N ARG HA 40 -102.76 -17.44 -0.65
CA ARG HA 40 -101.56 -16.83 -1.19
C ARG HA 40 -101.74 -15.32 -1.44
N ASP HA 41 -102.74 -14.94 -2.22
CA ASP HA 41 -103.01 -13.50 -2.46
C ASP HA 41 -103.66 -12.76 -1.27
N MET HA 42 -104.10 -13.49 -0.24
CA MET HA 42 -104.40 -12.89 1.08
C MET HA 42 -103.14 -12.36 1.75
N ILE HA 43 -102.00 -12.97 1.42
CA ILE HA 43 -100.72 -12.66 2.01
C ILE HA 43 -99.91 -11.63 1.21
N ARG HA 44 -100.13 -11.56 -0.11
CA ARG HA 44 -99.47 -10.54 -0.91
C ARG HA 44 -100.04 -9.15 -0.68
N GLU HA 45 -101.18 -9.05 0.03
CA GLU HA 45 -101.72 -7.77 0.49
C GLU HA 45 -101.50 -7.49 1.98
N VAL HA 46 -100.99 -8.47 2.71
CA VAL HA 46 -100.51 -8.25 4.08
C VAL HA 46 -99.05 -7.82 4.00
N CYS HA 47 -98.22 -8.75 3.54
CA CYS HA 47 -96.76 -8.59 3.53
C CYS HA 47 -96.29 -7.63 2.45
N GLY HA 48 -96.86 -7.77 1.26
CA GLY HA 48 -96.51 -6.91 0.14
C GLY HA 48 -95.29 -7.42 -0.61
N PHE HA 49 -94.72 -6.53 -1.41
CA PHE HA 49 -93.72 -6.91 -2.42
C PHE HA 49 -92.29 -6.79 -1.92
N ALA HA 50 -91.41 -7.55 -2.57
CA ALA HA 50 -90.00 -7.56 -2.23
C ALA HA 50 -89.32 -6.38 -2.91
N PRO HA 51 -88.14 -5.97 -2.41
CA PRO HA 51 -87.36 -4.89 -3.00
C PRO HA 51 -87.02 -5.05 -4.46
N TYR HA 52 -86.63 -6.26 -4.87
CA TYR HA 52 -86.31 -6.49 -6.28
C TYR HA 52 -87.56 -6.52 -7.14
N GLU HA 53 -88.63 -7.08 -6.61
CA GLU HA 53 -89.90 -7.05 -7.31
C GLU HA 53 -90.35 -5.61 -7.52
N ARG HA 54 -90.25 -4.77 -6.50
CA ARG HA 54 -90.55 -3.33 -6.64
C ARG HA 54 -89.70 -2.68 -7.71
N ARG HA 55 -88.40 -2.96 -7.69
CA ARG HA 55 -87.48 -2.30 -8.62
C ARG HA 55 -87.71 -2.73 -10.06
N ALA HA 56 -88.11 -3.98 -10.28
CA ALA HA 56 -88.53 -4.45 -11.60
C ALA HA 56 -89.84 -3.80 -12.04
N MET HA 57 -90.81 -3.69 -11.12
CA MET HA 57 -92.08 -3.02 -11.37
C MET HA 57 -91.86 -1.60 -11.90
N GLU HA 58 -90.96 -0.87 -11.25
CA GLU HA 58 -90.61 0.49 -11.68
C GLU HA 58 -89.99 0.52 -13.08
N LEU HA 59 -89.25 -0.52 -13.45
CA LEU HA 59 -88.77 -0.69 -14.82
C LEU HA 59 -89.89 -1.02 -15.78
N LEU HA 60 -90.83 -1.87 -15.38
CA LEU HA 60 -91.96 -2.21 -16.23
C LEU HA 60 -92.86 -1.01 -16.52
N LYS HA 61 -93.04 -0.13 -15.53
CA LYS HA 61 -93.80 1.11 -15.70
C LYS HA 61 -93.23 2.01 -16.81
N VAL HA 62 -91.91 2.06 -16.91
CA VAL HA 62 -91.22 2.88 -17.91
C VAL HA 62 -91.15 2.19 -19.29
N SER HA 63 -91.75 1.01 -19.41
CA SER HA 63 -91.74 0.22 -20.65
C SER HA 63 -90.30 -0.08 -21.11
N LYS HA 64 -89.47 -0.41 -20.14
CA LYS HA 64 -88.07 -0.73 -20.35
C LYS HA 64 -87.94 -2.21 -19.96
N ASP HA 65 -88.73 -3.04 -20.63
CA ASP HA 65 -89.03 -4.40 -20.18
C ASP HA 65 -87.92 -5.43 -20.38
N LYS HA 66 -87.03 -5.19 -21.35
CA LYS HA 66 -85.88 -6.08 -21.54
C LYS HA 66 -84.93 -5.95 -20.36
N ARG HA 67 -84.64 -4.71 -19.98
CA ARG HA 67 -83.80 -4.42 -18.83
C ARG HA 67 -84.36 -5.02 -17.55
N ALA HA 68 -85.68 -5.00 -17.41
CA ALA HA 68 -86.35 -5.61 -16.26
C ALA HA 68 -86.09 -7.10 -16.23
N LEU HA 69 -86.34 -7.74 -17.36
CA LEU HA 69 -86.12 -9.17 -17.48
C LEU HA 69 -84.68 -9.51 -17.15
N LYS HA 70 -83.75 -8.79 -17.75
CA LYS HA 70 -82.33 -8.91 -17.44
C LYS HA 70 -82.09 -8.78 -15.94
N PHE HA 71 -82.70 -7.76 -15.35
CA PHE HA 71 -82.60 -7.51 -13.92
C PHE HA 71 -83.11 -8.70 -13.12
N ILE HA 72 -84.27 -9.20 -13.48
CA ILE HA 72 -84.87 -10.32 -12.76
C ILE HA 72 -84.04 -11.58 -12.94
N LYS HA 73 -83.51 -11.77 -14.14
CA LYS HA 73 -82.68 -12.95 -14.46
C LYS HA 73 -81.45 -13.02 -13.57
N LYS HA 74 -80.75 -11.91 -13.47
CA LYS HA 74 -79.62 -11.77 -12.56
C LYS HA 74 -80.03 -12.07 -11.12
N ARG HA 75 -81.18 -11.56 -10.75
CA ARG HA 75 -81.68 -11.65 -9.40
C ARG HA 75 -82.10 -13.06 -9.03
N VAL HA 76 -83.04 -13.61 -9.81
CA VAL HA 76 -83.72 -14.86 -9.47
C VAL HA 76 -83.01 -16.13 -9.97
N GLY HA 77 -82.41 -16.07 -11.14
CA GLY HA 77 -81.51 -17.13 -11.59
C GLY HA 77 -81.62 -17.43 -13.05
N THR HA 78 -82.55 -18.33 -13.37
CA THR HA 78 -82.66 -18.85 -14.73
C THR HA 78 -83.38 -17.87 -15.62
N HIS HA 79 -83.51 -18.21 -16.89
CA HIS HA 79 -84.33 -17.43 -17.81
C HIS HA 79 -85.80 -17.66 -17.55
N ILE HA 80 -86.15 -18.92 -17.34
CA ILE HA 80 -87.55 -19.32 -17.26
C ILE HA 80 -88.21 -18.83 -15.99
N ARG HA 81 -87.42 -18.77 -14.93
CA ARG HA 81 -87.90 -18.22 -13.69
C ARG HA 81 -88.04 -16.71 -13.67
N ALA HA 82 -87.18 -16.02 -14.41
CA ALA HA 82 -87.29 -14.57 -14.55
C ALA HA 82 -88.43 -14.19 -15.47
N LYS HA 83 -88.60 -14.94 -16.55
CA LYS HA 83 -89.68 -14.67 -17.47
C LYS HA 83 -91.04 -14.84 -16.79
N ARG HA 84 -91.25 -15.98 -16.14
CA ARG HA 84 -92.47 -16.20 -15.36
C ARG HA 84 -92.69 -15.09 -14.31
N LYS HA 85 -91.64 -14.66 -13.62
CA LYS HA 85 -91.73 -13.58 -12.63
C LYS HA 85 -92.13 -12.25 -13.27
N ARG HA 86 -91.63 -11.98 -14.47
CA ARG HA 86 -92.00 -10.77 -15.20
C ARG HA 86 -93.46 -10.74 -15.62
N GLU HA 87 -93.99 -11.87 -16.06
CA GLU HA 87 -95.38 -11.96 -16.47
C GLU HA 87 -96.33 -11.71 -15.32
N GLU HA 88 -95.99 -12.24 -14.13
CA GLU HA 88 -96.75 -11.99 -12.92
C GLU HA 88 -96.73 -10.52 -12.54
N LEU HA 89 -95.54 -9.91 -12.54
CA LEU HA 89 -95.40 -8.50 -12.21
C LEU HA 89 -96.15 -7.60 -13.19
N SER HA 90 -96.09 -7.94 -14.48
CA SER HA 90 -96.85 -7.20 -15.50
C SER HA 90 -98.35 -7.21 -15.21
N SER HA 91 -98.58 -6.96 -14.15
CA SER HA 91 -99.65 -7.12 -13.18
C SER HA 91 -99.17 -6.85 -11.76
N VAL HA 92 -99.86 -7.77 -12.35
CA VAL HA 92 -100.08 -6.97 -11.14
C VAL HA 92 -100.22 -5.51 -11.53
N LEU HA 93 -99.24 -5.04 -12.29
CA LEU HA 93 -99.18 -3.66 -12.72
C LEU HA 93 -100.39 -3.25 -13.56
N ALA HA 94 -100.86 -4.16 -14.41
CA ALA HA 94 -102.10 -3.97 -15.16
C ALA HA 94 -103.32 -3.87 -14.23
N ALA HA 95 -103.41 -4.78 -13.27
CA ALA HA 95 -104.52 -4.81 -12.31
C ALA HA 95 -104.54 -3.56 -11.43
N MET HA 96 -103.36 -3.05 -11.07
CA MET HA 96 -103.25 -1.77 -10.35
C MET HA 96 -103.79 -0.61 -11.19
N ARG HA 97 -103.47 -0.64 -12.48
CA ARG HA 97 -103.92 0.39 -13.44
C ARG HA 97 -105.45 0.39 -13.62
N LYS HA 98 -106.02 -0.81 -13.75
CA LYS HA 98 -107.47 -0.99 -13.89
C LYS HA 98 -108.21 -0.46 -12.65
N ALA HA 99 -107.70 -0.82 -11.47
CA ALA HA 99 -108.28 -0.39 -10.19
C ALA HA 99 -108.24 1.14 -10.00
N ALA HA 100 -107.19 1.76 -10.51
CA ALA HA 100 -107.05 3.22 -10.49
C ALA HA 100 -108.06 3.91 -11.42
N ALA HA 101 -108.23 3.36 -12.62
CA ALA HA 101 -109.18 3.89 -13.61
C ALA HA 101 -110.62 3.48 -13.26
N LYS HA 102 -111.29 4.34 -12.49
CA LYS HA 102 -112.69 4.12 -12.11
C LYS HA 102 -113.37 5.46 -11.80
N THR IA 1 -18.47 -31.87 31.02
CA THR IA 1 -19.49 -31.57 32.08
C THR IA 1 -20.89 -32.08 31.74
N LYS IA 2 -21.25 -31.96 30.46
CA LYS IA 2 -22.53 -32.44 29.94
C LYS IA 2 -22.91 -33.85 30.35
N GLY IA 3 -21.92 -34.74 30.48
CA GLY IA 3 -22.15 -36.13 30.88
C GLY IA 3 -22.00 -36.38 32.38
N THR IA 4 -21.06 -37.24 32.72
CA THR IA 4 -21.04 -37.93 34.01
C THR IA 4 -21.24 -37.01 35.21
N SER IA 5 -20.50 -35.92 35.28
CA SER IA 5 -20.61 -35.00 36.42
C SER IA 5 -22.03 -34.48 36.61
N SER IA 6 -22.67 -34.19 35.50
CA SER IA 6 -24.02 -33.64 35.51
C SER IA 6 -25.12 -34.68 35.70
N PHE IA 7 -24.78 -35.97 35.62
CA PHE IA 7 -25.65 -37.01 36.17
C PHE IA 7 -25.68 -36.95 37.67
N GLY IA 8 -24.63 -36.39 38.25
CA GLY IA 8 -24.58 -36.04 39.67
C GLY IA 8 -25.77 -35.37 40.31
N LYS IA 9 -26.29 -34.34 39.67
CA LYS IA 9 -27.30 -33.51 40.30
C LYS IA 9 -28.71 -33.79 39.80
N ARG IA 10 -29.00 -35.06 39.58
CA ARG IA 10 -30.36 -35.52 39.37
C ARG IA 10 -30.99 -35.82 40.73
N ARG IA 11 -31.27 -34.76 41.47
CA ARG IA 11 -31.71 -34.84 42.86
C ARG IA 11 -33.22 -34.90 42.96
N ASN IA 12 -33.95 -34.38 41.98
CA ASN IA 12 -35.39 -34.16 42.15
C ASN IA 12 -36.25 -34.53 40.93
N LYS IA 13 -37.48 -34.98 41.21
CA LYS IA 13 -38.24 -35.87 40.32
C LYS IA 13 -39.35 -35.13 39.63
N THR IA 14 -39.61 -35.55 38.39
CA THR IA 14 -40.67 -34.98 37.53
C THR IA 14 -41.97 -35.67 37.75
N HIS IA 15 -41.91 -36.99 37.69
CA HIS IA 15 -43.10 -37.79 37.69
C HIS IA 15 -43.33 -38.44 39.04
N THR IA 16 -44.58 -38.78 39.32
CA THR IA 16 -44.88 -39.70 40.40
C THR IA 16 -45.95 -40.67 39.97
N LEU IA 17 -46.39 -41.47 40.92
CA LEU IA 17 -47.38 -42.47 40.68
C LEU IA 17 -48.70 -41.81 40.35
N CYS IA 18 -49.21 -42.11 39.15
CA CYS IA 18 -50.52 -41.66 38.71
C CYS IA 18 -51.56 -42.51 39.35
N ARG IA 19 -52.64 -41.87 39.78
CA ARG IA 19 -53.57 -42.52 40.68
C ARG IA 19 -54.71 -43.20 39.93
N ARG IA 20 -54.76 -43.00 38.62
CA ARG IA 20 -55.74 -43.66 37.79
C ARG IA 20 -55.15 -44.88 37.14
N CYS IA 21 -53.99 -44.71 36.53
CA CYS IA 21 -53.33 -45.80 35.81
C CYS IA 21 -52.21 -46.48 36.57
N GLY IA 22 -51.83 -45.94 37.73
CA GLY IA 22 -50.84 -46.60 38.56
C GLY IA 22 -49.39 -46.41 38.14
N SER IA 23 -49.15 -46.00 36.89
CA SER IA 23 -47.80 -45.82 36.38
C SER IA 23 -47.14 -44.65 37.06
N LYS IA 24 -45.83 -44.63 37.01
CA LYS IA 24 -45.05 -43.57 37.57
C LYS IA 24 -44.90 -42.55 36.45
N ALA IA 25 -46.00 -41.93 36.05
CA ALA IA 25 -45.98 -41.00 34.94
C ALA IA 25 -46.83 -39.75 35.15
N TYR IA 26 -47.08 -39.39 36.41
CA TYR IA 26 -47.89 -38.25 36.70
C TYR IA 26 -46.97 -37.09 36.84
N HIS IA 27 -47.11 -36.10 35.97
CA HIS IA 27 -46.18 -34.97 35.95
C HIS IA 27 -46.57 -33.94 37.01
N LEU IA 28 -45.67 -33.66 37.96
CA LEU IA 28 -46.07 -32.91 39.15
C LEU IA 28 -46.34 -31.47 38.79
N GLN IA 29 -45.48 -30.87 37.96
CA GLN IA 29 -45.65 -29.46 37.57
C GLN IA 29 -46.86 -29.27 36.65
N LYS IA 30 -46.99 -30.09 35.60
CA LYS IA 30 -48.18 -30.02 34.74
C LYS IA 30 -49.44 -30.60 35.39
N SER IA 31 -49.28 -31.45 36.41
CA SER IA 31 -50.39 -32.08 37.11
C SER IA 31 -51.32 -32.84 36.19
N THR IA 32 -50.71 -33.51 35.21
CA THR IA 32 -51.39 -34.45 34.33
C THR IA 32 -50.70 -35.75 34.55
N CYS IA 33 -51.10 -36.77 33.80
CA CYS IA 33 -50.26 -37.95 33.68
C CYS IA 33 -49.44 -37.82 32.42
N GLY IA 34 -49.75 -38.58 31.39
CA GLY IA 34 -48.82 -38.86 30.31
C GLY IA 34 -48.69 -40.35 30.24
N LYS IA 35 -49.81 -41.00 29.96
CA LYS IA 35 -49.98 -42.45 29.99
C LYS IA 35 -51.48 -42.72 29.96
N CYS IA 36 -52.21 -42.08 30.88
CA CYS IA 36 -53.66 -42.08 30.83
C CYS IA 36 -54.26 -40.70 30.63
N GLY IA 37 -53.50 -39.65 30.89
CA GLY IA 37 -54.05 -38.30 30.96
C GLY IA 37 -54.97 -38.05 32.15
N TYR IA 38 -54.58 -38.56 33.31
CA TYR IA 38 -55.43 -38.62 34.49
C TYR IA 38 -56.51 -37.55 34.61
N PRO IA 39 -56.13 -36.28 34.81
CA PRO IA 39 -57.17 -35.30 35.13
C PRO IA 39 -58.26 -35.21 34.07
N ALA IA 40 -57.89 -35.46 32.80
CA ALA IA 40 -58.85 -35.55 31.70
C ALA IA 40 -59.74 -36.75 31.84
N LYS IA 41 -61.01 -36.57 31.49
CA LYS IA 41 -62.00 -37.60 31.74
C LYS IA 41 -61.63 -38.88 31.02
N ARG IA 42 -61.45 -38.78 29.70
CA ARG IA 42 -61.23 -39.94 28.86
C ARG IA 42 -59.82 -40.47 29.00
N LYS IA 43 -59.71 -41.79 29.04
CA LYS IA 43 -58.43 -42.48 29.04
C LYS IA 43 -57.68 -42.18 27.77
N ARG IA 44 -56.39 -41.93 27.90
CA ARG IA 44 -55.54 -41.68 26.76
C ARG IA 44 -55.21 -42.99 26.10
N LYS IA 45 -55.54 -43.10 24.82
CA LYS IA 45 -55.01 -44.16 23.99
C LYS IA 45 -54.88 -43.65 22.56
N TYR IA 46 -53.78 -44.04 21.93
CA TYR IA 46 -53.50 -43.71 20.56
C TYR IA 46 -53.41 -44.98 19.73
N ASN IA 47 -53.78 -44.83 18.48
CA ASN IA 47 -53.86 -45.93 17.58
C ASN IA 47 -52.50 -46.26 17.00
N TRP IA 48 -51.57 -45.29 17.05
CA TRP IA 48 -50.20 -45.52 16.55
C TRP IA 48 -49.41 -46.51 17.38
N SER IA 49 -49.67 -46.57 18.68
CA SER IA 49 -48.99 -47.51 19.56
C SER IA 49 -49.93 -48.67 19.85
N ALA IA 50 -49.89 -49.69 18.99
CA ALA IA 50 -50.74 -50.86 19.16
C ALA IA 50 -50.31 -51.64 20.39
N LYS IA 51 -48.99 -51.82 20.53
CA LYS IA 51 -48.43 -52.52 21.67
C LYS IA 51 -48.84 -51.82 22.95
N ALA IA 52 -48.74 -50.49 22.97
CA ALA IA 52 -49.19 -49.73 24.14
C ALA IA 52 -50.67 -49.88 24.44
N LYS IA 53 -51.47 -50.02 23.38
CA LYS IA 53 -52.88 -50.31 23.54
C LYS IA 53 -53.09 -51.66 24.21
N ARG IA 54 -52.36 -52.68 23.75
CA ARG IA 54 -52.54 -54.05 24.24
C ARG IA 54 -52.03 -54.27 25.65
N ARG IA 55 -51.13 -53.40 26.12
CA ARG IA 55 -50.63 -53.44 27.49
C ARG IA 55 -51.68 -53.15 28.56
N ASN IA 56 -52.81 -52.54 28.17
CA ASN IA 56 -53.97 -52.43 29.05
C ASN IA 56 -55.28 -52.24 28.29
N THR IA 57 -55.77 -53.34 27.73
CA THR IA 57 -57.15 -53.43 27.24
C THR IA 57 -57.98 -54.01 28.36
N THR IA 58 -59.20 -54.44 28.08
CA THR IA 58 -60.01 -55.11 29.10
C THR IA 58 -59.33 -56.35 29.64
N GLY IA 59 -59.16 -57.37 28.81
CA GLY IA 59 -58.62 -58.67 29.27
C GLY IA 59 -57.45 -58.65 30.24
N THR IA 60 -56.61 -57.64 30.10
CA THR IA 60 -55.45 -57.39 30.94
C THR IA 60 -55.58 -57.67 32.46
N GLY IA 61 -56.54 -57.01 33.11
CA GLY IA 61 -56.64 -57.02 34.59
C GLY IA 61 -57.52 -58.11 35.15
N ARG IA 62 -58.16 -57.83 36.28
CA ARG IA 62 -59.08 -58.79 36.92
C ARG IA 62 -60.33 -59.05 36.08
N MET IA 63 -60.93 -57.98 35.60
CA MET IA 63 -62.23 -58.04 34.93
C MET IA 63 -63.27 -58.57 35.90
N ARG IA 64 -63.27 -58.05 37.12
CA ARG IA 64 -63.98 -58.73 38.18
C ARG IA 64 -65.50 -58.66 38.11
N HIS IA 65 -66.04 -57.59 37.55
CA HIS IA 65 -67.46 -57.57 37.20
C HIS IA 65 -67.66 -58.29 35.89
N LEU IA 66 -66.84 -57.93 34.92
CA LEU IA 66 -66.99 -58.37 33.54
C LEU IA 66 -66.89 -59.86 33.37
N LYS IA 67 -66.07 -60.54 34.16
CA LYS IA 67 -65.99 -61.99 34.06
C LYS IA 67 -67.30 -62.66 34.51
N ILE IA 68 -67.95 -62.14 35.55
CA ILE IA 68 -69.22 -62.72 36.03
C ILE IA 68 -70.42 -62.23 35.23
N VAL IA 69 -70.22 -61.22 34.39
CA VAL IA 69 -71.22 -60.81 33.39
C VAL IA 69 -71.31 -61.85 32.30
N TYR IA 70 -70.15 -62.35 31.86
CA TYR IA 70 -70.14 -63.38 30.82
C TYR IA 70 -70.86 -64.66 31.26
N ARG IA 71 -70.56 -65.12 32.47
CA ARG IA 71 -71.25 -66.28 33.05
C ARG IA 71 -72.76 -66.02 33.18
N ARG IA 72 -73.13 -64.87 33.75
CA ARG IA 72 -74.54 -64.53 33.95
C ARG IA 72 -75.28 -64.64 32.62
N PHE IA 73 -74.72 -64.03 31.59
CA PHE IA 73 -75.30 -64.04 30.24
C PHE IA 73 -75.49 -65.44 29.72
N ARG IA 74 -74.43 -66.24 29.83
CA ARG IA 74 -74.40 -67.58 29.28
C ARG IA 74 -75.67 -68.31 29.63
N HIS IA 75 -75.94 -68.39 30.93
CA HIS IA 75 -77.02 -69.20 31.48
C HIS IA 75 -78.37 -68.46 31.41
N GLY IA 76 -78.36 -67.14 31.18
CA GLY IA 76 -79.54 -66.41 30.72
C GLY IA 76 -79.90 -65.05 31.34
N PHE IA 77 -78.99 -64.46 32.09
CA PHE IA 77 -79.25 -63.24 32.89
C PHE IA 77 -80.37 -63.36 33.93
N ARG IA 78 -80.62 -64.57 34.45
CA ARG IA 78 -81.72 -64.75 35.39
C ARG IA 78 -81.41 -64.02 36.69
N GLU IA 79 -82.46 -63.76 37.47
CA GLU IA 79 -82.35 -63.05 38.74
C GLU IA 79 -83.36 -63.59 39.72
N GLY IA 80 -83.06 -63.41 41.00
CA GLY IA 80 -84.05 -63.55 42.07
C GLY IA 80 -84.84 -64.83 42.07
N THR IA 81 -84.12 -65.92 41.98
CA THR IA 81 -84.71 -67.25 41.96
C THR IA 81 -83.62 -68.17 42.50
N THR IA 82 -83.97 -69.39 42.83
CA THR IA 82 -82.99 -70.38 43.20
C THR IA 82 -83.27 -71.64 42.44
N PRO IA 83 -82.33 -72.59 42.47
CA PRO IA 83 -82.69 -73.92 42.02
C PRO IA 83 -83.61 -74.61 43.03
N LYS IA 84 -84.30 -75.64 42.55
CA LYS IA 84 -85.24 -76.42 43.37
C LYS IA 84 -84.49 -77.01 44.57
N PRO IA 85 -84.94 -76.69 45.80
CA PRO IA 85 -84.25 -77.20 46.99
C PRO IA 85 -84.51 -78.68 47.27
N LYS IA 86 -83.87 -79.18 48.33
CA LYS IA 86 -83.93 -80.59 48.71
C LYS IA 86 -84.99 -80.81 49.78
N PRO JA 1 -43.34 -23.02 88.47
CA PRO JA 1 -43.42 -22.99 89.92
C PRO JA 1 -43.65 -21.62 90.49
N ARG JA 2 -43.98 -21.59 91.78
CA ARG JA 2 -44.37 -20.37 92.47
C ARG JA 2 -43.86 -20.38 93.88
N LYS JA 3 -43.14 -19.34 94.26
CA LYS JA 3 -42.72 -19.18 95.63
C LYS JA 3 -43.87 -18.54 96.42
N ILE JA 4 -44.06 -19.02 97.64
CA ILE JA 4 -45.02 -18.43 98.56
C ILE JA 4 -44.22 -17.91 99.75
N GLU JA 5 -44.64 -16.76 100.28
CA GLU JA 5 -43.93 -16.08 101.37
C GLU JA 5 -44.55 -16.27 102.77
N GLU JA 6 -45.86 -16.47 102.82
CA GLU JA 6 -46.58 -16.59 104.09
C GLU JA 6 -46.89 -18.04 104.41
N ILE JA 7 -46.50 -18.46 105.62
CA ILE JA 7 -46.86 -19.78 106.14
C ILE JA 7 -48.38 -20.04 106.09
N LYS JA 8 -49.17 -18.98 106.30
CA LYS JA 8 -50.63 -19.06 106.21
C LYS JA 8 -51.09 -19.37 104.79
N ASP JA 9 -50.50 -18.69 103.81
CA ASP JA 9 -50.89 -18.85 102.41
C ASP JA 9 -50.57 -20.25 101.88
N PHE JA 10 -49.41 -20.76 102.27
CA PHE JA 10 -49.03 -22.15 101.95
C PHE JA 10 -50.00 -23.15 102.55
N LEU JA 11 -50.42 -22.92 103.79
CA LEU JA 11 -51.44 -23.77 104.41
C LEU JA 11 -52.74 -23.76 103.62
N LEU JA 12 -53.17 -22.57 103.17
CA LEU JA 12 -54.36 -22.45 102.32
C LEU JA 12 -54.20 -23.19 100.98
N THR JA 13 -53.01 -23.11 100.40
CA THR JA 13 -52.69 -23.81 99.16
C THR JA 13 -52.77 -25.34 99.34
N ALA JA 14 -52.24 -25.83 100.46
CA ALA JA 14 -52.30 -27.26 100.78
C ALA JA 14 -53.71 -27.73 101.14
N ARG JA 15 -54.57 -26.81 101.59
CA ARG JA 15 -55.93 -27.13 102.02
C ARG JA 15 -56.97 -27.19 100.88
N ARG JA 16 -56.55 -27.05 99.63
CA ARG JA 16 -57.46 -27.18 98.48
C ARG JA 16 -57.92 -28.62 98.28
N LYS JA 17 -58.87 -28.79 97.37
CA LYS JA 17 -59.31 -30.10 96.93
C LYS JA 17 -58.30 -30.70 95.95
N ASP JA 18 -57.75 -29.86 95.07
CA ASP JA 18 -56.83 -30.30 94.01
C ASP JA 18 -55.46 -30.80 94.49
N ALA JA 19 -54.98 -30.26 95.61
CA ALA JA 19 -53.63 -30.52 96.08
C ALA JA 19 -53.45 -31.95 96.54
N LYS JA 20 -52.19 -32.39 96.54
CA LYS JA 20 -51.83 -33.76 96.89
C LYS JA 20 -50.47 -33.71 97.59
N SER JA 21 -49.49 -34.54 97.18
CA SER JA 21 -48.13 -34.49 97.73
C SER JA 21 -47.67 -33.10 98.24
N VAL JA 22 -47.35 -33.06 99.53
CA VAL JA 22 -46.83 -31.85 100.17
C VAL JA 22 -45.47 -32.20 100.77
N LYS JA 23 -44.55 -32.53 99.88
CA LYS JA 23 -43.21 -32.96 100.26
C LYS JA 23 -42.36 -31.84 100.89
N ILE JA 24 -41.42 -32.25 101.72
CA ILE JA 24 -40.63 -31.36 102.57
C ILE JA 24 -39.15 -31.70 102.43
N LYS JA 25 -38.37 -30.73 101.98
CA LYS JA 25 -36.96 -30.93 101.72
C LYS JA 25 -36.14 -30.17 102.73
N LYS JA 26 -35.47 -30.91 103.62
CA LYS JA 26 -34.59 -30.30 104.61
C LYS JA 26 -33.22 -30.10 103.98
N ASN JA 27 -32.97 -28.88 103.49
CA ASN JA 27 -31.70 -28.54 102.82
C ASN JA 27 -30.51 -28.30 103.74
N LYS JA 28 -30.77 -28.10 105.02
CA LYS JA 28 -29.90 -27.34 105.92
C LYS JA 28 -30.05 -25.86 105.55
N ASP JA 29 -30.18 -25.01 106.57
CA ASP JA 29 -30.35 -23.55 106.44
C ASP JA 29 -31.52 -23.08 105.56
N ASN JA 30 -32.57 -23.89 105.42
CA ASN JA 30 -33.63 -23.60 104.45
C ASN JA 30 -35.00 -24.22 104.73
N VAL JA 31 -35.04 -25.54 104.81
CA VAL JA 31 -36.28 -26.31 104.95
C VAL JA 31 -37.42 -25.82 104.04
N LYS JA 32 -37.39 -26.33 102.80
CA LYS JA 32 -38.41 -26.04 101.81
C LYS JA 32 -39.65 -26.89 102.03
N PHE JA 33 -40.80 -26.29 101.75
CA PHE JA 33 -42.08 -26.98 101.76
C PHE JA 33 -42.67 -26.81 100.39
N LYS JA 34 -42.74 -27.91 99.64
CA LYS JA 34 -43.31 -27.88 98.31
C LYS JA 34 -44.66 -28.55 98.39
N VAL JA 35 -45.64 -28.04 97.64
CA VAL JA 35 -46.98 -28.65 97.62
C VAL JA 35 -47.53 -28.67 96.21
N ARG JA 36 -47.72 -29.88 95.70
CA ARG JA 36 -48.16 -30.09 94.34
C ARG JA 36 -49.61 -29.73 94.21
N CYS JA 37 -49.93 -28.96 93.18
CA CYS JA 37 -51.29 -28.68 92.79
C CYS JA 37 -51.46 -29.09 91.34
N SER JA 38 -52.68 -29.00 90.84
CA SER JA 38 -52.96 -29.39 89.47
C SER JA 38 -52.05 -28.69 88.49
N ARG JA 39 -51.95 -27.37 88.61
CA ARG JA 39 -51.27 -26.56 87.63
C ARG JA 39 -49.81 -26.26 87.98
N TYR JA 40 -49.53 -26.09 89.27
CA TYR JA 40 -48.26 -25.55 89.75
C TYR JA 40 -47.63 -26.42 90.82
N LEU JA 41 -46.41 -26.09 91.21
CA LEU JA 41 -45.79 -26.65 92.40
C LEU JA 41 -45.38 -25.50 93.29
N TYR JA 42 -46.18 -25.23 94.30
CA TYR JA 42 -45.94 -24.10 95.17
C TYR JA 42 -44.90 -24.48 96.22
N THR JA 43 -43.96 -23.59 96.47
CA THR JA 43 -42.94 -23.80 97.48
C THR JA 43 -42.93 -22.66 98.50
N LEU JA 44 -42.35 -22.95 99.65
CA LEU JA 44 -42.30 -22.03 100.77
C LEU JA 44 -41.00 -22.27 101.50
N VAL JA 45 -40.18 -21.24 101.63
CA VAL JA 45 -38.89 -21.36 102.26
C VAL JA 45 -38.98 -20.85 103.70
N ILE JA 46 -38.90 -21.78 104.66
CA ILE JA 46 -38.96 -21.48 106.10
C ILE JA 46 -37.56 -21.68 106.69
N THR JA 47 -36.81 -20.58 106.82
CA THR JA 47 -35.42 -20.63 107.30
C THR JA 47 -35.21 -21.20 108.72
N ASP JA 48 -36.19 -21.03 109.61
CA ASP JA 48 -36.13 -21.58 110.97
C ASP JA 48 -36.52 -23.06 111.00
N LYS JA 49 -35.79 -23.83 111.81
CA LYS JA 49 -35.97 -25.30 111.86
C LYS JA 49 -37.07 -25.73 112.81
N GLU JA 50 -37.21 -25.03 113.94
CA GLU JA 50 -38.28 -25.29 114.91
C GLU JA 50 -39.66 -24.95 114.32
N LYS JA 51 -39.70 -23.87 113.54
CA LYS JA 51 -40.92 -23.40 112.89
C LYS JA 51 -41.42 -24.37 111.82
N ALA JA 52 -40.48 -24.96 111.09
CA ALA JA 52 -40.78 -26.00 110.11
C ALA JA 52 -41.31 -27.27 110.78
N GLU JA 53 -40.65 -27.70 111.85
CA GLU JA 53 -41.08 -28.85 112.65
C GLU JA 53 -42.50 -28.66 113.17
N LYS JA 54 -42.81 -27.44 113.63
CA LYS JA 54 -44.17 -27.07 114.03
C LYS JA 54 -45.16 -27.16 112.87
N LEU JA 55 -44.75 -26.67 111.71
CA LEU JA 55 -45.59 -26.72 110.50
C LEU JA 55 -45.88 -28.17 110.08
N LYS JA 56 -44.85 -29.02 110.13
CA LYS JA 56 -44.98 -30.47 109.88
C LYS JA 56 -46.27 -31.08 110.46
N GLN JA 57 -46.62 -30.66 111.68
CA GLN JA 57 -47.85 -31.09 112.35
C GLN JA 57 -49.13 -30.52 111.73
N SER JA 58 -49.06 -29.26 111.29
CA SER JA 58 -50.24 -28.49 110.87
C SER JA 58 -50.91 -28.88 109.55
N LEU JA 59 -50.36 -29.82 108.79
CA LEU JA 59 -50.99 -30.29 107.54
C LEU JA 59 -52.18 -31.19 107.89
N PRO JA 60 -53.33 -31.01 107.21
CA PRO JA 60 -54.60 -31.40 107.84
C PRO JA 60 -55.01 -32.90 107.81
N PRO JA 61 -55.70 -33.38 106.75
CA PRO JA 61 -56.55 -34.55 106.95
C PRO JA 61 -55.88 -35.92 106.84
N GLY JA 62 -54.62 -35.96 106.40
CA GLY JA 62 -54.00 -37.17 105.86
C GLY JA 62 -53.64 -36.96 104.40
N LEU JA 63 -52.76 -35.97 104.17
CA LEU JA 63 -52.14 -35.74 102.88
C LEU JA 63 -50.84 -36.53 102.90
N ALA JA 64 -50.11 -36.55 101.78
CA ALA JA 64 -48.91 -37.39 101.68
C ALA JA 64 -47.85 -37.02 102.72
N VAL JA 65 -47.42 -35.76 102.68
CA VAL JA 65 -46.35 -35.23 103.53
C VAL JA 65 -45.09 -36.09 103.38
N LYS JA 66 -44.75 -36.41 102.13
CA LYS JA 66 -43.66 -37.32 101.82
C LYS JA 66 -42.33 -36.60 102.03
N GLU JA 67 -41.78 -36.76 103.22
CA GLU JA 67 -40.56 -36.05 103.61
C GLU JA 67 -39.38 -36.55 102.78
N LEU JA 68 -38.69 -35.63 102.14
CA LEU JA 68 -37.78 -35.95 101.04
C LEU JA 68 -36.41 -36.38 101.56
N LYS JA 69 -36.00 -37.59 101.20
CA LYS JA 69 -34.62 -38.05 101.38
C LYS JA 69 -34.34 -39.23 100.44
N SER KA 1 -36.31 -41.36 52.53
CA SER KA 1 -36.29 -39.87 52.55
C SER KA 1 -36.51 -39.31 53.94
N SER KA 2 -37.26 -40.03 54.79
CA SER KA 2 -37.55 -39.59 56.15
C SER KA 2 -38.58 -38.43 56.17
N HIS KA 3 -39.21 -38.15 55.03
CA HIS KA 3 -40.38 -37.29 54.94
C HIS KA 3 -41.26 -37.93 53.88
N LYS KA 4 -41.78 -39.09 54.23
CA LYS KA 4 -42.57 -39.85 53.29
C LYS KA 4 -44.00 -39.36 53.34
N THR KA 5 -44.71 -39.62 52.25
CA THR KA 5 -46.15 -39.58 52.25
C THR KA 5 -46.59 -40.97 52.70
N PHE KA 6 -47.90 -41.14 52.93
CA PHE KA 6 -48.42 -42.44 53.32
C PHE KA 6 -48.46 -43.38 52.14
N ARG KA 7 -48.86 -42.85 50.98
CA ARG KA 7 -48.93 -43.62 49.74
C ARG KA 7 -47.58 -44.27 49.46
N ILE KA 8 -46.52 -43.48 49.61
CA ILE KA 8 -45.17 -43.95 49.34
C ILE KA 8 -44.76 -45.00 50.33
N LYS KA 9 -44.99 -44.75 51.61
CA LYS KA 9 -44.65 -45.73 52.62
C LYS KA 9 -45.33 -47.06 52.30
N ARG KA 10 -46.64 -47.02 52.11
CA ARG KA 10 -47.43 -48.23 51.83
C ARG KA 10 -46.92 -48.99 50.63
N PHE KA 11 -46.42 -48.25 49.65
CA PHE KA 11 -45.75 -48.82 48.47
C PHE KA 11 -44.41 -49.45 48.82
N LEU KA 12 -43.58 -48.76 49.62
CA LEU KA 12 -42.32 -49.34 50.04
C LEU KA 12 -42.52 -50.58 50.89
N ALA KA 13 -43.58 -50.59 51.68
CA ALA KA 13 -43.88 -51.73 52.51
C ALA KA 13 -44.13 -52.96 51.67
N LYS KA 14 -44.95 -52.80 50.63
CA LYS KA 14 -45.32 -53.93 49.81
C LYS KA 14 -44.10 -54.57 49.19
N LYS KA 15 -43.29 -53.77 48.52
CA LYS KA 15 -42.02 -54.24 47.94
C LYS KA 15 -41.13 -54.99 48.94
N GLN KA 16 -41.15 -54.56 50.18
CA GLN KA 16 -40.41 -55.20 51.26
C GLN KA 16 -40.97 -56.59 51.53
N LYS KA 17 -42.29 -56.69 51.58
CA LYS KA 17 -42.95 -57.97 51.81
C LYS KA 17 -42.77 -58.96 50.67
N GLN KA 18 -42.73 -58.47 49.43
CA GLN KA 18 -42.54 -59.33 48.25
C GLN KA 18 -41.15 -59.96 48.16
N ASN KA 19 -40.14 -59.30 48.74
CA ASN KA 19 -38.74 -59.71 48.53
C ASN KA 19 -38.38 -61.09 49.04
N ARG KA 20 -38.98 -61.53 50.15
CA ARG KA 20 -38.54 -62.77 50.81
C ARG KA 20 -38.41 -63.96 49.85
N PRO KA 21 -37.48 -64.88 50.14
CA PRO KA 21 -37.29 -66.05 49.28
C PRO KA 21 -38.40 -67.09 49.40
N ILE KA 22 -38.33 -68.10 48.55
CA ILE KA 22 -39.34 -69.16 48.49
C ILE KA 22 -39.31 -70.04 49.73
N PRO KA 23 -40.49 -70.43 50.25
CA PRO KA 23 -40.52 -71.41 51.34
C PRO KA 23 -40.19 -72.80 50.82
N GLN KA 24 -39.24 -73.48 51.46
CA GLN KA 24 -38.70 -74.74 50.92
C GLN KA 24 -39.69 -75.87 50.72
N TRP KA 25 -40.78 -75.88 51.48
CA TRP KA 25 -41.86 -76.84 51.24
C TRP KA 25 -42.53 -76.71 49.87
N ILE KA 26 -42.51 -75.53 49.28
CA ILE KA 26 -42.99 -75.34 47.91
C ILE KA 26 -42.33 -76.31 46.96
N ARG KA 27 -41.01 -76.47 47.08
CA ARG KA 27 -40.25 -77.29 46.12
C ARG KA 27 -40.70 -78.75 46.09
N MET KA 28 -41.32 -79.24 47.17
CA MET KA 28 -41.85 -80.60 47.24
C MET KA 28 -43.27 -80.79 46.70
N LYS KA 29 -43.93 -79.72 46.26
CA LYS KA 29 -45.27 -79.84 45.68
C LYS KA 29 -45.24 -80.65 44.39
N THR KA 30 -46.40 -81.22 44.05
CA THR KA 30 -46.50 -82.20 42.98
C THR KA 30 -45.95 -81.67 41.67
N GLY KA 31 -46.61 -80.65 41.13
CA GLY KA 31 -46.21 -80.09 39.84
C GLY KA 31 -45.45 -78.80 40.02
N ASN KA 32 -44.19 -78.91 40.44
CA ASN KA 32 -43.40 -77.73 40.76
C ASN KA 32 -42.28 -77.47 39.77
N LYS KA 33 -42.26 -76.26 39.23
CA LYS KA 33 -41.25 -75.84 38.28
C LYS KA 33 -40.36 -74.73 38.85
N ILE KA 34 -40.55 -74.40 40.13
CA ILE KA 34 -39.93 -73.22 40.73
C ILE KA 34 -38.82 -73.65 41.66
N ARG KA 35 -37.62 -73.13 41.44
CA ARG KA 35 -36.47 -73.42 42.31
C ARG KA 35 -36.04 -72.25 43.19
N TYR KA 36 -36.18 -71.03 42.68
CA TYR KA 36 -35.81 -69.83 43.42
C TYR KA 36 -36.59 -68.61 42.94
N ASN KA 37 -36.81 -67.66 43.83
CA ASN KA 37 -37.80 -66.60 43.60
C ASN KA 37 -37.56 -65.75 42.38
N SER KA 38 -36.32 -65.49 42.00
CA SER KA 38 -36.03 -64.77 40.73
C SER KA 38 -36.69 -63.39 40.48
N LYS KA 39 -37.49 -62.91 41.43
CA LYS KA 39 -38.03 -61.57 41.42
C LYS KA 39 -37.47 -60.82 42.64
N ARG KA 40 -36.32 -61.30 43.13
CA ARG KA 40 -35.69 -60.70 44.29
C ARG KA 40 -34.92 -59.46 43.89
N ARG KA 41 -34.99 -58.44 44.74
CA ARG KA 41 -34.48 -57.12 44.45
C ARG KA 41 -33.52 -56.73 45.55
N HIS KA 42 -32.33 -56.25 45.20
CA HIS KA 42 -31.35 -55.84 46.21
C HIS KA 42 -31.09 -54.35 46.14
N TRP KA 43 -31.55 -53.66 47.18
CA TRP KA 43 -31.57 -52.20 47.23
C TRP KA 43 -30.40 -51.47 46.59
N ARG KA 44 -29.21 -52.04 46.64
CA ARG KA 44 -28.04 -51.39 46.09
C ARG KA 44 -28.12 -51.34 44.57
N ARG KA 45 -28.55 -52.43 43.95
CA ARG KA 45 -28.64 -52.53 42.47
C ARG KA 45 -30.05 -52.89 42.03
N THR KA 46 -30.63 -52.04 41.19
CA THR KA 46 -32.05 -52.10 40.77
C THR KA 46 -32.90 -51.32 41.77
N LYS KA 47 -33.60 -50.31 41.26
CA LYS KA 47 -34.00 -49.20 42.11
C LYS KA 47 -35.48 -48.78 42.03
N LEU KA 48 -36.38 -49.69 42.37
CA LEU KA 48 -37.80 -49.36 42.60
C LEU KA 48 -38.52 -48.66 41.45
N GLY KA 49 -39.85 -48.74 41.48
CA GLY KA 49 -40.72 -48.07 40.50
C GLY KA 49 -40.86 -46.60 40.84
N LEU KA 50 -39.71 -45.94 40.94
CA LEU KA 50 -39.57 -44.65 41.60
C LEU KA 50 -38.16 -44.13 41.30
N ILE LA 1 74.57 -21.90 -13.41
CA ILE LA 1 73.23 -22.47 -13.03
C ILE LA 1 73.12 -23.98 -13.30
N ILE LA 2 73.32 -24.40 -14.56
CA ILE LA 2 73.13 -25.79 -14.96
C ILE LA 2 73.77 -26.02 -16.35
N GLU LA 3 74.48 -27.12 -16.49
CA GLU LA 3 75.25 -27.41 -17.71
C GLU LA 3 74.28 -27.81 -18.84
N PRO LA 4 74.37 -27.15 -20.02
CA PRO LA 4 73.37 -27.30 -21.10
C PRO LA 4 73.09 -28.73 -21.58
N SER LA 5 74.13 -29.52 -21.81
CA SER LA 5 73.94 -30.91 -22.23
C SER LA 5 73.27 -31.72 -21.12
N LEU LA 6 73.66 -31.44 -19.88
CA LEU LA 6 73.05 -32.08 -18.71
C LEU LA 6 71.58 -31.74 -18.59
N ARG LA 7 71.26 -30.48 -18.89
CA ARG LA 7 69.89 -29.97 -18.86
C ARG LA 7 69.01 -30.65 -19.90
N GLN LA 8 69.50 -30.73 -21.13
CA GLN LA 8 68.73 -31.37 -22.21
C GLN LA 8 68.55 -32.88 -21.95
N LEU LA 9 69.50 -33.50 -21.28
CA LEU LA 9 69.37 -34.88 -20.82
C LEU LA 9 68.17 -35.01 -19.88
N ALA LA 10 68.06 -34.11 -18.92
CA ALA LA 10 66.92 -34.10 -17.99
C ALA LA 10 65.60 -33.75 -18.70
N GLN LA 11 65.67 -32.83 -19.66
CA GLN LA 11 64.52 -32.46 -20.50
C GLN LA 11 63.91 -33.64 -21.23
N LYS LA 12 64.77 -34.43 -21.89
CA LYS LA 12 64.36 -35.63 -22.62
C LYS LA 12 63.41 -36.48 -21.80
N TYR LA 13 63.69 -36.61 -20.51
CA TYR LA 13 62.87 -37.40 -19.60
C TYR LA 13 61.61 -36.69 -19.05
N ASN LA 14 61.66 -35.36 -18.87
CA ASN LA 14 60.53 -34.60 -18.26
C ASN LA 14 59.74 -33.66 -19.18
N CYS LA 15 60.29 -33.29 -20.34
CA CYS LA 15 59.75 -32.21 -21.18
C CYS LA 15 59.37 -32.55 -22.64
N ASP LA 16 60.15 -33.42 -23.29
CA ASP LA 16 59.96 -33.70 -24.72
C ASP LA 16 59.02 -34.92 -24.87
N LYS LA 17 57.74 -34.66 -24.65
CA LYS LA 17 56.72 -35.70 -24.53
C LYS LA 17 55.45 -35.25 -25.26
N MET LA 18 54.70 -36.21 -25.79
CA MET LA 18 53.32 -35.95 -26.23
C MET LA 18 52.36 -36.13 -25.08
N ILE LA 19 51.23 -35.45 -25.17
CA ILE LA 19 50.21 -35.52 -24.15
C ILE LA 19 48.85 -35.77 -24.80
N CYS LA 20 48.10 -36.69 -24.23
CA CYS LA 20 46.81 -37.08 -24.80
C CYS LA 20 45.79 -36.00 -24.54
N ARG LA 21 44.99 -35.71 -25.55
CA ARG LA 21 43.99 -34.64 -25.48
C ARG LA 21 42.76 -35.08 -24.71
N LYS LA 22 42.52 -36.38 -24.66
CA LYS LA 22 41.35 -36.94 -23.98
C LYS LA 22 41.65 -37.15 -22.48
N CYS LA 23 42.74 -37.83 -22.17
CA CYS LA 23 43.03 -38.28 -20.80
C CYS LA 23 44.25 -37.64 -20.11
N TYR LA 24 44.96 -36.73 -20.80
CA TYR LA 24 46.18 -36.09 -20.28
C TYR LA 24 47.40 -37.00 -20.13
N ALA LA 25 47.32 -38.23 -20.60
CA ALA LA 25 48.43 -39.15 -20.46
C ALA LA 25 49.71 -38.55 -21.03
N ARG LA 26 50.81 -38.79 -20.35
CA ARG LA 26 52.11 -38.31 -20.78
C ARG LA 26 52.75 -39.39 -21.62
N LEU LA 27 53.06 -39.07 -22.88
CA LEU LA 27 53.48 -40.06 -23.87
C LEU LA 27 54.83 -39.70 -24.48
N HIS LA 28 55.54 -40.72 -24.96
CA HIS LA 28 56.75 -40.51 -25.74
C HIS LA 28 56.50 -39.64 -26.97
N PRO LA 29 57.46 -38.78 -27.32
CA PRO LA 29 57.25 -37.76 -28.37
C PRO LA 29 57.08 -38.30 -29.79
N ARG LA 30 57.45 -39.55 -30.02
CA ARG LA 30 57.15 -40.20 -31.29
C ARG LA 30 55.65 -40.49 -31.44
N ALA LA 31 54.94 -40.66 -30.32
CA ALA LA 31 53.51 -41.05 -30.28
C ALA LA 31 52.59 -40.52 -31.38
N VAL LA 32 51.78 -41.44 -31.91
CA VAL LA 32 50.62 -41.09 -32.75
C VAL LA 32 49.30 -41.32 -32.02
N ASN LA 33 49.19 -42.42 -31.28
CA ASN LA 33 48.00 -42.78 -30.51
C ASN LA 33 48.35 -42.76 -29.05
N CYS LA 34 47.33 -42.76 -28.20
CA CYS LA 34 47.56 -42.82 -26.76
C CYS LA 34 47.93 -44.23 -26.32
N ARG LA 35 48.37 -44.31 -25.08
CA ARG LA 35 48.59 -45.57 -24.39
C ARG LA 35 47.25 -46.09 -23.94
N LYS LA 36 46.43 -45.18 -23.43
CA LYS LA 36 45.44 -45.50 -22.42
C LYS LA 36 44.16 -46.10 -22.97
N LYS LA 37 43.74 -47.20 -22.35
CA LYS LA 37 42.47 -47.85 -22.69
C LYS LA 37 41.28 -47.03 -22.22
N LYS LA 38 41.48 -46.19 -21.20
CA LYS LA 38 40.41 -45.32 -20.70
C LYS LA 38 39.88 -44.32 -21.73
N CYS LA 39 40.74 -43.92 -22.67
CA CYS LA 39 40.37 -42.99 -23.73
C CYS LA 39 40.25 -43.64 -25.12
N GLY LA 40 40.47 -44.96 -25.18
CA GLY LA 40 40.34 -45.74 -26.41
C GLY LA 40 41.42 -45.46 -27.43
N HIS LA 41 42.65 -45.24 -26.96
CA HIS LA 41 43.78 -44.97 -27.83
C HIS LA 41 43.51 -43.79 -28.77
N THR LA 42 43.11 -42.67 -28.16
CA THR LA 42 42.47 -41.55 -28.84
C THR LA 42 43.07 -41.09 -30.16
N ASN LA 43 44.37 -40.87 -30.18
CA ASN LA 43 45.07 -40.23 -31.31
C ASN LA 43 44.99 -38.70 -31.38
N ASN LA 44 44.03 -38.08 -30.68
CA ASN LA 44 44.14 -36.66 -30.34
C ASN LA 44 45.29 -36.46 -29.35
N LEU LA 45 46.45 -36.11 -29.87
CA LEU LA 45 47.61 -35.81 -29.03
C LEU LA 45 48.05 -34.38 -29.27
N ARG LA 46 48.70 -33.82 -28.26
CA ARG LA 46 49.32 -32.51 -28.36
C ARG LA 46 50.68 -32.56 -27.68
N PRO LA 47 51.58 -31.62 -28.03
CA PRO LA 47 52.85 -31.57 -27.31
C PRO LA 47 52.72 -30.96 -25.93
N LYS LA 48 53.57 -31.42 -25.01
CA LYS LA 48 53.67 -30.83 -23.68
C LYS LA 48 54.24 -29.42 -23.81
N LYS LA 49 53.56 -28.47 -23.18
CA LYS LA 49 53.87 -27.06 -23.37
C LYS LA 49 55.23 -26.75 -22.79
N LYS LA 50 56.07 -26.08 -23.57
CA LYS LA 50 57.44 -25.80 -23.15
C LYS LA 50 57.44 -24.60 -22.20
N VAL LA 51 58.29 -24.65 -21.19
CA VAL LA 51 58.49 -23.51 -20.30
C VAL LA 51 59.19 -22.38 -21.09
N LYS LA 52 58.60 -21.19 -21.07
CA LYS LA 52 59.10 -20.05 -21.86
C LYS LA 52 60.32 -19.41 -21.18
N ARG MA 1 -0.49 39.52 4.46
CA ARG MA 1 -1.38 40.24 5.44
C ARG MA 1 -1.26 39.68 6.85
N ALA MA 2 -1.06 40.56 7.84
CA ALA MA 2 -0.73 40.13 9.19
C ALA MA 2 -1.70 39.10 9.76
N LYS MA 3 -2.98 39.40 9.68
CA LYS MA 3 -4.05 38.49 10.15
C LYS MA 3 -3.94 37.09 9.56
N TRP MA 4 -3.67 37.01 8.26
CA TRP MA 4 -3.49 35.71 7.60
C TRP MA 4 -2.13 35.12 7.88
N ARG MA 5 -1.14 35.96 8.17
CA ARG MA 5 0.15 35.44 8.63
C ARG MA 5 0.02 34.80 10.00
N LYS MA 6 -0.76 35.40 10.88
CA LYS MA 6 -1.03 34.79 12.18
C LYS MA 6 -1.79 33.48 12.05
N LYS MA 7 -2.79 33.47 11.16
CA LYS MA 7 -3.59 32.26 10.93
C LYS MA 7 -2.76 31.12 10.38
N ARG MA 8 -1.91 31.44 9.42
CA ARG MA 8 -0.91 30.51 8.90
C ARG MA 8 -0.06 29.95 10.05
N MET MA 9 0.41 30.83 10.91
CA MET MA 9 1.23 30.43 12.05
C MET MA 9 0.52 29.57 13.06
N ARG MA 10 -0.74 29.87 13.34
CA ARG MA 10 -1.56 29.07 14.27
C ARG MA 10 -1.96 27.70 13.71
N ARG MA 11 -2.03 27.56 12.40
CA ARG MA 11 -2.20 26.25 11.77
C ARG MA 11 -0.93 25.42 11.84
N LEU MA 12 0.19 26.05 11.53
CA LEU MA 12 1.49 25.41 11.59
C LEU MA 12 1.85 24.95 12.99
N LYS MA 13 1.57 25.77 14.01
CA LYS MA 13 1.73 25.36 15.40
C LYS MA 13 0.86 24.16 15.73
N ARG MA 14 -0.38 24.19 15.25
CA ARG MA 14 -1.32 23.08 15.43
C ARG MA 14 -0.78 21.76 14.89
N LYS MA 15 -0.12 21.81 13.74
CA LYS MA 15 0.53 20.64 13.16
C LYS MA 15 1.71 20.21 14.02
N ARG MA 16 2.53 21.16 14.44
CA ARG MA 16 3.69 20.85 15.28
C ARG MA 16 3.26 20.11 16.54
N ARG MA 17 2.23 20.62 17.22
CA ARG MA 17 1.67 19.95 18.40
C ARG MA 17 1.35 18.50 18.08
N LYS MA 18 0.66 18.28 16.96
CA LYS MA 18 0.26 16.95 16.53
C LYS MA 18 1.47 16.06 16.31
N MET MA 19 2.49 16.59 15.64
CA MET MA 19 3.72 15.86 15.38
C MET MA 19 4.44 15.44 16.64
N ARG MA 20 4.51 16.35 17.59
CA ARG MA 20 5.21 16.07 18.81
C ARG MA 20 4.41 15.13 19.72
N GLN MA 21 3.08 15.15 19.60
CA GLN MA 21 2.22 14.22 20.35
C GLN MA 21 2.43 12.75 19.94
N ARG MA 22 2.89 12.53 18.70
CA ARG MA 22 3.26 11.18 18.24
C ARG MA 22 4.41 10.58 19.05
N SER MA 23 5.31 11.43 19.55
CA SER MA 23 6.43 11.02 20.38
C SER MA 23 6.20 11.36 21.85
N VAL NA 1 -38.38 -10.80 -47.24
CA VAL NA 1 -38.89 -11.19 -48.59
C VAL NA 1 -40.08 -10.36 -49.02
N ASN NA 2 -40.37 -10.44 -50.31
CA ASN NA 2 -41.46 -9.71 -50.93
C ASN NA 2 -42.29 -10.71 -51.68
N VAL NA 3 -43.61 -10.62 -51.53
CA VAL NA 3 -44.55 -11.39 -52.36
C VAL NA 3 -45.58 -10.44 -52.95
N PRO NA 4 -46.13 -10.78 -54.11
CA PRO NA 4 -47.11 -9.90 -54.74
C PRO NA 4 -48.51 -10.14 -54.20
N LYS NA 5 -49.33 -9.10 -54.19
CA LYS NA 5 -50.65 -9.16 -53.56
C LYS NA 5 -51.70 -9.93 -54.35
N THR NA 6 -51.40 -10.25 -55.61
CA THR NA 6 -52.23 -11.15 -56.42
C THR NA 6 -51.44 -12.37 -56.87
N ARG NA 7 -52.17 -13.46 -57.07
CA ARG NA 7 -51.56 -14.78 -57.20
C ARG NA 7 -52.52 -15.67 -57.95
N ARG NA 8 -52.20 -15.95 -59.22
CA ARG NA 8 -53.04 -16.84 -60.01
C ARG NA 8 -52.66 -18.28 -59.76
N THR NA 9 -53.37 -18.92 -58.82
CA THR NA 9 -53.03 -20.26 -58.38
C THR NA 9 -54.30 -21.12 -58.25
N PHE NA 10 -54.16 -22.33 -57.72
CA PHE NA 10 -55.26 -23.29 -57.66
C PHE NA 10 -56.35 -22.89 -56.66
N CYS NA 11 -57.60 -23.07 -57.08
CA CYS NA 11 -58.78 -22.85 -56.23
C CYS NA 11 -59.51 -24.16 -56.13
N LYS NA 12 -59.43 -24.80 -54.97
CA LYS NA 12 -60.05 -26.12 -54.74
C LYS NA 12 -61.54 -26.16 -55.10
N LYS NA 13 -62.29 -25.16 -54.63
CA LYS NA 13 -63.75 -25.19 -54.74
C LYS NA 13 -64.20 -25.10 -56.18
N CYS NA 14 -63.60 -24.20 -56.95
CA CYS NA 14 -63.88 -24.09 -58.39
C CYS NA 14 -63.27 -25.26 -59.16
N GLY NA 15 -62.03 -25.64 -58.81
CA GLY NA 15 -61.31 -26.72 -59.49
C GLY NA 15 -60.21 -26.25 -60.42
N LYS NA 16 -60.36 -25.05 -60.98
CA LYS NA 16 -59.38 -24.49 -61.89
C LYS NA 16 -58.28 -23.80 -61.12
N HIS NA 17 -57.36 -23.22 -61.88
CA HIS NA 17 -56.60 -22.05 -61.44
C HIS NA 17 -57.49 -20.82 -61.44
N GLN NA 18 -57.09 -19.83 -60.66
CA GLN NA 18 -57.83 -18.56 -60.55
C GLN NA 18 -56.99 -17.53 -59.79
N PRO NA 19 -57.28 -16.25 -60.00
CA PRO NA 19 -56.59 -15.23 -59.22
C PRO NA 19 -57.04 -15.26 -57.78
N HIS NA 20 -56.09 -15.21 -56.85
CA HIS NA 20 -56.40 -15.08 -55.44
C HIS NA 20 -55.83 -13.79 -54.90
N LYS NA 21 -56.51 -13.29 -53.88
CA LYS NA 21 -56.04 -12.17 -53.12
C LYS NA 21 -55.19 -12.76 -52.01
N VAL NA 22 -54.00 -12.20 -51.82
CA VAL NA 22 -53.06 -12.67 -50.81
C VAL NA 22 -53.01 -11.69 -49.63
N THR NA 23 -52.81 -12.24 -48.44
CA THR NA 23 -52.65 -11.45 -47.22
C THR NA 23 -52.08 -12.33 -46.15
N GLN NA 24 -51.18 -11.80 -45.33
CA GLN NA 24 -50.51 -12.63 -44.34
C GLN NA 24 -51.41 -12.90 -43.13
N TYR NA 25 -51.27 -14.10 -42.58
CA TYR NA 25 -52.20 -14.67 -41.61
C TYR NA 25 -51.87 -14.20 -40.20
N LYS NA 26 -52.86 -14.29 -39.30
CA LYS NA 26 -52.67 -13.99 -37.88
C LYS NA 26 -53.50 -14.91 -36.99
N LYS NA 27 -53.01 -15.12 -35.77
CA LYS NA 27 -53.77 -15.88 -34.77
C LYS NA 27 -55.04 -15.15 -34.38
N GLY NA 28 -56.13 -15.89 -34.22
CA GLY NA 28 -57.37 -15.33 -33.68
C GLY NA 28 -57.28 -15.20 -32.17
N LYS NA 29 -58.25 -14.52 -31.56
CA LYS NA 29 -58.40 -14.49 -30.10
C LYS NA 29 -58.74 -15.90 -29.60
N ASP NA 30 -58.36 -16.18 -28.35
CA ASP NA 30 -58.26 -17.56 -27.87
C ASP NA 30 -59.50 -18.08 -27.14
N SER NA 31 -60.62 -18.08 -27.87
CA SER NA 31 -61.94 -18.54 -27.42
C SER NA 31 -62.34 -18.19 -25.98
N LEU NA 32 -61.75 -18.91 -25.01
CA LEU NA 32 -62.16 -18.96 -23.60
C LEU NA 32 -63.10 -20.16 -23.34
N TYR NA 33 -63.91 -20.54 -24.32
CA TYR NA 33 -64.75 -21.72 -24.21
C TYR NA 33 -64.37 -22.82 -25.18
N ALA NA 34 -63.11 -22.90 -25.56
CA ALA NA 34 -62.61 -24.10 -26.23
C ALA NA 34 -62.46 -25.18 -25.17
N GLN NA 35 -62.48 -26.44 -25.55
CA GLN NA 35 -62.41 -27.51 -24.57
C GLN NA 35 -61.15 -27.38 -23.77
N GLY NA 36 -60.04 -27.13 -24.46
CA GLY NA 36 -58.77 -26.94 -23.80
C GLY NA 36 -58.84 -25.89 -22.71
N LYS NA 37 -59.19 -24.67 -23.11
CA LYS NA 37 -59.18 -23.57 -22.16
C LYS NA 37 -60.04 -23.83 -20.97
N ARG NA 38 -61.23 -24.35 -21.23
CA ARG NA 38 -62.12 -24.77 -20.17
C ARG NA 38 -61.47 -25.80 -19.27
N ARG NA 39 -60.76 -26.75 -19.86
CA ARG NA 39 -60.08 -27.78 -19.09
C ARG NA 39 -58.98 -27.17 -18.24
N TYR NA 40 -58.23 -26.22 -18.80
CA TYR NA 40 -57.14 -25.59 -18.07
C TYR NA 40 -57.67 -24.79 -16.93
N ASP NA 41 -58.66 -23.96 -17.19
CA ASP NA 41 -59.18 -23.08 -16.16
C ASP NA 41 -59.68 -23.82 -14.92
N ARG NA 42 -60.37 -24.94 -15.09
CA ARG NA 42 -60.87 -25.67 -13.92
C ARG NA 42 -59.88 -26.69 -13.37
N LYS NA 43 -58.71 -26.78 -13.98
CA LYS NA 43 -57.55 -27.42 -13.36
C LYS NA 43 -56.79 -26.36 -12.58
N GLN NA 44 -56.40 -25.32 -13.29
CA GLN NA 44 -55.68 -24.18 -12.72
C GLN NA 44 -56.40 -23.53 -11.53
N SER NA 45 -57.71 -23.70 -11.43
CA SER NA 45 -58.49 -23.25 -10.26
C SER NA 45 -58.09 -23.88 -8.94
N GLY NA 46 -58.48 -23.23 -7.86
CA GLY NA 46 -58.21 -23.72 -6.51
C GLY NA 46 -56.78 -23.50 -6.11
N TYR NA 47 -56.29 -24.33 -5.19
CA TYR NA 47 -54.89 -24.31 -4.80
C TYR NA 47 -54.09 -25.27 -5.67
N GLY NA 48 -52.78 -25.31 -5.45
CA GLY NA 48 -51.85 -26.12 -6.26
C GLY NA 48 -50.83 -25.30 -7.03
N GLY NA 49 -51.12 -24.02 -7.24
CA GLY NA 49 -50.27 -23.16 -8.04
C GLY NA 49 -50.51 -23.40 -9.51
N GLN NA 50 -49.42 -23.44 -10.29
CA GLN NA 50 -49.54 -23.76 -11.71
C GLN NA 50 -49.38 -25.24 -11.99
N THR NA 51 -50.22 -25.71 -12.90
CA THR NA 51 -50.45 -27.12 -13.12
C THR NA 51 -49.81 -27.66 -14.38
N LYS NA 52 -50.02 -26.96 -15.49
CA LYS NA 52 -49.36 -27.31 -16.75
C LYS NA 52 -48.04 -26.51 -16.82
N PRO NA 53 -47.18 -26.79 -17.81
CA PRO NA 53 -45.91 -26.09 -17.95
C PRO NA 53 -45.99 -24.73 -18.62
N ILE NA 54 -44.97 -23.90 -18.44
CA ILE NA 54 -44.89 -22.59 -19.08
C ILE NA 54 -43.55 -22.51 -19.80
N PHE NA 55 -43.59 -22.29 -21.10
CA PHE NA 55 -42.41 -22.32 -21.93
C PHE NA 55 -41.55 -21.08 -21.71
N ARG NA 56 -40.34 -21.29 -21.18
CA ARG NA 56 -39.42 -20.19 -20.87
C ARG NA 56 -38.04 -20.50 -21.43
N LYS NA 57 -37.98 -20.79 -22.74
CA LYS NA 57 -36.70 -21.21 -23.36
C LYS NA 57 -36.68 -21.01 -24.87
N LYS NA 58 -37.08 -19.81 -25.29
CA LYS NA 58 -37.22 -19.48 -26.72
C LYS NA 58 -35.91 -19.70 -27.47
N ALA NA 59 -36.02 -20.31 -28.65
CA ALA NA 59 -34.84 -20.65 -29.46
C ALA NA 59 -34.81 -19.86 -30.75
N LYS NA 60 -35.85 -19.98 -31.56
CA LYS NA 60 -35.89 -19.30 -32.86
C LYS NA 60 -36.40 -17.88 -32.78
N THR NA 61 -36.06 -17.11 -33.81
CA THR NA 61 -36.27 -15.68 -33.87
C THR NA 61 -37.07 -15.29 -35.10
N THR NA 62 -38.00 -16.15 -35.50
CA THR NA 62 -38.82 -15.92 -36.69
C THR NA 62 -39.90 -16.99 -36.83
N LYS NA 63 -41.01 -16.62 -37.44
CA LYS NA 63 -42.11 -17.54 -37.70
C LYS NA 63 -42.16 -17.84 -39.18
N LYS NA 64 -42.63 -19.03 -39.51
CA LYS NA 64 -42.95 -19.38 -40.88
C LYS NA 64 -44.14 -18.52 -41.26
N ILE NA 65 -43.96 -17.67 -42.28
CA ILE NA 65 -45.05 -16.77 -42.69
C ILE NA 65 -46.10 -17.58 -43.45
N VAL NA 66 -47.35 -17.20 -43.30
CA VAL NA 66 -48.47 -17.90 -43.90
C VAL NA 66 -49.35 -16.92 -44.63
N LEU NA 67 -49.59 -17.21 -45.89
CA LEU NA 67 -50.46 -16.41 -46.72
C LEU NA 67 -51.86 -16.97 -46.64
N ARG NA 68 -52.84 -16.08 -46.69
CA ARG NA 68 -54.23 -16.45 -46.65
C ARG NA 68 -54.81 -16.15 -48.02
N LEU NA 69 -54.76 -17.16 -48.88
CA LEU NA 69 -55.22 -17.04 -50.26
C LEU NA 69 -56.74 -17.08 -50.35
N GLU NA 70 -57.33 -15.94 -50.68
CA GLU NA 70 -58.76 -15.80 -50.85
C GLU NA 70 -59.06 -15.72 -52.34
N CYS NA 71 -59.98 -16.55 -52.81
CA CYS NA 71 -60.31 -16.62 -54.23
C CYS NA 71 -61.11 -15.40 -54.65
N VAL NA 72 -60.81 -14.87 -55.83
CA VAL NA 72 -61.39 -13.60 -56.27
C VAL NA 72 -62.78 -13.79 -56.89
N GLU NA 73 -62.94 -14.82 -57.71
CA GLU NA 73 -64.23 -15.10 -58.34
C GLU NA 73 -65.32 -15.25 -57.28
N PRO NA 74 -66.40 -14.45 -57.38
CA PRO NA 74 -67.49 -14.57 -56.41
C PRO NA 74 -68.33 -15.80 -56.68
N ASN NA 75 -69.25 -16.08 -55.75
CA ASN NA 75 -69.89 -17.40 -55.64
C ASN NA 75 -68.84 -18.46 -55.28
N CYS NA 76 -67.89 -18.08 -54.44
CA CYS NA 76 -66.80 -18.98 -54.02
C CYS NA 76 -66.07 -18.35 -52.82
N ARG NA 77 -65.17 -17.41 -53.09
CA ARG NA 77 -64.44 -16.67 -52.06
C ARG NA 77 -63.74 -17.58 -51.03
N SER NA 78 -63.28 -18.74 -51.49
CA SER NA 78 -62.77 -19.78 -50.60
C SER NA 78 -61.37 -19.45 -50.13
N LYS NA 79 -61.22 -19.18 -48.84
CA LYS NA 79 -59.91 -18.87 -48.27
C LYS NA 79 -59.05 -20.14 -48.17
N ARG NA 80 -57.75 -19.95 -47.90
CA ARG NA 80 -56.79 -21.07 -47.94
C ARG NA 80 -55.42 -20.70 -47.35
N MET NA 81 -54.93 -21.52 -46.41
CA MET NA 81 -53.61 -21.30 -45.79
C MET NA 81 -52.49 -21.77 -46.70
N LEU NA 82 -51.50 -20.91 -46.92
CA LEU NA 82 -50.38 -21.22 -47.81
C LEU NA 82 -49.07 -20.79 -47.16
N ALA NA 83 -48.35 -21.76 -46.61
CA ALA NA 83 -47.14 -21.47 -45.87
C ALA NA 83 -45.95 -21.16 -46.77
N ILE NA 84 -44.97 -20.46 -46.21
CA ILE NA 84 -43.72 -20.08 -46.88
C ILE NA 84 -42.60 -20.26 -45.85
N LYS NA 85 -41.36 -20.39 -46.34
CA LYS NA 85 -40.19 -20.53 -45.45
C LYS NA 85 -40.01 -19.35 -44.48
N ARG NA 86 -39.21 -19.58 -43.44
CA ARG NA 86 -38.92 -18.57 -42.41
C ARG NA 86 -38.18 -17.38 -42.97
N CYS NA 87 -38.44 -16.21 -42.39
CA CYS NA 87 -37.75 -14.99 -42.79
C CYS NA 87 -38.00 -13.88 -41.78
N LYS NA 88 -36.92 -13.21 -41.36
CA LYS NA 88 -37.05 -12.07 -40.45
C LYS NA 88 -37.19 -10.74 -41.21
N HIS NA 89 -37.71 -10.81 -42.43
CA HIS NA 89 -38.31 -9.66 -43.07
C HIS NA 89 -39.37 -10.18 -44.04
N PHE NA 90 -40.56 -9.58 -44.01
CA PHE NA 90 -41.63 -9.94 -44.94
C PHE NA 90 -42.39 -8.68 -45.36
N GLU NA 91 -42.93 -8.69 -46.58
CA GLU NA 91 -43.82 -7.63 -47.06
C GLU NA 91 -44.61 -8.13 -48.25
N LEU NA 92 -45.66 -7.39 -48.62
CA LEU NA 92 -46.44 -7.70 -49.81
C LEU NA 92 -46.47 -6.51 -50.75
N GLY NA 93 -46.07 -6.74 -52.00
CA GLY NA 93 -46.14 -5.73 -53.05
C GLY NA 93 -45.26 -4.51 -52.83
N GLY NA 94 -44.05 -4.74 -52.31
CA GLY NA 94 -43.10 -3.66 -52.00
C GLY NA 94 -42.14 -3.42 -53.15
N ASP NA 95 -42.68 -2.91 -54.27
CA ASP NA 95 -41.92 -2.63 -55.49
C ASP NA 95 -41.35 -3.87 -56.20
N LYS NA 96 -40.79 -3.66 -57.39
CA LYS NA 96 -40.27 -4.74 -58.24
C LYS NA 96 -38.73 -4.75 -58.41
N LYS NA 97 -38.02 -4.14 -57.46
CA LYS NA 97 -36.54 -4.15 -57.37
C LYS NA 97 -35.67 -3.52 -58.49
N ARG NA 98 -36.07 -3.66 -59.76
CA ARG NA 98 -35.50 -2.93 -60.91
C ARG NA 98 -34.07 -3.33 -61.29
N LYS NA 99 -33.94 -4.17 -62.31
CA LYS NA 99 -32.63 -4.57 -62.84
C LYS NA 99 -31.99 -3.44 -63.65
N GLY NA 100 -30.68 -3.28 -63.49
CA GLY NA 100 -29.88 -2.35 -64.31
C GLY NA 100 -30.17 -0.88 -64.08
N GLN NA 101 -29.96 -0.44 -62.84
CA GLN NA 101 -30.25 0.94 -62.44
C GLN NA 101 -29.15 1.47 -61.53
N VAL NA 102 -29.24 2.76 -61.20
CA VAL NA 102 -28.23 3.44 -60.40
C VAL NA 102 -28.56 3.27 -58.91
N ILE NA 103 -27.54 3.01 -58.11
CA ILE NA 103 -27.66 2.98 -56.66
C ILE NA 103 -26.97 4.25 -56.13
N GLN NA 104 -27.59 4.90 -55.16
CA GLN NA 104 -27.19 6.25 -54.72
C GLN NA 104 -27.35 6.46 -53.21
N ALA OA 1 -9.50 22.01 47.73
CA ALA OA 1 -8.64 20.98 47.04
C ALA OA 1 -7.63 20.35 48.00
N LYS OA 2 -8.14 19.69 49.04
CA LYS OA 2 -7.30 19.06 50.08
C LYS OA 2 -6.74 17.75 49.59
N ARG OA 3 -7.63 16.83 49.25
CA ARG OA 3 -7.26 15.47 48.87
C ARG OA 3 -7.13 15.29 47.38
N THR OA 4 -8.01 15.94 46.62
CA THR OA 4 -7.96 15.90 45.16
C THR OA 4 -8.02 17.30 44.58
N LYS OA 5 -7.46 17.45 43.37
CA LYS OA 5 -7.56 18.69 42.62
C LYS OA 5 -8.95 18.88 42.03
N LYS OA 6 -9.42 17.91 41.24
CA LYS OA 6 -10.64 18.10 40.47
C LYS OA 6 -11.37 16.80 40.11
N VAL OA 7 -11.63 15.99 41.12
CA VAL OA 7 -12.59 14.89 40.98
C VAL OA 7 -13.66 14.93 42.06
N GLY OA 8 -13.25 15.13 43.31
CA GLY OA 8 -14.18 15.25 44.41
C GLY OA 8 -15.05 14.02 44.55
N ILE OA 9 -16.35 14.26 44.70
CA ILE OA 9 -17.37 13.21 44.78
C ILE OA 9 -17.19 12.04 43.80
N VAL OA 10 -16.80 12.33 42.55
CA VAL OA 10 -16.64 11.27 41.54
C VAL OA 10 -15.26 10.64 41.45
N GLY OA 11 -14.45 10.83 42.49
CA GLY OA 11 -13.23 10.03 42.65
C GLY OA 11 -13.54 8.58 42.95
N LYS OA 12 -14.69 8.33 43.55
CA LYS OA 12 -15.13 6.97 43.82
C LYS OA 12 -15.08 6.05 42.59
N TYR OA 13 -15.43 6.60 41.44
CA TYR OA 13 -15.49 5.82 40.22
C TYR OA 13 -14.11 5.49 39.69
N GLY OA 14 -13.11 6.28 40.07
CA GLY OA 14 -11.74 5.99 39.73
C GLY OA 14 -11.43 6.36 38.31
N THR OA 15 -10.64 5.53 37.64
CA THR OA 15 -10.25 5.76 36.28
C THR OA 15 -11.39 5.63 35.25
N ARG OA 16 -12.41 4.85 35.62
CA ARG OA 16 -13.44 4.42 34.70
C ARG OA 16 -14.33 5.53 34.11
N TYR OA 17 -14.98 5.15 33.01
CA TYR OA 17 -16.18 5.77 32.46
C TYR OA 17 -15.93 7.00 31.60
N GLY OA 18 -14.69 7.48 31.55
CA GLY OA 18 -14.39 8.63 30.72
C GLY OA 18 -14.56 9.89 31.49
N ALA OA 19 -13.66 10.83 31.29
CA ALA OA 19 -13.61 12.02 32.10
C ALA OA 19 -14.89 12.83 31.99
N SER OA 20 -15.32 13.06 30.76
CA SER OA 20 -16.50 13.87 30.52
C SER OA 20 -17.70 13.34 31.29
N LEU OA 21 -17.92 12.03 31.25
CA LEU OA 21 -19.04 11.41 31.95
C LEU OA 21 -18.93 11.50 33.45
N ARG OA 22 -17.72 11.34 34.00
CA ARG OA 22 -17.52 11.57 35.44
C ARG OA 22 -17.80 13.00 35.82
N LYS OA 23 -17.30 13.94 35.02
CA LYS OA 23 -17.57 15.37 35.19
C LYS OA 23 -19.07 15.66 35.11
N MET OA 24 -19.71 15.05 34.13
CA MET OA 24 -21.15 15.21 33.95
C MET OA 24 -21.96 14.66 35.12
N VAL OA 25 -21.46 13.61 35.76
CA VAL OA 25 -22.08 13.04 36.95
C VAL OA 25 -21.84 13.91 38.18
N LYS OA 26 -20.64 14.50 38.29
CA LYS OA 26 -20.29 15.31 39.47
C LYS OA 26 -21.35 16.34 39.87
N LYS OA 27 -21.86 17.07 38.88
CA LYS OA 27 -22.89 18.06 39.10
C LYS OA 27 -24.08 17.43 39.83
N ILE OA 28 -24.55 16.30 39.29
CA ILE OA 28 -25.70 15.58 39.82
C ILE OA 28 -25.37 14.88 41.14
N GLU OA 29 -24.31 14.09 41.13
CA GLU OA 29 -23.93 13.27 42.29
C GLU OA 29 -23.68 14.08 43.56
N ILE OA 30 -23.37 15.37 43.42
CA ILE OA 30 -23.38 16.29 44.55
C ILE OA 30 -24.82 16.60 44.98
N SER OA 31 -25.57 17.19 44.06
CA SER OA 31 -26.91 17.70 44.34
C SER OA 31 -27.81 16.66 44.95
N GLN OA 32 -27.77 15.46 44.38
CA GLN OA 32 -28.67 14.41 44.84
C GLN OA 32 -28.43 13.92 46.27
N HIS OA 33 -27.20 14.07 46.75
CA HIS OA 33 -26.86 13.74 48.13
C HIS OA 33 -26.91 14.96 49.06
N ALA OA 34 -27.08 16.14 48.48
CA ALA OA 34 -27.07 17.40 49.22
C ALA OA 34 -28.28 17.50 50.13
N LYS OA 35 -28.03 17.94 51.37
CA LYS OA 35 -29.10 18.17 52.33
C LYS OA 35 -29.57 19.57 52.06
N TYR OA 36 -30.88 19.71 51.93
CA TYR OA 36 -31.51 20.98 51.66
C TYR OA 36 -32.29 21.41 52.88
N THR OA 37 -32.87 22.61 52.82
CA THR OA 37 -33.67 23.14 53.94
C THR OA 37 -35.17 22.90 53.77
N CYS OA 38 -35.72 22.12 54.71
CA CYS OA 38 -37.15 21.81 54.75
C CYS OA 38 -37.94 23.08 54.88
N SER OA 39 -38.51 23.53 53.75
CA SER OA 39 -39.31 24.74 53.71
C SER OA 39 -40.64 24.56 54.44
N PHE OA 40 -40.52 24.21 55.71
CA PHE OA 40 -41.64 23.83 56.55
C PHE OA 40 -41.17 24.08 57.97
N CYS OA 41 -40.10 23.39 58.39
CA CYS OA 41 -39.46 23.63 59.67
C CYS OA 41 -38.27 24.57 59.60
N GLY OA 42 -37.56 24.53 58.47
CA GLY OA 42 -36.38 25.36 58.27
C GLY OA 42 -35.09 24.80 58.85
N LYS OA 43 -35.08 23.51 59.15
CA LYS OA 43 -33.83 22.82 59.43
C LYS OA 43 -33.28 22.33 58.10
N THR OA 44 -31.97 22.15 58.05
CA THR OA 44 -31.28 21.70 56.85
C THR OA 44 -31.23 20.18 56.81
N LYS OA 45 -32.36 19.58 56.52
CA LYS OA 45 -32.52 18.13 56.61
C LYS OA 45 -33.31 17.43 55.48
N MET OA 46 -33.90 18.19 54.55
CA MET OA 46 -34.48 17.61 53.32
C MET OA 46 -33.41 16.83 52.61
N LYS OA 47 -33.71 15.59 52.29
CA LYS OA 47 -32.70 14.70 51.76
C LYS OA 47 -33.40 13.67 50.91
N ARG OA 48 -32.89 13.47 49.70
CA ARG OA 48 -33.50 12.59 48.74
C ARG OA 48 -33.57 11.20 49.37
N ARG OA 49 -34.77 10.63 49.38
CA ARG OA 49 -35.02 9.26 49.86
C ARG OA 49 -34.90 8.32 48.67
N ALA OA 50 -35.71 8.59 47.64
CA ALA OA 50 -35.62 7.90 46.36
C ALA OA 50 -35.87 8.92 45.24
N VAL OA 51 -35.91 8.49 43.99
CA VAL OA 51 -36.03 9.44 42.89
C VAL OA 51 -37.33 10.22 42.89
N GLY OA 52 -37.22 11.55 42.82
CA GLY OA 52 -38.38 12.44 42.76
C GLY OA 52 -39.06 12.69 44.10
N ILE OA 53 -38.49 12.17 45.19
CA ILE OA 53 -39.13 12.17 46.50
C ILE OA 53 -38.06 12.52 47.53
N TRP OA 54 -38.41 13.47 48.39
CA TRP OA 54 -37.49 14.08 49.35
C TRP OA 54 -38.16 14.15 50.68
N HIS OA 55 -37.41 13.87 51.75
CA HIS OA 55 -38.00 13.67 53.06
C HIS OA 55 -37.23 14.41 54.15
N CYS OA 56 -37.89 15.34 54.83
CA CYS OA 56 -37.27 16.04 55.96
C CYS OA 56 -37.30 15.14 57.17
N GLY OA 57 -36.15 14.98 57.81
CA GLY OA 57 -36.04 14.12 58.97
C GLY OA 57 -36.81 14.63 60.18
N SER OA 58 -36.76 15.92 60.39
CA SER OA 58 -37.39 16.54 61.54
C SER OA 58 -38.89 16.73 61.29
N CYS OA 59 -39.19 17.46 60.21
CA CYS OA 59 -40.55 17.75 59.77
C CYS OA 59 -41.36 16.46 59.54
N MET OA 60 -40.69 15.41 59.04
CA MET OA 60 -41.33 14.16 58.57
C MET OA 60 -42.22 14.33 57.33
N LYS OA 61 -41.95 15.41 56.59
CA LYS OA 61 -42.73 15.82 55.44
C LYS OA 61 -42.03 15.26 54.24
N THR OA 62 -42.71 14.38 53.53
CA THR OA 62 -42.20 13.87 52.26
C THR OA 62 -42.73 14.78 51.17
N VAL OA 63 -41.91 14.99 50.15
CA VAL OA 63 -42.15 16.00 49.14
C VAL OA 63 -41.81 15.47 47.77
N ALA OA 64 -42.79 15.47 46.87
CA ALA OA 64 -42.56 14.97 45.53
C ALA OA 64 -41.87 16.06 44.73
N GLY OA 65 -40.56 15.92 44.57
CA GLY OA 65 -39.73 16.91 43.87
C GLY OA 65 -39.08 16.33 42.64
N GLY OA 66 -37.92 16.87 42.31
CA GLY OA 66 -37.16 16.47 41.14
C GLY OA 66 -36.29 15.27 41.41
N ALA OA 67 -35.69 14.74 40.33
CA ALA OA 67 -34.94 13.50 40.41
C ALA OA 67 -33.62 13.66 41.14
N TRP OA 68 -32.89 14.72 40.80
CA TRP OA 68 -31.59 15.00 41.40
C TRP OA 68 -31.56 16.28 42.23
N THR OA 69 -32.69 16.96 42.34
CA THR OA 69 -32.78 18.22 43.06
C THR OA 69 -34.17 18.42 43.65
N TYR OA 70 -34.22 19.10 44.79
CA TYR OA 70 -35.46 19.30 45.52
C TYR OA 70 -36.48 20.02 44.64
N ASN OA 71 -36.01 20.96 43.83
CA ASN OA 71 -36.84 21.70 42.88
C ASN OA 71 -36.22 21.65 41.50
N THR OA 72 -36.99 21.21 40.51
CA THR OA 72 -36.57 21.44 39.12
C THR OA 72 -36.90 22.86 38.74
N THR OA 73 -36.21 23.36 37.72
CA THR OA 73 -36.50 24.68 37.18
C THR OA 73 -37.92 24.69 36.59
N SER OA 74 -38.21 23.68 35.79
CA SER OA 74 -39.52 23.56 35.14
C SER OA 74 -40.64 23.64 36.15
N ALA OA 75 -40.55 22.84 37.22
CA ALA OA 75 -41.56 22.85 38.27
C ALA OA 75 -41.83 24.26 38.74
N VAL OA 76 -40.76 24.99 39.03
CA VAL OA 76 -40.85 26.33 39.57
C VAL OA 76 -41.55 27.29 38.61
N THR OA 77 -41.09 27.32 37.37
CA THR OA 77 -41.67 28.23 36.38
C THR OA 77 -43.13 27.89 36.12
N VAL OA 78 -43.42 26.60 36.05
CA VAL OA 78 -44.79 26.12 35.93
C VAL OA 78 -45.61 26.55 37.14
N LYS OA 79 -45.05 26.41 38.32
CA LYS OA 79 -45.73 26.85 39.53
C LYS OA 79 -46.02 28.34 39.52
N SER OA 80 -45.10 29.12 39.00
CA SER OA 80 -45.33 30.56 38.85
C SER OA 80 -46.49 30.83 37.90
N ALA OA 81 -46.43 30.25 36.71
CA ALA OA 81 -47.46 30.43 35.69
C ALA OA 81 -48.86 30.08 36.20
N ILE OA 82 -48.99 28.91 36.83
CA ILE OA 82 -50.26 28.46 37.37
C ILE OA 82 -50.79 29.48 38.35
N ARG OA 83 -49.90 30.05 39.17
CA ARG OA 83 -50.31 31.07 40.13
C ARG OA 83 -50.77 32.34 39.44
N ARG OA 84 -50.13 32.68 38.33
CA ARG OA 84 -50.52 33.84 37.54
C ARG OA 84 -51.87 33.62 36.85
N LEU OA 85 -52.10 32.43 36.32
CA LEU OA 85 -53.38 32.10 35.68
C LEU OA 85 -54.54 32.07 36.67
N LYS OA 86 -54.29 31.53 37.85
CA LYS OA 86 -55.25 31.51 38.96
C LYS OA 86 -55.81 32.89 39.26
N GLU OA 87 -54.91 33.87 39.37
CA GLU OA 87 -55.28 35.25 39.70
C GLU OA 87 -56.01 35.94 38.55
N LEU OA 88 -55.64 35.61 37.32
CA LEU OA 88 -56.33 36.08 36.12
C LEU OA 88 -57.79 35.61 36.04
N LYS OA 89 -58.03 34.36 36.41
CA LYS OA 89 -59.37 33.77 36.33
C LYS OA 89 -60.33 34.38 37.35
N ASP OA 90 -60.01 34.24 38.63
CA ASP OA 90 -60.91 34.61 39.72
C ASP OA 90 -61.02 36.12 39.95
N GLN OA 91 -59.89 36.82 39.84
CA GLN OA 91 -59.80 38.27 40.11
C GLN OA 91 -60.15 38.62 41.57
N SER PA 1 -57.02 -104.83 -23.11
CA SER PA 1 -56.05 -105.76 -23.77
C SER PA 1 -54.84 -106.01 -22.90
N ALA PA 2 -53.88 -106.74 -23.44
CA ALA PA 2 -52.63 -107.01 -22.74
C ALA PA 2 -51.77 -105.76 -22.73
N HIS PA 3 -51.43 -105.30 -23.92
CA HIS PA 3 -50.53 -104.17 -24.05
C HIS PA 3 -51.04 -102.90 -23.42
N LEU PA 4 -52.34 -102.67 -23.46
CA LEU PA 4 -52.91 -101.50 -22.83
C LEU PA 4 -52.67 -101.50 -21.33
N GLN PA 5 -53.01 -102.60 -20.67
CA GLN PA 5 -52.85 -102.64 -19.22
C GLN PA 5 -51.38 -102.70 -18.80
N TRP PA 6 -50.50 -103.18 -19.67
CA TRP PA 6 -49.06 -102.99 -19.43
C TRP PA 6 -48.66 -101.52 -19.42
N MET PA 7 -49.21 -100.73 -20.32
CA MET PA 7 -48.94 -99.29 -20.32
C MET PA 7 -49.44 -98.61 -19.07
N VAL PA 8 -50.55 -99.11 -18.53
CA VAL PA 8 -51.08 -98.59 -17.27
C VAL PA 8 -50.16 -98.97 -16.11
N VAL PA 9 -49.68 -100.20 -16.12
CA VAL PA 9 -49.03 -100.82 -14.97
C VAL PA 9 -47.50 -100.75 -14.96
N ARG PA 10 -46.88 -100.66 -16.14
CA ARG PA 10 -45.40 -100.74 -16.29
C ARG PA 10 -44.53 -100.08 -15.23
N ASN PA 11 -44.98 -98.97 -14.67
CA ASN PA 11 -44.22 -98.24 -13.68
C ASN PA 11 -44.85 -98.10 -12.29
N CYS PA 12 -46.12 -98.43 -12.15
CA CYS PA 12 -46.87 -98.08 -10.95
C CYS PA 12 -47.29 -99.24 -10.03
N SER PA 13 -47.23 -100.48 -10.51
CA SER PA 13 -47.88 -101.60 -9.78
C SER PA 13 -47.29 -101.80 -8.40
N SER PA 14 -48.14 -102.25 -7.49
CA SER PA 14 -47.71 -102.56 -6.15
C SER PA 14 -46.66 -103.67 -6.17
N PHE PA 15 -46.82 -104.61 -7.09
CA PHE PA 15 -45.91 -105.73 -7.21
C PHE PA 15 -44.49 -105.34 -7.58
N LEU PA 16 -44.34 -104.25 -8.31
CA LEU PA 16 -43.03 -103.75 -8.74
C LEU PA 16 -42.21 -103.29 -7.57
N ILE PA 17 -40.91 -103.43 -7.72
CA ILE PA 17 -39.94 -103.11 -6.67
C ILE PA 17 -38.67 -102.66 -7.38
N LYS PA 18 -38.30 -101.41 -7.18
CA LYS PA 18 -37.10 -100.83 -7.77
C LYS PA 18 -35.99 -100.91 -6.72
N ARG PA 19 -35.33 -99.80 -6.37
CA ARG PA 19 -34.22 -99.82 -5.41
C ARG PA 19 -32.92 -100.45 -5.98
N ASN PA 20 -31.80 -99.82 -5.63
CA ASN PA 20 -30.47 -100.42 -5.76
C ASN PA 20 -30.03 -100.74 -7.20
N LYS PA 21 -30.58 -99.99 -8.15
CA LYS PA 21 -30.31 -100.09 -9.60
C LYS PA 21 -30.98 -101.23 -10.37
N GLN PA 22 -31.58 -102.18 -9.67
CA GLN PA 22 -32.33 -103.22 -10.35
C GLN PA 22 -33.78 -102.80 -10.31
N THR PA 23 -34.59 -103.59 -11.01
CA THR PA 23 -36.03 -103.55 -10.90
C THR PA 23 -36.44 -104.97 -10.76
N TYR PA 24 -37.55 -105.22 -10.10
CA TYR PA 24 -38.09 -106.57 -9.99
C TYR PA 24 -39.60 -106.50 -9.98
N SER PA 25 -40.24 -107.67 -9.96
CA SER PA 25 -41.69 -107.75 -9.94
C SER PA 25 -42.10 -109.00 -9.16
N THR PA 26 -42.92 -108.78 -8.13
CA THR PA 26 -43.32 -109.84 -7.23
C THR PA 26 -44.70 -110.41 -7.57
N GLU PA 27 -45.22 -110.10 -8.75
CA GLU PA 27 -46.57 -110.53 -9.09
C GLU PA 27 -46.53 -112.01 -9.36
N PRO PA 28 -47.57 -112.73 -8.92
CA PRO PA 28 -47.47 -114.18 -8.99
C PRO PA 28 -47.58 -114.68 -10.44
N ASN PA 29 -47.03 -115.87 -10.67
CA ASN PA 29 -46.92 -116.44 -12.01
C ASN PA 29 -46.06 -115.58 -12.96
N ASN PA 30 -45.11 -114.85 -12.39
CA ASN PA 30 -44.02 -114.28 -13.14
C ASN PA 30 -42.78 -115.03 -12.72
N LEU PA 31 -42.43 -115.98 -13.57
CA LEU PA 31 -41.18 -116.70 -13.45
C LEU PA 31 -40.09 -115.84 -14.06
N LYS PA 32 -39.01 -115.62 -13.28
CA LYS PA 32 -37.89 -114.72 -13.61
C LYS PA 32 -37.98 -113.34 -12.92
N ALA PA 33 -39.04 -113.11 -12.16
CA ALA PA 33 -39.18 -111.95 -11.26
C ALA PA 33 -38.97 -110.58 -11.91
N ARG PA 34 -39.22 -110.52 -13.22
CA ARG PA 34 -38.84 -109.36 -13.99
C ARG PA 34 -40.02 -108.43 -14.17
N ASN PA 35 -39.71 -107.14 -14.31
CA ASN PA 35 -40.70 -106.17 -14.74
C ASN PA 35 -40.56 -106.06 -16.22
N SER PA 36 -41.10 -107.05 -16.91
CA SER PA 36 -41.04 -107.12 -18.34
C SER PA 36 -42.46 -107.12 -18.87
N PHE PA 37 -42.62 -107.01 -20.18
CA PHE PA 37 -43.89 -107.38 -20.79
C PHE PA 37 -43.96 -108.90 -20.78
N ARG PA 38 -43.02 -109.54 -21.50
CA ARG PA 38 -42.97 -111.01 -21.62
C ARG PA 38 -43.33 -111.72 -20.32
N TYR PA 39 -42.61 -111.36 -19.26
CA TYR PA 39 -42.65 -112.08 -18.01
C TYR PA 39 -43.51 -111.36 -16.96
N ASN PA 40 -44.81 -111.40 -17.12
CA ASN PA 40 -45.70 -110.71 -16.19
C ASN PA 40 -47.04 -111.41 -16.07
N GLY PA 41 -47.27 -112.01 -14.90
CA GLY PA 41 -48.36 -112.98 -14.74
C GLY PA 41 -49.75 -112.43 -14.95
N LEU PA 42 -49.94 -111.17 -14.61
CA LEU PA 42 -51.28 -110.62 -14.53
C LEU PA 42 -51.87 -110.22 -15.88
N ILE PA 43 -51.02 -109.78 -16.79
CA ILE PA 43 -51.47 -109.14 -18.02
C ILE PA 43 -51.96 -110.11 -19.11
N HIS PA 44 -51.31 -111.26 -19.22
CA HIS PA 44 -51.40 -112.06 -20.44
C HIS PA 44 -52.58 -113.01 -20.42
N ARG PA 45 -53.14 -113.26 -21.59
CA ARG PA 45 -54.24 -114.19 -21.74
C ARG PA 45 -53.81 -115.59 -21.36
N LYS PA 46 -52.62 -115.98 -21.79
CA LYS PA 46 -52.03 -117.25 -21.38
C LYS PA 46 -50.74 -117.05 -20.59
N THR PA 47 -50.61 -117.76 -19.47
CA THR PA 47 -49.58 -117.52 -18.48
C THR PA 47 -49.06 -118.83 -17.91
N VAL PA 48 -47.77 -118.89 -17.63
CA VAL PA 48 -47.19 -120.03 -16.91
C VAL PA 48 -46.71 -119.50 -15.57
N GLY PA 49 -46.65 -120.39 -14.59
CA GLY PA 49 -46.10 -120.06 -13.28
C GLY PA 49 -45.62 -121.32 -12.60
N VAL PA 50 -44.38 -121.30 -12.13
CA VAL PA 50 -43.79 -122.45 -11.46
C VAL PA 50 -43.41 -122.07 -10.04
N GLU PA 51 -44.28 -122.42 -9.10
CA GLU PA 51 -44.02 -122.23 -7.69
C GLU PA 51 -43.52 -123.53 -7.09
N PRO PA 52 -42.96 -123.48 -5.88
CA PRO PA 52 -42.76 -124.71 -5.12
C PRO PA 52 -44.08 -125.22 -4.56
N ALA PA 53 -44.11 -126.52 -4.25
CA ALA PA 53 -45.25 -127.13 -3.59
C ALA PA 53 -45.24 -126.79 -2.09
N ALA PA 54 -46.44 -126.69 -1.51
CA ALA PA 54 -46.60 -126.39 -0.08
C ALA PA 54 -46.13 -127.53 0.84
N ASP PA 55 -46.11 -128.75 0.30
CA ASP PA 55 -45.58 -129.93 1.00
C ASP PA 55 -44.15 -129.70 1.51
N GLY PA 56 -43.33 -129.08 0.65
CA GLY PA 56 -41.89 -128.99 0.86
C GLY PA 56 -41.19 -129.77 -0.23
N LYS PA 57 -41.81 -130.88 -0.66
CA LYS PA 57 -41.32 -131.68 -1.77
C LYS PA 57 -42.07 -131.29 -3.01
N GLY PA 58 -41.35 -131.15 -4.12
CA GLY PA 58 -41.94 -130.93 -5.44
C GLY PA 58 -42.27 -129.50 -5.84
N VAL PA 59 -42.78 -129.38 -7.05
CA VAL PA 59 -43.02 -128.12 -7.74
C VAL PA 59 -44.48 -128.10 -8.16
N VAL PA 60 -45.08 -126.92 -8.27
CA VAL PA 60 -46.39 -126.79 -8.89
C VAL PA 60 -46.30 -125.90 -10.10
N VAL PA 61 -46.89 -126.36 -11.19
CA VAL PA 61 -47.03 -125.56 -12.39
C VAL PA 61 -48.41 -124.94 -12.33
N VAL PA 62 -48.53 -123.72 -12.84
CA VAL PA 62 -49.75 -122.96 -12.73
C VAL PA 62 -50.04 -122.35 -14.08
N MET PA 63 -50.99 -122.97 -14.78
CA MET PA 63 -51.36 -122.64 -16.15
C MET PA 63 -52.72 -121.95 -16.16
N LYS PA 64 -52.84 -120.86 -16.91
CA LYS PA 64 -54.03 -120.04 -16.92
C LYS PA 64 -54.97 -120.55 -17.99
N ARG PA 65 -56.27 -120.58 -17.71
CA ARG PA 65 -57.24 -121.19 -18.64
C ARG PA 65 -57.38 -120.49 -20.01
N ARG PA 66 -58.07 -119.35 -20.03
CA ARG PA 66 -58.57 -118.64 -21.24
C ARG PA 66 -60.09 -118.74 -21.30
N SER PA 67 -60.63 -119.88 -20.86
CA SER PA 67 -62.07 -120.09 -20.72
C SER PA 67 -62.79 -118.84 -20.23
N GLY PA 68 -62.35 -118.30 -19.10
CA GLY PA 68 -62.94 -117.08 -18.57
C GLY PA 68 -62.09 -116.40 -17.52
N GLN PA 69 -61.24 -115.47 -17.95
CA GLN PA 69 -60.65 -114.49 -17.04
C GLN PA 69 -61.56 -113.28 -17.04
N ARG PA 70 -61.70 -112.68 -15.87
CA ARG PA 70 -62.92 -111.99 -15.40
C ARG PA 70 -63.27 -112.70 -14.12
N LYS PA 71 -63.04 -114.02 -14.08
CA LYS PA 71 -63.46 -114.87 -12.97
C LYS PA 71 -62.25 -115.50 -12.27
N PRO PA 72 -61.42 -114.67 -11.60
CA PRO PA 72 -60.12 -115.13 -11.09
C PRO PA 72 -60.15 -116.35 -10.18
N ALA PA 73 -61.27 -116.61 -9.52
CA ALA PA 73 -61.43 -117.83 -8.74
C ALA PA 73 -61.17 -119.11 -9.56
N THR PA 74 -61.55 -119.08 -10.82
CA THR PA 74 -61.48 -120.25 -11.70
C THR PA 74 -60.36 -120.18 -12.72
N SER PA 75 -59.66 -119.05 -12.77
CA SER PA 75 -58.81 -118.71 -13.90
C SER PA 75 -57.58 -119.61 -13.98
N TYR PA 76 -56.85 -119.67 -12.88
CA TYR PA 76 -55.62 -120.43 -12.82
C TYR PA 76 -55.89 -121.85 -12.43
N VAL PA 77 -55.12 -122.77 -12.99
CA VAL PA 77 -55.27 -124.18 -12.69
C VAL PA 77 -53.89 -124.72 -12.33
N ARG PA 78 -53.82 -125.34 -11.16
CA ARG PA 78 -52.56 -125.73 -10.57
C ARG PA 78 -52.38 -127.22 -10.67
N THR PA 79 -51.13 -127.66 -10.56
CA THR PA 79 -50.78 -129.08 -10.71
C THR PA 79 -49.41 -129.38 -10.15
N THR PA 80 -49.40 -130.12 -9.06
CA THR PA 80 -48.17 -130.55 -8.42
C THR PA 80 -47.47 -131.61 -9.25
N ILE PA 81 -46.14 -131.49 -9.33
CA ILE PA 81 -45.29 -132.52 -9.90
C ILE PA 81 -44.23 -132.87 -8.87
N ASN PA 82 -44.30 -134.09 -8.36
CA ASN PA 82 -43.42 -134.56 -7.29
C ASN PA 82 -42.64 -135.79 -7.79
N LYS PA 83 -41.71 -135.52 -8.70
CA LYS PA 83 -41.03 -136.56 -9.48
C LYS PA 83 -39.51 -136.36 -9.54
N ASN PA 84 -38.84 -137.35 -10.10
CA ASN PA 84 -37.36 -137.41 -10.16
C ASN PA 84 -36.68 -136.37 -11.06
N ALA PA 85 -36.72 -135.10 -10.65
CA ALA PA 85 -35.95 -134.00 -11.27
C ALA PA 85 -35.99 -133.90 -12.80
N ARG PA 86 -35.33 -134.84 -13.46
CA ARG PA 86 -35.32 -134.93 -14.92
C ARG PA 86 -36.73 -135.02 -15.50
N ALA PA 87 -37.54 -135.90 -14.90
CA ALA PA 87 -38.93 -136.09 -15.33
C ALA PA 87 -39.76 -134.85 -15.05
N THR PA 88 -39.56 -134.26 -13.87
CA THR PA 88 -40.22 -133.01 -13.48
C THR PA 88 -40.04 -131.94 -14.53
N LEU PA 89 -38.82 -131.82 -15.02
CA LEU PA 89 -38.49 -130.86 -16.07
C LEU PA 89 -39.15 -131.22 -17.39
N SER PA 90 -39.12 -132.50 -17.75
CA SER PA 90 -39.79 -132.97 -18.96
C SER PA 90 -41.30 -132.79 -18.93
N SER PA 91 -41.90 -133.04 -17.77
CA SER PA 91 -43.32 -132.75 -17.56
C SER PA 91 -43.68 -131.28 -17.86
N ILE PA 92 -42.87 -130.37 -17.35
CA ILE PA 92 -43.07 -128.94 -17.57
C ILE PA 92 -42.75 -128.58 -19.01
N ARG PA 93 -41.72 -129.18 -19.56
CA ARG PA 93 -41.34 -128.94 -20.95
C ARG PA 93 -42.43 -129.29 -21.94
N HIS PA 94 -43.01 -130.47 -21.79
CA HIS PA 94 -44.14 -130.89 -22.62
C HIS PA 94 -45.27 -129.90 -22.46
N MET PA 95 -45.73 -129.75 -21.21
CA MET PA 95 -46.81 -128.82 -20.87
C MET PA 95 -46.74 -127.53 -21.66
N ILE PA 96 -45.54 -126.97 -21.81
CA ILE PA 96 -45.34 -125.71 -22.49
C ILE PA 96 -45.22 -125.89 -23.99
N ARG PA 97 -44.40 -126.85 -24.40
CA ARG PA 97 -44.06 -127.03 -25.80
C ARG PA 97 -45.17 -127.73 -26.57
N LYS PA 98 -45.54 -128.92 -26.13
CA LYS PA 98 -46.49 -129.76 -26.85
C LYS PA 98 -47.95 -129.29 -26.78
N ASN PA 99 -48.26 -128.40 -25.84
CA ASN PA 99 -49.52 -127.68 -25.82
C ASN PA 99 -49.51 -126.39 -26.66
N LYS PA 100 -48.32 -125.95 -27.08
CA LYS PA 100 -48.09 -124.65 -27.73
C LYS PA 100 -48.55 -123.49 -26.84
N TYR PA 101 -48.26 -123.60 -25.55
CA TYR PA 101 -48.74 -122.65 -24.56
C TYR PA 101 -47.58 -121.79 -24.10
N HIS PA 102 -47.55 -120.54 -24.56
CA HIS PA 102 -46.56 -119.55 -24.14
C HIS PA 102 -45.09 -119.97 -24.30
N PRO PA 103 -44.73 -120.52 -25.45
CA PRO PA 103 -43.42 -121.10 -25.66
C PRO PA 103 -42.27 -120.12 -25.43
N ASP PA 104 -42.60 -118.84 -25.34
CA ASP PA 104 -41.66 -117.82 -24.83
C ASP PA 104 -41.06 -118.26 -23.49
N LEU PA 105 -41.91 -118.75 -22.59
CA LEU PA 105 -41.47 -119.10 -21.25
C LEU PA 105 -40.68 -120.40 -21.17
N ARG PA 106 -41.04 -121.36 -22.03
CA ARG PA 106 -40.53 -122.74 -21.97
C ARG PA 106 -39.29 -122.95 -21.12
N MET PA 107 -38.21 -122.32 -21.53
CA MET PA 107 -36.93 -122.58 -20.92
C MET PA 107 -36.80 -121.88 -19.57
N ALA PA 108 -37.30 -120.65 -19.49
CA ALA PA 108 -37.38 -119.92 -18.23
C ALA PA 108 -38.15 -120.68 -17.16
N ALA PA 109 -39.24 -121.32 -17.56
CA ALA PA 109 -40.04 -122.14 -16.65
C ALA PA 109 -39.27 -123.35 -16.18
N ILE PA 110 -38.50 -123.93 -17.09
CA ILE PA 110 -37.64 -125.07 -16.78
C ILE PA 110 -36.54 -124.70 -15.79
N ARG PA 111 -35.91 -123.56 -16.03
CA ARG PA 111 -34.88 -123.07 -15.11
C ARG PA 111 -35.41 -122.83 -13.71
N ARG PA 112 -36.61 -122.27 -13.62
CA ARG PA 112 -37.22 -121.99 -12.32
C ARG PA 112 -37.44 -123.27 -11.57
N ALA PA 113 -38.12 -124.20 -12.23
CA ALA PA 113 -38.35 -125.54 -11.71
C ALA PA 113 -37.04 -126.12 -11.20
N SER PA 114 -36.00 -125.99 -12.01
CA SER PA 114 -34.69 -126.46 -11.64
C SER PA 114 -34.17 -125.81 -10.37
N ALA PA 115 -34.33 -124.49 -10.27
CA ALA PA 115 -33.92 -123.77 -9.06
C ALA PA 115 -34.77 -124.11 -7.84
N ILE PA 116 -36.06 -124.35 -8.05
CA ILE PA 116 -36.91 -124.77 -6.95
C ILE PA 116 -36.39 -126.11 -6.44
N LEU PA 117 -36.19 -127.05 -7.37
CA LEU PA 117 -35.75 -128.41 -7.02
C LEU PA 117 -34.41 -128.41 -6.29
N ARG PA 118 -33.50 -127.55 -6.73
CA ARG PA 118 -32.24 -127.37 -6.03
C ARG PA 118 -32.47 -126.91 -4.59
N SER PA 119 -33.41 -125.98 -4.41
CA SER PA 119 -33.70 -125.41 -3.10
C SER PA 119 -34.20 -126.41 -2.06
N GLN PA 120 -34.84 -127.49 -2.51
CA GLN PA 120 -35.42 -128.47 -1.60
C GLN PA 120 -34.68 -129.81 -1.63
N LYS PA 121 -33.53 -129.81 -0.95
CA LYS PA 121 -32.74 -131.01 -0.71
C LYS PA 121 -31.79 -130.75 0.45
N PRO PA 122 -31.13 -131.81 0.99
CA PRO PA 122 -30.09 -131.62 2.01
C PRO PA 122 -29.10 -130.53 1.63
N VAL PA 123 -28.90 -129.56 2.54
CA VAL PA 123 -28.31 -128.27 2.17
C VAL PA 123 -26.78 -128.30 1.91
N MET PA 124 -25.98 -128.64 2.93
CA MET PA 124 -24.53 -128.40 2.87
C MET PA 124 -23.83 -129.04 4.09
N VAL PA 125 -22.52 -128.80 4.23
CA VAL PA 125 -21.74 -129.22 5.41
C VAL PA 125 -22.24 -128.52 6.67
N ASP QA 1 54.89 -36.53 -63.39
CA ASP QA 1 56.10 -36.15 -62.58
C ASP QA 1 56.90 -37.39 -62.16
N ARG QA 2 58.22 -37.29 -62.29
CA ARG QA 2 59.17 -38.35 -61.90
C ARG QA 2 59.18 -39.60 -62.82
N ALA QA 3 58.52 -39.52 -63.98
CA ALA QA 3 58.76 -40.43 -65.10
C ALA QA 3 59.38 -39.64 -66.24
N THR QA 4 58.73 -38.55 -66.61
CA THR QA 4 59.25 -37.59 -67.58
C THR QA 4 60.51 -36.88 -67.08
N TRP QA 5 60.55 -36.55 -65.79
CA TRP QA 5 61.76 -35.96 -65.19
C TRP QA 5 62.92 -36.96 -65.21
N LYS QA 6 62.65 -38.20 -64.81
CA LYS QA 6 63.66 -39.27 -64.86
C LYS QA 6 64.24 -39.46 -66.25
N SER QA 7 63.37 -39.43 -67.27
CA SER QA 7 63.80 -39.52 -68.67
C SER QA 7 64.63 -38.29 -69.08
N ASN QA 8 64.20 -37.12 -68.62
CA ASN QA 8 64.94 -35.87 -68.86
C ASN QA 8 66.31 -35.87 -68.20
N TYR QA 9 66.41 -36.44 -66.99
CA TYR QA 9 67.70 -36.59 -66.30
C TYR QA 9 68.65 -37.53 -67.05
N PHE QA 10 68.12 -38.60 -67.63
CA PHE QA 10 68.92 -39.50 -68.47
C PHE QA 10 69.47 -38.75 -69.68
N LEU QA 11 68.64 -37.90 -70.30
CA LEU QA 11 69.05 -37.07 -71.44
C LEU QA 11 70.12 -36.03 -71.08
N LYS QA 12 70.08 -35.49 -69.86
CA LYS QA 12 71.08 -34.53 -69.40
C LYS QA 12 72.48 -35.14 -69.27
N ILE QA 13 72.56 -36.29 -68.59
CA ILE QA 13 73.85 -36.97 -68.36
C ILE QA 13 74.46 -37.53 -69.65
N ILE QA 14 73.64 -38.10 -70.54
CA ILE QA 14 74.13 -38.59 -71.85
C ILE QA 14 74.66 -37.47 -72.75
N GLN QA 15 73.95 -36.33 -72.77
CA GLN QA 15 74.37 -35.17 -73.57
C GLN QA 15 75.69 -34.59 -73.06
N LEU QA 16 75.82 -34.51 -71.74
CA LEU QA 16 77.08 -34.09 -71.10
C LEU QA 16 78.24 -35.04 -71.39
N LEU QA 17 77.96 -36.34 -71.40
CA LEU QA 17 78.96 -37.35 -71.77
C LEU QA 17 79.36 -37.27 -73.25
N ASP QA 18 78.39 -37.01 -74.13
CA ASP QA 18 78.66 -36.83 -75.56
C ASP QA 18 79.44 -35.55 -75.87
N ASP QA 19 79.13 -34.47 -75.14
CA ASP QA 19 79.78 -33.17 -75.33
C ASP QA 19 81.25 -33.22 -74.90
N TYR QA 20 81.48 -33.65 -73.66
CA TYR QA 20 82.80 -33.61 -73.04
C TYR QA 20 83.43 -35.00 -72.99
N PRO QA 21 84.69 -35.14 -73.46
CA PRO QA 21 85.43 -36.40 -73.32
C PRO QA 21 86.23 -36.53 -72.01
N LYS QA 22 85.93 -35.68 -71.03
CA LYS QA 22 86.71 -35.60 -69.79
C LYS QA 22 85.78 -35.21 -68.63
N CYS QA 23 85.83 -35.97 -67.54
CA CYS QA 23 85.00 -35.75 -66.37
C CYS QA 23 85.83 -35.81 -65.09
N PHE QA 24 85.43 -35.01 -64.10
CA PHE QA 24 86.09 -34.95 -62.80
C PHE QA 24 85.13 -35.31 -61.67
N ILE QA 25 85.35 -36.49 -61.08
CA ILE QA 25 84.50 -37.00 -60.01
C ILE QA 25 84.92 -36.31 -58.71
N VAL QA 26 84.00 -35.54 -58.12
CA VAL QA 26 84.27 -34.80 -56.88
C VAL QA 26 83.30 -35.24 -55.78
N GLY QA 27 83.85 -35.50 -54.59
CA GLY QA 27 83.06 -35.84 -53.42
C GLY QA 27 82.40 -34.58 -52.86
N ALA QA 28 81.10 -34.65 -52.64
CA ALA QA 28 80.34 -33.49 -52.14
C ALA QA 28 80.68 -33.20 -50.68
N ASP QA 29 80.51 -34.21 -49.83
CA ASP QA 29 80.78 -34.12 -48.38
C ASP QA 29 79.86 -33.08 -47.70
N ASN QA 30 80.16 -32.68 -46.47
CA ASN QA 30 79.39 -31.63 -45.78
C ASN QA 30 79.52 -30.29 -46.54
N VAL QA 31 78.57 -30.06 -47.44
CA VAL QA 31 78.61 -28.94 -48.38
C VAL QA 31 77.29 -28.15 -48.34
N GLY QA 32 77.38 -26.84 -48.57
CA GLY QA 32 76.23 -25.95 -48.62
C GLY QA 32 75.75 -25.68 -50.02
N SER QA 33 74.52 -25.17 -50.15
CA SER QA 33 74.02 -24.65 -51.43
C SER QA 33 74.78 -23.40 -51.86
N LYS QA 34 75.10 -22.57 -50.87
CA LYS QA 34 75.92 -21.37 -51.07
C LYS QA 34 77.29 -21.70 -51.67
N GLN QA 35 77.92 -22.76 -51.15
CA GLN QA 35 79.17 -23.29 -51.71
C GLN QA 35 79.02 -23.68 -53.19
N MET QA 36 77.98 -24.46 -53.48
CA MET QA 36 77.71 -24.93 -54.84
C MET QA 36 77.42 -23.78 -55.81
N GLN QA 37 76.74 -22.74 -55.32
CA GLN QA 37 76.50 -21.52 -56.11
C GLN QA 37 77.80 -20.76 -56.39
N GLN QA 38 78.63 -20.60 -55.37
CA GLN QA 38 79.96 -19.99 -55.52
C GLN QA 38 80.85 -20.74 -56.52
N ILE QA 39 80.81 -22.07 -56.48
CA ILE QA 39 81.56 -22.92 -57.42
C ILE QA 39 81.02 -22.76 -58.85
N ARG QA 40 79.70 -22.69 -58.99
CA ARG QA 40 79.04 -22.41 -60.29
C ARG QA 40 79.47 -21.06 -60.89
N MET QA 41 79.52 -20.03 -60.04
CA MET QA 41 79.94 -18.69 -60.47
C MET QA 41 81.40 -18.65 -60.91
N SER QA 42 82.28 -19.34 -60.18
CA SER QA 42 83.69 -19.43 -60.51
C SER QA 42 83.92 -20.24 -61.79
N LEU QA 43 83.36 -21.44 -61.83
CA LEU QA 43 83.47 -22.36 -62.97
C LEU QA 43 82.21 -22.29 -63.84
N ARG QA 44 81.97 -21.11 -64.42
CA ARG QA 44 80.80 -20.86 -65.26
C ARG QA 44 81.12 -21.06 -66.75
N GLY QA 45 82.19 -20.42 -67.20
CA GLY QA 45 82.57 -20.41 -68.62
C GLY QA 45 82.93 -21.78 -69.18
N LYS QA 46 83.83 -22.49 -68.49
CA LYS QA 46 84.37 -23.76 -68.97
C LYS QA 46 83.56 -24.96 -68.47
N ALA QA 47 83.66 -25.25 -67.17
CA ALA QA 47 83.14 -26.50 -66.61
C ALA QA 47 81.66 -26.44 -66.30
N VAL QA 48 81.04 -27.62 -66.22
CA VAL QA 48 79.63 -27.78 -65.85
C VAL QA 48 79.56 -28.83 -64.73
N VAL QA 49 79.07 -28.41 -63.56
CA VAL QA 49 79.00 -29.29 -62.38
C VAL QA 49 77.65 -29.99 -62.35
N LEU QA 50 77.64 -31.23 -61.87
CA LEU QA 50 76.43 -32.05 -61.74
C LEU QA 50 76.48 -32.87 -60.45
N MET QA 51 75.31 -33.22 -59.94
CA MET QA 51 75.17 -34.01 -58.70
C MET QA 51 74.08 -35.07 -58.91
N GLY QA 52 74.49 -36.34 -58.82
CA GLY QA 52 73.64 -37.46 -59.20
C GLY QA 52 73.40 -38.50 -58.13
N LYS QA 53 73.13 -39.73 -58.58
CA LYS QA 53 72.60 -40.79 -57.75
C LYS QA 53 72.91 -42.16 -58.39
N ASN QA 54 72.08 -43.17 -58.18
CA ASN QA 54 72.19 -44.44 -58.93
C ASN QA 54 71.45 -44.45 -60.29
N THR QA 55 71.21 -43.28 -60.86
CA THR QA 55 70.99 -43.11 -62.29
C THR QA 55 72.21 -42.46 -62.98
N MET QA 56 73.27 -42.20 -62.20
CA MET QA 56 74.62 -42.11 -62.75
C MET QA 56 75.14 -43.54 -62.97
N MET QA 57 74.65 -44.48 -62.16
CA MET QA 57 74.77 -45.92 -62.47
C MET QA 57 73.91 -46.19 -63.71
N ARG QA 58 74.46 -45.80 -64.85
CA ARG QA 58 73.74 -45.64 -66.12
C ARG QA 58 74.70 -45.21 -67.26
N LYS QA 59 75.89 -44.70 -66.92
CA LYS QA 59 77.08 -44.79 -67.78
C LYS QA 59 77.19 -46.15 -68.52
N ALA QA 60 76.71 -47.22 -67.89
CA ALA QA 60 76.50 -48.51 -68.55
C ALA QA 60 75.66 -48.38 -69.84
N ILE QA 61 74.53 -47.69 -69.75
CA ILE QA 61 73.64 -47.45 -70.90
C ILE QA 61 74.32 -46.57 -71.98
N ARG QA 62 75.17 -45.64 -71.57
CA ARG QA 62 76.01 -44.88 -72.51
C ARG QA 62 77.02 -45.80 -73.20
N GLY QA 63 77.66 -46.67 -72.43
CA GLY QA 63 78.58 -47.67 -72.96
C GLY QA 63 77.92 -48.71 -73.87
N HIS QA 64 76.64 -49.01 -73.58
CA HIS QA 64 75.82 -49.86 -74.44
C HIS QA 64 75.61 -49.26 -75.83
N LEU QA 65 75.39 -47.95 -75.88
CA LEU QA 65 75.00 -47.22 -77.11
C LEU QA 65 76.03 -47.33 -78.25
N GLU QA 66 76.03 -48.49 -78.91
CA GLU QA 66 76.81 -48.79 -80.13
C GLU QA 66 78.16 -48.07 -80.29
N ASN QA 67 78.93 -47.93 -79.21
CA ASN QA 67 80.16 -47.14 -79.25
C ASN QA 67 81.16 -47.41 -78.10
N ASN QA 68 80.89 -46.86 -76.91
CA ASN QA 68 81.95 -46.63 -75.91
C ASN QA 68 82.35 -47.83 -75.03
N PRO QA 69 83.67 -48.07 -74.90
CA PRO QA 69 84.28 -48.73 -73.76
C PRO QA 69 84.83 -47.65 -72.82
N ALA QA 70 85.68 -48.03 -71.85
CA ALA QA 70 86.38 -47.10 -70.94
C ALA QA 70 85.51 -46.53 -69.81
N LEU QA 71 84.22 -46.28 -70.07
CA LEU QA 71 83.25 -45.92 -69.03
C LEU QA 71 82.97 -47.08 -68.05
N GLU QA 72 83.32 -48.31 -68.43
CA GLU QA 72 83.26 -49.47 -67.53
C GLU QA 72 84.16 -49.34 -66.30
N LYS QA 73 85.27 -48.61 -66.43
CA LYS QA 73 86.21 -48.37 -65.32
C LYS QA 73 85.64 -47.42 -64.25
N LEU QA 74 84.66 -46.60 -64.62
CA LEU QA 74 84.10 -45.55 -63.75
C LEU QA 74 82.95 -46.00 -62.85
N LEU QA 75 82.49 -47.25 -63.00
CA LEU QA 75 81.30 -47.73 -62.28
C LEU QA 75 81.48 -47.93 -60.77
N PRO QA 76 82.61 -48.52 -60.32
CA PRO QA 76 82.83 -48.69 -58.87
C PRO QA 76 83.02 -47.38 -58.09
N HIS QA 77 83.56 -46.36 -58.75
CA HIS QA 77 83.89 -45.09 -58.08
C HIS QA 77 82.72 -44.12 -57.89
N ILE QA 78 81.53 -44.48 -58.36
CA ILE QA 78 80.30 -43.73 -58.06
C ILE QA 78 79.70 -44.32 -56.77
N ARG QA 79 80.38 -44.07 -55.66
CA ARG QA 79 79.93 -44.49 -54.32
C ARG QA 79 80.38 -43.44 -53.30
N GLY QA 80 79.62 -43.34 -52.20
CA GLY QA 80 79.70 -42.20 -51.30
C GLY QA 80 78.85 -41.06 -51.84
N ASN QA 81 78.98 -39.88 -51.24
CA ASN QA 81 78.27 -38.69 -51.72
C ASN QA 81 79.04 -38.05 -52.88
N VAL QA 82 78.66 -38.40 -54.11
CA VAL QA 82 79.43 -38.11 -55.32
C VAL QA 82 78.71 -37.14 -56.24
N GLY QA 83 79.49 -36.24 -56.86
CA GLY QA 83 79.03 -35.36 -57.94
C GLY QA 83 80.08 -35.27 -59.05
N PHE QA 84 79.62 -35.00 -60.28
CA PHE QA 84 80.52 -34.88 -61.44
C PHE QA 84 80.81 -33.43 -61.82
N VAL QA 85 81.91 -33.27 -62.57
CA VAL QA 85 82.31 -31.96 -63.13
C VAL QA 85 82.79 -32.19 -64.58
N PHE QA 86 81.90 -31.97 -65.53
CA PHE QA 86 82.21 -32.15 -66.96
C PHE QA 86 82.86 -30.91 -67.54
N THR QA 87 83.87 -31.10 -68.39
CA THR QA 87 84.74 -30.01 -68.86
C THR QA 87 85.68 -30.46 -69.99
N LYS QA 88 86.22 -29.48 -70.74
CA LYS QA 88 87.07 -29.74 -71.91
C LYS QA 88 88.48 -29.10 -71.88
N GLU QA 89 88.80 -28.32 -70.84
CA GLU QA 89 90.07 -27.57 -70.81
C GLU QA 89 91.29 -28.47 -70.61
N ASP QA 90 91.52 -28.93 -69.38
CA ASP QA 90 92.70 -29.73 -69.03
C ASP QA 90 92.40 -30.56 -67.75
N LEU QA 91 93.42 -31.20 -67.17
CA LEU QA 91 93.23 -32.05 -65.98
C LEU QA 91 93.93 -31.51 -64.72
N THR QA 92 95.24 -31.30 -64.81
CA THR QA 92 96.04 -30.83 -63.66
C THR QA 92 95.70 -29.39 -63.26
N GLU QA 93 95.39 -28.56 -64.26
CA GLU QA 93 94.96 -27.18 -64.03
C GLU QA 93 93.63 -27.13 -63.28
N ILE QA 94 92.66 -27.92 -63.75
CA ILE QA 94 91.32 -27.99 -63.14
C ILE QA 94 91.39 -28.53 -61.71
N ARG QA 95 92.25 -29.52 -61.48
CA ARG QA 95 92.53 -30.02 -60.12
C ARG QA 95 93.04 -28.92 -59.19
N ASP QA 96 93.95 -28.08 -59.70
CA ASP QA 96 94.45 -26.92 -58.95
C ASP QA 96 93.38 -25.87 -58.68
N MET QA 97 92.47 -25.64 -59.64
CA MET QA 97 91.35 -24.71 -59.45
C MET QA 97 90.36 -25.20 -58.40
N LEU QA 98 90.08 -26.50 -58.41
CA LEU QA 98 89.21 -27.13 -57.39
C LEU QA 98 89.81 -27.06 -55.99
N LEU QA 99 91.11 -27.30 -55.88
CA LEU QA 99 91.83 -27.19 -54.61
C LEU QA 99 91.88 -25.75 -54.10
N ALA QA 100 92.04 -24.80 -55.01
CA ALA QA 100 92.20 -23.38 -54.67
C ALA QA 100 90.92 -22.68 -54.18
N ASN QA 101 89.75 -23.13 -54.67
CA ASN QA 101 88.48 -22.48 -54.31
C ASN QA 101 88.12 -22.69 -52.84
N LYS QA 102 87.63 -23.89 -52.49
CA LYS QA 102 87.27 -24.29 -51.10
C LYS QA 102 86.40 -23.29 -50.29
N VAL QA 103 86.17 -23.61 -49.01
CA VAL QA 103 85.40 -22.73 -48.10
C VAL QA 103 85.77 -23.05 -46.63
N PRO QA 104 85.57 -22.08 -45.71
CA PRO QA 104 85.86 -22.34 -44.28
C PRO QA 104 84.96 -23.40 -43.65
N ALA QA 105 83.70 -23.07 -43.37
CA ALA QA 105 82.73 -23.96 -42.68
C ALA QA 105 83.21 -24.43 -41.28
N ALA QA 106 82.60 -23.88 -40.24
CA ALA QA 106 83.09 -24.03 -38.86
C ALA QA 106 83.04 -25.46 -38.29
N ALA QA 107 83.65 -25.64 -37.12
CA ALA QA 107 83.88 -26.95 -36.48
C ALA QA 107 82.69 -27.92 -36.47
N ARG QA 108 82.96 -29.17 -36.86
CA ARG QA 108 82.03 -30.28 -36.68
C ARG QA 108 82.38 -30.97 -35.36
N ALA QA 109 81.45 -30.95 -34.41
CA ALA QA 109 81.67 -31.55 -33.09
C ALA QA 109 81.54 -33.07 -33.17
N GLY QA 110 82.66 -33.78 -33.00
CA GLY QA 110 82.71 -35.25 -33.04
C GLY QA 110 83.62 -35.82 -34.11
N ALA QA 111 83.65 -35.18 -35.28
CA ALA QA 111 84.44 -35.66 -36.42
C ALA QA 111 85.95 -35.46 -36.22
N ILE QA 112 86.74 -36.09 -37.09
CA ILE QA 112 88.20 -36.03 -37.02
C ILE QA 112 88.78 -34.65 -37.36
N ALA QA 113 90.01 -34.42 -36.92
CA ALA QA 113 90.74 -33.17 -37.17
C ALA QA 113 91.78 -33.39 -38.25
N PRO QA 114 91.72 -32.62 -39.36
CA PRO QA 114 92.69 -32.79 -40.45
C PRO QA 114 94.08 -32.20 -40.17
N CYS QA 115 94.14 -31.03 -39.53
CA CYS QA 115 95.39 -30.36 -39.19
C CYS QA 115 95.46 -30.01 -37.69
N GLU QA 116 96.66 -29.65 -37.24
CA GLU QA 116 96.88 -29.27 -35.84
C GLU QA 116 96.31 -27.87 -35.58
N VAL QA 117 95.11 -27.82 -35.01
CA VAL QA 117 94.40 -26.56 -34.77
C VAL QA 117 94.95 -25.86 -33.53
N THR QA 118 95.05 -24.53 -33.61
CA THR QA 118 95.62 -23.69 -32.56
C THR QA 118 94.64 -22.61 -32.10
N VAL QA 119 94.98 -21.95 -31.00
CA VAL QA 119 94.25 -20.80 -30.48
C VAL QA 119 95.26 -19.67 -30.19
N PRO QA 120 95.43 -18.72 -31.14
CA PRO QA 120 96.34 -17.58 -30.94
C PRO QA 120 95.95 -16.68 -29.76
N ALA QA 121 96.96 -16.03 -29.16
CA ALA QA 121 96.75 -15.15 -28.01
C ALA QA 121 96.12 -13.82 -28.44
N GLN QA 122 94.81 -13.69 -28.20
CA GLN QA 122 94.04 -12.52 -28.62
C GLN QA 122 92.74 -12.40 -27.84
N ASN QA 123 92.17 -11.19 -27.80
CA ASN QA 123 90.84 -10.95 -27.23
C ASN QA 123 89.72 -11.67 -28.01
N THR QA 124 88.66 -12.04 -27.28
CA THR QA 124 87.47 -12.67 -27.89
C THR QA 124 86.65 -11.66 -28.67
N GLY QA 125 86.44 -10.48 -28.08
CA GLY QA 125 85.56 -9.44 -28.62
C GLY QA 125 84.22 -9.44 -27.90
N LEU QA 126 84.29 -9.36 -26.57
CA LEU QA 126 83.11 -9.43 -25.70
C LEU QA 126 83.33 -8.56 -24.45
N GLY QA 127 82.29 -8.47 -23.61
CA GLY QA 127 82.40 -7.84 -22.29
C GLY QA 127 82.85 -8.82 -21.22
N PRO QA 128 82.58 -8.52 -19.94
CA PRO QA 128 82.79 -9.51 -18.87
C PRO QA 128 81.85 -10.72 -18.99
N GLU QA 129 82.24 -11.67 -19.84
CA GLU QA 129 81.45 -12.88 -20.14
C GLU QA 129 82.12 -14.13 -19.53
N LYS QA 130 81.49 -15.29 -19.75
CA LYS QA 130 82.00 -16.57 -19.23
C LYS QA 130 83.41 -16.91 -19.71
N THR QA 131 84.38 -16.75 -18.80
CA THR QA 131 85.72 -17.31 -18.98
C THR QA 131 85.76 -18.81 -18.63
N SER QA 132 84.77 -19.27 -17.86
CA SER QA 132 84.69 -20.68 -17.42
C SER QA 132 84.54 -21.70 -18.55
N PHE QA 133 83.92 -21.31 -19.67
CA PHE QA 133 83.83 -22.18 -20.85
C PHE QA 133 85.22 -22.46 -21.45
N PHE QA 134 86.09 -21.45 -21.46
CA PHE QA 134 87.44 -21.58 -22.00
C PHE QA 134 88.37 -22.33 -21.04
N GLN QA 135 88.31 -21.99 -19.75
CA GLN QA 135 89.19 -22.58 -18.73
C GLN QA 135 88.78 -23.98 -18.23
N ALA QA 136 87.63 -24.50 -18.66
CA ALA QA 136 87.15 -25.83 -18.24
C ALA QA 136 88.07 -26.97 -18.69
N LEU QA 137 88.53 -26.92 -19.95
CA LEU QA 137 89.39 -27.97 -20.51
C LEU QA 137 90.84 -27.77 -20.06
N GLY QA 138 91.40 -26.62 -20.41
CA GLY QA 138 92.79 -26.30 -20.07
C GLY QA 138 93.37 -25.19 -20.93
N ILE QA 139 92.79 -24.00 -20.80
CA ILE QA 139 93.23 -22.80 -21.54
C ILE QA 139 93.46 -21.67 -20.53
N THR QA 140 94.50 -20.88 -20.77
CA THR QA 140 94.85 -19.74 -19.92
C THR QA 140 94.22 -18.46 -20.49
N THR QA 141 93.10 -18.04 -19.88
CA THR QA 141 92.37 -16.84 -20.30
C THR QA 141 92.18 -15.87 -19.12
N LYS QA 142 92.44 -14.59 -19.37
CA LYS QA 142 92.25 -13.52 -18.38
C LYS QA 142 91.24 -12.48 -18.86
N ILE QA 143 90.62 -11.80 -17.89
CA ILE QA 143 89.76 -10.64 -18.17
C ILE QA 143 90.64 -9.39 -18.06
N SER QA 144 91.42 -9.16 -19.12
CA SER QA 144 92.32 -8.01 -19.20
C SER QA 144 91.54 -6.76 -19.59
N ARG QA 145 90.91 -6.13 -18.60
CA ARG QA 145 90.01 -4.97 -18.78
C ARG QA 145 88.85 -5.28 -19.74
N GLY QA 146 87.82 -5.91 -19.20
CA GLY QA 146 86.60 -6.20 -19.96
C GLY QA 146 86.69 -7.42 -20.85
N THR QA 147 87.50 -7.32 -21.91
CA THR QA 147 87.61 -8.37 -22.92
C THR QA 147 88.33 -9.62 -22.39
N ILE QA 148 87.83 -10.78 -22.80
CA ILE QA 148 88.41 -12.07 -22.43
C ILE QA 148 89.60 -12.34 -23.37
N GLU QA 149 90.81 -12.11 -22.87
CA GLU QA 149 92.03 -12.33 -23.64
C GLU QA 149 92.63 -13.71 -23.34
N ILE QA 150 92.98 -14.44 -24.39
CA ILE QA 150 93.71 -15.71 -24.27
C ILE QA 150 95.19 -15.34 -24.19
N LEU QA 151 95.88 -15.89 -23.19
CA LEU QA 151 97.24 -15.43 -22.81
C LEU QA 151 98.41 -16.28 -23.37
N SER QA 152 98.12 -17.26 -24.23
CA SER QA 152 99.16 -18.10 -24.82
C SER QA 152 98.72 -18.81 -26.10
N ASP QA 153 99.66 -19.00 -27.03
CA ASP QA 153 99.42 -19.75 -28.26
C ASP QA 153 99.53 -21.24 -27.98
N VAL QA 154 98.38 -21.91 -27.89
CA VAL QA 154 98.29 -23.31 -27.47
C VAL QA 154 97.52 -24.15 -28.51
N GLN QA 155 97.95 -25.40 -28.67
CA GLN QA 155 97.28 -26.36 -29.56
C GLN QA 155 96.22 -27.12 -28.77
N LEU QA 156 94.95 -26.98 -29.16
CA LEU QA 156 93.85 -27.72 -28.54
C LEU QA 156 93.76 -29.13 -29.14
N ILE QA 157 93.64 -29.18 -30.47
CA ILE QA 157 93.34 -30.42 -31.20
C ILE QA 157 94.46 -30.73 -32.19
N LYS QA 158 94.89 -32.00 -32.21
CA LYS QA 158 95.99 -32.46 -33.08
C LYS QA 158 95.43 -33.28 -34.26
N THR QA 159 96.32 -33.70 -35.16
CA THR QA 159 95.93 -34.47 -36.36
C THR QA 159 95.36 -35.85 -36.00
N GLY QA 160 94.23 -36.17 -36.60
CA GLY QA 160 93.54 -37.45 -36.34
C GLY QA 160 92.89 -37.56 -34.97
N ASP QA 161 92.57 -36.41 -34.36
CA ASP QA 161 91.95 -36.35 -33.04
C ASP QA 161 90.47 -35.98 -33.17
N LYS QA 162 89.65 -36.47 -32.25
CA LYS QA 162 88.21 -36.18 -32.24
C LYS QA 162 87.98 -34.82 -31.59
N VAL QA 163 87.13 -34.00 -32.22
CA VAL QA 163 86.84 -32.65 -31.74
C VAL QA 163 85.68 -32.71 -30.73
N GLY QA 164 85.96 -32.31 -29.49
CA GLY QA 164 84.93 -32.21 -28.45
C GLY QA 164 83.92 -31.10 -28.71
N ALA QA 165 82.79 -31.17 -28.01
CA ALA QA 165 81.65 -30.28 -28.25
C ALA QA 165 81.89 -28.86 -27.72
N SER QA 166 82.33 -28.77 -26.46
CA SER QA 166 82.57 -27.48 -25.81
C SER QA 166 83.70 -26.68 -26.47
N GLU QA 167 84.77 -27.38 -26.85
CA GLU QA 167 85.88 -26.76 -27.60
C GLU QA 167 85.48 -26.34 -29.03
N ALA QA 168 84.58 -27.10 -29.66
CA ALA QA 168 84.05 -26.74 -30.97
C ALA QA 168 83.20 -25.46 -30.92
N THR QA 169 82.36 -25.35 -29.89
CA THR QA 169 81.53 -24.16 -29.69
C THR QA 169 82.37 -22.91 -29.40
N LEU QA 170 83.44 -23.06 -28.61
CA LEU QA 170 84.34 -21.93 -28.30
C LEU QA 170 85.06 -21.43 -29.56
N LEU QA 171 85.48 -22.35 -30.42
CA LEU QA 171 86.09 -22.02 -31.71
C LEU QA 171 85.10 -21.31 -32.65
N ASN QA 172 83.83 -21.72 -32.62
CA ASN QA 172 82.77 -21.05 -33.38
C ASN QA 172 82.48 -19.64 -32.89
N MET QA 173 82.53 -19.43 -31.57
CA MET QA 173 82.38 -18.09 -30.98
C MET QA 173 83.56 -17.17 -31.32
N LEU QA 174 84.77 -17.72 -31.32
CA LEU QA 174 85.98 -16.99 -31.72
C LEU QA 174 86.10 -16.73 -33.23
N ASN QA 175 85.29 -17.40 -34.05
CA ASN QA 175 85.36 -17.36 -35.52
C ASN QA 175 86.66 -17.98 -36.05
N ILE QA 176 86.99 -19.14 -35.51
CA ILE QA 176 88.15 -19.94 -35.93
C ILE QA 176 87.59 -21.15 -36.68
N SER QA 177 87.89 -21.22 -37.98
CA SER QA 177 87.31 -22.24 -38.87
C SER QA 177 88.37 -22.95 -39.74
N PRO QA 178 89.15 -23.87 -39.13
CA PRO QA 178 90.06 -24.75 -39.86
C PRO QA 178 89.43 -26.07 -40.33
N PHE QA 179 88.37 -26.53 -39.65
CA PHE QA 179 87.73 -27.82 -39.95
C PHE QA 179 86.87 -27.74 -41.22
N SER QA 180 86.36 -28.90 -41.64
CA SER QA 180 85.69 -29.06 -42.94
C SER QA 180 86.71 -28.89 -44.07
N PHE QA 181 86.26 -28.68 -45.30
CA PHE QA 181 87.17 -28.50 -46.44
C PHE QA 181 86.47 -27.78 -47.60
N GLY QA 182 85.43 -28.41 -48.15
CA GLY QA 182 84.67 -27.87 -49.29
C GLY QA 182 84.21 -28.98 -50.19
N LEU QA 183 85.14 -29.49 -50.99
CA LEU QA 183 84.94 -30.73 -51.74
C LEU QA 183 86.28 -31.39 -52.10
N ILE QA 184 86.27 -32.72 -52.14
CA ILE QA 184 87.48 -33.53 -52.36
C ILE QA 184 87.39 -34.18 -53.74
N ILE QA 185 88.56 -34.47 -54.32
CA ILE QA 185 88.68 -35.15 -55.61
C ILE QA 185 89.19 -36.58 -55.35
N GLN QA 186 88.39 -37.58 -55.75
CA GLN QA 186 88.74 -38.99 -55.55
C GLN QA 186 89.36 -39.61 -56.78
N GLN QA 187 88.72 -39.45 -57.94
CA GLN QA 187 89.17 -40.05 -59.20
C GLN QA 187 88.91 -39.13 -60.38
N VAL QA 188 89.54 -39.44 -61.52
CA VAL QA 188 89.51 -38.60 -62.72
C VAL QA 188 89.21 -39.46 -63.96
N PHE QA 189 88.59 -38.83 -64.96
CA PHE QA 189 88.36 -39.44 -66.28
C PHE QA 189 88.85 -38.48 -67.35
N ASP QA 190 89.88 -38.88 -68.12
CA ASP QA 190 90.50 -38.03 -69.13
C ASP QA 190 90.66 -38.77 -70.47
N ASN QA 191 89.65 -38.64 -71.33
CA ASN QA 191 89.67 -39.23 -72.69
C ASN QA 191 89.94 -40.75 -72.72
N GLY QA 192 89.40 -41.46 -71.71
CA GLY QA 192 89.60 -42.90 -71.58
C GLY QA 192 90.51 -43.29 -70.41
N SER QA 193 91.58 -42.52 -70.20
CA SER QA 193 92.55 -42.80 -69.14
C SER QA 193 92.03 -42.35 -67.76
N ILE QA 194 92.34 -43.16 -66.74
CA ILE QA 194 91.95 -42.87 -65.35
C ILE QA 194 93.21 -42.49 -64.56
N TYR QA 195 93.10 -41.42 -63.76
CA TYR QA 195 94.14 -41.00 -62.83
C TYR QA 195 93.61 -40.99 -61.40
N ASN QA 196 94.52 -41.03 -60.43
CA ASN QA 196 94.20 -40.91 -59.01
C ASN QA 196 95.01 -39.75 -58.42
N PRO QA 197 94.35 -38.56 -58.24
CA PRO QA 197 94.95 -37.23 -58.13
C PRO QA 197 96.49 -37.13 -58.26
N GLU QA 198 97.00 -37.55 -59.41
CA GLU QA 198 98.43 -37.57 -59.70
C GLU QA 198 98.67 -37.28 -61.18
N MET RA 1 84.69 4.46 -34.32
CA MET RA 1 83.45 3.69 -33.99
C MET RA 1 83.57 2.53 -32.98
N PRO RA 2 84.76 1.89 -32.82
CA PRO RA 2 84.82 0.85 -31.76
C PRO RA 2 84.90 1.34 -30.30
N PRO RA 3 85.97 2.05 -29.89
CA PRO RA 3 86.16 2.26 -28.45
C PRO RA 3 85.31 3.38 -27.81
N LYS RA 4 85.30 4.56 -28.43
CA LYS RA 4 84.66 5.76 -27.84
C LYS RA 4 83.89 6.61 -28.86
N PHE RA 5 84.61 7.15 -29.85
CA PHE RA 5 84.06 8.13 -30.82
C PHE RA 5 85.20 8.56 -31.75
N ASP RA 6 85.37 7.83 -32.86
CA ASP RA 6 86.48 8.04 -33.81
C ASP RA 6 86.06 7.74 -35.26
N PRO RA 7 86.27 8.69 -36.19
CA PRO RA 7 86.17 8.41 -37.62
C PRO RA 7 87.55 8.31 -38.30
N ASN RA 8 87.95 7.09 -38.64
CA ASN RA 8 89.20 6.85 -39.39
C ASN RA 8 88.97 7.09 -40.89
N GLU RA 9 87.82 6.64 -41.39
CA GLU RA 9 87.37 6.94 -42.76
C GLU RA 9 85.84 7.05 -42.88
N ILE RA 10 85.12 6.02 -42.42
CA ILE RA 10 83.65 5.98 -42.45
C ILE RA 10 83.08 6.08 -43.87
N LYS RA 11 82.98 4.94 -44.54
CA LYS RA 11 82.19 4.79 -45.76
C LYS RA 11 81.18 3.67 -45.50
N VAL RA 12 80.41 3.85 -44.43
CA VAL RA 12 79.59 2.79 -43.85
C VAL RA 12 78.23 2.70 -44.54
N VAL RA 13 77.88 1.49 -44.99
CA VAL RA 13 76.64 1.23 -45.73
C VAL RA 13 75.64 0.47 -44.85
N TYR RA 14 74.36 0.80 -44.99
CA TYR RA 14 73.28 -0.03 -44.46
C TYR RA 14 72.02 0.12 -45.32
N LEU RA 15 71.27 -0.97 -45.43
CA LEU RA 15 70.17 -1.08 -46.39
C LEU RA 15 68.80 -0.84 -45.75
N ARG RA 16 68.23 0.33 -46.03
CA ARG RA 16 66.81 0.61 -45.78
C ARG RA 16 66.06 0.38 -47.09
N CYS RA 17 64.79 -0.01 -46.99
CA CYS RA 17 63.90 -0.04 -48.14
C CYS RA 17 62.60 0.71 -47.85
N THR RA 18 61.88 1.02 -48.91
CA THR RA 18 60.64 1.84 -48.91
C THR RA 18 60.91 3.32 -48.61
N GLY RA 19 60.34 4.19 -49.43
CA GLY RA 19 60.55 5.63 -49.30
C GLY RA 19 59.96 6.43 -50.44
N GLY RA 20 58.63 6.44 -50.53
CA GLY RA 20 57.92 7.24 -51.52
C GLY RA 20 58.02 8.72 -51.22
N GLU RA 21 57.62 9.08 -50.00
CA GLU RA 21 57.76 10.44 -49.47
C GLU RA 21 58.26 10.39 -48.03
N VAL RA 22 58.53 11.56 -47.45
CA VAL RA 22 59.01 11.71 -46.05
C VAL RA 22 58.62 10.57 -45.09
N GLY RA 23 57.33 10.25 -45.03
CA GLY RA 23 56.81 9.27 -44.09
C GLY RA 23 56.78 9.81 -42.68
N ALA RA 24 55.58 9.92 -42.11
CA ALA RA 24 55.41 10.37 -40.73
C ALA RA 24 55.91 9.32 -39.75
N THR RA 25 55.49 8.07 -39.97
CA THR RA 25 55.97 6.93 -39.19
C THR RA 25 57.47 6.65 -39.36
N SER RA 26 58.07 7.20 -40.43
CA SER RA 26 59.53 7.30 -40.58
C SER RA 26 60.30 6.01 -40.30
N ALA RA 27 60.70 5.81 -39.04
CA ALA RA 27 61.62 4.74 -38.63
C ALA RA 27 62.95 4.72 -39.40
N LEU RA 28 63.39 5.91 -39.84
CA LEU RA 28 64.55 6.03 -40.73
C LEU RA 28 65.85 5.91 -39.94
N ALA RA 29 66.06 6.85 -39.02
CA ALA RA 29 67.32 6.91 -38.26
C ALA RA 29 67.33 5.86 -37.13
N PRO RA 30 67.07 6.28 -35.86
CA PRO RA 30 67.46 5.61 -34.61
C PRO RA 30 68.53 4.52 -34.71
N LYS RA 31 68.56 3.57 -33.76
CA LYS RA 31 69.50 2.42 -33.76
C LYS RA 31 70.85 2.65 -34.49
N ILE RA 32 70.81 2.70 -35.82
CA ILE RA 32 71.99 2.88 -36.67
C ILE RA 32 72.35 4.37 -36.86
N GLY RA 33 71.33 5.22 -36.97
CA GLY RA 33 71.49 6.66 -37.25
C GLY RA 33 72.39 7.47 -36.33
N PRO RA 34 71.90 7.83 -35.13
CA PRO RA 34 72.55 8.83 -34.26
C PRO RA 34 73.98 8.49 -33.85
N LEU RA 35 74.22 7.24 -33.46
CA LEU RA 35 75.58 6.75 -33.21
C LEU RA 35 76.20 6.43 -34.56
N GLY RA 36 77.19 7.24 -34.97
CA GLY RA 36 77.67 7.31 -36.35
C GLY RA 36 77.49 8.67 -37.00
N LEU RA 37 76.97 9.65 -36.25
CA LEU RA 37 76.93 11.08 -36.62
C LEU RA 37 75.86 11.52 -37.65
N SER RA 38 75.12 10.58 -38.25
CA SER RA 38 73.98 10.92 -39.09
C SER RA 38 72.81 11.29 -38.17
N PRO RA 39 72.13 12.43 -38.43
CA PRO RA 39 71.10 12.90 -37.50
C PRO RA 39 69.74 12.18 -37.70
N LYS RA 40 68.65 12.90 -38.02
CA LYS RA 40 67.30 12.30 -38.09
C LYS RA 40 66.39 13.01 -39.10
N LYS RA 41 66.08 14.28 -38.85
CA LYS RA 41 65.21 15.08 -39.72
C LYS RA 41 65.94 15.48 -41.01
N VAL RA 42 67.21 15.86 -40.88
CA VAL RA 42 68.05 16.22 -42.03
C VAL RA 42 68.29 14.99 -42.91
N GLY RA 43 68.57 13.85 -42.28
CA GLY RA 43 68.72 12.57 -42.98
C GLY RA 43 67.46 12.12 -43.72
N ASP RA 44 66.29 12.41 -43.14
CA ASP RA 44 65.00 12.14 -43.77
C ASP RA 44 64.77 13.05 -44.99
N ASP RA 45 65.13 14.32 -44.85
CA ASP RA 45 65.03 15.29 -45.96
C ASP RA 45 65.94 14.93 -47.14
N ILE RA 46 67.15 14.47 -46.83
CA ILE RA 46 68.10 14.02 -47.86
C ILE RA 46 67.57 12.77 -48.58
N ALA RA 47 66.98 11.86 -47.81
CA ALA RA 47 66.34 10.64 -48.36
C ALA RA 47 65.16 10.98 -49.27
N LYS RA 48 64.39 12.00 -48.89
CA LYS RA 48 63.28 12.49 -49.73
C LYS RA 48 63.80 13.10 -51.03
N ALA RA 49 64.87 13.89 -50.94
CA ALA RA 49 65.46 14.56 -52.10
C ALA RA 49 65.96 13.59 -53.17
N THR RA 50 66.61 12.50 -52.75
CA THR RA 50 67.09 11.47 -53.66
C THR RA 50 65.94 10.64 -54.24
N GLY RA 51 65.04 10.19 -53.38
CA GLY RA 51 63.84 9.43 -53.78
C GLY RA 51 62.62 10.30 -53.90
N ASP RA 52 62.73 11.35 -54.71
CA ASP RA 52 61.65 12.32 -54.94
C ASP RA 52 60.93 11.91 -56.25
N TRP RA 53 60.55 12.88 -57.09
CA TRP RA 53 60.18 12.65 -58.50
C TRP RA 53 60.65 11.30 -59.09
N LYS RA 54 59.82 10.28 -58.92
CA LYS RA 54 60.10 8.87 -59.29
C LYS RA 54 61.32 8.27 -58.55
N GLY RA 55 61.14 7.22 -57.74
CA GLY RA 55 59.88 6.50 -57.53
C GLY RA 55 59.06 7.08 -56.37
N LEU RA 56 57.76 7.24 -56.61
CA LEU RA 56 56.79 7.58 -55.55
C LEU RA 56 55.86 6.40 -55.21
N ARG RA 57 56.14 5.22 -55.80
CA ARG RA 57 55.42 4.00 -55.50
C ARG RA 57 56.42 2.97 -54.98
N ILE RA 58 56.97 3.26 -53.80
CA ILE RA 58 57.98 2.44 -53.10
C ILE RA 58 59.35 2.51 -53.79
N THR RA 59 60.41 2.55 -52.99
CA THR RA 59 61.80 2.64 -53.47
C THR RA 59 62.73 1.84 -52.55
N VAL RA 60 64.01 1.77 -52.91
CA VAL RA 60 65.05 1.12 -52.10
C VAL RA 60 66.10 2.17 -51.71
N LYS RA 61 66.68 2.01 -50.51
CA LYS RA 61 67.55 3.03 -49.91
C LYS RA 61 68.82 2.47 -49.26
N LEU RA 62 69.87 2.27 -50.07
CA LEU RA 62 71.20 1.99 -49.54
C LEU RA 62 71.80 3.33 -49.07
N THR RA 63 72.25 3.38 -47.83
CA THR RA 63 72.69 4.63 -47.20
C THR RA 63 74.18 4.59 -46.86
N ILE RA 64 75.01 5.06 -47.80
CA ILE RA 64 76.45 5.13 -47.62
C ILE RA 64 76.81 6.40 -46.83
N GLN RA 65 77.09 6.25 -45.54
CA GLN RA 65 77.47 7.37 -44.69
C GLN RA 65 78.94 7.76 -44.90
N ASN RA 66 79.18 8.97 -45.41
CA ASN RA 66 80.50 9.58 -45.42
C ASN RA 66 80.61 10.54 -44.23
N ARG RA 67 80.99 9.99 -43.08
CA ARG RA 67 81.06 10.69 -41.79
C ARG RA 67 79.70 11.27 -41.36
N GLN RA 68 79.28 12.39 -41.96
CA GLN RA 68 77.95 12.98 -41.72
C GLN RA 68 77.08 13.13 -42.98
N ALA RA 69 77.66 12.92 -44.17
CA ALA RA 69 76.92 13.07 -45.44
C ALA RA 69 76.51 11.70 -45.98
N GLN RA 70 75.21 11.43 -45.97
CA GLN RA 70 74.67 10.17 -46.48
C GLN RA 70 74.46 10.26 -47.99
N ILE RA 71 74.80 9.18 -48.69
CA ILE RA 71 74.63 9.09 -50.15
C ILE RA 71 73.54 8.05 -50.44
N GLU RA 72 72.29 8.52 -50.54
CA GLU RA 72 71.16 7.65 -50.86
C GLU RA 72 71.11 7.36 -52.36
N VAL RA 73 70.89 6.10 -52.71
CA VAL RA 73 70.84 5.63 -54.10
C VAL RA 73 69.59 4.78 -54.27
N VAL RA 74 69.11 4.66 -55.51
CA VAL RA 74 67.97 3.80 -55.85
C VAL RA 74 68.45 2.55 -56.59
N PRO RA 75 68.81 1.47 -55.86
CA PRO RA 75 69.10 0.21 -56.53
C PRO RA 75 67.81 -0.48 -56.98
N SER RA 76 67.77 -0.90 -58.24
CA SER RA 76 66.53 -1.32 -58.88
C SER RA 76 66.07 -2.72 -58.47
N ALA RA 77 64.82 -2.81 -58.00
CA ALA RA 77 64.10 -4.09 -57.90
C ALA RA 77 63.18 -4.19 -59.12
N SER RA 78 62.96 -5.42 -59.58
CA SER RA 78 62.26 -5.67 -60.84
C SER RA 78 60.80 -5.19 -60.82
N ALA RA 79 60.09 -5.54 -59.77
CA ALA RA 79 58.69 -5.13 -59.60
C ALA RA 79 58.54 -3.61 -59.43
N LEU RA 80 59.51 -2.97 -58.77
CA LEU RA 80 59.50 -1.51 -58.59
C LEU RA 80 59.61 -0.76 -59.91
N ILE RA 81 60.56 -1.17 -60.75
CA ILE RA 81 60.73 -0.57 -62.08
C ILE RA 81 59.56 -0.84 -63.03
N ILE RA 82 58.91 -1.99 -62.89
CA ILE RA 82 57.65 -2.29 -63.61
C ILE RA 82 56.57 -1.31 -63.17
N LYS RA 83 56.45 -1.09 -61.86
CA LYS RA 83 55.48 -0.14 -61.29
C LYS RA 83 55.81 1.33 -61.62
N ALA RA 84 57.10 1.63 -61.80
CA ALA RA 84 57.54 2.94 -62.30
C ALA RA 84 57.15 3.14 -63.77
N LEU RA 85 57.26 2.08 -64.57
CA LEU RA 85 56.91 2.10 -65.99
C LEU RA 85 55.49 1.57 -66.23
N LYS RA 86 54.53 2.12 -65.48
CA LYS RA 86 53.13 1.70 -65.51
C LYS RA 86 52.35 2.80 -66.27
N GLU RA 87 51.17 3.20 -65.79
CA GLU RA 87 50.45 4.36 -66.32
C GLU RA 87 50.48 5.48 -65.27
N PRO RA 88 51.61 6.21 -65.17
CA PRO RA 88 51.79 7.13 -64.05
C PRO RA 88 51.12 8.49 -64.27
N PRO RA 89 51.00 9.35 -63.24
CA PRO RA 89 51.22 8.99 -61.84
C PRO RA 89 50.12 9.56 -60.94
N ARG RA 90 49.23 8.69 -60.46
CA ARG RA 90 48.29 9.05 -59.38
C ARG RA 90 48.93 8.56 -58.08
N ASP RA 91 49.64 9.48 -57.40
CA ASP RA 91 50.57 9.12 -56.33
C ASP RA 91 49.91 8.54 -55.07
N ARG RA 92 49.29 9.40 -54.26
CA ARG RA 92 48.78 9.01 -52.94
C ARG RA 92 47.42 9.66 -52.69
N LYS RA 93 46.60 9.00 -51.86
CA LYS RA 93 45.23 9.41 -51.54
C LYS RA 93 44.38 9.40 -52.81
N LYS RA 94 43.84 8.22 -53.12
CA LYS RA 94 43.07 7.94 -54.33
C LYS RA 94 43.83 8.17 -55.66
N GLN RA 95 44.62 7.19 -56.16
CA GLN RA 95 44.98 5.90 -55.53
C GLN RA 95 43.78 5.00 -55.18
N LYS RA 96 43.91 4.17 -54.13
CA LYS RA 96 42.77 3.57 -53.40
C LYS RA 96 42.05 2.37 -54.08
N ASN RA 97 42.10 2.26 -55.42
CA ASN RA 97 41.42 1.17 -56.13
C ASN RA 97 42.19 0.57 -57.34
N ILE RA 98 43.40 0.02 -57.17
CA ILE RA 98 44.29 0.20 -56.00
C ILE RA 98 45.64 0.63 -56.60
N LYS RA 99 46.50 -0.34 -56.93
CA LYS RA 99 47.68 -0.11 -57.76
C LYS RA 99 47.88 -1.29 -58.74
N HIS RA 100 46.78 -1.98 -59.07
CA HIS RA 100 46.85 -3.25 -59.83
C HIS RA 100 46.04 -3.21 -61.13
N SER RA 101 46.26 -2.17 -61.93
CA SER RA 101 45.63 -2.06 -63.26
C SER RA 101 46.26 -3.10 -64.18
N GLY RA 102 47.56 -2.95 -64.42
CA GLY RA 102 48.38 -4.02 -65.02
C GLY RA 102 48.08 -4.40 -66.46
N ASN RA 103 48.05 -3.41 -67.35
CA ASN RA 103 47.95 -3.62 -68.80
C ASN RA 103 48.78 -2.57 -69.54
N ILE RA 104 50.11 -2.63 -69.35
CA ILE RA 104 51.02 -1.57 -69.81
C ILE RA 104 52.18 -2.11 -70.69
N THR RA 105 51.91 -3.14 -71.47
CA THR RA 105 52.80 -3.61 -72.55
C THR RA 105 54.22 -4.03 -72.16
N PHE RA 106 55.12 -3.04 -71.99
CA PHE RA 106 56.59 -3.23 -71.90
C PHE RA 106 57.18 -4.49 -72.56
N ASP RA 107 57.61 -4.35 -73.82
CA ASP RA 107 58.21 -5.45 -74.58
C ASP RA 107 59.73 -5.28 -74.66
N GLU RA 108 60.17 -4.15 -75.22
CA GLU RA 108 61.59 -3.79 -75.30
C GLU RA 108 62.08 -2.97 -74.11
N ILE RA 109 61.17 -2.61 -73.20
CA ILE RA 109 61.53 -1.86 -72.00
C ILE RA 109 62.08 -2.82 -70.94
N VAL RA 110 61.64 -4.09 -70.97
CA VAL RA 110 62.11 -5.09 -70.03
C VAL RA 110 63.54 -5.55 -70.41
N ASN RA 111 63.90 -5.46 -71.70
CA ASN RA 111 65.30 -5.61 -72.14
C ASN RA 111 66.28 -4.72 -71.35
N ILE RA 112 65.87 -3.49 -71.07
CA ILE RA 112 66.65 -2.58 -70.23
C ILE RA 112 66.70 -3.09 -68.79
N ALA RA 113 65.57 -3.60 -68.30
CA ALA RA 113 65.48 -4.19 -66.96
C ALA RA 113 66.43 -5.37 -66.75
N ARG RA 114 66.43 -6.32 -67.69
CA ARG RA 114 67.39 -7.46 -67.63
C ARG RA 114 68.87 -7.02 -67.75
N GLN RA 115 69.12 -5.98 -68.54
CA GLN RA 115 70.47 -5.41 -68.65
C GLN RA 115 70.94 -4.77 -67.34
N MET RA 116 70.05 -4.04 -66.66
CA MET RA 116 70.39 -3.35 -65.41
C MET RA 116 70.52 -4.27 -64.19
N ARG RA 117 70.11 -5.54 -64.31
CA ARG RA 117 70.35 -6.53 -63.25
C ARG RA 117 71.85 -6.62 -62.97
N HIS RA 118 72.22 -6.48 -61.70
CA HIS RA 118 73.64 -6.49 -61.28
C HIS RA 118 74.29 -7.89 -61.46
N ARG RA 119 74.53 -8.23 -62.74
CA ARG RA 119 74.93 -9.58 -63.15
C ARG RA 119 73.95 -10.62 -62.57
N SER RA 120 74.25 -11.22 -61.42
CA SER RA 120 73.31 -12.05 -60.64
C SER RA 120 72.74 -13.27 -61.39
N LEU RA 121 71.87 -14.01 -60.72
CA LEU RA 121 71.01 -15.05 -61.35
C LEU RA 121 71.68 -16.36 -61.77
N ALA RA 122 73.02 -16.40 -61.83
CA ALA RA 122 73.77 -17.56 -62.34
C ALA RA 122 73.30 -17.97 -63.75
N ARG RA 123 73.11 -16.97 -64.61
CA ARG RA 123 72.38 -17.14 -65.87
C ARG RA 123 73.22 -17.72 -67.01
N GLU RA 124 72.54 -18.17 -68.07
CA GLU RA 124 73.13 -18.38 -69.39
C GLU RA 124 72.61 -17.28 -70.31
N LEU RA 125 73.00 -16.05 -69.96
CA LEU RA 125 72.57 -14.81 -70.64
C LEU RA 125 71.06 -14.54 -70.67
N SER RA 126 70.67 -13.40 -71.24
CA SER RA 126 69.29 -12.89 -71.26
C SER RA 126 68.19 -13.88 -71.65
N GLY RA 127 68.49 -14.85 -72.51
CA GLY RA 127 67.55 -15.92 -72.88
C GLY RA 127 66.76 -16.51 -71.72
N THR RA 128 67.42 -16.65 -70.58
CA THR RA 128 66.79 -17.09 -69.33
C THR RA 128 66.30 -15.94 -68.44
N ILE RA 129 66.99 -14.79 -68.49
CA ILE RA 129 66.63 -13.61 -67.68
C ILE RA 129 65.29 -13.03 -68.15
N LYS RA 130 65.05 -13.06 -69.46
CA LYS RA 130 63.75 -12.69 -70.05
C LYS RA 130 62.59 -13.46 -69.44
N GLU RA 131 62.80 -14.75 -69.22
CA GLU RA 131 61.80 -15.63 -68.62
C GLU RA 131 61.52 -15.24 -67.17
N ILE RA 132 62.58 -14.85 -66.45
CA ILE RA 132 62.49 -14.46 -65.04
C ILE RA 132 61.71 -13.16 -64.88
N LEU RA 133 62.17 -12.11 -65.56
CA LEU RA 133 61.56 -10.77 -65.42
C LEU RA 133 60.20 -10.65 -66.10
N GLY RA 134 59.90 -11.51 -67.07
CA GLY RA 134 58.56 -11.64 -67.64
C GLY RA 134 57.54 -12.27 -66.69
N THR RA 135 58.02 -12.87 -65.60
CA THR RA 135 57.17 -13.47 -64.56
C THR RA 135 57.23 -12.77 -63.19
N ALA RA 136 58.23 -11.90 -62.99
CA ALA RA 136 58.33 -11.09 -61.77
C ALA RA 136 57.08 -10.22 -61.62
N GLN RA 137 56.70 -9.59 -62.72
CA GLN RA 137 55.40 -8.93 -62.88
C GLN RA 137 54.21 -9.72 -62.32
N SER RA 138 53.77 -9.34 -61.13
CA SER RA 138 52.49 -9.78 -60.59
C SER RA 138 51.35 -8.97 -61.20
N VAL RA 139 51.63 -7.72 -61.56
CA VAL RA 139 50.63 -6.76 -62.03
C VAL RA 139 50.58 -6.70 -63.57
N GLY RA 140 51.72 -6.39 -64.18
CA GLY RA 140 51.82 -6.00 -65.60
C GLY RA 140 51.12 -6.80 -66.68
N CYS RA 141 51.12 -8.13 -66.55
CA CYS RA 141 50.52 -9.06 -67.53
C CYS RA 141 51.07 -8.98 -68.97
N ASN RA 142 52.36 -8.63 -69.11
CA ASN RA 142 53.11 -8.77 -70.37
C ASN RA 142 52.57 -7.86 -71.50
N VAL RA 143 52.59 -8.32 -72.75
CA VAL RA 143 52.42 -7.45 -73.93
C VAL RA 143 50.93 -7.21 -74.21
N ASP RA 144 50.61 -5.98 -74.62
CA ASP RA 144 49.26 -5.54 -75.01
C ASP RA 144 48.08 -6.16 -74.24
N GLY RA 145 47.77 -7.44 -74.53
CA GLY RA 145 46.72 -8.18 -73.83
C GLY RA 145 47.05 -9.66 -73.76
N ARG RA 146 48.27 -9.96 -73.31
CA ARG RA 146 48.79 -11.33 -73.23
C ARG RA 146 48.75 -11.88 -71.80
N HIS RA 147 49.11 -13.15 -71.67
CA HIS RA 147 49.37 -13.79 -70.38
C HIS RA 147 50.90 -13.82 -70.19
N PRO RA 148 51.39 -14.28 -69.02
CA PRO RA 148 52.82 -14.54 -68.88
C PRO RA 148 53.19 -16.00 -69.22
N HIS RA 149 52.97 -16.94 -68.28
CA HIS RA 149 53.23 -18.39 -68.42
C HIS RA 149 54.09 -18.88 -69.62
N ASP RA 150 53.44 -19.37 -70.68
CA ASP RA 150 54.10 -20.19 -71.71
C ASP RA 150 54.44 -19.45 -73.02
N ILE RA 151 54.06 -18.19 -73.13
CA ILE RA 151 54.43 -17.34 -74.28
C ILE RA 151 55.94 -17.05 -74.22
N ILE RA 152 56.45 -16.98 -72.99
CA ILE RA 152 57.88 -16.90 -72.68
C ILE RA 152 58.77 -17.93 -73.42
N ASP RA 153 58.26 -19.16 -73.60
CA ASP RA 153 59.03 -20.24 -74.25
C ASP RA 153 59.51 -19.89 -75.66
N ASP RA 154 58.66 -19.20 -76.43
CA ASP RA 154 58.97 -18.82 -77.82
C ASP RA 154 59.44 -17.37 -77.92
N ILE RA 155 60.63 -17.09 -77.37
CA ILE RA 155 61.29 -15.79 -77.49
C ILE RA 155 62.17 -15.80 -78.74
N ASN RA 156 62.15 -14.69 -79.50
CA ASN RA 156 62.89 -14.55 -80.75
C ASN RA 156 63.60 -13.19 -80.84
N SER RA 157 64.26 -12.79 -79.75
CA SER RA 157 64.92 -11.48 -79.68
C SER RA 157 65.91 -11.32 -78.53
N GLY RA 158 66.85 -10.39 -78.71
CA GLY RA 158 67.74 -9.91 -77.65
C GLY RA 158 68.59 -10.93 -76.92
N ALA RA 159 69.02 -11.97 -77.62
CA ALA RA 159 69.92 -12.98 -77.05
C ALA RA 159 71.37 -12.48 -76.98
N VAL RA 160 71.79 -11.79 -78.04
CA VAL RA 160 73.18 -11.33 -78.21
C VAL RA 160 73.39 -9.85 -77.84
N GLU RA 161 72.29 -9.11 -77.65
CA GLU RA 161 72.35 -7.65 -77.37
C GLU RA 161 72.53 -7.28 -75.88
N CYS RA 162 72.11 -8.16 -74.98
CA CYS RA 162 72.11 -7.88 -73.53
C CYS RA 162 73.43 -7.98 -72.75
N PRO RA 163 74.47 -8.67 -73.28
CA PRO RA 163 75.76 -8.66 -72.56
C PRO RA 163 76.40 -7.28 -72.42
N GLY SA 1 -18.18 -50.39 22.00
CA GLY SA 1 -16.74 -50.66 21.71
C GLY SA 1 -15.82 -49.54 22.17
N MET SA 2 -14.51 -49.76 22.01
CA MET SA 2 -13.50 -48.79 22.48
C MET SA 2 -13.67 -47.41 21.84
N TRP SA 3 -13.23 -46.38 22.56
CA TRP SA 3 -13.43 -45.00 22.14
C TRP SA 3 -12.60 -44.62 20.90
N ARG SA 4 -11.31 -44.95 20.94
CA ARG SA 4 -10.36 -44.75 19.81
C ARG SA 4 -10.02 -43.28 19.53
N PHE SA 5 -10.90 -42.57 18.82
CA PHE SA 5 -10.64 -41.17 18.42
C PHE SA 5 -11.83 -40.25 18.67
N TYR SA 6 -11.53 -38.98 18.91
CA TYR SA 6 -12.57 -37.96 19.09
C TYR SA 6 -13.29 -37.69 17.79
N THR SA 7 -14.51 -37.20 17.90
CA THR SA 7 -15.35 -36.90 16.73
C THR SA 7 -14.71 -35.91 15.74
N GLU SA 8 -13.99 -34.93 16.25
CA GLU SA 8 -13.29 -33.92 15.42
C GLU SA 8 -11.79 -34.22 15.23
N ASP SA 9 -11.38 -35.45 15.55
CA ASP SA 9 -10.01 -35.90 15.32
C ASP SA 9 -9.91 -36.47 13.90
N SER SA 10 -10.86 -37.35 13.54
CA SER SA 10 -10.99 -37.93 12.19
C SER SA 10 -9.63 -38.44 11.67
N PRO SA 11 -9.13 -39.54 12.26
CA PRO SA 11 -7.73 -39.96 12.26
C PRO SA 11 -6.87 -39.62 11.04
N GLY SA 12 -7.19 -40.21 9.89
CA GLY SA 12 -6.32 -40.14 8.71
C GLY SA 12 -6.67 -38.98 7.83
N LEU SA 13 -6.61 -37.77 8.39
CA LEU SA 13 -7.11 -36.59 7.72
C LEU SA 13 -6.18 -36.15 6.61
N LYS SA 14 -6.73 -36.07 5.40
CA LYS SA 14 -6.00 -35.71 4.20
C LYS SA 14 -6.97 -34.85 3.43
N VAL SA 15 -6.94 -33.54 3.72
CA VAL SA 15 -7.77 -32.60 3.00
C VAL SA 15 -6.92 -32.10 1.86
N SER ZA 1 -7.35 111.50 30.94
CA SER ZA 1 -8.58 112.32 30.70
C SER ZA 1 -8.71 113.44 31.70
N GLY ZA 2 -8.70 113.08 32.97
CA GLY ZA 2 -8.77 114.03 34.06
C GLY ZA 2 -10.09 114.77 34.05
N ALA ZA 3 -11.20 114.01 34.06
CA ALA ZA 3 -12.55 114.58 34.18
C ALA ZA 3 -12.69 115.23 35.56
N LEU ZA 4 -12.11 116.43 35.66
CA LEU ZA 4 -11.87 117.12 36.92
C LEU ZA 4 -12.63 118.44 37.04
N ASP ZA 5 -12.68 119.22 35.95
CA ASP ZA 5 -13.42 120.48 35.94
C ASP ZA 5 -13.75 121.00 34.53
N VAL ZA 6 -12.73 121.19 33.69
CA VAL ZA 6 -12.91 121.83 32.39
C VAL ZA 6 -13.50 120.81 31.41
N LEU ZA 7 -12.74 119.74 31.20
CA LEU ZA 7 -13.05 118.73 30.18
C LEU ZA 7 -13.75 117.54 30.83
N GLN ZA 8 -14.89 117.84 31.44
CA GLN ZA 8 -15.68 116.89 32.19
C GLN ZA 8 -16.83 116.46 31.25
N MET ZA 9 -18.07 116.34 31.73
CA MET ZA 9 -19.16 115.83 30.89
C MET ZA 9 -19.95 116.92 30.17
N LYS ZA 10 -20.75 117.70 30.90
CA LYS ZA 10 -21.72 118.67 30.35
C LYS ZA 10 -22.92 117.99 29.70
N GLU ZA 11 -24.09 118.62 29.80
CA GLU ZA 11 -25.35 118.02 29.40
C GLU ZA 11 -25.47 117.86 27.89
N GLU ZA 12 -25.17 118.92 27.16
CA GLU ZA 12 -25.40 118.98 25.71
C GLU ZA 12 -24.69 117.88 24.91
N ASP ZA 13 -23.51 117.48 25.38
CA ASP ZA 13 -22.76 116.38 24.78
C ASP ZA 13 -23.48 115.06 25.00
N VAL ZA 14 -23.84 114.78 26.26
CA VAL ZA 14 -24.58 113.57 26.61
C VAL ZA 14 -25.89 113.45 25.83
N LEU ZA 15 -26.59 114.56 25.67
CA LEU ZA 15 -27.83 114.62 24.89
C LEU ZA 15 -27.59 114.24 23.42
N LYS ZA 16 -26.46 114.67 22.87
CA LYS ZA 16 -26.03 114.26 21.52
C LYS ZA 16 -25.75 112.76 21.46
N PHE ZA 17 -24.93 112.28 22.39
CA PHE ZA 17 -24.63 110.85 22.51
C PHE ZA 17 -25.91 110.02 22.56
N LEU ZA 18 -26.83 110.38 23.45
CA LEU ZA 18 -28.07 109.62 23.63
C LEU ZA 18 -28.89 109.61 22.36
N ALA ZA 19 -28.89 110.72 21.64
CA ALA ZA 19 -29.65 110.83 20.40
C ALA ZA 19 -29.06 109.98 19.28
N ALA ZA 20 -27.74 109.89 19.25
CA ALA ZA 20 -27.01 109.04 18.30
C ALA ZA 20 -27.22 107.55 18.56
N GLY ZA 21 -27.45 107.20 19.82
CA GLY ZA 21 -27.67 105.82 20.26
C GLY ZA 21 -26.39 105.10 20.63
N THR ZA 22 -25.36 105.87 20.97
CA THR ZA 22 -24.01 105.32 21.14
C THR ZA 22 -23.97 104.42 22.35
N HIS ZA 23 -24.62 104.84 23.42
CA HIS ZA 23 -24.74 104.03 24.63
C HIS ZA 23 -25.25 102.61 24.37
N LEU ZA 24 -26.14 102.46 23.39
CA LEU ZA 24 -26.74 101.17 23.06
C LEU ZA 24 -25.69 100.33 22.33
N GLY ZA 25 -25.01 99.47 23.10
CA GLY ZA 25 -23.88 98.71 22.60
C GLY ZA 25 -24.28 97.61 21.64
N GLY ZA 26 -24.51 96.42 22.19
CA GLY ZA 26 -24.87 95.25 21.39
C GLY ZA 26 -25.42 94.13 22.25
N THR ZA 27 -25.59 92.96 21.66
CA THR ZA 27 -26.16 91.81 22.37
C THR ZA 27 -25.07 90.97 23.02
N ASN ZA 28 -24.03 90.65 22.26
CA ASN ZA 28 -22.89 89.89 22.80
C ASN ZA 28 -21.91 90.83 23.46
N LEU ZA 29 -21.25 90.34 24.51
CA LEU ZA 29 -20.23 91.12 25.23
C LEU ZA 29 -18.95 90.33 25.35
N ASP ZA 30 -17.88 90.88 24.81
CA ASP ZA 30 -16.55 90.33 24.98
C ASP ZA 30 -16.07 90.56 26.41
N PHE ZA 31 -15.39 89.57 26.96
CA PHE ZA 31 -14.83 89.67 28.31
C PHE ZA 31 -13.73 90.73 28.54
N GLN ZA 32 -13.12 91.21 27.46
CA GLN ZA 32 -12.22 92.36 27.55
C GLN ZA 32 -12.98 93.67 27.76
N MET ZA 33 -14.17 93.77 27.18
CA MET ZA 33 -14.99 94.99 27.26
C MET ZA 33 -15.84 95.14 28.52
N GLU ZA 34 -16.05 94.06 29.28
CA GLU ZA 34 -16.92 94.10 30.48
C GLU ZA 34 -16.67 95.31 31.40
N GLN ZA 35 -15.42 95.76 31.46
CA GLN ZA 35 -15.00 97.00 32.14
C GLN ZA 35 -15.89 98.21 31.81
N TYR ZA 36 -16.26 98.36 30.55
CA TYR ZA 36 -16.91 99.58 30.07
C TYR ZA 36 -18.43 99.47 29.96
N ILE ZA 37 -19.09 98.91 30.96
CA ILE ZA 37 -20.54 98.67 30.87
C ILE ZA 37 -21.25 98.93 32.20
N TYR ZA 38 -22.44 99.52 32.11
CA TYR ZA 38 -23.34 99.62 33.25
C TYR ZA 38 -24.06 98.29 33.40
N LYS ZA 39 -24.96 97.99 32.47
CA LYS ZA 39 -25.93 96.91 32.64
C LYS ZA 39 -26.24 96.24 31.31
N ARG ZA 40 -27.13 95.27 31.37
CA ARG ZA 40 -27.88 94.82 30.22
C ARG ZA 40 -29.36 95.08 30.52
N LYS ZA 41 -30.11 95.36 29.47
CA LYS ZA 41 -31.56 95.52 29.57
C LYS ZA 41 -32.25 94.17 29.37
N SER ZA 42 -33.57 94.22 29.31
CA SER ZA 42 -34.37 93.15 28.72
C SER ZA 42 -33.98 93.02 27.24
N ASP ZA 43 -34.71 92.16 26.51
CA ASP ZA 43 -34.25 91.60 25.22
C ASP ZA 43 -32.79 91.12 25.28
N GLY ZA 44 -31.86 92.07 25.32
CA GLY ZA 44 -30.50 91.78 25.76
C GLY ZA 44 -29.45 92.73 25.22
N ILE ZA 45 -29.65 94.02 25.43
CA ILE ZA 45 -28.79 95.05 24.85
C ILE ZA 45 -27.98 95.70 25.95
N TYR ZA 46 -26.67 95.51 25.89
CA TYR ZA 46 -25.78 96.08 26.88
C TYR ZA 46 -25.75 97.60 26.78
N ILE ZA 47 -25.46 98.23 27.92
CA ILE ZA 47 -25.38 99.69 28.02
C ILE ZA 47 -24.00 100.07 28.48
N ILE ZA 48 -23.48 101.14 27.92
CA ILE ZA 48 -22.09 101.53 28.06
C ILE ZA 48 -21.98 102.73 28.98
N ASN ZA 49 -21.15 102.61 30.02
CA ASN ZA 49 -20.89 103.75 30.91
C ASN ZA 49 -20.36 104.92 30.12
N LEU ZA 50 -21.21 105.91 29.92
CA LEU ZA 50 -20.89 107.02 29.04
C LEU ZA 50 -19.75 107.87 29.60
N LYS ZA 51 -19.67 107.97 30.94
CA LYS ZA 51 -18.51 108.59 31.59
C LYS ZA 51 -17.24 107.86 31.19
N ARG ZA 52 -17.31 106.53 31.32
CA ARG ZA 52 -16.21 105.65 30.93
C ARG ZA 52 -15.83 105.83 29.46
N THR ZA 53 -16.84 105.99 28.58
CA THR ZA 53 -16.61 106.27 27.17
C THR ZA 53 -15.87 107.56 26.97
N TRP ZA 54 -16.29 108.60 27.69
CA TRP ZA 54 -15.62 109.90 27.60
C TRP ZA 54 -14.17 109.76 28.03
N GLU ZA 55 -13.98 109.15 29.21
CA GLU ZA 55 -12.63 108.96 29.75
C GLU ZA 55 -11.69 108.38 28.69
N LYS ZA 56 -12.06 107.26 28.09
CA LYS ZA 56 -11.25 106.68 27.00
C LYS ZA 56 -11.15 107.61 25.79
N LEU ZA 57 -12.24 108.30 25.46
CA LEU ZA 57 -12.25 109.24 24.34
C LEU ZA 57 -11.24 110.36 24.55
N LEU ZA 58 -11.22 110.93 25.74
CA LEU ZA 58 -10.22 111.93 26.10
C LEU ZA 58 -8.80 111.38 26.04
N LEU ZA 59 -8.63 110.16 26.54
CA LEU ZA 59 -7.33 109.52 26.56
C LEU ZA 59 -6.82 109.30 25.14
N ALA ZA 60 -7.73 109.00 24.22
CA ALA ZA 60 -7.41 108.89 22.80
C ALA ZA 60 -6.94 110.23 22.25
N ALA ZA 61 -7.67 111.28 22.60
CA ALA ZA 61 -7.30 112.63 22.18
C ALA ZA 61 -5.91 112.94 22.66
N ARG ZA 62 -5.66 112.75 23.95
CA ARG ZA 62 -4.34 112.99 24.55
C ARG ZA 62 -3.21 112.21 23.88
N ALA ZA 63 -3.52 111.01 23.40
CA ALA ZA 63 -2.59 110.23 22.60
C ALA ZA 63 -2.30 110.90 21.27
N ILE ZA 64 -3.36 111.30 20.57
CA ILE ZA 64 -3.26 111.86 19.23
C ILE ZA 64 -2.56 113.23 19.22
N VAL ZA 65 -2.75 114.00 20.29
CA VAL ZA 65 -2.10 115.29 20.45
C VAL ZA 65 -0.59 115.13 20.61
N ALA ZA 66 -0.19 114.14 21.42
CA ALA ZA 66 1.23 113.85 21.67
C ALA ZA 66 2.03 113.51 20.41
N ILE ZA 67 1.37 112.94 19.40
CA ILE ZA 67 1.98 112.70 18.09
C ILE ZA 67 2.22 114.07 17.47
N GLU ZA 68 3.47 114.40 17.23
CA GLU ZA 68 3.87 115.79 17.01
C GLU ZA 68 3.54 116.27 15.60
N ASN ZA 69 4.02 115.53 14.60
CA ASN ZA 69 3.67 115.77 13.20
C ASN ZA 69 2.30 115.13 12.95
N PRO ZA 70 1.24 115.95 12.84
CA PRO ZA 70 -0.12 115.38 12.82
C PRO ZA 70 -0.36 114.38 11.69
N ALA ZA 71 0.25 114.64 10.54
CA ALA ZA 71 0.09 113.80 9.34
C ALA ZA 71 0.29 112.31 9.59
N ASP ZA 72 1.31 111.97 10.38
CA ASP ZA 72 1.61 110.57 10.68
C ASP ZA 72 0.81 109.97 11.88
N VAL ZA 73 -0.37 110.53 12.12
CA VAL ZA 73 -1.51 109.79 12.66
C VAL ZA 73 -2.27 109.28 11.45
N SER ZA 74 -2.53 107.98 11.40
CA SER ZA 74 -3.32 107.38 10.33
C SER ZA 74 -4.73 107.13 10.84
N VAL ZA 75 -5.71 107.18 9.93
CA VAL ZA 75 -7.13 107.13 10.30
C VAL ZA 75 -7.96 106.28 9.33
N ILE ZA 76 -8.23 105.03 9.72
CA ILE ZA 76 -8.76 104.03 8.80
C ILE ZA 76 -10.23 103.74 9.08
N SER ZA 77 -11.00 103.59 8.01
CA SER ZA 77 -12.28 102.89 8.05
C SER ZA 77 -12.42 101.99 6.84
N SER ZA 78 -12.71 100.72 7.11
CA SER ZA 78 -12.94 99.76 6.06
C SER ZA 78 -14.40 99.86 5.66
N ARG ZA 79 -15.28 99.76 6.66
CA ARG ZA 79 -16.72 99.81 6.42
C ARG ZA 79 -17.14 101.16 5.88
N ASN ZA 80 -18.28 101.19 5.21
CA ASN ZA 80 -18.79 102.42 4.58
C ASN ZA 80 -19.72 103.22 5.50
N THR ZA 81 -19.32 103.37 6.76
CA THR ZA 81 -19.99 104.26 7.71
C THR ZA 81 -18.98 105.30 8.21
N GLY ZA 82 -17.83 104.82 8.68
CA GLY ZA 82 -16.70 105.69 8.98
C GLY ZA 82 -16.02 106.30 7.76
N GLN ZA 83 -16.19 105.69 6.59
CA GLN ZA 83 -15.48 106.09 5.37
C GLN ZA 83 -15.48 107.59 5.11
N ARG ZA 84 -16.63 108.22 5.37
CA ARG ZA 84 -16.76 109.67 5.27
C ARG ZA 84 -16.16 110.31 6.53
N ALA ZA 85 -16.57 109.79 7.67
CA ALA ZA 85 -16.19 110.31 8.99
C ALA ZA 85 -14.69 110.40 9.19
N VAL ZA 86 -13.98 109.33 8.85
CA VAL ZA 86 -12.52 109.33 8.94
C VAL ZA 86 -11.89 110.41 8.09
N LEU ZA 87 -12.43 110.60 6.90
CA LEU ZA 87 -11.90 111.56 5.95
C LEU ZA 87 -12.19 113.00 6.40
N LYS ZA 88 -13.32 113.19 7.08
CA LYS ZA 88 -13.66 114.49 7.68
C LYS ZA 88 -12.79 114.78 8.91
N PHE ZA 89 -12.44 113.73 9.65
CA PHE ZA 89 -11.55 113.82 10.81
C PHE ZA 89 -10.14 114.23 10.37
N ALA ZA 90 -9.64 113.56 9.35
CA ALA ZA 90 -8.31 113.87 8.80
C ALA ZA 90 -8.26 115.29 8.25
N ALA ZA 91 -9.35 115.74 7.66
CA ALA ZA 91 -9.44 117.09 7.13
C ALA ZA 91 -9.31 118.13 8.23
N ALA ZA 92 -10.02 117.93 9.32
CA ALA ZA 92 -9.99 118.84 10.47
C ALA ZA 92 -8.66 118.74 11.22
N THR ZA 93 -8.29 117.52 11.58
CA THR ZA 93 -7.17 117.27 12.48
C THR ZA 93 -5.80 117.56 11.86
N GLY ZA 94 -5.68 117.32 10.55
CA GLY ZA 94 -4.38 117.33 9.87
C GLY ZA 94 -3.71 115.97 9.80
N ALA ZA 95 -4.51 114.91 9.94
CA ALA ZA 95 -4.03 113.54 9.94
C ALA ZA 95 -4.07 112.99 8.53
N THR ZA 96 -3.68 111.73 8.37
CA THR ZA 96 -3.80 111.00 7.10
C THR ZA 96 -4.90 109.93 7.20
N PRO ZA 97 -5.80 109.86 6.22
CA PRO ZA 97 -6.85 108.85 6.23
C PRO ZA 97 -6.57 107.66 5.31
N ILE ZA 98 -7.29 106.57 5.55
CA ILE ZA 98 -7.34 105.43 4.64
C ILE ZA 98 -8.80 104.94 4.55
N ALA ZA 99 -9.52 105.46 3.57
CA ALA ZA 99 -10.95 105.19 3.45
C ALA ZA 99 -11.21 103.97 2.59
N GLY ZA 100 -11.25 102.80 3.23
CA GLY ZA 100 -11.68 101.57 2.57
C GLY ZA 100 -10.60 100.85 1.79
N ARG ZA 101 -10.83 99.56 1.60
CA ARG ZA 101 -9.86 98.59 1.04
C ARG ZA 101 -8.42 98.94 1.38
N PHE ZA 102 -8.11 98.73 2.65
CA PHE ZA 102 -6.76 98.89 3.14
C PHE ZA 102 -5.85 97.86 2.46
N THR ZA 103 -4.81 98.35 1.79
CA THR ZA 103 -3.93 97.48 1.02
C THR ZA 103 -2.98 96.72 1.93
N PRO ZA 104 -2.92 95.38 1.81
CA PRO ZA 104 -1.98 94.65 2.66
C PRO ZA 104 -0.55 95.05 2.41
N GLY ZA 105 0.18 95.28 3.48
CA GLY ZA 105 1.54 95.77 3.41
C GLY ZA 105 1.65 97.23 2.96
N THR ZA 106 0.90 98.10 3.61
CA THR ZA 106 1.15 99.55 3.53
C THR ZA 106 2.07 99.96 4.67
N PHE ZA 107 1.87 99.35 5.85
CA PHE ZA 107 2.75 99.58 6.98
C PHE ZA 107 4.00 98.72 6.88
N THR ZA 108 3.86 97.58 6.19
CA THR ZA 108 4.98 96.74 5.77
C THR ZA 108 5.33 97.09 4.31
N ASN ZA 109 6.33 96.41 3.73
CA ASN ZA 109 6.83 96.67 2.35
C ASN ZA 109 7.47 98.04 2.20
N GLN ZA 110 8.79 98.09 2.19
CA GLN ZA 110 9.49 99.35 1.89
C GLN ZA 110 9.22 99.73 0.44
N ILE ZA 111 9.22 98.72 -0.42
CA ILE ZA 111 9.14 98.89 -1.88
C ILE ZA 111 7.88 99.61 -2.34
N GLN ZA 112 6.77 99.35 -1.66
CA GLN ZA 112 5.44 99.67 -2.19
C GLN ZA 112 5.20 101.18 -2.44
N ALA ZA 113 4.17 101.47 -3.23
CA ALA ZA 113 3.76 102.84 -3.55
C ALA ZA 113 3.25 103.56 -2.31
N ALA ZA 114 2.21 102.97 -1.69
CA ALA ZA 114 1.56 103.57 -0.52
C ALA ZA 114 2.18 103.08 0.79
N PHE ZA 115 3.51 103.01 0.84
CA PHE ZA 115 4.19 102.62 2.05
C PHE ZA 115 4.22 103.79 3.00
N ARG ZA 116 3.37 103.74 4.02
CA ARG ZA 116 3.30 104.79 5.02
C ARG ZA 116 3.66 104.18 6.35
N GLU ZA 117 4.42 104.93 7.15
CA GLU ZA 117 5.02 104.42 8.37
C GLU ZA 117 4.69 105.36 9.54
N PRO ZA 118 3.41 105.39 9.95
CA PRO ZA 118 2.95 106.38 10.89
C PRO ZA 118 3.16 105.97 12.33
N ARG ZA 119 2.96 106.92 13.24
CA ARG ZA 119 3.17 106.70 14.66
C ARG ZA 119 1.89 106.35 15.42
N LEU ZA 120 0.75 106.27 14.73
CA LEU ZA 120 -0.51 106.01 15.41
C LEU ZA 120 -1.60 105.61 14.43
N LEU ZA 121 -2.47 104.68 14.85
CA LEU ZA 121 -3.71 104.40 14.12
C LEU ZA 121 -4.94 104.82 14.87
N VAL ZA 122 -5.98 105.15 14.11
CA VAL ZA 122 -7.33 105.29 14.63
C VAL ZA 122 -8.20 104.43 13.71
N VAL ZA 123 -8.63 103.30 14.25
CA VAL ZA 123 -9.35 102.29 13.51
C VAL ZA 123 -10.82 102.47 13.87
N THR ZA 124 -11.74 102.18 12.96
CA THR ZA 124 -13.16 102.27 13.26
C THR ZA 124 -13.66 101.03 13.99
N ASP ZA 125 -13.77 99.91 13.27
CA ASP ZA 125 -14.12 98.65 13.88
C ASP ZA 125 -12.85 97.82 13.92
N PRO ZA 126 -12.43 97.36 15.11
CA PRO ZA 126 -11.30 96.44 15.10
C PRO ZA 126 -11.64 95.09 14.46
N ARG ZA 127 -12.92 94.71 14.50
CA ARG ZA 127 -13.38 93.49 13.84
C ARG ZA 127 -13.26 93.58 12.31
N ALA ZA 128 -13.53 94.76 11.76
CA ALA ZA 128 -13.56 94.98 10.30
C ALA ZA 128 -12.30 95.62 9.70
N ASP ZA 129 -11.59 96.42 10.49
CA ASP ZA 129 -10.36 97.07 10.05
C ASP ZA 129 -9.22 96.26 10.63
N HIS ZA 130 -9.18 94.99 10.30
CA HIS ZA 130 -8.35 94.03 11.02
C HIS ZA 130 -6.95 93.91 10.41
N GLN ZA 131 -6.86 93.96 9.08
CA GLN ZA 131 -5.56 93.95 8.38
C GLN ZA 131 -4.57 95.03 8.87
N PRO ZA 132 -4.99 96.31 8.92
CA PRO ZA 132 -4.07 97.34 9.43
C PRO ZA 132 -3.68 97.14 10.88
N LEU ZA 133 -4.63 96.70 11.70
CA LEU ZA 133 -4.35 96.35 13.11
C LEU ZA 133 -3.27 95.29 13.25
N THR ZA 134 -3.29 94.28 12.39
CA THR ZA 134 -2.26 93.23 12.41
C THR ZA 134 -0.93 93.76 11.93
N GLU ZA 135 -0.94 94.56 10.86
CA GLU ZA 135 0.29 95.22 10.39
C GLU ZA 135 0.91 96.12 11.44
N ALA ZA 136 0.07 96.71 12.27
CA ALA ZA 136 0.53 97.48 13.41
C ALA ZA 136 1.28 96.66 14.48
N SER ZA 137 1.46 95.36 14.26
CA SER ZA 137 2.33 94.54 15.08
C SER ZA 137 3.51 93.94 14.30
N TYR ZA 138 3.80 94.51 13.12
CA TYR ZA 138 5.07 94.32 12.42
C TYR ZA 138 5.89 95.60 12.44
N VAL ZA 139 5.20 96.75 12.50
CA VAL ZA 139 5.78 98.04 12.89
C VAL ZA 139 5.33 98.31 14.32
N ASN ZA 140 6.02 99.21 15.02
CA ASN ZA 140 5.65 99.57 16.39
C ASN ZA 140 4.52 100.62 16.41
N LEU ZA 141 3.36 100.24 15.89
CA LEU ZA 141 2.25 101.17 15.72
C LEU ZA 141 1.29 100.98 16.87
N PRO ZA 142 1.14 102.00 17.74
CA PRO ZA 142 0.01 101.95 18.67
C PRO ZA 142 -1.32 102.18 17.96
N THR ZA 143 -2.43 102.01 18.69
CA THR ZA 143 -3.74 101.99 18.06
C THR ZA 143 -4.88 102.51 18.94
N ILE ZA 144 -5.75 103.31 18.32
CA ILE ZA 144 -7.03 103.71 18.89
C ILE ZA 144 -8.07 102.90 18.11
N ALA ZA 145 -9.16 102.53 18.78
CA ALA ZA 145 -10.28 101.85 18.12
C ALA ZA 145 -11.61 102.32 18.68
N LEU ZA 146 -12.66 102.13 17.90
CA LEU ZA 146 -14.01 102.43 18.34
C LEU ZA 146 -14.71 101.08 18.52
N CYS ZA 147 -14.61 100.55 19.74
CA CYS ZA 147 -15.04 99.18 20.04
C CYS ZA 147 -16.46 99.09 20.56
N ASN ZA 148 -17.21 98.14 20.01
CA ASN ZA 148 -18.54 97.81 20.52
C ASN ZA 148 -18.39 96.94 21.75
N THR ZA 149 -19.50 96.39 22.24
CA THR ZA 149 -19.45 95.37 23.28
C THR ZA 149 -18.86 94.06 22.75
N ASP ZA 150 -19.20 93.70 21.52
CA ASP ZA 150 -18.71 92.48 20.89
C ASP ZA 150 -17.20 92.55 20.56
N SER ZA 151 -16.72 93.74 20.22
CA SER ZA 151 -15.37 93.94 19.69
C SER ZA 151 -14.24 93.29 20.52
N PRO ZA 152 -13.33 92.54 19.86
CA PRO ZA 152 -12.13 92.00 20.49
C PRO ZA 152 -10.96 92.97 20.49
N LEU ZA 153 -10.20 92.97 21.58
CA LEU ZA 153 -9.21 93.99 21.85
C LEU ZA 153 -7.77 93.51 21.68
N ARG ZA 154 -7.56 92.55 20.78
CA ARG ZA 154 -6.24 92.26 20.24
C ARG ZA 154 -5.63 93.51 19.67
N TYR ZA 155 -4.41 93.86 20.10
CA TYR ZA 155 -3.64 94.97 19.51
C TYR ZA 155 -4.22 96.39 19.63
N VAL ZA 156 -5.48 96.55 20.03
CA VAL ZA 156 -6.03 97.89 20.25
C VAL ZA 156 -5.55 98.41 21.61
N ASP ZA 157 -4.58 99.32 21.57
CA ASP ZA 157 -3.93 99.81 22.78
C ASP ZA 157 -4.79 100.81 23.56
N ILE ZA 158 -5.79 101.41 22.92
CA ILE ZA 158 -6.77 102.24 23.63
C ILE ZA 158 -8.14 102.25 22.96
N ALA ZA 159 -8.95 101.26 23.33
CA ALA ZA 159 -10.31 101.13 22.83
C ALA ZA 159 -11.18 102.25 23.36
N ILE ZA 160 -12.22 102.57 22.60
CA ILE ZA 160 -13.26 103.48 23.05
C ILE ZA 160 -14.56 102.70 22.97
N PRO ZA 161 -15.28 102.58 24.09
CA PRO ZA 161 -16.53 101.82 24.08
C PRO ZA 161 -17.68 102.62 23.48
N CYS ZA 162 -18.20 102.15 22.36
CA CYS ZA 162 -19.16 102.88 21.53
C CYS ZA 162 -20.24 101.94 21.05
N ASN ZA 163 -21.20 102.51 20.34
CA ASN ZA 163 -21.91 101.77 19.31
C ASN ZA 163 -21.11 102.09 18.08
N ASN ZA 164 -20.45 101.10 17.50
CA ASN ZA 164 -19.72 101.31 16.25
C ASN ZA 164 -20.44 100.70 15.03
N LYS ZA 165 -21.62 100.15 15.26
CA LYS ZA 165 -22.43 99.52 14.23
C LYS ZA 165 -23.18 100.61 13.49
N GLY ZA 166 -23.94 101.41 14.23
CA GLY ZA 166 -24.75 102.48 13.64
C GLY ZA 166 -23.89 103.63 13.16
N ALA ZA 167 -24.22 104.15 11.97
CA ALA ZA 167 -23.40 105.17 11.31
C ALA ZA 167 -23.41 106.48 12.09
N HIS ZA 168 -24.62 106.96 12.39
CA HIS ZA 168 -24.87 108.10 13.27
C HIS ZA 168 -23.89 108.20 14.44
N SER ZA 169 -23.82 107.11 15.20
CA SER ZA 169 -22.99 107.03 16.39
C SER ZA 169 -21.52 107.07 16.06
N VAL ZA 170 -21.13 106.40 14.97
CA VAL ZA 170 -19.73 106.36 14.55
C VAL ZA 170 -19.25 107.76 14.18
N GLY ZA 171 -19.98 108.42 13.28
CA GLY ZA 171 -19.69 109.81 12.92
C GLY ZA 171 -19.62 110.71 14.13
N LEU ZA 172 -20.61 110.60 15.01
CA LEU ZA 172 -20.64 111.38 16.25
C LEU ZA 172 -19.33 111.21 17.00
N MET ZA 173 -18.91 109.95 17.18
CA MET ZA 173 -17.66 109.61 17.86
C MET ZA 173 -16.41 110.17 17.20
N TRP ZA 174 -16.41 110.25 15.87
CA TRP ZA 174 -15.30 110.85 15.12
C TRP ZA 174 -15.25 112.36 15.34
N TRP ZA 175 -16.43 112.98 15.23
CA TRP ZA 175 -16.61 114.41 15.48
C TRP ZA 175 -16.18 114.78 16.90
N MET ZA 176 -16.56 113.95 17.88
CA MET ZA 176 -16.17 114.18 19.27
C MET ZA 176 -14.66 114.12 19.49
N LEU ZA 177 -14.02 113.23 18.75
CA LEU ZA 177 -12.58 113.05 18.84
C LEU ZA 177 -11.90 114.24 18.17
N ALA ZA 178 -12.42 114.62 16.99
CA ALA ZA 178 -11.91 115.77 16.24
C ALA ZA 178 -11.93 117.04 17.07
N ARG ZA 179 -13.06 117.29 17.73
CA ARG ZA 179 -13.18 118.39 18.68
C ARG ZA 179 -12.08 118.33 19.70
N GLU ZA 180 -11.98 117.18 20.37
CA GLU ZA 180 -11.11 117.07 21.55
C GLU ZA 180 -9.64 117.20 21.21
N VAL ZA 181 -9.21 116.65 20.07
CA VAL ZA 181 -7.82 116.87 19.63
C VAL ZA 181 -7.57 118.33 19.31
N LEU ZA 182 -8.56 118.99 18.71
CA LEU ZA 182 -8.43 120.40 18.34
C LEU ZA 182 -8.51 121.27 19.59
N ARG ZA 183 -9.49 120.98 20.45
CA ARG ZA 183 -9.61 121.68 21.74
C ARG ZA 183 -8.34 121.56 22.57
N MET ZA 184 -7.72 120.39 22.57
CA MET ZA 184 -6.50 120.17 23.33
C MET ZA 184 -5.24 120.59 22.57
N ARG ZA 185 -5.20 121.87 22.21
CA ARG ZA 185 -4.04 122.53 21.57
C ARG ZA 185 -4.47 123.82 20.89
N GLY ZA 186 -5.45 123.70 19.99
CA GLY ZA 186 -5.60 124.62 18.88
C GLY ZA 186 -6.75 125.58 18.95
N THR ZA 187 -7.51 125.65 17.86
CA THR ZA 187 -8.42 126.78 17.59
C THR ZA 187 -9.87 126.45 17.89
N ILE ZA 188 -10.11 125.85 19.05
CA ILE ZA 188 -11.45 125.71 19.59
C ILE ZA 188 -11.40 126.18 21.04
N SER ZA 189 -12.43 126.92 21.45
CA SER ZA 189 -12.48 127.54 22.77
C SER ZA 189 -12.76 126.53 23.87
N ARG ZA 190 -13.85 125.77 23.70
CA ARG ZA 190 -14.54 124.97 24.75
C ARG ZA 190 -15.71 125.77 25.36
N GLU ZA 191 -15.50 127.05 25.60
CA GLU ZA 191 -16.57 127.94 26.10
C GLU ZA 191 -17.58 128.14 24.98
N HIS ZA 192 -17.10 128.60 23.84
CA HIS ZA 192 -17.89 128.60 22.60
C HIS ZA 192 -18.05 127.17 22.08
N PRO ZA 193 -19.15 126.90 21.36
CA PRO ZA 193 -19.31 125.63 20.69
C PRO ZA 193 -18.54 125.63 19.37
N TRP ZA 194 -18.55 124.50 18.68
CA TRP ZA 194 -17.85 124.38 17.40
C TRP ZA 194 -18.78 124.67 16.24
N GLU ZA 195 -18.25 125.38 15.24
CA GLU ZA 195 -18.95 125.65 13.99
C GLU ZA 195 -19.46 124.38 13.31
N VAL ZA 196 -18.65 123.33 13.35
CA VAL ZA 196 -18.89 122.12 12.57
C VAL ZA 196 -20.06 121.32 13.14
N MET ZA 197 -20.93 120.86 12.24
CA MET ZA 197 -22.07 120.02 12.60
C MET ZA 197 -21.59 118.57 12.67
N PRO ZA 198 -22.11 117.78 13.63
CA PRO ZA 198 -21.82 116.34 13.60
C PRO ZA 198 -22.46 115.57 12.43
N ASP ZA 199 -23.51 116.13 11.82
CA ASP ZA 199 -24.12 115.54 10.62
C ASP ZA 199 -23.22 115.59 9.38
N LEU ZA 200 -22.24 116.48 9.39
CA LEU ZA 200 -21.17 116.49 8.40
C LEU ZA 200 -20.40 115.16 8.33
N TYR ZA 201 -20.24 114.51 9.48
CA TYR ZA 201 -19.50 113.26 9.59
C TYR ZA 201 -20.34 112.00 9.29
N PHE ZA 202 -21.67 112.09 9.35
CA PHE ZA 202 -22.53 110.92 9.17
C PHE ZA 202 -22.50 110.39 7.73
N TYR ZA 203 -22.63 109.07 7.60
CA TYR ZA 203 -22.71 108.41 6.30
C TYR ZA 203 -24.09 108.60 5.69
N ARG ZA 204 -24.13 108.82 4.37
CA ARG ZA 204 -25.39 108.92 3.64
C ARG ZA 204 -25.71 107.65 2.86
N ASP ZA 205 -26.71 106.92 3.35
CA ASP ZA 205 -27.35 105.87 2.57
C ASP ZA 205 -28.14 106.59 1.46
N PRO ZA 206 -27.90 106.21 0.17
CA PRO ZA 206 -28.56 106.85 -0.99
C PRO ZA 206 -30.02 107.26 -0.76
N GLU ZA 207 -30.22 108.54 -0.48
CA GLU ZA 207 -31.51 109.07 0.02
C GLU ZA 207 -32.24 109.93 -1.01
N GLU ZA 208 -31.57 111.00 -1.47
CA GLU ZA 208 -32.19 111.95 -2.42
C GLU ZA 208 -32.27 111.34 -3.82
N VAL AB 1 -62.94 28.95 -22.85
CA VAL AB 1 -64.24 28.27 -22.48
C VAL AB 1 -64.70 28.65 -21.08
N VAL AB 2 -66.01 28.81 -20.91
CA VAL AB 2 -66.64 29.25 -19.65
C VAL AB 2 -66.15 30.64 -19.23
N ASP AB 3 -66.97 31.66 -19.51
CA ASP AB 3 -66.59 33.05 -19.25
C ASP AB 3 -66.55 33.31 -17.73
N PRO AB 4 -65.62 34.17 -17.27
CA PRO AB 4 -65.36 34.26 -15.84
C PRO AB 4 -66.42 35.02 -15.04
N PHE AB 5 -66.69 36.26 -15.44
CA PHE AB 5 -67.59 37.15 -14.70
C PHE AB 5 -69.04 37.01 -15.15
N SER AB 6 -69.28 36.20 -16.18
CA SER AB 6 -70.62 35.78 -16.58
C SER AB 6 -71.46 35.31 -15.39
N LYS AB 7 -70.87 34.47 -14.54
CA LYS AB 7 -71.52 33.97 -13.33
C LYS AB 7 -71.02 34.68 -12.09
N LYS AB 8 -71.09 36.01 -12.09
CA LYS AB 8 -70.82 36.81 -10.90
C LYS AB 8 -71.89 37.87 -10.74
N ASP AB 9 -72.50 37.87 -9.56
CA ASP AB 9 -73.59 38.78 -9.23
C ASP AB 9 -73.16 39.78 -8.17
N TRP AB 10 -73.51 41.04 -8.38
CA TRP AB 10 -73.00 42.13 -7.57
C TRP AB 10 -73.80 42.24 -6.28
N TYR AB 11 -73.21 42.92 -5.31
CA TYR AB 11 -73.83 43.14 -4.01
C TYR AB 11 -73.43 44.50 -3.50
N ASP AB 12 -74.41 45.26 -3.02
CA ASP AB 12 -74.14 46.58 -2.45
C ASP AB 12 -73.71 46.40 -1.00
N VAL AB 13 -73.01 47.41 -0.49
CA VAL AB 13 -72.37 47.36 0.83
C VAL AB 13 -72.85 48.54 1.66
N LYS AB 14 -73.56 48.24 2.74
CA LYS AB 14 -74.10 49.27 3.62
C LYS AB 14 -73.27 49.40 4.90
N ALA AB 15 -72.90 50.64 5.20
CA ALA AB 15 -72.24 50.99 6.46
C ALA AB 15 -73.31 51.22 7.53
N PRO AB 16 -72.95 51.08 8.83
CA PRO AB 16 -73.93 51.21 9.91
C PRO AB 16 -74.27 52.66 10.24
N ALA AB 17 -75.36 52.83 10.99
CA ALA AB 17 -76.01 54.15 11.13
C ALA AB 17 -75.44 55.10 12.18
N MET AB 18 -74.28 54.77 12.76
CA MET AB 18 -73.43 55.78 13.43
C MET AB 18 -72.67 56.70 12.46
N PHE AB 19 -72.67 56.33 11.18
CA PHE AB 19 -72.15 57.17 10.10
C PHE AB 19 -73.28 57.94 9.42
N ASN AB 20 -72.89 58.88 8.56
CA ASN AB 20 -73.83 59.76 7.83
C ASN AB 20 -74.19 59.22 6.45
N ILE AB 21 -73.17 58.85 5.68
CA ILE AB 21 -73.36 58.23 4.36
C ILE AB 21 -73.43 56.74 4.57
N ARG AB 22 -74.56 56.11 4.24
CA ARG AB 22 -74.73 54.67 4.44
C ARG AB 22 -74.68 53.89 3.13
N ASN AB 23 -73.61 54.11 2.38
CA ASN AB 23 -73.18 53.15 1.36
C ASN AB 23 -71.67 53.28 1.09
N ILE AB 24 -70.97 52.19 1.31
CA ILE AB 24 -69.53 52.13 1.13
C ILE AB 24 -69.27 52.05 -0.37
N GLY AB 25 -69.80 51.02 -1.00
CA GLY AB 25 -69.55 50.73 -2.40
C GLY AB 25 -70.25 49.46 -2.83
N LYS AB 26 -69.54 48.63 -3.61
CA LYS AB 26 -70.11 47.40 -4.14
C LYS AB 26 -69.09 46.27 -4.12
N THR AB 27 -69.49 45.12 -3.57
CA THR AB 27 -68.73 43.89 -3.68
C THR AB 27 -69.19 43.19 -4.95
N LEU AB 28 -68.44 42.19 -5.39
CA LEU AB 28 -69.00 41.17 -6.26
C LEU AB 28 -68.59 39.77 -5.80
N VAL AB 29 -69.39 38.79 -6.24
CA VAL AB 29 -69.31 37.40 -5.78
C VAL AB 29 -69.73 36.45 -6.88
N THR AB 30 -69.18 35.24 -6.87
CA THR AB 30 -69.65 34.16 -7.73
C THR AB 30 -71.00 33.63 -7.21
N ARG AB 31 -71.95 33.39 -8.10
CA ARG AB 31 -73.29 32.94 -7.69
C ARG AB 31 -73.27 31.53 -7.11
N THR AB 32 -74.34 31.20 -6.41
CA THR AB 32 -74.48 29.91 -5.74
C THR AB 32 -74.50 28.75 -6.74
N GLN AB 33 -73.78 27.69 -6.42
CA GLN AB 33 -73.83 26.45 -7.21
C GLN AB 33 -73.36 25.26 -6.37
N GLY AB 34 -74.30 24.34 -6.13
CA GLY AB 34 -74.03 23.15 -5.35
C GLY AB 34 -73.85 23.43 -3.88
N THR AB 35 -72.60 23.73 -3.55
CA THR AB 35 -72.20 23.98 -2.18
C THR AB 35 -71.72 25.43 -2.13
N LYS AB 36 -71.09 25.82 -1.03
CA LYS AB 36 -70.37 27.10 -0.89
C LYS AB 36 -71.28 28.30 -0.64
N ILE AB 37 -72.33 28.46 -1.45
CA ILE AB 37 -73.32 29.55 -1.38
C ILE AB 37 -72.78 30.99 -1.38
N ALA AB 38 -73.56 31.90 -1.97
CA ALA AB 38 -73.13 33.28 -2.20
C ALA AB 38 -73.09 34.10 -0.92
N SER AB 39 -74.09 33.91 -0.06
CA SER AB 39 -74.18 34.62 1.21
C SER AB 39 -72.96 34.34 2.10
N ASP AB 40 -72.65 33.07 2.29
CA ASP AB 40 -71.54 32.66 3.17
C ASP AB 40 -70.19 33.15 2.65
N GLY AB 41 -69.96 33.02 1.34
CA GLY AB 41 -68.77 33.56 0.69
C GLY AB 41 -68.64 35.07 0.85
N LEU AB 42 -69.77 35.76 0.76
CA LEU AB 42 -69.83 37.22 0.92
C LEU AB 42 -69.62 37.72 2.36
N LYS AB 43 -69.94 36.87 3.35
CA LYS AB 43 -70.17 37.33 4.72
C LYS AB 43 -68.96 37.26 5.65
N GLY AB 44 -67.82 37.78 5.22
CA GLY AB 44 -66.70 38.04 6.14
C GLY AB 44 -65.62 39.00 5.68
N ARG AB 45 -65.97 39.91 4.76
CA ARG AB 45 -64.98 40.76 4.09
C ARG AB 45 -64.78 42.02 4.87
N VAL AB 46 -63.73 42.76 4.53
CA VAL AB 46 -63.40 44.03 5.18
C VAL AB 46 -63.52 45.17 4.16
N PHE AB 47 -63.68 46.41 4.63
CA PHE AB 47 -63.66 47.58 3.75
C PHE AB 47 -62.93 48.76 4.40
N GLU AB 48 -61.66 48.93 4.07
CA GLU AB 48 -60.82 49.94 4.72
C GLU AB 48 -61.13 51.36 4.22
N VAL AB 49 -62.25 51.91 4.66
CA VAL AB 49 -62.90 53.06 4.02
C VAL AB 49 -62.82 54.31 4.90
N SER AB 50 -62.40 55.43 4.29
CA SER AB 50 -62.05 56.67 5.02
C SER AB 50 -63.25 57.52 5.42
N LEU AB 51 -63.16 58.16 6.59
CA LEU AB 51 -64.19 59.08 7.08
C LEU AB 51 -64.56 60.13 6.06
N ALA AB 52 -63.56 60.64 5.35
CA ALA AB 52 -63.75 61.64 4.31
C ALA AB 52 -64.68 61.20 3.16
N ASP AB 53 -65.04 59.92 3.11
CA ASP AB 53 -66.13 59.45 2.25
C ASP AB 53 -67.04 58.47 3.01
N LEU AB 54 -67.51 58.90 4.19
CA LEU AB 54 -68.42 58.10 5.01
C LEU AB 54 -69.20 58.97 6.00
N GLN AB 55 -68.48 59.67 6.87
CA GLN AB 55 -69.09 60.59 7.84
C GLN AB 55 -69.57 61.90 7.22
N ASN AB 56 -68.98 62.30 6.09
CA ASN AB 56 -69.26 63.59 5.44
C ASN AB 56 -68.69 64.77 6.22
N ASP AB 57 -68.10 65.72 5.49
CA ASP AB 57 -67.41 66.91 6.04
C ASP AB 57 -66.52 66.67 7.29
N GLU AB 58 -65.74 65.58 7.26
CA GLU AB 58 -64.76 65.24 8.30
C GLU AB 58 -63.37 65.13 7.67
N VAL AB 59 -62.37 64.87 8.49
CA VAL AB 59 -60.99 64.68 8.01
C VAL AB 59 -60.80 63.33 7.29
N ALA AB 60 -59.74 63.26 6.49
CA ALA AB 60 -59.44 62.08 5.68
C ALA AB 60 -58.33 61.19 6.25
N PHE AB 61 -57.66 61.60 7.32
CA PHE AB 61 -56.52 60.80 7.84
C PHE AB 61 -56.93 59.61 8.71
N ARG AB 62 -58.06 59.00 8.41
CA ARG AB 62 -58.71 58.10 9.34
C ARG AB 62 -59.50 57.04 8.61
N LYS AB 63 -58.98 55.81 8.60
CA LYS AB 63 -59.66 54.70 7.94
C LYS AB 63 -60.49 53.96 8.96
N PHE AB 64 -61.64 53.46 8.53
CA PHE AB 64 -62.44 52.50 9.32
C PHE AB 64 -62.47 51.16 8.62
N LYS AB 65 -62.71 50.10 9.38
CA LYS AB 65 -62.53 48.74 8.88
C LYS AB 65 -63.78 48.13 8.25
N LEU AB 66 -64.87 48.04 9.00
CA LEU AB 66 -66.16 47.48 8.50
C LEU AB 66 -66.10 46.05 7.95
N ILE AB 67 -66.68 45.10 8.68
CA ILE AB 67 -66.82 43.72 8.18
C ILE AB 67 -68.27 43.32 7.92
N THR AB 68 -68.51 42.62 6.82
CA THR AB 68 -69.85 42.16 6.47
C THR AB 68 -70.26 41.09 7.46
N GLU AB 69 -70.97 41.53 8.50
CA GLU AB 69 -71.42 40.64 9.55
C GLU AB 69 -72.62 39.80 9.10
N ASP AB 70 -73.41 40.32 8.16
CA ASP AB 70 -74.66 39.69 7.73
C ASP AB 70 -75.11 40.22 6.36
N VAL AB 71 -75.91 39.41 5.65
CA VAL AB 71 -76.49 39.78 4.35
C VAL AB 71 -78.03 39.80 4.42
N GLN AB 72 -78.64 40.80 3.79
CA GLN AB 72 -80.11 40.96 3.76
C GLN AB 72 -80.59 41.27 2.34
N GLY AB 73 -80.30 40.36 1.41
CA GLY AB 73 -80.81 40.46 0.04
C GLY AB 73 -80.24 41.61 -0.77
N LYS AB 74 -79.10 41.37 -1.42
CA LYS AB 74 -78.37 42.40 -2.17
C LYS AB 74 -77.94 43.61 -1.33
N ASN AB 75 -77.64 43.35 -0.06
CA ASN AB 75 -77.02 44.32 0.83
C ASN AB 75 -76.11 43.60 1.82
N CYS AB 76 -74.87 44.06 1.88
CA CYS AB 76 -73.92 43.58 2.87
C CYS AB 76 -74.03 44.51 4.05
N LEU AB 77 -74.34 43.96 5.23
CA LEU AB 77 -74.52 44.78 6.42
C LEU AB 77 -73.28 44.63 7.29
N THR AB 78 -72.69 45.76 7.65
CA THR AB 78 -71.40 45.79 8.30
C THR AB 78 -71.45 46.25 9.76
N ASN AB 79 -70.36 46.01 10.49
CA ASN AB 79 -70.13 46.53 11.84
C ASN AB 79 -68.79 47.23 11.91
N PHE AB 80 -68.54 47.97 12.99
CA PHE AB 80 -67.20 48.50 13.26
C PHE AB 80 -66.22 47.36 13.51
N HIS AB 81 -65.04 47.47 12.91
CA HIS AB 81 -64.04 46.39 12.97
C HIS AB 81 -62.60 46.84 13.20
N GLY AB 82 -62.41 48.09 13.61
CA GLY AB 82 -61.09 48.66 13.78
C GLY AB 82 -60.94 49.97 13.03
N MET AB 83 -60.02 50.80 13.49
CA MET AB 83 -59.84 52.13 12.99
C MET AB 83 -58.37 52.47 12.96
N ASP AB 84 -57.92 53.00 11.82
CA ASP AB 84 -56.49 53.25 11.57
C ASP AB 84 -56.26 54.73 11.27
N LEU AB 85 -55.00 55.10 11.10
CA LEU AB 85 -54.59 56.51 11.04
C LEU AB 85 -53.87 56.85 9.74
N THR AB 86 -54.23 56.16 8.65
CA THR AB 86 -53.49 56.21 7.37
C THR AB 86 -52.00 55.87 7.55
N ARG AB 87 -51.28 55.78 6.43
CA ARG AB 87 -49.85 55.45 6.45
C ARG AB 87 -48.99 56.69 6.25
N ASP AB 88 -49.55 57.83 6.63
CA ASP AB 88 -49.13 59.12 6.10
C ASP AB 88 -49.21 60.17 7.19
N LYS AB 89 -50.40 60.37 7.74
CA LYS AB 89 -50.58 61.25 8.88
C LYS AB 89 -49.58 60.90 9.96
N MET AB 90 -49.50 59.61 10.28
CA MET AB 90 -48.57 59.16 11.31
C MET AB 90 -47.14 59.50 10.91
N CYS AB 91 -46.76 59.13 9.69
CA CYS AB 91 -45.38 59.37 9.23
C CYS AB 91 -45.03 60.84 8.94
N SER AB 92 -46.04 61.70 8.83
CA SER AB 92 -45.83 63.16 8.79
C SER AB 92 -45.65 63.72 10.21
N MET AB 93 -46.38 63.15 11.18
CA MET AB 93 -46.25 63.55 12.59
C MET AB 93 -44.88 63.27 13.16
N VAL AB 94 -44.35 62.07 12.89
CA VAL AB 94 -43.15 61.57 13.57
C VAL AB 94 -41.92 62.38 13.20
N LYS AB 95 -41.75 63.48 13.92
CA LYS AB 95 -40.67 64.41 13.65
C LYS AB 95 -39.65 64.39 14.76
N LYS AB 96 -38.48 64.91 14.42
CA LYS AB 96 -37.30 64.84 15.27
C LYS AB 96 -37.27 66.02 16.22
N TRP AB 97 -36.56 65.83 17.32
CA TRP AB 97 -36.48 66.79 18.43
C TRP AB 97 -37.81 66.89 19.19
N GLN AB 98 -38.49 65.76 19.34
CA GLN AB 98 -39.70 65.67 20.15
C GLN AB 98 -40.06 64.23 20.49
N THR AB 99 -40.51 64.03 21.71
CA THR AB 99 -40.80 62.71 22.26
C THR AB 99 -42.13 62.15 21.74
N MET AB 100 -42.14 60.91 21.28
CA MET AB 100 -43.39 60.16 21.09
C MET AB 100 -43.83 59.54 22.41
N ILE AB 101 -45.13 59.43 22.61
CA ILE AB 101 -45.68 58.88 23.83
C ILE AB 101 -46.87 58.00 23.45
N GLU AB 102 -46.58 56.81 22.95
CA GLU AB 102 -47.61 55.85 22.61
C GLU AB 102 -47.95 55.05 23.84
N ALA AB 103 -49.20 54.58 23.88
CA ALA AB 103 -49.67 53.70 24.96
C ALA AB 103 -50.93 52.99 24.52
N HIS AB 104 -51.20 51.84 25.13
CA HIS AB 104 -52.31 51.00 24.71
C HIS AB 104 -52.99 50.23 25.83
N VAL AB 105 -54.20 49.78 25.53
CA VAL AB 105 -55.09 49.18 26.49
C VAL AB 105 -55.96 48.13 25.82
N ASP AB 106 -56.00 46.94 26.41
CA ASP AB 106 -56.99 45.92 26.07
C ASP AB 106 -58.19 46.21 26.98
N VAL AB 107 -59.35 46.52 26.40
CA VAL AB 107 -60.53 46.88 27.18
C VAL AB 107 -61.81 46.44 26.50
N LYS AB 108 -62.75 46.00 27.32
CA LYS AB 108 -64.04 45.52 26.84
C LYS AB 108 -65.05 46.65 26.94
N THR AB 109 -66.05 46.60 26.07
CA THR AB 109 -67.15 47.55 26.07
C THR AB 109 -68.18 47.15 27.14
N THR AB 110 -69.35 47.79 27.14
CA THR AB 110 -70.48 47.34 27.98
C THR AB 110 -70.96 46.00 27.46
N ASP AB 111 -71.17 45.92 26.15
CA ASP AB 111 -71.35 44.64 25.44
C ASP AB 111 -70.00 43.92 25.32
N GLY AB 112 -69.99 42.76 24.68
CA GLY AB 112 -68.80 41.90 24.68
C GLY AB 112 -67.65 42.21 23.73
N TYR AB 113 -67.63 43.40 23.14
CA TYR AB 113 -66.64 43.74 22.11
C TYR AB 113 -65.34 44.16 22.79
N LEU AB 114 -64.34 43.29 22.73
CA LEU AB 114 -63.05 43.55 23.38
C LEU AB 114 -62.12 44.26 22.41
N LEU AB 115 -61.78 45.50 22.74
CA LEU AB 115 -60.96 46.37 21.89
C LEU AB 115 -59.54 46.49 22.42
N ARG AB 116 -58.59 46.61 21.51
CA ARG AB 116 -57.25 47.05 21.86
C ARG AB 116 -57.11 48.44 21.24
N LEU AB 117 -56.91 49.44 22.09
CA LEU AB 117 -56.95 50.85 21.70
C LEU AB 117 -55.59 51.49 21.90
N PHE AB 118 -55.10 52.17 20.88
CA PHE AB 118 -53.70 52.59 20.78
C PHE AB 118 -53.54 54.11 20.66
N CYS AB 119 -53.02 54.75 21.70
CA CYS AB 119 -52.90 56.20 21.68
C CYS AB 119 -51.55 56.63 21.16
N VAL AB 120 -51.33 57.95 21.07
CA VAL AB 120 -50.03 58.48 20.71
C VAL AB 120 -49.92 59.98 20.98
N GLY AB 121 -49.32 60.29 22.14
CA GLY AB 121 -48.89 61.64 22.50
C GLY AB 121 -47.60 62.04 21.82
N PHE AB 122 -47.39 63.35 21.73
CA PHE AB 122 -46.32 63.92 20.91
C PHE AB 122 -45.98 65.29 21.48
N THR AB 123 -44.79 65.48 22.04
CA THR AB 123 -44.49 66.73 22.76
C THR AB 123 -44.45 67.95 21.85
N LYS AB 124 -44.98 69.07 22.36
CA LYS AB 124 -45.16 70.29 21.59
C LYS AB 124 -44.10 71.32 21.93
N LYS AB 125 -43.29 71.67 20.94
CA LYS AB 125 -42.39 72.80 21.02
C LYS AB 125 -43.22 74.04 21.23
N ARG AB 126 -42.81 74.89 22.18
CA ARG AB 126 -43.64 76.00 22.64
C ARG AB 126 -43.45 77.30 21.86
N ASN AB 127 -44.50 78.12 21.90
CA ASN AB 127 -44.60 79.41 21.20
C ASN AB 127 -43.31 80.24 21.15
N ASN AB 128 -42.78 80.59 22.32
CA ASN AB 128 -41.54 81.38 22.43
C ASN AB 128 -40.32 80.55 22.82
N GLN AB 129 -40.38 79.23 22.57
CA GLN AB 129 -39.26 78.35 22.88
C GLN AB 129 -38.13 78.64 21.93
N ILE AB 130 -36.93 78.66 22.49
CA ILE AB 130 -35.74 79.08 21.81
C ILE AB 130 -34.62 78.08 22.11
N ARG AB 131 -34.99 76.80 22.10
CA ARG AB 131 -34.09 75.74 22.56
C ARG AB 131 -34.40 74.38 21.89
N LYS AB 132 -34.68 74.44 20.58
CA LYS AB 132 -34.75 73.27 19.69
C LYS AB 132 -35.66 72.11 20.11
N THR AB 133 -35.24 71.36 21.13
CA THR AB 133 -35.82 70.06 21.44
C THR AB 133 -37.27 70.12 21.93
N SER AB 134 -37.47 70.26 23.23
CA SER AB 134 -38.75 69.93 23.86
C SER AB 134 -38.92 68.41 23.94
N TYR AB 135 -38.01 67.81 24.71
CA TYR AB 135 -38.15 66.45 25.17
C TYR AB 135 -38.74 66.46 26.55
N ALA AB 136 -39.37 65.36 26.95
CA ALA AB 136 -39.90 65.21 28.30
C ALA AB 136 -39.03 64.28 29.10
N GLN AB 137 -38.91 64.53 30.41
CA GLN AB 137 -38.35 63.54 31.33
C GLN AB 137 -39.14 62.24 31.25
N HIS AB 138 -38.45 61.13 31.40
CA HIS AB 138 -39.06 59.82 31.26
C HIS AB 138 -40.22 59.60 32.23
N GLN AB 139 -40.11 60.13 33.45
CA GLN AB 139 -41.21 60.07 34.41
C GLN AB 139 -42.41 60.93 34.02
N GLN AB 140 -42.19 61.98 33.24
CA GLN AB 140 -43.29 62.76 32.69
C GLN AB 140 -44.02 61.95 31.64
N VAL AB 141 -43.25 61.27 30.81
CA VAL AB 141 -43.80 60.37 29.78
C VAL AB 141 -44.63 59.23 30.40
N ARG AB 142 -44.14 58.62 31.48
CA ARG AB 142 -44.93 57.63 32.23
C ARG AB 142 -46.23 58.24 32.78
N GLN AB 143 -46.13 59.44 33.32
CA GLN AB 143 -47.27 60.15 33.88
C GLN AB 143 -48.31 60.48 32.82
N ILE AB 144 -47.84 60.83 31.64
CA ILE AB 144 -48.69 61.01 30.48
C ILE AB 144 -49.37 59.72 30.06
N ARG AB 145 -48.60 58.62 30.01
CA ARG AB 145 -49.15 57.30 29.66
C ARG AB 145 -50.27 56.92 30.60
N LYS AB 146 -50.03 57.04 31.91
CA LYS AB 146 -51.02 56.65 32.89
C LYS AB 146 -52.33 57.45 32.77
N LYS AB 147 -52.21 58.70 32.35
CA LYS AB 147 -53.39 59.52 32.04
C LYS AB 147 -54.06 59.01 30.76
N MET AB 148 -53.23 58.75 29.75
CA MET AB 148 -53.63 58.16 28.47
C MET AB 148 -54.44 56.87 28.65
N MET AB 149 -53.95 55.98 29.51
CA MET AB 149 -54.66 54.75 29.92
C MET AB 149 -56.00 55.06 30.58
N GLU AB 150 -55.93 55.83 31.65
CA GLU AB 150 -57.10 56.17 32.47
C GLU AB 150 -58.26 56.72 31.66
N ILE AB 151 -57.94 57.58 30.69
CA ILE AB 151 -58.93 58.15 29.80
C ILE AB 151 -59.47 57.13 28.81
N MET AB 152 -58.62 56.23 28.34
CA MET AB 152 -59.04 55.20 27.38
C MET AB 152 -59.95 54.15 28.00
N THR AB 153 -59.60 53.70 29.19
CA THR AB 153 -60.48 52.82 29.95
C THR AB 153 -61.80 53.54 30.27
N ARG AB 154 -61.73 54.78 30.75
CA ARG AB 154 -62.94 55.56 31.07
C ARG AB 154 -63.91 55.70 29.88
N GLU AB 155 -63.36 55.89 28.68
CA GLU AB 155 -64.18 56.12 27.48
C GLU AB 155 -64.68 54.86 26.77
N VAL AB 156 -64.33 53.68 27.29
CA VAL AB 156 -64.72 52.41 26.68
C VAL AB 156 -65.27 51.39 27.68
N GLN AB 157 -64.61 51.26 28.84
CA GLN AB 157 -65.05 50.36 29.92
C GLN AB 157 -66.53 50.56 30.24
N THR AB 158 -66.93 51.82 30.36
CA THR AB 158 -68.34 52.22 30.37
C THR AB 158 -68.78 52.50 28.93
N ASN AB 159 -70.09 52.52 28.71
CA ASN AB 159 -70.72 52.86 27.42
C ASN AB 159 -70.34 52.00 26.17
N ASP AB 160 -71.36 51.70 25.36
CA ASP AB 160 -71.30 50.58 24.38
C ASP AB 160 -70.47 50.85 23.13
N LEU AB 161 -70.46 49.88 22.21
CA LEU AB 161 -69.64 49.93 20.99
C LEU AB 161 -70.00 51.08 20.06
N LYS AB 162 -71.29 51.25 19.82
CA LYS AB 162 -71.80 52.38 19.04
C LYS AB 162 -71.33 53.70 19.63
N GLU AB 163 -71.46 53.83 20.95
CA GLU AB 163 -71.04 55.03 21.68
C GLU AB 163 -69.54 55.27 21.65
N VAL AB 164 -68.75 54.19 21.65
CA VAL AB 164 -67.30 54.28 21.47
C VAL AB 164 -66.94 54.73 20.06
N VAL AB 165 -67.58 54.12 19.06
CA VAL AB 165 -67.32 54.46 17.67
C VAL AB 165 -67.69 55.92 17.42
N ASN AB 166 -68.86 56.31 17.91
CA ASN AB 166 -69.30 57.71 17.87
C ASN AB 166 -68.23 58.65 18.43
N LYS AB 167 -67.63 58.26 19.55
CA LYS AB 167 -66.54 59.03 20.18
C LYS AB 167 -65.29 59.04 19.31
N LEU AB 168 -65.03 57.95 18.61
CA LEU AB 168 -63.88 57.87 17.69
C LEU AB 168 -64.01 58.79 16.48
N ILE AB 169 -65.21 58.90 15.91
CA ILE AB 169 -65.39 59.54 14.60
C ILE AB 169 -64.86 60.98 14.56
N PRO AB 170 -65.24 61.83 15.52
CA PRO AB 170 -64.46 63.04 15.80
C PRO AB 170 -63.62 62.78 17.05
N ASP AB 171 -62.30 62.85 16.91
CA ASP AB 171 -61.36 62.29 17.92
C ASP AB 171 -61.52 62.90 19.33
N SER AB 172 -62.57 62.44 20.01
CA SER AB 172 -62.95 62.95 21.31
C SER AB 172 -61.99 62.49 22.39
N ILE AB 173 -61.59 61.22 22.28
CA ILE AB 173 -60.68 60.61 23.26
C ILE AB 173 -59.33 61.32 23.20
N GLY AB 174 -58.84 61.54 21.98
CA GLY AB 174 -57.60 62.26 21.76
C GLY AB 174 -57.60 63.67 22.31
N LYS AB 175 -58.70 64.38 22.08
CA LYS AB 175 -58.87 65.74 22.61
C LYS AB 175 -58.83 65.78 24.13
N ASP AB 176 -59.56 64.85 24.74
CA ASP AB 176 -59.62 64.72 26.20
C ASP AB 176 -58.24 64.48 26.81
N ILE AB 177 -57.45 63.60 26.20
CA ILE AB 177 -56.09 63.30 26.67
C ILE AB 177 -55.20 64.52 26.55
N GLU AB 178 -55.33 65.24 25.44
CA GLU AB 178 -54.57 66.46 25.19
C GLU AB 178 -54.84 67.56 26.23
N LYS AB 179 -56.10 67.65 26.65
CA LYS AB 179 -56.52 68.58 27.71
C LYS AB 179 -55.88 68.19 29.05
N ALA AB 180 -55.98 66.91 29.37
CA ALA AB 180 -55.52 66.37 30.66
C ALA AB 180 -54.01 66.49 30.87
N CYS AB 181 -53.24 66.21 29.83
CA CYS AB 181 -51.78 66.09 29.92
C CYS AB 181 -50.99 67.39 29.71
N GLN AB 182 -51.66 68.51 29.45
CA GLN AB 182 -50.97 69.78 29.24
C GLN AB 182 -50.15 70.17 30.47
N SER AB 183 -50.74 69.96 31.64
CA SER AB 183 -50.09 70.30 32.91
C SER AB 183 -48.80 69.52 33.21
N ILE AB 184 -48.68 68.31 32.66
CA ILE AB 184 -47.47 67.50 32.80
C ILE AB 184 -46.41 67.93 31.78
N TYR AB 185 -46.80 67.90 30.52
CA TYR AB 185 -45.97 68.38 29.44
C TYR AB 185 -46.89 68.55 28.22
N PRO AB 186 -47.00 69.78 27.68
CA PRO AB 186 -47.96 70.15 26.64
C PRO AB 186 -48.63 69.06 25.77
N LEU AB 187 -47.85 68.34 24.96
CA LEU AB 187 -48.36 67.44 23.91
C LEU AB 187 -49.16 68.19 22.87
N HIS AB 188 -49.44 67.55 21.73
CA HIS AB 188 -50.27 68.21 20.70
C HIS AB 188 -51.00 67.39 19.64
N ASP AB 189 -50.47 66.25 19.21
CA ASP AB 189 -51.09 65.54 18.09
C ASP AB 189 -51.72 64.27 18.64
N VAL AB 190 -52.42 64.41 19.77
CA VAL AB 190 -52.77 63.26 20.57
C VAL AB 190 -53.95 62.57 19.90
N PHE AB 191 -53.65 61.48 19.20
CA PHE AB 191 -54.65 60.69 18.50
C PHE AB 191 -54.74 59.31 19.11
N VAL AB 192 -55.85 58.64 18.86
CA VAL AB 192 -55.91 57.18 18.97
C VAL AB 192 -55.58 56.59 17.61
N ARG AB 193 -54.31 56.26 17.41
CA ARG AB 193 -53.83 55.87 16.09
C ARG AB 193 -54.35 54.50 15.62
N LYS AB 194 -54.80 53.65 16.53
CA LYS AB 194 -55.32 52.35 16.15
C LYS AB 194 -56.40 51.84 17.09
N VAL AB 195 -57.34 51.10 16.53
CA VAL AB 195 -58.35 50.38 17.31
C VAL AB 195 -58.44 48.98 16.70
N LYS AB 196 -58.65 47.99 17.56
CA LYS AB 196 -58.46 46.59 17.20
C LYS AB 196 -59.51 45.69 17.82
N MET AB 197 -60.21 44.91 16.99
CA MET AB 197 -61.14 43.91 17.48
C MET AB 197 -60.38 42.67 17.89
N LEU AB 198 -60.81 42.08 19.00
CA LEU AB 198 -60.20 40.88 19.54
C LEU AB 198 -61.27 39.80 19.70
N LYS AB 199 -62.25 40.09 20.55
CA LYS AB 199 -63.29 39.16 20.90
C LYS AB 199 -64.61 39.87 20.66
N LYS AB 200 -65.26 39.56 19.55
CA LYS AB 200 -66.64 40.00 19.35
C LYS AB 200 -67.53 38.96 20.01
N PRO AB 201 -68.65 39.40 20.62
CA PRO AB 201 -69.54 38.44 21.27
C PRO AB 201 -70.28 37.60 20.23
N LYS AB 202 -70.97 36.55 20.70
CA LYS AB 202 -71.74 35.68 19.82
C LYS AB 202 -72.75 36.53 19.05
N PHE AB 203 -72.78 36.33 17.73
CA PHE AB 203 -73.59 37.14 16.82
C PHE AB 203 -75.06 37.20 17.25
N GLU AB 204 -75.56 38.43 17.43
CA GLU AB 204 -76.98 38.67 17.66
C GLU AB 204 -77.47 39.57 16.54
N LEU AB 205 -78.44 39.09 15.76
CA LEU AB 205 -78.92 39.81 14.59
C LEU AB 205 -79.70 41.07 15.00
N GLY AB 206 -80.35 41.02 16.16
CA GLY AB 206 -81.05 42.17 16.73
C GLY AB 206 -80.16 43.37 16.97
N LYS AB 207 -78.95 43.12 17.44
CA LYS AB 207 -77.94 44.18 17.61
C LYS AB 207 -77.56 44.82 16.27
N LEU AB 208 -77.33 43.99 15.26
CA LEU AB 208 -77.03 44.46 13.91
C LEU AB 208 -78.16 45.32 13.37
N MET AB 209 -79.40 44.87 13.56
CA MET AB 209 -80.57 45.63 13.11
C MET AB 209 -80.75 46.95 13.86
N GLU AB 210 -80.34 46.98 15.13
CA GLU AB 210 -80.33 48.22 15.90
C GLU AB 210 -79.28 49.19 15.34
N LEU AB 211 -78.11 48.65 14.98
CA LEU AB 211 -77.04 49.44 14.34
C LEU AB 211 -77.41 50.01 12.98
N HIS AB 212 -78.25 49.31 12.23
CA HIS AB 212 -78.68 49.76 10.91
C HIS AB 212 -80.09 50.37 11.03
N GLY AB 213 -81.11 49.53 11.17
CA GLY AB 213 -82.51 49.99 11.24
C GLY AB 213 -83.53 48.86 11.15
N GLU BB 1 25.23 104.38 -4.63
CA GLU BB 1 24.70 105.43 -3.70
C GLU BB 1 23.39 104.99 -3.06
N TRP BB 2 23.22 105.31 -1.78
CA TRP BB 2 22.06 104.89 -0.99
C TRP BB 2 21.01 105.99 -0.91
N LEU BB 3 19.80 105.70 -1.37
CA LEU BB 3 18.65 106.53 -1.01
C LEU BB 3 17.60 105.72 -0.27
N PRO BB 4 17.17 106.25 0.93
CA PRO BB 4 16.60 105.26 1.83
C PRO BB 4 15.09 105.45 1.92
N VAL BB 5 14.34 104.41 1.59
CA VAL BB 5 12.89 104.47 1.68
C VAL BB 5 12.45 104.66 3.11
N THR BB 6 13.11 103.94 4.02
CA THR BB 6 12.67 103.90 5.41
C THR BB 6 12.84 105.27 6.05
N LYS BB 7 11.86 105.64 6.87
CA LYS BB 7 12.00 106.80 7.74
C LYS BB 7 13.29 106.70 8.55
N LEU BB 8 13.46 105.56 9.20
CA LEU BB 8 14.65 105.28 10.02
C LEU BB 8 15.91 105.42 9.20
N GLY BB 9 15.92 104.80 8.03
CA GLY BB 9 17.04 104.85 7.11
C GLY BB 9 17.45 106.25 6.73
N ARG BB 10 16.46 107.13 6.57
CA ARG BB 10 16.70 108.55 6.29
C ARG BB 10 17.39 109.25 7.45
N LEU BB 11 16.99 108.94 8.67
CA LEU BB 11 17.66 109.48 9.86
C LEU BB 11 19.10 109.02 9.98
N VAL BB 12 19.33 107.74 9.73
CA VAL BB 12 20.67 107.15 9.87
C VAL BB 12 21.62 107.74 8.83
N LYS BB 13 21.13 107.86 7.60
CA LYS BB 13 21.84 108.55 6.50
C LYS BB 13 22.32 109.94 6.91
N ASP BB 14 21.43 110.71 7.54
CA ASP BB 14 21.74 112.11 7.92
C ASP BB 14 22.49 112.27 9.26
N VAL BB 15 23.18 111.22 9.71
CA VAL BB 15 23.99 111.22 10.95
C VAL BB 15 23.21 111.70 12.18
N LYS BB 16 21.93 111.36 12.23
CA LYS BB 16 21.01 111.83 13.25
C LYS BB 16 21.01 110.84 14.40
N ILE BB 17 20.86 109.56 14.07
CA ILE BB 17 20.98 108.46 15.02
C ILE BB 17 22.44 108.06 15.09
N LYS BB 18 23.01 108.10 16.29
CA LYS BB 18 24.46 107.93 16.47
C LYS BB 18 24.92 106.49 16.41
N SER BB 19 24.13 105.57 16.95
CA SER BB 19 24.49 104.15 17.00
C SER BB 19 23.27 103.26 16.90
N LEU BB 20 23.46 102.05 16.40
CA LEU BB 20 22.36 101.09 16.31
C LEU BB 20 21.79 100.63 17.66
N GLU BB 21 22.53 100.88 18.74
CA GLU BB 21 22.01 100.71 20.11
C GLU BB 21 20.76 101.55 20.38
N GLU BB 22 20.71 102.74 19.77
CA GLU BB 22 19.52 103.60 19.86
C GLU BB 22 18.33 102.93 19.17
N ILE BB 23 18.57 102.37 18.00
CA ILE BB 23 17.53 101.69 17.24
C ILE BB 23 17.02 100.45 18.00
N TYR BB 24 17.96 99.62 18.47
CA TYR BB 24 17.62 98.42 19.25
C TYR BB 24 16.83 98.72 20.50
N LEU BB 25 17.14 99.82 21.16
CA LEU BB 25 16.43 100.24 22.35
C LEU BB 25 14.93 100.39 22.10
N PHE BB 26 14.57 100.96 20.95
CA PHE BB 26 13.18 101.21 20.62
C PHE BB 26 12.57 100.14 19.72
N SER BB 27 13.37 99.13 19.39
CA SER BB 27 12.92 97.92 18.69
C SER BB 27 12.41 98.20 17.29
N LEU BB 28 12.96 99.21 16.63
CA LEU BB 28 12.50 99.60 15.32
C LEU BB 28 13.11 98.65 14.31
N PRO BB 29 12.29 98.10 13.39
CA PRO BB 29 12.80 97.09 12.46
C PRO BB 29 13.75 97.67 11.41
N ILE BB 30 15.00 97.23 11.47
CA ILE BB 30 15.99 97.50 10.45
C ILE BB 30 15.54 96.78 9.19
N LYS BB 31 15.12 97.55 8.19
CA LYS BB 31 14.64 97.01 6.92
C LYS BB 31 15.58 97.34 5.77
N GLU BB 32 16.10 98.57 5.76
CA GLU BB 32 17.11 98.96 4.80
C GLU BB 32 18.45 98.37 5.25
N SER BB 33 19.06 97.56 4.38
CA SER BB 33 20.32 96.87 4.70
C SER BB 33 21.54 97.78 4.85
N GLU BB 34 21.42 99.01 4.38
CA GLU BB 34 22.54 99.94 4.36
C GLU BB 34 22.79 100.55 5.73
N ILE BB 35 21.74 100.67 6.54
CA ILE BB 35 21.84 101.20 7.90
C ILE BB 35 22.90 100.44 8.67
N ILE BB 36 22.68 99.14 8.82
CA ILE BB 36 23.58 98.26 9.55
C ILE BB 36 25.00 98.28 8.97
N ASP BB 37 25.12 98.29 7.66
CA ASP BB 37 26.41 98.36 7.00
C ASP BB 37 27.15 99.64 7.41
N PHE BB 38 26.42 100.76 7.44
CA PHE BB 38 26.98 102.04 7.85
C PHE BB 38 27.48 102.06 9.30
N PHE BB 39 26.70 101.47 10.21
CA PHE BB 39 27.06 101.43 11.63
C PHE BB 39 28.20 100.46 11.90
N LEU BB 40 28.12 99.27 11.34
CA LEU BB 40 29.17 98.26 11.46
C LEU BB 40 29.88 98.08 10.12
N GLY BB 41 30.37 99.18 9.55
CA GLY BB 41 31.26 99.11 8.38
C GLY BB 41 32.62 98.63 8.85
N ALA BB 42 33.14 97.60 8.18
CA ALA BB 42 34.29 96.80 8.69
C ALA BB 42 33.91 96.07 9.99
N ALA BB 43 34.82 95.23 10.47
CA ALA BB 43 34.56 94.32 11.62
C ALA BB 43 33.52 93.25 11.27
N LEU BB 44 32.33 93.70 10.87
CA LEU BB 44 31.31 92.86 10.25
C LEU BB 44 31.90 91.97 9.15
N LYS BB 45 31.83 90.65 9.36
CA LYS BB 45 32.38 89.65 8.45
C LYS BB 45 31.36 88.55 8.17
N ASP BB 46 31.37 88.03 6.95
CA ASP BB 46 30.35 87.12 6.45
C ASP BB 46 30.92 85.74 6.21
N GLU BB 47 30.44 84.74 6.94
CA GLU BB 47 30.87 83.36 6.80
C GLU BB 47 29.70 82.47 6.41
N VAL BB 48 29.83 81.79 5.27
CA VAL BB 48 28.81 80.88 4.79
C VAL BB 48 28.95 79.58 5.56
N LEU BB 49 27.96 79.29 6.39
CA LEU BB 49 27.94 78.05 7.16
C LEU BB 49 27.80 76.88 6.18
N LYS BB 50 26.71 76.91 5.43
CA LYS BB 50 26.33 75.82 4.53
C LYS BB 50 25.64 76.34 3.28
N ILE BB 51 25.85 75.64 2.18
CA ILE BB 51 25.05 75.79 0.98
C ILE BB 51 24.34 74.47 0.75
N MET BB 52 23.03 74.42 1.02
CA MET BB 52 22.28 73.20 0.80
C MET BB 52 21.39 73.37 -0.43
N PRO BB 53 21.49 72.43 -1.38
CA PRO BB 53 20.66 72.48 -2.57
C PRO BB 53 19.36 71.75 -2.36
N VAL BB 54 18.29 72.49 -2.17
CA VAL BB 54 16.96 71.88 -2.12
C VAL BB 54 16.48 71.70 -3.56
N GLN BB 55 15.52 70.81 -3.76
CA GLN BB 55 14.93 70.63 -5.07
C GLN BB 55 13.49 70.24 -4.97
N LYS BB 56 12.74 70.47 -6.04
CA LYS BB 56 11.31 70.23 -6.03
C LYS BB 56 10.82 69.69 -7.38
N GLN BB 57 10.05 68.62 -7.32
CA GLN BB 57 9.80 67.77 -8.47
C GLN BB 57 8.77 68.39 -9.40
N THR BB 58 9.05 68.30 -10.71
CA THR BB 58 8.19 68.80 -11.78
C THR BB 58 7.69 67.65 -12.62
N ARG BB 59 6.83 67.97 -13.58
CA ARG BB 59 6.53 67.03 -14.67
C ARG BB 59 7.80 66.84 -15.50
N ALA BB 60 8.53 67.94 -15.71
CA ALA BB 60 9.74 67.97 -16.52
C ALA BB 60 10.99 67.97 -15.66
N ALA BB 61 11.42 66.76 -15.26
CA ALA BB 61 12.57 66.61 -14.37
C ALA BB 61 12.35 67.26 -13.02
N GLN BB 62 13.42 67.79 -12.43
CA GLN BB 62 13.31 68.51 -11.14
C GLN BB 62 14.05 69.86 -11.11
N ARG BB 63 13.36 70.84 -10.53
CA ARG BB 63 13.93 72.15 -10.26
C ARG BB 63 14.84 71.99 -9.08
N THR BB 64 16.01 72.62 -9.12
CA THR BB 64 16.91 72.63 -7.97
C THR BB 64 17.43 74.04 -7.73
N ARG BB 65 17.60 74.37 -6.47
CA ARG BB 65 17.90 75.72 -6.05
C ARG BB 65 18.66 75.70 -4.75
N PHE BB 66 19.51 76.70 -4.56
CA PHE BB 66 20.54 76.66 -3.53
C PHE BB 66 20.19 77.58 -2.38
N LYS BB 67 20.39 77.07 -1.17
CA LYS BB 67 19.95 77.73 0.05
C LYS BB 67 21.17 78.02 0.91
N ALA BB 68 21.54 79.31 0.98
CA ALA BB 68 22.80 79.75 1.58
C ALA BB 68 22.61 80.23 3.00
N PHE BB 69 23.16 79.50 3.95
CA PHE BB 69 23.13 79.88 5.35
C PHE BB 69 24.38 80.68 5.64
N VAL BB 70 24.19 81.94 6.01
CA VAL BB 70 25.28 82.87 6.29
C VAL BB 70 25.12 83.46 7.67
N ALA BB 71 26.19 83.38 8.44
CA ALA BB 71 26.31 84.12 9.68
C ALA BB 71 27.10 85.35 9.40
N ILE BB 72 26.91 86.33 10.26
CA ILE BB 72 27.65 87.58 10.16
C ILE BB 72 27.85 88.07 11.58
N GLY BB 73 28.96 88.74 11.81
CA GLY BB 73 29.24 89.27 13.16
C GLY BB 73 30.49 90.12 13.19
N ASP BB 74 30.65 90.85 14.28
CA ASP BB 74 31.76 91.79 14.43
C ASP BB 74 32.81 91.29 15.43
N TYR BB 75 32.64 90.05 15.90
CA TYR BB 75 33.43 89.49 17.00
C TYR BB 75 33.33 90.35 18.27
N ASN BB 76 32.23 91.08 18.41
CA ASN BB 76 32.12 92.06 19.48
C ASN BB 76 30.69 92.58 19.66
N GLY BB 77 29.81 91.68 20.07
CA GLY BB 77 28.48 92.05 20.53
C GLY BB 77 27.32 91.88 19.57
N HIS BB 78 27.57 91.65 18.28
CA HIS BB 78 26.48 91.54 17.30
C HIS BB 78 26.64 90.33 16.38
N VAL BB 79 25.50 89.78 15.97
CA VAL BB 79 25.46 88.59 15.12
C VAL BB 79 24.14 88.48 14.40
N GLY BB 80 24.20 88.00 13.16
CA GLY BB 80 23.03 87.84 12.29
C GLY BB 80 23.11 86.58 11.46
N LEU BB 81 21.98 85.93 11.27
CA LEU BB 81 21.99 84.59 10.72
C LEU BB 81 20.96 84.51 9.62
N GLY BB 82 21.43 84.73 8.40
CA GLY BB 82 20.55 84.88 7.25
C GLY BB 82 20.56 83.64 6.40
N VAL BB 83 19.42 83.38 5.78
CA VAL BB 83 19.31 82.30 4.80
C VAL BB 83 18.44 82.74 3.64
N LYS BB 84 18.93 82.47 2.44
CA LYS BB 84 18.25 82.84 1.22
C LYS BB 84 18.40 81.72 0.23
N CYS BB 85 17.30 81.41 -0.45
CA CYS BB 85 17.33 80.45 -1.53
C CYS BB 85 17.21 81.17 -2.86
N SER BB 86 17.81 80.58 -3.89
CA SER BB 86 17.81 81.13 -5.24
C SER BB 86 18.30 80.11 -6.25
N LYS BB 87 18.13 80.45 -7.53
CA LYS BB 87 18.46 79.53 -8.63
C LYS BB 87 19.96 79.33 -8.84
N GLU BB 88 20.75 80.37 -8.57
CA GLU BB 88 22.20 80.29 -8.68
C GLU BB 88 22.83 80.66 -7.35
N VAL BB 89 23.93 79.99 -7.03
CA VAL BB 89 24.49 80.03 -5.68
C VAL BB 89 24.93 81.44 -5.26
N ALA BB 90 25.51 82.20 -6.17
CA ALA BB 90 26.03 83.52 -5.87
C ALA BB 90 24.91 84.41 -5.39
N THR BB 91 23.85 84.45 -6.16
CA THR BB 91 22.67 85.25 -5.83
C THR BB 91 22.06 84.85 -4.49
N ALA BB 92 22.11 83.56 -4.17
CA ALA BB 92 21.65 83.09 -2.86
C ALA BB 92 22.53 83.60 -1.74
N ILE BB 93 23.85 83.51 -1.93
CA ILE BB 93 24.81 83.96 -0.92
C ILE BB 93 24.70 85.47 -0.72
N ARG BB 94 24.56 86.20 -1.81
CA ARG BB 94 24.46 87.66 -1.74
C ARG BB 94 23.24 88.06 -0.90
N GLY BB 95 22.07 87.54 -1.28
CA GLY BB 95 20.82 87.80 -0.55
C GLY BB 95 20.78 87.31 0.89
N ALA BB 96 21.49 86.21 1.17
CA ALA BB 96 21.59 85.67 2.52
C ALA BB 96 22.42 86.55 3.42
N ILE BB 97 23.51 87.09 2.89
CA ILE BB 97 24.32 88.08 3.60
C ILE BB 97 23.48 89.27 4.05
N ILE BB 98 22.71 89.82 3.12
CA ILE BB 98 21.83 90.95 3.39
C ILE BB 98 20.79 90.62 4.45
N LEU BB 99 20.20 89.44 4.35
CA LEU BB 99 19.24 88.99 5.35
C LEU BB 99 19.84 88.80 6.71
N ALA BB 100 21.11 88.41 6.77
CA ALA BB 100 21.82 88.32 8.04
C ALA BB 100 21.96 89.71 8.65
N LYS BB 101 22.51 90.62 7.85
CA LYS BB 101 22.67 92.03 8.23
C LYS BB 101 21.39 92.58 8.81
N LEU BB 102 20.31 92.48 8.05
CA LEU BB 102 19.00 92.92 8.51
C LEU BB 102 18.62 92.37 9.86
N SER BB 103 18.84 91.08 10.06
CA SER BB 103 18.45 90.39 11.28
C SER BB 103 19.49 90.39 12.41
N ILE BB 104 20.55 91.18 12.32
CA ILE BB 104 21.56 91.11 13.38
C ILE BB 104 20.92 91.56 14.69
N VAL BB 105 21.46 91.05 15.79
CA VAL BB 105 20.98 91.34 17.13
C VAL BB 105 22.15 91.61 18.04
N PRO BB 106 21.90 92.24 19.20
CA PRO BB 106 22.97 92.47 20.17
C PRO BB 106 23.02 91.33 21.16
N VAL BB 107 24.20 90.79 21.43
CA VAL BB 107 24.34 89.76 22.47
C VAL BB 107 24.78 90.41 23.74
N ARG BB 108 24.11 90.03 24.82
CA ARG BB 108 24.55 90.38 26.15
C ARG BB 108 25.61 89.35 26.46
N ARG BB 109 26.82 89.81 26.77
CA ARG BB 109 27.83 88.92 27.34
C ARG BB 109 28.01 89.30 28.79
N GLY BB 110 28.39 88.30 29.59
CA GLY BB 110 28.53 88.46 31.02
C GLY BB 110 29.75 87.76 31.59
N TYR BB 111 29.85 87.82 32.90
CA TYR BB 111 30.98 87.30 33.63
C TYR BB 111 30.61 85.92 34.08
N TRP BB 112 31.55 85.22 34.70
CA TRP BB 112 31.35 83.85 35.12
C TRP BB 112 31.15 83.81 36.62
N GLY BB 113 32.22 84.04 37.37
CA GLY BB 113 32.20 83.95 38.82
C GLY BB 113 32.56 85.30 39.38
N ASN BB 114 33.87 85.54 39.49
CA ASN BB 114 34.38 86.86 39.83
C ASN BB 114 34.13 87.80 38.65
N LYS BB 115 33.70 89.02 38.96
CA LYS BB 115 33.09 89.91 37.97
C LYS BB 115 34.09 90.87 37.28
N ILE BB 116 35.35 90.46 37.21
CA ILE BB 116 36.46 91.32 36.78
C ILE BB 116 36.71 91.29 35.29
N GLY BB 117 37.37 92.33 34.80
CA GLY BB 117 37.76 92.42 33.38
C GLY BB 117 36.62 92.89 32.52
N LYS BB 118 36.57 92.40 31.28
CA LYS BB 118 35.45 92.62 30.39
C LYS BB 118 34.63 91.36 30.30
N PRO BB 119 33.32 91.49 30.10
CA PRO BB 119 32.44 90.32 30.08
C PRO BB 119 32.82 89.36 28.95
N HIS BB 120 33.02 88.10 29.31
CA HIS BB 120 33.72 87.12 28.46
C HIS BB 120 32.92 85.88 28.07
N THR BB 121 31.79 85.65 28.73
CA THR BB 121 30.94 84.50 28.48
C THR BB 121 29.48 84.95 28.41
N VAL BB 122 28.55 84.02 28.57
CA VAL BB 122 27.13 84.31 28.48
C VAL BB 122 26.68 84.72 29.87
N PRO BB 123 25.64 85.57 30.00
CA PRO BB 123 25.23 85.97 31.34
C PRO BB 123 24.73 84.84 32.21
N CYS BB 124 23.64 84.21 31.79
CA CYS BB 124 23.03 83.09 32.49
C CYS BB 124 22.89 81.98 31.49
N LYS BB 125 22.58 80.77 31.96
CA LYS BB 125 22.47 79.65 31.03
C LYS BB 125 21.15 79.76 30.28
N VAL BB 126 21.25 80.47 29.16
CA VAL BB 126 20.16 80.62 28.21
C VAL BB 126 20.14 79.43 27.28
N THR BB 127 18.97 79.22 26.69
CA THR BB 127 18.81 78.21 25.67
C THR BB 127 17.96 78.73 24.52
N GLY BB 128 18.08 78.07 23.37
CA GLY BB 128 17.27 78.41 22.21
C GLY BB 128 17.06 77.16 21.39
N ARG BB 129 15.81 76.91 21.01
CA ARG BB 129 15.47 75.70 20.27
C ARG BB 129 14.70 76.05 19.01
N CYS BB 130 14.93 75.24 17.97
CA CYS BB 130 14.38 75.44 16.65
C CYS BB 130 14.14 74.09 16.00
N GLY BB 131 12.87 73.79 15.74
CA GLY BB 131 12.45 72.57 15.02
C GLY BB 131 13.19 71.31 15.41
N SER BB 132 12.84 70.76 16.56
CA SER BB 132 13.52 69.63 17.16
C SER BB 132 14.80 70.07 17.84
N VAL BB 133 15.79 70.50 17.07
CA VAL BB 133 17.07 70.86 17.65
C VAL BB 133 16.89 71.85 18.77
N LEU BB 134 17.62 71.62 19.84
CA LEU BB 134 17.64 72.50 20.98
C LEU BB 134 19.11 72.77 21.26
N VAL BB 135 19.43 73.98 21.71
CA VAL BB 135 20.81 74.32 22.05
C VAL BB 135 20.84 75.11 23.34
N ARG BB 136 21.58 74.60 24.32
CA ARG BB 136 21.77 75.26 25.58
C ARG BB 136 23.17 75.82 25.65
N LEU BB 137 23.26 77.12 25.94
CA LEU BB 137 24.52 77.76 26.27
C LEU BB 137 24.65 77.77 27.77
N ILE BB 138 25.84 77.38 28.22
CA ILE BB 138 26.17 77.38 29.63
C ILE BB 138 27.37 78.31 29.78
N PRO BB 139 27.29 79.28 30.70
CA PRO BB 139 28.46 80.12 30.93
C PRO BB 139 29.65 79.33 31.49
N ALA BB 140 30.86 79.82 31.23
CA ALA BB 140 32.09 79.10 31.58
C ALA BB 140 33.21 80.06 31.93
N PRO BB 141 34.14 79.63 32.80
CA PRO BB 141 35.17 80.53 33.28
C PRO BB 141 36.17 80.85 32.21
N ARG BB 142 36.96 81.89 32.46
CA ARG BB 142 37.91 82.39 31.48
C ARG BB 142 38.79 81.28 30.91
N GLY BB 143 39.18 81.44 29.64
CA GLY BB 143 40.14 80.56 29.02
C GLY BB 143 39.58 79.27 28.48
N THR BB 144 38.43 78.84 28.98
CA THR BB 144 37.82 77.58 28.53
C THR BB 144 37.65 77.58 27.02
N GLY BB 145 37.33 78.74 26.45
CA GLY BB 145 37.03 78.88 25.04
C GLY BB 145 35.63 78.37 24.80
N ILE BB 146 35.25 78.22 23.53
CA ILE BB 146 33.94 77.68 23.23
C ILE BB 146 34.12 76.17 23.19
N VAL BB 147 33.52 75.51 24.17
CA VAL BB 147 33.43 74.06 24.18
C VAL BB 147 32.14 73.73 23.49
N SER BB 148 32.20 73.61 22.17
CA SER BB 148 31.01 73.37 21.40
C SER BB 148 31.27 72.81 20.01
N ALA BB 149 30.17 72.33 19.43
CA ALA BB 149 30.14 71.81 18.09
C ALA BB 149 30.47 72.93 17.10
N PRO BB 150 31.16 72.60 16.00
CA PRO BB 150 31.53 73.55 14.95
C PRO BB 150 30.55 74.70 14.67
N VAL BB 151 29.30 74.40 14.36
CA VAL BB 151 28.38 75.45 13.93
C VAL BB 151 28.13 76.50 15.01
N PRO BB 152 27.74 76.08 16.22
CA PRO BB 152 27.64 77.08 17.30
C PRO BB 152 28.96 77.79 17.58
N LYS BB 153 30.07 77.06 17.51
CA LYS BB 153 31.40 77.62 17.75
C LYS BB 153 31.75 78.75 16.78
N LYS BB 154 31.26 78.63 15.55
CA LYS BB 154 31.44 79.66 14.52
C LYS BB 154 30.61 80.92 14.81
N LEU BB 155 29.34 80.73 15.21
CA LEU BB 155 28.45 81.84 15.50
C LEU BB 155 28.76 82.49 16.82
N LEU BB 156 29.03 81.70 17.84
CA LEU BB 156 29.38 82.22 19.15
C LEU BB 156 30.67 83.04 19.11
N LEU BB 157 31.62 82.62 18.27
CA LEU BB 157 32.84 83.40 18.08
C LEU BB 157 32.48 84.77 17.49
N MET BB 158 31.70 84.75 16.41
CA MET BB 158 31.20 85.97 15.78
C MET BB 158 30.43 86.88 16.70
N ALA BB 159 29.65 86.29 17.60
CA ALA BB 159 28.96 87.05 18.64
C ALA BB 159 29.95 87.71 19.58
N GLY BB 160 31.16 87.15 19.65
CA GLY BB 160 32.26 87.67 20.46
C GLY BB 160 32.34 86.94 21.79
N ILE BB 161 31.47 85.95 21.99
CA ILE BB 161 31.37 85.23 23.25
C ILE BB 161 32.58 84.32 23.32
N ASP BB 162 33.56 84.71 24.13
CA ASP BB 162 34.84 84.01 24.17
C ASP BB 162 34.72 82.59 24.75
N ASP BB 163 34.00 82.46 25.85
CA ASP BB 163 33.99 81.26 26.66
C ASP BB 163 32.57 80.76 26.79
N CYS BB 164 32.31 79.51 26.43
CA CYS BB 164 30.97 78.96 26.50
C CYS BB 164 30.94 77.43 26.47
N TYR BB 165 30.45 76.83 27.55
CA TYR BB 165 30.09 75.42 27.56
C TYR BB 165 28.75 75.35 26.86
N THR BB 166 28.53 74.31 26.07
CA THR BB 166 27.27 74.16 25.33
C THR BB 166 26.71 72.78 25.46
N SER BB 167 25.45 72.65 25.07
CA SER BB 167 24.77 71.38 24.99
C SER BB 167 23.92 71.39 23.74
N ALA BB 168 23.56 70.20 23.27
CA ALA BB 168 22.69 70.09 22.12
C ALA BB 168 21.99 68.75 22.10
N TRP BB 169 20.75 68.79 21.61
CA TRP BB 169 19.80 67.70 21.59
C TRP BB 169 19.02 67.82 20.27
N SER BB 170 18.46 66.73 19.75
CA SER BB 170 17.70 66.77 18.50
C SER BB 170 18.64 66.50 17.34
N CYS BB 171 18.12 66.60 16.12
CA CYS BB 171 18.91 66.26 14.94
C CYS BB 171 19.82 67.41 14.54
N THR BB 172 20.96 67.51 15.19
CA THR BB 172 21.89 68.60 15.00
C THR BB 172 22.53 68.60 13.61
N ALA BB 173 22.46 67.46 12.91
CA ALA BB 173 22.87 67.36 11.52
C ALA BB 173 22.16 68.35 10.59
N THR BB 174 20.88 68.62 10.83
CA THR BB 174 20.16 69.64 10.06
C THR BB 174 20.71 71.02 10.38
N LEU BB 175 21.81 71.34 9.70
CA LEU BB 175 22.71 72.43 10.12
C LEU BB 175 22.00 73.74 10.21
N GLY BB 176 21.21 74.07 9.19
CA GLY BB 176 20.39 75.26 9.25
C GLY BB 176 19.66 75.39 10.57
N ASN BB 177 18.93 74.34 10.92
CA ASN BB 177 18.13 74.29 12.13
C ASN BB 177 18.99 74.50 13.39
N PHE BB 178 20.16 73.88 13.38
CA PHE BB 178 21.13 73.98 14.47
C PHE BB 178 21.63 75.42 14.62
N ALA BB 179 21.91 76.08 13.50
CA ALA BB 179 22.30 77.49 13.52
C ALA BB 179 21.17 78.37 14.05
N LYS BB 180 19.96 78.12 13.54
CA LYS BB 180 18.77 78.86 13.92
C LYS BB 180 18.39 78.68 15.38
N ALA BB 181 18.73 77.51 15.94
CA ALA BB 181 18.57 77.26 17.36
C ALA BB 181 19.59 78.04 18.18
N THR BB 182 20.85 78.00 17.77
CA THR BB 182 21.90 78.68 18.50
C THR BB 182 21.71 80.19 18.41
N PHE BB 183 21.12 80.65 17.31
CA PHE BB 183 20.85 82.06 17.14
C PHE BB 183 19.77 82.55 18.10
N ASP BB 184 18.74 81.74 18.32
CA ASP BB 184 17.71 82.07 19.29
C ASP BB 184 18.26 82.07 20.70
N ALA BB 185 19.26 81.23 20.96
CA ALA BB 185 19.93 81.25 22.25
C ALA BB 185 20.59 82.61 22.48
N ILE BB 186 21.46 83.03 21.56
CA ILE BB 186 22.21 84.29 21.73
C ILE BB 186 21.38 85.55 21.48
N SER BB 187 20.27 85.41 20.78
CA SER BB 187 19.27 86.47 20.73
C SER BB 187 18.66 86.67 22.12
N LYS BB 188 18.39 85.56 22.80
CA LYS BB 188 17.67 85.56 24.08
C LYS BB 188 18.48 86.04 25.27
N THR BB 189 19.76 86.36 25.08
CA THR BB 189 20.59 86.85 26.18
C THR BB 189 20.13 88.21 26.69
N TYR BB 190 19.70 89.06 25.77
CA TYR BB 190 19.18 90.38 26.14
C TYR BB 190 17.70 90.37 26.53
N SER BB 191 17.05 89.22 26.38
CA SER BB 191 15.67 89.02 26.84
C SER BB 191 15.55 88.40 28.23
N TYR BB 192 16.66 88.04 28.86
CA TYR BB 192 16.62 87.45 30.20
C TYR BB 192 16.68 88.53 31.27
N LEU BB 193 15.62 88.62 32.07
CA LEU BB 193 15.47 89.67 33.09
C LEU BB 193 16.16 89.24 34.37
N THR BB 194 17.46 89.53 34.46
CA THR BB 194 18.24 89.20 35.65
C THR BB 194 17.98 90.26 36.72
N PRO BB 195 18.49 90.06 37.94
CA PRO BB 195 18.48 91.15 38.92
C PRO BB 195 19.37 92.33 38.56
N ASP BB 196 20.33 92.11 37.66
CA ASP BB 196 21.19 93.16 37.15
C ASP BB 196 20.40 94.30 36.48
N LEU BB 197 19.23 93.98 35.90
CA LEU BB 197 18.29 94.99 35.42
C LEU BB 197 17.44 95.49 36.60
N TRP BB 198 16.18 95.07 36.74
CA TRP BB 198 15.32 95.38 37.90
C TRP BB 198 15.02 96.87 38.16
N LYS BB 199 16.05 97.71 38.29
CA LYS BB 199 15.92 99.18 38.20
C LYS BB 199 14.87 99.61 37.19
N GLU BB 200 13.89 100.39 37.64
CA GLU BB 200 12.84 100.91 36.74
C GLU BB 200 13.42 101.74 35.60
N THR BB 201 12.72 101.73 34.47
CA THR BB 201 13.23 102.33 33.23
C THR BB 201 13.03 103.83 33.18
N VAL BB 202 13.80 104.46 32.30
CA VAL BB 202 13.80 105.91 32.14
C VAL BB 202 12.76 106.35 31.11
N PHE BB 203 12.77 105.68 29.95
CA PHE BB 203 12.00 106.07 28.76
C PHE BB 203 12.47 107.39 28.14
N THR BB 204 13.08 107.29 26.95
CA THR BB 204 13.53 108.44 26.19
C THR BB 204 12.55 108.68 25.01
N LYS BB 205 12.87 109.62 24.13
CA LYS BB 205 11.90 110.13 23.15
C LYS BB 205 11.57 109.19 21.98
N SER BB 206 12.58 108.47 21.49
CA SER BB 206 12.51 107.68 20.25
C SER BB 206 12.85 108.56 19.06
N PRO BB 207 13.75 108.10 18.17
CA PRO BB 207 14.20 108.97 17.08
C PRO BB 207 13.08 109.58 16.23
N TYR BB 208 12.00 108.83 16.02
CA TYR BB 208 10.84 109.32 15.28
C TYR BB 208 10.16 110.53 15.95
N GLN BB 209 10.28 110.63 17.29
CA GLN BB 209 9.79 111.78 18.06
C GLN BB 209 10.83 112.88 18.16
N GLU BB 210 12.10 112.50 18.34
CA GLU BB 210 13.22 113.44 18.47
C GLU BB 210 13.39 114.29 17.22
N PHE BB 211 13.31 113.65 16.05
CA PHE BB 211 13.62 114.29 14.79
C PHE BB 211 12.43 114.38 13.86
N THR BB 212 11.24 114.63 14.42
CA THR BB 212 10.03 114.79 13.62
C THR BB 212 10.01 116.08 12.79
N ASP BB 213 10.73 117.10 13.27
CA ASP BB 213 10.90 118.36 12.53
C ASP BB 213 11.89 118.17 11.38
N HIS BB 214 12.87 117.28 11.57
CA HIS BB 214 13.78 116.89 10.51
C HIS BB 214 13.09 116.02 9.47
N LEU BB 215 12.34 115.01 9.91
CA LEU BB 215 11.72 114.04 9.00
C LEU BB 215 10.73 114.68 8.04
N VAL BB 216 9.94 115.63 8.52
CA VAL BB 216 9.23 116.56 7.62
C VAL BB 216 10.31 117.47 7.00
N LYS BB 217 10.99 116.93 6.00
CA LYS BB 217 12.24 117.47 5.49
C LYS BB 217 12.12 118.86 4.86
N THR BB 218 13.04 119.75 5.26
CA THR BB 218 13.01 121.17 4.91
C THR BB 218 14.08 121.47 3.88
N MET CB 1 30.80 89.13 -70.12
CA MET CB 1 31.08 90.46 -70.77
C MET CB 1 29.78 91.19 -71.13
N ALA CB 2 28.94 90.53 -71.92
CA ALA CB 2 27.62 91.05 -72.31
C ALA CB 2 26.52 90.09 -71.84
N VAL CB 3 26.65 89.61 -70.61
CA VAL CB 3 25.74 88.59 -70.07
C VAL CB 3 24.39 89.18 -69.65
N GLN CB 4 24.42 90.18 -68.76
CA GLN CB 4 23.24 90.66 -68.04
C GLN CB 4 22.34 89.51 -67.54
N ILE CB 5 22.76 88.86 -66.46
CA ILE CB 5 22.04 87.71 -65.90
C ILE CB 5 20.66 88.06 -65.33
N SER CB 6 19.85 87.04 -65.04
CA SER CB 6 18.43 87.22 -64.69
C SER CB 6 18.24 88.07 -63.44
N LYS CB 7 17.21 88.91 -63.46
CA LYS CB 7 16.87 89.75 -62.30
C LYS CB 7 16.56 88.91 -61.05
N LYS CB 8 15.90 87.77 -61.27
CA LYS CB 8 15.77 86.75 -60.26
C LYS CB 8 17.14 86.34 -59.75
N ARG CB 9 17.92 85.73 -60.64
CA ARG CB 9 19.17 85.06 -60.28
C ARG CB 9 20.22 86.00 -59.68
N LYS CB 10 20.30 87.20 -60.26
CA LYS CB 10 21.29 88.21 -59.87
C LYS CB 10 21.17 88.56 -58.40
N PHE CB 11 19.94 88.85 -57.96
CA PHE CB 11 19.66 89.20 -56.55
C PHE CB 11 20.01 88.08 -55.58
N VAL CB 12 19.76 86.85 -56.00
CA VAL CB 12 20.12 85.67 -55.22
C VAL CB 12 21.65 85.56 -55.12
N ALA CB 13 22.32 85.65 -56.26
CA ALA CB 13 23.78 85.60 -56.30
C ALA CB 13 24.44 86.71 -55.47
N ASP CB 14 23.84 87.89 -55.47
CA ASP CB 14 24.35 89.04 -54.73
C ASP CB 14 24.33 88.79 -53.23
N GLY CB 15 23.18 88.30 -52.76
CA GLY CB 15 23.02 87.94 -51.36
C GLY CB 15 23.95 86.82 -50.93
N ILE CB 16 24.16 85.87 -51.83
CA ILE CB 16 25.12 84.80 -51.61
C ILE CB 16 26.54 85.31 -51.43
N PHE CB 17 26.95 86.24 -52.28
CA PHE CB 17 28.24 86.91 -52.16
C PHE CB 17 28.34 87.59 -50.80
N LYS CB 18 27.36 88.43 -50.50
CA LYS CB 18 27.27 89.12 -49.22
C LYS CB 18 27.43 88.16 -48.02
N ALA CB 19 26.78 87.01 -48.10
CA ALA CB 19 26.84 86.00 -47.03
C ALA CB 19 28.21 85.34 -46.89
N GLU CB 20 28.85 85.04 -48.01
CA GLU CB 20 30.20 84.46 -47.99
C GLU CB 20 31.20 85.41 -47.39
N LEU CB 21 31.10 86.68 -47.78
CA LEU CB 21 31.98 87.71 -47.27
C LEU CB 21 31.79 87.90 -45.76
N ASN CB 22 30.54 87.84 -45.30
CA ASN CB 22 30.22 87.92 -43.87
C ASN CB 22 30.92 86.81 -43.08
N GLU CB 23 30.82 85.57 -43.58
CA GLU CB 23 31.52 84.41 -42.98
C GLU CB 23 33.01 84.67 -42.88
N PHE CB 24 33.63 84.92 -44.03
CA PHE CB 24 35.07 85.12 -44.12
C PHE CB 24 35.56 86.22 -43.17
N LEU CB 25 34.85 87.35 -43.15
CA LEU CB 25 35.14 88.43 -42.19
C LEU CB 25 34.97 87.99 -40.75
N THR CB 26 33.93 87.19 -40.48
CA THR CB 26 33.73 86.62 -39.14
C THR CB 26 34.87 85.67 -38.79
N ARG CB 27 35.29 84.86 -39.75
CA ARG CB 27 36.35 83.89 -39.54
C ARG CB 27 37.73 84.56 -39.36
N GLU CB 28 37.98 85.62 -40.13
CA GLU CB 28 39.28 86.29 -40.13
C GLU CB 28 39.41 87.25 -38.96
N LEU CB 29 38.45 88.17 -38.86
CA LEU CB 29 38.42 89.19 -37.80
C LEU CB 29 37.56 88.78 -36.60
N ALA CB 30 37.65 87.51 -36.20
CA ALA CB 30 36.92 87.00 -35.03
C ALA CB 30 37.45 87.70 -33.78
N GLU CB 31 38.69 87.39 -33.40
CA GLU CB 31 39.35 87.98 -32.22
C GLU CB 31 39.37 89.52 -32.25
N ASP CB 32 39.36 90.08 -33.46
CA ASP CB 32 39.61 91.51 -33.69
C ASP CB 32 38.40 92.43 -33.44
N GLY CB 33 37.21 91.86 -33.21
CA GLY CB 33 36.03 92.64 -32.82
C GLY CB 33 35.08 93.00 -33.94
N TYR CB 34 34.85 92.05 -34.85
CA TYR CB 34 34.02 92.26 -36.05
C TYR CB 34 32.54 92.28 -35.70
N SER CB 35 31.81 93.19 -36.35
CA SER CB 35 30.41 93.45 -36.02
C SER CB 35 29.47 93.56 -37.24
N GLY CB 36 29.94 93.15 -38.42
CA GLY CB 36 29.09 93.08 -39.62
C GLY CB 36 29.70 93.76 -40.82
N VAL CB 37 29.16 93.48 -42.00
CA VAL CB 37 29.56 94.15 -43.24
C VAL CB 37 28.37 94.84 -43.86
N GLU CB 38 28.58 96.04 -44.39
CA GLU CB 38 27.53 96.82 -45.01
C GLU CB 38 27.98 97.25 -46.41
N VAL CB 39 27.65 96.40 -47.39
CA VAL CB 39 28.11 96.57 -48.76
C VAL CB 39 27.18 97.47 -49.57
N ARG CB 40 27.75 98.23 -50.51
CA ARG CB 40 26.96 99.01 -51.46
C ARG CB 40 27.70 99.24 -52.79
N VAL CB 41 27.06 98.84 -53.88
CA VAL CB 41 27.62 99.00 -55.23
C VAL CB 41 27.36 100.40 -55.77
N THR CB 42 28.27 100.88 -56.61
CA THR CB 42 28.20 102.24 -57.19
C THR CB 42 28.76 102.20 -58.63
N PRO CB 43 28.72 103.34 -59.35
CA PRO CB 43 29.38 103.42 -60.66
C PRO CB 43 30.89 103.14 -60.62
N THR CB 44 31.29 102.02 -61.22
CA THR CB 44 32.69 101.56 -61.33
C THR CB 44 33.42 101.43 -59.97
N ARG CB 45 32.68 101.10 -58.91
CA ARG CB 45 33.23 101.05 -57.56
C ARG CB 45 32.23 100.29 -56.67
N THR CB 46 32.75 99.48 -55.75
CA THR CB 46 31.93 98.72 -54.79
C THR CB 46 32.47 98.93 -53.39
N GLU CB 47 31.89 99.91 -52.68
CA GLU CB 47 32.28 100.18 -51.30
C GLU CB 47 31.79 99.04 -50.41
N ILE CB 48 32.60 98.68 -49.41
CA ILE CB 48 32.22 97.64 -48.46
C ILE CB 48 32.71 97.95 -47.04
N ILE CB 49 31.77 98.26 -46.16
CA ILE CB 49 32.08 98.84 -44.86
C ILE CB 49 32.20 97.73 -43.83
N ILE CB 50 33.38 97.62 -43.23
CA ILE CB 50 33.58 96.71 -42.10
C ILE CB 50 33.15 97.45 -40.84
N LEU CB 51 32.31 96.82 -40.03
CA LEU CB 51 31.89 97.41 -38.75
C LEU CB 51 32.60 96.64 -37.65
N ALA CB 52 33.31 97.34 -36.77
CA ALA CB 52 34.03 96.68 -35.68
C ALA CB 52 34.38 97.63 -34.54
N THR CB 53 34.86 97.05 -33.44
CA THR CB 53 35.27 97.81 -32.25
C THR CB 53 36.72 98.29 -32.36
N ARG CB 54 37.66 97.34 -32.39
CA ARG CB 54 39.09 97.65 -32.46
C ARG CB 54 39.50 97.93 -33.91
N THR CB 55 39.18 99.15 -34.35
CA THR CB 55 39.39 99.58 -35.73
C THR CB 55 40.88 99.68 -36.09
N GLN CB 56 41.70 100.07 -35.11
CA GLN CB 56 43.15 100.15 -35.28
C GLN CB 56 43.73 98.79 -35.64
N ASN CB 57 43.25 97.75 -34.96
CA ASN CB 57 43.68 96.38 -35.21
C ASN CB 57 43.28 95.84 -36.58
N VAL CB 58 42.06 96.16 -37.03
CA VAL CB 58 41.57 95.64 -38.33
C VAL CB 58 42.31 96.29 -39.49
N LEU CB 59 42.65 97.57 -39.33
CA LEU CB 59 43.45 98.31 -40.32
C LEU CB 59 44.89 97.79 -40.38
N GLY CB 60 45.45 97.46 -39.22
CA GLY CB 60 46.82 96.94 -39.12
C GLY CB 60 47.84 98.04 -38.89
N GLU CB 61 49.10 97.72 -39.15
CA GLU CB 61 50.20 98.66 -38.93
C GLU CB 61 50.39 99.58 -40.13
N LYS CB 62 50.15 100.88 -39.92
CA LYS CB 62 50.33 101.94 -40.94
C LYS CB 62 49.39 101.89 -42.15
N GLY CB 63 48.43 100.94 -42.16
CA GLY CB 63 47.68 100.60 -43.37
C GLY CB 63 48.29 99.37 -43.99
N ARG CB 64 47.76 98.20 -43.62
CA ARG CB 64 48.36 96.92 -44.01
C ARG CB 64 47.29 95.84 -44.16
N ARG CB 65 46.60 95.50 -43.07
CA ARG CB 65 45.62 94.41 -43.08
C ARG CB 65 44.44 94.69 -44.00
N ILE CB 66 43.91 95.91 -43.95
CA ILE CB 66 42.84 96.33 -44.85
C ILE CB 66 43.24 96.13 -46.32
N ARG CB 67 44.48 96.49 -46.64
CA ARG CB 67 44.99 96.36 -48.01
C ARG CB 67 45.11 94.89 -48.42
N GLU CB 68 45.53 94.04 -47.49
CA GLU CB 68 45.57 92.60 -47.72
C GLU CB 68 44.20 92.01 -47.95
N LEU CB 69 43.23 92.46 -47.16
CA LEU CB 69 41.85 92.01 -47.31
C LEU CB 69 41.21 92.47 -48.63
N THR CB 70 41.53 93.68 -49.09
CA THR CB 70 40.99 94.17 -50.36
C THR CB 70 41.52 93.31 -51.50
N ALA CB 71 42.83 93.07 -51.46
CA ALA CB 71 43.52 92.24 -52.46
C ALA CB 71 42.96 90.83 -52.51
N VAL CB 72 42.66 90.27 -51.33
CA VAL CB 72 42.11 88.92 -51.23
C VAL CB 72 40.69 88.88 -51.79
N VAL CB 73 39.91 89.89 -51.45
CA VAL CB 73 38.56 90.04 -51.96
C VAL CB 73 38.56 90.19 -53.48
N GLN CB 74 39.43 91.06 -53.99
CA GLN CB 74 39.65 91.21 -55.43
C GLN CB 74 39.93 89.86 -56.11
N LYS CB 75 40.89 89.14 -55.54
CA LYS CB 75 41.34 87.85 -56.10
C LYS CB 75 40.21 86.83 -56.15
N ARG CB 76 39.37 86.84 -55.12
CA ARG CB 76 38.40 85.77 -54.88
C ARG CB 76 37.11 85.94 -55.69
N PHE CB 77 36.51 87.12 -55.60
CA PHE CB 77 35.18 87.35 -56.20
C PHE CB 77 35.20 87.91 -57.62
N GLY CB 78 36.37 87.97 -58.26
CA GLY CB 78 36.47 88.40 -59.65
C GLY CB 78 36.17 89.88 -59.83
N PHE CB 79 36.94 90.70 -59.12
CA PHE CB 79 36.76 92.15 -59.12
C PHE CB 79 37.97 92.77 -59.82
N PRO CB 80 37.75 93.78 -60.68
CA PRO CB 80 38.90 94.50 -61.25
C PRO CB 80 39.73 95.28 -60.23
N GLU CB 81 40.94 95.66 -60.63
CA GLU CB 81 41.87 96.36 -59.75
C GLU CB 81 41.40 97.79 -59.55
N GLY CB 82 40.95 98.09 -58.34
CA GLY CB 82 40.33 99.38 -58.01
C GLY CB 82 38.84 99.44 -58.32
N SER CB 83 38.16 98.29 -58.17
CA SER CB 83 36.70 98.22 -58.27
C SER CB 83 36.06 97.94 -56.90
N VAL CB 84 36.87 98.02 -55.84
CA VAL CB 84 36.44 97.60 -54.50
C VAL CB 84 37.35 98.20 -53.42
N GLU CB 85 36.75 98.60 -52.30
CA GLU CB 85 37.48 99.29 -51.23
C GLU CB 85 36.88 99.03 -49.84
N LEU CB 86 37.73 98.59 -48.92
CA LEU CB 86 37.31 98.22 -47.56
C LEU CB 86 37.46 99.43 -46.63
N TYR CB 87 36.34 99.82 -46.02
CA TYR CB 87 36.23 101.01 -45.17
C TYR CB 87 35.84 100.61 -43.75
N ALA CB 88 36.81 100.64 -42.84
CA ALA CB 88 36.57 100.28 -41.45
C ALA CB 88 35.93 101.43 -40.67
N GLU CB 89 34.71 101.21 -40.17
CA GLU CB 89 33.99 102.18 -39.36
C GLU CB 89 33.84 101.66 -37.93
N LYS CB 90 33.96 102.56 -36.95
CA LYS CB 90 33.85 102.17 -35.55
C LYS CB 90 32.40 102.00 -35.16
N VAL CB 91 32.11 100.89 -34.46
CA VAL CB 91 30.73 100.57 -34.04
C VAL CB 91 30.35 101.46 -32.87
N ALA CB 92 29.25 102.20 -33.04
CA ALA CB 92 28.63 102.92 -31.93
C ALA CB 92 27.92 101.91 -31.03
N THR CB 93 27.98 102.16 -29.72
CA THR CB 93 27.45 101.25 -28.68
C THR CB 93 27.68 99.76 -28.98
N ARG CB 94 28.95 99.37 -28.96
CA ARG CB 94 29.37 97.96 -29.10
C ARG CB 94 28.66 96.95 -28.18
N GLY CB 95 28.20 97.42 -27.01
CA GLY CB 95 27.41 96.60 -26.11
C GLY CB 95 26.12 96.06 -26.73
N LEU CB 96 25.40 96.92 -27.44
CA LEU CB 96 24.14 96.51 -28.08
C LEU CB 96 24.29 95.63 -29.32
N CYS CB 97 25.52 95.49 -29.85
CA CYS CB 97 25.78 94.45 -30.85
C CYS CB 97 25.87 93.10 -30.15
N ALA CB 98 25.11 92.14 -30.65
CA ALA CB 98 25.05 90.81 -30.05
C ALA CB 98 26.23 89.96 -30.47
N ILE CB 99 26.56 89.98 -31.76
CA ILE CB 99 27.67 89.14 -32.28
C ILE CB 99 29.03 89.57 -31.75
N ALA CB 100 29.20 90.87 -31.50
CA ALA CB 100 30.41 91.39 -30.87
C ALA CB 100 30.54 90.90 -29.44
N GLN CB 101 29.42 90.91 -28.71
CA GLN CB 101 29.40 90.41 -27.33
C GLN CB 101 29.59 88.91 -27.25
N ALA CB 102 29.00 88.17 -28.19
CA ALA CB 102 29.17 86.72 -28.26
C ALA CB 102 30.62 86.36 -28.56
N GLU CB 103 31.28 87.18 -29.35
CA GLU CB 103 32.72 87.04 -29.56
C GLU CB 103 33.50 87.30 -28.28
N SER CB 104 33.18 88.40 -27.61
CA SER CB 104 33.85 88.80 -26.36
C SER CB 104 33.80 87.68 -25.32
N LEU CB 105 32.65 87.02 -25.26
CA LEU CB 105 32.43 85.90 -24.34
C LEU CB 105 33.25 84.68 -24.74
N ARG CB 106 33.28 84.38 -26.03
CA ARG CB 106 34.09 83.29 -26.59
C ARG CB 106 35.56 83.46 -26.20
N TYR CB 107 36.08 84.65 -26.43
CA TYR CB 107 37.45 85.05 -26.06
C TYR CB 107 37.70 84.77 -24.58
N LYS CB 108 36.84 85.34 -23.72
CA LYS CB 108 36.94 85.16 -22.26
C LYS CB 108 36.95 83.71 -21.83
N LEU CB 109 36.10 82.90 -22.45
CA LEU CB 109 36.01 81.47 -22.16
C LEU CB 109 37.27 80.74 -22.58
N LEU CB 110 37.84 81.16 -23.71
CA LEU CB 110 39.07 80.56 -24.24
C LEU CB 110 40.26 80.85 -23.32
N GLY CB 111 40.34 82.10 -22.83
CA GLY CB 111 41.35 82.50 -21.87
C GLY CB 111 41.41 81.65 -20.61
N GLY CB 112 40.24 81.22 -20.13
CA GLY CB 112 40.13 80.36 -18.94
C GLY CB 112 39.44 80.96 -17.72
N LEU CB 113 38.68 82.04 -17.90
CA LEU CB 113 37.86 82.60 -16.82
C LEU CB 113 36.66 81.69 -16.65
N ALA CB 114 36.19 81.54 -15.40
CA ALA CB 114 35.05 80.69 -15.06
C ALA CB 114 33.83 80.89 -15.98
N VAL CB 115 33.15 79.77 -16.26
CA VAL CB 115 32.02 79.75 -17.20
C VAL CB 115 30.96 80.77 -16.79
N ARG CB 116 30.66 80.83 -15.50
CA ARG CB 116 29.66 81.78 -15.00
C ARG CB 116 30.17 83.20 -15.15
N ARG CB 117 31.28 83.49 -14.47
CA ARG CB 117 31.69 84.86 -14.16
C ARG CB 117 31.93 85.74 -15.38
N ALA CB 118 32.53 85.16 -16.43
CA ALA CB 118 32.74 85.86 -17.70
C ALA CB 118 31.42 86.18 -18.38
N CYS CB 119 30.53 85.19 -18.37
CA CYS CB 119 29.19 85.31 -18.94
C CYS CB 119 28.31 86.29 -18.18
N TYR CB 120 28.51 86.36 -16.86
CA TYR CB 120 27.78 87.30 -16.00
C TYR CB 120 28.22 88.72 -16.31
N GLY CB 121 29.53 88.94 -16.37
CA GLY CB 121 30.11 90.26 -16.67
C GLY CB 121 29.67 90.81 -18.02
N VAL CB 122 29.70 89.95 -19.03
CA VAL CB 122 29.23 90.29 -20.37
C VAL CB 122 27.78 90.74 -20.30
N LEU CB 123 26.98 90.02 -19.53
CA LEU CB 123 25.59 90.38 -19.33
C LEU CB 123 25.47 91.75 -18.67
N ARG CB 124 26.28 92.00 -17.66
CA ARG CB 124 26.26 93.28 -16.96
C ARG CB 124 26.69 94.44 -17.90
N PHE CB 125 27.61 94.15 -18.81
CA PHE CB 125 28.08 95.12 -19.82
C PHE CB 125 26.99 95.53 -20.81
N ILE CB 126 26.27 94.54 -21.34
CA ILE CB 126 25.18 94.82 -22.30
C ILE CB 126 23.98 95.52 -21.68
N MET CB 127 23.82 95.40 -20.37
CA MET CB 127 22.74 96.09 -19.66
C MET CB 127 23.14 97.51 -19.24
N GLU CB 128 24.42 97.73 -18.97
CA GLU CB 128 24.95 99.08 -18.80
C GLU CB 128 24.94 99.85 -20.12
N SER CB 129 25.16 99.14 -21.23
CA SER CB 129 25.16 99.74 -22.57
C SER CB 129 23.80 100.33 -22.96
N GLY CB 130 22.73 99.85 -22.32
CA GLY CB 130 21.42 100.47 -22.44
C GLY CB 130 20.54 99.64 -23.36
N ALA CB 131 20.21 98.44 -22.90
CA ALA CB 131 19.31 97.54 -23.62
C ALA CB 131 17.95 97.51 -22.94
N LYS CB 132 16.97 96.98 -23.66
CA LYS CB 132 15.64 96.71 -23.09
C LYS CB 132 15.77 95.53 -22.13
N GLY CB 133 16.54 94.53 -22.55
CA GLY CB 133 16.92 93.40 -21.71
C GLY CB 133 17.84 92.47 -22.47
N CYS CB 134 18.00 91.26 -21.96
CA CYS CB 134 18.92 90.29 -22.57
C CYS CB 134 18.65 88.84 -22.20
N GLU CB 135 19.34 87.96 -22.91
CA GLU CB 135 19.28 86.53 -22.69
C GLU CB 135 20.59 85.97 -23.20
N VAL CB 136 21.40 85.43 -22.30
CA VAL CB 136 22.71 84.89 -22.66
C VAL CB 136 22.77 83.44 -22.21
N VAL CB 137 22.95 82.55 -23.18
CA VAL CB 137 22.94 81.11 -22.95
C VAL CB 137 24.30 80.55 -23.33
N VAL CB 138 24.95 79.91 -22.37
CA VAL CB 138 26.13 79.10 -22.65
C VAL CB 138 25.62 77.69 -22.48
N SER CB 139 26.08 76.78 -23.33
CA SER CB 139 25.64 75.40 -23.29
C SER CB 139 26.78 74.44 -23.58
N GLY CB 140 26.55 73.17 -23.31
CA GLY CB 140 27.53 72.13 -23.56
C GLY CB 140 28.00 71.52 -22.27
N LYS CB 141 29.27 71.14 -22.22
CA LYS CB 141 29.84 70.43 -21.06
C LYS CB 141 30.50 71.37 -20.05
N LEU CB 142 29.65 71.97 -19.22
CA LEU CB 142 30.07 72.88 -18.17
C LEU CB 142 30.37 72.06 -16.91
N ARG CB 143 31.62 71.65 -16.77
CA ARG CB 143 32.11 70.81 -15.67
C ARG CB 143 31.53 69.38 -15.66
N GLY CB 144 32.41 68.42 -15.40
CA GLY CB 144 32.11 67.01 -15.63
C GLY CB 144 32.14 66.72 -17.11
N GLN CB 145 31.38 65.71 -17.55
CA GLN CB 145 31.23 65.40 -18.96
C GLN CB 145 29.80 65.01 -19.36
N ARG CB 146 28.81 65.47 -18.60
CA ARG CB 146 27.40 65.33 -18.95
C ARG CB 146 26.95 66.75 -19.24
N ALA CB 147 26.47 66.98 -20.46
CA ALA CB 147 26.23 68.34 -20.93
C ALA CB 147 25.05 68.99 -20.23
N LYS CB 148 25.25 70.24 -19.82
CA LYS CB 148 24.22 71.01 -19.13
C LYS CB 148 24.00 72.26 -19.98
N SER CB 149 23.41 73.29 -19.39
CA SER CB 149 23.43 74.64 -19.98
C SER CB 149 23.28 75.72 -18.91
N MET CB 150 24.06 76.78 -19.04
CA MET CB 150 23.82 78.00 -18.29
C MET CB 150 22.74 78.78 -19.03
N LYS CB 151 22.11 79.70 -18.32
CA LYS CB 151 21.10 80.55 -18.91
C LYS CB 151 20.97 81.81 -18.07
N PHE CB 152 21.81 82.79 -18.37
CA PHE CB 152 21.80 84.05 -17.65
C PHE CB 152 20.90 85.01 -18.41
N VAL CB 153 19.98 85.62 -17.67
CA VAL CB 153 18.87 86.35 -18.26
C VAL CB 153 18.73 87.65 -17.48
N ASP CB 154 18.15 88.67 -18.11
CA ASP CB 154 17.71 89.87 -17.40
C ASP CB 154 16.79 90.76 -18.24
N GLY CB 155 15.98 91.55 -17.54
CA GLY CB 155 15.22 92.64 -18.15
C GLY CB 155 14.11 92.19 -19.08
N LEU CB 156 13.81 93.07 -20.04
CA LEU CB 156 12.68 92.91 -20.96
C LEU CB 156 13.16 92.16 -22.22
N MET CB 157 12.46 91.08 -22.58
CA MET CB 157 12.86 90.22 -23.71
C MET CB 157 11.62 89.82 -24.52
N ILE CB 158 11.79 89.49 -25.80
CA ILE CB 158 10.68 88.93 -26.60
C ILE CB 158 11.12 87.80 -27.51
N HIS CB 159 10.19 86.87 -27.73
CA HIS CB 159 10.42 85.65 -28.52
C HIS CB 159 9.43 85.53 -29.66
N SER CB 160 8.16 85.70 -29.35
CA SER CB 160 7.10 85.60 -30.34
C SER CB 160 7.01 86.85 -31.20
N GLY CB 161 6.14 86.75 -32.19
CA GLY CB 161 5.74 87.89 -33.00
C GLY CB 161 6.64 88.14 -34.18
N ASP CB 162 6.23 89.07 -35.01
CA ASP CB 162 7.10 89.69 -35.99
C ASP CB 162 8.19 90.53 -35.31
N PRO CB 163 7.80 91.41 -34.38
CA PRO CB 163 8.75 92.39 -33.84
C PRO CB 163 10.14 91.85 -33.49
N VAL CB 164 10.21 90.61 -33.00
CA VAL CB 164 11.49 89.94 -32.74
C VAL CB 164 12.51 90.17 -33.86
N ASN CB 165 12.05 90.14 -35.11
CA ASN CB 165 12.88 90.37 -36.28
C ASN CB 165 13.82 91.56 -36.13
N TYR CB 166 13.26 92.69 -35.72
CA TYR CB 166 13.99 93.98 -35.63
C TYR CB 166 14.19 94.53 -34.21
N TYR CB 167 13.60 93.88 -33.21
CA TYR CB 167 13.70 94.36 -31.83
C TYR CB 167 14.68 93.56 -31.01
N VAL CB 168 14.99 92.32 -31.39
CA VAL CB 168 16.11 91.58 -30.76
C VAL CB 168 17.23 91.30 -31.77
N ASP CB 169 18.43 91.75 -31.41
CA ASP CB 169 19.65 91.46 -32.15
C ASP CB 169 20.15 90.15 -31.58
N THR CB 170 20.15 89.12 -32.41
CA THR CB 170 20.48 87.77 -31.99
C THR CB 170 21.85 87.39 -32.50
N ALA CB 171 22.50 86.47 -31.79
CA ALA CB 171 23.80 85.94 -32.19
C ALA CB 171 23.95 84.51 -31.73
N VAL CB 172 24.76 83.73 -32.46
CA VAL CB 172 25.12 82.38 -32.05
C VAL CB 172 26.59 82.16 -32.42
N ARG CB 173 27.36 81.59 -31.49
CA ARG CB 173 28.77 81.33 -31.69
C ARG CB 173 29.19 80.00 -31.07
N HIS CB 174 30.20 79.38 -31.68
CA HIS CB 174 30.88 78.21 -31.10
C HIS CB 174 32.01 78.66 -30.21
N VAL CB 175 32.68 77.72 -29.56
CA VAL CB 175 33.91 78.00 -28.82
C VAL CB 175 34.62 76.70 -28.46
N LEU CB 176 35.70 76.41 -29.17
CA LEU CB 176 36.37 75.11 -29.11
C LEU CB 176 37.29 75.04 -27.91
N LEU CB 177 36.86 74.33 -26.86
CA LEU CB 177 37.70 74.08 -25.69
C LEU CB 177 38.47 72.77 -25.84
N ARG CB 178 39.43 72.57 -24.94
CA ARG CB 178 40.18 71.31 -24.83
C ARG CB 178 39.30 70.06 -24.71
N GLN CB 179 38.22 70.18 -23.95
CA GLN CB 179 37.37 69.04 -23.61
C GLN CB 179 36.24 68.79 -24.61
N GLY CB 180 35.71 69.84 -25.25
CA GLY CB 180 34.66 69.68 -26.24
C GLY CB 180 34.38 70.90 -27.08
N VAL CB 181 33.14 71.36 -27.03
CA VAL CB 181 32.74 72.65 -27.60
C VAL CB 181 31.77 73.27 -26.60
N LEU CB 182 31.67 74.59 -26.61
CA LEU CB 182 30.62 75.30 -25.89
C LEU CB 182 29.72 76.02 -26.87
N GLY CB 183 28.45 76.09 -26.52
CA GLY CB 183 27.50 76.93 -27.23
C GLY CB 183 27.58 78.32 -26.64
N ILE CB 184 27.30 79.31 -27.47
CA ILE CB 184 27.07 80.68 -27.02
C ILE CB 184 25.86 81.19 -27.79
N LYS CB 185 24.90 81.73 -27.07
CA LYS CB 185 23.86 82.53 -27.69
C LYS CB 185 23.79 83.81 -26.89
N VAL CB 186 24.13 84.92 -27.53
CA VAL CB 186 23.85 86.22 -26.96
C VAL CB 186 22.66 86.79 -27.73
N LYS CB 187 21.71 87.32 -26.97
CA LYS CB 187 20.42 87.76 -27.49
C LYS CB 187 20.05 89.02 -26.72
N ILE CB 188 20.14 90.17 -27.39
CA ILE CB 188 19.93 91.47 -26.79
C ILE CB 188 18.68 92.08 -27.39
N MET CB 189 17.76 92.54 -26.53
CA MET CB 189 16.60 93.29 -27.00
C MET CB 189 16.96 94.75 -27.07
N LEU CB 190 16.78 95.35 -28.25
CA LEU CB 190 17.17 96.73 -28.50
C LEU CB 190 16.16 97.72 -27.90
N PRO CB 191 16.63 98.92 -27.49
CA PRO CB 191 15.82 99.84 -26.70
C PRO CB 191 14.97 100.87 -27.44
N TRP CB 192 15.46 101.41 -28.55
CA TRP CB 192 14.93 102.65 -29.17
C TRP CB 192 13.41 102.59 -29.45
N ASP CB 193 12.62 102.71 -28.38
CA ASP CB 193 11.18 102.41 -28.43
C ASP CB 193 10.32 103.62 -28.82
N PRO CB 194 10.23 104.65 -27.94
CA PRO CB 194 9.50 105.84 -28.40
C PRO CB 194 10.28 106.61 -29.48
N SER CB 195 11.61 106.59 -29.42
CA SER CB 195 12.46 107.25 -30.40
C SER CB 195 13.85 106.60 -30.50
N GLY CB 196 14.63 107.07 -31.47
CA GLY CB 196 16.00 106.63 -31.65
C GLY CB 196 16.66 107.51 -32.70
N LYS CB 197 17.40 106.88 -33.62
CA LYS CB 197 17.85 107.58 -34.83
C LYS CB 197 16.59 107.79 -35.67
N ILE CB 198 16.06 106.69 -36.20
CA ILE CB 198 14.65 106.55 -36.53
C ILE CB 198 14.34 105.12 -36.12
N GLY CB 199 14.24 104.94 -34.79
CA GLY CB 199 14.31 103.64 -34.12
C GLY CB 199 13.58 102.46 -34.72
N PRO CB 200 14.04 101.22 -34.42
CA PRO CB 200 13.57 100.00 -35.10
C PRO CB 200 12.04 99.92 -35.21
N LYS CB 201 11.50 100.42 -36.34
CA LYS CB 201 10.06 100.69 -36.52
C LYS CB 201 9.48 101.17 -35.20
N LYS CB 202 9.98 102.33 -34.80
CA LYS CB 202 10.12 102.76 -33.41
C LYS CB 202 9.45 101.90 -32.32
N PRO CB 203 8.12 102.04 -32.12
CA PRO CB 203 7.55 101.40 -30.93
C PRO CB 203 7.29 99.91 -31.06
N LEU CB 204 7.05 99.26 -29.93
CA LEU CB 204 6.39 97.96 -29.91
C LEU CB 204 4.93 98.13 -30.30
N PRO CB 205 4.32 97.09 -30.87
CA PRO CB 205 2.89 97.19 -31.21
C PRO CB 205 1.92 97.28 -30.03
N ASP CB 206 2.37 96.92 -28.85
CA ASP CB 206 1.55 97.00 -27.63
C ASP CB 206 1.52 98.40 -27.06
N HIS CB 207 2.66 99.07 -27.10
CA HIS CB 207 2.88 100.30 -26.35
C HIS CB 207 2.12 101.51 -26.91
N VAL CB 208 0.95 101.75 -26.33
CA VAL CB 208 0.16 102.95 -26.60
C VAL CB 208 0.71 104.05 -25.71
N SER CB 209 1.12 105.16 -26.32
CA SER CB 209 1.65 106.31 -25.58
C SER CB 209 0.72 107.51 -25.70
N ILE CB 210 0.01 107.82 -24.61
CA ILE CB 210 -0.97 108.89 -24.57
C ILE CB 210 -0.32 110.13 -23.97
N VAL CB 211 -0.40 111.25 -24.68
CA VAL CB 211 0.17 112.52 -24.19
C VAL CB 211 -0.73 113.16 -23.14
N GLU CB 212 -0.18 114.12 -22.40
CA GLU CB 212 -0.94 114.85 -21.38
C GLU CB 212 -1.63 116.05 -22.04
N PRO CB 213 -2.81 116.47 -21.53
CA PRO CB 213 -3.57 117.53 -22.22
C PRO CB 213 -3.00 118.95 -22.06
N LYS CB 214 -2.04 119.13 -21.15
CA LYS CB 214 -1.26 120.37 -21.00
C LYS CB 214 -2.04 121.48 -20.27
N ASP CB 215 -3.07 122.03 -20.90
CA ASP CB 215 -3.88 123.10 -20.31
C ASP CB 215 -5.23 122.57 -19.82
N GLU CB 216 -6.24 122.57 -20.71
CA GLU CB 216 -7.64 122.32 -20.33
C GLU CB 216 -8.14 123.34 -19.28
N ILE CB 217 -7.78 124.61 -19.49
CA ILE CB 217 -8.06 125.71 -18.56
C ILE CB 217 -8.95 126.74 -19.25
N LEU CB 218 -9.65 127.55 -18.44
CA LEU CB 218 -10.36 128.76 -18.88
C LEU CB 218 -11.71 128.47 -19.58
N PRO CB 219 -12.78 128.27 -18.78
CA PRO CB 219 -14.15 128.38 -19.29
C PRO CB 219 -14.67 129.83 -19.16
N THR CB 220 -14.82 130.31 -17.92
CA THR CB 220 -15.06 131.73 -17.60
C THR CB 220 -16.39 132.30 -18.13
N THR CB 221 -16.61 133.59 -17.87
CA THR CB 221 -17.69 134.38 -18.50
C THR CB 221 -17.50 134.48 -20.03
N PRO CB 222 -18.48 135.04 -20.76
CA PRO CB 222 -18.38 135.15 -22.23
C PRO CB 222 -17.07 135.72 -22.79
N ILE CB 223 -16.78 137.01 -22.59
CA ILE CB 223 -15.56 137.67 -23.14
C ILE CB 223 -15.48 137.64 -24.68
N SER CB 224 -14.85 138.66 -25.25
CA SER CB 224 -14.46 138.69 -26.66
C SER CB 224 -13.01 139.17 -26.78
N GLU CB 225 -12.53 139.29 -28.02
CA GLU CB 225 -11.19 139.82 -28.29
C GLU CB 225 -11.19 140.48 -29.67
N GLN CB 226 -10.09 141.14 -30.03
CA GLN CB 226 -9.92 141.71 -31.38
C GLN CB 226 -8.45 142.00 -31.72
N LYS CB 227 -8.10 141.80 -32.98
CA LYS CB 227 -6.77 142.13 -33.51
C LYS CB 227 -6.88 142.68 -34.93
N ALA DB 1 48.29 31.70 56.42
CA ALA DB 1 49.02 32.04 57.69
C ALA DB 1 49.07 30.84 58.63
N ARG DB 2 50.01 29.93 58.37
CA ARG DB 2 50.08 28.67 59.10
C ARG DB 2 50.51 28.88 60.54
N GLY DB 3 51.37 29.86 60.77
CA GLY DB 3 51.73 30.30 62.13
C GLY DB 3 52.04 31.78 62.17
N PRO DB 4 53.02 32.21 62.99
CA PRO DB 4 53.36 33.62 63.09
C PRO DB 4 54.16 34.12 61.90
N LYS DB 5 54.16 35.44 61.71
CA LYS DB 5 54.86 36.07 60.59
C LYS DB 5 56.24 36.53 61.03
N LYS DB 6 57.22 36.34 60.15
CA LYS DB 6 58.62 36.63 60.46
C LYS DB 6 59.20 37.53 59.37
N HIS DB 7 58.45 38.56 59.02
CA HIS DB 7 58.86 39.52 57.99
C HIS DB 7 58.11 40.82 58.16
N LEU DB 8 58.51 41.80 57.38
CA LEU DB 8 57.72 43.00 57.22
C LEU DB 8 58.11 43.61 55.92
N LYS DB 9 57.16 43.73 55.02
CA LYS DB 9 57.43 44.37 53.76
C LYS DB 9 57.68 45.85 53.99
N ARG DB 10 58.44 46.43 53.08
CA ARG DB 10 58.57 47.86 52.98
C ARG DB 10 57.22 48.30 52.50
N VAL DB 11 56.82 49.53 52.80
CA VAL DB 11 55.49 50.02 52.42
C VAL DB 11 54.41 49.49 53.37
N ALA DB 12 54.44 48.19 53.66
CA ALA DB 12 53.65 47.67 54.77
C ALA DB 12 54.08 48.25 56.12
N ALA DB 13 55.35 48.63 56.22
CA ALA DB 13 55.93 49.17 57.45
C ALA DB 13 55.30 50.49 57.89
N PRO DB 14 55.52 50.89 59.17
CA PRO DB 14 54.95 52.15 59.65
C PRO DB 14 55.47 53.36 58.90
N LYS DB 15 54.62 54.38 58.77
CA LYS DB 15 54.96 55.63 58.10
C LYS DB 15 56.09 56.36 58.84
N HIS DB 16 55.90 56.53 60.14
CA HIS DB 16 56.81 57.31 60.98
C HIS DB 16 58.23 56.78 61.17
N TRP DB 17 58.60 55.73 60.44
CA TRP DB 17 60.01 55.34 60.29
C TRP DB 17 60.68 56.03 59.12
N MET DB 18 59.91 56.74 58.31
CA MET DB 18 60.45 57.51 57.18
C MET DB 18 61.14 56.58 56.19
N LEU DB 19 60.69 55.32 56.12
CA LEU DB 19 61.35 54.33 55.28
C LEU DB 19 60.98 54.58 53.83
N ASP DB 20 62.01 54.71 52.98
CA ASP DB 20 61.83 55.06 51.58
C ASP DB 20 61.39 53.88 50.73
N LYS DB 21 61.02 54.16 49.48
CA LYS DB 21 60.56 53.14 48.55
C LYS DB 21 61.73 52.32 48.00
N LEU DB 22 62.57 52.96 47.20
CA LEU DB 22 63.62 52.27 46.45
C LEU DB 22 64.87 52.06 47.30
N THR DB 23 65.07 50.83 47.74
CA THR DB 23 66.21 50.43 48.57
C THR DB 23 66.19 48.92 48.59
N GLY DB 24 65.08 48.39 49.08
CA GLY DB 24 64.80 46.98 49.05
C GLY DB 24 63.32 46.71 49.27
N VAL DB 25 63.00 45.43 49.33
CA VAL DB 25 61.63 44.96 49.40
C VAL DB 25 61.09 45.04 50.81
N PHE DB 26 61.98 44.94 51.79
CA PHE DB 26 61.57 44.82 53.18
C PHE DB 26 61.93 46.02 54.04
N ALA DB 27 61.26 46.09 55.17
CA ALA DB 27 61.66 46.89 56.30
C ALA DB 27 62.15 45.88 57.31
N PRO DB 28 62.75 46.34 58.43
CA PRO DB 28 63.29 45.37 59.38
C PRO DB 28 62.26 44.49 60.06
N ARG DB 29 61.19 45.08 60.56
CA ARG DB 29 60.23 44.41 61.45
C ARG DB 29 60.87 44.39 62.82
N PRO DB 30 60.20 45.00 63.80
CA PRO DB 30 60.77 44.97 65.12
C PRO DB 30 60.80 43.56 65.68
N SER DB 31 61.58 43.40 66.73
CA SER DB 31 61.51 42.20 67.54
C SER DB 31 60.25 42.32 68.36
N THR DB 32 59.83 41.22 68.96
CA THR DB 32 58.87 41.26 70.04
C THR DB 32 59.53 41.98 71.21
N GLY DB 33 58.74 42.71 71.98
CA GLY DB 33 59.31 43.60 72.97
C GLY DB 33 58.25 44.37 73.72
N PRO DB 34 58.68 45.40 74.46
CA PRO DB 34 57.77 46.14 75.31
C PRO DB 34 56.85 47.14 74.60
N HIS DB 35 56.99 47.30 73.28
CA HIS DB 35 56.12 48.18 72.50
C HIS DB 35 55.46 47.46 71.34
N LYS DB 36 54.35 48.03 70.87
CA LYS DB 36 53.58 47.44 69.79
C LYS DB 36 54.28 47.73 68.47
N LEU DB 37 54.45 46.69 67.64
CA LEU DB 37 55.12 46.81 66.34
C LEU DB 37 54.88 48.16 65.67
N ARG DB 38 53.61 48.55 65.55
CA ARG DB 38 53.26 49.80 64.88
C ARG DB 38 53.33 50.99 65.86
N GLU DB 39 54.41 51.05 66.63
CA GLU DB 39 54.60 52.08 67.65
C GLU DB 39 56.06 52.11 68.14
N CYS DB 40 57.01 51.85 67.23
CA CYS DB 40 58.41 51.63 67.59
C CYS DB 40 59.31 52.55 66.81
N LEU DB 41 60.59 52.49 67.14
CA LEU DB 41 61.64 52.92 66.26
C LEU DB 41 62.75 51.90 66.43
N PRO DB 42 62.70 50.79 65.66
CA PRO DB 42 63.73 49.76 65.70
C PRO DB 42 65.14 50.33 65.69
N LEU DB 43 66.01 49.72 66.49
CA LEU DB 43 67.35 50.26 66.73
C LEU DB 43 68.10 50.56 65.44
N ILE DB 44 67.98 49.67 64.47
CA ILE DB 44 68.60 49.85 63.16
C ILE DB 44 68.12 51.11 62.43
N ILE DB 45 66.85 51.45 62.59
CA ILE DB 45 66.27 52.63 61.95
C ILE DB 45 66.65 53.88 62.73
N PHE DB 46 66.75 53.76 64.05
CA PHE DB 46 67.23 54.88 64.87
C PHE DB 46 68.67 55.25 64.54
N LEU DB 47 69.50 54.25 64.23
CA LEU DB 47 70.90 54.48 63.91
C LEU DB 47 71.05 54.93 62.46
N ARG DB 48 71.05 53.98 61.53
CA ARG DB 48 71.56 54.24 60.18
C ARG DB 48 70.65 55.09 59.29
N ASN DB 49 69.37 55.16 59.61
CA ASN DB 49 68.48 56.07 58.92
C ASN DB 49 68.50 57.45 59.53
N LYS DB 50 68.36 57.56 60.85
CA LYS DB 50 68.20 58.88 61.44
C LYS DB 50 69.45 59.61 61.98
N LEU DB 51 70.30 58.91 62.73
CA LEU DB 51 71.61 59.46 63.08
C LEU DB 51 72.53 59.64 61.86
N LYS DB 52 72.49 58.64 61.00
CA LYS DB 52 73.53 58.36 60.01
C LYS DB 52 74.87 57.90 60.62
N TYR DB 53 74.76 57.16 61.72
CA TYR DB 53 75.93 56.61 62.41
C TYR DB 53 76.50 55.49 61.55
N ALA DB 54 75.62 54.65 61.02
CA ALA DB 54 75.98 53.59 60.08
C ALA DB 54 75.46 53.91 58.68
N LEU DB 55 75.88 53.10 57.71
CA LEU DB 55 75.41 53.19 56.33
C LEU DB 55 74.50 52.04 55.91
N THR DB 56 74.75 50.86 56.46
CA THR DB 56 74.08 49.63 56.06
C THR DB 56 73.37 49.04 57.29
N GLY DB 57 72.95 47.78 57.18
CA GLY DB 57 72.58 46.99 58.34
C GLY DB 57 73.83 46.43 59.01
N ASP DB 58 74.77 45.93 58.18
CA ASP DB 58 76.00 45.31 58.68
C ASP DB 58 76.80 46.25 59.58
N GLU DB 59 76.83 47.52 59.21
CA GLU DB 59 77.50 48.53 60.03
C GLU DB 59 76.75 48.71 61.35
N VAL DB 60 75.42 48.72 61.29
CA VAL DB 60 74.61 48.81 62.51
C VAL DB 60 74.86 47.62 63.41
N LYS DB 61 74.86 46.43 62.80
CA LYS DB 61 75.21 45.21 63.51
C LYS DB 61 76.52 45.36 64.27
N LYS DB 62 77.53 45.94 63.60
CA LYS DB 62 78.84 46.18 64.21
C LYS DB 62 78.81 47.23 65.33
N ILE DB 63 78.02 48.28 65.15
CA ILE DB 63 77.86 49.30 66.18
C ILE DB 63 77.24 48.69 67.41
N CYS DB 64 76.18 47.92 67.21
CA CYS DB 64 75.47 47.30 68.33
C CYS DB 64 76.37 46.33 69.10
N MET DB 65 77.07 45.47 68.40
CA MET DB 65 77.66 44.30 69.05
C MET DB 65 79.03 44.52 69.70
N GLN DB 66 79.54 45.75 69.63
CA GLN DB 66 80.56 46.20 70.57
C GLN DB 66 79.94 46.54 71.94
N ARG DB 67 78.61 46.37 72.06
CA ARG DB 67 77.85 46.64 73.28
C ARG DB 67 77.86 48.14 73.60
N PHE DB 68 77.85 48.96 72.55
CA PHE DB 68 77.94 50.41 72.67
C PHE DB 68 76.58 50.98 73.04
N ILE DB 69 75.54 50.47 72.39
CA ILE DB 69 74.18 50.99 72.56
C ILE DB 69 73.60 50.44 73.86
N LYS DB 70 72.83 51.29 74.54
CA LYS DB 70 72.34 50.97 75.88
C LYS DB 70 70.91 51.50 76.02
N ILE DB 71 69.93 50.63 75.79
CA ILE DB 71 68.52 51.02 75.73
C ILE DB 71 67.93 50.86 77.14
N ASP DB 72 67.28 51.92 77.62
CA ASP DB 72 66.96 52.10 79.06
C ASP DB 72 67.98 51.41 79.97
N GLY DB 73 69.21 51.89 79.86
CA GLY DB 73 70.33 51.51 80.71
C GLY DB 73 70.51 50.03 80.95
N LYS DB 74 70.68 49.26 79.87
CA LYS DB 74 70.80 47.79 79.98
C LYS DB 74 71.65 47.03 78.95
N VAL DB 75 71.80 47.56 77.75
CA VAL DB 75 72.59 46.98 76.66
C VAL DB 75 71.72 45.99 75.88
N ARG DB 76 71.45 46.33 74.62
CA ARG DB 76 70.74 45.46 73.71
C ARG DB 76 71.63 45.18 72.50
N ALA DB 77 71.70 43.89 72.14
CA ALA DB 77 72.52 43.42 71.02
C ALA DB 77 71.65 43.02 69.82
N ASP DB 78 70.36 43.33 69.89
CA ASP DB 78 69.42 43.10 68.79
C ASP DB 78 69.23 44.40 68.02
N ILE DB 79 69.56 44.37 66.73
CA ILE DB 79 69.40 45.54 65.87
C ILE DB 79 67.93 45.91 65.60
N THR DB 80 67.04 44.92 65.70
CA THR DB 80 65.60 45.12 65.54
C THR DB 80 64.86 45.22 66.88
N TYR DB 81 65.57 45.52 67.96
CA TYR DB 81 64.92 45.71 69.24
C TYR DB 81 63.99 46.92 69.13
N PRO DB 82 62.73 46.76 69.59
CA PRO DB 82 61.81 47.89 69.56
C PRO DB 82 62.05 48.87 70.72
N ALA DB 83 62.94 49.83 70.48
CA ALA DB 83 63.01 51.04 71.28
C ALA DB 83 61.84 51.90 70.85
N GLY DB 84 61.15 52.45 71.83
CA GLY DB 84 59.94 53.23 71.59
C GLY DB 84 59.76 54.33 72.61
N PHE DB 85 58.51 54.72 72.81
CA PHE DB 85 58.20 55.99 73.41
C PHE DB 85 58.72 56.13 74.84
N MET DB 86 59.36 57.28 75.13
CA MET DB 86 59.90 57.60 76.46
C MET DB 86 60.90 56.58 77.03
N ASP DB 87 61.72 56.00 76.16
CA ASP DB 87 62.84 55.15 76.58
C ASP DB 87 64.08 56.03 76.76
N VAL DB 88 65.27 55.58 76.36
CA VAL DB 88 66.47 56.42 76.47
C VAL DB 88 67.35 56.31 75.23
N ILE DB 89 68.00 55.16 75.03
CA ILE DB 89 69.09 55.02 74.07
C ILE DB 89 70.27 55.87 74.55
N SER DB 90 71.04 55.30 75.46
CA SER DB 90 72.32 55.87 75.88
C SER DB 90 73.39 55.17 75.05
N ILE DB 91 74.29 55.96 74.47
CA ILE DB 91 75.27 55.44 73.51
C ILE DB 91 76.71 55.38 74.06
N ASP DB 92 76.99 56.16 75.12
CA ASP DB 92 78.18 56.02 75.96
C ASP DB 92 79.51 56.51 75.36
N LYS DB 93 80.00 55.83 74.32
CA LYS DB 93 81.29 56.18 73.70
C LYS DB 93 81.14 57.39 72.76
N THR DB 94 80.90 58.55 73.38
CA THR DB 94 80.44 59.81 72.76
C THR DB 94 79.61 60.54 73.82
N GLY DB 95 78.68 59.81 74.42
CA GLY DB 95 77.95 60.27 75.61
C GLY DB 95 76.87 61.25 75.27
N GLU DB 96 76.04 60.88 74.29
CA GLU DB 96 74.97 61.76 73.81
C GLU DB 96 73.68 61.54 74.59
N ASN DB 97 73.14 60.32 74.52
CA ASN DB 97 71.86 59.94 75.12
C ASN DB 97 70.65 60.67 74.52
N PHE DB 98 69.70 59.89 74.03
CA PHE DB 98 68.52 60.42 73.36
C PHE DB 98 67.30 60.12 74.25
N ARG DB 99 66.08 60.14 73.71
CA ARG DB 99 64.91 59.70 74.49
C ARG DB 99 63.77 59.00 73.74
N LEU DB 100 63.56 59.36 72.47
CA LEU DB 100 62.33 59.01 71.74
C LEU DB 100 61.10 59.67 72.37
N ILE DB 101 60.91 60.94 72.03
CA ILE DB 101 59.67 61.63 72.26
C ILE DB 101 59.15 62.05 70.90
N TYR DB 102 57.85 61.97 70.73
CA TYR DB 102 57.22 62.30 69.46
C TYR DB 102 57.37 63.78 69.11
N ASP DB 103 57.62 64.04 67.83
CA ASP DB 103 57.56 65.38 67.27
C ASP DB 103 56.09 65.73 67.05
N THR DB 104 55.80 67.02 66.87
CA THR DB 104 54.44 67.47 66.60
C THR DB 104 53.82 66.88 65.33
N LYS DB 105 54.66 66.52 64.36
CA LYS DB 105 54.24 65.72 63.21
C LYS DB 105 53.83 64.32 63.66
N GLY DB 106 54.71 63.69 64.44
CA GLY DB 106 54.49 62.36 65.00
C GLY DB 106 55.44 61.39 64.34
N ARG DB 107 56.73 61.57 64.62
CA ARG DB 107 57.80 60.82 63.95
C ARG DB 107 58.99 60.33 64.81
N PHE DB 108 58.91 60.53 66.13
CA PHE DB 108 60.04 60.37 67.04
C PHE DB 108 61.17 61.32 66.66
N ALA DB 109 61.29 62.41 67.40
CA ALA DB 109 62.38 63.35 67.22
C ALA DB 109 63.71 62.74 67.70
N VAL DB 110 64.79 63.13 67.02
CA VAL DB 110 66.14 62.92 67.53
C VAL DB 110 66.37 64.02 68.57
N HIS DB 111 66.27 63.63 69.84
CA HIS DB 111 66.22 64.56 70.94
C HIS DB 111 67.30 64.19 71.94
N ARG DB 112 68.48 64.78 71.76
CA ARG DB 112 69.60 64.58 72.67
C ARG DB 112 69.31 65.19 74.03
N ILE DB 113 69.78 64.53 75.10
CA ILE DB 113 69.51 64.95 76.47
C ILE DB 113 70.78 64.94 77.35
N THR DB 114 70.65 65.52 78.53
CA THR DB 114 71.74 65.58 79.51
C THR DB 114 71.88 64.26 80.25
N PRO DB 115 73.12 63.89 80.66
CA PRO DB 115 73.36 62.60 81.31
C PRO DB 115 72.65 62.44 82.65
N GLU DB 116 72.54 63.52 83.43
CA GLU DB 116 71.52 63.59 84.47
C GLU DB 116 70.24 63.96 83.74
N GLU DB 117 69.16 63.24 84.08
CA GLU DB 117 67.87 63.20 83.32
C GLU DB 117 67.81 61.89 82.53
N ALA DB 118 68.89 61.57 81.83
CA ALA DB 118 69.05 60.27 81.18
C ALA DB 118 69.02 59.09 82.17
N LYS DB 119 69.22 59.38 83.46
CA LYS DB 119 68.90 58.41 84.51
C LYS DB 119 67.45 57.99 84.37
N TYR DB 120 66.52 58.89 84.70
CA TYR DB 120 65.11 58.50 84.85
C TYR DB 120 64.34 58.45 83.53
N LYS DB 121 63.24 57.71 83.55
CA LYS DB 121 62.22 57.72 82.49
C LYS DB 121 60.83 57.87 83.08
N LEU DB 122 59.87 58.19 82.21
CA LEU DB 122 58.49 58.42 82.62
C LEU DB 122 57.59 57.39 81.94
N CYS DB 123 56.59 56.88 82.65
CA CYS DB 123 55.76 55.76 82.15
C CYS DB 123 54.32 55.76 82.61
N LYS DB 124 53.40 55.49 81.68
CA LYS DB 124 51.98 55.35 82.00
C LYS DB 124 51.74 54.04 82.72
N VAL DB 125 50.72 53.99 83.57
CA VAL DB 125 50.28 52.69 84.11
C VAL DB 125 49.08 52.15 83.36
N ARG DB 126 49.27 50.99 82.75
CA ARG DB 126 48.21 50.31 82.01
C ARG DB 126 47.23 49.65 82.96
N LYS DB 127 47.76 48.98 84.00
CA LYS DB 127 46.89 48.43 85.03
C LYS DB 127 47.56 48.12 86.36
N ILE DB 128 46.71 48.09 87.39
CA ILE DB 128 47.06 47.76 88.77
C ILE DB 128 46.38 46.42 89.06
N PHE DB 129 46.96 45.67 89.98
CA PHE DB 129 46.88 44.21 89.94
C PHE DB 129 46.32 43.52 91.19
N VAL DB 130 47.05 43.62 92.29
CA VAL DB 130 46.97 42.69 93.42
C VAL DB 130 47.25 41.25 93.00
N GLY DB 131 48.50 40.83 93.19
CA GLY DB 131 48.93 39.44 93.00
C GLY DB 131 48.89 38.69 94.31
N THR DB 132 49.58 37.56 94.36
CA THR DB 132 49.46 36.61 95.47
C THR DB 132 49.95 37.18 96.81
N LYS DB 133 49.39 36.62 97.88
CA LYS DB 133 49.62 37.09 99.25
C LYS DB 133 49.25 38.57 99.45
N GLY DB 134 48.33 39.06 98.63
CA GLY DB 134 47.93 40.47 98.65
C GLY DB 134 48.93 41.48 98.11
N ILE DB 135 49.98 41.04 97.42
CA ILE DB 135 51.00 41.97 96.92
C ILE DB 135 50.50 42.68 95.67
N PRO DB 136 50.40 44.02 95.69
CA PRO DB 136 49.97 44.75 94.50
C PRO DB 136 51.08 45.00 93.49
N HIS DB 137 50.68 45.22 92.23
CA HIS DB 137 51.62 45.54 91.14
C HIS DB 137 51.12 46.69 90.28
N LEU DB 138 52.03 47.19 89.45
CA LEU DB 138 51.68 48.04 88.34
C LEU DB 138 52.04 47.25 87.12
N VAL DB 139 51.63 47.76 85.97
CA VAL DB 139 52.20 47.37 84.69
C VAL DB 139 52.33 48.65 83.87
N THR DB 140 53.55 49.03 83.51
CA THR DB 140 53.78 50.26 82.76
C THR DB 140 53.28 50.13 81.34
N HIS DB 141 53.38 51.23 80.58
CA HIS DB 141 53.15 51.17 79.14
C HIS DB 141 54.24 50.36 78.45
N ASP DB 142 55.46 50.44 78.98
CA ASP DB 142 56.60 49.70 78.42
C ASP DB 142 56.84 48.36 79.14
N ALA DB 143 55.78 47.79 79.70
CA ALA DB 143 55.79 46.44 80.27
C ALA DB 143 56.84 46.23 81.36
N ARG DB 144 56.81 47.10 82.36
CA ARG DB 144 57.48 46.86 83.63
C ARG DB 144 56.44 46.51 84.67
N THR DB 145 56.53 45.28 85.16
CA THR DB 145 55.72 44.83 86.26
C THR DB 145 56.41 45.28 87.55
N ILE DB 146 56.14 46.53 87.93
CA ILE DB 146 56.62 47.04 89.20
C ILE DB 146 55.74 46.43 90.26
N ARG DB 147 56.30 46.13 91.43
CA ARG DB 147 55.51 45.57 92.52
C ARG DB 147 55.69 46.40 93.79
N TYR DB 148 54.68 46.38 94.65
CA TYR DB 148 54.55 47.30 95.79
C TYR DB 148 54.70 48.79 95.40
N PRO DB 149 53.76 49.32 94.61
CA PRO DB 149 53.72 50.76 94.31
C PRO DB 149 52.99 51.58 95.41
N ASP DB 150 52.83 52.88 95.20
CA ASP DB 150 52.07 53.73 96.14
C ASP DB 150 50.58 53.43 95.97
N PRO DB 151 49.84 53.26 97.09
CA PRO DB 151 48.39 53.04 97.01
C PRO DB 151 47.58 54.27 96.58
N LEU DB 152 47.83 54.73 95.35
CA LEU DB 152 47.38 56.06 94.89
C LEU DB 152 47.60 56.16 93.39
N ILE DB 153 48.78 55.73 92.95
CA ILE DB 153 49.03 55.42 91.55
C ILE DB 153 47.91 54.48 91.10
N LYS DB 154 46.94 55.06 90.41
CA LYS DB 154 45.87 54.30 89.77
C LYS DB 154 46.06 54.39 88.26
N MET DB 155 45.12 53.85 87.50
CA MET DB 155 45.31 53.63 86.08
C MET DB 155 45.41 54.92 85.26
N ASN DB 156 46.22 54.89 84.22
CA ASN DB 156 46.49 56.08 83.37
C ASN DB 156 47.39 57.16 83.98
N ASP DB 157 47.78 57.01 85.24
CA ASP DB 157 48.71 57.92 85.90
C ASP DB 157 50.10 57.61 85.39
N THR DB 158 51.04 58.50 85.68
CA THR DB 158 52.39 58.36 85.15
C THR DB 158 53.45 58.47 86.22
N ILE DB 159 54.48 57.63 86.08
CA ILE DB 159 55.47 57.40 87.11
C ILE DB 159 56.83 57.80 86.58
N GLN DB 160 57.71 58.23 87.48
CA GLN DB 160 59.11 58.44 87.15
C GLN DB 160 59.94 57.24 87.63
N ILE DB 161 60.24 56.33 86.71
CA ILE DB 161 61.08 55.17 87.01
C ILE DB 161 62.53 55.63 87.08
N ASP DB 162 63.32 55.06 87.98
CA ASP DB 162 64.70 55.47 88.19
C ASP DB 162 65.65 54.95 87.11
N LEU DB 163 65.55 53.66 86.80
CA LEU DB 163 66.29 52.91 85.74
C LEU DB 163 67.25 51.88 86.31
N GLU DB 164 68.39 52.33 86.84
CA GLU DB 164 69.44 51.42 87.31
C GLU DB 164 68.95 50.63 88.53
N THR DB 165 68.34 51.35 89.47
CA THR DB 165 67.60 50.73 90.55
C THR DB 165 66.39 49.98 89.98
N GLY DB 166 65.66 50.66 89.10
CA GLY DB 166 64.29 50.29 88.75
C GLY DB 166 63.45 51.04 89.77
N LYS DB 167 62.23 50.55 90.00
CA LYS DB 167 61.32 51.10 91.03
C LYS DB 167 60.88 52.55 90.79
N ILE DB 168 59.75 52.88 91.41
CA ILE DB 168 59.11 54.17 91.20
C ILE DB 168 59.79 55.22 92.06
N THR DB 169 59.78 56.47 91.58
CA THR DB 169 60.22 57.62 92.35
C THR DB 169 59.29 58.78 92.01
N ASP DB 170 58.19 58.88 92.76
CA ASP DB 170 57.13 59.90 92.56
C ASP DB 170 56.48 60.01 91.19
N PHE DB 171 55.22 60.46 91.22
CA PHE DB 171 54.28 60.27 90.11
C PHE DB 171 53.27 61.41 89.96
N ILE DB 172 52.61 61.42 88.80
CA ILE DB 172 51.61 62.42 88.46
C ILE DB 172 50.29 61.69 88.20
N LYS DB 173 49.21 62.25 88.72
CA LYS DB 173 47.89 61.62 88.67
C LYS DB 173 47.08 62.26 87.54
N PHE DB 174 46.24 61.46 86.89
CA PHE DB 174 45.52 61.92 85.70
C PHE DB 174 44.28 62.72 86.08
N ASP DB 175 44.41 64.04 86.04
CA ASP DB 175 43.31 64.97 86.31
C ASP DB 175 43.42 66.21 85.43
N THR DB 176 42.41 67.07 85.49
CA THR DB 176 42.41 68.33 84.74
C THR DB 176 43.53 69.23 85.26
N GLY DB 177 44.13 70.00 84.36
CA GLY DB 177 45.27 70.84 84.70
C GLY DB 177 46.52 70.01 84.94
N ASN DB 178 46.87 69.22 83.93
CA ASN DB 178 48.07 68.39 83.92
C ASN DB 178 48.55 68.26 82.48
N LEU DB 179 49.87 68.27 82.28
CA LEU DB 179 50.42 68.21 80.92
C LEU DB 179 50.25 66.82 80.34
N CYS DB 180 49.98 66.79 79.04
CA CYS DB 180 49.48 65.60 78.39
C CYS DB 180 50.04 65.55 76.98
N MET DB 181 50.92 64.59 76.72
CA MET DB 181 51.35 64.31 75.36
C MET DB 181 50.49 63.17 74.81
N VAL DB 182 50.14 63.27 73.53
CA VAL DB 182 49.29 62.28 72.90
C VAL DB 182 50.19 61.33 72.10
N THR DB 183 49.94 60.03 72.25
CA THR DB 183 50.79 58.99 71.66
C THR DB 183 50.00 58.13 70.69
N GLY DB 184 49.14 58.75 69.88
CA GLY DB 184 48.37 57.99 68.90
C GLY DB 184 47.44 58.81 68.06
N GLY DB 185 47.12 58.27 66.88
CA GLY DB 185 46.14 58.86 66.01
C GLY DB 185 46.52 60.19 65.41
N ALA DB 186 45.52 61.02 65.16
CA ALA DB 186 45.69 62.26 64.43
C ALA DB 186 46.51 63.28 65.20
N ASN DB 187 46.27 63.37 66.51
CA ASN DB 187 46.93 64.41 67.32
C ASN DB 187 48.23 63.93 67.96
N LEU DB 188 49.00 63.11 67.25
CA LEU DB 188 50.20 62.50 67.78
C LEU DB 188 51.29 63.53 67.98
N GLY DB 189 51.85 63.56 69.18
CA GLY DB 189 52.92 64.50 69.49
C GLY DB 189 52.49 65.89 69.94
N ARG DB 190 51.22 66.24 69.72
CA ARG DB 190 50.67 67.41 70.37
C ARG DB 190 50.77 67.29 71.87
N ILE DB 191 51.00 68.43 72.52
CA ILE DB 191 51.11 68.51 73.96
C ILE DB 191 50.31 69.70 74.44
N GLY DB 192 49.61 69.49 75.55
CA GLY DB 192 48.76 70.52 76.13
C GLY DB 192 48.08 70.01 77.38
N VAL DB 193 47.62 70.93 78.22
CA VAL DB 193 46.93 70.54 79.44
C VAL DB 193 45.56 69.95 79.12
N ILE DB 194 45.04 69.17 80.06
CA ILE DB 194 43.86 68.34 79.83
C ILE DB 194 42.58 69.15 79.61
N THR DB 195 42.02 69.75 80.65
CA THR DB 195 40.76 70.52 80.56
C THR DB 195 39.52 69.68 80.90
N ASN DB 196 39.34 68.53 80.22
CA ASN DB 196 38.12 67.75 80.42
C ASN DB 196 38.23 66.29 79.98
N ARG DB 197 37.63 65.41 80.78
CA ARG DB 197 37.62 63.97 80.58
C ARG DB 197 36.17 63.51 80.65
N GLU DB 198 35.69 62.90 79.57
CA GLU DB 198 34.31 62.44 79.47
C GLU DB 198 34.26 60.93 79.56
N ARG DB 199 33.84 60.43 80.72
CA ARG DB 199 33.66 59.01 80.93
C ARG DB 199 32.49 58.55 80.10
N HIS DB 200 32.73 57.57 79.23
CA HIS DB 200 31.69 56.81 78.56
C HIS DB 200 31.84 55.38 79.04
N PRO DB 201 30.75 54.79 79.55
CA PRO DB 201 30.83 53.38 79.90
C PRO DB 201 30.68 52.52 78.65
N GLY DB 202 31.42 51.41 78.61
CA GLY DB 202 31.38 50.48 77.47
C GLY DB 202 32.37 50.89 76.40
N SER DB 203 32.02 51.93 75.64
CA SER DB 203 32.95 52.55 74.68
C SER DB 203 33.96 53.38 75.45
N PHE DB 204 35.09 53.71 74.82
CA PHE DB 204 36.21 54.30 75.57
C PHE DB 204 36.25 55.82 75.57
N ASP DB 205 37.06 56.34 76.49
CA ASP DB 205 36.84 57.63 77.13
C ASP DB 205 37.54 58.76 76.40
N VAL DB 206 36.76 59.70 75.88
CA VAL DB 206 37.29 60.84 75.15
C VAL DB 206 37.83 61.88 76.13
N VAL DB 207 39.05 62.36 75.87
CA VAL DB 207 39.74 63.33 76.72
C VAL DB 207 40.16 64.53 75.90
N HIS DB 208 39.61 65.68 76.26
CA HIS DB 208 39.93 66.93 75.59
C HIS DB 208 41.30 67.43 76.04
N VAL DB 209 41.86 68.35 75.25
CA VAL DB 209 43.16 68.95 75.52
C VAL DB 209 43.10 70.39 75.04
N LYS DB 210 43.92 71.26 75.66
CA LYS DB 210 44.13 72.63 75.19
C LYS DB 210 45.61 72.94 75.15
N ASP DB 211 46.09 73.31 73.96
CA ASP DB 211 47.49 73.69 73.76
C ASP DB 211 47.76 75.07 74.38
N ALA DB 212 49.03 75.30 74.73
CA ALA DB 212 49.52 76.59 75.25
C ALA DB 212 49.06 77.80 74.43
N ASN DB 213 49.14 77.69 73.10
CA ASN DB 213 48.66 78.72 72.19
C ASN DB 213 47.18 78.54 71.79
N GLY DB 214 46.32 78.26 72.77
CA GLY DB 214 44.87 78.38 72.61
C GLY DB 214 44.16 77.41 71.66
N ASN DB 215 44.87 76.43 71.12
CA ASN DB 215 44.30 75.52 70.13
C ASN DB 215 43.81 74.26 70.83
N SER DB 216 42.51 74.00 70.71
CA SER DB 216 41.90 72.86 71.37
C SER DB 216 41.79 71.66 70.43
N PHE DB 217 41.72 70.48 71.04
CA PHE DB 217 41.49 69.22 70.35
C PHE DB 217 41.16 68.15 71.37
N ALA DB 218 40.79 66.97 70.90
CA ALA DB 218 40.49 65.85 71.77
C ALA DB 218 41.19 64.58 71.29
N THR DB 219 41.05 63.53 72.07
CA THR DB 219 41.59 62.20 71.74
C THR DB 219 40.88 61.19 72.64
N ARG DB 220 41.24 59.92 72.53
CA ARG DB 220 40.67 58.88 73.39
C ARG DB 220 41.74 58.45 74.39
N LEU DB 221 41.32 58.20 75.62
CA LEU DB 221 42.22 58.06 76.81
C LEU DB 221 43.50 57.29 76.54
N SER DB 222 43.36 56.17 75.85
CA SER DB 222 44.47 55.27 75.51
C SER DB 222 45.70 55.97 74.92
N ASN DB 223 45.48 56.86 73.96
CA ASN DB 223 46.57 57.59 73.30
C ASN DB 223 47.23 58.60 74.21
N ILE DB 224 46.45 59.20 75.11
CA ILE DB 224 46.96 60.22 76.03
C ILE DB 224 47.93 59.65 77.07
N PHE DB 225 48.86 60.49 77.51
CA PHE DB 225 49.88 60.08 78.49
C PHE DB 225 50.44 61.32 79.15
N VAL DB 226 50.31 61.42 80.47
CA VAL DB 226 50.60 62.67 81.19
C VAL DB 226 52.11 62.81 81.42
N ILE DB 227 52.56 64.04 81.62
CA ILE DB 227 53.97 64.32 81.83
C ILE DB 227 54.25 65.48 82.81
N GLY DB 228 53.28 65.86 83.65
CA GLY DB 228 53.53 66.90 84.67
C GLY DB 228 52.30 67.66 85.14
N LYS DB 229 52.50 68.49 86.16
CA LYS DB 229 51.41 69.24 86.80
C LYS DB 229 51.26 70.65 86.26
N GLY DB 230 50.77 70.74 85.04
CA GLY DB 230 50.30 72.02 84.48
C GLY DB 230 51.42 72.94 84.06
N ASN DB 231 51.53 73.17 82.74
CA ASN DB 231 52.53 74.08 82.16
C ASN DB 231 53.97 73.57 82.28
N LYS DB 232 54.44 73.38 83.52
CA LYS DB 232 55.74 72.77 83.77
C LYS DB 232 55.64 71.24 83.63
N PRO DB 233 56.43 70.64 82.71
CA PRO DB 233 56.49 69.20 82.57
C PRO DB 233 57.60 68.59 83.42
N TRP DB 234 57.70 67.27 83.38
CA TRP DB 234 58.67 66.51 84.17
C TRP DB 234 59.82 65.99 83.33
N ILE DB 235 59.93 66.46 82.10
CA ILE DB 235 61.03 66.08 81.20
C ILE DB 235 61.35 67.26 80.29
N SER DB 236 62.42 67.14 79.52
CA SER DB 236 62.70 68.05 78.42
C SER DB 236 61.78 67.68 77.26
N LEU DB 237 61.55 68.65 76.38
CA LEU DB 237 60.71 68.48 75.19
C LEU DB 237 61.53 68.91 74.00
N PRO DB 238 61.25 68.33 72.83
CA PRO DB 238 61.96 68.78 71.63
C PRO DB 238 61.46 70.15 71.19
N ARG DB 239 62.31 70.90 70.49
CA ARG DB 239 61.95 72.24 70.02
C ARG DB 239 60.77 72.13 69.05
N GLY DB 240 59.87 73.09 69.14
CA GLY DB 240 58.53 72.97 68.56
C GLY DB 240 57.52 72.81 69.67
N LYS DB 241 57.91 72.12 70.73
CA LYS DB 241 57.20 72.08 72.01
C LYS DB 241 55.82 71.42 71.92
N GLY DB 242 55.66 70.51 70.96
CA GLY DB 242 54.40 69.80 70.74
C GLY DB 242 53.21 70.71 70.58
N ILE DB 243 53.38 71.73 69.74
CA ILE DB 243 52.39 72.80 69.58
C ILE DB 243 51.57 72.69 68.29
N ARG DB 244 52.18 72.23 67.20
CA ARG DB 244 51.47 71.94 65.94
C ARG DB 244 51.01 73.20 65.21
N LEU DB 245 51.87 73.69 64.32
CA LEU DB 245 51.54 74.82 63.46
C LEU DB 245 50.63 74.36 62.32
N THR DB 246 49.75 75.25 61.88
CA THR DB 246 48.94 75.03 60.67
C THR DB 246 49.88 75.13 59.47
N ILE DB 247 49.59 74.40 58.39
CA ILE DB 247 50.48 74.35 57.22
C ILE DB 247 50.89 75.73 56.70
N ALA DB 248 49.97 76.69 56.78
CA ALA DB 248 50.24 78.08 56.40
C ALA DB 248 51.21 78.75 57.36
N GLU DB 249 51.01 78.52 58.66
CA GLU DB 249 51.88 79.07 59.70
C GLU DB 249 53.28 78.48 59.59
N GLU DB 250 53.37 77.19 59.30
CA GLU DB 250 54.66 76.53 59.09
C GLU DB 250 55.39 77.13 57.90
N ARG DB 251 54.66 77.35 56.81
CA ARG DB 251 55.21 77.91 55.59
C ARG DB 251 55.76 79.32 55.82
N ASP DB 252 54.99 80.13 56.53
CA ASP DB 252 55.43 81.46 56.99
C ASP DB 252 56.72 81.39 57.79
N LYS DB 253 56.78 80.46 58.75
CA LYS DB 253 57.96 80.28 59.61
C LYS DB 253 59.20 79.81 58.85
N ARG DB 254 59.00 78.99 57.82
CA ARG DB 254 60.07 78.58 56.92
C ARG DB 254 60.55 79.76 56.08
N LEU DB 255 59.61 80.55 55.58
CA LEU DB 255 59.90 81.74 54.76
C LEU DB 255 60.72 82.78 55.53
N ALA DB 256 60.35 83.02 56.79
CA ALA DB 256 61.06 83.96 57.66
C ALA DB 256 62.49 83.50 57.97
N ALA DB 257 62.66 82.21 58.24
CA ALA DB 257 63.97 81.61 58.48
C ALA DB 257 64.92 81.78 57.29
N LYS DB 258 64.38 81.60 56.09
CA LYS DB 258 65.15 81.80 54.85
C LYS DB 258 65.31 83.30 54.57
N GLN DB 259 66.35 83.64 53.81
CA GLN DB 259 66.66 85.02 53.39
C GLN DB 259 67.21 85.89 54.53
N SER DB 260 66.38 86.13 55.55
CA SER DB 260 66.73 87.01 56.66
C SER DB 260 67.86 86.45 57.54
N SER DB 261 67.63 85.26 58.12
CA SER DB 261 68.61 84.64 59.01
C SER DB 261 69.73 83.98 58.20
N GLY DB 262 70.97 84.24 58.61
CA GLY DB 262 72.14 83.69 57.90
C GLY DB 262 73.46 84.21 58.46
N THR EB 1 -43.06 83.49 -67.49
CA THR EB 1 -41.71 83.62 -66.85
C THR EB 1 -41.50 84.85 -65.91
N PRO EB 2 -42.03 86.05 -66.24
CA PRO EB 2 -41.74 87.17 -65.33
C PRO EB 2 -42.60 87.19 -64.04
N ASP EB 3 -43.88 86.85 -64.17
CA ASP EB 3 -44.80 86.88 -63.04
C ASP EB 3 -44.61 85.63 -62.17
N ILE EB 4 -44.56 84.46 -62.80
CA ILE EB 4 -44.29 83.18 -62.14
C ILE EB 4 -43.04 82.48 -62.71
N LYS EB 5 -42.32 81.79 -61.83
CA LYS EB 5 -41.07 81.12 -62.16
C LYS EB 5 -41.32 79.63 -62.33
N LEU EB 6 -41.11 79.13 -63.54
CA LEU EB 6 -41.12 77.68 -63.80
C LEU EB 6 -39.75 77.10 -63.48
N PHE EB 7 -39.69 75.78 -63.43
CA PHE EB 7 -38.46 75.04 -63.15
C PHE EB 7 -37.88 74.50 -64.46
N GLY EB 8 -37.70 75.40 -65.43
CA GLY EB 8 -37.56 75.03 -66.83
C GLY EB 8 -38.94 74.85 -67.44
N LYS EB 9 -39.58 73.73 -67.10
CA LYS EB 9 -40.96 73.39 -67.50
C LYS EB 9 -41.98 73.46 -66.36
N TRP EB 10 -41.62 72.93 -65.20
CA TRP EB 10 -42.60 72.56 -64.15
C TRP EB 10 -43.00 73.70 -63.23
N SER EB 11 -44.15 73.54 -62.60
CA SER EB 11 -44.73 74.59 -61.76
C SER EB 11 -44.32 74.47 -60.30
N THR EB 12 -44.25 75.62 -59.64
CA THR EB 12 -43.98 75.72 -58.21
C THR EB 12 -45.29 75.70 -57.45
N ASP EB 13 -46.23 76.56 -57.87
CA ASP EB 13 -47.56 76.58 -57.28
C ASP EB 13 -48.32 75.29 -57.58
N ASP EB 14 -49.38 75.07 -56.81
CA ASP EB 14 -50.16 73.81 -56.83
C ASP EB 14 -49.28 72.61 -56.42
N VAL EB 15 -48.41 72.85 -55.44
CA VAL EB 15 -47.61 71.80 -54.80
C VAL EB 15 -47.90 71.89 -53.30
N GLN EB 16 -48.88 71.11 -52.85
CA GLN EB 16 -49.35 71.16 -51.47
C GLN EB 16 -48.59 70.17 -50.60
N ILE EB 17 -48.01 70.69 -49.50
CA ILE EB 17 -47.35 69.86 -48.50
C ILE EB 17 -48.42 69.36 -47.54
N ASN EB 18 -48.38 68.08 -47.22
CA ASN EB 18 -49.37 67.45 -46.35
C ASN EB 18 -49.04 67.67 -44.88
N ASP EB 19 -47.88 67.16 -44.45
CA ASP EB 19 -47.51 67.13 -43.04
C ASP EB 19 -46.95 68.47 -42.55
N ILE EB 20 -47.69 69.12 -41.66
CA ILE EB 20 -47.21 70.31 -40.93
C ILE EB 20 -46.03 69.96 -40.01
N SER EB 21 -44.84 69.94 -40.59
CA SER EB 21 -43.57 69.61 -39.92
C SER EB 21 -42.48 69.50 -40.97
N LEU EB 22 -42.72 68.68 -41.99
CA LEU EB 22 -41.94 68.68 -43.22
C LEU EB 22 -42.05 70.04 -43.92
N GLN EB 23 -43.27 70.59 -43.92
CA GLN EB 23 -43.52 72.01 -44.20
C GLN EB 23 -42.59 72.88 -43.36
N ASP EB 24 -42.15 74.00 -43.94
CA ASP EB 24 -41.16 74.91 -43.36
C ASP EB 24 -39.74 74.50 -43.80
N TYR EB 25 -39.38 73.25 -43.54
CA TYR EB 25 -38.07 72.71 -43.92
C TYR EB 25 -38.03 72.01 -45.28
N ILE EB 26 -39.15 71.99 -46.00
CA ILE EB 26 -39.16 71.68 -47.43
C ILE EB 26 -39.32 73.00 -48.14
N ALA EB 27 -38.30 73.40 -48.92
CA ALA EB 27 -38.35 74.62 -49.71
C ALA EB 27 -38.62 74.34 -51.20
N VAL EB 28 -39.74 73.66 -51.46
CA VAL EB 28 -40.28 73.53 -52.82
C VAL EB 28 -40.94 74.85 -53.18
N LYS EB 29 -41.51 75.52 -52.19
CA LYS EB 29 -41.91 76.90 -52.29
C LYS EB 29 -42.02 77.50 -50.88
N GLU EB 30 -41.34 78.62 -50.65
CA GLU EB 30 -41.79 79.62 -49.68
C GLU EB 30 -42.70 80.47 -50.58
N LYS EB 31 -42.12 81.46 -51.24
CA LYS EB 31 -42.46 81.77 -52.63
C LYS EB 31 -41.28 81.34 -53.52
N TYR EB 32 -40.11 81.17 -52.90
CA TYR EB 32 -38.84 81.21 -53.62
C TYR EB 32 -38.42 79.82 -54.10
N ALA EB 33 -38.79 79.54 -55.35
CA ALA EB 33 -38.37 78.33 -56.07
C ALA EB 33 -37.80 78.76 -57.41
N LYS EB 34 -36.50 78.57 -57.56
CA LYS EB 34 -35.76 79.15 -58.68
C LYS EB 34 -35.87 78.29 -59.93
N TYR EB 35 -35.29 78.79 -61.03
CA TYR EB 35 -35.27 78.08 -62.32
C TYR EB 35 -34.52 76.75 -62.26
N LEU EB 36 -33.29 76.80 -61.74
CA LEU EB 36 -32.39 75.64 -61.72
C LEU EB 36 -32.15 75.10 -60.30
N PRO EB 37 -31.82 73.79 -60.19
CA PRO EB 37 -31.40 73.27 -58.90
C PRO EB 37 -29.89 73.37 -58.69
N HIS EB 38 -29.16 73.91 -59.66
CA HIS EB 38 -27.82 74.38 -59.40
C HIS EB 38 -27.93 75.78 -58.83
N SER EB 39 -26.99 76.12 -57.95
CA SER EB 39 -26.92 77.47 -57.38
C SER EB 39 -25.57 77.67 -56.71
N ALA EB 40 -25.16 78.93 -56.58
CA ALA EB 40 -23.93 79.26 -55.86
C ALA EB 40 -24.10 78.83 -54.41
N GLY EB 41 -25.17 79.30 -53.78
CA GLY EB 41 -25.67 78.80 -52.51
C GLY EB 41 -24.66 78.41 -51.46
N ARG EB 42 -24.25 79.38 -50.65
CA ARG EB 42 -23.47 79.09 -49.44
C ARG EB 42 -24.45 78.85 -48.31
N TYR EB 43 -25.00 77.64 -48.30
CA TYR EB 43 -25.99 77.21 -47.33
C TYR EB 43 -25.37 76.42 -46.18
N ALA EB 44 -24.06 76.19 -46.21
CA ALA EB 44 -23.35 75.51 -45.13
C ALA EB 44 -22.76 76.49 -44.11
N ALA EB 45 -23.04 77.78 -44.27
CA ALA EB 45 -22.44 78.82 -43.43
C ALA EB 45 -22.79 78.67 -41.96
N LYS EB 46 -24.09 78.67 -41.68
CA LYS EB 46 -24.61 78.65 -40.33
C LYS EB 46 -25.38 77.36 -40.19
N ARG EB 47 -26.05 77.19 -39.05
CA ARG EB 47 -26.62 75.89 -38.69
C ARG EB 47 -27.86 75.55 -39.52
N PHE EB 48 -28.92 76.34 -39.35
CA PHE EB 48 -30.21 76.07 -40.00
C PHE EB 48 -30.38 76.74 -41.36
N ARG EB 49 -29.36 77.44 -41.83
CA ARG EB 49 -29.35 78.01 -43.19
C ARG EB 49 -29.74 76.96 -44.23
N LYS EB 50 -29.23 75.73 -44.04
CA LYS EB 50 -29.56 74.55 -44.83
C LYS EB 50 -31.05 74.43 -45.17
N ALA EB 51 -31.92 74.70 -44.21
CA ALA EB 51 -33.36 74.50 -44.39
C ALA EB 51 -33.97 75.34 -45.53
N GLN EB 52 -33.42 76.53 -45.77
CA GLN EB 52 -33.93 77.44 -46.79
C GLN EB 52 -33.29 77.22 -48.18
N CYS EB 53 -32.40 76.22 -48.29
CA CYS EB 53 -31.98 75.70 -49.58
C CYS EB 53 -33.13 74.89 -50.18
N PRO EB 54 -33.42 75.07 -51.49
CA PRO EB 54 -34.54 74.34 -52.10
C PRO EB 54 -34.36 72.82 -52.09
N ILE EB 55 -35.45 72.07 -51.93
CA ILE EB 55 -35.35 70.60 -51.84
C ILE EB 55 -34.90 69.92 -53.12
N VAL EB 56 -35.14 70.56 -54.27
CA VAL EB 56 -34.67 69.98 -55.55
C VAL EB 56 -33.18 70.17 -55.70
N GLU EB 57 -32.65 71.30 -55.22
CA GLU EB 57 -31.21 71.50 -55.10
C GLU EB 57 -30.58 70.48 -54.14
N ARG EB 58 -31.14 70.38 -52.95
CA ARG EB 58 -30.69 69.41 -51.96
C ARG EB 58 -30.66 67.97 -52.49
N LEU EB 59 -31.67 67.62 -53.28
CA LEU EB 59 -31.71 66.31 -53.93
C LEU EB 59 -30.58 66.12 -54.93
N THR EB 60 -30.29 67.17 -55.70
CA THR EB 60 -29.17 67.17 -56.65
C THR EB 60 -27.87 66.95 -55.89
N ASN EB 61 -27.63 67.77 -54.88
CA ASN EB 61 -26.44 67.65 -54.04
C ASN EB 61 -26.23 66.24 -53.52
N SER EB 62 -27.29 65.66 -52.96
CA SER EB 62 -27.21 64.29 -52.43
C SER EB 62 -26.88 63.26 -53.51
N MET EB 63 -27.39 63.49 -54.72
CA MET EB 63 -27.10 62.64 -55.88
C MET EB 63 -25.62 62.59 -56.24
N MET EB 64 -24.96 63.72 -56.02
CA MET EB 64 -23.56 63.91 -56.39
C MET EB 64 -22.65 63.18 -55.41
N MET EB 65 -22.63 61.85 -55.50
CA MET EB 65 -22.04 61.04 -54.44
C MET EB 65 -21.45 59.70 -54.86
N HIS EB 66 -20.71 59.11 -53.93
CA HIS EB 66 -19.90 57.92 -54.11
C HIS EB 66 -18.72 58.21 -55.03
N GLY EB 67 -17.57 58.47 -54.41
CA GLY EB 67 -16.34 58.98 -55.03
C GLY EB 67 -16.35 59.60 -56.41
N ARG EB 68 -16.41 58.74 -57.43
CA ARG EB 68 -16.36 59.15 -58.85
C ARG EB 68 -17.37 60.23 -59.30
N ASN EB 69 -18.46 60.40 -58.55
CA ASN EB 69 -19.41 61.47 -58.81
C ASN EB 69 -19.28 62.66 -57.85
N ASN EB 70 -18.11 62.86 -57.24
CA ASN EB 70 -17.92 63.96 -56.26
C ASN EB 70 -17.57 65.24 -56.99
N GLY EB 71 -18.35 66.30 -56.74
CA GLY EB 71 -18.21 67.57 -57.46
C GLY EB 71 -18.96 67.67 -58.77
N LYS EB 72 -19.25 66.54 -59.40
CA LYS EB 72 -19.95 66.51 -60.69
C LYS EB 72 -21.45 66.85 -60.49
N LYS EB 73 -21.75 68.14 -60.39
CA LYS EB 73 -23.12 68.56 -60.13
C LYS EB 73 -23.92 68.54 -61.40
N LEU EB 74 -23.44 69.23 -62.43
CA LEU EB 74 -24.16 69.38 -63.72
C LEU EB 74 -24.59 68.02 -64.23
N MET EB 75 -23.64 67.09 -64.18
CA MET EB 75 -23.87 65.65 -64.35
C MET EB 75 -25.18 65.25 -63.74
N THR EB 76 -25.32 65.57 -62.45
CA THR EB 76 -26.47 65.16 -61.67
C THR EB 76 -27.69 66.09 -61.84
N VAL EB 77 -27.45 67.34 -62.23
CA VAL EB 77 -28.55 68.23 -62.59
C VAL EB 77 -29.34 67.57 -63.71
N ARG EB 78 -28.62 67.16 -64.74
CA ARG EB 78 -29.23 66.44 -65.87
C ARG EB 78 -30.00 65.22 -65.41
N ILE EB 79 -29.40 64.42 -64.52
CA ILE EB 79 -30.06 63.26 -63.91
C ILE EB 79 -31.40 63.65 -63.33
N VAL EB 80 -31.40 64.68 -62.51
CA VAL EB 80 -32.61 65.12 -61.85
C VAL EB 80 -33.66 65.45 -62.91
N LYS EB 81 -33.30 66.28 -63.90
CA LYS EB 81 -34.27 66.70 -64.93
C LYS EB 81 -34.90 65.53 -65.66
N HIS EB 82 -34.07 64.54 -65.98
CA HIS EB 82 -34.55 63.35 -66.65
C HIS EB 82 -35.47 62.53 -65.76
N ALA EB 83 -35.13 62.40 -64.49
CA ALA EB 83 -36.01 61.72 -63.53
C ALA EB 83 -37.36 62.42 -63.43
N PHE EB 84 -37.34 63.76 -63.45
CA PHE EB 84 -38.56 64.55 -63.38
C PHE EB 84 -39.39 64.37 -64.63
N GLU EB 85 -38.74 64.37 -65.78
CA GLU EB 85 -39.41 64.04 -67.04
C GLU EB 85 -40.07 62.68 -66.98
N ILE EB 86 -39.32 61.70 -66.51
CA ILE EB 86 -39.81 60.34 -66.42
C ILE EB 86 -40.99 60.24 -65.44
N ILE EB 87 -40.91 60.96 -64.34
CA ILE EB 87 -42.01 61.00 -63.38
C ILE EB 87 -43.26 61.59 -64.03
N HIS EB 88 -43.09 62.65 -64.82
CA HIS EB 88 -44.22 63.29 -65.49
C HIS EB 88 -44.94 62.34 -66.45
N LEU EB 89 -44.17 61.59 -67.23
CA LEU EB 89 -44.73 60.63 -68.18
C LEU EB 89 -45.42 59.46 -67.48
N LEU EB 90 -44.74 58.91 -66.48
CA LEU EB 90 -45.19 57.69 -65.83
C LEU EB 90 -46.40 57.92 -64.94
N THR EB 91 -46.26 58.88 -64.02
CA THR EB 91 -47.27 59.13 -62.99
C THR EB 91 -48.27 60.21 -63.39
N GLY EB 92 -47.83 61.20 -64.17
CA GLY EB 92 -48.59 62.43 -64.32
C GLY EB 92 -48.41 63.25 -63.07
N GLU EB 93 -49.15 64.35 -62.98
CA GLU EB 93 -49.00 65.34 -61.91
C GLU EB 93 -47.60 65.98 -61.93
N ASN EB 94 -47.38 66.97 -61.07
CA ASN EB 94 -46.11 67.67 -61.02
C ASN EB 94 -45.07 66.75 -60.40
N PRO EB 95 -43.90 66.57 -61.06
CA PRO EB 95 -42.86 65.75 -60.43
C PRO EB 95 -42.33 66.33 -59.13
N LEU EB 96 -42.40 67.64 -58.96
CA LEU EB 96 -42.01 68.28 -57.71
C LEU EB 96 -42.93 67.88 -56.56
N GLN EB 97 -44.23 67.77 -56.84
CA GLN EB 97 -45.19 67.30 -55.85
C GLN EB 97 -44.94 65.83 -55.49
N VAL EB 98 -44.68 65.01 -56.50
CA VAL EB 98 -44.32 63.58 -56.29
C VAL EB 98 -43.10 63.45 -55.38
N LEU EB 99 -42.07 64.23 -55.71
CA LEU EB 99 -40.86 64.30 -54.92
C LEU EB 99 -41.15 64.72 -53.48
N VAL EB 100 -41.94 65.77 -53.32
CA VAL EB 100 -42.35 66.23 -51.99
C VAL EB 100 -43.06 65.13 -51.21
N ASN EB 101 -44.01 64.44 -51.85
CA ASN EB 101 -44.74 63.37 -51.19
C ASN EB 101 -43.79 62.28 -50.74
N ALA EB 102 -42.93 61.85 -51.64
CA ALA EB 102 -41.90 60.85 -51.34
C ALA EB 102 -41.13 61.21 -50.08
N ILE EB 103 -40.69 62.47 -50.02
CA ILE EB 103 -39.93 62.98 -48.89
C ILE EB 103 -40.73 62.82 -47.60
N ILE EB 104 -42.02 63.14 -47.67
CA ILE EB 104 -42.91 63.05 -46.52
C ILE EB 104 -43.10 61.61 -46.02
N ASN EB 105 -43.18 60.65 -46.94
CA ASN EB 105 -43.25 59.22 -46.55
C ASN EB 105 -41.96 58.48 -46.93
N SER EB 106 -40.91 58.82 -46.20
CA SER EB 106 -39.56 58.27 -46.41
C SER EB 106 -38.59 58.69 -45.29
N GLY EB 107 -38.72 59.91 -44.79
CA GLY EB 107 -38.09 60.31 -43.54
C GLY EB 107 -38.69 59.52 -42.39
N PRO EB 108 -37.86 59.07 -41.42
CA PRO EB 108 -38.35 58.43 -40.18
C PRO EB 108 -39.35 59.27 -39.40
N ARG EB 109 -39.89 58.70 -38.32
CA ARG EB 109 -40.65 59.49 -37.34
C ARG EB 109 -39.94 59.43 -35.99
N GLU EB 110 -39.47 58.24 -35.60
CA GLU EB 110 -38.57 58.10 -34.46
C GLU EB 110 -37.47 57.09 -34.74
N ASP EB 111 -36.29 57.38 -34.21
CA ASP EB 111 -35.11 56.53 -34.34
C ASP EB 111 -34.61 56.11 -32.97
N SER EB 112 -33.63 55.23 -32.97
CA SER EB 112 -33.08 54.67 -31.75
C SER EB 112 -31.69 55.24 -31.51
N THR EB 113 -31.58 56.21 -30.60
CA THR EB 113 -30.29 56.83 -30.30
C THR EB 113 -29.42 55.84 -29.53
N ARG EB 114 -28.20 55.68 -29.99
CA ARG EB 114 -27.24 54.83 -29.32
C ARG EB 114 -26.77 55.51 -28.04
N ILE EB 115 -27.39 55.13 -26.94
CA ILE EB 115 -26.92 55.48 -25.61
C ILE EB 115 -25.98 54.37 -25.13
N GLY EB 116 -25.07 54.71 -24.22
CA GLY EB 116 -24.10 53.76 -23.66
C GLY EB 116 -24.76 52.56 -23.03
N ARG EB 117 -25.49 52.79 -21.94
CA ARG EB 117 -26.24 51.76 -21.20
C ARG EB 117 -25.27 50.68 -20.66
N ALA EB 118 -24.66 51.00 -19.51
CA ALA EB 118 -23.67 50.14 -18.83
C ALA EB 118 -22.36 49.95 -19.60
N GLY EB 119 -22.40 49.22 -20.73
CA GLY EB 119 -21.21 48.95 -21.53
C GLY EB 119 -21.55 48.32 -22.88
N THR EB 120 -22.28 47.21 -22.80
CA THR EB 120 -22.83 46.55 -23.97
C THR EB 120 -23.98 47.39 -24.53
N VAL EB 121 -24.03 47.54 -25.85
CA VAL EB 121 -24.82 48.60 -26.49
C VAL EB 121 -26.29 48.20 -26.70
N ARG EB 122 -27.16 48.83 -25.92
CA ARG EB 122 -28.62 48.69 -26.04
C ARG EB 122 -29.22 50.08 -26.07
N ARG EB 123 -30.02 50.36 -27.10
CA ARG EB 123 -30.45 51.73 -27.36
C ARG EB 123 -31.83 52.03 -26.80
N GLN EB 124 -32.16 53.31 -26.79
CA GLN EB 124 -33.48 53.82 -26.44
C GLN EB 124 -34.03 54.57 -27.64
N ALA EB 125 -35.36 54.56 -27.79
CA ALA EB 125 -36.02 55.28 -28.89
C ALA EB 125 -36.12 56.78 -28.61
N VAL EB 126 -35.93 57.58 -29.64
CA VAL EB 126 -36.11 59.04 -29.59
C VAL EB 126 -36.73 59.54 -30.88
N ASP EB 127 -37.28 60.75 -30.83
CA ASP EB 127 -38.25 61.21 -31.81
C ASP EB 127 -37.59 62.26 -32.68
N VAL EB 128 -37.46 61.99 -33.98
CA VAL EB 128 -36.55 62.77 -34.83
C VAL EB 128 -37.07 64.14 -35.26
N SER EB 129 -36.12 65.05 -35.48
CA SER EB 129 -36.41 66.43 -35.84
C SER EB 129 -36.89 66.49 -37.28
N PRO EB 130 -37.78 67.45 -37.58
CA PRO EB 130 -38.28 67.57 -38.95
C PRO EB 130 -37.20 67.78 -40.00
N LEU EB 131 -36.19 68.60 -39.69
CA LEU EB 131 -35.09 68.83 -40.62
C LEU EB 131 -34.34 67.52 -40.85
N ARG EB 132 -33.97 66.87 -39.75
CA ARG EB 132 -33.36 65.55 -39.78
C ARG EB 132 -34.19 64.53 -40.56
N ARG EB 133 -35.51 64.58 -40.41
CA ARG EB 133 -36.41 63.73 -41.19
C ARG EB 133 -36.32 64.04 -42.67
N VAL EB 134 -36.24 65.32 -43.01
CA VAL EB 134 -36.11 65.73 -44.41
C VAL EB 134 -34.75 65.30 -44.98
N ASN EB 135 -33.69 65.48 -44.20
CA ASN EB 135 -32.35 65.09 -44.61
C ASN EB 135 -32.27 63.60 -44.92
N GLN EB 136 -32.70 62.79 -43.96
CA GLN EB 136 -32.68 61.34 -44.13
C GLN EB 136 -33.41 60.91 -45.38
N ALA EB 137 -34.67 61.34 -45.48
CA ALA EB 137 -35.51 61.04 -46.63
C ALA EB 137 -34.73 61.25 -47.92
N ILE EB 138 -34.17 62.45 -48.07
CA ILE EB 138 -33.43 62.82 -49.26
C ILE EB 138 -32.34 61.81 -49.56
N TRP EB 139 -31.48 61.56 -48.58
CA TRP EB 139 -30.30 60.72 -48.84
C TRP EB 139 -30.69 59.24 -48.97
N LEU EB 140 -31.63 58.77 -48.14
CA LEU EB 140 -32.12 57.39 -48.25
C LEU EB 140 -32.52 57.06 -49.67
N LEU EB 141 -33.46 57.84 -50.21
CA LEU EB 141 -34.05 57.53 -51.53
C LEU EB 141 -33.10 57.80 -52.68
N CYS EB 142 -32.27 58.81 -52.54
CA CYS EB 142 -31.17 59.01 -53.47
C CYS EB 142 -30.23 57.80 -53.49
N THR EB 143 -29.87 57.31 -52.31
CA THR EB 143 -29.00 56.14 -52.17
C THR EB 143 -29.64 54.87 -52.71
N GLY EB 144 -30.91 54.67 -52.38
CA GLY EB 144 -31.68 53.55 -52.92
C GLY EB 144 -31.74 53.53 -54.44
N ALA EB 145 -31.95 54.71 -55.01
CA ALA EB 145 -31.92 54.89 -56.47
C ALA EB 145 -30.55 54.56 -57.05
N ARG EB 146 -29.50 55.03 -56.38
CA ARG EB 146 -28.13 54.75 -56.77
C ARG EB 146 -27.81 53.26 -56.76
N GLU EB 147 -28.12 52.61 -55.65
CA GLU EB 147 -27.82 51.19 -55.48
C GLU EB 147 -28.54 50.32 -56.51
N ALA EB 148 -29.72 50.74 -56.93
CA ALA EB 148 -30.48 50.05 -57.98
C ALA EB 148 -29.80 50.11 -59.34
N ALA EB 149 -29.12 51.22 -59.63
CA ALA EB 149 -28.71 51.52 -61.00
C ALA EB 149 -27.33 51.03 -61.43
N PHE EB 150 -26.65 50.22 -60.61
CA PHE EB 150 -25.29 49.75 -60.93
C PHE EB 150 -25.24 48.76 -62.09
N ARG EB 151 -25.34 47.46 -61.81
CA ARG EB 151 -25.04 46.44 -62.81
C ARG EB 151 -26.30 45.89 -63.45
N ASN EB 152 -27.10 46.78 -64.03
CA ASN EB 152 -28.09 46.39 -65.03
C ASN EB 152 -28.43 47.59 -65.89
N ILE EB 153 -28.93 47.32 -67.10
CA ILE EB 153 -29.20 48.35 -68.07
C ILE EB 153 -30.39 49.14 -67.54
N LYS EB 154 -30.08 50.21 -66.81
CA LYS EB 154 -31.08 51.17 -66.37
C LYS EB 154 -30.35 52.45 -66.00
N THR EB 155 -30.79 53.56 -66.58
CA THR EB 155 -30.17 54.85 -66.34
C THR EB 155 -30.45 55.30 -64.90
N ILE EB 156 -29.61 56.17 -64.38
CA ILE EB 156 -29.78 56.69 -63.00
C ILE EB 156 -31.11 57.39 -62.94
N ALA EB 157 -31.33 58.26 -63.90
CA ALA EB 157 -32.57 59.02 -64.01
C ALA EB 157 -33.80 58.15 -63.85
N GLU EB 158 -33.82 57.03 -64.57
CA GLU EB 158 -34.96 56.12 -64.54
C GLU EB 158 -35.15 55.52 -63.16
N CYS EB 159 -34.06 55.00 -62.59
CA CYS EB 159 -34.06 54.50 -61.22
C CYS EB 159 -34.54 55.56 -60.24
N LEU EB 160 -34.00 56.77 -60.39
CA LEU EB 160 -34.30 57.89 -59.51
C LEU EB 160 -35.79 58.20 -59.57
N ALA EB 161 -36.36 58.12 -60.76
CA ALA EB 161 -37.79 58.25 -60.94
C ALA EB 161 -38.56 57.14 -60.25
N ASP EB 162 -38.14 55.89 -60.44
CA ASP EB 162 -38.82 54.72 -59.86
C ASP EB 162 -38.84 54.73 -58.34
N GLU EB 163 -37.78 55.27 -57.74
CA GLU EB 163 -37.67 55.35 -56.29
C GLU EB 163 -38.58 56.41 -55.70
N LEU EB 164 -38.59 57.56 -56.35
CA LEU EB 164 -39.45 58.67 -55.97
C LEU EB 164 -40.94 58.32 -56.11
N ILE EB 165 -41.27 57.57 -57.16
CA ILE EB 165 -42.64 57.10 -57.37
C ILE EB 165 -43.07 56.12 -56.28
N ASN EB 166 -42.25 55.09 -56.06
CA ASN EB 166 -42.50 54.08 -55.03
C ASN EB 166 -42.27 54.55 -53.59
N ALA EB 167 -41.79 55.78 -53.41
CA ALA EB 167 -41.79 56.45 -52.11
C ALA EB 167 -43.08 57.25 -51.95
N ALA EB 168 -43.44 57.99 -52.99
CA ALA EB 168 -44.66 58.80 -52.97
C ALA EB 168 -45.89 57.92 -52.75
N LYS EB 169 -45.96 56.85 -53.53
CA LYS EB 169 -46.83 55.73 -53.21
C LYS EB 169 -46.19 55.02 -52.04
N GLY EB 170 -46.94 54.73 -50.98
CA GLY EB 170 -46.42 53.96 -49.85
C GLY EB 170 -46.24 52.51 -50.26
N SER EB 171 -45.25 52.26 -51.11
CA SER EB 171 -45.18 51.02 -51.88
C SER EB 171 -44.55 49.84 -51.15
N SER EB 172 -43.70 50.12 -50.16
CA SER EB 172 -42.92 49.09 -49.47
C SER EB 172 -42.11 48.29 -50.50
N ASN EB 173 -41.44 49.06 -51.36
CA ASN EB 173 -40.90 48.55 -52.62
C ASN EB 173 -39.66 49.34 -53.08
N SER EB 174 -39.67 50.65 -52.87
CA SER EB 174 -38.44 51.44 -52.83
C SER EB 174 -37.56 51.01 -51.67
N TYR EB 175 -36.25 51.25 -51.82
CA TYR EB 175 -35.29 51.05 -50.73
C TYR EB 175 -35.64 51.95 -49.55
N ALA EB 176 -35.87 53.22 -49.85
CA ALA EB 176 -36.00 54.25 -48.80
C ALA EB 176 -37.16 54.03 -47.87
N ILE EB 177 -38.34 53.81 -48.45
CA ILE EB 177 -39.55 53.58 -47.66
C ILE EB 177 -39.46 52.32 -46.81
N LYS EB 178 -38.84 51.27 -47.35
CA LYS EB 178 -38.62 50.03 -46.60
C LYS EB 178 -37.59 50.21 -45.49
N LYS EB 179 -36.54 50.98 -45.76
CA LYS EB 179 -35.50 51.29 -44.78
C LYS EB 179 -36.07 52.08 -43.60
N LYS EB 180 -36.91 53.07 -43.92
CA LYS EB 180 -37.60 53.88 -42.93
C LYS EB 180 -38.49 53.06 -41.99
N ASP EB 181 -39.27 52.13 -42.54
CA ASP EB 181 -40.15 51.29 -41.71
C ASP EB 181 -39.35 50.29 -40.88
N GLU EB 182 -38.15 49.94 -41.34
CA GLU EB 182 -37.24 49.08 -40.57
C GLU EB 182 -36.64 49.82 -39.38
N LEU EB 183 -36.33 51.11 -39.55
CA LEU EB 183 -35.83 51.95 -38.46
C LEU EB 183 -36.92 52.13 -37.42
N GLU EB 184 -38.10 52.50 -37.89
CA GLU EB 184 -39.29 52.69 -37.05
C GLU EB 184 -39.60 51.46 -36.21
N ARG EB 185 -39.55 50.30 -36.84
CA ARG EB 185 -39.77 49.02 -36.18
C ARG EB 185 -38.73 48.73 -35.11
N VAL EB 186 -37.48 49.06 -35.41
CA VAL EB 186 -36.40 48.98 -34.41
C VAL EB 186 -36.68 49.94 -33.26
N ALA EB 187 -37.12 51.15 -33.58
CA ALA EB 187 -37.43 52.13 -32.54
C ALA EB 187 -38.48 51.61 -31.58
N LYS EB 188 -39.60 51.15 -32.14
CA LYS EB 188 -40.67 50.56 -31.35
C LYS EB 188 -40.18 49.41 -30.46
N SER EB 189 -39.24 48.62 -30.98
CA SER EB 189 -38.70 47.48 -30.25
C SER EB 189 -37.77 47.85 -29.08
N ASN EB 190 -37.50 49.15 -28.88
CA ASN EB 190 -36.83 49.62 -27.66
C ASN EB 190 -37.41 50.92 -27.09
N ARG EB 191 -38.70 51.16 -27.36
CA ARG EB 191 -39.38 52.38 -26.88
C ARG EB 191 -39.86 52.23 -25.44
N MET FB 1 73.50 -20.03 54.51
CA MET FB 1 73.35 -18.74 55.26
C MET FB 1 74.69 -18.21 55.68
N LYS FB 2 74.88 -16.91 55.50
CA LYS FB 2 76.14 -16.26 55.76
C LYS FB 2 76.13 -15.86 57.24
N LEU FB 3 76.44 -16.80 58.14
CA LEU FB 3 76.32 -16.54 59.58
C LEU FB 3 77.35 -15.54 60.03
N ASN FB 4 76.90 -14.48 60.68
CA ASN FB 4 77.77 -13.48 61.28
C ASN FB 4 77.84 -13.77 62.78
N ILE FB 5 78.92 -14.43 63.18
CA ILE FB 5 79.13 -14.82 64.58
C ILE FB 5 80.07 -13.82 65.24
N SER FB 6 79.71 -13.41 66.45
CA SER FB 6 80.47 -12.42 67.20
C SER FB 6 80.68 -12.86 68.63
N PHE FB 7 81.95 -13.01 69.02
CA PHE FB 7 82.31 -13.23 70.41
C PHE FB 7 82.44 -11.85 71.07
N PRO FB 8 81.50 -11.51 71.97
CA PRO FB 8 81.45 -10.16 72.52
C PRO FB 8 82.49 -9.87 73.60
N ALA FB 9 82.86 -10.88 74.39
CA ALA FB 9 83.78 -10.69 75.51
C ALA FB 9 85.24 -10.40 75.10
N THR FB 10 85.58 -10.67 73.84
CA THR FB 10 86.86 -10.25 73.28
C THR FB 10 86.69 -8.88 72.64
N GLY FB 11 85.84 -8.83 71.63
CA GLY FB 11 85.79 -7.72 70.67
C GLY FB 11 86.30 -8.19 69.30
N CYS FB 12 85.73 -9.28 68.82
CA CYS FB 12 86.09 -9.86 67.53
C CYS FB 12 84.97 -10.73 67.01
N GLN FB 13 84.79 -10.72 65.70
CA GLN FB 13 83.63 -11.33 65.06
C GLN FB 13 83.97 -11.77 63.63
N LYS FB 14 83.38 -12.90 63.21
CA LYS FB 14 83.70 -13.50 61.91
C LYS FB 14 82.45 -13.70 61.08
N LEU FB 15 82.67 -13.85 59.77
CA LEU FB 15 81.64 -14.24 58.83
C LEU FB 15 81.89 -15.69 58.39
N ILE FB 16 80.99 -16.58 58.81
CA ILE FB 16 81.11 -18.01 58.57
C ILE FB 16 80.04 -18.47 57.58
N GLU FB 17 80.49 -18.96 56.43
CA GLU FB 17 79.61 -19.62 55.46
C GLU FB 17 79.17 -20.97 56.03
N VAL FB 18 77.89 -21.29 55.86
CA VAL FB 18 77.37 -22.59 56.28
C VAL FB 18 76.38 -23.08 55.22
N ASP FB 19 76.46 -24.37 54.90
CA ASP FB 19 75.50 -25.04 54.03
C ASP FB 19 75.05 -26.33 54.72
N ASP FB 20 74.22 -27.12 54.03
CA ASP FB 20 73.62 -28.35 54.58
C ASP FB 20 72.55 -28.00 55.61
N GLU FB 21 71.28 -28.18 55.21
CA GLU FB 21 70.12 -27.94 56.08
C GLU FB 21 70.23 -28.53 57.49
N ARG FB 22 70.80 -29.72 57.60
CA ARG FB 22 70.92 -30.42 58.88
C ARG FB 22 71.97 -29.78 59.81
N LYS FB 23 72.93 -29.07 59.23
CA LYS FB 23 73.90 -28.28 59.99
C LYS FB 23 73.21 -27.08 60.69
N LEU FB 24 72.29 -26.43 59.97
CA LEU FB 24 71.56 -25.24 60.46
C LEU FB 24 70.23 -25.55 61.14
N ARG FB 25 69.88 -26.83 61.27
CA ARG FB 25 68.51 -27.21 61.66
C ARG FB 25 68.24 -26.92 63.13
N THR FB 26 69.30 -26.76 63.92
CA THR FB 26 69.20 -26.30 65.31
C THR FB 26 68.65 -24.87 65.40
N PHE FB 27 69.09 -24.00 64.51
CA PHE FB 27 68.66 -22.61 64.48
C PHE FB 27 67.22 -22.42 63.99
N TYR FB 28 66.84 -23.13 62.93
CA TYR FB 28 65.56 -22.87 62.25
C TYR FB 28 64.36 -23.02 63.16
N GLU FB 29 63.26 -22.37 62.76
CA GLU FB 29 62.03 -22.18 63.55
C GLU FB 29 62.25 -21.90 65.04
N LYS FB 30 63.18 -20.97 65.30
CA LYS FB 30 63.40 -20.41 66.64
C LYS FB 30 63.27 -18.90 66.58
N ARG FB 31 62.98 -18.31 67.74
CA ARG FB 31 62.72 -16.88 67.83
C ARG FB 31 64.04 -16.12 67.85
N MET FB 32 63.93 -14.80 67.86
CA MET FB 32 65.09 -13.94 68.03
C MET FB 32 65.45 -13.88 69.51
N ALA FB 33 66.74 -13.64 69.78
CA ALA FB 33 67.30 -13.54 71.14
C ALA FB 33 67.19 -14.84 71.98
N THR FB 34 67.07 -15.99 71.32
CA THR FB 34 67.11 -17.28 71.99
C THR FB 34 68.54 -17.84 71.95
N GLU FB 35 68.93 -18.50 73.05
CA GLU FB 35 70.28 -19.03 73.19
C GLU FB 35 70.32 -20.50 72.77
N VAL FB 36 70.85 -20.75 71.58
CA VAL FB 36 70.91 -22.07 70.98
C VAL FB 36 72.31 -22.64 71.24
N ALA FB 37 72.39 -23.96 71.42
CA ALA FB 37 73.67 -24.66 71.54
C ALA FB 37 74.22 -24.98 70.14
N ALA FB 38 75.49 -24.65 69.91
CA ALA FB 38 76.12 -24.81 68.58
C ALA FB 38 76.96 -26.09 68.43
N ASP FB 39 76.68 -27.12 69.24
CA ASP FB 39 77.41 -28.38 69.18
C ASP FB 39 77.06 -29.16 67.91
N ALA FB 40 75.79 -29.15 67.53
CA ALA FB 40 75.33 -29.77 66.28
C ALA FB 40 75.87 -29.06 65.02
N LEU FB 41 76.21 -27.77 65.15
CA LEU FB 41 76.85 -27.01 64.08
C LEU FB 41 78.17 -27.66 63.67
N GLY FB 42 79.05 -27.86 64.65
CA GLY FB 42 80.34 -28.50 64.41
C GLY FB 42 81.09 -28.87 65.67
N GLU FB 43 81.97 -29.86 65.55
CA GLU FB 43 82.80 -30.32 66.67
C GLU FB 43 83.94 -29.34 67.01
N GLU FB 44 84.18 -28.38 66.12
CA GLU FB 44 84.97 -27.19 66.47
C GLU FB 44 84.29 -26.42 67.59
N TRP FB 45 83.00 -26.11 67.41
CA TRP FB 45 82.21 -25.40 68.42
C TRP FB 45 81.62 -26.43 69.38
N LYS FB 46 82.50 -27.07 70.16
CA LYS FB 46 82.07 -28.13 71.06
C LYS FB 46 81.55 -27.50 72.35
N GLY FB 47 80.24 -27.54 72.54
CA GLY FB 47 79.60 -27.00 73.74
C GLY FB 47 79.62 -25.49 73.81
N TYR FB 48 79.25 -24.86 72.69
CA TYR FB 48 79.15 -23.41 72.58
C TYR FB 48 77.68 -22.98 72.63
N VAL FB 49 77.40 -21.92 73.37
CA VAL FB 49 76.06 -21.33 73.43
C VAL FB 49 76.08 -20.05 72.62
N VAL FB 50 75.11 -19.92 71.71
CA VAL FB 50 75.04 -18.76 70.83
C VAL FB 50 73.63 -18.15 70.90
N ARG FB 51 73.58 -16.86 71.24
CA ARG FB 51 72.33 -16.09 71.22
C ARG FB 51 72.08 -15.63 69.79
N ILE FB 52 70.83 -15.72 69.34
CA ILE FB 52 70.49 -15.46 67.93
C ILE FB 52 69.76 -14.12 67.78
N SER FB 53 70.53 -13.05 67.59
CA SER FB 53 69.99 -11.68 67.57
C SER FB 53 69.32 -11.25 66.25
N GLY FB 54 69.38 -12.10 65.22
CA GLY FB 54 68.55 -11.92 64.02
C GLY FB 54 69.05 -10.83 63.08
N GLY FB 55 69.87 -11.22 62.12
CA GLY FB 55 70.51 -10.28 61.21
C GLY FB 55 69.63 -9.75 60.09
N ASN FB 56 69.74 -10.36 58.91
CA ASN FB 56 69.15 -9.82 57.70
C ASN FB 56 68.45 -10.89 56.89
N ASP FB 57 67.29 -10.55 56.35
CA ASP FB 57 66.62 -11.38 55.35
C ASP FB 57 67.31 -11.26 54.02
N LYS FB 58 67.16 -12.32 53.23
CA LYS FB 58 67.48 -12.28 51.82
C LYS FB 58 66.49 -11.31 51.17
N GLN FB 59 67.00 -10.54 50.22
CA GLN FB 59 66.37 -9.33 49.71
C GLN FB 59 66.61 -8.16 50.69
N GLY FB 60 67.66 -8.28 51.51
CA GLY FB 60 68.21 -7.15 52.27
C GLY FB 60 67.45 -6.60 53.47
N PHE FB 61 66.41 -7.29 53.93
CA PHE FB 61 65.41 -6.67 54.82
C PHE FB 61 65.47 -7.17 56.26
N PRO FB 62 66.03 -6.36 57.18
CA PRO FB 62 66.39 -6.87 58.51
C PRO FB 62 65.27 -7.45 59.31
N MET FB 63 65.59 -8.47 60.09
CA MET FB 63 64.68 -8.99 61.10
C MET FB 63 64.57 -7.93 62.17
N LYS FB 64 63.36 -7.81 62.71
CA LYS FB 64 63.09 -6.95 63.84
C LYS FB 64 62.25 -7.77 64.80
N GLN FB 65 62.56 -7.68 66.08
CA GLN FB 65 61.87 -8.53 67.05
C GLN FB 65 60.47 -8.01 67.30
N GLY FB 66 59.57 -8.93 67.60
CA GLY FB 66 58.18 -8.59 67.90
C GLY FB 66 57.21 -9.05 66.85
N VAL FB 67 57.62 -8.99 65.59
CA VAL FB 67 56.69 -9.18 64.48
C VAL FB 67 56.24 -10.63 64.28
N LEU FB 68 57.04 -11.60 64.69
CA LEU FB 68 56.75 -13.04 64.52
C LEU FB 68 56.55 -13.37 63.04
N THR FB 69 55.95 -14.52 62.73
CA THR FB 69 55.91 -15.07 61.35
C THR FB 69 57.34 -15.37 60.89
N HIS FB 70 57.47 -16.04 59.75
CA HIS FB 70 58.77 -16.17 59.12
C HIS FB 70 58.84 -15.41 57.78
N GLY FB 71 57.87 -14.51 57.55
CA GLY FB 71 57.82 -13.72 56.34
C GLY FB 71 58.06 -12.24 56.60
N ARG FB 72 57.87 -11.43 55.56
CA ARG FB 72 58.01 -9.99 55.66
C ARG FB 72 56.68 -9.39 56.10
N VAL FB 73 56.76 -8.46 57.05
CA VAL FB 73 55.66 -7.57 57.39
C VAL FB 73 56.23 -6.17 57.25
N ARG FB 74 55.38 -5.23 56.84
CA ARG FB 74 55.77 -3.82 56.74
C ARG FB 74 54.98 -3.00 57.73
N LEU FB 75 55.69 -2.13 58.45
CA LEU FB 75 55.19 -1.46 59.62
C LEU FB 75 55.39 0.03 59.55
N LEU FB 76 54.56 0.77 60.27
CA LEU FB 76 54.75 2.19 60.43
C LEU FB 76 55.69 2.35 61.61
N LEU FB 77 56.81 3.04 61.40
CA LEU FB 77 57.85 3.19 62.41
C LEU FB 77 58.01 4.65 62.78
N SER FB 78 58.82 4.89 63.82
CA SER FB 78 59.01 6.23 64.35
C SER FB 78 60.40 6.37 64.99
N LYS FB 79 60.61 7.46 65.71
CA LYS FB 79 61.82 7.65 66.52
C LYS FB 79 61.75 6.70 67.71
N GLY FB 80 62.78 5.87 67.86
CA GLY FB 80 62.81 4.82 68.89
C GLY FB 80 62.28 3.51 68.34
N HIS FB 81 62.91 3.06 67.24
CA HIS FB 81 62.54 1.83 66.56
C HIS FB 81 63.74 1.23 65.82
N SER FB 82 63.73 -0.09 65.70
CA SER FB 82 64.68 -0.80 64.85
C SER FB 82 64.36 -0.55 63.38
N CYS FB 83 65.37 -0.74 62.53
CA CYS FB 83 65.22 -0.75 61.07
C CYS FB 83 64.87 0.62 60.46
N TYR FB 84 64.98 1.69 61.24
CA TYR FB 84 64.54 3.02 60.80
C TYR FB 84 65.26 4.15 61.51
N ARG FB 85 65.85 5.04 60.70
CA ARG FB 85 66.41 6.29 61.18
C ARG FB 85 65.55 7.41 60.64
N PRO FB 86 64.79 8.10 61.49
CA PRO FB 86 63.95 9.20 61.03
C PRO FB 86 64.72 10.46 60.69
N ARG FB 87 64.44 11.02 59.51
CA ARG FB 87 65.14 12.19 58.98
C ARG FB 87 64.50 13.53 59.35
N ARG FB 88 63.53 13.53 60.26
CA ARG FB 88 62.90 14.78 60.70
C ARG FB 88 62.34 14.62 62.10
N THR FB 89 62.24 15.74 62.81
CA THR FB 89 61.60 15.78 64.12
C THR FB 89 60.19 15.21 64.01
N GLY FB 90 59.99 14.04 64.63
CA GLY FB 90 58.71 13.35 64.52
C GLY FB 90 58.39 12.97 63.10
N GLU FB 91 59.40 12.51 62.37
CA GLU FB 91 59.17 11.85 61.11
C GLU FB 91 58.63 10.47 61.41
N ARG FB 92 57.95 9.91 60.44
CA ARG FB 92 57.34 8.63 60.60
C ARG FB 92 57.29 8.00 59.22
N LYS FB 93 57.52 6.69 59.13
CA LYS FB 93 57.70 6.05 57.83
C LYS FB 93 57.36 4.58 57.82
N ARG FB 94 56.85 4.14 56.67
CA ARG FB 94 56.53 2.74 56.43
C ARG FB 94 57.75 2.04 55.87
N LYS FB 95 58.15 0.96 56.51
CA LYS FB 95 59.28 0.17 56.05
C LYS FB 95 59.01 -1.29 56.31
N SER FB 96 59.41 -2.14 55.36
CA SER FB 96 59.19 -3.58 55.51
C SER FB 96 60.35 -4.22 56.26
N VAL FB 97 59.98 -4.91 57.33
CA VAL FB 97 60.90 -5.59 58.22
C VAL FB 97 60.73 -7.07 57.91
N ARG FB 98 61.13 -7.95 58.83
CA ARG FB 98 60.89 -9.38 58.65
C ARG FB 98 60.76 -10.05 60.00
N GLY FB 99 60.05 -11.17 59.99
CA GLY FB 99 59.90 -12.07 61.12
C GLY FB 99 61.03 -12.22 62.12
N CYS FB 100 60.65 -12.33 63.39
CA CYS FB 100 61.54 -12.75 64.45
C CYS FB 100 62.01 -14.19 64.19
N ILE FB 101 61.14 -15.01 63.60
CA ILE FB 101 61.41 -16.44 63.38
C ILE FB 101 62.46 -16.65 62.30
N VAL FB 102 63.34 -17.61 62.59
CA VAL FB 102 64.51 -17.90 61.77
C VAL FB 102 64.13 -18.96 60.74
N ASP FB 103 64.57 -18.76 59.51
CA ASP FB 103 64.38 -19.75 58.44
C ASP FB 103 65.48 -19.67 57.40
N ALA FB 104 65.55 -20.68 56.55
CA ALA FB 104 66.49 -20.72 55.42
C ALA FB 104 66.27 -19.54 54.48
N ASN FB 105 65.02 -19.06 54.43
CA ASN FB 105 64.71 -17.74 53.88
C ASN FB 105 65.42 -16.62 54.66
N LEU FB 106 66.74 -16.52 54.45
CA LEU FB 106 67.56 -15.52 55.15
C LEU FB 106 68.93 -15.47 54.48
N SER FB 107 69.51 -14.28 54.44
CA SER FB 107 70.84 -14.09 53.86
C SER FB 107 71.89 -14.26 54.94
N VAL FB 108 71.66 -13.61 56.07
CA VAL FB 108 72.56 -13.68 57.21
C VAL FB 108 71.75 -14.12 58.42
N LEU FB 109 72.41 -14.85 59.31
CA LEU FB 109 71.98 -14.90 60.70
C LEU FB 109 73.02 -14.19 61.55
N ASN FB 110 72.53 -13.55 62.61
CA ASN FB 110 73.39 -12.88 63.55
C ASN FB 110 73.42 -13.72 64.81
N LEU FB 111 74.62 -14.08 65.23
CA LEU FB 111 74.79 -14.90 66.41
C LEU FB 111 75.81 -14.25 67.33
N VAL FB 112 75.49 -14.24 68.62
CA VAL FB 112 76.36 -13.70 69.64
C VAL FB 112 76.71 -14.84 70.58
N ILE FB 113 78.00 -15.12 70.75
CA ILE FB 113 78.43 -16.26 71.56
C ILE FB 113 78.33 -15.88 73.03
N VAL FB 114 77.48 -16.59 73.76
CA VAL FB 114 77.28 -16.33 75.19
C VAL FB 114 78.29 -17.08 76.05
N LYS FB 115 78.50 -18.35 75.73
CA LYS FB 115 79.43 -19.20 76.46
C LYS FB 115 80.26 -20.00 75.47
N LYS FB 116 81.59 -19.92 75.58
CA LYS FB 116 82.48 -20.83 74.86
C LYS FB 116 82.77 -22.04 75.74
N GLY FB 117 82.72 -23.22 75.14
CA GLY FB 117 82.99 -24.46 75.84
C GLY FB 117 84.47 -24.72 76.00
N GLU FB 118 84.90 -25.89 75.55
CA GLU FB 118 86.27 -26.37 75.75
C GLU FB 118 87.26 -25.86 74.70
N LYS FB 119 86.83 -25.84 73.44
CA LYS FB 119 87.72 -25.55 72.33
C LYS FB 119 87.94 -24.05 72.18
N ASP FB 120 88.85 -23.70 71.27
CA ASP FB 120 89.07 -22.30 70.87
C ASP FB 120 88.93 -22.24 69.35
N ILE FB 121 88.97 -21.02 68.80
CA ILE FB 121 88.84 -20.80 67.35
C ILE FB 121 89.78 -19.64 66.93
N PRO FB 122 90.27 -19.65 65.68
CA PRO FB 122 91.43 -18.82 65.35
C PRO FB 122 91.17 -17.31 65.23
N GLY FB 123 90.07 -16.92 64.58
CA GLY FB 123 89.75 -15.51 64.35
C GLY FB 123 88.61 -15.01 65.21
N LEU FB 124 88.59 -15.40 66.49
CA LEU FB 124 87.46 -15.08 67.37
C LEU FB 124 87.84 -15.08 68.86
N THR FB 125 88.28 -16.24 69.37
CA THR FB 125 88.67 -16.39 70.77
C THR FB 125 90.17 -16.17 71.02
N ASP FB 126 90.99 -16.41 69.99
CA ASP FB 126 92.41 -16.07 70.05
C ASP FB 126 92.62 -14.56 70.03
N THR FB 127 92.03 -13.89 69.04
CA THR FB 127 92.19 -12.45 68.85
C THR FB 127 91.45 -11.69 69.96
N THR FB 128 92.06 -10.61 70.44
CA THR FB 128 91.53 -9.83 71.57
C THR FB 128 91.77 -8.34 71.34
N VAL FB 129 90.81 -7.69 70.68
CA VAL FB 129 90.89 -6.25 70.38
C VAL FB 129 90.26 -5.54 71.57
N PRO FB 130 90.90 -4.47 72.08
CA PRO FB 130 90.42 -3.91 73.34
C PRO FB 130 89.16 -3.07 73.19
N ARG FB 131 88.62 -2.61 74.32
CA ARG FB 131 87.62 -1.55 74.34
C ARG FB 131 88.34 -0.32 73.77
N ARG FB 132 87.71 0.33 72.81
CA ARG FB 132 88.38 1.31 71.96
C ARG FB 132 88.81 2.54 72.76
N LEU FB 133 87.92 3.00 73.65
CA LEU FB 133 88.25 4.07 74.60
C LEU FB 133 87.83 3.66 76.02
N GLY FB 134 88.53 4.23 77.01
CA GLY FB 134 88.25 3.97 78.43
C GLY FB 134 87.17 4.90 78.95
N PRO FB 135 86.86 4.84 80.26
CA PRO FB 135 85.90 5.75 80.86
C PRO FB 135 86.21 7.23 80.68
N LYS FB 136 85.16 8.03 80.82
CA LYS FB 136 85.19 9.48 80.58
C LYS FB 136 84.42 10.24 81.66
N ARG FB 137 83.20 9.80 81.98
CA ARG FB 137 82.48 10.31 83.16
C ARG FB 137 83.19 9.81 84.43
N ALA FB 138 83.28 10.69 85.43
CA ALA FB 138 84.07 10.44 86.64
C ALA FB 138 83.62 9.19 87.38
N SER FB 139 82.33 9.09 87.63
CA SER FB 139 81.76 7.94 88.33
C SER FB 139 82.23 6.60 87.73
N ARG FB 140 82.18 6.50 86.40
CA ARG FB 140 82.60 5.26 85.71
C ARG FB 140 84.12 5.04 85.81
N ILE FB 141 84.89 6.11 85.91
CA ILE FB 141 86.32 6.00 86.20
C ILE FB 141 86.52 5.44 87.60
N ARG FB 142 85.79 5.96 88.58
CA ARG FB 142 85.88 5.44 89.95
C ARG FB 142 85.50 3.96 90.04
N LYS FB 143 84.47 3.58 89.28
CA LYS FB 143 83.96 2.19 89.30
C LYS FB 143 84.91 1.23 88.63
N LEU FB 144 85.67 1.70 87.66
CA LEU FB 144 86.68 0.90 86.98
C LEU FB 144 87.89 0.58 87.86
N PHE FB 145 88.32 1.58 88.64
CA PHE FB 145 89.53 1.47 89.45
C PHE FB 145 89.30 1.38 90.97
N ASN FB 146 88.02 1.31 91.38
CA ASN FB 146 87.64 1.22 92.81
C ASN FB 146 88.29 2.31 93.67
N LEU FB 147 87.67 3.49 93.67
CA LEU FB 147 88.26 4.68 94.29
C LEU FB 147 87.50 5.21 95.51
N SER FB 148 86.22 5.54 95.30
CA SER FB 148 85.41 6.34 96.23
C SER FB 148 85.74 7.83 96.07
N LYS FB 149 84.85 8.69 96.57
CA LYS FB 149 84.98 10.15 96.42
C LYS FB 149 86.29 10.73 96.99
N GLU FB 150 86.83 10.11 98.04
CA GLU FB 150 88.09 10.53 98.65
C GLU FB 150 89.27 9.70 98.09
N ASP FB 151 89.60 9.90 96.81
CA ASP FB 151 90.73 9.18 96.20
C ASP FB 151 91.42 9.79 94.94
N ASP FB 152 91.05 11.00 94.52
CA ASP FB 152 91.55 11.62 93.26
C ASP FB 152 91.28 10.80 91.98
N VAL FB 153 90.34 11.29 91.17
CA VAL FB 153 89.97 10.65 89.90
C VAL FB 153 90.94 11.03 88.77
N ARG FB 154 91.57 12.19 88.89
CA ARG FB 154 92.51 12.69 87.87
C ARG FB 154 93.66 11.72 87.55
N GLN FB 155 94.21 11.09 88.58
CA GLN FB 155 95.43 10.29 88.45
C GLN FB 155 95.15 8.90 87.88
N TYR FB 156 94.08 8.27 88.37
CA TYR FB 156 93.68 6.92 87.95
C TYR FB 156 92.74 6.98 86.75
N VAL FB 157 93.21 7.58 85.65
CA VAL FB 157 92.42 7.80 84.44
C VAL FB 157 93.07 7.09 83.25
N VAL FB 158 92.25 6.65 82.32
CA VAL FB 158 92.73 5.96 81.12
C VAL FB 158 93.33 7.01 80.19
N ARG FB 159 94.34 6.61 79.43
CA ARG FB 159 95.09 7.51 78.57
C ARG FB 159 95.67 6.73 77.39
N LYS FB 160 95.43 7.22 76.18
CA LYS FB 160 95.85 6.53 74.96
C LYS FB 160 96.94 7.31 74.24
N PRO FB 161 98.11 6.67 73.98
CA PRO FB 161 99.17 7.34 73.25
C PRO FB 161 98.98 7.18 71.74
N LEU FB 162 98.81 8.29 71.03
CA LEU FB 162 98.65 8.27 69.57
C LEU FB 162 100.00 8.43 68.87
N ASN FB 163 100.64 7.29 68.62
CA ASN FB 163 101.90 7.25 67.87
C ASN FB 163 101.68 7.23 66.34
N LYS FB 164 102.74 7.58 65.62
CA LYS FB 164 102.68 7.91 64.18
C LYS FB 164 101.73 9.08 63.93
N GLU FB 165 101.95 10.16 64.66
CA GLU FB 165 101.32 11.46 64.40
C GLU FB 165 102.16 12.21 63.36
N GLY FB 166 103.49 12.11 63.50
CA GLY FB 166 104.43 12.75 62.58
C GLY FB 166 105.73 13.13 63.26
N LYS FB 167 105.60 13.76 64.43
CA LYS FB 167 106.74 14.24 65.22
C LYS FB 167 106.98 13.39 66.47
N LYS FB 168 105.97 13.31 67.33
CA LYS FB 168 106.05 12.50 68.55
C LYS FB 168 104.65 12.20 69.11
N PRO FB 169 104.51 11.10 69.87
CA PRO FB 169 103.20 10.73 70.42
C PRO FB 169 102.79 11.58 71.62
N ARG FB 170 101.61 12.18 71.55
CA ARG FB 170 100.99 12.81 72.71
C ARG FB 170 100.46 11.70 73.61
N THR FB 171 100.77 11.78 74.91
CA THR FB 171 100.18 10.88 75.91
C THR FB 171 98.76 11.37 76.20
N LYS FB 172 97.86 11.10 75.27
CA LYS FB 172 96.57 11.79 75.19
C LYS FB 172 95.53 11.22 76.15
N ALA FB 173 94.62 12.09 76.59
CA ALA FB 173 93.56 11.75 77.55
C ALA FB 173 92.32 12.61 77.29
N PRO FB 174 91.14 12.17 77.75
CA PRO FB 174 89.90 12.93 77.51
C PRO FB 174 89.74 14.14 78.42
N LYS FB 175 88.54 14.72 78.43
CA LYS FB 175 88.13 15.68 79.44
C LYS FB 175 87.20 14.95 80.39
N ILE FB 176 87.58 14.83 81.66
CA ILE FB 176 86.72 14.18 82.64
C ILE FB 176 85.52 15.09 82.88
N GLN FB 177 84.33 14.55 82.59
CA GLN FB 177 83.08 15.26 82.78
C GLN FB 177 82.38 14.67 84.00
N ARG FB 178 81.56 15.52 84.63
CA ARG FB 178 80.89 15.23 85.90
C ARG FB 178 81.92 14.94 87.01
N LEU FB 179 82.92 15.81 87.06
CA LEU FB 179 83.97 15.82 88.07
C LEU FB 179 83.79 17.10 88.87
N VAL FB 180 83.87 17.00 90.20
CA VAL FB 180 83.80 18.19 91.05
C VAL FB 180 85.10 18.98 90.95
N THR FB 181 84.97 20.31 90.89
CA THR FB 181 86.10 21.20 90.66
C THR FB 181 85.76 22.59 91.23
N PRO FB 182 86.78 23.41 91.53
CA PRO FB 182 86.57 24.79 92.00
C PRO FB 182 85.41 25.55 91.36
N ARG FB 183 85.36 25.58 90.04
CA ARG FB 183 84.28 26.25 89.30
C ARG FB 183 82.91 25.80 89.75
N VAL FB 184 82.70 24.48 89.69
CA VAL FB 184 81.44 23.86 90.03
C VAL FB 184 81.00 24.30 91.43
N LEU FB 185 81.95 24.30 92.38
CA LEU FB 185 81.67 24.71 93.75
C LEU FB 185 81.33 26.20 93.83
N GLN FB 186 82.05 27.00 93.05
CA GLN FB 186 81.79 28.44 92.97
C GLN FB 186 80.35 28.70 92.52
N HIS FB 187 79.93 28.00 91.47
CA HIS FB 187 78.56 28.13 90.98
C HIS FB 187 77.57 27.72 92.04
N LYS FB 188 77.88 26.65 92.77
CA LYS FB 188 77.01 26.21 93.86
C LYS FB 188 76.86 27.28 94.92
N ARG FB 189 77.94 28.00 95.22
CA ARG FB 189 77.88 29.14 96.15
C ARG FB 189 77.08 30.30 95.58
N ARG FB 190 77.24 30.55 94.29
CA ARG FB 190 76.64 31.72 93.63
C ARG FB 190 75.13 31.64 93.65
N ARG FB 191 74.58 30.52 93.18
CA ARG FB 191 73.13 30.36 93.09
C ARG FB 191 72.43 30.42 94.45
N ILE FB 192 73.08 29.92 95.50
CA ILE FB 192 72.52 30.02 96.85
C ILE FB 192 72.68 31.43 97.38
N ALA FB 193 73.75 32.12 96.98
CA ALA FB 193 73.93 33.52 97.32
C ALA FB 193 72.81 34.38 96.72
N LEU FB 194 72.45 34.08 95.47
CA LEU FB 194 71.34 34.78 94.82
C LEU FB 194 70.02 34.54 95.55
N LYS FB 195 69.78 33.29 95.94
CA LYS FB 195 68.60 32.95 96.73
C LYS FB 195 68.57 33.72 98.03
N LYS FB 196 69.73 33.81 98.70
CA LYS FB 196 69.86 34.59 99.92
C LYS FB 196 69.55 36.06 99.64
N GLN FB 197 70.10 36.56 98.54
CA GLN FB 197 69.89 37.94 98.09
C GLN FB 197 68.41 38.21 97.83
N ARG FB 198 67.78 37.31 97.07
CA ARG FB 198 66.37 37.43 96.72
C ARG FB 198 65.46 37.47 97.95
N THR FB 199 65.71 36.59 98.92
CA THR FB 199 64.94 36.57 100.17
C THR FB 199 65.08 37.84 100.98
N LYS FB 200 66.27 38.43 100.95
CA LYS FB 200 66.52 39.73 101.61
C LYS FB 200 65.73 40.86 100.95
N LYS FB 201 65.59 40.83 99.63
CA LYS FB 201 64.85 41.87 98.92
C LYS FB 201 63.36 41.80 99.21
N ASN FB 202 62.82 40.58 99.27
CA ASN FB 202 61.41 40.37 99.61
C ASN FB 202 61.04 40.93 100.98
N LYS FB 203 61.91 40.72 101.95
CA LYS FB 203 61.73 41.26 103.30
C LYS FB 203 61.79 42.79 103.30
N GLU FB 204 62.84 43.34 102.70
CA GLU FB 204 63.04 44.79 102.65
C GLU FB 204 61.89 45.52 101.97
N GLU FB 205 61.52 45.05 100.78
CA GLU FB 205 60.49 45.69 99.96
C GLU FB 205 59.11 45.63 100.64
N ALA FB 206 58.81 44.49 101.24
CA ALA FB 206 57.56 44.32 102.01
C ALA FB 206 57.54 45.18 103.26
N ALA FB 207 58.70 45.34 103.89
CA ALA FB 207 58.81 46.21 105.07
C ALA FB 207 58.62 47.67 104.68
N GLU FB 208 59.25 48.09 103.60
CA GLU FB 208 59.08 49.45 103.09
C GLU FB 208 57.62 49.72 102.76
N TYR FB 209 56.97 48.77 102.09
CA TYR FB 209 55.56 48.89 101.75
C TYR FB 209 54.68 48.99 102.98
N ALA FB 210 55.02 48.26 104.04
CA ALA FB 210 54.31 48.35 105.32
C ALA FB 210 54.42 49.73 105.93
N LYS FB 211 55.61 50.32 105.88
CA LYS FB 211 55.83 51.70 106.32
C LYS FB 211 55.08 52.69 105.45
N LEU FB 212 55.16 52.48 104.13
CA LEU FB 212 54.45 53.29 103.14
C LEU FB 212 52.94 53.20 103.29
N LEU FB 213 52.44 51.98 103.47
CA LEU FB 213 51.02 51.73 103.74
C LEU FB 213 50.62 52.36 105.06
N ALA FB 214 51.49 52.24 106.07
CA ALA FB 214 51.27 52.90 107.36
C ALA FB 214 51.22 54.41 107.21
N LYS FB 215 52.12 55.00 106.42
CA LYS FB 215 52.14 56.47 106.26
C LYS FB 215 51.15 57.04 105.21
N ARG FB 216 50.29 56.19 104.65
CA ARG FB 216 49.00 56.62 104.09
C ARG FB 216 47.87 56.29 105.09
N MET FB 217 48.23 56.06 106.36
CA MET FB 217 47.28 55.72 107.43
C MET FB 217 47.65 56.31 108.82
N LYS FB 218 48.96 56.48 109.10
CA LYS FB 218 49.48 56.99 110.39
C LYS FB 218 49.79 58.47 110.28
N GLU FB 219 50.52 58.85 109.23
CA GLU FB 219 50.58 60.24 108.77
C GLU FB 219 49.23 60.65 108.20
N ALA FB 220 48.45 59.68 107.73
CA ALA FB 220 47.03 59.88 107.42
C ALA FB 220 46.07 59.51 108.57
N LYS FB 221 46.61 59.33 109.80
CA LYS FB 221 45.80 59.34 111.04
C LYS FB 221 45.62 60.77 111.55
N GLU FB 222 46.53 61.66 111.14
CA GLU FB 222 46.28 63.10 111.18
C GLU FB 222 45.16 63.44 110.19
N LYS FB 223 45.19 62.80 109.02
CA LYS FB 223 44.11 62.90 108.02
C LYS FB 223 42.86 62.08 108.38
N ARG FB 224 43.01 61.04 109.20
CA ARG FB 224 41.86 60.26 109.69
C ARG FB 224 41.06 61.11 110.67
N GLN FB 225 41.76 61.92 111.47
CA GLN FB 225 41.14 62.98 112.27
C GLN FB 225 40.40 64.00 111.39
N GLU FB 226 40.99 64.37 110.26
CA GLU FB 226 40.33 65.19 109.24
C GLU FB 226 39.17 64.45 108.53
N GLN FB 227 39.33 63.14 108.31
CA GLN FB 227 38.27 62.30 107.75
C GLN FB 227 37.10 62.18 108.74
N ILE FB 228 37.42 62.07 110.03
CA ILE FB 228 36.43 62.12 111.12
C ILE FB 228 35.76 63.50 111.15
N ALA FB 229 36.55 64.55 110.98
CA ALA FB 229 36.03 65.92 110.88
C ALA FB 229 35.11 66.11 109.67
N LYS FB 230 35.48 65.50 108.53
CA LYS FB 230 34.62 65.47 107.34
C LYS FB 230 33.30 64.74 107.61
N ARG FB 231 33.39 63.58 108.27
CA ARG FB 231 32.19 62.81 108.67
C ARG FB 231 31.30 63.57 109.64
N ARG FB 232 31.91 64.33 110.55
CA ARG FB 232 31.16 65.24 111.45
C ARG FB 232 30.46 66.34 110.64
N ARG FB 233 31.16 66.93 109.67
CA ARG FB 233 30.58 67.96 108.80
C ARG FB 233 29.77 67.40 107.60
N LEU FB 234 29.45 66.11 107.61
CA LEU FB 234 28.43 65.52 106.73
C LEU FB 234 27.20 65.11 107.54
N SER FB 235 27.42 64.38 108.64
CA SER FB 235 26.35 63.94 109.54
C SER FB 235 25.77 65.10 110.35
N SER FB 236 26.63 65.82 111.07
CA SER FB 236 26.22 66.89 111.98
C SER FB 236 26.26 68.32 111.36
N LEU FB 237 26.31 68.40 110.03
CA LEU FB 237 26.26 69.69 109.33
C LEU FB 237 24.86 69.95 108.79
N SER GB 1 -12.90 95.41 100.96
CA SER GB 1 -11.95 96.52 101.31
C SER GB 1 -10.82 96.64 100.28
N ALA GB 2 -10.19 95.51 99.97
CA ALA GB 2 -9.03 95.47 99.07
C ALA GB 2 -8.75 94.07 98.51
N LYS GB 3 -8.54 93.11 99.42
CA LYS GB 3 -8.21 91.72 99.05
C LYS GB 3 -9.43 90.79 98.99
N ILE GB 4 -10.62 91.34 98.84
CA ILE GB 4 -11.88 90.57 98.90
C ILE GB 4 -12.17 89.78 97.62
N VAL GB 5 -11.90 90.36 96.45
CA VAL GB 5 -12.21 89.74 95.15
C VAL GB 5 -11.03 89.72 94.16
N LYS GB 6 -9.81 89.52 94.67
CA LYS GB 6 -8.60 89.47 93.84
C LYS GB 6 -7.47 88.58 94.40
N PRO GB 7 -7.71 87.25 94.51
CA PRO GB 7 -6.72 86.32 95.06
C PRO GB 7 -5.98 85.50 93.99
N ASN GB 8 -4.65 85.57 94.01
CA ASN GB 8 -3.80 84.70 93.17
C ASN GB 8 -2.34 84.59 93.67
N GLY GB 9 -2.14 84.73 94.97
CA GLY GB 9 -0.80 84.92 95.54
C GLY GB 9 -0.14 86.24 95.14
N GLU GB 10 -0.96 87.27 94.90
CA GLU GB 10 -0.50 88.59 94.47
C GLU GB 10 -1.13 89.67 95.35
N LYS GB 11 -0.33 90.18 96.29
CA LYS GB 11 -0.76 91.24 97.20
C LYS GB 11 -0.95 92.65 96.58
N PRO GB 12 0.06 93.17 95.83
CA PRO GB 12 0.15 94.57 95.38
C PRO GB 12 -1.13 95.40 95.27
N ASP GB 13 -1.13 96.53 95.97
CA ASP GB 13 -2.33 97.35 96.16
C ASP GB 13 -2.65 98.19 94.90
N GLU GB 14 -1.89 99.27 94.71
CA GLU GB 14 -2.14 100.32 93.70
C GLU GB 14 -3.55 100.33 93.04
N PHE GB 15 -3.71 99.66 91.91
CA PHE GB 15 -4.94 99.71 91.11
C PHE GB 15 -5.85 98.52 91.33
N GLU GB 16 -5.27 97.34 91.52
CA GLU GB 16 -6.02 96.09 91.72
C GLU GB 16 -6.94 96.16 92.95
N SER GB 17 -6.44 96.76 94.03
CA SER GB 17 -7.24 97.01 95.23
C SER GB 17 -8.34 98.04 94.99
N GLY GB 18 -8.02 99.07 94.21
CA GLY GB 18 -9.02 100.07 93.81
C GLY GB 18 -10.15 99.49 92.99
N ILE GB 19 -9.81 98.60 92.06
CA ILE GB 19 -10.80 97.90 91.24
C ILE GB 19 -11.66 96.97 92.10
N SER GB 20 -11.02 96.20 92.99
CA SER GB 20 -11.74 95.32 93.91
C SER GB 20 -12.71 96.09 94.81
N GLN GB 21 -12.28 97.26 95.27
CA GLN GB 21 -13.14 98.16 96.05
C GLN GB 21 -14.33 98.65 95.21
N ALA GB 22 -14.07 98.97 93.94
CA ALA GB 22 -15.13 99.38 93.02
C ALA GB 22 -16.13 98.24 92.79
N LEU GB 23 -15.63 97.03 92.54
CA LEU GB 23 -16.48 95.85 92.40
C LEU GB 23 -17.37 95.62 93.62
N LEU GB 24 -16.80 95.74 94.81
CA LEU GB 24 -17.54 95.62 96.06
C LEU GB 24 -18.63 96.69 96.21
N GLU GB 25 -18.32 97.91 95.76
CA GLU GB 25 -19.29 99.01 95.75
C GLU GB 25 -20.45 98.74 94.78
N LEU GB 26 -20.14 98.16 93.62
CA LEU GB 26 -21.16 97.77 92.64
C LEU GB 26 -22.04 96.64 93.13
N GLU GB 27 -21.47 95.71 93.91
CA GLU GB 27 -22.24 94.65 94.56
C GLU GB 27 -23.31 95.21 95.49
N MET GB 28 -22.95 96.22 96.29
CA MET GB 28 -23.92 96.90 97.17
C MET GB 28 -24.86 97.77 96.35
N ASN GB 29 -25.79 97.11 95.65
CA ASN GB 29 -26.71 97.76 94.70
C ASN GB 29 -27.77 96.75 94.24
N SER GB 30 -28.86 97.26 93.65
CA SER GB 30 -29.92 96.40 93.10
C SER GB 30 -29.47 95.66 91.84
N ASP GB 31 -30.03 94.46 91.63
CA ASP GB 31 -29.78 93.60 90.44
C ASP GB 31 -28.32 93.17 90.14
N LEU GB 32 -27.38 94.11 90.11
CA LEU GB 32 -25.97 93.84 89.87
C LEU GB 32 -25.34 93.23 91.13
N LYS GB 33 -25.65 91.96 91.39
CA LYS GB 33 -25.31 91.26 92.63
C LYS GB 33 -25.67 89.77 92.51
N ALA GB 34 -25.08 88.95 93.37
CA ALA GB 34 -25.36 87.51 93.48
C ALA GB 34 -24.63 86.72 92.41
N GLN GB 35 -24.88 87.07 91.15
CA GLN GB 35 -24.03 86.66 90.03
C GLN GB 35 -22.60 87.25 90.09
N LEU GB 36 -22.42 88.34 90.83
CA LEU GB 36 -21.10 88.91 91.10
C LEU GB 36 -20.49 88.40 92.44
N ARG GB 37 -21.33 88.06 93.41
CA ARG GB 37 -20.86 87.42 94.65
C ARG GB 37 -19.89 86.26 94.39
N GLU GB 38 -20.29 85.37 93.47
CA GLU GB 38 -19.50 84.20 93.11
C GLU GB 38 -18.25 84.55 92.30
N LEU GB 39 -18.35 85.60 91.46
CA LEU GB 39 -17.23 86.04 90.62
C LEU GB 39 -16.00 86.49 91.39
N ASN GB 40 -14.89 86.62 90.66
CA ASN GB 40 -13.58 86.86 91.23
C ASN GB 40 -12.66 87.36 90.13
N ILE GB 41 -11.83 88.37 90.41
CA ILE GB 41 -10.76 88.74 89.47
C ILE GB 41 -9.44 88.12 89.94
N THR GB 42 -8.40 88.27 89.12
CA THR GB 42 -7.07 87.75 89.43
C THR GB 42 -5.95 88.82 89.31
N ALA GB 43 -6.02 89.66 88.28
CA ALA GB 43 -5.07 90.76 88.11
C ALA GB 43 -5.65 91.88 87.26
N ALA GB 44 -4.98 93.03 87.26
CA ALA GB 44 -5.43 94.19 86.50
C ALA GB 44 -4.28 95.19 86.34
N LYS GB 45 -4.21 95.82 85.16
CA LYS GB 45 -3.15 96.78 84.86
C LYS GB 45 -3.67 98.02 84.14
N GLU GB 46 -3.39 99.19 84.71
CA GLU GB 46 -3.52 100.45 84.00
C GLU GB 46 -2.36 100.52 83.01
N ILE GB 47 -2.68 100.69 81.73
CA ILE GB 47 -1.66 100.70 80.67
C ILE GB 47 -1.89 101.83 79.68
N GLU GB 48 -0.79 102.38 79.17
CA GLU GB 48 -0.81 103.56 78.31
C GLU GB 48 -0.92 103.14 76.85
N VAL GB 49 -1.91 103.69 76.15
CA VAL GB 49 -2.10 103.44 74.71
C VAL GB 49 -1.43 104.58 73.91
N GLY GB 50 -1.57 104.53 72.58
CA GLY GB 50 -0.93 105.51 71.70
C GLY GB 50 -1.42 106.93 71.87
N GLY GB 51 -2.70 107.17 71.61
CA GLY GB 51 -3.28 108.52 71.62
C GLY GB 51 -3.72 109.02 72.98
N GLY GB 52 -2.78 109.11 73.91
CA GLY GB 52 -3.04 109.69 75.24
C GLY GB 52 -3.85 108.82 76.19
N ARG GB 53 -5.15 108.69 75.91
CA ARG GB 53 -6.11 108.10 76.84
C ARG GB 53 -5.82 106.64 77.21
N LYS GB 54 -5.07 106.47 78.29
CA LYS GB 54 -4.78 105.16 78.88
C LYS GB 54 -6.00 104.31 79.23
N ALA GB 55 -5.79 103.00 79.26
CA ALA GB 55 -6.85 102.01 79.47
C ALA GB 55 -6.49 101.04 80.59
N ILE GB 56 -7.51 100.46 81.21
CA ILE GB 56 -7.35 99.45 82.26
C ILE GB 56 -7.84 98.08 81.77
N ILE GB 57 -6.96 97.09 81.91
CA ILE GB 57 -7.18 95.73 81.43
C ILE GB 57 -7.33 94.84 82.65
N ILE GB 58 -8.47 94.15 82.76
CA ILE GB 58 -8.78 93.32 83.93
C ILE GB 58 -8.77 91.86 83.53
N PHE GB 59 -8.26 91.02 84.43
CA PHE GB 59 -8.09 89.59 84.19
C PHE GB 59 -9.09 88.78 84.99
N VAL GB 60 -9.44 87.61 84.47
CA VAL GB 60 -10.46 86.76 85.06
C VAL GB 60 -9.87 85.34 85.07
N PRO GB 61 -10.26 84.49 86.05
CA PRO GB 61 -9.71 83.13 86.18
C PRO GB 61 -9.69 82.21 84.94
N VAL GB 62 -10.74 82.29 84.12
CA VAL GB 62 -10.97 81.53 82.85
C VAL GB 62 -12.26 80.71 82.95
N PRO GB 63 -12.46 79.94 84.03
CA PRO GB 63 -13.78 79.33 84.24
C PRO GB 63 -14.87 80.36 84.56
N GLN GB 64 -14.45 81.50 85.10
CA GLN GB 64 -15.37 82.61 85.40
C GLN GB 64 -15.53 83.60 84.25
N LEU GB 65 -14.90 83.34 83.11
CA LEU GB 65 -14.92 84.25 81.97
C LEU GB 65 -16.33 84.33 81.39
N LYS GB 66 -16.96 83.17 81.20
CA LYS GB 66 -18.35 83.13 80.72
C LYS GB 66 -19.31 83.85 81.66
N SER GB 67 -19.10 83.70 82.97
CA SER GB 67 -19.87 84.45 83.96
C SER GB 67 -19.64 85.95 83.83
N PHE GB 68 -18.39 86.35 83.65
CA PHE GB 68 -18.05 87.77 83.40
C PHE GB 68 -18.65 88.30 82.11
N GLN GB 69 -18.71 87.46 81.08
CA GLN GB 69 -19.33 87.82 79.80
C GLN GB 69 -20.83 88.12 79.94
N LYS GB 70 -21.53 87.30 80.74
CA LYS GB 70 -22.94 87.53 81.06
C LYS GB 70 -23.18 88.89 81.74
N ILE GB 71 -22.29 89.28 82.65
CA ILE GB 71 -22.40 90.55 83.39
C ILE GB 71 -21.50 91.66 82.82
N GLN GB 72 -21.04 91.53 81.58
CA GLN GB 72 -19.97 92.40 81.06
C GLN GB 72 -20.39 93.85 80.84
N VAL GB 73 -21.28 94.06 79.87
CA VAL GB 73 -21.54 95.40 79.33
C VAL GB 73 -22.06 96.35 80.41
N ARG GB 74 -22.99 95.87 81.23
CA ARG GB 74 -23.50 96.62 82.38
C ARG GB 74 -22.37 97.02 83.33
N LEU GB 75 -21.55 96.05 83.69
CA LEU GB 75 -20.41 96.27 84.60
C LEU GB 75 -19.39 97.26 84.03
N VAL GB 76 -19.21 97.25 82.71
CA VAL GB 76 -18.34 98.21 82.03
C VAL GB 76 -18.92 99.62 82.13
N ARG GB 77 -20.20 99.78 81.82
CA ARG GB 77 -20.90 101.08 81.98
C ARG GB 77 -20.79 101.64 83.40
N GLU GB 78 -20.92 100.75 84.38
CA GLU GB 78 -20.83 101.11 85.81
C GLU GB 78 -19.43 101.57 86.24
N LEU GB 79 -18.38 100.94 85.71
CA LEU GB 79 -16.99 101.28 86.11
C LEU GB 79 -16.11 101.95 85.05
N GLU GB 80 -16.63 102.18 83.85
CA GLU GB 80 -16.03 103.16 82.93
C GLU GB 80 -16.46 104.57 83.36
N LYS GB 81 -17.61 104.66 84.03
CA LYS GB 81 -18.09 105.90 84.61
C LYS GB 81 -17.37 106.20 85.94
N LYS GB 82 -17.37 105.21 86.85
CA LYS GB 82 -16.77 105.37 88.18
C LYS GB 82 -15.26 105.65 88.07
N PHE GB 83 -14.55 104.73 87.42
CA PHE GB 83 -13.18 105.01 86.97
C PHE GB 83 -13.32 105.83 85.69
N SER GB 84 -13.51 107.14 85.87
CA SER GB 84 -13.97 108.03 84.81
C SER GB 84 -12.89 108.30 83.76
N GLY GB 85 -13.30 108.29 82.49
CA GLY GB 85 -12.42 108.61 81.36
C GLY GB 85 -11.69 107.42 80.75
N LYS GB 86 -11.12 106.57 81.60
CA LYS GB 86 -10.27 105.46 81.15
C LYS GB 86 -11.09 104.31 80.57
N HIS GB 87 -10.50 103.59 79.61
CA HIS GB 87 -11.17 102.47 78.94
C HIS GB 87 -11.08 101.16 79.72
N VAL GB 88 -12.10 100.33 79.58
CA VAL GB 88 -12.23 99.08 80.32
C VAL GB 88 -12.26 97.92 79.32
N VAL GB 89 -11.66 96.79 79.72
CA VAL GB 89 -11.78 95.54 78.96
C VAL GB 89 -11.40 94.35 79.85
N PHE GB 90 -12.14 93.25 79.68
CA PHE GB 90 -11.94 92.03 80.46
C PHE GB 90 -11.33 90.93 79.60
N ILE GB 91 -10.41 90.19 80.20
CA ILE GB 91 -9.63 89.15 79.53
C ILE GB 91 -9.43 88.01 80.51
N ALA GB 92 -9.01 86.86 79.99
CA ALA GB 92 -8.72 85.69 80.82
C ALA GB 92 -7.23 85.58 81.17
N GLN GB 93 -6.96 84.84 82.25
CA GLN GB 93 -5.59 84.55 82.70
C GLN GB 93 -5.14 83.18 82.13
N ARG GB 94 -4.85 83.17 80.83
CA ARG GB 94 -4.50 81.94 80.11
C ARG GB 94 -3.01 81.66 80.22
N ARG GB 95 -2.69 80.40 80.52
CA ARG GB 95 -1.33 79.98 80.88
C ARG GB 95 -0.28 80.11 79.78
N ILE GB 96 -0.50 79.44 78.65
CA ILE GB 96 0.53 79.15 77.65
C ILE GB 96 1.65 78.27 78.24
N LEU GB 97 1.57 76.97 77.94
CA LEU GB 97 2.64 76.03 78.26
C LEU GB 97 3.66 76.07 77.15
N PRO GB 98 4.95 75.92 77.49
CA PRO GB 98 6.00 76.02 76.50
C PRO GB 98 6.05 74.82 75.56
N LYS GB 99 6.49 75.04 74.33
CA LYS GB 99 6.70 73.95 73.38
C LYS GB 99 7.71 72.98 73.98
N PRO GB 100 7.32 71.69 74.12
CA PRO GB 100 8.25 70.73 74.68
C PRO GB 100 9.33 70.39 73.67
N THR GB 101 10.59 70.45 74.09
CA THR GB 101 11.73 70.21 73.22
C THR GB 101 12.60 69.12 73.80
N ARG GB 102 13.67 68.76 73.08
CA ARG GB 102 14.65 67.81 73.59
C ARG GB 102 15.45 68.50 74.68
N LYS GB 103 15.79 69.76 74.40
CA LYS GB 103 16.46 70.67 75.34
C LYS GB 103 15.65 70.79 76.65
N SER GB 104 14.48 71.42 76.57
CA SER GB 104 13.55 71.48 77.71
C SER GB 104 12.82 70.14 77.74
N ARG GB 105 13.49 69.15 78.32
CA ARG GB 105 13.12 67.75 78.17
C ARG GB 105 11.81 67.36 78.85
N THR GB 106 11.42 66.09 78.69
CA THR GB 106 10.37 65.50 79.50
C THR GB 106 10.72 65.52 81.00
N LYS GB 107 9.78 66.00 81.80
CA LYS GB 107 9.85 65.94 83.26
C LYS GB 107 9.43 64.50 83.60
N ASN GB 108 8.25 64.30 84.19
CA ASN GB 108 7.43 63.12 83.86
C ASN GB 108 6.39 63.60 82.86
N LYS GB 109 5.76 64.72 83.20
CA LYS GB 109 5.02 65.58 82.27
C LYS GB 109 3.75 64.99 81.68
N GLN GB 110 2.98 65.88 81.06
CA GLN GB 110 1.75 65.55 80.38
C GLN GB 110 1.77 66.13 78.97
N LYS GB 111 0.75 65.79 78.19
CA LYS GB 111 0.75 66.06 76.76
C LYS GB 111 1.01 67.50 76.36
N ARG GB 112 0.61 68.46 77.18
CA ARG GB 112 0.72 69.90 76.86
C ARG GB 112 -0.34 70.27 75.82
N PRO GB 113 -1.58 70.48 76.28
CA PRO GB 113 -2.70 70.60 75.36
C PRO GB 113 -2.76 71.94 74.66
N ARG GB 114 -3.70 72.04 73.74
CA ARG GB 114 -3.80 73.16 72.81
C ARG GB 114 -4.40 74.38 73.48
N SER GB 115 -5.45 74.15 74.25
CA SER GB 115 -5.97 75.14 75.21
C SER GB 115 -4.84 76.05 75.67
N ARG GB 116 -3.75 75.43 76.11
CA ARG GB 116 -2.56 76.11 76.60
C ARG GB 116 -1.43 76.08 75.57
N THR GB 117 -1.70 76.48 74.33
CA THR GB 117 -0.63 76.64 73.37
C THR GB 117 -0.69 78.03 72.75
N LEU GB 118 0.48 78.60 72.47
CA LEU GB 118 0.63 80.03 72.20
C LEU GB 118 -0.47 80.59 71.34
N THR GB 119 -0.55 80.06 70.13
CA THR GB 119 -1.40 80.63 69.08
C THR GB 119 -2.88 80.58 69.44
N ALA GB 120 -3.26 79.50 70.13
CA ALA GB 120 -4.62 79.34 70.64
C ALA GB 120 -4.94 80.33 71.76
N VAL GB 121 -3.98 80.56 72.65
CA VAL GB 121 -4.16 81.52 73.72
C VAL GB 121 -4.30 82.92 73.16
N HIS GB 122 -3.45 83.26 72.20
CA HIS GB 122 -3.48 84.58 71.60
C HIS GB 122 -4.78 84.90 70.87
N ASP GB 123 -5.37 83.92 70.22
CA ASP GB 123 -6.69 84.10 69.61
C ASP GB 123 -7.80 84.26 70.64
N ALA GB 124 -7.74 83.47 71.71
CA ALA GB 124 -8.69 83.60 72.82
C ALA GB 124 -8.61 84.98 73.44
N ILE GB 125 -7.38 85.47 73.63
CA ILE GB 125 -7.12 86.83 74.09
C ILE GB 125 -7.76 87.86 73.17
N LEU GB 126 -7.60 87.65 71.87
CA LEU GB 126 -8.18 88.53 70.86
C LEU GB 126 -9.71 88.50 70.88
N GLU GB 127 -10.28 87.31 71.03
CA GLU GB 127 -11.73 87.14 71.15
C GLU GB 127 -12.28 87.73 72.46
N ASP GB 128 -11.47 87.66 73.51
CA ASP GB 128 -11.84 88.23 74.81
C ASP GB 128 -11.83 89.76 74.79
N LEU GB 129 -10.86 90.35 74.09
CA LEU GB 129 -10.77 91.80 73.95
C LEU GB 129 -12.04 92.47 73.47
N VAL GB 130 -12.58 91.97 72.37
CA VAL GB 130 -13.64 92.66 71.64
C VAL GB 130 -15.03 92.08 71.96
N PHE GB 131 -15.38 92.08 73.24
CA PHE GB 131 -16.56 91.35 73.75
C PHE GB 131 -17.78 91.34 72.83
N PRO GB 132 -18.28 92.55 72.46
CA PRO GB 132 -19.56 92.58 71.77
C PRO GB 132 -19.43 92.49 70.23
N SER GB 133 -18.21 92.42 69.72
CA SER GB 133 -17.98 92.36 68.27
C SER GB 133 -18.39 91.04 67.66
N GLU GB 134 -17.78 89.95 68.15
CA GLU GB 134 -17.80 88.65 67.47
C GLU GB 134 -16.90 88.77 66.23
N ILE GB 135 -15.66 88.30 66.34
CA ILE GB 135 -14.66 88.46 65.29
C ILE GB 135 -15.01 87.65 64.05
N VAL GB 136 -15.22 88.33 62.93
CA VAL GB 136 -15.74 87.71 61.72
C VAL GB 136 -14.65 87.00 60.95
N GLY GB 137 -13.58 87.73 60.67
CA GLY GB 137 -12.48 87.24 59.83
C GLY GB 137 -11.14 87.85 60.21
N LYS GB 138 -10.06 87.13 59.90
CA LYS GB 138 -8.71 87.65 60.06
C LYS GB 138 -8.11 87.80 58.68
N ARG GB 139 -7.09 88.63 58.61
CA ARG GB 139 -6.14 88.68 57.50
C ARG GB 139 -4.80 88.94 58.14
N ILE GB 140 -3.71 88.65 57.43
CA ILE GB 140 -2.36 88.98 57.91
C ILE GB 140 -1.48 89.49 56.78
N ARG GB 141 -1.29 90.81 56.76
CA ARG GB 141 -0.35 91.45 55.83
C ARG GB 141 1.09 91.19 56.24
N VAL GB 142 1.80 90.39 55.45
CA VAL GB 142 3.24 90.22 55.61
C VAL GB 142 3.90 91.32 54.81
N LYS GB 143 4.26 92.41 55.50
CA LYS GB 143 4.83 93.58 54.84
C LYS GB 143 6.24 93.31 54.34
N LEU GB 144 6.66 94.12 53.36
CA LEU GB 144 7.89 93.88 52.59
C LEU GB 144 9.15 93.81 53.43
N ASP GB 145 9.16 94.53 54.55
CA ASP GB 145 10.20 94.42 55.57
C ASP GB 145 10.36 92.97 56.00
N GLY GB 146 9.24 92.37 56.42
CA GLY GB 146 9.22 91.03 57.01
C GLY GB 146 8.23 90.90 58.15
N SER GB 147 8.04 91.99 58.89
CA SER GB 147 7.08 92.02 59.99
C SER GB 147 5.66 91.86 59.49
N ARG GB 148 4.86 91.09 60.22
CA ARG GB 148 3.47 90.83 59.87
C ARG GB 148 2.55 91.81 60.62
N LEU GB 149 1.31 91.90 60.12
CA LEU GB 149 0.31 92.83 60.64
C LEU GB 149 -1.07 92.18 60.54
N ILE GB 150 -1.68 91.87 61.68
CA ILE GB 150 -2.99 91.23 61.70
C ILE GB 150 -4.07 92.27 61.43
N LYS GB 151 -5.06 91.94 60.59
CA LYS GB 151 -6.20 92.83 60.36
C LYS GB 151 -7.48 92.09 60.75
N VAL GB 152 -8.04 92.44 61.89
CA VAL GB 152 -9.24 91.80 62.40
C VAL GB 152 -10.45 92.41 61.73
N HIS GB 153 -11.50 91.63 61.56
CA HIS GB 153 -12.75 92.08 60.99
C HIS GB 153 -13.85 91.91 62.03
N LEU GB 154 -14.13 92.98 62.77
CA LEU GB 154 -15.24 93.03 63.71
C LEU GB 154 -16.53 93.25 62.92
N ASP GB 155 -17.64 92.75 63.47
CA ASP GB 155 -18.88 92.54 62.71
C ASP GB 155 -19.57 93.83 62.23
N LYS GB 156 -20.59 94.28 62.95
CA LYS GB 156 -21.54 95.28 62.44
C LYS GB 156 -22.61 95.52 63.51
N ALA GB 157 -23.21 94.41 63.95
CA ALA GB 157 -24.00 94.41 65.17
C ALA GB 157 -23.04 94.68 66.32
N GLN GB 158 -23.38 95.65 67.16
CA GLN GB 158 -22.49 96.15 68.21
C GLN GB 158 -21.18 96.70 67.60
N GLN GB 159 -21.31 97.58 66.61
CA GLN GB 159 -20.17 98.37 66.11
C GLN GB 159 -20.11 99.74 66.81
N ASN GB 160 -21.26 100.39 66.98
CA ASN GB 160 -21.34 101.66 67.73
C ASN GB 160 -20.96 101.50 69.19
N ASN GB 161 -21.23 100.33 69.75
CA ASN GB 161 -20.87 100.00 71.13
C ASN GB 161 -19.37 99.79 71.34
N VAL GB 162 -18.66 99.48 70.26
CA VAL GB 162 -17.26 99.07 70.31
C VAL GB 162 -16.26 99.98 69.54
N GLU GB 163 -16.75 100.73 68.55
CA GLU GB 163 -15.86 101.43 67.59
C GLU GB 163 -14.91 102.47 68.18
N HIS GB 164 -15.30 103.10 69.29
CA HIS GB 164 -14.44 104.10 69.94
C HIS GB 164 -13.23 103.52 70.69
N LYS GB 165 -13.24 102.21 70.94
CA LYS GB 165 -12.14 101.53 71.65
C LYS GB 165 -11.05 100.93 70.75
N VAL GB 166 -11.14 101.14 69.44
CA VAL GB 166 -10.30 100.41 68.46
C VAL GB 166 -8.80 100.59 68.72
N GLU GB 167 -8.37 101.84 68.88
CA GLU GB 167 -6.96 102.14 69.17
C GLU GB 167 -6.55 101.62 70.54
N THR GB 168 -7.51 101.60 71.46
CA THR GB 168 -7.29 101.08 72.82
C THR GB 168 -7.10 99.56 72.77
N PHE GB 169 -7.90 98.87 71.94
CA PHE GB 169 -7.75 97.42 71.73
C PHE GB 169 -6.36 97.09 71.25
N SER GB 170 -6.00 97.67 70.10
CA SER GB 170 -4.71 97.45 69.45
C SER GB 170 -3.56 97.58 70.44
N GLY GB 171 -3.63 98.61 71.29
CA GLY GB 171 -2.65 98.83 72.34
C GLY GB 171 -2.63 97.70 73.34
N VAL GB 172 -3.82 97.30 73.81
CA VAL GB 172 -3.93 96.22 74.80
C VAL GB 172 -3.37 94.93 74.22
N TYR GB 173 -3.72 94.64 72.97
CA TYR GB 173 -3.25 93.43 72.31
C TYR GB 173 -1.74 93.42 72.08
N LYS GB 174 -1.18 94.60 71.80
CA LYS GB 174 0.28 94.73 71.69
C LYS GB 174 0.96 94.51 73.04
N LYS GB 175 0.37 95.05 74.10
CA LYS GB 175 0.90 94.88 75.46
C LYS GB 175 0.91 93.41 75.88
N LEU GB 176 -0.16 92.70 75.55
CA LEU GB 176 -0.33 91.31 75.96
C LEU GB 176 0.57 90.35 75.15
N THR GB 177 0.64 90.55 73.83
CA THR GB 177 1.39 89.66 72.93
C THR GB 177 2.65 90.32 72.37
N GLY GB 178 2.48 91.45 71.70
CA GLY GB 178 3.52 92.11 70.91
C GLY GB 178 3.35 91.83 69.43
N LYS GB 179 2.14 92.07 68.94
CA LYS GB 179 1.77 91.81 67.55
C LYS GB 179 0.83 92.91 67.08
N ASP GB 180 1.13 93.51 65.93
CA ASP GB 180 0.44 94.71 65.47
C ASP GB 180 -0.88 94.35 64.81
N VAL GB 181 -1.95 95.00 65.27
CA VAL GB 181 -3.30 94.72 64.78
C VAL GB 181 -4.06 96.01 64.47
N ASN GB 182 -4.76 96.02 63.35
CA ASN GB 182 -5.75 97.04 63.04
C ASN GB 182 -7.09 96.33 62.92
N PHE GB 183 -8.18 97.08 62.99
CA PHE GB 183 -9.52 96.49 63.00
C PHE GB 183 -10.39 97.05 61.87
N GLU GB 184 -11.34 96.24 61.42
CA GLU GB 184 -12.14 96.52 60.22
C GLU GB 184 -13.64 96.32 60.49
N PHE GB 185 -14.45 97.03 59.73
CA PHE GB 185 -15.91 96.99 59.87
C PHE GB 185 -16.54 97.08 58.47
N PRO GB 186 -16.48 95.97 57.69
CA PRO GB 186 -16.83 96.04 56.27
C PRO GB 186 -18.30 95.81 55.95
N GLU GB 187 -18.77 94.56 56.01
CA GLU GB 187 -20.14 94.20 55.62
C GLU GB 187 -20.46 92.75 55.99
N PHE GB 188 -21.74 92.39 55.86
CA PHE GB 188 -22.18 91.01 56.07
C PHE GB 188 -21.78 90.11 54.91
N GLN GB 189 -21.77 88.80 55.17
CA GLN GB 189 -21.32 87.79 54.21
C GLN GB 189 -22.50 87.14 53.51
N GLY HB 1 39.87 15.48 61.37
CA GLY HB 1 39.49 14.17 61.99
C GLY HB 1 38.04 14.09 62.39
N ILE HB 2 37.73 14.66 63.55
CA ILE HB 2 36.38 14.66 64.12
C ILE HB 2 36.03 16.09 64.54
N SER HB 3 35.79 16.93 63.54
CA SER HB 3 35.87 18.39 63.68
C SER HB 3 34.64 19.06 64.28
N ARG HB 4 34.86 19.87 65.32
CA ARG HB 4 33.88 20.86 65.73
C ARG HB 4 34.10 22.10 64.90
N ASP HB 5 33.09 22.53 64.14
CA ASP HB 5 33.14 23.84 63.47
C ASP HB 5 31.87 24.15 62.71
N ASN HB 6 31.45 25.42 62.78
CA ASN HB 6 30.16 25.84 62.22
C ASN HB 6 30.08 25.75 60.70
N TRP HB 7 31.22 25.83 60.03
CA TRP HB 7 31.30 25.80 58.56
C TRP HB 7 30.52 24.65 57.87
N HIS HB 8 30.42 23.50 58.53
CA HIS HB 8 29.94 22.27 57.88
C HIS HB 8 28.42 22.06 57.95
N LYS HB 9 27.72 22.96 58.63
CA LYS HB 9 26.29 22.83 58.81
C LYS HB 9 25.53 24.06 58.29
N ARG HB 10 24.20 23.92 58.20
CA ARG HB 10 23.34 24.89 57.52
C ARG HB 10 23.32 26.25 58.20
N ARG HB 11 22.89 27.27 57.45
CA ARG HB 11 22.65 28.59 58.02
C ARG HB 11 21.26 28.69 58.61
N LYS HB 12 21.07 29.69 59.47
CA LYS HB 12 19.77 30.01 60.05
C LYS HB 12 18.62 29.92 59.03
N THR HB 13 18.85 30.40 57.81
CA THR HB 13 17.83 30.39 56.74
C THR HB 13 17.49 29.00 56.24
N GLY HB 14 18.43 28.07 56.34
CA GLY HB 14 18.21 26.70 55.93
C GLY HB 14 19.16 26.25 54.83
N GLY HB 15 19.70 27.21 54.08
CA GLY HB 15 20.60 26.92 52.95
C GLY HB 15 21.93 26.30 53.36
N LYS HB 16 22.53 25.56 52.43
CA LYS HB 16 23.79 24.86 52.68
C LYS HB 16 24.95 25.80 52.49
N ARG HB 17 25.84 25.84 53.47
CA ARG HB 17 27.12 26.53 53.33
C ARG HB 17 28.03 25.70 52.45
N LYS HB 18 28.95 26.36 51.77
CA LYS HB 18 29.94 25.69 50.95
C LYS HB 18 31.26 25.67 51.74
N PRO HB 19 32.05 24.59 51.58
CA PRO HB 19 33.25 24.42 52.38
C PRO HB 19 34.40 25.22 51.78
N TYR HB 20 34.67 26.40 52.31
CA TYR HB 20 35.70 27.26 51.68
C TYR HB 20 37.14 26.86 52.03
N HIS HB 21 37.33 25.91 52.97
CA HIS HB 21 38.64 25.25 53.11
C HIS HB 21 38.53 23.77 53.54
N LYS HB 22 39.65 23.16 53.95
CA LYS HB 22 39.61 21.81 54.52
C LYS HB 22 39.64 21.89 56.03
N LYS HB 23 39.45 20.74 56.68
CA LYS HB 23 39.44 20.65 58.15
C LYS HB 23 40.79 21.13 58.70
N ARG HB 24 40.76 21.77 59.86
CA ARG HB 24 41.96 22.31 60.49
C ARG HB 24 42.19 21.68 61.85
N LYS HB 25 43.44 21.64 62.28
CA LYS HB 25 43.78 21.00 63.55
C LYS HB 25 43.55 21.95 64.72
N TYR HB 26 42.33 22.44 64.84
CA TYR HB 26 41.92 23.31 65.94
C TYR HB 26 40.42 23.47 65.92
N GLU HB 27 39.86 23.57 64.72
CA GLU HB 27 38.48 23.24 64.48
C GLU HB 27 38.43 21.74 64.59
N LEU HB 28 38.44 21.24 65.82
CA LEU HB 28 38.84 19.87 66.10
C LEU HB 28 38.09 19.31 67.29
N GLY HB 29 37.82 18.01 67.25
CA GLY HB 29 37.38 17.26 68.42
C GLY HB 29 38.34 16.15 68.76
N ARG HB 30 37.89 15.29 69.66
CA ARG HB 30 38.59 14.06 69.99
C ARG HB 30 37.58 13.04 70.47
N PRO HB 31 37.95 11.75 70.43
CA PRO HB 31 36.99 10.75 70.82
C PRO HB 31 36.85 10.74 72.34
N ALA HB 32 35.62 10.51 72.79
CA ALA HB 32 35.26 10.71 74.20
C ALA HB 32 35.86 9.67 75.13
N ALA HB 33 36.06 10.08 76.38
CA ALA HB 33 36.56 9.20 77.41
C ALA HB 33 35.51 8.18 77.83
N ASN HB 34 34.32 8.69 78.12
CA ASN HB 34 33.27 7.97 78.86
C ASN HB 34 33.87 7.03 79.89
N THR HB 35 34.35 7.65 80.96
CA THR HB 35 35.07 6.96 82.01
C THR HB 35 34.15 6.11 82.85
N LYS HB 36 34.60 4.90 83.15
CA LYS HB 36 33.85 3.99 84.00
C LYS HB 36 34.36 4.07 85.42
N ILE HB 37 33.65 3.37 86.29
CA ILE HB 37 34.12 3.09 87.63
C ILE HB 37 35.07 1.90 87.54
N GLY HB 38 36.12 1.95 88.36
CA GLY HB 38 37.15 0.92 88.36
C GLY HB 38 38.49 1.51 88.76
N PRO HB 39 39.49 0.64 88.98
CA PRO HB 39 40.79 1.09 89.47
C PRO HB 39 41.43 2.07 88.49
N ARG HB 40 42.18 3.03 89.04
CA ARG HB 40 42.56 4.26 88.33
C ARG HB 40 43.36 4.04 87.05
N ARG HB 41 42.76 4.37 85.90
CA ARG HB 41 43.43 4.33 84.60
C ARG HB 41 43.19 5.65 83.89
N ILE HB 42 44.19 6.51 83.89
CA ILE HB 42 44.10 7.82 83.25
C ILE HB 42 45.14 7.89 82.15
N HIS HB 43 44.77 8.54 81.05
CA HIS HB 43 45.68 8.84 79.96
C HIS HB 43 45.88 10.34 79.91
N THR HB 44 47.10 10.78 79.63
CA THR HB 44 47.36 12.19 79.33
C THR HB 44 47.22 12.41 77.85
N VAL HB 45 46.92 13.66 77.49
CA VAL HB 45 46.69 14.06 76.11
C VAL HB 45 47.33 15.43 75.97
N ARG HB 46 48.26 15.58 75.04
CA ARG HB 46 48.72 16.93 74.67
C ARG HB 46 47.60 17.61 73.89
N VAL HB 47 47.43 18.91 74.13
CA VAL HB 47 46.37 19.69 73.52
C VAL HB 47 46.97 20.93 72.85
N ARG HB 48 46.18 21.98 72.65
CA ARG HB 48 46.69 23.21 72.03
C ARG HB 48 47.67 23.91 72.97
N GLY HB 49 48.71 24.51 72.36
CA GLY HB 49 49.71 25.28 73.11
C GLY HB 49 50.59 24.43 73.99
N GLY HB 50 50.74 23.16 73.64
CA GLY HB 50 51.23 22.16 74.58
C GLY HB 50 50.15 21.87 75.59
N ASN HB 51 50.46 22.03 76.88
CA ASN HB 51 49.53 21.74 77.98
C ASN HB 51 49.12 20.26 78.00
N LYS HB 52 48.38 19.87 79.03
CA LYS HB 52 47.91 18.50 79.13
C LYS HB 52 46.46 18.43 79.54
N LYS HB 53 45.77 17.46 78.96
CA LYS HB 53 44.44 17.08 79.39
C LYS HB 53 44.56 15.65 79.87
N TYR HB 54 44.00 15.38 81.04
CA TYR HB 54 44.15 14.09 81.69
C TYR HB 54 42.80 13.37 81.65
N ARG HB 55 42.66 12.60 80.59
CA ARG HB 55 41.46 11.89 80.27
C ARG HB 55 41.35 10.67 81.15
N ALA HB 56 40.39 10.67 82.09
CA ALA HB 56 40.15 9.49 82.94
C ALA HB 56 39.45 8.46 82.09
N LEU HB 57 39.91 7.21 82.16
CA LEU HB 57 39.19 6.11 81.54
C LEU HB 57 38.55 5.22 82.58
N ARG HB 58 39.26 4.94 83.66
CA ARG HB 58 38.68 4.31 84.83
C ARG HB 58 38.87 5.23 86.00
N LEU HB 59 38.04 5.06 87.02
CA LEU HB 59 38.06 5.96 88.17
C LEU HB 59 37.35 5.36 89.39
N ASP HB 60 38.10 5.23 90.47
CA ASP HB 60 37.60 4.52 91.65
C ASP HB 60 37.16 5.45 92.77
N VAL HB 61 37.92 6.52 92.97
CA VAL HB 61 37.70 7.41 94.10
C VAL HB 61 37.30 8.77 93.61
N GLY HB 62 36.97 9.64 94.56
CA GLY HB 62 36.67 11.02 94.26
C GLY HB 62 36.61 11.83 95.52
N ASN HB 63 36.84 13.14 95.37
CA ASN HB 63 36.99 14.04 96.50
C ASN HB 63 35.71 14.82 96.73
N PHE HB 64 34.76 14.16 97.36
CA PHE HB 64 33.41 14.69 97.55
C PHE HB 64 33.31 15.45 98.85
N SER HB 65 32.54 16.54 98.82
CA SER HB 65 32.31 17.35 100.00
C SER HB 65 30.92 17.13 100.54
N TRP HB 66 30.87 17.00 101.86
CA TRP HB 66 29.66 17.27 102.61
C TRP HB 66 29.55 18.81 102.70
N GLY HB 67 28.46 19.36 102.16
CA GLY HB 67 28.32 20.80 102.03
C GLY HB 67 28.12 21.47 103.35
N SER HB 68 27.00 21.17 103.99
CA SER HB 68 26.61 21.84 105.21
C SER HB 68 27.68 21.69 106.29
N GLU HB 69 28.05 20.46 106.56
CA GLU HB 69 29.04 20.14 107.60
C GLU HB 69 30.46 20.62 107.27
N CYS HB 70 30.75 20.79 105.98
CA CYS HB 70 32.00 21.41 105.47
C CYS HB 70 33.26 20.53 105.54
N CYS HB 71 33.11 19.26 105.94
CA CYS HB 71 34.18 18.29 105.76
C CYS HB 71 34.16 17.85 104.31
N THR HB 72 35.25 17.22 103.87
CA THR HB 72 35.35 16.72 102.50
C THR HB 72 36.47 15.70 102.38
N ARG HB 73 36.30 14.58 103.04
CA ARG HB 73 37.18 13.45 102.86
C ARG HB 73 37.11 12.92 101.41
N LYS HB 74 38.21 12.31 100.96
CA LYS HB 74 38.29 11.57 99.70
C LYS HB 74 37.71 10.18 99.90
N THR HB 75 36.90 9.75 98.93
CA THR HB 75 35.98 8.64 99.11
C THR HB 75 35.97 7.73 97.90
N ARG HB 76 35.68 6.45 98.10
CA ARG HB 76 35.43 5.50 97.01
C ARG HB 76 34.10 5.83 96.30
N ILE HB 77 34.14 5.92 94.97
CA ILE HB 77 32.92 6.03 94.16
C ILE HB 77 32.38 4.64 94.00
N ILE HB 78 31.32 4.37 94.73
CA ILE HB 78 30.78 3.05 94.85
C ILE HB 78 29.94 2.65 93.60
N ASP HB 79 29.04 3.51 93.13
CA ASP HB 79 28.25 3.24 91.91
C ASP HB 79 27.58 4.48 91.36
N VAL HB 80 27.38 4.51 90.04
CA VAL HB 80 26.54 5.52 89.40
C VAL HB 80 25.09 5.09 89.46
N VAL HB 81 24.24 6.00 89.90
CA VAL HB 81 22.85 5.70 90.17
C VAL HB 81 21.88 6.35 89.18
N TYR HB 82 22.23 7.53 88.67
CA TYR HB 82 21.33 8.31 87.84
C TYR HB 82 22.08 9.43 87.12
N ASN HB 83 21.61 9.76 85.91
CA ASN HB 83 22.22 10.77 85.09
C ASN HB 83 21.19 11.39 84.17
N ALA HB 84 20.98 12.69 84.37
CA ALA HB 84 19.86 13.41 83.77
C ALA HB 84 19.84 13.43 82.25
N SER HB 85 21.03 13.48 81.64
CA SER HB 85 21.18 13.53 80.19
C SER HB 85 20.61 12.30 79.49
N ASN HB 86 21.04 11.13 79.94
CA ASN HB 86 20.88 9.91 79.18
C ASN HB 86 20.93 8.72 80.13
N ASN HB 87 20.11 7.71 79.86
CA ASN HB 87 19.95 6.57 80.76
C ASN HB 87 20.94 5.43 80.48
N GLU HB 88 21.40 5.34 79.24
CA GLU HB 88 22.42 4.37 78.85
C GLU HB 88 23.75 4.61 79.56
N LEU HB 89 24.03 5.86 79.88
CA LEU HB 89 25.23 6.23 80.64
C LEU HB 89 25.18 5.70 82.07
N VAL HB 90 23.99 5.72 82.66
CA VAL HB 90 23.78 5.17 83.99
C VAL HB 90 23.89 3.66 83.96
N ARG HB 91 23.29 3.05 82.96
CA ARG HB 91 23.36 1.61 82.75
C ARG HB 91 24.78 1.09 82.60
N THR HB 92 25.58 1.83 81.84
CA THR HB 92 27.00 1.54 81.67
C THR HB 92 27.82 1.67 82.95
N LYS HB 93 27.41 2.62 83.80
CA LYS HB 93 28.21 3.14 84.89
C LYS HB 93 29.31 3.94 84.23
N THR HB 94 28.96 5.19 83.92
CA THR HB 94 29.85 6.13 83.29
C THR HB 94 29.78 7.45 84.03
N LEU HB 95 30.88 7.83 84.68
CA LEU HB 95 30.97 9.13 85.36
C LEU HB 95 31.15 10.28 84.39
N VAL HB 96 30.24 11.24 84.44
CA VAL HB 96 30.40 12.50 83.74
C VAL HB 96 30.00 13.59 84.70
N LYS HB 97 30.03 14.83 84.26
CA LYS HB 97 29.63 15.93 85.13
C LYS HB 97 28.12 15.86 85.38
N ASN HB 98 27.73 16.04 86.64
CA ASN HB 98 26.33 15.89 87.07
C ASN HB 98 25.79 14.46 86.97
N CYS HB 99 26.66 13.48 87.12
CA CYS HB 99 26.20 12.11 87.35
C CYS HB 99 25.89 12.05 88.83
N ILE HB 100 24.87 11.29 89.19
CA ILE HB 100 24.51 11.15 90.59
C ILE HB 100 24.98 9.79 91.03
N VAL HB 101 26.21 9.76 91.51
CA VAL HB 101 26.81 8.56 92.07
C VAL HB 101 26.34 8.34 93.49
N LEU HB 102 26.81 7.22 94.04
CA LEU HB 102 26.80 6.98 95.45
C LEU HB 102 28.25 7.02 95.87
N ILE HB 103 28.50 7.32 97.12
CA ILE HB 103 29.85 7.22 97.69
C ILE HB 103 29.84 6.61 99.07
N ASP HB 104 30.95 5.97 99.42
CA ASP HB 104 31.06 5.25 100.68
C ASP HB 104 31.07 6.21 101.86
N SER HB 105 30.01 6.18 102.67
CA SER HB 105 29.80 7.15 103.74
C SER HB 105 30.91 7.21 104.79
N THR HB 106 31.64 6.09 104.96
CA THR HB 106 32.55 5.88 106.08
C THR HB 106 33.31 7.09 106.62
N PRO HB 107 34.03 7.82 105.75
CA PRO HB 107 34.87 8.90 106.29
C PRO HB 107 34.07 10.04 106.93
N TYR HB 108 32.93 10.38 106.34
CA TYR HB 108 32.05 11.41 106.88
C TYR HB 108 31.51 10.99 108.25
N ARG HB 109 31.00 9.76 108.31
CA ARG HB 109 30.59 9.13 109.56
C ARG HB 109 31.67 9.28 110.62
N GLN HB 110 32.89 8.88 110.26
CA GLN HB 110 34.03 8.93 111.17
C GLN HB 110 34.31 10.35 111.68
N TRP HB 111 34.24 11.32 110.77
CA TRP HB 111 34.40 12.73 111.13
C TRP HB 111 33.32 13.22 112.08
N TYR HB 112 32.08 12.80 111.80
CA TYR HB 112 30.94 13.17 112.62
C TYR HB 112 31.04 12.57 114.01
N GLU HB 113 31.49 11.31 114.09
CA GLU HB 113 31.73 10.65 115.37
C GLU HB 113 32.83 11.35 116.17
N SER HB 114 33.91 11.76 115.49
CA SER HB 114 34.99 12.52 116.14
C SER HB 114 34.57 13.89 116.65
N HIS HB 115 33.87 14.62 115.79
CA HIS HB 115 33.65 16.05 115.94
C HIS HB 115 32.47 16.31 116.87
N TYR HB 116 31.31 15.83 116.47
CA TYR HB 116 30.08 16.04 117.22
C TYR HB 116 29.95 15.09 118.40
N ALA HB 117 30.82 14.07 118.45
CA ALA HB 117 30.91 13.15 119.60
C ALA HB 117 29.63 12.34 119.84
N LEU HB 118 28.91 12.05 118.77
CA LEU HB 118 27.69 11.26 118.83
C LEU HB 118 27.86 10.06 117.93
N PRO HB 119 26.94 9.08 118.02
CA PRO HB 119 26.92 8.03 117.02
C PRO HB 119 26.12 8.44 115.79
N LEU HB 120 26.46 7.83 114.65
CA LEU HB 120 25.68 7.98 113.42
C LEU HB 120 25.53 6.59 112.78
N GLY HB 121 24.35 6.29 112.27
CA GLY HB 121 24.03 4.94 111.82
C GLY HB 121 23.72 4.04 113.01
N ARG HB 122 22.43 3.83 113.26
CA ARG HB 122 21.95 3.19 114.49
C ARG HB 122 22.28 1.69 114.55
N LYS HB 123 22.62 1.24 115.76
CA LYS HB 123 23.01 -0.15 116.01
C LYS HB 123 22.74 -0.51 117.49
N LYS HB 124 22.74 -1.80 117.79
CA LYS HB 124 22.38 -2.28 119.13
C LYS HB 124 23.46 -1.98 120.18
N GLY HB 125 24.64 -2.59 120.01
CA GLY HB 125 25.75 -2.39 120.94
C GLY HB 125 27.04 -3.08 120.52
N ALA HB 126 27.45 -2.83 119.29
CA ALA HB 126 28.71 -3.35 118.73
C ALA HB 126 29.71 -2.22 118.47
N LYS HB 127 29.23 -1.16 117.83
CA LYS HB 127 30.01 0.07 117.62
C LYS HB 127 30.03 0.96 118.88
N LEU HB 128 28.90 1.01 119.60
CA LEU HB 128 28.73 1.93 120.73
C LEU HB 128 29.58 1.58 121.96
N THR HB 129 29.77 0.29 122.21
CA THR HB 129 30.42 -0.19 123.43
C THR HB 129 31.95 0.03 123.46
N PRO HB 130 32.69 -0.44 122.44
CA PRO HB 130 34.16 -0.35 122.47
C PRO HB 130 34.76 0.99 122.01
N GLU HB 131 34.33 1.48 120.85
CA GLU HB 131 35.01 2.57 120.15
C GLU HB 131 34.50 3.95 120.56
N GLU HB 132 33.18 4.12 120.55
CA GLU HB 132 32.56 5.41 120.90
C GLU HB 132 32.86 5.85 122.32
N GLU HB 133 32.82 4.91 123.26
CA GLU HB 133 33.17 5.18 124.66
C GLU HB 133 34.63 5.65 124.76
N GLU HB 134 35.52 4.99 124.02
CA GLU HB 134 36.94 5.39 123.95
C GLU HB 134 37.15 6.77 123.32
N ILE HB 135 36.35 7.08 122.30
CA ILE HB 135 36.33 8.43 121.70
C ILE HB 135 35.85 9.46 122.73
N LEU HB 136 34.84 9.09 123.53
CA LEU HB 136 34.36 9.94 124.62
C LEU HB 136 35.35 9.79 125.81
N ASN HB 137 35.00 8.98 126.84
CA ASN HB 137 35.77 8.85 128.09
C ASN HB 137 36.58 10.10 128.50
N LYS HB 138 35.88 11.05 129.13
CA LYS HB 138 36.43 12.37 129.39
C LYS HB 138 37.30 12.39 130.66
N LYS HB 139 38.60 12.14 130.47
CA LYS HB 139 39.59 12.31 131.54
C LYS HB 139 39.89 13.79 131.82
N ARG HB 140 39.69 14.66 130.82
CA ARG HB 140 39.89 16.11 131.01
C ARG HB 140 38.73 16.72 131.79
N SER HB 141 37.52 16.53 131.27
CA SER HB 141 36.31 17.23 131.72
C SER HB 141 36.41 18.74 131.46
N LYS HB 142 35.41 19.49 131.93
CA LYS HB 142 35.40 20.96 131.89
C LYS HB 142 35.43 21.57 130.49
N LYS HB 143 36.60 21.57 129.83
CA LYS HB 143 36.75 22.22 128.52
C LYS HB 143 36.08 21.46 127.38
N ILE HB 144 36.53 20.23 127.14
CA ILE HB 144 36.04 19.44 125.99
C ILE HB 144 34.53 19.15 126.07
N GLN HB 145 34.03 18.89 127.27
CA GLN HB 145 32.58 18.67 127.48
C GLN HB 145 31.77 19.92 127.21
N LYS HB 146 32.31 21.07 127.62
CA LYS HB 146 31.69 22.37 127.33
C LYS HB 146 31.67 22.66 125.83
N LYS HB 147 32.76 22.32 125.13
CA LYS HB 147 32.81 22.45 123.66
C LYS HB 147 31.76 21.59 122.97
N TYR HB 148 31.67 20.32 123.36
CA TYR HB 148 30.74 19.39 122.73
C TYR HB 148 29.29 19.58 123.16
N ASP HB 149 29.08 20.28 124.27
CA ASP HB 149 27.74 20.78 124.65
C ASP HB 149 27.39 22.06 123.88
N GLU HB 150 28.40 22.88 123.57
CA GLU HB 150 28.24 24.01 122.64
C GLU HB 150 27.88 23.49 121.23
N ARG HB 151 28.41 22.32 120.87
CA ARG HB 151 27.91 21.57 119.70
C ARG HB 151 26.55 20.98 120.06
N LYS HB 152 25.55 21.86 120.03
CA LYS HB 152 24.27 21.68 120.74
C LYS HB 152 23.25 21.05 119.77
N LYS HB 153 21.97 21.47 119.83
CA LYS HB 153 21.03 21.24 118.73
C LYS HB 153 21.60 21.99 117.53
N ASN HB 154 22.23 21.22 116.66
CA ASN HB 154 23.33 21.66 115.80
C ASN HB 154 23.91 20.43 115.09
N ALA HB 155 24.09 19.37 115.89
CA ALA HB 155 24.28 18.02 115.39
C ALA HB 155 23.09 17.58 114.54
N LYS HB 156 21.89 17.75 115.08
CA LYS HB 156 20.62 17.46 114.39
C LYS HB 156 20.73 17.46 112.86
N ILE HB 157 21.14 16.30 112.36
CA ILE HB 157 21.33 16.06 110.92
C ILE HB 157 19.98 15.86 110.25
N SER HB 158 19.94 16.02 108.92
CA SER HB 158 18.73 15.74 108.15
C SER HB 158 18.33 14.25 108.24
N SER HB 159 17.04 13.99 108.11
CA SER HB 159 16.51 12.64 108.23
C SER HB 159 16.90 11.73 107.07
N LEU HB 160 16.93 12.30 105.86
CA LEU HB 160 17.32 11.57 104.66
C LEU HB 160 18.77 11.10 104.71
N LEU HB 161 19.65 12.04 105.07
CA LEU HB 161 21.07 11.76 105.21
C LEU HB 161 21.31 10.65 106.23
N GLU HB 162 20.73 10.82 107.42
CA GLU HB 162 20.88 9.86 108.51
C GLU HB 162 20.54 8.44 108.08
N GLU HB 163 19.41 8.31 107.39
CA GLU HB 163 18.99 7.02 106.81
C GLU HB 163 20.05 6.46 105.86
N GLN HB 164 20.56 7.32 105.00
CA GLN HB 164 21.61 6.97 104.05
C GLN HB 164 22.89 6.53 104.77
N PHE HB 165 23.25 7.21 105.84
CA PHE HB 165 24.41 6.83 106.65
C PHE HB 165 24.23 5.47 107.31
N GLN HB 166 23.03 5.23 107.86
CA GLN HB 166 22.73 3.95 108.56
C GLN HB 166 22.69 2.78 107.58
N GLN HB 167 22.24 3.08 106.35
CA GLN HB 167 22.41 2.15 105.24
C GLN HB 167 23.93 2.09 105.02
N GLY HB 168 24.52 3.19 104.56
CA GLY HB 168 25.99 3.36 104.50
C GLY HB 168 26.61 3.91 103.22
N LYS HB 169 25.79 4.42 102.29
CA LYS HB 169 26.29 5.20 101.14
C LYS HB 169 25.61 6.55 101.14
N LEU HB 170 26.11 7.46 100.30
CA LEU HB 170 25.56 8.79 100.20
C LEU HB 170 25.36 9.14 98.73
N LEU HB 171 24.14 9.53 98.35
CA LEU HB 171 23.90 10.11 97.02
C LEU HB 171 24.75 11.36 96.87
N ALA HB 172 25.54 11.41 95.81
CA ALA HB 172 26.48 12.48 95.58
C ALA HB 172 26.59 12.81 94.09
N CYS HB 173 26.76 14.10 93.79
CA CYS HB 173 26.85 14.61 92.42
C CYS HB 173 28.29 14.93 92.04
N ILE HB 174 28.68 14.59 90.82
CA ILE HB 174 30.01 14.89 90.33
C ILE HB 174 29.99 16.31 89.80
N ALA HB 175 31.04 17.06 90.14
CA ALA HB 175 31.19 18.44 89.71
C ALA HB 175 32.32 18.63 88.70
N SER HB 176 33.38 17.85 88.82
CA SER HB 176 34.47 17.89 87.84
C SER HB 176 34.05 17.25 86.53
N ARG HB 177 34.90 17.38 85.52
CA ARG HB 177 34.64 16.84 84.18
C ARG HB 177 35.65 15.74 83.87
N PRO HB 178 35.49 14.56 84.48
CA PRO HB 178 36.48 13.49 84.42
C PRO HB 178 37.35 13.48 83.19
N GLY HB 179 36.74 13.50 82.01
CA GLY HB 179 37.46 13.36 80.75
C GLY HB 179 38.40 14.47 80.32
N GLN HB 180 38.35 15.60 81.01
CA GLN HB 180 39.26 16.71 80.78
C GLN HB 180 40.31 16.80 81.89
N CYS HB 181 39.85 16.82 83.13
CA CYS HB 181 40.70 16.97 84.30
C CYS HB 181 41.26 15.64 84.76
N GLY HB 182 40.42 14.62 84.90
CA GLY HB 182 40.86 13.31 85.39
C GLY HB 182 40.30 12.92 86.74
N ARG HB 183 39.96 13.92 87.56
CA ARG HB 183 39.33 13.67 88.87
C ARG HB 183 37.82 13.51 88.76
N ALA HB 184 37.23 12.97 89.82
CA ALA HB 184 35.78 12.78 89.90
C ALA HB 184 35.22 13.51 91.13
N ASP HB 185 35.67 14.74 91.30
CA ASP HB 185 35.34 15.48 92.50
C ASP HB 185 33.93 16.03 92.40
N GLY HB 186 33.24 16.06 93.53
CA GLY HB 186 31.83 16.48 93.56
C GLY HB 186 31.35 16.98 94.91
N TYR HB 187 30.06 16.80 95.15
CA TYR HB 187 29.43 17.16 96.43
C TYR HB 187 28.31 16.19 96.77
N VAL HB 188 28.03 16.07 98.06
CA VAL HB 188 26.98 15.20 98.55
C VAL HB 188 25.64 15.92 98.46
N LEU HB 189 24.63 15.21 97.98
CA LEU HB 189 23.29 15.75 97.86
C LEU HB 189 22.72 15.96 99.26
N GLU HB 190 22.00 17.07 99.42
CA GLU HB 190 21.40 17.44 100.70
C GLU HB 190 20.11 18.20 100.46
N GLY HB 191 19.19 18.11 101.41
CA GLY HB 191 18.01 18.96 101.45
C GLY HB 191 17.04 18.82 100.30
N LYS HB 192 16.87 19.89 99.52
CA LYS HB 192 15.86 19.94 98.46
C LYS HB 192 16.30 19.11 97.26
N GLU HB 193 17.55 19.27 96.88
CA GLU HB 193 18.18 18.47 95.83
C GLU HB 193 18.05 16.99 96.11
N LEU HB 194 18.50 16.57 97.28
CA LEU HB 194 18.43 15.17 97.66
C LEU HB 194 17.01 14.66 97.49
N GLU HB 195 16.07 15.41 98.05
CA GLU HB 195 14.63 15.12 97.94
C GLU HB 195 14.19 14.94 96.49
N PHE HB 196 14.74 15.76 95.60
CA PHE HB 196 14.44 15.70 94.17
C PHE HB 196 14.98 14.44 93.49
N TYR HB 197 16.24 14.11 93.75
CA TYR HB 197 16.87 12.95 93.12
C TYR HB 197 16.38 11.61 93.65
N LEU HB 198 16.16 11.52 94.97
CA LEU HB 198 15.49 10.36 95.52
C LEU HB 198 14.13 10.16 94.88
N ARG HB 199 13.41 11.26 94.63
CA ARG HB 199 12.09 11.17 94.00
C ARG HB 199 12.22 10.70 92.55
N LYS HB 200 13.25 11.18 91.85
CA LYS HB 200 13.51 10.72 90.48
C LYS HB 200 13.83 9.23 90.42
N ILE HB 201 14.69 8.78 91.31
CA ILE HB 201 15.11 7.38 91.36
C ILE HB 201 13.93 6.45 91.69
N LYS HB 202 13.07 6.85 92.62
CA LYS HB 202 11.86 6.08 92.94
C LYS HB 202 10.93 5.94 91.73
N ALA HB 203 10.76 7.03 90.98
CA ALA HB 203 9.94 7.02 89.75
C ALA HB 203 10.51 6.10 88.67
N ARG HB 204 11.84 6.06 88.58
CA ARG HB 204 12.55 5.16 87.65
C ARG HB 204 12.30 3.70 88.02
N LYS HB 205 12.35 3.38 89.31
CA LYS HB 205 12.17 2.00 89.78
C LYS HB 205 10.73 1.52 89.53
N GLY HB 206 9.76 2.40 89.70
CA GLY HB 206 8.35 2.09 89.48
C GLY HB 206 7.75 1.27 90.61
N PRO IB 1 57.56 40.37 44.15
CA PRO IB 1 57.91 41.57 44.92
C PRO IB 1 59.27 42.11 44.53
N VAL IB 2 59.39 43.43 44.46
CA VAL IB 2 60.64 44.08 44.06
C VAL IB 2 60.81 45.43 44.72
N ALA IB 3 61.88 46.13 44.39
CA ALA IB 3 62.01 47.56 44.64
C ALA IB 3 61.06 48.29 43.66
N ARG IB 4 61.59 49.15 42.77
CA ARG IB 4 60.90 49.59 41.56
C ARG IB 4 59.65 50.46 41.74
N SER IB 5 59.51 51.43 40.86
CA SER IB 5 58.50 52.48 41.00
C SER IB 5 57.11 52.04 40.50
N TRP IB 6 56.97 51.95 39.17
CA TRP IB 6 55.68 51.83 38.47
C TRP IB 6 54.80 53.09 38.58
N VAL IB 7 55.39 54.22 38.96
CA VAL IB 7 54.66 55.45 39.12
C VAL IB 7 55.07 56.30 37.94
N CYS IB 8 54.17 56.48 37.00
CA CYS IB 8 54.44 57.26 35.81
C CYS IB 8 53.19 57.96 35.35
N ARG IB 9 53.33 58.78 34.32
CA ARG IB 9 52.16 59.34 33.62
C ARG IB 9 52.52 59.94 32.29
N LYS IB 10 51.51 60.02 31.42
CA LYS IB 10 51.64 60.76 30.17
C LYS IB 10 51.73 62.25 30.47
N THR IB 11 52.55 62.94 29.69
CA THR IB 11 52.69 64.38 29.78
C THR IB 11 51.72 65.12 28.88
N TYR IB 12 50.84 64.41 28.16
CA TYR IB 12 49.96 65.08 27.21
C TYR IB 12 48.66 64.38 26.98
N VAL IB 13 47.76 65.10 26.30
CA VAL IB 13 46.48 64.60 25.86
C VAL IB 13 46.40 64.81 24.36
N THR IB 14 45.92 63.79 23.65
CA THR IB 14 45.69 63.91 22.22
C THR IB 14 44.33 64.53 21.96
N PRO IB 15 44.22 65.32 20.87
CA PRO IB 15 42.97 66.03 20.61
C PRO IB 15 41.88 65.12 20.07
N ARG IB 16 40.63 65.39 20.44
CA ARG IB 16 39.50 64.56 20.04
C ARG IB 16 39.26 64.70 18.55
N ARG IB 17 38.80 65.87 18.12
CA ARG IB 17 38.52 66.13 16.72
C ARG IB 17 39.88 66.24 16.01
N PRO IB 18 40.30 65.18 15.28
CA PRO IB 18 41.69 65.10 14.84
C PRO IB 18 42.07 65.91 13.60
N PHE IB 19 41.10 66.48 12.89
CA PHE IB 19 41.36 67.33 11.73
C PHE IB 19 40.50 68.59 11.75
N GLU IB 20 40.56 69.33 12.86
CA GLU IB 20 39.77 70.57 12.99
C GLU IB 20 40.14 71.66 11.97
N LYS IB 21 41.35 71.60 11.41
CA LYS IB 21 41.84 72.52 10.38
C LYS IB 21 42.35 73.79 11.03
N SER IB 22 41.44 74.54 11.65
CA SER IB 22 41.80 75.73 12.43
C SER IB 22 42.67 75.37 13.64
N ARG IB 23 42.44 74.18 14.18
CA ARG IB 23 43.28 73.64 15.25
C ARG IB 23 44.68 73.30 14.72
N LEU IB 24 44.71 72.58 13.59
CA LEU IB 24 45.97 72.20 12.94
C LEU IB 24 46.81 73.42 12.55
N ASP IB 25 46.14 74.39 11.94
CA ASP IB 25 46.75 75.65 11.53
C ASP IB 25 47.36 76.39 12.71
N GLN IB 26 46.60 76.49 13.80
CA GLN IB 26 47.08 77.16 15.02
C GLN IB 26 48.31 76.46 15.61
N GLU IB 27 48.24 75.14 15.70
CA GLU IB 27 49.35 74.37 16.26
C GLU IB 27 50.62 74.47 15.43
N LEU IB 28 50.47 74.53 14.12
CA LEU IB 28 51.59 74.67 13.19
C LEU IB 28 52.26 76.01 13.45
N LYS IB 29 51.45 77.05 13.50
CA LYS IB 29 51.90 78.40 13.83
C LYS IB 29 52.74 78.39 15.10
N LEU IB 30 52.29 77.63 16.10
CA LEU IB 30 53.01 77.53 17.37
C LEU IB 30 54.35 76.81 17.24
N ILE IB 31 54.41 75.82 16.34
CA ILE IB 31 55.68 75.17 16.02
C ILE IB 31 56.62 76.11 15.28
N GLY IB 32 56.08 76.95 14.40
CA GLY IB 32 56.91 77.93 13.67
C GLY IB 32 57.56 78.94 14.58
N GLU IB 33 56.72 79.66 15.33
CA GLU IB 33 57.17 80.70 16.26
C GLU IB 33 58.28 80.24 17.19
N TYR IB 34 58.09 79.07 17.76
CA TYR IB 34 59.06 78.48 18.69
C TYR IB 34 59.45 77.16 18.07
N GLY IB 35 60.60 77.13 17.42
CA GLY IB 35 61.03 75.98 16.61
C GLY IB 35 60.95 74.63 17.26
N LEU IB 36 59.72 74.14 17.44
CA LEU IB 36 59.45 72.90 18.15
C LEU IB 36 59.63 71.72 17.24
N ARG IB 37 59.88 70.58 17.85
CA ARG IB 37 60.34 69.40 17.14
C ARG IB 37 59.18 68.67 16.45
N ASN IB 38 57.97 68.89 16.93
CA ASN IB 38 56.89 67.94 16.74
C ASN IB 38 55.61 68.47 17.39
N LYS IB 39 54.46 67.93 17.01
CA LYS IB 39 53.17 68.42 17.51
C LYS IB 39 52.99 68.11 19.00
N ARG IB 40 53.27 66.87 19.40
CA ARG IB 40 53.19 66.43 20.82
C ARG IB 40 53.90 67.39 21.80
N GLU IB 41 54.96 68.05 21.35
CA GLU IB 41 55.62 69.08 22.17
C GLU IB 41 54.70 70.27 22.47
N VAL IB 42 53.87 70.65 21.50
CA VAL IB 42 52.82 71.64 21.76
C VAL IB 42 51.84 71.10 22.78
N TRP IB 43 51.35 69.89 22.50
CA TRP IB 43 50.31 69.26 23.30
C TRP IB 43 50.67 69.02 24.76
N ARG IB 44 51.95 68.78 25.05
CA ARG IB 44 52.34 68.61 26.43
C ARG IB 44 52.24 69.92 27.23
N VAL IB 45 52.45 71.04 26.55
CA VAL IB 45 52.33 72.35 27.17
C VAL IB 45 50.87 72.66 27.41
N LYS IB 46 50.07 72.37 26.39
CA LYS IB 46 48.62 72.49 26.46
C LYS IB 46 48.05 71.74 27.64
N PHE IB 47 48.58 70.54 27.86
CA PHE IB 47 48.20 69.70 28.98
C PHE IB 47 48.64 70.26 30.34
N THR IB 48 49.86 70.79 30.43
CA THR IB 48 50.36 71.39 31.68
C THR IB 48 49.54 72.60 32.07
N LEU IB 49 49.28 73.45 31.08
CA LEU IB 49 48.43 74.61 31.30
C LEU IB 49 47.08 74.16 31.82
N ALA IB 50 46.49 73.19 31.12
CA ALA IB 50 45.16 72.71 31.44
C ALA IB 50 45.02 72.23 32.89
N LYS IB 51 46.03 71.51 33.39
CA LYS IB 51 46.06 71.10 34.80
C LYS IB 51 45.97 72.31 35.72
N ILE IB 52 46.81 73.30 35.46
CA ILE IB 52 46.86 74.54 36.24
C ILE IB 52 45.50 75.22 36.28
N ARG IB 53 44.89 75.38 35.11
CA ARG IB 53 43.54 75.94 35.02
C ARG IB 53 42.54 75.12 35.81
N LYS IB 54 42.71 73.80 35.77
CA LYS IB 54 41.86 72.90 36.54
C LYS IB 54 42.00 73.10 38.04
N ALA IB 55 43.22 73.33 38.50
CA ALA IB 55 43.46 73.68 39.90
C ALA IB 55 42.85 75.02 40.27
N ALA IB 56 43.05 76.01 39.41
CA ALA IB 56 42.49 77.35 39.62
C ALA IB 56 40.98 77.31 39.74
N ARG IB 57 40.31 76.58 38.85
CA ARG IB 57 38.85 76.42 38.93
C ARG IB 57 38.42 75.84 40.26
N GLU IB 58 39.04 74.73 40.66
CA GLU IB 58 38.73 74.05 41.92
C GLU IB 58 38.87 74.96 43.13
N LEU IB 59 39.92 75.76 43.15
CA LEU IB 59 40.17 76.68 44.25
C LEU IB 59 39.12 77.79 44.27
N LEU IB 60 38.74 78.27 43.10
CA LEU IB 60 37.66 79.25 42.97
C LEU IB 60 36.29 78.73 43.43
N THR IB 61 36.02 77.45 43.22
CA THR IB 61 34.76 76.85 43.69
C THR IB 61 34.65 76.83 45.20
N LEU IB 62 35.80 76.70 45.89
CA LEU IB 62 35.86 76.81 47.35
C LEU IB 62 35.53 78.22 47.78
N ASP IB 63 35.11 78.35 49.04
CA ASP IB 63 34.82 79.65 49.63
C ASP IB 63 36.12 80.40 49.87
N GLU IB 64 36.09 81.73 49.72
CA GLU IB 64 37.23 82.56 50.09
C GLU IB 64 37.39 82.54 51.61
N LYS IB 65 38.64 82.68 52.06
CA LYS IB 65 39.00 82.51 53.47
C LYS IB 65 38.75 81.08 53.98
N ASP IB 66 38.96 80.10 53.09
CA ASP IB 66 39.02 78.69 53.46
C ASP IB 66 40.50 78.32 53.39
N PRO IB 67 41.06 77.73 54.47
CA PRO IB 67 42.51 77.49 54.54
C PRO IB 67 43.09 76.68 53.38
N ARG IB 68 42.30 75.73 52.88
CA ARG IB 68 42.72 74.86 51.79
C ARG IB 68 43.02 75.72 50.55
N ARG IB 69 42.09 76.60 50.20
CA ARG IB 69 42.22 77.49 49.04
C ARG IB 69 43.36 78.48 49.22
N LEU IB 70 43.36 79.17 50.35
CA LEU IB 70 44.35 80.20 50.63
C LEU IB 70 45.77 79.69 50.49
N PHE IB 71 46.01 78.49 50.97
CA PHE IB 71 47.33 77.85 50.94
C PHE IB 71 47.74 77.42 49.54
N GLU IB 72 46.91 76.59 48.92
CA GLU IB 72 47.21 75.99 47.62
C GLU IB 72 47.30 77.01 46.51
N GLY IB 73 46.33 77.92 46.47
CA GLY IB 73 46.28 78.98 45.48
C GLY IB 73 47.51 79.85 45.54
N ASN IB 74 47.86 80.31 46.74
CA ASN IB 74 49.09 81.08 46.95
C ASN IB 74 50.29 80.33 46.46
N ALA IB 75 50.33 79.02 46.72
CA ALA IB 75 51.43 78.16 46.27
C ALA IB 75 51.46 78.00 44.75
N LEU IB 76 50.30 77.88 44.12
CA LEU IB 76 50.20 77.83 42.65
C LEU IB 76 50.65 79.13 42.00
N LEU IB 77 50.29 80.24 42.60
CA LEU IB 77 50.68 81.54 42.10
C LEU IB 77 52.19 81.75 42.22
N ARG IB 78 52.75 81.42 43.38
CA ARG IB 78 54.21 81.51 43.60
C ARG IB 78 55.00 80.64 42.62
N ARG IB 79 54.47 79.46 42.33
CA ARG IB 79 55.07 78.56 41.33
C ARG IB 79 55.07 79.17 39.93
N LEU IB 80 53.99 79.83 39.56
CA LEU IB 80 53.86 80.42 38.22
C LEU IB 80 54.70 81.68 38.08
N VAL IB 81 54.81 82.45 39.16
CA VAL IB 81 55.67 83.62 39.21
C VAL IB 81 57.13 83.19 39.03
N ARG IB 82 57.52 82.14 39.73
CA ARG IB 82 58.89 81.59 39.71
C ARG IB 82 59.41 81.27 38.30
N ILE IB 83 58.52 80.77 37.43
CA ILE IB 83 58.86 80.50 36.03
C ILE IB 83 58.70 81.73 35.10
N GLY IB 84 58.25 82.86 35.64
CA GLY IB 84 58.14 84.10 34.90
C GLY IB 84 56.99 84.11 33.91
N VAL IB 85 55.84 83.65 34.37
CA VAL IB 85 54.63 83.57 33.55
C VAL IB 85 53.67 84.64 34.07
N LEU IB 86 53.34 84.54 35.36
CA LEU IB 86 52.49 85.50 36.07
C LEU IB 86 53.37 86.59 36.71
N ASP IB 87 52.83 87.80 36.79
CA ASP IB 87 53.57 88.95 37.35
C ASP IB 87 53.20 89.15 38.82
N GLU IB 88 54.18 89.49 39.63
CA GLU IB 88 53.93 89.93 41.01
C GLU IB 88 53.06 91.20 40.98
N GLY IB 89 52.02 91.22 41.80
CA GLY IB 89 50.96 92.23 41.70
C GLY IB 89 49.71 91.67 41.03
N LYS IB 90 49.91 90.82 40.02
CA LYS IB 90 48.83 90.08 39.36
C LYS IB 90 48.48 88.75 40.05
N MET IB 91 49.20 88.43 41.13
CA MET IB 91 48.96 87.23 41.91
C MET IB 91 47.66 87.31 42.69
N LYS IB 92 46.55 86.90 42.08
CA LYS IB 92 45.34 86.56 42.85
C LYS IB 92 44.35 85.62 42.17
N LEU IB 93 44.88 84.62 41.47
CA LEU IB 93 44.17 83.36 41.21
C LEU IB 93 43.13 83.40 40.09
N ASP IB 94 42.32 84.46 40.06
CA ASP IB 94 41.40 84.71 38.95
C ASP IB 94 42.13 85.09 37.67
N TYR IB 95 43.38 85.54 37.79
CA TYR IB 95 44.21 85.87 36.64
C TYR IB 95 44.82 84.64 36.00
N ILE IB 96 44.91 83.53 36.74
CA ILE IB 96 45.44 82.29 36.20
C ILE IB 96 44.60 81.80 35.03
N LEU IB 97 43.28 81.99 35.10
CA LEU IB 97 42.40 81.49 34.06
C LEU IB 97 42.65 82.24 32.76
N GLY IB 98 42.79 83.56 32.85
CA GLY IB 98 43.25 84.39 31.73
C GLY IB 98 44.75 84.24 31.54
N LEU IB 99 45.14 83.18 30.85
CA LEU IB 99 46.54 82.86 30.62
C LEU IB 99 46.60 81.95 29.39
N LYS IB 100 47.77 81.80 28.77
CA LYS IB 100 47.83 81.02 27.52
C LYS IB 100 49.15 80.30 27.22
N ILE IB 101 49.02 79.32 26.31
CA ILE IB 101 50.11 78.51 25.75
C ILE IB 101 51.36 79.32 25.52
N GLU IB 102 51.16 80.43 24.81
CA GLU IB 102 52.24 81.28 24.32
C GLU IB 102 53.19 81.70 25.44
N ASP IB 103 52.64 82.01 26.61
CA ASP IB 103 53.43 82.38 27.78
C ASP IB 103 54.35 81.25 28.24
N PHE IB 104 53.83 80.03 28.25
CA PHE IB 104 54.60 78.84 28.68
C PHE IB 104 55.69 78.45 27.69
N LEU IB 105 55.40 78.59 26.40
CA LEU IB 105 56.42 78.40 25.37
C LEU IB 105 57.53 79.43 25.50
N GLU IB 106 57.16 80.69 25.70
CA GLU IB 106 58.11 81.81 25.82
C GLU IB 106 59.21 81.60 26.85
N ARG IB 107 58.91 80.87 27.93
CA ARG IB 107 59.90 80.63 29.00
C ARG IB 107 60.55 79.24 28.94
N ARG IB 108 60.71 78.71 27.73
CA ARG IB 108 61.62 77.57 27.49
C ARG IB 108 63.07 78.05 27.49
N LEU IB 109 64.01 77.12 27.36
CA LEU IB 109 65.41 77.49 27.20
C LEU IB 109 65.60 77.94 25.78
N GLN IB 110 65.18 77.09 24.84
CA GLN IB 110 65.22 77.38 23.41
C GLN IB 110 64.72 78.78 23.08
N THR IB 111 63.77 79.29 23.84
CA THR IB 111 63.40 80.69 23.70
C THR IB 111 64.44 81.62 24.32
N GLN IB 112 64.71 81.49 25.61
CA GLN IB 112 65.61 82.44 26.29
C GLN IB 112 67.06 82.36 25.83
N VAL IB 113 67.43 81.33 25.08
CA VAL IB 113 68.69 81.36 24.34
C VAL IB 113 68.53 82.41 23.25
N PHE IB 114 67.64 82.12 22.32
CA PHE IB 114 67.31 83.02 21.20
C PHE IB 114 66.96 84.45 21.64
N LYS IB 115 66.28 84.57 22.79
CA LYS IB 115 65.85 85.87 23.30
C LYS IB 115 67.02 86.72 23.80
N LEU IB 116 68.05 86.09 24.37
CA LEU IB 116 69.20 86.80 24.93
C LEU IB 116 70.34 86.91 23.90
N GLY IB 117 70.00 87.23 22.66
CA GLY IB 117 70.95 87.18 21.56
C GLY IB 117 71.40 85.75 21.38
N LEU IB 118 72.69 85.50 21.66
CA LEU IB 118 73.23 84.15 21.90
C LEU IB 118 73.09 83.15 20.75
N ALA IB 119 71.86 82.86 20.33
CA ALA IB 119 71.61 82.00 19.18
C ALA IB 119 71.91 82.69 17.85
N LYS IB 120 70.88 83.33 17.26
CA LYS IB 120 70.80 83.72 15.83
C LYS IB 120 69.77 82.80 15.16
N SER IB 121 68.48 83.10 15.41
CA SER IB 121 67.32 82.28 14.98
C SER IB 121 67.04 81.14 15.96
N ILE IB 122 65.77 80.74 16.05
CA ILE IB 122 65.33 79.81 17.11
C ILE IB 122 65.79 78.40 16.83
N HIS IB 123 65.99 78.07 15.57
CA HIS IB 123 66.39 76.73 15.17
C HIS IB 123 67.87 76.52 15.48
N HIS IB 124 68.64 77.58 15.27
CA HIS IB 124 70.00 77.64 15.76
C HIS IB 124 70.02 77.41 17.27
N ALA IB 125 69.17 78.14 17.99
CA ALA IB 125 69.07 78.07 19.45
C ALA IB 125 68.86 76.66 19.96
N ARG IB 126 67.91 75.96 19.34
CA ARG IB 126 67.61 74.58 19.72
C ARG IB 126 68.79 73.67 19.47
N VAL IB 127 69.49 73.89 18.37
CA VAL IB 127 70.66 73.08 18.06
C VAL IB 127 71.69 73.32 19.15
N LEU IB 128 72.07 74.59 19.36
CA LEU IB 128 73.05 74.95 20.40
C LEU IB 128 72.79 74.18 21.68
N ILE IB 129 71.57 74.31 22.20
CA ILE IB 129 71.19 73.69 23.47
C ILE IB 129 71.44 72.19 23.45
N ARG IB 130 71.07 71.54 22.36
CA ARG IB 130 71.29 70.11 22.22
C ARG IB 130 72.78 69.82 22.25
N GLN IB 131 73.56 70.58 21.49
CA GLN IB 131 74.97 70.26 21.26
C GLN IB 131 75.90 70.57 22.45
N ARG IB 132 75.32 70.88 23.61
CA ARG IB 132 76.03 71.19 24.84
C ARG IB 132 76.87 72.44 24.67
N HIS IB 133 76.26 73.47 24.10
CA HIS IB 133 76.92 74.74 23.90
C HIS IB 133 76.47 75.81 24.86
N ILE IB 134 75.34 75.63 25.52
CA ILE IB 134 74.89 76.61 26.51
C ILE IB 134 74.84 75.97 27.88
N ARG IB 135 75.08 76.79 28.89
CA ARG IB 135 75.01 76.38 30.28
C ARG IB 135 74.10 77.35 31.03
N VAL IB 136 73.13 76.80 31.77
CA VAL IB 136 72.36 77.57 32.72
C VAL IB 136 73.14 77.51 34.02
N ARG IB 137 73.25 78.65 34.70
CA ARG IB 137 73.85 78.74 36.03
C ARG IB 137 75.29 78.20 36.03
N LYS IB 138 75.45 76.90 36.27
CA LYS IB 138 76.71 76.20 36.08
C LYS IB 138 76.61 74.90 35.27
N GLN IB 139 75.40 74.34 35.11
CA GLN IB 139 75.23 73.04 34.46
C GLN IB 139 74.99 73.24 32.99
N VAL IB 140 75.58 72.36 32.19
CA VAL IB 140 75.36 72.33 30.76
C VAL IB 140 73.99 71.72 30.52
N VAL IB 141 72.99 72.57 30.33
CA VAL IB 141 71.63 72.13 30.04
C VAL IB 141 71.54 71.67 28.59
N ASN IB 142 71.45 70.37 28.43
CA ASN IB 142 71.34 69.73 27.13
C ASN IB 142 69.96 69.91 26.51
N ILE IB 143 68.93 70.18 27.34
CA ILE IB 143 67.55 70.03 26.92
C ILE IB 143 66.77 71.33 26.70
N PRO IB 144 66.15 71.50 25.51
CA PRO IB 144 65.48 72.75 25.18
C PRO IB 144 64.23 73.06 26.00
N SER IB 145 63.45 72.03 26.33
CA SER IB 145 62.22 72.23 27.10
C SER IB 145 62.44 72.77 28.51
N PHE IB 146 63.68 72.67 29.02
CA PHE IB 146 64.09 73.27 30.28
C PHE IB 146 63.40 74.62 30.45
N ILE IB 147 62.39 74.66 31.31
CA ILE IB 147 61.69 75.89 31.60
C ILE IB 147 62.60 76.69 32.53
N VAL IB 148 62.93 77.90 32.08
CA VAL IB 148 63.91 78.73 32.75
C VAL IB 148 63.20 79.50 33.85
N ARG IB 149 63.65 79.35 35.09
CA ARG IB 149 63.09 80.19 36.15
C ARG IB 149 63.46 81.64 35.93
N LEU IB 150 62.53 82.54 36.25
CA LEU IB 150 62.76 83.98 36.17
C LEU IB 150 64.02 84.38 36.94
N ASP IB 151 64.16 83.83 38.15
CA ASP IB 151 65.38 83.92 38.95
C ASP IB 151 66.63 83.63 38.13
N SER IB 152 66.63 82.46 37.48
CA SER IB 152 67.81 81.92 36.81
C SER IB 152 67.85 82.14 35.29
N GLN IB 153 67.31 83.29 34.84
CA GLN IB 153 67.33 83.66 33.42
C GLN IB 153 68.64 84.35 33.09
N LYS IB 154 69.00 85.36 33.89
CA LYS IB 154 70.22 86.14 33.66
C LYS IB 154 71.53 85.37 33.84
N HIS IB 155 71.45 84.08 34.19
CA HIS IB 155 72.61 83.21 34.29
C HIS IB 155 72.64 82.21 33.12
N ILE IB 156 72.09 82.59 31.98
CA ILE IB 156 72.14 81.77 30.78
C ILE IB 156 73.21 82.36 29.87
N ASP IB 157 74.17 81.52 29.50
CA ASP IB 157 75.22 81.89 28.57
C ASP IB 157 75.88 80.63 28.02
N PHE IB 158 76.99 80.79 27.31
CA PHE IB 158 77.67 79.67 26.67
C PHE IB 158 78.39 78.80 27.68
N SER IB 159 78.55 77.52 27.33
CA SER IB 159 79.22 76.54 28.19
C SER IB 159 80.72 76.77 28.14
N LEU IB 160 81.35 76.76 29.31
CA LEU IB 160 82.74 77.17 29.44
C LEU IB 160 83.67 76.22 28.68
N ARG IB 161 83.35 74.93 28.71
CA ARG IB 161 84.14 73.91 28.02
C ARG IB 161 83.54 73.73 26.62
N SER IB 162 83.75 74.73 25.76
CA SER IB 162 83.24 74.72 24.38
C SER IB 162 83.89 75.77 23.47
N PRO IB 163 83.73 75.62 22.13
CA PRO IB 163 84.14 76.60 21.12
C PRO IB 163 83.54 78.00 21.28
N TYR IB 164 82.22 78.07 21.37
CA TYR IB 164 81.53 79.37 21.45
C TYR IB 164 81.80 80.10 22.77
N GLY IB 165 81.86 79.33 23.85
CA GLY IB 165 82.04 79.87 25.20
C GLY IB 165 83.48 80.01 25.68
N GLY IB 166 84.44 80.09 24.76
CA GLY IB 166 85.84 80.29 25.10
C GLY IB 166 86.49 79.01 25.57
N GLY IB 167 86.89 78.18 24.62
CA GLY IB 167 87.57 76.93 24.91
C GLY IB 167 88.23 76.30 23.72
N ARG IB 168 88.51 75.00 23.85
CA ARG IB 168 89.08 74.18 22.78
C ARG IB 168 88.12 74.16 21.57
N PRO IB 169 88.65 74.43 20.35
CA PRO IB 169 87.78 74.48 19.18
C PRO IB 169 87.37 73.09 18.74
N GLY IB 170 86.20 73.00 18.10
CA GLY IB 170 85.60 71.74 17.68
C GLY IB 170 86.43 71.02 16.65
N ARG IB 171 86.08 69.77 16.39
CA ARG IB 171 86.93 68.89 15.60
C ARG IB 171 87.12 69.32 14.14
N VAL IB 172 86.15 70.03 13.58
CA VAL IB 172 86.24 70.51 12.19
C VAL IB 172 87.34 71.56 12.03
N LYS IB 173 87.36 72.56 12.91
CA LYS IB 173 88.42 73.60 12.86
C LYS IB 173 89.80 73.04 13.18
N ARG IB 174 89.84 72.04 14.06
CA ARG IB 174 91.06 71.27 14.33
C ARG IB 174 91.55 70.51 13.10
N LYS IB 175 90.63 69.90 12.35
CA LYS IB 175 90.98 69.19 11.11
C LYS IB 175 91.52 70.13 10.02
N ASN IB 176 90.88 71.28 9.87
CA ASN IB 176 91.32 72.28 8.88
C ASN IB 176 92.67 72.93 9.23
N ALA IB 177 92.96 73.03 10.53
CA ALA IB 177 94.27 73.52 11.00
C ALA IB 177 95.39 72.51 10.71
N LYS IB 178 95.11 71.23 10.95
CA LYS IB 178 96.04 70.15 10.60
C LYS IB 178 96.32 70.06 9.10
N LYS IB 179 95.28 70.30 8.30
CA LYS IB 179 95.40 70.29 6.83
C LYS IB 179 96.27 71.44 6.33
N GLY IB 180 96.05 72.63 6.88
CA GLY IB 180 96.89 73.81 6.57
C GLY IB 180 98.34 73.69 7.03
N GLN IB 181 98.54 72.98 8.15
CA GLN IB 181 99.89 72.79 8.71
C GLN IB 181 100.70 71.77 7.89
N GLY IB 182 100.19 70.55 7.80
CA GLY IB 182 100.89 69.44 7.15
C GLY IB 182 100.67 69.34 5.66
N GLY IB 183 99.41 69.44 5.23
CA GLY IB 183 99.04 69.28 3.83
C GLY IB 183 99.47 70.43 2.94
N ALA IB 184 98.99 71.64 3.27
CA ALA IB 184 99.27 72.84 2.48
C ALA IB 184 100.68 73.36 2.75
N GLY IB 185 100.97 73.63 4.02
CA GLY IB 185 102.27 74.15 4.45
C GLY IB 185 103.36 73.10 4.44
N MET JB 1 61.80 74.96 -52.43
CA MET JB 1 62.83 74.00 -52.95
C MET JB 1 62.25 72.58 -53.07
N LEU JB 2 61.53 72.35 -54.16
CA LEU JB 2 60.71 71.13 -54.33
C LEU JB 2 60.10 71.05 -55.73
N MET JB 3 59.84 69.84 -56.22
CA MET JB 3 58.89 69.61 -57.33
C MET JB 3 59.33 70.26 -58.68
N PRO JB 4 58.40 70.42 -59.66
CA PRO JB 4 58.72 71.24 -60.83
C PRO JB 4 59.07 72.68 -60.47
N LYS JB 5 60.28 73.11 -60.86
CA LYS JB 5 60.83 74.40 -60.46
C LYS JB 5 60.01 75.55 -61.02
N LYS JB 6 59.77 75.50 -62.34
CA LYS JB 6 59.04 76.54 -63.07
C LYS JB 6 57.67 76.85 -62.46
N ASN JB 7 56.96 75.80 -62.04
CA ASN JB 7 55.66 75.97 -61.39
C ASN JB 7 55.82 76.64 -60.04
N ARG JB 8 56.57 75.97 -59.14
CA ARG JB 8 56.77 76.45 -57.76
C ARG JB 8 57.24 77.89 -57.75
N ILE JB 9 58.32 78.18 -58.47
CA ILE JB 9 58.92 79.51 -58.48
C ILE JB 9 57.97 80.59 -59.01
N ALA JB 10 57.07 80.21 -59.92
CA ALA JB 10 56.02 81.11 -60.42
C ALA JB 10 54.96 81.39 -59.36
N ILE JB 11 54.67 80.39 -58.51
CA ILE JB 11 53.73 80.57 -57.39
C ILE JB 11 54.29 81.60 -56.42
N TYR JB 12 55.53 81.36 -55.99
CA TYR JB 12 56.23 82.23 -55.05
C TYR JB 12 56.24 83.68 -55.53
N GLU JB 13 56.52 83.88 -56.81
CA GLU JB 13 56.60 85.23 -57.38
C GLU JB 13 55.22 85.90 -57.39
N LEU JB 14 54.18 85.13 -57.69
CA LEU JB 14 52.81 85.65 -57.65
C LEU JB 14 52.39 86.01 -56.23
N LEU JB 15 52.79 85.17 -55.27
CA LEU JB 15 52.56 85.45 -53.85
C LEU JB 15 53.30 86.71 -53.40
N PHE JB 16 54.50 86.94 -53.92
CA PHE JB 16 55.26 88.14 -53.58
C PHE JB 16 54.67 89.39 -54.24
N LYS JB 17 54.29 89.26 -55.50
CA LYS JB 17 53.74 90.35 -56.30
C LYS JB 17 52.53 91.01 -55.62
N GLU JB 18 51.63 90.18 -55.12
CA GLU JB 18 50.55 90.62 -54.23
C GLU JB 18 51.00 90.36 -52.79
N GLY JB 19 50.31 90.95 -51.82
CA GLY JB 19 50.58 90.65 -50.42
C GLY JB 19 50.08 89.26 -50.07
N VAL JB 20 48.88 88.97 -50.56
CA VAL JB 20 48.10 87.79 -50.22
C VAL JB 20 48.12 86.83 -51.41
N MET JB 21 47.51 85.66 -51.24
CA MET JB 21 47.12 84.81 -52.36
C MET JB 21 46.05 83.81 -51.94
N VAL JB 22 45.17 83.46 -52.87
CA VAL JB 22 44.06 82.50 -52.61
C VAL JB 22 44.06 81.33 -53.58
N ALA JB 23 43.23 80.35 -53.27
CA ALA JB 23 43.02 79.20 -54.12
C ALA JB 23 41.53 78.85 -54.13
N LYS JB 24 41.21 77.62 -54.52
CA LYS JB 24 39.98 76.97 -54.13
C LYS JB 24 40.39 75.57 -53.70
N LYS JB 25 39.78 75.05 -52.64
CA LYS JB 25 40.06 73.66 -52.24
C LYS JB 25 39.43 72.72 -53.26
N ASP JB 26 40.10 72.60 -54.40
CA ASP JB 26 39.63 71.77 -55.50
C ASP JB 26 40.86 71.28 -56.25
N VAL JB 27 41.29 70.08 -55.86
CA VAL JB 27 42.49 69.42 -56.38
C VAL JB 27 42.61 69.44 -57.91
N HIS JB 28 41.49 69.32 -58.61
CA HIS JB 28 41.48 69.03 -60.03
C HIS JB 28 41.15 70.29 -60.85
N MET JB 29 42.14 71.17 -61.03
CA MET JB 29 41.97 72.39 -61.80
C MET JB 29 43.23 72.63 -62.64
N PRO JB 30 43.34 71.99 -63.83
CA PRO JB 30 44.54 72.08 -64.66
C PRO JB 30 44.82 73.47 -65.29
N LYS JB 31 44.89 74.50 -64.45
CA LYS JB 31 44.88 75.88 -64.92
C LYS JB 31 45.14 76.88 -63.79
N HIS JB 32 44.34 76.79 -62.72
CA HIS JB 32 44.32 77.74 -61.59
C HIS JB 32 43.69 79.07 -62.03
N PRO JB 33 42.77 79.62 -61.20
CA PRO JB 33 42.23 80.94 -61.51
C PRO JB 33 43.28 82.01 -61.27
N GLU JB 34 43.46 82.91 -62.22
CA GLU JB 34 44.63 83.81 -62.27
C GLU JB 34 45.87 82.94 -62.55
N LEU JB 35 47.06 83.53 -62.51
CA LEU JB 35 48.30 82.82 -62.84
C LEU JB 35 48.28 82.29 -64.29
N ALA JB 36 47.95 81.00 -64.49
CA ALA JB 36 47.70 80.43 -65.83
C ALA JB 36 48.77 80.70 -66.90
N ASP JB 37 50.05 80.51 -66.54
CA ASP JB 37 51.13 80.57 -67.53
C ASP JB 37 51.19 79.27 -68.35
N LYS JB 38 51.12 78.13 -67.67
CA LYS JB 38 51.17 76.81 -68.31
C LYS JB 38 50.74 75.76 -67.30
N ASN JB 39 49.48 75.33 -67.39
CA ASN JB 39 48.85 74.42 -66.42
C ASN JB 39 48.98 74.93 -64.97
N VAL JB 40 50.17 74.77 -64.38
CA VAL JB 40 50.52 75.33 -63.05
C VAL JB 40 49.33 75.36 -62.08
N PRO JB 41 48.75 74.18 -61.81
CA PRO JB 41 47.36 74.08 -61.43
C PRO JB 41 47.07 74.44 -59.97
N ASN JB 42 45.81 74.30 -59.59
CA ASN JB 42 45.46 74.19 -58.18
C ASN JB 42 46.07 72.89 -57.71
N LEU JB 43 46.62 72.89 -56.49
CA LEU JB 43 47.65 71.93 -56.07
C LEU JB 43 48.95 72.20 -56.85
N HIS JB 44 50.08 72.04 -56.16
CA HIS JB 44 51.35 72.71 -56.45
C HIS JB 44 51.27 74.09 -55.81
N VAL JB 45 50.29 74.88 -56.23
CA VAL JB 45 49.92 76.13 -55.54
C VAL JB 45 49.54 75.82 -54.11
N MET JB 46 48.52 75.00 -53.97
CA MET JB 46 47.91 74.69 -52.68
C MET JB 46 48.86 73.95 -51.74
N LYS JB 47 49.63 73.02 -52.30
CA LYS JB 47 50.62 72.27 -51.52
C LYS JB 47 51.88 73.07 -51.17
N ALA JB 48 52.24 74.04 -52.02
CA ALA JB 48 53.31 74.99 -51.70
C ALA JB 48 52.91 75.84 -50.50
N MET JB 49 51.70 76.39 -50.55
CA MET JB 49 51.23 77.26 -49.49
C MET JB 49 51.15 76.55 -48.14
N GLN JB 50 50.73 75.28 -48.17
CA GLN JB 50 50.65 74.49 -46.94
C GLN JB 50 52.06 74.20 -46.41
N SER JB 51 53.02 74.01 -47.31
CA SER JB 51 54.42 73.85 -46.95
C SER JB 51 54.97 75.15 -46.34
N LEU JB 52 54.68 76.28 -46.98
CA LEU JB 52 55.01 77.60 -46.42
C LEU JB 52 54.49 77.74 -44.99
N LYS JB 53 53.20 77.46 -44.80
CA LYS JB 53 52.53 77.59 -43.50
C LYS JB 53 53.19 76.76 -42.43
N SER JB 54 53.46 75.49 -42.76
CA SER JB 54 54.10 74.58 -41.82
C SER JB 54 55.45 75.09 -41.29
N ARG JB 55 56.30 75.57 -42.18
CA ARG JB 55 57.58 76.17 -41.75
C ARG JB 55 57.43 77.60 -41.18
N GLY JB 56 56.24 78.20 -41.35
CA GLY JB 56 55.86 79.42 -40.64
C GLY JB 56 56.14 80.68 -41.42
N TYR JB 57 55.89 80.63 -42.73
CA TYR JB 57 56.20 81.72 -43.63
C TYR JB 57 54.97 82.15 -44.45
N VAL JB 58 53.79 81.92 -43.87
CA VAL JB 58 52.50 82.40 -44.39
C VAL JB 58 51.42 82.03 -43.37
N LYS JB 59 50.33 82.80 -43.35
CA LYS JB 59 49.18 82.54 -42.46
C LYS JB 59 48.02 81.95 -43.28
N GLU JB 60 46.83 81.84 -42.68
CA GLU JB 60 45.71 81.14 -43.30
C GLU JB 60 44.33 81.63 -42.87
N GLN JB 61 43.35 81.36 -43.73
CA GLN JB 61 41.94 81.32 -43.36
C GLN JB 61 41.24 80.57 -44.48
N PHE JB 62 40.16 79.85 -44.17
CA PHE JB 62 39.62 78.88 -45.13
C PHE JB 62 38.31 79.31 -45.81
N ALA JB 63 37.23 79.39 -45.04
CA ALA JB 63 35.97 80.00 -45.47
C ALA JB 63 35.37 79.53 -46.81
N TRP JB 64 34.40 78.62 -46.75
CA TRP JB 64 33.64 78.18 -47.92
C TRP JB 64 34.55 77.61 -49.01
N ARG JB 65 35.18 76.49 -48.68
CA ARG JB 65 36.09 75.77 -49.60
C ARG JB 65 36.91 76.70 -50.50
N HIS JB 66 37.79 77.53 -49.91
CA HIS JB 66 38.53 78.52 -50.72
C HIS JB 66 39.93 79.01 -50.35
N PHE JB 67 40.38 78.89 -49.11
CA PHE JB 67 41.73 79.35 -48.71
C PHE JB 67 42.02 80.85 -48.92
N TYR JB 68 42.70 81.44 -47.94
CA TYR JB 68 43.13 82.84 -48.00
C TYR JB 68 44.49 82.88 -47.29
N TRP JB 69 45.57 83.06 -48.06
CA TRP JB 69 46.94 83.08 -47.50
C TRP JB 69 47.54 84.49 -47.39
N TYR JB 70 47.33 85.12 -46.23
CA TYR JB 70 48.02 86.36 -45.87
C TYR JB 70 49.47 86.02 -45.51
N LEU JB 71 50.40 86.85 -45.97
CA LEU JB 71 51.84 86.58 -45.90
C LEU JB 71 52.52 87.34 -44.77
N THR JB 72 53.44 86.66 -44.07
CA THR JB 72 54.12 87.21 -42.90
C THR JB 72 55.38 87.99 -43.31
N ASN JB 73 55.92 88.77 -42.38
CA ASN JB 73 57.21 89.47 -42.59
C ASN JB 73 58.39 88.51 -42.65
N GLU JB 74 58.39 87.53 -41.75
CA GLU JB 74 59.37 86.44 -41.77
C GLU JB 74 59.24 85.62 -43.04
N GLY JB 75 58.00 85.43 -43.48
CA GLY JB 75 57.71 84.79 -44.76
C GLY JB 75 58.25 85.54 -45.94
N ILE JB 76 57.99 86.86 -45.99
CA ILE JB 76 58.56 87.74 -47.02
C ILE JB 76 60.08 87.60 -47.13
N GLN JB 77 60.73 87.57 -45.97
CA GLN JB 77 62.18 87.42 -45.90
C GLN JB 77 62.67 86.06 -46.39
N TYR JB 78 61.87 85.01 -46.16
CA TYR JB 78 62.13 83.69 -46.74
C TYR JB 78 62.02 83.69 -48.26
N LEU JB 79 60.97 84.31 -48.79
CA LEU JB 79 60.75 84.39 -50.24
C LEU JB 79 61.85 85.16 -50.96
N ARG JB 80 62.28 86.26 -50.34
CA ARG JB 80 63.35 87.11 -50.90
C ARG JB 80 64.69 86.37 -50.94
N ASP JB 81 64.94 85.57 -49.90
CA ASP JB 81 66.10 84.68 -49.83
C ASP JB 81 66.06 83.62 -50.93
N TYR JB 82 64.90 83.00 -51.10
CA TYR JB 82 64.68 81.98 -52.13
C TYR JB 82 64.89 82.53 -53.53
N LEU JB 83 64.31 83.70 -53.79
CA LEU JB 83 64.37 84.35 -55.11
C LEU JB 83 65.54 85.35 -55.26
N HIS JB 84 66.51 85.31 -54.33
CA HIS JB 84 67.71 86.19 -54.37
C HIS JB 84 67.40 87.63 -54.80
N LEU JB 85 66.40 88.20 -54.14
CA LEU JB 85 65.82 89.48 -54.56
C LEU JB 85 66.54 90.64 -53.88
N PRO JB 86 66.44 91.87 -54.45
CA PRO JB 86 67.08 93.03 -53.81
C PRO JB 86 66.39 93.46 -52.52
N PRO JB 87 67.06 94.29 -51.69
CA PRO JB 87 66.52 94.68 -50.39
C PRO JB 87 65.38 95.70 -50.39
N GLU JB 88 65.14 96.39 -51.52
CA GLU JB 88 64.02 97.33 -51.63
C GLU JB 88 62.74 96.54 -51.91
N ILE JB 89 62.72 95.87 -53.07
CA ILE JB 89 61.70 94.87 -53.45
C ILE JB 89 60.24 95.35 -53.62
N VAL JB 90 59.65 95.99 -52.60
CA VAL JB 90 58.21 96.33 -52.52
C VAL JB 90 57.25 95.17 -52.88
N PRO JB 91 56.80 94.38 -51.87
CA PRO JB 91 55.87 93.28 -52.18
C PRO JB 91 54.51 93.73 -52.70
N ALA JB 92 53.80 94.53 -51.91
CA ALA JB 92 52.43 94.96 -52.22
C ALA JB 92 51.96 96.07 -51.29
N THR JB 93 52.13 95.85 -49.97
CA THR JB 93 51.84 96.88 -48.96
C THR JB 93 52.75 98.14 -49.07
N LEU JB 94 52.44 98.98 -50.07
CA LEU JB 94 53.03 100.30 -50.22
C LEU JB 94 51.89 101.32 -50.20
N ARG JB 95 50.99 101.21 -51.18
CA ARG JB 95 49.65 101.84 -51.18
C ARG JB 95 49.45 103.17 -50.42
N ARG JB 96 49.34 104.26 -51.17
CA ARG JB 96 49.06 105.58 -50.58
C ARG JB 96 47.66 105.61 -49.98
N SER JB 97 47.57 105.95 -48.70
CA SER JB 97 46.31 105.95 -47.96
C SER JB 97 45.45 107.17 -48.28
N ARG JB 98 46.03 108.35 -48.07
CA ARG JB 98 45.33 109.64 -48.23
C ARG JB 98 46.10 110.53 -49.19
N ALA KB 1 8.64 20.29 91.39
CA ALA KB 1 7.42 21.01 90.89
C ALA KB 1 7.70 22.49 90.65
N ASP KB 2 6.86 23.11 89.80
CA ASP KB 2 6.94 24.55 89.48
C ASP KB 2 8.21 24.93 88.72
N ILE KB 3 9.34 24.95 89.42
CA ILE KB 3 10.64 25.37 88.87
C ILE KB 3 11.38 24.16 88.31
N GLN KB 4 11.43 23.07 89.09
CA GLN KB 4 12.12 21.84 88.68
C GLN KB 4 11.25 21.07 87.69
N THR KB 5 11.27 21.51 86.43
CA THR KB 5 10.52 20.84 85.35
C THR KB 5 11.39 19.86 84.56
N GLU KB 6 12.66 20.22 84.37
CA GLU KB 6 13.60 19.39 83.62
C GLU KB 6 14.03 18.15 84.40
N ARG KB 7 14.71 17.24 83.72
CA ARG KB 7 15.07 15.94 84.29
C ARG KB 7 16.19 16.04 85.31
N ALA KB 8 17.03 17.06 85.17
CA ALA KB 8 18.00 17.43 86.20
C ALA KB 8 17.39 18.43 87.16
N TYR KB 9 18.02 18.56 88.33
CA TYR KB 9 17.67 19.62 89.27
C TYR KB 9 18.15 20.94 88.68
N GLN KB 10 17.33 21.97 88.86
CA GLN KB 10 17.57 23.28 88.29
C GLN KB 10 17.75 24.26 89.43
N LYS KB 11 19.01 24.48 89.81
CA LYS KB 11 19.35 25.47 90.85
C LYS KB 11 20.14 26.62 90.27
N GLN KB 12 20.07 27.76 90.91
CA GLN KB 12 21.06 28.78 90.69
C GLN KB 12 22.36 28.21 91.25
N PRO KB 13 23.48 28.42 90.54
CA PRO KB 13 24.76 28.18 91.16
C PRO KB 13 25.17 29.44 91.89
N THR KB 14 26.21 29.35 92.71
CA THR KB 14 26.73 30.50 93.46
C THR KB 14 25.84 30.87 94.67
N ILE KB 15 24.85 30.06 94.99
CA ILE KB 15 24.24 30.08 96.32
C ILE KB 15 24.07 28.65 96.81
N PHE KB 16 24.26 28.47 98.12
CA PHE KB 16 24.29 27.17 98.74
C PHE KB 16 23.03 27.01 99.57
N GLN KB 17 22.02 26.36 98.99
CA GLN KB 17 20.75 26.16 99.69
C GLN KB 17 20.84 25.00 100.68
N ASN KB 18 21.37 25.28 101.88
CA ASN KB 18 21.59 24.20 102.87
C ASN KB 18 21.82 24.58 104.33
N LYS KB 19 22.78 25.47 104.60
CA LYS KB 19 23.18 25.78 105.99
C LYS KB 19 22.01 26.26 106.86
N LYS KB 20 21.55 25.39 107.77
CA LYS KB 20 20.40 25.68 108.62
C LYS KB 20 20.30 24.74 109.83
N ARG KB 21 20.36 25.32 111.03
CA ARG KB 21 19.96 24.62 112.26
C ARG KB 21 19.66 25.64 113.36
N VAL KB 22 18.51 26.30 113.23
CA VAL KB 22 18.00 27.27 114.20
C VAL KB 22 16.47 27.20 114.29
N LEU KB 23 15.91 27.87 115.29
CA LEU KB 23 14.45 27.90 115.53
C LEU KB 23 13.71 28.79 114.52
N LEU KB 24 12.39 28.86 114.66
CA LEU KB 24 11.50 29.65 113.78
C LEU KB 24 11.32 28.94 112.43
N GLY KB 25 10.87 27.69 112.50
CA GLY KB 25 10.56 26.88 111.32
C GLY KB 25 11.76 26.43 110.52
N GLU KB 26 11.49 25.65 109.48
CA GLU KB 26 12.50 25.24 108.51
C GLU KB 26 12.73 26.37 107.51
N THR KB 27 14.01 26.70 107.29
CA THR KB 27 14.47 27.86 106.48
C THR KB 27 13.85 29.22 106.88
N GLY KB 28 14.19 30.28 106.15
CA GLY KB 28 13.73 31.64 106.44
C GLY KB 28 12.35 31.95 105.88
N LYS KB 29 12.05 33.25 105.79
CA LYS KB 29 10.79 33.74 105.20
C LYS KB 29 10.87 33.72 103.68
N GLU KB 30 11.92 34.34 103.14
CA GLU KB 30 12.24 34.26 101.69
C GLU KB 30 12.72 32.86 101.26
N LYS KB 31 13.16 32.06 102.23
CA LYS KB 31 13.56 30.66 102.03
C LYS KB 31 14.87 30.54 101.24
N LEU KB 32 14.80 30.66 99.91
CA LEU KB 32 16.00 30.56 99.08
C LEU KB 32 16.62 31.93 98.89
N PRO KB 33 17.91 32.10 99.26
CA PRO KB 33 18.57 33.39 99.10
C PRO KB 33 18.95 33.64 97.64
N ARG KB 34 18.11 34.39 96.94
CA ARG KB 34 18.26 34.55 95.49
C ARG KB 34 19.47 35.38 95.12
N TYR KB 35 20.31 34.81 94.27
CA TYR KB 35 21.37 35.57 93.63
C TYR KB 35 20.82 36.29 92.42
N TYR KB 36 21.20 37.56 92.28
CA TYR KB 36 21.09 38.29 91.02
C TYR KB 36 22.24 39.26 90.96
N LYS KB 37 22.46 39.85 89.80
CA LYS KB 37 23.39 40.97 89.68
C LYS KB 37 22.64 42.12 89.06
N ASN KB 38 23.32 43.26 88.94
CA ASN KB 38 22.89 44.29 88.00
C ASN KB 38 23.85 44.34 86.81
N ILE KB 39 23.31 44.72 85.67
CA ILE KB 39 23.95 44.54 84.39
C ILE KB 39 24.69 45.80 83.96
N GLY KB 40 24.48 46.90 84.68
CA GLY KB 40 25.18 48.15 84.36
C GLY KB 40 24.59 48.89 83.17
N LEU KB 41 25.40 49.79 82.61
CA LEU KB 41 25.00 50.65 81.49
C LEU KB 41 23.72 51.45 81.77
N GLY KB 42 23.40 51.65 83.04
CA GLY KB 42 22.12 52.23 83.43
C GLY KB 42 20.96 51.43 82.90
N PHE KB 43 20.91 50.15 83.28
CA PHE KB 43 19.76 49.31 82.98
C PHE KB 43 19.27 48.81 84.32
N LYS KB 44 17.97 48.99 84.57
CA LYS KB 44 17.41 48.62 85.85
C LYS KB 44 17.16 47.12 85.84
N THR KB 45 17.86 46.39 86.69
CA THR KB 45 17.50 45.00 86.97
C THR KB 45 16.04 44.99 87.48
N PRO KB 46 15.18 44.21 86.82
CA PRO KB 46 13.75 44.26 87.13
C PRO KB 46 13.36 43.58 88.44
N LYS KB 47 12.11 43.81 88.86
CA LYS KB 47 11.59 43.27 90.11
C LYS KB 47 11.50 41.75 90.03
N GLU KB 48 10.92 41.27 88.94
CA GLU KB 48 10.69 39.84 88.74
C GLU KB 48 11.98 39.01 88.66
N ALA KB 49 13.11 39.66 88.38
CA ALA KB 49 14.40 39.00 88.51
C ALA KB 49 14.74 38.72 89.96
N ILE KB 50 14.73 39.77 90.78
CA ILE KB 50 15.18 39.70 92.16
C ILE KB 50 14.15 39.01 93.05
N GLU KB 51 12.88 39.40 92.89
CA GLU KB 51 11.79 38.83 93.67
C GLU KB 51 11.55 37.39 93.19
N GLY KB 52 11.44 37.24 91.88
CA GLY KB 52 10.96 36.02 91.24
C GLY KB 52 11.84 34.79 91.44
N THR KB 53 11.18 33.63 91.42
CA THR KB 53 11.79 32.37 91.82
C THR KB 53 12.39 31.53 90.71
N TYR KB 54 12.10 31.89 89.45
CA TYR KB 54 12.63 31.17 88.29
C TYR KB 54 14.14 31.09 88.31
N ILE KB 55 14.68 30.18 87.51
CA ILE KB 55 16.10 30.21 87.21
C ILE KB 55 16.30 30.13 85.71
N ASP KB 56 17.36 30.79 85.26
CA ASP KB 56 17.80 30.67 83.89
C ASP KB 56 19.22 31.16 83.81
N LYS KB 57 20.12 30.29 83.35
CA LYS KB 57 21.54 30.60 83.25
C LYS KB 57 21.85 31.73 82.27
N LYS KB 58 21.05 31.82 81.22
CA LYS KB 58 21.23 32.80 80.16
C LYS KB 58 20.59 34.14 80.47
N CYS KB 59 19.80 34.24 81.53
CA CYS KB 59 19.20 35.50 81.94
C CYS KB 59 20.31 36.43 82.43
N PRO KB 60 20.38 37.66 81.87
CA PRO KB 60 21.52 38.54 82.12
C PRO KB 60 21.59 39.05 83.55
N PHE KB 61 20.48 38.95 84.28
CA PHE KB 61 20.39 39.43 85.63
C PHE KB 61 20.76 38.33 86.60
N THR KB 62 20.16 37.17 86.41
CA THR KB 62 20.23 36.10 87.38
C THR KB 62 20.94 34.93 86.75
N GLY KB 63 22.05 35.21 86.08
CA GLY KB 63 22.77 34.15 85.38
C GLY KB 63 24.11 34.55 84.82
N ASN KB 64 24.92 33.54 84.50
CA ASN KB 64 26.25 33.75 83.97
C ASN KB 64 26.17 34.13 82.50
N VAL KB 65 26.32 35.44 82.26
CA VAL KB 65 26.15 36.06 80.95
C VAL KB 65 26.43 37.55 81.14
N SER KB 66 27.45 38.04 80.42
CA SER KB 66 27.91 39.41 80.56
C SER KB 66 27.55 40.22 79.32
N ILE KB 67 26.90 41.36 79.53
CA ILE KB 67 26.55 42.27 78.45
C ILE KB 67 27.73 43.17 78.18
N ARG KB 68 27.96 43.41 76.90
CA ARG KB 68 29.19 44.01 76.40
C ARG KB 68 29.07 44.24 74.91
N GLY KB 69 29.89 45.14 74.40
CA GLY KB 69 29.87 45.48 72.98
C GLY KB 69 28.64 46.29 72.62
N ARG KB 70 27.89 45.81 71.64
CA ARG KB 70 26.79 46.58 71.07
C ARG KB 70 25.52 46.45 71.89
N ILE KB 71 24.72 47.52 71.85
CA ILE KB 71 23.36 47.48 72.36
C ILE KB 71 22.48 48.00 71.23
N LEU KB 72 21.57 47.16 70.78
CA LEU KB 72 20.67 47.48 69.67
C LEU KB 72 19.23 47.46 70.13
N SER KB 73 18.38 48.10 69.33
CA SER KB 73 16.94 48.06 69.52
C SER KB 73 16.29 47.46 68.28
N GLY KB 74 15.18 46.77 68.49
CA GLY KB 74 14.43 46.12 67.42
C GLY KB 74 12.95 46.21 67.72
N VAL KB 75 12.21 45.20 67.29
CA VAL KB 75 10.81 45.08 67.67
C VAL KB 75 10.32 43.64 67.52
N VAL KB 76 9.67 43.15 68.57
CA VAL KB 76 9.41 41.74 68.74
C VAL KB 76 8.32 41.30 67.80
N THR KB 77 8.57 40.22 67.06
CA THR KB 77 7.62 39.69 66.08
C THR KB 77 7.21 38.21 66.22
N LYS KB 78 8.05 37.39 66.85
CA LYS KB 78 7.69 36.00 67.15
C LYS KB 78 8.10 35.66 68.56
N MET KB 79 7.25 34.92 69.27
CA MET KB 79 7.54 34.47 70.64
C MET KB 79 7.23 32.99 70.82
N LYS KB 80 7.66 32.17 69.86
CA LYS KB 80 7.38 30.74 69.87
C LYS KB 80 8.56 29.84 70.23
N MET KB 81 9.79 30.37 70.16
CA MET KB 81 10.93 29.70 70.78
C MET KB 81 10.82 29.89 72.28
N GLN KB 82 11.37 28.95 73.04
CA GLN KB 82 11.27 29.03 74.50
C GLN KB 82 12.47 29.69 75.17
N ARG KB 83 12.16 30.69 75.99
CA ARG KB 83 13.09 31.71 76.50
C ARG KB 83 13.82 32.51 75.40
N THR KB 84 13.14 32.73 74.27
CA THR KB 84 13.72 33.48 73.15
C THR KB 84 12.68 33.95 72.15
N ILE KB 85 13.05 34.98 71.41
CA ILE KB 85 12.16 35.69 70.51
C ILE KB 85 12.93 36.14 69.29
N VAL KB 86 12.18 36.40 68.22
CA VAL KB 86 12.74 37.01 67.01
C VAL KB 86 12.31 38.47 66.99
N ILE KB 87 13.29 39.36 66.81
CA ILE KB 87 13.03 40.78 66.78
C ILE KB 87 13.50 41.32 65.46
N ARG KB 88 12.70 42.20 64.86
CA ARG KB 88 12.91 42.64 63.49
C ARG KB 88 13.46 44.05 63.52
N ARG KB 89 14.75 44.19 63.26
CA ARG KB 89 15.39 45.51 63.23
C ARG KB 89 15.20 45.98 61.82
N ASP KB 90 14.80 47.23 61.65
CA ASP KB 90 14.56 47.83 60.32
C ASP KB 90 15.63 48.90 60.13
N TYR KB 91 15.84 49.30 58.89
CA TYR KB 91 16.81 50.36 58.60
C TYR KB 91 16.78 50.75 57.14
N LEU KB 92 17.20 51.98 56.84
CA LEU KB 92 17.18 52.48 55.48
C LEU KB 92 18.57 52.47 54.90
N HIS KB 93 18.78 51.58 53.94
CA HIS KB 93 20.07 51.42 53.27
C HIS KB 93 20.16 52.36 52.09
N TYR KB 94 21.29 53.05 51.99
CA TYR KB 94 21.50 54.07 50.97
C TYR KB 94 22.18 53.47 49.77
N ILE KB 95 21.67 53.78 48.60
CA ILE KB 95 22.40 53.61 47.36
C ILE KB 95 22.79 55.03 47.02
N ARG KB 96 23.95 55.22 46.41
CA ARG KB 96 24.42 56.58 46.10
C ARG KB 96 24.01 56.99 44.68
N LYS KB 97 24.11 56.06 43.74
CA LYS KB 97 23.83 56.35 42.32
C LYS KB 97 22.48 57.03 42.18
N TYR KB 98 21.49 56.40 42.78
CA TYR KB 98 20.15 56.93 42.90
C TYR KB 98 20.24 57.48 44.30
N ASN KB 99 20.08 58.78 44.50
CA ASN KB 99 20.36 59.36 45.81
C ASN KB 99 19.24 59.07 46.81
N ARG KB 100 18.92 57.79 46.96
CA ARG KB 100 17.68 57.32 47.55
C ARG KB 100 18.03 56.19 48.51
N PHE KB 101 17.02 55.62 49.15
CA PHE KB 101 17.23 54.55 50.11
C PHE KB 101 16.38 53.34 49.75
N GLU KB 102 16.62 52.22 50.43
CA GLU KB 102 15.71 51.09 50.41
C GLU KB 102 15.56 50.46 51.78
N LYS KB 103 14.32 50.11 52.14
CA LYS KB 103 14.06 49.44 53.40
C LYS KB 103 14.76 48.09 53.42
N ARG KB 104 15.26 47.72 54.59
CA ARG KB 104 15.95 46.45 54.77
C ARG KB 104 15.77 46.04 56.21
N HIS KB 105 15.47 44.77 56.41
CA HIS KB 105 15.12 44.28 57.73
C HIS KB 105 15.97 43.07 58.04
N LYS KB 106 16.67 43.12 59.15
CA LYS KB 106 17.39 41.97 59.66
C LYS KB 106 16.62 41.53 60.88
N ASN KB 107 16.21 40.26 60.90
CA ASN KB 107 15.46 39.76 62.04
C ASN KB 107 16.32 38.83 62.86
N MET KB 108 16.80 39.34 64.00
CA MET KB 108 17.72 38.62 64.86
C MET KB 108 16.96 37.80 65.90
N SER KB 109 17.49 36.60 66.16
CA SER KB 109 17.02 35.76 67.25
C SER KB 109 17.68 36.29 68.53
N VAL KB 110 16.92 36.30 69.62
CA VAL KB 110 17.27 37.08 70.80
C VAL KB 110 16.76 36.42 72.07
N HIS KB 111 17.61 36.27 73.06
CA HIS KB 111 17.23 35.57 74.28
C HIS KB 111 16.42 36.49 75.17
N LEU KB 112 15.29 35.98 75.64
CA LEU KB 112 14.32 36.77 76.38
C LEU KB 112 14.20 36.21 77.78
N SER KB 113 14.66 36.97 78.76
CA SER KB 113 14.65 36.49 80.14
C SER KB 113 13.23 36.39 80.68
N PRO KB 114 12.95 35.36 81.48
CA PRO KB 114 11.63 35.20 82.09
C PRO KB 114 11.30 36.17 83.23
N CYS KB 115 12.27 37.00 83.62
CA CYS KB 115 11.97 38.19 84.42
C CYS KB 115 10.98 39.13 83.71
N PHE KB 116 10.98 39.13 82.38
CA PHE KB 116 10.01 39.90 81.60
C PHE KB 116 8.75 39.10 81.30
N ARG KB 117 7.73 39.31 82.11
CA ARG KB 117 6.37 38.87 81.80
C ARG KB 117 5.70 40.01 81.03
N ASP KB 118 4.53 39.71 80.47
CA ASP KB 118 3.69 40.70 79.77
C ASP KB 118 4.41 41.41 78.61
N VAL KB 119 5.21 40.64 77.87
CA VAL KB 119 5.82 41.10 76.62
C VAL KB 119 4.92 40.58 75.52
N GLN KB 120 4.34 41.49 74.74
CA GLN KB 120 3.53 41.13 73.59
C GLN KB 120 4.42 41.19 72.36
N ILE KB 121 3.85 40.99 71.17
CA ILE KB 121 4.57 41.28 69.94
C ILE KB 121 4.32 42.74 69.57
N GLY KB 122 5.08 43.24 68.61
CA GLY KB 122 5.05 44.65 68.26
C GLY KB 122 5.50 45.50 69.43
N ASP KB 123 6.55 45.03 70.09
CA ASP KB 123 7.03 45.61 71.33
C ASP KB 123 8.45 46.08 71.09
N ILE KB 124 8.68 47.37 71.22
CA ILE KB 124 10.01 47.92 71.03
C ILE KB 124 10.88 47.42 72.17
N VAL KB 125 11.95 46.70 71.82
CA VAL KB 125 12.81 46.04 72.80
C VAL KB 125 14.25 46.45 72.60
N THR KB 126 14.99 46.48 73.69
CA THR KB 126 16.41 46.79 73.67
C THR KB 126 17.16 45.54 74.03
N VAL KB 127 18.18 45.24 73.21
CA VAL KB 127 18.98 44.04 73.37
C VAL KB 127 20.44 44.39 73.46
N GLY KB 128 21.11 43.81 74.45
CA GLY KB 128 22.54 43.93 74.58
C GLY KB 128 23.17 42.76 73.85
N GLU KB 129 24.27 43.04 73.17
CA GLU KB 129 25.13 41.98 72.63
C GLU KB 129 25.72 41.24 73.82
N CYS KB 130 25.90 39.95 73.64
CA CYS KB 130 26.47 39.12 74.66
C CYS KB 130 27.32 38.07 73.97
N ARG KB 131 27.89 37.16 74.76
CA ARG KB 131 28.57 35.98 74.21
C ARG KB 131 27.53 35.05 73.56
N PRO KB 132 27.95 34.32 72.54
CA PRO KB 132 26.99 33.52 71.79
C PRO KB 132 26.51 32.34 72.60
N LEU KB 133 25.21 32.29 72.83
CA LEU KB 133 24.62 31.32 73.75
C LEU KB 133 23.61 30.40 73.06
N SER KB 134 23.75 30.31 71.76
CA SER KB 134 22.98 29.41 70.89
C SER KB 134 23.63 29.50 69.52
N LYS KB 135 23.16 28.68 68.58
CA LYS KB 135 23.71 28.76 67.24
C LYS KB 135 23.51 30.17 66.69
N THR KB 136 22.29 30.66 66.76
CA THR KB 136 21.95 31.94 66.16
C THR KB 136 21.98 33.06 67.15
N VAL KB 137 21.65 32.80 68.42
CA VAL KB 137 21.39 33.87 69.36
C VAL KB 137 22.70 34.40 69.90
N ARG KB 138 22.85 35.71 69.90
CA ARG KB 138 23.88 36.38 70.69
C ARG KB 138 23.39 37.49 71.62
N PHE KB 139 22.09 37.80 71.59
CA PHE KB 139 21.59 39.03 72.18
C PHE KB 139 20.55 38.80 73.25
N ASN KB 140 20.83 39.27 74.45
CA ASN KB 140 19.88 39.18 75.56
C ASN KB 140 19.01 40.41 75.61
N VAL KB 141 17.76 40.21 75.99
CA VAL KB 141 16.84 41.31 76.14
C VAL KB 141 17.20 41.97 77.47
N LEU KB 142 17.18 43.31 77.46
CA LEU KB 142 17.59 44.12 78.61
C LEU KB 142 16.46 44.95 79.19
N LYS KB 143 15.68 45.60 78.33
CA LYS KB 143 14.50 46.32 78.73
C LYS KB 143 13.44 46.34 77.64
N VAL KB 144 12.19 46.45 78.06
CA VAL KB 144 11.04 46.40 77.16
C VAL KB 144 10.21 47.65 77.37
N THR KB 145 9.50 48.09 76.33
CA THR KB 145 8.74 49.34 76.37
C THR KB 145 7.25 49.23 76.02
N LYS KB 146 6.93 48.44 75.00
CA LYS KB 146 5.54 48.11 74.55
C LYS KB 146 4.55 49.25 74.20
N ALA KB 147 4.91 50.49 74.50
CA ALA KB 147 3.95 51.60 74.57
C ALA KB 147 3.51 52.15 73.21
N ALA KB 148 4.20 51.75 72.14
CA ALA KB 148 3.83 52.18 70.78
C ALA KB 148 2.46 51.63 70.39
N GLY KB 149 1.42 52.37 70.76
CA GLY KB 149 0.04 52.06 70.40
C GLY KB 149 -0.80 51.45 71.51
N THR KB 150 -0.89 50.13 71.51
CA THR KB 150 -1.93 49.42 72.26
C THR KB 150 -1.67 49.29 73.76
N LYS KB 151 -2.19 50.27 74.51
CA LYS KB 151 -2.43 50.16 75.96
C LYS KB 151 -1.15 50.09 76.83
N LYS KB 152 -1.33 50.24 78.13
CA LYS KB 152 -0.24 50.07 79.10
C LYS KB 152 -0.06 48.60 79.45
N GLY LB 1 85.14 98.45 -53.86
CA GLY LB 1 85.30 96.99 -53.59
C GLY LB 1 85.17 96.11 -54.83
N GLY LB 2 85.76 94.92 -54.77
CA GLY LB 2 85.71 93.96 -55.86
C GLY LB 2 86.66 94.32 -56.99
N VAL LB 3 87.90 93.82 -56.91
CA VAL LB 3 88.94 94.02 -57.92
C VAL LB 3 89.63 92.73 -58.40
N MET LB 4 88.96 91.59 -58.21
CA MET LB 4 89.43 90.26 -58.63
C MET LB 4 90.77 89.85 -57.99
N ASP LB 5 90.68 89.18 -56.84
CA ASP LB 5 91.85 88.67 -56.10
C ASP LB 5 92.26 87.30 -56.67
N VAL LB 6 92.71 86.36 -55.81
CA VAL LB 6 93.09 85.02 -56.26
C VAL LB 6 91.83 84.18 -56.52
N ASN LB 7 91.65 83.76 -57.77
CA ASN LB 7 90.49 82.99 -58.27
C ASN LB 7 89.12 83.15 -57.56
N THR LB 8 88.75 84.40 -57.27
CA THR LB 8 87.40 84.74 -56.81
C THR LB 8 86.51 85.30 -57.94
N ALA LB 9 87.14 85.69 -59.05
CA ALA LB 9 86.43 86.11 -60.26
C ALA LB 9 85.51 85.01 -60.79
N LEU LB 10 86.03 83.79 -60.82
CA LEU LB 10 85.25 82.60 -61.24
C LEU LB 10 84.06 82.36 -60.32
N GLN LB 11 84.27 82.53 -59.02
CA GLN LB 11 83.21 82.38 -58.01
C GLN LB 11 82.09 83.41 -58.23
N GLU LB 12 82.50 84.65 -58.50
CA GLU LB 12 81.57 85.74 -58.80
C GLU LB 12 80.72 85.47 -60.05
N VAL LB 13 81.37 84.93 -61.09
CA VAL LB 13 80.67 84.58 -62.34
C VAL LB 13 79.65 83.47 -62.12
N LEU LB 14 80.00 82.49 -61.28
CA LEU LB 14 79.07 81.40 -60.92
C LEU LB 14 77.87 81.90 -60.12
N LYS LB 15 78.11 82.86 -59.21
CA LYS LB 15 77.04 83.50 -58.44
C LYS LB 15 76.07 84.28 -59.32
N THR LB 16 76.60 84.99 -60.31
CA THR LB 16 75.78 85.74 -61.26
C THR LB 16 74.97 84.82 -62.18
N ALA LB 17 75.57 83.70 -62.58
CA ALA LB 17 74.88 82.67 -63.38
C ALA LB 17 73.76 81.98 -62.61
N LEU LB 18 73.98 81.79 -61.31
CA LEU LB 18 72.95 81.30 -60.38
C LEU LB 18 71.80 82.30 -60.29
N ILE LB 19 72.14 83.58 -60.12
CA ILE LB 19 71.15 84.67 -60.00
C ILE LB 19 70.33 84.86 -61.28
N HIS LB 20 70.98 84.65 -62.43
CA HIS LB 20 70.33 84.81 -63.74
C HIS LB 20 69.48 83.59 -64.15
N ASP LB 21 69.60 82.49 -63.39
CA ASP LB 21 68.85 81.24 -63.60
C ASP LB 21 69.32 80.58 -64.90
N GLY LB 22 70.63 80.40 -64.99
CA GLY LB 22 71.29 79.85 -66.17
C GLY LB 22 72.60 79.19 -65.79
N LEU LB 23 72.49 78.04 -65.15
CA LEU LB 23 73.64 77.22 -64.76
C LEU LB 23 73.34 75.78 -65.15
N ALA LB 24 74.25 75.15 -65.88
CA ALA LB 24 74.14 73.73 -66.24
C ALA LB 24 75.23 72.96 -65.51
N ARG LB 25 74.95 72.61 -64.26
CA ARG LB 25 75.96 72.01 -63.37
C ARG LB 25 75.74 70.50 -63.24
N GLY LB 26 76.82 69.77 -63.00
CA GLY LB 26 76.85 68.31 -63.11
C GLY LB 26 77.26 67.88 -64.51
N ILE LB 27 77.53 66.58 -64.67
CA ILE LB 27 78.12 66.04 -65.91
C ILE LB 27 77.20 66.11 -67.13
N ARG LB 28 76.00 65.53 -67.03
CA ARG LB 28 75.14 65.35 -68.21
C ARG LB 28 74.62 66.71 -68.71
N GLU LB 29 74.27 67.60 -67.78
CA GLU LB 29 73.88 68.97 -68.11
C GLU LB 29 75.02 69.77 -68.76
N ALA LB 30 76.25 69.55 -68.28
CA ALA LB 30 77.44 70.14 -68.88
C ALA LB 30 77.64 69.62 -70.31
N ALA LB 31 77.52 68.30 -70.46
CA ALA LB 31 77.62 67.64 -71.78
C ALA LB 31 76.53 68.11 -72.75
N LYS LB 32 75.32 68.31 -72.22
CA LYS LB 32 74.20 68.86 -73.01
C LYS LB 32 74.47 70.29 -73.46
N ALA LB 33 75.02 71.11 -72.57
CA ALA LB 33 75.40 72.49 -72.87
C ALA LB 33 76.50 72.56 -73.93
N LEU LB 34 77.51 71.69 -73.80
CA LEU LB 34 78.62 71.60 -74.78
C LEU LB 34 78.16 71.18 -76.19
N ASP LB 35 77.18 70.30 -76.27
CA ASP LB 35 76.61 69.87 -77.57
C ASP LB 35 75.88 71.02 -78.28
N LYS LB 36 75.06 71.76 -77.53
CA LYS LB 36 74.40 72.95 -78.05
C LYS LB 36 75.35 74.16 -78.00
N ARG LB 37 74.87 75.32 -78.42
CA ARG LB 37 75.62 76.58 -78.27
C ARG LB 37 75.41 77.24 -76.90
N GLN LB 38 74.65 76.59 -76.00
CA GLN LB 38 74.41 77.12 -74.65
C GLN LB 38 75.64 77.08 -73.75
N ALA LB 39 76.64 76.26 -74.09
CA ALA LB 39 77.94 76.30 -73.39
C ALA LB 39 78.60 77.67 -73.57
N HIS LB 40 79.33 78.11 -72.54
CA HIS LB 40 79.94 79.44 -72.50
C HIS LB 40 81.24 79.46 -71.68
N LEU LB 41 81.13 79.18 -70.39
CA LEU LB 41 82.25 79.25 -69.45
C LEU LB 41 82.17 78.06 -68.49
N CYS LB 42 83.31 77.39 -68.27
CA CYS LB 42 83.36 76.13 -67.54
C CYS LB 42 84.35 76.16 -66.38
N VAL LB 43 84.33 75.12 -65.56
CA VAL LB 43 85.33 74.90 -64.50
C VAL LB 43 85.31 73.44 -64.04
N LEU LB 44 86.44 72.75 -64.19
CA LEU LB 44 86.58 71.34 -63.80
C LEU LB 44 87.24 71.24 -62.43
N ALA LB 45 87.63 70.01 -62.04
CA ALA LB 45 88.39 69.78 -60.81
C ALA LB 45 89.60 68.88 -61.06
N SER LB 46 90.59 69.02 -60.19
CA SER LB 46 91.83 68.23 -60.25
C SER LB 46 91.64 66.83 -59.71
N ASN LB 47 91.05 66.73 -58.51
CA ASN LB 47 90.86 65.45 -57.83
C ASN LB 47 89.81 64.61 -58.57
N CYS LB 48 90.13 63.36 -58.87
CA CYS LB 48 89.30 62.54 -59.75
C CYS LB 48 89.54 61.03 -59.58
N ASP LB 49 88.51 60.34 -59.09
CA ASP LB 49 88.46 58.87 -59.13
C ASP LB 49 88.20 58.43 -60.57
N GLU LB 50 88.86 57.34 -60.99
CA GLU LB 50 88.84 56.82 -62.37
C GLU LB 50 88.91 57.90 -63.47
N PRO LB 51 90.12 58.27 -63.92
CA PRO LB 51 90.27 59.39 -64.87
C PRO LB 51 89.79 59.04 -66.29
N MET LB 52 88.46 59.07 -66.46
CA MET LB 52 87.79 58.83 -67.73
C MET LB 52 86.78 59.96 -67.99
N TYR LB 53 85.90 60.17 -67.01
CA TYR LB 53 85.00 61.34 -66.96
C TYR LB 53 85.72 62.65 -67.28
N VAL LB 54 86.80 62.94 -66.55
CA VAL LB 54 87.59 64.16 -66.79
C VAL LB 54 88.16 64.23 -68.21
N LYS LB 55 88.60 63.09 -68.75
CA LYS LB 55 89.08 63.00 -70.14
C LYS LB 55 87.97 63.31 -71.14
N LEU LB 56 86.78 62.78 -70.87
CA LEU LB 56 85.60 62.99 -71.73
C LEU LB 56 85.19 64.47 -71.76
N VAL LB 57 85.25 65.13 -70.61
CA VAL LB 57 84.91 66.55 -70.49
C VAL LB 57 85.93 67.42 -71.25
N GLU LB 58 87.21 67.09 -71.10
CA GLU LB 58 88.30 67.75 -71.85
C GLU LB 58 88.11 67.63 -73.37
N ALA LB 59 87.66 66.46 -73.82
CA ALA LB 59 87.36 66.23 -75.23
C ALA LB 59 86.20 67.10 -75.70
N LEU LB 60 85.11 67.11 -74.92
CA LEU LB 60 83.94 67.97 -75.19
C LEU LB 60 84.29 69.46 -75.23
N CYS LB 61 85.16 69.88 -74.31
CA CYS LB 61 85.68 71.25 -74.27
C CYS LB 61 86.51 71.61 -75.52
N ALA LB 62 87.26 70.64 -76.03
CA ALA LB 62 88.07 70.82 -77.25
C ALA LB 62 87.27 70.96 -78.56
N GLU LB 63 85.96 70.68 -78.50
CA GLU LB 63 85.04 70.95 -79.63
C GLU LB 63 84.95 72.45 -79.92
N HIS LB 64 84.39 72.78 -81.08
CA HIS LB 64 84.09 74.18 -81.48
C HIS LB 64 83.50 75.00 -80.33
N GLN LB 65 83.83 76.29 -80.33
CA GLN LB 65 83.66 77.21 -79.18
C GLN LB 65 84.70 76.86 -78.10
N ILE LB 66 85.64 77.79 -77.88
CA ILE LB 66 86.71 77.60 -76.89
C ILE LB 66 86.17 77.70 -75.46
N ASN LB 67 86.64 76.80 -74.60
CA ASN LB 67 86.12 76.66 -73.24
C ASN LB 67 87.04 75.79 -72.39
N LEU LB 68 87.48 76.28 -71.22
CA LEU LB 68 88.24 75.47 -70.24
C LEU LB 68 88.55 76.20 -68.93
N ILE LB 69 88.83 75.41 -67.90
CA ILE LB 69 89.52 75.83 -66.66
C ILE LB 69 89.92 74.54 -65.92
N LYS LB 70 91.07 74.56 -65.25
CA LYS LB 70 91.55 73.38 -64.52
C LYS LB 70 90.96 73.35 -63.10
N VAL LB 71 91.38 74.28 -62.24
CA VAL LB 71 90.92 74.43 -60.84
C VAL LB 71 91.25 73.23 -59.92
N ASP LB 72 91.55 73.52 -58.66
CA ASP LB 72 92.02 72.52 -57.69
C ASP LB 72 90.86 71.95 -56.85
N ASP LB 73 90.80 70.62 -56.77
CA ASP LB 73 89.86 69.86 -55.90
C ASP LB 73 88.36 70.03 -56.16
N ASN LB 74 87.59 69.07 -55.63
CA ASN LB 74 86.13 69.06 -55.73
C ASN LB 74 85.47 69.84 -54.59
N LYS LB 75 85.97 69.65 -53.37
CA LYS LB 75 85.29 70.09 -52.15
C LYS LB 75 85.11 71.61 -52.03
N LYS LB 76 86.10 72.36 -52.52
CA LYS LB 76 85.99 73.82 -52.60
C LYS LB 76 85.01 74.25 -53.69
N LEU LB 77 85.06 73.57 -54.84
CA LEU LB 77 84.28 73.93 -56.04
C LEU LB 77 82.78 74.07 -55.78
N GLY LB 78 82.23 73.18 -54.96
CA GLY LB 78 80.79 73.13 -54.69
C GLY LB 78 80.20 74.37 -54.05
N GLU LB 79 80.89 74.93 -53.06
CA GLU LB 79 80.34 76.03 -52.26
C GLU LB 79 80.22 77.37 -53.01
N TRP LB 80 80.98 77.54 -54.09
CA TRP LB 80 80.87 78.75 -54.93
C TRP LB 80 79.62 78.66 -55.80
N VAL LB 81 79.27 77.42 -56.18
CA VAL LB 81 78.04 77.12 -56.91
C VAL LB 81 76.90 77.03 -55.89
N GLY LB 82 75.66 77.24 -56.35
CA GLY LB 82 74.49 77.18 -55.47
C GLY LB 82 74.17 75.81 -54.90
N LEU LB 83 74.45 75.63 -53.61
CA LEU LB 83 74.05 74.41 -52.88
C LEU LB 83 73.99 74.64 -51.35
N CYS LB 84 73.29 75.70 -50.96
CA CYS LB 84 73.11 76.05 -49.54
C CYS LB 84 71.89 76.95 -49.34
N LYS LB 85 71.23 76.81 -48.18
CA LYS LB 85 70.02 77.57 -47.85
C LYS LB 85 70.19 78.51 -46.64
N ILE LB 86 71.43 78.94 -46.37
CA ILE LB 86 71.80 79.84 -45.26
C ILE LB 86 71.09 79.52 -43.92
N ASP LB 87 71.33 78.31 -43.42
CA ASP LB 87 70.91 77.90 -42.07
C ASP LB 87 72.15 77.96 -41.18
N ARG LB 88 72.02 78.60 -40.02
CA ARG LB 88 73.13 78.83 -39.07
C ARG LB 88 74.09 79.91 -39.59
N GLU LB 89 74.52 80.80 -38.70
CA GLU LB 89 75.20 82.06 -39.07
C GLU LB 89 76.57 81.86 -39.73
N GLY LB 90 77.43 81.06 -39.09
CA GLY LB 90 78.78 80.76 -39.60
C GLY LB 90 78.88 80.01 -40.92
N LYS LB 91 77.78 79.38 -41.36
CA LYS LB 91 77.67 78.70 -42.67
C LYS LB 91 78.59 77.48 -42.80
N PRO LB 92 78.23 76.34 -42.16
CA PRO LB 92 78.83 75.05 -42.44
C PRO LB 92 77.84 74.13 -43.18
N ARG LB 93 77.13 74.68 -44.17
CA ARG LB 93 76.02 73.99 -44.82
C ARG LB 93 76.50 72.97 -45.84
N LYS LB 94 76.24 71.69 -45.56
CA LYS LB 94 76.69 70.54 -46.35
C LYS LB 94 78.16 70.59 -46.80
N VAL LB 95 78.44 71.35 -47.85
CA VAL LB 95 79.77 71.46 -48.47
C VAL LB 95 80.24 70.09 -49.00
N VAL LB 96 79.86 69.79 -50.25
CA VAL LB 96 80.19 68.51 -50.89
C VAL LB 96 81.00 68.73 -52.17
N GLY LB 97 81.82 67.72 -52.51
CA GLY LB 97 82.65 67.75 -53.71
C GLY LB 97 81.89 67.81 -55.03
N CYS LB 98 81.84 69.01 -55.61
CA CYS LB 98 81.26 69.21 -56.94
C CYS LB 98 82.32 69.00 -58.00
N SER LB 99 81.94 68.34 -59.09
CA SER LB 99 82.88 67.99 -60.16
C SER LB 99 83.04 69.13 -61.17
N CYS LB 100 82.09 69.26 -62.10
CA CYS LB 100 82.19 70.17 -63.24
C CYS LB 100 80.90 70.96 -63.43
N VAL LB 101 81.02 72.17 -63.98
CA VAL LB 101 79.85 72.99 -64.34
C VAL LB 101 80.05 73.69 -65.68
N VAL LB 102 78.94 74.26 -66.19
CA VAL LB 102 78.95 75.06 -67.41
C VAL LB 102 77.96 76.21 -67.23
N VAL LB 103 78.49 77.43 -67.25
CA VAL LB 103 77.69 78.64 -67.06
C VAL LB 103 76.92 78.93 -68.36
N LYS LB 104 75.75 79.56 -68.23
CA LYS LB 104 74.95 79.98 -69.38
C LYS LB 104 74.56 81.45 -69.20
N ASP LB 105 74.90 82.27 -70.20
CA ASP LB 105 74.60 83.71 -70.21
C ASP LB 105 75.25 84.54 -69.07
N TYR LB 106 76.39 84.05 -68.55
CA TYR LB 106 77.12 84.65 -67.41
C TYR LB 106 76.29 85.32 -66.29
N GLY LB 107 75.65 86.44 -66.61
CA GLY LB 107 74.79 87.14 -65.65
C GLY LB 107 74.23 88.43 -66.21
N LYS LB 108 75.14 89.31 -66.64
CA LYS LB 108 74.78 90.60 -67.22
C LYS LB 108 75.97 91.17 -68.00
N GLU LB 109 76.95 91.75 -67.28
CA GLU LB 109 78.15 92.33 -67.91
C GLU LB 109 79.12 92.86 -66.84
N SER LB 110 80.37 93.11 -67.25
CA SER LB 110 81.40 93.74 -66.41
C SER LB 110 81.81 92.87 -65.20
N GLN LB 111 82.47 93.49 -64.22
CA GLN LB 111 82.89 92.84 -62.96
C GLN LB 111 83.94 91.74 -63.19
N ALA LB 112 83.51 90.48 -63.21
CA ALA LB 112 84.41 89.33 -63.41
C ALA LB 112 84.23 88.65 -64.77
N LYS LB 113 83.23 89.07 -65.55
CA LYS LB 113 82.88 88.43 -66.82
C LYS LB 113 83.83 88.88 -67.93
N ASP LB 114 84.16 90.17 -67.94
CA ASP LB 114 85.22 90.71 -68.82
C ASP LB 114 86.62 90.19 -68.47
N VAL LB 115 86.84 89.81 -67.22
CA VAL LB 115 88.16 89.41 -66.73
C VAL LB 115 88.57 88.01 -67.19
N ILE LB 116 87.86 86.99 -66.70
CA ILE LB 116 88.37 85.60 -66.77
C ILE LB 116 88.39 84.97 -68.16
N GLU LB 117 87.30 85.13 -68.92
CA GLU LB 117 87.20 84.54 -70.26
C GLU LB 117 88.14 85.24 -71.25
N GLU LB 118 88.29 86.56 -71.10
CA GLU LB 118 89.23 87.34 -71.93
C GLU LB 118 90.68 86.95 -71.67
N TYR LB 119 91.05 86.75 -70.39
CA TYR LB 119 92.43 86.34 -70.06
C TYR LB 119 92.70 84.92 -70.55
N PHE LB 120 91.71 84.03 -70.47
CA PHE LB 120 91.84 82.65 -70.97
C PHE LB 120 92.04 82.63 -72.50
N LYS LB 121 91.32 83.51 -73.20
CA LYS LB 121 91.44 83.65 -74.66
C LYS LB 121 92.84 84.11 -75.09
N CYS LB 122 93.44 85.02 -74.32
CA CYS LB 122 94.78 85.55 -74.59
C CYS LB 122 95.62 85.58 -73.31
N LYS LB 123 96.14 84.41 -72.94
CA LYS LB 123 96.98 84.27 -71.74
C LYS LB 123 98.40 84.82 -71.97
N LYS LB 124 98.56 86.12 -71.74
CA LYS LB 124 99.86 86.79 -71.86
C LYS LB 124 99.99 87.90 -70.81
N GLY MB 1 -11.08 61.90 44.32
CA GLY MB 1 -12.24 61.92 43.38
C GLY MB 1 -13.12 60.69 43.47
N ARG MB 2 -13.66 60.45 44.67
CA ARG MB 2 -14.47 59.28 45.01
C ARG MB 2 -13.74 57.96 44.92
N MET MB 3 -14.01 57.12 45.92
CA MET MB 3 -13.19 55.95 46.15
C MET MB 3 -13.47 54.93 45.06
N HIS MB 4 -14.73 54.51 44.96
CA HIS MB 4 -15.09 53.40 44.10
C HIS MB 4 -16.05 53.90 43.05
N ALA MB 5 -15.62 54.92 42.35
CA ALA MB 5 -16.41 55.57 41.31
C ALA MB 5 -15.50 56.46 40.48
N PRO MB 6 -16.01 56.94 39.34
CA PRO MB 6 -15.23 57.89 38.57
C PRO MB 6 -15.56 59.36 38.90
N GLY MB 7 -16.73 59.62 39.50
CA GLY MB 7 -17.22 60.98 39.69
C GLY MB 7 -16.33 61.83 40.59
N LYS MB 8 -16.33 63.14 40.35
CA LYS MB 8 -15.50 64.08 41.10
C LYS MB 8 -16.39 65.18 41.67
N GLY MB 9 -17.45 64.75 42.35
CA GLY MB 9 -18.51 65.64 42.78
C GLY MB 9 -18.16 66.45 44.00
N LEU MB 10 -17.79 67.70 43.79
CA LEU MB 10 -17.60 68.66 44.89
C LEU MB 10 -18.96 69.02 45.47
N SER MB 11 -19.29 68.49 46.64
CA SER MB 11 -20.59 68.77 47.27
C SER MB 11 -20.58 68.39 48.73
N GLN MB 12 -20.80 69.37 49.60
CA GLN MB 12 -20.73 69.13 51.03
C GLN MB 12 -21.24 70.28 51.84
N SER MB 13 -21.36 70.04 53.15
CA SER MB 13 -21.45 71.08 54.15
C SER MB 13 -20.24 72.02 54.08
N ALA MB 14 -20.50 73.32 54.21
CA ALA MB 14 -19.47 74.33 54.33
C ALA MB 14 -19.81 75.22 55.51
N LEU MB 15 -19.00 75.14 56.58
CA LEU MB 15 -19.31 75.85 57.83
C LEU MB 15 -19.08 77.34 57.71
N PRO MB 16 -19.64 78.12 58.65
CA PRO MB 16 -19.24 79.52 58.67
C PRO MB 16 -17.92 79.69 59.43
N TYR MB 17 -17.40 80.93 59.45
CA TYR MB 17 -16.28 81.24 60.32
C TYR MB 17 -16.78 81.17 61.75
N ARG MB 18 -17.72 82.06 62.11
CA ARG MB 18 -18.11 82.23 63.52
C ARG MB 18 -18.55 80.93 64.19
N ARG MB 19 -17.66 80.38 65.01
CA ARG MB 19 -17.95 79.17 65.79
C ARG MB 19 -18.92 79.45 66.92
N SER MB 20 -18.91 80.69 67.41
CA SER MB 20 -19.79 81.13 68.48
C SER MB 20 -21.24 80.74 68.27
N VAL MB 21 -21.90 80.30 69.33
CA VAL MB 21 -23.34 80.04 69.30
C VAL MB 21 -24.04 81.36 68.98
N PRO MB 22 -25.16 81.29 68.24
CA PRO MB 22 -25.65 82.45 67.49
C PRO MB 22 -26.09 83.65 68.34
N THR MB 23 -27.05 83.42 69.25
CA THR MB 23 -27.68 84.46 70.09
C THR MB 23 -29.03 83.91 70.50
N TRP MB 24 -29.86 83.65 69.50
CA TRP MB 24 -31.23 83.19 69.71
C TRP MB 24 -31.37 81.73 70.16
N LEU MB 25 -30.28 80.98 70.14
CA LEU MB 25 -30.30 79.60 70.61
C LEU MB 25 -30.36 79.62 72.13
N LYS MB 26 -31.47 79.14 72.68
CA LYS MB 26 -31.69 79.12 74.11
C LYS MB 26 -31.07 77.81 74.64
N LEU MB 27 -31.85 76.89 75.20
CA LEU MB 27 -31.41 75.51 75.48
C LEU MB 27 -30.34 75.38 76.57
N THR MB 28 -29.12 75.77 76.24
CA THR MB 28 -27.90 75.51 77.03
C THR MB 28 -27.41 74.08 76.82
N SER MB 29 -26.11 73.90 77.05
CA SER MB 29 -25.42 72.65 76.76
C SER MB 29 -26.10 71.43 77.38
N ASP MB 30 -26.52 71.57 78.64
CA ASP MB 30 -27.12 70.46 79.38
C ASP MB 30 -28.48 70.04 78.83
N ASP MB 31 -29.24 70.99 78.29
CA ASP MB 31 -30.51 70.66 77.63
C ASP MB 31 -30.27 69.95 76.29
N VAL MB 32 -29.30 70.44 75.54
CA VAL MB 32 -28.94 69.80 74.26
C VAL MB 32 -28.52 68.36 74.48
N LYS MB 33 -27.66 68.11 75.47
CA LYS MB 33 -27.24 66.75 75.81
C LYS MB 33 -28.41 65.87 76.22
N GLU MB 34 -29.32 66.41 77.03
CA GLU MB 34 -30.58 65.72 77.36
C GLU MB 34 -31.44 65.42 76.13
N GLN MB 35 -31.46 66.35 75.18
CA GLN MB 35 -32.14 66.14 73.90
C GLN MB 35 -31.49 65.02 73.09
N ILE MB 36 -30.15 65.02 73.08
CA ILE MB 36 -29.36 64.01 72.41
C ILE MB 36 -29.54 62.61 73.03
N TYR MB 37 -29.50 62.52 74.37
CA TYR MB 37 -29.70 61.23 75.03
C TYR MB 37 -31.10 60.68 74.73
N LYS MB 38 -32.09 61.57 74.73
CA LYS MB 38 -33.47 61.22 74.40
C LYS MB 38 -33.59 60.65 72.98
N LEU MB 39 -32.89 61.28 72.04
CA LEU MB 39 -32.84 60.80 70.66
C LEU MB 39 -32.12 59.46 70.54
N ALA MB 40 -30.99 59.35 71.23
CA ALA MB 40 -30.20 58.13 71.23
C ALA MB 40 -30.96 56.95 71.84
N LYS MB 41 -31.67 57.21 72.94
CA LYS MB 41 -32.58 56.25 73.54
C LYS MB 41 -33.56 55.82 72.46
N LYS MB 42 -34.34 56.77 71.94
CA LYS MB 42 -35.35 56.54 70.88
C LYS MB 42 -34.88 55.68 69.70
N GLY MB 43 -33.57 55.72 69.43
CA GLY MB 43 -32.90 54.73 68.57
C GLY MB 43 -32.41 55.31 67.26
N LEU MB 44 -31.54 56.32 67.36
CA LEU MB 44 -31.01 57.01 66.19
C LEU MB 44 -29.51 56.90 66.15
N THR MB 45 -28.94 57.15 64.98
CA THR MB 45 -27.48 57.25 64.84
C THR MB 45 -27.08 58.68 65.16
N PRO MB 46 -25.78 58.89 65.41
CA PRO MB 46 -25.26 60.24 65.58
C PRO MB 46 -25.58 61.18 64.42
N SER MB 47 -25.54 60.65 63.21
CA SER MB 47 -25.93 61.39 62.01
C SER MB 47 -27.37 61.92 62.04
N GLN MB 48 -28.28 61.07 62.48
CA GLN MB 48 -29.70 61.42 62.54
C GLN MB 48 -29.96 62.38 63.71
N ILE MB 49 -29.23 62.18 64.81
CA ILE MB 49 -29.33 63.06 65.97
C ILE MB 49 -28.96 64.46 65.57
N GLY MB 50 -27.75 64.62 65.05
CA GLY MB 50 -27.25 65.92 64.57
C GLY MB 50 -28.20 66.64 63.63
N VAL MB 51 -28.79 65.91 62.70
CA VAL MB 51 -29.79 66.45 61.77
C VAL MB 51 -31.08 66.87 62.51
N ILE MB 52 -31.63 65.97 63.31
CA ILE MB 52 -32.87 66.24 64.04
C ILE MB 52 -32.73 67.55 64.80
N LEU MB 53 -31.61 67.69 65.48
CA LEU MB 53 -31.31 68.89 66.24
C LEU MB 53 -31.26 70.16 65.37
N ARG MB 54 -30.63 70.09 64.20
CA ARG MB 54 -30.46 71.29 63.35
C ARG MB 54 -31.72 71.73 62.58
N ASP MB 55 -32.71 70.85 62.44
CA ASP MB 55 -33.88 71.14 61.61
C ASP MB 55 -35.09 71.62 62.40
N SER MB 56 -35.29 71.06 63.58
CA SER MB 56 -36.35 71.48 64.47
C SER MB 56 -35.80 72.43 65.55
N HIS MB 57 -34.81 71.97 66.30
CA HIS MB 57 -34.38 72.65 67.53
C HIS MB 57 -33.44 73.83 67.31
N GLY MB 58 -32.89 73.96 66.10
CA GLY MB 58 -32.13 75.15 65.72
C GLY MB 58 -30.64 75.10 65.99
N VAL MB 59 -30.23 74.35 67.01
CA VAL MB 59 -28.82 74.09 67.26
C VAL MB 59 -28.13 73.57 66.00
N ALA MB 60 -27.37 74.46 65.36
CA ALA MB 60 -26.72 74.20 64.08
C ALA MB 60 -25.69 73.08 64.19
N GLN MB 61 -24.71 73.30 65.06
CA GLN MB 61 -23.65 72.33 65.30
C GLN MB 61 -23.44 72.10 66.78
N VAL MB 62 -23.72 70.88 67.21
CA VAL MB 62 -23.71 70.49 68.61
C VAL MB 62 -22.35 70.72 69.24
N ARG MB 63 -21.30 70.47 68.45
CA ARG MB 63 -19.90 70.63 68.90
C ARG MB 63 -19.55 72.07 69.31
N PHE MB 64 -20.32 73.05 68.84
CA PHE MB 64 -20.23 74.42 69.32
C PHE MB 64 -20.95 74.63 70.64
N VAL MB 65 -22.19 74.15 70.70
CA VAL MB 65 -23.08 74.43 71.84
C VAL MB 65 -22.62 73.65 73.04
N THR MB 66 -22.43 72.36 72.83
CA THR MB 66 -21.83 71.49 73.82
C THR MB 66 -20.34 71.43 73.51
N GLY MB 67 -19.53 71.09 74.50
CA GLY MB 67 -18.08 70.99 74.31
C GLY MB 67 -17.70 69.86 73.37
N ASN MB 68 -18.18 68.67 73.70
CA ASN MB 68 -17.92 67.48 72.89
C ASN MB 68 -18.83 67.43 71.68
N LYS MB 69 -18.54 66.48 70.80
CA LYS MB 69 -19.35 66.20 69.63
C LYS MB 69 -20.27 65.00 69.90
N ILE MB 70 -21.19 64.73 68.99
CA ILE MB 70 -22.35 63.88 69.29
C ILE MB 70 -22.02 62.45 69.71
N LEU MB 71 -21.19 61.78 68.93
CA LEU MB 71 -20.81 60.41 69.27
C LEU MB 71 -20.10 60.38 70.61
N ARG MB 72 -19.15 61.28 70.78
CA ARG MB 72 -18.37 61.39 72.03
C ARG MB 72 -19.25 61.57 73.26
N ILE MB 73 -20.34 62.33 73.10
CA ILE MB 73 -21.35 62.50 74.16
C ILE MB 73 -22.03 61.17 74.48
N LEU MB 74 -22.44 60.47 73.44
CA LEU MB 74 -23.04 59.15 73.60
C LEU MB 74 -22.08 58.14 74.22
N LYS MB 75 -20.82 58.19 73.82
CA LYS MB 75 -19.80 57.30 74.34
C LYS MB 75 -19.61 57.50 75.85
N SER MB 76 -19.56 58.76 76.28
CA SER MB 76 -19.39 59.08 77.70
C SER MB 76 -20.50 58.54 78.60
N LYS MB 77 -21.75 58.63 78.12
CA LYS MB 77 -22.90 58.07 78.84
C LYS MB 77 -23.26 56.62 78.45
N GLY MB 78 -22.58 56.08 77.45
CA GLY MB 78 -22.69 54.66 77.07
C GLY MB 78 -23.75 54.31 76.03
N LEU MB 79 -24.33 55.34 75.41
CA LEU MB 79 -25.39 55.18 74.42
C LEU MB 79 -24.85 54.87 73.02
N ALA MB 80 -23.53 54.97 72.84
CA ALA MB 80 -22.89 54.63 71.57
C ALA MB 80 -22.94 53.14 71.36
N PRO MB 81 -23.12 52.69 70.10
CA PRO MB 81 -23.30 51.28 69.78
C PRO MB 81 -22.00 50.48 69.77
N ASP MB 82 -22.14 49.16 69.62
CA ASP MB 82 -21.00 48.24 69.62
C ASP MB 82 -19.97 48.59 68.55
N LEU MB 83 -20.42 48.93 67.35
CA LEU MB 83 -19.54 49.24 66.22
C LEU MB 83 -19.92 50.53 65.53
N PRO MB 84 -18.96 51.18 64.86
CA PRO MB 84 -19.15 52.43 64.13
C PRO MB 84 -20.36 52.42 63.22
N GLU MB 85 -21.27 53.36 63.46
CA GLU MB 85 -22.48 53.52 62.64
C GLU MB 85 -22.22 53.50 61.13
N ASP MB 86 -21.10 54.06 60.72
CA ASP MB 86 -20.78 54.13 59.31
C ASP MB 86 -20.47 52.74 58.72
N LEU MB 87 -19.79 51.91 59.51
CA LEU MB 87 -19.46 50.54 59.12
C LEU MB 87 -20.72 49.67 59.08
N TYR MB 88 -21.53 49.78 60.14
CA TYR MB 88 -22.83 49.11 60.22
C TYR MB 88 -23.65 49.33 58.94
N HIS MB 89 -23.73 50.58 58.51
CA HIS MB 89 -24.47 50.95 57.28
C HIS MB 89 -23.86 50.41 56.00
N LEU MB 90 -22.56 50.22 56.00
CA LEU MB 90 -21.87 49.57 54.88
C LEU MB 90 -22.19 48.09 54.85
N ILE MB 91 -22.07 47.45 56.01
CA ILE MB 91 -22.36 46.02 56.15
C ILE MB 91 -23.81 45.73 55.76
N LYS MB 92 -24.72 46.50 56.33
CA LYS MB 92 -26.15 46.42 56.03
C LYS MB 92 -26.41 46.38 54.53
N LYS MB 93 -25.71 47.23 53.80
CA LYS MB 93 -25.82 47.29 52.36
C LYS MB 93 -25.33 46.00 51.74
N ALA MB 94 -24.14 45.57 52.16
CA ALA MB 94 -23.59 44.31 51.67
C ALA MB 94 -24.60 43.16 51.80
N VAL MB 95 -25.23 43.08 52.97
CA VAL MB 95 -26.17 42.01 53.28
C VAL MB 95 -27.35 42.09 52.36
N ALA MB 96 -27.84 43.30 52.15
CA ALA MB 96 -28.96 43.50 51.25
C ALA MB 96 -28.63 43.15 49.80
N VAL MB 97 -27.41 43.44 49.36
CA VAL MB 97 -26.99 43.08 48.01
C VAL MB 97 -26.87 41.58 47.89
N ARG MB 98 -26.25 40.97 48.89
CA ARG MB 98 -25.97 39.55 48.90
C ARG MB 98 -27.26 38.73 48.96
N LYS MB 99 -28.26 39.22 49.69
CA LYS MB 99 -29.59 38.60 49.72
C LYS MB 99 -30.24 38.58 48.34
N HIS MB 100 -30.20 39.72 47.67
CA HIS MB 100 -30.78 39.84 46.34
C HIS MB 100 -29.98 39.06 45.29
N LEU MB 101 -28.68 38.92 45.52
CA LEU MB 101 -27.84 38.11 44.64
C LEU MB 101 -28.12 36.62 44.80
N GLU MB 102 -28.44 36.20 46.02
CA GLU MB 102 -28.77 34.81 46.31
C GLU MB 102 -30.01 34.35 45.52
N ARG MB 103 -31.03 35.20 45.41
CA ARG MB 103 -32.17 34.92 44.52
C ARG MB 103 -31.72 35.05 43.06
N ASN MB 104 -31.15 36.21 42.72
CA ASN MB 104 -30.85 36.57 41.32
C ASN MB 104 -29.38 36.32 41.00
N ARG MB 105 -29.09 35.17 40.39
CA ARG MB 105 -27.69 34.76 40.21
C ARG MB 105 -26.95 35.49 39.06
N LYS MB 106 -27.68 35.82 38.00
CA LYS MB 106 -27.08 36.46 36.82
C LYS MB 106 -26.63 37.90 37.02
N ASP MB 107 -27.16 38.57 38.05
CA ASP MB 107 -27.02 40.01 38.25
C ASP MB 107 -25.54 40.41 38.45
N LYS MB 108 -24.83 40.58 37.34
CA LYS MB 108 -23.39 40.80 37.38
C LYS MB 108 -23.05 42.15 37.97
N ASP MB 109 -23.76 43.18 37.53
CA ASP MB 109 -23.53 44.54 38.02
C ASP MB 109 -23.71 44.62 39.53
N ALA MB 110 -24.69 43.87 40.04
CA ALA MB 110 -24.91 43.76 41.47
C ALA MB 110 -23.76 43.04 42.19
N LYS MB 111 -23.29 41.93 41.62
CA LYS MB 111 -22.13 41.22 42.17
C LYS MB 111 -20.88 42.09 42.26
N PHE MB 112 -20.59 42.82 41.19
CA PHE MB 112 -19.51 43.82 41.16
C PHE MB 112 -19.62 44.79 42.32
N ARG MB 113 -20.80 45.39 42.48
CA ARG MB 113 -21.04 46.36 43.54
C ARG MB 113 -20.81 45.76 44.90
N LEU MB 114 -21.34 44.56 45.11
CA LEU MB 114 -21.09 43.85 46.35
C LEU MB 114 -19.61 43.83 46.69
N ILE MB 115 -18.80 43.49 45.69
CA ILE MB 115 -17.34 43.42 45.86
C ILE MB 115 -16.75 44.73 46.31
N LEU MB 116 -17.23 45.83 45.74
CA LEU MB 116 -16.77 47.16 46.14
C LEU MB 116 -17.17 47.51 47.58
N ILE MB 117 -18.40 47.19 47.92
CA ILE MB 117 -18.91 47.44 49.26
C ILE MB 117 -18.08 46.66 50.26
N GLU MB 118 -18.00 45.34 50.04
CA GLU MB 118 -17.19 44.44 50.87
C GLU MB 118 -15.78 45.00 51.05
N SER MB 119 -15.22 45.57 49.98
CA SER MB 119 -13.87 46.18 49.99
C SER MB 119 -13.77 47.45 50.83
N ARG MB 120 -14.77 48.32 50.77
CA ARG MB 120 -14.88 49.45 51.70
C ARG MB 120 -14.95 48.96 53.14
N ILE MB 121 -15.81 47.97 53.37
CA ILE MB 121 -15.96 47.38 54.68
C ILE MB 121 -14.61 47.00 55.23
N HIS MB 122 -13.87 46.22 54.46
CA HIS MB 122 -12.57 45.71 54.90
C HIS MB 122 -11.54 46.81 55.16
N ARG MB 123 -11.56 47.88 54.37
CA ARG MB 123 -10.71 49.04 54.67
C ARG MB 123 -11.11 49.67 55.99
N LEU MB 124 -12.39 49.99 56.13
CA LEU MB 124 -12.88 50.58 57.37
C LEU MB 124 -12.46 49.74 58.55
N ALA MB 125 -12.62 48.43 58.41
CA ALA MB 125 -12.31 47.52 59.49
C ALA MB 125 -10.89 47.71 59.98
N ARG MB 126 -9.92 47.61 59.09
CA ARG MB 126 -8.53 47.78 59.49
C ARG MB 126 -8.21 49.18 60.00
N TYR MB 127 -9.01 50.18 59.61
CA TYR MB 127 -8.96 51.49 60.26
C TYR MB 127 -9.39 51.39 61.72
N TYR MB 128 -10.56 50.81 61.95
CA TYR MB 128 -11.11 50.77 63.29
C TYR MB 128 -10.31 49.84 64.18
N LYS MB 129 -9.63 48.87 63.59
CA LYS MB 129 -8.73 47.98 64.35
C LYS MB 129 -7.47 48.71 64.77
N THR MB 130 -6.94 49.60 63.92
CA THR MB 130 -5.75 50.40 64.28
C THR MB 130 -6.04 51.43 65.35
N LYS MB 131 -7.25 51.98 65.34
CA LYS MB 131 -7.64 52.95 66.36
C LYS MB 131 -8.16 52.32 67.66
N ARG MB 132 -8.14 50.99 67.75
CA ARG MB 132 -8.53 50.26 68.96
C ARG MB 132 -9.98 50.55 69.36
N VAL MB 133 -10.89 50.48 68.40
CA VAL MB 133 -12.33 50.55 68.69
C VAL MB 133 -12.98 49.20 68.45
N LEU MB 134 -12.65 48.57 67.33
CA LEU MB 134 -13.03 47.18 67.10
C LEU MB 134 -11.97 46.34 67.80
N PRO MB 135 -12.31 45.11 68.22
CA PRO MB 135 -11.28 44.26 68.80
C PRO MB 135 -10.33 43.69 67.74
N PRO MB 136 -9.05 43.50 68.09
CA PRO MB 136 -8.02 43.08 67.15
C PRO MB 136 -8.18 41.60 66.82
N ASN MB 137 -9.19 41.33 66.01
CA ASN MB 137 -9.86 40.03 65.97
C ASN MB 137 -11.04 40.11 65.05
N TRP MB 138 -11.87 41.14 65.29
CA TRP MB 138 -13.12 41.39 64.57
C TRP MB 138 -12.98 41.19 63.07
N LYS MB 139 -14.02 40.61 62.50
CA LYS MB 139 -14.01 40.12 61.14
C LYS MB 139 -15.40 40.23 60.53
N TYR MB 140 -15.45 40.64 59.26
CA TYR MB 140 -16.69 40.62 58.51
C TYR MB 140 -16.81 39.25 57.87
N GLU MB 141 -17.37 38.32 58.63
CA GLU MB 141 -17.43 36.91 58.24
C GLU MB 141 -18.46 36.66 57.13
N SER MB 142 -19.43 37.56 56.98
CA SER MB 142 -20.44 37.54 55.90
C SER MB 142 -21.54 36.49 56.15
N SER MB 143 -21.12 35.26 56.40
CA SER MB 143 -21.97 34.23 56.99
C SER MB 143 -22.69 34.73 58.24
N THR MB 144 -21.94 35.43 59.09
CA THR MB 144 -22.47 35.92 60.37
C THR MB 144 -23.19 37.25 60.25
N ALA MB 145 -22.67 38.12 59.39
CA ALA MB 145 -23.06 39.54 59.35
C ALA MB 145 -24.55 39.84 59.30
N SER MB 146 -25.32 38.96 58.67
CA SER MB 146 -26.76 39.12 58.60
C SER MB 146 -27.42 39.22 59.99
N ALA MB 147 -26.78 38.63 60.99
CA ALA MB 147 -27.20 38.74 62.39
C ALA MB 147 -27.14 40.15 63.00
N LEU MB 148 -26.39 41.07 62.40
CA LEU MB 148 -26.17 42.43 62.95
C LEU MB 148 -27.07 43.50 62.33
N VAL MB 149 -28.38 43.20 62.30
CA VAL MB 149 -29.40 44.20 61.93
C VAL MB 149 -30.64 44.01 62.82
N ALA MB 150 -31.18 42.81 62.78
CA ALA MB 150 -32.30 42.41 63.58
C ALA MB 150 -31.94 40.96 63.74
N SER NB 1 -75.40 43.25 -16.90
CA SER NB 1 -75.41 43.26 -15.40
C SER NB 1 -74.00 43.31 -14.83
N LEU NB 2 -73.44 44.53 -14.76
CA LEU NB 2 -72.04 44.75 -14.41
C LEU NB 2 -71.92 45.99 -13.51
N GLY NB 3 -72.50 45.90 -12.32
CA GLY NB 3 -72.67 47.07 -11.45
C GLY NB 3 -73.70 48.01 -12.06
N PRO NB 4 -74.95 47.53 -12.22
CA PRO NB 4 -75.96 48.24 -13.01
C PRO NB 4 -76.61 49.45 -12.33
N GLN NB 5 -76.75 49.40 -11.00
CA GLN NB 5 -77.44 50.46 -10.25
C GLN NB 5 -76.60 51.74 -10.24
N VAL NB 6 -76.73 52.52 -11.31
CA VAL NB 6 -76.01 53.78 -11.48
C VAL NB 6 -76.70 54.64 -12.54
N ALA NB 7 -76.76 55.95 -12.30
CA ALA NB 7 -77.41 56.91 -13.21
C ALA NB 7 -76.40 57.77 -13.96
N GLU NB 8 -75.34 57.11 -14.46
CA GLU NB 8 -74.22 57.78 -15.14
C GLU NB 8 -73.66 58.94 -14.32
N GLY NB 9 -73.42 58.68 -13.05
CA GLY NB 9 -72.99 59.71 -12.08
C GLY NB 9 -72.16 59.16 -10.95
N GLU NB 10 -72.73 58.23 -10.18
CA GLU NB 10 -71.99 57.56 -9.09
C GLU NB 10 -70.85 56.72 -9.66
N ASN NB 11 -69.75 56.68 -8.93
CA ASN NB 11 -68.55 55.96 -9.36
C ASN NB 11 -68.50 54.58 -8.72
N VAL NB 12 -68.53 53.55 -9.56
CA VAL NB 12 -68.27 52.19 -9.10
C VAL NB 12 -66.77 52.03 -8.90
N PHE NB 13 -66.33 52.03 -7.65
CA PHE NB 13 -64.91 52.00 -7.32
C PHE NB 13 -64.29 50.60 -7.42
N GLY NB 14 -62.98 50.61 -7.59
CA GLY NB 14 -62.13 49.46 -7.32
C GLY NB 14 -60.98 49.91 -6.46
N VAL NB 15 -59.89 49.15 -6.51
CA VAL NB 15 -58.63 49.59 -5.94
C VAL NB 15 -57.49 48.86 -6.64
N CYS NB 16 -56.56 49.63 -7.18
CA CYS NB 16 -55.60 49.14 -8.17
C CYS NB 16 -54.27 48.65 -7.61
N HIS NB 17 -54.03 48.92 -6.33
CA HIS NB 17 -52.81 48.49 -5.64
C HIS NB 17 -51.52 49.07 -6.25
N ILE NB 18 -50.99 48.45 -7.30
CA ILE NB 18 -49.71 48.85 -7.90
C ILE NB 18 -48.56 48.50 -6.96
N PHE NB 19 -48.17 47.24 -7.00
CA PHE NB 19 -46.89 46.79 -6.48
C PHE NB 19 -45.91 47.24 -7.53
N ALA NB 20 -45.09 48.23 -7.17
CA ALA NB 20 -44.05 48.73 -8.04
C ALA NB 20 -42.71 48.57 -7.35
N SER NB 21 -42.01 47.50 -7.69
CA SER NB 21 -40.64 47.28 -7.24
C SER NB 21 -39.73 47.45 -8.42
N PHE NB 22 -38.44 47.25 -8.17
CA PHE NB 22 -37.48 47.00 -9.23
C PHE NB 22 -37.73 45.55 -9.55
N ASN NB 23 -37.61 45.18 -10.82
CA ASN NB 23 -38.14 43.91 -11.34
C ASN NB 23 -39.66 43.91 -11.22
N ASP NB 24 -40.33 44.10 -12.37
CA ASP NB 24 -41.78 44.14 -12.48
C ASP NB 24 -42.54 45.27 -11.77
N THR NB 25 -43.64 45.66 -12.41
CA THR NB 25 -44.66 46.46 -11.79
C THR NB 25 -45.99 45.79 -12.07
N PHE NB 26 -46.76 45.58 -11.01
CA PHE NB 26 -48.07 44.93 -11.08
C PHE NB 26 -49.06 46.06 -11.16
N VAL NB 27 -50.29 45.75 -11.57
CA VAL NB 27 -51.40 46.68 -11.36
C VAL NB 27 -52.64 45.83 -11.02
N HIS NB 28 -52.64 45.25 -9.83
CA HIS NB 28 -53.67 44.31 -9.45
C HIS NB 28 -54.92 45.06 -9.04
N VAL NB 29 -55.86 45.24 -9.95
CA VAL NB 29 -57.13 45.91 -9.62
C VAL NB 29 -58.04 44.92 -8.90
N THR NB 30 -58.74 45.40 -7.87
CA THR NB 30 -59.64 44.55 -7.06
C THR NB 30 -60.88 45.31 -6.61
N ASP NB 31 -61.74 44.63 -5.86
CA ASP NB 31 -62.95 45.24 -5.25
C ASP NB 31 -62.56 46.09 -4.06
N LEU NB 32 -63.53 46.82 -3.51
CA LEU NB 32 -63.34 47.51 -2.22
C LEU NB 32 -62.81 46.52 -1.19
N SER NB 33 -63.40 45.32 -1.19
CA SER NB 33 -63.00 44.26 -0.29
C SER NB 33 -61.52 43.87 -0.44
N GLY NB 34 -61.13 43.55 -1.68
CA GLY NB 34 -59.85 42.89 -1.97
C GLY NB 34 -60.01 41.38 -2.14
N LYS NB 35 -61.09 40.82 -1.60
CA LYS NB 35 -61.33 39.37 -1.62
C LYS NB 35 -61.66 38.87 -3.02
N GLU NB 36 -62.23 39.72 -3.87
CA GLU NB 36 -62.34 39.43 -5.31
C GLU NB 36 -61.55 40.43 -6.12
N THR NB 37 -61.16 40.02 -7.32
CA THR NB 37 -60.12 40.71 -8.11
C THR NB 37 -60.43 40.78 -9.60
N ILE NB 38 -60.07 41.92 -10.18
CA ILE NB 38 -60.42 42.30 -11.53
C ILE NB 38 -59.16 42.77 -12.23
N CYS NB 39 -58.52 41.90 -13.00
CA CYS NB 39 -57.34 42.23 -13.83
C CYS NB 39 -56.06 42.43 -13.01
N ARG NB 40 -55.01 41.70 -13.35
CA ARG NB 40 -53.71 41.83 -12.68
C ARG NB 40 -52.66 42.46 -13.58
N VAL NB 41 -52.38 41.79 -14.69
CA VAL NB 41 -51.37 42.18 -15.65
C VAL NB 41 -50.14 42.90 -15.09
N THR NB 42 -49.08 42.13 -14.91
CA THR NB 42 -47.77 42.65 -14.52
C THR NB 42 -47.05 43.19 -15.72
N GLY NB 43 -45.94 43.88 -15.44
CA GLY NB 43 -45.03 44.34 -16.47
C GLY NB 43 -44.49 43.23 -17.33
N GLY NB 44 -44.16 42.11 -16.70
CA GLY NB 44 -43.57 40.98 -17.39
C GLY NB 44 -44.44 40.36 -18.47
N MET NB 45 -45.77 40.53 -18.37
CA MET NB 45 -46.67 40.06 -19.41
C MET NB 45 -46.61 40.95 -20.65
N LYS NB 46 -46.52 42.26 -20.45
CA LYS NB 46 -46.53 43.21 -21.55
C LYS NB 46 -45.21 43.31 -22.32
N VAL NB 47 -44.10 42.84 -21.75
CA VAL NB 47 -42.79 42.94 -22.39
C VAL NB 47 -42.00 41.65 -22.21
N LYS NB 48 -41.40 41.15 -23.30
CA LYS NB 48 -40.64 39.90 -23.28
C LYS NB 48 -39.15 40.17 -23.45
N ALA NB 49 -38.53 40.58 -22.33
CA ALA NB 49 -37.08 40.80 -22.22
C ALA NB 49 -36.68 41.13 -20.77
N ASP NB 50 -36.77 40.11 -19.91
CA ASP NB 50 -36.49 40.17 -18.45
C ASP NB 50 -35.89 41.45 -17.83
N ARG NB 51 -34.84 42.01 -18.42
CA ARG NB 51 -34.23 43.24 -17.89
C ARG NB 51 -35.17 44.43 -17.79
N ASP NB 52 -36.08 44.56 -18.76
CA ASP NB 52 -37.03 45.69 -18.80
C ASP NB 52 -38.49 45.26 -18.56
N GLU NB 53 -38.68 44.35 -17.63
CA GLU NB 53 -39.98 44.11 -17.02
C GLU NB 53 -40.37 45.33 -16.19
N SER NB 54 -39.41 45.85 -15.43
CA SER NB 54 -39.64 46.99 -14.52
C SER NB 54 -39.78 48.30 -15.25
N SER NB 55 -39.28 48.37 -16.49
CA SER NB 55 -39.32 49.60 -17.28
C SER NB 55 -40.67 50.28 -17.24
N PRO NB 56 -40.68 51.62 -17.08
CA PRO NB 56 -41.94 52.33 -16.96
C PRO NB 56 -42.86 52.08 -18.16
N TYR NB 57 -42.26 51.86 -19.34
CA TYR NB 57 -43.02 51.47 -20.50
C TYR NB 57 -43.91 50.25 -20.25
N ALA NB 58 -43.36 49.22 -19.63
CA ALA NB 58 -44.13 48.03 -19.29
C ALA NB 58 -45.23 48.32 -18.27
N ALA NB 59 -44.89 49.15 -17.29
CA ALA NB 59 -45.82 49.58 -16.27
C ALA NB 59 -46.97 50.39 -16.84
N MET NB 60 -46.65 51.24 -17.81
CA MET NB 60 -47.65 51.89 -18.64
C MET NB 60 -48.59 50.91 -19.30
N LEU NB 61 -48.02 49.97 -20.04
CA LEU NB 61 -48.77 49.01 -20.85
C LEU NB 61 -49.75 48.21 -20.00
N ALA NB 62 -49.25 47.73 -18.86
CA ALA NB 62 -50.05 46.98 -17.91
C ALA NB 62 -51.21 47.79 -17.33
N ALA NB 63 -50.98 49.07 -17.09
CA ALA NB 63 -52.02 49.96 -16.61
C ALA NB 63 -53.10 50.13 -17.67
N GLN NB 64 -52.69 50.30 -18.92
CA GLN NB 64 -53.62 50.41 -20.06
C GLN NB 64 -54.47 49.16 -20.27
N ASP NB 65 -53.87 47.98 -20.08
CA ASP NB 65 -54.61 46.71 -20.16
C ASP NB 65 -55.49 46.42 -18.95
N VAL NB 66 -55.21 47.08 -17.84
CA VAL NB 66 -56.13 47.09 -16.72
C VAL NB 66 -57.32 47.98 -17.03
N ALA NB 67 -57.04 49.17 -17.51
CA ALA NB 67 -58.09 50.14 -17.79
C ALA NB 67 -59.05 49.67 -18.87
N GLN NB 68 -58.54 48.97 -19.88
CA GLN NB 68 -59.37 48.38 -20.92
C GLN NB 68 -60.32 47.33 -20.34
N ARG NB 69 -59.80 46.45 -19.50
CA ARG NB 69 -60.56 45.31 -18.95
C ARG NB 69 -61.33 45.65 -17.67
N CYS NB 70 -61.09 46.84 -17.12
CA CYS NB 70 -61.90 47.36 -16.02
C CYS NB 70 -63.19 47.94 -16.60
N LYS NB 71 -63.04 48.81 -17.60
CA LYS NB 71 -64.17 49.51 -18.23
C LYS NB 71 -65.19 48.55 -18.86
N GLU NB 72 -64.74 47.37 -19.29
CA GLU NB 72 -65.65 46.32 -19.74
C GLU NB 72 -66.59 45.87 -18.61
N LEU NB 73 -66.03 45.71 -17.41
CA LEU NB 73 -66.78 45.28 -16.22
C LEU NB 73 -67.38 46.46 -15.43
N GLY NB 74 -67.45 47.63 -16.04
CA GLY NB 74 -68.17 48.77 -15.47
C GLY NB 74 -67.51 49.45 -14.29
N ILE NB 75 -66.25 49.12 -14.00
CA ILE NB 75 -65.52 49.77 -12.92
C ILE NB 75 -65.19 51.18 -13.42
N THR NB 76 -65.82 52.15 -12.78
CA THR NB 76 -65.72 53.55 -13.13
C THR NB 76 -64.38 54.13 -12.66
N ALA NB 77 -64.08 53.89 -11.39
CA ALA NB 77 -63.03 54.59 -10.67
C ALA NB 77 -62.18 53.65 -9.81
N LEU NB 78 -61.01 54.15 -9.40
CA LEU NB 78 -60.01 53.35 -8.71
C LEU NB 78 -59.35 54.09 -7.58
N HIS NB 79 -59.37 53.48 -6.40
CA HIS NB 79 -58.45 53.85 -5.34
C HIS NB 79 -57.10 53.28 -5.69
N ILE NB 80 -56.06 53.75 -5.00
CA ILE NB 80 -54.70 53.31 -5.27
C ILE NB 80 -54.04 52.98 -3.96
N LYS NB 81 -53.43 51.80 -3.89
CA LYS NB 81 -52.76 51.36 -2.70
C LYS NB 81 -51.33 51.00 -3.10
N LEU NB 82 -50.58 52.05 -3.46
CA LEU NB 82 -49.20 51.96 -3.94
C LEU NB 82 -48.29 51.29 -2.92
N ARG NB 83 -47.24 50.65 -3.41
CA ARG NB 83 -46.48 49.70 -2.61
C ARG NB 83 -45.06 49.54 -3.15
N ALA NB 84 -44.15 49.21 -2.25
CA ALA NB 84 -42.77 48.87 -2.60
C ALA NB 84 -42.44 47.54 -1.96
N THR NB 85 -41.29 46.96 -2.31
CA THR NB 85 -40.93 45.60 -1.90
C THR NB 85 -40.93 45.44 -0.37
N GLY NB 86 -40.44 46.46 0.31
CA GLY NB 86 -40.67 46.65 1.74
C GLY NB 86 -39.92 45.70 2.65
N GLY NB 87 -40.47 45.46 3.83
CA GLY NB 87 -39.89 44.55 4.81
C GLY NB 87 -38.49 44.96 5.21
N ASN NB 88 -37.55 44.03 5.03
CA ASN NB 88 -36.14 44.34 5.21
C ASN NB 88 -35.62 45.24 4.11
N ARG NB 89 -36.21 45.11 2.91
CA ARG NB 89 -35.67 45.70 1.69
C ARG NB 89 -35.86 47.23 1.58
N THR NB 90 -36.68 47.72 0.67
CA THR NB 90 -36.46 49.08 0.12
C THR NB 90 -37.35 50.23 0.62
N LYS NB 91 -38.65 49.98 0.74
CA LYS NB 91 -39.68 51.01 0.96
C LYS NB 91 -39.52 52.33 0.18
N THR NB 92 -39.13 52.18 -1.08
CA THR NB 92 -39.00 53.30 -2.02
C THR NB 92 -39.48 52.76 -3.37
N PRO NB 93 -40.68 53.17 -3.82
CA PRO NB 93 -41.26 52.43 -4.95
C PRO NB 93 -40.38 52.41 -6.20
N GLY NB 94 -40.50 51.31 -6.93
CA GLY NB 94 -39.80 51.15 -8.20
C GLY NB 94 -40.32 52.08 -9.28
N PRO NB 95 -39.58 52.21 -10.38
CA PRO NB 95 -39.83 53.21 -11.41
C PRO NB 95 -41.21 53.14 -12.09
N GLY NB 96 -41.77 51.95 -12.22
CA GLY NB 96 -43.11 51.78 -12.78
C GLY NB 96 -44.24 52.40 -11.96
N ALA NB 97 -44.01 52.58 -10.66
CA ALA NB 97 -44.98 53.21 -9.76
C ALA NB 97 -45.63 54.44 -10.38
N GLN NB 98 -44.78 55.34 -10.86
CA GLN NB 98 -45.22 56.57 -11.50
C GLN NB 98 -46.04 56.28 -12.74
N SER NB 99 -45.40 55.61 -13.69
CA SER NB 99 -45.94 55.45 -15.02
C SER NB 99 -47.09 54.46 -15.10
N ALA NB 100 -47.28 53.64 -14.07
CA ALA NB 100 -48.48 52.80 -13.96
C ALA NB 100 -49.67 53.64 -13.54
N LEU NB 101 -49.47 54.46 -12.51
CA LEU NB 101 -50.51 55.31 -11.96
C LEU NB 101 -50.95 56.29 -13.01
N ARG NB 102 -50.02 57.11 -13.47
CA ARG NB 102 -50.27 58.13 -14.50
C ARG NB 102 -51.05 57.58 -15.68
N ALA NB 103 -50.61 56.44 -16.20
CA ALA NB 103 -51.22 55.85 -17.38
C ALA NB 103 -52.67 55.46 -17.14
N LEU NB 104 -52.99 54.88 -15.98
CA LEU NB 104 -54.39 54.50 -15.73
C LEU NB 104 -55.28 55.74 -15.57
N ALA NB 105 -54.72 56.81 -15.02
CA ALA NB 105 -55.43 58.09 -14.99
C ALA NB 105 -55.72 58.58 -16.40
N ARG NB 106 -54.68 58.56 -17.23
CA ARG NB 106 -54.76 59.00 -18.63
C ARG NB 106 -55.79 58.19 -19.42
N SER NB 107 -55.81 56.89 -19.22
CA SER NB 107 -56.70 56.00 -19.97
C SER NB 107 -58.19 56.32 -19.77
N GLY NB 108 -58.57 56.68 -18.55
CA GLY NB 108 -59.96 57.02 -18.24
C GLY NB 108 -60.28 56.98 -16.76
N MET NB 109 -59.87 55.88 -16.12
CA MET NB 109 -60.04 55.65 -14.68
C MET NB 109 -60.00 56.91 -13.83
N LYS NB 110 -61.02 57.08 -13.00
CA LYS NB 110 -61.10 58.17 -12.05
C LYS NB 110 -60.32 57.77 -10.80
N ILE NB 111 -59.53 58.69 -10.27
CA ILE NB 111 -58.53 58.38 -9.24
C ILE NB 111 -58.95 58.89 -7.86
N GLY NB 112 -59.48 58.00 -7.03
CA GLY NB 112 -59.84 58.32 -5.66
C GLY NB 112 -58.72 58.05 -4.67
N ARG NB 113 -58.55 58.94 -3.72
CA ARG NB 113 -57.79 58.70 -2.49
C ARG NB 113 -56.25 58.59 -2.68
N ILE NB 114 -55.71 57.44 -3.07
CA ILE NB 114 -54.23 57.21 -3.12
C ILE NB 114 -53.55 57.19 -1.76
N GLU NB 115 -52.80 56.13 -1.50
CA GLU NB 115 -51.81 56.10 -0.41
C GLU NB 115 -50.89 54.88 -0.51
N ASP NB 116 -49.83 54.89 0.30
CA ASP NB 116 -48.82 53.83 0.27
C ASP NB 116 -49.06 52.76 1.31
N VAL NB 117 -48.80 51.51 0.94
CA VAL NB 117 -48.91 50.36 1.84
C VAL NB 117 -47.68 49.48 1.72
N THR NB 118 -46.50 50.11 1.72
CA THR NB 118 -45.24 49.38 1.71
C THR NB 118 -45.19 48.68 3.07
N PRO NB 119 -45.00 47.36 3.08
CA PRO NB 119 -45.08 46.64 4.34
C PRO NB 119 -43.83 46.89 5.20
N ILE NB 120 -43.83 48.01 5.91
CA ILE NB 120 -42.70 48.39 6.73
C ILE NB 120 -42.77 47.60 8.01
N PRO NB 121 -41.63 47.09 8.48
CA PRO NB 121 -41.56 46.44 9.75
C PRO NB 121 -41.25 47.42 10.86
N SER NB 122 -41.75 47.12 12.05
CA SER NB 122 -41.11 47.56 13.27
C SER NB 122 -39.99 46.54 13.42
N ASP NB 123 -38.78 46.96 13.04
CA ASP NB 123 -37.52 46.29 13.43
C ASP NB 123 -37.50 44.77 13.27
N SER NB 124 -37.59 44.33 12.03
CA SER NB 124 -37.77 42.91 11.74
C SER NB 124 -36.47 42.20 11.39
N THR NB 125 -36.64 40.95 10.97
CA THR NB 125 -35.60 40.03 10.55
C THR NB 125 -34.40 40.62 9.82
N ARG NB 126 -33.31 39.85 9.85
CA ARG NB 126 -32.04 40.28 9.32
C ARG NB 126 -31.98 40.12 7.81
N ARG NB 127 -31.52 41.17 7.14
CA ARG NB 127 -31.51 41.24 5.68
C ARG NB 127 -30.43 40.36 5.02
N LYS NB 128 -30.73 39.87 3.82
CA LYS NB 128 -29.74 39.20 2.98
C LYS NB 128 -28.64 40.16 2.59
N GLY NB 129 -27.43 39.61 2.40
CA GLY NB 129 -26.27 40.36 1.94
C GLY NB 129 -25.08 40.11 2.83
N GLY NB 130 -25.34 40.08 4.13
CA GLY NB 130 -24.34 39.87 5.14
C GLY NB 130 -23.43 41.06 5.30
N ARG NB 131 -23.65 41.81 6.38
CA ARG NB 131 -22.58 42.50 7.09
C ARG NB 131 -21.71 43.41 6.21
N ARG NB 132 -20.85 42.81 5.38
CA ARG NB 132 -20.01 43.55 4.44
C ARG NB 132 -20.77 43.93 3.16
N GLY NB 133 -22.07 43.70 3.13
CA GLY NB 133 -22.94 44.23 2.10
C GLY NB 133 -23.07 43.26 0.94
N ARG NB 134 -23.90 43.65 -0.02
CA ARG NB 134 -23.99 43.00 -1.32
C ARG NB 134 -22.94 43.70 -2.15
N ARG NB 135 -21.69 43.39 -1.82
CA ARG NB 135 -20.57 44.20 -2.22
C ARG NB 135 -20.13 43.71 -3.58
N LEU NB 136 -19.95 44.64 -4.50
CA LEU NB 136 -19.78 44.30 -5.91
C LEU NB 136 -19.06 45.41 -6.69
N VAL OB 1 38.81 26.73 -90.55
CA VAL OB 1 37.45 26.89 -91.16
C VAL OB 1 37.53 26.84 -92.69
N GLU OB 2 37.39 25.62 -93.25
CA GLU OB 2 37.37 25.42 -94.70
C GLU OB 2 36.76 24.07 -95.10
N GLN OB 3 36.46 23.94 -96.39
CA GLN OB 3 35.94 22.71 -97.03
C GLN OB 3 34.51 22.34 -96.62
N LYS OB 4 33.90 21.45 -97.42
CA LYS OB 4 32.51 21.02 -97.23
C LYS OB 4 32.40 19.86 -96.24
N LYS OB 5 31.27 19.79 -95.56
CA LYS OB 5 30.97 18.74 -94.56
C LYS OB 5 32.02 18.64 -93.44
N LYS OB 6 32.41 19.79 -92.91
CA LYS OB 6 33.28 19.89 -91.74
C LYS OB 6 32.83 21.07 -90.87
N ARG OB 7 32.92 20.91 -89.55
CA ARG OB 7 32.46 21.90 -88.55
C ARG OB 7 31.19 22.68 -88.95
N THR OB 8 30.18 21.94 -89.42
CA THR OB 8 28.95 22.49 -89.99
C THR OB 8 27.72 21.98 -89.22
N PHE OB 9 26.56 21.85 -89.90
CA PHE OB 9 25.28 21.45 -89.29
C PHE OB 9 24.66 22.48 -88.33
N ARG OB 10 25.18 23.71 -88.35
CA ARG OB 10 24.61 24.85 -87.60
C ARG OB 10 23.80 25.80 -88.49
N LYS OB 11 23.98 25.71 -89.81
CA LYS OB 11 23.29 26.57 -90.81
C LYS OB 11 23.18 28.05 -90.40
N PHE OB 12 22.14 28.39 -89.65
CA PHE OB 12 21.97 29.70 -89.01
C PHE OB 12 21.72 30.85 -89.98
N THR OB 13 20.52 31.43 -89.89
CA THR OB 13 20.10 32.51 -90.78
C THR OB 13 19.50 33.65 -89.96
N TYR OB 14 20.36 34.38 -89.25
CA TYR OB 14 19.90 35.46 -88.37
C TYR OB 14 19.49 36.70 -89.17
N ARG OB 15 18.20 37.03 -89.08
CA ARG OB 15 17.58 38.12 -89.81
C ARG OB 15 17.85 38.03 -91.32
N GLY OB 16 17.79 36.81 -91.84
CA GLY OB 16 18.02 36.52 -93.25
C GLY OB 16 19.46 36.20 -93.57
N VAL OB 17 20.37 37.03 -93.04
CA VAL OB 17 21.78 36.95 -93.36
C VAL OB 17 22.43 35.82 -92.55
N ASP OB 18 23.36 35.11 -93.19
CA ASP OB 18 24.06 33.98 -92.56
C ASP OB 18 25.40 34.47 -92.02
N LEU OB 19 25.98 33.72 -91.09
CA LEU OB 19 27.31 34.05 -90.56
C LEU OB 19 28.39 33.95 -91.64
N ASP OB 20 28.14 33.10 -92.65
CA ASP OB 20 28.94 33.04 -93.87
C ASP OB 20 28.92 34.38 -94.62
N GLN OB 21 27.72 34.91 -94.83
CA GLN OB 21 27.52 36.23 -95.46
C GLN OB 21 28.07 37.35 -94.58
N LEU OB 22 27.92 37.18 -93.25
CA LEU OB 22 28.52 38.10 -92.27
C LEU OB 22 30.03 37.85 -92.22
N LEU OB 23 30.75 38.59 -91.38
CA LEU OB 23 32.22 38.60 -91.32
C LEU OB 23 32.81 39.38 -92.50
N ASP OB 24 32.58 38.88 -93.72
CA ASP OB 24 32.93 39.59 -94.95
C ASP OB 24 31.76 40.48 -95.38
N MET OB 25 31.57 41.58 -94.63
CA MET OB 25 30.49 42.54 -94.90
C MET OB 25 30.79 43.89 -94.22
N SER OB 26 29.99 44.90 -94.55
CA SER OB 26 30.16 46.26 -94.04
C SER OB 26 29.59 46.44 -92.63
N TYR OB 27 29.88 47.60 -92.05
CA TYR OB 27 29.33 47.98 -90.72
C TYR OB 27 27.94 48.60 -90.84
N GLU OB 28 27.75 49.43 -91.86
CA GLU OB 28 26.44 50.04 -92.13
C GLU OB 28 25.37 49.00 -92.47
N GLN OB 29 25.78 47.94 -93.18
CA GLN OB 29 24.89 46.80 -93.43
C GLN OB 29 24.55 46.11 -92.11
N LEU OB 30 25.55 45.91 -91.25
CA LEU OB 30 25.36 45.30 -89.93
C LEU OB 30 24.45 46.12 -89.02
N MET OB 31 24.56 47.44 -89.11
CA MET OB 31 23.68 48.33 -88.35
C MET OB 31 22.24 48.07 -88.69
N GLN OB 32 21.91 48.29 -89.97
CA GLN OB 32 20.55 48.16 -90.48
C GLN OB 32 19.98 46.76 -90.20
N LEU OB 33 20.88 45.77 -90.09
CA LEU OB 33 20.49 44.40 -89.77
C LEU OB 33 19.93 44.22 -88.35
N TYR OB 34 20.71 44.52 -87.31
CA TYR OB 34 20.23 44.24 -85.93
C TYR OB 34 19.61 45.42 -85.14
N SER OB 35 19.22 45.16 -83.88
CA SER OB 35 18.19 45.93 -83.19
C SER OB 35 18.64 47.33 -82.75
N ALA OB 36 17.64 48.18 -82.51
CA ALA OB 36 17.80 49.62 -82.31
C ALA OB 36 18.90 50.03 -81.36
N ARG OB 37 18.95 49.42 -80.18
CA ARG OB 37 19.94 49.78 -79.16
C ARG OB 37 21.35 49.54 -79.65
N GLN OB 38 21.53 48.45 -80.37
CA GLN OB 38 22.82 48.10 -80.92
C GLN OB 38 23.16 49.14 -81.99
N ARG OB 39 22.16 49.53 -82.77
CA ARG OB 39 22.33 50.58 -83.80
C ARG OB 39 22.71 51.91 -83.19
N ARG OB 40 22.07 52.21 -82.08
CA ARG OB 40 22.38 53.39 -81.28
C ARG OB 40 23.83 53.37 -80.81
N ARG OB 41 24.27 52.22 -80.31
CA ARG OB 41 25.57 52.10 -79.64
C ARG OB 41 26.73 52.23 -80.62
N LEU OB 42 26.62 51.59 -81.78
CA LEU OB 42 27.67 51.68 -82.79
C LEU OB 42 27.66 53.03 -83.52
N SER OB 43 26.49 53.63 -83.71
CA SER OB 43 26.41 54.98 -84.26
C SER OB 43 27.22 55.97 -83.42
N ARG OB 44 27.14 55.83 -82.10
CA ARG OB 44 27.93 56.65 -81.18
C ARG OB 44 29.42 56.34 -81.34
N GLY OB 45 29.74 55.06 -81.44
CA GLY OB 45 31.11 54.59 -81.63
C GLY OB 45 31.45 53.46 -80.66
N LEU OB 46 32.62 52.88 -80.86
CA LEU OB 46 33.10 51.76 -80.03
C LEU OB 46 34.07 52.18 -78.93
N ARG OB 47 34.89 53.21 -79.18
CA ARG OB 47 35.98 53.63 -78.28
C ARG OB 47 37.11 52.58 -78.21
N ARG OB 48 38.23 52.97 -77.60
CA ARG OB 48 39.47 52.20 -77.71
C ARG OB 48 39.48 50.92 -76.89
N LYS OB 49 38.76 50.91 -75.75
CA LYS OB 49 38.72 49.75 -74.86
C LYS OB 49 38.11 48.54 -75.56
N GLN OB 50 37.03 48.80 -76.31
CA GLN OB 50 36.37 47.79 -77.13
C GLN OB 50 37.26 47.29 -78.25
N HIS OB 51 37.93 48.20 -78.94
CA HIS OB 51 38.82 47.84 -80.04
C HIS OB 51 39.97 46.94 -79.56
N SER OB 52 40.60 47.30 -78.44
CA SER OB 52 41.69 46.52 -77.84
C SER OB 52 41.24 45.10 -77.50
N LEU OB 53 40.02 44.99 -76.99
CA LEU OB 53 39.38 43.69 -76.71
C LEU OB 53 39.19 42.90 -78.00
N LEU OB 54 38.57 43.53 -79.00
CA LEU OB 54 38.44 42.91 -80.32
C LEU OB 54 39.77 42.40 -80.85
N LYS OB 55 40.79 43.26 -80.81
CA LYS OB 55 42.14 42.91 -81.26
C LYS OB 55 42.70 41.67 -80.57
N ARG OB 56 42.46 41.54 -79.27
CA ARG OB 56 42.93 40.38 -78.53
C ARG OB 56 42.17 39.13 -78.89
N LEU OB 57 40.86 39.24 -79.07
CA LEU OB 57 40.04 38.12 -79.50
C LEU OB 57 40.45 37.61 -80.88
N ARG OB 58 40.86 38.51 -81.76
CA ARG OB 58 41.44 38.12 -83.06
C ARG OB 58 42.74 37.35 -82.86
N LYS OB 59 43.63 37.90 -82.03
CA LYS OB 59 44.93 37.30 -81.76
C LYS OB 59 44.82 35.90 -81.15
N ALA OB 60 43.86 35.73 -80.24
CA ALA OB 60 43.57 34.42 -79.64
C ALA OB 60 43.00 33.43 -80.66
N LYS OB 61 42.15 33.92 -81.57
CA LYS OB 61 41.59 33.10 -82.65
C LYS OB 61 42.68 32.66 -83.63
N LYS OB 62 43.66 33.53 -83.86
CA LYS OB 62 44.83 33.23 -84.71
C LYS OB 62 45.71 32.14 -84.08
N GLU OB 63 45.96 32.30 -82.78
CA GLU OB 63 46.79 31.38 -82.01
C GLU OB 63 46.22 29.95 -81.94
N ALA OB 64 44.88 29.85 -81.93
CA ALA OB 64 44.17 28.57 -81.78
C ALA OB 64 44.61 27.51 -82.79
N PRO OB 65 44.81 26.25 -82.33
CA PRO OB 65 45.04 25.13 -83.25
C PRO OB 65 43.82 24.86 -84.17
N PRO OB 66 44.01 24.06 -85.25
CA PRO OB 66 42.91 23.82 -86.20
C PRO OB 66 41.66 23.20 -85.55
N MET OB 67 41.87 22.25 -84.64
CA MET OB 67 40.82 21.71 -83.78
C MET OB 67 40.86 22.47 -82.44
N GLU OB 68 39.75 22.39 -81.70
CA GLU OB 68 39.61 22.98 -80.35
C GLU OB 68 39.48 24.50 -80.34
N LYS OB 69 38.96 25.00 -79.22
CA LYS OB 69 38.63 26.43 -79.04
C LYS OB 69 39.85 27.26 -78.63
N PRO OB 70 39.78 28.60 -78.80
CA PRO OB 70 40.87 29.51 -78.39
C PRO OB 70 41.12 29.60 -76.88
N GLU OB 71 42.12 30.39 -76.49
CA GLU OB 71 42.71 30.34 -75.14
C GLU OB 71 42.04 31.18 -74.04
N VAL OB 72 40.83 31.70 -74.28
CA VAL OB 72 40.05 32.52 -73.33
C VAL OB 72 40.66 33.91 -73.17
N VAL OB 73 39.80 34.93 -73.21
CA VAL OB 73 40.22 36.32 -73.07
C VAL OB 73 39.43 36.97 -71.94
N LYS OB 74 40.14 37.37 -70.89
CA LYS OB 74 39.54 38.03 -69.74
C LYS OB 74 39.15 39.47 -70.07
N THR OB 75 37.93 39.85 -69.68
CA THR OB 75 37.37 41.18 -69.97
C THR OB 75 36.65 41.76 -68.77
N HIS OB 76 36.68 43.08 -68.66
CA HIS OB 76 35.85 43.82 -67.71
C HIS OB 76 34.69 44.54 -68.42
N LEU OB 77 34.61 44.38 -69.74
CA LEU OB 77 33.60 45.06 -70.55
C LEU OB 77 32.36 44.19 -70.65
N ARG OB 78 31.51 44.31 -69.63
CA ARG OB 78 30.18 43.70 -69.61
C ARG OB 78 29.25 44.25 -70.69
N ASP OB 79 29.46 45.52 -71.05
CA ASP OB 79 28.62 46.23 -72.00
C ASP OB 79 29.13 46.22 -73.46
N MET OB 80 29.89 45.20 -73.86
CA MET OB 80 30.24 45.02 -75.26
C MET OB 80 29.11 44.33 -76.01
N ILE OB 81 28.70 44.93 -77.13
CA ILE OB 81 27.75 44.27 -78.05
C ILE OB 81 28.52 43.18 -78.79
N ILE OB 82 27.95 41.98 -78.83
CA ILE OB 82 28.56 40.85 -79.55
C ILE OB 82 28.33 41.02 -81.03
N LEU OB 83 29.42 40.90 -81.78
CA LEU OB 83 29.43 41.08 -83.22
C LEU OB 83 29.61 39.70 -83.83
N PRO OB 84 29.22 39.53 -85.10
CA PRO OB 84 29.50 38.25 -85.76
C PRO OB 84 31.01 37.99 -85.87
N GLU OB 85 31.78 39.05 -86.05
CA GLU OB 85 33.25 39.04 -85.98
C GLU OB 85 33.79 38.27 -84.76
N MET OB 86 33.13 38.47 -83.62
CA MET OB 86 33.52 37.88 -82.34
C MET OB 86 33.26 36.36 -82.24
N VAL OB 87 32.23 35.88 -82.94
CA VAL OB 87 31.65 34.55 -82.75
C VAL OB 87 32.70 33.45 -82.85
N GLY OB 88 32.50 32.39 -82.06
CA GLY OB 88 33.38 31.23 -82.06
C GLY OB 88 34.64 31.53 -81.30
N SER OB 89 34.46 31.97 -80.07
CA SER OB 89 35.56 32.44 -79.24
C SER OB 89 35.26 32.12 -77.77
N MET OB 90 36.11 32.60 -76.87
CA MET OB 90 35.97 32.34 -75.45
C MET OB 90 36.26 33.63 -74.71
N VAL OB 91 35.30 34.10 -73.93
CA VAL OB 91 35.42 35.38 -73.22
C VAL OB 91 35.22 35.18 -71.73
N GLY OB 92 36.17 35.68 -70.96
CA GLY OB 92 36.06 35.74 -69.50
C GLY OB 92 35.38 37.04 -69.12
N VAL OB 93 34.06 36.97 -68.89
CA VAL OB 93 33.26 38.15 -68.60
C VAL OB 93 33.11 38.27 -67.09
N TYR OB 94 33.36 39.48 -66.58
CA TYR OB 94 33.53 39.71 -65.15
C TYR OB 94 32.20 39.95 -64.42
N ASN OB 95 32.01 39.26 -63.29
CA ASN OB 95 30.81 39.37 -62.47
C ASN OB 95 31.14 39.91 -61.11
N GLY OB 96 31.89 41.00 -61.07
CA GLY OB 96 32.21 41.63 -59.81
C GLY OB 96 33.29 40.94 -58.99
N LYS OB 97 33.39 39.60 -59.04
CA LYS OB 97 34.54 38.90 -58.45
C LYS OB 97 35.08 37.62 -59.14
N THR OB 98 34.54 37.26 -60.30
CA THR OB 98 35.07 36.13 -61.10
C THR OB 98 34.89 36.38 -62.59
N PHE OB 99 35.79 35.80 -63.38
CA PHE OB 99 35.77 35.96 -64.83
C PHE OB 99 35.09 34.77 -65.50
N ASN OB 100 33.78 34.88 -65.68
CA ASN OB 100 32.99 33.75 -66.20
C ASN OB 100 33.27 33.43 -67.66
N GLN OB 101 33.61 32.17 -67.93
CA GLN OB 101 33.92 31.69 -69.28
C GLN OB 101 32.63 31.57 -70.08
N VAL OB 102 32.59 32.24 -71.23
CA VAL OB 102 31.43 32.24 -72.12
C VAL OB 102 31.91 31.92 -73.52
N GLU OB 103 31.35 30.85 -74.11
CA GLU OB 103 31.64 30.49 -75.50
C GLU OB 103 30.54 31.09 -76.38
N ILE OB 104 30.92 32.04 -77.23
CA ILE OB 104 29.94 32.87 -77.94
C ILE OB 104 29.53 32.21 -79.25
N LYS OB 105 28.35 31.60 -79.23
CA LYS OB 105 27.74 30.99 -80.41
C LYS OB 105 26.87 32.01 -81.12
N PRO OB 106 26.69 31.89 -82.45
CA PRO OB 106 26.09 32.96 -83.27
C PRO OB 106 24.73 33.47 -82.79
N GLU OB 107 23.96 32.61 -82.13
CA GLU OB 107 22.75 33.01 -81.39
C GLU OB 107 22.92 34.18 -80.41
N MET OB 108 24.14 34.34 -79.89
CA MET OB 108 24.47 35.45 -79.00
C MET OB 108 24.73 36.80 -79.70
N ILE OB 109 24.73 36.83 -81.03
CA ILE OB 109 24.89 38.08 -81.78
C ILE OB 109 23.77 39.04 -81.38
N GLY OB 110 24.12 40.31 -81.27
CA GLY OB 110 23.16 41.34 -80.89
C GLY OB 110 22.70 41.23 -79.44
N HIS OB 111 23.63 40.87 -78.57
CA HIS OB 111 23.42 40.94 -77.13
C HIS OB 111 24.64 41.60 -76.53
N TYR OB 112 24.65 41.71 -75.20
CA TYR OB 112 25.80 42.15 -74.46
C TYR OB 112 26.41 40.94 -73.78
N LEU OB 113 27.73 40.98 -73.55
CA LEU OB 113 28.40 39.93 -72.79
C LEU OB 113 27.82 39.74 -71.39
N GLY OB 114 27.50 40.86 -70.75
CA GLY OB 114 26.88 40.88 -69.43
C GLY OB 114 25.76 39.86 -69.27
N GLU OB 115 24.87 39.81 -70.25
CA GLU OB 115 23.73 38.89 -70.24
C GLU OB 115 24.09 37.43 -69.99
N PHE OB 116 25.32 37.05 -70.33
CA PHE OB 116 25.79 35.66 -70.22
C PHE OB 116 26.71 35.44 -69.03
N SER OB 117 26.50 36.21 -67.96
CA SER OB 117 27.29 36.10 -66.76
C SER OB 117 26.54 36.81 -65.62
N ILE OB 118 25.71 36.04 -64.90
CA ILE OB 118 24.93 36.59 -63.76
C ILE OB 118 25.85 37.10 -62.67
N THR OB 119 25.49 38.26 -62.13
CA THR OB 119 26.27 38.91 -61.08
C THR OB 119 25.76 38.56 -59.67
N TYR OB 120 24.45 38.49 -59.49
CA TYR OB 120 23.88 37.97 -58.25
C TYR OB 120 23.88 36.46 -58.32
N LYS OB 121 23.97 35.82 -57.15
CA LYS OB 121 23.76 34.38 -57.04
C LYS OB 121 22.30 34.17 -56.69
N PRO OB 122 21.58 33.34 -57.47
CA PRO OB 122 20.13 33.19 -57.27
C PRO OB 122 19.77 32.52 -55.96
N VAL OB 123 18.57 32.83 -55.47
CA VAL OB 123 18.23 32.68 -54.04
C VAL OB 123 17.40 31.44 -53.74
N LYS OB 124 17.53 30.95 -52.51
CA LYS OB 124 16.91 29.69 -52.11
C LYS OB 124 16.52 29.78 -50.64
N HIS OB 125 15.27 30.08 -50.36
CA HIS OB 125 14.85 30.49 -49.02
C HIS OB 125 14.56 29.27 -48.16
N GLY OB 126 15.10 29.27 -46.93
CA GLY OB 126 14.99 28.15 -46.00
C GLY OB 126 16.26 27.33 -45.96
N ARG OB 127 16.10 26.01 -45.88
CA ARG OB 127 17.23 25.04 -45.85
C ARG OB 127 18.17 25.26 -44.66
N PRO PB 1 -23.14 112.84 -77.12
CA PRO PB 1 -22.70 112.14 -75.91
C PRO PB 1 -23.36 110.77 -75.76
N LEU PB 2 -22.56 109.74 -75.51
CA LEU PB 2 -23.03 108.36 -75.40
C LEU PB 2 -23.09 107.88 -73.95
N GLN PB 3 -23.96 106.92 -73.69
CA GLN PB 3 -24.22 106.40 -72.35
C GLN PB 3 -23.49 105.07 -72.20
N SER PB 4 -22.25 105.12 -71.71
CA SER PB 4 -21.42 103.92 -71.54
C SER PB 4 -21.27 103.57 -70.05
N VAL PB 5 -21.32 102.27 -69.75
CA VAL PB 5 -21.18 101.75 -68.39
C VAL PB 5 -20.44 100.42 -68.46
N GLN PB 6 -19.29 100.31 -67.79
CA GLN PB 6 -18.50 99.07 -67.82
C GLN PB 6 -18.40 98.43 -66.44
N VAL PB 7 -19.16 97.37 -66.22
CA VAL PB 7 -19.30 96.79 -64.89
C VAL PB 7 -18.86 95.34 -64.89
N PHE PB 8 -18.25 94.91 -63.78
CA PHE PB 8 -17.68 93.58 -63.67
C PHE PB 8 -18.44 92.69 -62.70
N GLY PB 9 -18.37 91.39 -62.96
CA GLY PB 9 -18.80 90.33 -62.04
C GLY PB 9 -17.62 89.42 -61.77
N ARG PB 10 -17.65 88.74 -60.63
CA ARG PB 10 -16.54 87.88 -60.19
C ARG PB 10 -17.03 86.60 -59.53
N LYS PB 11 -16.21 85.55 -59.64
CA LYS PB 11 -16.50 84.26 -59.01
C LYS PB 11 -15.23 83.43 -59.05
N LYS PB 12 -14.61 83.27 -57.88
CA LYS PB 12 -13.29 82.65 -57.77
C LYS PB 12 -12.22 83.47 -58.52
N THR PB 13 -12.06 83.24 -59.83
CA THR PB 13 -11.08 83.98 -60.64
C THR PB 13 -11.63 84.35 -62.03
N ALA PB 14 -12.94 84.58 -62.10
CA ALA PB 14 -13.61 84.84 -63.37
C ALA PB 14 -14.04 86.29 -63.43
N THR PB 15 -13.21 87.12 -64.06
CA THR PB 15 -13.52 88.54 -64.24
C THR PB 15 -14.32 88.76 -65.50
N ALA PB 16 -15.64 88.67 -65.37
CA ALA PB 16 -16.54 88.93 -66.46
C ALA PB 16 -16.91 90.39 -66.40
N VAL PB 17 -16.56 91.15 -67.42
CA VAL PB 17 -16.96 92.56 -67.53
C VAL PB 17 -18.04 92.71 -68.58
N ALA PB 18 -19.24 93.09 -68.13
CA ALA PB 18 -20.35 93.41 -69.03
C ALA PB 18 -20.34 94.91 -69.28
N HIS PB 19 -20.49 95.29 -70.55
CA HIS PB 19 -20.45 96.68 -70.96
C HIS PB 19 -21.77 97.11 -71.64
N CYS PB 20 -22.53 97.94 -70.93
CA CYS PB 20 -23.82 98.45 -71.41
C CYS PB 20 -23.63 99.71 -72.25
N LYS PB 21 -24.55 99.87 -73.21
CA LYS PB 21 -24.49 100.96 -74.18
C LYS PB 21 -25.89 101.20 -74.75
N ARG PB 22 -26.21 102.46 -75.05
CA ARG PB 22 -27.50 102.84 -75.61
C ARG PB 22 -27.67 102.16 -76.98
N GLY PB 23 -28.42 101.07 -77.01
CA GLY PB 23 -28.59 100.26 -78.21
C GLY PB 23 -29.99 99.68 -78.32
N ASN PB 24 -30.07 98.43 -78.79
CA ASN PB 24 -31.34 97.75 -79.00
C ASN PB 24 -31.46 96.43 -78.22
N GLY PB 25 -30.54 96.18 -77.29
CA GLY PB 25 -30.60 95.00 -76.40
C GLY PB 25 -30.27 93.69 -77.08
N LEU PB 26 -29.00 93.50 -77.40
CA LEU PB 26 -28.53 92.25 -78.00
C LEU PB 26 -28.10 91.30 -76.90
N ILE PB 27 -27.14 91.74 -76.08
CA ILE PB 27 -26.61 90.97 -74.95
C ILE PB 27 -25.84 89.77 -75.47
N LYS PB 28 -24.54 89.95 -75.75
CA LYS PB 28 -23.69 88.85 -76.20
C LYS PB 28 -22.35 88.78 -75.49
N VAL PB 29 -21.94 87.55 -75.21
CA VAL PB 29 -20.82 87.24 -74.35
C VAL PB 29 -19.65 86.91 -75.26
N ASN PB 30 -18.52 87.55 -74.99
CA ASN PB 30 -17.34 87.53 -75.85
C ASN PB 30 -17.70 87.97 -77.27
N GLY PB 31 -18.27 87.06 -78.05
CA GLY PB 31 -18.75 87.42 -79.39
C GLY PB 31 -19.96 86.66 -79.86
N ARG PB 32 -20.84 86.28 -78.92
CA ARG PB 32 -21.94 85.37 -79.22
C ARG PB 32 -23.07 85.54 -78.24
N PRO PB 33 -24.31 85.23 -78.68
CA PRO PB 33 -25.48 85.47 -77.83
C PRO PB 33 -25.65 84.47 -76.69
N LEU PB 34 -26.57 84.78 -75.77
CA LEU PB 34 -26.79 83.98 -74.56
C LEU PB 34 -27.35 82.56 -74.78
N GLU PB 35 -27.55 82.15 -76.03
CA GLU PB 35 -28.12 80.85 -76.30
C GLU PB 35 -27.02 79.81 -76.58
N MET PB 36 -25.75 80.22 -76.48
CA MET PB 36 -24.62 79.28 -76.43
C MET PB 36 -23.87 79.48 -75.10
N ILE PB 37 -22.68 80.09 -75.09
CA ILE PB 37 -21.77 80.05 -73.93
C ILE PB 37 -21.32 78.60 -73.64
N GLU PB 38 -22.30 77.70 -73.46
CA GLU PB 38 -22.22 76.27 -73.85
C GLU PB 38 -21.96 75.24 -72.74
N PRO PB 39 -21.91 75.66 -71.46
CA PRO PB 39 -22.26 74.68 -70.42
C PRO PB 39 -23.75 74.32 -70.47
N ARG PB 40 -24.59 75.26 -70.90
CA ARG PB 40 -25.92 74.98 -71.47
C ARG PB 40 -27.00 74.52 -70.48
N THR PB 41 -26.67 73.57 -69.60
CA THR PB 41 -27.50 73.27 -68.43
C THR PB 41 -27.63 74.50 -67.56
N LEU PB 42 -26.58 75.33 -67.52
CA LEU PB 42 -26.60 76.62 -66.85
C LEU PB 42 -26.85 77.77 -67.84
N GLN PB 43 -27.89 77.62 -68.66
CA GLN PB 43 -28.32 78.68 -69.57
C GLN PB 43 -29.28 79.59 -68.85
N TYR PB 44 -30.26 78.99 -68.16
CA TYR PB 44 -31.21 79.75 -67.35
C TYR PB 44 -30.55 80.66 -66.33
N LYS PB 45 -29.38 80.26 -65.84
CA LYS PB 45 -28.54 81.16 -65.03
C LYS PB 45 -28.24 82.46 -65.77
N LEU PB 46 -27.39 82.40 -66.78
CA LEU PB 46 -27.04 83.59 -67.58
C LEU PB 46 -28.24 84.28 -68.27
N LEU PB 47 -29.39 83.61 -68.32
CA LEU PB 47 -30.66 84.24 -68.70
C LEU PB 47 -31.35 84.94 -67.51
N GLU PB 48 -31.32 84.31 -66.33
CA GLU PB 48 -32.08 84.75 -65.12
C GLU PB 48 -32.43 86.25 -65.00
N PRO PB 49 -31.42 87.15 -64.99
CA PRO PB 49 -31.73 88.58 -64.88
C PRO PB 49 -32.70 89.11 -65.93
N VAL PB 50 -32.52 88.65 -67.17
CA VAL PB 50 -33.38 89.04 -68.28
C VAL PB 50 -34.77 88.48 -68.06
N LEU PB 51 -34.86 87.25 -67.57
CA LEU PB 51 -36.14 86.59 -67.31
C LEU PB 51 -36.90 87.23 -66.16
N LEU PB 52 -36.17 87.72 -65.17
CA LEU PB 52 -36.76 88.34 -64.00
C LEU PB 52 -37.29 89.71 -64.36
N LEU PB 53 -36.42 90.54 -64.92
CA LEU PB 53 -36.73 91.93 -65.22
C LEU PB 53 -37.49 92.10 -66.53
N GLY PB 54 -37.44 91.11 -67.40
CA GLY PB 54 -38.11 91.15 -68.70
C GLY PB 54 -37.28 91.85 -69.76
N LYS PB 55 -37.74 91.78 -71.00
CA LYS PB 55 -37.09 92.47 -72.12
C LYS PB 55 -37.32 93.98 -72.08
N GLU PB 56 -38.39 94.42 -71.41
CA GLU PB 56 -38.78 95.84 -71.36
C GLU PB 56 -37.73 96.70 -70.65
N ARG PB 57 -37.20 96.20 -69.54
CA ARG PB 57 -36.12 96.87 -68.81
C ARG PB 57 -34.82 96.94 -69.61
N PHE PB 58 -34.48 95.85 -70.31
CA PHE PB 58 -33.26 95.82 -71.12
C PHE PB 58 -33.45 96.62 -72.41
N ALA PB 59 -34.46 96.22 -73.19
CA ALA PB 59 -34.94 96.93 -74.40
C ALA PB 59 -33.95 97.84 -75.14
N GLY PB 60 -33.66 99.00 -74.54
CA GLY PB 60 -32.84 100.03 -75.17
C GLY PB 60 -31.38 100.08 -74.75
N VAL PB 61 -30.87 98.98 -74.18
CA VAL PB 61 -29.48 98.94 -73.70
C VAL PB 61 -28.80 97.67 -74.19
N ASP PB 62 -27.92 97.83 -75.20
CA ASP PB 62 -27.12 96.73 -75.73
C ASP PB 62 -25.92 96.49 -74.82
N ILE PB 63 -25.63 95.21 -74.55
CA ILE PB 63 -24.62 94.81 -73.57
C ILE PB 63 -23.62 93.85 -74.18
N ARG PB 64 -22.40 94.31 -74.41
CA ARG PB 64 -21.30 93.43 -74.83
C ARG PB 64 -20.50 93.03 -73.62
N VAL PB 65 -20.29 91.72 -73.42
CA VAL PB 65 -19.62 91.19 -72.24
C VAL PB 65 -18.31 90.54 -72.67
N ARG PB 66 -17.27 90.66 -71.84
CA ARG PB 66 -16.01 89.94 -72.05
C ARG PB 66 -15.60 89.25 -70.77
N VAL PB 67 -15.11 88.02 -70.91
CA VAL PB 67 -14.81 87.16 -69.77
C VAL PB 67 -13.41 86.59 -69.92
N LYS PB 68 -12.74 86.40 -68.79
CA LYS PB 68 -11.52 85.62 -68.76
C LYS PB 68 -11.25 85.13 -67.34
N GLY PB 69 -10.40 84.11 -67.26
CA GLY PB 69 -10.14 83.41 -66.00
C GLY PB 69 -11.29 82.51 -65.56
N GLY PB 70 -11.09 81.85 -64.42
CA GLY PB 70 -12.06 80.91 -63.88
C GLY PB 70 -12.24 79.69 -64.76
N GLY PB 71 -13.19 78.84 -64.37
CA GLY PB 71 -13.65 77.72 -65.20
C GLY PB 71 -15.07 77.97 -65.65
N HIS PB 72 -15.64 77.00 -66.33
CA HIS PB 72 -16.87 77.22 -67.10
C HIS PB 72 -18.01 77.76 -66.27
N VAL PB 73 -18.24 77.11 -65.14
CA VAL PB 73 -19.34 77.48 -64.25
C VAL PB 73 -19.09 78.86 -63.63
N ALA PB 74 -17.87 79.06 -63.14
CA ALA PB 74 -17.48 80.34 -62.53
C ALA PB 74 -17.66 81.51 -63.49
N GLN PB 75 -17.34 81.27 -64.76
CA GLN PB 75 -17.53 82.30 -65.78
C GLN PB 75 -19.00 82.64 -65.96
N ILE PB 76 -19.87 81.64 -65.98
CA ILE PB 76 -21.32 81.88 -66.10
C ILE PB 76 -21.84 82.70 -64.93
N TYR PB 77 -21.47 82.29 -63.72
CA TYR PB 77 -21.84 83.04 -62.53
C TYR PB 77 -21.26 84.45 -62.48
N ALA PB 78 -20.13 84.65 -63.14
CA ALA PB 78 -19.56 85.97 -63.28
C ALA PB 78 -20.39 86.84 -64.24
N ILE PB 79 -20.66 86.34 -65.45
CA ILE PB 79 -21.41 87.13 -66.46
C ILE PB 79 -22.79 87.49 -65.96
N ARG PB 80 -23.44 86.52 -65.31
CA ARG PB 80 -24.77 86.69 -64.78
C ARG PB 80 -24.83 87.83 -63.77
N GLN PB 81 -23.84 87.86 -62.89
CA GLN PB 81 -23.66 88.95 -61.93
C GLN PB 81 -23.39 90.25 -62.65
N SER PB 82 -22.46 90.19 -63.61
CA SER PB 82 -22.00 91.39 -64.32
C SER PB 82 -23.09 92.09 -65.13
N ILE PB 83 -23.84 91.35 -65.95
CA ILE PB 83 -24.87 91.98 -66.80
C ILE PB 83 -25.98 92.61 -65.99
N SER PB 84 -26.33 91.97 -64.88
CA SER PB 84 -27.30 92.51 -63.95
C SER PB 84 -26.76 93.74 -63.24
N LYS PB 85 -25.53 93.64 -62.76
CA LYS PB 85 -24.84 94.76 -62.13
C LYS PB 85 -24.70 95.95 -63.09
N ALA PB 86 -24.34 95.67 -64.33
CA ALA PB 86 -24.19 96.70 -65.36
C ALA PB 86 -25.51 97.42 -65.60
N LEU PB 87 -26.58 96.64 -65.74
CA LEU PB 87 -27.93 97.16 -65.91
C LEU PB 87 -28.31 98.11 -64.77
N VAL PB 88 -27.99 97.70 -63.55
CA VAL PB 88 -28.25 98.52 -62.36
C VAL PB 88 -27.44 99.82 -62.41
N ALA PB 89 -26.18 99.71 -62.82
CA ALA PB 89 -25.30 100.87 -62.94
C ALA PB 89 -25.69 101.84 -64.04
N TYR PB 90 -26.28 101.31 -65.12
CA TYR PB 90 -26.87 102.13 -66.18
C TYR PB 90 -28.06 102.91 -65.65
N TYR PB 91 -29.00 102.20 -65.03
CA TYR PB 91 -30.19 102.82 -64.45
C TYR PB 91 -29.88 103.84 -63.36
N GLN PB 92 -28.84 103.59 -62.57
CA GLN PB 92 -28.36 104.58 -61.60
C GLN PB 92 -27.97 105.90 -62.28
N LYS PB 93 -27.21 105.80 -63.37
CA LYS PB 93 -26.54 106.97 -63.94
C LYS PB 93 -27.41 107.67 -64.98
N TYR PB 94 -27.94 106.91 -65.92
CA TYR PB 94 -28.64 107.49 -67.07
C TYR PB 94 -30.14 107.18 -67.13
N VAL PB 95 -30.77 106.92 -65.98
CA VAL PB 95 -32.23 106.84 -65.91
C VAL PB 95 -32.61 107.59 -64.62
N ASP PB 96 -33.15 106.88 -63.61
CA ASP PB 96 -33.54 107.48 -62.33
C ASP PB 96 -33.39 106.44 -61.22
N GLU PB 97 -33.15 106.93 -60.02
CA GLU PB 97 -32.73 106.08 -58.91
C GLU PB 97 -33.84 105.19 -58.37
N ALA PB 98 -35.09 105.66 -58.40
CA ALA PB 98 -36.26 104.86 -57.99
C ALA PB 98 -36.46 103.64 -58.90
N SER PB 99 -36.16 103.80 -60.18
CA SER PB 99 -36.20 102.68 -61.14
C SER PB 99 -35.12 101.65 -60.82
N LYS PB 100 -33.89 102.13 -60.61
CA LYS PB 100 -32.77 101.27 -60.17
C LYS PB 100 -33.14 100.47 -58.93
N LYS PB 101 -33.58 101.19 -57.91
CA LYS PB 101 -33.96 100.58 -56.63
C LYS PB 101 -34.96 99.44 -56.83
N GLU PB 102 -35.93 99.66 -57.72
CA GLU PB 102 -36.94 98.66 -58.05
C GLU PB 102 -36.32 97.42 -58.70
N ILE PB 103 -35.40 97.64 -59.64
CA ILE PB 103 -34.65 96.55 -60.28
C ILE PB 103 -33.84 95.76 -59.24
N LYS PB 104 -33.09 96.49 -58.43
CA LYS PB 104 -32.25 95.92 -57.36
C LYS PB 104 -33.06 95.02 -56.44
N ASP PB 105 -34.24 95.51 -56.02
CA ASP PB 105 -35.16 94.74 -55.17
C ASP PB 105 -35.63 93.46 -55.84
N ILE PB 106 -36.00 93.57 -57.12
CA ILE PB 106 -36.46 92.41 -57.90
C ILE PB 106 -35.36 91.36 -58.06
N LEU PB 107 -34.11 91.81 -58.21
CA LEU PB 107 -32.98 90.89 -58.28
C LEU PB 107 -32.68 90.21 -56.94
N ILE PB 108 -32.60 91.00 -55.88
CA ILE PB 108 -32.15 90.50 -54.58
C ILE PB 108 -33.07 89.43 -54.01
N GLN PB 109 -34.37 89.68 -54.02
CA GLN PB 109 -35.35 88.67 -53.57
C GLN PB 109 -35.24 87.34 -54.32
N TYR PB 110 -34.85 87.37 -55.58
CA TYR PB 110 -34.46 86.14 -56.29
C TYR PB 110 -33.16 85.61 -55.69
N ASP PB 111 -32.08 86.39 -55.83
CA ASP PB 111 -30.76 85.99 -55.30
C ASP PB 111 -29.83 87.19 -55.09
N ARG PB 112 -29.19 87.23 -53.92
CA ARG PB 112 -28.25 88.30 -53.57
C ARG PB 112 -26.95 88.22 -54.36
N THR PB 113 -26.64 87.02 -54.87
CA THR PB 113 -25.49 86.78 -55.74
C THR PB 113 -25.44 87.68 -56.98
N LEU PB 114 -26.61 88.07 -57.49
CA LEU PB 114 -26.69 88.84 -58.74
C LEU PB 114 -25.94 90.16 -58.68
N LEU PB 115 -25.89 90.77 -57.50
CA LEU PB 115 -25.15 92.03 -57.27
C LEU PB 115 -23.89 91.82 -56.43
N VAL PB 116 -24.06 91.18 -55.28
CA VAL PB 116 -22.96 90.95 -54.35
C VAL PB 116 -22.15 89.75 -54.82
N ALA PB 117 -20.84 89.93 -54.89
CA ALA PB 117 -19.91 88.85 -55.28
C ALA PB 117 -19.47 88.03 -54.07
N ASP PB 118 -19.43 86.72 -54.23
CA ASP PB 118 -18.95 85.83 -53.16
C ASP PB 118 -17.49 86.16 -52.86
N PRO PB 119 -17.13 86.20 -51.58
CA PRO PB 119 -15.73 86.32 -51.21
C PRO PB 119 -14.98 84.98 -51.27
N ARG PB 120 -15.68 83.88 -51.02
CA ARG PB 120 -15.14 82.52 -51.16
C ARG PB 120 -14.09 82.38 -52.25
N ARG PB 121 -12.91 81.90 -51.88
CA ARG PB 121 -11.81 81.69 -52.82
C ARG PB 121 -10.97 80.51 -52.35
N CYS PB 122 -10.28 79.88 -53.30
CA CYS PB 122 -9.60 78.61 -53.04
C CYS PB 122 -8.57 78.73 -51.92
N GLU PB 123 -8.72 77.87 -50.90
CA GLU PB 123 -7.87 77.88 -49.71
C GLU PB 123 -6.54 77.19 -50.02
N SER PB 124 -5.47 77.64 -49.36
CA SER PB 124 -4.11 77.15 -49.67
C SER PB 124 -3.82 75.82 -48.98
N LYS PB 125 -3.11 74.95 -49.70
CA LYS PB 125 -2.66 73.67 -49.17
C LYS PB 125 -1.50 73.92 -48.22
N LYS PB 126 -1.43 73.13 -47.16
CA LYS PB 126 -0.31 73.17 -46.23
C LYS PB 126 0.32 71.80 -46.19
N PHE PB 127 1.64 71.76 -46.08
CA PHE PB 127 2.38 70.51 -45.97
C PHE PB 127 1.85 69.61 -44.86
N GLY PB 128 2.07 68.32 -45.03
CA GLY PB 128 1.54 67.30 -44.13
C GLY PB 128 0.20 66.79 -44.58
N GLY PB 129 -0.18 67.13 -45.82
CA GLY PB 129 -1.44 66.66 -46.35
C GLY PB 129 -1.58 66.99 -47.81
N PRO PB 130 -2.48 66.27 -48.50
CA PRO PB 130 -2.69 66.49 -49.92
C PRO PB 130 -3.47 67.77 -50.23
N GLY PB 131 -4.25 68.27 -49.27
CA GLY PB 131 -5.02 69.50 -49.43
C GLY PB 131 -4.83 70.48 -48.29
N ALA PB 132 -5.77 71.41 -48.18
CA ALA PB 132 -5.77 72.41 -47.11
C ALA PB 132 -5.95 71.75 -45.74
N ARG PB 133 -7.08 71.10 -45.57
CA ARG PB 133 -7.50 70.58 -44.28
C ARG PB 133 -7.21 69.11 -44.10
N ALA PB 134 -7.37 68.32 -45.15
CA ALA PB 134 -7.05 66.89 -45.07
C ALA PB 134 -5.56 66.66 -44.85
N ARG PB 135 -5.27 65.64 -44.06
CA ARG PB 135 -3.92 65.22 -43.77
C ARG PB 135 -3.60 63.90 -44.45
N TYR PB 136 -2.30 63.61 -44.56
CA TYR PB 136 -1.87 62.30 -45.03
C TYR PB 136 -2.09 61.28 -43.95
N GLN PB 137 -2.37 60.05 -44.37
CA GLN PB 137 -2.85 59.00 -43.49
C GLN PB 137 -1.78 58.64 -42.48
N LYS PB 138 -2.20 58.36 -41.24
CA LYS PB 138 -1.26 58.02 -40.17
C LYS PB 138 -1.13 56.51 -40.05
N SER PB 139 0.09 56.04 -39.80
CA SER PB 139 0.43 54.61 -39.81
C SER PB 139 0.29 53.94 -38.44
N TYR PB 140 0.83 54.61 -37.43
CA TYR PB 140 0.69 54.22 -36.04
C TYR PB 140 1.48 52.96 -35.69
N ARG PB 141 1.02 51.79 -36.14
CA ARG PB 141 1.65 50.51 -35.77
C ARG PB 141 2.96 50.27 -36.52
N MET QB 1 -18.90 85.07 -28.72
CA MET QB 1 -18.11 83.82 -28.50
C MET QB 1 -16.76 84.05 -29.15
N GLY QB 2 -15.93 84.85 -28.47
CA GLY QB 2 -14.63 85.23 -29.00
C GLY QB 2 -14.10 86.51 -28.40
N ARG QB 3 -14.47 87.64 -28.99
CA ARG QB 3 -13.70 88.85 -28.81
C ARG QB 3 -13.97 89.55 -27.48
N VAL QB 4 -13.09 89.25 -26.53
CA VAL QB 4 -12.93 89.98 -25.28
C VAL QB 4 -11.77 90.93 -25.50
N ARG QB 5 -11.72 92.02 -24.75
CA ARG QB 5 -10.60 92.96 -24.85
C ARG QB 5 -9.47 92.60 -23.91
N THR QB 6 -8.23 92.71 -24.37
CA THR QB 6 -7.07 92.53 -23.51
C THR QB 6 -6.84 93.78 -22.69
N LYS QB 7 -6.01 93.66 -21.66
CA LYS QB 7 -5.70 94.78 -20.77
C LYS QB 7 -4.98 95.92 -21.52
N THR QB 8 -4.23 95.58 -22.57
CA THR QB 8 -3.58 96.58 -23.40
C THR QB 8 -4.57 97.49 -24.13
N VAL QB 9 -5.77 96.98 -24.40
CA VAL QB 9 -6.86 97.82 -24.88
C VAL QB 9 -7.39 98.62 -23.70
N LYS QB 10 -7.82 97.90 -22.67
CA LYS QB 10 -8.66 98.43 -21.60
C LYS QB 10 -7.97 99.57 -20.89
N LYS QB 11 -6.69 99.36 -20.58
CA LYS QB 11 -5.89 100.37 -19.88
C LYS QB 11 -5.78 101.64 -20.68
N ALA QB 12 -5.49 101.51 -21.97
CA ALA QB 12 -5.35 102.66 -22.86
C ALA QB 12 -6.63 103.51 -22.96
N ALA QB 13 -7.78 102.84 -22.99
CA ALA QB 13 -9.08 103.52 -23.07
C ALA QB 13 -9.43 104.27 -21.79
N ARG QB 14 -9.23 103.61 -20.66
CA ARG QB 14 -9.43 104.22 -19.35
C ARG QB 14 -8.52 105.45 -19.16
N VAL QB 15 -7.27 105.33 -19.57
CA VAL QB 15 -6.31 106.43 -19.50
C VAL QB 15 -6.68 107.58 -20.44
N ILE QB 16 -7.14 107.23 -21.64
CA ILE QB 16 -7.66 108.22 -22.58
C ILE QB 16 -8.81 109.01 -21.95
N ILE QB 17 -9.80 108.32 -21.41
CA ILE QB 17 -10.99 108.97 -20.84
C ILE QB 17 -10.67 109.77 -19.58
N GLU QB 18 -9.70 109.32 -18.81
CA GLU QB 18 -9.24 110.07 -17.64
C GLU QB 18 -8.66 111.45 -17.99
N LYS QB 19 -7.97 111.53 -19.14
CA LYS QB 19 -7.36 112.78 -19.61
C LYS QB 19 -8.17 113.59 -20.61
N TYR QB 20 -8.93 112.90 -21.46
CA TYR QB 20 -9.68 113.52 -22.55
C TYR QB 20 -11.13 113.08 -22.55
N TYR QB 21 -11.81 113.24 -21.41
CA TYR QB 21 -13.26 112.96 -21.33
C TYR QB 21 -14.07 113.89 -22.25
N THR QB 22 -13.65 115.15 -22.31
CA THR QB 22 -14.35 116.20 -23.04
C THR QB 22 -14.40 115.97 -24.55
N ARG QB 23 -13.27 115.58 -25.14
CA ARG QB 23 -13.18 115.34 -26.58
C ARG QB 23 -14.03 114.16 -27.04
N LEU QB 24 -14.12 113.14 -26.21
CA LEU QB 24 -14.71 111.87 -26.60
C LEU QB 24 -16.22 111.93 -26.57
N GLY QB 25 -16.84 111.19 -27.49
CA GLY QB 25 -18.29 111.16 -27.63
C GLY QB 25 -18.80 109.78 -27.98
N ASN QB 26 -20.12 109.69 -28.12
CA ASN QB 26 -20.80 108.43 -28.39
C ASN QB 26 -20.50 107.90 -29.80
N ASP QB 27 -20.50 108.78 -30.81
CA ASP QB 27 -20.23 108.38 -32.19
C ASP QB 27 -18.82 107.89 -32.31
N PHE QB 28 -18.67 106.65 -32.80
CA PHE QB 28 -17.41 105.93 -32.76
C PHE QB 28 -16.34 106.51 -33.68
N HIS QB 29 -16.74 106.88 -34.90
CA HIS QB 29 -15.79 107.32 -35.91
C HIS QB 29 -15.19 108.70 -35.61
N THR QB 30 -15.89 109.54 -34.83
CA THR QB 30 -15.32 110.80 -34.38
C THR QB 30 -14.15 110.47 -33.48
N ASN QB 31 -14.46 109.83 -32.36
CA ASN QB 31 -13.46 109.54 -31.33
C ASN QB 31 -12.42 108.49 -31.73
N LYS QB 32 -12.70 107.72 -32.77
CA LYS QB 32 -11.70 106.89 -33.46
C LYS QB 32 -10.53 107.70 -33.98
N ARG QB 33 -10.82 108.92 -34.43
CA ARG QB 33 -9.80 109.84 -34.93
C ARG QB 33 -9.19 110.67 -33.79
N VAL QB 34 -9.96 110.91 -32.73
CA VAL QB 34 -9.44 111.51 -31.50
C VAL QB 34 -8.30 110.64 -30.98
N CYS QB 35 -8.60 109.35 -30.80
CA CYS QB 35 -7.62 108.36 -30.34
C CYS QB 35 -6.32 108.38 -31.16
N GLU QB 36 -6.44 108.60 -32.46
CA GLU QB 36 -5.28 108.80 -33.33
C GLU QB 36 -4.49 110.05 -32.96
N GLU QB 37 -5.20 111.16 -32.77
CA GLU QB 37 -4.57 112.45 -32.47
C GLU QB 37 -3.84 112.44 -31.12
N ILE QB 38 -4.57 112.19 -30.05
CA ILE QB 38 -4.01 112.35 -28.69
C ILE QB 38 -3.06 111.25 -28.20
N ALA QB 39 -3.02 110.12 -28.91
CA ALA QB 39 -2.22 108.97 -28.49
C ALA QB 39 -1.51 108.31 -29.65
N ILE QB 40 -0.24 107.96 -29.43
CA ILE QB 40 0.60 107.31 -30.44
C ILE QB 40 0.28 105.81 -30.39
N ILE QB 41 -0.77 105.42 -31.10
CA ILE QB 41 -1.17 104.02 -31.17
C ILE QB 41 -0.53 103.46 -32.44
N PRO QB 42 0.42 102.52 -32.27
CA PRO QB 42 1.32 102.11 -33.37
C PRO QB 42 0.64 101.40 -34.53
N SER QB 43 -0.36 100.56 -34.22
CA SER QB 43 -1.10 99.82 -35.22
C SER QB 43 -2.49 100.44 -35.42
N LYS QB 44 -3.06 100.17 -36.59
CA LYS QB 44 -4.36 100.66 -36.97
C LYS QB 44 -5.46 99.90 -36.26
N LYS QB 45 -5.32 98.57 -36.25
CA LYS QB 45 -6.29 97.68 -35.64
C LYS QB 45 -6.42 97.97 -34.14
N LEU QB 46 -5.29 98.12 -33.45
CA LEU QB 46 -5.30 98.39 -32.01
C LEU QB 46 -6.02 99.68 -31.67
N ARG QB 47 -5.64 100.75 -32.37
CA ARG QB 47 -6.35 102.04 -32.35
C ARG QB 47 -7.84 101.84 -32.46
N ASN QB 48 -8.21 101.13 -33.51
CA ASN QB 48 -9.59 100.88 -33.87
C ASN QB 48 -10.37 100.14 -32.76
N LYS QB 49 -9.69 99.20 -32.12
CA LYS QB 49 -10.22 98.50 -30.97
C LYS QB 49 -10.36 99.44 -29.77
N ILE QB 50 -9.31 100.19 -29.47
CA ILE QB 50 -9.31 101.08 -28.30
C ILE QB 50 -10.51 102.00 -28.34
N ALA QB 51 -10.67 102.69 -29.46
CA ALA QB 51 -11.80 103.57 -29.69
C ALA QB 51 -13.13 102.86 -29.45
N GLY QB 52 -13.21 101.61 -29.88
CA GLY QB 52 -14.38 100.79 -29.63
C GLY QB 52 -14.69 100.59 -28.16
N TYR QB 53 -13.64 100.38 -27.35
CA TYR QB 53 -13.83 100.30 -25.90
C TYR QB 53 -14.05 101.69 -25.28
N VAL QB 54 -13.41 102.72 -25.83
CA VAL QB 54 -13.64 104.10 -25.39
C VAL QB 54 -15.10 104.47 -25.54
N THR QB 55 -15.70 104.10 -26.66
CA THR QB 55 -17.12 104.37 -26.86
C THR QB 55 -17.95 103.66 -25.81
N HIS QB 56 -17.59 102.40 -25.55
CA HIS QB 56 -18.32 101.57 -24.59
C HIS QB 56 -18.27 102.10 -23.15
N LEU QB 57 -17.13 102.68 -22.77
CA LEU QB 57 -17.00 103.31 -21.47
C LEU QB 57 -17.78 104.61 -21.39
N MET QB 58 -17.76 105.37 -22.48
CA MET QB 58 -18.54 106.62 -22.54
C MET QB 58 -20.00 106.32 -22.23
N LYS QB 59 -20.54 105.33 -22.92
CA LYS QB 59 -21.92 104.88 -22.70
C LYS QB 59 -22.20 104.50 -21.25
N ARG QB 60 -21.24 103.86 -20.59
CA ARG QB 60 -21.37 103.55 -19.15
C ARG QB 60 -21.33 104.79 -18.27
N ILE QB 61 -20.48 105.76 -18.62
CA ILE QB 61 -20.40 107.03 -17.88
C ILE QB 61 -21.68 107.86 -18.02
N GLN QB 62 -22.34 107.75 -19.17
CA GLN QB 62 -23.57 108.51 -19.42
C GLN QB 62 -24.79 107.89 -18.71
N ARG QB 63 -24.58 107.29 -17.55
CA ARG QB 63 -25.57 106.43 -16.89
C ARG QB 63 -24.98 106.01 -15.52
N GLY QB 64 -24.65 107.00 -14.70
CA GLY QB 64 -23.93 106.79 -13.44
C GLY QB 64 -22.41 106.69 -13.64
N PRO QB 65 -21.66 106.55 -12.54
CA PRO QB 65 -20.19 106.50 -12.61
C PRO QB 65 -19.67 105.11 -12.93
N VAL QB 66 -18.35 105.00 -13.11
CA VAL QB 66 -17.66 103.71 -13.30
C VAL QB 66 -16.61 103.57 -12.19
N ARG QB 67 -16.35 102.32 -11.80
CA ARG QB 67 -15.48 102.03 -10.66
C ARG QB 67 -14.04 102.49 -10.87
N GLY QB 68 -13.39 101.93 -11.89
CA GLY QB 68 -11.97 102.19 -12.15
C GLY QB 68 -11.74 103.36 -13.09
N ILE QB 69 -12.15 104.56 -12.67
CA ILE QB 69 -11.96 105.77 -13.48
C ILE QB 69 -12.17 107.05 -12.64
N SER QB 70 -11.45 108.10 -12.99
CA SER QB 70 -11.45 109.36 -12.24
C SER QB 70 -11.71 110.55 -13.16
N ILE QB 71 -13.00 110.87 -13.34
CA ILE QB 71 -13.39 112.05 -14.09
C ILE QB 71 -13.42 113.23 -13.13
N LYS QB 72 -12.89 114.37 -13.57
CA LYS QB 72 -12.63 115.51 -12.69
C LYS QB 72 -13.93 116.19 -12.22
N LEU QB 73 -14.90 116.33 -13.12
CA LEU QB 73 -16.19 116.94 -12.79
C LEU QB 73 -17.04 116.06 -11.86
N GLN QB 74 -16.96 114.75 -12.05
CA GLN QB 74 -17.69 113.80 -11.20
C GLN QB 74 -17.12 113.78 -9.78
N GLU QB 75 -15.79 113.85 -9.66
CA GLU QB 75 -15.12 113.97 -8.37
C GLU QB 75 -15.53 115.24 -7.61
N GLU QB 76 -15.61 116.37 -8.32
CA GLU QB 76 -16.06 117.63 -7.74
C GLU QB 76 -17.53 117.56 -7.29
N GLU QB 77 -18.37 116.95 -8.11
CA GLU QB 77 -19.77 116.70 -7.77
C GLU QB 77 -19.91 115.84 -6.50
N ARG QB 78 -19.04 114.82 -6.39
CA ARG QB 78 -19.08 113.89 -5.25
C ARG QB 78 -18.70 114.66 -3.98
N GLU QB 79 -17.63 115.45 -4.08
CA GLU QB 79 -17.16 116.34 -3.01
C GLU QB 79 -18.26 117.29 -2.51
N ARG QB 80 -18.96 117.93 -3.45
CA ARG QB 80 -20.10 118.80 -3.11
C ARG QB 80 -21.23 118.06 -2.38
N ARG QB 81 -21.55 116.86 -2.85
CA ARG QB 81 -22.70 116.11 -2.34
C ARG QB 81 -22.39 115.19 -1.15
N ASP QB 82 -21.12 115.16 -0.72
CA ASP QB 82 -20.74 114.53 0.56
C ASP QB 82 -20.04 115.52 1.51
N ASN QB 83 -20.23 116.82 1.29
CA ASN QB 83 -20.01 117.83 2.34
C ASN QB 83 -21.31 118.64 2.57
N TYR QB 84 -22.42 117.90 2.52
CA TYR QB 84 -23.75 118.39 2.81
C TYR QB 84 -23.94 118.58 4.31
N VAL QB 85 -24.75 119.56 4.69
CA VAL QB 85 -25.14 119.75 6.09
C VAL QB 85 -26.62 120.13 6.14
N PRO QB 86 -27.44 119.39 6.91
CA PRO QB 86 -28.81 119.79 7.21
C PRO QB 86 -28.88 120.56 8.55
N GLU QB 87 -30.09 120.83 9.03
CA GLU QB 87 -30.30 121.58 10.28
C GLU QB 87 -30.17 120.75 11.57
N VAL QB 88 -29.84 119.46 11.41
CA VAL QB 88 -29.26 118.54 12.43
C VAL QB 88 -30.27 117.51 12.96
N SER QB 89 -29.80 116.27 13.12
CA SER QB 89 -30.61 115.17 13.67
C SER QB 89 -30.18 114.74 15.08
N ALA QB 90 -28.93 115.01 15.46
CA ALA QB 90 -28.40 114.64 16.77
C ALA QB 90 -28.98 115.45 17.95
N LEU QB 91 -29.82 116.45 17.67
CA LEU QB 91 -30.66 117.08 18.71
C LEU QB 91 -31.95 116.29 19.01
N ASP QB 92 -32.51 115.63 17.99
CA ASP QB 92 -33.65 114.72 18.14
C ASP QB 92 -34.84 115.44 18.80
N GLN QB 93 -35.33 116.45 18.10
CA GLN QB 93 -36.27 117.47 18.61
C GLN QB 93 -36.14 117.75 20.13
N GLU QB 94 -37.24 118.03 20.82
CA GLU QB 94 -37.31 117.88 22.28
C GLU QB 94 -37.87 116.47 22.51
N ILE QB 95 -37.52 115.87 23.65
CA ILE QB 95 -37.93 114.50 24.00
C ILE QB 95 -37.13 113.45 23.20
N ILE QB 96 -36.05 112.96 23.81
CA ILE QB 96 -35.35 111.75 23.37
C ILE QB 96 -35.96 110.56 24.10
N GLU QB 97 -36.09 109.44 23.40
CA GLU QB 97 -36.62 108.19 23.99
C GLU QB 97 -35.50 107.48 24.76
N VAL QB 98 -35.83 107.02 25.98
CA VAL QB 98 -34.84 106.46 26.91
C VAL QB 98 -35.51 105.34 27.72
N ASP QB 99 -34.68 104.47 28.31
CA ASP QB 99 -35.14 103.35 29.13
C ASP QB 99 -34.79 103.64 30.58
N PRO QB 100 -35.43 102.92 31.54
CA PRO QB 100 -35.06 103.09 32.96
C PRO QB 100 -33.61 102.75 33.28
N ASP QB 101 -33.08 101.70 32.66
CA ASP QB 101 -31.68 101.31 32.85
C ASP QB 101 -30.72 102.36 32.27
N THR QB 102 -31.10 102.99 31.16
CA THR QB 102 -30.39 104.14 30.62
C THR QB 102 -30.67 105.44 31.38
N LYS QB 103 -31.79 105.49 32.11
CA LYS QB 103 -32.07 106.60 33.03
C LYS QB 103 -31.18 106.51 34.28
N GLU QB 104 -30.99 105.30 34.80
CA GLU QB 104 -30.15 105.09 35.98
C GLU QB 104 -28.69 105.47 35.71
N MET QB 105 -28.24 105.20 34.48
CA MET QB 105 -26.96 105.71 33.95
C MET QB 105 -26.78 107.19 34.23
N LEU QB 106 -27.80 107.95 33.84
CA LEU QB 106 -27.77 109.41 33.94
C LEU QB 106 -27.83 109.88 35.40
N LYS QB 107 -28.54 109.13 36.24
CA LYS QB 107 -28.51 109.37 37.70
C LYS QB 107 -27.12 109.14 38.29
N LEU QB 108 -26.45 108.08 37.83
CA LEU QB 108 -25.09 107.77 38.30
C LEU QB 108 -24.08 108.84 37.90
N LEU QB 109 -24.31 109.45 36.73
CA LEU QB 109 -23.46 110.52 36.21
C LEU QB 109 -23.97 111.93 36.58
N ASP QB 110 -25.01 111.99 37.42
CA ASP QB 110 -25.67 113.24 37.84
C ASP QB 110 -26.27 114.01 36.66
N PHE QB 111 -27.47 113.59 36.24
CA PHE QB 111 -28.22 114.26 35.17
C PHE QB 111 -29.75 114.13 35.33
N GLY QB 112 -30.45 115.16 34.85
CA GLY QB 112 -31.91 115.21 34.79
C GLY QB 112 -32.36 116.15 33.70
N SER QB 113 -32.16 115.73 32.45
CA SER QB 113 -32.41 116.55 31.26
C SER QB 113 -33.78 116.22 30.63
N LEU QB 114 -34.06 116.77 29.45
CA LEU QB 114 -35.35 116.54 28.76
C LEU QB 114 -35.34 115.30 27.85
N SER QB 115 -35.85 114.19 28.39
CA SER QB 115 -35.91 112.90 27.68
C SER QB 115 -36.94 111.96 28.32
N ASN QB 116 -37.81 111.38 27.50
CA ASN QB 116 -38.90 110.51 27.98
C ASN QB 116 -38.41 109.12 28.34
N LEU QB 117 -38.96 108.56 29.42
CA LEU QB 117 -38.65 107.22 29.89
C LEU QB 117 -39.79 106.28 29.52
N GLN QB 118 -39.47 105.12 28.93
CA GLN QB 118 -40.50 104.11 28.65
C GLN QB 118 -39.90 102.72 28.34
N VAL QB 119 -40.30 101.72 29.14
CA VAL QB 119 -40.14 100.30 28.78
C VAL QB 119 -41.37 99.49 29.19
N THR QB 120 -41.55 98.36 28.49
CA THR QB 120 -42.50 97.32 28.88
C THR QB 120 -41.88 95.95 28.60
N GLN QB 121 -41.54 95.71 27.33
CA GLN QB 121 -40.80 94.54 26.85
C GLN QB 121 -40.29 93.54 27.90
N PRO QB 122 -41.05 92.47 28.17
CA PRO QB 122 -40.54 91.32 28.94
C PRO QB 122 -39.55 90.46 28.12
N THR QB 123 -38.47 90.00 28.77
CA THR QB 123 -37.42 89.19 28.12
C THR QB 123 -38.03 88.13 27.22
N VAL QB 124 -37.91 88.34 25.91
CA VAL QB 124 -38.64 87.53 24.93
C VAL QB 124 -37.97 86.18 24.80
N GLY QB 125 -36.75 86.20 24.27
CA GLY QB 125 -36.08 85.00 23.77
C GLY QB 125 -35.56 85.31 22.39
N MET QB 126 -34.27 85.63 22.31
CA MET QB 126 -33.69 86.23 21.11
C MET QB 126 -33.21 85.10 20.19
N ASN QB 127 -33.38 85.32 18.88
CA ASN QB 127 -33.17 84.32 17.80
C ASN QB 127 -34.03 83.04 17.94
N PHE QB 128 -33.68 81.98 17.23
CA PHE QB 128 -34.18 80.64 17.52
C PHE QB 128 -33.12 79.59 17.11
N LYS QB 129 -32.87 78.63 18.00
CA LYS QB 129 -31.87 77.58 17.78
C LYS QB 129 -32.49 76.46 16.95
N PRO RB 1 -31.38 42.08 -88.85
CA PRO RB 1 -31.55 41.22 -90.02
C PRO RB 1 -30.47 40.13 -90.13
N GLU RB 2 -30.46 39.42 -91.26
CA GLU RB 2 -29.51 38.33 -91.54
C GLU RB 2 -29.63 37.17 -90.55
N LYS RB 3 -30.32 36.11 -90.95
CA LYS RB 3 -30.47 34.89 -90.14
C LYS RB 3 -29.62 33.77 -90.74
N PHE RB 4 -28.38 33.64 -90.24
CA PHE RB 4 -27.43 32.64 -90.73
C PHE RB 4 -26.54 32.03 -89.63
N GLN RB 5 -25.32 32.55 -89.48
CA GLN RB 5 -24.27 31.84 -88.72
C GLN RB 5 -24.53 31.93 -87.23
N HIS RB 6 -24.08 33.01 -86.61
CA HIS RB 6 -24.22 33.25 -85.16
C HIS RB 6 -23.54 32.12 -84.41
N ILE RB 7 -22.36 32.45 -83.89
CA ILE RB 7 -21.19 31.56 -83.74
C ILE RB 7 -20.42 31.49 -85.05
N LEU RB 8 -19.09 31.46 -84.94
CA LEU RB 8 -18.19 31.32 -86.07
C LEU RB 8 -17.02 30.42 -85.70
N ARG RB 9 -16.43 29.77 -86.71
CA ARG RB 9 -15.22 28.96 -86.54
C ARG RB 9 -14.17 29.42 -87.56
N VAL RB 10 -13.09 30.01 -87.06
CA VAL RB 10 -12.08 30.66 -87.90
C VAL RB 10 -10.71 30.41 -87.29
N LEU RB 11 -9.84 29.75 -88.06
CA LEU RB 11 -8.43 29.60 -87.70
C LEU RB 11 -8.26 28.97 -86.30
N ASN RB 12 -8.94 27.84 -86.11
CA ASN RB 12 -9.01 27.10 -84.83
C ASN RB 12 -9.77 27.76 -83.66
N THR RB 13 -10.16 29.02 -83.79
CA THR RB 13 -10.85 29.75 -82.71
C THR RB 13 -12.35 29.85 -82.97
N ASN RB 14 -13.10 29.98 -81.87
CA ASN RB 14 -14.55 30.11 -81.92
C ASN RB 14 -14.95 31.57 -81.73
N ILE RB 15 -15.14 32.28 -82.83
CA ILE RB 15 -15.53 33.69 -82.80
C ILE RB 15 -17.02 33.82 -82.52
N ASP RB 16 -17.35 34.70 -81.58
CA ASP RB 16 -18.75 34.99 -81.25
C ASP RB 16 -19.34 35.82 -82.37
N GLY RB 17 -20.17 35.19 -83.19
CA GLY RB 17 -21.04 35.91 -84.11
C GLY RB 17 -21.92 36.92 -83.39
N ARG RB 18 -22.29 36.58 -82.16
CA ARG RB 18 -23.06 37.45 -81.29
C ARG RB 18 -22.42 38.85 -81.15
N ARG RB 19 -21.10 38.89 -81.07
CA ARG RB 19 -20.33 40.15 -80.97
C ARG RB 19 -20.34 40.95 -82.26
N LYS RB 20 -19.94 42.21 -82.15
CA LYS RB 20 -19.79 43.11 -83.30
C LYS RB 20 -18.40 42.87 -83.89
N ILE RB 21 -18.25 43.03 -85.21
CA ILE RB 21 -17.18 42.36 -85.98
C ILE RB 21 -15.77 42.77 -85.63
N ALA RB 22 -15.53 44.07 -85.52
CA ALA RB 22 -14.18 44.58 -85.19
C ALA RB 22 -13.68 44.06 -83.83
N PHE RB 23 -14.61 43.92 -82.89
CA PHE RB 23 -14.32 43.39 -81.55
C PHE RB 23 -14.50 41.87 -81.46
N ALA RB 24 -15.27 41.30 -82.39
CA ALA RB 24 -15.46 39.85 -82.46
C ALA RB 24 -14.21 39.10 -82.90
N ILE RB 25 -13.48 39.65 -83.87
CA ILE RB 25 -12.28 39.01 -84.40
C ILE RB 25 -11.24 38.88 -83.30
N THR RB 26 -11.10 39.95 -82.52
CA THR RB 26 -10.02 40.08 -81.53
C THR RB 26 -9.92 38.92 -80.53
N ALA RB 27 -11.00 38.15 -80.40
CA ALA RB 27 -10.99 36.83 -79.74
C ALA RB 27 -9.79 35.97 -80.12
N ILE RB 28 -9.40 36.03 -81.39
CA ILE RB 28 -8.21 35.32 -81.87
C ILE RB 28 -6.95 35.86 -81.18
N LYS RB 29 -6.03 34.95 -80.84
CA LYS RB 29 -4.72 35.34 -80.30
C LYS RB 29 -3.94 36.00 -81.44
N GLY RB 30 -3.50 37.22 -81.21
CA GLY RB 30 -2.63 37.93 -82.15
C GLY RB 30 -3.23 39.14 -82.86
N VAL RB 31 -4.51 39.40 -82.63
CA VAL RB 31 -5.20 40.53 -83.23
C VAL RB 31 -5.94 41.32 -82.15
N GLY RB 32 -5.59 42.60 -82.06
CA GLY RB 32 -6.10 43.51 -81.03
C GLY RB 32 -6.93 44.57 -81.70
N ARG RB 33 -7.67 45.33 -80.90
CA ARG RB 33 -8.67 46.25 -81.42
C ARG RB 33 -8.14 47.17 -82.52
N ARG RB 34 -6.86 47.54 -82.44
CA ARG RB 34 -6.17 48.22 -83.54
C ARG RB 34 -6.25 47.43 -84.84
N TYR RB 35 -5.61 46.26 -84.82
CA TYR RB 35 -5.36 45.47 -86.02
C TYR RB 35 -6.65 44.98 -86.66
N ALA RB 36 -7.63 44.60 -85.85
CA ALA RB 36 -8.92 44.17 -86.36
C ALA RB 36 -9.62 45.29 -87.11
N HIS RB 37 -9.60 46.49 -86.55
CA HIS RB 37 -10.22 47.65 -87.22
C HIS RB 37 -9.53 47.95 -88.54
N VAL RB 38 -8.20 47.90 -88.54
CA VAL RB 38 -7.42 48.09 -89.76
C VAL RB 38 -7.81 47.03 -90.79
N VAL RB 39 -7.82 45.78 -90.36
CA VAL RB 39 -8.15 44.65 -91.22
C VAL RB 39 -9.54 44.83 -91.81
N LEU RB 40 -10.50 45.26 -91.01
CA LEU RB 40 -11.83 45.51 -91.52
C LEU RB 40 -11.90 46.64 -92.54
N ARG RB 41 -11.12 47.70 -92.33
CA ARG RB 41 -11.10 48.81 -93.29
C ARG RB 41 -10.51 48.43 -94.65
N LYS RB 42 -9.51 47.55 -94.64
CA LYS RB 42 -8.92 47.04 -95.89
C LYS RB 42 -9.86 46.05 -96.60
N ALA RB 43 -10.69 45.34 -95.83
CA ALA RB 43 -11.73 44.48 -96.38
C ALA RB 43 -12.87 45.26 -97.04
N ASP RB 44 -13.11 46.47 -96.52
CA ASP RB 44 -14.19 47.35 -96.98
C ASP RB 44 -15.53 46.72 -96.62
N ILE RB 45 -15.76 46.63 -95.31
CA ILE RB 45 -16.96 46.06 -94.74
C ILE RB 45 -17.66 47.13 -93.90
N ASP RB 46 -18.99 47.11 -93.94
CA ASP RB 46 -19.80 47.92 -93.03
C ASP RB 46 -19.64 47.28 -91.66
N LEU RB 47 -18.73 47.84 -90.86
CA LEU RB 47 -18.36 47.28 -89.55
C LEU RB 47 -19.36 47.50 -88.41
N THR RB 48 -20.47 48.20 -88.69
CA THR RB 48 -21.61 48.25 -87.77
C THR RB 48 -22.32 46.91 -87.62
N LYS RB 49 -22.17 46.04 -88.62
CA LYS RB 49 -22.74 44.68 -88.60
C LYS RB 49 -22.21 43.83 -87.45
N ARG RB 50 -23.02 42.88 -87.02
CA ARG RB 50 -22.56 41.82 -86.13
C ARG RB 50 -21.81 40.78 -86.94
N ALA RB 51 -20.93 40.04 -86.27
CA ALA RB 51 -20.18 38.94 -86.90
C ALA RB 51 -21.09 37.77 -87.29
N GLY RB 52 -22.26 37.67 -86.64
CA GLY RB 52 -23.28 36.68 -86.98
C GLY RB 52 -23.98 36.94 -88.31
N GLU RB 53 -23.89 38.19 -88.79
CA GLU RB 53 -24.24 38.52 -90.17
C GLU RB 53 -23.02 38.17 -91.04
N LEU RB 54 -22.77 38.89 -92.14
CA LEU RB 54 -21.59 38.65 -93.02
C LEU RB 54 -21.72 37.36 -93.84
N THR RB 55 -21.38 37.43 -95.13
CA THR RB 55 -21.34 36.22 -95.97
C THR RB 55 -20.08 35.45 -95.65
N GLU RB 56 -20.10 34.14 -95.90
CA GLU RB 56 -18.91 33.30 -95.72
C GLU RB 56 -17.73 33.74 -96.60
N ASP RB 57 -18.04 34.32 -97.76
CA ASP RB 57 -17.01 34.91 -98.62
C ASP RB 57 -16.32 36.06 -97.93
N GLU RB 58 -17.11 36.96 -97.34
CA GLU RB 58 -16.57 38.10 -96.60
C GLU RB 58 -15.64 37.70 -95.46
N VAL RB 59 -16.01 36.67 -94.70
CA VAL RB 59 -15.17 36.23 -93.56
C VAL RB 59 -13.87 35.62 -94.09
N GLU RB 60 -13.95 34.87 -95.19
CA GLU RB 60 -12.76 34.34 -95.84
C GLU RB 60 -11.86 35.46 -96.35
N ARG RB 61 -12.49 36.50 -96.92
CA ARG RB 61 -11.77 37.69 -97.41
C ARG RB 61 -11.02 38.40 -96.28
N VAL RB 62 -11.68 38.54 -95.14
CA VAL RB 62 -11.06 39.11 -93.94
C VAL RB 62 -9.86 38.29 -93.50
N ILE RB 63 -10.04 36.97 -93.43
CA ILE RB 63 -8.98 36.03 -93.01
C ILE RB 63 -7.74 36.18 -93.88
N THR RB 64 -7.94 36.31 -95.19
CA THR RB 64 -6.81 36.45 -96.13
C THR RB 64 -6.03 37.74 -95.94
N ILE RB 65 -6.74 38.81 -95.59
CA ILE RB 65 -6.09 40.09 -95.26
C ILE RB 65 -5.29 39.95 -93.96
N MET RB 66 -5.93 39.38 -92.96
CA MET RB 66 -5.34 39.20 -91.63
C MET RB 66 -4.07 38.35 -91.70
N GLN RB 67 -4.12 37.28 -92.48
CA GLN RB 67 -2.96 36.40 -92.68
C GLN RB 67 -1.82 37.09 -93.41
N ASN RB 68 -2.17 37.81 -94.48
CA ASN RB 68 -1.21 38.38 -95.40
C ASN RB 68 -1.43 39.89 -95.43
N PRO RB 69 -1.03 40.60 -94.35
CA PRO RB 69 -1.38 42.00 -94.17
C PRO RB 69 -0.74 42.93 -95.19
N ARG RB 70 0.53 42.70 -95.51
CA ARG RB 70 1.31 43.65 -96.30
C ARG RB 70 0.96 43.68 -97.81
N GLN RB 71 0.22 42.67 -98.28
CA GLN RB 71 -0.30 42.63 -99.65
C GLN RB 71 -1.52 43.52 -99.87
N TYR RB 72 -2.19 43.93 -98.80
CA TYR RB 72 -3.33 44.86 -98.88
C TYR RB 72 -3.04 46.16 -98.13
N LYS RB 73 -1.77 46.56 -98.11
CA LYS RB 73 -1.30 47.84 -97.56
C LYS RB 73 -1.49 48.05 -96.05
N ILE RB 74 -1.65 46.96 -95.29
CA ILE RB 74 -1.57 47.06 -93.83
C ILE RB 74 -0.08 47.25 -93.55
N PRO RB 75 0.32 48.40 -93.00
CA PRO RB 75 1.72 48.83 -93.00
C PRO RB 75 2.62 48.05 -92.03
N ASP RB 76 3.85 48.52 -91.85
CA ASP RB 76 4.92 47.72 -91.24
C ASP RB 76 4.78 47.64 -89.71
N TRP RB 77 4.73 48.79 -89.04
CA TRP RB 77 4.27 48.87 -87.64
C TRP RB 77 3.17 47.90 -87.18
N PHE RB 78 1.98 47.97 -87.77
CA PHE RB 78 0.88 47.06 -87.42
C PHE RB 78 1.23 45.61 -87.74
N LEU RB 79 2.18 45.07 -87.00
CA LEU RB 79 2.70 43.74 -87.22
C LEU RB 79 3.36 43.34 -85.91
N ASN RB 80 2.86 42.28 -85.29
CA ASN RB 80 3.30 41.93 -83.95
C ASN RB 80 4.70 41.31 -83.93
N ARG RB 81 5.20 40.90 -85.10
CA ARG RB 81 6.55 40.36 -85.26
C ARG RB 81 7.30 41.09 -86.38
N GLN RB 82 8.11 42.06 -86.00
CA GLN RB 82 8.89 42.86 -86.94
C GLN RB 82 10.35 42.45 -86.83
N LYS RB 83 11.01 42.14 -87.96
CA LYS RB 83 12.46 41.86 -87.99
C LYS RB 83 12.84 40.71 -87.03
N ASP RB 84 12.29 39.54 -87.32
CA ASP RB 84 12.07 38.50 -86.29
C ASP RB 84 13.14 37.39 -86.14
N VAL RB 85 14.39 37.72 -86.43
CA VAL RB 85 15.55 36.83 -86.20
C VAL RB 85 15.56 35.58 -87.10
N LYS RB 86 14.62 34.66 -86.89
CA LYS RB 86 14.48 33.48 -87.77
C LYS RB 86 13.96 33.98 -89.11
N ASP RB 87 14.90 34.27 -90.01
CA ASP RB 87 14.67 35.04 -91.24
C ASP RB 87 14.33 36.50 -90.92
N GLY RB 88 14.78 37.40 -91.79
CA GLY RB 88 14.62 38.84 -91.58
C GLY RB 88 13.33 39.36 -92.17
N LYS RB 89 12.22 38.75 -91.74
CA LYS RB 89 10.90 39.07 -92.25
C LYS RB 89 10.21 40.04 -91.31
N TYR RB 90 9.02 40.46 -91.69
CA TYR RB 90 8.19 41.31 -90.85
C TYR RB 90 6.74 41.00 -91.18
N SER RB 91 6.02 40.47 -90.19
CA SER RB 91 4.72 39.85 -90.38
C SER RB 91 3.94 39.74 -89.08
N GLN RB 92 2.66 39.38 -89.17
CA GLN RB 92 1.80 39.32 -88.00
C GLN RB 92 1.35 37.90 -87.68
N VAL RB 93 1.87 37.36 -86.57
CA VAL RB 93 1.71 35.96 -86.21
C VAL RB 93 0.43 35.81 -85.42
N LEU RB 94 -0.31 34.75 -85.72
CA LEU RB 94 -1.68 34.59 -85.25
C LEU RB 94 -1.95 33.17 -84.74
N ALA RB 95 -2.95 33.06 -83.87
CA ALA RB 95 -3.47 31.78 -83.38
C ALA RB 95 -2.40 31.00 -82.60
N ASN RB 96 -2.50 29.66 -82.60
CA ASN RB 96 -1.44 28.79 -82.07
C ASN RB 96 -0.02 29.06 -82.61
N GLY RB 97 0.08 29.54 -83.85
CA GLY RB 97 1.35 29.95 -84.45
C GLY RB 97 2.08 31.02 -83.64
N LEU RB 98 1.33 31.98 -83.10
CA LEU RB 98 1.87 33.03 -82.22
C LEU RB 98 2.48 32.43 -80.97
N ASP RB 99 1.70 31.59 -80.28
CA ASP RB 99 2.16 30.94 -79.07
C ASP RB 99 3.37 30.03 -79.31
N ASN RB 100 3.43 29.43 -80.49
CA ASN RB 100 4.57 28.62 -80.90
C ASN RB 100 5.82 29.48 -81.10
N LYS RB 101 5.66 30.64 -81.73
CA LYS RB 101 6.76 31.59 -81.93
C LYS RB 101 7.33 32.10 -80.61
N LEU RB 102 6.45 32.42 -79.68
CA LEU RB 102 6.85 32.82 -78.33
C LEU RB 102 7.70 31.75 -77.68
N ARG RB 103 7.21 30.50 -77.69
CA ARG RB 103 7.90 29.38 -77.06
C ARG RB 103 9.28 29.13 -77.67
N GLU RB 104 9.40 29.31 -78.98
CA GLU RB 104 10.69 29.22 -79.67
C GLU RB 104 11.70 30.29 -79.21
N ASP RB 105 11.23 31.52 -79.00
CA ASP RB 105 12.08 32.60 -78.49
C ASP RB 105 12.55 32.35 -77.06
N LEU RB 106 11.65 31.91 -76.19
CA LEU RB 106 11.99 31.56 -74.82
C LEU RB 106 12.98 30.41 -74.82
N GLU RB 107 12.70 29.41 -75.65
CA GLU RB 107 13.60 28.26 -75.85
C GLU RB 107 14.96 28.70 -76.40
N ARG RB 108 14.96 29.70 -77.28
CA ARG RB 108 16.21 30.24 -77.83
C ARG RB 108 17.08 30.87 -76.74
N LEU RB 109 16.48 31.76 -75.95
CA LEU RB 109 17.19 32.37 -74.82
C LEU RB 109 17.70 31.34 -73.80
N LYS RB 110 16.88 30.32 -73.54
CA LYS RB 110 17.23 29.20 -72.67
C LYS RB 110 18.47 28.47 -73.17
N LYS RB 111 18.46 28.14 -74.47
CA LYS RB 111 19.58 27.48 -75.14
C LYS RB 111 20.85 28.33 -75.11
N ILE RB 112 20.69 29.64 -75.24
CA ILE RB 112 21.79 30.60 -75.16
C ILE RB 112 22.37 30.71 -73.74
N ARG RB 113 21.57 30.35 -72.72
CA ARG RB 113 21.82 30.68 -71.31
C ARG RB 113 22.16 32.16 -71.12
N ALA RB 114 21.24 32.99 -71.60
CA ALA RB 114 21.22 34.42 -71.31
C ALA RB 114 20.55 34.67 -69.97
N HIS RB 115 20.63 35.90 -69.51
CA HIS RB 115 20.03 36.32 -68.26
C HIS RB 115 18.51 36.18 -68.31
N ARG RB 116 17.93 36.80 -69.33
CA ARG RB 116 16.49 36.92 -69.51
C ARG RB 116 15.77 35.57 -69.63
N GLY RB 117 16.44 34.60 -70.26
CA GLY RB 117 15.91 33.25 -70.36
C GLY RB 117 15.94 32.53 -69.03
N LEU RB 118 17.03 32.72 -68.28
CA LEU RB 118 17.19 32.12 -66.95
C LEU RB 118 16.09 32.55 -65.99
N ARG RB 119 15.77 33.84 -65.99
CA ARG RB 119 14.70 34.35 -65.15
C ARG RB 119 13.35 33.79 -65.61
N HIS RB 120 13.16 33.76 -66.93
CA HIS RB 120 12.01 33.08 -67.53
C HIS RB 120 11.90 31.64 -67.07
N PHE RB 121 13.04 30.95 -67.07
CA PHE RB 121 13.11 29.58 -66.59
C PHE RB 121 12.80 29.43 -65.10
N TRP RB 122 13.25 30.41 -64.32
CA TRP RB 122 13.08 30.41 -62.87
C TRP RB 122 11.73 30.93 -62.39
N GLY RB 123 10.91 31.44 -63.30
CA GLY RB 123 9.55 31.89 -62.97
C GLY RB 123 9.57 33.17 -62.18
N LEU RB 124 10.48 34.06 -62.57
CA LEU RB 124 10.63 35.35 -61.94
C LEU RB 124 10.23 36.43 -62.91
N ARG RB 125 10.21 37.66 -62.42
CA ARG RB 125 10.00 38.80 -63.28
C ARG RB 125 11.24 39.01 -64.13
N VAL RB 126 11.00 39.35 -65.38
CA VAL RB 126 12.05 39.52 -66.37
C VAL RB 126 12.40 41.00 -66.60
N ARG RB 127 11.40 41.88 -66.58
CA ARG RB 127 11.58 43.31 -66.89
C ARG RB 127 11.96 44.10 -65.64
N GLY RB 128 13.15 43.75 -65.11
CA GLY RB 128 13.73 44.30 -63.87
C GLY RB 128 12.89 45.10 -62.91
N GLN RB 129 11.74 44.54 -62.55
CA GLN RB 129 10.89 45.12 -61.52
C GLN RB 129 11.28 44.50 -60.19
N HIS RB 130 11.00 45.24 -59.12
CA HIS RB 130 11.41 44.85 -57.78
C HIS RB 130 10.53 43.67 -57.35
N THR RB 131 11.16 42.59 -56.91
CA THR RB 131 10.44 41.36 -56.57
C THR RB 131 10.36 41.09 -55.06
N LYS RB 132 10.83 42.04 -54.25
CA LYS RB 132 10.77 41.96 -52.80
C LYS RB 132 9.33 42.04 -52.29
N THR RB 133 8.52 42.83 -52.98
CA THR RB 133 7.23 43.26 -52.48
C THR RB 133 6.00 42.71 -53.21
N THR RB 134 6.16 42.20 -54.43
CA THR RB 134 5.02 41.83 -55.28
C THR RB 134 5.14 40.47 -55.96
N GLY RB 135 4.00 39.96 -56.41
CA GLY RB 135 3.92 38.69 -57.11
C GLY RB 135 4.24 37.50 -56.23
N ARG RB 136 3.60 37.44 -55.07
CA ARG RB 136 3.79 36.34 -54.14
C ARG RB 136 2.81 35.19 -54.43
N ARG RB 137 3.24 34.32 -55.35
CA ARG RB 137 2.44 33.16 -55.80
C ARG RB 137 3.24 31.88 -55.64
N VAL SB 1 -25.21 87.48 -90.65
CA VAL SB 1 -24.85 86.59 -89.51
C VAL SB 1 -23.47 85.95 -89.68
N THR SB 2 -22.67 86.02 -88.62
CA THR SB 2 -21.31 85.44 -88.60
C THR SB 2 -21.35 83.97 -88.16
N VAL SB 3 -20.17 83.39 -87.86
CA VAL SB 3 -20.09 81.98 -87.43
C VAL SB 3 -20.32 81.84 -85.93
N LYS SB 4 -19.91 82.85 -85.15
CA LYS SB 4 -20.11 82.88 -83.69
C LYS SB 4 -21.60 82.87 -83.29
N ASP SB 5 -22.47 83.34 -84.19
CA ASP SB 5 -23.92 83.31 -83.97
C ASP SB 5 -24.54 81.90 -84.12
N VAL SB 6 -23.72 80.90 -84.48
CA VAL SB 6 -24.18 79.55 -84.75
C VAL SB 6 -23.61 78.60 -83.69
N ASN SB 7 -24.38 77.56 -83.38
CA ASN SB 7 -23.98 76.57 -82.36
C ASN SB 7 -22.89 75.69 -82.93
N GLN SB 8 -21.66 75.93 -82.47
CA GLN SB 8 -20.44 75.41 -83.12
C GLN SB 8 -20.43 73.91 -83.47
N GLN SB 9 -21.15 73.10 -82.72
CA GLN SB 9 -21.26 71.67 -82.98
C GLN SB 9 -21.87 71.36 -84.33
N GLU SB 10 -23.05 71.90 -84.59
CA GLU SB 10 -23.77 71.68 -85.84
C GLU SB 10 -23.18 72.47 -87.02
N PHE SB 11 -22.30 73.42 -86.72
CA PHE SB 11 -21.50 74.09 -87.72
C PHE SB 11 -20.49 73.15 -88.39
N VAL SB 12 -19.66 72.50 -87.58
CA VAL SB 12 -18.60 71.61 -88.11
C VAL SB 12 -19.11 70.40 -88.89
N ARG SB 13 -20.32 69.96 -88.54
CA ARG SB 13 -21.02 68.93 -89.32
C ARG SB 13 -21.29 69.42 -90.73
N ALA SB 14 -21.82 70.64 -90.83
CA ALA SB 14 -22.15 71.28 -92.12
C ALA SB 14 -20.92 71.64 -92.95
N LEU SB 15 -19.85 72.07 -92.28
CA LEU SB 15 -18.59 72.34 -92.95
C LEU SB 15 -17.95 71.07 -93.48
N ALA SB 16 -18.06 69.97 -92.73
CA ALA SB 16 -17.51 68.68 -93.16
C ALA SB 16 -18.21 68.18 -94.42
N ALA SB 17 -19.54 68.26 -94.42
CA ALA SB 17 -20.34 67.92 -95.59
C ALA SB 17 -19.97 68.80 -96.80
N PHE SB 18 -19.74 70.09 -96.54
CA PHE SB 18 -19.27 71.04 -97.56
C PHE SB 18 -17.97 70.56 -98.17
N LEU SB 19 -17.02 70.18 -97.32
CA LEU SB 19 -15.70 69.74 -97.76
C LEU SB 19 -15.71 68.39 -98.50
N LYS SB 20 -16.67 67.54 -98.17
CA LYS SB 20 -16.91 66.31 -98.94
C LYS SB 20 -17.47 66.58 -100.33
N LYS SB 21 -18.52 67.42 -100.39
CA LYS SB 21 -19.17 67.82 -101.65
C LYS SB 21 -18.21 68.47 -102.63
N SER SB 22 -17.34 69.33 -102.11
CA SER SB 22 -16.27 69.96 -102.89
C SER SB 22 -15.37 68.89 -103.50
N GLY SB 23 -14.91 67.96 -102.66
CA GLY SB 23 -14.12 66.81 -103.12
C GLY SB 23 -12.80 67.19 -103.75
N LYS SB 24 -12.10 68.12 -103.13
CA LYS SB 24 -10.78 68.57 -103.60
C LYS SB 24 -9.97 69.06 -102.40
N LEU SB 25 -9.80 68.15 -101.44
CA LEU SB 25 -9.14 68.46 -100.17
C LEU SB 25 -7.69 68.00 -100.21
N LYS SB 26 -7.51 66.69 -100.43
CA LYS SB 26 -6.25 65.94 -100.32
C LYS SB 26 -6.18 65.18 -99.01
N VAL SB 27 -7.08 64.20 -98.87
CA VAL SB 27 -6.95 63.20 -97.80
C VAL SB 27 -5.76 62.32 -98.17
N PRO SB 28 -4.76 62.21 -97.27
CA PRO SB 28 -3.60 61.38 -97.59
C PRO SB 28 -3.89 59.87 -97.61
N GLU SB 29 -2.84 59.06 -97.76
CA GLU SB 29 -2.97 57.61 -97.84
C GLU SB 29 -3.39 56.96 -96.52
N TRP SB 30 -2.78 57.38 -95.40
CA TRP SB 30 -2.99 56.69 -94.12
C TRP SB 30 -4.43 56.61 -93.62
N VAL SB 31 -5.07 57.76 -93.46
CA VAL SB 31 -6.43 57.92 -92.87
C VAL SB 31 -7.04 56.69 -92.17
N ASP SB 32 -7.18 55.61 -92.92
CA ASP SB 32 -7.69 54.33 -92.43
C ASP SB 32 -6.84 53.76 -91.30
N THR SB 33 -5.54 53.67 -91.56
CA THR SB 33 -4.58 53.00 -90.67
C THR SB 33 -4.20 53.78 -89.39
N VAL SB 34 -4.16 55.11 -89.47
CA VAL SB 34 -3.55 55.95 -88.43
C VAL SB 34 -4.31 55.97 -87.09
N LYS SB 35 -3.57 56.26 -86.01
CA LYS SB 35 -4.13 56.34 -84.64
C LYS SB 35 -4.84 57.66 -84.33
N LEU SB 36 -4.20 58.76 -84.70
CA LEU SB 36 -4.72 60.15 -84.57
C LEU SB 36 -4.08 60.94 -83.43
N ALA SB 37 -3.65 60.25 -82.38
CA ALA SB 37 -2.77 60.81 -81.34
C ALA SB 37 -2.33 59.70 -80.39
N LYS SB 38 -1.20 59.88 -79.72
CA LYS SB 38 -0.71 58.88 -78.77
C LYS SB 38 -1.61 58.66 -77.54
N HIS SB 39 -2.54 59.59 -77.31
CA HIS SB 39 -3.70 59.38 -76.42
C HIS SB 39 -4.41 58.07 -76.60
N LYS SB 40 -4.76 57.81 -77.86
CA LYS SB 40 -5.96 57.10 -78.18
C LYS SB 40 -5.72 55.59 -78.14
N GLU SB 41 -6.69 54.87 -77.63
CA GLU SB 41 -6.70 53.40 -77.72
C GLU SB 41 -6.96 52.98 -79.17
N LEU SB 42 -7.90 53.70 -79.81
CA LEU SB 42 -8.43 53.34 -81.11
C LEU SB 42 -8.26 54.47 -82.12
N ALA SB 43 -8.66 54.21 -83.37
CA ALA SB 43 -8.82 55.24 -84.40
C ALA SB 43 -10.29 55.67 -84.46
N PRO SB 44 -10.59 56.79 -85.13
CA PRO SB 44 -11.98 57.27 -85.24
C PRO SB 44 -12.99 56.31 -85.87
N TYR SB 45 -14.20 56.26 -85.29
CA TYR SB 45 -15.28 55.39 -85.76
C TYR SB 45 -15.88 55.93 -87.03
N ASP SB 46 -16.03 57.26 -87.10
CA ASP SB 46 -16.43 57.97 -88.32
C ASP SB 46 -15.28 57.83 -89.33
N GLU SB 47 -15.53 57.10 -90.41
CA GLU SB 47 -14.46 56.67 -91.32
C GLU SB 47 -13.90 57.81 -92.19
N ASN SB 48 -14.70 58.87 -92.40
CA ASN SB 48 -14.24 60.06 -93.11
C ASN SB 48 -13.99 61.21 -92.14
N TRP SB 49 -13.16 60.92 -91.14
CA TRP SB 49 -12.84 61.87 -90.08
C TRP SB 49 -12.02 63.06 -90.55
N PHE SB 50 -11.16 62.84 -91.54
CA PHE SB 50 -10.25 63.90 -92.02
C PHE SB 50 -10.98 65.17 -92.38
N TYR SB 51 -12.13 65.01 -93.04
CA TYR SB 51 -12.98 66.12 -93.45
C TYR SB 51 -13.48 66.87 -92.22
N THR SB 52 -13.91 66.11 -91.21
CA THR SB 52 -14.41 66.67 -89.96
C THR SB 52 -13.36 67.50 -89.26
N ARG SB 53 -12.15 66.98 -89.06
CA ARG SB 53 -11.15 67.75 -88.32
C ARG SB 53 -10.56 68.88 -89.17
N ALA SB 54 -10.54 68.70 -90.49
CA ALA SB 54 -10.17 69.80 -91.37
C ALA SB 54 -11.09 70.99 -91.14
N ALA SB 55 -12.40 70.71 -91.13
CA ALA SB 55 -13.42 71.71 -90.81
C ALA SB 55 -13.17 72.35 -89.45
N SER SB 56 -12.90 71.51 -88.46
CA SER SB 56 -12.62 71.96 -87.10
C SER SB 56 -11.38 72.85 -87.01
N THR SB 57 -10.37 72.54 -87.80
CA THR SB 57 -9.17 73.38 -87.86
C THR SB 57 -9.49 74.74 -88.47
N ALA SB 58 -10.22 74.72 -89.58
CA ALA SB 58 -10.61 75.95 -90.26
C ALA SB 58 -11.37 76.84 -89.29
N ARG SB 59 -12.39 76.29 -88.63
CA ARG SB 59 -13.22 77.12 -87.74
C ARG SB 59 -12.37 77.65 -86.59
N HIS SB 60 -11.44 76.85 -86.10
CA HIS SB 60 -10.50 77.31 -85.06
C HIS SB 60 -9.69 78.49 -85.58
N LEU SB 61 -9.20 78.38 -86.82
CA LEU SB 61 -8.43 79.45 -87.46
C LEU SB 61 -9.21 80.75 -87.62
N TYR SB 62 -10.50 80.66 -87.94
CA TYR SB 62 -11.36 81.84 -88.02
C TYR SB 62 -11.43 82.55 -86.67
N LEU SB 63 -11.70 81.76 -85.64
CA LEU SB 63 -11.87 82.28 -84.27
C LEU SB 63 -10.58 82.85 -83.70
N ARG SB 64 -9.48 82.10 -83.87
CA ARG SB 64 -8.15 82.52 -83.45
C ARG SB 64 -7.16 82.26 -84.59
N GLY SB 65 -6.50 83.31 -85.06
CA GLY SB 65 -5.52 83.19 -86.14
C GLY SB 65 -4.14 82.81 -85.65
N GLY SB 66 -3.19 82.78 -86.59
CA GLY SB 66 -1.78 82.51 -86.29
C GLY SB 66 -1.48 81.16 -85.66
N ALA SB 67 -2.29 80.16 -85.99
CA ALA SB 67 -2.22 78.84 -85.36
C ALA SB 67 -1.31 77.89 -86.13
N GLY SB 68 -0.11 77.67 -85.61
CA GLY SB 68 0.82 76.72 -86.21
C GLY SB 68 0.43 75.28 -85.93
N VAL SB 69 1.28 74.36 -86.37
CA VAL SB 69 1.02 72.93 -86.21
C VAL SB 69 1.04 72.60 -84.72
N GLY SB 70 2.09 73.04 -84.04
CA GLY SB 70 2.18 72.89 -82.59
C GLY SB 70 0.95 73.42 -81.87
N SER SB 71 0.45 74.57 -82.31
CA SER SB 71 -0.76 75.14 -81.74
C SER SB 71 -1.96 74.24 -82.04
N MET SB 72 -2.01 73.66 -83.24
CA MET SB 72 -3.07 72.71 -83.58
C MET SB 72 -2.99 71.39 -82.81
N THR SB 73 -1.80 70.98 -82.41
CA THR SB 73 -1.66 69.77 -81.57
C THR SB 73 -2.14 70.04 -80.14
N LYS SB 74 -1.78 71.20 -79.62
CA LYS SB 74 -2.18 71.62 -78.28
C LYS SB 74 -3.69 71.65 -78.13
N ILE SB 75 -4.38 72.22 -79.12
CA ILE SB 75 -5.85 72.29 -79.09
C ILE SB 75 -6.50 70.92 -79.21
N TYR SB 76 -5.87 70.01 -79.93
CA TYR SB 76 -6.37 68.65 -80.04
C TYR SB 76 -5.62 67.73 -79.06
N GLY SB 77 -5.59 68.14 -77.80
CA GLY SB 77 -4.92 67.44 -76.71
C GLY SB 77 -5.94 66.93 -75.70
N GLY SB 78 -5.49 66.16 -74.72
CA GLY SB 78 -6.40 65.43 -73.84
C GLY SB 78 -5.73 64.60 -72.75
N ARG SB 79 -6.43 63.57 -72.29
CA ARG SB 79 -5.90 62.67 -71.26
C ARG SB 79 -5.15 61.50 -71.88
N GLN SB 80 -4.10 61.07 -71.19
CA GLN SB 80 -3.27 59.94 -71.59
C GLN SB 80 -3.27 58.96 -70.43
N ARG SB 81 -4.09 57.92 -70.52
CA ARG SB 81 -4.02 56.84 -69.53
C ARG SB 81 -2.67 56.16 -69.61
N ASN SB 82 -1.87 56.36 -68.57
CA ASN SB 82 -0.72 55.51 -68.33
C ASN SB 82 -1.18 54.14 -67.81
N GLY SB 83 -2.46 54.05 -67.45
CA GLY SB 83 -3.11 52.79 -67.15
C GLY SB 83 -3.05 52.61 -65.66
N VAL SB 84 -1.91 52.09 -65.21
CA VAL SB 84 -1.67 51.81 -63.80
C VAL SB 84 -1.03 53.00 -63.07
N MET SB 85 -0.40 53.89 -63.85
CA MET SB 85 0.05 55.20 -63.37
C MET SB 85 -1.05 56.23 -63.64
N PRO SB 86 -0.91 57.45 -63.10
CA PRO SB 86 -1.95 58.45 -63.29
C PRO SB 86 -1.86 59.14 -64.63
N SER SB 87 -2.93 59.84 -64.98
CA SER SB 87 -3.07 60.44 -66.30
C SER SB 87 -2.34 61.77 -66.44
N HIS SB 88 -2.01 62.09 -67.68
CA HIS SB 88 -1.34 63.34 -68.03
C HIS SB 88 -1.84 63.86 -69.36
N PHE SB 89 -1.36 65.06 -69.72
CA PHE SB 89 -1.63 65.64 -71.02
C PHE SB 89 -0.78 64.93 -72.07
N SER SB 90 -1.26 64.99 -73.31
CA SER SB 90 -0.46 64.63 -74.48
C SER SB 90 -0.95 65.47 -75.66
N ARG SB 91 0.00 66.02 -76.41
CA ARG SB 91 -0.37 66.83 -77.56
C ARG SB 91 -0.80 65.91 -78.67
N GLY SB 92 -1.77 66.36 -79.47
CA GLY SB 92 -2.27 65.59 -80.60
C GLY SB 92 -1.21 65.32 -81.66
N SER SB 93 -1.55 64.48 -82.63
CA SER SB 93 -0.64 64.16 -83.73
C SER SB 93 -0.25 65.43 -84.50
N LYS SB 94 1.05 65.60 -84.73
CA LYS SB 94 1.54 66.72 -85.53
C LYS SB 94 1.17 66.53 -86.99
N SER SB 95 1.63 65.42 -87.57
CA SER SB 95 1.53 65.19 -89.01
C SER SB 95 0.12 65.33 -89.54
N VAL SB 96 -0.86 64.80 -88.84
CA VAL SB 96 -2.25 64.96 -89.27
C VAL SB 96 -2.71 66.40 -89.29
N ALA SB 97 -2.26 67.18 -88.30
CA ALA SB 97 -2.56 68.61 -88.25
C ALA SB 97 -1.92 69.31 -89.44
N ARG SB 98 -0.65 69.00 -89.65
CA ARG SB 98 0.12 69.53 -90.76
C ARG SB 98 -0.45 69.16 -92.12
N ARG SB 99 -0.91 67.92 -92.27
CA ARG SB 99 -1.57 67.49 -93.50
C ARG SB 99 -2.89 68.21 -93.71
N VAL SB 100 -3.63 68.41 -92.62
CA VAL SB 100 -4.88 69.17 -92.67
C VAL SB 100 -4.62 70.62 -93.09
N LEU SB 101 -3.60 71.22 -92.49
CA LEU SB 101 -3.25 72.61 -92.78
C LEU SB 101 -2.72 72.79 -94.21
N GLN SB 102 -1.97 71.81 -94.70
CA GLN SB 102 -1.52 71.80 -96.10
C GLN SB 102 -2.66 71.56 -97.08
N ALA SB 103 -3.65 70.76 -96.67
CA ALA SB 103 -4.86 70.52 -97.48
C ALA SB 103 -5.71 71.76 -97.64
N LEU SB 104 -5.91 72.47 -96.53
CA LEU SB 104 -6.59 73.76 -96.55
C LEU SB 104 -5.83 74.80 -97.36
N GLU SB 105 -4.50 74.73 -97.34
CA GLU SB 105 -3.64 75.62 -98.14
C GLU SB 105 -3.90 75.44 -99.64
N GLY SB 106 -4.01 74.18 -100.07
CA GLY SB 106 -4.33 73.85 -101.47
C GLY SB 106 -5.73 74.29 -101.89
N LEU SB 107 -6.71 74.11 -101.01
CA LEU SB 107 -8.06 74.65 -101.21
C LEU SB 107 -8.07 76.17 -101.40
N LYS SB 108 -7.16 76.86 -100.71
CA LYS SB 108 -7.12 78.32 -100.58
C LYS SB 108 -8.19 78.82 -99.60
N MET SB 109 -8.50 77.98 -98.61
CA MET SB 109 -9.16 78.41 -97.39
C MET SB 109 -8.17 79.25 -96.58
N VAL SB 110 -6.92 78.79 -96.51
CA VAL SB 110 -5.93 79.36 -95.60
C VAL SB 110 -4.65 79.79 -96.32
N GLU SB 111 -3.82 80.49 -95.56
CA GLU SB 111 -2.54 80.97 -96.02
C GLU SB 111 -1.59 81.14 -94.84
N LYS SB 112 -0.33 80.75 -95.02
CA LYS SB 112 0.67 80.91 -93.96
C LYS SB 112 1.00 82.39 -93.79
N ASP SB 113 0.81 82.89 -92.56
CA ASP SB 113 0.86 84.31 -92.26
C ASP SB 113 2.29 84.78 -92.04
N GLN SB 114 2.47 86.10 -92.09
CA GLN SB 114 3.67 86.74 -91.54
C GLN SB 114 3.75 86.49 -90.03
N ASP SB 115 4.97 86.43 -89.52
CA ASP SB 115 5.26 86.08 -88.10
C ASP SB 115 4.88 84.63 -87.75
N GLY SB 116 4.86 83.74 -88.74
CA GLY SB 116 4.62 82.31 -88.52
C GLY SB 116 3.18 81.91 -88.21
N GLY SB 117 2.83 80.67 -88.55
CA GLY SB 117 1.52 80.10 -88.24
C GLY SB 117 0.47 80.42 -89.27
N ARG SB 118 -0.53 79.55 -89.38
CA ARG SB 118 -1.59 79.69 -90.38
C ARG SB 118 -2.62 80.73 -89.95
N LYS SB 119 -3.22 81.38 -90.94
CA LYS SB 119 -4.48 82.09 -90.76
C LYS SB 119 -5.36 81.77 -91.96
N LEU SB 120 -6.68 81.79 -91.77
CA LEU SB 120 -7.57 81.56 -92.90
C LEU SB 120 -7.67 82.85 -93.70
N THR SB 121 -8.01 82.72 -94.97
CA THR SB 121 -8.02 83.81 -95.95
C THR SB 121 -9.47 84.21 -96.30
N PRO SB 122 -9.67 85.38 -96.93
CA PRO SB 122 -10.99 85.81 -97.42
C PRO SB 122 -11.84 84.76 -98.12
N GLN SB 123 -11.27 84.12 -99.14
CA GLN SB 123 -11.94 82.99 -99.85
C GLN SB 123 -12.34 81.84 -98.91
N GLY SB 124 -11.59 81.67 -97.83
CA GLY SB 124 -11.96 80.74 -96.76
C GLY SB 124 -13.05 81.31 -95.87
N GLN SB 125 -12.90 82.57 -95.47
CA GLN SB 125 -13.94 83.32 -94.76
C GLN SB 125 -15.29 83.22 -95.47
N ARG SB 126 -15.27 83.20 -96.80
CA ARG SB 126 -16.47 82.95 -97.61
C ARG SB 126 -17.22 81.73 -97.10
N ASP SB 127 -16.56 80.57 -97.20
CA ASP SB 127 -17.22 79.29 -97.08
C ASP SB 127 -17.72 79.08 -95.66
N LEU SB 128 -16.84 79.37 -94.70
CA LEU SB 128 -17.13 79.28 -93.27
C LEU SB 128 -18.39 80.08 -92.93
N ASP SB 129 -18.39 81.34 -93.32
CA ASP SB 129 -19.46 82.27 -92.96
C ASP SB 129 -20.70 82.08 -93.84
N ARG SB 130 -20.54 81.50 -95.03
CA ARG SB 130 -21.68 81.12 -95.87
C ARG SB 130 -22.48 80.03 -95.18
N ILE SB 131 -21.80 78.97 -94.77
CA ILE SB 131 -22.47 77.83 -94.14
C ILE SB 131 -23.04 78.18 -92.77
N ALA SB 132 -22.45 79.16 -92.09
CA ALA SB 132 -23.04 79.70 -90.87
C ALA SB 132 -24.44 80.21 -91.17
N GLY SB 133 -24.54 81.01 -92.23
CA GLY SB 133 -25.81 81.56 -92.69
C GLY SB 133 -26.83 80.50 -93.06
N GLN SB 134 -26.34 79.40 -93.66
CA GLN SB 134 -27.18 78.24 -94.01
C GLN SB 134 -27.75 77.58 -92.76
N VAL SB 135 -26.90 77.41 -91.74
CA VAL SB 135 -27.31 76.81 -90.47
C VAL SB 135 -28.32 77.70 -89.74
N ALA SB 136 -28.07 79.00 -89.73
CA ALA SB 136 -29.00 79.98 -89.16
C ALA SB 136 -30.38 79.92 -89.83
N ALA SB 137 -30.38 79.76 -91.16
CA ALA SB 137 -31.61 79.65 -91.94
C ALA SB 137 -32.07 78.19 -92.16
N ALA SB 138 -31.72 77.29 -91.24
CA ALA SB 138 -32.20 75.90 -91.29
C ALA SB 138 -33.63 75.86 -90.77
N LYS SB 139 -33.80 76.30 -89.52
CA LYS SB 139 -35.11 76.41 -88.88
C LYS SB 139 -34.99 77.12 -87.53
N LYS SB 140 -36.12 77.67 -87.06
CA LYS SB 140 -36.18 78.29 -85.74
C LYS SB 140 -36.27 77.20 -84.69
N LYS SB 141 -35.11 76.82 -84.13
CA LYS SB 141 -35.00 75.77 -83.12
C LYS SB 141 -33.80 75.99 -82.21
CA ALA TB 1 19.26 116.03 -78.67
C ALA TB 1 18.49 115.27 -77.59
N ILE TB 2 17.19 115.55 -77.52
CA ILE TB 2 16.31 114.94 -76.52
C ILE TB 2 15.90 113.54 -76.99
N HIS TB 3 15.91 112.58 -76.07
CA HIS TB 3 15.61 111.18 -76.37
C HIS TB 3 14.87 110.51 -75.21
N ARG TB 4 14.25 109.36 -75.51
CA ARG TB 4 13.34 108.70 -74.58
C ARG TB 4 14.10 107.78 -73.62
N ILE TB 5 14.76 108.40 -72.65
CA ILE TB 5 15.57 107.67 -71.65
C ILE TB 5 14.66 106.93 -70.64
N ARG TB 6 15.06 105.71 -70.30
CA ARG TB 6 14.30 104.86 -69.38
C ARG TB 6 15.15 104.53 -68.16
N ILE TB 7 14.62 104.85 -66.97
CA ILE TB 7 15.19 104.37 -65.72
C ILE TB 7 14.44 103.10 -65.33
N THR TB 8 15.12 102.16 -64.67
CA THR TB 8 14.50 100.95 -64.14
C THR TB 8 15.04 100.63 -62.74
N LEU TB 9 14.22 100.89 -61.73
CA LEU TB 9 14.59 100.65 -60.35
C LEU TB 9 14.03 99.30 -59.94
N THR TB 10 14.91 98.35 -59.64
CA THR TB 10 14.50 97.04 -59.10
C THR TB 10 15.09 96.86 -57.72
N SER TB 11 14.33 96.26 -56.81
CA SER TB 11 14.82 96.06 -55.45
C SER TB 11 14.09 94.99 -54.69
N ARG TB 12 14.73 94.56 -53.61
CA ARG TB 12 14.18 93.57 -52.71
C ARG TB 12 13.26 94.28 -51.71
N ASN TB 13 13.68 95.45 -51.23
CA ASN TB 13 12.88 96.29 -50.33
C ASN TB 13 11.86 97.09 -51.12
N VAL TB 14 10.68 97.33 -50.53
CA VAL TB 14 9.62 98.10 -51.17
C VAL TB 14 9.75 99.58 -50.83
N LYS TB 15 9.75 99.89 -49.54
CA LYS TB 15 9.71 101.26 -49.03
C LYS TB 15 10.86 102.08 -49.58
N SER TB 16 12.06 101.53 -49.49
CA SER TB 16 13.27 102.14 -50.04
C SER TB 16 13.17 102.41 -51.55
N LEU TB 17 12.63 101.45 -52.28
CA LEU TB 17 12.45 101.57 -53.72
C LEU TB 17 11.47 102.66 -54.10
N GLU TB 18 10.37 102.76 -53.35
CA GLU TB 18 9.35 103.76 -53.63
C GLU TB 18 9.85 105.18 -53.33
N LYS TB 19 10.60 105.31 -52.24
CA LYS TB 19 11.28 106.58 -51.86
C LYS TB 19 12.22 107.08 -52.96
N VAL TB 20 13.02 106.18 -53.51
CA VAL TB 20 13.91 106.49 -54.64
C VAL TB 20 13.10 106.95 -55.84
N CYS TB 21 12.12 106.12 -56.21
CA CYS TB 21 11.16 106.45 -57.28
C CYS TB 21 10.56 107.84 -57.13
N ALA TB 22 10.12 108.18 -55.93
CA ALA TB 22 9.55 109.50 -55.63
C ALA TB 22 10.56 110.62 -55.82
N ASP TB 23 11.79 110.40 -55.35
CA ASP TB 23 12.87 111.39 -55.48
C ASP TB 23 13.27 111.65 -56.94
N LEU TB 24 13.24 110.60 -57.77
CA LEU TB 24 13.52 110.74 -59.20
C LEU TB 24 12.43 111.50 -59.95
N ILE TB 25 11.19 111.34 -59.51
CA ILE TB 25 10.07 112.11 -60.04
C ILE TB 25 10.20 113.59 -59.63
N ARG TB 26 10.55 113.84 -58.37
CA ARG TB 26 10.82 115.20 -57.89
C ARG TB 26 11.93 115.88 -58.69
N GLY TB 27 13.02 115.15 -58.93
CA GLY TB 27 14.14 115.64 -59.75
C GLY TB 27 13.76 115.93 -61.20
N ALA TB 28 12.87 115.10 -61.75
CA ALA TB 28 12.34 115.30 -63.10
C ALA TB 28 11.40 116.51 -63.20
N LYS TB 29 10.58 116.72 -62.17
CA LYS TB 29 9.72 117.90 -62.09
C LYS TB 29 10.52 119.20 -61.94
N GLU TB 30 11.57 119.14 -61.12
CA GLU TB 30 12.46 120.29 -60.88
C GLU TB 30 13.07 120.79 -62.19
N LYS TB 31 13.72 119.87 -62.90
CA LYS TB 31 14.27 120.12 -64.22
C LYS TB 31 13.23 119.65 -65.23
N ASN TB 32 12.14 120.42 -65.31
CA ASN TB 32 10.90 119.98 -65.98
C ASN TB 32 11.08 119.45 -67.41
N LEU TB 33 10.31 118.41 -67.73
CA LEU TB 33 10.29 117.83 -69.07
C LEU TB 33 9.09 116.88 -69.25
N LYS TB 34 9.10 115.78 -68.51
CA LYS TB 34 8.14 114.68 -68.67
C LYS TB 34 8.40 113.62 -67.60
N VAL TB 35 7.63 112.53 -67.63
CA VAL TB 35 7.76 111.48 -66.61
C VAL TB 35 7.17 110.12 -67.01
N LYS TB 36 5.89 110.08 -67.43
CA LYS TB 36 5.15 108.83 -67.63
C LYS TB 36 5.30 107.96 -66.37
N GLY TB 37 4.47 108.27 -65.38
CA GLY TB 37 4.57 107.79 -63.99
C GLY TB 37 5.14 106.40 -63.71
N PRO TB 38 5.78 106.23 -62.53
CA PRO TB 38 6.56 105.04 -62.20
C PRO TB 38 5.73 103.78 -62.31
N VAL TB 39 6.10 102.91 -63.25
CA VAL TB 39 5.28 101.77 -63.61
C VAL TB 39 5.60 100.60 -62.67
N ARG TB 40 4.67 100.27 -61.78
CA ARG TB 40 4.76 99.07 -60.97
C ARG TB 40 4.60 97.84 -61.87
N MET TB 41 5.67 97.06 -61.97
CA MET TB 41 5.61 95.73 -62.62
C MET TB 41 5.11 94.69 -61.63
N PRO TB 42 4.59 93.56 -62.14
CA PRO TB 42 4.14 92.51 -61.25
C PRO TB 42 5.31 91.92 -60.49
N THR TB 43 5.26 92.03 -59.18
CA THR TB 43 6.36 91.57 -58.33
C THR TB 43 6.48 90.06 -58.42
N LYS TB 44 7.72 89.57 -58.43
CA LYS TB 44 7.98 88.14 -58.43
C LYS TB 44 8.21 87.71 -57.00
N THR TB 45 8.05 86.42 -56.75
CA THR TB 45 8.27 85.84 -55.43
C THR TB 45 9.21 84.66 -55.58
N LEU TB 46 10.49 84.90 -55.31
CA LEU TB 46 11.50 83.86 -55.29
C LEU TB 46 11.29 83.04 -54.02
N ARG TB 47 10.89 81.79 -54.20
CA ARG TB 47 10.40 80.98 -53.10
C ARG TB 47 11.21 79.70 -53.00
N ILE TB 48 11.55 79.30 -51.79
CA ILE TB 48 12.23 78.03 -51.52
C ILE TB 48 11.48 77.37 -50.36
N THR TB 49 10.99 76.14 -50.58
CA THR TB 49 10.50 75.31 -49.47
C THR TB 49 11.48 74.18 -49.21
N THR TB 50 11.94 74.09 -47.97
CA THR TB 50 12.87 73.06 -47.54
C THR TB 50 12.31 72.40 -46.32
N ARG TB 51 12.88 71.25 -45.96
CA ARG TB 51 12.61 70.66 -44.65
C ARG TB 51 13.34 71.45 -43.58
N LYS TB 52 12.63 71.75 -42.49
CA LYS TB 52 13.25 72.30 -41.30
C LYS TB 52 14.31 71.38 -40.74
N THR TB 53 14.09 70.07 -40.87
CA THR TB 53 14.99 69.07 -40.33
C THR TB 53 16.29 69.00 -41.11
N PRO TB 54 17.43 69.03 -40.41
CA PRO TB 54 18.60 68.30 -40.91
C PRO TB 54 18.38 66.86 -40.53
N CYS TB 55 18.65 65.94 -41.46
CA CYS TB 55 18.21 64.53 -41.35
C CYS TB 55 16.73 64.39 -41.69
N GLY TB 56 16.18 63.20 -41.49
CA GLY TB 56 14.80 62.92 -41.85
C GLY TB 56 13.81 62.70 -40.72
N GLU TB 57 14.30 62.55 -39.50
CA GLU TB 57 13.50 61.95 -38.44
C GLU TB 57 13.05 62.89 -37.34
N GLY TB 58 12.24 63.84 -37.77
CA GLY TB 58 11.29 64.49 -36.89
C GLY TB 58 9.92 64.21 -37.50
N SER TB 59 8.91 64.94 -37.02
CA SER TB 59 7.71 65.12 -37.81
C SER TB 59 8.09 66.03 -38.98
N LYS TB 60 7.51 65.76 -40.13
CA LYS TB 60 7.96 66.39 -41.38
C LYS TB 60 7.39 67.79 -41.49
N THR TB 61 8.24 68.78 -41.21
CA THR TB 61 7.84 70.17 -41.13
C THR TB 61 8.72 70.97 -42.06
N TRP TB 62 8.16 72.04 -42.60
CA TRP TB 62 8.75 72.69 -43.77
C TRP TB 62 8.86 74.18 -43.58
N ASP TB 63 9.97 74.75 -44.04
CA ASP TB 63 10.12 76.20 -44.14
C ASP TB 63 9.60 76.65 -45.50
N ARG TB 64 9.19 77.91 -45.57
CA ARG TB 64 8.71 78.52 -46.81
C ARG TB 64 9.39 79.88 -46.94
N PHE TB 65 10.67 79.84 -47.29
CA PHE TB 65 11.49 81.04 -47.38
C PHE TB 65 11.18 81.81 -48.65
N GLN TB 66 10.58 83.00 -48.48
CA GLN TB 66 10.25 83.88 -49.60
C GLN TB 66 11.36 84.87 -49.84
N MET TB 67 11.36 85.45 -51.02
CA MET TB 67 12.14 86.64 -51.31
C MET TB 67 11.41 87.39 -52.41
N ARG TB 68 10.87 88.55 -52.06
CA ARG TB 68 10.17 89.40 -53.02
C ARG TB 68 11.13 90.32 -53.73
N ILE TB 69 10.70 90.77 -54.90
CA ILE TB 69 11.55 91.50 -55.81
C ILE TB 69 10.64 92.39 -56.67
N HIS TB 70 10.92 93.69 -56.65
CA HIS TB 70 10.01 94.69 -57.21
C HIS TB 70 10.70 95.46 -58.31
N LYS TB 71 9.94 95.86 -59.33
CA LYS TB 71 10.45 96.68 -60.45
C LYS TB 71 9.58 97.90 -60.71
N ARG TB 72 10.11 99.07 -60.41
CA ARG TB 72 9.52 100.33 -60.82
C ARG TB 72 10.39 100.93 -61.92
N LEU TB 73 9.85 100.96 -63.14
CA LEU TB 73 10.52 101.62 -64.26
C LEU TB 73 9.84 102.93 -64.62
N ILE TB 74 10.67 103.88 -65.04
CA ILE TB 74 10.28 105.27 -65.21
C ILE TB 74 10.81 105.75 -66.55
N ASP TB 75 9.91 106.21 -67.42
CA ASP TB 75 10.30 106.81 -68.71
C ASP TB 75 10.68 108.27 -68.51
N LEU TB 76 11.38 108.85 -69.48
CA LEU TB 76 11.85 110.23 -69.38
C LEU TB 76 12.26 110.74 -70.76
N HIS TB 77 11.94 112.00 -71.06
CA HIS TB 77 12.30 112.64 -72.33
C HIS TB 77 13.31 113.76 -72.08
N SER TB 78 14.60 113.40 -72.08
CA SER TB 78 15.68 114.32 -71.69
C SER TB 78 17.06 113.98 -72.30
N PRO TB 79 18.02 114.93 -72.20
CA PRO TB 79 19.43 114.63 -72.48
C PRO TB 79 20.11 113.87 -71.33
N SER TB 80 21.37 113.47 -71.57
CA SER TB 80 22.09 112.56 -70.68
C SER TB 80 22.61 113.21 -69.39
N GLU TB 81 23.04 114.48 -69.47
CA GLU TB 81 23.60 115.18 -68.31
C GLU TB 81 22.61 115.33 -67.15
N ILE TB 82 21.35 115.61 -67.50
CA ILE TB 82 20.28 115.71 -66.52
C ILE TB 82 20.02 114.35 -65.84
N VAL TB 83 20.05 113.28 -66.63
CA VAL TB 83 19.83 111.92 -66.12
C VAL TB 83 20.93 111.50 -65.14
N LYS TB 84 22.18 111.82 -65.47
CA LYS TB 84 23.32 111.52 -64.61
C LYS TB 84 23.28 112.28 -63.27
N GLN TB 85 22.79 113.51 -63.32
CA GLN TB 85 22.58 114.32 -62.11
C GLN TB 85 21.48 113.73 -61.21
N ILE TB 86 20.40 113.25 -61.83
CA ILE TB 86 19.28 112.65 -61.11
C ILE TB 86 19.68 111.29 -60.49
N THR TB 87 20.22 110.40 -61.32
CA THR TB 87 20.53 109.03 -60.91
C THR TB 87 21.71 108.91 -59.92
N SER TB 88 22.61 109.88 -59.92
CA SER TB 88 23.69 109.95 -58.93
C SER TB 88 23.15 110.18 -57.51
N ILE TB 89 22.05 110.93 -57.40
CA ILE TB 89 21.31 111.10 -56.15
C ILE TB 89 20.37 109.90 -56.00
N SER TB 90 19.99 109.58 -54.76
CA SER TB 90 19.08 108.48 -54.41
C SER TB 90 19.80 107.13 -54.48
N ILE TB 91 20.85 107.01 -53.68
CA ILE TB 91 21.62 105.78 -53.55
C ILE TB 91 22.01 105.61 -52.08
N GLU TB 92 22.39 104.38 -51.72
CA GLU TB 92 22.76 103.90 -50.35
C GLU TB 92 21.97 102.63 -49.98
N PRO TB 93 20.66 102.56 -50.33
CA PRO TB 93 19.93 101.31 -50.20
C PRO TB 93 20.34 100.28 -51.28
N GLY TB 94 19.62 99.16 -51.33
CA GLY TB 94 19.88 98.12 -52.32
C GLY TB 94 19.11 98.25 -53.62
N VAL TB 95 18.73 99.48 -53.99
CA VAL TB 95 17.92 99.71 -55.19
C VAL TB 95 18.82 99.67 -56.41
N GLU TB 96 18.65 98.63 -57.23
CA GLU TB 96 19.44 98.48 -58.45
C GLU TB 96 18.82 99.35 -59.54
N VAL TB 97 19.61 100.27 -60.08
CA VAL TB 97 19.15 101.22 -61.10
C VAL TB 97 19.77 100.85 -62.45
N GLU TB 98 18.93 100.71 -63.47
CA GLU TB 98 19.36 100.37 -64.82
C GLU TB 98 18.79 101.37 -65.82
N VAL TB 99 19.66 102.18 -66.41
CA VAL TB 99 19.26 103.27 -67.30
C VAL TB 99 19.47 102.88 -68.75
N THR TB 100 18.37 102.71 -69.49
CA THR TB 100 18.40 102.36 -70.91
C THR TB 100 18.35 103.64 -71.76
N ILE TB 101 19.00 103.60 -72.92
CA ILE TB 101 19.21 104.80 -73.74
C ILE TB 101 17.93 105.25 -74.45
N ALA TB 102 17.42 104.41 -75.35
CA ALA TB 102 16.23 104.76 -76.14
C ALA TB 102 15.56 103.52 -76.76
N ASP TB 103 14.24 103.49 -76.68
CA ASP TB 103 13.40 102.41 -77.26
C ASP TB 103 13.66 101.02 -76.66
N ALA TB 104 14.79 100.41 -77.01
CA ALA TB 104 15.15 99.08 -76.51
C ALA TB 104 16.64 98.81 -76.69
N MET UB 1 24.55 96.23 35.74
CA MET UB 1 25.50 95.79 34.67
C MET UB 1 26.97 95.86 35.09
N GLN UB 2 27.26 96.51 36.21
CA GLN UB 2 28.63 96.93 36.55
C GLN UB 2 29.56 95.75 36.74
N ASN UB 3 30.84 95.98 36.50
CA ASN UB 3 31.89 95.00 36.80
C ASN UB 3 32.29 95.09 38.29
N ASP UB 4 33.33 94.35 38.67
CA ASP UB 4 33.81 94.35 40.06
C ASP UB 4 34.34 95.73 40.49
N ALA UB 5 34.95 96.44 39.55
CA ALA UB 5 35.45 97.81 39.81
C ALA UB 5 34.33 98.82 40.04
N GLY UB 6 33.20 98.66 39.35
CA GLY UB 6 32.11 99.62 39.35
C GLY UB 6 31.88 100.30 38.01
N GLU UB 7 32.77 100.03 37.05
CA GLU UB 7 32.65 100.53 35.68
C GLU UB 7 31.45 99.89 34.99
N PHE UB 8 30.59 100.71 34.39
CA PHE UB 8 29.43 100.21 33.63
C PHE UB 8 29.88 99.51 32.35
N VAL UB 9 29.05 98.55 31.93
CA VAL UB 9 29.32 97.75 30.75
C VAL UB 9 27.98 97.58 30.04
N ASP UB 10 27.88 96.68 29.05
CA ASP UB 10 26.61 96.26 28.45
C ASP UB 10 26.10 97.31 27.46
N LEU UB 11 26.04 96.95 26.19
CA LEU UB 11 25.85 97.95 25.14
C LEU UB 11 24.55 98.76 25.22
N TYR UB 12 23.53 98.21 25.87
CA TYR UB 12 22.35 99.01 26.24
C TYR UB 12 21.60 98.49 27.46
N VAL UB 13 20.72 99.32 27.99
CA VAL UB 13 19.81 98.94 29.06
C VAL UB 13 18.43 98.89 28.44
N PRO UB 14 17.84 97.70 28.34
CA PRO UB 14 16.56 97.55 27.66
C PRO UB 14 15.39 98.30 28.26
N ARG UB 15 14.47 98.70 27.40
CA ARG UB 15 13.14 99.12 27.83
C ARG UB 15 12.48 97.94 28.53
N LYS UB 16 11.48 98.24 29.33
CA LYS UB 16 10.85 97.25 30.16
C LYS UB 16 9.38 97.58 30.28
N CYS UB 17 8.51 96.62 29.95
CA CYS UB 17 7.08 96.86 29.89
C CYS UB 17 6.59 97.51 31.16
N SER UB 18 5.76 98.54 31.01
CA SER UB 18 5.18 99.23 32.14
C SER UB 18 4.13 98.35 32.83
N ALA UB 19 3.47 97.49 32.05
CA ALA UB 19 2.41 96.61 32.54
C ALA UB 19 2.85 95.21 33.00
N SER UB 20 4.15 94.88 32.87
CA SER UB 20 4.63 93.55 33.31
C SER UB 20 6.12 93.40 33.68
N ASN UB 21 6.86 94.49 33.85
CA ASN UB 21 8.30 94.40 34.16
C ASN UB 21 9.13 93.46 33.26
N ARG UB 22 8.58 93.11 32.10
CA ARG UB 22 9.06 92.02 31.28
C ARG UB 22 9.75 92.62 30.07
N ILE UB 23 11.07 92.45 29.97
CA ILE UB 23 11.87 93.33 29.08
C ILE UB 23 11.54 93.18 27.60
N ILE UB 24 11.26 94.33 26.97
CA ILE UB 24 10.92 94.40 25.56
C ILE UB 24 12.18 94.15 24.76
N GLY UB 25 12.16 93.06 24.00
CA GLY UB 25 13.32 92.62 23.23
C GLY UB 25 13.76 93.60 22.16
N ALA UB 26 14.98 93.38 21.67
CA ALA UB 26 15.57 94.18 20.60
C ALA UB 26 14.76 94.13 19.32
N LYS UB 27 14.04 93.03 19.10
CA LYS UB 27 13.23 92.88 17.90
C LYS UB 27 11.76 92.51 18.18
N ASP UB 28 11.24 92.91 19.35
CA ASP UB 28 9.82 92.74 19.65
C ASP UB 28 9.07 93.86 18.94
N HIS UB 29 8.79 93.64 17.67
CA HIS UB 29 8.24 94.68 16.82
C HIS UB 29 6.73 94.88 16.99
N ALA UB 30 6.10 94.13 17.90
CA ALA UB 30 4.73 94.40 18.30
C ALA UB 30 4.64 95.27 19.55
N SER UB 31 5.75 95.90 19.95
CA SER UB 31 5.78 96.75 21.14
C SER UB 31 5.25 98.17 20.89
N ILE UB 32 5.00 98.87 21.99
CA ILE UB 32 4.56 100.26 21.98
C ILE UB 32 5.30 101.00 23.09
N PRO UB 33 5.69 102.25 22.84
CA PRO UB 33 5.78 103.30 23.86
C PRO UB 33 4.83 104.44 23.48
N MET UB 34 3.70 104.50 24.18
CA MET UB 34 2.60 105.39 23.85
C MET UB 34 2.74 106.67 24.63
N ASN UB 35 2.74 107.80 23.92
CA ASN UB 35 2.83 109.11 24.55
C ASN UB 35 1.45 109.69 24.77
N VAL UB 36 1.19 110.11 26.01
CA VAL UB 36 -0.05 110.77 26.35
C VAL UB 36 0.28 112.17 26.82
N ALA UB 37 -0.57 113.12 26.41
CA ALA UB 37 -0.40 114.53 26.73
C ALA UB 37 -1.11 114.89 28.03
N GLU UB 38 -0.47 115.75 28.83
CA GLU UB 38 -1.11 116.41 29.95
C GLU UB 38 -1.86 117.64 29.48
N VAL UB 39 -2.45 118.37 30.42
CA VAL UB 39 -3.08 119.65 30.15
C VAL UB 39 -2.69 120.65 31.24
N ASP UB 40 -3.01 121.93 31.00
CA ASP UB 40 -2.62 123.00 31.93
C ASP UB 40 -3.43 123.00 33.23
N LYS UB 41 -4.63 122.40 33.20
CA LYS UB 41 -5.58 122.26 34.34
C LYS UB 41 -6.70 123.29 34.26
N VAL UB 42 -6.33 124.54 34.01
CA VAL UB 42 -7.28 125.66 34.00
C VAL UB 42 -8.11 125.72 32.71
N THR UB 43 -7.53 125.29 31.59
CA THR UB 43 -8.11 125.55 30.25
C THR UB 43 -8.23 124.31 29.33
N GLY UB 44 -7.94 123.12 29.85
CA GLY UB 44 -7.66 121.97 28.99
C GLY UB 44 -6.30 122.25 28.36
N ARG UB 45 -6.22 122.17 27.03
CA ARG UB 45 -5.08 122.70 26.27
C ARG UB 45 -3.71 122.07 26.63
N PHE UB 46 -3.18 121.29 25.70
CA PHE UB 46 -1.88 120.61 25.87
C PHE UB 46 -0.74 121.54 26.31
N ASN UB 47 -0.06 121.13 27.39
CA ASN UB 47 0.98 121.90 28.03
C ASN UB 47 2.32 121.17 27.99
N GLY UB 48 2.94 121.13 26.81
CA GLY UB 48 4.33 120.67 26.64
C GLY UB 48 4.70 119.24 27.00
N GLN UB 49 4.56 118.88 28.28
CA GLN UB 49 5.07 117.60 28.81
C GLN UB 49 4.17 116.38 28.56
N PHE UB 50 4.80 115.20 28.65
CA PHE UB 50 4.19 113.90 28.36
C PHE UB 50 4.06 112.99 29.56
N LYS UB 51 3.32 111.91 29.34
CA LYS UB 51 3.34 110.73 30.18
C LYS UB 51 3.55 109.57 29.21
N THR UB 52 4.62 108.80 29.39
CA THR UB 52 4.96 107.70 28.48
C THR UB 52 4.78 106.35 29.13
N TYR UB 53 4.12 105.44 28.41
CA TYR UB 53 3.93 104.07 28.85
C TYR UB 53 4.38 103.13 27.76
N ALA UB 54 5.26 102.19 28.10
CA ALA UB 54 5.67 101.15 27.19
C ALA UB 54 4.93 99.87 27.47
N ILE UB 55 4.63 99.12 26.42
CA ILE UB 55 3.99 97.82 26.54
C ILE UB 55 4.72 96.82 25.67
N CYS UB 56 4.96 95.64 26.23
CA CYS UB 56 5.50 94.52 25.48
C CYS UB 56 4.47 94.00 24.51
N GLY UB 57 4.94 93.53 23.36
CA GLY UB 57 4.08 92.94 22.36
C GLY UB 57 3.21 91.84 22.93
N ALA UB 58 3.81 90.99 23.78
CA ALA UB 58 3.14 89.83 24.35
C ALA UB 58 1.79 90.15 24.99
N ILE UB 59 1.74 91.23 25.76
CA ILE UB 59 0.48 91.67 26.37
C ILE UB 59 -0.50 92.15 25.32
N ARG UB 60 0.00 92.84 24.29
CA ARG UB 60 -0.85 93.32 23.21
C ARG UB 60 -1.55 92.19 22.47
N ARG UB 61 -0.79 91.17 22.11
CA ARG UB 61 -1.36 90.00 21.42
C ARG UB 61 -2.27 89.17 22.34
N MET UB 62 -2.02 89.24 23.64
CA MET UB 62 -2.92 88.66 24.65
C MET UB 62 -4.27 89.39 24.69
N GLY UB 63 -4.21 90.71 24.48
CA GLY UB 63 -5.40 91.57 24.43
C GLY UB 63 -5.59 92.46 25.64
N GLU UB 64 -4.58 92.54 26.50
CA GLU UB 64 -4.70 93.18 27.80
C GLU UB 64 -3.86 94.47 27.83
N SER UB 65 -3.78 95.17 26.69
CA SER UB 65 -2.98 96.40 26.59
C SER UB 65 -3.80 97.62 27.00
N ASP UB 66 -5.03 97.68 26.51
CA ASP UB 66 -5.93 98.80 26.82
C ASP UB 66 -6.31 98.88 28.28
N ASP UB 67 -6.50 97.72 28.92
CA ASP UB 67 -6.73 97.68 30.36
C ASP UB 67 -5.52 98.25 31.09
N SER UB 68 -4.36 97.70 30.75
CA SER UB 68 -3.11 98.06 31.42
C SER UB 68 -2.72 99.52 31.22
N ILE UB 69 -2.94 100.07 30.03
CA ILE UB 69 -2.84 101.51 29.82
C ILE UB 69 -3.77 102.29 30.72
N LEU UB 70 -5.03 101.85 30.77
CA LEU UB 70 -6.05 102.53 31.56
C LEU UB 70 -5.68 102.52 33.03
N ARG UB 71 -5.17 101.38 33.52
CA ARG UB 71 -4.66 101.28 34.90
C ARG UB 71 -3.51 102.22 35.18
N LEU UB 72 -2.59 102.31 34.23
CA LEU UB 72 -1.43 103.20 34.36
C LEU UB 72 -1.84 104.66 34.39
N ALA UB 73 -2.78 105.01 33.53
CA ALA UB 73 -3.31 106.37 33.49
C ALA UB 73 -3.89 106.78 34.85
N LYS UB 74 -4.78 105.94 35.39
CA LYS UB 74 -5.43 106.24 36.67
C LYS UB 74 -4.51 106.14 37.90
N ALA UB 75 -3.37 105.46 37.76
CA ALA UB 75 -2.31 105.51 38.76
C ALA UB 75 -1.59 106.85 38.75
N HIS UB 76 -1.34 107.37 37.55
CA HIS UB 76 -0.63 108.65 37.37
C HIS UB 76 -1.55 109.87 37.29
N GLY UB 77 -2.85 109.68 37.55
CA GLY UB 77 -3.79 110.79 37.61
C GLY UB 77 -4.15 111.38 36.26
N ILE UB 78 -3.95 110.62 35.19
CA ILE UB 78 -4.40 111.01 33.87
C ILE UB 78 -5.88 110.72 33.81
N VAL UB 79 -6.25 109.47 34.09
CA VAL UB 79 -7.65 109.04 34.12
C VAL UB 79 -8.20 109.30 35.52
N SER UB 80 -9.47 109.70 35.60
CA SER UB 80 -10.04 110.25 36.84
C SER UB 80 -11.17 109.40 37.42
N GLN UB 81 -10.81 108.22 37.90
CA GLN UB 81 -11.69 107.38 38.73
C GLN UB 81 -13.01 107.04 38.04
N ASN UB 82 -12.96 105.97 37.24
CA ASN UB 82 -14.07 105.49 36.41
C ASN UB 82 -15.37 105.26 37.19
N PHE UB 83 -15.25 104.84 38.45
CA PHE UB 83 -16.42 104.66 39.34
C PHE UB 83 -16.97 106.03 39.75
N VAL VB 1 -3.42 62.61 44.64
CA VAL VB 1 -4.06 63.58 45.58
C VAL VB 1 -3.12 64.73 45.94
N ARG VB 2 -3.63 65.71 46.68
CA ARG VB 2 -2.84 66.82 47.21
C ARG VB 2 -1.74 66.23 48.08
N MET VB 3 -0.56 66.03 47.51
CA MET VB 3 0.50 65.31 48.20
C MET VB 3 1.48 66.30 48.82
N ASN VB 4 2.03 67.17 47.97
CA ASN VB 4 3.02 68.16 48.38
C ASN VB 4 2.49 69.57 48.14
N VAL VB 5 2.17 70.25 49.24
CA VAL VB 5 1.46 71.51 49.23
C VAL VB 5 2.33 72.61 48.65
N LEU VB 6 3.53 72.74 49.21
CA LEU VB 6 4.54 73.72 48.78
C LEU VB 6 4.75 73.70 47.29
N ALA VB 7 4.90 72.50 46.75
CA ALA VB 7 5.10 72.31 45.31
C ALA VB 7 4.00 72.93 44.47
N ASP VB 8 2.76 72.67 44.85
CA ASP VB 8 1.61 73.18 44.13
C ASP VB 8 1.50 74.70 44.17
N ALA VB 9 1.73 75.27 45.34
CA ALA VB 9 1.70 76.72 45.50
C ALA VB 9 2.75 77.43 44.64
N LEU VB 10 3.99 76.94 44.67
CA LEU VB 10 5.07 77.54 43.88
C LEU VB 10 4.77 77.46 42.40
N LYS VB 11 4.33 76.30 41.93
CA LYS VB 11 3.95 76.13 40.52
C LYS VB 11 2.80 77.05 40.12
N SER VB 12 1.88 77.28 41.04
CA SER VB 12 0.79 78.20 40.79
C SER VB 12 1.30 79.64 40.67
N ILE VB 13 2.27 80.06 41.50
CA ILE VB 13 2.76 81.45 41.40
C ILE VB 13 3.60 81.64 40.15
N ASN VB 14 4.28 80.57 39.73
CA ASN VB 14 5.05 80.58 38.50
C ASN VB 14 4.14 80.69 37.28
N ASN VB 15 3.06 79.90 37.27
CA ASN VB 15 2.05 80.01 36.23
C ASN VB 15 1.39 81.38 36.16
N ALA VB 16 1.18 82.00 37.31
CA ALA VB 16 0.65 83.35 37.36
C ALA VB 16 1.65 84.31 36.74
N GLU VB 17 2.90 84.20 37.15
CA GLU VB 17 3.97 85.08 36.66
C GLU VB 17 4.13 85.05 35.15
N LYS VB 18 4.09 83.86 34.58
CA LYS VB 18 4.21 83.70 33.14
C LYS VB 18 3.09 84.44 32.41
N ARG VB 19 1.85 84.31 32.88
CA ARG VB 19 0.71 84.93 32.20
C ARG VB 19 0.50 86.41 32.54
N GLY VB 20 1.49 87.04 33.20
CA GLY VB 20 1.48 88.47 33.45
C GLY VB 20 0.46 88.88 34.50
N LYS VB 21 0.23 88.01 35.48
CA LYS VB 21 -0.74 88.29 36.52
C LYS VB 21 -0.12 89.28 37.49
N ARG VB 22 -0.97 90.07 38.16
CA ARG VB 22 -0.49 91.08 39.09
C ARG VB 22 -0.40 90.47 40.48
N GLN VB 23 -1.51 89.85 40.91
CA GLN VB 23 -1.56 89.07 42.14
C GLN VB 23 -2.24 87.73 41.93
N VAL VB 24 -2.06 86.82 42.89
CA VAL VB 24 -2.41 85.41 42.72
C VAL VB 24 -2.76 84.75 44.05
N LEU VB 25 -3.85 83.97 44.04
CA LEU VB 25 -4.34 83.26 45.22
C LEU VB 25 -3.82 81.84 45.21
N ILE VB 26 -3.30 81.39 46.36
CA ILE VB 26 -2.79 80.03 46.51
C ILE VB 26 -3.46 79.36 47.72
N ARG VB 27 -3.98 78.16 47.48
CA ARG VB 27 -5.22 77.68 48.10
C ARG VB 27 -5.17 76.87 49.40
N PRO VB 28 -4.15 76.00 49.60
CA PRO VB 28 -4.07 75.20 50.83
C PRO VB 28 -3.26 75.82 51.97
N CYS VB 29 -2.24 76.63 51.63
CA CYS VB 29 -1.41 77.36 52.61
C CYS VB 29 -0.70 76.49 53.66
N SER VB 30 0.40 77.02 54.21
CA SER VB 30 1.18 76.32 55.22
C SER VB 30 2.18 77.23 55.91
N LYS VB 31 2.85 76.69 56.93
CA LYS VB 31 4.03 77.32 57.52
C LYS VB 31 5.16 77.39 56.52
N VAL VB 32 5.42 76.27 55.87
CA VAL VB 32 6.54 76.17 54.95
C VAL VB 32 6.35 77.13 53.81
N ILE VB 33 5.18 77.11 53.20
CA ILE VB 33 4.90 78.00 52.09
C ILE VB 33 5.23 79.44 52.47
N VAL VB 34 4.62 79.91 53.55
CA VAL VB 34 4.82 81.29 54.04
C VAL VB 34 6.29 81.60 54.25
N ARG VB 35 7.01 80.64 54.82
CA ARG VB 35 8.46 80.78 55.01
C ARG VB 35 9.25 80.84 53.70
N PHE VB 36 8.82 80.09 52.69
CA PHE VB 36 9.42 80.16 51.36
C PHE VB 36 9.18 81.52 50.71
N LEU VB 37 7.94 81.99 50.77
CA LEU VB 37 7.57 83.29 50.25
C LEU VB 37 8.38 84.41 50.92
N THR VB 38 8.62 84.31 52.22
CA THR VB 38 9.34 85.35 52.95
C THR VB 38 10.78 85.44 52.50
N VAL VB 39 11.36 84.31 52.11
CA VAL VB 39 12.71 84.28 51.59
C VAL VB 39 12.76 84.91 50.21
N MET VB 40 11.81 84.52 49.36
CA MET VB 40 11.70 85.10 48.02
C MET VB 40 11.47 86.61 48.06
N MET VB 41 10.67 87.04 49.03
CA MET VB 41 10.45 88.47 49.30
C MET VB 41 11.74 89.20 49.68
N LYS VB 42 12.48 88.63 50.63
CA LYS VB 42 13.72 89.25 51.12
C LYS VB 42 14.71 89.61 50.02
N HIS VB 43 14.76 88.83 48.95
CA HIS VB 43 15.62 89.14 47.80
C HIS VB 43 14.84 89.80 46.66
N GLY VB 44 13.66 90.35 46.95
CA GLY VB 44 12.91 91.17 46.01
C GLY VB 44 12.03 90.47 44.98
N TYR VB 45 12.10 89.15 44.90
CA TYR VB 45 11.47 88.44 43.77
C TYR VB 45 9.95 88.50 43.78
N ILE VB 46 9.36 88.71 44.96
CA ILE VB 46 7.94 88.93 45.06
C ILE VB 46 7.60 90.13 45.93
N GLY VB 47 6.36 90.60 45.77
CA GLY VB 47 5.84 91.69 46.58
C GLY VB 47 5.39 91.19 47.93
N GLU VB 48 4.78 92.09 48.70
CA GLU VB 48 4.27 91.73 50.02
C GLU VB 48 2.97 90.97 49.88
N PHE VB 49 2.94 89.77 50.46
CA PHE VB 49 1.79 88.86 50.35
C PHE VB 49 0.95 88.94 51.62
N GLU VB 50 -0.26 88.37 51.57
CA GLU VB 50 -1.08 88.29 52.78
C GLU VB 50 -1.98 87.08 52.83
N ILE VB 51 -2.24 86.63 54.05
CA ILE VB 51 -2.74 85.26 54.30
C ILE VB 51 -4.12 85.26 54.95
N ILE VB 52 -5.11 84.80 54.18
CA ILE VB 52 -6.51 84.86 54.57
C ILE VB 52 -6.80 83.69 55.48
N ASP VB 53 -6.80 83.95 56.78
CA ASP VB 53 -7.22 82.97 57.77
C ASP VB 53 -8.72 82.78 57.65
N ASP VB 54 -9.10 81.71 56.97
CA ASP VB 54 -10.34 81.02 57.27
C ASP VB 54 -10.03 80.21 58.52
N HIS VB 55 -11.06 79.72 59.19
CA HIS VB 55 -10.87 78.98 60.43
C HIS VB 55 -10.36 77.54 60.16
N ARG VB 56 -9.47 77.39 59.17
CA ARG VB 56 -9.05 76.10 58.62
C ARG VB 56 -7.67 76.26 57.97
N ALA VB 57 -7.28 75.24 57.19
CA ALA VB 57 -6.04 75.23 56.39
C ALA VB 57 -5.41 76.59 56.02
N GLY VB 58 -6.21 77.48 55.45
CA GLY VB 58 -5.78 78.85 55.15
C GLY VB 58 -5.59 79.08 53.67
N LYS VB 59 -5.41 80.36 53.31
CA LYS VB 59 -5.13 80.80 51.93
C LYS VB 59 -4.15 81.97 51.93
N ILE VB 60 -3.50 82.21 50.79
CA ILE VB 60 -2.56 83.31 50.65
C ILE VB 60 -2.88 84.03 49.35
N VAL VB 61 -2.70 85.35 49.35
CA VAL VB 61 -2.69 86.14 48.13
C VAL VB 61 -1.38 86.92 48.02
N VAL VB 62 -0.70 86.76 46.87
CA VAL VB 62 0.67 87.19 46.70
C VAL VB 62 0.77 88.26 45.61
N ASN VB 63 1.25 89.45 45.98
CA ASN VB 63 1.53 90.51 45.01
C ASN VB 63 2.82 90.20 44.30
N LEU VB 64 2.79 90.08 42.97
CA LEU VB 64 3.92 89.51 42.23
C LEU VB 64 5.08 90.46 41.94
N THR VB 65 4.88 91.41 41.02
CA THR VB 65 5.97 92.16 40.38
C THR VB 65 6.75 91.22 39.46
N GLY VB 66 6.81 91.52 38.18
CA GLY VB 66 7.25 90.56 37.16
C GLY VB 66 8.72 90.17 37.14
N ARG VB 67 9.32 90.01 38.31
CA ARG VB 67 10.75 89.80 38.45
C ARG VB 67 11.12 88.33 38.62
N LEU VB 68 10.13 87.50 38.96
CA LEU VB 68 10.33 86.08 39.17
C LEU VB 68 10.32 85.32 37.84
N ASN VB 69 11.48 84.85 37.40
CA ASN VB 69 11.58 84.09 36.14
C ASN VB 69 10.94 82.74 36.30
N LYS VB 70 11.38 82.02 37.31
CA LYS VB 70 10.79 80.73 37.66
C LYS VB 70 10.96 80.45 39.14
N CYS VB 71 9.93 79.85 39.71
CA CYS VB 71 9.94 79.40 41.08
C CYS VB 71 9.64 77.90 41.08
N GLY VB 72 10.65 77.10 41.42
CA GLY VB 72 10.55 75.64 41.40
C GLY VB 72 10.64 74.98 42.77
N VAL VB 73 10.55 73.66 42.75
CA VAL VB 73 10.54 72.81 43.96
C VAL VB 73 11.21 71.48 43.62
N ILE VB 74 12.07 71.02 44.53
CA ILE VB 74 12.74 69.74 44.38
C ILE VB 74 12.12 68.75 45.36
N SER VB 75 11.31 67.86 44.82
CA SER VB 75 10.96 66.62 45.51
C SER VB 75 11.85 65.54 44.90
N PRO VB 76 12.37 64.57 45.67
CA PRO VB 76 12.22 64.49 47.13
C PRO VB 76 13.07 65.54 47.80
N ARG VB 77 12.61 65.99 48.98
CA ARG VB 77 13.42 66.91 49.79
C ARG VB 77 14.72 66.20 50.18
N PHE VB 78 15.71 66.29 49.30
CA PHE VB 78 16.98 65.63 49.54
C PHE VB 78 17.72 66.32 50.65
N ASP VB 79 18.75 65.66 51.12
CA ASP VB 79 19.56 66.16 52.23
C ASP VB 79 20.92 66.55 51.68
N VAL VB 80 21.15 67.86 51.64
CA VAL VB 80 22.37 68.40 51.06
C VAL VB 80 23.41 68.47 52.16
N GLN VB 81 24.63 68.06 51.84
CA GLN VB 81 25.70 67.93 52.83
C GLN VB 81 26.78 69.01 52.68
N LEU VB 82 26.36 70.20 52.29
CA LEU VB 82 27.22 71.39 52.20
C LEU VB 82 28.35 71.30 51.15
N LYS VB 83 29.12 70.21 51.15
CA LYS VB 83 29.96 69.84 50.00
C LYS VB 83 29.14 69.77 48.71
N ASP VB 84 28.01 69.10 48.79
CA ASP VB 84 27.15 68.86 47.62
C ASP VB 84 26.39 70.11 47.20
N LEU VB 85 26.22 71.06 48.10
CA LEU VB 85 25.48 72.29 47.84
C LEU VB 85 26.02 73.10 46.65
N GLU VB 86 27.34 73.09 46.48
CA GLU VB 86 27.95 73.71 45.30
C GLU VB 86 27.55 73.00 44.02
N LYS VB 87 27.56 71.68 44.05
CA LYS VB 87 27.15 70.90 42.88
C LYS VB 87 25.68 71.16 42.55
N TRP VB 88 24.82 71.20 43.56
CA TRP VB 88 23.40 71.47 43.35
C TRP VB 88 23.18 72.78 42.62
N GLN VB 89 23.67 73.87 43.20
CA GLN VB 89 23.45 75.19 42.61
C GLN VB 89 24.04 75.34 41.21
N ASN VB 90 25.10 74.60 40.89
CA ASN VB 90 25.59 74.55 39.52
C ASN VB 90 24.55 73.99 38.55
N ASN VB 91 24.06 72.79 38.85
CA ASN VB 91 23.11 72.11 37.98
C ASN VB 91 21.66 72.28 38.42
N LEU VB 92 21.30 73.53 38.74
CA LEU VB 92 19.94 73.85 39.18
C LEU VB 92 19.61 75.35 39.04
N LEU VB 93 20.53 76.21 39.46
CA LEU VB 93 20.42 77.66 39.24
C LEU VB 93 20.98 78.04 37.88
N PRO VB 94 20.55 79.20 37.33
CA PRO VB 94 20.99 79.61 36.00
C PRO VB 94 22.30 80.39 35.95
N SER VB 95 22.99 80.56 37.07
CA SER VB 95 24.24 81.31 37.10
C SER VB 95 25.00 81.02 38.39
N ARG VB 96 26.17 81.64 38.54
CA ARG VB 96 26.87 81.71 39.83
C ARG VB 96 26.67 83.09 40.45
N GLN VB 97 25.66 83.82 39.95
CA GLN VB 97 25.56 85.27 40.11
C GLN VB 97 24.24 85.67 40.70
N PHE VB 98 23.15 85.22 40.09
CA PHE VB 98 21.81 85.31 40.67
C PHE VB 98 21.13 83.97 40.81
N GLY VB 99 20.05 83.97 41.60
CA GLY VB 99 19.30 82.76 41.92
C GLY VB 99 19.63 82.26 43.32
N PHE VB 100 18.76 81.37 43.79
CA PHE VB 100 18.81 80.83 45.15
C PHE VB 100 18.25 79.41 45.18
N ILE VB 101 18.83 78.58 46.02
CA ILE VB 101 18.28 77.29 46.39
C ILE VB 101 17.83 77.44 47.82
N VAL VB 102 16.54 77.35 48.07
CA VAL VB 102 16.06 77.54 49.44
C VAL VB 102 16.03 76.16 50.05
N LEU VB 103 16.85 75.97 51.08
CA LEU VB 103 16.89 74.71 51.80
C LEU VB 103 16.50 74.94 53.25
N THR VB 104 15.77 74.00 53.82
CA THR VB 104 15.51 74.03 55.25
C THR VB 104 16.68 73.42 55.97
N THR VB 105 16.86 73.88 57.20
CA THR VB 105 17.98 73.48 58.03
C THR VB 105 17.55 73.55 59.50
N SER VB 106 18.21 72.76 60.34
CA SER VB 106 18.28 72.95 61.78
C SER VB 106 18.05 74.38 62.24
N ALA VB 107 18.70 75.32 61.55
CA ALA VB 107 18.53 76.74 61.82
C ALA VB 107 17.14 77.23 61.41
N GLY VB 108 16.76 76.94 60.18
CA GLY VB 108 15.46 77.35 59.67
C GLY VB 108 15.42 77.31 58.16
N ILE VB 109 14.35 77.85 57.58
CA ILE VB 109 14.18 77.88 56.13
C ILE VB 109 14.93 79.07 55.58
N MET VB 110 15.83 78.79 54.65
CA MET VB 110 16.63 79.83 54.01
C MET VB 110 17.25 79.43 52.68
N ASP VB 111 17.61 80.46 51.92
CA ASP VB 111 18.47 80.34 50.75
C ASP VB 111 19.84 79.77 51.09
N HIS VB 112 20.52 79.20 50.09
CA HIS VB 112 21.81 78.55 50.31
C HIS VB 112 22.85 79.47 50.95
N GLU VB 113 22.75 80.76 50.64
CA GLU VB 113 23.78 81.72 51.03
C GLU VB 113 23.75 81.94 52.54
N GLU VB 114 22.54 81.99 53.10
CA GLU VB 114 22.35 82.06 54.56
C GLU VB 114 22.83 80.79 55.25
N ALA VB 115 22.62 79.64 54.60
CA ALA VB 115 23.11 78.36 55.13
C ALA VB 115 24.62 78.24 55.07
N ARG VB 116 25.24 78.74 54.00
CA ARG VB 116 26.69 78.68 53.85
C ARG VB 116 27.39 79.66 54.83
N ARG VB 117 26.77 80.83 55.09
CA ARG VB 117 27.28 81.75 56.12
C ARG VB 117 27.25 81.10 57.49
N LYS VB 118 26.09 80.57 57.86
CA LYS VB 118 25.90 79.89 59.14
C LYS VB 118 26.52 78.49 59.17
N HIS VB 119 26.99 78.02 58.01
CA HIS VB 119 27.76 76.79 57.89
C HIS VB 119 26.89 75.63 58.34
N THR VB 120 25.86 75.39 57.54
CA THR VB 120 24.82 74.41 57.82
C THR VB 120 24.46 73.70 56.53
N GLY VB 121 24.16 72.40 56.62
CA GLY VB 121 23.58 71.65 55.51
C GLY VB 121 22.08 71.61 55.71
N GLY VB 122 21.44 70.57 55.19
CA GLY VB 122 20.01 70.36 55.42
C GLY VB 122 19.24 70.05 54.16
N LYS VB 123 17.92 69.96 54.32
CA LYS VB 123 17.05 69.46 53.29
C LYS VB 123 16.58 70.54 52.35
N ILE VB 124 16.90 70.39 51.05
CA ILE VB 124 16.43 71.29 49.99
C ILE VB 124 14.90 71.30 49.82
N LEU VB 125 14.35 72.49 49.59
CA LEU VB 125 12.92 72.67 49.36
C LEU VB 125 12.63 72.98 47.92
N GLY VB 126 13.34 73.98 47.38
CA GLY VB 126 13.24 74.31 45.98
C GLY VB 126 14.27 75.31 45.54
N PHE VB 127 13.83 76.26 44.72
CA PHE VB 127 14.71 77.29 44.15
C PHE VB 127 13.89 78.36 43.44
N PHE VB 128 14.54 79.48 43.19
CA PHE VB 128 13.97 80.58 42.42
C PHE VB 128 15.05 81.48 41.86
N PHE VB 129 14.72 82.13 40.76
CA PHE VB 129 15.67 82.93 39.99
C PHE VB 129 14.98 83.75 38.89
N GLY WB 1 4.54 57.89 35.36
CA GLY WB 1 5.94 58.16 34.92
C GLY WB 1 6.97 57.54 35.84
N LYS WB 2 7.87 58.37 36.36
CA LYS WB 2 9.04 57.90 37.11
C LYS WB 2 8.74 57.72 38.59
N CYS WB 3 9.44 56.78 39.21
CA CYS WB 3 9.16 56.36 40.59
C CYS WB 3 9.53 57.43 41.61
N ARG WB 4 10.69 58.05 41.45
CA ARG WB 4 10.99 59.38 41.99
C ARG WB 4 11.16 59.56 43.50
N GLY WB 5 10.31 58.91 44.30
CA GLY WB 5 10.34 59.01 45.76
C GLY WB 5 11.64 58.65 46.44
N LEU WB 6 11.73 59.01 47.71
CA LEU WB 6 13.01 59.07 48.40
C LEU WB 6 13.53 57.71 48.84
N ARG WB 7 12.61 56.81 49.19
CA ARG WB 7 12.91 55.44 49.58
C ARG WB 7 12.59 54.46 48.45
N THR WB 8 12.72 54.91 47.20
CA THR WB 8 12.46 54.08 46.02
C THR WB 8 13.67 53.27 45.57
N ALA WB 9 14.88 53.70 45.94
CA ALA WB 9 16.13 53.19 45.36
C ALA WB 9 15.96 51.84 44.70
N ARG WB 10 15.50 50.87 45.50
CA ARG WB 10 15.35 49.50 45.05
C ARG WB 10 14.47 49.38 43.83
N LYS WB 11 13.25 49.91 43.91
CA LYS WB 11 12.33 49.89 42.77
C LYS WB 11 13.06 50.40 41.54
N LEU WB 12 13.59 51.61 41.63
CA LEU WB 12 14.32 52.23 40.54
C LEU WB 12 15.43 51.37 40.02
N ARG WB 13 16.26 50.87 40.93
CA ARG WB 13 17.46 50.16 40.56
C ARG WB 13 17.11 48.81 39.96
N SER WB 14 16.04 48.19 40.43
CA SER WB 14 15.57 46.92 39.87
C SER WB 14 14.98 47.09 38.48
N HIS WB 15 14.15 48.10 38.29
CA HIS WB 15 13.56 48.34 36.98
C HIS WB 15 14.63 48.59 35.93
N ARG WB 16 15.60 49.44 36.24
CA ARG WB 16 16.74 49.68 35.33
C ARG WB 16 17.49 48.39 35.00
N ARG WB 17 17.67 47.55 36.01
CA ARG WB 17 18.27 46.24 35.85
C ARG WB 17 17.47 45.39 34.89
N ASP WB 18 16.15 45.42 35.05
CA ASP WB 18 15.25 44.68 34.16
C ASP WB 18 15.38 45.19 32.73
N GLN WB 19 15.30 46.50 32.55
CA GLN WB 19 15.28 47.07 31.21
C GLN WB 19 16.59 46.98 30.49
N LYS WB 20 17.70 46.89 31.22
CA LYS WB 20 19.01 46.81 30.58
C LYS WB 20 19.07 45.69 29.54
N TRP WB 21 18.33 44.61 29.75
CA TRP WB 21 18.36 43.47 28.83
C TRP WB 21 17.68 43.72 27.48
N HIS WB 22 16.90 44.78 27.36
CA HIS WB 22 16.37 45.19 26.06
C HIS WB 22 17.32 46.13 25.32
N ASP WB 23 18.41 46.52 25.97
CA ASP WB 23 19.52 47.17 25.31
C ASP WB 23 20.35 46.09 24.61
N LYS WB 24 20.23 46.04 23.29
CA LYS WB 24 20.76 44.95 22.47
C LYS WB 24 22.22 44.62 22.75
N GLN WB 25 23.03 45.66 22.93
CA GLN WB 25 24.48 45.51 23.10
C GLN WB 25 24.80 44.88 24.45
N TYR WB 26 24.10 45.31 25.49
CA TYR WB 26 24.22 44.71 26.83
C TYR WB 26 23.98 43.20 26.79
N LYS WB 27 22.85 42.81 26.22
CA LYS WB 27 22.45 41.41 26.18
C LYS WB 27 23.46 40.55 25.44
N LYS WB 28 24.01 41.08 24.36
CA LYS WB 28 25.14 40.45 23.65
C LYS WB 28 26.29 40.10 24.59
N ALA WB 29 26.66 41.05 25.43
CA ALA WB 29 27.83 40.93 26.30
C ALA WB 29 27.63 40.20 27.63
N HIS WB 30 26.39 39.91 28.02
CA HIS WB 30 26.11 39.32 29.34
C HIS WB 30 25.46 37.94 29.30
N LEU WB 31 24.64 37.67 28.29
CA LEU WB 31 24.30 36.28 27.95
C LEU WB 31 25.51 35.66 27.28
N GLY WB 32 25.64 34.34 27.39
CA GLY WB 32 26.73 33.60 26.76
C GLY WB 32 26.63 33.68 25.25
N THR WB 33 25.54 33.11 24.72
CA THR WB 33 25.14 33.16 23.30
C THR WB 33 26.23 33.49 22.29
N ALA WB 34 26.66 34.76 22.28
CA ALA WB 34 27.66 35.23 21.33
C ALA WB 34 29.01 34.57 21.56
N LEU WB 35 29.45 34.47 22.81
CA LEU WB 35 30.72 33.78 23.13
C LEU WB 35 30.69 32.31 22.75
N LYS WB 36 29.50 31.69 22.82
CA LYS WB 36 29.30 30.34 22.31
C LYS WB 36 29.38 30.34 20.77
N ALA WB 37 28.68 31.29 20.15
CA ALA WB 37 28.63 31.38 18.68
C ALA WB 37 29.93 31.82 18.00
N ASN WB 38 30.67 32.73 18.61
CA ASN WB 38 31.92 33.22 18.02
C ASN WB 38 32.91 32.09 17.86
N PRO WB 39 33.34 31.81 16.62
CA PRO WB 39 34.38 30.79 16.43
C PRO WB 39 35.71 31.18 17.06
N PHE WB 40 36.00 32.47 17.10
CA PHE WB 40 37.11 32.98 17.90
C PHE WB 40 36.56 33.07 19.31
N GLY WB 41 36.80 32.05 20.11
CA GLY WB 41 36.13 31.94 21.42
C GLY WB 41 36.46 33.09 22.36
N GLY WB 42 35.97 34.28 22.02
CA GLY WB 42 36.37 35.52 22.69
C GLY WB 42 37.84 35.83 22.48
N ALA WB 43 38.24 35.96 21.23
CA ALA WB 43 39.63 36.22 20.88
C ALA WB 43 39.73 37.17 19.69
N SER WB 44 40.82 37.92 19.66
CA SER WB 44 41.08 38.88 18.60
C SER WB 44 41.39 38.19 17.28
N HIS WB 45 42.06 37.06 17.36
CA HIS WB 45 42.48 36.33 16.17
C HIS WB 45 42.35 34.84 16.43
N ALA WB 46 42.56 34.05 15.39
CA ALA WB 46 42.61 32.60 15.50
C ALA WB 46 43.40 32.02 14.35
N LYS WB 47 44.31 31.11 14.66
CA LYS WB 47 45.00 30.34 13.64
C LYS WB 47 44.03 29.29 13.15
N GLY WB 48 44.25 28.80 11.94
CA GLY WB 48 43.37 27.81 11.38
C GLY WB 48 43.79 27.36 10.00
N ILE WB 49 43.54 26.09 9.71
CA ILE WB 49 44.03 25.45 8.50
C ILE WB 49 43.10 25.73 7.33
N VAL WB 50 43.69 26.09 6.19
CA VAL WB 50 42.93 26.37 4.97
C VAL WB 50 42.59 25.06 4.31
N LEU WB 51 41.32 24.85 4.01
CA LEU WB 51 40.86 23.59 3.42
C LEU WB 51 40.14 23.70 2.07
N GLU WB 52 39.99 24.92 1.56
CA GLU WB 52 39.68 25.14 0.13
C GLU WB 52 39.63 26.64 -0.20
N LYS WB 53 40.10 27.00 -1.38
CA LYS WB 53 40.02 28.36 -1.87
C LYS WB 53 38.66 28.47 -2.53
N VAL WB 54 37.87 29.44 -2.09
CA VAL WB 54 36.45 29.52 -2.47
C VAL WB 54 36.08 30.94 -2.84
N GLY WB 55 35.49 31.07 -4.02
CA GLY WB 55 35.02 32.36 -4.52
C GLY WB 55 33.65 32.71 -3.98
N VAL WB 56 33.56 33.83 -3.29
CA VAL WB 56 32.30 34.39 -2.87
C VAL WB 56 31.87 35.39 -3.93
N GLU WB 57 30.58 35.42 -4.25
CA GLU WB 57 30.05 36.37 -5.21
C GLU WB 57 29.51 37.57 -4.45
N ALA WB 58 29.83 38.77 -4.92
CA ALA WB 58 29.48 40.01 -4.21
C ALA WB 58 27.99 40.29 -4.30
N LYS WB 59 27.50 41.05 -3.32
CA LYS WB 59 26.06 41.33 -3.22
C LYS WB 59 25.58 42.35 -4.26
N GLN WB 60 24.31 42.21 -4.62
CA GLN WB 60 23.76 42.61 -5.93
C GLN WB 60 24.39 43.80 -6.66
N PRO WB 61 24.31 45.02 -6.08
CA PRO WB 61 24.72 46.22 -6.86
C PRO WB 61 26.19 46.22 -7.32
N ASN WB 62 27.06 45.50 -6.60
CA ASN WB 62 28.45 45.32 -6.99
C ASN WB 62 28.72 43.91 -7.45
N SER WB 63 29.16 43.75 -8.70
CA SER WB 63 29.44 42.43 -9.27
C SER WB 63 30.93 42.16 -9.26
N ALA WB 64 31.33 41.16 -8.47
CA ALA WB 64 32.71 40.75 -8.36
C ALA WB 64 32.80 39.45 -7.58
N ILE WB 65 33.73 38.59 -7.96
CA ILE WB 65 34.03 37.40 -7.20
C ILE WB 65 35.02 37.87 -6.17
N ARG WB 66 34.98 37.29 -4.97
CA ARG WB 66 35.72 37.83 -3.82
C ARG WB 66 36.99 37.13 -3.42
N LYS WB 67 37.10 35.84 -3.71
CA LYS WB 67 38.29 35.04 -3.38
C LYS WB 67 38.49 34.98 -1.85
N CYS WB 68 37.76 34.04 -1.26
CA CYS WB 68 37.84 33.73 0.14
C CYS WB 68 38.65 32.45 0.32
N VAL WB 69 38.82 32.09 1.58
CA VAL WB 69 39.49 30.89 1.97
C VAL WB 69 38.60 30.22 3.03
N ARG WB 70 38.25 28.97 2.81
CA ARG WB 70 37.58 28.17 3.84
C ARG WB 70 38.61 27.73 4.88
N VAL WB 71 38.51 28.28 6.09
CA VAL WB 71 39.43 27.95 7.17
C VAL WB 71 38.76 26.98 8.12
N GLN WB 72 39.55 26.12 8.75
CA GLN WB 72 39.13 25.38 9.94
C GLN WB 72 40.02 25.79 11.09
N LEU WB 73 39.42 26.24 12.19
CA LEU WB 73 40.17 26.74 13.34
C LEU WB 73 40.83 25.59 14.08
N ILE WB 74 41.92 25.92 14.77
CA ILE WB 74 42.71 24.94 15.50
C ILE WB 74 42.09 24.72 16.88
N LYS WB 75 41.79 25.83 17.54
CA LYS WB 75 41.26 25.82 18.90
C LYS WB 75 39.90 25.13 19.04
N ASN WB 76 38.97 25.46 18.16
CA ASN WB 76 37.59 25.00 18.28
C ASN WB 76 37.30 23.74 17.48
N GLY WB 77 37.68 23.76 16.21
CA GLY WB 77 37.22 22.80 15.22
C GLY WB 77 36.09 23.33 14.36
N LYS WB 78 35.73 24.60 14.57
CA LYS WB 78 34.71 25.28 13.76
C LYS WB 78 35.31 25.72 12.45
N LYS WB 79 34.44 26.05 11.50
CA LYS WB 79 34.85 26.42 10.16
C LYS WB 79 34.39 27.84 9.80
N ILE WB 80 35.03 28.38 8.77
CA ILE WB 80 35.04 29.80 8.52
C ILE WB 80 35.27 30.04 7.02
N THR WB 81 34.77 31.17 6.51
CA THR WB 81 35.16 31.69 5.18
C THR WB 81 35.86 33.04 5.37
N ALA WB 82 37.18 32.99 5.51
CA ALA WB 82 37.97 34.20 5.67
C ALA WB 82 38.24 34.85 4.31
N PHE WB 83 38.08 36.16 4.25
CA PHE WB 83 38.31 36.93 3.03
C PHE WB 83 39.79 37.28 2.89
N VAL WB 84 40.39 36.91 1.76
CA VAL WB 84 41.83 37.07 1.56
C VAL WB 84 42.02 38.41 0.84
N PRO WB 85 42.45 39.44 1.58
CA PRO WB 85 42.39 40.77 1.03
C PRO WB 85 43.56 41.10 0.10
N ASN WB 86 43.37 42.17 -0.68
CA ASN WB 86 44.35 42.74 -1.62
C ASN WB 86 44.51 41.93 -2.92
N ASP WB 87 45.12 42.54 -3.93
CA ASP WB 87 45.06 42.04 -5.31
C ASP WB 87 46.00 40.88 -5.59
N GLY WB 88 45.42 39.79 -6.10
CA GLY WB 88 46.16 38.56 -6.41
C GLY WB 88 46.76 37.85 -5.20
N CYS WB 89 46.19 38.11 -4.03
CA CYS WB 89 46.76 37.66 -2.79
C CYS WB 89 46.39 36.21 -2.53
N LEU WB 90 45.24 35.79 -3.07
CA LEU WB 90 44.79 34.40 -2.98
C LEU WB 90 45.84 33.39 -3.42
N ASN WB 91 46.63 33.75 -4.42
CA ASN WB 91 47.71 32.90 -4.92
C ASN WB 91 48.82 32.59 -3.92
N PHE WB 92 49.03 33.47 -2.94
CA PHE WB 92 49.95 33.18 -1.84
C PHE WB 92 49.47 32.02 -0.99
N ILE WB 93 48.17 32.03 -0.68
CA ILE WB 93 47.57 30.98 0.14
C ILE WB 93 47.43 29.70 -0.67
N GLU WB 94 48.28 28.72 -0.35
CA GLU WB 94 48.14 27.36 -0.83
C GLU WB 94 47.45 26.55 0.26
N GLU WB 95 46.91 25.40 -0.12
CA GLU WB 95 46.03 24.62 0.75
C GLU WB 95 46.78 24.02 1.94
N ASN WB 96 46.07 23.87 3.06
CA ASN WB 96 46.57 23.23 4.29
C ASN WB 96 47.66 24.02 5.03
N ASP WB 97 47.58 25.35 5.01
CA ASP WB 97 48.71 26.17 5.50
C ASP WB 97 48.34 27.32 6.45
N GLU WB 98 47.96 26.94 7.66
CA GLU WB 98 48.33 27.65 8.89
C GLU WB 98 47.99 29.15 8.98
N VAL WB 99 46.94 29.61 8.31
CA VAL WB 99 46.65 31.06 8.29
C VAL WB 99 46.15 31.63 9.61
N LEU WB 100 46.58 32.85 9.90
CA LEU WB 100 46.03 33.64 11.01
C LEU WB 100 44.86 34.43 10.47
N VAL WB 101 43.79 34.49 11.24
CA VAL WB 101 42.55 35.10 10.80
C VAL WB 101 42.17 36.11 11.87
N ALA WB 102 41.72 37.28 11.45
CA ALA WB 102 41.23 38.32 12.34
C ALA WB 102 39.79 38.58 12.02
N GLY WB 103 39.19 39.47 12.79
CA GLY WB 103 37.89 40.03 12.48
C GLY WB 103 38.00 40.98 11.30
N PHE WB 104 36.85 41.35 10.76
CA PHE WB 104 36.79 42.21 9.59
C PHE WB 104 36.37 43.62 10.01
N GLY WB 105 36.57 43.95 11.30
CA GLY WB 105 36.35 45.31 11.79
C GLY WB 105 34.99 45.59 12.40
N ARG WB 106 34.05 44.67 12.20
CA ARG WB 106 32.66 44.94 12.50
C ARG WB 106 32.09 44.16 13.67
N LYS WB 107 32.85 43.22 14.22
CA LYS WB 107 32.51 42.57 15.48
C LYS WB 107 31.27 41.69 15.29
N GLY WB 108 31.33 40.82 14.29
CA GLY WB 108 30.24 39.88 13.98
C GLY WB 108 29.44 40.23 12.74
N HIS WB 109 29.20 41.52 12.50
CA HIS WB 109 28.46 41.97 11.31
C HIS WB 109 29.41 41.77 10.13
N ALA WB 110 28.90 41.20 9.04
CA ALA WB 110 29.63 41.15 7.76
C ALA WB 110 29.76 42.53 7.13
N VAL WB 111 30.66 42.64 6.16
CA VAL WB 111 31.16 43.93 5.68
C VAL WB 111 31.00 44.14 4.18
N GLY WB 112 30.26 45.19 3.81
CA GLY WB 112 30.22 45.71 2.45
C GLY WB 112 29.60 44.77 1.44
N ASP WB 113 30.41 44.32 0.48
CA ASP WB 113 29.94 43.47 -0.61
C ASP WB 113 29.78 42.01 -0.22
N ILE WB 114 30.53 41.56 0.78
CA ILE WB 114 30.68 40.11 1.00
C ILE WB 114 29.50 39.58 1.83
N PRO WB 115 28.79 38.57 1.30
CA PRO WB 115 27.81 37.89 2.12
C PRO WB 115 28.46 36.85 3.00
N GLY WB 116 28.21 36.95 4.30
CA GLY WB 116 28.59 35.89 5.24
C GLY WB 116 30.07 35.75 5.45
N VAL WB 117 30.75 36.88 5.63
CA VAL WB 117 32.18 36.90 5.85
C VAL WB 117 32.54 37.88 6.97
N ARG WB 118 32.77 37.31 8.15
CA ARG WB 118 33.19 38.04 9.35
C ARG WB 118 34.68 38.17 9.51
N PHE WB 119 35.44 37.49 8.66
CA PHE WB 119 36.84 37.20 8.97
C PHE WB 119 37.71 37.46 7.79
N LYS WB 120 38.95 37.90 8.05
CA LYS WB 120 39.93 38.15 7.00
C LYS WB 120 41.28 37.57 7.38
N VAL WB 121 42.01 37.11 6.37
CA VAL WB 121 43.29 36.46 6.57
C VAL WB 121 44.38 37.51 6.77
N VAL WB 122 45.16 37.32 7.83
CA VAL WB 122 46.19 38.26 8.24
C VAL WB 122 47.54 37.76 7.79
N LYS WB 123 47.88 36.55 8.26
CA LYS WB 123 49.18 35.97 8.02
C LYS WB 123 49.01 34.63 7.31
N VAL WB 124 49.99 34.28 6.48
CA VAL WB 124 50.01 33.01 5.78
C VAL WB 124 51.31 32.31 6.12
N ALA WB 125 51.21 31.17 6.80
CA ALA WB 125 52.40 30.39 7.16
C ALA WB 125 53.43 31.20 7.95
N ASN WB 126 52.95 31.99 8.89
CA ASN WB 126 53.77 32.71 9.86
C ASN WB 126 54.66 33.78 9.19
N VAL WB 127 54.06 34.51 8.25
CA VAL WB 127 54.80 35.49 7.44
C VAL WB 127 54.17 36.88 7.37
N SER WB 128 52.85 36.95 7.35
CA SER WB 128 52.08 38.20 7.18
C SER WB 128 51.86 38.45 5.69
N LEU WB 129 50.58 38.58 5.33
CA LEU WB 129 50.19 38.68 3.94
C LEU WB 129 50.57 40.03 3.36
N LEU WB 130 50.37 41.10 4.12
CA LEU WB 130 50.81 42.43 3.70
C LEU WB 130 52.24 42.41 3.20
N ALA WB 131 53.11 41.74 3.96
CA ALA WB 131 54.52 41.66 3.59
C ALA WB 131 54.76 40.94 2.26
N LEU WB 132 53.97 39.91 1.97
CA LEU WB 132 54.08 39.22 0.69
C LEU WB 132 53.62 40.08 -0.48
N TYR WB 133 52.52 40.78 -0.27
CA TYR WB 133 51.98 41.69 -1.28
C TYR WB 133 53.00 42.76 -1.63
N LYS WB 134 53.54 43.42 -0.61
CA LYS WB 134 54.57 44.45 -0.80
C LYS WB 134 55.78 43.95 -1.59
N GLY WB 135 56.20 42.73 -1.31
CA GLY WB 135 57.41 42.16 -1.88
C GLY WB 135 58.57 42.43 -0.96
N LYS WB 136 58.42 42.01 0.30
CA LYS WB 136 59.40 42.22 1.34
C LYS WB 136 59.92 40.87 1.77
N LYS WB 137 59.00 40.03 2.27
CA LYS WB 137 59.32 38.68 2.67
C LYS WB 137 58.91 37.75 1.52
N GLU WB 138 59.23 36.47 1.66
CA GLU WB 138 58.89 35.45 0.67
C GLU WB 138 58.41 34.18 1.35
N ARG WB 139 57.55 33.44 0.64
CA ARG WB 139 57.02 32.17 1.14
C ARG WB 139 58.15 31.13 1.18
N PRO WB 140 58.39 30.51 2.37
CA PRO WB 140 59.53 29.58 2.51
C PRO WB 140 59.34 28.27 1.75
N ARG WB 141 60.45 27.68 1.31
CA ARG WB 141 60.42 26.46 0.51
C ARG WB 141 61.73 25.69 0.66
N ASP XB 1 97.13 68.89 40.59
CA ASP XB 1 97.48 70.34 40.61
C ASP XB 1 96.24 71.21 40.48
N THR XB 2 95.46 71.00 39.43
CA THR XB 2 94.29 71.81 39.09
C THR XB 2 92.94 71.12 39.39
N VAL XB 3 92.94 70.05 40.18
CA VAL XB 3 91.70 69.35 40.52
C VAL XB 3 90.86 70.11 41.56
N THR XB 4 91.43 70.37 42.74
CA THR XB 4 90.69 70.88 43.92
C THR XB 4 89.71 69.84 44.46
N ILE XB 5 89.49 69.88 45.78
CA ILE XB 5 88.67 68.90 46.48
C ILE XB 5 87.94 69.55 47.65
N ARG XB 6 86.78 69.01 48.01
CA ARG XB 6 86.05 69.43 49.20
C ARG XB 6 85.55 68.23 49.99
N THR XB 7 85.26 68.48 51.26
CA THR XB 7 84.75 67.48 52.18
C THR XB 7 83.47 67.98 52.82
N ARG XB 8 82.37 67.36 52.45
CA ARG XB 8 81.04 67.81 52.84
C ARG XB 8 80.50 66.82 53.83
N LYS XB 9 79.64 67.30 54.72
CA LYS XB 9 78.86 66.44 55.61
C LYS XB 9 79.78 65.51 56.38
N PHE XB 10 80.73 66.13 57.08
CA PHE XB 10 81.78 65.41 57.80
C PHE XB 10 81.22 64.93 59.12
N MET XB 11 81.56 63.69 59.48
CA MET XB 11 81.09 63.08 60.72
C MET XB 11 82.18 62.27 61.36
N THR XB 12 82.20 62.32 62.68
CA THR XB 12 83.20 61.64 63.49
C THR XB 12 82.52 60.42 64.08
N ASN XB 13 82.69 59.28 63.43
CA ASN XB 13 82.12 58.02 63.93
C ASN XB 13 83.05 57.45 65.00
N ARG XB 14 82.89 57.95 66.22
CA ARG XB 14 83.58 57.41 67.39
C ARG XB 14 83.37 55.91 67.58
N LEU XB 15 82.19 55.41 67.23
CA LEU XB 15 81.81 54.04 67.59
C LEU XB 15 81.84 53.04 66.42
N LEU XB 16 82.15 53.50 65.22
CA LEU XB 16 82.70 52.60 64.20
C LEU XB 16 84.20 52.83 64.03
N GLN XB 17 84.76 53.76 64.82
CA GLN XB 17 86.19 54.05 64.86
C GLN XB 17 86.65 54.65 63.52
N ARG XB 18 86.05 55.80 63.17
CA ARG XB 18 86.33 56.46 61.88
C ARG XB 18 85.92 57.94 61.84
N LYS XB 19 86.51 58.64 60.87
CA LYS XB 19 85.95 59.89 60.34
C LYS XB 19 85.33 59.46 59.02
N GLN XB 20 84.23 60.08 58.64
CA GLN XB 20 83.52 59.69 57.41
C GLN XB 20 82.72 60.85 56.83
N MET XB 21 82.83 61.03 55.52
CA MET XB 21 82.28 62.21 54.87
C MET XB 21 82.07 62.05 53.37
N VAL XB 22 81.37 63.04 52.82
CA VAL XB 22 81.05 63.09 51.40
C VAL XB 22 82.13 63.88 50.67
N ILE XB 23 82.95 63.18 49.90
CA ILE XB 23 83.94 63.81 49.04
C ILE XB 23 83.24 64.41 47.83
N ASP XB 24 83.58 65.65 47.51
CA ASP XB 24 82.92 66.42 46.47
C ASP XB 24 84.02 67.04 45.60
N VAL XB 25 84.25 66.41 44.45
CA VAL XB 25 85.44 66.65 43.67
C VAL XB 25 85.15 67.64 42.56
N LEU XB 26 85.92 68.72 42.51
CA LEU XB 26 85.95 69.58 41.31
C LEU XB 26 87.08 69.05 40.46
N HIS XB 27 86.89 69.07 39.14
CA HIS XB 27 87.85 68.47 38.21
C HIS XB 27 87.57 68.83 36.73
N PRO XB 28 87.54 70.13 36.42
CA PRO XB 28 87.06 70.56 35.12
C PRO XB 28 88.10 70.35 34.02
N GLY XB 29 87.66 69.74 32.91
CA GLY XB 29 88.52 69.48 31.76
C GLY XB 29 89.18 68.10 31.75
N LYS XB 30 89.00 67.32 32.82
CA LYS XB 30 89.65 66.01 32.93
C LYS XB 30 88.62 64.90 33.22
N ALA XB 31 89.08 63.67 33.13
CA ALA XB 31 88.22 62.49 32.95
C ALA XB 31 87.91 61.73 34.25
N THR XB 32 87.29 62.43 35.21
CA THR XB 32 86.93 61.85 36.53
C THR XB 32 88.13 61.18 37.20
N VAL XB 33 88.74 61.89 38.14
CA VAL XB 33 89.93 61.39 38.86
C VAL XB 33 89.77 59.97 39.40
N PRO XB 34 90.80 59.11 39.20
CA PRO XB 34 90.78 57.79 39.87
C PRO XB 34 90.86 57.90 41.40
N LYS XB 35 90.42 56.84 42.08
CA LYS XB 35 90.34 56.84 43.54
C LYS XB 35 91.68 56.95 44.26
N THR XB 36 92.74 56.45 43.64
CA THR XB 36 94.08 56.51 44.24
C THR XB 36 94.49 57.95 44.49
N GLU XB 37 94.30 58.78 43.46
CA GLU XB 37 94.61 60.21 43.54
C GLU XB 37 93.77 60.95 44.58
N ILE XB 38 92.50 60.56 44.72
CA ILE XB 38 91.60 61.17 45.70
C ILE XB 38 92.06 60.82 47.13
N ARG XB 39 92.47 59.57 47.34
CA ARG XB 39 92.93 59.11 48.65
C ARG XB 39 94.17 59.89 49.07
N GLU XB 40 95.17 59.89 48.19
CA GLU XB 40 96.44 60.59 48.42
C GLU XB 40 96.25 62.07 48.71
N LYS XB 41 95.31 62.71 48.01
CA LYS XB 41 95.00 64.11 48.27
C LYS XB 41 94.30 64.27 49.62
N LEU XB 42 93.44 63.32 49.97
CA LEU XB 42 92.79 63.31 51.29
C LEU XB 42 93.81 63.10 52.40
N ALA XB 43 94.81 62.25 52.13
CA ALA XB 43 95.88 61.97 53.08
C ALA XB 43 96.69 63.20 53.45
N LYS XB 44 97.10 63.97 52.44
CA LYS XB 44 97.83 65.22 52.68
C LYS XB 44 96.95 66.31 53.32
N MET XB 45 95.65 66.24 53.07
CA MET XB 45 94.68 67.18 53.66
C MET XB 45 94.47 66.85 55.14
N TYR XB 46 94.14 65.59 55.43
CA TYR XB 46 93.88 65.13 56.81
C TYR XB 46 95.11 64.58 57.56
N LYS XB 47 96.26 64.52 56.89
CA LYS XB 47 97.55 64.20 57.52
C LYS XB 47 97.57 62.80 58.16
N THR XB 48 96.97 61.82 57.49
CA THR XB 48 96.77 60.50 58.07
C THR XB 48 96.86 59.36 57.05
N THR XB 49 97.81 59.46 56.12
CA THR XB 49 98.15 58.40 55.14
C THR XB 49 97.02 58.07 54.16
N PRO XB 50 97.34 57.35 53.07
CA PRO XB 50 96.29 56.77 52.22
C PRO XB 50 95.78 55.41 52.69
N ASP XB 51 96.54 54.73 53.55
CA ASP XB 51 96.25 53.34 53.95
C ASP XB 51 94.89 53.17 54.64
N VAL XB 52 94.56 54.09 55.53
CA VAL XB 52 93.31 54.03 56.29
C VAL XB 52 92.14 54.78 55.64
N ILE XB 53 92.32 55.23 54.40
CA ILE XB 53 91.30 55.99 53.69
C ILE XB 53 90.63 55.13 52.61
N PHE XB 54 89.32 54.94 52.76
CA PHE XB 54 88.56 54.07 51.89
C PHE XB 54 87.49 54.91 51.25
N VAL XB 55 87.47 54.90 49.91
CA VAL XB 55 86.62 55.79 49.15
C VAL XB 55 85.89 55.04 48.04
N PHE XB 56 84.65 55.46 47.78
CA PHE XB 56 83.74 54.75 46.88
C PHE XB 56 82.57 55.60 46.42
N GLY XB 57 81.72 55.01 45.58
CA GLY XB 57 80.44 55.58 45.18
C GLY XB 57 80.52 56.92 44.46
N PHE XB 58 81.59 57.12 43.69
CA PHE XB 58 81.77 58.38 42.96
C PHE XB 58 80.85 58.43 41.75
N ARG XB 59 80.06 59.48 41.69
CA ARG XB 59 79.19 59.69 40.54
C ARG XB 59 79.49 61.06 39.98
N THR XB 60 79.87 61.11 38.71
CA THR XB 60 80.09 62.36 38.02
C THR XB 60 78.76 62.99 37.67
N HIS XB 61 78.74 64.31 37.61
CA HIS XB 61 77.56 65.06 37.21
C HIS XB 61 77.47 65.12 35.70
N PHE XB 62 76.40 65.71 35.20
CA PHE XB 62 76.31 66.09 33.81
C PHE XB 62 77.28 67.24 33.54
N GLY XB 63 77.75 67.38 32.29
CA GLY XB 63 78.67 68.46 31.92
C GLY XB 63 80.10 68.08 32.22
N GLY XB 64 80.39 67.78 33.48
CA GLY XB 64 81.59 67.04 33.87
C GLY XB 64 82.72 67.85 34.44
N GLY XB 65 82.40 68.68 35.43
CA GLY XB 65 83.39 69.38 36.23
C GLY XB 65 83.20 69.13 37.71
N LYS XB 66 82.51 68.03 38.03
CA LYS XB 66 82.20 67.69 39.40
C LYS XB 66 81.77 66.24 39.54
N THR XB 67 82.47 65.48 40.38
CA THR XB 67 82.00 64.18 40.86
C THR XB 67 81.73 64.29 42.36
N THR XB 68 80.98 63.32 42.86
CA THR XB 68 80.59 63.30 44.26
C THR XB 68 80.50 61.86 44.74
N GLY XB 69 81.03 61.60 45.93
CA GLY XB 69 81.00 60.26 46.49
C GLY XB 69 81.49 60.20 47.91
N PHE XB 70 81.21 59.07 48.56
CA PHE XB 70 81.46 58.91 49.98
C PHE XB 70 82.89 58.44 50.21
N GLY XB 71 83.48 58.88 51.32
CA GLY XB 71 84.80 58.40 51.75
C GLY XB 71 84.94 58.43 53.26
N MET XB 72 85.83 57.61 53.81
CA MET XB 72 86.11 57.61 55.25
C MET XB 72 87.52 57.21 55.66
N ILE XB 73 87.93 57.76 56.80
CA ILE XB 73 89.27 57.65 57.34
C ILE XB 73 89.19 56.94 58.68
N TYR XB 74 89.69 55.70 58.72
CA TYR XB 74 89.79 54.94 59.96
C TYR XB 74 91.02 55.40 60.72
N ASP XB 75 91.12 55.01 61.99
CA ASP XB 75 92.23 55.42 62.82
C ASP XB 75 93.47 54.58 62.50
N SER XB 76 93.30 53.28 62.40
CA SER XB 76 94.37 52.36 62.00
C SER XB 76 93.85 51.24 61.12
N LEU XB 77 94.78 50.58 60.41
CA LEU XB 77 94.43 49.44 59.57
C LEU XB 77 93.85 48.28 60.36
N ASP XB 78 94.33 48.09 61.59
CA ASP XB 78 93.78 47.07 62.48
C ASP XB 78 92.28 47.26 62.66
N TYR XB 79 91.85 48.52 62.80
CA TYR XB 79 90.42 48.85 62.89
C TYR XB 79 89.72 48.66 61.55
N ALA XB 80 90.33 49.18 60.49
CA ALA XB 80 89.74 49.08 59.16
C ALA XB 80 89.76 47.68 58.54
N LYS XB 81 90.29 46.67 59.24
CA LYS XB 81 90.09 45.27 58.87
C LYS XB 81 89.22 44.60 59.93
N LYS XB 82 88.09 45.23 60.23
CA LYS XB 82 87.21 44.80 61.33
C LYS XB 82 85.81 45.39 61.16
N ASN XB 83 85.73 46.72 61.08
CA ASN XB 83 84.51 47.41 60.66
C ASN XB 83 84.74 47.99 59.28
N GLU XB 84 84.71 47.10 58.29
CA GLU XB 84 84.87 47.45 56.89
C GLU XB 84 84.42 46.30 55.98
N PRO XB 85 83.64 46.60 54.91
CA PRO XB 85 83.26 45.53 53.97
C PRO XB 85 84.45 44.89 53.25
N LYS XB 86 84.40 43.56 53.11
CA LYS XB 86 85.52 42.80 52.55
C LYS XB 86 85.88 43.24 51.13
N HIS XB 87 84.87 43.49 50.29
CA HIS XB 87 85.12 43.96 48.91
C HIS XB 87 85.94 45.25 48.87
N ARG XB 88 85.68 46.13 49.84
CA ARG XB 88 86.27 47.45 49.86
C ARG XB 88 87.72 47.40 50.33
N LEU XB 89 88.06 46.35 51.07
CA LEU XB 89 89.45 46.05 51.39
C LEU XB 89 90.14 45.47 50.18
N ALA XB 90 89.54 44.42 49.63
CA ALA XB 90 90.03 43.80 48.39
C ALA XB 90 90.10 44.77 47.20
N ARG XB 91 89.33 45.86 47.27
CA ARG XB 91 89.41 46.95 46.30
C ARG XB 91 90.86 47.41 46.12
N HIS XB 92 91.61 47.52 47.22
CA HIS XB 92 93.07 47.61 47.16
C HIS XB 92 93.71 46.50 47.96
N GLY XB 93 93.54 45.29 47.44
CA GLY XB 93 94.18 44.03 47.89
C GLY XB 93 94.79 43.94 49.27
N LEU XB 94 93.95 43.88 50.29
CA LEU XB 94 94.39 43.55 51.66
C LEU XB 94 93.47 42.60 52.45
N TYR XB 95 92.45 42.03 51.79
CA TYR XB 95 91.68 40.92 52.35
C TYR XB 95 90.92 40.23 51.22
N GLU XB 96 91.68 39.52 50.39
CA GLU XB 96 91.12 38.79 49.24
C GLU XB 96 90.25 37.60 49.66
N LYS XB 97 89.51 37.07 48.68
CA LYS XB 97 88.54 35.99 48.88
C LYS XB 97 88.85 34.72 48.09
N LYS XB 98 88.13 33.66 48.43
CA LYS XB 98 88.23 32.37 47.75
C LYS XB 98 87.56 32.39 46.37
N LYS XB 99 88.02 31.50 45.48
CA LYS XB 99 87.45 31.35 44.13
C LYS XB 99 86.77 29.99 43.99
N THR XB 100 85.78 29.76 44.85
CA THR XB 100 84.95 28.56 44.83
C THR XB 100 83.80 28.70 43.82
N SER XB 101 83.25 29.91 43.74
CA SER XB 101 82.14 30.26 42.85
C SER XB 101 80.85 29.54 43.23
N ARG XB 102 80.13 30.17 44.17
CA ARG XB 102 78.78 29.79 44.61
C ARG XB 102 78.22 28.45 44.12
N LYS XB 103 77.86 28.39 42.83
CA LYS XB 103 77.16 27.24 42.26
C LYS XB 103 77.81 25.90 42.61
N GLN XB 104 79.15 25.85 42.53
CA GLN XB 104 79.91 24.65 42.87
C GLN XB 104 79.78 24.27 44.34
N ARG XB 105 79.65 25.27 45.21
CA ARG XB 105 79.44 25.04 46.65
C ARG XB 105 78.09 24.39 46.89
N LYS XB 106 77.07 24.91 46.22
CA LYS XB 106 75.71 24.35 46.33
C LYS XB 106 75.65 22.91 45.88
N GLU XB 107 76.31 22.59 44.77
CA GLU XB 107 76.30 21.22 44.24
C GLU XB 107 77.05 20.27 45.18
N ARG XB 108 78.14 20.77 45.77
CA ARG XB 108 78.90 20.02 46.75
C ARG XB 108 78.05 19.74 47.98
N LYS XB 109 77.37 20.74 48.53
CA LYS XB 109 76.51 20.56 49.72
C LYS XB 109 75.25 19.77 49.48
N ASN XB 110 74.79 19.74 48.24
CA ASN XB 110 73.61 18.94 47.88
C ASN XB 110 73.97 17.47 47.82
N ARG XB 111 75.19 17.16 47.37
CA ARG XB 111 75.85 15.90 47.73
C ARG XB 111 76.37 16.14 49.13
N MET XB 112 76.47 15.12 49.97
CA MET XB 112 76.76 15.26 51.43
C MET XB 112 75.50 15.12 52.25
N LYS XB 113 74.39 15.65 51.75
CA LYS XB 113 73.07 15.26 52.21
C LYS XB 113 72.90 13.75 51.96
N LYS XB 114 73.52 13.29 50.88
CA LYS XB 114 73.45 11.90 50.45
C LYS XB 114 74.13 10.89 51.39
N VAL XB 115 75.15 11.34 52.15
CA VAL XB 115 76.01 10.43 52.92
C VAL XB 115 76.20 10.88 54.37
N ARG XB 116 76.22 9.91 55.29
CA ARG XB 116 76.24 10.17 56.73
C ARG XB 116 77.59 9.82 57.35
N GLY XB 117 78.03 10.63 58.32
CA GLY XB 117 79.12 10.25 59.24
C GLY XB 117 80.54 10.29 58.71
N THR XB 118 80.80 9.46 57.70
CA THR XB 118 82.10 9.34 57.04
C THR XB 118 82.70 10.70 56.71
N ALA XB 119 83.60 11.14 57.59
CA ALA XB 119 84.28 12.42 57.43
C ALA XB 119 85.12 12.49 56.15
N LYS XB 120 85.78 11.37 55.81
CA LYS XB 120 86.62 11.29 54.60
C LYS XB 120 85.79 11.41 53.32
N ALA XB 121 84.62 10.77 53.31
CA ALA XB 121 83.67 10.87 52.19
C ALA XB 121 83.13 12.29 52.08
N ASN XB 122 82.71 12.84 53.20
CA ASN XB 122 82.19 14.22 53.26
C ASN XB 122 83.26 15.29 53.03
N VAL XB 123 84.54 14.94 53.22
CA VAL XB 123 85.66 15.79 52.79
C VAL XB 123 85.84 15.66 51.28
N GLY XB 124 85.75 14.43 50.77
CA GLY XB 124 85.87 14.14 49.33
C GLY XB 124 84.80 14.84 48.51
N ALA XB 125 83.62 14.22 48.43
CA ALA XB 125 82.43 14.78 47.77
C ALA XB 125 82.68 15.30 46.34
N GLY XB 126 83.28 16.50 46.23
CA GLY XB 126 83.55 17.12 44.92
C GLY XB 126 84.25 18.46 45.03
N ARG YB 1 -27.16 34.64 -58.63
CA ARG YB 1 -28.55 34.55 -59.15
C ARG YB 1 -28.67 35.16 -60.55
N ASP YB 2 -28.15 36.38 -60.71
CA ASP YB 2 -28.27 37.14 -61.96
C ASP YB 2 -27.33 36.59 -63.03
N LYS YB 3 -27.90 36.20 -64.17
CA LYS YB 3 -27.13 35.85 -65.36
C LYS YB 3 -28.01 36.04 -66.61
N LEU YB 4 -27.91 37.24 -67.17
CA LEU YB 4 -28.88 37.75 -68.13
C LEU YB 4 -28.35 37.64 -69.56
N ASN YB 5 -29.02 36.82 -70.38
CA ASN YB 5 -28.62 36.52 -71.75
C ASN YB 5 -29.60 37.11 -72.77
N ASN YB 6 -29.12 38.03 -73.61
CA ASN YB 6 -29.98 38.84 -74.49
C ASN YB 6 -29.88 38.47 -75.97
N LEU YB 7 -30.81 39.01 -76.75
CA LEU YB 7 -30.93 38.78 -78.18
C LEU YB 7 -30.39 39.97 -78.96
N VAL YB 8 -29.95 39.71 -80.19
CA VAL YB 8 -29.35 40.75 -81.05
C VAL YB 8 -29.93 40.66 -82.47
N LEU YB 9 -31.23 40.35 -82.56
CA LEU YB 9 -31.79 39.93 -83.84
C LEU YB 9 -33.22 40.37 -84.15
N PHE YB 10 -33.50 40.38 -85.44
CA PHE YB 10 -34.85 40.49 -86.01
C PHE YB 10 -35.37 39.04 -85.99
N ASP YB 11 -35.85 38.59 -84.83
CA ASP YB 11 -36.28 37.19 -84.64
C ASP YB 11 -37.80 37.01 -84.50
N LYS YB 12 -38.53 37.71 -85.38
CA LYS YB 12 -39.96 37.50 -85.63
C LYS YB 12 -40.88 37.84 -84.46
N ALA YB 13 -40.92 36.99 -83.43
CA ALA YB 13 -41.90 37.12 -82.35
C ALA YB 13 -41.69 38.38 -81.53
N THR YB 14 -40.43 38.68 -81.24
CA THR YB 14 -40.06 39.90 -80.54
C THR YB 14 -40.36 41.14 -81.38
N TYR YB 15 -40.11 41.04 -82.69
CA TYR YB 15 -40.37 42.15 -83.61
C TYR YB 15 -41.86 42.47 -83.73
N ASP YB 16 -42.70 41.43 -83.66
CA ASP YB 16 -44.15 41.60 -83.57
C ASP YB 16 -44.56 42.23 -82.24
N LYS YB 17 -43.92 41.77 -81.15
CA LYS YB 17 -44.18 42.32 -79.81
C LYS YB 17 -43.85 43.82 -79.74
N LEU YB 18 -42.74 44.21 -80.37
CA LEU YB 18 -42.36 45.63 -80.51
C LEU YB 18 -43.43 46.44 -81.24
N CYS YB 19 -43.89 45.93 -82.37
CA CYS YB 19 -44.88 46.64 -83.19
C CYS YB 19 -46.25 46.79 -82.52
N LYS YB 20 -46.66 45.79 -81.75
CA LYS YB 20 -47.95 45.82 -81.04
C LYS YB 20 -47.88 46.60 -79.74
N GLU YB 21 -46.99 46.16 -78.85
CA GLU YB 21 -47.08 46.51 -77.43
C GLU YB 21 -46.37 47.82 -77.06
N VAL YB 22 -45.14 47.97 -77.54
CA VAL YB 22 -44.25 49.05 -77.10
C VAL YB 22 -44.88 50.45 -77.25
N PRO YB 23 -45.57 50.71 -78.38
CA PRO YB 23 -46.25 52.00 -78.54
C PRO YB 23 -47.38 52.35 -77.55
N ASN YB 24 -47.82 51.41 -76.73
CA ASN YB 24 -48.85 51.68 -75.70
C ASN YB 24 -48.29 52.04 -74.33
N TYR YB 25 -46.98 51.87 -74.11
CA TYR YB 25 -46.34 52.25 -72.85
C TYR YB 25 -46.27 53.76 -72.71
N LYS YB 26 -46.01 54.22 -71.50
CA LYS YB 26 -45.81 55.63 -71.22
C LYS YB 26 -44.31 55.95 -71.27
N LEU YB 27 -43.54 55.20 -70.49
CA LEU YB 27 -42.06 55.23 -70.59
C LEU YB 27 -41.64 54.25 -71.66
N ILE YB 28 -40.87 54.76 -72.62
CA ILE YB 28 -40.27 53.91 -73.64
C ILE YB 28 -38.81 54.33 -73.74
N THR YB 29 -37.96 53.61 -73.02
CA THR YB 29 -36.52 53.83 -73.05
C THR YB 29 -35.85 52.53 -73.46
N PRO YB 30 -34.62 52.61 -73.97
CA PRO YB 30 -33.91 51.39 -74.35
C PRO YB 30 -33.76 50.42 -73.18
N ALA YB 31 -33.46 50.96 -72.00
CA ALA YB 31 -33.40 50.19 -70.77
C ALA YB 31 -34.70 49.47 -70.45
N VAL YB 32 -35.80 50.22 -70.47
CA VAL YB 32 -37.12 49.66 -70.17
C VAL YB 32 -37.56 48.61 -71.21
N VAL YB 33 -37.17 48.79 -72.46
CA VAL YB 33 -37.43 47.81 -73.50
C VAL YB 33 -36.63 46.54 -73.23
N SER YB 34 -35.35 46.70 -72.88
CA SER YB 34 -34.47 45.57 -72.57
C SER YB 34 -34.92 44.72 -71.39
N GLU YB 35 -35.49 45.35 -70.36
CA GLU YB 35 -36.01 44.63 -69.19
C GLU YB 35 -37.36 43.93 -69.48
N ARG YB 36 -38.21 44.57 -70.28
CA ARG YB 36 -39.46 43.96 -70.76
C ARG YB 36 -39.19 42.71 -71.59
N LEU YB 37 -38.30 42.86 -72.57
CA LEU YB 37 -37.94 41.80 -73.50
C LEU YB 37 -36.67 41.12 -72.96
N LYS YB 38 -35.95 40.39 -73.82
CA LYS YB 38 -34.57 39.99 -73.54
C LYS YB 38 -33.73 40.42 -74.74
N ILE YB 39 -33.80 41.72 -75.03
CA ILE YB 39 -33.15 42.32 -76.17
C ILE YB 39 -31.90 43.09 -75.72
N ARG YB 40 -30.84 43.01 -76.52
CA ARG YB 40 -29.49 43.49 -76.16
C ARG YB 40 -29.41 44.85 -75.46
N GLY YB 41 -29.68 45.92 -76.20
CA GLY YB 41 -29.52 47.29 -75.71
C GLY YB 41 -29.26 48.21 -76.88
N SER YB 42 -28.26 47.84 -77.67
CA SER YB 42 -28.04 48.45 -78.99
C SER YB 42 -29.20 48.12 -79.92
N LEU YB 43 -29.58 46.85 -79.90
CA LEU YB 43 -30.76 46.37 -80.61
C LEU YB 43 -32.00 47.14 -80.17
N ALA YB 44 -32.13 47.39 -78.87
CA ALA YB 44 -33.23 48.16 -78.31
C ALA YB 44 -33.24 49.59 -78.82
N ARG YB 45 -32.06 50.22 -78.87
CA ARG YB 45 -31.95 51.57 -79.39
C ARG YB 45 -32.35 51.69 -80.86
N ALA YB 46 -31.86 50.77 -81.68
CA ALA YB 46 -32.20 50.73 -83.10
C ALA YB 46 -33.70 50.56 -83.31
N ALA YB 47 -34.29 49.62 -82.57
CA ALA YB 47 -35.73 49.36 -82.62
C ALA YB 47 -36.56 50.59 -82.27
N LEU YB 48 -36.13 51.34 -81.26
CA LEU YB 48 -36.81 52.57 -80.89
C LEU YB 48 -36.62 53.69 -81.92
N GLN YB 49 -35.48 53.70 -82.61
CA GLN YB 49 -35.28 54.62 -83.73
C GLN YB 49 -36.17 54.30 -84.94
N GLU YB 50 -36.35 53.02 -85.23
CA GLU YB 50 -37.26 52.57 -86.29
C GLU YB 50 -38.70 53.02 -86.02
N LEU YB 51 -39.15 52.84 -84.78
CA LEU YB 51 -40.50 53.24 -84.37
C LEU YB 51 -40.70 54.76 -84.40
N LEU YB 52 -39.63 55.51 -84.12
CA LEU YB 52 -39.63 56.96 -84.31
C LEU YB 52 -39.81 57.36 -85.77
N SER YB 53 -39.02 56.74 -86.63
CA SER YB 53 -39.06 56.99 -88.08
C SER YB 53 -40.41 56.61 -88.69
N LYS YB 54 -40.98 55.51 -88.21
CA LYS YB 54 -42.31 55.07 -88.62
C LYS YB 54 -43.42 56.02 -88.15
N GLY YB 55 -43.25 56.60 -86.98
CA GLY YB 55 -44.22 57.52 -86.38
C GLY YB 55 -45.22 56.81 -85.48
N LEU YB 56 -44.74 55.82 -84.72
CA LEU YB 56 -45.54 55.09 -83.73
C LEU YB 56 -45.23 55.48 -82.28
N ILE YB 57 -44.05 56.06 -82.03
CA ILE YB 57 -43.70 56.58 -80.71
C ILE YB 57 -43.12 57.99 -80.79
N LYS YB 58 -43.26 58.72 -79.69
CA LYS YB 58 -43.01 60.16 -79.65
C LYS YB 58 -41.71 60.46 -78.94
N LEU YB 59 -40.96 61.44 -79.44
CA LEU YB 59 -39.70 61.86 -78.83
C LEU YB 59 -39.97 62.79 -77.64
N VAL YB 60 -39.33 62.52 -76.50
CA VAL YB 60 -39.38 63.40 -75.33
C VAL YB 60 -38.06 64.18 -75.26
N SER YB 61 -36.95 63.46 -75.18
CA SER YB 61 -35.60 64.05 -75.22
C SER YB 61 -34.58 63.04 -75.75
N LYS YB 62 -33.51 63.56 -76.34
CA LYS YB 62 -32.53 62.74 -77.07
C LYS YB 62 -31.11 63.10 -76.63
N HIS YB 63 -30.83 62.80 -75.36
CA HIS YB 63 -29.60 63.22 -74.69
C HIS YB 63 -28.56 62.10 -74.70
N ARG YB 64 -27.28 62.48 -74.68
CA ARG YB 64 -26.12 61.58 -74.77
C ARG YB 64 -26.34 60.21 -74.11
N ALA YB 65 -26.55 60.22 -72.80
CA ALA YB 65 -26.70 59.00 -72.02
C ALA YB 65 -28.09 58.37 -72.20
N GLN YB 66 -29.14 59.16 -71.98
CA GLN YB 66 -30.51 58.65 -72.02
C GLN YB 66 -31.38 59.32 -73.07
N VAL YB 67 -32.10 58.51 -73.84
CA VAL YB 67 -33.21 58.97 -74.67
C VAL YB 67 -34.52 58.55 -74.02
N ILE YB 68 -35.57 59.32 -74.27
CA ILE YB 68 -36.88 59.02 -73.70
C ILE YB 68 -37.94 59.08 -74.81
N TYR YB 69 -38.87 58.12 -74.78
CA TYR YB 69 -39.95 58.07 -75.77
C TYR YB 69 -41.30 57.82 -75.09
N THR YB 70 -42.37 58.19 -75.79
CA THR YB 70 -43.73 58.15 -75.25
C THR YB 70 -44.68 57.33 -76.10
N ARG YB 71 -45.88 57.11 -75.56
CA ARG YB 71 -47.03 56.61 -76.30
C ARG YB 71 -47.27 57.44 -77.58
N ASN YB 72 -47.87 56.81 -78.59
CA ASN YB 72 -48.24 57.44 -79.88
C ASN YB 72 -48.49 58.95 -79.89
N THR YB 73 -49.23 59.43 -78.88
CA THR YB 73 -49.84 60.77 -78.75
C THR YB 73 -51.31 60.62 -79.13
N LYS YB 74 -52.02 59.85 -78.29
CA LYS YB 74 -53.40 59.41 -78.59
C LYS YB 74 -54.44 60.54 -78.47
N GLY YB 75 -55.66 60.23 -78.87
CA GLY YB 75 -56.78 61.18 -78.79
C GLY YB 75 -58.13 60.52 -78.99
N THR ZB 1 -2.36 59.32 9.70
CA THR ZB 1 -2.84 60.45 10.57
C THR ZB 1 -4.34 60.44 10.79
N LYS ZB 2 -4.77 61.10 11.85
CA LYS ZB 2 -6.19 61.24 12.14
C LYS ZB 2 -6.79 62.23 11.14
N LYS ZB 3 -7.72 61.74 10.33
CA LYS ZB 3 -8.33 62.55 9.29
C LYS ZB 3 -9.35 63.51 9.85
N ARG ZB 4 -10.23 63.02 10.72
CA ARG ZB 4 -11.29 63.85 11.33
C ARG ZB 4 -11.31 63.67 12.83
N ARG ZB 5 -11.17 64.75 13.60
CA ARG ZB 5 -11.21 64.69 15.06
C ARG ZB 5 -12.36 63.85 15.58
N ASN ZB 6 -13.53 64.14 15.05
CA ASN ZB 6 -14.72 63.34 15.27
C ASN ZB 6 -14.49 61.84 15.14
N ASN ZB 7 -13.76 61.46 14.08
CA ASN ZB 7 -13.87 60.18 13.38
C ASN ZB 7 -15.29 60.16 12.81
N GLY ZB 8 -15.43 59.99 11.51
CA GLY ZB 8 -16.71 60.24 10.85
C GLY ZB 8 -17.81 59.35 11.43
N ARG ZB 9 -18.25 59.70 12.63
CA ARG ZB 9 -18.83 58.72 13.56
C ARG ZB 9 -19.14 59.54 14.79
N ALA ZB 10 -20.37 60.03 14.90
CA ALA ZB 10 -20.70 60.97 15.97
C ALA ZB 10 -21.02 60.27 17.29
N LYS ZB 11 -20.02 59.61 17.87
CA LYS ZB 11 -20.21 58.79 19.07
C LYS ZB 11 -20.00 59.66 20.30
N LYS ZB 12 -18.80 59.68 20.88
CA LYS ZB 12 -18.44 60.58 22.00
C LYS ZB 12 -19.23 60.37 23.29
N GLY ZB 13 -18.80 59.39 24.07
CA GLY ZB 13 -19.44 59.02 25.34
C GLY ZB 13 -20.49 57.95 25.12
N ARG ZB 14 -20.03 56.73 24.92
CA ARG ZB 14 -20.90 55.59 24.62
C ARG ZB 14 -20.17 54.26 24.62
N GLY ZB 15 -19.21 54.08 23.71
CA GLY ZB 15 -18.50 52.82 23.60
C GLY ZB 15 -19.18 51.82 22.67
N HIS ZB 16 -20.48 51.98 22.45
CA HIS ZB 16 -21.19 51.17 21.47
C HIS ZB 16 -22.49 51.82 21.04
N VAL ZB 17 -22.89 51.52 19.80
CA VAL ZB 17 -24.18 51.93 19.24
C VAL ZB 17 -24.78 50.78 18.46
N GLN ZB 18 -26.11 50.77 18.38
CA GLN ZB 18 -26.81 49.78 17.54
C GLN ZB 18 -26.47 50.05 16.08
N PRO ZB 19 -26.24 48.99 15.29
CA PRO ZB 19 -25.88 49.19 13.90
C PRO ZB 19 -27.06 49.07 12.92
N ILE ZB 20 -26.87 49.66 11.75
CA ILE ZB 20 -27.86 49.70 10.67
C ILE ZB 20 -27.30 49.04 9.43
N ARG ZB 21 -28.10 48.18 8.83
CA ARG ZB 21 -27.80 47.65 7.50
C ARG ZB 21 -28.28 48.70 6.51
N CYS ZB 22 -27.38 49.14 5.65
CA CYS ZB 22 -27.60 50.28 4.75
C CYS ZB 22 -28.67 50.02 3.70
N THR ZB 23 -29.46 51.05 3.40
CA THR ZB 23 -30.54 50.94 2.40
C THR ZB 23 -30.00 51.13 1.00
N ASN ZB 24 -29.17 50.19 0.57
CA ASN ZB 24 -28.63 50.14 -0.79
C ASN ZB 24 -27.69 48.97 -0.93
N CYS ZB 25 -26.60 49.00 -0.17
CA CYS ZB 25 -25.62 47.92 -0.21
C CYS ZB 25 -25.94 46.81 0.80
N ALA ZB 26 -26.81 47.10 1.77
CA ALA ZB 26 -27.09 46.20 2.90
C ALA ZB 26 -25.92 46.08 3.87
N ARG ZB 27 -24.96 46.98 3.76
CA ARG ZB 27 -23.71 46.94 4.51
C ARG ZB 27 -24.01 47.36 5.92
N CYS ZB 28 -23.35 46.73 6.89
CA CYS ZB 28 -23.64 47.00 8.29
C CYS ZB 28 -22.85 48.21 8.77
N VAL ZB 29 -23.50 49.13 9.46
CA VAL ZB 29 -22.88 50.41 9.82
C VAL ZB 29 -23.36 50.85 11.18
N PRO ZB 30 -22.52 51.59 11.92
CA PRO ZB 30 -23.01 52.28 13.10
C PRO ZB 30 -24.06 53.33 12.77
N LYS ZB 31 -25.10 53.41 13.60
CA LYS ZB 31 -26.18 54.38 13.44
C LYS ZB 31 -25.71 55.82 13.59
N ASP ZB 32 -24.76 56.03 14.49
CA ASP ZB 32 -24.17 57.35 14.68
C ASP ZB 32 -23.29 57.69 13.49
N LYS ZB 33 -22.69 56.66 12.90
CA LYS ZB 33 -22.05 56.79 11.59
C LYS ZB 33 -23.18 56.79 10.55
N ALA ZB 34 -22.84 56.79 9.26
CA ALA ZB 34 -23.78 56.51 8.16
C ALA ZB 34 -24.58 57.75 7.81
N ILE ZB 35 -24.70 58.00 6.52
CA ILE ZB 35 -25.31 59.21 6.01
C ILE ZB 35 -26.81 58.97 5.96
N LYS ZB 36 -27.59 59.99 6.33
CA LYS ZB 36 -29.02 59.81 6.53
C LYS ZB 36 -29.86 60.93 5.94
N LYS ZB 37 -30.35 60.72 4.73
CA LYS ZB 37 -31.38 61.58 4.17
C LYS ZB 37 -32.72 61.22 4.78
N PHE ZB 38 -33.51 62.23 5.10
CA PHE ZB 38 -34.94 62.05 5.33
C PHE ZB 38 -35.68 62.65 4.14
N VAL ZB 39 -36.33 61.77 3.37
CA VAL ZB 39 -36.86 62.13 2.08
C VAL ZB 39 -38.38 62.15 2.13
N ILE ZB 40 -38.93 63.35 2.25
CA ILE ZB 40 -40.35 63.57 1.97
C ILE ZB 40 -40.49 63.86 0.49
N ARG ZB 41 -41.57 63.40 -0.12
CA ARG ZB 41 -41.74 63.54 -1.55
C ARG ZB 41 -43.20 63.28 -1.93
N ASN ZB 42 -43.70 64.03 -2.92
CA ASN ZB 42 -45.02 63.77 -3.49
C ASN ZB 42 -45.03 62.42 -4.16
N ILE ZB 43 -46.07 61.62 -3.91
CA ILE ZB 43 -46.19 60.29 -4.52
C ILE ZB 43 -46.12 60.39 -6.04
N VAL ZB 44 -46.81 61.38 -6.60
CA VAL ZB 44 -47.08 61.45 -8.05
C VAL ZB 44 -46.07 62.20 -8.89
N GLU ZB 45 -45.38 63.19 -8.30
CA GLU ZB 45 -44.36 63.99 -8.98
C GLU ZB 45 -44.88 64.93 -10.07
N ALA ZB 46 -44.02 65.87 -10.48
CA ALA ZB 46 -44.40 67.00 -11.36
C ALA ZB 46 -45.07 66.66 -12.68
N ALA ZB 47 -44.77 65.49 -13.25
CA ALA ZB 47 -45.34 65.09 -14.54
C ALA ZB 47 -46.84 64.80 -14.42
N ALA ZB 48 -47.16 63.76 -13.67
CA ALA ZB 48 -48.52 63.22 -13.61
C ALA ZB 48 -49.46 63.97 -12.67
N VAL ZB 49 -48.92 64.86 -11.83
CA VAL ZB 49 -49.71 65.57 -10.84
C VAL ZB 49 -50.98 66.23 -11.38
N ARG ZB 50 -50.86 66.91 -12.51
CA ARG ZB 50 -51.99 67.63 -13.08
C ARG ZB 50 -52.94 66.63 -13.78
N ASP ZB 51 -52.38 65.57 -14.36
CA ASP ZB 51 -53.18 64.51 -14.99
C ASP ZB 51 -54.09 63.83 -13.97
N ILE ZB 52 -53.52 63.53 -12.80
CA ILE ZB 52 -54.26 62.90 -11.70
C ILE ZB 52 -55.31 63.86 -11.11
N SER ZB 53 -54.94 65.13 -10.95
CA SER ZB 53 -55.88 66.16 -10.48
C SER ZB 53 -57.09 66.27 -11.40
N GLU ZB 54 -56.82 66.24 -12.70
CA GLU ZB 54 -57.85 66.31 -13.72
C GLU ZB 54 -58.85 65.16 -13.56
N ALA ZB 55 -58.34 63.94 -13.44
CA ALA ZB 55 -59.17 62.73 -13.27
C ALA ZB 55 -59.19 62.25 -11.83
N SER ZB 56 -59.55 63.14 -10.92
CA SER ZB 56 -59.83 62.80 -9.53
C SER ZB 56 -61.33 62.92 -9.30
N VAL ZB 57 -61.84 62.07 -8.43
CA VAL ZB 57 -63.25 62.09 -8.04
C VAL ZB 57 -63.45 63.22 -7.04
N PHE ZB 58 -62.58 63.27 -6.04
CA PHE ZB 58 -62.70 64.22 -4.94
C PHE ZB 58 -62.32 65.61 -5.42
N ASP ZB 59 -63.03 66.61 -4.91
CA ASP ZB 59 -62.82 68.00 -5.32
C ASP ZB 59 -61.55 68.54 -4.68
N ALA ZB 60 -60.79 69.30 -5.47
CA ALA ZB 60 -59.45 69.78 -5.11
C ALA ZB 60 -58.48 68.62 -4.78
N TYR ZB 61 -58.57 68.10 -3.55
CA TYR ZB 61 -57.71 67.02 -3.04
C TYR ZB 61 -56.21 67.35 -2.98
N VAL ZB 62 -55.64 67.22 -1.78
CA VAL ZB 62 -54.32 67.75 -1.46
C VAL ZB 62 -53.12 66.83 -1.78
N LEU ZB 63 -53.39 65.64 -2.35
CA LEU ZB 63 -52.39 64.57 -2.55
C LEU ZB 63 -51.84 64.00 -1.22
N PRO ZB 64 -51.05 62.92 -1.29
CA PRO ZB 64 -50.31 62.44 -0.14
C PRO ZB 64 -48.81 62.65 -0.33
N LYS ZB 65 -48.02 62.27 0.68
CA LYS ZB 65 -46.57 62.34 0.61
C LYS ZB 65 -45.92 61.06 1.13
N LEU ZB 66 -44.86 60.63 0.44
CA LEU ZB 66 -44.18 59.37 0.67
C LEU ZB 66 -42.91 59.65 1.45
N TYR ZB 67 -42.90 59.25 2.72
CA TYR ZB 67 -41.80 59.61 3.62
C TYR ZB 67 -40.85 58.43 3.76
N VAL ZB 68 -39.55 58.70 3.64
CA VAL ZB 68 -38.52 57.67 3.80
C VAL ZB 68 -37.33 58.26 4.53
N LYS ZB 69 -36.91 57.59 5.60
CA LYS ZB 69 -35.60 57.81 6.20
C LYS ZB 69 -34.69 56.79 5.56
N LEU ZB 70 -33.72 57.27 4.79
CA LEU ZB 70 -32.70 56.41 4.20
C LEU ZB 70 -31.49 56.30 5.10
N HIS ZB 71 -30.70 55.26 4.85
CA HIS ZB 71 -29.51 54.98 5.61
C HIS ZB 71 -28.44 54.56 4.63
N TYR ZB 72 -27.63 55.52 4.22
CA TYR ZB 72 -26.56 55.24 3.28
C TYR ZB 72 -25.34 54.93 4.14
N CYS ZB 73 -24.57 53.92 3.76
CA CYS ZB 73 -23.23 53.75 4.31
C CYS ZB 73 -22.30 54.54 3.43
N VAL ZB 74 -21.12 54.84 3.96
CA VAL ZB 74 -20.17 55.77 3.33
C VAL ZB 74 -19.94 55.42 1.88
N SER ZB 75 -19.53 54.18 1.65
CA SER ZB 75 -19.29 53.71 0.29
C SER ZB 75 -20.41 54.07 -0.65
N CYS ZB 76 -21.61 53.66 -0.28
CA CYS ZB 76 -22.78 53.85 -1.11
C CYS ZB 76 -23.20 55.31 -1.22
N ALA ZB 77 -22.95 56.10 -0.18
CA ALA ZB 77 -23.21 57.54 -0.23
C ALA ZB 77 -22.32 58.22 -1.25
N ILE ZB 78 -21.02 57.97 -1.14
CA ILE ZB 78 -20.01 58.56 -2.02
C ILE ZB 78 -20.23 58.23 -3.48
N HIS ZB 79 -20.49 56.96 -3.76
CA HIS ZB 79 -20.70 56.46 -5.11
C HIS ZB 79 -21.94 57.04 -5.78
N SER ZB 80 -23.00 57.22 -4.99
CA SER ZB 80 -24.26 57.79 -5.48
C SER ZB 80 -24.31 59.32 -5.39
N LYS ZB 81 -23.19 59.94 -5.01
CA LYS ZB 81 -23.03 61.40 -4.97
C LYS ZB 81 -24.00 62.06 -3.98
N VAL ZB 82 -24.29 61.35 -2.89
CA VAL ZB 82 -24.97 61.95 -1.75
C VAL ZB 82 -23.97 62.86 -1.07
N VAL ZB 83 -22.74 62.39 -0.97
CA VAL ZB 83 -21.65 63.12 -0.35
C VAL ZB 83 -20.43 63.13 -1.30
N ARG ZB 84 -19.93 64.31 -1.63
CA ARG ZB 84 -18.61 64.42 -2.30
C ARG ZB 84 -17.55 64.57 -1.23
N ASN ZB 85 -16.29 64.50 -1.64
CA ASN ZB 85 -15.19 64.83 -0.72
C ASN ZB 85 -15.10 66.34 -0.54
N ARG ZB 86 -14.23 66.77 0.37
CA ARG ZB 86 -13.91 68.19 0.54
C ARG ZB 86 -12.42 68.39 0.76
N SER ZB 87 -12.00 69.63 0.59
CA SER ZB 87 -10.65 70.04 0.94
C SER ZB 87 -10.46 69.96 2.45
N ARG ZB 88 -9.20 69.89 2.88
CA ARG ZB 88 -8.87 69.63 4.28
C ARG ZB 88 -9.49 70.62 5.25
N GLU ZB 89 -9.75 71.84 4.79
CA GLU ZB 89 -10.34 72.91 5.60
C GLU ZB 89 -11.87 72.91 5.48
N ALA ZB 90 -12.36 72.67 4.28
CA ALA ZB 90 -13.80 72.58 4.02
C ALA ZB 90 -14.46 71.31 4.52
N ARG ZB 91 -13.68 70.32 4.93
CA ARG ZB 91 -14.20 69.14 5.62
C ARG ZB 91 -14.92 69.54 6.90
N LYS ZB 92 -14.47 70.61 7.55
CA LYS ZB 92 -14.94 70.99 8.88
C LYS ZB 92 -16.22 71.82 8.94
N ASP ZB 93 -16.91 72.00 7.81
CA ASP ZB 93 -18.14 72.82 7.76
C ASP ZB 93 -19.34 71.91 7.91
N ARG ZB 94 -19.74 71.62 9.14
CA ARG ZB 94 -20.81 70.66 9.36
C ARG ZB 94 -22.24 71.27 9.29
N THR ZB 95 -22.38 72.39 8.59
CA THR ZB 95 -23.70 72.88 8.17
C THR ZB 95 -24.19 72.10 6.96
N PRO ZB 96 -25.50 71.87 6.86
CA PRO ZB 96 -26.03 71.22 5.66
C PRO ZB 96 -25.99 72.18 4.47
N PRO ZB 97 -26.05 71.64 3.25
CA PRO ZB 97 -26.14 72.52 2.08
C PRO ZB 97 -27.56 73.06 1.92
N PRO ZB 98 -27.77 74.07 1.07
CA PRO ZB 98 -29.11 74.62 0.85
C PRO ZB 98 -29.88 73.89 -0.25
N PRO AC 1 -9.40 90.93 34.30
CA PRO AC 1 -8.17 90.31 33.84
C PRO AC 1 -6.94 91.18 34.12
N LEU AC 2 -5.78 90.55 34.27
CA LEU AC 2 -4.50 91.26 34.49
C LEU AC 2 -4.39 92.07 35.79
N ALA AC 3 -5.41 92.00 36.64
CA ALA AC 3 -5.51 92.87 37.81
C ALA AC 3 -6.90 92.68 38.45
N LYS AC 4 -6.94 91.92 39.54
CA LYS AC 4 -8.16 91.71 40.31
C LYS AC 4 -7.80 91.65 41.79
N ASP AC 5 -8.20 92.68 42.54
CA ASP AC 5 -8.04 92.67 44.01
C ASP AC 5 -8.77 91.48 44.64
N LEU AC 6 -8.03 90.38 44.80
CA LEU AC 6 -8.60 89.13 45.31
C LEU AC 6 -8.91 89.18 46.80
N LEU AC 7 -8.40 90.18 47.51
CA LEU AC 7 -8.67 90.37 48.93
C LEU AC 7 -9.79 91.36 49.20
N HIS AC 8 -10.24 92.07 48.17
CA HIS AC 8 -11.33 93.02 48.32
C HIS AC 8 -12.37 92.83 47.22
N PRO AC 9 -12.83 91.58 47.02
CA PRO AC 9 -13.84 91.34 45.99
C PRO AC 9 -15.22 91.81 46.44
N SER AC 10 -16.00 92.35 45.50
CA SER AC 10 -17.31 92.88 45.80
C SER AC 10 -18.33 91.77 46.08
N PRO AC 11 -19.33 92.06 46.94
CA PRO AC 11 -20.34 91.07 47.32
C PRO AC 11 -21.27 90.65 46.18
N GLU AC 12 -21.39 91.50 45.16
CA GLU AC 12 -22.09 91.14 43.93
C GLU AC 12 -21.49 89.91 43.24
N GLU AC 13 -20.19 89.68 43.42
CA GLU AC 13 -19.50 88.51 42.84
C GLU AC 13 -18.91 87.50 43.85
N GLU AC 14 -19.41 87.52 45.08
CA GLU AC 14 -19.20 86.42 46.03
C GLU AC 14 -20.44 85.57 46.15
N LYS AC 15 -21.63 86.20 46.16
CA LYS AC 15 -22.88 85.45 46.11
C LYS AC 15 -22.96 84.50 44.89
N ARG AC 16 -22.37 84.93 43.77
CA ARG AC 16 -22.29 84.10 42.58
C ARG AC 16 -20.95 83.34 42.49
N LYS AC 17 -20.52 82.76 43.61
CA LYS AC 17 -19.47 81.74 43.60
C LYS AC 17 -19.96 80.59 44.42
N HIS AC 18 -19.31 79.45 44.21
CA HIS AC 18 -19.64 78.25 44.95
C HIS AC 18 -19.31 78.45 46.42
N LYS AC 19 -20.13 77.86 47.28
CA LYS AC 19 -19.97 77.97 48.72
C LYS AC 19 -18.54 77.75 49.22
N LYS AC 20 -17.80 76.85 48.57
CA LYS AC 20 -16.42 76.54 48.97
C LYS AC 20 -15.39 77.47 48.36
N LYS AC 21 -15.62 77.86 47.11
CA LYS AC 21 -14.61 78.59 46.34
C LYS AC 21 -14.46 80.05 46.72
N ARG AC 22 -15.37 80.58 47.53
CA ARG AC 22 -15.28 81.95 48.04
C ARG AC 22 -13.98 82.17 48.81
N LEU AC 23 -13.60 83.43 49.01
CA LEU AC 23 -12.34 83.75 49.69
C LEU AC 23 -12.31 83.20 51.12
N VAL AC 24 -13.42 83.37 51.82
CA VAL AC 24 -13.66 82.67 53.05
C VAL AC 24 -14.87 81.78 52.80
N GLN AC 25 -14.69 80.49 53.07
CA GLN AC 25 -15.71 79.48 52.87
C GLN AC 25 -16.89 79.73 53.81
N SER AC 26 -18.03 80.12 53.24
CA SER AC 26 -19.24 80.44 53.98
C SER AC 26 -20.42 79.63 53.48
N PRO AC 27 -21.43 79.41 54.34
CA PRO AC 27 -22.58 78.65 53.91
C PRO AC 27 -23.56 79.52 53.13
N ASN AC 28 -24.41 78.85 52.36
CA ASN AC 28 -25.42 79.49 51.55
C ASN AC 28 -26.82 79.36 52.17
N SER AC 29 -26.87 78.84 53.39
CA SER AC 29 -28.12 78.52 54.07
C SER AC 29 -28.36 79.46 55.24
N TYR AC 30 -29.54 79.33 55.83
CA TYR AC 30 -29.94 80.17 56.94
C TYR AC 30 -30.99 79.46 57.76
N PHE AC 31 -31.21 79.96 58.97
CA PHE AC 31 -32.29 79.48 59.80
C PHE AC 31 -33.45 80.46 59.73
N MET AC 32 -34.66 79.95 59.89
CA MET AC 32 -35.86 80.75 59.73
C MET AC 32 -36.88 80.41 60.81
N ASP AC 33 -37.42 81.45 61.43
CA ASP AC 33 -38.30 81.31 62.59
C ASP AC 33 -39.74 81.25 62.07
N VAL AC 34 -40.25 80.04 61.90
CA VAL AC 34 -41.52 79.83 61.22
C VAL AC 34 -42.70 80.02 62.17
N LYS AC 35 -43.75 80.68 61.66
CA LYS AC 35 -44.92 81.08 62.46
C LYS AC 35 -46.00 80.00 62.43
N CYS AC 36 -46.60 79.82 61.24
CA CYS AC 36 -47.82 79.03 61.05
C CYS AC 36 -49.06 79.69 61.66
N PRO AC 37 -50.27 79.39 61.14
CA PRO AC 37 -51.45 80.20 61.47
C PRO AC 37 -52.10 79.93 62.82
N GLY AC 38 -52.43 78.66 63.09
CA GLY AC 38 -53.19 78.29 64.28
C GLY AC 38 -52.41 78.42 65.57
N CYS AC 39 -51.34 77.63 65.68
CA CYS AC 39 -50.47 77.63 66.87
C CYS AC 39 -49.62 78.90 66.89
N TYR AC 40 -49.56 79.56 68.04
CA TYR AC 40 -48.74 80.76 68.22
C TYR AC 40 -47.26 80.45 68.53
N LYS AC 41 -46.93 79.19 68.80
CA LYS AC 41 -45.56 78.78 69.12
C LYS AC 41 -44.68 78.86 67.86
N ILE AC 42 -43.64 79.69 67.91
CA ILE AC 42 -42.78 79.94 66.77
C ILE AC 42 -41.62 78.94 66.78
N THR AC 43 -41.60 78.04 65.79
CA THR AC 43 -40.51 77.08 65.61
C THR AC 43 -39.37 77.76 64.88
N THR AC 44 -38.22 77.09 64.86
CA THR AC 44 -37.02 77.58 64.20
C THR AC 44 -36.51 76.53 63.21
N VAL AC 45 -36.99 76.62 61.98
CA VAL AC 45 -36.64 75.66 60.92
C VAL AC 45 -35.40 76.10 60.18
N PHE AC 46 -34.63 75.12 59.71
CA PHE AC 46 -33.41 75.34 58.93
C PHE AC 46 -33.72 75.21 57.45
N SER AC 47 -33.38 76.26 56.69
CA SER AC 47 -33.76 76.41 55.27
C SER AC 47 -33.75 75.11 54.47
N HIS AC 48 -32.68 74.35 54.63
CA HIS AC 48 -32.56 73.03 54.04
C HIS AC 48 -32.87 72.02 55.12
N ALA AC 49 -34.13 71.63 55.21
CA ALA AC 49 -34.66 70.97 56.39
C ALA AC 49 -34.56 69.44 56.32
N GLN AC 50 -34.83 68.86 55.16
CA GLN AC 50 -34.71 67.41 55.00
C GLN AC 50 -35.42 66.49 56.02
N THR AC 51 -36.20 67.10 56.91
CA THR AC 51 -37.05 66.42 57.86
C THR AC 51 -38.41 67.06 57.72
N VAL AC 52 -39.49 66.28 57.81
CA VAL AC 52 -40.81 66.91 57.99
C VAL AC 52 -40.82 67.54 59.38
N VAL AC 53 -41.03 68.86 59.41
CA VAL AC 53 -41.01 69.59 60.67
C VAL AC 53 -42.43 69.74 61.17
N LEU AC 54 -42.75 68.98 62.21
CA LEU AC 54 -44.03 69.09 62.89
C LEU AC 54 -43.91 70.21 63.91
N CYS AC 55 -45.04 70.84 64.24
CA CYS AC 55 -45.05 72.01 65.11
C CYS AC 55 -44.88 71.60 66.58
N VAL AC 56 -44.77 72.58 67.47
CA VAL AC 56 -44.61 72.34 68.92
C VAL AC 56 -45.92 71.82 69.52
N GLY AC 57 -47.05 72.40 69.09
CA GLY AC 57 -48.38 71.88 69.43
C GLY AC 57 -48.70 70.55 68.77
N CYS AC 58 -47.99 70.24 67.68
CA CYS AC 58 -48.05 68.95 66.98
C CYS AC 58 -49.41 68.71 66.31
N SER AC 59 -50.03 69.80 65.86
CA SER AC 59 -51.30 69.77 65.15
C SER AC 59 -51.07 69.68 63.64
N THR AC 60 -50.30 70.63 63.12
CA THR AC 60 -50.05 70.79 61.67
C THR AC 60 -48.63 70.33 61.30
N VAL AC 61 -48.27 70.58 60.03
CA VAL AC 61 -46.91 70.35 59.53
C VAL AC 61 -46.45 71.60 58.77
N LEU AC 62 -45.17 71.92 58.90
CA LEU AC 62 -44.60 73.17 58.38
C LEU AC 62 -43.85 72.94 57.07
N CYS AC 63 -42.87 72.04 57.11
CA CYS AC 63 -41.97 71.79 55.98
C CYS AC 63 -42.11 70.40 55.36
N GLN AC 64 -42.30 70.38 54.04
CA GLN AC 64 -42.15 69.16 53.26
C GLN AC 64 -40.82 69.33 52.55
N PRO AC 65 -39.83 68.45 52.85
CA PRO AC 65 -38.47 68.68 52.37
C PRO AC 65 -38.22 68.22 50.95
N THR AC 66 -37.80 69.16 50.10
CA THR AC 66 -37.45 68.87 48.71
C THR AC 66 -35.95 68.68 48.63
N GLY AC 67 -35.43 68.62 47.41
CA GLY AC 67 -33.99 68.52 47.21
C GLY AC 67 -33.23 69.67 47.82
N GLY AC 68 -33.55 70.88 47.36
CA GLY AC 68 -32.92 72.09 47.87
C GLY AC 68 -33.56 72.56 49.16
N LYS AC 69 -34.16 73.73 49.13
CA LYS AC 69 -34.78 74.32 50.31
C LYS AC 69 -36.07 73.60 50.65
N ALA AC 70 -36.47 73.70 51.93
CA ALA AC 70 -37.69 73.06 52.40
C ALA AC 70 -38.93 73.78 51.88
N ARG AC 71 -39.99 73.01 51.63
CA ARG AC 71 -41.24 73.53 51.11
C ARG AC 71 -42.16 73.85 52.31
N LEU AC 72 -42.33 75.15 52.56
CA LEU AC 72 -43.18 75.61 53.66
C LEU AC 72 -44.65 75.49 53.25
N THR AC 73 -45.51 75.10 54.18
CA THR AC 73 -46.91 74.74 53.88
C THR AC 73 -47.87 75.92 53.76
N GLU AC 74 -47.92 76.50 52.57
CA GLU AC 74 -48.96 77.46 52.16
C GLU AC 74 -49.05 78.74 53.01
N GLY AC 75 -49.66 78.65 54.19
CA GLY AC 75 -49.95 79.83 55.03
C GLY AC 75 -49.04 79.85 56.24
N CYS AC 76 -47.74 79.86 55.97
CA CYS AC 76 -46.71 79.79 57.00
C CYS AC 76 -45.68 80.87 56.74
N SER AC 77 -45.70 81.93 57.54
CA SER AC 77 -44.73 83.02 57.43
C SER AC 77 -43.46 82.71 58.20
N PHE AC 78 -42.40 83.46 57.92
CA PHE AC 78 -41.11 83.28 58.58
C PHE AC 78 -40.24 84.52 58.51
N ARG AC 79 -39.13 84.50 59.25
CA ARG AC 79 -38.16 85.61 59.31
C ARG AC 79 -36.72 85.10 59.36
N ARG AC 80 -35.89 85.61 58.44
CA ARG AC 80 -34.46 85.33 58.44
C ARG AC 80 -33.76 86.00 59.61
N LYS AC 81 -33.82 87.33 59.62
CA LYS AC 81 -32.90 88.23 60.36
C LYS AC 81 -32.10 87.59 61.48
N GLN AC 82 -30.91 87.12 61.14
CA GLN AC 82 -29.98 86.56 62.12
C GLN AC 82 -28.58 86.40 61.55
N HIS AC 83 -27.58 86.69 62.39
CA HIS AC 83 -26.17 86.38 62.14
C HIS AC 83 -25.59 87.17 60.96
N PRO BC 1 -52.15 56.56 -31.80
CA PRO BC 1 -52.53 57.90 -32.23
C PRO BC 1 -51.32 58.82 -32.46
N ILE BC 2 -51.09 59.19 -33.71
CA ILE BC 2 -49.94 60.02 -34.06
C ILE BC 2 -50.25 61.48 -33.73
N LYS BC 3 -49.80 61.91 -32.55
CA LYS BC 3 -49.98 63.30 -32.11
C LYS BC 3 -48.82 64.16 -32.56
N LEU BC 4 -49.13 65.35 -33.06
CA LEU BC 4 -48.11 66.35 -33.36
C LEU BC 4 -47.86 67.19 -32.12
N ALA BC 5 -46.69 67.81 -32.07
CA ALA BC 5 -46.28 68.62 -30.92
C ALA BC 5 -45.28 69.69 -31.30
N ARG BC 6 -45.67 70.94 -31.07
CA ARG BC 6 -44.80 72.08 -31.34
C ARG BC 6 -43.85 72.27 -30.17
N VAL BC 7 -42.60 72.61 -30.49
CA VAL BC 7 -41.59 72.87 -29.47
C VAL BC 7 -41.79 74.25 -28.87
N THR BC 8 -41.79 74.34 -27.55
CA THR BC 8 -41.79 75.65 -26.86
C THR BC 8 -40.40 76.08 -26.43
N LYS BC 9 -39.63 75.15 -25.87
CA LYS BC 9 -38.29 75.45 -25.36
C LYS BC 9 -37.38 74.25 -25.55
N VAL BC 10 -36.38 74.44 -26.40
CA VAL BC 10 -35.27 73.50 -26.49
C VAL BC 10 -34.44 73.65 -25.20
N ILE BC 11 -34.38 72.58 -24.40
CA ILE BC 11 -33.85 72.65 -23.05
C ILE BC 11 -32.33 72.57 -23.06
N GLY BC 12 -31.80 71.39 -23.40
CA GLY BC 12 -30.35 71.14 -23.33
C GLY BC 12 -29.98 69.85 -24.01
N LYS BC 13 -28.74 69.74 -24.47
CA LYS BC 13 -28.33 68.58 -25.28
C LYS BC 13 -27.81 67.45 -24.40
N THR BC 14 -28.61 66.38 -24.32
CA THR BC 14 -28.28 65.16 -23.58
C THR BC 14 -27.74 64.13 -24.59
N GLY BC 15 -27.90 62.84 -24.29
CA GLY BC 15 -27.26 61.78 -25.06
C GLY BC 15 -25.86 61.58 -24.54
N SER BC 16 -25.35 60.35 -24.65
CA SER BC 16 -24.01 60.02 -24.18
C SER BC 16 -22.96 60.76 -24.98
N GLN BC 17 -23.04 60.60 -26.30
CA GLN BC 17 -22.10 61.22 -27.22
C GLN BC 17 -22.47 62.68 -27.52
N GLY BC 18 -23.63 63.13 -27.08
CA GLY BC 18 -24.10 64.48 -27.34
C GLY BC 18 -24.83 64.45 -28.66
N GLN BC 19 -26.15 64.45 -28.61
CA GLN BC 19 -26.95 64.11 -29.79
C GLN BC 19 -28.43 64.42 -29.60
N CYS BC 20 -29.00 63.93 -28.51
CA CYS BC 20 -30.41 64.09 -28.23
C CYS BC 20 -30.64 65.40 -27.52
N THR BC 21 -31.25 66.34 -28.22
CA THR BC 21 -31.70 67.58 -27.62
C THR BC 21 -32.89 67.23 -26.73
N GLN BC 22 -32.83 67.68 -25.49
CA GLN BC 22 -33.97 67.59 -24.59
C GLN BC 22 -34.85 68.82 -24.88
N VAL BC 23 -36.12 68.56 -25.20
CA VAL BC 23 -37.02 69.53 -25.79
C VAL BC 23 -38.31 69.55 -24.98
N ARG BC 24 -38.83 70.74 -24.73
CA ARG BC 24 -40.10 70.90 -24.02
C ARG BC 24 -41.12 71.24 -25.10
N VAL BC 25 -42.28 70.57 -25.07
CA VAL BC 25 -43.23 70.64 -26.16
C VAL BC 25 -44.66 71.00 -25.72
N GLU BC 26 -45.30 71.90 -26.47
CA GLU BC 26 -46.75 72.12 -26.39
C GLU BC 26 -47.36 71.06 -27.28
N PHE BC 27 -48.53 70.58 -26.91
CA PHE BC 27 -49.07 69.38 -27.53
C PHE BC 27 -50.02 69.62 -28.69
N MET BC 28 -50.02 70.83 -29.25
CA MET BC 28 -50.69 71.13 -30.54
C MET BC 28 -52.23 71.14 -30.51
N ASP BC 29 -52.85 70.01 -30.18
CA ASP BC 29 -54.31 69.89 -30.13
C ASP BC 29 -54.89 70.69 -28.96
N ASP BC 30 -54.48 70.33 -27.75
CA ASP BC 30 -54.85 71.06 -26.53
C ASP BC 30 -53.58 71.62 -25.90
N THR BC 31 -53.40 72.94 -26.03
CA THR BC 31 -52.15 73.61 -25.61
C THR BC 31 -51.91 73.69 -24.10
N SER BC 32 -52.88 73.25 -23.28
CA SER BC 32 -52.65 73.05 -21.85
C SER BC 32 -51.57 72.01 -21.57
N HIS BC 33 -51.51 70.98 -22.41
CA HIS BC 33 -50.56 69.90 -22.24
C HIS BC 33 -49.14 70.34 -22.51
N SER BC 34 -48.19 69.78 -21.78
CA SER BC 34 -46.78 70.13 -21.97
C SER BC 34 -45.82 69.08 -21.39
N THR BC 35 -45.27 68.24 -22.26
CA THR BC 35 -44.27 67.24 -21.89
C THR BC 35 -42.87 67.69 -22.25
N ILE BC 36 -41.90 66.88 -21.85
CA ILE BC 36 -40.51 67.01 -22.26
C ILE BC 36 -40.18 65.77 -23.09
N ARG BC 37 -39.29 65.91 -24.07
CA ARG BC 37 -38.69 64.73 -24.73
C ARG BC 37 -37.44 64.96 -25.54
N ASN BC 38 -36.72 63.86 -25.71
CA ASN BC 38 -35.43 63.84 -26.38
C ASN BC 38 -35.65 63.67 -27.86
N VAL BC 39 -34.74 64.24 -28.65
CA VAL BC 39 -34.87 64.28 -30.12
C VAL BC 39 -33.52 64.14 -30.80
N LYS BC 40 -33.41 63.16 -31.72
CA LYS BC 40 -32.28 63.12 -32.66
C LYS BC 40 -32.52 64.15 -33.75
N GLY BC 41 -31.46 64.85 -34.10
CA GLY BC 41 -31.50 65.87 -35.15
C GLY BC 41 -31.48 67.26 -34.58
N PRO BC 42 -31.30 68.27 -35.45
CA PRO BC 42 -31.17 69.66 -35.03
C PRO BC 42 -32.54 70.33 -34.86
N VAL BC 43 -32.80 70.84 -33.66
CA VAL BC 43 -34.13 71.30 -33.26
C VAL BC 43 -34.03 72.77 -32.92
N ARG BC 44 -35.15 73.47 -33.04
CA ARG BC 44 -35.24 74.88 -32.65
C ARG BC 44 -36.64 75.29 -32.22
N GLU BC 45 -36.71 76.37 -31.44
CA GLU BC 45 -37.98 76.86 -30.89
C GLU BC 45 -38.90 77.30 -32.01
N GLY BC 46 -40.05 76.64 -32.13
CA GLY BC 46 -40.99 76.90 -33.22
C GLY BC 46 -40.80 75.95 -34.38
N ASP BC 47 -40.91 74.66 -34.09
CA ASP BC 47 -41.01 73.61 -35.10
C ASP BC 47 -41.90 72.51 -34.54
N VAL BC 48 -42.24 71.53 -35.36
CA VAL BC 48 -43.22 70.51 -34.96
C VAL BC 48 -42.66 69.09 -35.05
N LEU BC 49 -42.76 68.37 -33.94
CA LEU BC 49 -42.40 66.97 -33.89
C LEU BC 49 -43.61 66.11 -34.17
N THR BC 50 -43.36 64.90 -34.65
CA THR BC 50 -44.38 63.88 -34.84
C THR BC 50 -44.09 62.78 -33.81
N LEU BC 51 -44.92 62.72 -32.77
CA LEU BC 51 -44.72 61.77 -31.69
C LEU BC 51 -45.70 60.64 -31.93
N LEU BC 52 -45.20 59.40 -31.94
CA LEU BC 52 -46.05 58.24 -32.21
C LEU BC 52 -46.68 57.81 -30.90
N GLU BC 53 -45.84 57.50 -29.93
CA GLU BC 53 -46.20 57.56 -28.51
C GLU BC 53 -46.57 58.98 -28.07
N SER BC 54 -47.39 59.06 -27.02
CA SER BC 54 -47.87 60.34 -26.51
C SER BC 54 -48.03 60.35 -24.98
N GLU BC 55 -47.25 59.53 -24.30
CA GLU BC 55 -47.46 59.29 -22.87
C GLU BC 55 -46.19 58.85 -22.10
N ARG BC 56 -45.00 59.01 -22.68
CA ARG BC 56 -43.79 58.36 -22.17
C ARG BC 56 -42.97 59.34 -21.33
N GLU BC 57 -42.60 60.46 -21.95
CA GLU BC 57 -41.92 61.58 -21.27
C GLU BC 57 -40.56 61.21 -20.66
N ALA BC 58 -39.50 61.38 -21.45
CA ALA BC 58 -38.14 61.09 -20.99
C ALA BC 58 -37.61 62.21 -20.09
N ARG BC 59 -36.60 61.87 -19.28
CA ARG BC 59 -35.92 62.82 -18.39
C ARG BC 59 -34.40 62.74 -18.64
N ARG BC 60 -33.63 62.22 -17.68
CA ARG BC 60 -32.18 62.07 -17.82
C ARG BC 60 -31.85 60.81 -18.62
N LEU BC 61 -30.87 60.93 -19.53
CA LEU BC 61 -30.28 59.76 -20.20
C LEU BC 61 -28.86 60.08 -20.66
N GLN CC 1 48.33 57.84 -64.36
CA GLN CC 1 48.53 59.33 -64.41
C GLN CC 1 47.39 60.05 -65.14
N GLN CC 2 47.25 59.77 -66.44
CA GLN CC 2 46.25 60.44 -67.28
C GLN CC 2 44.81 59.98 -66.96
N LEU CC 3 44.66 58.81 -66.33
CA LEU CC 3 43.34 58.30 -65.94
C LEU CC 3 42.88 58.62 -64.49
N TYR CC 4 43.63 59.44 -63.78
CA TYR CC 4 43.39 59.73 -62.34
C TYR CC 4 42.03 60.32 -62.02
N TRP CC 5 41.61 61.31 -62.79
CA TRP CC 5 40.29 61.92 -62.66
C TRP CC 5 39.46 61.64 -63.91
N SER CC 6 39.88 60.65 -64.70
CA SER CC 6 39.29 60.43 -66.01
C SER CC 6 38.07 59.57 -65.83
N HIS CC 7 36.98 60.24 -65.45
CA HIS CC 7 35.67 59.65 -65.50
C HIS CC 7 34.71 60.80 -65.73
N PRO CC 8 33.82 60.68 -66.74
CA PRO CC 8 32.82 61.70 -67.06
C PRO CC 8 32.13 62.33 -65.84
N ARG CC 9 32.60 63.53 -65.50
CA ARG CC 9 32.12 64.27 -64.34
C ARG CC 9 31.33 65.49 -64.84
N LYS CC 10 30.53 65.29 -65.88
CA LYS CC 10 29.89 66.41 -66.58
C LYS CC 10 28.46 66.69 -66.13
N PHE CC 11 27.85 65.74 -65.43
CA PHE CC 11 26.41 65.74 -65.18
C PHE CC 11 26.08 64.75 -64.08
N GLY CC 12 24.94 64.96 -63.43
CA GLY CC 12 24.55 64.14 -62.27
C GLY CC 12 25.24 64.59 -61.01
N GLN CC 13 24.82 64.02 -59.88
CA GLN CC 13 25.24 64.49 -58.55
C GLN CC 13 26.69 64.18 -58.12
N GLY CC 14 27.47 63.57 -59.00
CA GLY CC 14 28.91 63.55 -58.86
C GLY CC 14 29.51 64.92 -59.07
N SER CC 15 29.14 65.56 -60.17
CA SER CC 15 29.69 66.85 -60.55
C SER CC 15 29.34 67.95 -59.55
N ARG CC 16 28.05 68.26 -59.48
CA ARG CC 16 27.57 69.40 -58.71
C ARG CC 16 27.65 69.15 -57.20
N SER CC 17 28.32 70.07 -56.52
CA SER CC 17 28.43 70.08 -55.06
C SER CC 17 27.94 71.40 -54.52
N CYS CC 18 27.89 71.49 -53.20
CA CYS CC 18 27.55 72.74 -52.55
C CYS CC 18 28.72 73.71 -52.61
N ARG CC 19 28.43 75.01 -52.53
CA ARG CC 19 29.46 76.05 -52.50
C ARG CC 19 29.84 76.46 -51.08
N VAL CC 20 29.59 75.60 -50.10
CA VAL CC 20 29.86 75.92 -48.69
C VAL CC 20 30.34 74.67 -47.95
N CYS CC 21 29.47 73.66 -47.82
CA CYS CC 21 29.82 72.40 -47.15
C CYS CC 21 30.64 71.50 -48.08
N SER CC 22 30.26 71.52 -49.36
CA SER CC 22 30.80 70.64 -50.41
C SER CC 22 30.36 69.17 -50.35
N ASN CC 23 29.36 68.85 -49.51
CA ASN CC 23 28.72 67.53 -49.58
C ASN CC 23 27.74 67.61 -50.75
N ARG CC 24 27.47 66.47 -51.34
CA ARG CC 24 26.72 66.40 -52.59
C ARG CC 24 25.39 65.69 -52.43
N HIS CC 25 24.58 66.23 -51.52
CA HIS CC 25 23.20 65.80 -51.27
C HIS CC 25 22.31 66.97 -50.90
N GLY CC 26 21.15 67.06 -51.54
CA GLY CC 26 20.14 68.04 -51.17
C GLY CC 26 20.54 69.46 -51.50
N LEU CC 27 21.03 69.66 -52.73
CA LEU CC 27 21.45 70.96 -53.19
C LEU CC 27 20.25 71.77 -53.67
N ILE CC 28 20.15 73.00 -53.19
CA ILE CC 28 19.15 73.93 -53.66
C ILE CC 28 19.74 74.48 -54.94
N ARG CC 29 19.43 73.83 -56.05
CA ARG CC 29 19.92 74.25 -57.36
C ARG CC 29 19.20 75.51 -57.86
N LYS CC 30 17.94 75.67 -57.43
CA LYS CC 30 17.04 76.73 -57.93
C LYS CC 30 17.58 78.14 -57.68
N TYR CC 31 17.43 79.00 -58.67
CA TYR CC 31 18.04 80.35 -58.68
C TYR CC 31 19.57 80.33 -58.49
N GLY CC 32 20.21 79.28 -59.01
CA GLY CC 32 21.67 79.13 -58.93
C GLY CC 32 22.28 79.19 -57.55
N LEU CC 33 21.52 78.78 -56.54
CA LEU CC 33 22.01 78.78 -55.16
C LEU CC 33 23.16 77.79 -55.02
N ASN CC 34 22.93 76.56 -55.47
CA ASN CC 34 23.94 75.50 -55.42
C ASN CC 34 24.56 75.37 -54.03
N MET CC 35 23.70 75.16 -53.05
CA MET CC 35 24.16 74.98 -51.68
C MET CC 35 23.33 73.96 -50.93
N CYS CC 36 23.96 73.32 -49.95
CA CYS CC 36 23.34 72.28 -49.14
C CYS CC 36 22.06 72.86 -48.52
N ARG CC 37 20.99 72.07 -48.49
CA ARG CC 37 19.72 72.55 -47.92
C ARG CC 37 19.86 72.98 -46.47
N GLN CC 38 20.74 72.32 -45.73
CA GLN CC 38 21.11 72.73 -44.38
C GLN CC 38 21.88 74.03 -44.38
N CYS CC 39 22.85 74.14 -45.28
CA CYS CC 39 23.60 75.37 -45.49
C CYS CC 39 22.68 76.52 -45.85
N PHE CC 40 21.73 76.28 -46.76
CA PHE CC 40 20.79 77.31 -47.16
C PHE CC 40 20.04 77.88 -45.98
N ARG CC 41 19.41 77.00 -45.20
CA ARG CC 41 18.76 77.39 -43.95
C ARG CC 41 19.66 78.21 -43.04
N GLN CC 42 20.92 77.80 -42.97
CA GLN CC 42 21.90 78.50 -42.15
C GLN CC 42 22.03 79.96 -42.57
N TYR CC 43 22.20 80.19 -43.87
CA TYR CC 43 22.55 81.52 -44.39
C TYR CC 43 21.33 82.34 -44.84
N ALA CC 44 20.22 81.69 -45.14
CA ALA CC 44 19.07 82.29 -45.84
C ALA CC 44 18.83 83.78 -45.57
N LYS CC 45 18.86 84.16 -44.29
CA LYS CC 45 18.66 85.56 -43.88
C LYS CC 45 19.59 86.54 -44.60
N ASP CC 46 20.87 86.18 -44.67
CA ASP CC 46 21.89 87.00 -45.35
C ASP CC 46 21.61 87.08 -46.84
N ILE CC 47 21.22 85.96 -47.42
CA ILE CC 47 20.91 85.87 -48.86
C ILE CC 47 19.74 86.80 -49.23
N GLY CC 48 18.83 87.04 -48.30
CA GLY CC 48 17.70 87.94 -48.54
C GLY CC 48 16.36 87.23 -48.42
N PHE CC 49 16.37 85.90 -48.46
CA PHE CC 49 15.17 85.12 -48.18
C PHE CC 49 14.68 85.36 -46.74
N ILE CC 50 13.37 85.23 -46.55
CA ILE CC 50 12.75 85.48 -45.26
C ILE CC 50 11.41 84.73 -45.15
N LYS CC 51 11.17 84.14 -43.98
CA LYS CC 51 9.96 83.37 -43.75
C LYS CC 51 8.82 84.30 -43.35
N LEU CC 52 7.96 84.63 -44.31
CA LEU CC 52 6.78 85.46 -44.06
C LEU CC 52 5.53 84.60 -43.94
N ASP CC 53 5.37 83.68 -44.88
CA ASP CC 53 4.34 82.65 -44.83
C ASP CC 53 4.96 81.34 -45.33
N HIS DC 1 29.00 29.76 -7.98
CA HIS DC 1 29.64 29.81 -9.34
C HIS DC 1 30.65 30.95 -9.46
N GLY DC 2 31.38 30.97 -10.59
CA GLY DC 2 32.40 31.98 -10.84
C GLY DC 2 33.77 31.45 -10.47
N SER DC 3 34.71 31.50 -11.42
CA SER DC 3 36.02 30.90 -11.24
C SER DC 3 36.97 31.78 -10.44
N LEU DC 4 37.94 31.14 -9.80
CA LEU DC 4 39.03 31.80 -9.08
C LEU DC 4 40.22 31.86 -10.03
N ALA DC 5 40.00 32.45 -11.20
CA ALA DC 5 40.94 32.40 -12.30
C ALA DC 5 41.72 33.70 -12.41
N ARG DC 6 41.00 34.80 -12.54
CA ARG DC 6 41.63 36.08 -12.86
C ARG DC 6 42.40 36.70 -11.70
N VAL DC 7 42.11 36.27 -10.47
CA VAL DC 7 43.05 36.39 -9.33
C VAL DC 7 44.39 37.05 -9.66
N GLY DC 8 44.54 38.31 -9.29
CA GLY DC 8 45.74 39.05 -9.64
C GLY DC 8 45.83 39.28 -11.13
N LYS DC 9 44.74 39.81 -11.70
CA LYS DC 9 44.68 40.18 -13.11
C LYS DC 9 45.35 41.52 -13.26
N VAL DC 10 44.80 42.52 -12.58
CA VAL DC 10 45.25 43.90 -12.74
C VAL DC 10 46.63 44.11 -12.10
N ARG DC 11 46.88 43.52 -10.94
CA ARG DC 11 48.22 43.57 -10.36
C ARG DC 11 49.27 43.01 -11.33
N GLY DC 12 48.89 41.97 -12.06
CA GLY DC 12 49.76 41.34 -13.05
C GLY DC 12 50.17 42.23 -14.22
N GLN DC 13 49.21 42.58 -15.08
CA GLN DC 13 49.54 43.21 -16.35
C GLN DC 13 49.69 44.74 -16.32
N THR DC 14 49.77 45.33 -15.13
CA THR DC 14 50.06 46.75 -15.00
C THR DC 14 51.46 47.04 -15.51
N LEU DC 15 51.66 48.23 -16.06
CA LEU DC 15 52.94 48.60 -16.61
C LEU DC 15 53.84 48.94 -15.43
N LYS DC 16 54.92 48.18 -15.26
CA LYS DC 16 55.86 48.44 -14.16
C LYS DC 16 56.64 49.71 -14.45
N VAL DC 17 56.96 50.46 -13.41
CA VAL DC 17 57.67 51.73 -13.55
C VAL DC 17 58.68 51.85 -12.41
N ALA DC 18 59.84 52.43 -12.71
CA ALA DC 18 60.85 52.72 -11.69
C ALA DC 18 60.37 53.83 -10.77
N LYS DC 19 60.77 53.76 -9.50
CA LYS DC 19 60.28 54.69 -8.48
C LYS DC 19 61.11 55.98 -8.38
N GLN DC 20 61.90 56.30 -9.41
CA GLN DC 20 62.71 57.53 -9.48
C GLN DC 20 63.71 57.70 -8.33
N GLU DC 21 64.49 58.78 -8.42
CA GLU DC 21 65.28 59.28 -7.32
C GLU DC 21 65.09 60.79 -7.22
N LYS DC 22 65.29 61.34 -6.03
CA LYS DC 22 65.26 62.79 -5.83
C LYS DC 22 66.23 63.19 -4.72
N LYS DC 23 65.79 63.10 -3.47
CA LYS DC 23 66.58 63.60 -2.35
C LYS DC 23 66.25 62.91 -1.02
N LYS DC 24 67.22 62.94 -0.12
CA LYS DC 24 67.00 62.64 1.28
C LYS DC 24 66.14 63.79 1.82
N LYS DC 25 64.86 63.53 2.06
CA LYS DC 25 63.92 64.58 2.49
C LYS DC 25 64.16 64.97 3.94
N ARG DC 26 63.81 66.20 4.28
CA ARG DC 26 64.02 66.71 5.62
C ARG DC 26 63.03 66.05 6.57
N THR DC 27 63.49 65.81 7.80
CA THR DC 27 62.73 65.07 8.80
C THR DC 27 62.64 65.85 10.10
N GLY DC 28 61.79 65.36 11.00
CA GLY DC 28 61.65 65.92 12.33
C GLY DC 28 61.30 67.39 12.28
N ARG DC 29 61.91 68.16 13.18
CA ARG DC 29 61.66 69.58 13.28
C ARG DC 29 61.84 70.28 11.94
N ALA DC 30 62.92 69.93 11.25
CA ALA DC 30 63.26 70.58 9.98
C ALA DC 30 62.12 70.52 8.98
N LYS DC 31 61.47 69.38 8.90
CA LYS DC 31 60.32 69.21 8.03
C LYS DC 31 59.21 70.16 8.43
N ARG DC 32 58.93 70.19 9.73
CA ARG DC 32 57.86 71.00 10.26
C ARG DC 32 58.11 72.49 10.04
N ARG DC 33 59.37 72.91 10.21
CA ARG DC 33 59.80 74.26 9.83
C ARG DC 33 59.37 74.55 8.40
N MET DC 34 59.83 73.68 7.50
CA MET DC 34 59.68 73.90 6.08
C MET DC 34 58.20 74.05 5.75
N GLN DC 35 57.37 73.19 6.32
CA GLN DC 35 55.93 73.23 6.07
C GLN DC 35 55.30 74.48 6.69
N TYR DC 36 55.80 74.93 7.84
CA TYR DC 36 55.39 76.22 8.41
C TYR DC 36 55.72 77.37 7.49
N ASN DC 37 56.91 77.31 6.90
CA ASN DC 37 57.39 78.38 6.03
C ASN DC 37 56.63 78.46 4.71
N ARG DC 38 56.13 77.33 4.21
CA ARG DC 38 55.33 77.33 2.99
C ARG DC 38 53.80 77.42 3.20
N ARG DC 39 53.34 77.77 4.39
CA ARG DC 39 51.96 78.26 4.58
C ARG DC 39 51.89 79.73 4.96
N PHE DC 40 52.86 80.21 5.76
CA PHE DC 40 52.64 81.42 6.57
C PHE DC 40 53.52 82.64 6.26
N VAL DC 41 54.47 82.51 5.35
CA VAL DC 41 55.47 83.57 5.14
C VAL DC 41 55.92 83.75 3.68
N ASN DC 42 56.24 82.65 3.00
CA ASN DC 42 56.75 82.70 1.64
C ASN DC 42 55.73 83.26 0.66
N VAL DC 43 54.54 82.67 0.63
CA VAL DC 43 53.54 82.99 -0.37
C VAL DC 43 52.69 84.18 0.11
N VAL DC 44 51.78 83.94 1.06
CA VAL DC 44 50.79 84.92 1.56
C VAL DC 44 50.41 86.00 0.51
N PRO DC 45 49.82 85.57 -0.63
CA PRO DC 45 49.60 86.46 -1.77
C PRO DC 45 48.22 87.12 -1.78
N THR DC 46 47.93 87.86 -2.84
CA THR DC 46 46.59 88.38 -3.10
C THR DC 46 45.72 87.22 -3.60
N PHE DC 47 44.57 87.02 -2.96
CA PHE DC 47 43.72 85.85 -3.22
C PHE DC 47 43.03 85.90 -4.59
N GLY DC 48 42.76 84.72 -5.15
CA GLY DC 48 42.09 84.57 -6.44
C GLY DC 48 41.13 83.41 -6.41
N LYS DC 49 40.12 83.53 -5.56
CA LYS DC 49 39.11 82.49 -5.31
C LYS DC 49 39.72 81.18 -4.79
N LYS DC 50 40.23 81.24 -3.55
CA LYS DC 50 40.74 80.08 -2.79
C LYS DC 50 42.01 79.43 -3.35
N LYS DC 51 42.62 78.57 -2.55
CA LYS DC 51 43.94 77.99 -2.83
C LYS DC 51 43.82 76.51 -3.21
N GLY DC 52 44.98 75.85 -3.36
CA GLY DC 52 45.01 74.41 -3.58
C GLY DC 52 46.43 73.85 -3.41
N PRO DC 53 46.71 73.17 -2.28
CA PRO DC 53 48.09 72.74 -2.00
C PRO DC 53 48.61 71.60 -2.86
N ASN DC 54 47.72 70.89 -3.56
CA ASN DC 54 48.13 69.97 -4.62
C ASN DC 54 47.34 70.26 -5.89
N ALA DC 55 47.26 71.54 -6.23
CA ALA DC 55 46.46 71.98 -7.38
C ALA DC 55 47.13 71.58 -8.69
N ASN DC 56 46.31 71.42 -9.72
CA ASN DC 56 46.81 71.12 -11.06
C ASN DC 56 45.73 71.36 -12.13
N SER DC 57 46.07 72.20 -13.11
CA SER DC 57 45.19 72.51 -14.24
C SER DC 57 45.51 71.61 -15.43
N LYS EC 1 43.82 41.71 -40.46
CA LYS EC 1 44.75 42.04 -41.59
C LYS EC 1 45.61 40.84 -42.04
N SER EC 2 44.95 39.70 -42.23
CA SER EC 2 45.61 38.46 -42.64
C SER EC 2 45.97 38.51 -44.13
N TYR EC 3 47.22 38.86 -44.41
CA TYR EC 3 47.74 38.93 -45.78
C TYR EC 3 48.01 37.52 -46.31
N THR EC 4 47.54 37.25 -47.52
CA THR EC 4 47.62 35.90 -48.12
C THR EC 4 49.05 35.62 -48.58
N THR EC 5 49.47 34.36 -48.46
CA THR EC 5 50.85 33.95 -48.77
C THR EC 5 51.25 34.07 -50.26
N PRO EC 6 50.46 33.48 -51.19
CA PRO EC 6 50.85 33.53 -52.61
C PRO EC 6 50.68 34.91 -53.27
N LYS EC 7 49.80 35.74 -52.74
CA LYS EC 7 49.61 37.11 -53.24
C LYS EC 7 50.84 37.97 -52.95
N LYS EC 8 51.19 38.07 -51.66
CA LYS EC 8 52.37 38.80 -51.15
C LYS EC 8 52.47 40.29 -51.59
N ASN EC 9 53.53 40.97 -51.17
CA ASN EC 9 53.84 42.33 -51.64
C ASN EC 9 54.27 42.35 -53.10
N LYS EC 10 54.15 43.52 -53.73
CA LYS EC 10 54.70 43.77 -55.06
C LYS EC 10 55.75 44.87 -54.98
N HIS EC 11 57.01 44.45 -54.86
CA HIS EC 11 58.18 45.36 -54.81
C HIS EC 11 58.19 46.40 -55.94
N LYS EC 12 58.55 47.63 -55.60
CA LYS EC 12 58.72 48.71 -56.58
C LYS EC 12 60.15 48.69 -57.12
N ARG EC 13 60.44 49.53 -58.11
CA ARG EC 13 61.73 49.50 -58.81
C ARG EC 13 62.90 50.03 -58.00
N LYS EC 14 64.10 49.68 -58.47
CA LYS EC 14 65.35 50.22 -57.98
C LYS EC 14 66.21 50.60 -59.19
N LYS EC 15 66.48 51.90 -59.34
CA LYS EC 15 67.33 52.40 -60.43
C LYS EC 15 68.78 51.96 -60.27
N VAL EC 16 69.53 52.01 -61.38
CA VAL EC 16 70.96 51.71 -61.37
C VAL EC 16 71.69 52.74 -62.24
N LYS EC 17 72.12 53.84 -61.62
CA LYS EC 17 72.94 54.85 -62.29
C LYS EC 17 74.39 54.35 -62.25
N LEU EC 18 74.82 53.72 -63.33
CA LEU EC 18 76.10 53.02 -63.37
C LEU EC 18 77.23 54.02 -63.60
N ALA EC 19 77.60 54.74 -62.53
CA ALA EC 19 78.66 55.76 -62.56
C ALA EC 19 78.34 56.87 -63.59
N VAL EC 20 79.37 57.54 -64.13
CA VAL EC 20 79.19 58.51 -65.21
C VAL EC 20 78.93 57.74 -66.50
N LEU EC 21 77.98 58.22 -67.30
CA LEU EC 21 77.57 57.56 -68.55
C LEU EC 21 78.31 58.15 -69.75
N LYS EC 22 78.77 57.28 -70.65
CA LYS EC 22 79.56 57.67 -71.81
C LYS EC 22 78.74 57.60 -73.10
N TYR EC 23 78.83 58.66 -73.91
CA TYR EC 23 78.17 58.73 -75.22
C TYR EC 23 79.10 59.20 -76.35
N TYR EC 24 80.41 59.28 -76.10
CA TYR EC 24 81.35 59.91 -77.04
C TYR EC 24 82.67 59.14 -77.07
N LYS EC 25 83.47 59.40 -78.11
CA LYS EC 25 84.85 58.90 -78.20
C LYS EC 25 85.81 59.98 -78.72
N VAL EC 26 87.06 59.88 -78.29
CA VAL EC 26 88.10 60.87 -78.63
C VAL EC 26 88.86 60.43 -79.88
N ASP EC 27 88.60 61.10 -81.00
CA ASP EC 27 89.26 60.82 -82.28
C ASP EC 27 90.32 61.88 -82.57
N GLU EC 28 91.59 61.47 -82.54
CA GLU EC 28 92.74 62.36 -82.81
C GLU EC 28 92.80 63.56 -81.84
N ASN EC 29 92.47 63.30 -80.57
CA ASN EC 29 92.50 64.30 -79.48
C ASN EC 29 91.53 65.49 -79.65
N GLY EC 30 91.77 66.31 -80.68
CA GLY EC 30 90.91 67.47 -80.99
C GLY EC 30 89.47 67.14 -81.31
N LYS EC 31 89.26 66.35 -82.36
CA LYS EC 31 87.90 65.99 -82.82
C LYS EC 31 87.25 64.95 -81.90
N ILE EC 32 85.93 64.80 -82.03
CA ILE EC 32 85.13 63.86 -81.24
C ILE EC 32 84.20 63.07 -82.15
N SER EC 33 83.95 61.81 -81.77
CA SER EC 33 82.97 60.94 -82.44
C SER EC 33 81.84 60.63 -81.46
N ARG EC 34 80.60 60.65 -81.96
CA ARG EC 34 79.40 60.37 -81.16
C ARG EC 34 79.02 58.90 -81.30
N LEU EC 35 78.77 58.24 -80.17
CA LEU EC 35 78.43 56.81 -80.18
C LEU EC 35 77.00 56.54 -80.64
N ARG EC 36 76.03 57.04 -79.87
CA ARG EC 36 74.62 56.74 -80.06
C ARG EC 36 73.89 57.83 -80.84
N ARG EC 37 72.80 57.43 -81.50
CA ARG EC 37 72.06 58.31 -82.41
C ARG EC 37 71.19 59.31 -81.64
N GLU EC 38 70.97 60.48 -82.23
CA GLU EC 38 70.30 61.61 -81.56
C GLU EC 38 68.88 61.85 -82.10
N CYS EC 39 68.11 62.63 -81.35
CA CYS EC 39 66.70 62.94 -81.68
C CYS EC 39 66.60 63.90 -82.87
N PRO EC 40 65.58 63.74 -83.74
CA PRO EC 40 65.37 64.66 -84.86
C PRO EC 40 64.56 65.91 -84.53
N SER EC 41 63.44 65.76 -83.80
CA SER EC 41 62.49 66.86 -83.58
C SER EC 41 63.02 67.88 -82.58
N VAL EC 48 70.05 65.05 -76.98
CA VAL EC 48 69.08 64.03 -76.57
C VAL EC 48 69.30 62.77 -77.42
N PHE EC 49 69.75 61.69 -76.77
CA PHE EC 49 70.10 60.45 -77.46
C PHE EC 49 68.91 59.50 -77.51
N MET EC 50 68.47 59.17 -78.73
CA MET EC 50 67.52 58.08 -78.93
C MET EC 50 68.29 56.77 -78.74
N ALA EC 51 67.95 56.04 -77.69
CA ALA EC 51 68.76 54.91 -77.23
C ALA EC 51 68.70 53.69 -78.14
N SER EC 52 69.66 52.79 -77.92
CA SER EC 52 69.78 51.56 -78.70
C SER EC 52 69.06 50.40 -78.01
N HIS EC 53 67.80 50.19 -78.40
CA HIS EC 53 67.04 49.02 -77.97
C HIS EC 53 67.54 47.83 -78.80
N PHE EC 54 67.33 46.60 -78.30
CA PHE EC 54 67.83 45.39 -78.97
C PHE EC 54 67.46 45.29 -80.46
N ASP EC 55 66.27 45.79 -80.80
CA ASP EC 55 65.87 46.00 -82.21
C ASP EC 55 65.39 47.44 -82.47
N ARG EC 56 64.59 47.99 -81.57
CA ARG EC 56 64.06 49.36 -81.69
C ARG EC 56 65.12 50.43 -81.41
N HIS EC 57 64.72 51.70 -81.64
CA HIS EC 57 65.51 52.87 -81.28
C HIS EC 57 64.59 53.84 -80.53
N TYR EC 58 64.60 53.75 -79.21
CA TYR EC 58 63.63 54.45 -78.35
C TYR EC 58 64.20 55.73 -77.73
N CYS EC 59 63.40 56.80 -77.77
CA CYS EC 59 63.73 58.07 -77.12
C CYS EC 59 63.61 58.00 -75.59
N GLY EC 60 64.05 59.06 -74.92
CA GLY EC 60 63.93 59.20 -73.47
C GLY EC 60 63.25 60.48 -72.99
N LYS EC 61 62.58 61.21 -73.89
CA LYS EC 61 61.87 62.44 -73.53
C LYS EC 61 60.63 62.67 -74.40
N CYS EC 62 60.83 62.89 -75.69
CA CYS EC 62 59.73 63.14 -76.64
C CYS EC 62 58.99 61.87 -77.11
N CYS EC 63 59.53 60.69 -76.77
CA CYS EC 63 58.86 59.39 -77.00
C CYS EC 63 58.67 59.01 -78.47
N LEU EC 64 59.66 59.34 -79.30
CA LEU EC 64 59.71 58.91 -80.69
C LEU EC 64 60.41 57.54 -80.79
N THR EC 65 60.02 56.75 -81.79
CA THR EC 65 60.50 55.37 -81.95
C THR EC 65 60.81 55.04 -83.41
N TYR EC 66 61.81 54.19 -83.62
CA TYR EC 66 62.26 53.80 -84.97
C TYR EC 66 62.85 52.39 -84.96
N CYS EC 67 62.84 51.73 -86.12
CA CYS EC 67 63.49 50.44 -86.30
C CYS EC 67 63.66 50.11 -87.79
N PHE EC 68 64.92 49.87 -88.19
CA PHE EC 68 65.23 49.46 -89.56
C PHE EC 68 65.03 47.95 -89.71
N ASN EC 69 64.05 47.57 -90.53
CA ASN EC 69 63.71 46.15 -90.74
C ASN EC 69 64.72 45.47 -91.65
N THR FC 1 -46.98 133.00 -32.36
CA THR FC 1 -48.36 132.41 -32.38
C THR FC 1 -48.51 131.34 -33.48
N GLU FC 2 -47.52 130.46 -33.56
CA GLU FC 2 -47.46 129.43 -34.61
C GLU FC 2 -46.47 128.30 -34.27
N GLN FC 3 -46.83 127.07 -34.68
CA GLN FC 3 -46.13 125.85 -34.26
C GLN FC 3 -45.82 124.94 -35.44
N MET FC 4 -44.73 124.18 -35.33
CA MET FC 4 -44.25 123.31 -36.42
C MET FC 4 -45.02 121.99 -36.43
N THR FC 5 -44.84 121.21 -37.49
CA THR FC 5 -45.42 119.86 -37.60
C THR FC 5 -44.80 119.05 -38.74
N LEU FC 6 -44.86 117.72 -38.62
CA LEU FC 6 -44.35 116.81 -39.65
C LEU FC 6 -45.26 116.80 -40.87
N ARG FC 7 -44.83 117.44 -41.94
CA ARG FC 7 -45.51 117.35 -43.23
C ARG FC 7 -45.17 116.04 -43.95
N GLY FC 8 -44.05 115.42 -43.57
CA GLY FC 8 -43.57 114.21 -44.23
C GLY FC 8 -42.16 113.83 -43.78
N THR FC 9 -41.61 112.81 -44.44
CA THR FC 9 -40.28 112.27 -44.12
C THR FC 9 -39.63 111.71 -45.37
N LEU FC 10 -38.31 111.93 -45.51
CA LEU FC 10 -37.55 111.41 -46.65
C LEU FC 10 -36.71 110.21 -46.21
N LYS FC 11 -36.97 109.05 -46.80
CA LYS FC 11 -36.29 107.80 -46.45
C LYS FC 11 -34.89 107.76 -47.11
N GLY FC 12 -34.72 107.05 -48.22
CA GLY FC 12 -33.53 107.21 -49.07
C GLY FC 12 -32.20 106.65 -48.60
N HIS FC 13 -31.63 107.27 -47.57
CA HIS FC 13 -30.24 107.01 -47.16
C HIS FC 13 -30.03 105.65 -46.49
N ASN FC 14 -28.78 105.20 -46.51
CA ASN FC 14 -28.34 104.00 -45.80
C ASN FC 14 -27.68 104.35 -44.47
N GLY FC 15 -26.81 105.36 -44.47
CA GLY FC 15 -26.15 105.87 -43.26
C GLY FC 15 -26.62 107.27 -42.94
N TRP FC 16 -26.30 107.78 -41.74
CA TRP FC 16 -26.91 109.06 -41.30
C TRP FC 16 -26.46 110.31 -42.06
N VAL FC 17 -27.28 111.35 -41.94
CA VAL FC 17 -27.29 112.48 -42.85
C VAL FC 17 -26.46 113.59 -42.23
N THR FC 18 -25.19 113.66 -42.60
CA THR FC 18 -24.27 114.62 -42.01
C THR FC 18 -24.58 116.08 -42.34
N GLN FC 19 -25.23 116.33 -43.48
CA GLN FC 19 -25.53 117.69 -43.92
C GLN FC 19 -26.63 117.70 -44.98
N ILE FC 20 -27.42 118.78 -45.00
CA ILE FC 20 -28.52 118.93 -45.96
C ILE FC 20 -28.55 120.36 -46.45
N ALA FC 21 -28.70 120.55 -47.77
CA ALA FC 21 -28.51 121.85 -48.40
C ALA FC 21 -29.65 122.19 -49.36
N THR FC 22 -30.19 123.40 -49.20
CA THR FC 22 -31.20 123.96 -50.11
C THR FC 22 -30.57 124.93 -51.08
N THR FC 23 -31.36 125.32 -52.09
CA THR FC 23 -31.02 126.40 -53.00
C THR FC 23 -32.30 127.16 -53.39
N PRO FC 24 -32.24 128.49 -53.50
CA PRO FC 24 -33.44 129.26 -53.86
C PRO FC 24 -33.88 129.14 -55.33
N GLN FC 25 -32.96 128.74 -56.21
CA GLN FC 25 -33.24 128.64 -57.64
C GLN FC 25 -34.28 127.56 -57.94
N PHE FC 26 -34.14 126.40 -57.30
CA PHE FC 26 -35.14 125.32 -57.36
C PHE FC 26 -35.81 125.17 -56.00
N PRO FC 27 -37.11 125.52 -55.91
CA PRO FC 27 -37.80 125.48 -54.61
C PRO FC 27 -38.09 124.08 -54.09
N ASP FC 28 -38.49 123.16 -54.97
CA ASP FC 28 -38.77 121.78 -54.60
C ASP FC 28 -37.64 120.89 -55.14
N MET FC 29 -36.45 121.14 -54.60
CA MET FC 29 -35.25 120.34 -54.87
C MET FC 29 -34.28 120.51 -53.70
N ILE FC 30 -33.86 119.39 -53.10
CA ILE FC 30 -33.00 119.39 -51.93
C ILE FC 30 -31.83 118.42 -52.17
N LEU FC 31 -30.66 118.77 -51.63
CA LEU FC 31 -29.44 117.98 -51.78
C LEU FC 31 -28.88 117.62 -50.40
N SER FC 32 -28.72 116.32 -50.12
CA SER FC 32 -28.39 115.85 -48.77
C SER FC 32 -27.19 114.91 -48.74
N ALA FC 33 -26.14 115.34 -48.05
CA ALA FC 33 -24.93 114.52 -47.86
C ALA FC 33 -25.16 113.49 -46.78
N SER FC 34 -24.25 112.52 -46.70
CA SER FC 34 -24.49 111.31 -45.93
C SER FC 34 -23.24 110.64 -45.40
N ARG FC 35 -23.48 109.71 -44.49
CA ARG FC 35 -22.46 108.77 -44.02
C ARG FC 35 -22.11 107.72 -45.08
N ASP FC 36 -23.11 107.16 -45.75
CA ASP FC 36 -22.88 106.11 -46.75
C ASP FC 36 -22.21 106.57 -48.05
N LYS FC 37 -21.47 107.68 -48.01
CA LYS FC 37 -20.65 108.17 -49.13
C LYS FC 37 -21.43 108.80 -50.30
N THR FC 38 -22.75 108.61 -50.33
CA THR FC 38 -23.59 109.27 -51.32
C THR FC 38 -23.93 110.67 -50.88
N ILE FC 39 -24.32 111.49 -51.85
CA ILE FC 39 -24.95 112.79 -51.62
C ILE FC 39 -26.22 112.74 -52.46
N ILE FC 40 -27.37 112.68 -51.81
CA ILE FC 40 -28.61 112.39 -52.50
C ILE FC 40 -29.23 113.67 -53.03
N MET FC 41 -29.38 113.72 -54.35
CA MET FC 41 -30.15 114.74 -55.04
C MET FC 41 -31.60 114.26 -55.04
N TRP FC 42 -32.48 115.04 -54.43
CA TRP FC 42 -33.88 114.65 -54.26
C TRP FC 42 -34.80 115.28 -55.30
N LYS FC 43 -36.03 114.80 -55.31
CA LYS FC 43 -37.14 115.40 -56.04
C LYS FC 43 -38.34 115.45 -55.10
N LEU FC 44 -38.80 116.65 -54.78
CA LEU FC 44 -39.84 116.84 -53.77
C LEU FC 44 -41.21 116.87 -54.44
N THR FC 45 -41.88 115.72 -54.48
CA THR FC 45 -43.22 115.60 -55.06
C THR FC 45 -44.32 116.26 -54.21
N ARG FC 46 -44.10 116.29 -52.88
CA ARG FC 46 -45.00 116.91 -51.90
C ARG FC 46 -46.32 116.15 -51.63
N ASP FC 47 -46.39 114.90 -52.09
CA ASP FC 47 -47.61 114.09 -52.00
C ASP FC 47 -47.80 113.57 -50.57
N GLU FC 48 -49.03 113.18 -50.25
CA GLU FC 48 -49.37 112.60 -48.93
C GLU FC 48 -48.67 111.28 -48.60
N THR FC 49 -48.23 110.52 -49.61
CA THR FC 49 -47.47 109.29 -49.40
C THR FC 49 -46.09 109.57 -48.81
N ASN FC 50 -45.37 110.50 -49.45
CA ASN FC 50 -44.08 110.98 -48.95
C ASN FC 50 -43.71 112.33 -49.58
N TYR FC 51 -43.12 113.21 -48.78
CA TYR FC 51 -42.82 114.57 -49.22
C TYR FC 51 -41.76 114.63 -50.34
N GLY FC 52 -40.92 113.60 -50.46
CA GLY FC 52 -39.94 113.54 -51.55
C GLY FC 52 -39.42 112.15 -51.88
N ILE FC 53 -38.81 112.04 -53.05
CA ILE FC 53 -38.24 110.80 -53.58
C ILE FC 53 -36.87 111.15 -54.16
N PRO FC 54 -35.86 110.27 -54.00
CA PRO FC 54 -34.53 110.58 -54.54
C PRO FC 54 -34.43 110.48 -56.07
N GLN FC 55 -33.67 111.39 -56.67
CA GLN FC 55 -33.50 111.50 -58.12
C GLN FC 55 -32.15 110.92 -58.53
N ARG FC 56 -31.08 111.50 -57.99
CA ARG FC 56 -29.71 111.05 -58.25
C ARG FC 56 -28.95 110.90 -56.96
N ALA FC 57 -27.89 110.09 -57.01
CA ALA FC 57 -27.00 109.87 -55.89
C ALA FC 57 -25.57 110.12 -56.35
N LEU FC 58 -25.01 111.23 -55.92
CA LEU FC 58 -23.63 111.55 -56.22
C LEU FC 58 -22.72 110.62 -55.42
N ARG FC 59 -22.06 109.69 -56.11
CA ARG FC 59 -21.21 108.68 -55.44
C ARG FC 59 -19.81 109.27 -55.14
N GLY FC 60 -18.74 108.75 -55.75
CA GLY FC 60 -17.44 109.45 -55.75
C GLY FC 60 -16.60 109.33 -54.50
N HIS FC 61 -17.06 109.88 -53.38
CA HIS FC 61 -16.24 109.98 -52.17
C HIS FC 61 -15.81 108.64 -51.59
N SER FC 62 -14.79 108.69 -50.74
CA SER FC 62 -14.32 107.53 -49.99
C SER FC 62 -15.00 107.38 -48.63
N HIS FC 63 -15.30 108.50 -47.97
CA HIS FC 63 -15.92 108.49 -46.64
C HIS FC 63 -17.24 109.25 -46.55
N PHE FC 64 -17.79 109.20 -45.34
CA PHE FC 64 -18.86 110.09 -44.87
C PHE FC 64 -18.62 111.49 -45.43
N VAL FC 65 -19.61 112.00 -46.18
CA VAL FC 65 -19.51 113.31 -46.79
C VAL FC 65 -20.02 114.32 -45.77
N SER FC 66 -19.09 114.80 -44.95
CA SER FC 66 -19.38 115.69 -43.83
C SER FC 66 -20.24 116.91 -44.16
N ASP FC 67 -19.98 117.52 -45.32
CA ASP FC 67 -20.64 118.77 -45.69
C ASP FC 67 -20.93 118.84 -47.18
N VAL FC 68 -22.08 119.41 -47.52
CA VAL FC 68 -22.46 119.71 -48.90
C VAL FC 68 -23.02 121.14 -48.97
N VAL FC 69 -22.68 121.83 -50.05
CA VAL FC 69 -23.09 123.21 -50.25
C VAL FC 69 -23.23 123.51 -51.74
N ILE FC 70 -24.32 124.18 -52.09
CA ILE FC 70 -24.71 124.39 -53.48
C ILE FC 70 -24.34 125.82 -53.87
N SER FC 71 -24.09 126.03 -55.16
CA SER FC 71 -23.94 127.37 -55.72
C SER FC 71 -25.30 128.07 -55.73
N SER FC 72 -25.28 129.41 -55.64
CA SER FC 72 -26.47 130.22 -55.84
C SER FC 72 -26.99 130.11 -57.28
N ASP FC 73 -26.11 129.70 -58.20
CA ASP FC 73 -26.48 129.32 -59.57
C ASP FC 73 -27.57 128.25 -59.59
N GLY FC 74 -27.45 127.24 -58.72
CA GLY FC 74 -28.39 126.12 -58.69
C GLY FC 74 -28.04 125.16 -59.81
N GLN FC 75 -26.81 124.68 -59.79
CA GLN FC 75 -26.21 123.93 -60.91
C GLN FC 75 -25.03 123.08 -60.43
N PHE FC 76 -24.01 123.76 -59.89
CA PHE FC 76 -22.80 123.11 -59.40
C PHE FC 76 -22.83 123.01 -57.88
N ALA FC 77 -22.78 121.78 -57.37
CA ALA FC 77 -22.81 121.53 -55.92
C ALA FC 77 -21.45 121.06 -55.40
N LEU FC 78 -20.90 121.77 -54.41
CA LEU FC 78 -19.62 121.40 -53.81
C LEU FC 78 -19.85 120.62 -52.54
N SER FC 79 -19.24 119.43 -52.46
CA SER FC 79 -19.30 118.58 -51.26
C SER FC 79 -17.92 118.35 -50.67
N GLY FC 80 -17.89 117.92 -49.41
CA GLY FC 80 -16.65 117.66 -48.68
C GLY FC 80 -16.77 116.48 -47.73
N SER FC 81 -15.71 115.69 -47.65
CA SER FC 81 -15.73 114.39 -46.97
C SER FC 81 -14.46 114.13 -46.17
N TRP FC 82 -14.53 113.11 -45.31
CA TRP FC 82 -13.42 112.73 -44.45
C TRP FC 82 -12.26 112.11 -45.22
N ASP FC 83 -12.52 111.73 -46.48
CA ASP FC 83 -11.47 111.29 -47.42
C ASP FC 83 -10.28 112.22 -47.59
N GLY FC 84 -10.51 113.52 -47.41
CA GLY FC 84 -9.49 114.56 -47.60
C GLY FC 84 -9.66 115.35 -48.89
N THR FC 85 -10.86 115.29 -49.48
CA THR FC 85 -11.14 115.94 -50.75
C THR FC 85 -12.47 116.68 -50.74
N LEU FC 86 -12.61 117.58 -51.71
CA LEU FC 86 -13.86 118.26 -52.00
C LEU FC 86 -14.16 117.95 -53.47
N ARG FC 87 -15.43 117.98 -53.86
CA ARG FC 87 -15.84 117.71 -55.24
C ARG FC 87 -16.93 118.68 -55.68
N LEU FC 88 -16.66 119.45 -56.74
CA LEU FC 88 -17.71 120.26 -57.37
C LEU FC 88 -18.53 119.36 -58.30
N TRP FC 89 -19.61 118.83 -57.76
CA TRP FC 89 -20.52 117.98 -58.52
C TRP FC 89 -21.37 118.83 -59.45
N ASP FC 90 -21.28 118.57 -60.74
CA ASP FC 90 -22.21 119.15 -61.69
C ASP FC 90 -23.54 118.42 -61.50
N LEU FC 91 -24.48 119.10 -60.84
CA LEU FC 91 -25.71 118.47 -60.38
C LEU FC 91 -26.71 118.17 -61.51
N THR FC 92 -26.51 118.79 -62.67
CA THR FC 92 -27.33 118.54 -63.85
C THR FC 92 -27.07 117.14 -64.38
N THR FC 93 -25.81 116.89 -64.73
CA THR FC 93 -25.39 115.63 -65.36
C THR FC 93 -25.33 114.47 -64.37
N GLY FC 94 -24.88 114.74 -63.15
CA GLY FC 94 -24.68 113.72 -62.11
C GLY FC 94 -23.21 113.52 -61.77
N THR FC 95 -22.34 113.60 -62.78
CA THR FC 95 -20.91 113.37 -62.60
C THR FC 95 -20.16 114.53 -61.94
N THR FC 96 -18.90 114.26 -61.58
CA THR FC 96 -17.98 115.24 -61.00
C THR FC 96 -17.20 115.98 -62.07
N THR FC 97 -17.10 117.31 -61.94
CA THR FC 97 -16.27 118.13 -62.83
C THR FC 97 -14.86 118.27 -62.25
N ARG FC 98 -14.75 118.92 -61.11
CA ARG FC 98 -13.47 119.21 -60.47
C ARG FC 98 -13.39 118.67 -59.06
N ARG FC 99 -12.25 118.05 -58.75
CA ARG FC 99 -11.90 117.65 -57.38
C ARG FC 99 -10.92 118.65 -56.78
N PHE FC 100 -10.81 118.60 -55.45
CA PHE FC 100 -10.03 119.56 -54.69
C PHE FC 100 -9.10 118.77 -53.79
N VAL FC 101 -7.80 118.84 -54.04
CA VAL FC 101 -6.80 118.05 -53.30
C VAL FC 101 -5.83 118.97 -52.57
N GLY FC 102 -5.61 118.68 -51.28
CA GLY FC 102 -4.69 119.47 -50.47
C GLY FC 102 -4.62 119.07 -49.01
N HIS FC 103 -5.79 118.93 -48.37
CA HIS FC 103 -5.88 118.55 -46.97
C HIS FC 103 -5.35 117.12 -46.75
N THR FC 104 -4.77 116.88 -45.59
CA THR FC 104 -4.28 115.55 -45.21
C THR FC 104 -5.40 114.73 -44.57
N LYS FC 105 -6.00 115.29 -43.52
CA LYS FC 105 -6.99 114.58 -42.72
C LYS FC 105 -8.43 114.82 -43.24
N ASP FC 106 -9.41 114.76 -42.36
CA ASP FC 106 -10.82 114.75 -42.74
C ASP FC 106 -11.28 116.16 -42.97
N VAL FC 107 -11.80 116.47 -44.16
CA VAL FC 107 -12.42 117.76 -44.41
C VAL FC 107 -13.83 117.74 -43.82
N LEU FC 108 -14.07 118.61 -42.85
CA LEU FC 108 -15.31 118.59 -42.06
C LEU FC 108 -16.36 119.59 -42.51
N SER FC 109 -15.92 120.74 -43.05
CA SER FC 109 -16.83 121.69 -43.66
C SER FC 109 -16.18 122.43 -44.82
N VAL FC 110 -16.99 122.68 -45.84
CA VAL FC 110 -16.58 123.41 -47.03
C VAL FC 110 -17.55 124.58 -47.21
N ALA FC 111 -17.01 125.72 -47.65
CA ALA FC 111 -17.73 126.99 -47.68
C ALA FC 111 -17.67 127.58 -49.09
N PHE FC 112 -18.83 127.60 -49.75
CA PHE FC 112 -18.98 128.20 -51.08
C PHE FC 112 -19.36 129.66 -50.86
N SER FC 113 -18.64 130.56 -51.52
CA SER FC 113 -18.85 132.01 -51.33
C SER FC 113 -20.20 132.52 -51.86
N SER FC 114 -20.53 133.75 -51.46
CA SER FC 114 -21.68 134.48 -52.00
C SER FC 114 -21.48 134.84 -53.48
N ASP FC 115 -20.22 135.05 -53.85
CA ASP FC 115 -19.85 135.36 -55.24
C ASP FC 115 -19.95 134.15 -56.17
N ASN FC 116 -19.85 132.94 -55.60
CA ASN FC 116 -19.67 131.68 -56.34
C ASN FC 116 -18.37 131.68 -57.16
N ARG FC 117 -17.41 132.46 -56.68
CA ARG FC 117 -16.10 132.64 -57.31
C ARG FC 117 -14.98 132.06 -56.45
N GLN FC 118 -15.19 131.94 -55.14
CA GLN FC 118 -14.17 131.53 -54.19
C GLN FC 118 -14.70 130.42 -53.29
N ILE FC 119 -13.80 129.61 -52.75
CA ILE FC 119 -14.14 128.44 -51.93
C ILE FC 119 -13.22 128.41 -50.70
N VAL FC 120 -13.77 128.01 -49.56
CA VAL FC 120 -13.00 127.88 -48.32
C VAL FC 120 -13.38 126.55 -47.67
N SER FC 121 -12.39 125.83 -47.17
CA SER FC 121 -12.61 124.50 -46.59
C SER FC 121 -11.78 124.29 -45.33
N GLY FC 122 -12.33 123.53 -44.40
CA GLY FC 122 -11.68 123.24 -43.11
C GLY FC 122 -11.59 121.75 -42.81
N SER FC 123 -10.57 121.37 -42.04
CA SER FC 123 -10.27 119.96 -41.78
C SER FC 123 -9.58 119.71 -40.44
N ARG FC 124 -9.41 118.43 -40.11
CA ARG FC 124 -8.74 117.98 -38.88
C ARG FC 124 -7.21 118.10 -38.94
N ASP FC 125 -6.68 118.37 -40.13
CA ASP FC 125 -5.29 118.83 -40.27
C ASP FC 125 -4.99 120.12 -39.48
N LYS FC 126 -6.05 120.82 -39.06
CA LYS FC 126 -5.96 122.03 -38.24
C LYS FC 126 -5.53 123.22 -39.10
N THR FC 127 -6.08 123.29 -40.32
CA THR FC 127 -5.86 124.42 -41.23
C THR FC 127 -7.13 124.68 -42.02
N ILE FC 128 -7.35 125.96 -42.34
CA ILE FC 128 -8.32 126.36 -43.34
C ILE FC 128 -7.54 126.53 -44.64
N LYS FC 129 -8.21 126.26 -45.77
CA LYS FC 129 -7.61 126.44 -47.09
C LYS FC 129 -8.62 127.16 -47.97
N LEU FC 130 -8.10 128.06 -48.80
CA LEU FC 130 -8.93 128.89 -49.68
C LEU FC 130 -8.63 128.49 -51.13
N TRP FC 131 -9.67 128.41 -51.95
CA TRP FC 131 -9.61 127.75 -53.26
C TRP FC 131 -10.29 128.54 -54.38
N ASN FC 132 -9.87 128.25 -55.61
CA ASN FC 132 -10.55 128.74 -56.81
C ASN FC 132 -11.67 127.78 -57.21
N THR FC 133 -12.48 128.18 -58.18
CA THR FC 133 -13.42 127.27 -58.83
C THR FC 133 -12.70 126.21 -59.65
N LEU FC 134 -11.47 126.53 -60.09
CA LEU FC 134 -10.62 125.59 -60.84
C LEU FC 134 -10.19 124.36 -60.05
N GLY FC 135 -10.22 124.44 -58.72
CA GLY FC 135 -9.82 123.34 -57.85
C GLY FC 135 -8.42 123.51 -57.27
N VAL FC 136 -7.75 124.60 -57.63
CA VAL FC 136 -6.38 124.86 -57.21
C VAL FC 136 -6.42 125.60 -55.87
N CYS FC 137 -5.56 125.18 -54.94
CA CYS FC 137 -5.47 125.82 -53.62
C CYS FC 137 -4.84 127.21 -53.77
N LYS FC 138 -5.63 128.25 -53.47
CA LYS FC 138 -5.20 129.63 -53.60
C LYS FC 138 -4.28 129.99 -52.44
N TYR FC 139 -4.78 129.88 -51.22
CA TYR FC 139 -4.03 130.26 -50.02
C TYR FC 139 -4.39 129.39 -48.82
N THR FC 140 -3.38 128.73 -48.27
CA THR FC 140 -3.51 127.93 -47.05
C THR FC 140 -3.38 128.85 -45.83
N VAL FC 141 -4.29 128.68 -44.87
CA VAL FC 141 -4.33 129.54 -43.69
C VAL FC 141 -3.41 128.99 -42.60
N GLN FC 142 -2.22 129.58 -42.48
CA GLN FC 142 -1.31 129.31 -41.36
C GLN FC 142 -1.47 130.41 -40.30
N ASP FC 143 -0.49 130.52 -39.39
CA ASP FC 143 -0.49 131.53 -38.33
C ASP FC 143 -1.69 131.38 -37.40
N GLU FC 144 -1.66 130.30 -36.62
CA GLU FC 144 -2.69 129.99 -35.64
C GLU FC 144 -4.08 129.93 -36.28
N SER FC 145 -4.28 128.91 -37.11
CA SER FC 145 -5.59 128.65 -37.71
C SER FC 145 -6.57 128.33 -36.57
N HIS FC 146 -6.44 127.14 -36.01
CA HIS FC 146 -7.06 126.80 -34.74
C HIS FC 146 -6.10 125.86 -34.03
N SER FC 147 -6.13 125.89 -32.70
CA SER FC 147 -5.33 124.97 -31.88
C SER FC 147 -5.57 123.51 -32.28
N GLU FC 148 -6.85 123.19 -32.55
CA GLU FC 148 -7.30 121.84 -32.83
C GLU FC 148 -7.96 121.78 -34.22
N TRP FC 149 -8.94 120.90 -34.41
CA TRP FC 149 -9.59 120.67 -35.70
C TRP FC 149 -10.44 121.88 -36.09
N VAL FC 150 -10.61 122.12 -37.38
CA VAL FC 150 -11.48 123.19 -37.87
C VAL FC 150 -12.81 122.57 -38.29
N SER FC 151 -13.74 122.52 -37.35
CA SER FC 151 -15.02 121.81 -37.56
C SER FC 151 -15.90 122.49 -38.60
N CYS FC 152 -16.09 123.80 -38.45
CA CYS FC 152 -16.95 124.55 -39.37
C CYS FC 152 -16.33 125.88 -39.76
N VAL FC 153 -16.49 126.21 -41.04
CA VAL FC 153 -16.14 127.52 -41.60
C VAL FC 153 -17.28 127.97 -42.48
N ARG FC 154 -17.61 129.26 -42.43
CA ARG FC 154 -18.69 129.81 -43.24
C ARG FC 154 -18.33 131.17 -43.81
N PHE FC 155 -19.10 131.55 -44.83
CA PHE FC 155 -18.85 132.74 -45.63
C PHE FC 155 -19.98 133.73 -45.33
N SER FC 156 -19.62 134.93 -44.90
CA SER FC 156 -20.61 135.95 -44.58
C SER FC 156 -21.21 136.51 -45.88
N PRO FC 157 -22.53 136.83 -45.87
CA PRO FC 157 -23.12 137.60 -46.97
C PRO FC 157 -22.40 138.94 -47.21
N ASN FC 158 -22.33 139.34 -48.48
CA ASN FC 158 -21.43 140.42 -48.92
C ASN FC 158 -21.73 141.82 -48.35
N SER FC 159 -22.98 142.06 -47.94
CA SER FC 159 -23.38 143.37 -47.40
C SER FC 159 -22.82 143.63 -46.00
N SER FC 160 -21.51 143.89 -45.95
CA SER FC 160 -20.75 144.17 -44.73
C SER FC 160 -19.26 144.32 -45.10
N ASN FC 161 -18.62 143.18 -45.35
CA ASN FC 161 -17.20 143.13 -45.74
C ASN FC 161 -16.84 141.69 -46.13
N PRO FC 162 -15.85 141.51 -47.04
CA PRO FC 162 -15.30 140.16 -47.28
C PRO FC 162 -14.73 139.50 -46.01
N ILE FC 163 -15.58 138.75 -45.32
CA ILE FC 163 -15.26 138.11 -44.04
C ILE FC 163 -15.67 136.63 -44.08
N ILE FC 164 -14.92 135.79 -43.38
CA ILE FC 164 -15.25 134.36 -43.20
C ILE FC 164 -15.08 133.96 -41.74
N VAL FC 165 -16.12 133.32 -41.20
CA VAL FC 165 -16.18 132.99 -39.78
C VAL FC 165 -15.91 131.50 -39.60
N SER FC 166 -15.17 131.16 -38.53
CA SER FC 166 -14.74 129.79 -38.29
C SER FC 166 -14.74 129.44 -36.81
N CYS FC 167 -15.22 128.25 -36.49
CA CYS FC 167 -14.96 127.62 -35.18
C CYS FC 167 -13.90 126.56 -35.35
N GLY FC 168 -13.48 126.02 -34.22
CA GLY FC 168 -12.60 124.86 -34.19
C GLY FC 168 -13.02 123.89 -33.12
N TRP FC 169 -12.10 123.01 -32.75
CA TRP FC 169 -12.29 122.06 -31.66
C TRP FC 169 -11.45 122.50 -30.47
N ASP FC 170 -11.26 123.82 -30.38
CA ASP FC 170 -10.38 124.44 -29.40
C ASP FC 170 -11.11 125.53 -28.59
N LYS FC 171 -12.44 125.47 -28.58
CA LYS FC 171 -13.33 126.43 -27.90
C LYS FC 171 -13.49 127.83 -28.57
N LEU FC 172 -12.58 128.22 -29.46
CA LEU FC 172 -12.57 129.60 -30.00
C LEU FC 172 -13.32 129.72 -31.31
N VAL FC 173 -14.07 130.83 -31.43
CA VAL FC 173 -14.74 131.21 -32.68
C VAL FC 173 -13.97 132.37 -33.29
N LYS FC 174 -13.09 132.05 -34.24
CA LYS FC 174 -12.30 133.06 -34.93
C LYS FC 174 -13.08 133.65 -36.10
N VAL FC 175 -12.75 134.89 -36.44
CA VAL FC 175 -13.25 135.57 -37.64
C VAL FC 175 -12.04 135.96 -38.48
N TRP FC 176 -12.16 135.80 -39.79
CA TRP FC 176 -11.06 136.00 -40.71
C TRP FC 176 -11.48 136.95 -41.84
N ASN FC 177 -10.56 137.81 -42.26
CA ASN FC 177 -10.80 138.77 -43.34
C ASN FC 177 -10.24 138.23 -44.66
N LEU FC 178 -11.05 138.28 -45.71
CA LEU FC 178 -10.69 137.66 -47.01
C LEU FC 178 -9.60 138.38 -47.81
N ALA FC 179 -9.39 139.67 -47.54
CA ALA FC 179 -8.40 140.45 -48.30
C ALA FC 179 -6.98 140.02 -47.94
N ASN FC 180 -6.62 140.19 -46.67
CA ASN FC 180 -5.28 139.86 -46.19
C ASN FC 180 -5.14 138.37 -45.85
N CYS FC 181 -6.27 137.70 -45.58
CA CYS FC 181 -6.31 136.29 -45.16
C CYS FC 181 -5.58 136.06 -43.84
N LYS FC 182 -5.96 136.86 -42.84
CA LYS FC 182 -5.53 136.66 -41.46
C LYS FC 182 -6.71 136.97 -40.52
N LEU FC 183 -6.57 136.56 -39.27
CA LEU FC 183 -7.63 136.70 -38.28
C LEU FC 183 -7.94 138.17 -37.98
N LYS FC 184 -9.23 138.50 -38.01
CA LYS FC 184 -9.73 139.81 -37.65
C LYS FC 184 -9.97 139.87 -36.15
N THR FC 185 -10.61 138.83 -35.62
CA THR FC 185 -10.96 138.74 -34.20
C THR FC 185 -11.21 137.31 -33.70
N ASN FC 186 -10.75 137.05 -32.47
CA ASN FC 186 -11.02 135.82 -31.75
C ASN FC 186 -12.25 136.07 -30.87
N HIS FC 187 -13.08 135.05 -30.68
CA HIS FC 187 -14.23 135.15 -29.77
C HIS FC 187 -14.15 133.99 -28.77
N ILE FC 188 -13.45 134.24 -27.67
CA ILE FC 188 -13.05 133.21 -26.72
C ILE FC 188 -14.08 133.14 -25.59
N GLY FC 189 -15.04 132.22 -25.69
CA GLY FC 189 -16.17 132.18 -24.74
C GLY FC 189 -16.81 130.88 -24.30
N HIS FC 190 -16.90 129.90 -25.20
CA HIS FC 190 -17.59 128.65 -24.90
C HIS FC 190 -16.84 127.75 -23.90
N THR FC 191 -17.39 126.57 -23.67
CA THR FC 191 -16.70 125.51 -22.93
C THR FC 191 -16.80 124.24 -23.78
N GLY FC 192 -15.65 123.63 -24.05
CA GLY FC 192 -15.59 122.45 -24.91
C GLY FC 192 -15.56 122.81 -26.39
N TYR FC 193 -15.61 121.78 -27.24
CA TYR FC 193 -15.51 121.99 -28.69
C TYR FC 193 -16.79 122.60 -29.28
N LEU FC 194 -16.63 123.16 -30.47
CA LEU FC 194 -17.71 123.77 -31.22
C LEU FC 194 -17.97 122.93 -32.47
N ASN FC 195 -19.21 122.48 -32.64
CA ASN FC 195 -19.60 121.72 -33.83
C ASN FC 195 -19.70 122.64 -35.04
N THR FC 196 -20.44 123.74 -34.88
CA THR FC 196 -20.86 124.56 -36.01
C THR FC 196 -20.76 126.07 -35.76
N VAL FC 197 -20.67 126.81 -36.85
CA VAL FC 197 -20.96 128.24 -36.89
C VAL FC 197 -21.95 128.45 -38.02
N THR FC 198 -22.92 129.32 -37.80
CA THR FC 198 -23.81 129.81 -38.85
C THR FC 198 -23.92 131.33 -38.74
N VAL FC 199 -24.03 131.98 -39.89
CA VAL FC 199 -24.10 133.44 -39.98
C VAL FC 199 -25.51 133.85 -40.39
N SER FC 200 -25.94 135.02 -39.93
CA SER FC 200 -27.28 135.53 -40.21
C SER FC 200 -27.50 135.84 -41.70
N PRO FC 201 -28.77 135.89 -42.15
CA PRO FC 201 -29.05 136.34 -43.52
C PRO FC 201 -28.65 137.79 -43.78
N ASP FC 202 -28.71 138.63 -42.74
CA ASP FC 202 -28.32 140.04 -42.82
C ASP FC 202 -26.81 140.17 -42.98
N GLY FC 203 -26.08 139.56 -42.05
CA GLY FC 203 -24.62 139.60 -42.03
C GLY FC 203 -24.11 140.36 -40.82
N SER FC 204 -24.38 139.82 -39.64
CA SER FC 204 -23.98 140.45 -38.37
C SER FC 204 -24.01 139.46 -37.21
N LEU FC 205 -25.18 138.85 -36.97
CA LEU FC 205 -25.34 137.85 -35.92
C LEU FC 205 -24.74 136.51 -36.38
N CYS FC 206 -23.66 136.10 -35.71
CA CYS FC 206 -23.01 134.81 -35.95
C CYS FC 206 -23.25 133.88 -34.78
N ALA FC 207 -24.11 132.89 -34.99
CA ALA FC 207 -24.39 131.87 -33.97
C ALA FC 207 -23.27 130.82 -33.99
N SER FC 208 -22.95 130.29 -32.82
CA SER FC 208 -21.92 129.28 -32.66
C SER FC 208 -22.38 128.21 -31.66
N GLY FC 209 -22.32 126.94 -32.08
CA GLY FC 209 -22.86 125.82 -31.31
C GLY FC 209 -21.80 124.79 -30.96
N GLY FC 210 -21.86 124.27 -29.73
CA GLY FC 210 -20.85 123.36 -29.21
C GLY FC 210 -21.40 122.24 -28.36
N LYS FC 211 -20.50 121.58 -27.63
CA LYS FC 211 -20.84 120.44 -26.79
C LYS FC 211 -21.69 120.83 -25.58
N ASP FC 212 -21.42 122.00 -25.00
CA ASP FC 212 -22.04 122.40 -23.74
C ASP FC 212 -23.53 122.75 -23.87
N GLY FC 213 -23.96 123.17 -25.05
CA GLY FC 213 -25.34 123.57 -25.28
C GLY FC 213 -25.58 125.08 -25.18
N GLN FC 214 -24.51 125.85 -25.04
CA GLN FC 214 -24.59 127.31 -25.03
C GLN FC 214 -24.44 127.80 -26.47
N ALA FC 215 -25.47 128.47 -26.98
CA ALA FC 215 -25.49 128.99 -28.36
C ALA FC 215 -25.28 130.50 -28.34
N MET FC 216 -24.02 130.92 -28.43
CA MET FC 216 -23.63 132.31 -28.23
C MET FC 216 -23.64 133.07 -29.55
N LEU FC 217 -24.49 134.10 -29.62
CA LEU FC 217 -24.60 134.95 -30.80
C LEU FC 217 -23.51 135.99 -30.68
N TRP FC 218 -22.56 135.97 -31.61
CA TRP FC 218 -21.51 136.99 -31.65
C TRP FC 218 -21.84 138.00 -32.75
N ASP FC 219 -21.26 139.20 -32.62
CA ASP FC 219 -21.49 140.28 -33.58
C ASP FC 219 -20.28 140.40 -34.51
N LEU FC 220 -20.57 140.39 -35.82
CA LEU FC 220 -19.54 140.49 -36.85
C LEU FC 220 -19.26 141.94 -37.28
N ASN FC 221 -20.25 142.81 -37.11
CA ASN FC 221 -20.11 144.23 -37.46
C ASN FC 221 -19.14 144.95 -36.52
N GLU FC 222 -19.38 144.81 -35.21
CA GLU FC 222 -18.54 145.45 -34.19
C GLU FC 222 -17.36 144.56 -33.82
N GLY FC 223 -17.67 143.33 -33.38
CA GLY FC 223 -16.68 142.39 -32.87
C GLY FC 223 -16.85 142.21 -31.38
N LYS FC 224 -17.99 141.67 -30.98
CA LYS FC 224 -18.36 141.49 -29.57
C LYS FC 224 -19.46 140.45 -29.40
N HIS FC 225 -19.50 139.85 -28.20
CA HIS FC 225 -20.60 138.97 -27.78
C HIS FC 225 -21.91 139.76 -27.68
N LEU FC 226 -23.03 139.07 -27.87
CA LEU FC 226 -24.35 139.68 -27.72
C LEU FC 226 -25.16 138.97 -26.63
N TYR FC 227 -25.54 137.72 -26.89
CA TYR FC 227 -26.36 136.95 -25.94
C TYR FC 227 -26.28 135.43 -26.15
N THR FC 228 -26.57 134.70 -25.07
CA THR FC 228 -26.37 133.26 -24.99
C THR FC 228 -27.70 132.54 -24.74
N LEU FC 229 -27.86 131.37 -25.35
CA LEU FC 229 -29.08 130.57 -25.24
C LEU FC 229 -28.74 129.12 -24.94
N ASP FC 230 -29.46 128.53 -24.00
CA ASP FC 230 -29.16 127.18 -23.49
C ASP FC 230 -30.05 126.10 -24.12
N GLY FC 231 -29.45 125.30 -25.01
CA GLY FC 231 -30.12 124.16 -25.62
C GLY FC 231 -30.33 122.98 -24.68
N GLY FC 232 -29.54 122.91 -23.62
CA GLY FC 232 -29.61 121.82 -22.65
C GLY FC 232 -28.50 120.82 -22.91
N ASP FC 233 -28.60 120.13 -24.05
CA ASP FC 233 -27.60 119.15 -24.48
C ASP FC 233 -26.91 119.66 -25.75
N ILE FC 234 -25.90 118.92 -26.21
CA ILE FC 234 -25.08 119.26 -27.38
C ILE FC 234 -25.79 119.94 -28.56
N ILE FC 235 -25.20 121.02 -29.07
CA ILE FC 235 -25.66 121.70 -30.27
C ILE FC 235 -24.91 121.10 -31.46
N ASN FC 236 -25.55 120.18 -32.16
CA ASN FC 236 -24.98 119.61 -33.38
C ASN FC 236 -25.00 120.62 -34.52
N ALA FC 237 -26.12 121.31 -34.69
CA ALA FC 237 -26.29 122.25 -35.79
C ALA FC 237 -27.11 123.49 -35.42
N LEU FC 238 -26.94 124.53 -36.24
CA LEU FC 238 -27.55 125.84 -36.02
C LEU FC 238 -27.93 126.42 -37.37
N CYS FC 239 -29.12 126.99 -37.48
CA CYS FC 239 -29.59 127.56 -38.75
C CYS FC 239 -30.62 128.67 -38.56
N PHE FC 240 -30.34 129.86 -39.10
CA PHE FC 240 -31.29 130.97 -39.08
C PHE FC 240 -32.33 130.80 -40.17
N SER FC 241 -33.59 131.12 -39.85
CA SER FC 241 -34.64 131.25 -40.86
C SER FC 241 -34.40 132.54 -41.64
N PRO FC 242 -34.50 132.51 -42.98
CA PRO FC 242 -34.17 133.70 -43.77
C PRO FC 242 -35.19 134.85 -43.63
N ASN FC 243 -36.47 134.51 -43.52
CA ASN FC 243 -37.54 135.51 -43.42
C ASN FC 243 -37.82 136.02 -42.00
N ARG FC 244 -37.84 135.12 -41.02
CA ARG FC 244 -38.08 135.50 -39.62
C ARG FC 244 -36.80 135.77 -38.84
N TYR FC 245 -36.98 136.30 -37.63
CA TYR FC 245 -35.91 136.43 -36.65
C TYR FC 245 -35.94 135.21 -35.74
N TRP FC 246 -35.60 134.07 -36.34
CA TRP FC 246 -35.57 132.78 -35.66
C TRP FC 246 -34.18 132.17 -35.82
N LEU FC 247 -33.71 131.48 -34.78
CA LEU FC 247 -32.49 130.67 -34.85
C LEU FC 247 -32.86 129.24 -34.49
N CYS FC 248 -32.90 128.38 -35.49
CA CYS FC 248 -33.17 126.96 -35.32
C CYS FC 248 -31.89 126.26 -34.86
N ALA FC 249 -32.01 125.34 -33.91
CA ALA FC 249 -30.87 124.70 -33.27
C ALA FC 249 -31.14 123.23 -33.02
N ALA FC 250 -30.42 122.36 -33.74
CA ALA FC 250 -30.51 120.91 -33.54
C ALA FC 250 -29.76 120.53 -32.26
N THR FC 251 -30.52 120.25 -31.21
CA THR FC 251 -29.96 119.86 -29.91
C THR FC 251 -29.60 118.38 -29.92
N GLY FC 252 -29.13 117.88 -28.77
CA GLY FC 252 -28.82 116.47 -28.58
C GLY FC 252 -29.80 115.52 -29.25
N PRO FC 253 -31.08 115.50 -28.82
CA PRO FC 253 -32.10 114.72 -29.52
C PRO FC 253 -32.97 115.54 -30.50
N SER FC 254 -33.70 116.52 -29.97
CA SER FC 254 -34.72 117.26 -30.71
C SER FC 254 -34.15 118.53 -31.35
N ILE FC 255 -35.03 119.31 -31.99
CA ILE FC 255 -34.67 120.60 -32.56
C ILE FC 255 -35.38 121.73 -31.83
N LYS FC 256 -34.62 122.78 -31.55
CA LYS FC 256 -35.07 123.95 -30.82
C LYS FC 256 -35.18 125.11 -31.80
N ILE FC 257 -36.10 126.04 -31.56
CA ILE FC 257 -36.21 127.28 -32.34
C ILE FC 257 -36.46 128.47 -31.40
N TRP FC 258 -35.49 129.38 -31.36
CA TRP FC 258 -35.56 130.56 -30.50
C TRP FC 258 -35.92 131.78 -31.32
N ASP FC 259 -36.65 132.71 -30.70
CA ASP FC 259 -36.88 134.04 -31.26
C ASP FC 259 -35.69 134.93 -30.86
N LEU FC 260 -35.26 135.79 -31.77
CA LEU FC 260 -34.05 136.61 -31.56
C LEU FC 260 -34.35 137.94 -30.86
N GLU FC 261 -35.42 138.62 -31.27
CA GLU FC 261 -35.79 139.91 -30.69
C GLU FC 261 -36.19 139.76 -29.23
N GLY FC 262 -37.09 138.83 -28.95
CA GLY FC 262 -37.40 138.38 -27.59
C GLY FC 262 -36.68 137.07 -27.36
N LYS FC 263 -35.65 137.09 -26.52
CA LYS FC 263 -34.75 135.93 -26.36
C LYS FC 263 -35.46 134.82 -25.57
N ILE FC 264 -36.27 134.04 -26.28
CA ILE FC 264 -37.14 133.02 -25.66
C ILE FC 264 -37.43 131.87 -26.64
N ILE FC 265 -37.54 130.66 -26.08
CA ILE FC 265 -37.97 129.49 -26.85
C ILE FC 265 -39.32 129.69 -27.51
N VAL FC 266 -39.40 129.35 -28.79
CA VAL FC 266 -40.65 129.39 -29.55
C VAL FC 266 -41.32 128.02 -29.45
N ASP FC 267 -40.57 126.98 -29.82
CA ASP FC 267 -41.08 125.60 -29.85
C ASP FC 267 -39.94 124.57 -29.84
N GLU FC 268 -40.30 123.33 -29.50
CA GLU FC 268 -39.36 122.20 -29.48
C GLU FC 268 -39.96 121.06 -30.31
N LEU FC 269 -39.13 120.47 -31.18
CA LEU FC 269 -39.58 119.46 -32.14
C LEU FC 269 -39.23 118.04 -31.69
N LYS FC 270 -39.84 117.62 -30.58
CA LYS FC 270 -39.66 116.28 -30.04
C LYS FC 270 -40.62 115.30 -30.73
N GLN FC 271 -40.10 114.54 -31.68
CA GLN FC 271 -40.85 113.41 -32.25
C GLN FC 271 -40.84 112.28 -31.22
N GLU FC 272 -42.01 111.68 -30.98
CA GLU FC 272 -42.16 110.66 -29.93
C GLU FC 272 -42.21 109.26 -30.54
N VAL FC 273 -41.46 108.34 -29.94
CA VAL FC 273 -41.52 106.92 -30.33
C VAL FC 273 -42.80 106.29 -29.76
N ILE FC 274 -43.57 105.65 -30.64
CA ILE FC 274 -44.84 105.01 -30.26
C ILE FC 274 -44.61 103.50 -30.02
N SER FC 275 -45.37 102.92 -29.07
CA SER FC 275 -45.36 101.48 -28.78
C SER FC 275 -44.10 100.98 -28.06
N THR FC 276 -42.94 101.08 -28.73
CA THR FC 276 -41.65 100.60 -28.19
C THR FC 276 -41.27 101.31 -26.87
N SER FC 277 -40.66 100.55 -25.96
CA SER FC 277 -40.29 101.05 -24.64
C SER FC 277 -39.05 101.93 -24.69
N SER FC 278 -38.95 102.85 -23.72
CA SER FC 278 -37.87 103.85 -23.68
C SER FC 278 -36.66 103.36 -22.88
N LYS FC 279 -35.77 102.64 -23.56
CA LYS FC 279 -34.44 102.31 -23.06
C LYS FC 279 -33.45 102.48 -24.21
N ALA FC 280 -32.35 103.21 -23.95
CA ALA FC 280 -31.55 103.84 -25.01
C ALA FC 280 -32.51 104.73 -25.83
N GLU FC 281 -32.47 104.66 -27.16
CA GLU FC 281 -33.61 105.01 -28.06
C GLU FC 281 -33.44 106.24 -28.98
N PRO FC 282 -33.30 107.46 -28.40
CA PRO FC 282 -33.46 108.66 -29.23
C PRO FC 282 -32.35 108.88 -30.26
N PRO FC 283 -32.70 108.99 -31.57
CA PRO FC 283 -31.71 109.28 -32.58
C PRO FC 283 -31.39 110.77 -32.63
N GLN FC 284 -30.15 111.13 -32.31
CA GLN FC 284 -29.72 112.53 -32.31
C GLN FC 284 -29.80 113.16 -33.69
N CYS FC 285 -30.17 114.43 -33.76
CA CYS FC 285 -30.29 115.14 -35.04
C CYS FC 285 -29.04 115.96 -35.30
N THR FC 286 -28.31 115.58 -36.34
CA THR FC 286 -26.94 116.07 -36.58
C THR FC 286 -26.83 117.31 -37.46
N SER FC 287 -27.79 117.50 -38.38
CA SER FC 287 -27.81 118.67 -39.26
C SER FC 287 -29.22 119.09 -39.62
N LEU FC 288 -29.35 120.33 -40.09
CA LEU FC 288 -30.63 120.85 -40.56
C LEU FC 288 -30.46 122.06 -41.48
N ALA FC 289 -31.55 122.43 -42.15
CA ALA FC 289 -31.54 123.54 -43.10
C ALA FC 289 -32.94 124.06 -43.41
N TRP FC 290 -33.07 125.39 -43.49
CA TRP FC 290 -34.31 126.04 -43.90
C TRP FC 290 -34.42 126.05 -45.41
N SER FC 291 -35.64 125.88 -45.91
CA SER FC 291 -35.95 126.10 -47.33
C SER FC 291 -35.80 127.58 -47.65
N ALA FC 292 -35.58 127.89 -48.92
CA ALA FC 292 -35.35 129.27 -49.37
C ALA FC 292 -36.47 130.25 -49.02
N ASP FC 293 -37.70 129.74 -48.89
CA ASP FC 293 -38.84 130.56 -48.45
C ASP FC 293 -38.66 131.06 -47.01
N GLY FC 294 -38.33 130.15 -46.11
CA GLY FC 294 -38.42 130.39 -44.67
C GLY FC 294 -39.81 129.96 -44.26
N GLN FC 295 -40.09 128.67 -44.47
CA GLN FC 295 -41.43 128.11 -44.38
C GLN FC 295 -41.37 126.60 -44.11
N THR FC 296 -40.62 125.89 -44.94
CA THR FC 296 -40.24 124.49 -44.70
C THR FC 296 -38.80 124.43 -44.21
N LEU FC 297 -38.51 123.47 -43.33
CA LEU FC 297 -37.13 123.19 -42.91
C LEU FC 297 -36.89 121.69 -42.81
N PHE FC 298 -35.72 121.25 -43.27
CA PHE FC 298 -35.37 119.84 -43.36
C PHE FC 298 -34.25 119.51 -42.37
N ALA FC 299 -34.44 118.44 -41.62
CA ALA FC 299 -33.57 118.08 -40.50
C ALA FC 299 -33.03 116.66 -40.66
N GLY FC 300 -31.71 116.51 -40.55
CA GLY FC 300 -31.01 115.23 -40.73
C GLY FC 300 -30.77 114.51 -39.42
N TYR FC 301 -31.45 113.38 -39.25
CA TYR FC 301 -31.38 112.58 -38.03
C TYR FC 301 -30.44 111.40 -38.16
N THR FC 302 -29.93 110.91 -37.02
CA THR FC 302 -28.97 109.80 -36.99
C THR FC 302 -29.56 108.40 -37.29
N ASP FC 303 -30.88 108.30 -37.38
CA ASP FC 303 -31.52 107.06 -37.86
C ASP FC 303 -31.51 106.91 -39.40
N ASN FC 304 -30.67 107.68 -40.09
CA ASN FC 304 -30.50 107.63 -41.55
C ASN FC 304 -31.73 108.16 -42.29
N LEU FC 305 -32.28 109.26 -41.76
CA LEU FC 305 -33.57 109.77 -42.20
C LEU FC 305 -33.58 111.29 -42.14
N VAL FC 306 -34.09 111.92 -43.21
CA VAL FC 306 -34.32 113.37 -43.26
C VAL FC 306 -35.80 113.65 -43.02
N ARG FC 307 -36.09 114.36 -41.93
CA ARG FC 307 -37.45 114.76 -41.60
C ARG FC 307 -37.68 116.22 -41.98
N VAL FC 308 -38.94 116.54 -42.29
CA VAL FC 308 -39.33 117.88 -42.74
C VAL FC 308 -40.23 118.53 -41.69
N TRP FC 309 -40.20 119.85 -41.63
CA TRP FC 309 -41.06 120.62 -40.71
C TRP FC 309 -41.56 121.89 -41.38
N GLN FC 310 -42.88 121.93 -41.65
CA GLN FC 310 -43.52 123.13 -42.20
C GLN FC 310 -44.11 123.99 -41.08
N VAL FC 311 -44.03 125.31 -41.27
CA VAL FC 311 -44.58 126.27 -40.31
C VAL FC 311 -46.09 126.35 -40.51
N THR FC 312 -46.85 126.31 -39.40
CA THR FC 312 -48.31 126.39 -39.43
C THR FC 312 -48.86 127.22 -38.28
N ILE FC 313 -49.81 128.11 -38.59
CA ILE FC 313 -50.44 128.97 -37.57
C ILE FC 313 -51.54 128.24 -36.81
N SER HC 1 28.54 5.31 -40.57
CA SER HC 1 29.99 4.92 -40.49
C SER HC 1 30.69 5.56 -39.30
N ALA HC 2 31.74 4.89 -38.82
CA ALA HC 2 32.52 5.35 -37.66
C ALA HC 2 33.45 6.51 -38.02
N ALA HC 3 34.11 6.41 -39.17
CA ALA HC 3 35.00 7.46 -39.68
C ALA HC 3 34.26 8.77 -39.96
N ASP HC 4 33.06 8.65 -40.54
CA ASP HC 4 32.21 9.81 -40.83
C ASP HC 4 31.76 10.51 -39.54
N ARG HC 5 31.43 9.71 -38.51
CA ARG HC 5 31.10 10.24 -37.18
C ARG HC 5 32.28 11.01 -36.59
N ASN HC 6 33.48 10.43 -36.66
CA ASN HC 6 34.72 11.07 -36.18
C ASN HC 6 35.01 12.41 -36.86
N VAL HC 7 34.73 12.49 -38.16
CA VAL HC 7 34.87 13.74 -38.93
C VAL HC 7 33.87 14.80 -38.48
N GLU HC 8 32.63 14.38 -38.27
CA GLU HC 8 31.56 15.27 -37.76
C GLU HC 8 31.87 15.79 -36.36
N ILE HC 9 32.43 14.92 -35.52
CA ILE HC 9 32.87 15.30 -34.17
C ILE HC 9 33.97 16.35 -34.25
N TRP HC 10 34.93 16.14 -35.13
CA TRP HC 10 36.05 17.08 -35.30
C TRP HC 10 35.60 18.44 -35.85
N LYS HC 11 34.70 18.40 -36.84
CA LYS HC 11 34.09 19.61 -37.40
C LYS HC 11 33.41 20.47 -36.32
N ILE HC 12 32.67 19.81 -35.44
CA ILE HC 12 31.95 20.48 -34.36
C ILE HC 12 32.89 20.97 -33.26
N LYS HC 13 33.95 20.21 -32.96
CA LYS HC 13 35.02 20.67 -32.08
C LYS HC 13 35.67 21.96 -32.60
N LYS HC 14 35.99 21.96 -33.90
CA LYS HC 14 36.53 23.14 -34.58
C LYS HC 14 35.56 24.32 -34.52
N LEU HC 15 34.28 24.04 -34.74
CA LEU HC 15 33.24 25.05 -34.69
C LEU HC 15 33.17 25.69 -33.30
N ILE HC 16 33.16 24.84 -32.27
CA ILE HC 16 33.15 25.30 -30.87
C ILE HC 16 34.36 26.16 -30.53
N LYS HC 17 35.54 25.76 -31.01
CA LYS HC 17 36.78 26.52 -30.80
C LYS HC 17 36.73 27.92 -31.43
N SER HC 18 36.11 28.01 -32.61
CA SER HC 18 35.93 29.31 -33.27
C SER HC 18 34.93 30.21 -32.52
N LEU HC 19 33.88 29.61 -31.97
CA LEU HC 19 32.85 30.34 -31.20
C LEU HC 19 33.34 30.86 -29.86
N GLU HC 20 34.11 30.04 -29.14
CA GLU HC 20 34.71 30.45 -27.87
C GLU HC 20 35.56 31.72 -28.00
N ALA HC 21 36.35 31.78 -29.07
CA ALA HC 21 37.20 32.94 -29.33
C ALA HC 21 36.42 34.24 -29.62
N ALA HC 22 35.26 34.11 -30.26
CA ALA HC 22 34.48 35.23 -30.85
C ALA HC 22 34.53 36.58 -30.12
N ARG HC 23 33.79 36.70 -29.02
CA ARG HC 23 33.61 37.97 -28.28
C ARG HC 23 32.90 39.08 -29.05
N GLY HC 24 32.27 39.99 -28.31
CA GLY HC 24 31.58 41.15 -28.86
C GLY HC 24 31.34 42.21 -27.81
N ASN HC 25 30.18 42.88 -27.87
CA ASN HC 25 29.90 44.03 -27.00
C ASN HC 25 28.71 43.79 -26.06
N GLY HC 26 28.85 44.29 -24.82
CA GLY HC 26 27.80 44.29 -23.81
C GLY HC 26 27.26 42.91 -23.46
N THR HC 27 26.08 42.60 -24.01
CA THR HC 27 25.46 41.27 -23.92
C THR HC 27 24.68 40.99 -25.20
N SER HC 28 25.38 41.19 -26.32
CA SER HC 28 24.82 41.05 -27.65
C SER HC 28 24.58 39.59 -28.06
N MET HC 29 25.45 38.69 -27.59
CA MET HC 29 25.39 37.28 -28.02
C MET HC 29 24.24 36.56 -27.37
N ILE HC 30 23.75 35.53 -28.05
CA ILE HC 30 22.59 34.78 -27.62
C ILE HC 30 22.96 33.31 -27.69
N SER HC 31 23.51 32.80 -26.59
CA SER HC 31 23.74 31.37 -26.45
C SER HC 31 22.38 30.77 -26.17
N LEU HC 32 21.89 29.94 -27.08
CA LEU HC 32 20.63 29.24 -26.90
C LEU HC 32 20.83 27.77 -27.22
N ILE HC 33 20.26 26.92 -26.38
CA ILE HC 33 20.32 25.47 -26.54
C ILE HC 33 18.95 24.92 -26.21
N ILE HC 34 18.53 23.90 -26.94
CA ILE HC 34 17.24 23.29 -26.71
C ILE HC 34 17.46 21.79 -26.53
N PRO HC 35 16.76 21.17 -25.57
CA PRO HC 35 16.80 19.71 -25.45
C PRO HC 35 15.85 19.02 -26.44
N PRO HC 36 16.10 17.74 -26.76
CA PRO HC 36 15.45 17.02 -27.86
C PRO HC 36 13.93 16.87 -27.73
N LYS HC 37 13.46 16.58 -26.52
CA LYS HC 37 12.03 16.41 -26.26
C LYS HC 37 11.21 17.70 -26.42
N ASP HC 38 11.87 18.84 -26.25
CA ASP HC 38 11.20 20.14 -26.13
C ASP HC 38 10.39 20.54 -27.38
N GLN HC 39 9.38 21.38 -27.17
CA GLN HC 39 8.55 21.92 -28.25
C GLN HC 39 9.16 23.21 -28.77
N ILE HC 40 9.09 23.44 -30.07
CA ILE HC 40 9.66 24.65 -30.67
C ILE HC 40 8.77 25.88 -30.40
N SER HC 41 7.45 25.69 -30.45
CA SER HC 41 6.49 26.75 -30.13
C SER HC 41 6.80 27.44 -28.80
N ARG HC 42 7.09 26.63 -27.79
CA ARG HC 42 7.41 27.10 -26.44
C ARG HC 42 8.66 27.97 -26.42
N VAL HC 43 9.67 27.59 -27.21
CA VAL HC 43 10.91 28.36 -27.29
C VAL HC 43 10.67 29.64 -28.08
N ALA HC 44 9.91 29.54 -29.17
CA ALA HC 44 9.55 30.71 -29.99
C ALA HC 44 8.79 31.78 -29.19
N LYS HC 45 7.92 31.33 -28.28
CA LYS HC 45 7.21 32.20 -27.36
C LYS HC 45 8.20 32.88 -26.41
N MET HC 46 9.07 32.08 -25.80
CA MET HC 46 10.07 32.59 -24.86
C MET HC 46 10.90 33.70 -25.49
N LEU HC 47 11.43 33.42 -26.68
CA LEU HC 47 12.23 34.41 -27.41
C LEU HC 47 11.46 35.68 -27.70
N ALA HC 48 10.18 35.54 -28.05
CA ALA HC 48 9.32 36.71 -28.31
C ALA HC 48 9.19 37.60 -27.09
N ASP HC 49 9.01 36.99 -25.91
CA ASP HC 49 8.98 37.75 -24.67
C ASP HC 49 10.32 38.41 -24.38
N GLU HC 50 11.41 37.66 -24.53
CA GLU HC 50 12.76 38.22 -24.38
C GLU HC 50 13.02 39.40 -25.31
N PHE HC 51 12.46 39.34 -26.53
CA PHE HC 51 12.49 40.45 -27.47
C PHE HC 51 11.72 41.65 -26.94
N GLY HC 52 10.56 41.37 -26.35
CA GLY HC 52 9.76 42.40 -25.70
C GLY HC 52 10.47 43.06 -24.55
N THR HC 53 11.15 42.26 -23.72
CA THR HC 53 11.89 42.80 -22.57
C THR HC 53 13.06 43.67 -23.01
N ALA HC 54 13.81 43.17 -24.00
CA ALA HC 54 14.90 43.93 -24.62
C ALA HC 54 14.44 45.27 -25.18
N SER HC 55 13.19 45.34 -25.62
CA SER HC 55 12.61 46.57 -26.17
C SER HC 55 12.50 47.75 -25.18
N ASN HC 56 12.87 47.54 -23.93
CA ASN HC 56 13.32 48.65 -23.09
C ASN HC 56 14.63 48.34 -22.40
N ILE HC 57 15.70 48.33 -23.18
CA ILE HC 57 17.05 48.36 -22.63
C ILE HC 57 17.62 49.72 -22.90
N LYS HC 58 18.10 50.39 -21.86
CA LYS HC 58 18.35 51.82 -21.97
C LYS HC 58 19.40 52.08 -23.03
N SER HC 59 20.41 51.24 -23.08
CA SER HC 59 21.51 51.43 -24.03
C SER HC 59 21.07 51.38 -25.49
N ARG HC 60 21.89 51.98 -26.35
CA ARG HC 60 21.66 51.99 -27.79
C ARG HC 60 22.25 50.73 -28.39
N VAL HC 61 23.58 50.64 -28.35
CA VAL HC 61 24.32 49.67 -29.14
C VAL HC 61 23.91 48.27 -28.74
N ASN HC 62 23.81 48.05 -27.44
CA ASN HC 62 23.41 46.76 -26.89
C ASN HC 62 21.99 46.39 -27.33
N ARG HC 63 21.03 47.28 -27.08
CA ARG HC 63 19.63 46.99 -27.35
C ARG HC 63 19.41 46.52 -28.78
N LEU HC 64 19.79 47.35 -29.75
CA LEU HC 64 19.47 47.07 -31.15
C LEU HC 64 20.05 45.75 -31.60
N SER HC 65 21.31 45.54 -31.26
CA SER HC 65 22.01 44.30 -31.59
C SER HC 65 21.32 43.05 -31.04
N VAL HC 66 20.83 43.16 -29.81
CA VAL HC 66 20.13 42.07 -29.12
C VAL HC 66 18.78 41.76 -29.76
N LEU HC 67 18.05 42.82 -30.10
CA LEU HC 67 16.78 42.66 -30.82
C LEU HC 67 16.98 41.90 -32.13
N GLY HC 68 17.95 42.33 -32.93
CA GLY HC 68 18.31 41.68 -34.18
C GLY HC 68 18.84 40.26 -34.04
N ALA HC 69 19.52 39.99 -32.93
CA ALA HC 69 19.94 38.62 -32.59
C ALA HC 69 18.75 37.73 -32.26
N ILE HC 70 17.84 38.23 -31.43
CA ILE HC 70 16.61 37.51 -31.09
C ILE HC 70 15.70 37.34 -32.33
N THR HC 71 15.65 38.36 -33.19
CA THR HC 71 14.91 38.27 -34.47
C THR HC 71 15.42 37.15 -35.35
N SER HC 72 16.75 37.04 -35.44
CA SER HC 72 17.40 36.03 -36.25
C SER HC 72 17.17 34.61 -35.72
N VAL HC 73 17.32 34.41 -34.41
CA VAL HC 73 17.05 33.09 -33.82
C VAL HC 73 15.58 32.67 -33.99
N GLN HC 74 14.65 33.60 -33.82
CA GLN HC 74 13.23 33.31 -34.05
C GLN HC 74 12.99 32.86 -35.49
N GLN HC 75 13.63 33.52 -36.45
CA GLN HC 75 13.55 33.10 -37.86
C GLN HC 75 14.15 31.72 -38.10
N ARG HC 76 15.28 31.42 -37.45
CA ARG HC 76 15.92 30.10 -37.56
C ARG HC 76 14.99 29.01 -37.06
N LEU HC 77 14.34 29.26 -35.93
CA LEU HC 77 13.35 28.32 -35.37
C LEU HC 77 12.09 28.14 -36.22
N LYS HC 78 11.72 29.14 -37.01
CA LYS HC 78 10.63 28.98 -37.97
C LYS HC 78 10.98 28.00 -39.08
N LEU HC 79 12.27 27.90 -39.42
CA LEU HC 79 12.75 26.98 -40.47
C LEU HC 79 12.61 25.50 -40.07
N TYR HC 80 12.79 25.22 -38.79
CA TYR HC 80 12.46 23.91 -38.23
C TYR HC 80 10.96 23.84 -37.93
N ASN HC 81 10.41 22.63 -38.02
CA ASN HC 81 9.02 22.36 -37.58
C ASN HC 81 8.96 21.61 -36.25
N LYS HC 82 9.98 20.81 -35.95
CA LYS HC 82 10.17 20.20 -34.64
C LYS HC 82 11.62 20.40 -34.21
N VAL HC 83 11.86 20.33 -32.91
CA VAL HC 83 13.23 20.24 -32.40
C VAL HC 83 13.72 18.90 -32.89
N PRO HC 84 14.84 18.87 -33.64
CA PRO HC 84 15.33 17.60 -34.15
C PRO HC 84 15.92 16.73 -33.04
N PRO HC 85 16.07 15.41 -33.29
CA PRO HC 85 16.72 14.55 -32.31
C PRO HC 85 18.15 15.00 -32.11
N ASN HC 86 18.70 14.71 -30.94
CA ASN HC 86 19.94 15.30 -30.44
C ASN HC 86 19.78 16.72 -29.86
N GLY HC 87 18.57 17.26 -29.89
CA GLY HC 87 18.35 18.65 -29.50
C GLY HC 87 18.77 19.63 -30.57
N LEU HC 88 18.71 20.91 -30.22
CA LEU HC 88 19.15 21.99 -31.10
C LEU HC 88 20.07 22.88 -30.32
N VAL HC 89 21.00 23.53 -31.03
CA VAL HC 89 21.88 24.52 -30.45
C VAL HC 89 21.85 25.70 -31.38
N VAL HC 90 21.56 26.89 -30.87
CA VAL HC 90 21.54 28.13 -31.69
C VAL HC 90 22.38 29.23 -31.07
N TYR HC 91 23.34 29.73 -31.84
CA TYR HC 91 24.27 30.74 -31.37
C TYR HC 91 24.19 31.99 -32.23
N CYS HC 92 23.40 32.97 -31.78
CA CYS HC 92 23.24 34.25 -32.50
C CYS HC 92 24.04 35.33 -31.80
N GLY HC 93 24.46 36.34 -32.55
CA GLY HC 93 25.28 37.41 -32.00
C GLY HC 93 25.72 38.41 -33.04
N THR HC 94 26.56 39.36 -32.58
CA THR HC 94 27.10 40.41 -33.44
C THR HC 94 28.58 40.61 -33.09
N ILE HC 95 29.42 39.75 -33.67
CA ILE HC 95 30.80 39.61 -33.22
C ILE HC 95 31.70 40.76 -33.71
N VAL HC 96 32.59 41.20 -32.82
CA VAL HC 96 33.70 42.08 -33.20
C VAL HC 96 34.91 41.21 -33.54
N THR HC 97 35.76 41.71 -34.42
CA THR HC 97 36.99 41.02 -34.81
C THR HC 97 37.98 42.02 -35.40
N GLU HC 98 39.11 41.51 -35.90
CA GLU HC 98 40.10 42.34 -36.61
C GLU HC 98 39.50 43.09 -37.81
N GLU HC 99 40.18 44.16 -38.23
CA GLU HC 99 39.74 45.06 -39.29
C GLU HC 99 38.48 45.89 -38.94
N GLY HC 100 38.18 46.02 -37.64
CA GLY HC 100 36.98 46.72 -37.16
C GLY HC 100 35.68 46.19 -37.78
N LYS HC 101 35.58 44.86 -37.87
CA LYS HC 101 34.55 44.20 -38.67
C LYS HC 101 33.42 43.66 -37.79
N GLU HC 102 32.51 44.56 -37.40
CA GLU HC 102 31.34 44.21 -36.60
C GLU HC 102 30.33 43.44 -37.45
N LYS HC 103 30.53 42.12 -37.54
CA LYS HC 103 29.73 41.24 -38.39
C LYS HC 103 28.69 40.46 -37.58
N LYS HC 104 27.49 40.34 -38.12
CA LYS HC 104 26.43 39.52 -37.53
C LYS HC 104 26.67 38.04 -37.87
N VAL HC 105 26.19 37.14 -37.02
CA VAL HC 105 26.47 35.70 -37.18
C VAL HC 105 25.42 34.82 -36.49
N ASN HC 106 25.03 33.74 -37.16
CA ASN HC 106 23.97 32.83 -36.70
C ASN HC 106 24.37 31.40 -37.00
N ILE HC 107 24.61 30.59 -35.98
CA ILE HC 107 24.94 29.17 -36.18
C ILE HC 107 23.99 28.30 -35.39
N ASP HC 108 22.94 27.84 -36.08
CA ASP HC 108 22.11 26.76 -35.55
C ASP HC 108 22.67 25.44 -36.08
N PHE HC 109 22.65 24.42 -35.24
CA PHE HC 109 22.99 23.07 -35.70
C PHE HC 109 22.42 22.00 -34.78
N GLU HC 110 21.98 20.90 -35.41
CA GLU HC 110 21.68 19.67 -34.71
C GLU HC 110 23.04 19.09 -34.31
N PRO HC 111 23.32 18.99 -33.00
CA PRO HC 111 24.63 18.51 -32.60
C PRO HC 111 24.71 16.99 -32.71
N PHE HC 112 25.92 16.48 -32.87
CA PHE HC 112 26.18 15.06 -32.67
C PHE HC 112 25.93 14.71 -31.21
N LYS HC 113 25.40 13.50 -30.98
CA LYS HC 113 24.93 13.04 -29.65
C LYS HC 113 23.65 13.70 -29.17
N PRO HC 114 22.77 12.91 -28.53
CA PRO HC 114 21.69 13.49 -27.73
C PRO HC 114 22.22 14.28 -26.53
N ILE HC 115 21.81 15.55 -26.42
CA ILE HC 115 22.16 16.40 -25.28
C ILE HC 115 20.90 16.60 -24.47
N ASN HC 116 21.01 16.65 -23.14
CA ASN HC 116 19.83 16.86 -22.29
C ASN HC 116 19.73 18.28 -21.73
N THR HC 117 20.64 19.18 -22.12
CA THR HC 117 20.76 20.49 -21.50
C THR HC 117 19.99 21.58 -22.26
N SER HC 118 19.06 22.22 -21.57
CA SER HC 118 18.48 23.48 -22.02
C SER HC 118 19.42 24.59 -21.62
N LEU HC 119 19.43 25.67 -22.40
CA LEU HC 119 20.15 26.88 -22.02
C LEU HC 119 19.65 28.10 -22.79
N TYR HC 120 19.49 29.21 -22.07
CA TYR HC 120 19.35 30.53 -22.67
C TYR HC 120 20.32 31.42 -21.92
N LEU HC 121 21.11 32.16 -22.66
CA LEU HC 121 22.03 33.13 -22.07
C LEU HC 121 22.30 34.23 -23.06
N CYS HC 122 22.46 35.43 -22.52
CA CYS HC 122 22.98 36.54 -23.28
C CYS HC 122 24.26 36.99 -22.60
N ASP HC 123 25.32 37.22 -23.39
CA ASP HC 123 26.58 37.73 -22.85
C ASP HC 123 27.45 38.28 -23.95
N ASN HC 124 28.60 38.85 -23.57
CA ASN HC 124 29.60 39.31 -24.54
C ASN HC 124 30.25 38.18 -25.34
N LYS HC 125 30.29 36.98 -24.78
CA LYS HC 125 30.83 35.79 -25.45
C LYS HC 125 29.78 34.71 -25.59
N PHE HC 126 30.10 33.69 -26.36
CA PHE HC 126 29.22 32.55 -26.57
C PHE HC 126 29.54 31.54 -25.47
N HIS HC 127 28.51 30.88 -24.95
CA HIS HC 127 28.67 29.96 -23.83
C HIS HC 127 28.68 28.50 -24.32
N THR HC 128 29.87 28.05 -24.72
CA THR HC 128 30.08 26.69 -25.24
C THR HC 128 30.76 25.78 -24.20
N GLU HC 129 30.26 25.83 -22.97
CA GLU HC 129 30.77 25.00 -21.87
C GLU HC 129 30.04 23.67 -21.80
N ALA HC 130 28.73 23.70 -22.01
CA ALA HC 130 27.90 22.49 -22.03
C ALA HC 130 28.32 21.52 -23.14
N LEU HC 131 28.60 22.07 -24.32
CA LEU HC 131 29.00 21.26 -25.47
C LEU HC 131 30.35 20.59 -25.20
N THR HC 132 31.35 21.38 -24.80
CA THR HC 132 32.68 20.83 -24.44
C THR HC 132 32.61 19.73 -23.39
N ALA HC 133 31.66 19.84 -22.44
CA ALA HC 133 31.43 18.80 -21.43
C ALA HC 133 30.86 17.50 -22.01
N LEU HC 134 29.97 17.63 -23.00
CA LEU HC 134 29.44 16.47 -23.74
C LEU HC 134 30.45 15.80 -24.66
N LEU HC 135 31.41 16.58 -25.17
CA LEU HC 135 32.48 16.03 -26.01
C LEU HC 135 33.49 15.24 -25.19
N SER HC 136 33.76 15.71 -23.98
CA SER HC 136 34.67 15.04 -23.04
C SER HC 136 34.11 13.70 -22.56
N ASP HC 137 32.88 13.71 -22.05
CA ASP HC 137 32.25 12.53 -21.46
C ASP HC 137 31.61 11.62 -22.52
N ASP HC 138 32.44 10.77 -23.11
CA ASP HC 138 31.97 9.73 -24.05
C ASP HC 138 31.62 8.40 -23.38
N SER HC 139 31.94 8.26 -22.10
CA SER HC 139 31.68 7.03 -21.36
C SER HC 139 30.18 6.79 -21.16
N LYS HC 140 29.60 5.98 -22.06
CA LYS HC 140 28.23 5.51 -21.91
C LYS HC 140 28.18 4.47 -20.79
N PHE HC 141 27.13 4.54 -19.96
CA PHE HC 141 26.85 3.50 -18.95
C PHE HC 141 25.49 2.87 -19.20
N GLY HC 142 25.36 1.63 -18.76
CA GLY HC 142 24.14 0.85 -18.89
C GLY HC 142 23.43 0.73 -17.55
N PHE HC 143 22.12 0.57 -17.60
CA PHE HC 143 21.29 0.55 -16.41
C PHE HC 143 20.21 -0.50 -16.55
N ILE HC 144 20.37 -1.59 -15.80
CA ILE HC 144 19.37 -2.63 -15.69
C ILE HC 144 18.61 -2.39 -14.38
N VAL HC 145 17.29 -2.34 -14.47
CA VAL HC 145 16.43 -2.19 -13.32
C VAL HC 145 15.61 -3.45 -13.22
N ILE HC 146 15.82 -4.24 -12.18
CA ILE HC 146 15.06 -5.47 -11.95
C ILE HC 146 13.93 -5.17 -10.97
N ASP HC 147 12.82 -5.86 -11.14
CA ASP HC 147 11.71 -5.82 -10.19
C ASP HC 147 10.79 -6.98 -10.49
N GLY HC 148 10.14 -7.49 -9.44
CA GLY HC 148 9.14 -8.54 -9.58
C GLY HC 148 7.98 -8.19 -10.50
N SER HC 149 7.66 -6.91 -10.60
CA SER HC 149 6.66 -6.42 -11.55
C SER HC 149 7.16 -6.43 -12.98
N GLY HC 150 8.33 -5.81 -13.20
CA GLY HC 150 8.88 -5.70 -14.55
C GLY HC 150 10.22 -4.99 -14.62
N ALA HC 151 11.02 -5.37 -15.62
CA ALA HC 151 12.38 -4.85 -15.78
C ALA HC 151 12.45 -3.56 -16.60
N LEU HC 152 13.66 -3.02 -16.69
CA LEU HC 152 13.96 -1.89 -17.56
C LEU HC 152 15.44 -1.88 -17.86
N PHE HC 153 15.80 -1.65 -19.12
CA PHE HC 153 17.19 -1.49 -19.54
C PHE HC 153 17.35 -0.11 -20.15
N GLY HC 154 18.39 0.60 -19.76
CA GLY HC 154 18.61 1.94 -20.28
C GLY HC 154 20.05 2.35 -20.21
N THR HC 155 20.37 3.47 -20.85
CA THR HC 155 21.73 3.98 -20.91
C THR HC 155 21.80 5.40 -20.41
N LEU HC 156 23.03 5.87 -20.18
CA LEU HC 156 23.24 7.10 -19.45
C LEU HC 156 24.58 7.73 -19.83
N GLN HC 157 24.54 8.71 -20.73
CA GLN HC 157 25.66 9.65 -20.92
C GLN HC 157 25.64 10.69 -19.81
N GLY HC 158 26.73 11.46 -19.68
CA GLY HC 158 26.86 12.48 -18.64
C GLY HC 158 25.57 13.22 -18.34
N ASN HC 159 24.93 13.70 -19.41
CA ASN HC 159 23.62 14.34 -19.31
C ASN HC 159 22.48 13.36 -19.61
N THR HC 160 22.54 12.75 -20.79
CA THR HC 160 21.38 12.14 -21.43
C THR HC 160 20.90 10.87 -20.74
N ARG HC 161 19.57 10.73 -20.67
CA ARG HC 161 18.91 9.65 -19.96
C ARG HC 161 18.07 8.84 -20.96
N GLU HC 162 18.58 7.67 -21.36
CA GLU HC 162 17.94 6.84 -22.39
C GLU HC 162 17.07 5.73 -21.81
N VAL HC 163 16.19 5.20 -22.66
CA VAL HC 163 15.42 3.99 -22.38
C VAL HC 163 15.57 3.08 -23.59
N LEU HC 164 16.16 1.91 -23.39
CA LEU HC 164 16.47 1.00 -24.48
C LEU HC 164 15.32 0.03 -24.68
N HIS HC 165 14.94 -0.67 -23.61
CA HIS HC 165 13.90 -1.69 -23.65
C HIS HC 165 13.34 -1.96 -22.25
N LYS HC 166 12.08 -2.38 -22.20
CA LYS HC 166 11.47 -2.83 -20.95
C LYS HC 166 10.31 -3.79 -21.17
N PHE HC 167 10.06 -4.62 -20.16
CA PHE HC 167 8.91 -5.52 -20.13
C PHE HC 167 8.35 -5.67 -18.72
N THR HC 168 7.18 -6.29 -18.66
CA THR HC 168 6.53 -6.64 -17.40
C THR HC 168 6.23 -8.14 -17.41
N VAL HC 169 5.93 -8.70 -16.24
CA VAL HC 169 5.68 -10.14 -16.11
C VAL HC 169 4.58 -10.50 -15.12
N ASP HC 170 3.91 -11.60 -15.43
CA ASP HC 170 2.77 -12.10 -14.67
C ASP HC 170 3.27 -13.24 -13.77
N LEU HC 171 4.07 -12.88 -12.77
CA LEU HC 171 4.68 -13.86 -11.86
C LEU HC 171 3.66 -14.44 -10.88
N PRO HC 172 3.88 -15.69 -10.42
CA PRO HC 172 2.94 -16.33 -9.50
C PRO HC 172 2.93 -15.74 -8.08
N LYS HC 173 2.05 -16.29 -7.25
CA LYS HC 173 1.80 -15.79 -5.89
C LYS HC 173 2.88 -16.35 -4.97
N LYS HC 174 3.03 -15.74 -3.79
CA LYS HC 174 4.05 -16.17 -2.84
C LYS HC 174 3.71 -17.55 -2.28
N HIS HC 175 2.46 -17.74 -1.88
CA HIS HC 175 2.06 -18.96 -1.18
C HIS HC 175 1.16 -19.94 -1.92
N GLY HC 176 1.28 -21.21 -1.51
CA GLY HC 176 0.43 -22.32 -1.96
C GLY HC 176 -0.25 -22.99 -0.78
N ARG HC 177 -1.58 -22.88 -0.74
CA ARG HC 177 -2.43 -23.40 0.34
C ARG HC 177 -2.74 -24.92 0.38
N ALA HC 178 -1.80 -25.77 -0.05
CA ALA HC 178 -1.88 -27.21 0.20
C ALA HC 178 -0.63 -27.64 0.93
N ALA HC 179 -0.73 -28.68 1.75
CA ALA HC 179 0.41 -29.16 2.53
C ALA HC 179 1.48 -29.77 1.63
N GLN HC 180 1.05 -30.68 0.76
CA GLN HC 180 1.96 -31.45 -0.10
C GLN HC 180 2.39 -30.61 -1.29
N SER HC 181 1.40 -29.93 -1.87
CA SER HC 181 1.62 -29.09 -3.03
C SER HC 181 2.42 -27.84 -2.70
N ALA HC 182 2.38 -27.37 -1.45
CA ALA HC 182 3.20 -26.23 -0.99
C ALA HC 182 4.64 -26.36 -1.43
N LEU HC 183 5.20 -27.56 -1.30
CA LEU HC 183 6.59 -27.82 -1.67
C LEU HC 183 6.78 -27.73 -3.19
N ARG HC 184 5.93 -28.43 -3.93
CA ARG HC 184 5.99 -28.43 -5.38
C ARG HC 184 5.75 -27.06 -5.99
N PHE HC 185 4.69 -26.38 -5.54
CA PHE HC 185 4.40 -25.03 -5.99
C PHE HC 185 5.55 -24.07 -5.70
N ALA HC 186 6.18 -24.23 -4.55
CA ALA HC 186 7.34 -23.43 -4.19
C ALA HC 186 8.50 -23.66 -5.17
N ARG HC 187 8.77 -24.92 -5.53
CA ARG HC 187 9.80 -25.23 -6.53
C ARG HC 187 9.47 -24.72 -7.92
N LEU HC 188 8.19 -24.76 -8.26
CA LEU HC 188 7.71 -24.20 -9.53
C LEU HC 188 7.85 -22.68 -9.55
N ARG HC 189 7.56 -22.04 -8.42
CA ARG HC 189 7.71 -20.60 -8.26
C ARG HC 189 9.16 -20.16 -8.45
N MET HC 190 10.09 -20.89 -7.84
CA MET HC 190 11.52 -20.61 -7.98
C MET HC 190 12.05 -20.83 -9.40
N GLU HC 191 11.45 -21.78 -10.13
CA GLU HC 191 11.80 -21.99 -11.55
C GLU HC 191 11.33 -20.86 -12.45
N LYS HC 192 10.09 -20.43 -12.28
CA LYS HC 192 9.54 -19.28 -13.01
C LYS HC 192 10.35 -18.01 -12.78
N ARG HC 193 10.79 -17.84 -11.55
CA ARG HC 193 11.58 -16.68 -11.14
C ARG HC 193 12.97 -16.72 -11.77
N HIS HC 194 13.57 -17.91 -11.81
CA HIS HC 194 14.86 -18.09 -12.46
C HIS HC 194 14.78 -17.86 -13.97
N ASN HC 195 13.70 -18.33 -14.59
CA ASN HC 195 13.46 -18.08 -16.02
C ASN HC 195 13.29 -16.60 -16.37
N TYR HC 196 12.77 -15.83 -15.41
CA TYR HC 196 12.72 -14.37 -15.54
C TYR HC 196 14.13 -13.78 -15.51
N VAL HC 197 14.93 -14.18 -14.53
CA VAL HC 197 16.34 -13.75 -14.44
C VAL HC 197 17.10 -14.11 -15.72
N ARG HC 198 16.93 -15.36 -16.16
CA ARG HC 198 17.51 -15.85 -17.41
C ARG HC 198 17.09 -14.98 -18.60
N LYS HC 199 15.80 -14.66 -18.68
CA LYS HC 199 15.28 -13.78 -19.75
C LYS HC 199 15.89 -12.37 -19.72
N VAL HC 200 15.99 -11.81 -18.53
CA VAL HC 200 16.61 -10.50 -18.33
C VAL HC 200 18.06 -10.50 -18.79
N ALA HC 201 18.81 -11.51 -18.36
CA ALA HC 201 20.21 -11.67 -18.72
C ALA HC 201 20.42 -11.76 -20.23
N GLU HC 202 19.55 -12.52 -20.89
CA GLU HC 202 19.60 -12.68 -22.35
C GLU HC 202 19.32 -11.36 -23.06
N THR HC 203 18.33 -10.62 -22.57
CA THR HC 203 18.01 -9.29 -23.09
C THR HC 203 19.16 -8.31 -22.90
N ALA HC 204 19.85 -8.40 -21.77
CA ALA HC 204 21.04 -7.59 -21.52
C ALA HC 204 22.17 -7.90 -22.50
N VAL HC 205 22.36 -9.18 -22.81
CA VAL HC 205 23.36 -9.59 -23.81
C VAL HC 205 23.01 -9.03 -25.19
N GLN HC 206 21.74 -9.13 -25.58
CA GLN HC 206 21.24 -8.53 -26.83
C GLN HC 206 21.49 -7.03 -26.94
N LEU HC 207 21.23 -6.31 -25.84
CA LEU HC 207 21.21 -4.85 -25.86
C LEU HC 207 22.60 -4.24 -25.68
N PHE HC 208 23.24 -4.55 -24.55
CA PHE HC 208 24.46 -3.85 -24.14
C PHE HC 208 25.73 -4.31 -24.85
N ILE HC 209 25.70 -5.48 -25.49
CA ILE HC 209 26.87 -5.97 -26.22
C ILE HC 209 26.84 -5.48 -27.68
N SER HC 210 28.02 -5.23 -28.24
CA SER HC 210 28.16 -4.74 -29.61
C SER HC 210 29.38 -5.38 -30.29
N GLY HC 211 29.11 -6.40 -31.11
CA GLY HC 211 30.15 -7.14 -31.81
C GLY HC 211 30.98 -8.01 -30.88
N ASP HC 212 30.29 -8.74 -30.00
CA ASP HC 212 30.91 -9.62 -29.00
C ASP HC 212 31.86 -8.88 -28.03
N LYS HC 213 31.54 -7.62 -27.74
CA LYS HC 213 32.30 -6.81 -26.80
C LYS HC 213 31.42 -5.65 -26.33
N VAL HC 214 31.24 -5.53 -25.01
CA VAL HC 214 30.23 -4.61 -24.44
C VAL HC 214 30.52 -3.14 -24.75
N ASN HC 215 29.53 -2.46 -25.33
CA ASN HC 215 29.66 -1.06 -25.70
C ASN HC 215 29.71 -0.13 -24.48
N VAL HC 216 28.87 -0.41 -23.48
CA VAL HC 216 28.83 0.38 -22.26
C VAL HC 216 30.07 0.14 -21.38
N ALA HC 217 30.61 1.22 -20.85
CA ALA HC 217 31.79 1.16 -19.99
C ALA HC 217 31.45 0.83 -18.53
N GLY HC 218 30.17 0.90 -18.19
CA GLY HC 218 29.67 0.55 -16.86
C GLY HC 218 28.32 -0.13 -16.99
N LEU HC 219 27.79 -0.62 -15.87
CA LEU HC 219 26.58 -1.43 -15.90
C LEU HC 219 25.96 -1.50 -14.51
N VAL HC 220 24.90 -0.72 -14.30
CA VAL HC 220 24.24 -0.60 -13.00
C VAL HC 220 23.02 -1.49 -12.94
N LEU HC 221 23.02 -2.44 -11.99
CA LEU HC 221 21.83 -3.18 -11.63
C LEU HC 221 21.17 -2.45 -10.46
N ALA HC 222 19.87 -2.17 -10.60
CA ALA HC 222 19.09 -1.51 -9.55
C ALA HC 222 17.81 -2.31 -9.31
N GLY HC 223 17.12 -2.01 -8.21
CA GLY HC 223 15.79 -2.59 -7.95
C GLY HC 223 15.50 -2.79 -6.47
N SER HC 224 15.14 -4.02 -6.11
CA SER HC 224 14.83 -4.37 -4.72
C SER HC 224 14.79 -5.89 -4.54
N ALA HC 225 14.50 -6.34 -3.32
CA ALA HC 225 14.10 -7.73 -3.06
C ALA HC 225 15.13 -8.82 -3.44
N ASP HC 226 16.41 -8.47 -3.45
CA ASP HC 226 17.49 -9.41 -3.78
C ASP HC 226 17.25 -10.11 -5.13
N PHE HC 227 16.89 -9.32 -6.13
CA PHE HC 227 16.60 -9.80 -7.48
C PHE HC 227 17.72 -9.40 -8.42
N LYS HC 228 18.09 -8.13 -8.35
CA LYS HC 228 19.36 -7.61 -8.90
C LYS HC 228 20.60 -8.37 -8.36
N THR HC 229 20.51 -8.88 -7.14
CA THR HC 229 21.54 -9.71 -6.55
C THR HC 229 21.61 -11.02 -7.32
N GLU HC 230 20.45 -11.64 -7.51
CA GLU HC 230 20.36 -12.89 -8.27
C GLU HC 230 20.99 -12.78 -9.66
N LEU HC 231 20.83 -11.62 -10.30
CA LEU HC 231 21.41 -11.37 -11.62
C LEU HC 231 22.94 -11.26 -11.64
N SER HC 232 23.50 -10.52 -10.67
CA SER HC 232 24.95 -10.34 -10.58
C SER HC 232 25.65 -11.63 -10.19
N GLN HC 233 25.23 -12.23 -9.08
CA GLN HC 233 25.75 -13.54 -8.66
C GLN HC 233 24.88 -14.65 -9.26
N SER HC 234 25.10 -14.89 -10.56
CA SER HC 234 24.50 -16.02 -11.26
C SER HC 234 25.34 -16.42 -12.47
N ASP HC 235 25.32 -17.70 -12.78
CA ASP HC 235 26.06 -18.25 -13.91
C ASP HC 235 25.37 -17.98 -15.26
N MET HC 236 24.07 -17.65 -15.22
CA MET HC 236 23.32 -17.33 -16.44
C MET HC 236 23.78 -15.98 -17.04
N PHE HC 237 24.12 -15.03 -16.17
CA PHE HC 237 24.61 -13.71 -16.60
C PHE HC 237 26.01 -13.85 -17.18
N ASP HC 238 26.19 -13.41 -18.42
CA ASP HC 238 27.43 -13.63 -19.17
C ASP HC 238 28.59 -12.86 -18.55
N GLN HC 239 29.76 -13.51 -18.46
CA GLN HC 239 30.90 -12.98 -17.70
C GLN HC 239 31.47 -11.70 -18.30
N ARG HC 240 31.55 -11.63 -19.63
CA ARG HC 240 31.99 -10.41 -20.34
C ARG HC 240 31.12 -9.19 -20.03
N LEU HC 241 29.83 -9.42 -19.79
CA LEU HC 241 28.90 -8.37 -19.35
C LEU HC 241 29.00 -8.19 -17.82
N GLN HC 242 29.04 -9.31 -17.11
CA GLN HC 242 29.10 -9.33 -15.64
C GLN HC 242 30.35 -8.70 -15.05
N SER HC 243 31.48 -8.82 -15.75
CA SER HC 243 32.75 -8.28 -15.27
C SER HC 243 32.73 -6.76 -15.07
N LYS HC 244 31.87 -6.05 -15.83
CA LYS HC 244 31.75 -4.59 -15.73
C LYS HC 244 30.58 -4.11 -14.85
N VAL HC 245 29.99 -5.02 -14.07
CA VAL HC 245 28.91 -4.65 -13.14
C VAL HC 245 29.51 -3.87 -11.99
N LEU HC 246 29.11 -2.61 -11.88
CA LEU HC 246 29.76 -1.66 -10.99
C LEU HC 246 29.00 -1.39 -9.68
N LYS HC 247 27.67 -1.33 -9.76
CA LYS HC 247 26.82 -1.14 -8.57
C LYS HC 247 25.64 -2.11 -8.54
N LEU HC 248 25.22 -2.43 -7.32
CA LEU HC 248 23.89 -2.99 -7.05
C LEU HC 248 23.15 -1.97 -6.20
N VAL HC 249 22.08 -1.40 -6.76
CA VAL HC 249 21.38 -0.27 -6.15
C VAL HC 249 20.01 -0.69 -5.60
N ASP HC 250 19.82 -0.44 -4.31
CA ASP HC 250 18.53 -0.62 -3.64
C ASP HC 250 17.71 0.65 -3.78
N ILE HC 251 16.66 0.58 -4.60
CA ILE HC 251 15.75 1.69 -4.82
C ILE HC 251 14.34 1.31 -4.41
N SER HC 252 13.51 2.33 -4.26
CA SER HC 252 12.07 2.17 -4.22
C SER HC 252 11.59 2.38 -5.66
N TYR HC 253 10.30 2.21 -5.92
CA TYR HC 253 9.72 2.33 -7.26
C TYR HC 253 10.24 1.22 -8.21
N GLY HC 254 9.67 1.18 -9.40
CA GLY HC 254 10.11 0.28 -10.44
C GLY HC 254 9.84 0.89 -11.80
N GLY HC 255 10.70 0.58 -12.77
CA GLY HC 255 10.59 1.12 -14.12
C GLY HC 255 11.18 2.52 -14.22
N GLU HC 256 10.59 3.33 -15.09
CA GLU HC 256 11.13 4.64 -15.43
C GLU HC 256 11.14 5.60 -14.23
N ASN HC 257 10.16 5.44 -13.35
CA ASN HC 257 10.07 6.26 -12.14
C ASN HC 257 11.23 5.99 -11.17
N GLY HC 258 11.78 4.78 -11.20
CA GLY HC 258 12.96 4.41 -10.42
C GLY HC 258 14.28 4.58 -11.15
N PHE HC 259 14.24 4.55 -12.48
CA PHE HC 259 15.44 4.74 -13.32
C PHE HC 259 16.27 5.94 -12.90
N ASN HC 260 15.61 7.09 -12.77
CA ASN HC 260 16.26 8.33 -12.30
C ASN HC 260 16.78 8.26 -10.87
N GLN HC 261 16.02 7.58 -10.00
CA GLN HC 261 16.44 7.34 -8.64
C GLN HC 261 17.76 6.58 -8.67
N ALA HC 262 17.76 5.42 -9.33
CA ALA HC 262 18.95 4.59 -9.48
C ALA HC 262 20.17 5.35 -10.00
N ILE HC 263 19.96 6.28 -10.93
CA ILE HC 263 21.04 7.12 -11.43
C ILE HC 263 21.61 7.98 -10.30
N GLU HC 264 20.73 8.70 -9.60
CA GLU HC 264 21.13 9.60 -8.51
C GLU HC 264 21.99 8.91 -7.44
N LEU HC 265 21.59 7.72 -7.01
CA LEU HC 265 22.35 6.94 -6.03
C LEU HC 265 23.67 6.46 -6.63
N SER HC 266 23.62 6.06 -7.89
CA SER HC 266 24.79 5.53 -8.58
C SER HC 266 25.77 6.61 -9.09
N THR HC 267 25.38 7.89 -9.05
CA THR HC 267 26.17 8.99 -9.64
C THR HC 267 27.63 9.04 -9.18
N GLU HC 268 27.85 8.86 -7.87
CA GLU HC 268 29.19 8.89 -7.30
C GLU HC 268 30.09 7.78 -7.82
N VAL HC 269 29.53 6.59 -7.98
CA VAL HC 269 30.28 5.43 -8.45
C VAL HC 269 30.62 5.53 -9.95
N LEU HC 270 29.70 6.12 -10.71
CA LEU HC 270 29.89 6.31 -12.16
C LEU HC 270 31.01 7.29 -12.51
N SER HC 271 31.05 8.41 -11.80
CA SER HC 271 32.08 9.44 -11.99
C SER HC 271 33.49 8.92 -11.70
N ASN HC 272 33.60 7.99 -10.76
CA ASN HC 272 34.88 7.40 -10.35
C ASN HC 272 35.50 6.42 -11.35
N VAL HC 273 34.75 6.02 -12.39
CA VAL HC 273 35.22 5.03 -13.37
C VAL HC 273 36.44 5.53 -14.15
N LYS HC 274 36.33 6.75 -14.68
CA LYS HC 274 37.42 7.41 -15.42
C LYS HC 274 38.69 7.51 -14.59
N PHE HC 275 38.53 7.90 -13.33
CA PHE HC 275 39.63 7.97 -12.36
C PHE HC 275 40.31 6.62 -12.15
N ILE HC 276 39.53 5.53 -12.09
CA ILE HC 276 40.08 4.17 -11.92
C ILE HC 276 40.85 3.72 -13.16
N GLN HC 277 40.30 3.97 -14.35
CA GLN HC 277 40.99 3.65 -15.62
C GLN HC 277 42.33 4.36 -15.76
N GLU HC 278 42.38 5.61 -15.30
CA GLU HC 278 43.62 6.39 -15.21
C GLU HC 278 44.66 5.71 -14.31
N LYS HC 279 44.24 5.37 -13.10
CA LYS HC 279 45.11 4.67 -12.13
C LYS HC 279 45.70 3.38 -12.68
N LYS HC 280 44.86 2.61 -13.36
CA LYS HC 280 45.27 1.36 -13.99
C LYS HC 280 46.29 1.62 -15.10
N LEU HC 281 46.01 2.62 -15.93
CA LEU HC 281 46.88 2.98 -17.06
C LEU HC 281 48.25 3.46 -16.61
N ILE HC 282 48.25 4.49 -15.78
CA ILE HC 282 49.47 5.11 -15.28
C ILE HC 282 50.22 4.11 -14.38
N GLY HC 283 49.48 3.32 -13.60
CA GLY HC 283 50.04 2.22 -12.82
C GLY HC 283 50.80 1.20 -13.65
N ARG HC 284 50.25 0.87 -14.83
CA ARG HC 284 50.93 0.01 -15.81
C ARG HC 284 52.17 0.67 -16.41
N TYR HC 285 52.09 1.97 -16.68
CA TYR HC 285 53.22 2.76 -17.16
C TYR HC 285 54.35 2.77 -16.14
N PHE HC 286 54.01 3.11 -14.90
CA PHE HC 286 54.98 3.14 -13.81
C PHE HC 286 55.54 1.78 -13.38
N ASP HC 287 54.86 0.69 -13.74
CA ASP HC 287 55.42 -0.65 -13.57
C ASP HC 287 56.70 -0.78 -14.37
N GLU HC 288 56.65 -0.38 -15.64
CA GLU HC 288 57.82 -0.46 -16.52
C GLU HC 288 59.03 0.28 -15.95
N ILE HC 289 58.78 1.42 -15.32
CA ILE HC 289 59.85 2.21 -14.68
C ILE HC 289 60.39 1.53 -13.43
N SER HC 290 59.51 0.91 -12.65
CA SER HC 290 59.91 0.18 -11.44
C SER HC 290 60.82 -1.00 -11.76
N GLN HC 291 60.48 -1.75 -12.82
CA GLN HC 291 61.37 -2.80 -13.35
C GLN HC 291 62.32 -2.14 -14.35
N ASP HC 292 63.25 -2.92 -14.92
CA ASP HC 292 64.21 -2.38 -15.88
C ASP HC 292 63.53 -2.09 -17.22
N THR HC 293 62.91 -3.13 -17.79
CA THR HC 293 62.23 -3.11 -19.10
C THR HC 293 62.84 -2.16 -20.13
N GLY HC 294 62.56 -0.87 -19.96
CA GLY HC 294 62.97 0.16 -20.92
C GLY HC 294 61.93 0.44 -21.98
N LYS HC 295 60.73 -0.14 -21.83
CA LYS HC 295 59.63 0.19 -22.72
C LYS HC 295 59.26 1.65 -22.55
N TYR HC 296 59.01 2.08 -21.32
CA TYR HC 296 58.63 3.48 -21.04
C TYR HC 296 59.46 4.60 -21.70
N CYS HC 297 58.82 5.73 -21.96
CA CYS HC 297 59.49 6.96 -22.39
C CYS HC 297 58.79 8.17 -21.78
N PHE HC 298 59.46 9.32 -21.77
CA PHE HC 298 58.87 10.53 -21.19
C PHE HC 298 59.50 11.83 -21.69
N GLY HC 299 58.66 12.87 -21.82
CA GLY HC 299 59.09 14.19 -22.28
C GLY HC 299 58.98 14.32 -23.78
N VAL HC 300 58.62 15.53 -24.24
CA VAL HC 300 58.46 15.80 -25.68
C VAL HC 300 59.71 15.48 -26.51
N GLU HC 301 60.88 15.77 -25.96
CA GLU HC 301 62.15 15.53 -26.65
C GLU HC 301 62.41 14.05 -26.91
N ASP HC 302 61.93 13.19 -26.02
CA ASP HC 302 62.13 11.74 -26.11
C ASP HC 302 60.91 11.03 -26.69
N THR HC 303 59.74 11.28 -26.11
CA THR HC 303 58.50 10.60 -26.48
C THR HC 303 58.14 10.79 -27.94
N LEU HC 304 58.31 12.01 -28.45
CA LEU HC 304 58.04 12.28 -29.86
C LEU HC 304 59.02 11.53 -30.75
N LYS HC 305 60.30 11.55 -30.37
CA LYS HC 305 61.32 10.77 -31.07
C LYS HC 305 60.97 9.29 -31.10
N ALA HC 306 60.53 8.75 -29.97
CA ALA HC 306 60.04 7.36 -29.88
C ALA HC 306 58.86 7.12 -30.80
N LEU HC 307 57.95 8.08 -30.82
CA LEU HC 307 56.75 8.03 -31.64
C LEU HC 307 57.09 8.01 -33.13
N GLU HC 308 57.99 8.91 -33.54
CA GLU HC 308 58.49 8.93 -34.93
C GLU HC 308 59.07 7.59 -35.34
N MET HC 309 59.92 7.02 -34.49
CA MET HC 309 60.60 5.75 -34.77
C MET HC 309 59.70 4.55 -34.48
N GLY HC 310 60.31 3.38 -34.30
CA GLY HC 310 59.69 2.23 -33.64
C GLY HC 310 58.68 2.66 -32.58
N ALA HC 311 57.42 2.67 -32.98
CA ALA HC 311 56.40 3.48 -32.34
C ALA HC 311 56.02 3.04 -30.93
N VAL HC 312 55.29 3.93 -30.27
CA VAL HC 312 54.70 3.67 -28.97
C VAL HC 312 53.51 2.75 -29.15
N GLU HC 313 53.14 2.01 -28.11
CA GLU HC 313 51.88 1.28 -28.08
C GLU HC 313 50.81 2.25 -27.60
N ILE HC 314 51.08 2.86 -26.44
CA ILE HC 314 50.17 3.82 -25.82
C ILE HC 314 50.91 5.13 -25.56
N LEU HC 315 50.29 6.24 -25.92
CA LEU HC 315 50.83 7.57 -25.70
C LEU HC 315 49.96 8.26 -24.65
N ILE HC 316 50.55 8.58 -23.50
CA ILE HC 316 49.83 9.13 -22.35
C ILE HC 316 50.15 10.61 -22.20
N VAL HC 317 49.10 11.43 -22.04
CA VAL HC 317 49.22 12.90 -22.03
C VAL HC 317 48.40 13.47 -20.88
N TYR HC 318 48.86 14.57 -20.30
CA TYR HC 318 48.00 15.40 -19.46
C TYR HC 318 46.99 16.17 -20.30
N GLU HC 319 45.84 16.47 -19.70
CA GLU HC 319 44.77 17.15 -20.40
C GLU HC 319 45.21 18.54 -20.85
N ASN HC 320 45.94 19.23 -19.99
CA ASN HC 320 46.01 20.69 -20.04
C ASN HC 320 47.10 21.24 -20.95
N LEU HC 321 47.91 20.37 -21.52
CA LEU HC 321 49.35 20.54 -21.48
C LEU HC 321 49.75 21.84 -22.16
N ASP HC 322 50.70 22.53 -21.56
CA ASP HC 322 51.15 23.82 -22.05
C ASP HC 322 51.76 23.70 -23.45
N ILE HC 323 52.50 22.62 -23.67
CA ILE HC 323 53.55 22.61 -24.69
C ILE HC 323 52.96 22.84 -26.07
N MET HC 324 53.66 23.62 -26.89
CA MET HC 324 53.09 24.03 -28.19
C MET HC 324 54.07 23.90 -29.36
N ARG HC 325 53.52 23.48 -30.50
CA ARG HC 325 54.27 23.22 -31.73
C ARG HC 325 54.26 24.47 -32.60
N TYR HC 326 55.39 25.17 -32.66
CA TYR HC 326 55.55 26.36 -33.51
C TYR HC 326 56.22 25.97 -34.83
N VAL HC 327 56.06 26.82 -35.85
CA VAL HC 327 56.67 26.62 -37.17
C VAL HC 327 57.56 27.82 -37.51
N LEU HC 328 58.88 27.62 -37.39
CA LEU HC 328 59.85 28.69 -37.57
C LEU HC 328 60.27 28.76 -39.04
N HIS HC 329 60.44 29.98 -39.54
CA HIS HC 329 60.66 30.24 -40.98
C HIS HC 329 61.71 31.32 -41.21
N CYS HC 330 62.48 31.18 -42.30
CA CYS HC 330 63.56 32.12 -42.64
C CYS HC 330 63.11 33.13 -43.71
N GLN HC 331 63.64 34.34 -43.61
CA GLN HC 331 63.25 35.43 -44.53
C GLN HC 331 63.83 35.24 -45.94
N GLY HC 332 65.15 35.06 -46.01
CA GLY HC 332 65.86 35.00 -47.28
C GLY HC 332 65.96 33.61 -47.91
N THR HC 333 66.60 32.69 -47.20
CA THR HC 333 66.93 31.36 -47.73
C THR HC 333 65.75 30.37 -47.85
N GLU HC 334 64.64 30.67 -47.17
CA GLU HC 334 63.43 29.82 -47.17
C GLU HC 334 63.62 28.47 -46.45
N GLU HC 335 64.56 28.43 -45.51
CA GLU HC 335 64.76 27.27 -44.63
C GLU HC 335 63.76 27.35 -43.48
N GLU HC 336 63.29 26.19 -43.01
CA GLU HC 336 62.30 26.13 -41.93
C GLU HC 336 62.53 24.96 -40.97
N LYS HC 337 61.96 25.08 -39.78
CA LYS HC 337 62.01 24.01 -38.77
C LYS HC 337 60.86 24.16 -37.77
N ILE HC 338 60.39 23.03 -37.25
CA ILE HC 338 59.32 23.00 -36.23
C ILE HC 338 59.88 22.49 -34.90
N LEU HC 339 59.45 23.13 -33.80
CA LEU HC 339 59.93 22.80 -32.45
C LEU HC 339 58.79 22.82 -31.44
N TYR HC 340 58.94 22.02 -30.39
CA TYR HC 340 57.92 21.86 -29.34
C TYR HC 340 58.37 22.59 -28.07
N LEU HC 341 57.74 23.75 -27.83
CA LEU HC 341 58.23 24.73 -26.84
C LEU HC 341 57.33 24.86 -25.62
N THR HC 342 57.97 25.14 -24.48
CA THR HC 342 57.28 25.35 -23.20
C THR HC 342 56.70 26.78 -23.13
N PRO HC 343 55.82 27.07 -22.14
CA PRO HC 343 55.24 28.42 -21.99
C PRO HC 343 56.22 29.60 -21.88
N GLU HC 344 57.40 29.37 -21.29
CA GLU HC 344 58.43 30.41 -21.18
C GLU HC 344 59.31 30.49 -22.44
N GLN HC 345 59.67 29.32 -22.98
CA GLN HC 345 60.48 29.25 -24.20
C GLN HC 345 59.73 29.66 -25.48
N GLU HC 346 58.39 29.67 -25.43
CA GLU HC 346 57.56 30.10 -26.57
C GLU HC 346 57.20 31.59 -26.57
N LYS HC 347 57.01 32.17 -25.38
CA LYS HC 347 56.54 33.54 -25.25
C LYS HC 347 57.57 34.59 -25.70
N ASP HC 348 58.82 34.40 -25.28
CA ASP HC 348 59.93 35.26 -25.71
C ASP HC 348 61.23 34.46 -25.73
N LYS HC 349 61.94 34.51 -26.86
CA LYS HC 349 63.10 33.64 -27.09
C LYS HC 349 64.03 34.23 -28.16
N SER HC 350 65.23 34.60 -27.75
CA SER HC 350 66.26 35.16 -28.64
C SER HC 350 67.05 34.11 -29.44
N HIS HC 351 66.84 32.83 -29.12
CA HIS HC 351 67.39 31.69 -29.88
C HIS HC 351 67.20 31.82 -31.40
N PHE HC 352 66.02 32.26 -31.83
CA PHE HC 352 65.60 32.14 -33.23
C PHE HC 352 66.11 33.26 -34.16
N THR HC 353 67.43 33.44 -34.15
CA THR HC 353 68.17 34.03 -35.26
C THR HC 353 68.77 32.87 -36.02
N ASP HC 354 68.90 33.01 -37.34
CA ASP HC 354 69.34 31.90 -38.21
C ASP HC 354 70.83 31.54 -38.02
N LYS HC 355 71.63 32.49 -37.53
CA LYS HC 355 73.03 32.27 -37.10
C LYS HC 355 74.02 31.92 -38.23
N GLU HC 356 73.84 30.75 -38.86
CA GLU HC 356 74.68 30.30 -39.98
C GLU HC 356 74.71 31.30 -41.13
N THR HC 357 73.52 31.74 -41.56
CA THR HC 357 73.38 32.76 -42.61
C THR HC 357 73.53 34.16 -42.02
N GLY HC 358 72.80 34.42 -40.94
CA GLY HC 358 72.86 35.70 -40.22
C GLY HC 358 71.63 36.56 -40.45
N GLN HC 359 70.46 36.02 -40.10
CA GLN HC 359 69.18 36.71 -40.24
C GLN HC 359 68.26 36.42 -39.05
N GLU HC 360 67.14 37.13 -38.98
CA GLU HC 360 66.12 36.92 -37.95
C GLU HC 360 65.16 35.82 -38.41
N HIS HC 361 65.10 34.72 -37.66
CA HIS HC 361 64.31 33.55 -38.02
C HIS HC 361 62.93 33.69 -37.38
N GLU HC 362 61.94 34.09 -38.18
CA GLU HC 362 60.62 34.43 -37.67
C GLU HC 362 59.79 33.19 -37.33
N LEU HC 363 59.18 33.20 -36.15
CA LEU HC 363 58.38 32.08 -35.65
C LEU HC 363 56.92 32.24 -36.08
N ILE HC 364 56.55 31.57 -37.17
CA ILE HC 364 55.17 31.58 -37.69
C ILE HC 364 54.30 30.74 -36.75
N GLU HC 365 53.04 31.18 -36.58
CA GLU HC 365 52.21 30.80 -35.42
C GLU HC 365 51.93 29.31 -35.22
N SER HC 366 51.60 28.98 -33.97
CA SER HC 366 51.55 27.61 -33.45
C SER HC 366 50.31 26.82 -33.86
N MET HC 367 50.41 25.50 -33.80
CA MET HC 367 49.27 24.66 -33.41
C MET HC 367 49.51 23.88 -32.11
N PRO HC 368 48.51 23.97 -31.13
CA PRO HC 368 48.94 23.50 -29.80
C PRO HC 368 49.11 21.99 -29.78
N LEU HC 369 50.12 21.51 -29.04
CA LEU HC 369 50.64 20.17 -29.28
C LEU HC 369 49.62 19.07 -28.99
N LEU HC 370 48.89 19.18 -27.89
CA LEU HC 370 48.00 18.11 -27.46
C LEU HC 370 46.86 17.86 -28.45
N GLU HC 371 46.29 18.95 -28.93
CA GLU HC 371 45.54 19.00 -30.20
C GLU HC 371 46.32 18.34 -31.33
N TRP HC 372 47.62 18.62 -31.40
CA TRP HC 372 48.51 18.02 -32.41
C TRP HC 372 48.54 16.51 -32.26
N PHE HC 373 48.64 16.02 -31.03
CA PHE HC 373 48.55 14.59 -30.76
C PHE HC 373 47.23 14.02 -31.26
N ALA HC 374 46.13 14.68 -30.90
CA ALA HC 374 44.78 14.28 -31.32
C ALA HC 374 44.61 14.21 -32.84
N ASN HC 375 45.25 15.15 -33.55
CA ASN HC 375 45.17 15.20 -35.02
C ASN HC 375 45.70 13.96 -35.71
N ASN HC 376 46.89 13.52 -35.31
CA ASN HC 376 47.59 12.44 -36.02
C ASN HC 376 48.24 11.39 -35.11
N TYR HC 377 47.55 11.00 -34.03
CA TYR HC 377 47.92 9.78 -33.30
C TYR HC 377 47.58 8.52 -34.10
N LYS HC 378 46.61 8.60 -35.01
CA LYS HC 378 46.33 7.49 -35.93
C LYS HC 378 47.52 7.22 -36.84
N LYS HC 379 48.20 8.30 -37.23
CA LYS HC 379 49.45 8.23 -37.98
C LYS HC 379 50.56 7.46 -37.23
N PHE HC 380 50.59 7.63 -35.91
CA PHE HC 380 51.57 6.99 -35.03
C PHE HC 380 50.94 5.95 -34.09
N GLY HC 381 51.35 4.68 -34.20
CA GLY HC 381 51.03 3.64 -33.18
C GLY HC 381 49.60 3.58 -32.63
N ALA HC 382 49.19 4.67 -31.98
CA ALA HC 382 47.77 5.00 -31.64
C ALA HC 382 47.49 4.90 -30.14
N THR HC 383 46.20 4.92 -29.78
CA THR HC 383 45.71 4.89 -28.39
C THR HC 383 46.23 6.09 -27.60
N LEU HC 384 45.80 7.27 -28.03
CA LEU HC 384 46.03 8.50 -27.30
C LEU HC 384 45.20 8.46 -26.04
N GLU HC 385 45.87 8.51 -24.88
CA GLU HC 385 45.21 8.45 -23.58
C GLU HC 385 45.46 9.73 -22.81
N ILE HC 386 44.42 10.53 -22.62
CA ILE HC 386 44.50 11.70 -21.74
C ILE HC 386 44.25 11.21 -20.31
N VAL HC 387 44.99 11.77 -19.36
CA VAL HC 387 44.84 11.47 -17.94
C VAL HC 387 44.91 12.76 -17.11
N THR HC 388 44.22 12.77 -15.98
CA THR HC 388 44.12 13.96 -15.13
C THR HC 388 45.33 14.06 -14.19
N ASP HC 389 45.25 14.93 -13.18
CA ASP HC 389 46.26 15.04 -12.12
C ASP HC 389 45.75 14.56 -10.75
N LYS HC 390 44.59 13.89 -10.72
CA LYS HC 390 43.86 13.65 -9.48
C LYS HC 390 44.45 12.48 -8.68
N SER HC 391 44.71 11.36 -9.37
CA SER HC 391 45.27 10.16 -8.74
C SER HC 391 46.71 10.40 -8.30
N GLN HC 392 47.15 9.65 -7.29
CA GLN HC 392 48.51 9.80 -6.74
C GLN HC 392 49.59 9.43 -7.75
N GLU HC 393 49.29 8.46 -8.61
CA GLU HC 393 50.18 8.10 -9.72
C GLU HC 393 50.07 9.16 -10.82
N GLY HC 394 48.85 9.62 -11.09
CA GLY HC 394 48.60 10.69 -12.05
C GLY HC 394 49.29 12.00 -11.70
N SER HC 395 49.23 12.38 -10.44
CA SER HC 395 49.89 13.59 -9.95
C SER HC 395 51.42 13.50 -10.13
N GLN HC 396 51.98 12.33 -9.87
CA GLN HC 396 53.39 12.04 -10.17
C GLN HC 396 53.71 12.26 -11.64
N PHE HC 397 52.87 11.68 -12.49
CA PHE HC 397 53.05 11.77 -13.94
C PHE HC 397 53.02 13.22 -14.43
N VAL HC 398 52.09 14.00 -13.89
CA VAL HC 398 51.94 15.42 -14.23
C VAL HC 398 53.11 16.23 -13.68
N LYS HC 399 53.27 16.20 -12.36
CA LYS HC 399 54.25 17.03 -11.66
C LYS HC 399 55.70 16.61 -11.96
N GLY HC 400 55.96 15.31 -11.84
CA GLY HC 400 57.30 14.77 -12.03
C GLY HC 400 57.71 14.62 -13.48
N PHE HC 401 56.99 13.78 -14.21
CA PHE HC 401 57.36 13.40 -15.58
C PHE HC 401 56.90 14.40 -16.65
N GLY HC 402 56.24 15.48 -16.24
CA GLY HC 402 55.87 16.57 -17.14
C GLY HC 402 54.56 16.37 -17.88
N GLY HC 403 53.78 15.38 -17.47
CA GLY HC 403 52.46 15.12 -18.06
C GLY HC 403 52.47 14.63 -19.49
N ILE HC 404 53.49 13.85 -19.84
CA ILE HC 404 53.62 13.31 -21.19
C ILE HC 404 54.61 12.14 -21.23
N GLY HC 405 54.21 11.08 -21.94
CA GLY HC 405 55.04 9.88 -22.06
C GLY HC 405 54.35 8.81 -22.87
N GLY HC 406 54.92 7.60 -22.86
CA GLY HC 406 54.31 6.49 -23.56
C GLY HC 406 54.88 5.11 -23.26
N ILE HC 407 53.99 4.12 -23.32
CA ILE HC 407 54.33 2.71 -23.14
C ILE HC 407 54.63 2.13 -24.52
N LEU HC 408 55.85 1.63 -24.71
CA LEU HC 408 56.33 1.28 -26.05
C LEU HC 408 56.08 -0.18 -26.42
N ARG HC 409 55.94 -0.43 -27.72
CA ARG HC 409 55.62 -1.77 -28.26
C ARG HC 409 56.77 -2.76 -28.07
N TYR HC 410 58.01 -2.27 -28.16
CA TYR HC 410 59.20 -3.05 -27.79
C TYR HC 410 60.25 -2.19 -27.08
N ARG HC 411 61.31 -2.84 -26.62
CA ARG HC 411 62.41 -2.19 -25.91
C ARG HC 411 63.15 -1.20 -26.82
N VAL HC 412 63.54 -0.06 -26.26
CA VAL HC 412 64.27 0.97 -27.02
C VAL HC 412 65.41 1.58 -26.17
N ASP HC 413 66.54 1.83 -26.82
CA ASP HC 413 67.69 2.51 -26.21
C ASP HC 413 67.61 4.00 -26.53
N PHE HC 414 68.15 4.83 -25.62
CA PHE HC 414 68.23 6.27 -25.83
C PHE HC 414 69.59 6.81 -25.44
N GLN HC 415 69.88 8.02 -25.95
CA GLN HC 415 71.18 8.67 -25.78
C GLN HC 415 71.03 10.19 -25.79
N GLY HC 416 71.79 10.87 -24.94
CA GLY HC 416 71.75 12.34 -24.84
C GLY HC 416 70.52 12.84 -24.11
N LYS IC 1 53.11 11.54 5.89
CA LYS IC 1 54.35 12.23 6.35
C LYS IC 1 55.61 11.41 6.01
N LEU IC 2 56.10 11.56 4.78
CA LEU IC 2 57.31 10.90 4.30
C LEU IC 2 58.08 11.79 3.33
N THR IC 3 59.42 11.83 3.49
CA THR IC 3 60.30 12.61 2.62
C THR IC 3 61.48 11.75 2.17
N ARG IC 4 62.32 12.31 1.30
CA ARG IC 4 63.37 11.53 0.66
C ARG IC 4 64.73 12.18 0.89
N ILE IC 5 65.77 11.37 0.84
CA ILE IC 5 67.16 11.82 1.04
C ILE IC 5 68.00 11.23 -0.07
N ALA IC 6 68.64 12.10 -0.86
CA ALA IC 6 69.64 11.68 -1.85
C ALA IC 6 70.99 11.49 -1.17
N ILE IC 7 71.76 10.52 -1.63
CA ILE IC 7 73.10 10.24 -1.10
C ILE IC 7 74.02 9.93 -2.27
N VAL IC 8 75.17 10.60 -2.32
CA VAL IC 8 76.18 10.38 -3.36
C VAL IC 8 77.47 9.88 -2.71
N ASN IC 9 77.81 8.61 -2.97
CA ASN IC 9 79.03 8.01 -2.41
C ASN IC 9 80.26 8.62 -3.08
N HIS IC 10 80.93 9.51 -2.36
CA HIS IC 10 81.96 10.37 -2.95
C HIS IC 10 83.18 9.61 -3.45
N ASP IC 11 83.49 8.48 -2.83
CA ASP IC 11 84.53 7.60 -3.37
C ASP IC 11 84.18 7.01 -4.73
N LYS IC 12 82.93 6.59 -4.91
CA LYS IC 12 82.51 5.97 -6.16
C LYS IC 12 82.14 6.96 -7.26
N CYS IC 13 81.53 8.09 -6.91
CA CYS IC 13 81.10 9.08 -7.92
C CYS IC 13 82.30 9.80 -8.55
N LYS IC 14 82.61 9.41 -9.79
CA LYS IC 14 83.63 10.05 -10.60
C LYS IC 14 82.94 10.66 -11.82
N PRO IC 15 82.59 11.97 -11.78
CA PRO IC 15 81.86 12.61 -12.88
C PRO IC 15 82.51 12.64 -14.27
N LYS IC 16 83.83 12.47 -14.35
CA LYS IC 16 84.55 12.53 -15.62
C LYS IC 16 84.40 11.28 -16.49
N LYS IC 17 84.56 10.10 -15.89
CA LYS IC 17 84.51 8.84 -16.65
C LYS IC 17 83.09 8.51 -17.17
N CYS IC 18 82.09 8.72 -16.32
CA CYS IC 18 80.71 8.36 -16.66
C CYS IC 18 80.01 9.27 -17.67
N ARG IC 19 80.49 10.52 -17.82
CA ARG IC 19 79.80 11.60 -18.55
C ARG IC 19 78.77 12.25 -17.59
N GLN IC 20 77.79 12.96 -18.15
CA GLN IC 20 76.77 13.65 -17.34
C GLN IC 20 75.83 12.59 -16.73
N GLU IC 21 75.24 11.77 -17.59
CA GLU IC 21 74.31 10.68 -17.22
C GLU IC 21 73.03 11.13 -16.49
N CYS IC 22 72.94 10.89 -15.17
CA CYS IC 22 71.79 11.26 -14.33
C CYS IC 22 70.81 12.27 -14.92
N LYS IC 23 71.34 13.43 -15.31
CA LYS IC 23 70.57 14.49 -15.96
C LYS IC 23 69.75 13.96 -17.14
N LYS IC 24 70.43 13.23 -18.03
CA LYS IC 24 69.83 12.70 -19.25
C LYS IC 24 68.70 11.70 -18.97
N SER IC 25 68.86 10.89 -17.93
CA SER IC 25 67.86 9.89 -17.53
C SER IC 25 66.83 10.39 -16.50
N CYS IC 26 67.12 11.49 -15.80
CA CYS IC 26 66.19 12.03 -14.80
C CYS IC 26 65.00 12.72 -15.49
N PRO IC 27 63.77 12.34 -15.11
CA PRO IC 27 62.58 12.92 -15.71
C PRO IC 27 62.28 14.34 -15.24
N VAL IC 28 62.83 14.75 -14.11
CA VAL IC 28 62.65 16.12 -13.63
C VAL IC 28 63.57 17.04 -14.42
N VAL IC 29 64.78 16.58 -14.72
CA VAL IC 29 65.74 17.36 -15.51
C VAL IC 29 65.33 17.41 -16.98
N ARG IC 30 64.88 16.28 -17.52
CA ARG IC 30 64.33 16.24 -18.89
C ARG IC 30 63.10 17.13 -19.06
N MET IC 31 62.35 17.35 -17.98
CA MET IC 31 61.29 18.36 -17.95
C MET IC 31 61.93 19.75 -18.16
N GLY IC 32 62.97 20.02 -17.37
CA GLY IC 32 63.74 21.27 -17.48
C GLY IC 32 63.79 21.96 -16.14
N LYS IC 33 64.42 21.31 -15.17
CA LYS IC 33 64.52 21.79 -13.79
C LYS IC 33 65.89 21.46 -13.20
N LEU IC 34 66.18 22.05 -12.05
CA LEU IC 34 67.46 21.86 -11.36
C LEU IC 34 67.38 20.73 -10.32
N CYS IC 35 66.99 19.54 -10.79
CA CYS IC 35 66.89 18.36 -9.92
C CYS IC 35 68.27 17.77 -9.66
N ILE IC 36 69.09 17.71 -10.70
CA ILE IC 36 70.47 17.22 -10.61
C ILE IC 36 71.39 18.18 -11.34
N GLU IC 37 72.57 18.43 -10.75
CA GLU IC 37 73.63 19.28 -11.32
C GLU IC 37 74.96 18.52 -11.31
N VAL IC 38 75.62 18.45 -12.46
CA VAL IC 38 76.76 17.54 -12.67
C VAL IC 38 77.87 18.16 -13.53
N THR IC 39 77.65 18.23 -14.85
CA THR IC 39 78.69 18.59 -15.86
C THR IC 39 79.81 17.55 -15.96
N PRO IC 40 80.55 17.51 -17.09
CA PRO IC 40 81.70 16.59 -17.14
C PRO IC 40 82.79 16.96 -16.12
N GLN IC 41 82.93 18.26 -15.87
CA GLN IC 41 83.86 18.78 -14.87
C GLN IC 41 83.19 18.79 -13.49
N SER IC 42 83.96 19.22 -12.48
CA SER IC 42 83.53 19.26 -11.08
C SER IC 42 83.51 17.86 -10.47
N LYS IC 43 83.57 17.82 -9.15
CA LYS IC 43 83.67 16.57 -8.40
C LYS IC 43 82.39 16.34 -7.62
N ILE IC 44 81.88 15.10 -7.70
CA ILE IC 44 80.60 14.68 -7.10
C ILE IC 44 79.41 15.34 -7.81
N ALA IC 45 78.31 14.58 -7.89
CA ALA IC 45 77.05 15.08 -8.44
C ALA IC 45 76.15 15.58 -7.30
N TRP IC 46 75.46 16.68 -7.53
CA TRP IC 46 74.52 17.23 -6.56
C TRP IC 46 73.10 16.95 -7.00
N ILE IC 47 72.23 16.65 -6.04
CA ILE IC 47 70.81 16.40 -6.28
C ILE IC 47 69.98 17.21 -5.28
N SER IC 48 68.92 17.84 -5.79
CA SER IC 48 67.99 18.59 -4.96
C SER IC 48 66.92 17.62 -4.49
N GLU IC 49 67.02 17.20 -3.23
CA GLU IC 49 66.03 16.28 -2.64
C GLU IC 49 64.64 16.92 -2.46
N THR IC 50 64.55 18.25 -2.61
CA THR IC 50 63.28 18.93 -2.74
C THR IC 50 62.62 18.58 -4.07
N LEU IC 51 63.33 18.84 -5.16
CA LEU IC 51 62.81 18.63 -6.52
C LEU IC 51 62.75 17.16 -6.94
N CYS IC 52 63.57 16.33 -6.31
CA CYS IC 52 63.63 14.91 -6.61
C CYS IC 52 62.28 14.21 -6.36
N ILE IC 53 61.84 13.43 -7.34
CA ILE IC 53 60.64 12.60 -7.22
C ILE IC 53 60.91 11.42 -6.31
N GLY IC 54 62.06 10.78 -6.54
CA GLY IC 54 62.33 9.45 -6.01
C GLY IC 54 61.72 8.44 -6.95
N CYS IC 55 61.91 8.65 -8.25
CA CYS IC 55 61.47 7.70 -9.26
C CYS IC 55 62.34 6.44 -9.26
N GLY IC 56 63.59 6.58 -8.82
CA GLY IC 56 64.54 5.48 -8.76
C GLY IC 56 65.10 5.13 -10.12
N ILE IC 57 65.33 6.16 -10.95
CA ILE IC 57 65.88 5.98 -12.29
C ILE IC 57 67.37 6.25 -12.29
N CYS IC 58 67.77 7.41 -11.78
CA CYS IC 58 69.18 7.81 -11.74
C CYS IC 58 70.10 6.78 -11.09
N ILE IC 59 69.60 6.08 -10.08
CA ILE IC 59 70.38 5.03 -9.39
C ILE IC 59 70.65 3.86 -10.33
N LYS IC 60 69.61 3.45 -11.06
CA LYS IC 60 69.74 2.38 -12.05
C LYS IC 60 70.70 2.72 -13.20
N LYS IC 61 70.75 3.99 -13.59
CA LYS IC 61 71.61 4.44 -14.70
C LYS IC 61 73.07 4.56 -14.31
N CYS IC 62 73.35 5.37 -13.29
CA CYS IC 62 74.72 5.68 -12.85
C CYS IC 62 75.61 4.43 -12.85
N PRO IC 63 76.80 4.50 -13.49
CA PRO IC 63 77.52 3.28 -13.80
C PRO IC 63 78.23 2.61 -12.60
N PHE IC 64 78.55 3.40 -11.58
CA PHE IC 64 79.33 2.92 -10.42
C PHE IC 64 78.49 2.42 -9.27
N GLY IC 65 77.20 2.78 -9.25
CA GLY IC 65 76.35 2.62 -8.07
C GLY IC 65 76.63 3.72 -7.07
N ALA IC 66 76.86 4.93 -7.58
CA ALA IC 66 77.22 6.08 -6.76
C ALA IC 66 76.02 6.65 -6.03
N LEU IC 67 74.88 6.66 -6.70
CA LEU IC 67 73.67 7.28 -6.18
C LEU IC 67 72.81 6.33 -5.35
N SER IC 68 72.20 6.90 -4.30
CA SER IC 68 71.14 6.26 -3.55
C SER IC 68 70.06 7.28 -3.21
N ILE IC 69 68.83 6.81 -3.14
CA ILE IC 69 67.69 7.62 -2.74
C ILE IC 69 66.93 6.79 -1.71
N VAL IC 70 66.81 7.30 -0.49
CA VAL IC 70 66.06 6.60 0.57
C VAL IC 70 64.87 7.43 1.03
N ASN IC 71 63.96 6.77 1.75
CA ASN IC 71 62.80 7.42 2.31
C ASN IC 71 62.90 7.47 3.83
N LEU IC 72 62.85 8.70 4.36
CA LEU IC 72 62.91 8.94 5.80
C LEU IC 72 61.60 9.64 6.22
N PRO IC 73 61.06 9.31 7.40
CA PRO IC 73 59.87 10.03 7.89
C PRO IC 73 60.06 11.55 8.05
N SER IC 74 59.00 12.30 7.79
CA SER IC 74 59.05 13.77 7.84
C SER IC 74 59.14 14.34 9.27
N ASN IC 75 58.89 13.50 10.28
CA ASN IC 75 59.04 13.86 11.70
C ASN IC 75 60.49 14.21 12.05
N LEU IC 76 61.42 13.51 11.40
CA LEU IC 76 62.86 13.59 11.71
C LEU IC 76 63.51 14.90 11.30
N GLU IC 77 63.01 15.52 10.23
CA GLU IC 77 63.58 16.78 9.68
C GLU IC 77 63.77 17.91 10.70
N LYS IC 78 62.92 17.97 11.72
CA LYS IC 78 63.07 18.94 12.82
C LYS IC 78 64.26 18.60 13.71
N GLU IC 79 64.47 17.31 13.97
CA GLU IC 79 65.45 16.82 14.95
C GLU IC 79 66.75 16.33 14.33
N THR IC 80 67.28 17.08 13.36
CA THR IC 80 68.57 16.78 12.73
C THR IC 80 69.69 17.44 13.53
N THR IC 81 70.60 16.64 14.07
CA THR IC 81 71.72 17.16 14.86
C THR IC 81 72.99 17.38 14.04
N HIS IC 82 73.15 16.65 12.92
CA HIS IC 82 74.30 16.86 12.04
C HIS IC 82 74.06 16.41 10.60
N ARG IC 83 74.60 17.17 9.65
CA ARG IC 83 74.74 16.76 8.25
C ARG IC 83 75.98 17.41 7.66
N TYR IC 84 76.93 16.60 7.21
CA TYR IC 84 78.26 17.10 6.82
C TYR IC 84 78.24 17.87 5.51
N CYS IC 85 77.66 17.26 4.49
CA CYS IC 85 77.56 17.86 3.16
C CYS IC 85 76.17 17.63 2.59
N ALA IC 86 75.92 18.27 1.44
CA ALA IC 86 74.74 17.97 0.65
C ALA IC 86 74.90 16.56 0.08
N ASN IC 87 73.78 15.87 -0.06
CA ASN IC 87 73.75 14.48 -0.55
C ASN IC 87 74.71 13.56 0.21
N ALA IC 88 74.63 13.65 1.54
CA ALA IC 88 75.48 12.90 2.45
C ALA IC 88 74.66 12.44 3.66
N PHE IC 89 75.35 11.92 4.67
CA PHE IC 89 74.70 11.37 5.86
C PHE IC 89 74.02 12.45 6.71
N LYS IC 90 72.92 12.06 7.35
CA LYS IC 90 72.05 12.95 8.11
C LYS IC 90 71.74 12.36 9.51
N LEU IC 91 72.46 12.83 10.53
CA LEU IC 91 72.29 12.32 11.91
C LEU IC 91 71.14 13.04 12.61
N HIS IC 92 70.28 12.28 13.28
CA HIS IC 92 69.19 12.83 14.09
C HIS IC 92 69.38 12.55 15.56
N ARG IC 93 69.28 13.60 16.38
CA ARG IC 93 69.44 13.53 17.84
C ARG IC 93 70.85 13.13 18.24
N LEU IC 94 71.13 13.21 19.53
CA LEU IC 94 72.39 12.74 20.09
C LEU IC 94 72.08 11.93 21.34
N PRO IC 95 72.99 11.02 21.72
CA PRO IC 95 72.79 10.32 22.98
C PRO IC 95 72.92 11.30 24.14
N ILE IC 96 72.37 10.95 25.29
CA ILE IC 96 72.20 11.89 26.40
C ILE IC 96 73.16 11.50 27.52
N PRO IC 97 74.47 11.80 27.37
CA PRO IC 97 75.42 11.33 28.38
C PRO IC 97 75.13 11.92 29.75
N ARG IC 98 75.07 11.04 30.75
CA ARG IC 98 74.79 11.43 32.13
C ARG IC 98 76.06 11.31 32.96
N PRO IC 99 76.33 12.31 33.82
CA PRO IC 99 77.56 12.28 34.60
C PRO IC 99 77.52 11.22 35.69
N GLY IC 100 78.60 10.44 35.79
CA GLY IC 100 78.70 9.32 36.72
C GLY IC 100 77.80 8.15 36.38
N GLU IC 101 77.56 7.94 35.08
CA GLU IC 101 76.75 6.84 34.57
C GLU IC 101 77.26 6.43 33.19
N VAL IC 102 77.56 5.14 33.03
CA VAL IC 102 78.14 4.61 31.79
C VAL IC 102 77.06 4.44 30.71
N LEU IC 103 77.12 5.31 29.70
CA LEU IC 103 76.20 5.26 28.56
C LEU IC 103 76.56 4.11 27.64
N GLY IC 104 75.56 3.31 27.27
CA GLY IC 104 75.73 2.19 26.35
C GLY IC 104 75.01 2.40 25.04
N LEU IC 105 75.75 2.81 24.02
CA LEU IC 105 75.20 2.90 22.66
C LEU IC 105 75.10 1.50 22.09
N VAL IC 106 73.96 1.19 21.48
CA VAL IC 106 73.77 -0.09 20.81
C VAL IC 106 73.06 0.13 19.48
N GLY IC 107 73.61 -0.48 18.44
CA GLY IC 107 73.15 -0.25 17.07
C GLY IC 107 74.26 -0.53 16.07
N THR IC 108 73.86 -0.96 14.88
CA THR IC 108 74.78 -1.33 13.82
C THR IC 108 75.56 -0.12 13.28
N ASN IC 109 76.69 -0.41 12.64
CA ASN IC 109 77.58 0.62 12.13
C ASN IC 109 77.06 1.22 10.82
N GLY IC 110 77.58 2.39 10.51
CA GLY IC 110 77.10 3.18 9.38
C GLY IC 110 75.81 3.95 9.67
N ILE IC 111 75.47 4.10 10.95
CA ILE IC 111 74.26 4.82 11.37
C ILE IC 111 74.68 5.98 12.26
N GLY IC 112 75.62 6.79 11.75
CA GLY IC 112 76.07 8.03 12.41
C GLY IC 112 76.57 7.88 13.84
N LYS IC 113 77.20 6.75 14.13
CA LYS IC 113 77.68 6.45 15.48
C LYS IC 113 78.97 7.20 15.74
N SER IC 114 79.87 7.19 14.76
CA SER IC 114 81.17 7.86 14.89
C SER IC 114 81.03 9.38 15.01
N THR IC 115 80.14 9.96 14.21
CA THR IC 115 79.92 11.40 14.21
C THR IC 115 79.36 11.87 15.55
N ALA IC 116 78.48 11.06 16.13
CA ALA IC 116 77.96 11.33 17.46
C ALA IC 116 79.09 11.34 18.50
N LEU IC 117 79.96 10.33 18.45
CA LEU IC 117 81.10 10.25 19.37
C LEU IC 117 82.02 11.46 19.25
N LYS IC 118 82.26 11.90 18.02
CA LYS IC 118 83.04 13.12 17.76
C LYS IC 118 82.38 14.38 18.30
N ILE IC 119 81.07 14.48 18.14
CA ILE IC 119 80.28 15.60 18.65
C ILE IC 119 80.38 15.66 20.18
N LEU IC 120 80.20 14.50 20.82
CA LEU IC 120 80.22 14.44 22.29
C LEU IC 120 81.62 14.68 22.84
N ALA IC 121 82.64 14.16 22.16
CA ALA IC 121 84.03 14.51 22.45
C ALA IC 121 84.25 16.03 22.39
N GLY IC 122 83.64 16.68 21.41
CA GLY IC 122 83.75 18.12 21.21
C GLY IC 122 84.64 18.49 20.04
N LYS IC 123 85.06 17.48 19.27
CA LYS IC 123 85.81 17.70 18.04
C LYS IC 123 84.91 18.39 17.02
N GLN IC 124 83.76 17.76 16.75
CA GLN IC 124 82.82 18.25 15.75
C GLN IC 124 81.75 19.14 16.38
N LYS IC 125 81.62 20.36 15.88
CA LYS IC 125 80.51 21.22 16.24
C LYS IC 125 79.27 20.68 15.51
N PRO IC 126 78.16 20.45 16.23
CA PRO IC 126 76.91 20.10 15.54
C PRO IC 126 76.49 21.23 14.59
N ASN IC 127 76.61 20.99 13.29
CA ASN IC 127 76.10 21.96 12.31
C ASN IC 127 74.58 21.94 12.21
N LEU IC 128 73.94 20.91 12.75
CA LEU IC 128 72.50 20.90 12.98
C LEU IC 128 71.69 20.75 11.68
N GLY IC 129 72.34 20.22 10.64
CA GLY IC 129 71.76 20.13 9.31
C GLY IC 129 71.75 21.42 8.50
N LYS IC 130 72.70 22.31 8.75
CA LYS IC 130 72.77 23.61 8.06
C LYS IC 130 73.84 23.61 6.97
N TYR IC 131 75.05 23.21 7.35
CA TYR IC 131 76.22 23.10 6.44
C TYR IC 131 76.38 24.22 5.41
N ASP IC 136 78.09 29.44 16.13
CA ASP IC 136 76.75 28.90 16.37
C ASP IC 136 76.51 28.46 17.83
N TRP IC 137 77.54 28.46 18.69
CA TRP IC 137 77.43 27.72 19.97
C TRP IC 137 76.28 28.13 20.89
N GLN IC 138 75.89 29.41 20.86
CA GLN IC 138 74.68 29.85 21.55
C GLN IC 138 73.42 29.28 20.89
N GLU IC 139 73.39 29.29 19.56
CA GLU IC 139 72.28 28.71 18.79
C GLU IC 139 72.15 27.21 18.99
N ILE IC 140 73.28 26.53 19.10
CA ILE IC 140 73.31 25.10 19.37
C ILE IC 140 72.80 24.82 20.78
N LEU IC 141 73.23 25.62 21.75
CA LEU IC 141 72.78 25.44 23.14
C LEU IC 141 71.29 25.71 23.34
N THR IC 142 70.76 26.69 22.62
CA THR IC 142 69.31 26.95 22.62
C THR IC 142 68.51 25.80 22.01
N TYR IC 143 69.07 25.20 20.96
CA TYR IC 143 68.47 24.01 20.34
C TYR IC 143 68.41 22.83 21.31
N PHE IC 144 69.44 22.70 22.16
CA PHE IC 144 69.54 21.60 23.10
C PHE IC 144 68.95 21.84 24.51
N ARG IC 145 68.13 22.87 24.71
CA ARG IC 145 67.57 23.14 26.05
C ARG IC 145 66.51 22.15 26.51
N GLY IC 146 66.24 22.19 27.81
CA GLY IC 146 65.30 21.27 28.47
C GLY IC 146 65.82 19.85 28.62
N SER IC 147 67.12 19.65 28.35
CA SER IC 147 67.73 18.33 28.32
C SER IC 147 69.17 18.43 28.80
N GLU IC 148 69.71 17.30 29.26
CA GLU IC 148 71.07 17.29 29.79
C GLU IC 148 72.15 17.61 28.75
N LEU IC 149 71.79 17.58 27.47
CA LEU IC 149 72.70 17.97 26.38
C LEU IC 149 73.24 19.39 26.54
N GLN IC 150 72.37 20.35 26.85
CA GLN IC 150 72.82 21.74 27.03
C GLN IC 150 73.74 21.87 28.24
N ASN IC 151 73.46 21.09 29.28
CA ASN IC 151 74.33 20.99 30.45
C ASN IC 151 75.72 20.50 30.02
N TYR IC 152 75.73 19.38 29.29
CA TYR IC 152 76.95 18.75 28.80
C TYR IC 152 77.81 19.71 27.98
N PHE IC 153 77.21 20.39 27.02
CA PHE IC 153 77.96 21.29 26.14
C PHE IC 153 78.43 22.55 26.83
N THR IC 154 77.61 23.10 27.73
CA THR IC 154 78.03 24.23 28.56
C THR IC 154 79.26 23.86 29.40
N LYS IC 155 79.22 22.67 30.01
CA LYS IC 155 80.39 22.13 30.73
C LYS IC 155 81.63 22.07 29.84
N ILE IC 156 81.46 21.57 28.61
CA ILE IC 156 82.56 21.50 27.63
C ILE IC 156 83.16 22.87 27.31
N LEU IC 157 82.31 23.86 27.07
CA LEU IC 157 82.74 25.11 26.43
C LEU IC 157 83.53 26.09 27.30
N GLU IC 158 83.34 26.07 28.62
CA GLU IC 158 84.10 26.96 29.53
C GLU IC 158 85.14 26.18 30.35
N ASP IC 159 84.72 25.08 30.97
CA ASP IC 159 85.64 24.14 31.60
C ASP IC 159 86.09 23.17 30.51
N ASP IC 160 87.36 23.26 30.11
CA ASP IC 160 87.86 22.48 28.99
C ASP IC 160 87.96 21.00 29.36
N LEU IC 161 86.86 20.28 29.17
CA LEU IC 161 86.81 18.82 29.41
C LEU IC 161 87.67 18.09 28.39
N LYS IC 162 88.41 17.08 28.87
CA LYS IC 162 89.38 16.36 28.06
C LYS IC 162 88.70 15.13 27.44
N ALA IC 163 88.52 15.14 26.13
CA ALA IC 163 87.90 14.03 25.41
C ALA IC 163 88.93 12.97 25.06
N ILE IC 164 88.74 11.76 25.58
CA ILE IC 164 89.65 10.65 25.32
C ILE IC 164 88.87 9.48 24.74
N ILE IC 165 89.42 8.91 23.67
CA ILE IC 165 88.78 7.88 22.89
C ILE IC 165 89.65 6.61 22.81
N LYS IC 166 89.18 5.56 23.49
CA LYS IC 166 89.63 4.20 23.21
C LYS IC 166 89.12 3.89 21.79
N PRO IC 167 90.04 3.67 20.83
CA PRO IC 167 89.62 3.52 19.44
C PRO IC 167 89.07 2.13 19.11
N GLN IC 168 88.37 2.06 17.97
CA GLN IC 168 87.82 0.79 17.46
C GLN IC 168 88.95 -0.04 16.89
N TYR IC 169 89.68 0.55 15.95
CA TYR IC 169 90.76 -0.12 15.21
C TYR IC 169 92.00 -0.23 16.09
N VAL IC 170 92.29 -1.45 16.52
CA VAL IC 170 93.38 -1.72 17.47
C VAL IC 170 94.70 -2.03 16.75
N ASP IC 171 94.61 -2.61 15.56
CA ASP IC 171 95.80 -3.01 14.79
C ASP IC 171 96.60 -1.85 14.21
N GLN IC 172 96.02 -0.65 14.16
CA GLN IC 172 96.74 0.56 13.73
C GLN IC 172 97.58 1.22 14.83
N ILE IC 173 97.38 0.82 16.09
CA ILE IC 173 98.13 1.39 17.22
C ILE IC 173 99.61 0.95 17.25
N PRO IC 174 99.90 -0.35 17.03
CA PRO IC 174 101.30 -0.80 16.93
C PRO IC 174 102.19 -0.03 15.96
N LYS IC 175 101.64 0.35 14.80
CA LYS IC 175 102.35 1.13 13.78
C LYS IC 175 102.14 2.64 14.02
N ALA IC 176 102.63 3.11 15.16
CA ALA IC 176 102.52 4.52 15.57
C ALA IC 176 103.39 4.80 16.79
N ALA IC 177 103.09 4.11 17.89
CA ALA IC 177 103.87 4.20 19.13
C ALA IC 177 105.02 3.19 19.12
N LYS IC 178 106.05 3.46 19.92
CA LYS IC 178 107.23 2.60 20.03
C LYS IC 178 107.70 2.44 21.46
N GLY IC 179 108.51 1.40 21.69
CA GLY IC 179 109.01 1.05 23.02
C GLY IC 179 108.21 -0.06 23.65
N THR IC 180 108.49 -0.32 24.93
CA THR IC 180 107.82 -1.38 25.68
C THR IC 180 106.41 -0.97 26.12
N VAL IC 181 105.66 -1.93 26.66
CA VAL IC 181 104.34 -1.68 27.24
C VAL IC 181 104.48 -0.83 28.51
N GLY IC 182 105.41 -1.23 29.37
CA GLY IC 182 105.68 -0.53 30.63
C GLY IC 182 106.14 0.92 30.47
N SER IC 183 106.93 1.18 29.42
CA SER IC 183 107.44 2.52 29.15
C SER IC 183 106.35 3.53 28.77
N ILE IC 184 105.41 3.10 27.92
CA ILE IC 184 104.31 3.97 27.46
C ILE IC 184 103.36 4.30 28.61
N LEU IC 185 103.07 3.31 29.46
CA LEU IC 185 102.25 3.50 30.65
C LEU IC 185 102.90 4.51 31.61
N ASP IC 186 104.21 4.36 31.84
CA ASP IC 186 104.99 5.31 32.65
C ASP IC 186 104.96 6.73 32.10
N ARG IC 187 105.05 6.87 30.78
CA ARG IC 187 104.96 8.17 30.11
C ARG IC 187 103.59 8.86 30.29
N LYS IC 188 102.52 8.08 30.17
CA LYS IC 188 101.15 8.60 30.21
C LYS IC 188 100.53 8.75 31.61
N ASP IC 189 101.32 8.51 32.67
CA ASP IC 189 100.82 8.66 34.05
C ASP IC 189 100.33 10.07 34.39
N GLU IC 190 99.12 10.11 34.95
CA GLU IC 190 98.54 11.33 35.51
C GLU IC 190 97.91 11.04 36.87
N THR IC 191 97.04 10.02 36.92
CA THR IC 191 96.50 9.49 38.18
C THR IC 191 97.56 8.83 39.07
N LYS IC 192 98.60 8.27 38.45
CA LYS IC 192 99.63 7.46 39.12
C LYS IC 192 99.02 6.19 39.73
N THR IC 193 98.27 5.46 38.90
CA THR IC 193 97.65 4.20 39.28
C THR IC 193 97.91 3.15 38.18
N GLN IC 194 99.18 2.83 38.00
CA GLN IC 194 99.61 1.84 37.02
C GLN IC 194 99.30 0.45 37.56
N ALA IC 195 99.82 0.18 38.76
CA ALA IC 195 99.81 -1.17 39.35
C ALA IC 195 98.42 -1.76 39.52
N ILE IC 196 97.50 -0.97 40.08
CA ILE IC 196 96.12 -1.42 40.34
C ILE IC 196 95.40 -1.74 39.02
N VAL IC 197 95.55 -0.86 38.03
CA VAL IC 197 94.98 -1.06 36.70
C VAL IC 197 95.59 -2.30 36.02
N CYS IC 198 96.90 -2.46 36.16
CA CYS IC 198 97.62 -3.62 35.61
C CYS IC 198 97.18 -4.95 36.26
N GLN IC 199 96.95 -4.95 37.57
CA GLN IC 199 96.44 -6.14 38.27
C GLN IC 199 95.00 -6.47 37.85
N GLN IC 200 94.18 -5.45 37.65
CA GLN IC 200 92.81 -5.64 37.14
C GLN IC 200 92.80 -6.22 35.73
N LEU IC 201 93.63 -5.66 34.85
CA LEU IC 201 93.70 -6.08 33.44
C LEU IC 201 94.81 -7.10 33.11
N ASP IC 202 95.53 -7.58 34.13
CA ASP IC 202 96.63 -8.54 33.97
C ASP IC 202 97.66 -8.09 32.92
N LEU IC 203 98.48 -7.10 33.31
CA LEU IC 203 99.61 -6.63 32.51
C LEU IC 203 100.94 -6.83 33.26
N THR IC 204 101.01 -7.84 34.11
CA THR IC 204 102.22 -8.15 34.88
C THR IC 204 103.28 -8.78 33.97
N HIS IC 205 102.86 -9.76 33.18
CA HIS IC 205 103.73 -10.42 32.20
C HIS IC 205 104.06 -9.49 31.02
N LEU IC 206 103.12 -8.62 30.68
CA LEU IC 206 103.18 -7.85 29.42
C LEU IC 206 104.03 -6.57 29.49
N LYS IC 207 104.23 -6.02 30.69
CA LYS IC 207 105.04 -4.80 30.90
C LYS IC 207 106.39 -4.76 30.16
N GLU IC 208 107.07 -5.91 30.11
CA GLU IC 208 108.39 -6.03 29.48
C GLU IC 208 108.32 -5.96 27.95
N ARG IC 209 107.28 -6.56 27.36
CA ARG IC 209 107.21 -6.75 25.90
C ARG IC 209 106.98 -5.45 25.14
N ASN IC 210 107.29 -5.50 23.84
CA ASN IC 210 107.00 -4.40 22.92
C ASN IC 210 105.56 -4.42 22.46
N VAL IC 211 105.13 -3.35 21.79
CA VAL IC 211 103.74 -3.19 21.37
C VAL IC 211 103.42 -4.08 20.16
N GLU IC 212 104.39 -4.22 19.26
CA GLU IC 212 104.24 -5.06 18.07
C GLU IC 212 104.07 -6.55 18.39
N ASP IC 213 104.71 -6.99 19.48
CA ASP IC 213 104.70 -8.41 19.89
C ASP IC 213 103.39 -8.88 20.53
N LEU IC 214 102.52 -7.95 20.93
CA LEU IC 214 101.25 -8.28 21.58
C LEU IC 214 100.24 -8.87 20.60
N SER IC 215 99.35 -9.71 21.13
CA SER IC 215 98.22 -10.24 20.36
C SER IC 215 97.09 -9.20 20.35
N GLY IC 216 95.92 -9.58 19.81
CA GLY IC 216 94.76 -8.70 19.77
C GLY IC 216 94.18 -8.40 21.16
N GLY IC 217 93.94 -9.47 21.92
CA GLY IC 217 93.39 -9.37 23.28
C GLY IC 217 94.26 -8.59 24.26
N GLU IC 218 95.57 -8.76 24.16
CA GLU IC 218 96.52 -8.04 25.02
C GLU IC 218 96.61 -6.56 24.64
N LEU IC 219 96.53 -6.28 23.34
CA LEU IC 219 96.47 -4.89 22.85
C LEU IC 219 95.26 -4.12 23.38
N GLN IC 220 94.11 -4.78 23.44
CA GLN IC 220 92.89 -4.17 23.99
C GLN IC 220 93.06 -3.83 25.47
N ARG IC 221 93.51 -4.81 26.23
CA ARG IC 221 93.84 -4.63 27.64
C ARG IC 221 94.77 -3.46 27.87
N PHE IC 222 95.79 -3.37 27.02
CA PHE IC 222 96.75 -2.25 27.03
C PHE IC 222 96.08 -0.90 26.79
N ALA IC 223 95.26 -0.84 25.74
CA ALA IC 223 94.59 0.41 25.35
C ALA IC 223 93.58 0.91 26.39
N CYS IC 224 92.81 -0.01 26.96
CA CYS IC 224 91.89 0.32 28.06
C CYS IC 224 92.64 0.81 29.31
N ALA IC 225 93.72 0.11 29.65
CA ALA IC 225 94.58 0.49 30.77
C ALA IC 225 95.16 1.90 30.62
N VAL IC 226 95.56 2.23 29.40
CA VAL IC 226 96.04 3.58 29.07
C VAL IC 226 94.96 4.64 29.29
N VAL IC 227 93.75 4.38 28.80
CA VAL IC 227 92.64 5.31 28.96
C VAL IC 227 92.26 5.48 30.43
N CYS IC 228 92.26 4.38 31.19
CA CYS IC 228 92.02 4.42 32.64
C CYS IC 228 93.04 5.26 33.41
N ILE IC 229 94.30 5.21 32.98
CA ILE IC 229 95.37 5.99 33.58
C ILE IC 229 95.19 7.50 33.34
N GLN IC 230 94.84 7.88 32.10
CA GLN IC 230 94.73 9.29 31.75
C GLN IC 230 93.62 10.00 32.53
N LYS IC 231 94.01 11.07 33.24
CA LYS IC 231 93.06 11.91 33.96
C LYS IC 231 92.28 12.73 32.95
N ALA IC 232 91.00 12.41 32.82
CA ALA IC 232 90.13 13.09 31.88
C ALA IC 232 88.67 12.84 32.22
N ASP IC 233 87.82 13.71 31.71
CA ASP IC 233 86.38 13.54 31.78
C ASP IC 233 85.98 12.87 30.47
N ILE IC 234 84.67 12.79 30.21
CA ILE IC 234 84.13 12.33 28.92
C ILE IC 234 84.93 11.21 28.24
N PHE IC 235 84.93 10.02 28.86
CA PHE IC 235 85.61 8.85 28.27
C PHE IC 235 84.73 8.23 27.18
N MET IC 236 85.29 8.11 25.98
CA MET IC 236 84.65 7.41 24.87
C MET IC 236 85.33 6.05 24.79
N PHE IC 237 84.54 4.98 24.85
CA PHE IC 237 85.05 3.61 24.68
C PHE IC 237 84.34 2.97 23.49
N ASP IC 238 85.12 2.62 22.47
CA ASP IC 238 84.57 2.07 21.22
C ASP IC 238 85.00 0.60 21.06
N GLU IC 239 84.08 -0.31 21.37
CA GLU IC 239 84.31 -1.76 21.29
C GLU IC 239 85.52 -2.24 22.08
N PRO IC 240 85.49 -2.10 23.42
CA PRO IC 240 86.59 -2.63 24.22
C PRO IC 240 86.65 -4.16 24.24
N SER IC 241 85.50 -4.82 24.20
CA SER IC 241 85.46 -6.30 24.29
C SER IC 241 86.05 -7.03 23.09
N SER IC 242 85.98 -6.43 21.90
CA SER IC 242 86.43 -7.12 20.68
C SER IC 242 87.91 -7.46 20.78
N TYR IC 243 88.26 -8.66 20.33
CA TYR IC 243 89.59 -9.30 20.54
C TYR IC 243 89.80 -9.95 21.92
N LEU IC 244 88.97 -9.65 22.93
CA LEU IC 244 89.19 -10.13 24.29
C LEU IC 244 88.62 -11.53 24.54
N ASP IC 245 89.05 -12.11 25.66
CA ASP IC 245 88.56 -13.38 26.17
C ASP IC 245 87.60 -13.13 27.34
N VAL IC 246 86.69 -14.09 27.54
CA VAL IC 246 85.57 -14.01 28.50
C VAL IC 246 85.89 -13.28 29.81
N LYS IC 247 86.85 -13.79 30.57
CA LYS IC 247 87.19 -13.18 31.85
C LYS IC 247 87.92 -11.83 31.69
N GLN IC 248 88.60 -11.64 30.55
CA GLN IC 248 89.31 -10.38 30.27
C GLN IC 248 88.32 -9.25 30.01
N ARG IC 249 87.32 -9.52 29.19
CA ARG IC 249 86.26 -8.55 28.89
C ARG IC 249 85.37 -8.18 30.08
N LEU IC 250 85.21 -9.09 31.04
CA LEU IC 250 84.52 -8.76 32.30
C LEU IC 250 85.37 -7.85 33.18
N LYS IC 251 86.65 -8.18 33.30
CA LYS IC 251 87.60 -7.33 34.03
C LYS IC 251 87.65 -5.92 33.45
N ALA IC 252 87.73 -5.83 32.12
CA ALA IC 252 87.70 -4.54 31.41
C ALA IC 252 86.42 -3.75 31.68
N ALA IC 253 85.29 -4.44 31.77
CA ALA IC 253 84.03 -3.83 32.16
C ALA IC 253 84.09 -3.30 33.59
N ILE IC 254 84.62 -4.11 34.51
CA ILE IC 254 84.77 -3.74 35.91
C ILE IC 254 85.67 -2.51 36.07
N THR IC 255 86.76 -2.47 35.32
CA THR IC 255 87.66 -1.31 35.37
C THR IC 255 86.96 -0.03 34.93
N ILE IC 256 86.21 -0.12 33.83
CA ILE IC 256 85.50 1.03 33.29
C ILE IC 256 84.41 1.49 34.26
N ARG IC 257 83.73 0.54 34.90
CA ARG IC 257 82.75 0.86 35.94
C ARG IC 257 83.42 1.50 37.16
N SER IC 258 84.65 1.10 37.46
CA SER IC 258 85.47 1.71 38.52
C SER IC 258 85.92 3.15 38.20
N LEU IC 259 86.08 3.47 36.92
CA LEU IC 259 86.40 4.85 36.49
C LEU IC 259 85.33 5.89 36.80
N ILE IC 260 84.08 5.45 37.04
CA ILE IC 260 82.98 6.35 37.37
C ILE IC 260 83.28 7.23 38.59
N ASN IC 261 83.43 8.53 38.33
CA ASN IC 261 83.23 9.57 39.34
C ASN IC 261 81.98 10.34 38.94
N PRO IC 262 81.37 11.09 39.88
CA PRO IC 262 80.28 12.01 39.52
C PRO IC 262 80.70 13.18 38.61
N ASP IC 263 82.01 13.45 38.53
CA ASP IC 263 82.57 14.39 37.55
C ASP IC 263 82.52 13.83 36.12
N ARG IC 264 83.10 12.64 35.95
CA ARG IC 264 83.32 12.05 34.62
C ARG IC 264 82.04 11.57 33.95
N TYR IC 265 81.89 11.92 32.68
CA TYR IC 265 80.98 11.23 31.76
C TYR IC 265 81.73 10.05 31.14
N ILE IC 266 81.05 8.90 31.01
CA ILE IC 266 81.60 7.72 30.34
C ILE IC 266 80.59 7.28 29.27
N ILE IC 267 81.10 6.87 28.11
CA ILE IC 267 80.26 6.44 26.98
C ILE IC 267 80.89 5.21 26.34
N VAL IC 268 80.47 4.03 26.78
CA VAL IC 268 80.94 2.78 26.17
C VAL IC 268 80.16 2.48 24.89
N VAL IC 269 80.74 1.65 24.03
CA VAL IC 269 80.04 1.12 22.86
C VAL IC 269 80.39 -0.36 22.71
N GLU IC 270 79.43 -1.21 23.08
CA GLU IC 270 79.61 -2.66 23.03
C GLU IC 270 78.64 -3.29 22.03
N HIS IC 271 79.09 -4.38 21.42
CA HIS IC 271 78.23 -5.21 20.58
C HIS IC 271 77.94 -6.57 21.22
N ASP IC 272 78.84 -7.07 22.07
CA ASP IC 272 78.49 -8.18 22.95
C ASP IC 272 77.47 -7.62 23.95
N LEU IC 273 76.27 -8.16 23.89
CA LEU IC 273 75.14 -7.60 24.62
C LEU IC 273 75.23 -7.87 26.11
N SER IC 274 75.68 -9.07 26.49
CA SER IC 274 75.88 -9.39 27.91
C SER IC 274 76.94 -8.50 28.58
N VAL IC 275 77.98 -8.14 27.81
CA VAL IC 275 79.05 -7.27 28.29
C VAL IC 275 78.56 -5.83 28.42
N LEU IC 276 77.85 -5.36 27.40
CA LEU IC 276 77.18 -4.05 27.42
C LEU IC 276 76.27 -3.91 28.63
N ASP IC 277 75.44 -4.94 28.83
CA ASP IC 277 74.54 -5.03 29.97
C ASP IC 277 75.30 -4.83 31.29
N TYR IC 278 76.40 -5.56 31.45
CA TYR IC 278 77.25 -5.48 32.64
C TYR IC 278 77.86 -4.09 32.80
N LEU IC 279 78.31 -3.51 31.70
CA LEU IC 279 78.93 -2.19 31.70
C LEU IC 279 77.98 -1.08 32.14
N SER IC 280 76.89 -0.95 31.41
CA SER IC 280 76.08 0.27 31.46
C SER IC 280 75.06 0.31 32.60
N ASP IC 281 74.45 1.48 32.74
CA ASP IC 281 73.31 1.72 33.64
C ASP IC 281 72.25 2.58 32.94
N PHE IC 282 72.30 2.62 31.61
CA PHE IC 282 71.74 3.72 30.84
C PHE IC 282 72.07 3.46 29.37
N ILE IC 283 71.06 3.35 28.49
CA ILE IC 283 71.30 2.93 27.09
C ILE IC 283 70.52 3.74 26.05
N CYS IC 284 71.14 3.96 24.88
CA CYS IC 284 70.56 4.74 23.77
C CYS IC 284 70.80 4.06 22.42
N CYS IC 285 69.72 3.67 21.74
CA CYS IC 285 69.81 2.95 20.46
C CYS IC 285 70.03 3.86 19.24
N LEU IC 286 70.50 3.25 18.14
CA LEU IC 286 70.91 3.97 16.93
C LEU IC 286 70.34 3.32 15.66
N TYR IC 287 69.08 3.63 15.37
CA TYR IC 287 68.42 3.06 14.19
C TYR IC 287 68.41 4.04 13.03
N GLY IC 288 68.51 3.47 11.83
CA GLY IC 288 68.44 4.23 10.59
C GLY IC 288 68.80 3.32 9.42
N VAL IC 289 68.78 3.88 8.22
CA VAL IC 289 69.29 3.15 7.07
C VAL IC 289 70.81 3.31 7.09
N PRO IC 290 71.55 2.18 7.00
CA PRO IC 290 73.00 2.33 7.07
C PRO IC 290 73.53 3.13 5.89
N SER IC 291 74.44 4.06 6.18
CA SER IC 291 75.08 4.95 5.20
C SER IC 291 74.25 6.17 4.74
N ALA IC 292 72.95 6.19 5.06
CA ALA IC 292 72.02 7.23 4.58
C ALA IC 292 71.59 8.18 5.68
N TYR IC 293 71.10 7.63 6.79
CA TYR IC 293 70.77 8.44 7.96
C TYR IC 293 70.71 7.60 9.24
N GLY IC 294 70.70 8.29 10.38
CA GLY IC 294 70.71 7.64 11.69
C GLY IC 294 70.01 8.45 12.78
N VAL IC 295 69.28 7.73 13.63
CA VAL IC 295 68.47 8.34 14.68
C VAL IC 295 68.94 7.80 16.02
N VAL IC 296 69.26 8.69 16.95
CA VAL IC 296 69.61 8.31 18.30
C VAL IC 296 68.35 8.33 19.14
N THR IC 297 67.93 7.16 19.65
CA THR IC 297 66.70 7.08 20.46
C THR IC 297 66.82 7.85 21.77
N MET IC 298 65.67 8.01 22.44
CA MET IC 298 65.64 8.55 23.79
C MET IC 298 66.30 7.53 24.74
N PRO IC 299 66.81 7.99 25.88
CA PRO IC 299 67.57 7.09 26.75
C PRO IC 299 66.69 6.18 27.59
N PHE IC 300 66.78 4.87 27.34
CA PHE IC 300 66.05 3.87 28.10
C PHE IC 300 66.95 3.33 29.20
N SER IC 301 66.43 2.37 29.96
CA SER IC 301 67.24 1.61 30.92
C SER IC 301 68.19 0.70 30.17
N VAL IC 302 69.00 -0.06 30.91
CA VAL IC 302 69.88 -1.05 30.30
C VAL IC 302 69.02 -2.15 29.70
N ARG IC 303 68.17 -2.72 30.53
CA ARG IC 303 67.31 -3.82 30.16
C ARG IC 303 66.34 -3.45 29.04
N GLU IC 304 65.65 -2.32 29.21
CA GLU IC 304 64.63 -1.85 28.26
C GLU IC 304 65.23 -1.52 26.90
N GLY IC 305 66.35 -0.80 26.92
CA GLY IC 305 67.05 -0.40 25.71
C GLY IC 305 67.48 -1.55 24.83
N ILE IC 306 67.99 -2.62 25.45
CA ILE IC 306 68.45 -3.79 24.70
C ILE IC 306 67.27 -4.63 24.22
N ASN IC 307 66.19 -4.72 25.01
CA ASN IC 307 64.94 -5.33 24.53
C ASN IC 307 64.38 -4.61 23.30
N ILE IC 308 64.38 -3.28 23.33
CA ILE IC 308 63.98 -2.46 22.17
C ILE IC 308 64.85 -2.77 20.97
N PHE IC 309 66.14 -2.90 21.21
CA PHE IC 309 67.08 -3.23 20.15
C PHE IC 309 66.82 -4.61 19.55
N LEU IC 310 66.49 -5.59 20.38
CA LEU IC 310 66.20 -6.94 19.89
C LEU IC 310 64.86 -7.02 19.16
N ASP IC 311 63.85 -6.30 19.64
CA ASP IC 311 62.54 -6.25 18.97
C ASP IC 311 62.59 -5.58 17.60
N GLY IC 312 63.47 -4.59 17.44
CA GLY IC 312 63.48 -3.75 16.25
C GLY IC 312 62.25 -2.86 16.20
N TYR IC 313 61.81 -2.43 17.38
CA TYR IC 313 60.57 -1.70 17.52
C TYR IC 313 60.67 -0.75 18.71
N VAL IC 314 60.76 0.55 18.42
CA VAL IC 314 60.75 1.56 19.46
C VAL IC 314 59.27 1.79 19.78
N PRO IC 315 58.84 1.51 21.03
CA PRO IC 315 57.43 1.68 21.37
C PRO IC 315 56.97 3.15 21.46
N THR IC 316 57.86 4.03 21.93
CA THR IC 316 57.55 5.44 22.11
C THR IC 316 57.42 6.20 20.78
N GLU IC 317 58.45 6.08 19.95
CA GLU IC 317 58.41 6.59 18.58
C GLU IC 317 57.37 5.84 17.72
N ASN IC 318 57.18 4.55 18.03
CA ASN IC 318 56.29 3.66 17.27
C ASN IC 318 56.82 3.46 15.84
N LEU IC 319 58.14 3.25 15.76
CA LEU IC 319 58.83 3.03 14.49
C LEU IC 319 59.52 1.68 14.52
N ARG IC 320 58.88 0.69 13.87
CA ARG IC 320 59.48 -0.62 13.67
C ARG IC 320 60.63 -0.46 12.67
N PHE IC 321 61.83 -0.29 13.20
CA PHE IC 321 63.00 0.07 12.39
C PHE IC 321 63.61 -1.14 11.69
N ARG IC 322 63.73 -2.25 12.41
CA ARG IC 322 64.13 -3.51 11.80
C ARG IC 322 62.88 -4.29 11.46
N ASP IC 323 62.97 -5.15 10.45
CA ASP IC 323 61.84 -5.94 10.01
C ASP IC 323 61.53 -7.06 11.00
N ALA IC 324 62.54 -7.88 11.28
CA ALA IC 324 62.42 -9.02 12.17
C ALA IC 324 63.07 -8.75 13.52
N SER IC 325 62.50 -9.32 14.58
CA SER IC 325 63.05 -9.23 15.93
C SER IC 325 64.08 -10.34 16.14
N LEU IC 326 65.29 -9.96 16.56
CA LEU IC 326 66.42 -10.91 16.70
C LEU IC 326 66.46 -11.54 18.10
N VAL IC 327 65.63 -12.55 18.32
CA VAL IC 327 65.55 -13.25 19.61
C VAL IC 327 66.15 -14.67 19.54
N PHE IC 328 66.28 -15.30 20.71
CA PHE IC 328 66.90 -16.62 20.85
C PHE IC 328 65.90 -17.65 21.36
N MET IC 342 77.86 -38.96 11.31
CA MET IC 342 78.68 -40.09 11.72
C MET IC 342 80.11 -39.67 12.05
N CYS IC 343 80.81 -40.52 12.82
CA CYS IC 343 82.16 -40.20 13.31
C CYS IC 343 83.21 -40.23 12.21
N MET IC 344 83.83 -39.08 11.94
CA MET IC 344 84.88 -38.97 10.94
C MET IC 344 86.18 -39.56 11.48
N TYR IC 345 86.67 -38.98 12.58
CA TYR IC 345 87.97 -39.35 13.15
C TYR IC 345 87.95 -39.34 14.67
N LYS IC 346 89.02 -39.86 15.25
CA LYS IC 346 89.21 -39.90 16.70
C LYS IC 346 90.68 -39.67 17.06
N TYR IC 347 90.97 -38.58 17.77
CA TYR IC 347 92.31 -38.34 18.34
C TYR IC 347 92.41 -39.10 19.65
N PRO IC 348 93.56 -39.77 19.91
CA PRO IC 348 93.77 -40.42 21.20
C PRO IC 348 94.28 -39.43 22.26
N GLY IC 349 94.69 -39.93 23.42
CA GLY IC 349 95.26 -39.10 24.49
C GLY IC 349 96.65 -38.56 24.15
N MET IC 350 96.67 -37.48 23.38
CA MET IC 350 97.92 -36.83 22.98
C MET IC 350 98.42 -35.89 24.07
N LYS IC 351 99.75 -35.83 24.22
CA LYS IC 351 100.41 -34.92 25.16
C LYS IC 351 101.61 -34.28 24.49
N LYS IC 352 101.70 -32.96 24.56
CA LYS IC 352 102.74 -32.18 23.87
C LYS IC 352 103.51 -31.31 24.86
N LYS IC 353 104.59 -31.86 25.39
CA LYS IC 353 105.42 -31.17 26.37
C LYS IC 353 106.50 -30.35 25.67
N MET IC 354 106.46 -29.04 25.89
CA MET IC 354 107.48 -28.12 25.35
C MET IC 354 108.81 -28.31 26.08
N GLY IC 355 108.72 -28.47 27.40
CA GLY IC 355 109.89 -28.66 28.26
C GLY IC 355 109.54 -28.23 29.67
N GLU IC 356 109.18 -26.96 29.79
CA GLU IC 356 108.60 -26.39 31.02
C GLU IC 356 107.07 -26.46 31.01
N PHE IC 357 106.47 -26.35 29.81
CA PHE IC 357 105.01 -26.32 29.63
C PHE IC 357 104.52 -27.67 29.11
N GLU IC 358 103.34 -28.10 29.56
CA GLU IC 358 102.81 -29.44 29.26
C GLU IC 358 101.37 -29.39 28.76
N LEU IC 359 101.21 -29.24 27.45
CA LEU IC 359 99.88 -29.22 26.82
C LEU IC 359 99.36 -30.64 26.70
N ALA IC 360 98.06 -30.84 26.99
CA ALA IC 360 97.46 -32.17 27.02
C ALA IC 360 96.09 -32.19 26.35
N ILE IC 361 95.71 -33.37 25.86
CA ILE IC 361 94.43 -33.60 25.20
C ILE IC 361 93.79 -34.87 25.76
N VAL IC 362 92.46 -34.86 25.83
CA VAL IC 362 91.68 -36.05 26.18
C VAL IC 362 91.11 -36.63 24.87
N ALA IC 363 90.93 -37.94 24.85
CA ALA IC 363 90.43 -38.64 23.66
C ALA IC 363 88.95 -38.35 23.40
N GLY IC 364 88.56 -38.33 22.12
CA GLY IC 364 87.17 -38.07 21.74
C GLY IC 364 86.85 -38.21 20.26
N GLU IC 365 85.59 -37.95 19.92
CA GLU IC 365 85.07 -38.09 18.55
C GLU IC 365 85.00 -36.75 17.81
N PHE IC 366 84.80 -36.83 16.49
CA PHE IC 366 84.58 -35.66 15.63
C PHE IC 366 83.56 -36.00 14.56
N THR IC 367 82.28 -35.83 14.87
CA THR IC 367 81.20 -36.19 13.95
C THR IC 367 81.11 -35.16 12.82
N ASP IC 368 80.80 -35.62 11.61
CA ASP IC 368 80.64 -34.71 10.45
C ASP IC 368 79.42 -33.80 10.63
N SER IC 369 79.43 -32.66 9.93
CA SER IC 369 78.37 -31.66 10.01
C SER IC 369 78.19 -31.17 11.46
N GLU IC 370 79.27 -30.65 12.02
CA GLU IC 370 79.36 -30.32 13.44
C GLU IC 370 80.24 -29.10 13.65
N ILE IC 371 79.83 -28.24 14.57
CA ILE IC 371 80.59 -27.06 14.91
C ILE IC 371 81.00 -27.21 16.37
N MET IC 372 82.29 -27.40 16.57
CA MET IC 372 82.87 -27.60 17.89
C MET IC 372 83.29 -26.22 18.39
N VAL IC 373 82.69 -25.76 19.47
CA VAL IC 373 83.06 -24.47 20.03
C VAL IC 373 84.18 -24.70 21.04
N MET IC 374 85.18 -23.82 21.00
CA MET IC 374 86.34 -23.94 21.88
C MET IC 374 86.22 -22.96 23.03
N LEU IC 375 86.00 -23.49 24.24
CA LEU IC 375 85.94 -22.67 25.45
C LEU IC 375 87.29 -22.69 26.15
N GLY IC 376 87.70 -21.52 26.64
CA GLY IC 376 89.00 -21.36 27.28
C GLY IC 376 89.37 -19.89 27.41
N GLU IC 377 90.66 -19.60 27.26
CA GLU IC 377 91.18 -18.24 27.46
C GLU IC 377 92.20 -17.86 26.40
N ASN IC 378 92.49 -16.57 26.30
CA ASN IC 378 93.53 -16.06 25.39
C ASN IC 378 94.87 -16.25 26.05
N GLY IC 379 95.47 -17.41 25.77
CA GLY IC 379 96.67 -17.86 26.44
C GLY IC 379 96.67 -19.36 26.69
N THR IC 380 95.51 -19.93 27.03
CA THR IC 380 95.34 -21.39 27.14
C THR IC 380 95.68 -22.12 25.83
N GLY IC 381 95.89 -21.36 24.76
CA GLY IC 381 96.53 -21.86 23.57
C GLY IC 381 95.51 -22.47 22.63
N LYS IC 382 94.40 -21.77 22.44
CA LYS IC 382 93.40 -22.16 21.45
C LYS IC 382 94.03 -22.02 20.07
N THR IC 383 94.68 -20.87 19.86
CA THR IC 383 95.41 -20.58 18.63
C THR IC 383 96.56 -21.56 18.38
N THR IC 384 97.29 -21.93 19.44
CA THR IC 384 98.41 -22.88 19.33
C THR IC 384 97.92 -24.29 18.98
N PHE IC 385 96.83 -24.73 19.62
CA PHE IC 385 96.17 -26.00 19.27
C PHE IC 385 95.68 -25.99 17.82
N ILE IC 386 95.08 -24.88 17.41
CA ILE IC 386 94.60 -24.68 16.04
C ILE IC 386 95.74 -24.77 15.02
N ARG IC 387 96.85 -24.10 15.31
CA ARG IC 387 98.05 -24.18 14.45
C ARG IC 387 98.64 -25.60 14.42
N MET IC 388 98.62 -26.28 15.56
CA MET IC 388 99.08 -27.68 15.65
C MET IC 388 98.22 -28.64 14.81
N LEU IC 389 96.90 -28.47 14.92
CA LEU IC 389 95.94 -29.24 14.11
C LEU IC 389 96.13 -29.01 12.61
N ALA IC 390 96.41 -27.77 12.24
CA ALA IC 390 96.66 -27.38 10.84
C ALA IC 390 97.92 -28.01 10.26
N GLY IC 391 99.02 -27.92 11.01
CA GLY IC 391 100.36 -28.19 10.49
C GLY IC 391 101.22 -26.93 10.48
N ARG IC 392 100.58 -25.77 10.60
CA ARG IC 392 101.26 -24.47 10.77
C ARG IC 392 102.17 -24.40 12.00
N LEU IC 393 101.91 -25.24 13.02
CA LEU IC 393 102.84 -25.48 14.12
C LEU IC 393 103.22 -26.96 14.15
N LYS IC 394 104.50 -27.22 14.41
CA LYS IC 394 105.05 -28.59 14.42
C LYS IC 394 105.11 -29.15 15.84
N PRO IC 395 105.00 -30.49 15.98
CA PRO IC 395 104.90 -31.10 17.32
C PRO IC 395 106.25 -31.31 18.00
N ASP IC 396 106.32 -30.99 19.29
CA ASP IC 396 107.50 -31.30 20.10
C ASP IC 396 107.47 -32.79 20.45
N GLU IC 397 106.33 -33.25 20.97
CA GLU IC 397 106.04 -34.68 21.14
C GLU IC 397 104.71 -35.00 20.47
N GLY IC 398 104.43 -36.29 20.34
CA GLY IC 398 103.22 -36.76 19.66
C GLY IC 398 103.38 -36.67 18.15
N GLY IC 399 102.40 -36.06 17.48
CA GLY IC 399 102.44 -35.88 16.03
C GLY IC 399 101.08 -35.87 15.35
N GLU IC 400 100.44 -34.69 15.34
CA GLU IC 400 99.19 -34.50 14.60
C GLU IC 400 99.49 -34.23 13.13
N VAL IC 401 99.41 -35.29 12.32
CA VAL IC 401 99.60 -35.22 10.87
C VAL IC 401 98.40 -35.87 10.18
N PRO IC 402 97.24 -35.19 10.19
CA PRO IC 402 96.08 -35.70 9.47
C PRO IC 402 96.21 -35.45 7.98
N VAL IC 403 95.88 -36.46 7.17
CA VAL IC 403 95.85 -36.31 5.71
C VAL IC 403 94.51 -35.65 5.37
N LEU IC 404 94.45 -34.33 5.61
CA LEU IC 404 93.22 -33.56 5.51
C LEU IC 404 93.52 -32.11 5.13
N ASN IC 405 92.78 -31.58 4.16
CA ASN IC 405 92.81 -30.16 3.85
C ASN IC 405 92.09 -29.39 4.97
N VAL IC 406 92.61 -28.21 5.31
CA VAL IC 406 92.10 -27.41 6.42
C VAL IC 406 92.09 -25.92 6.02
N SER IC 407 91.19 -25.15 6.65
CA SER IC 407 91.11 -23.70 6.46
C SER IC 407 91.18 -23.00 7.82
N TYR IC 408 91.66 -21.76 7.82
CA TYR IC 408 92.09 -21.08 9.05
C TYR IC 408 91.74 -19.58 9.04
N LYS IC 409 90.63 -19.23 9.69
CA LYS IC 409 90.24 -17.83 9.88
C LYS IC 409 91.04 -17.30 11.06
N PRO IC 410 92.00 -16.38 10.82
CA PRO IC 410 92.82 -15.89 11.92
C PRO IC 410 92.14 -14.79 12.73
N GLN IC 411 92.78 -14.39 13.83
CA GLN IC 411 92.29 -13.29 14.66
C GLN IC 411 92.58 -11.95 14.00
N LYS IC 412 93.86 -11.72 13.72
CA LYS IC 412 94.35 -10.41 13.25
C LYS IC 412 94.15 -10.25 11.74
N ILE IC 413 93.19 -9.40 11.37
CA ILE IC 413 92.87 -9.11 9.96
C ILE IC 413 92.57 -7.63 9.78
N SER IC 414 95.78 -8.30 8.14
CA SER IC 414 95.74 -6.96 7.56
C SER IC 414 95.46 -7.02 6.06
N PRO IC 415 94.98 -5.90 5.47
CA PRO IC 415 94.78 -5.85 4.02
C PRO IC 415 96.05 -5.42 3.28
N LYS IC 416 96.97 -6.37 3.09
CA LYS IC 416 98.20 -6.14 2.33
C LYS IC 416 98.21 -7.03 1.09
N SER IC 417 97.23 -6.75 0.22
CA SER IC 417 97.14 -7.35 -1.11
C SER IC 417 96.38 -6.36 -1.98
N THR IC 418 97.12 -5.45 -2.63
CA THR IC 418 96.55 -4.27 -3.28
C THR IC 418 95.70 -4.61 -4.50
N GLY IC 419 94.39 -4.44 -4.35
CA GLY IC 419 93.43 -4.71 -5.43
C GLY IC 419 91.99 -4.63 -4.95
N SER IC 420 91.09 -5.21 -5.73
CA SER IC 420 89.66 -5.27 -5.38
C SER IC 420 89.30 -6.58 -4.70
N VAL IC 421 88.16 -6.59 -4.02
CA VAL IC 421 87.66 -7.79 -3.34
C VAL IC 421 87.27 -8.86 -4.35
N ARG IC 422 86.74 -8.44 -5.51
CA ARG IC 422 86.53 -9.33 -6.65
C ARG IC 422 87.78 -10.13 -6.98
N GLN IC 423 88.90 -9.43 -7.11
CA GLN IC 423 90.20 -10.06 -7.42
C GLN IC 423 90.60 -11.06 -6.35
N LEU IC 424 90.49 -10.65 -5.08
CA LEU IC 424 90.73 -11.56 -3.95
C LEU IC 424 89.90 -12.84 -4.01
N LEU IC 425 88.61 -12.68 -4.29
CA LEU IC 425 87.69 -13.81 -4.32
C LEU IC 425 88.02 -14.80 -5.43
N HIS IC 426 88.25 -14.31 -6.66
CA HIS IC 426 88.58 -15.21 -7.78
C HIS IC 426 89.99 -15.81 -7.66
N GLU IC 427 90.94 -15.05 -7.12
CA GLU IC 427 92.32 -15.56 -6.94
C GLU IC 427 92.38 -16.72 -5.95
N LYS IC 428 91.68 -16.57 -4.83
CA LYS IC 428 91.60 -17.64 -3.83
C LYS IC 428 90.75 -18.82 -4.28
N ILE IC 429 89.55 -18.53 -4.79
CA ILE IC 429 88.53 -19.56 -5.03
C ILE IC 429 87.48 -19.11 -6.06
N ARG IC 430 87.61 -19.59 -7.30
CA ARG IC 430 86.66 -19.22 -8.37
C ARG IC 430 85.35 -20.00 -8.29
N ASP IC 431 85.43 -21.29 -7.99
CA ASP IC 431 84.25 -22.16 -7.97
C ASP IC 431 83.24 -21.75 -6.92
N ALA IC 432 83.70 -21.59 -5.68
CA ALA IC 432 82.85 -21.13 -4.57
C ALA IC 432 82.27 -19.75 -4.85
N TYR IC 433 83.11 -18.83 -5.32
CA TYR IC 433 82.70 -17.47 -5.71
C TYR IC 433 81.50 -17.42 -6.65
N THR IC 434 81.42 -18.38 -7.58
CA THR IC 434 80.28 -18.52 -8.50
C THR IC 434 79.12 -19.33 -7.90
N HIS IC 435 79.47 -20.46 -7.28
CA HIS IC 435 78.51 -21.50 -6.82
C HIS IC 435 77.30 -20.94 -6.07
N PRO IC 436 76.07 -21.23 -6.55
CA PRO IC 436 74.91 -20.58 -5.92
C PRO IC 436 74.70 -20.96 -4.45
N GLN IC 437 74.84 -22.24 -4.12
CA GLN IC 437 74.68 -22.73 -2.72
C GLN IC 437 75.58 -22.12 -1.71
N PHE IC 438 76.78 -21.82 -2.18
CA PHE IC 438 77.68 -21.03 -1.42
C PHE IC 438 77.18 -19.58 -1.34
N VAL IC 439 76.76 -19.04 -2.48
CA VAL IC 439 76.33 -17.65 -2.59
C VAL IC 439 75.13 -17.31 -1.72
N THR IC 440 74.13 -18.19 -1.68
CA THR IC 440 72.97 -17.97 -0.80
C THR IC 440 73.36 -18.10 0.68
N ASP IC 441 74.34 -18.98 0.94
CA ASP IC 441 74.83 -19.23 2.30
C ASP IC 441 75.84 -18.24 2.83
N VAL IC 442 76.66 -17.65 1.97
CA VAL IC 442 77.78 -16.83 2.43
C VAL IC 442 77.83 -15.43 1.86
N MET IC 443 77.69 -15.29 0.56
CA MET IC 443 77.90 -14.00 -0.10
C MET IC 443 76.79 -13.00 0.22
N LYS IC 444 75.56 -13.41 -0.04
CA LYS IC 444 74.37 -12.58 0.22
C LYS IC 444 74.20 -12.21 1.70
N PRO IC 445 74.17 -13.20 2.62
CA PRO IC 445 73.98 -12.88 4.05
C PRO IC 445 75.06 -12.00 4.67
N LEU IC 446 76.30 -12.15 4.21
CA LEU IC 446 77.39 -11.28 4.63
C LEU IC 446 77.55 -10.07 3.69
N GLN IC 447 76.44 -9.64 3.06
CA GLN IC 447 76.42 -8.47 2.16
C GLN IC 447 77.70 -8.26 1.35
N ILE IC 448 78.25 -9.35 0.83
CA ILE IC 448 79.50 -9.31 0.06
C ILE IC 448 79.25 -8.66 -1.31
N GLU IC 449 78.00 -8.68 -1.74
CA GLU IC 449 77.57 -8.02 -2.97
C GLU IC 449 77.77 -6.49 -2.94
N ASN IC 450 77.79 -5.90 -1.75
CA ASN IC 450 78.12 -4.47 -1.58
C ASN IC 450 79.62 -4.17 -1.43
N ILE IC 451 80.38 -5.11 -0.86
CA ILE IC 451 81.82 -4.93 -0.66
C ILE IC 451 82.54 -5.16 -2.00
N ILE IC 452 82.20 -6.27 -2.67
CA ILE IC 452 82.74 -6.68 -3.98
C ILE IC 452 83.52 -5.60 -4.77
N ASP IC 453 82.87 -4.46 -5.02
CA ASP IC 453 83.43 -3.41 -5.88
C ASP IC 453 84.54 -2.58 -5.23
N GLN IC 454 84.49 -2.42 -3.90
CA GLN IC 454 85.49 -1.63 -3.17
C GLN IC 454 86.87 -2.29 -3.17
N GLU IC 455 87.89 -1.48 -2.92
CA GLU IC 455 89.26 -1.97 -2.80
C GLU IC 455 89.46 -2.63 -1.45
N VAL IC 456 90.46 -3.51 -1.37
CA VAL IC 456 90.79 -4.22 -0.14
C VAL IC 456 91.47 -3.28 0.87
N GLN IC 457 92.16 -2.27 0.35
CA GLN IC 457 92.78 -1.22 1.18
C GLN IC 457 91.75 -0.43 2.00
N THR IC 458 90.62 -0.10 1.38
CA THR IC 458 89.59 0.77 1.97
C THR IC 458 88.44 0.02 2.69
N LEU IC 459 88.70 -1.20 3.15
CA LEU IC 459 87.73 -1.95 3.96
C LEU IC 459 87.63 -1.37 5.37
N SER IC 460 86.50 -1.65 6.04
CA SER IC 460 86.38 -1.45 7.48
C SER IC 460 86.78 -2.75 8.18
N GLY IC 461 86.70 -2.75 9.50
CA GLY IC 461 87.11 -3.90 10.30
C GLY IC 461 86.10 -5.02 10.27
N GLY IC 462 84.82 -4.66 10.34
CA GLY IC 462 83.72 -5.61 10.18
C GLY IC 462 83.68 -6.23 8.79
N GLU IC 463 83.91 -5.41 7.78
CA GLU IC 463 83.91 -5.85 6.38
C GLU IC 463 85.03 -6.86 6.11
N LEU IC 464 86.21 -6.57 6.66
CA LEU IC 464 87.35 -7.51 6.63
C LEU IC 464 87.05 -8.86 7.31
N GLN IC 465 86.34 -8.80 8.43
CA GLN IC 465 85.90 -10.02 9.13
C GLN IC 465 84.88 -10.82 8.30
N ARG IC 466 84.00 -10.14 7.57
CA ARG IC 466 83.05 -10.80 6.66
C ARG IC 466 83.75 -11.50 5.51
N VAL IC 467 84.73 -10.83 4.94
CA VAL IC 467 85.52 -11.38 3.83
C VAL IC 467 86.33 -12.58 4.32
N ALA IC 468 86.92 -12.48 5.50
CA ALA IC 468 87.66 -13.60 6.09
C ALA IC 468 86.78 -14.85 6.23
N LEU IC 469 85.57 -14.67 6.77
CA LEU IC 469 84.58 -15.76 6.88
C LEU IC 469 84.31 -16.40 5.54
N ALA IC 470 84.13 -15.57 4.52
CA ALA IC 470 83.83 -16.03 3.16
C ALA IC 470 84.99 -16.77 2.49
N LEU IC 471 86.19 -16.27 2.70
CA LEU IC 471 87.39 -16.87 2.11
C LEU IC 471 87.66 -18.27 2.63
N CYS IC 472 87.57 -18.43 3.95
CA CYS IC 472 87.84 -19.72 4.58
C CYS IC 472 86.73 -20.74 4.40
N LEU IC 473 85.48 -20.29 4.39
CA LEU IC 473 84.37 -21.18 4.05
C LEU IC 473 84.49 -21.68 2.62
N GLY IC 474 84.81 -20.78 1.69
CA GLY IC 474 84.95 -21.15 0.29
C GLY IC 474 86.07 -22.14 -0.04
N LYS IC 475 87.19 -22.04 0.67
CA LYS IC 475 88.33 -22.94 0.45
C LYS IC 475 88.01 -24.34 0.98
N PRO IC 476 88.14 -25.37 0.12
CA PRO IC 476 87.67 -26.71 0.50
C PRO IC 476 88.57 -27.40 1.53
N ALA IC 477 87.96 -28.21 2.38
CA ALA IC 477 88.64 -28.81 3.52
C ALA IC 477 87.81 -29.96 4.11
N ASP IC 478 88.28 -30.51 5.22
CA ASP IC 478 87.41 -31.24 6.15
C ASP IC 478 87.18 -30.39 7.40
N VAL IC 479 88.27 -29.82 7.94
CA VAL IC 479 88.20 -28.98 9.13
C VAL IC 479 88.15 -27.51 8.73
N TYR IC 480 87.39 -26.72 9.48
CA TYR IC 480 87.32 -25.27 9.31
C TYR IC 480 87.54 -24.60 10.66
N LEU IC 481 88.66 -23.91 10.82
CA LEU IC 481 89.01 -23.24 12.07
C LEU IC 481 88.54 -21.80 11.99
N ILE IC 482 87.89 -21.33 13.05
CA ILE IC 482 87.22 -20.04 13.06
C ILE IC 482 87.62 -19.29 14.34
N ASP IC 483 88.71 -18.53 14.26
CA ASP IC 483 89.15 -17.69 15.40
C ASP IC 483 88.44 -16.35 15.35
N GLU IC 484 87.61 -16.11 16.36
CA GLU IC 484 86.96 -14.81 16.56
C GLU IC 484 86.23 -14.31 15.31
N PRO IC 485 85.13 -14.97 14.95
CA PRO IC 485 84.27 -14.45 13.89
C PRO IC 485 83.47 -13.23 14.36
N SER IC 486 83.06 -13.21 15.63
CA SER IC 486 82.28 -12.13 16.20
C SER IC 486 83.05 -10.82 16.39
N ALA IC 487 84.38 -10.92 16.44
CA ALA IC 487 85.23 -9.73 16.57
C ALA IC 487 84.90 -8.72 15.47
N TYR IC 488 84.61 -7.49 15.87
CA TYR IC 488 84.32 -6.34 14.98
C TYR IC 488 82.95 -6.29 14.32
N LEU IC 489 82.27 -7.44 14.18
CA LEU IC 489 80.96 -7.48 13.56
C LEU IC 489 79.90 -6.86 14.45
N ASP IC 490 78.86 -6.36 13.82
CA ASP IC 490 77.71 -5.82 14.52
C ASP IC 490 76.90 -6.98 15.07
N SER IC 491 76.18 -6.76 16.17
CA SER IC 491 75.40 -7.81 16.84
C SER IC 491 74.46 -8.55 15.87
N GLU IC 492 73.92 -7.82 14.89
CA GLU IC 492 73.12 -8.42 13.82
C GLU IC 492 74.00 -9.27 12.92
N GLN IC 493 75.09 -8.66 12.45
CA GLN IC 493 76.09 -9.33 11.59
C GLN IC 493 76.70 -10.57 12.24
N ARG IC 494 76.94 -10.48 13.54
CA ARG IC 494 77.43 -11.61 14.35
C ARG IC 494 76.49 -12.79 14.22
N LEU IC 495 75.22 -12.52 14.47
CA LEU IC 495 74.18 -13.55 14.39
C LEU IC 495 73.97 -14.11 12.97
N MET IC 496 74.18 -13.26 11.95
CA MET IC 496 74.20 -13.72 10.56
C MET IC 496 75.40 -14.62 10.32
N ALA IC 497 76.59 -14.13 10.66
CA ALA IC 497 77.84 -14.90 10.54
C ALA IC 497 77.75 -16.28 11.20
N ALA IC 498 77.08 -16.34 12.34
CA ALA IC 498 76.84 -17.60 13.04
C ALA IC 498 75.93 -18.54 12.26
N ARG IC 499 74.84 -17.99 11.72
CA ARG IC 499 73.94 -18.77 10.86
C ARG IC 499 74.64 -19.27 9.61
N VAL IC 500 75.44 -18.39 8.98
CA VAL IC 500 76.22 -18.75 7.79
C VAL IC 500 77.11 -19.97 8.04
N VAL IC 501 77.84 -19.93 9.13
CA VAL IC 501 78.73 -21.04 9.49
C VAL IC 501 77.92 -22.32 9.71
N LYS IC 502 76.80 -22.22 10.41
CA LYS IC 502 75.92 -23.38 10.65
C LYS IC 502 75.47 -24.04 9.37
N ARG IC 503 74.92 -23.23 8.48
CA ARG IC 503 74.31 -23.75 7.25
C ARG IC 503 75.32 -24.29 6.27
N PHE IC 504 76.42 -23.57 6.13
CA PHE IC 504 77.52 -24.03 5.28
C PHE IC 504 77.97 -25.43 5.66
N ILE IC 505 78.18 -25.64 6.95
CA ILE IC 505 78.59 -26.93 7.48
C ILE IC 505 77.49 -27.98 7.31
N LEU IC 506 76.24 -27.60 7.51
CA LEU IC 506 75.10 -28.51 7.31
C LEU IC 506 74.98 -29.02 5.88
N HIS IC 507 75.27 -28.14 4.91
CA HIS IC 507 75.31 -28.53 3.50
C HIS IC 507 76.57 -29.34 3.17
N ALA IC 508 77.72 -28.88 3.66
CA ALA IC 508 79.02 -29.46 3.28
C ALA IC 508 79.37 -30.80 3.93
N LYS IC 509 78.91 -31.02 5.17
CA LYS IC 509 79.29 -32.19 5.99
C LYS IC 509 80.76 -32.18 6.39
N LYS IC 510 81.28 -30.97 6.62
CA LYS IC 510 82.67 -30.76 6.93
C LYS IC 510 82.71 -30.05 8.28
N THR IC 511 83.47 -30.61 9.22
CA THR IC 511 83.46 -30.14 10.60
C THR IC 511 84.13 -28.78 10.74
N ALA IC 512 83.79 -28.06 11.81
CA ALA IC 512 84.42 -26.79 12.10
C ALA IC 512 84.66 -26.58 13.58
N PHE IC 513 85.56 -25.65 13.87
CA PHE IC 513 85.98 -25.34 15.22
C PHE IC 513 86.00 -23.84 15.41
N VAL IC 514 85.30 -23.39 16.44
CA VAL IC 514 85.08 -21.97 16.62
C VAL IC 514 85.66 -21.49 17.94
N VAL IC 515 86.69 -20.66 17.84
CA VAL IC 515 87.20 -19.92 18.98
C VAL IC 515 86.36 -18.65 19.10
N GLU IC 516 85.46 -18.66 20.08
CA GLU IC 516 84.66 -17.50 20.45
C GLU IC 516 84.75 -17.26 21.94
N HIS IC 517 84.59 -16.00 22.32
CA HIS IC 517 84.62 -15.58 23.71
C HIS IC 517 83.30 -14.88 24.08
N ASP IC 518 82.26 -15.15 23.30
CA ASP IC 518 80.95 -14.51 23.44
C ASP IC 518 79.93 -15.61 23.74
N PHE IC 519 79.22 -15.49 24.85
CA PHE IC 519 78.28 -16.54 25.28
C PHE IC 519 77.00 -16.58 24.48
N ILE IC 520 76.72 -15.51 23.73
CA ILE IC 520 75.59 -15.50 22.80
C ILE IC 520 75.92 -16.40 21.62
N MET IC 521 77.06 -16.13 20.99
CA MET IC 521 77.48 -16.83 19.79
C MET IC 521 77.84 -18.29 20.05
N ALA IC 522 78.53 -18.54 21.17
CA ALA IC 522 78.93 -19.89 21.55
C ALA IC 522 77.75 -20.80 21.80
N THR IC 523 76.73 -20.30 22.50
CA THR IC 523 75.49 -21.04 22.72
C THR IC 523 74.70 -21.25 21.44
N TYR IC 524 74.78 -20.27 20.53
CA TYR IC 524 74.13 -20.37 19.22
C TYR IC 524 74.75 -21.49 18.41
N LEU IC 525 76.08 -21.43 18.24
CA LEU IC 525 76.81 -22.34 17.35
C LEU IC 525 76.96 -23.77 17.84
N ALA IC 526 77.04 -23.95 19.15
CA ALA IC 526 77.48 -25.21 19.72
C ALA IC 526 76.55 -26.40 19.50
N ASP IC 527 77.11 -27.47 18.92
CA ASP IC 527 76.51 -28.80 18.95
C ASP IC 527 77.23 -29.54 20.06
N ARG IC 528 78.55 -29.71 19.89
CA ARG IC 528 79.44 -30.19 20.93
C ARG IC 528 80.41 -29.08 21.26
N VAL IC 529 81.02 -29.16 22.44
CA VAL IC 529 81.88 -28.08 22.95
C VAL IC 529 83.12 -28.67 23.62
N ILE IC 530 84.29 -28.23 23.15
CA ILE IC 530 85.57 -28.62 23.75
C ILE IC 530 86.04 -27.51 24.68
N VAL IC 531 86.44 -27.90 25.89
CA VAL IC 531 86.82 -26.98 26.97
C VAL IC 531 88.32 -27.11 27.25
N PHE IC 532 88.96 -25.97 27.49
CA PHE IC 532 90.35 -25.93 27.96
C PHE IC 532 90.39 -25.53 29.43
N ASP IC 533 91.37 -26.09 30.15
CA ASP IC 533 91.54 -25.85 31.59
C ASP IC 533 93.01 -25.49 31.86
N GLY IC 534 93.26 -24.82 32.98
CA GLY IC 534 94.61 -24.45 33.41
C GLY IC 534 94.96 -23.06 32.92
N VAL IC 535 95.98 -22.46 33.53
CA VAL IC 535 96.38 -21.09 33.17
C VAL IC 535 97.20 -21.13 31.88
N PRO IC 536 97.32 -19.97 31.19
CA PRO IC 536 98.16 -19.91 30.00
C PRO IC 536 99.65 -19.98 30.30
N SER IC 537 100.42 -20.42 29.31
CA SER IC 537 101.86 -20.69 29.47
C SER IC 537 102.14 -21.73 30.58
N LYS IC 538 101.20 -22.65 30.78
CA LYS IC 538 101.28 -23.70 31.80
C LYS IC 538 100.49 -24.91 31.25
N ASN IC 539 100.16 -25.88 32.12
CA ASN IC 539 99.52 -27.13 31.69
C ASN IC 539 98.07 -26.93 31.25
N THR IC 540 97.79 -27.28 29.98
CA THR IC 540 96.45 -27.17 29.40
C THR IC 540 95.83 -28.57 29.24
N VAL IC 541 94.69 -28.77 29.88
CA VAL IC 541 94.00 -30.05 29.84
C VAL IC 541 92.74 -29.90 28.98
N ALA IC 542 92.91 -30.12 27.68
CA ALA IC 542 91.82 -30.02 26.72
C ALA IC 542 90.87 -31.21 26.86
N ASN IC 543 89.73 -30.99 27.52
CA ASN IC 543 88.74 -32.05 27.75
C ASN IC 543 88.14 -32.60 26.46
N SER IC 544 87.53 -33.77 26.57
CA SER IC 544 86.82 -34.39 25.45
C SER IC 544 85.61 -33.53 25.08
N PRO IC 545 85.11 -33.67 23.83
CA PRO IC 545 83.95 -32.88 23.44
C PRO IC 545 82.70 -33.22 24.26
N GLN IC 546 82.34 -32.28 25.13
CA GLN IC 546 81.21 -32.44 26.03
C GLN IC 546 79.96 -31.93 25.33
N THR IC 547 78.80 -32.38 25.79
CA THR IC 547 77.51 -31.84 25.35
C THR IC 547 77.42 -30.38 25.79
N LEU IC 548 76.60 -29.61 25.10
CA LEU IC 548 76.49 -28.16 25.34
C LEU IC 548 76.07 -27.83 26.77
N LEU IC 549 75.08 -28.58 27.26
CA LEU IC 549 74.50 -28.36 28.58
C LEU IC 549 75.59 -28.42 29.67
N ALA IC 550 76.35 -29.51 29.66
CA ALA IC 550 77.43 -29.71 30.63
C ALA IC 550 78.66 -28.83 30.37
N GLY IC 551 78.98 -28.60 29.09
CA GLY IC 551 80.23 -27.94 28.69
C GLY IC 551 80.38 -26.50 29.14
N MET IC 552 79.32 -25.71 28.96
CA MET IC 552 79.32 -24.31 29.37
C MET IC 552 79.40 -24.17 30.89
N ASN IC 553 78.72 -25.05 31.61
CA ASN IC 553 78.70 -25.04 33.08
C ASN IC 553 80.09 -25.24 33.67
N LYS IC 554 80.88 -26.14 33.06
CA LYS IC 554 82.29 -26.32 33.41
C LYS IC 554 83.09 -25.05 33.17
N PHE IC 555 82.87 -24.46 32.00
CA PHE IC 555 83.58 -23.24 31.61
C PHE IC 555 83.23 -22.04 32.50
N LEU IC 556 81.95 -21.93 32.85
CA LEU IC 556 81.48 -20.89 33.77
C LEU IC 556 81.98 -21.11 35.20
N SER IC 557 82.04 -22.36 35.64
CA SER IC 557 82.59 -22.71 36.96
C SER IC 557 84.08 -22.42 37.08
N GLN IC 558 84.82 -22.63 35.99
CA GLN IC 558 86.24 -22.29 35.92
C GLN IC 558 86.48 -20.78 36.03
N LEU IC 559 85.63 -19.98 35.38
CA LEU IC 559 85.74 -18.51 35.38
C LEU IC 559 84.88 -17.80 36.44
N GLU IC 560 84.01 -18.56 37.13
CA GLU IC 560 83.19 -18.04 38.24
C GLU IC 560 82.24 -16.91 37.80
N ILE IC 561 81.34 -17.28 36.89
CA ILE IC 561 80.27 -16.39 36.40
C ILE IC 561 78.98 -17.20 36.42
N THR IC 562 77.84 -16.52 36.51
CA THR IC 562 76.55 -17.12 36.18
C THR IC 562 75.72 -16.14 35.36
N PHE IC 563 74.69 -16.67 34.70
CA PHE IC 563 73.77 -15.85 33.92
C PHE IC 563 72.31 -16.14 34.26
N ARG IC 564 71.41 -15.46 33.56
CA ARG IC 564 69.97 -15.75 33.61
C ARG IC 564 69.35 -15.39 32.26
N ARG IC 565 68.04 -15.57 32.15
CA ARG IC 565 67.32 -15.22 30.92
C ARG IC 565 66.10 -14.35 31.20
N ASP IC 566 66.06 -13.17 30.55
CA ASP IC 566 64.91 -12.27 30.58
C ASP IC 566 63.78 -12.88 29.75
N PRO IC 567 62.61 -13.15 30.37
CA PRO IC 567 61.52 -13.90 29.70
C PRO IC 567 61.06 -13.39 28.32
N ASN IC 568 61.21 -12.10 28.05
CA ASN IC 568 60.78 -11.54 26.75
C ASN IC 568 61.62 -12.04 25.56
N ASN IC 569 62.95 -11.99 25.69
CA ASN IC 569 63.87 -12.40 24.61
C ASN IC 569 64.91 -13.47 24.98
N TYR IC 570 64.88 -13.96 26.23
CA TYR IC 570 65.79 -15.02 26.70
C TYR IC 570 67.28 -14.74 26.48
N ARG IC 571 67.65 -13.48 26.66
CA ARG IC 571 69.01 -13.02 26.42
C ARG IC 571 69.82 -13.28 27.69
N PRO IC 572 71.08 -13.74 27.56
CA PRO IC 572 71.89 -14.03 28.74
C PRO IC 572 72.43 -12.77 29.44
N ARG IC 573 71.85 -12.47 30.60
CA ARG IC 573 72.29 -11.34 31.44
C ARG IC 573 73.33 -11.84 32.44
N ILE IC 574 74.26 -10.95 32.82
CA ILE IC 574 75.38 -11.30 33.70
C ILE IC 574 75.08 -10.96 35.16
N ASN IC 575 75.58 -11.82 36.06
CA ASN IC 575 75.33 -11.72 37.51
C ASN IC 575 76.48 -11.10 38.29
N LYS IC 576 76.15 -10.69 39.52
CA LYS IC 576 77.14 -10.19 40.47
C LYS IC 576 77.61 -11.32 41.37
N LEU IC 577 78.82 -11.18 41.89
CA LEU IC 577 79.40 -12.17 42.78
C LEU IC 577 78.70 -12.12 44.13
N ASN IC 578 78.34 -13.30 44.65
CA ASN IC 578 77.58 -13.44 45.90
C ASN IC 578 76.16 -12.85 45.89
N SER IC 579 75.61 -12.59 44.70
CA SER IC 579 74.20 -12.22 44.55
C SER IC 579 73.39 -13.48 44.72
N ILE IC 580 72.15 -13.36 45.21
CA ILE IC 580 71.36 -14.54 45.58
C ILE IC 580 71.12 -15.44 44.37
N LYS IC 581 70.82 -14.83 43.23
CA LYS IC 581 70.58 -15.57 41.99
C LYS IC 581 71.83 -16.31 41.51
N ASP IC 582 73.00 -15.69 41.65
CA ASP IC 582 74.28 -16.35 41.37
C ASP IC 582 74.49 -17.58 42.25
N VAL IC 583 74.37 -17.38 43.56
CA VAL IC 583 74.60 -18.43 44.56
C VAL IC 583 73.67 -19.64 44.33
N GLU IC 584 72.39 -19.36 44.08
CA GLU IC 584 71.41 -20.40 43.76
C GLU IC 584 71.81 -21.23 42.55
N GLN IC 585 72.26 -20.55 41.51
CA GLN IC 585 72.67 -21.21 40.25
C GLN IC 585 73.93 -22.07 40.39
N LYS IC 586 74.86 -21.65 41.25
CA LYS IC 586 76.06 -22.44 41.54
C LYS IC 586 75.73 -23.71 42.32
N LYS IC 587 74.86 -23.56 43.33
CA LYS IC 587 74.38 -24.70 44.12
C LYS IC 587 73.62 -25.73 43.28
N SER IC 588 72.81 -25.27 42.33
CA SER IC 588 72.09 -26.16 41.42
C SER IC 588 73.02 -26.84 40.39
N GLY IC 589 74.03 -26.10 39.93
CA GLY IC 589 74.91 -26.54 38.85
C GLY IC 589 74.47 -26.08 37.48
N ASN IC 590 73.46 -25.19 37.43
CA ASN IC 590 72.95 -24.62 36.19
C ASN IC 590 73.43 -23.18 36.11
N TYR IC 591 74.62 -22.98 35.56
CA TYR IC 591 75.28 -21.67 35.59
C TYR IC 591 74.63 -20.69 34.60
N PHE IC 592 73.86 -21.24 33.66
CA PHE IC 592 73.00 -20.47 32.77
C PHE IC 592 71.88 -21.44 32.35
N PHE IC 593 71.05 -21.04 31.40
CA PHE IC 593 69.94 -21.90 30.99
C PHE IC 593 69.90 -22.15 29.47
N LEU IC 594 69.82 -23.42 29.10
CA LEU IC 594 69.47 -23.79 27.73
C LEU IC 594 70.53 -23.33 26.75
#